data_5UZ9
#
_entry.id   5UZ9
#
_cell.length_a   1.0
_cell.length_b   1.0
_cell.length_c   1.0
_cell.angle_alpha   90.0
_cell.angle_beta   90.0
_cell.angle_gamma   90.0
#
_symmetry.space_group_name_H-M   'P 1'
#
loop_
_entity.id
_entity.type
_entity.pdbx_description
1 polymer 'CRISPR-associated protein Csy1'
2 polymer 'CRISPR-associated protein Csy2'
3 polymer 'CRISPR-associated protein Csy3'
4 polymer 'Anti-CRISPR protein Acr30-35'
5 polymer 'Anti-CRISPR protein 30'
6 polymer 'CRISPR-associated endonuclease Cas6/Csy4'
7 polymer 'CRISPR RNA (60-MER)'
#
loop_
_entity_poly.entity_id
_entity_poly.type
_entity_poly.pdbx_seq_one_letter_code
_entity_poly.pdbx_strand_id
1 'polypeptide(L)'
;MTSPLPTPTWQELRQFIESFIQERLQGKLDKLQPDEDDKRQTLLATHRREAWLADAARRVGQLQLVTHTLKPIHPDARGS
NLHSLPQAPGQPGLAGSHELGDRLVSDVVGNAAALDVFKFLSLQYQGKNLLNWLTEDSAEALQALSDNAEQAREWRQAFI
GITTVKGAPASHSLAKQLYFPLPGSGYHLLAPLFPTSLVHHVHALLREARFGDAAKAAREARSRQESWPHGFSEYPNLAI
QKFGGTKPQNISQLNNERRGENWLLPSLPPNWQRQNVNAPMRHSSVFEHDFGRTPEVSRLTRTLQRFLAKTVHNNLAIRQ
RRAQLVAQICDEALQYAARLRELEPGWSATPGCQLHDAEQLWLDPLRAQTDETFLQRRLRGDWPAEVGNRFANWLNRAVS
SDSQILGSPEAAQWSQELSKELTMFKEILEDERD
;
A
2 'polypeptide(L)'
;MSVTDPEALLLLPRLSIQNANAISSPLTWGFPSPGAFTGFVHALQRRVGISLDIELDGVGIVCHRFEAQISQPAGKRTKV
FNLTRNPLNRDGSTAAIVEEGRAHLEVSLLLGVHGDGLDDHPAQEIARQVQEQAGAMRLAGGSILPWCNERFPAPNAELL
MLGGSDEQRRKNQRRLTRRLLPGFALVSREALLQQHLETLRTTLPEATTLDALLDLCRINFEPPATSSEEEASPPDAAWQ
VRDKPGWLVPIPAGYNALSPLYLPGEVRNARDRETPLRFVENLFGLGEWLSPHRVAALSDLLWYHHAEPDKGLYRWSTPR
FVEHAIA
;
B
3 'polypeptide(L)'
;SKPILSTASVLAFERKLDPSDALMSAGAWAQRDASQEWPAVTVREKSVRGTISNRLKTKDRDPAKLDASIQSPNLQTVDV
ANLPSDADTLKVRFTLRVLGGAGTPSACNDAAYRDKLLQTVATYVNDQGFAELARRYAHNLANARFLWRNRVGAEAVEVR
INHIRQGEVARAWRFDALAIGLRDFKADAELDALAELIASGLSGSGHVLLEVVAFARIGDGQEVFPSQELILDKGDKKGQ
KSKTLYSVRDAAAIHSQKIGNALRTIDTWYPDEDGLGPIAVEPYGSVTSQGKAYRQPKQKLDFYTLLDNWVLRDEAPAVE
QQHYVIANLIRGGVFGEAEEK
;
C,D,E,F,G,H
4 'polypeptide(L)' KFIKYLSTAHLNYMNIAVYENGSKIKARVENVVNGKSVGARDFDSTEQLESWFYGLPGSGLGRIENAMNEISRRENP I,J
5 'polypeptide(L)'
;MHHHHHHIAQQHKDTVAACEAAEAIAIAKDQVWDGEGYTKYTFDDNSVLIQSGTTQYAMDADDADSIKGYADWLDDEARS
AEASEIERLLESVEEE
;
K
6 'polypeptide(L)'
;FTMDHYLDIRLRPDPEFPPAQLMCVLFGKLHQALVAQGGDRIGVSFPDLDESRSRLGERLRIHASADDLRALLARPWLEG
LRDHLQFGEPAVVPHPTPYRQVSRVQAKSNPERLRRRLMRRHDLSEEEARKRIPDTVARALDLPFVTLRSQSTGQHFRLF
IRHGPLQVTAEEGGFTCYGLSKGGFVPWF
;
L
7 'polyribonucleotide' CUAAGAAAUUCACGGCGGGCUUGAUGUCCGCGUCUACCUGGUUCACUGCCGUAUAGGCAG M
#
loop_
_chem_comp.id
_chem_comp.type
_chem_comp.name
_chem_comp.formula
A RNA linking ADENOSINE-5'-MONOPHOSPHATE 'C10 H14 N5 O7 P'
C RNA linking CYTIDINE-5'-MONOPHOSPHATE 'C9 H14 N3 O8 P'
G RNA linking GUANOSINE-5'-MONOPHOSPHATE 'C10 H14 N5 O8 P'
U RNA linking URIDINE-5'-MONOPHOSPHATE 'C9 H13 N2 O9 P'
#
# COMPACT_ATOMS: atom_id res chain seq x y z
N GLN A 11 -51.53 -3.93 -60.94
CA GLN A 11 -52.82 -4.07 -60.27
C GLN A 11 -52.84 -5.30 -59.37
N GLU A 12 -51.69 -5.66 -58.81
CA GLU A 12 -51.58 -6.75 -57.86
C GLU A 12 -51.86 -6.31 -56.42
N LEU A 13 -52.29 -5.05 -56.24
CA LEU A 13 -52.71 -4.59 -54.92
C LEU A 13 -53.98 -5.29 -54.46
N ARG A 14 -54.87 -5.63 -55.40
CA ARG A 14 -56.02 -6.46 -55.08
C ARG A 14 -55.59 -7.88 -54.72
N GLN A 15 -54.44 -8.32 -55.23
CA GLN A 15 -53.83 -9.58 -54.84
C GLN A 15 -52.95 -9.44 -53.59
N PHE A 16 -52.87 -8.24 -53.02
CA PHE A 16 -52.33 -8.03 -51.69
C PHE A 16 -53.42 -7.94 -50.64
N ILE A 17 -54.40 -7.07 -50.90
CA ILE A 17 -55.50 -6.85 -49.96
C ILE A 17 -56.43 -8.07 -49.94
N GLU A 18 -56.93 -8.45 -51.12
CA GLU A 18 -57.93 -9.50 -51.21
C GLU A 18 -57.34 -10.89 -50.96
N SER A 19 -56.03 -11.04 -51.04
CA SER A 19 -55.40 -12.28 -50.64
C SER A 19 -55.00 -12.28 -49.17
N PHE A 20 -54.49 -11.15 -48.67
CA PHE A 20 -53.99 -11.11 -47.31
C PHE A 20 -55.11 -11.13 -46.28
N ILE A 21 -56.24 -10.46 -46.59
CA ILE A 21 -57.39 -10.54 -45.69
C ILE A 21 -57.97 -11.94 -45.69
N GLN A 22 -57.92 -12.62 -46.85
CA GLN A 22 -58.32 -14.03 -46.91
C GLN A 22 -57.39 -14.92 -46.08
N GLU A 23 -56.09 -14.59 -46.05
CA GLU A 23 -55.16 -15.33 -45.19
C GLU A 23 -55.45 -15.10 -43.72
N ARG A 24 -55.87 -13.88 -43.36
CA ARG A 24 -56.26 -13.63 -41.98
C ARG A 24 -57.59 -14.28 -41.65
N LEU A 25 -58.44 -14.53 -42.66
CA LEU A 25 -59.62 -15.35 -42.44
C LEU A 25 -59.24 -16.82 -42.25
N GLN A 26 -58.18 -17.26 -42.93
CA GLN A 26 -57.65 -18.61 -42.71
C GLN A 26 -57.02 -18.73 -41.32
N GLY A 27 -56.53 -17.63 -40.77
CA GLY A 27 -56.14 -17.62 -39.36
C GLY A 27 -57.32 -17.71 -38.41
N LYS A 28 -58.51 -17.32 -38.86
CA LYS A 28 -59.72 -17.40 -38.06
C LYS A 28 -60.52 -18.67 -38.30
N LEU A 29 -60.05 -19.56 -39.17
CA LEU A 29 -60.73 -20.84 -39.40
C LEU A 29 -60.43 -21.86 -38.32
N ASP A 30 -59.51 -21.57 -37.39
CA ASP A 30 -59.17 -22.52 -36.34
C ASP A 30 -60.27 -22.62 -35.29
N LYS A 31 -61.03 -21.54 -35.09
CA LYS A 31 -62.12 -21.51 -34.12
C LYS A 31 -63.35 -20.94 -34.82
N LEU A 32 -64.15 -21.82 -35.42
CA LEU A 32 -65.34 -21.42 -36.15
C LEU A 32 -66.44 -22.45 -35.93
N GLN A 33 -67.58 -22.00 -35.36
CA GLN A 33 -68.78 -22.78 -35.18
C GLN A 33 -69.80 -22.43 -36.25
N PRO A 34 -70.71 -23.36 -36.58
CA PRO A 34 -71.61 -23.11 -37.73
C PRO A 34 -72.68 -22.07 -37.47
N ASP A 35 -73.17 -21.96 -36.24
CA ASP A 35 -74.14 -20.92 -35.91
C ASP A 35 -73.51 -19.53 -35.97
N GLU A 36 -72.22 -19.43 -35.67
CA GLU A 36 -71.51 -18.18 -35.87
C GLU A 36 -71.01 -18.03 -37.30
N ASP A 37 -70.88 -19.14 -38.05
CA ASP A 37 -70.51 -19.05 -39.45
C ASP A 37 -71.66 -18.63 -40.34
N ASP A 38 -72.90 -18.80 -39.88
CA ASP A 38 -74.05 -18.33 -40.63
C ASP A 38 -74.08 -16.80 -40.75
N LYS A 39 -73.61 -16.10 -39.72
CA LYS A 39 -73.43 -14.66 -39.80
C LYS A 39 -72.02 -14.27 -40.20
N ARG A 40 -71.04 -15.15 -39.98
CA ARG A 40 -69.65 -14.88 -40.31
C ARG A 40 -69.35 -15.10 -41.78
N GLN A 41 -70.26 -15.70 -42.54
CA GLN A 41 -70.07 -15.85 -43.98
C GLN A 41 -70.11 -14.49 -44.67
N THR A 42 -71.23 -13.77 -44.53
CA THR A 42 -71.32 -12.42 -45.06
C THR A 42 -70.58 -11.41 -44.17
N LEU A 43 -70.52 -11.68 -42.86
CA LEU A 43 -69.80 -10.80 -41.94
C LEU A 43 -68.29 -10.87 -42.14
N LEU A 44 -67.78 -11.93 -42.76
CA LEU A 44 -66.37 -12.02 -43.09
C LEU A 44 -66.08 -11.75 -44.55
N ALA A 45 -66.98 -12.15 -45.45
CA ALA A 45 -66.75 -11.98 -46.88
C ALA A 45 -67.11 -10.57 -47.35
N THR A 46 -68.31 -10.09 -46.98
CA THR A 46 -68.73 -8.75 -47.36
C THR A 46 -67.91 -7.68 -46.66
N HIS A 47 -67.41 -7.98 -45.46
CA HIS A 47 -66.42 -7.10 -44.84
C HIS A 47 -65.08 -7.23 -45.53
N ARG A 48 -64.66 -8.47 -45.83
CA ARG A 48 -63.35 -8.75 -46.40
C ARG A 48 -63.16 -8.16 -47.79
N ARG A 49 -64.24 -7.89 -48.52
CA ARG A 49 -64.11 -7.19 -49.79
C ARG A 49 -63.92 -5.70 -49.59
N GLU A 50 -64.85 -5.05 -48.89
CA GLU A 50 -64.88 -3.60 -48.85
C GLU A 50 -64.94 -3.01 -47.45
N ALA A 51 -65.67 -3.64 -46.53
CA ALA A 51 -65.97 -3.00 -45.25
C ALA A 51 -64.89 -3.18 -44.19
N TRP A 52 -63.95 -4.11 -44.39
CA TRP A 52 -62.83 -4.23 -43.46
C TRP A 52 -61.92 -3.01 -43.55
N LEU A 53 -61.74 -2.48 -44.76
CA LEU A 53 -61.01 -1.24 -44.93
C LEU A 53 -61.82 -0.03 -44.49
N ALA A 54 -63.14 -0.15 -44.43
CA ALA A 54 -63.96 0.98 -43.98
C ALA A 54 -63.95 1.09 -42.47
N ASP A 55 -64.23 -0.01 -41.77
CA ASP A 55 -64.19 0.02 -40.31
C ASP A 55 -62.76 0.11 -39.79
N ALA A 56 -61.81 -0.48 -40.52
CA ALA A 56 -60.41 -0.31 -40.15
C ALA A 56 -59.92 1.10 -40.43
N ALA A 57 -60.32 1.67 -41.58
CA ALA A 57 -59.93 3.02 -41.93
C ALA A 57 -60.58 4.08 -41.05
N ARG A 58 -61.72 3.76 -40.43
CA ARG A 58 -62.36 4.70 -39.51
C ARG A 58 -61.56 4.85 -38.23
N ARG A 59 -60.84 3.81 -37.83
CA ARG A 59 -60.20 3.80 -36.52
C ARG A 59 -58.69 3.72 -36.64
N VAL A 60 -58.11 4.52 -37.53
CA VAL A 60 -56.67 4.59 -37.65
C VAL A 60 -56.11 5.59 -36.64
N GLY A 61 -56.87 6.63 -36.31
CA GLY A 61 -56.41 7.69 -35.44
C GLY A 61 -56.28 7.34 -33.98
N GLN A 62 -56.55 6.08 -33.62
CA GLN A 62 -56.26 5.61 -32.27
C GLN A 62 -54.77 5.36 -32.08
N LEU A 63 -54.10 4.90 -33.13
CA LEU A 63 -52.65 4.80 -33.11
C LEU A 63 -52.03 6.16 -33.39
N GLN A 64 -50.71 6.18 -33.39
CA GLN A 64 -49.93 7.34 -33.79
C GLN A 64 -48.53 6.86 -34.11
N LEU A 65 -48.09 7.06 -35.35
CA LEU A 65 -46.78 6.62 -35.79
C LEU A 65 -45.82 7.80 -35.71
N VAL A 66 -44.99 7.83 -34.67
CA VAL A 66 -43.99 8.87 -34.48
C VAL A 66 -42.65 8.22 -34.30
N THR A 67 -41.60 9.03 -34.30
CA THR A 67 -40.25 8.50 -34.10
C THR A 67 -39.56 9.19 -32.94
N HIS A 68 -40.24 10.14 -32.29
CA HIS A 68 -39.72 10.84 -31.11
C HIS A 68 -40.86 11.12 -30.16
N THR A 69 -40.87 10.45 -29.02
CA THR A 69 -41.99 10.50 -28.08
C THR A 69 -41.63 11.30 -26.84
N LEU A 70 -42.61 12.02 -26.32
CA LEU A 70 -42.50 12.89 -25.17
C LEU A 70 -42.69 12.14 -23.86
N LYS A 71 -43.22 10.92 -23.91
CA LYS A 71 -43.63 10.21 -22.69
C LYS A 71 -42.51 9.69 -21.79
N PRO A 72 -41.33 9.23 -22.26
CA PRO A 72 -40.32 8.81 -21.27
C PRO A 72 -39.72 9.92 -20.43
N ILE A 73 -40.02 11.19 -20.72
CA ILE A 73 -39.61 12.27 -19.83
C ILE A 73 -40.41 12.20 -18.53
N HIS A 74 -41.74 12.06 -18.65
CA HIS A 74 -42.57 11.85 -17.50
C HIS A 74 -43.83 11.14 -17.98
N PRO A 75 -44.30 10.12 -17.26
CA PRO A 75 -45.41 9.31 -17.78
C PRO A 75 -46.75 10.02 -17.78
N ASP A 76 -46.98 10.96 -16.87
CA ASP A 76 -48.24 11.67 -16.81
C ASP A 76 -48.36 12.75 -17.89
N ALA A 77 -47.26 13.06 -18.58
CA ALA A 77 -47.25 14.17 -19.51
C ALA A 77 -47.96 13.80 -20.80
N ARG A 78 -48.87 14.68 -21.23
CA ARG A 78 -49.56 14.55 -22.50
C ARG A 78 -49.17 15.71 -23.40
N GLY A 79 -49.14 15.48 -24.71
CA GLY A 79 -48.75 16.55 -25.59
C GLY A 79 -48.36 16.14 -27.00
N SER A 80 -47.25 16.68 -27.48
CA SER A 80 -46.88 16.60 -28.88
C SER A 80 -45.81 15.53 -29.08
N ASN A 81 -46.17 14.43 -29.71
CA ASN A 81 -45.22 13.47 -30.25
C ASN A 81 -45.02 13.75 -31.73
N LEU A 82 -43.82 13.47 -32.23
CA LEU A 82 -43.44 13.92 -33.56
C LEU A 82 -42.83 12.80 -34.38
N HIS A 83 -43.35 12.62 -35.60
CA HIS A 83 -42.73 11.79 -36.61
C HIS A 83 -41.73 12.56 -37.45
N SER A 84 -41.71 13.89 -37.33
CA SER A 84 -41.02 14.77 -38.25
C SER A 84 -39.51 14.63 -38.11
N LEU A 85 -38.89 14.00 -39.09
CA LEU A 85 -37.44 14.06 -39.31
C LEU A 85 -37.17 14.43 -40.76
N PRO A 86 -37.40 15.69 -41.14
CA PRO A 86 -37.36 16.02 -42.57
C PRO A 86 -35.95 16.28 -43.11
N GLN A 87 -35.04 16.75 -42.26
CA GLN A 87 -33.78 17.31 -42.70
C GLN A 87 -32.62 16.68 -41.94
N ALA A 88 -31.47 16.62 -42.61
CA ALA A 88 -30.19 16.26 -41.99
C ALA A 88 -29.13 17.31 -42.30
N PRO A 89 -29.30 18.57 -41.81
CA PRO A 89 -28.44 19.65 -42.27
C PRO A 89 -27.19 19.83 -41.43
N GLY A 90 -26.82 18.79 -40.69
CA GLY A 90 -25.97 18.94 -39.51
C GLY A 90 -24.54 19.40 -39.78
N GLN A 91 -23.83 19.54 -38.68
CA GLN A 91 -22.51 20.15 -38.65
C GLN A 91 -21.46 19.25 -39.33
N PRO A 92 -20.30 19.82 -39.71
CA PRO A 92 -19.22 18.99 -40.23
C PRO A 92 -18.61 18.00 -39.23
N GLY A 93 -18.86 18.14 -37.93
CA GLY A 93 -18.24 17.24 -36.97
C GLY A 93 -19.17 16.66 -35.92
N LEU A 94 -20.42 17.08 -35.92
CA LEU A 94 -21.36 16.68 -34.89
C LEU A 94 -22.35 15.65 -35.43
N ALA A 95 -22.76 14.73 -34.56
CA ALA A 95 -23.54 13.57 -34.95
C ALA A 95 -24.82 13.46 -34.14
N GLY A 96 -25.82 12.84 -34.74
CA GLY A 96 -27.09 12.68 -34.07
C GLY A 96 -27.98 11.73 -34.84
N SER A 97 -29.30 11.91 -34.69
CA SER A 97 -30.28 11.07 -35.35
C SER A 97 -30.64 11.56 -36.74
N HIS A 98 -29.86 12.49 -37.29
CA HIS A 98 -30.02 12.89 -38.67
C HIS A 98 -29.31 11.94 -39.63
N GLU A 99 -28.40 11.12 -39.11
CA GLU A 99 -27.63 10.17 -39.90
C GLU A 99 -28.33 8.81 -40.02
N LEU A 100 -29.63 8.76 -39.79
CA LEU A 100 -30.36 7.51 -39.92
C LEU A 100 -30.47 7.13 -41.39
N GLY A 101 -31.18 7.94 -42.16
CA GLY A 101 -31.24 7.77 -43.61
C GLY A 101 -32.13 6.61 -44.02
N ASP A 102 -31.63 5.39 -43.84
CA ASP A 102 -32.41 4.18 -43.98
C ASP A 102 -32.61 3.57 -42.60
N ARG A 103 -33.19 2.37 -42.58
CA ARG A 103 -33.36 1.56 -41.37
C ARG A 103 -34.19 2.29 -40.32
N LEU A 104 -35.19 3.04 -40.77
CA LEU A 104 -35.99 3.85 -39.87
C LEU A 104 -36.91 2.98 -39.04
N VAL A 105 -36.46 2.57 -37.86
CA VAL A 105 -37.34 1.86 -36.94
C VAL A 105 -38.18 2.93 -36.26
N SER A 106 -39.33 3.23 -36.84
CA SER A 106 -40.31 4.13 -36.26
C SER A 106 -41.55 3.31 -35.97
N ASP A 107 -41.94 3.25 -34.70
CA ASP A 107 -42.99 2.31 -34.33
C ASP A 107 -44.13 3.03 -33.62
N VAL A 108 -45.07 2.27 -33.07
CA VAL A 108 -46.42 2.72 -32.82
C VAL A 108 -46.55 3.20 -31.38
N VAL A 109 -47.13 4.39 -31.21
CA VAL A 109 -47.52 4.91 -29.91
C VAL A 109 -49.03 5.06 -29.91
N GLY A 110 -49.68 4.48 -28.91
CA GLY A 110 -51.11 4.68 -28.79
C GLY A 110 -51.80 3.44 -28.28
N ASN A 111 -53.13 3.44 -28.37
CA ASN A 111 -53.95 2.31 -27.95
C ASN A 111 -53.70 1.13 -28.87
N ALA A 112 -53.02 0.10 -28.35
CA ALA A 112 -52.49 -1.00 -29.15
C ALA A 112 -53.55 -1.92 -29.74
N ALA A 113 -54.85 -1.63 -29.59
CA ALA A 113 -55.89 -2.55 -30.03
C ALA A 113 -55.98 -2.66 -31.55
N ALA A 114 -55.46 -1.70 -32.29
CA ALA A 114 -55.70 -1.63 -33.73
C ALA A 114 -54.41 -1.53 -34.51
N LEU A 115 -53.43 -2.38 -34.20
CA LEU A 115 -52.20 -2.42 -34.99
C LEU A 115 -52.37 -3.24 -36.27
N ASP A 116 -53.52 -3.88 -36.47
CA ASP A 116 -53.78 -4.59 -37.71
C ASP A 116 -53.82 -3.65 -38.90
N VAL A 117 -54.23 -2.40 -38.68
CA VAL A 117 -54.09 -1.36 -39.69
C VAL A 117 -52.62 -1.11 -39.99
N PHE A 118 -51.79 -1.06 -38.95
CA PHE A 118 -50.40 -0.64 -39.10
C PHE A 118 -49.60 -1.65 -39.90
N LYS A 119 -49.75 -2.94 -39.59
CA LYS A 119 -49.13 -3.97 -40.41
C LYS A 119 -49.70 -3.96 -41.83
N PHE A 120 -50.97 -3.57 -41.97
CA PHE A 120 -51.54 -3.39 -43.30
C PHE A 120 -50.86 -2.24 -44.03
N LEU A 121 -50.44 -1.21 -43.30
CA LEU A 121 -49.65 -0.17 -43.93
C LEU A 121 -48.18 -0.55 -44.00
N SER A 122 -47.78 -1.61 -43.30
CA SER A 122 -46.41 -2.10 -43.42
C SER A 122 -46.21 -2.93 -44.66
N LEU A 123 -47.28 -3.49 -45.23
CA LEU A 123 -47.19 -4.29 -46.45
C LEU A 123 -47.03 -3.43 -47.70
N GLN A 124 -47.17 -2.11 -47.59
CA GLN A 124 -46.99 -1.24 -48.74
C GLN A 124 -45.52 -1.13 -49.14
N TYR A 125 -44.63 -1.05 -48.15
CA TYR A 125 -43.20 -0.95 -48.40
C TYR A 125 -42.52 -2.31 -48.50
N GLN A 126 -43.28 -3.34 -48.88
CA GLN A 126 -42.72 -4.68 -49.13
C GLN A 126 -42.12 -4.72 -50.53
N GLY A 127 -40.99 -4.02 -50.68
CA GLY A 127 -40.31 -3.95 -51.95
C GLY A 127 -41.03 -3.13 -53.00
N LYS A 128 -41.78 -2.11 -52.58
CA LYS A 128 -42.54 -1.30 -53.52
C LYS A 128 -42.58 0.15 -53.04
N ASN A 129 -42.90 1.05 -53.96
CA ASN A 129 -43.02 2.47 -53.69
C ASN A 129 -44.48 2.89 -53.53
N LEU A 130 -45.29 2.03 -52.94
CA LEU A 130 -46.72 2.29 -52.77
C LEU A 130 -47.04 3.15 -51.56
N LEU A 131 -46.04 3.50 -50.74
CA LEU A 131 -46.28 4.43 -49.63
C LEU A 131 -46.54 5.83 -50.14
N ASN A 132 -45.82 6.24 -51.20
CA ASN A 132 -46.14 7.47 -51.90
C ASN A 132 -47.46 7.34 -52.64
N TRP A 133 -47.84 6.13 -53.03
CA TRP A 133 -49.16 5.85 -53.58
C TRP A 133 -50.21 5.67 -52.49
N LEU A 134 -49.82 5.74 -51.23
CA LEU A 134 -50.77 5.83 -50.13
C LEU A 134 -50.96 7.25 -49.62
N THR A 135 -50.07 8.17 -50.00
CA THR A 135 -50.26 9.58 -49.71
C THR A 135 -50.80 10.34 -50.91
N GLU A 136 -50.62 9.80 -52.11
CA GLU A 136 -51.05 10.39 -53.36
C GLU A 136 -51.38 9.26 -54.32
N ASP A 137 -51.41 9.57 -55.62
CA ASP A 137 -51.58 8.60 -56.71
C ASP A 137 -52.90 7.84 -56.61
N SER A 138 -53.99 8.61 -56.68
CA SER A 138 -55.32 8.01 -56.64
C SER A 138 -55.70 7.32 -57.94
N ALA A 139 -54.99 7.62 -59.03
CA ALA A 139 -55.18 6.87 -60.27
C ALA A 139 -54.60 5.46 -60.14
N GLU A 140 -53.52 5.31 -59.38
CA GLU A 140 -53.00 3.99 -59.07
C GLU A 140 -53.96 3.22 -58.16
N ALA A 141 -54.73 3.93 -57.34
CA ALA A 141 -55.84 3.32 -56.61
C ALA A 141 -57.08 3.16 -57.47
N LEU A 142 -57.12 3.76 -58.65
CA LEU A 142 -58.22 3.54 -59.58
C LEU A 142 -57.98 2.33 -60.47
N GLN A 143 -56.72 2.04 -60.78
CA GLN A 143 -56.41 0.85 -61.55
C GLN A 143 -56.42 -0.39 -60.67
N ALA A 144 -55.81 -0.30 -59.48
CA ALA A 144 -55.61 -1.46 -58.61
C ALA A 144 -56.76 -1.69 -57.65
N LEU A 145 -57.11 -0.69 -56.84
CA LEU A 145 -58.21 -0.85 -55.90
C LEU A 145 -59.57 -0.77 -56.58
N SER A 146 -59.67 0.08 -57.61
CA SER A 146 -60.80 0.14 -58.56
C SER A 146 -62.13 0.46 -57.87
N ASP A 147 -62.09 1.21 -56.77
CA ASP A 147 -63.28 1.56 -56.02
C ASP A 147 -63.76 2.94 -56.45
N ASN A 148 -64.73 3.48 -55.70
CA ASN A 148 -65.21 4.83 -55.96
C ASN A 148 -64.16 5.85 -55.55
N ALA A 149 -64.33 7.08 -56.05
CA ALA A 149 -63.37 8.13 -55.76
C ALA A 149 -63.47 8.59 -54.30
N GLU A 150 -64.69 8.61 -53.76
CA GLU A 150 -64.87 9.01 -52.36
C GLU A 150 -64.28 7.98 -51.41
N GLN A 151 -64.37 6.70 -51.77
CA GLN A 151 -63.83 5.64 -50.93
C GLN A 151 -62.31 5.66 -50.90
N ALA A 152 -61.68 5.54 -52.07
CA ALA A 152 -60.23 5.44 -52.11
C ALA A 152 -59.55 6.77 -51.78
N ARG A 153 -60.14 7.89 -52.22
CA ARG A 153 -59.53 9.17 -51.90
C ARG A 153 -59.79 9.57 -50.45
N GLU A 154 -60.97 9.24 -49.90
CA GLU A 154 -61.23 9.58 -48.50
C GLU A 154 -60.41 8.72 -47.55
N TRP A 155 -60.29 7.42 -47.86
CA TRP A 155 -59.42 6.55 -47.07
C TRP A 155 -57.96 6.97 -47.21
N ARG A 156 -57.56 7.41 -48.41
CA ARG A 156 -56.21 7.91 -48.62
C ARG A 156 -55.96 9.18 -47.81
N GLN A 157 -56.98 10.02 -47.64
CA GLN A 157 -56.86 11.12 -46.70
C GLN A 157 -56.78 10.63 -45.27
N ALA A 158 -57.41 9.51 -44.96
CA ALA A 158 -57.44 8.99 -43.59
C ALA A 158 -56.25 8.10 -43.26
N PHE A 159 -55.36 7.84 -44.21
CA PHE A 159 -54.20 6.99 -43.96
C PHE A 159 -52.94 7.77 -43.68
N ILE A 160 -52.87 9.04 -44.10
CA ILE A 160 -51.76 9.89 -43.71
C ILE A 160 -51.86 10.24 -42.23
N GLY A 161 -53.07 10.24 -41.67
CA GLY A 161 -53.32 10.64 -40.30
C GLY A 161 -52.80 9.76 -39.18
N ILE A 162 -51.98 8.77 -39.50
CA ILE A 162 -51.30 7.96 -38.49
C ILE A 162 -49.85 8.43 -38.41
N THR A 163 -49.33 8.97 -39.51
CA THR A 163 -47.95 9.41 -39.58
C THR A 163 -47.80 10.90 -39.33
N THR A 164 -48.90 11.63 -39.19
CA THR A 164 -48.87 13.05 -38.94
C THR A 164 -49.47 13.34 -37.56
N VAL A 165 -49.36 14.60 -37.16
CA VAL A 165 -49.80 15.05 -35.85
C VAL A 165 -51.33 15.10 -35.78
N LYS A 166 -51.87 15.30 -34.58
CA LYS A 166 -53.31 15.24 -34.40
C LYS A 166 -54.03 16.48 -34.89
N GLY A 167 -53.36 17.63 -34.92
CA GLY A 167 -54.00 18.82 -35.45
C GLY A 167 -53.67 20.13 -34.78
N ALA A 168 -52.95 20.11 -33.66
CA ALA A 168 -52.57 21.35 -32.97
C ALA A 168 -51.31 21.12 -32.17
N PRO A 169 -50.36 22.05 -32.20
CA PRO A 169 -49.17 21.93 -31.36
C PRO A 169 -49.51 22.10 -29.88
N ALA A 170 -48.78 21.37 -29.04
CA ALA A 170 -49.00 21.41 -27.61
C ALA A 170 -47.70 21.05 -26.90
N SER A 171 -47.74 21.14 -25.57
CA SER A 171 -46.61 20.78 -24.72
C SER A 171 -47.15 20.49 -23.33
N HIS A 172 -46.26 20.34 -22.36
CA HIS A 172 -46.71 20.10 -20.99
C HIS A 172 -45.73 20.76 -20.04
N SER A 173 -46.15 20.92 -18.79
CA SER A 173 -45.32 21.48 -17.72
C SER A 173 -44.27 20.51 -17.20
N LEU A 174 -44.15 19.33 -17.80
CA LEU A 174 -43.13 18.35 -17.48
C LEU A 174 -42.40 17.94 -18.75
N ALA A 175 -42.07 18.90 -19.61
CA ALA A 175 -41.49 18.62 -20.90
C ALA A 175 -40.08 19.20 -21.06
N LYS A 176 -39.47 19.66 -19.95
CA LYS A 176 -38.07 20.08 -19.90
C LYS A 176 -37.76 21.25 -20.84
N GLN A 177 -38.61 22.27 -20.78
CA GLN A 177 -38.46 23.42 -21.67
C GLN A 177 -37.32 24.31 -21.20
N LEU A 178 -36.44 24.69 -22.13
CA LEU A 178 -35.19 25.34 -21.78
C LEU A 178 -34.97 26.59 -22.62
N TYR A 179 -34.61 27.69 -21.98
CA TYR A 179 -34.23 28.90 -22.68
C TYR A 179 -32.86 28.73 -23.34
N PHE A 180 -32.66 29.45 -24.42
CA PHE A 180 -31.37 29.42 -25.11
C PHE A 180 -31.05 30.81 -25.65
N PRO A 181 -30.02 31.47 -25.14
CA PRO A 181 -29.75 32.85 -25.53
C PRO A 181 -29.08 32.95 -26.89
N LEU A 182 -29.28 34.10 -27.50
CA LEU A 182 -28.96 34.38 -28.89
C LEU A 182 -27.79 35.36 -29.00
N PRO A 183 -27.24 35.57 -30.23
CA PRO A 183 -26.24 36.64 -30.38
C PRO A 183 -26.84 38.03 -30.25
N GLY A 184 -26.99 38.50 -29.02
CA GLY A 184 -27.50 39.84 -28.78
C GLY A 184 -28.98 40.02 -29.01
N SER A 185 -29.73 38.92 -29.04
CA SER A 185 -31.15 38.97 -29.33
C SER A 185 -31.87 38.25 -28.18
N GLY A 186 -33.15 37.93 -28.40
CA GLY A 186 -33.95 37.32 -27.37
C GLY A 186 -33.65 35.85 -27.12
N TYR A 187 -34.69 35.10 -26.78
CA TYR A 187 -34.56 33.71 -26.36
C TYR A 187 -35.43 32.83 -27.25
N HIS A 188 -35.02 31.58 -27.42
CA HIS A 188 -35.87 30.53 -28.00
C HIS A 188 -36.03 29.44 -26.95
N LEU A 189 -37.21 29.34 -26.35
CA LEU A 189 -37.39 28.24 -25.41
C LEU A 189 -37.67 26.98 -26.22
N LEU A 190 -37.00 25.90 -25.87
CA LEU A 190 -36.97 24.69 -26.68
C LEU A 190 -37.51 23.52 -25.86
N ALA A 191 -38.29 22.67 -26.50
CA ALA A 191 -38.83 21.48 -25.84
C ALA A 191 -38.15 20.24 -26.41
N PRO A 192 -37.13 19.70 -25.75
CA PRO A 192 -36.47 18.50 -26.29
C PRO A 192 -37.30 17.25 -26.11
N LEU A 193 -37.00 16.26 -26.93
CA LEU A 193 -37.69 14.99 -26.97
C LEU A 193 -36.70 13.86 -26.70
N PHE A 194 -37.17 12.63 -26.85
CA PHE A 194 -36.34 11.45 -26.58
C PHE A 194 -36.11 10.72 -27.89
N PRO A 195 -34.86 10.60 -28.34
CA PRO A 195 -34.60 10.03 -29.66
C PRO A 195 -34.81 8.53 -29.73
N THR A 196 -36.07 8.11 -29.86
CA THR A 196 -36.45 6.71 -29.66
C THR A 196 -35.92 5.81 -30.76
N SER A 197 -35.93 6.29 -32.00
CA SER A 197 -35.39 5.48 -33.09
C SER A 197 -33.88 5.37 -33.00
N LEU A 198 -33.22 6.46 -32.61
CA LEU A 198 -31.77 6.42 -32.43
C LEU A 198 -31.39 5.56 -31.23
N VAL A 199 -32.18 5.62 -30.16
CA VAL A 199 -31.95 4.79 -28.98
C VAL A 199 -32.10 3.32 -29.32
N HIS A 200 -33.15 2.97 -30.09
CA HIS A 200 -33.36 1.58 -30.47
C HIS A 200 -32.28 1.08 -31.43
N HIS A 201 -31.83 1.94 -32.34
CA HIS A 201 -30.79 1.54 -33.28
C HIS A 201 -29.46 1.30 -32.58
N VAL A 202 -29.05 2.25 -31.72
CA VAL A 202 -27.76 2.14 -31.03
C VAL A 202 -27.79 0.98 -30.04
N HIS A 203 -28.93 0.76 -29.37
CA HIS A 203 -29.00 -0.37 -28.46
C HIS A 203 -29.10 -1.71 -29.19
N ALA A 204 -29.60 -1.73 -30.43
CA ALA A 204 -29.45 -2.92 -31.26
C ALA A 204 -27.98 -3.16 -31.61
N LEU A 205 -27.21 -2.10 -31.83
CA LEU A 205 -25.79 -2.25 -32.10
C LEU A 205 -25.03 -2.75 -30.87
N LEU A 206 -25.38 -2.24 -29.69
CA LEU A 206 -24.69 -2.66 -28.48
C LEU A 206 -25.04 -4.10 -28.12
N ARG A 207 -26.29 -4.51 -28.36
CA ARG A 207 -26.62 -5.90 -28.12
C ARG A 207 -26.05 -6.83 -29.17
N GLU A 208 -25.79 -6.34 -30.38
CA GLU A 208 -25.03 -7.14 -31.33
C GLU A 208 -23.57 -7.25 -30.91
N ALA A 209 -23.04 -6.22 -30.24
CA ALA A 209 -21.61 -6.22 -29.92
C ALA A 209 -21.31 -7.02 -28.66
N ARG A 210 -22.17 -6.96 -27.65
CA ARG A 210 -21.85 -7.61 -26.38
C ARG A 210 -21.95 -9.12 -26.47
N PHE A 211 -22.89 -9.62 -27.28
CA PHE A 211 -23.01 -11.05 -27.54
C PHE A 211 -23.68 -11.24 -28.89
N GLY A 212 -23.70 -12.48 -29.33
CA GLY A 212 -24.25 -12.82 -30.62
C GLY A 212 -23.55 -14.05 -31.17
N ASP A 213 -23.28 -14.02 -32.47
CA ASP A 213 -22.60 -15.14 -33.12
C ASP A 213 -21.08 -15.00 -33.00
N ALA A 214 -20.53 -13.93 -33.56
CA ALA A 214 -19.09 -13.77 -33.61
C ALA A 214 -18.48 -13.35 -32.28
N ALA A 215 -19.27 -12.77 -31.39
CA ALA A 215 -18.75 -12.37 -30.08
C ALA A 215 -18.51 -13.59 -29.20
N LYS A 216 -19.50 -14.49 -29.14
CA LYS A 216 -19.31 -15.76 -28.44
C LYS A 216 -18.24 -16.62 -29.10
N ALA A 217 -18.08 -16.50 -30.41
CA ALA A 217 -17.06 -17.26 -31.11
C ALA A 217 -15.66 -16.75 -30.77
N ALA A 218 -15.48 -15.42 -30.77
CA ALA A 218 -14.15 -14.86 -30.54
C ALA A 218 -13.76 -14.93 -29.07
N ARG A 219 -14.71 -14.74 -28.14
CA ARG A 219 -14.37 -14.94 -26.74
C ARG A 219 -14.23 -16.42 -26.41
N GLU A 220 -14.92 -17.29 -27.16
CA GLU A 220 -14.65 -18.72 -27.11
C GLU A 220 -13.24 -19.01 -27.60
N ALA A 221 -12.73 -18.24 -28.56
CA ALA A 221 -11.34 -18.35 -28.96
C ALA A 221 -10.41 -17.81 -27.90
N ARG A 222 -10.89 -16.88 -27.06
CA ARG A 222 -10.11 -16.52 -25.87
C ARG A 222 -10.07 -17.65 -24.86
N SER A 223 -11.12 -18.48 -24.83
CA SER A 223 -11.04 -19.69 -24.00
C SER A 223 -10.13 -20.74 -24.64
N ARG A 224 -9.97 -20.72 -25.95
CA ARG A 224 -9.22 -21.76 -26.65
C ARG A 224 -7.84 -21.34 -27.13
N GLN A 225 -7.52 -20.03 -27.10
CA GLN A 225 -6.26 -19.45 -27.62
C GLN A 225 -6.05 -19.82 -29.08
N GLU A 226 -7.12 -19.78 -29.87
CA GLU A 226 -7.12 -20.23 -31.26
C GLU A 226 -7.85 -19.23 -32.15
N SER A 227 -7.49 -17.96 -32.08
CA SER A 227 -8.27 -16.94 -32.78
C SER A 227 -7.94 -16.92 -34.28
N TRP A 228 -8.78 -16.18 -35.02
CA TRP A 228 -8.79 -16.07 -36.47
C TRP A 228 -8.96 -14.59 -36.82
N PRO A 229 -8.95 -14.17 -38.13
CA PRO A 229 -9.25 -12.75 -38.41
C PRO A 229 -10.64 -12.29 -38.01
N HIS A 230 -10.67 -11.45 -36.97
CA HIS A 230 -11.86 -10.86 -36.38
C HIS A 230 -11.43 -9.85 -35.32
N GLY A 231 -12.26 -8.86 -35.03
CA GLY A 231 -11.99 -7.94 -33.92
C GLY A 231 -13.24 -7.53 -33.20
N PHE A 232 -13.29 -7.73 -31.89
CA PHE A 232 -14.44 -7.40 -31.05
C PHE A 232 -14.03 -6.33 -30.04
N SER A 233 -14.95 -6.00 -29.13
CA SER A 233 -14.68 -4.96 -28.16
C SER A 233 -15.45 -5.22 -26.87
N GLU A 234 -15.15 -4.39 -25.87
CA GLU A 234 -15.72 -4.53 -24.55
C GLU A 234 -16.14 -3.16 -24.05
N TYR A 235 -17.27 -3.11 -23.35
CA TYR A 235 -17.93 -1.88 -22.94
C TYR A 235 -17.81 -1.69 -21.43
N PRO A 236 -16.88 -0.89 -20.95
CA PRO A 236 -16.84 -0.62 -19.51
C PRO A 236 -17.92 0.38 -19.12
N ASN A 237 -18.56 0.10 -17.98
CA ASN A 237 -19.40 1.04 -17.25
C ASN A 237 -20.63 1.49 -18.05
N LEU A 238 -21.44 0.52 -18.48
CA LEU A 238 -22.75 0.82 -19.00
C LEU A 238 -23.73 0.96 -17.84
N ALA A 239 -24.60 1.96 -17.89
CA ALA A 239 -25.49 2.23 -16.76
C ALA A 239 -26.94 2.03 -17.17
N ILE A 240 -27.66 1.20 -16.43
CA ILE A 240 -29.03 0.84 -16.78
C ILE A 240 -29.97 1.98 -16.39
N GLN A 241 -30.81 2.41 -17.33
CA GLN A 241 -31.90 3.34 -17.08
C GLN A 241 -33.20 2.66 -17.46
N LYS A 242 -34.20 2.73 -16.56
CA LYS A 242 -35.42 1.96 -16.69
C LYS A 242 -36.63 2.87 -16.80
N PHE A 243 -37.46 2.64 -17.81
CA PHE A 243 -38.65 3.43 -18.07
C PHE A 243 -39.91 2.63 -17.72
N GLY A 244 -40.94 3.33 -17.29
CA GLY A 244 -42.22 2.73 -17.01
C GLY A 244 -42.43 2.21 -15.61
N GLY A 245 -41.40 1.62 -15.02
CA GLY A 245 -41.51 1.02 -13.72
C GLY A 245 -41.90 -0.45 -13.82
N THR A 246 -42.96 -0.84 -13.11
CA THR A 246 -43.44 -2.21 -13.18
C THR A 246 -44.31 -2.47 -14.40
N LYS A 247 -44.68 -1.43 -15.14
CA LYS A 247 -45.48 -1.57 -16.36
C LYS A 247 -44.77 -0.87 -17.52
N PRO A 248 -43.84 -1.56 -18.18
CA PRO A 248 -43.24 -1.01 -19.40
C PRO A 248 -44.09 -1.17 -20.64
N GLN A 249 -45.34 -1.60 -20.49
CA GLN A 249 -46.25 -1.73 -21.62
C GLN A 249 -46.90 -0.39 -21.96
N ASN A 250 -47.28 0.37 -20.93
CA ASN A 250 -47.97 1.64 -21.15
C ASN A 250 -47.06 2.68 -21.76
N ILE A 251 -45.78 2.68 -21.39
CA ILE A 251 -44.79 3.34 -22.22
C ILE A 251 -44.67 2.52 -23.50
N SER A 252 -45.02 3.11 -24.62
CA SER A 252 -45.25 2.34 -25.82
C SER A 252 -43.95 1.91 -26.49
N GLN A 253 -44.09 1.00 -27.46
CA GLN A 253 -43.08 0.35 -28.30
C GLN A 253 -42.13 -0.58 -27.55
N LEU A 254 -42.19 -0.61 -26.21
CA LEU A 254 -41.20 -1.33 -25.43
C LEU A 254 -41.55 -2.81 -25.43
N ASN A 255 -40.78 -3.60 -26.15
CA ASN A 255 -41.05 -5.02 -26.25
C ASN A 255 -40.49 -5.73 -25.02
N ASN A 256 -40.50 -7.07 -25.03
CA ASN A 256 -39.80 -7.83 -24.02
C ASN A 256 -38.28 -7.69 -24.15
N GLU A 257 -37.81 -7.29 -25.35
CA GLU A 257 -36.40 -6.99 -25.57
C GLU A 257 -35.99 -5.65 -24.94
N ARG A 258 -36.95 -4.79 -24.63
CA ARG A 258 -36.69 -3.43 -24.15
C ARG A 258 -37.57 -3.11 -22.97
N ARG A 259 -37.60 -3.96 -21.94
CA ARG A 259 -38.53 -3.78 -20.84
C ARG A 259 -38.14 -2.61 -19.93
N GLY A 260 -38.18 -1.39 -20.47
CA GLY A 260 -37.55 -0.25 -19.84
C GLY A 260 -36.09 -0.54 -19.60
N GLU A 261 -35.32 -0.67 -20.68
CA GLU A 261 -33.96 -1.17 -20.57
C GLU A 261 -33.00 -0.33 -21.42
N ASN A 262 -33.04 0.98 -21.26
CA ASN A 262 -32.16 1.85 -22.03
C ASN A 262 -30.94 2.18 -21.18
N TRP A 263 -29.79 1.66 -21.59
CA TRP A 263 -28.56 1.86 -20.84
C TRP A 263 -27.64 2.82 -21.55
N LEU A 264 -26.71 3.38 -20.78
CA LEU A 264 -26.02 4.61 -21.09
C LEU A 264 -24.53 4.40 -21.12
N LEU A 265 -23.89 4.94 -22.15
CA LEU A 265 -22.44 4.96 -22.26
C LEU A 265 -21.85 5.92 -21.23
N PRO A 266 -20.75 5.57 -20.57
CA PRO A 266 -20.26 6.39 -19.46
C PRO A 266 -19.63 7.68 -19.93
N SER A 267 -19.61 8.66 -19.04
CA SER A 267 -18.99 9.95 -19.31
C SER A 267 -18.21 10.43 -18.09
N LEU A 268 -17.45 9.54 -17.50
CA LEU A 268 -16.80 9.82 -16.24
C LEU A 268 -15.56 10.69 -16.44
N PRO A 269 -15.29 11.64 -15.56
CA PRO A 269 -13.98 12.25 -15.48
C PRO A 269 -13.01 11.28 -14.85
N PRO A 270 -11.74 11.26 -15.26
CA PRO A 270 -10.87 10.14 -14.88
C PRO A 270 -10.35 10.16 -13.45
N ASN A 271 -10.83 11.09 -12.63
CA ASN A 271 -10.63 11.02 -11.19
C ASN A 271 -11.91 10.62 -10.46
N TRP A 272 -12.78 9.85 -11.13
CA TRP A 272 -13.98 9.37 -10.47
C TRP A 272 -13.64 8.34 -9.40
N GLN A 273 -12.60 7.55 -9.64
CA GLN A 273 -12.11 6.56 -8.68
C GLN A 273 -10.93 7.21 -7.96
N ARG A 274 -11.23 7.96 -6.91
CA ARG A 274 -10.18 8.54 -6.09
C ARG A 274 -9.53 7.46 -5.24
N GLN A 275 -8.39 7.82 -4.63
CA GLN A 275 -7.65 6.89 -3.80
C GLN A 275 -7.32 7.56 -2.48
N ASN A 276 -6.71 6.77 -1.58
CA ASN A 276 -6.02 7.31 -0.42
C ASN A 276 -4.56 7.53 -0.79
N VAL A 277 -4.07 8.74 -0.57
CA VAL A 277 -2.71 9.10 -0.98
C VAL A 277 -1.71 8.38 -0.09
N ASN A 278 -0.92 7.49 -0.70
CA ASN A 278 -0.06 6.57 0.04
C ASN A 278 1.30 7.22 0.27
N ALA A 279 1.33 8.17 1.19
CA ALA A 279 2.59 8.63 1.78
C ALA A 279 2.39 8.89 3.27
N PRO A 280 2.29 7.83 4.10
CA PRO A 280 2.26 8.04 5.55
C PRO A 280 3.67 8.13 6.13
N MET A 281 3.77 8.17 7.45
CA MET A 281 5.05 8.13 8.12
C MET A 281 5.63 6.73 8.24
N ARG A 282 4.97 5.71 7.70
CA ARG A 282 5.53 4.37 7.71
C ARG A 282 6.72 4.28 6.77
N HIS A 283 7.59 3.29 7.03
CA HIS A 283 8.84 3.18 6.30
C HIS A 283 8.64 2.65 4.88
N SER A 284 7.53 1.98 4.61
CA SER A 284 7.33 1.34 3.31
C SER A 284 7.15 2.37 2.21
N SER A 285 6.29 3.37 2.43
CA SER A 285 6.12 4.41 1.44
C SER A 285 7.24 5.44 1.51
N VAL A 286 7.92 5.54 2.67
CA VAL A 286 8.99 6.52 2.82
C VAL A 286 10.26 6.05 2.12
N PHE A 287 10.45 4.73 2.01
CA PHE A 287 11.66 4.24 1.35
C PHE A 287 11.49 4.27 -0.17
N GLU A 288 10.33 3.85 -0.67
CA GLU A 288 10.06 3.82 -2.11
C GLU A 288 9.26 5.04 -2.56
N HIS A 289 9.53 6.21 -1.98
CA HIS A 289 8.85 7.44 -2.35
C HIS A 289 9.30 7.99 -3.70
N ASP A 290 10.49 7.60 -4.18
CA ASP A 290 11.02 8.13 -5.43
C ASP A 290 10.26 7.62 -6.65
N PHE A 291 9.57 6.49 -6.53
CA PHE A 291 8.85 5.93 -7.67
C PHE A 291 7.61 6.75 -7.99
N GLY A 292 6.66 6.79 -7.07
CA GLY A 292 5.43 7.53 -7.26
C GLY A 292 4.56 6.94 -8.34
N ARG A 293 4.03 5.74 -8.10
CA ARG A 293 3.34 4.99 -9.15
C ARG A 293 1.88 4.75 -8.77
N THR A 294 1.04 4.75 -9.79
CA THR A 294 -0.34 4.31 -9.78
C THR A 294 -0.45 3.28 -10.87
N PRO A 295 -1.60 2.59 -11.01
CA PRO A 295 -1.79 1.78 -12.23
C PRO A 295 -1.77 2.59 -13.53
N GLU A 296 -2.13 3.88 -13.49
CA GLU A 296 -2.09 4.70 -14.69
C GLU A 296 -0.66 5.00 -15.12
N VAL A 297 0.23 5.24 -14.14
CA VAL A 297 1.62 5.54 -14.43
C VAL A 297 2.31 4.33 -15.06
N SER A 298 2.13 3.16 -14.46
CA SER A 298 2.74 1.95 -15.00
C SER A 298 2.08 1.52 -16.30
N ARG A 299 0.80 1.85 -16.49
CA ARG A 299 0.15 1.58 -17.77
C ARG A 299 0.74 2.42 -18.89
N LEU A 300 0.95 3.72 -18.64
CA LEU A 300 1.59 4.57 -19.64
C LEU A 300 3.05 4.21 -19.85
N THR A 301 3.72 3.73 -18.80
CA THR A 301 5.12 3.32 -18.93
C THR A 301 5.26 2.07 -19.78
N ARG A 302 4.39 1.08 -19.57
CA ARG A 302 4.44 -0.12 -20.39
C ARG A 302 3.99 0.15 -21.82
N THR A 303 3.05 1.09 -22.01
CA THR A 303 2.71 1.53 -23.36
C THR A 303 3.90 2.20 -24.03
N LEU A 304 4.69 2.95 -23.26
CA LEU A 304 5.91 3.55 -23.78
C LEU A 304 6.96 2.50 -24.11
N GLN A 305 7.01 1.41 -23.33
CA GLN A 305 7.94 0.33 -23.64
C GLN A 305 7.52 -0.45 -24.88
N ARG A 306 6.21 -0.52 -25.15
CA ARG A 306 5.73 -1.28 -26.30
C ARG A 306 5.96 -0.59 -27.64
N PHE A 307 6.47 0.65 -27.63
CA PHE A 307 6.83 1.36 -28.85
C PHE A 307 8.33 1.30 -29.12
N LEU A 308 8.95 0.16 -28.81
CA LEU A 308 10.37 -0.06 -29.07
C LEU A 308 10.62 -0.97 -30.26
N ALA A 309 9.70 -1.88 -30.55
CA ALA A 309 9.78 -2.74 -31.74
C ALA A 309 9.09 -2.12 -32.95
N LYS A 310 8.96 -0.80 -32.99
CA LYS A 310 8.39 -0.09 -34.11
C LYS A 310 9.52 0.56 -34.89
N THR A 311 9.70 0.15 -36.14
CA THR A 311 10.75 0.65 -37.00
C THR A 311 10.25 1.88 -37.75
N VAL A 312 11.00 2.31 -38.77
CA VAL A 312 10.58 3.42 -39.63
C VAL A 312 9.59 3.00 -40.70
N HIS A 313 9.22 1.72 -40.76
CA HIS A 313 8.34 1.22 -41.80
C HIS A 313 6.90 1.65 -41.60
N ASN A 314 6.50 2.01 -40.38
CA ASN A 314 5.15 2.47 -40.07
C ASN A 314 5.23 3.71 -39.20
N ASN A 315 6.04 4.69 -39.62
CA ASN A 315 6.40 5.83 -38.79
C ASN A 315 5.31 6.89 -38.67
N LEU A 316 4.09 6.64 -39.14
CA LEU A 316 3.01 7.59 -38.93
C LEU A 316 2.60 7.65 -37.47
N ALA A 317 2.68 6.52 -36.76
CA ALA A 317 2.30 6.47 -35.36
C ALA A 317 3.40 7.01 -34.46
N ILE A 318 4.63 6.53 -34.66
CA ILE A 318 5.73 6.86 -33.77
C ILE A 318 6.21 8.30 -33.89
N ARG A 319 5.83 9.00 -34.95
CA ARG A 319 6.19 10.41 -35.07
C ARG A 319 5.29 11.32 -34.24
N GLN A 320 4.17 10.81 -33.76
CA GLN A 320 3.22 11.61 -32.99
C GLN A 320 2.99 11.10 -31.58
N ARG A 321 2.82 9.80 -31.40
CA ARG A 321 2.40 9.25 -30.11
C ARG A 321 3.52 9.25 -29.08
N ARG A 322 4.77 9.13 -29.51
CA ARG A 322 5.87 9.11 -28.56
C ARG A 322 6.11 10.48 -27.94
N ALA A 323 5.81 11.55 -28.68
CA ALA A 323 6.02 12.89 -28.16
C ALA A 323 4.94 13.24 -27.13
N GLN A 324 3.69 12.90 -27.40
CA GLN A 324 2.61 13.11 -26.44
C GLN A 324 2.72 12.16 -25.25
N LEU A 325 3.28 10.97 -25.47
CA LEU A 325 3.19 9.88 -24.50
C LEU A 325 4.03 10.12 -23.24
N VAL A 326 5.02 11.00 -23.31
CA VAL A 326 5.84 11.29 -22.13
C VAL A 326 5.35 12.50 -21.35
N ALA A 327 4.41 13.27 -21.89
CA ALA A 327 3.89 14.43 -21.17
C ALA A 327 2.96 14.02 -20.03
N GLN A 328 2.21 12.93 -20.22
CA GLN A 328 1.24 12.49 -19.21
C GLN A 328 1.92 11.88 -17.98
N ILE A 329 3.17 11.46 -18.12
CA ILE A 329 3.86 10.84 -16.99
C ILE A 329 4.38 11.92 -16.04
N CYS A 330 5.02 12.95 -16.58
CA CYS A 330 5.52 14.03 -15.74
C CYS A 330 4.37 14.92 -15.25
N ASP A 331 3.37 15.17 -16.11
CA ASP A 331 2.19 15.89 -15.66
C ASP A 331 1.38 15.07 -14.66
N GLU A 332 1.43 13.73 -14.79
CA GLU A 332 0.86 12.87 -13.77
C GLU A 332 1.65 12.93 -12.47
N ALA A 333 2.97 13.16 -12.54
CA ALA A 333 3.74 13.39 -11.33
C ALA A 333 3.37 14.72 -10.69
N LEU A 334 3.06 15.72 -11.51
CA LEU A 334 2.49 16.97 -10.99
C LEU A 334 1.13 16.72 -10.33
N GLN A 335 0.37 15.76 -10.85
CA GLN A 335 -0.86 15.36 -10.16
C GLN A 335 -0.57 14.61 -8.86
N TYR A 336 0.58 13.92 -8.78
CA TYR A 336 0.92 13.24 -7.53
C TYR A 336 1.31 14.24 -6.45
N ALA A 337 2.10 15.27 -6.81
CA ALA A 337 2.38 16.32 -5.84
C ALA A 337 1.13 17.15 -5.54
N ALA A 338 0.19 17.20 -6.49
CA ALA A 338 -1.09 17.85 -6.26
C ALA A 338 -1.88 17.12 -5.17
N ARG A 339 -2.03 15.79 -5.32
CA ARG A 339 -2.78 15.01 -4.36
C ARG A 339 -2.07 14.95 -3.01
N LEU A 340 -0.73 14.97 -3.03
CA LEU A 340 0.01 14.97 -1.77
C LEU A 340 -0.06 16.32 -1.08
N ARG A 341 -0.25 17.40 -1.84
CA ARG A 341 -0.09 18.75 -1.31
C ARG A 341 -1.23 19.13 -0.36
N GLU A 342 -2.46 19.16 -0.86
CA GLU A 342 -3.58 19.71 -0.12
C GLU A 342 -4.33 18.67 0.71
N LEU A 343 -3.71 17.51 0.96
CA LEU A 343 -4.37 16.46 1.73
C LEU A 343 -3.68 16.18 3.05
N GLU A 344 -2.40 15.84 3.04
CA GLU A 344 -1.72 15.45 4.27
C GLU A 344 -0.75 16.53 4.71
N PRO A 345 -1.23 17.54 5.45
CA PRO A 345 -0.34 18.65 5.83
C PRO A 345 0.64 18.31 6.94
N GLY A 346 0.53 17.13 7.56
CA GLY A 346 1.42 16.75 8.64
C GLY A 346 2.70 16.12 8.16
N TRP A 347 3.78 16.91 8.15
CA TRP A 347 5.13 16.43 7.80
C TRP A 347 6.04 16.81 8.96
N SER A 348 6.06 15.97 9.98
CA SER A 348 6.86 16.21 11.18
C SER A 348 8.20 15.48 11.05
N ALA A 349 8.94 15.39 12.15
CA ALA A 349 10.21 14.69 12.15
C ALA A 349 10.03 13.19 12.28
N THR A 350 10.87 12.44 11.57
CA THR A 350 10.87 10.99 11.56
C THR A 350 12.24 10.51 11.09
N PRO A 351 12.46 9.21 11.01
CA PRO A 351 13.75 8.71 10.50
C PRO A 351 13.84 8.86 8.99
N GLY A 352 15.09 8.85 8.50
CA GLY A 352 15.34 8.95 7.08
C GLY A 352 15.16 10.35 6.52
N CYS A 353 16.04 11.27 6.91
CA CYS A 353 15.97 12.66 6.48
C CYS A 353 17.24 13.09 5.75
N GLN A 354 17.80 12.21 4.94
CA GLN A 354 18.98 12.53 4.13
C GLN A 354 18.78 12.29 2.64
N LEU A 355 18.15 11.19 2.26
CA LEU A 355 17.76 10.97 0.86
C LEU A 355 16.33 11.39 0.59
N HIS A 356 15.47 11.35 1.60
CA HIS A 356 14.14 11.94 1.54
C HIS A 356 14.13 13.38 2.02
N ASP A 357 15.27 14.08 1.93
CA ASP A 357 15.32 15.49 2.29
C ASP A 357 15.21 16.37 1.06
N ALA A 358 15.72 15.91 -0.08
CA ALA A 358 15.53 16.64 -1.33
C ALA A 358 14.11 16.47 -1.85
N GLU A 359 13.53 15.29 -1.67
CA GLU A 359 12.12 15.10 -1.98
C GLU A 359 11.21 15.79 -0.97
N GLN A 360 11.71 16.06 0.24
CA GLN A 360 10.93 16.85 1.18
C GLN A 360 10.85 18.31 0.74
N LEU A 361 11.97 18.87 0.28
CA LEU A 361 11.95 20.22 -0.26
C LEU A 361 11.29 20.30 -1.62
N TRP A 362 11.18 19.16 -2.33
CA TRP A 362 10.37 19.12 -3.54
C TRP A 362 8.88 19.15 -3.22
N LEU A 363 8.46 18.36 -2.24
CA LEU A 363 7.07 18.36 -1.79
C LEU A 363 6.99 19.27 -0.57
N ASP A 364 7.05 20.58 -0.83
CA ASP A 364 7.16 21.60 0.20
C ASP A 364 5.89 21.68 1.03
N PRO A 365 5.89 21.22 2.27
CA PRO A 365 4.68 21.23 3.09
C PRO A 365 4.39 22.62 3.63
N LEU A 366 3.32 22.71 4.42
CA LEU A 366 2.99 23.96 5.08
C LEU A 366 3.98 24.25 6.21
N ARG A 367 4.11 25.53 6.56
CA ARG A 367 5.02 25.92 7.62
C ARG A 367 4.46 25.53 8.97
N ALA A 368 5.36 25.15 9.88
CA ALA A 368 4.93 24.68 11.19
C ALA A 368 4.45 25.85 12.05
N GLN A 369 3.61 25.53 13.03
CA GLN A 369 3.09 26.55 13.93
C GLN A 369 4.14 26.99 14.94
N THR A 370 5.08 26.11 15.27
CA THR A 370 6.18 26.43 16.17
C THR A 370 7.42 26.91 15.42
N ASP A 371 7.27 27.34 14.17
CA ASP A 371 8.41 27.84 13.41
C ASP A 371 8.81 29.22 13.90
N GLU A 372 10.11 29.41 14.12
CA GLU A 372 10.65 30.67 14.59
C GLU A 372 10.93 31.57 13.39
N THR A 373 11.69 32.64 13.61
CA THR A 373 12.05 33.56 12.54
C THR A 373 13.03 32.96 11.55
N PHE A 374 13.65 31.82 11.87
CA PHE A 374 14.57 31.14 10.94
C PHE A 374 13.82 30.12 10.08
N LEU A 375 12.83 30.63 9.36
CA LEU A 375 12.12 29.86 8.35
C LEU A 375 12.16 30.50 6.97
N GLN A 376 12.51 31.78 6.87
CA GLN A 376 12.78 32.44 5.59
C GLN A 376 14.24 32.33 5.19
N ARG A 377 15.01 31.47 5.85
CA ARG A 377 16.38 31.19 5.45
C ARG A 377 16.74 29.72 5.51
N ARG A 378 15.92 28.86 6.10
CA ARG A 378 16.25 27.44 6.21
C ARG A 378 16.10 26.73 4.87
N LEU A 379 14.98 26.99 4.18
CA LEU A 379 14.75 26.39 2.88
C LEU A 379 14.11 27.37 1.91
N ARG A 380 14.42 28.66 2.05
CA ARG A 380 13.83 29.67 1.17
C ARG A 380 14.40 29.58 -0.24
N GLY A 381 15.72 29.51 -0.36
CA GLY A 381 16.35 29.31 -1.64
C GLY A 381 16.41 27.84 -2.02
N ASP A 382 15.25 27.22 -2.18
CA ASP A 382 15.13 25.80 -2.52
C ASP A 382 14.31 25.67 -3.80
N TRP A 383 14.99 25.79 -4.92
CA TRP A 383 14.39 25.53 -6.23
C TRP A 383 14.90 24.18 -6.68
N PRO A 384 14.28 23.10 -6.23
CA PRO A 384 14.93 21.78 -6.28
C PRO A 384 14.95 21.17 -7.67
N ALA A 385 15.95 21.53 -8.47
CA ALA A 385 16.13 20.97 -9.80
C ALA A 385 16.85 19.63 -9.79
N GLU A 386 17.11 19.05 -8.62
CA GLU A 386 17.73 17.74 -8.54
C GLU A 386 16.70 16.61 -8.68
N VAL A 387 15.41 16.90 -8.45
CA VAL A 387 14.38 15.87 -8.60
C VAL A 387 13.98 15.68 -10.05
N GLY A 388 14.38 16.59 -10.94
CA GLY A 388 14.31 16.29 -12.36
C GLY A 388 15.42 15.37 -12.79
N ASN A 389 16.51 15.32 -12.02
CA ASN A 389 17.59 14.38 -12.29
C ASN A 389 17.27 13.00 -11.75
N ARG A 390 16.76 12.92 -10.50
CA ARG A 390 16.29 11.64 -9.98
C ARG A 390 15.09 11.15 -10.76
N PHE A 391 14.22 12.06 -11.18
CA PHE A 391 13.09 11.71 -12.04
C PHE A 391 13.56 11.27 -13.42
N ALA A 392 14.66 11.85 -13.90
CA ALA A 392 15.26 11.40 -15.16
C ALA A 392 15.82 9.99 -15.04
N ASN A 393 16.45 9.68 -13.90
CA ASN A 393 16.95 8.33 -13.66
C ASN A 393 15.81 7.33 -13.52
N TRP A 394 14.69 7.76 -12.93
CA TRP A 394 13.53 6.90 -12.81
C TRP A 394 12.91 6.62 -14.18
N LEU A 395 12.87 7.62 -15.05
CA LEU A 395 12.41 7.39 -16.41
C LEU A 395 13.37 6.51 -17.21
N ASN A 396 14.68 6.66 -16.97
CA ASN A 396 15.66 5.86 -17.69
C ASN A 396 15.61 4.40 -17.28
N ARG A 397 15.45 4.14 -15.98
CA ARG A 397 15.34 2.77 -15.51
C ARG A 397 13.95 2.18 -15.77
N ALA A 398 12.92 3.02 -15.96
CA ALA A 398 11.58 2.50 -16.20
C ALA A 398 11.44 1.97 -17.62
N VAL A 399 11.57 2.83 -18.62
CA VAL A 399 11.47 2.43 -20.01
C VAL A 399 12.86 2.08 -20.54
N SER A 400 12.93 1.05 -21.38
CA SER A 400 14.22 0.62 -21.91
C SER A 400 14.73 1.60 -22.94
N SER A 401 16.00 1.94 -22.83
CA SER A 401 16.69 2.82 -23.79
C SER A 401 17.54 1.92 -24.68
N ASP A 402 17.10 1.72 -25.92
CA ASP A 402 17.79 0.83 -26.83
C ASP A 402 19.05 1.50 -27.37
N SER A 403 20.10 0.70 -27.53
CA SER A 403 21.35 1.20 -28.12
C SER A 403 21.37 1.10 -29.63
N GLN A 404 20.50 0.27 -30.23
CA GLN A 404 20.34 0.29 -31.67
C GLN A 404 19.62 1.55 -32.14
N ILE A 405 18.86 2.19 -31.24
CA ILE A 405 18.36 3.54 -31.50
C ILE A 405 19.38 4.60 -31.12
N LEU A 406 20.44 4.23 -30.40
CA LEU A 406 21.52 5.17 -30.10
C LEU A 406 22.50 5.28 -31.27
N GLY A 407 22.76 4.18 -31.96
CA GLY A 407 23.55 4.24 -33.18
C GLY A 407 22.88 4.99 -34.31
N SER A 408 21.55 5.05 -34.29
CA SER A 408 20.78 5.84 -35.22
C SER A 408 20.50 7.21 -34.61
N PRO A 409 19.82 8.10 -35.33
CA PRO A 409 19.42 9.39 -34.75
C PRO A 409 18.13 9.35 -33.93
N GLU A 410 17.64 8.15 -33.59
CA GLU A 410 16.41 8.05 -32.81
C GLU A 410 16.63 8.44 -31.36
N ALA A 411 17.86 8.29 -30.86
CA ALA A 411 18.16 8.72 -29.50
C ALA A 411 18.71 10.13 -29.42
N ALA A 412 19.06 10.73 -30.55
CA ALA A 412 19.35 12.16 -30.56
C ALA A 412 18.08 12.99 -30.62
N GLN A 413 17.12 12.55 -31.44
CA GLN A 413 15.80 13.17 -31.44
C GLN A 413 15.02 12.78 -30.18
N TRP A 414 15.14 11.52 -29.75
CA TRP A 414 14.50 11.08 -28.51
C TRP A 414 15.12 11.77 -27.30
N SER A 415 16.44 11.87 -27.27
CA SER A 415 17.12 12.60 -26.21
C SER A 415 16.80 14.10 -26.27
N GLN A 416 16.48 14.60 -27.46
CA GLN A 416 15.98 15.97 -27.57
C GLN A 416 14.59 16.09 -26.96
N GLU A 417 13.74 15.05 -27.14
CA GLU A 417 12.39 15.09 -26.59
C GLU A 417 12.42 15.06 -25.07
N LEU A 418 13.21 14.15 -24.49
CA LEU A 418 13.33 14.12 -23.03
C LEU A 418 14.08 15.34 -22.51
N SER A 419 14.97 15.91 -23.33
CA SER A 419 15.68 17.12 -22.94
C SER A 419 14.72 18.30 -22.78
N LYS A 420 13.90 18.57 -23.81
CA LYS A 420 13.01 19.71 -23.71
C LYS A 420 11.82 19.43 -22.79
N GLU A 421 11.45 18.16 -22.61
CA GLU A 421 10.31 17.87 -21.73
C GLU A 421 10.71 17.97 -20.26
N LEU A 422 11.89 17.44 -19.91
CA LEU A 422 12.38 17.66 -18.55
C LEU A 422 12.78 19.11 -18.32
N THR A 423 13.17 19.81 -19.39
CA THR A 423 13.42 21.25 -19.30
C THR A 423 12.15 22.02 -18.95
N MET A 424 11.03 21.69 -19.61
CA MET A 424 9.77 22.35 -19.29
C MET A 424 9.23 21.91 -17.94
N PHE A 425 9.54 20.69 -17.51
CA PHE A 425 9.12 20.22 -16.20
C PHE A 425 9.84 20.99 -15.09
N LYS A 426 11.17 21.14 -15.22
CA LYS A 426 11.90 21.99 -14.28
C LYS A 426 11.48 23.44 -14.40
N GLU A 427 11.07 23.86 -15.61
CA GLU A 427 10.58 25.22 -15.82
C GLU A 427 9.27 25.46 -15.08
N ILE A 428 8.44 24.42 -14.94
CA ILE A 428 7.32 24.50 -13.99
C ILE A 428 7.84 24.51 -12.57
N LEU A 429 8.90 23.75 -12.30
CA LEU A 429 9.46 23.70 -10.94
C LEU A 429 10.24 24.94 -10.55
N GLU A 430 10.34 25.96 -11.40
CA GLU A 430 11.12 27.15 -11.05
C GLU A 430 10.45 28.01 -9.98
N ASP A 431 9.13 27.90 -9.82
CA ASP A 431 8.41 28.77 -8.90
C ASP A 431 7.59 27.95 -7.91
N GLU A 432 8.22 26.93 -7.32
CA GLU A 432 7.52 26.09 -6.35
C GLU A 432 7.32 26.81 -5.02
N ARG A 433 8.22 27.71 -4.67
CA ARG A 433 8.09 28.52 -3.46
C ARG A 433 7.80 29.98 -3.78
N ASP A 434 8.53 30.56 -4.72
CA ASP A 434 8.28 31.94 -5.13
C ASP A 434 7.33 31.97 -6.31
N VAL B 3 -17.49 34.50 -28.91
CA VAL B 3 -16.30 34.29 -29.72
C VAL B 3 -15.37 35.48 -29.56
N THR B 4 -15.70 36.36 -28.62
CA THR B 4 -14.91 37.54 -28.33
C THR B 4 -13.97 37.24 -27.16
N ASP B 5 -12.70 37.58 -27.32
CA ASP B 5 -11.71 37.23 -26.32
C ASP B 5 -11.84 38.15 -25.09
N PRO B 6 -11.81 37.59 -23.89
CA PRO B 6 -12.02 38.41 -22.69
C PRO B 6 -10.74 39.08 -22.21
N GLU B 7 -10.93 40.15 -21.45
CA GLU B 7 -9.78 40.84 -20.89
C GLU B 7 -9.32 40.22 -19.58
N ALA B 8 -10.25 39.71 -18.77
CA ALA B 8 -9.93 39.10 -17.50
C ALA B 8 -10.35 37.64 -17.49
N LEU B 9 -9.87 36.90 -16.49
CA LEU B 9 -10.23 35.51 -16.27
C LEU B 9 -10.57 35.34 -14.79
N LEU B 10 -11.84 35.53 -14.46
CA LEU B 10 -12.29 35.34 -13.09
C LEU B 10 -12.38 33.86 -12.79
N LEU B 11 -11.90 33.47 -11.61
CA LEU B 11 -11.81 32.08 -11.21
C LEU B 11 -12.56 31.85 -9.91
N LEU B 12 -13.46 30.86 -9.91
CA LEU B 12 -14.16 30.45 -8.71
C LEU B 12 -13.49 29.20 -8.16
N PRO B 13 -13.00 29.22 -6.92
CA PRO B 13 -12.00 28.24 -6.50
C PRO B 13 -12.48 26.81 -6.29
N ARG B 14 -13.51 26.60 -5.47
CA ARG B 14 -13.96 25.25 -5.07
C ARG B 14 -15.46 25.35 -4.88
N LEU B 15 -16.21 25.04 -5.94
CA LEU B 15 -17.66 24.98 -5.87
C LEU B 15 -18.06 23.53 -5.77
N SER B 16 -18.58 23.13 -4.62
CA SER B 16 -18.96 21.75 -4.37
C SER B 16 -20.46 21.62 -4.52
N ILE B 17 -20.90 20.99 -5.62
CA ILE B 17 -22.30 20.69 -5.81
C ILE B 17 -22.69 19.48 -4.97
N GLN B 18 -23.74 19.63 -4.18
CA GLN B 18 -24.48 18.51 -3.62
C GLN B 18 -25.66 18.20 -4.54
N ASN B 19 -25.84 16.92 -4.86
CA ASN B 19 -27.02 16.37 -5.55
C ASN B 19 -27.20 16.94 -6.96
N ALA B 20 -26.20 16.68 -7.82
CA ALA B 20 -26.23 17.16 -9.19
C ALA B 20 -27.10 16.28 -10.08
N ASN B 21 -26.96 16.43 -11.40
CA ASN B 21 -27.75 15.68 -12.37
C ASN B 21 -26.81 14.87 -13.25
N ALA B 22 -26.59 13.61 -12.87
CA ALA B 22 -25.69 12.73 -13.62
C ALA B 22 -26.46 11.81 -14.57
N ILE B 23 -27.22 12.41 -15.48
CA ILE B 23 -27.77 11.69 -16.63
C ILE B 23 -27.34 12.42 -17.88
N SER B 24 -27.79 13.68 -18.00
CA SER B 24 -27.27 14.71 -18.90
C SER B 24 -27.58 14.54 -20.37
N SER B 25 -28.09 13.38 -20.80
CA SER B 25 -28.38 13.09 -22.19
C SER B 25 -29.08 11.72 -22.25
N PRO B 26 -29.79 11.44 -23.34
CA PRO B 26 -30.36 10.09 -23.50
C PRO B 26 -29.35 9.01 -23.85
N LEU B 27 -28.09 9.33 -24.13
CA LEU B 27 -27.13 8.29 -24.49
C LEU B 27 -25.83 8.31 -23.71
N THR B 28 -25.39 9.43 -23.19
CA THR B 28 -24.24 9.45 -22.29
C THR B 28 -24.71 9.54 -20.86
N TRP B 29 -23.80 9.32 -19.92
CA TRP B 29 -24.22 8.98 -18.57
C TRP B 29 -23.72 9.91 -17.48
N GLY B 30 -22.43 10.21 -17.44
CA GLY B 30 -21.83 10.58 -16.17
C GLY B 30 -21.84 12.05 -15.83
N PHE B 31 -20.66 12.68 -15.92
CA PHE B 31 -20.49 14.09 -15.61
C PHE B 31 -21.41 14.95 -16.46
N PRO B 32 -22.11 15.94 -15.89
CA PRO B 32 -23.20 16.61 -16.61
C PRO B 32 -22.79 17.45 -17.81
N SER B 33 -23.80 18.00 -18.48
CA SER B 33 -23.63 18.65 -19.76
C SER B 33 -22.83 19.94 -19.60
N PRO B 34 -22.14 20.39 -20.66
CA PRO B 34 -21.60 21.75 -20.65
C PRO B 34 -22.67 22.83 -20.64
N GLY B 35 -23.90 22.52 -21.05
CA GLY B 35 -24.94 23.53 -21.11
C GLY B 35 -25.39 24.04 -19.75
N ALA B 36 -25.27 23.21 -18.72
CA ALA B 36 -25.55 23.69 -17.38
C ALA B 36 -24.52 24.69 -16.93
N PHE B 37 -23.27 24.45 -17.29
CA PHE B 37 -22.18 25.31 -16.86
C PHE B 37 -22.10 26.59 -17.68
N THR B 38 -22.61 26.60 -18.90
CA THR B 38 -22.73 27.88 -19.60
C THR B 38 -23.99 28.63 -19.20
N GLY B 39 -25.10 27.92 -19.00
CA GLY B 39 -26.33 28.58 -18.59
C GLY B 39 -26.27 29.17 -17.21
N PHE B 40 -25.44 28.59 -16.33
CA PHE B 40 -25.16 29.21 -15.03
C PHE B 40 -24.50 30.57 -15.22
N VAL B 41 -23.58 30.66 -16.17
CA VAL B 41 -22.87 31.91 -16.42
C VAL B 41 -23.81 32.95 -17.01
N HIS B 42 -24.71 32.54 -17.89
CA HIS B 42 -25.70 33.50 -18.39
C HIS B 42 -26.69 33.90 -17.31
N ALA B 43 -26.92 33.05 -16.31
CA ALA B 43 -27.76 33.45 -15.19
C ALA B 43 -27.05 34.48 -14.31
N LEU B 44 -25.73 34.33 -14.13
CA LEU B 44 -24.95 35.38 -13.48
C LEU B 44 -24.97 36.67 -14.30
N GLN B 45 -24.98 36.55 -15.63
CA GLN B 45 -25.11 37.71 -16.50
C GLN B 45 -26.46 38.38 -16.33
N ARG B 46 -27.51 37.61 -16.03
CA ARG B 46 -28.81 38.19 -15.78
C ARG B 46 -29.01 38.66 -14.35
N ARG B 47 -28.09 38.34 -13.43
CA ARG B 47 -28.27 38.79 -12.06
C ARG B 47 -27.23 39.78 -11.56
N VAL B 48 -26.05 39.83 -12.17
CA VAL B 48 -24.94 40.65 -11.68
C VAL B 48 -24.43 41.61 -12.76
N GLY B 49 -24.12 41.08 -13.95
CA GLY B 49 -23.37 41.80 -14.97
C GLY B 49 -24.07 43.02 -15.53
N ILE B 50 -25.39 43.11 -15.39
CA ILE B 50 -26.08 44.34 -15.79
C ILE B 50 -26.05 45.38 -14.68
N SER B 51 -25.66 45.01 -13.46
CA SER B 51 -25.61 45.94 -12.35
C SER B 51 -24.20 46.33 -11.95
N LEU B 52 -23.18 45.58 -12.37
CA LEU B 52 -21.79 45.99 -12.19
C LEU B 52 -21.11 46.33 -13.50
N ASP B 53 -21.87 46.34 -14.61
CA ASP B 53 -21.42 46.76 -15.93
C ASP B 53 -20.25 45.92 -16.44
N ILE B 54 -20.37 44.61 -16.27
CA ILE B 54 -19.41 43.66 -16.79
C ILE B 54 -20.14 42.71 -17.73
N GLU B 55 -19.44 41.71 -18.25
CA GLU B 55 -20.01 40.84 -19.27
C GLU B 55 -19.36 39.47 -19.17
N LEU B 56 -20.16 38.43 -18.93
CA LEU B 56 -19.66 37.09 -18.67
C LEU B 56 -20.06 36.17 -19.82
N ASP B 57 -19.08 35.53 -20.46
CA ASP B 57 -19.32 34.82 -21.71
C ASP B 57 -19.04 33.32 -21.67
N GLY B 58 -17.92 32.89 -21.08
CA GLY B 58 -17.52 31.50 -21.10
C GLY B 58 -17.31 30.93 -19.71
N VAL B 59 -16.92 29.66 -19.69
CA VAL B 59 -16.77 28.94 -18.44
C VAL B 59 -15.72 27.84 -18.62
N GLY B 60 -14.89 27.63 -17.61
CA GLY B 60 -13.85 26.63 -17.69
C GLY B 60 -14.01 25.50 -16.69
N ILE B 61 -14.28 24.31 -17.18
CA ILE B 61 -14.55 23.17 -16.31
C ILE B 61 -13.22 22.59 -15.83
N VAL B 62 -13.11 22.33 -14.53
CA VAL B 62 -11.89 21.82 -13.92
C VAL B 62 -12.11 20.46 -13.25
N CYS B 63 -13.23 20.30 -12.53
CA CYS B 63 -13.76 19.01 -12.07
C CYS B 63 -12.76 18.25 -11.18
N HIS B 64 -12.56 18.79 -9.98
CA HIS B 64 -11.62 18.18 -9.05
C HIS B 64 -12.10 16.83 -8.56
N ARG B 65 -13.40 16.68 -8.29
CA ARG B 65 -13.94 15.54 -7.57
C ARG B 65 -15.29 15.15 -8.17
N PHE B 66 -15.60 13.86 -8.16
CA PHE B 66 -16.85 13.36 -8.73
C PHE B 66 -17.17 11.99 -8.15
N GLU B 67 -18.33 11.86 -7.50
CA GLU B 67 -18.76 10.60 -6.91
C GLU B 67 -20.26 10.43 -7.13
N ALA B 68 -20.62 9.55 -8.04
CA ALA B 68 -22.02 9.33 -8.37
C ALA B 68 -22.62 8.28 -7.46
N GLN B 69 -23.87 8.51 -7.06
CA GLN B 69 -24.59 7.56 -6.21
C GLN B 69 -25.07 6.41 -7.08
N ILE B 70 -24.22 5.40 -7.24
CA ILE B 70 -24.50 4.25 -8.07
C ILE B 70 -24.50 2.99 -7.22
N SER B 71 -24.76 1.85 -7.85
CA SER B 71 -24.74 0.57 -7.15
C SER B 71 -24.41 -0.52 -8.14
N GLN B 72 -23.72 -1.56 -7.67
CA GLN B 72 -23.41 -2.72 -8.49
C GLN B 72 -23.56 -3.97 -7.66
N PRO B 73 -24.77 -4.53 -7.58
CA PRO B 73 -24.96 -5.80 -6.89
C PRO B 73 -24.87 -6.96 -7.88
N ALA B 74 -24.93 -8.17 -7.31
CA ALA B 74 -25.05 -9.45 -8.02
C ALA B 74 -23.87 -9.76 -8.96
N GLY B 75 -22.74 -9.06 -8.78
CA GLY B 75 -21.53 -9.34 -9.54
C GLY B 75 -21.58 -9.02 -11.02
N LYS B 76 -22.64 -8.36 -11.50
CA LYS B 76 -22.74 -8.03 -12.90
C LYS B 76 -21.82 -6.84 -13.23
N ARG B 77 -21.41 -6.77 -14.50
CA ARG B 77 -20.59 -5.65 -14.94
C ARG B 77 -21.43 -4.56 -15.57
N THR B 78 -22.46 -4.14 -14.86
CA THR B 78 -23.27 -2.99 -15.24
C THR B 78 -23.74 -2.33 -13.95
N LYS B 79 -24.28 -1.13 -14.08
CA LYS B 79 -24.56 -0.32 -12.91
C LYS B 79 -26.01 0.14 -12.91
N VAL B 80 -26.53 0.33 -11.70
CA VAL B 80 -27.88 0.83 -11.51
C VAL B 80 -27.78 2.10 -10.67
N PHE B 81 -28.91 2.69 -10.34
CA PHE B 81 -28.95 3.97 -9.65
C PHE B 81 -29.36 3.80 -8.20
N ASN B 82 -29.44 4.93 -7.51
CA ASN B 82 -29.81 5.01 -6.10
C ASN B 82 -30.84 6.12 -5.99
N LEU B 83 -32.11 5.78 -6.08
CA LEU B 83 -33.15 6.79 -6.16
C LEU B 83 -33.53 7.24 -4.76
N THR B 84 -34.59 8.03 -4.69
CA THR B 84 -35.16 8.52 -3.44
C THR B 84 -36.63 8.18 -3.44
N ARG B 85 -37.32 8.53 -2.37
CA ARG B 85 -38.76 8.33 -2.37
C ARG B 85 -39.47 9.57 -2.88
N ASN B 86 -40.78 9.45 -3.01
CA ASN B 86 -41.68 10.54 -3.36
C ASN B 86 -42.79 10.50 -2.34
N PRO B 87 -43.61 11.54 -2.22
CA PRO B 87 -44.79 11.42 -1.35
C PRO B 87 -45.85 10.48 -1.91
N LEU B 88 -46.92 10.26 -1.15
CA LEU B 88 -47.90 9.25 -1.51
C LEU B 88 -48.73 9.66 -2.72
N ASN B 89 -49.66 8.78 -3.06
CA ASN B 89 -50.55 8.98 -4.18
C ASN B 89 -51.48 10.16 -3.93
N ARG B 90 -51.94 10.74 -5.02
CA ARG B 90 -53.13 11.57 -5.11
C ARG B 90 -54.31 10.98 -4.33
N ASP B 91 -54.50 9.67 -4.44
CA ASP B 91 -55.52 8.96 -3.66
C ASP B 91 -55.03 8.63 -2.26
N GLY B 92 -53.79 8.20 -2.12
CA GLY B 92 -53.28 7.82 -0.82
C GLY B 92 -52.74 6.41 -0.70
N SER B 93 -52.22 5.85 -1.80
CA SER B 93 -51.61 4.53 -1.75
C SER B 93 -50.11 4.58 -2.02
N THR B 94 -49.69 4.97 -3.23
CA THR B 94 -48.31 5.09 -3.69
C THR B 94 -48.34 5.59 -5.13
N ALA B 95 -47.19 6.01 -5.61
CA ALA B 95 -47.05 6.58 -6.95
C ALA B 95 -46.19 5.66 -7.82
N ALA B 96 -45.94 6.11 -9.04
CA ALA B 96 -44.97 5.45 -9.90
C ALA B 96 -43.57 5.92 -9.52
N ILE B 97 -42.56 5.35 -10.19
CA ILE B 97 -41.17 5.67 -9.90
C ILE B 97 -40.51 6.12 -11.19
N VAL B 98 -40.22 7.41 -11.27
CA VAL B 98 -39.34 7.93 -12.31
C VAL B 98 -37.91 7.80 -11.80
N GLU B 99 -36.95 7.92 -12.72
CA GLU B 99 -35.55 7.70 -12.39
C GLU B 99 -34.73 8.96 -12.67
N GLU B 100 -33.74 9.18 -11.82
CA GLU B 100 -32.98 10.43 -11.82
C GLU B 100 -31.56 10.15 -11.35
N GLY B 101 -30.59 10.68 -12.09
CA GLY B 101 -29.20 10.53 -11.72
C GLY B 101 -28.80 11.45 -10.59
N ARG B 102 -27.55 11.31 -10.16
CA ARG B 102 -27.15 11.93 -8.92
C ARG B 102 -25.62 11.97 -8.84
N ALA B 103 -25.09 13.04 -8.25
CA ALA B 103 -23.65 13.17 -8.09
C ALA B 103 -23.33 14.12 -6.94
N HIS B 104 -22.17 13.91 -6.33
CA HIS B 104 -21.59 14.84 -5.35
C HIS B 104 -20.37 15.47 -6.01
N LEU B 105 -20.60 16.53 -6.75
CA LEU B 105 -19.58 17.10 -7.62
C LEU B 105 -18.77 18.14 -6.85
N GLU B 106 -17.53 18.38 -7.29
CA GLU B 106 -16.78 19.56 -6.90
C GLU B 106 -15.96 20.03 -8.09
N VAL B 107 -16.12 21.31 -8.43
CA VAL B 107 -15.62 21.83 -9.69
C VAL B 107 -15.12 23.27 -9.46
N SER B 108 -14.14 23.67 -10.25
CA SER B 108 -13.67 25.05 -10.30
C SER B 108 -14.02 25.64 -11.67
N LEU B 109 -14.34 26.92 -11.71
CA LEU B 109 -14.84 27.55 -12.92
C LEU B 109 -14.02 28.79 -13.25
N LEU B 110 -13.34 28.75 -14.39
CA LEU B 110 -12.86 29.98 -15.00
C LEU B 110 -14.04 30.73 -15.61
N LEU B 111 -13.86 32.04 -15.80
CA LEU B 111 -14.90 32.87 -16.40
C LEU B 111 -14.25 33.78 -17.42
N GLY B 112 -15.01 34.75 -17.91
CA GLY B 112 -14.48 35.72 -18.84
C GLY B 112 -15.19 37.05 -18.73
N VAL B 113 -14.44 38.14 -18.58
CA VAL B 113 -15.00 39.45 -18.30
C VAL B 113 -14.66 40.39 -19.46
N HIS B 114 -15.63 41.19 -19.89
CA HIS B 114 -15.44 42.16 -20.96
C HIS B 114 -15.66 43.61 -20.56
N GLY B 115 -16.42 43.87 -19.50
CA GLY B 115 -16.96 45.19 -19.25
C GLY B 115 -15.95 46.20 -18.73
N ASP B 116 -16.48 47.38 -18.39
CA ASP B 116 -15.68 48.50 -17.92
C ASP B 116 -15.67 48.63 -16.40
N GLY B 117 -16.13 47.61 -15.68
CA GLY B 117 -16.19 47.69 -14.23
C GLY B 117 -14.84 47.68 -13.55
N LEU B 118 -13.78 47.30 -14.26
CA LEU B 118 -12.43 47.36 -13.70
C LEU B 118 -11.98 48.79 -13.45
N ASP B 119 -12.37 49.72 -14.32
CA ASP B 119 -12.04 51.12 -14.09
C ASP B 119 -12.86 51.70 -12.96
N ASP B 120 -14.08 51.19 -12.77
CA ASP B 120 -14.97 51.70 -11.74
C ASP B 120 -14.79 51.01 -10.39
N HIS B 121 -14.26 49.78 -10.38
CA HIS B 121 -14.21 48.99 -9.16
C HIS B 121 -12.93 48.15 -9.15
N PRO B 122 -12.36 47.94 -7.96
CA PRO B 122 -11.15 47.09 -7.88
C PRO B 122 -11.44 45.60 -8.06
N ALA B 123 -10.40 44.78 -8.00
CA ALA B 123 -10.55 43.36 -8.32
C ALA B 123 -11.26 42.59 -7.22
N GLN B 124 -10.90 42.87 -5.96
CA GLN B 124 -11.51 42.17 -4.83
C GLN B 124 -12.99 42.47 -4.70
N GLU B 125 -13.42 43.66 -5.11
CA GLU B 125 -14.84 43.99 -5.09
C GLU B 125 -15.62 43.19 -6.13
N ILE B 126 -15.08 43.11 -7.36
CA ILE B 126 -15.75 42.39 -8.43
C ILE B 126 -15.84 40.90 -8.11
N ALA B 127 -14.71 40.30 -7.75
CA ALA B 127 -14.68 38.88 -7.42
C ALA B 127 -15.51 38.56 -6.17
N ARG B 128 -15.55 39.49 -5.22
CA ARG B 128 -16.34 39.27 -4.02
C ARG B 128 -17.84 39.32 -4.32
N GLN B 129 -18.26 40.25 -5.18
CA GLN B 129 -19.69 40.30 -5.52
C GLN B 129 -20.11 39.09 -6.33
N VAL B 130 -19.25 38.63 -7.25
CA VAL B 130 -19.61 37.49 -8.09
C VAL B 130 -19.66 36.22 -7.27
N GLN B 131 -18.72 36.02 -6.34
CA GLN B 131 -18.78 34.83 -5.50
C GLN B 131 -19.96 34.89 -4.54
N GLU B 132 -20.22 36.05 -3.95
CA GLU B 132 -21.31 36.15 -3.00
C GLU B 132 -22.68 36.29 -3.66
N GLN B 133 -22.76 36.28 -4.98
CA GLN B 133 -24.01 35.96 -5.66
C GLN B 133 -24.09 34.50 -6.06
N ALA B 134 -22.97 33.92 -6.49
CA ALA B 134 -22.97 32.51 -6.87
C ALA B 134 -23.11 31.57 -5.68
N GLY B 135 -22.96 32.05 -4.46
CA GLY B 135 -23.18 31.21 -3.30
C GLY B 135 -24.62 30.93 -2.95
N ALA B 136 -25.58 31.53 -3.65
CA ALA B 136 -27.00 31.33 -3.38
C ALA B 136 -27.75 30.75 -4.56
N MET B 137 -27.05 30.11 -5.49
CA MET B 137 -27.64 29.58 -6.71
C MET B 137 -27.52 28.07 -6.71
N ARG B 138 -27.92 27.46 -7.83
CA ARG B 138 -27.87 26.01 -8.00
C ARG B 138 -27.16 25.72 -9.31
N LEU B 139 -26.05 24.98 -9.24
CA LEU B 139 -25.05 25.06 -10.30
C LEU B 139 -25.35 24.15 -11.48
N ALA B 140 -25.78 22.91 -11.23
CA ALA B 140 -26.04 22.01 -12.34
C ALA B 140 -27.29 21.19 -12.09
N GLY B 141 -28.31 21.83 -11.55
CA GLY B 141 -29.49 21.12 -11.10
C GLY B 141 -29.44 20.72 -9.64
N GLY B 142 -28.34 21.01 -8.95
CA GLY B 142 -28.23 20.70 -7.54
C GLY B 142 -27.64 21.88 -6.80
N SER B 143 -27.73 21.81 -5.47
CA SER B 143 -27.38 22.94 -4.63
C SER B 143 -25.87 23.15 -4.61
N ILE B 144 -25.46 24.34 -4.19
CA ILE B 144 -24.07 24.70 -4.02
C ILE B 144 -23.79 24.75 -2.54
N LEU B 145 -22.81 23.97 -2.10
CA LEU B 145 -22.53 23.86 -0.68
C LEU B 145 -21.91 25.15 -0.16
N PRO B 146 -22.38 25.67 0.96
CA PRO B 146 -21.83 26.92 1.50
C PRO B 146 -20.50 26.70 2.18
N TRP B 147 -19.99 27.77 2.79
CA TRP B 147 -18.65 27.76 3.35
C TRP B 147 -18.60 26.96 4.65
N CYS B 148 -17.40 26.49 4.96
CA CYS B 148 -17.12 25.62 6.10
C CYS B 148 -15.73 25.96 6.59
N ASN B 149 -15.10 25.03 7.31
CA ASN B 149 -13.68 25.15 7.62
C ASN B 149 -12.79 25.19 6.38
N GLU B 150 -13.29 24.70 5.24
CA GLU B 150 -12.57 24.70 3.98
C GLU B 150 -12.84 25.95 3.15
N ARG B 151 -13.11 27.08 3.82
CA ARG B 151 -13.13 28.42 3.24
C ARG B 151 -11.73 29.00 3.05
N PHE B 152 -10.70 28.22 3.31
CA PHE B 152 -9.32 28.65 3.16
C PHE B 152 -8.87 28.76 1.70
N PRO B 153 -9.35 27.96 0.74
CA PRO B 153 -9.15 28.35 -0.67
C PRO B 153 -10.21 29.26 -1.26
N ALA B 154 -11.28 29.57 -0.51
CA ALA B 154 -12.41 30.41 -0.98
C ALA B 154 -12.12 31.82 -1.50
N PRO B 155 -11.01 32.51 -1.16
CA PRO B 155 -10.68 33.72 -1.93
C PRO B 155 -10.47 33.45 -3.42
N ASN B 156 -11.00 34.35 -4.24
CA ASN B 156 -10.98 34.23 -5.69
C ASN B 156 -9.63 34.69 -6.23
N ALA B 157 -9.58 34.86 -7.55
CA ALA B 157 -8.46 35.50 -8.23
C ALA B 157 -9.01 36.20 -9.45
N GLU B 158 -8.23 37.16 -9.97
CA GLU B 158 -8.63 37.89 -11.16
C GLU B 158 -7.37 38.40 -11.84
N LEU B 159 -7.31 38.25 -13.16
CA LEU B 159 -6.07 38.47 -13.90
C LEU B 159 -6.39 39.13 -15.23
N LEU B 160 -5.94 40.37 -15.40
CA LEU B 160 -6.03 41.00 -16.71
C LEU B 160 -5.05 40.33 -17.67
N MET B 161 -5.53 40.02 -18.88
CA MET B 161 -4.79 39.18 -19.80
C MET B 161 -4.04 39.95 -20.89
N LEU B 162 -4.57 41.09 -21.34
CA LEU B 162 -3.95 41.80 -22.44
C LEU B 162 -2.70 42.56 -22.00
N GLY B 163 -2.86 43.47 -21.05
CA GLY B 163 -1.76 44.32 -20.63
C GLY B 163 -0.71 43.58 -19.82
N GLY B 164 0.41 44.26 -19.63
CA GLY B 164 1.52 43.69 -18.90
C GLY B 164 2.51 42.99 -19.81
N SER B 165 3.71 42.78 -19.29
CA SER B 165 4.75 42.08 -20.02
C SER B 165 4.44 40.59 -20.10
N ASP B 166 5.20 39.90 -20.96
CA ASP B 166 4.96 38.47 -21.16
C ASP B 166 5.40 37.65 -19.96
N GLU B 167 6.40 38.14 -19.21
CA GLU B 167 6.82 37.45 -17.99
C GLU B 167 5.75 37.49 -16.92
N GLN B 168 4.96 38.58 -16.88
CA GLN B 168 3.81 38.60 -15.97
C GLN B 168 2.67 37.74 -16.51
N ARG B 169 2.59 37.56 -17.82
CA ARG B 169 1.56 36.69 -18.40
C ARG B 169 1.81 35.24 -18.06
N ARG B 170 3.02 34.75 -18.34
CA ARG B 170 3.34 33.36 -18.02
C ARG B 170 3.50 33.17 -16.52
N LYS B 171 3.95 34.22 -15.82
CA LYS B 171 4.12 34.15 -14.37
C LYS B 171 2.78 33.99 -13.66
N ASN B 172 1.86 34.94 -13.88
CA ASN B 172 0.56 34.87 -13.24
C ASN B 172 -0.30 33.76 -13.82
N GLN B 173 -0.05 33.36 -15.07
CA GLN B 173 -0.74 32.21 -15.63
C GLN B 173 -0.34 30.93 -14.89
N ARG B 174 0.95 30.75 -14.62
CA ARG B 174 1.35 29.62 -13.80
C ARG B 174 0.95 29.80 -12.35
N ARG B 175 0.70 31.04 -11.91
CA ARG B 175 0.12 31.21 -10.58
C ARG B 175 -1.34 30.77 -10.56
N LEU B 176 -2.05 30.90 -11.67
CA LEU B 176 -3.41 30.36 -11.75
C LEU B 176 -3.39 28.84 -11.78
N THR B 177 -2.53 28.25 -12.61
CA THR B 177 -2.57 26.80 -12.80
C THR B 177 -1.91 26.02 -11.67
N ARG B 178 -1.48 26.67 -10.59
CA ARG B 178 -1.12 25.97 -9.37
C ARG B 178 -2.25 25.91 -8.37
N ARG B 179 -3.39 26.55 -8.66
CA ARG B 179 -4.60 26.41 -7.87
C ARG B 179 -5.67 25.59 -8.56
N LEU B 180 -5.50 25.29 -9.84
CA LEU B 180 -6.30 24.30 -10.55
C LEU B 180 -5.54 22.99 -10.68
N LEU B 181 -4.75 22.66 -9.67
CA LEU B 181 -3.69 21.68 -9.87
C LEU B 181 -4.13 20.21 -9.83
N PRO B 182 -5.02 19.76 -8.92
CA PRO B 182 -5.49 18.36 -9.05
C PRO B 182 -6.55 18.16 -10.11
N GLY B 183 -7.21 19.21 -10.58
CA GLY B 183 -8.30 19.05 -11.51
C GLY B 183 -7.86 18.70 -12.92
N PHE B 184 -8.84 18.28 -13.71
CA PHE B 184 -8.66 17.85 -15.10
C PHE B 184 -9.58 18.66 -15.99
N ALA B 185 -9.03 19.48 -16.89
CA ALA B 185 -9.86 20.33 -17.74
C ALA B 185 -10.62 19.50 -18.78
N LEU B 186 -11.54 20.16 -19.48
CA LEU B 186 -12.39 19.50 -20.46
C LEU B 186 -12.55 20.39 -21.69
N VAL B 187 -12.30 19.82 -22.88
CA VAL B 187 -12.40 20.54 -24.14
C VAL B 187 -13.20 19.71 -25.14
N SER B 188 -13.37 20.27 -26.34
CA SER B 188 -14.11 19.63 -27.42
C SER B 188 -13.19 19.45 -28.62
N ARG B 189 -13.18 18.24 -29.19
CA ARG B 189 -12.17 17.80 -30.14
C ARG B 189 -12.79 17.14 -31.37
N GLU B 190 -13.72 17.83 -32.02
CA GLU B 190 -14.46 17.24 -33.15
C GLU B 190 -13.60 17.07 -34.40
N ALA B 191 -12.46 17.77 -34.51
CA ALA B 191 -11.57 17.58 -35.64
C ALA B 191 -10.94 16.19 -35.63
N LEU B 192 -10.76 15.63 -34.44
CA LEU B 192 -10.37 14.22 -34.33
C LEU B 192 -11.46 13.32 -34.88
N LEU B 193 -12.73 13.68 -34.66
CA LEU B 193 -13.82 12.87 -35.18
C LEU B 193 -13.89 12.94 -36.70
N GLN B 194 -13.58 14.11 -37.28
CA GLN B 194 -13.49 14.18 -38.74
C GLN B 194 -12.31 13.37 -39.25
N GLN B 195 -11.20 13.34 -38.49
CA GLN B 195 -10.05 12.52 -38.88
C GLN B 195 -10.40 11.04 -38.86
N HIS B 196 -11.11 10.58 -37.83
CA HIS B 196 -11.48 9.16 -37.78
C HIS B 196 -12.57 8.82 -38.79
N LEU B 197 -13.38 9.79 -39.18
CA LEU B 197 -14.27 9.57 -40.33
C LEU B 197 -13.46 9.38 -41.61
N GLU B 198 -12.39 10.15 -41.77
CA GLU B 198 -11.56 9.97 -42.95
C GLU B 198 -10.71 8.72 -42.89
N THR B 199 -10.46 8.17 -41.70
CA THR B 199 -9.74 6.91 -41.60
C THR B 199 -10.67 5.73 -41.85
N LEU B 200 -11.85 5.73 -41.23
CA LEU B 200 -12.84 4.69 -41.46
C LEU B 200 -13.72 4.96 -42.67
N ARG B 201 -13.31 5.88 -43.55
CA ARG B 201 -14.05 6.19 -44.77
C ARG B 201 -13.87 5.15 -45.87
N THR B 202 -13.20 4.02 -45.58
CA THR B 202 -13.12 2.94 -46.56
C THR B 202 -14.44 2.21 -46.69
N THR B 203 -15.15 2.01 -45.58
CA THR B 203 -16.40 1.25 -45.60
C THR B 203 -17.63 2.16 -45.57
N LEU B 204 -17.76 2.99 -44.53
CA LEU B 204 -18.97 3.78 -44.36
C LEU B 204 -18.68 5.04 -43.56
N PRO B 205 -19.11 6.21 -44.04
CA PRO B 205 -18.72 7.47 -43.39
C PRO B 205 -19.67 7.92 -42.28
N GLU B 206 -20.49 7.01 -41.74
CA GLU B 206 -21.45 7.37 -40.70
C GLU B 206 -20.73 7.80 -39.43
N ALA B 207 -21.30 8.80 -38.76
CA ALA B 207 -20.63 9.42 -37.62
C ALA B 207 -21.12 8.91 -36.28
N THR B 208 -22.38 8.48 -36.18
CA THR B 208 -22.89 7.95 -34.92
C THR B 208 -22.25 6.62 -34.57
N THR B 209 -22.01 5.78 -35.59
CA THR B 209 -21.29 4.54 -35.36
C THR B 209 -19.81 4.78 -35.12
N LEU B 210 -19.28 5.92 -35.56
CA LEU B 210 -17.95 6.31 -35.13
C LEU B 210 -17.94 6.66 -33.65
N ASP B 211 -18.97 7.37 -33.17
CA ASP B 211 -19.11 7.63 -31.75
C ASP B 211 -19.22 6.33 -30.96
N ALA B 212 -19.92 5.34 -31.52
CA ALA B 212 -19.94 4.03 -30.89
C ALA B 212 -18.61 3.30 -31.02
N LEU B 213 -17.73 3.72 -31.93
CA LEU B 213 -16.44 3.07 -32.11
C LEU B 213 -15.27 4.01 -31.82
N LEU B 214 -15.40 4.86 -30.81
CA LEU B 214 -14.26 5.60 -30.27
C LEU B 214 -13.96 5.27 -28.82
N ASP B 215 -14.95 5.41 -27.93
CA ASP B 215 -14.73 5.25 -26.49
C ASP B 215 -15.20 3.85 -26.09
N LEU B 216 -14.29 2.89 -26.20
CA LEU B 216 -14.50 1.46 -26.01
C LEU B 216 -13.15 0.78 -26.18
N CYS B 217 -13.03 -0.44 -25.68
CA CYS B 217 -11.76 -1.17 -25.67
C CYS B 217 -11.75 -2.14 -26.84
N ARG B 218 -11.17 -1.72 -27.96
CA ARG B 218 -11.16 -2.51 -29.19
C ARG B 218 -10.10 -3.60 -29.08
N ILE B 219 -10.52 -4.86 -29.01
CA ILE B 219 -9.62 -6.00 -28.95
C ILE B 219 -9.48 -6.55 -30.37
N ASN B 220 -8.32 -6.33 -30.97
CA ASN B 220 -8.01 -6.78 -32.32
C ASN B 220 -7.04 -7.95 -32.24
N PHE B 221 -7.50 -9.13 -32.65
CA PHE B 221 -6.71 -10.33 -32.52
C PHE B 221 -5.59 -10.39 -33.55
N GLU B 222 -4.70 -11.37 -33.38
CA GLU B 222 -3.53 -11.56 -34.24
C GLU B 222 -3.73 -12.75 -35.16
N PRO B 223 -3.36 -12.63 -36.45
CA PRO B 223 -3.47 -13.74 -37.41
C PRO B 223 -2.32 -14.73 -37.28
N TRP B 239 -4.18 -11.43 -29.18
CA TRP B 239 -5.08 -10.29 -29.12
C TRP B 239 -4.32 -9.02 -28.78
N GLN B 240 -4.52 -7.98 -29.59
CA GLN B 240 -3.88 -6.69 -29.40
C GLN B 240 -4.95 -5.64 -29.13
N VAL B 241 -4.84 -4.97 -27.98
CA VAL B 241 -5.74 -3.88 -27.67
C VAL B 241 -5.30 -2.65 -28.45
N ARG B 242 -6.24 -2.01 -29.12
CA ARG B 242 -5.94 -0.79 -29.87
C ARG B 242 -5.57 0.35 -28.92
N ASP B 243 -4.49 1.06 -29.26
CA ASP B 243 -3.99 2.10 -28.39
C ASP B 243 -4.87 3.35 -28.45
N LYS B 244 -5.34 3.80 -27.30
CA LYS B 244 -6.16 5.00 -27.24
C LYS B 244 -5.27 6.24 -27.29
N PRO B 245 -5.50 7.16 -28.23
CA PRO B 245 -4.67 8.37 -28.32
C PRO B 245 -5.02 9.45 -27.31
N GLY B 246 -5.79 9.15 -26.28
CA GLY B 246 -6.13 10.14 -25.27
C GLY B 246 -7.29 9.65 -24.44
N TRP B 247 -7.65 10.48 -23.46
CA TRP B 247 -8.81 10.18 -22.62
C TRP B 247 -10.04 10.86 -23.23
N LEU B 248 -10.62 10.21 -24.22
CA LEU B 248 -11.74 10.75 -24.95
C LEU B 248 -13.05 10.32 -24.33
N VAL B 249 -14.10 11.10 -24.58
CA VAL B 249 -15.39 10.89 -23.94
C VAL B 249 -16.50 11.45 -24.84
N PRO B 250 -17.63 10.76 -24.99
CA PRO B 250 -18.77 11.36 -25.70
C PRO B 250 -19.52 12.31 -24.80
N ILE B 251 -19.83 13.50 -25.33
CA ILE B 251 -20.59 14.51 -24.60
C ILE B 251 -21.74 14.96 -25.50
N PRO B 252 -22.80 15.52 -24.92
CA PRO B 252 -23.78 16.23 -25.74
C PRO B 252 -23.20 17.57 -26.20
N ALA B 253 -23.47 17.94 -27.45
CA ALA B 253 -22.85 19.13 -27.99
C ALA B 253 -23.80 19.97 -28.82
N GLY B 254 -25.03 20.13 -28.38
CA GLY B 254 -25.92 21.05 -29.06
C GLY B 254 -27.27 20.49 -29.45
N TYR B 255 -28.09 21.30 -30.12
CA TYR B 255 -29.44 20.94 -30.53
C TYR B 255 -29.57 21.13 -32.03
N ASN B 256 -30.41 20.32 -32.67
CA ASN B 256 -30.52 20.28 -34.13
C ASN B 256 -31.99 20.30 -34.57
N ALA B 257 -32.72 21.31 -34.07
CA ALA B 257 -34.18 21.49 -34.13
C ALA B 257 -34.84 21.04 -35.43
N LEU B 258 -35.89 20.24 -35.29
CA LEU B 258 -36.58 19.67 -36.44
C LEU B 258 -37.80 20.49 -36.86
N SER B 259 -38.52 21.09 -35.91
CA SER B 259 -39.76 21.77 -36.21
C SER B 259 -39.51 23.21 -36.67
N PRO B 260 -40.36 23.74 -37.54
CA PRO B 260 -40.32 25.17 -37.83
C PRO B 260 -40.75 25.97 -36.61
N LEU B 261 -40.29 27.22 -36.58
CA LEU B 261 -40.47 28.06 -35.42
C LEU B 261 -41.92 28.49 -35.25
N TYR B 262 -42.33 28.67 -34.00
CA TYR B 262 -43.70 29.02 -33.67
C TYR B 262 -43.76 30.40 -33.06
N LEU B 263 -44.91 31.05 -33.26
CA LEU B 263 -45.21 32.33 -32.63
C LEU B 263 -45.42 32.11 -31.13
N PRO B 264 -45.30 33.17 -30.31
CA PRO B 264 -45.41 32.99 -28.84
C PRO B 264 -46.74 32.43 -28.34
N GLY B 265 -47.86 33.01 -28.74
CA GLY B 265 -49.13 32.53 -28.22
C GLY B 265 -49.75 31.42 -29.06
N GLU B 266 -49.01 30.36 -29.33
CA GLU B 266 -49.53 29.23 -30.10
C GLU B 266 -49.54 27.93 -29.32
N VAL B 267 -48.41 27.55 -28.75
CA VAL B 267 -48.27 26.25 -28.09
C VAL B 267 -48.79 26.37 -26.67
N ARG B 268 -49.76 25.55 -26.31
CA ARG B 268 -50.21 25.51 -24.93
C ARG B 268 -49.13 24.85 -24.08
N ASN B 269 -49.06 25.30 -22.81
CA ASN B 269 -48.13 24.82 -21.78
C ASN B 269 -46.67 25.14 -22.14
N ALA B 270 -46.40 26.40 -22.47
CA ALA B 270 -45.04 26.87 -22.60
C ALA B 270 -44.55 27.34 -21.23
N ARG B 271 -43.31 27.83 -21.13
CA ARG B 271 -42.90 28.43 -19.87
C ARG B 271 -43.44 29.84 -19.74
N ASP B 272 -43.20 30.68 -20.74
CA ASP B 272 -43.84 31.97 -20.85
C ASP B 272 -44.35 32.16 -22.27
N ARG B 273 -45.34 33.04 -22.42
CA ARG B 273 -46.05 33.23 -23.67
C ARG B 273 -45.52 34.41 -24.46
N GLU B 274 -44.20 34.64 -24.39
CA GLU B 274 -43.59 35.80 -25.03
C GLU B 274 -42.40 35.47 -25.91
N THR B 275 -41.80 34.29 -25.79
CA THR B 275 -40.64 33.91 -26.58
C THR B 275 -40.98 32.72 -27.47
N PRO B 276 -40.41 32.65 -28.69
CA PRO B 276 -40.79 31.58 -29.63
C PRO B 276 -40.32 30.19 -29.23
N LEU B 277 -40.75 29.18 -30.00
CA LEU B 277 -40.50 27.78 -29.66
C LEU B 277 -40.09 26.98 -30.88
N ARG B 278 -39.25 25.97 -30.65
CA ARG B 278 -39.07 24.84 -31.54
C ARG B 278 -38.90 23.58 -30.71
N PHE B 279 -39.11 22.43 -31.35
CA PHE B 279 -38.84 21.14 -30.75
C PHE B 279 -37.47 20.66 -31.21
N VAL B 280 -36.62 20.30 -30.25
CA VAL B 280 -35.22 20.01 -30.52
C VAL B 280 -34.91 18.58 -30.07
N GLU B 281 -33.72 18.12 -30.47
CA GLU B 281 -33.09 16.90 -29.99
C GLU B 281 -31.63 17.21 -29.80
N ASN B 282 -30.94 16.44 -28.98
CA ASN B 282 -29.55 16.76 -28.77
C ASN B 282 -28.69 16.27 -29.92
N LEU B 283 -27.41 16.60 -29.84
CA LEU B 283 -26.45 16.39 -30.91
C LEU B 283 -25.12 15.98 -30.29
N PHE B 284 -24.63 14.80 -30.64
CA PHE B 284 -23.57 14.14 -29.89
C PHE B 284 -22.21 14.46 -30.47
N GLY B 285 -21.27 14.83 -29.60
CA GLY B 285 -19.95 15.21 -30.02
C GLY B 285 -18.89 14.58 -29.14
N LEU B 286 -17.64 14.81 -29.52
CA LEU B 286 -16.51 14.25 -28.81
C LEU B 286 -15.84 15.32 -27.95
N GLY B 287 -15.43 14.92 -26.76
CA GLY B 287 -14.73 15.80 -25.85
C GLY B 287 -13.57 15.06 -25.21
N GLU B 288 -12.76 15.82 -24.47
CA GLU B 288 -11.53 15.25 -23.94
C GLU B 288 -11.18 15.89 -22.60
N TRP B 289 -10.82 15.04 -21.64
CA TRP B 289 -10.31 15.48 -20.36
C TRP B 289 -8.79 15.56 -20.42
N LEU B 290 -8.23 16.64 -19.88
CA LEU B 290 -6.80 16.90 -19.97
C LEU B 290 -6.28 17.33 -18.61
N SER B 291 -4.96 17.44 -18.53
CA SER B 291 -4.35 18.21 -17.47
C SER B 291 -4.30 19.68 -17.89
N PRO B 292 -4.40 20.62 -16.94
CA PRO B 292 -4.40 22.05 -17.33
C PRO B 292 -3.07 22.57 -17.84
N HIS B 293 -1.98 21.82 -17.70
CA HIS B 293 -0.68 22.31 -18.15
C HIS B 293 -0.43 22.08 -19.64
N ARG B 294 -1.29 21.33 -20.32
CA ARG B 294 -1.15 21.19 -21.76
C ARG B 294 -1.58 22.47 -22.49
N VAL B 295 -2.47 23.24 -21.88
CA VAL B 295 -3.10 24.37 -22.54
C VAL B 295 -2.09 25.50 -22.71
N ALA B 296 -2.03 26.06 -23.92
CA ALA B 296 -1.12 27.17 -24.21
C ALA B 296 -1.53 28.41 -23.44
N ALA B 297 -2.74 28.90 -23.67
CA ALA B 297 -3.27 30.05 -22.96
C ALA B 297 -4.64 29.71 -22.41
N LEU B 298 -4.86 30.05 -21.14
CA LEU B 298 -6.09 29.67 -20.43
C LEU B 298 -7.34 30.34 -20.97
N SER B 299 -7.20 31.38 -21.79
CA SER B 299 -8.35 31.98 -22.45
C SER B 299 -8.88 31.14 -23.60
N ASP B 300 -8.16 30.09 -24.00
CA ASP B 300 -8.58 29.18 -25.06
C ASP B 300 -9.23 27.93 -24.50
N LEU B 301 -9.94 28.06 -23.40
CA LEU B 301 -10.53 26.95 -22.67
C LEU B 301 -12.00 27.16 -22.36
N LEU B 302 -12.50 28.38 -22.44
CA LEU B 302 -13.85 28.70 -21.99
C LEU B 302 -14.88 28.17 -22.99
N TRP B 303 -16.02 27.73 -22.46
CA TRP B 303 -17.08 27.19 -23.29
C TRP B 303 -18.01 28.31 -23.73
N TYR B 304 -18.07 28.54 -25.04
CA TYR B 304 -19.04 29.45 -25.62
C TYR B 304 -20.13 28.64 -26.29
N HIS B 305 -21.24 29.31 -26.60
CA HIS B 305 -22.19 28.69 -27.51
C HIS B 305 -22.77 29.74 -28.45
N HIS B 306 -22.63 29.46 -29.74
CA HIS B 306 -23.13 30.29 -30.82
C HIS B 306 -24.28 29.58 -31.52
N ALA B 307 -24.93 30.30 -32.42
CA ALA B 307 -26.15 29.79 -33.03
C ALA B 307 -26.37 30.45 -34.38
N GLU B 308 -27.21 29.81 -35.19
CA GLU B 308 -27.78 30.46 -36.37
C GLU B 308 -29.19 29.93 -36.53
N PRO B 309 -30.19 30.62 -35.96
CA PRO B 309 -31.55 30.11 -35.95
C PRO B 309 -32.32 30.25 -37.26
N ASP B 310 -31.66 30.53 -38.38
CA ASP B 310 -32.31 30.29 -39.67
C ASP B 310 -32.55 28.80 -39.86
N LYS B 311 -31.65 27.97 -39.37
CA LYS B 311 -31.80 26.53 -39.32
C LYS B 311 -31.66 26.05 -37.88
N GLY B 312 -31.92 24.77 -37.68
CA GLY B 312 -31.72 24.15 -36.38
C GLY B 312 -30.29 23.71 -36.17
N LEU B 313 -29.39 24.61 -35.82
CA LEU B 313 -27.98 24.25 -35.62
C LEU B 313 -27.46 24.98 -34.39
N TYR B 314 -27.40 24.28 -33.26
CA TYR B 314 -26.87 24.79 -32.01
C TYR B 314 -25.70 23.94 -31.57
N ARG B 315 -24.76 24.55 -30.84
CA ARG B 315 -23.65 23.81 -30.28
C ARG B 315 -22.95 24.63 -29.19
N TRP B 316 -22.41 23.92 -28.21
CA TRP B 316 -21.39 24.43 -27.31
C TRP B 316 -20.03 24.05 -27.87
N SER B 317 -19.06 24.93 -27.69
CA SER B 317 -17.73 24.66 -28.21
C SER B 317 -16.71 25.49 -27.46
N THR B 318 -15.44 25.10 -27.63
CA THR B 318 -14.29 25.91 -27.27
C THR B 318 -13.53 26.19 -28.56
N PRO B 319 -13.87 27.26 -29.29
CA PRO B 319 -13.18 27.54 -30.54
C PRO B 319 -11.76 28.00 -30.29
N ARG B 320 -10.87 27.59 -31.20
CA ARG B 320 -9.43 27.82 -31.13
C ARG B 320 -8.86 27.25 -29.81
N PHE B 321 -8.92 25.92 -29.73
CA PHE B 321 -8.12 25.22 -28.74
C PHE B 321 -6.89 24.57 -29.38
N VAL B 322 -7.11 23.62 -30.29
CA VAL B 322 -6.10 22.79 -30.96
C VAL B 322 -5.05 22.18 -30.02
N LEU C 5 43.21 19.97 -29.05
CA LEU C 5 43.59 19.89 -27.64
C LEU C 5 42.48 20.45 -26.75
N SER C 6 41.49 19.62 -26.45
CA SER C 6 40.51 19.99 -25.45
C SER C 6 41.09 19.78 -24.05
N THR C 7 40.40 20.34 -23.05
CA THR C 7 40.82 20.16 -21.67
C THR C 7 40.57 18.72 -21.22
N ALA C 8 41.34 18.29 -20.24
CA ALA C 8 41.10 16.99 -19.63
C ALA C 8 39.82 17.03 -18.81
N SER C 9 39.00 16.00 -18.93
CA SER C 9 37.74 15.96 -18.21
C SER C 9 37.93 15.62 -16.74
N VAL C 10 39.07 15.05 -16.37
CA VAL C 10 39.39 14.74 -14.98
C VAL C 10 40.76 15.33 -14.67
N LEU C 11 40.80 16.24 -13.70
CA LEU C 11 42.06 16.75 -13.19
C LEU C 11 42.00 16.80 -11.67
N ALA C 12 43.12 16.46 -11.03
CA ALA C 12 43.17 16.46 -9.58
C ALA C 12 44.62 16.67 -9.17
N PHE C 13 44.86 17.68 -8.34
CA PHE C 13 46.20 17.99 -7.85
C PHE C 13 46.23 17.79 -6.35
N GLU C 14 47.10 16.92 -5.89
CA GLU C 14 47.32 16.73 -4.46
C GLU C 14 47.99 17.96 -3.89
N ARG C 15 47.68 18.26 -2.62
CA ARG C 15 48.19 19.48 -2.04
C ARG C 15 49.64 19.32 -1.61
N LYS C 16 50.35 20.43 -1.63
CA LYS C 16 51.64 20.57 -0.97
C LYS C 16 51.46 21.56 0.17
N LEU C 17 52.51 21.73 0.96
CA LEU C 17 52.48 22.48 2.22
C LEU C 17 51.39 21.93 3.15
N ASP C 18 51.63 20.70 3.61
CA ASP C 18 50.65 19.98 4.41
C ASP C 18 50.89 20.27 5.89
N PRO C 19 49.99 21.00 6.58
CA PRO C 19 50.21 21.26 8.00
C PRO C 19 49.60 20.17 8.86
N SER C 20 49.65 20.33 10.18
CA SER C 20 49.00 19.42 11.10
C SER C 20 48.11 20.23 12.04
N ASP C 21 47.47 19.55 12.97
CA ASP C 21 46.62 20.23 13.94
C ASP C 21 47.49 20.89 15.00
N ALA C 22 47.23 22.17 15.26
CA ALA C 22 48.02 22.92 16.22
C ALA C 22 47.49 22.66 17.61
N LEU C 23 48.39 22.44 18.56
CA LEU C 23 48.00 22.24 19.94
C LEU C 23 48.31 23.47 20.76
N MET C 24 47.47 23.73 21.74
CA MET C 24 47.59 24.90 22.60
C MET C 24 47.88 24.47 24.02
N SER C 25 48.92 25.06 24.61
CA SER C 25 49.26 24.81 26.00
C SER C 25 49.71 26.13 26.61
N ALA C 26 49.30 26.37 27.84
CA ALA C 26 49.48 27.67 28.47
C ALA C 26 50.60 27.62 29.50
N GLY C 27 51.24 28.75 29.69
CA GLY C 27 52.28 28.84 30.70
C GLY C 27 52.64 30.27 30.99
N ALA C 28 53.81 30.45 31.61
CA ALA C 28 54.29 31.75 32.02
C ALA C 28 55.41 32.24 31.10
N TRP C 29 55.34 33.51 30.73
CA TRP C 29 56.42 34.16 30.00
C TRP C 29 57.66 34.23 30.89
N ALA C 30 58.83 34.22 30.23
CA ALA C 30 60.19 34.15 30.79
C ALA C 30 60.51 32.81 31.43
N GLN C 31 59.52 31.91 31.51
CA GLN C 31 59.73 30.47 31.56
C GLN C 31 59.58 29.87 30.17
N ARG C 32 59.98 30.65 29.17
CA ARG C 32 59.59 30.44 27.78
C ARG C 32 60.50 29.47 27.07
N ASP C 33 61.77 29.41 27.44
CA ASP C 33 62.72 28.50 26.81
C ASP C 33 62.54 27.06 27.27
N ALA C 34 61.91 26.85 28.42
CA ALA C 34 61.63 25.52 28.93
C ALA C 34 60.20 25.09 28.63
N SER C 35 59.61 25.60 27.54
CA SER C 35 58.22 25.31 27.20
C SER C 35 58.14 23.92 26.60
N GLN C 36 58.24 22.92 27.45
CA GLN C 36 58.15 21.53 27.05
C GLN C 36 57.25 20.71 27.95
N GLU C 37 57.06 21.11 29.21
CA GLU C 37 56.23 20.41 30.16
C GLU C 37 55.01 21.24 30.52
N TRP C 38 54.63 22.18 29.66
CA TRP C 38 53.49 23.03 29.98
C TRP C 38 52.19 22.25 29.84
N PRO C 39 51.24 22.45 30.76
CA PRO C 39 49.97 21.72 30.67
C PRO C 39 49.09 22.30 29.58
N ALA C 40 48.20 21.44 29.08
CA ALA C 40 47.36 21.82 27.96
C ALA C 40 46.19 22.68 28.41
N VAL C 41 45.63 23.42 27.46
CA VAL C 41 44.43 24.21 27.69
C VAL C 41 43.22 23.32 27.44
N THR C 42 42.40 23.12 28.45
CA THR C 42 41.26 22.24 28.35
C THR C 42 40.00 23.03 28.01
N VAL C 43 39.07 22.34 27.36
CA VAL C 43 37.78 22.90 26.97
C VAL C 43 36.75 22.48 28.01
N ARG C 44 36.05 23.45 28.58
CA ARG C 44 35.08 23.16 29.62
C ARG C 44 33.74 23.78 29.27
N GLU C 45 32.74 23.50 30.08
CA GLU C 45 31.38 24.00 29.86
C GLU C 45 31.06 25.10 30.86
N LYS C 46 30.20 26.03 30.44
CA LYS C 46 29.56 26.92 31.38
C LYS C 46 28.21 27.31 30.83
N SER C 47 27.33 27.75 31.73
CA SER C 47 25.98 28.10 31.36
C SER C 47 25.88 29.60 31.14
N GLN C 76 21.00 28.50 28.12
CA GLN C 76 21.90 28.03 27.09
C GLN C 76 23.17 27.51 27.76
N THR C 77 23.87 26.60 27.10
CA THR C 77 25.08 26.00 27.64
C THR C 77 26.17 26.03 26.57
N VAL C 78 27.29 26.68 26.87
CA VAL C 78 28.35 26.83 25.88
C VAL C 78 29.64 26.20 26.39
N ASP C 79 30.64 26.15 25.51
CA ASP C 79 31.98 25.71 25.85
C ASP C 79 32.94 26.90 25.80
N VAL C 80 33.79 27.00 26.80
CA VAL C 80 34.84 28.01 26.81
C VAL C 80 36.18 27.33 27.07
N ALA C 81 37.23 28.05 26.69
CA ALA C 81 38.61 27.65 26.97
C ALA C 81 39.34 28.87 27.48
N ASN C 82 39.86 28.79 28.70
CA ASN C 82 40.57 29.90 29.31
C ASN C 82 41.95 29.42 29.75
N LEU C 83 42.87 30.38 29.88
CA LEU C 83 44.15 30.07 30.48
C LEU C 83 43.97 29.81 31.98
N PRO C 84 44.90 29.12 32.61
CA PRO C 84 44.91 29.10 34.08
C PRO C 84 45.19 30.48 34.63
N SER C 85 44.75 30.70 35.88
CA SER C 85 44.78 32.03 36.46
C SER C 85 46.19 32.50 36.82
N ASP C 86 47.18 31.62 36.80
CA ASP C 86 48.56 31.99 37.06
C ASP C 86 49.44 31.74 35.83
N ALA C 87 48.91 32.06 34.66
CA ALA C 87 49.65 31.90 33.41
C ALA C 87 49.14 32.94 32.42
N ASP C 88 50.07 33.54 31.67
CA ASP C 88 49.71 34.60 30.75
C ASP C 88 50.35 34.43 29.38
N THR C 89 50.61 33.20 28.96
CA THR C 89 51.25 32.96 27.68
C THR C 89 50.62 31.76 27.01
N LEU C 90 50.18 31.95 25.77
CA LEU C 90 49.64 30.89 24.94
C LEU C 90 50.74 30.32 24.06
N LYS C 91 50.86 29.00 24.03
CA LYS C 91 51.79 28.28 23.17
C LYS C 91 51.01 27.47 22.16
N VAL C 92 51.34 27.65 20.88
CA VAL C 92 50.66 26.98 19.78
C VAL C 92 51.71 26.28 18.94
N ARG C 93 51.64 24.95 18.87
CA ARG C 93 52.67 24.18 18.19
C ARG C 93 52.06 23.36 17.06
N PHE C 94 52.69 23.39 15.89
CA PHE C 94 52.32 22.50 14.80
C PHE C 94 53.55 22.24 13.93
N THR C 95 53.41 21.30 13.00
CA THR C 95 54.48 20.94 12.09
C THR C 95 54.03 21.19 10.65
N LEU C 96 54.97 21.09 9.71
CA LEU C 96 54.68 21.42 8.33
C LEU C 96 55.63 20.68 7.41
N ARG C 97 55.10 19.89 6.49
CA ARG C 97 55.90 19.27 5.44
C ARG C 97 55.82 20.09 4.17
N VAL C 98 56.93 20.16 3.44
CA VAL C 98 56.95 20.79 2.13
C VAL C 98 57.31 19.70 1.12
N LEU C 99 56.34 19.29 0.31
CA LEU C 99 56.53 18.08 -0.49
C LEU C 99 57.32 18.34 -1.76
N GLY C 100 56.80 19.17 -2.65
CA GLY C 100 57.50 19.45 -3.88
C GLY C 100 57.04 18.57 -5.02
N GLY C 101 57.33 19.02 -6.24
CA GLY C 101 56.83 18.36 -7.43
C GLY C 101 55.44 18.87 -7.76
N ALA C 102 55.31 20.19 -7.89
CA ALA C 102 54.01 20.86 -7.91
C ALA C 102 53.44 21.04 -9.31
N GLY C 103 53.77 20.16 -10.24
CA GLY C 103 53.20 20.27 -11.57
C GLY C 103 52.48 19.02 -12.01
N THR C 104 52.86 17.90 -11.43
CA THR C 104 52.33 16.60 -11.85
C THR C 104 50.97 16.35 -11.21
N PRO C 105 49.91 16.18 -11.99
CA PRO C 105 48.62 15.84 -11.42
C PRO C 105 48.58 14.38 -10.97
N SER C 106 47.56 14.05 -10.19
CA SER C 106 47.36 12.68 -9.74
C SER C 106 46.37 11.91 -10.59
N ALA C 107 45.59 12.60 -11.44
CA ALA C 107 44.61 11.95 -12.28
C ALA C 107 44.37 12.82 -13.50
N CYS C 108 44.50 12.24 -14.69
CA CYS C 108 44.31 13.01 -15.92
C CYS C 108 43.93 12.06 -17.03
N ASN C 109 42.91 12.43 -17.82
CA ASN C 109 42.49 11.60 -18.94
C ASN C 109 43.50 11.66 -20.08
N ASP C 110 43.71 12.85 -20.63
CA ASP C 110 44.54 13.01 -21.82
C ASP C 110 46.01 12.84 -21.47
N ALA C 111 46.78 12.37 -22.44
CA ALA C 111 48.23 12.31 -22.33
C ALA C 111 48.92 13.49 -22.99
N ALA C 112 48.30 14.08 -24.00
CA ALA C 112 48.89 15.26 -24.64
C ALA C 112 48.71 16.50 -23.78
N TYR C 113 47.53 16.63 -23.16
CA TYR C 113 47.26 17.76 -22.28
C TYR C 113 48.15 17.73 -21.05
N ARG C 114 48.46 16.54 -20.55
CA ARG C 114 49.32 16.43 -19.37
C ARG C 114 50.77 16.77 -19.72
N ASP C 115 51.22 16.37 -20.91
CA ASP C 115 52.59 16.70 -21.33
C ASP C 115 52.73 18.18 -21.64
N LYS C 116 51.69 18.79 -22.22
CA LYS C 116 51.68 20.23 -22.44
C LYS C 116 51.68 20.99 -21.12
N LEU C 117 50.95 20.47 -20.13
CA LEU C 117 50.94 21.08 -18.80
C LEU C 117 52.31 21.00 -18.14
N LEU C 118 52.98 19.86 -18.25
CA LEU C 118 54.30 19.74 -17.66
C LEU C 118 55.34 20.59 -18.37
N GLN C 119 55.20 20.78 -19.69
CA GLN C 119 56.09 21.71 -20.39
C GLN C 119 55.82 23.15 -19.98
N THR C 120 54.56 23.49 -19.69
CA THR C 120 54.24 24.84 -19.26
C THR C 120 54.80 25.14 -17.86
N VAL C 121 54.59 24.22 -16.92
CA VAL C 121 55.08 24.41 -15.56
C VAL C 121 56.60 24.37 -15.51
N ALA C 122 57.22 23.46 -16.27
CA ALA C 122 58.68 23.41 -16.32
C ALA C 122 59.26 24.64 -17.01
N THR C 123 58.52 25.21 -17.96
CA THR C 123 58.91 26.48 -18.56
C THR C 123 58.85 27.60 -17.52
N TYR C 124 57.83 27.59 -16.67
CA TYR C 124 57.72 28.59 -15.61
C TYR C 124 58.87 28.49 -14.62
N VAL C 125 59.19 27.28 -14.18
CA VAL C 125 60.24 27.09 -13.19
C VAL C 125 61.61 27.42 -13.78
N ASN C 126 61.81 27.08 -15.06
CA ASN C 126 63.09 27.39 -15.70
C ASN C 126 63.24 28.88 -15.98
N ASP C 127 62.14 29.59 -16.22
CA ASP C 127 62.25 31.03 -16.42
C ASP C 127 62.50 31.76 -15.11
N GLN C 128 61.81 31.37 -14.05
CA GLN C 128 62.02 31.98 -12.75
C GLN C 128 61.67 30.97 -11.66
N GLY C 129 62.39 31.06 -10.54
CA GLY C 129 62.28 30.07 -9.50
C GLY C 129 61.01 30.22 -8.68
N PHE C 130 61.00 29.50 -7.56
CA PHE C 130 59.94 29.60 -6.55
C PHE C 130 60.24 30.65 -5.49
N ALA C 131 61.04 31.68 -5.82
CA ALA C 131 61.50 32.60 -4.80
C ALA C 131 60.41 33.54 -4.32
N GLU C 132 59.49 33.93 -5.22
CA GLU C 132 58.42 34.84 -4.86
C GLU C 132 57.42 34.17 -3.92
N LEU C 133 56.94 32.99 -4.31
CA LEU C 133 55.95 32.28 -3.51
C LEU C 133 56.53 31.86 -2.16
N ALA C 134 57.79 31.40 -2.15
CA ALA C 134 58.40 31.05 -0.88
C ALA C 134 58.73 32.27 -0.04
N ARG C 135 58.88 33.44 -0.67
CA ARG C 135 59.06 34.66 0.10
C ARG C 135 57.76 35.05 0.80
N ARG C 136 56.63 34.91 0.12
CA ARG C 136 55.36 35.26 0.75
C ARG C 136 54.91 34.21 1.76
N TYR C 137 55.20 32.94 1.50
CA TYR C 137 55.00 31.88 2.49
C TYR C 137 55.88 32.10 3.71
N ALA C 138 57.11 32.56 3.50
CA ALA C 138 58.00 32.87 4.61
C ALA C 138 57.49 34.06 5.41
N HIS C 139 56.83 35.02 4.76
CA HIS C 139 56.24 36.12 5.51
C HIS C 139 55.01 35.69 6.28
N ASN C 140 54.25 34.71 5.77
CA ASN C 140 53.12 34.23 6.55
C ASN C 140 53.53 33.31 7.69
N LEU C 141 54.67 32.63 7.59
CA LEU C 141 55.19 31.96 8.76
C LEU C 141 55.93 32.91 9.70
N ALA C 142 56.35 34.08 9.19
CA ALA C 142 57.13 35.00 10.01
C ALA C 142 56.25 35.65 11.08
N ASN C 143 55.16 36.26 10.66
CA ASN C 143 54.18 36.80 11.60
C ASN C 143 53.26 35.67 12.06
N ALA C 144 52.11 36.01 12.61
CA ALA C 144 51.27 35.01 13.23
C ALA C 144 49.87 35.00 12.66
N ARG C 145 49.76 34.90 11.33
CA ARG C 145 48.47 34.72 10.67
C ARG C 145 47.70 33.53 11.23
N PHE C 146 48.41 32.44 11.54
CA PHE C 146 47.77 31.23 12.05
C PHE C 146 47.28 31.38 13.49
N LEU C 147 47.62 32.46 14.17
CA LEU C 147 46.93 32.89 15.37
C LEU C 147 45.85 33.86 14.90
N TRP C 148 44.65 33.34 14.67
CA TRP C 148 43.61 34.13 14.03
C TRP C 148 43.06 35.26 14.88
N ARG C 149 42.42 34.94 15.99
CA ARG C 149 41.90 35.95 16.91
C ARG C 149 42.76 36.06 18.16
N ASN C 150 43.59 35.05 18.42
CA ASN C 150 44.50 35.06 19.54
C ASN C 150 45.58 36.12 19.39
N ARG C 151 45.90 36.51 18.16
CA ARG C 151 46.90 37.55 17.95
C ARG C 151 46.36 38.93 18.32
N VAL C 152 45.06 39.15 18.14
CA VAL C 152 44.45 40.47 18.30
C VAL C 152 44.50 40.90 19.76
N GLY C 153 45.22 41.99 20.02
CA GLY C 153 45.36 42.48 21.37
C GLY C 153 46.32 41.65 22.19
N ALA C 154 47.59 41.65 21.82
CA ALA C 154 48.62 40.93 22.55
C ALA C 154 49.82 41.84 22.76
N GLU C 155 50.55 41.59 23.85
CA GLU C 155 51.70 42.43 24.17
C GLU C 155 52.90 42.10 23.28
N ALA C 156 53.22 40.81 23.18
CA ALA C 156 54.37 40.39 22.40
C ALA C 156 54.12 38.99 21.87
N VAL C 157 54.37 38.78 20.58
CA VAL C 157 54.20 37.49 19.93
C VAL C 157 55.55 37.07 19.38
N GLU C 158 56.00 35.88 19.75
CA GLU C 158 57.30 35.37 19.32
C GLU C 158 57.12 34.04 18.60
N VAL C 159 57.73 33.90 17.43
CA VAL C 159 57.61 32.71 16.59
C VAL C 159 58.98 32.05 16.50
N ARG C 160 59.04 30.76 16.80
CA ARG C 160 60.27 29.98 16.68
C ARG C 160 60.05 28.87 15.67
N ILE C 161 60.94 28.78 14.68
CA ILE C 161 60.82 27.85 13.57
C ILE C 161 62.06 26.97 13.56
N ASN C 162 61.87 25.66 13.49
CA ASN C 162 62.99 24.73 13.47
C ASN C 162 62.95 23.89 12.20
N HIS C 163 64.13 23.56 11.71
CA HIS C 163 64.28 22.65 10.57
C HIS C 163 64.84 21.33 11.07
N ILE C 164 64.29 20.23 10.58
CA ILE C 164 64.52 18.90 11.12
C ILE C 164 64.97 17.96 10.01
N ARG C 165 66.14 17.36 10.19
CA ARG C 165 66.67 16.36 9.26
C ARG C 165 66.64 14.95 9.81
N GLN C 166 66.83 14.80 11.11
CA GLN C 166 66.92 13.52 11.82
C GLN C 166 66.26 13.76 13.17
N GLY C 167 66.57 12.94 14.16
CA GLY C 167 66.22 13.34 15.51
C GLY C 167 67.09 14.45 16.08
N GLU C 168 67.14 15.59 15.40
CA GLU C 168 68.06 16.69 15.66
C GLU C 168 67.37 17.99 15.24
N VAL C 169 68.13 19.08 15.28
CA VAL C 169 67.70 20.38 14.77
C VAL C 169 68.81 20.92 13.88
N ALA C 170 68.49 21.17 12.60
CA ALA C 170 69.50 21.66 11.68
C ALA C 170 69.76 23.14 11.87
N ARG C 171 68.73 23.96 11.72
CA ARG C 171 68.86 25.41 11.88
C ARG C 171 67.59 25.97 12.51
N ALA C 172 67.76 26.83 13.49
CA ALA C 172 66.65 27.44 14.22
C ALA C 172 66.54 28.92 13.89
N TRP C 173 65.31 29.39 13.72
CA TRP C 173 64.99 30.79 13.53
C TRP C 173 64.10 31.28 14.66
N ARG C 174 64.34 32.52 15.08
CA ARG C 174 63.53 33.15 16.13
C ARG C 174 63.15 34.54 15.65
N PHE C 175 61.86 34.78 15.48
CA PHE C 175 61.34 36.00 14.88
C PHE C 175 60.61 36.83 15.92
N ASP C 176 60.04 37.94 15.44
CA ASP C 176 59.20 38.81 16.26
C ASP C 176 58.02 39.21 15.38
N ALA C 177 56.83 38.72 15.73
CA ALA C 177 55.69 38.82 14.83
C ALA C 177 55.08 40.20 14.78
N LEU C 178 55.24 41.02 15.82
CA LEU C 178 54.61 42.33 15.80
C LEU C 178 55.44 43.36 15.04
N ALA C 179 56.76 43.19 15.01
CA ALA C 179 57.60 44.08 14.22
C ALA C 179 57.42 43.79 12.73
N ILE C 180 57.30 42.52 12.36
CA ILE C 180 57.02 42.16 10.98
C ILE C 180 55.56 42.51 10.66
N GLY C 181 55.37 43.24 9.57
CA GLY C 181 54.06 43.79 9.28
C GLY C 181 53.05 42.73 8.88
N LEU C 182 51.78 43.15 8.89
CA LEU C 182 50.68 42.30 8.50
C LEU C 182 50.36 42.41 7.01
N ARG C 183 50.66 43.56 6.41
CA ARG C 183 50.31 43.83 5.02
C ARG C 183 51.49 44.17 4.13
N ASP C 184 52.64 44.50 4.69
CA ASP C 184 53.79 44.96 3.91
C ASP C 184 54.84 43.85 3.88
N PHE C 185 55.06 43.30 2.69
CA PHE C 185 56.05 42.24 2.50
C PHE C 185 57.40 42.88 2.25
N LYS C 186 58.15 43.09 3.33
CA LYS C 186 59.49 43.68 3.27
C LYS C 186 60.54 42.61 3.47
N ALA C 187 61.65 42.73 2.75
CA ALA C 187 62.69 41.71 2.75
C ALA C 187 63.48 41.74 4.05
N ASP C 188 64.22 40.66 4.28
CA ASP C 188 65.08 40.49 5.44
C ASP C 188 66.04 39.35 5.12
N ALA C 189 67.17 39.31 5.84
CA ALA C 189 68.17 38.28 5.60
C ALA C 189 67.67 36.91 6.04
N GLU C 190 67.06 36.84 7.23
CA GLU C 190 66.58 35.56 7.75
C GLU C 190 65.39 35.06 6.95
N LEU C 191 64.52 35.97 6.51
CA LEU C 191 63.42 35.56 5.65
C LEU C 191 63.89 35.14 4.27
N ASP C 192 65.04 35.65 3.81
CA ASP C 192 65.61 35.14 2.58
C ASP C 192 66.23 33.77 2.78
N ALA C 193 66.76 33.50 3.97
CA ALA C 193 67.29 32.16 4.25
C ALA C 193 66.17 31.13 4.32
N LEU C 194 65.11 31.43 5.07
CA LEU C 194 64.00 30.50 5.17
C LEU C 194 63.22 30.41 3.87
N ALA C 195 63.20 31.48 3.08
CA ALA C 195 62.60 31.41 1.76
C ALA C 195 63.44 30.57 0.80
N GLU C 196 64.77 30.55 0.99
CA GLU C 196 65.58 29.61 0.24
C GLU C 196 65.34 28.17 0.69
N LEU C 197 64.99 27.97 1.97
CA LEU C 197 64.69 26.61 2.42
C LEU C 197 63.37 26.11 1.83
N ILE C 198 62.32 26.94 1.89
CA ILE C 198 61.03 26.53 1.33
C ILE C 198 61.10 26.42 -0.19
N ALA C 199 61.79 27.36 -0.85
CA ALA C 199 61.95 27.28 -2.30
C ALA C 199 62.79 26.09 -2.71
N SER C 200 63.74 25.69 -1.86
CA SER C 200 64.47 24.45 -2.12
C SER C 200 63.61 23.23 -1.84
N GLY C 201 62.55 23.38 -1.05
CA GLY C 201 61.65 22.28 -0.78
C GLY C 201 60.63 22.03 -1.87
N LEU C 202 60.03 23.11 -2.38
CA LEU C 202 59.00 22.97 -3.41
C LEU C 202 59.57 22.55 -4.76
N SER C 203 60.85 22.78 -5.01
CA SER C 203 61.45 22.37 -6.27
C SER C 203 61.82 20.90 -6.30
N GLY C 204 61.71 20.19 -5.18
CA GLY C 204 62.04 18.79 -5.15
C GLY C 204 63.51 18.48 -4.93
N SER C 205 64.27 19.45 -4.44
CA SER C 205 65.70 19.28 -4.23
C SER C 205 66.04 18.75 -2.85
N GLY C 206 65.05 18.34 -2.08
CA GLY C 206 65.31 17.82 -0.75
C GLY C 206 64.02 17.63 0.01
N HIS C 207 64.18 17.21 1.26
CA HIS C 207 63.06 16.98 2.17
C HIS C 207 63.04 18.09 3.21
N VAL C 208 61.87 18.71 3.38
CA VAL C 208 61.71 19.84 4.28
C VAL C 208 60.60 19.54 5.27
N LEU C 209 60.96 19.42 6.55
CA LEU C 209 60.02 19.30 7.65
C LEU C 209 60.33 20.41 8.64
N LEU C 210 59.34 21.24 8.94
CA LEU C 210 59.50 22.37 9.82
C LEU C 210 58.63 22.21 11.06
N GLU C 211 59.14 22.68 12.19
CA GLU C 211 58.41 22.71 13.44
C GLU C 211 58.17 24.16 13.83
N VAL C 212 56.92 24.56 13.93
CA VAL C 212 56.56 25.95 14.18
C VAL C 212 55.92 26.05 15.56
N VAL C 213 56.46 26.93 16.40
CA VAL C 213 55.99 27.16 17.76
C VAL C 213 55.74 28.65 17.95
N ALA C 214 54.55 29.01 18.41
CA ALA C 214 54.19 30.41 18.58
C ALA C 214 53.84 30.70 20.03
N PHE C 215 54.22 31.89 20.47
CA PHE C 215 54.13 32.37 21.85
C PHE C 215 53.39 33.70 21.87
N ALA C 216 52.41 33.83 22.76
CA ALA C 216 51.65 35.08 22.81
C ALA C 216 51.37 35.45 24.27
N ARG C 217 51.66 36.69 24.64
CA ARG C 217 51.21 37.23 25.92
C ARG C 217 49.80 37.77 25.76
N ILE C 218 48.85 37.16 26.47
CA ILE C 218 47.47 37.59 26.46
C ILE C 218 47.07 38.20 27.80
N GLY C 219 47.26 37.47 28.88
CA GLY C 219 46.87 37.93 30.20
C GLY C 219 46.57 36.76 31.11
N ASP C 220 46.50 37.05 32.40
CA ASP C 220 46.23 36.02 33.39
C ASP C 220 44.76 35.61 33.32
N GLY C 221 44.51 34.36 32.95
CA GLY C 221 43.17 33.84 32.99
C GLY C 221 42.26 34.31 31.88
N GLN C 222 42.82 34.86 30.80
CA GLN C 222 42.04 35.35 29.68
C GLN C 222 41.51 34.19 28.84
N GLU C 223 40.90 34.51 27.71
CA GLU C 223 40.22 33.52 26.89
C GLU C 223 40.99 33.25 25.61
N VAL C 224 41.22 31.98 25.32
CA VAL C 224 41.81 31.57 24.07
C VAL C 224 40.70 31.10 23.12
N PHE C 225 41.04 30.96 21.85
CA PHE C 225 40.06 30.78 20.79
C PHE C 225 40.43 29.59 19.92
N PRO C 226 39.99 28.39 20.29
CA PRO C 226 40.15 27.24 19.41
C PRO C 226 39.09 27.30 18.31
N SER C 227 39.16 26.33 17.41
CA SER C 227 38.22 26.30 16.30
C SER C 227 36.96 25.56 16.71
N GLN C 228 35.85 25.96 16.09
CA GLN C 228 34.52 25.57 16.52
C GLN C 228 33.95 24.49 15.61
N GLU C 229 33.29 23.51 16.21
CA GLU C 229 32.79 22.34 15.51
C GLU C 229 31.35 22.54 15.06
N LEU C 230 30.88 21.61 14.22
CA LEU C 230 29.54 21.66 13.65
C LEU C 230 28.56 20.87 14.52
N LYS C 243 27.45 25.51 21.20
CA LYS C 243 28.82 25.88 20.87
C LYS C 243 29.78 24.82 21.37
N THR C 244 30.14 23.88 20.49
CA THR C 244 31.19 22.93 20.79
C THR C 244 32.52 23.46 20.27
N LEU C 245 33.61 22.94 20.82
CA LEU C 245 34.94 23.34 20.42
C LEU C 245 35.76 22.12 20.05
N TYR C 246 36.59 22.25 19.02
CA TYR C 246 37.40 21.14 18.55
C TYR C 246 38.48 20.80 19.56
N SER C 247 38.73 19.51 19.73
CA SER C 247 39.73 19.07 20.69
C SER C 247 40.39 17.80 20.19
N VAL C 248 41.48 17.48 20.85
CA VAL C 248 42.24 16.23 20.69
C VAL C 248 42.16 15.63 22.08
N ARG C 249 43.02 14.64 22.38
CA ARG C 249 42.92 13.98 23.67
C ARG C 249 43.24 14.95 24.81
N ASP C 250 42.17 15.58 25.32
CA ASP C 250 42.18 16.50 26.46
C ASP C 250 43.08 17.71 26.21
N ALA C 251 42.88 18.37 25.07
CA ALA C 251 43.57 19.60 24.74
C ALA C 251 42.79 20.32 23.65
N ALA C 252 42.67 21.64 23.77
CA ALA C 252 42.05 22.43 22.73
C ALA C 252 42.98 22.52 21.53
N ALA C 253 42.39 22.65 20.34
CA ALA C 253 43.19 22.62 19.13
C ALA C 253 42.51 23.42 18.03
N ILE C 254 43.26 23.64 16.95
CA ILE C 254 42.79 24.31 15.75
C ILE C 254 42.85 23.29 14.62
N HIS C 255 41.89 23.37 13.69
CA HIS C 255 41.91 22.48 12.54
C HIS C 255 43.13 22.74 11.66
N SER C 256 43.47 21.74 10.86
CA SER C 256 44.64 21.88 10.02
C SER C 256 44.37 22.74 8.79
N GLN C 257 43.14 22.70 8.27
CA GLN C 257 42.83 23.49 7.08
C GLN C 257 42.68 24.96 7.38
N LYS C 258 42.57 25.34 8.65
CA LYS C 258 42.50 26.76 8.99
C LYS C 258 43.89 27.38 9.04
N ILE C 259 44.86 26.63 9.58
CA ILE C 259 46.26 27.03 9.45
C ILE C 259 46.67 27.03 7.99
N GLY C 260 46.21 26.02 7.24
CA GLY C 260 46.47 25.99 5.81
C GLY C 260 45.82 27.14 5.06
N ASN C 261 44.70 27.65 5.58
CA ASN C 261 44.14 28.89 5.05
C ASN C 261 45.05 30.07 5.40
N ALA C 262 45.62 30.07 6.60
CA ALA C 262 46.43 31.21 7.00
C ALA C 262 47.76 31.26 6.28
N LEU C 263 48.25 30.13 5.78
CA LEU C 263 49.55 30.16 5.11
C LEU C 263 49.48 30.69 3.69
N ARG C 264 48.39 30.45 2.98
CA ARG C 264 48.32 30.78 1.56
C ARG C 264 47.58 32.10 1.30
N THR C 265 47.73 33.08 2.18
CA THR C 265 47.26 34.43 1.88
C THR C 265 48.36 35.15 1.12
N ILE C 266 48.33 34.99 -0.20
CA ILE C 266 49.31 35.57 -1.10
C ILE C 266 48.73 36.74 -1.87
N ASP C 267 47.48 36.60 -2.30
CA ASP C 267 46.93 37.30 -3.45
C ASP C 267 46.78 38.79 -3.21
N THR C 268 47.77 39.57 -3.62
CA THR C 268 47.68 41.03 -3.63
C THR C 268 47.36 41.55 -5.01
N TRP C 269 46.81 40.72 -5.89
CA TRP C 269 46.65 41.08 -7.28
C TRP C 269 45.20 41.03 -7.69
N TYR C 270 44.32 41.59 -6.87
CA TYR C 270 42.92 41.67 -7.23
C TYR C 270 42.72 42.73 -8.30
N PRO C 271 41.76 42.58 -9.20
CA PRO C 271 41.43 43.70 -10.09
C PRO C 271 40.72 44.82 -9.38
N ASP C 272 40.01 44.53 -8.29
CA ASP C 272 39.13 45.53 -7.68
C ASP C 272 39.93 46.54 -6.86
N GLU C 273 40.60 46.07 -5.81
CA GLU C 273 41.26 46.98 -4.88
C GLU C 273 42.45 46.28 -4.25
N ASP C 274 43.63 46.88 -4.39
CA ASP C 274 44.83 46.41 -3.72
C ASP C 274 45.10 47.14 -2.41
N GLY C 275 44.10 47.85 -1.88
CA GLY C 275 44.29 48.63 -0.67
C GLY C 275 43.85 47.91 0.59
N LEU C 276 43.00 46.89 0.44
CA LEU C 276 42.51 46.15 1.59
C LEU C 276 43.60 45.25 2.16
N GLY C 277 44.09 44.32 1.36
CA GLY C 277 45.16 43.45 1.79
C GLY C 277 45.10 42.08 1.14
N PRO C 278 46.11 41.26 1.37
CA PRO C 278 46.14 39.92 0.78
C PRO C 278 45.14 38.99 1.46
N ILE C 279 44.21 38.46 0.68
CA ILE C 279 43.32 37.41 1.15
C ILE C 279 43.59 36.20 0.26
N ALA C 280 43.31 35.01 0.81
CA ALA C 280 43.90 33.74 0.41
C ALA C 280 43.54 33.34 -1.02
N VAL C 281 44.29 32.36 -1.53
CA VAL C 281 44.28 32.00 -2.93
C VAL C 281 43.20 30.95 -3.18
N GLU C 282 42.19 31.31 -3.96
CA GLU C 282 41.12 30.42 -4.36
C GLU C 282 40.82 30.62 -5.82
N PRO C 283 40.38 29.58 -6.54
CA PRO C 283 39.72 29.82 -7.82
C PRO C 283 38.40 30.51 -7.54
N TYR C 284 38.04 31.45 -8.42
CA TYR C 284 36.98 32.43 -8.18
C TYR C 284 37.21 33.12 -6.84
N GLY C 285 38.32 33.86 -6.74
CA GLY C 285 38.92 34.21 -5.46
C GLY C 285 38.02 34.97 -4.50
N SER C 286 37.54 34.25 -3.49
CA SER C 286 36.38 34.66 -2.73
C SER C 286 36.71 34.71 -1.24
N VAL C 287 35.92 35.49 -0.53
CA VAL C 287 36.01 35.61 0.92
C VAL C 287 34.65 35.22 1.48
N THR C 288 34.63 34.20 2.34
CA THR C 288 33.36 33.72 2.88
C THR C 288 32.80 34.66 3.93
N SER C 289 33.66 35.30 4.72
CA SER C 289 33.17 36.19 5.77
C SER C 289 32.62 37.48 5.19
N GLN C 290 33.30 38.06 4.20
CA GLN C 290 32.83 39.28 3.58
C GLN C 290 31.66 39.05 2.64
N GLY C 291 31.40 37.80 2.25
CA GLY C 291 30.31 37.51 1.34
C GLY C 291 30.53 37.97 -0.08
N LYS C 292 31.75 38.36 -0.43
CA LYS C 292 32.07 38.87 -1.76
C LYS C 292 32.91 37.84 -2.49
N ALA C 293 32.85 37.90 -3.82
CA ALA C 293 33.70 37.07 -4.67
C ALA C 293 34.47 38.00 -5.59
N TYR C 294 35.72 38.27 -5.23
CA TYR C 294 36.63 38.94 -6.15
C TYR C 294 36.99 37.99 -7.28
N ARG C 295 37.62 38.55 -8.31
CA ARG C 295 38.18 37.81 -9.44
C ARG C 295 37.08 37.03 -10.15
N GLN C 296 36.12 37.78 -10.70
CA GLN C 296 34.94 37.20 -11.30
C GLN C 296 35.27 36.49 -12.61
N PRO C 297 34.49 35.48 -13.00
CA PRO C 297 34.68 34.89 -14.34
C PRO C 297 34.19 35.77 -15.46
N LYS C 298 33.43 36.82 -15.18
CA LYS C 298 33.08 37.78 -16.23
C LYS C 298 34.28 38.64 -16.63
N GLN C 299 35.30 38.71 -15.79
CA GLN C 299 36.58 39.26 -16.16
C GLN C 299 37.41 38.16 -16.79
N LYS C 300 38.70 38.41 -16.99
CA LYS C 300 39.59 37.42 -17.56
C LYS C 300 40.75 37.13 -16.61
N LEU C 301 40.47 37.12 -15.31
CA LEU C 301 41.49 36.88 -14.31
C LEU C 301 41.23 35.66 -13.46
N ASP C 302 40.16 34.91 -13.74
CA ASP C 302 39.87 33.66 -13.05
C ASP C 302 40.97 32.62 -13.30
N PHE C 303 41.08 31.66 -12.39
CA PHE C 303 42.09 30.60 -12.52
C PHE C 303 41.81 29.70 -13.72
N TYR C 304 40.54 29.37 -13.97
CA TYR C 304 40.20 28.48 -15.07
C TYR C 304 40.43 29.17 -16.41
N THR C 305 40.15 30.46 -16.48
CA THR C 305 40.34 31.21 -17.71
C THR C 305 41.82 31.39 -18.03
N LEU C 306 42.62 31.73 -17.01
CA LEU C 306 44.06 31.89 -17.23
C LEU C 306 44.74 30.57 -17.53
N LEU C 307 44.28 29.49 -16.90
CA LEU C 307 44.88 28.18 -17.14
C LEU C 307 44.54 27.67 -18.53
N ASP C 308 43.30 27.90 -18.98
CA ASP C 308 42.92 27.51 -20.33
C ASP C 308 43.64 28.36 -21.37
N ASN C 309 43.76 29.66 -21.12
CA ASN C 309 44.44 30.52 -22.08
C ASN C 309 45.95 30.38 -22.05
N TRP C 310 46.52 29.74 -21.04
CA TRP C 310 47.97 29.62 -20.96
C TRP C 310 48.48 28.22 -21.25
N VAL C 311 47.66 27.20 -21.12
CA VAL C 311 48.06 25.85 -21.51
C VAL C 311 47.68 25.57 -22.95
N LEU C 312 46.43 25.81 -23.32
CA LEU C 312 45.95 25.38 -24.63
C LEU C 312 46.38 26.30 -25.76
N ARG C 313 46.46 27.60 -25.50
CA ARG C 313 46.62 28.58 -26.57
C ARG C 313 47.93 29.34 -26.53
N ASP C 314 48.81 29.03 -25.57
CA ASP C 314 50.14 29.63 -25.38
C ASP C 314 50.08 31.15 -25.19
N GLU C 315 48.96 31.66 -24.69
CA GLU C 315 48.84 33.10 -24.41
C GLU C 315 49.26 33.29 -22.96
N ALA C 316 50.52 33.64 -22.78
CA ALA C 316 51.05 33.80 -21.43
C ALA C 316 50.52 35.08 -20.81
N PRO C 317 49.96 35.02 -19.61
CA PRO C 317 49.48 36.24 -18.94
C PRO C 317 50.61 37.06 -18.35
N ALA C 318 50.28 38.08 -17.55
CA ALA C 318 51.29 38.82 -16.82
C ALA C 318 51.96 37.92 -15.79
N VAL C 319 53.11 38.39 -15.28
CA VAL C 319 53.96 37.56 -14.43
C VAL C 319 53.29 37.28 -13.10
N GLU C 320 52.57 38.26 -12.56
CA GLU C 320 51.96 38.11 -11.25
C GLU C 320 50.76 37.17 -11.32
N GLN C 321 50.06 37.16 -12.45
CA GLN C 321 48.99 36.20 -12.66
C GLN C 321 49.55 34.79 -12.83
N GLN C 322 50.77 34.66 -13.35
CA GLN C 322 51.42 33.36 -13.39
C GLN C 322 51.78 32.90 -11.99
N HIS C 323 52.16 33.82 -11.10
CA HIS C 323 52.32 33.48 -9.69
C HIS C 323 51.01 33.04 -9.07
N TYR C 324 49.89 33.63 -9.50
CA TYR C 324 48.59 33.19 -9.01
C TYR C 324 48.25 31.78 -9.45
N VAL C 325 48.51 31.46 -10.73
CA VAL C 325 48.16 30.15 -11.26
C VAL C 325 49.01 29.06 -10.62
N ILE C 326 50.31 29.30 -10.48
CA ILE C 326 51.17 28.31 -9.83
C ILE C 326 50.85 28.21 -8.34
N ALA C 327 50.38 29.30 -7.73
CA ALA C 327 49.90 29.21 -6.34
C ALA C 327 48.67 28.32 -6.23
N ASN C 328 47.78 28.36 -7.22
CA ASN C 328 46.67 27.43 -7.21
C ASN C 328 47.09 25.99 -7.49
N LEU C 329 48.20 25.78 -8.20
CA LEU C 329 48.66 24.41 -8.35
C LEU C 329 49.33 23.89 -7.09
N ILE C 330 49.96 24.77 -6.31
CA ILE C 330 50.52 24.34 -5.02
C ILE C 330 49.39 24.09 -4.02
N ARG C 331 48.29 24.85 -4.15
CA ARG C 331 47.11 24.58 -3.33
C ARG C 331 46.51 23.20 -3.61
N GLY C 332 46.40 22.83 -4.87
CA GLY C 332 45.78 21.59 -5.25
C GLY C 332 44.27 21.70 -5.25
N GLY C 333 43.62 20.70 -5.82
CA GLY C 333 42.18 20.69 -5.85
C GLY C 333 41.64 19.69 -6.85
N VAL C 334 40.33 19.80 -7.07
CA VAL C 334 39.61 18.98 -8.03
C VAL C 334 39.23 19.89 -9.19
N PHE C 335 39.91 19.73 -10.31
CA PHE C 335 39.71 20.57 -11.47
C PHE C 335 39.03 19.75 -12.55
N GLY C 336 38.89 20.34 -13.73
CA GLY C 336 38.22 19.64 -14.82
C GLY C 336 36.71 19.64 -14.64
N GLU C 337 36.05 19.01 -15.60
CA GLU C 337 34.59 18.98 -15.63
C GLU C 337 34.00 18.16 -14.47
N LEU D 5 38.01 -29.01 -29.83
CA LEU D 5 38.37 -28.46 -28.52
C LEU D 5 37.93 -27.01 -28.39
N SER D 6 36.66 -26.80 -28.05
CA SER D 6 36.21 -25.48 -27.69
C SER D 6 36.65 -25.13 -26.27
N THR D 7 36.52 -23.86 -25.92
CA THR D 7 36.85 -23.42 -24.58
C THR D 7 35.80 -23.91 -23.59
N ALA D 8 36.21 -24.04 -22.33
CA ALA D 8 35.26 -24.37 -21.28
C ALA D 8 34.36 -23.18 -21.01
N SER D 9 33.06 -23.44 -20.85
CA SER D 9 32.11 -22.38 -20.62
C SER D 9 32.16 -21.86 -19.19
N VAL D 10 32.73 -22.63 -18.27
CA VAL D 10 32.90 -22.20 -16.88
C VAL D 10 34.36 -22.41 -16.51
N LEU D 11 35.04 -21.33 -16.14
CA LEU D 11 36.38 -21.41 -15.58
C LEU D 11 36.47 -20.50 -14.38
N ALA D 12 37.19 -20.95 -13.36
CA ALA D 12 37.35 -20.16 -12.15
C ALA D 12 38.63 -20.58 -11.47
N PHE D 13 39.52 -19.62 -11.22
CA PHE D 13 40.79 -19.88 -10.56
C PHE D 13 40.81 -19.17 -9.21
N GLU D 14 40.99 -19.94 -8.15
CA GLU D 14 41.16 -19.36 -6.82
C GLU D 14 42.49 -18.63 -6.74
N ARG D 15 42.53 -17.58 -5.95
CA ARG D 15 43.72 -16.76 -5.89
C ARG D 15 44.79 -17.42 -5.03
N LYS D 16 46.04 -17.13 -5.37
CA LYS D 16 47.18 -17.38 -4.51
C LYS D 16 47.74 -16.03 -4.11
N LEU D 17 48.73 -16.05 -3.22
CA LEU D 17 49.27 -14.85 -2.56
C LEU D 17 48.15 -14.08 -1.86
N ASP D 18 47.61 -14.70 -0.81
CA ASP D 18 46.46 -14.16 -0.11
C ASP D 18 46.94 -13.28 1.04
N PRO D 19 46.75 -11.95 0.98
CA PRO D 19 47.19 -11.10 2.09
C PRO D 19 46.10 -10.96 3.15
N SER D 20 46.35 -10.14 4.17
CA SER D 20 45.35 -9.82 5.18
C SER D 20 45.23 -8.31 5.27
N ASP D 21 44.38 -7.85 6.17
CA ASP D 21 44.21 -6.42 6.39
C ASP D 21 45.38 -5.89 7.19
N ALA D 22 46.00 -4.82 6.72
CA ALA D 22 47.14 -4.23 7.38
C ALA D 22 46.68 -3.32 8.50
N LEU D 23 47.33 -3.42 9.65
CA LEU D 23 47.01 -2.55 10.76
C LEU D 23 48.08 -1.49 10.93
N MET D 24 47.65 -0.31 11.35
CA MET D 24 48.54 0.83 11.53
C MET D 24 48.61 1.20 12.99
N SER D 25 49.83 1.33 13.51
CA SER D 25 50.06 1.78 14.88
C SER D 25 51.27 2.69 14.87
N ALA D 26 51.19 3.76 15.65
CA ALA D 26 52.18 4.82 15.58
C ALA D 26 53.10 4.76 16.79
N GLY D 27 54.34 5.21 16.60
CA GLY D 27 55.27 5.27 17.69
C GLY D 27 56.47 6.13 17.35
N ALA D 28 57.54 5.95 18.12
CA ALA D 28 58.75 6.73 17.97
C ALA D 28 59.85 5.90 17.32
N TRP D 29 60.56 6.52 16.38
CA TRP D 29 61.75 5.91 15.79
C TRP D 29 62.83 5.78 16.85
N ALA D 30 63.70 4.76 16.67
CA ALA D 30 64.75 4.29 17.57
C ALA D 30 64.22 3.65 18.85
N GLN D 31 62.90 3.68 19.05
CA GLN D 31 62.18 2.71 19.85
C GLN D 31 61.59 1.62 18.96
N ARG D 32 62.30 1.32 17.88
CA ARG D 32 61.76 0.63 16.72
C ARG D 32 61.80 -0.88 16.88
N ASP D 33 62.79 -1.39 17.60
CA ASP D 33 62.92 -2.82 17.80
C ASP D 33 61.94 -3.37 18.82
N ALA D 34 61.40 -2.51 19.69
CA ALA D 34 60.39 -2.89 20.66
C ALA D 34 58.98 -2.54 20.19
N SER D 35 58.76 -2.52 18.87
CA SER D 35 57.47 -2.13 18.31
C SER D 35 56.50 -3.28 18.46
N GLN D 36 56.02 -3.47 19.68
CA GLN D 36 55.06 -4.52 20.00
C GLN D 36 53.91 -4.03 20.87
N GLU D 37 54.12 -2.96 21.64
CA GLU D 37 53.11 -2.40 22.52
C GLU D 37 52.69 -1.01 22.04
N TRP D 38 52.91 -0.70 20.77
CA TRP D 38 52.57 0.62 20.28
C TRP D 38 51.06 0.77 20.15
N PRO D 39 50.52 1.92 20.53
CA PRO D 39 49.07 2.12 20.42
C PRO D 39 48.64 2.33 18.98
N ALA D 40 47.39 2.01 18.71
CA ALA D 40 46.88 2.07 17.36
C ALA D 40 46.53 3.50 16.96
N VAL D 41 46.47 3.72 15.65
CA VAL D 41 46.04 5.00 15.10
C VAL D 41 44.54 4.97 14.96
N THR D 42 43.85 5.87 15.65
CA THR D 42 42.40 5.89 15.63
C THR D 42 41.86 6.87 14.61
N VAL D 43 40.66 6.59 14.12
CA VAL D 43 39.98 7.42 13.15
C VAL D 43 39.00 8.31 13.89
N ARG D 44 39.09 9.61 13.67
CA ARG D 44 38.24 10.55 14.38
C ARG D 44 37.55 11.46 13.38
N GLU D 45 36.65 12.30 13.89
CA GLU D 45 35.89 13.21 13.06
C GLU D 45 36.39 14.63 13.25
N LYS D 46 36.26 15.45 12.20
CA LYS D 46 36.39 16.88 12.35
C LYS D 46 35.52 17.56 11.30
N SER D 47 35.18 18.80 11.56
CA SER D 47 34.31 19.57 10.67
C SER D 47 35.15 20.41 9.73
N VAL D 48 34.59 20.63 8.54
CA VAL D 48 35.24 21.27 7.41
C VAL D 48 34.16 22.07 6.69
N ARG D 49 34.35 23.38 6.60
CA ARG D 49 33.45 24.23 5.83
C ARG D 49 34.15 24.61 4.54
N GLY D 50 33.71 24.05 3.43
CA GLY D 50 34.34 24.25 2.14
C GLY D 50 33.62 25.27 1.29
N THR D 51 34.40 25.97 0.47
CA THR D 51 33.89 26.97 -0.45
C THR D 51 33.45 26.28 -1.74
N ILE D 52 33.16 27.07 -2.77
CA ILE D 52 32.75 26.54 -4.07
C ILE D 52 33.88 26.84 -5.05
N SER D 53 34.43 25.76 -5.65
CA SER D 53 35.47 25.89 -6.66
C SER D 53 35.17 25.01 -7.86
N ASN D 54 33.91 24.69 -8.10
CA ASN D 54 33.53 23.85 -9.23
C ASN D 54 33.73 24.60 -10.54
N ARG D 55 34.00 23.84 -11.60
CA ARG D 55 34.18 24.45 -12.91
C ARG D 55 32.84 24.89 -13.45
N LEU D 56 32.46 26.13 -13.15
CA LEU D 56 31.20 26.69 -13.59
C LEU D 56 31.20 26.91 -15.09
N LYS D 57 30.01 26.91 -15.68
CA LYS D 57 29.83 27.31 -17.06
C LYS D 57 30.30 28.74 -17.27
N THR D 58 31.29 28.91 -18.14
CA THR D 58 32.03 30.17 -18.22
C THR D 58 31.19 31.26 -18.88
N LYS D 59 31.79 32.46 -18.98
CA LYS D 59 31.15 33.71 -19.42
C LYS D 59 29.93 34.06 -18.60
N ASP D 60 29.92 33.65 -17.32
CA ASP D 60 28.83 33.94 -16.41
C ASP D 60 29.01 35.37 -15.93
N ARG D 61 28.29 36.29 -16.57
CA ARG D 61 28.33 37.71 -16.23
C ARG D 61 27.31 38.07 -15.15
N ASP D 62 26.93 37.10 -14.33
CA ASP D 62 25.99 37.28 -13.21
C ASP D 62 26.75 37.07 -11.92
N PRO D 63 27.35 38.12 -11.34
CA PRO D 63 27.99 37.96 -10.04
C PRO D 63 27.02 37.83 -8.89
N ALA D 64 25.72 38.07 -9.11
CA ALA D 64 24.74 37.92 -8.03
C ALA D 64 24.51 36.47 -7.68
N LYS D 65 24.69 35.56 -8.64
CA LYS D 65 24.67 34.14 -8.32
C LYS D 65 25.93 33.71 -7.58
N LEU D 66 27.04 34.42 -7.81
CA LEU D 66 28.29 34.07 -7.14
C LEU D 66 28.29 34.55 -5.69
N ASP D 67 27.90 35.81 -5.47
CA ASP D 67 27.72 36.31 -4.12
C ASP D 67 26.52 35.70 -3.43
N ALA D 68 25.56 35.19 -4.19
CA ALA D 68 24.50 34.38 -3.61
C ALA D 68 25.01 33.00 -3.20
N SER D 69 26.02 32.49 -3.91
CA SER D 69 26.57 31.18 -3.59
C SER D 69 27.41 31.20 -2.31
N ILE D 70 27.94 32.36 -1.93
CA ILE D 70 28.75 32.45 -0.72
C ILE D 70 27.87 32.52 0.52
N GLN D 71 26.60 32.89 0.36
CA GLN D 71 25.68 32.99 1.49
C GLN D 71 25.40 31.64 2.14
N SER D 72 25.57 30.54 1.42
CA SER D 72 25.43 29.20 2.01
C SER D 72 26.50 28.29 1.41
N PRO D 73 27.68 28.23 2.04
CA PRO D 73 28.73 27.33 1.54
C PRO D 73 28.55 25.90 2.05
N ASN D 74 29.53 25.04 1.78
CA ASN D 74 29.44 23.65 2.19
C ASN D 74 29.79 23.49 3.67
N LEU D 75 28.83 23.01 4.45
CA LEU D 75 29.04 22.66 5.86
C LEU D 75 29.22 21.15 5.92
N GLN D 76 30.41 20.70 6.32
CA GLN D 76 30.75 19.33 5.99
C GLN D 76 31.47 18.69 7.16
N THR D 77 31.40 17.38 7.27
CA THR D 77 32.01 16.64 8.37
C THR D 77 32.80 15.47 7.80
N VAL D 78 34.10 15.42 8.07
CA VAL D 78 34.95 14.38 7.51
C VAL D 78 35.62 13.58 8.61
N ASP D 79 36.30 12.50 8.22
CA ASP D 79 37.10 11.69 9.12
C ASP D 79 38.56 11.88 8.79
N VAL D 80 39.39 12.04 9.82
CA VAL D 80 40.83 12.10 9.65
C VAL D 80 41.47 11.09 10.59
N ALA D 81 42.71 10.74 10.25
CA ALA D 81 43.55 9.90 11.10
C ALA D 81 44.93 10.54 11.14
N ASN D 82 45.38 10.89 12.34
CA ASN D 82 46.67 11.54 12.51
C ASN D 82 47.49 10.75 13.52
N LEU D 83 48.80 10.91 13.45
CA LEU D 83 49.67 10.36 14.47
C LEU D 83 49.48 11.14 15.76
N PRO D 84 49.84 10.56 16.90
CA PRO D 84 49.94 11.36 18.12
C PRO D 84 51.06 12.39 17.99
N SER D 85 50.95 13.47 18.78
CA SER D 85 51.84 14.60 18.63
C SER D 85 53.26 14.33 19.11
N ASP D 86 53.49 13.23 19.82
CA ASP D 86 54.82 12.84 20.27
C ASP D 86 55.25 11.52 19.65
N ALA D 87 54.95 11.35 18.37
CA ALA D 87 55.33 10.14 17.65
C ALA D 87 55.50 10.50 16.17
N ASP D 88 56.53 9.94 15.55
CA ASP D 88 56.84 10.28 14.16
C ASP D 88 57.12 9.04 13.31
N THR D 89 56.53 7.90 13.65
CA THR D 89 56.79 6.68 12.91
C THR D 89 55.50 5.89 12.75
N LEU D 90 55.17 5.55 11.51
CA LEU D 90 54.04 4.73 11.18
C LEU D 90 54.48 3.29 11.05
N LYS D 91 53.74 2.39 11.71
CA LYS D 91 53.96 0.95 11.64
C LYS D 91 52.77 0.30 10.96
N VAL D 92 53.04 -0.49 9.92
CA VAL D 92 52.01 -1.16 9.14
C VAL D 92 52.33 -2.63 9.10
N ARG D 93 51.44 -3.45 9.65
CA ARG D 93 51.72 -4.88 9.79
C ARG D 93 50.64 -5.69 9.07
N PHE D 94 51.07 -6.69 8.29
CA PHE D 94 50.14 -7.65 7.71
C PHE D 94 50.88 -8.96 7.51
N THR D 95 50.11 -10.00 7.15
CA THR D 95 50.65 -11.33 6.89
C THR D 95 50.34 -11.74 5.46
N LEU D 96 50.93 -12.85 5.02
CA LEU D 96 50.81 -13.26 3.62
C LEU D 96 51.03 -14.75 3.52
N ARG D 97 50.05 -15.48 2.98
CA ARG D 97 50.21 -16.89 2.66
C ARG D 97 50.55 -17.05 1.20
N VAL D 98 51.40 -18.03 0.91
CA VAL D 98 51.71 -18.39 -0.48
C VAL D 98 51.24 -19.83 -0.66
N LEU D 99 50.17 -20.02 -1.43
CA LEU D 99 49.49 -21.31 -1.44
C LEU D 99 50.17 -22.31 -2.37
N GLY D 100 50.22 -22.01 -3.66
CA GLY D 100 50.84 -22.90 -4.60
C GLY D 100 49.85 -23.85 -5.25
N GLY D 101 50.26 -24.42 -6.38
CA GLY D 101 49.36 -25.22 -7.19
C GLY D 101 48.57 -24.34 -8.12
N ALA D 102 49.27 -23.52 -8.92
CA ALA D 102 48.68 -22.41 -9.65
C ALA D 102 48.23 -22.78 -11.05
N GLY D 103 47.86 -24.03 -11.29
CA GLY D 103 47.40 -24.40 -12.61
C GLY D 103 46.02 -25.03 -12.58
N THR D 104 45.65 -25.60 -11.43
CA THR D 104 44.42 -26.35 -11.32
C THR D 104 43.25 -25.41 -11.08
N PRO D 105 42.25 -25.38 -11.96
CA PRO D 105 41.07 -24.55 -11.71
C PRO D 105 40.18 -25.18 -10.65
N SER D 106 39.24 -24.39 -10.16
CA SER D 106 38.27 -24.88 -9.19
C SER D 106 36.95 -25.28 -9.82
N ALA D 107 36.70 -24.91 -11.07
CA ALA D 107 35.47 -25.26 -11.75
C ALA D 107 35.72 -25.27 -13.25
N CYS D 108 35.36 -26.37 -13.90
CA CYS D 108 35.59 -26.50 -15.34
C CYS D 108 34.63 -27.51 -15.91
N ASN D 109 34.01 -27.16 -17.04
CA ASN D 109 33.08 -28.07 -17.69
C ASN D 109 33.81 -29.23 -18.35
N ASP D 110 34.67 -28.93 -19.32
CA ASP D 110 35.32 -29.94 -20.12
C ASP D 110 36.40 -30.66 -19.31
N ALA D 111 36.62 -31.92 -19.65
CA ALA D 111 37.73 -32.69 -19.09
C ALA D 111 38.95 -32.71 -19.99
N ALA D 112 38.75 -32.57 -21.30
CA ALA D 112 39.89 -32.53 -22.21
C ALA D 112 40.59 -31.18 -22.16
N TYR D 113 39.80 -30.10 -22.07
CA TYR D 113 40.35 -28.76 -21.98
C TYR D 113 41.13 -28.56 -20.69
N ARG D 114 40.67 -29.19 -19.60
CA ARG D 114 41.37 -29.06 -18.32
C ARG D 114 42.68 -29.85 -18.33
N ASP D 115 42.70 -31.02 -18.98
CA ASP D 115 43.93 -31.79 -19.08
C ASP D 115 44.94 -31.11 -20.00
N LYS D 116 44.45 -30.50 -21.08
CA LYS D 116 45.32 -29.74 -21.98
C LYS D 116 45.89 -28.51 -21.26
N LEU D 117 45.08 -27.88 -20.41
CA LEU D 117 45.55 -26.75 -19.63
C LEU D 117 46.62 -27.17 -18.63
N LEU D 118 46.43 -28.32 -17.96
CA LEU D 118 47.44 -28.77 -17.01
C LEU D 118 48.72 -29.22 -17.71
N GLN D 119 48.63 -29.76 -18.93
CA GLN D 119 49.84 -30.06 -19.67
C GLN D 119 50.55 -28.80 -20.12
N THR D 120 49.80 -27.73 -20.42
CA THR D 120 50.43 -26.48 -20.82
C THR D 120 51.15 -25.82 -19.65
N VAL D 121 50.49 -25.75 -18.50
CA VAL D 121 51.10 -25.11 -17.33
C VAL D 121 52.28 -25.94 -16.81
N ALA D 122 52.12 -27.27 -16.80
CA ALA D 122 53.23 -28.13 -16.39
C ALA D 122 54.39 -28.08 -17.37
N THR D 123 54.09 -27.86 -18.65
CA THR D 123 55.14 -27.62 -19.63
C THR D 123 55.87 -26.31 -19.35
N TYR D 124 55.14 -25.27 -18.94
CA TYR D 124 55.75 -24.00 -18.59
C TYR D 124 56.67 -24.13 -17.38
N VAL D 125 56.19 -24.80 -16.34
CA VAL D 125 56.98 -24.94 -15.12
C VAL D 125 58.20 -25.82 -15.36
N ASN D 126 58.05 -26.86 -16.18
CA ASN D 126 59.20 -27.73 -16.47
C ASN D 126 60.21 -27.05 -17.39
N ASP D 127 59.77 -26.14 -18.25
CA ASP D 127 60.73 -25.42 -19.09
C ASP D 127 61.49 -24.38 -18.28
N GLN D 128 60.79 -23.64 -17.43
CA GLN D 128 61.43 -22.63 -16.59
C GLN D 128 60.62 -22.46 -15.31
N GLY D 129 61.31 -22.17 -14.22
CA GLY D 129 60.70 -22.12 -12.92
C GLY D 129 59.88 -20.87 -12.70
N PHE D 130 59.51 -20.67 -11.43
CA PHE D 130 58.82 -19.48 -10.98
C PHE D 130 59.79 -18.39 -10.52
N ALA D 131 61.01 -18.37 -11.05
CA ALA D 131 62.04 -17.48 -10.52
C ALA D 131 61.80 -16.02 -10.91
N GLU D 132 61.26 -15.81 -12.11
CA GLU D 132 61.00 -14.45 -12.58
C GLU D 132 59.89 -13.79 -11.79
N LEU D 133 58.74 -14.47 -11.67
CA LEU D 133 57.59 -13.93 -10.97
C LEU D 133 57.88 -13.74 -9.49
N ALA D 134 58.59 -14.69 -8.88
CA ALA D 134 58.96 -14.54 -7.48
C ALA D 134 60.04 -13.49 -7.29
N ARG D 135 60.83 -13.20 -8.32
CA ARG D 135 61.79 -12.11 -8.22
C ARG D 135 61.06 -10.76 -8.22
N ARG D 136 60.04 -10.61 -9.06
CA ARG D 136 59.30 -9.35 -9.10
C ARG D 136 58.39 -9.18 -7.89
N TYR D 137 57.81 -10.27 -7.41
CA TYR D 137 57.07 -10.26 -6.14
C TYR D 137 57.99 -9.91 -4.97
N ALA D 138 59.22 -10.42 -5.00
CA ALA D 138 60.20 -10.08 -3.98
C ALA D 138 60.60 -8.62 -4.05
N HIS D 139 60.63 -8.04 -5.24
CA HIS D 139 60.91 -6.61 -5.33
C HIS D 139 59.73 -5.77 -4.86
N ASN D 140 58.50 -6.24 -5.03
CA ASN D 140 57.37 -5.48 -4.50
C ASN D 140 57.22 -5.63 -3.00
N LEU D 141 57.68 -6.73 -2.42
CA LEU D 141 57.77 -6.77 -0.96
C LEU D 141 59.00 -6.06 -0.44
N ALA D 142 60.02 -5.86 -1.28
CA ALA D 142 61.26 -5.24 -0.83
C ALA D 142 61.06 -3.77 -0.53
N ASN D 143 60.55 -3.01 -1.50
CA ASN D 143 60.19 -1.62 -1.27
C ASN D 143 58.80 -1.56 -0.63
N ALA D 144 58.16 -0.41 -0.69
CA ALA D 144 56.93 -0.22 0.06
C ALA D 144 55.79 0.21 -0.84
N ARG D 145 55.54 -0.55 -1.92
CA ARG D 145 54.37 -0.31 -2.76
C ARG D 145 53.07 -0.32 -1.95
N PHE D 146 52.97 -1.22 -0.96
CA PHE D 146 51.77 -1.32 -0.14
C PHE D 146 51.59 -0.14 0.82
N LEU D 147 52.59 0.72 0.95
CA LEU D 147 52.40 2.06 1.54
C LEU D 147 52.12 2.97 0.35
N TRP D 148 50.84 3.18 0.06
CA TRP D 148 50.47 3.87 -1.17
C TRP D 148 50.81 5.36 -1.19
N ARG D 149 50.18 6.13 -0.31
CA ARG D 149 50.49 7.55 -0.22
C ARG D 149 51.32 7.86 1.03
N ASN D 150 51.36 6.93 1.98
CA ASN D 150 52.17 7.07 3.17
C ASN D 150 53.66 7.06 2.86
N ARG D 151 54.06 6.43 1.76
CA ARG D 151 55.46 6.40 1.38
C ARG D 151 55.93 7.75 0.86
N VAL D 152 55.02 8.51 0.21
CA VAL D 152 55.37 9.74 -0.48
C VAL D 152 55.80 10.81 0.52
N GLY D 153 57.05 11.24 0.42
CA GLY D 153 57.58 12.22 1.34
C GLY D 153 57.88 11.66 2.71
N ALA D 154 58.84 10.74 2.79
CA ALA D 154 59.26 10.15 4.05
C ALA D 154 60.78 10.18 4.13
N GLU D 155 61.29 10.24 5.37
CA GLU D 155 62.72 10.31 5.57
C GLU D 155 63.38 8.95 5.37
N ALA D 156 62.83 7.91 6.00
CA ALA D 156 63.41 6.59 5.91
C ALA D 156 62.30 5.56 6.08
N VAL D 157 62.26 4.57 5.20
CA VAL D 157 61.29 3.50 5.23
C VAL D 157 62.04 2.19 5.39
N GLU D 158 61.69 1.41 6.41
CA GLU D 158 62.35 0.15 6.68
C GLU D 158 61.34 -0.98 6.70
N VAL D 159 61.63 -2.06 5.98
CA VAL D 159 60.73 -3.21 5.84
C VAL D 159 61.39 -4.41 6.49
N ARG D 160 60.67 -5.08 7.37
CA ARG D 160 61.12 -6.30 8.03
C ARG D 160 60.19 -7.44 7.67
N ILE D 161 60.76 -8.53 7.17
CA ILE D 161 60.00 -9.68 6.67
C ILE D 161 60.43 -10.91 7.46
N ASN D 162 59.46 -11.65 7.99
CA ASN D 162 59.75 -12.85 8.75
C ASN D 162 59.11 -14.05 8.10
N HIS D 163 59.78 -15.20 8.21
CA HIS D 163 59.25 -16.48 7.77
C HIS D 163 58.91 -17.31 8.98
N ILE D 164 57.76 -17.97 8.94
CA ILE D 164 57.17 -18.61 10.11
C ILE D 164 56.85 -20.06 9.78
N ARG D 165 57.40 -20.99 10.57
CA ARG D 165 57.12 -22.41 10.45
C ARG D 165 56.27 -22.96 11.58
N GLN D 166 56.43 -22.41 12.79
CA GLN D 166 55.77 -22.86 14.00
C GLN D 166 55.50 -21.60 14.80
N GLY D 167 55.33 -21.71 16.10
CA GLY D 167 55.39 -20.50 16.91
C GLY D 167 56.81 -19.98 17.11
N GLU D 168 57.50 -19.67 16.01
CA GLU D 168 58.92 -19.35 15.97
C GLU D 168 59.16 -18.41 14.79
N VAL D 169 60.42 -18.13 14.52
CA VAL D 169 60.85 -17.38 13.34
C VAL D 169 61.97 -18.16 12.68
N ALA D 170 61.78 -18.54 11.42
CA ALA D 170 62.81 -19.32 10.73
C ALA D 170 63.94 -18.42 10.25
N ARG D 171 63.63 -17.44 9.41
CA ARG D 171 64.63 -16.53 8.88
C ARG D 171 64.05 -15.14 8.74
N ALA D 172 64.79 -14.14 9.19
CA ALA D 172 64.35 -12.74 9.15
C ALA D 172 65.16 -11.95 8.14
N TRP D 173 64.47 -11.09 7.40
CA TRP D 173 65.07 -10.16 6.46
C TRP D 173 64.77 -8.73 6.90
N ARG D 174 65.76 -7.84 6.71
CA ARG D 174 65.60 -6.44 7.01
C ARG D 174 66.13 -5.63 5.84
N PHE D 175 65.25 -4.88 5.19
CA PHE D 175 65.55 -4.18 3.95
C PHE D 175 65.58 -2.68 4.18
N ASP D 176 65.78 -1.95 3.09
CA ASP D 176 65.73 -0.49 3.07
C ASP D 176 64.98 -0.10 1.81
N ALA D 177 63.78 0.45 1.98
CA ALA D 177 62.88 0.61 0.85
C ALA D 177 63.24 1.78 -0.06
N LEU D 178 63.96 2.79 0.46
CA LEU D 178 64.28 3.94 -0.38
C LEU D 178 65.50 3.68 -1.25
N ALA D 179 66.43 2.84 -0.80
CA ALA D 179 67.57 2.48 -1.63
C ALA D 179 67.14 1.57 -2.77
N ILE D 180 66.22 0.65 -2.48
CA ILE D 180 65.67 -0.20 -3.54
C ILE D 180 64.73 0.63 -4.40
N GLY D 181 64.94 0.56 -5.72
CA GLY D 181 64.23 1.45 -6.61
C GLY D 181 62.77 1.13 -6.73
N LEU D 182 62.04 2.09 -7.30
CA LEU D 182 60.62 1.94 -7.55
C LEU D 182 60.32 1.34 -8.92
N ARG D 183 61.22 1.54 -9.88
CA ARG D 183 61.00 1.12 -11.26
C ARG D 183 62.06 0.18 -11.80
N ASP D 184 63.21 0.08 -11.15
CA ASP D 184 64.34 -0.70 -11.67
C ASP D 184 64.46 -1.97 -10.84
N PHE D 185 64.21 -3.12 -11.48
CA PHE D 185 64.30 -4.42 -10.82
C PHE D 185 65.74 -4.90 -10.94
N LYS D 186 66.54 -4.58 -9.92
CA LYS D 186 67.94 -4.97 -9.86
C LYS D 186 68.11 -6.10 -8.86
N ALA D 187 69.01 -7.04 -9.19
CA ALA D 187 69.18 -8.22 -8.37
C ALA D 187 69.93 -7.91 -7.08
N ASP D 188 69.85 -8.85 -6.15
CA ASP D 188 70.51 -8.78 -4.85
C ASP D 188 70.54 -10.18 -4.26
N ALA D 189 71.45 -10.42 -3.32
CA ALA D 189 71.57 -11.74 -2.72
C ALA D 189 70.36 -12.07 -1.84
N GLU D 190 69.94 -11.10 -1.02
CA GLU D 190 68.82 -11.33 -0.12
C GLU D 190 67.50 -11.45 -0.89
N LEU D 191 67.35 -10.67 -1.95
CA LEU D 191 66.18 -10.80 -2.80
C LEU D 191 66.18 -12.10 -3.58
N ASP D 192 67.36 -12.66 -3.85
CA ASP D 192 67.39 -13.99 -4.45
C ASP D 192 67.05 -15.06 -3.43
N ALA D 193 67.39 -14.84 -2.17
CA ALA D 193 67.00 -15.80 -1.13
C ALA D 193 65.49 -15.79 -0.91
N LEU D 194 64.91 -14.61 -0.76
CA LEU D 194 63.46 -14.52 -0.55
C LEU D 194 62.70 -14.88 -1.82
N ALA D 195 63.29 -14.65 -2.99
CA ALA D 195 62.68 -15.12 -4.23
C ALA D 195 62.74 -16.64 -4.35
N GLU D 196 63.78 -17.26 -3.79
CA GLU D 196 63.77 -18.72 -3.69
C GLU D 196 62.72 -19.21 -2.70
N LEU D 197 62.42 -18.43 -1.67
CA LEU D 197 61.38 -18.84 -0.73
C LEU D 197 59.99 -18.77 -1.36
N ILE D 198 59.69 -17.65 -2.04
CA ILE D 198 58.39 -17.52 -2.69
C ILE D 198 58.25 -18.48 -3.86
N ALA D 199 59.32 -18.65 -4.64
CA ALA D 199 59.28 -19.60 -5.75
C ALA D 199 59.17 -21.04 -5.26
N SER D 200 59.74 -21.33 -4.09
CA SER D 200 59.52 -22.63 -3.48
C SER D 200 58.11 -22.76 -2.92
N GLY D 201 57.44 -21.64 -2.65
CA GLY D 201 56.07 -21.68 -2.17
C GLY D 201 55.04 -21.90 -3.25
N LEU D 202 55.20 -21.20 -4.38
CA LEU D 202 54.23 -21.29 -5.47
C LEU D 202 54.30 -22.63 -6.20
N SER D 203 55.43 -23.32 -6.13
CA SER D 203 55.55 -24.62 -6.79
C SER D 203 54.92 -25.75 -5.99
N GLY D 204 54.49 -25.49 -4.76
CA GLY D 204 53.89 -26.52 -3.96
C GLY D 204 54.85 -27.38 -3.18
N SER D 205 56.09 -26.93 -3.03
CA SER D 205 57.12 -27.70 -2.34
C SER D 205 57.17 -27.43 -0.85
N GLY D 206 56.20 -26.71 -0.30
CA GLY D 206 56.18 -26.42 1.11
C GLY D 206 55.11 -25.40 1.44
N HIS D 207 55.07 -25.05 2.72
CA HIS D 207 54.13 -24.07 3.24
C HIS D 207 54.88 -22.78 3.55
N VAL D 208 54.37 -21.66 3.04
CA VAL D 208 55.02 -20.37 3.18
C VAL D 208 54.03 -19.38 3.80
N LEU D 209 54.35 -18.93 5.02
CA LEU D 209 53.62 -17.87 5.70
C LEU D 209 54.62 -16.80 6.08
N LEU D 210 54.39 -15.58 5.62
CA LEU D 210 55.29 -14.46 5.85
C LEU D 210 54.60 -13.38 6.68
N GLU D 211 55.38 -12.74 7.54
CA GLU D 211 54.93 -11.61 8.33
C GLU D 211 55.67 -10.36 7.88
N VAL D 212 54.94 -9.37 7.38
CA VAL D 212 55.54 -8.18 6.81
C VAL D 212 55.21 -6.99 7.70
N VAL D 213 56.24 -6.27 8.12
CA VAL D 213 56.12 -5.10 8.99
C VAL D 213 56.87 -3.94 8.36
N ALA D 214 56.20 -2.80 8.19
CA ALA D 214 56.79 -1.64 7.55
C ALA D 214 56.82 -0.45 8.50
N PHE D 215 57.89 0.33 8.39
CA PHE D 215 58.21 1.45 9.27
C PHE D 215 58.45 2.69 8.42
N ALA D 216 57.84 3.80 8.79
CA ALA D 216 58.03 5.02 8.01
C ALA D 216 58.14 6.23 8.93
N ARG D 217 59.17 7.05 8.72
CA ARG D 217 59.26 8.35 9.38
C ARG D 217 58.47 9.37 8.57
N ILE D 218 57.42 9.91 9.16
CA ILE D 218 56.59 10.93 8.52
C ILE D 218 56.76 12.28 9.21
N GLY D 219 56.54 12.33 10.51
CA GLY D 219 56.64 13.57 11.26
C GLY D 219 55.74 13.52 12.47
N ASP D 220 55.98 14.48 13.37
CA ASP D 220 55.20 14.55 14.61
C ASP D 220 53.80 15.05 14.31
N GLY D 221 52.80 14.21 14.54
CA GLY D 221 51.43 14.64 14.41
C GLY D 221 50.92 14.80 13.00
N GLN D 222 51.61 14.22 12.02
CA GLN D 222 51.22 14.34 10.62
C GLN D 222 50.02 13.42 10.33
N GLU D 223 49.65 13.31 9.07
CA GLU D 223 48.44 12.60 8.67
C GLU D 223 48.78 11.30 7.97
N VAL D 224 48.15 10.22 8.42
CA VAL D 224 48.25 8.94 7.78
C VAL D 224 47.03 8.73 6.89
N PHE D 225 47.10 7.73 6.02
CA PHE D 225 46.16 7.56 4.93
C PHE D 225 45.64 6.13 4.91
N PRO D 226 44.59 5.83 5.66
CA PRO D 226 43.92 4.54 5.54
C PRO D 226 43.04 4.52 4.29
N SER D 227 42.42 3.38 4.04
CA SER D 227 41.58 3.25 2.87
C SER D 227 40.18 3.71 3.17
N GLN D 228 39.50 4.22 2.14
CA GLN D 228 38.26 4.95 2.28
C GLN D 228 37.07 4.07 1.89
N GLU D 229 36.00 4.17 2.66
CA GLU D 229 34.83 3.32 2.50
C GLU D 229 33.79 3.97 1.59
N LEU D 230 32.79 3.19 1.21
CA LEU D 230 31.72 3.62 0.33
C LEU D 230 30.54 4.16 1.12
N ILE D 231 30.05 5.34 0.75
CA ILE D 231 29.01 6.02 1.51
C ILE D 231 27.77 6.10 0.65
N LEU D 232 26.66 5.56 1.16
CA LEU D 232 25.37 5.76 0.55
C LEU D 232 24.74 7.03 1.14
N ASP D 233 23.82 7.62 0.38
CA ASP D 233 23.28 8.94 0.70
C ASP D 233 22.09 8.87 1.66
N LYS D 234 21.97 7.80 2.45
CA LYS D 234 21.00 7.74 3.53
C LYS D 234 21.49 8.46 4.79
N GLY D 235 22.72 8.95 4.79
CA GLY D 235 23.26 9.69 5.92
C GLY D 235 23.53 11.14 5.54
N ASP D 236 23.34 12.03 6.50
CA ASP D 236 23.51 13.46 6.28
C ASP D 236 24.97 13.85 6.48
N LYS D 237 25.24 15.16 6.55
CA LYS D 237 26.59 15.64 6.82
C LYS D 237 27.03 15.24 8.22
N LYS D 238 26.26 15.62 9.24
CA LYS D 238 26.43 15.05 10.57
C LYS D 238 25.87 13.63 10.54
N GLY D 239 26.73 12.66 10.20
CA GLY D 239 26.30 11.37 9.74
C GLY D 239 27.12 10.94 8.54
N GLN D 240 28.19 11.70 8.28
CA GLN D 240 29.26 11.40 7.32
C GLN D 240 28.72 11.23 5.90
N LYS D 241 28.23 12.35 5.38
CA LYS D 241 27.99 12.46 3.95
C LYS D 241 29.31 12.40 3.18
N SER D 242 30.39 12.88 3.77
CA SER D 242 31.63 13.13 3.04
C SER D 242 32.53 11.90 2.91
N LYS D 243 33.06 11.41 4.03
CA LYS D 243 34.34 10.71 3.99
C LYS D 243 34.47 9.80 5.20
N THR D 244 34.10 8.54 5.05
CA THR D 244 34.36 7.54 6.07
C THR D 244 35.68 6.84 5.78
N LEU D 245 36.25 6.25 6.81
CA LEU D 245 37.51 5.54 6.69
C LEU D 245 37.37 4.13 7.23
N TYR D 246 38.02 3.18 6.57
CA TYR D 246 37.93 1.77 6.96
C TYR D 246 38.65 1.56 8.28
N SER D 247 38.06 0.71 9.12
CA SER D 247 38.64 0.43 10.42
C SER D 247 38.33 -0.99 10.82
N VAL D 248 39.03 -1.43 11.86
CA VAL D 248 38.85 -2.69 12.56
C VAL D 248 38.52 -2.25 13.96
N ARG D 249 38.60 -3.14 14.95
CA ARG D 249 38.22 -2.78 16.30
C ARG D 249 39.16 -1.70 16.86
N ASP D 250 38.75 -0.45 16.66
CA ASP D 250 39.42 0.76 17.15
C ASP D 250 40.85 0.88 16.63
N ALA D 251 41.01 0.75 15.31
CA ALA D 251 42.30 0.95 14.65
C ALA D 251 42.04 1.22 13.18
N ALA D 252 42.77 2.16 12.60
CA ALA D 252 42.68 2.40 11.18
C ALA D 252 43.38 1.27 10.43
N ALA D 253 42.91 1.00 9.21
CA ALA D 253 43.42 -0.14 8.47
C ALA D 253 43.30 0.09 6.97
N ILE D 254 43.93 -0.78 6.21
CA ILE D 254 43.89 -0.78 4.76
C ILE D 254 43.22 -2.09 4.32
N HIS D 255 42.44 -2.04 3.25
CA HIS D 255 41.81 -3.25 2.73
C HIS D 255 42.85 -4.25 2.25
N SER D 256 42.45 -5.51 2.18
CA SER D 256 43.38 -6.55 1.78
C SER D 256 43.60 -6.55 0.27
N GLN D 257 42.58 -6.19 -0.51
CA GLN D 257 42.73 -6.22 -1.96
C GLN D 257 43.54 -5.04 -2.48
N LYS D 258 43.79 -4.04 -1.64
CA LYS D 258 44.64 -2.94 -2.08
C LYS D 258 46.11 -3.28 -1.91
N ILE D 259 46.45 -3.97 -0.83
CA ILE D 259 47.78 -4.56 -0.70
C ILE D 259 47.99 -5.61 -1.78
N GLY D 260 46.95 -6.40 -2.05
CA GLY D 260 47.03 -7.36 -3.13
C GLY D 260 47.17 -6.72 -4.49
N ASN D 261 46.64 -5.50 -4.64
CA ASN D 261 46.94 -4.73 -5.84
C ASN D 261 48.40 -4.30 -5.87
N ALA D 262 48.94 -3.94 -4.70
CA ALA D 262 50.31 -3.44 -4.69
C ALA D 262 51.33 -4.55 -4.89
N LEU D 263 50.97 -5.80 -4.62
CA LEU D 263 51.96 -6.87 -4.79
C LEU D 263 52.11 -7.31 -6.23
N ARG D 264 51.06 -7.26 -7.04
CA ARG D 264 51.09 -7.82 -8.39
C ARG D 264 51.32 -6.75 -9.45
N THR D 265 52.12 -5.73 -9.17
CA THR D 265 52.55 -4.79 -10.21
C THR D 265 53.80 -5.39 -10.84
N ILE D 266 53.58 -6.21 -11.86
CA ILE D 266 54.63 -6.89 -12.58
C ILE D 266 54.84 -6.29 -13.97
N ASP D 267 53.75 -5.94 -14.62
CA ASP D 267 53.66 -5.86 -16.08
C ASP D 267 54.47 -4.72 -16.64
N THR D 268 55.70 -5.01 -17.06
CA THR D 268 56.53 -4.06 -17.79
C THR D 268 56.50 -4.34 -19.28
N TRP D 269 55.48 -5.05 -19.76
CA TRP D 269 55.47 -5.53 -21.13
C TRP D 269 54.28 -5.00 -21.88
N TYR D 270 54.00 -3.71 -21.74
CA TYR D 270 52.92 -3.09 -22.49
C TYR D 270 53.35 -2.92 -23.95
N PRO D 271 52.42 -3.01 -24.90
CA PRO D 271 52.79 -2.65 -26.28
C PRO D 271 52.98 -1.15 -26.45
N ASP D 272 52.34 -0.33 -25.63
CA ASP D 272 52.32 1.10 -25.87
C ASP D 272 53.63 1.76 -25.44
N GLU D 273 53.94 1.69 -24.15
CA GLU D 273 55.11 2.43 -23.64
C GLU D 273 55.65 1.69 -22.43
N ASP D 274 56.93 1.34 -22.47
CA ASP D 274 57.63 0.77 -21.33
C ASP D 274 58.39 1.83 -20.54
N GLY D 275 58.08 3.11 -20.74
CA GLY D 275 58.81 4.16 -20.07
C GLY D 275 58.12 4.66 -18.82
N LEU D 276 56.82 4.42 -18.71
CA LEU D 276 56.07 4.89 -17.54
C LEU D 276 56.41 4.06 -16.31
N GLY D 277 56.15 2.75 -16.37
CA GLY D 277 56.48 1.87 -15.27
C GLY D 277 55.54 0.70 -15.17
N PRO D 278 55.84 -0.24 -14.28
CA PRO D 278 54.99 -1.42 -14.10
C PRO D 278 53.69 -1.06 -13.40
N ILE D 279 52.57 -1.32 -14.06
CA ILE D 279 51.26 -1.22 -13.43
C ILE D 279 50.65 -2.61 -13.49
N ALA D 280 49.74 -2.89 -12.55
CA ALA D 280 49.38 -4.23 -12.09
C ALA D 280 48.74 -5.07 -13.18
N VAL D 281 48.69 -6.38 -12.89
CA VAL D 281 48.34 -7.40 -13.88
C VAL D 281 46.83 -7.59 -13.90
N GLU D 282 46.21 -7.26 -15.02
CA GLU D 282 44.78 -7.45 -15.23
C GLU D 282 44.56 -7.99 -16.62
N PRO D 283 43.52 -8.79 -16.84
CA PRO D 283 43.04 -9.01 -18.20
C PRO D 283 42.46 -7.71 -18.71
N TYR D 284 42.69 -7.42 -19.99
CA TYR D 284 42.49 -6.10 -20.60
C TYR D 284 43.20 -5.05 -19.76
N GLY D 285 44.53 -5.14 -19.70
CA GLY D 285 45.32 -4.52 -18.64
C GLY D 285 45.16 -3.03 -18.49
N SER D 286 44.43 -2.64 -17.45
CA SER D 286 43.83 -1.32 -17.37
C SER D 286 44.22 -0.63 -16.08
N VAL D 287 44.15 0.70 -16.10
CA VAL D 287 44.41 1.54 -14.95
C VAL D 287 43.14 2.34 -14.70
N THR D 288 42.57 2.22 -13.51
CA THR D 288 41.33 2.91 -13.22
C THR D 288 41.55 4.40 -12.99
N SER D 289 42.68 4.78 -12.39
CA SER D 289 42.93 6.18 -12.10
C SER D 289 43.25 6.96 -13.37
N GLN D 290 44.07 6.38 -14.24
CA GLN D 290 44.41 7.05 -15.50
C GLN D 290 43.27 7.01 -16.51
N GLY D 291 42.27 6.16 -16.30
CA GLY D 291 41.17 6.06 -17.23
C GLY D 291 41.50 5.42 -18.57
N LYS D 292 42.68 4.80 -18.68
CA LYS D 292 43.14 4.19 -19.92
C LYS D 292 43.11 2.68 -19.77
N ALA D 293 42.99 1.99 -20.90
CA ALA D 293 43.07 0.54 -20.94
C ALA D 293 44.17 0.17 -21.92
N TYR D 294 45.35 -0.13 -21.38
CA TYR D 294 46.40 -0.74 -22.18
C TYR D 294 46.01 -2.16 -22.54
N ARG D 295 46.77 -2.74 -23.46
CA ARG D 295 46.66 -4.14 -23.87
C ARG D 295 45.25 -4.43 -24.41
N GLN D 296 44.93 -3.75 -25.50
CA GLN D 296 43.60 -3.81 -26.08
C GLN D 296 43.33 -5.17 -26.72
N PRO D 297 42.06 -5.59 -26.78
CA PRO D 297 41.73 -6.80 -27.53
C PRO D 297 41.80 -6.63 -29.03
N LYS D 298 41.89 -5.40 -29.54
CA LYS D 298 42.13 -5.21 -30.96
C LYS D 298 43.55 -5.56 -31.35
N GLN D 299 44.46 -5.59 -30.39
CA GLN D 299 45.78 -6.16 -30.57
C GLN D 299 45.69 -7.67 -30.32
N LYS D 300 46.84 -8.32 -30.21
CA LYS D 300 46.88 -9.75 -29.92
C LYS D 300 47.68 -10.02 -28.66
N LEU D 301 47.56 -9.14 -27.68
CA LEU D 301 48.29 -9.27 -26.43
C LEU D 301 47.39 -9.41 -25.21
N ASP D 302 46.08 -9.45 -25.40
CA ASP D 302 45.12 -9.68 -24.32
C ASP D 302 45.33 -11.05 -23.69
N PHE D 303 44.89 -11.20 -22.43
CA PHE D 303 45.02 -12.48 -21.75
C PHE D 303 44.14 -13.56 -22.37
N TYR D 304 42.93 -13.20 -22.79
CA TYR D 304 42.03 -14.19 -23.36
C TYR D 304 42.52 -14.65 -24.72
N THR D 305 43.10 -13.73 -25.50
CA THR D 305 43.61 -14.07 -26.82
C THR D 305 44.86 -14.95 -26.72
N LEU D 306 45.78 -14.62 -25.81
CA LEU D 306 46.98 -15.41 -25.65
C LEU D 306 46.67 -16.78 -25.03
N LEU D 307 45.70 -16.83 -24.13
CA LEU D 307 45.34 -18.11 -23.52
C LEU D 307 44.65 -19.02 -24.52
N ASP D 308 43.79 -18.45 -25.37
CA ASP D 308 43.14 -19.25 -26.41
C ASP D 308 44.14 -19.71 -27.46
N ASN D 309 45.07 -18.84 -27.83
CA ASN D 309 46.05 -19.21 -28.85
C ASN D 309 47.15 -20.11 -28.30
N TRP D 310 47.28 -20.25 -26.99
CA TRP D 310 48.34 -21.06 -26.43
C TRP D 310 47.86 -22.37 -25.83
N VAL D 311 46.59 -22.47 -25.47
CA VAL D 311 46.04 -23.75 -25.03
C VAL D 311 45.46 -24.55 -26.19
N LEU D 312 44.59 -23.91 -26.98
CA LEU D 312 43.84 -24.65 -27.99
C LEU D 312 44.67 -24.95 -29.24
N ARG D 313 45.56 -24.05 -29.63
CA ARG D 313 46.21 -24.13 -30.93
C ARG D 313 47.70 -24.37 -30.87
N ASP D 314 48.27 -24.50 -29.67
CA ASP D 314 49.70 -24.73 -29.41
C ASP D 314 50.61 -23.65 -30.00
N GLU D 315 50.09 -22.44 -30.18
CA GLU D 315 50.90 -21.33 -30.68
C GLU D 315 51.47 -20.62 -29.46
N ALA D 316 52.69 -21.00 -29.09
CA ALA D 316 53.30 -20.42 -27.91
C ALA D 316 53.73 -18.99 -28.17
N PRO D 317 53.35 -18.04 -27.32
CA PRO D 317 53.78 -16.65 -27.51
C PRO D 317 55.21 -16.43 -27.09
N ALA D 318 55.65 -15.17 -27.03
CA ALA D 318 56.95 -14.86 -26.48
C ALA D 318 57.01 -15.19 -24.98
N VAL D 319 58.23 -15.24 -24.46
CA VAL D 319 58.45 -15.73 -23.10
C VAL D 319 57.84 -14.79 -22.07
N GLU D 320 57.94 -13.48 -22.32
CA GLU D 320 57.47 -12.51 -21.36
C GLU D 320 55.95 -12.47 -21.31
N GLN D 321 55.31 -12.73 -22.46
CA GLN D 321 53.86 -12.87 -22.48
C GLN D 321 53.42 -14.13 -21.76
N GLN D 322 54.25 -15.18 -21.77
CA GLN D 322 53.96 -16.36 -20.97
C GLN D 322 54.05 -16.04 -19.48
N HIS D 323 55.00 -15.18 -19.10
CA HIS D 323 55.02 -14.68 -17.72
C HIS D 323 53.77 -13.89 -17.39
N TYR D 324 53.22 -13.16 -18.36
CA TYR D 324 51.97 -12.44 -18.15
C TYR D 324 50.80 -13.38 -17.93
N VAL D 325 50.70 -14.43 -18.74
CA VAL D 325 49.57 -15.36 -18.65
C VAL D 325 49.61 -16.14 -17.34
N ILE D 326 50.80 -16.62 -16.95
CA ILE D 326 50.90 -17.33 -15.67
C ILE D 326 50.71 -16.38 -14.50
N ALA D 327 51.06 -15.10 -14.67
CA ALA D 327 50.75 -14.12 -13.64
C ALA D 327 49.24 -13.93 -13.48
N ASN D 328 48.50 -13.97 -14.58
CA ASN D 328 47.04 -13.94 -14.47
C ASN D 328 46.47 -15.22 -13.86
N LEU D 329 47.15 -16.35 -14.01
CA LEU D 329 46.64 -17.54 -13.34
C LEU D 329 46.94 -17.52 -11.84
N ILE D 330 48.05 -16.88 -11.43
CA ILE D 330 48.31 -16.72 -10.00
C ILE D 330 47.37 -15.69 -9.40
N ARG D 331 46.96 -14.69 -10.20
CA ARG D 331 45.93 -13.75 -9.75
C ARG D 331 44.60 -14.44 -9.49
N GLY D 332 44.18 -15.32 -10.39
CA GLY D 332 42.89 -15.96 -10.29
C GLY D 332 41.78 -15.06 -10.79
N GLY D 333 40.61 -15.66 -10.98
CA GLY D 333 39.47 -14.89 -11.42
C GLY D 333 38.35 -15.77 -11.93
N VAL D 334 37.38 -15.12 -12.55
CA VAL D 334 36.24 -15.78 -13.17
C VAL D 334 36.41 -15.66 -14.67
N PHE D 335 36.76 -16.76 -15.31
CA PHE D 335 37.04 -16.79 -16.73
C PHE D 335 35.91 -17.54 -17.43
N GLY D 336 36.07 -17.77 -18.73
CA GLY D 336 35.03 -18.44 -19.48
C GLY D 336 33.87 -17.52 -19.79
N GLU D 337 32.88 -18.08 -20.47
CA GLU D 337 31.71 -17.33 -20.92
C GLU D 337 30.84 -16.85 -19.75
N ILE E 4 0.88 -58.83 -9.67
CA ILE E 4 1.86 -58.08 -10.43
C ILE E 4 2.41 -56.96 -9.54
N LEU E 5 3.75 -56.89 -9.49
CA LEU E 5 4.47 -56.03 -8.55
C LEU E 5 5.00 -54.79 -9.24
N SER E 6 4.14 -53.78 -9.39
CA SER E 6 4.62 -52.49 -9.83
C SER E 6 5.30 -51.74 -8.69
N THR E 7 6.01 -50.67 -9.03
CA THR E 7 6.63 -49.84 -8.02
C THR E 7 5.58 -49.06 -7.24
N ALA E 8 5.94 -48.69 -6.01
CA ALA E 8 5.07 -47.83 -5.23
C ALA E 8 5.10 -46.41 -5.80
N SER E 9 3.93 -45.81 -5.90
CA SER E 9 3.84 -44.46 -6.46
C SER E 9 4.31 -43.39 -5.49
N VAL E 10 4.38 -43.70 -4.20
CA VAL E 10 4.88 -42.78 -3.18
C VAL E 10 5.95 -43.51 -2.38
N LEU E 11 7.17 -42.99 -2.39
CA LEU E 11 8.23 -43.48 -1.53
C LEU E 11 8.96 -42.30 -0.92
N ALA E 12 9.33 -42.43 0.34
CA ALA E 12 10.04 -41.36 1.03
C ALA E 12 10.86 -41.98 2.16
N PHE E 13 12.16 -41.71 2.15
CA PHE E 13 13.06 -42.22 3.17
C PHE E 13 13.62 -41.05 3.97
N GLU E 14 13.39 -41.07 5.28
CA GLU E 14 13.98 -40.09 6.16
C GLU E 14 15.48 -40.30 6.25
N ARG E 15 16.22 -39.22 6.44
CA ARG E 15 17.66 -39.33 6.42
C ARG E 15 18.18 -39.87 7.74
N LYS E 16 19.32 -40.54 7.65
CA LYS E 16 20.14 -40.88 8.81
C LYS E 16 21.43 -40.09 8.65
N LEU E 17 22.28 -40.17 9.68
CA LEU E 17 23.49 -39.35 9.82
C LEU E 17 23.13 -37.86 9.75
N ASP E 18 22.42 -37.40 10.77
CA ASP E 18 21.88 -36.05 10.79
C ASP E 18 22.90 -35.13 11.48
N PRO E 19 23.54 -34.20 10.75
CA PRO E 19 24.49 -33.30 11.41
C PRO E 19 23.81 -32.05 11.93
N SER E 20 24.58 -31.12 12.47
CA SER E 20 24.06 -29.83 12.90
C SER E 20 24.89 -28.74 12.24
N ASP E 21 24.57 -27.48 12.55
CA ASP E 21 25.33 -26.37 12.01
C ASP E 21 26.64 -26.23 12.76
N ALA E 22 27.73 -26.13 12.01
CA ALA E 22 29.05 -26.03 12.62
C ALA E 22 29.34 -24.60 13.00
N LEU E 23 29.89 -24.40 14.19
CA LEU E 23 30.24 -23.06 14.63
C LEU E 23 31.74 -22.88 14.55
N MET E 24 32.16 -21.65 14.24
CA MET E 24 33.57 -21.32 14.10
C MET E 24 33.97 -20.32 15.18
N SER E 25 35.05 -20.64 15.88
CA SER E 25 35.62 -19.75 16.87
C SER E 25 37.13 -19.83 16.78
N ALA E 26 37.79 -18.68 16.90
CA ALA E 26 39.21 -18.58 16.62
C ALA E 26 40.01 -18.47 17.91
N GLY E 27 41.23 -18.95 17.87
CA GLY E 27 42.10 -18.84 19.01
C GLY E 27 43.54 -19.13 18.64
N ALA E 28 44.33 -19.42 19.66
CA ALA E 28 45.76 -19.67 19.50
C ALA E 28 46.07 -21.15 19.64
N TRP E 29 46.93 -21.64 18.76
CA TRP E 29 47.46 -22.99 18.86
C TRP E 29 48.33 -23.11 20.11
N ALA E 30 48.38 -24.32 20.66
CA ALA E 30 49.00 -24.73 21.93
C ALA E 30 48.30 -24.16 23.17
N GLN E 31 47.29 -23.32 22.96
CA GLN E 31 46.20 -23.12 23.90
C GLN E 31 44.99 -23.96 23.49
N ARG E 32 45.28 -25.13 22.93
CA ARG E 32 44.35 -25.90 22.13
C ARG E 32 43.48 -26.81 22.98
N ASP E 33 44.02 -27.30 24.09
CA ASP E 33 43.27 -28.18 24.98
C ASP E 33 42.24 -27.44 25.82
N ALA E 34 42.42 -26.13 26.00
CA ALA E 34 41.46 -25.30 26.72
C ALA E 34 40.53 -24.56 25.78
N SER E 35 40.25 -25.13 24.61
CA SER E 35 39.41 -24.47 23.60
C SER E 35 37.96 -24.60 24.01
N GLN E 36 37.57 -23.81 25.00
CA GLN E 36 36.20 -23.79 25.49
C GLN E 36 35.67 -22.37 25.69
N GLU E 37 36.54 -21.39 25.90
CA GLU E 37 36.15 -20.00 26.09
C GLU E 37 36.61 -19.14 24.92
N TRP E 38 36.87 -19.75 23.77
CA TRP E 38 37.36 -18.98 22.63
C TRP E 38 36.24 -18.12 22.06
N PRO E 39 36.54 -16.87 21.68
CA PRO E 39 35.50 -16.01 21.11
C PRO E 39 35.18 -16.41 19.68
N ALA E 40 33.97 -16.07 19.27
CA ALA E 40 33.48 -16.48 17.97
C ALA E 40 34.04 -15.59 16.86
N VAL E 41 34.02 -16.11 15.65
CA VAL E 41 34.41 -15.36 14.47
C VAL E 41 33.18 -14.63 13.96
N THR E 42 33.24 -13.30 13.92
CA THR E 42 32.10 -12.50 13.52
C THR E 42 32.19 -12.14 12.04
N VAL E 43 31.03 -11.91 11.45
CA VAL E 43 30.90 -11.53 10.05
C VAL E 43 30.72 -10.02 9.99
N ARG E 44 31.57 -9.35 9.22
CA ARG E 44 31.52 -7.89 9.15
C ARG E 44 31.44 -7.47 7.69
N GLU E 45 31.28 -6.17 7.47
CA GLU E 45 31.16 -5.60 6.15
C GLU E 45 32.44 -4.87 5.77
N LYS E 46 32.72 -4.83 4.48
CA LYS E 46 33.72 -3.90 3.97
C LYS E 46 33.35 -3.56 2.53
N SER E 47 33.86 -2.43 2.07
CA SER E 47 33.56 -1.94 0.74
C SER E 47 34.65 -2.34 -0.23
N VAL E 48 34.28 -2.47 -1.50
CA VAL E 48 35.21 -2.89 -2.54
C VAL E 48 34.86 -2.14 -3.82
N ARG E 49 35.90 -1.73 -4.55
CA ARG E 49 35.77 -1.09 -5.86
C ARG E 49 36.37 -2.01 -6.89
N GLY E 50 35.52 -2.63 -7.70
CA GLY E 50 35.97 -3.54 -8.72
C GLY E 50 36.46 -2.82 -9.96
N THR E 51 36.48 -3.56 -11.05
CA THR E 51 36.89 -3.07 -12.36
C THR E 51 36.24 -3.96 -13.40
N ILE E 52 36.68 -3.82 -14.65
CA ILE E 52 36.16 -4.65 -15.73
C ILE E 52 37.18 -5.74 -16.04
N SER E 53 36.80 -6.97 -15.80
CA SER E 53 37.65 -8.11 -16.10
C SER E 53 36.90 -9.25 -16.77
N ASN E 54 35.60 -9.12 -16.94
CA ASN E 54 34.80 -10.19 -17.53
C ASN E 54 35.04 -10.25 -19.03
N ARG E 55 34.72 -11.41 -19.59
CA ARG E 55 34.92 -11.64 -21.02
C ARG E 55 33.95 -10.79 -21.82
N LEU E 56 34.45 -10.18 -22.89
CA LEU E 56 33.63 -9.31 -23.72
C LEU E 56 32.84 -10.13 -24.74
N LYS E 57 32.23 -9.45 -25.70
CA LYS E 57 31.55 -10.06 -26.82
C LYS E 57 32.10 -9.46 -28.10
N THR E 58 32.25 -10.31 -29.12
CA THR E 58 32.74 -9.83 -30.42
C THR E 58 31.60 -9.30 -31.29
N LYS E 59 30.79 -8.42 -30.73
CA LYS E 59 29.77 -7.67 -31.45
C LYS E 59 29.90 -6.18 -31.25
N ASP E 60 30.22 -5.74 -30.03
CA ASP E 60 30.49 -4.33 -29.76
C ASP E 60 31.53 -4.28 -28.63
N ARG E 61 32.80 -4.22 -29.03
CA ARG E 61 33.92 -4.05 -28.10
C ARG E 61 34.86 -3.01 -28.70
N ASP E 62 34.57 -1.74 -28.46
CA ASP E 62 35.37 -0.63 -28.94
C ASP E 62 36.32 -0.15 -27.84
N PRO E 63 37.47 0.40 -28.21
CA PRO E 63 38.41 0.88 -27.17
C PRO E 63 37.89 2.08 -26.40
N ALA E 64 37.15 2.97 -27.07
CA ALA E 64 36.52 4.09 -26.38
C ALA E 64 35.40 3.62 -25.46
N LYS E 65 34.76 2.51 -25.81
CA LYS E 65 33.75 1.94 -24.92
C LYS E 65 34.39 1.20 -23.74
N LEU E 66 35.59 0.66 -23.92
CA LEU E 66 36.30 0.08 -22.79
C LEU E 66 36.75 1.16 -21.82
N ASP E 67 37.35 2.23 -22.34
CA ASP E 67 37.76 3.34 -21.48
C ASP E 67 36.55 4.01 -20.83
N ALA E 68 35.45 4.11 -21.57
CA ALA E 68 34.21 4.63 -20.99
C ALA E 68 33.64 3.69 -19.94
N SER E 69 33.89 2.38 -20.07
CA SER E 69 33.49 1.46 -19.01
C SER E 69 34.34 1.67 -17.76
N ILE E 70 35.63 1.97 -17.94
CA ILE E 70 36.51 2.25 -16.81
C ILE E 70 36.18 3.60 -16.18
N GLN E 71 35.52 4.50 -16.92
CA GLN E 71 35.06 5.75 -16.33
C GLN E 71 34.00 5.52 -15.26
N SER E 72 33.20 4.47 -15.39
CA SER E 72 32.12 4.15 -14.46
C SER E 72 32.33 2.75 -13.90
N PRO E 73 33.16 2.60 -12.85
CA PRO E 73 33.42 1.26 -12.30
C PRO E 73 32.33 0.80 -11.35
N ASN E 74 32.53 -0.35 -10.71
CA ASN E 74 31.54 -0.98 -9.86
C ASN E 74 31.89 -0.76 -8.40
N LEU E 75 31.09 0.04 -7.70
CA LEU E 75 31.21 0.21 -6.27
C LEU E 75 30.29 -0.79 -5.58
N GLN E 76 30.80 -1.40 -4.51
CA GLN E 76 30.19 -2.64 -4.06
C GLN E 76 30.49 -2.82 -2.58
N THR E 77 29.64 -3.57 -1.88
CA THR E 77 29.78 -3.79 -0.45
C THR E 77 29.65 -5.28 -0.17
N VAL E 78 30.66 -5.87 0.43
CA VAL E 78 30.67 -7.31 0.68
C VAL E 78 30.79 -7.61 2.17
N ASP E 79 30.65 -8.88 2.53
CA ASP E 79 30.86 -9.36 3.89
C ASP E 79 32.12 -10.22 3.91
N VAL E 80 32.95 -10.01 4.92
CA VAL E 80 34.11 -10.86 5.14
C VAL E 80 34.09 -11.35 6.58
N ALA E 81 34.84 -12.44 6.80
CA ALA E 81 35.07 -12.99 8.12
C ALA E 81 36.55 -13.31 8.23
N ASN E 82 37.22 -12.68 9.20
CA ASN E 82 38.64 -12.88 9.39
C ASN E 82 38.89 -13.30 10.83
N LEU E 83 40.03 -13.95 11.05
CA LEU E 83 40.47 -14.23 12.40
C LEU E 83 40.90 -12.93 13.07
N PRO E 84 40.92 -12.88 14.40
CA PRO E 84 41.60 -11.77 15.08
C PRO E 84 43.09 -11.80 14.79
N SER E 85 43.71 -10.63 14.91
CA SER E 85 45.10 -10.46 14.49
C SER E 85 46.10 -11.16 15.41
N ASP E 86 45.68 -11.62 16.58
CA ASP E 86 46.54 -12.34 17.50
C ASP E 86 46.03 -13.76 17.72
N ALA E 87 45.57 -14.40 16.64
CA ALA E 87 45.08 -15.77 16.69
C ALA E 87 45.31 -16.41 15.35
N ASP E 88 45.74 -17.68 15.35
CA ASP E 88 46.08 -18.37 14.12
C ASP E 88 45.48 -19.77 14.06
N THR E 89 44.35 -20.00 14.72
CA THR E 89 43.75 -21.32 14.74
C THR E 89 42.25 -21.22 14.62
N LEU E 90 41.68 -21.92 13.65
CA LEU E 90 40.25 -22.01 13.46
C LEU E 90 39.72 -23.25 14.15
N LYS E 91 38.64 -23.07 14.92
CA LYS E 91 37.95 -24.15 15.60
C LYS E 91 36.55 -24.28 15.01
N VAL E 92 36.20 -25.49 14.58
CA VAL E 92 34.91 -25.77 13.96
C VAL E 92 34.26 -26.92 14.71
N ARG E 93 33.11 -26.66 15.33
CA ARG E 93 32.48 -27.65 16.18
C ARG E 93 31.08 -27.98 15.66
N PHE E 94 30.76 -29.27 15.59
CA PHE E 94 29.39 -29.69 15.31
C PHE E 94 29.15 -31.04 15.95
N THR E 95 27.89 -31.49 15.93
CA THR E 95 27.49 -32.77 16.48
C THR E 95 26.89 -33.63 15.39
N LEU E 96 26.65 -34.91 15.71
CA LEU E 96 26.19 -35.85 14.68
C LEU E 96 25.45 -36.99 15.36
N ARG E 97 24.19 -37.21 14.98
CA ARG E 97 23.44 -38.37 15.42
C ARG E 97 23.49 -39.45 14.36
N VAL E 98 23.55 -40.70 14.80
CA VAL E 98 23.45 -41.84 13.89
C VAL E 98 22.19 -42.61 14.29
N LEU E 99 21.17 -42.55 13.45
CA LEU E 99 19.85 -43.02 13.86
C LEU E 99 19.71 -44.53 13.73
N GLY E 100 19.82 -45.04 12.51
CA GLY E 100 19.69 -46.48 12.31
C GLY E 100 18.27 -46.89 11.95
N GLY E 101 18.17 -48.08 11.38
CA GLY E 101 16.91 -48.55 10.83
C GLY E 101 16.74 -48.03 9.41
N ALA E 102 17.72 -48.32 8.55
CA ALA E 102 17.85 -47.68 7.26
C ALA E 102 17.16 -48.42 6.13
N GLY E 103 16.10 -49.15 6.41
CA GLY E 103 15.39 -49.84 5.35
C GLY E 103 13.92 -49.48 5.31
N THR E 104 13.39 -49.03 6.43
CA THR E 104 11.96 -48.78 6.55
C THR E 104 11.63 -47.40 5.99
N PRO E 105 10.78 -47.31 4.97
CA PRO E 105 10.36 -46.00 4.48
C PRO E 105 9.37 -45.34 5.42
N SER E 106 9.14 -44.05 5.20
CA SER E 106 8.16 -43.32 5.99
C SER E 106 6.81 -43.20 5.30
N ALA E 107 6.74 -43.50 4.00
CA ALA E 107 5.49 -43.41 3.26
C ALA E 107 5.56 -44.35 2.07
N CYS E 108 4.56 -45.21 1.94
CA CYS E 108 4.55 -46.19 0.87
C CYS E 108 3.12 -46.61 0.59
N ASN E 109 2.75 -46.66 -0.69
CA ASN E 109 1.40 -47.09 -1.06
C ASN E 109 1.22 -48.59 -0.87
N ASP E 110 2.02 -49.37 -1.60
CA ASP E 110 1.85 -50.82 -1.61
C ASP E 110 2.34 -51.43 -0.31
N ALA E 111 1.73 -52.55 0.06
CA ALA E 111 2.18 -53.34 1.19
C ALA E 111 3.06 -54.51 0.78
N ALA E 112 2.88 -55.02 -0.44
CA ALA E 112 3.73 -56.11 -0.92
C ALA E 112 5.10 -55.59 -1.33
N TYR E 113 5.14 -54.41 -1.97
CA TYR E 113 6.40 -53.80 -2.37
C TYR E 113 7.24 -53.41 -1.17
N ARG E 114 6.59 -52.98 -0.09
CA ARG E 114 7.32 -52.60 1.12
C ARG E 114 7.89 -53.82 1.83
N ASP E 115 7.14 -54.93 1.83
CA ASP E 115 7.65 -56.16 2.45
C ASP E 115 8.77 -56.77 1.63
N LYS E 116 8.67 -56.70 0.29
CA LYS E 116 9.75 -57.15 -0.57
C LYS E 116 10.99 -56.29 -0.39
N LEU E 117 10.80 -54.99 -0.19
CA LEU E 117 11.93 -54.10 0.06
C LEU E 117 12.61 -54.42 1.39
N LEU E 118 11.82 -54.70 2.44
CA LEU E 118 12.41 -55.03 3.72
C LEU E 118 13.11 -56.39 3.69
N GLN E 119 12.60 -57.35 2.90
CA GLN E 119 13.31 -58.61 2.74
C GLN E 119 14.61 -58.42 1.96
N THR E 120 14.63 -57.48 1.01
CA THR E 120 15.85 -57.24 0.26
C THR E 120 16.92 -56.58 1.13
N VAL E 121 16.54 -55.55 1.88
CA VAL E 121 17.50 -54.85 2.73
C VAL E 121 17.97 -55.75 3.87
N ALA E 122 17.05 -56.52 4.46
CA ALA E 122 17.44 -57.46 5.52
C ALA E 122 18.31 -58.58 4.97
N THR E 123 18.10 -58.96 3.71
CA THR E 123 19.00 -59.92 3.06
C THR E 123 20.39 -59.32 2.89
N TYR E 124 20.46 -58.03 2.54
CA TYR E 124 21.76 -57.36 2.39
C TYR E 124 22.50 -57.29 3.72
N VAL E 125 21.81 -56.92 4.79
CA VAL E 125 22.45 -56.78 6.09
C VAL E 125 22.87 -58.14 6.63
N ASN E 126 22.05 -59.17 6.39
CA ASN E 126 22.41 -60.51 6.86
C ASN E 126 23.54 -61.11 6.06
N ASP E 127 23.67 -60.76 4.78
CA ASP E 127 24.80 -61.26 3.99
C ASP E 127 26.10 -60.58 4.39
N GLN E 128 26.07 -59.25 4.57
CA GLN E 128 27.25 -58.52 4.97
C GLN E 128 26.82 -57.28 5.75
N GLY E 129 27.64 -56.89 6.71
CA GLY E 129 27.28 -55.82 7.62
C GLY E 129 27.40 -54.45 7.00
N PHE E 130 27.33 -53.45 7.87
CA PHE E 130 27.55 -52.06 7.49
C PHE E 130 29.01 -51.64 7.64
N ALA E 131 29.95 -52.59 7.51
CA ALA E 131 31.34 -52.29 7.82
C ALA E 131 32.00 -51.43 6.74
N GLU E 132 31.61 -51.64 5.48
CA GLU E 132 32.19 -50.87 4.38
C GLU E 132 31.77 -49.40 4.43
N LEU E 133 30.46 -49.17 4.55
CA LEU E 133 29.94 -47.80 4.57
C LEU E 133 30.41 -47.06 5.81
N ALA E 134 30.44 -47.73 6.96
CA ALA E 134 30.94 -47.08 8.15
C ALA E 134 32.45 -46.89 8.13
N ARG E 135 33.16 -47.69 7.34
CA ARG E 135 34.58 -47.46 7.15
C ARG E 135 34.83 -46.21 6.32
N ARG E 136 34.03 -45.99 5.28
CA ARG E 136 34.22 -44.80 4.45
C ARG E 136 33.70 -43.54 5.15
N TYR E 137 32.62 -43.67 5.91
CA TYR E 137 32.16 -42.58 6.77
C TYR E 137 33.18 -42.24 7.83
N ALA E 138 33.85 -43.26 8.38
CA ALA E 138 34.91 -43.02 9.35
C ALA E 138 36.10 -42.34 8.71
N HIS E 139 36.39 -42.62 7.43
CA HIS E 139 37.46 -41.90 6.77
C HIS E 139 37.08 -40.46 6.45
N ASN E 140 35.80 -40.19 6.20
CA ASN E 140 35.41 -38.80 5.98
C ASN E 140 35.31 -38.00 7.27
N LEU E 141 35.07 -38.65 8.41
CA LEU E 141 35.24 -37.94 9.67
C LEU E 141 36.69 -37.88 10.11
N ALA E 142 37.54 -38.75 9.58
CA ALA E 142 38.94 -38.80 10.00
C ALA E 142 39.71 -37.59 9.51
N ASN E 143 39.67 -37.34 8.21
CA ASN E 143 40.25 -36.12 7.64
C ASN E 143 39.23 -34.99 7.77
N ALA E 144 39.42 -33.93 7.00
CA ALA E 144 38.63 -32.73 7.22
C ALA E 144 37.91 -32.30 5.95
N ARG E 145 37.16 -33.23 5.34
CA ARG E 145 36.30 -32.88 4.21
C ARG E 145 35.34 -31.76 4.54
N PHE E 146 34.80 -31.74 5.76
CA PHE E 146 33.85 -30.71 6.17
C PHE E 146 34.51 -29.35 6.37
N LEU E 147 35.83 -29.26 6.35
CA LEU E 147 36.53 -27.99 6.17
C LEU E 147 36.77 -27.89 4.66
N TRP E 148 35.86 -27.21 3.97
CA TRP E 148 35.87 -27.22 2.51
C TRP E 148 37.04 -26.46 1.90
N ARG E 149 37.09 -25.14 2.11
CA ARG E 149 38.19 -24.34 1.60
C ARG E 149 39.13 -23.94 2.72
N ASN E 150 38.69 -24.05 3.97
CA ASN E 150 39.52 -23.76 5.12
C ASN E 150 40.66 -24.76 5.28
N ARG E 151 40.50 -25.97 4.76
CA ARG E 151 41.57 -26.96 4.82
C ARG E 151 42.71 -26.61 3.87
N VAL E 152 42.40 -25.98 2.74
CA VAL E 152 43.36 -25.75 1.66
C VAL E 152 44.43 -24.77 2.13
N GLY E 153 45.67 -25.23 2.17
CA GLY E 153 46.76 -24.39 2.62
C GLY E 153 46.77 -24.18 4.12
N ALA E 154 47.00 -25.26 4.88
CA ALA E 154 47.07 -25.19 6.33
C ALA E 154 48.30 -25.96 6.81
N GLU E 155 48.84 -25.54 7.94
CA GLU E 155 50.04 -26.17 8.47
C GLU E 155 49.72 -27.51 9.12
N ALA E 156 48.71 -27.54 9.98
CA ALA E 156 48.35 -28.76 10.69
C ALA E 156 46.87 -28.72 11.01
N VAL E 157 46.18 -29.82 10.73
CA VAL E 157 44.75 -29.95 11.00
C VAL E 157 44.57 -31.12 11.94
N GLU E 158 43.90 -30.88 13.07
CA GLU E 158 43.69 -31.91 14.08
C GLU E 158 42.21 -32.07 14.35
N VAL E 159 41.73 -33.32 14.34
CA VAL E 159 40.31 -33.64 14.50
C VAL E 159 40.15 -34.42 15.80
N ARG E 160 39.25 -33.97 16.66
CA ARG E 160 38.93 -34.66 17.91
C ARG E 160 37.47 -35.08 17.89
N ILE E 161 37.22 -36.36 18.13
CA ILE E 161 35.88 -36.95 18.05
C ILE E 161 35.54 -37.54 19.41
N ASN E 162 34.38 -37.22 19.94
CA ASN E 162 33.95 -37.74 21.22
C ASN E 162 32.65 -38.51 21.07
N HIS E 163 32.50 -39.55 21.88
CA HIS E 163 31.27 -40.32 21.96
C HIS E 163 30.59 -40.03 23.29
N ILE E 164 29.28 -39.84 23.24
CA ILE E 164 28.53 -39.29 24.37
C ILE E 164 27.37 -40.24 24.69
N ARG E 165 27.31 -40.71 25.94
CA ARG E 165 26.22 -41.54 26.44
C ARG E 165 25.31 -40.81 27.42
N GLN E 166 25.87 -39.91 28.20
CA GLN E 166 25.17 -39.18 29.26
C GLN E 166 25.79 -37.81 29.26
N GLY E 167 25.69 -37.08 30.37
CA GLY E 167 26.54 -35.90 30.51
C GLY E 167 28.00 -36.24 30.80
N GLU E 168 28.64 -37.01 29.91
CA GLU E 168 29.95 -37.60 30.12
C GLU E 168 30.61 -37.75 28.75
N VAL E 169 31.77 -38.41 28.73
CA VAL E 169 32.46 -38.79 27.50
C VAL E 169 32.82 -40.26 27.62
N ALA E 170 32.33 -41.08 26.69
CA ALA E 170 32.61 -42.51 26.75
C ALA E 170 34.02 -42.82 26.23
N ARG E 171 34.30 -42.46 24.98
CA ARG E 171 35.60 -42.71 24.38
C ARG E 171 35.96 -41.56 23.45
N ALA E 172 37.20 -41.08 23.56
CA ALA E 172 37.69 -39.97 22.76
C ALA E 172 38.71 -40.45 21.74
N TRP E 173 38.63 -39.91 20.53
CA TRP E 173 39.60 -40.14 19.47
C TRP E 173 40.26 -38.84 19.08
N ARG E 174 41.55 -38.90 18.78
CA ARG E 174 42.32 -37.74 18.33
C ARG E 174 43.11 -38.15 17.11
N PHE E 175 42.82 -37.53 15.97
CA PHE E 175 43.38 -37.91 14.68
C PHE E 175 44.33 -36.83 14.18
N ASP E 176 44.84 -37.06 12.97
CA ASP E 176 45.68 -36.10 12.26
C ASP E 176 45.21 -36.11 10.81
N ALA E 177 44.60 -35.02 10.37
CA ALA E 177 43.91 -35.02 9.10
C ALA E 177 44.83 -34.95 7.89
N LEU E 178 46.04 -34.43 8.05
CA LEU E 178 46.92 -34.31 6.89
C LEU E 178 47.67 -35.61 6.61
N ALA E 179 47.93 -36.41 7.63
CA ALA E 179 48.54 -37.71 7.41
C ALA E 179 47.55 -38.67 6.77
N ILE E 180 46.29 -38.63 7.19
CA ILE E 180 45.25 -39.42 6.56
C ILE E 180 44.95 -38.84 5.19
N GLY E 181 44.96 -39.69 4.17
CA GLY E 181 44.86 -39.22 2.81
C GLY E 181 43.49 -38.68 2.46
N LEU E 182 43.45 -37.98 1.33
CA LEU E 182 42.21 -37.42 0.81
C LEU E 182 41.50 -38.38 -0.14
N ARG E 183 42.26 -39.27 -0.80
CA ARG E 183 41.71 -40.15 -1.82
C ARG E 183 41.94 -41.62 -1.54
N ASP E 184 42.84 -41.98 -0.64
CA ASP E 184 43.22 -43.36 -0.41
C ASP E 184 42.62 -43.82 0.92
N PHE E 185 41.67 -44.75 0.85
CA PHE E 185 41.01 -45.29 2.04
C PHE E 185 41.85 -46.45 2.56
N LYS E 186 42.77 -46.14 3.48
CA LYS E 186 43.64 -47.12 4.09
C LYS E 186 43.18 -47.41 5.51
N ALA E 187 43.30 -48.66 5.92
CA ALA E 187 42.78 -49.09 7.20
C ALA E 187 43.67 -48.61 8.35
N ASP E 188 43.12 -48.68 9.56
CA ASP E 188 43.80 -48.29 10.79
C ASP E 188 43.01 -48.90 11.95
N ALA E 189 43.68 -49.03 13.09
CA ALA E 189 43.03 -49.64 14.25
C ALA E 189 41.94 -48.72 14.82
N GLU E 190 42.26 -47.42 14.94
CA GLU E 190 41.30 -46.47 15.51
C GLU E 190 40.13 -46.24 14.56
N LEU E 191 40.40 -46.23 13.26
CA LEU E 191 39.31 -46.12 12.29
C LEU E 191 38.46 -47.37 12.24
N ASP E 192 39.04 -48.52 12.59
CA ASP E 192 38.21 -49.72 12.72
C ASP E 192 37.37 -49.68 13.99
N ALA E 193 37.88 -49.04 15.05
CA ALA E 193 37.08 -48.89 16.26
C ALA E 193 35.90 -47.95 16.04
N LEU E 194 36.17 -46.78 15.45
CA LEU E 194 35.10 -45.82 15.19
C LEU E 194 34.17 -46.31 14.08
N ALA E 195 34.68 -47.12 13.16
CA ALA E 195 33.80 -47.75 12.17
C ALA E 195 32.93 -48.82 12.80
N GLU E 196 33.41 -49.50 13.84
CA GLU E 196 32.53 -50.38 14.61
C GLU E 196 31.49 -49.59 15.38
N LEU E 197 31.81 -48.37 15.80
CA LEU E 197 30.82 -47.56 16.51
C LEU E 197 29.71 -47.09 15.57
N ILE E 198 30.09 -46.57 14.39
CA ILE E 198 29.09 -46.12 13.43
C ILE E 198 28.30 -47.28 12.86
N ALA E 199 28.98 -48.40 12.57
CA ALA E 199 28.29 -49.59 12.08
C ALA E 199 27.37 -50.19 13.14
N SER E 200 27.73 -50.06 14.41
CA SER E 200 26.82 -50.45 15.48
C SER E 200 25.68 -49.46 15.63
N GLY E 201 25.85 -48.23 15.14
CA GLY E 201 24.78 -47.25 15.20
C GLY E 201 23.74 -47.40 14.11
N LEU E 202 24.19 -47.64 12.87
CA LEU E 202 23.28 -47.76 11.75
C LEU E 202 22.47 -49.05 11.77
N SER E 203 22.94 -50.07 12.47
CA SER E 203 22.20 -51.32 12.55
C SER E 203 21.09 -51.29 13.59
N GLY E 204 21.01 -50.23 14.37
CA GLY E 204 19.97 -50.13 15.38
C GLY E 204 20.29 -50.80 16.70
N SER E 205 21.55 -51.10 16.95
CA SER E 205 21.95 -51.78 18.16
C SER E 205 22.28 -50.84 19.31
N GLY E 206 21.99 -49.56 19.15
CA GLY E 206 22.27 -48.60 20.21
C GLY E 206 22.07 -47.19 19.73
N HIS E 207 22.36 -46.25 20.62
CA HIS E 207 22.24 -44.83 20.34
C HIS E 207 23.65 -44.24 20.20
N VAL E 208 23.87 -43.52 19.11
CA VAL E 208 25.19 -42.96 18.79
C VAL E 208 25.06 -41.46 18.59
N LEU E 209 25.67 -40.69 19.48
CA LEU E 209 25.80 -39.25 19.37
C LEU E 209 27.27 -38.89 19.44
N LEU E 210 27.79 -38.23 18.42
CA LEU E 210 29.19 -37.88 18.33
C LEU E 210 29.37 -36.37 18.35
N GLU E 211 30.45 -35.92 18.97
CA GLU E 211 30.83 -34.51 18.98
C GLU E 211 32.15 -34.38 18.22
N VAL E 212 32.12 -33.61 17.14
CA VAL E 212 33.28 -33.46 16.25
C VAL E 212 33.80 -32.04 16.36
N VAL E 213 35.10 -31.92 16.65
CA VAL E 213 35.77 -30.63 16.80
C VAL E 213 37.01 -30.64 15.92
N ALA E 214 37.16 -29.63 15.07
CA ALA E 214 38.27 -29.55 14.15
C ALA E 214 39.10 -28.29 14.39
N PHE E 215 40.41 -28.43 14.23
CA PHE E 215 41.40 -27.41 14.52
C PHE E 215 42.29 -27.22 13.29
N ALA E 216 42.51 -25.97 12.91
CA ALA E 216 43.33 -25.70 11.73
C ALA E 216 44.23 -24.50 11.98
N ARG E 217 45.52 -24.64 11.70
CA ARG E 217 46.42 -23.49 11.65
C ARG E 217 46.35 -22.84 10.29
N ILE E 218 45.89 -21.60 10.25
CA ILE E 218 45.81 -20.84 9.01
C ILE E 218 46.81 -19.69 8.99
N GLY E 219 46.78 -18.84 10.01
CA GLY E 219 47.65 -17.70 10.08
C GLY E 219 47.03 -16.59 10.88
N ASP E 220 47.87 -15.62 11.25
CA ASP E 220 47.40 -14.48 12.03
C ASP E 220 46.56 -13.55 11.17
N GLY E 221 45.28 -13.43 11.50
CA GLY E 221 44.44 -12.47 10.82
C GLY E 221 44.03 -12.85 9.42
N GLN E 222 44.14 -14.12 9.05
CA GLN E 222 43.77 -14.58 7.72
C GLN E 222 42.26 -14.67 7.57
N GLU E 223 41.79 -15.21 6.46
CA GLU E 223 40.37 -15.22 6.13
C GLU E 223 39.79 -16.62 6.27
N VAL E 224 38.68 -16.72 6.97
CA VAL E 224 37.93 -17.95 7.06
C VAL E 224 36.76 -17.89 6.08
N PHE E 225 36.14 -19.04 5.85
CA PHE E 225 35.19 -19.22 4.75
C PHE E 225 33.92 -19.86 5.26
N PRO E 226 32.97 -19.08 5.75
CA PRO E 226 31.65 -19.60 6.08
C PRO E 226 30.84 -19.81 4.79
N SER E 227 29.64 -20.33 4.96
CA SER E 227 28.81 -20.59 3.80
C SER E 227 27.99 -19.36 3.46
N GLN E 228 27.68 -19.22 2.18
CA GLN E 228 27.14 -17.99 1.61
C GLN E 228 25.64 -18.12 1.38
N GLU E 229 24.91 -17.06 1.69
CA GLU E 229 23.46 -17.04 1.63
C GLU E 229 22.96 -16.54 0.28
N LEU E 230 21.66 -16.70 0.06
CA LEU E 230 21.01 -16.31 -1.18
C LEU E 230 20.46 -14.89 -1.08
N ILE E 231 20.85 -14.07 -2.03
CA ILE E 231 20.22 -12.79 -2.32
C ILE E 231 19.76 -12.86 -3.76
N LEU E 232 18.92 -11.91 -4.16
CA LEU E 232 18.64 -11.74 -5.57
C LEU E 232 18.32 -10.27 -5.83
N ASP E 233 19.23 -9.61 -6.52
CA ASP E 233 19.07 -8.23 -6.95
C ASP E 233 18.01 -8.18 -8.05
N LYS E 234 16.85 -7.62 -7.73
CA LYS E 234 15.79 -7.43 -8.71
C LYS E 234 15.81 -6.02 -9.30
N GLY E 235 16.96 -5.35 -9.27
CA GLY E 235 17.06 -4.01 -9.78
C GLY E 235 16.44 -2.96 -8.90
N ASP E 236 16.23 -3.28 -7.62
CA ASP E 236 15.51 -2.42 -6.69
C ASP E 236 16.47 -1.46 -6.00
N LYS E 237 16.00 -0.86 -4.90
CA LYS E 237 16.62 0.31 -4.29
C LYS E 237 17.98 -0.02 -3.66
N LYS E 238 18.83 1.02 -3.61
CA LYS E 238 20.04 1.23 -2.82
C LYS E 238 21.28 0.55 -3.35
N GLY E 239 21.19 -0.34 -4.34
CA GLY E 239 22.36 -1.09 -4.77
C GLY E 239 22.90 -1.95 -3.63
N GLN E 240 22.17 -3.00 -3.28
CA GLN E 240 22.34 -3.71 -2.03
C GLN E 240 23.65 -4.52 -2.00
N LYS E 241 23.81 -5.25 -0.91
CA LYS E 241 24.96 -6.10 -0.70
C LYS E 241 24.97 -7.25 -1.69
N SER E 242 26.15 -7.63 -2.19
CA SER E 242 26.27 -8.67 -3.20
C SER E 242 26.82 -9.98 -2.65
N LYS E 243 27.08 -10.05 -1.36
CA LYS E 243 27.66 -11.23 -0.71
C LYS E 243 27.32 -11.23 0.76
N THR E 244 26.25 -11.93 1.13
CA THR E 244 25.94 -12.16 2.53
C THR E 244 26.54 -13.49 2.97
N LEU E 245 26.72 -13.64 4.27
CA LEU E 245 27.28 -14.85 4.84
C LEU E 245 26.36 -15.38 5.92
N TYR E 246 26.23 -16.70 5.98
CA TYR E 246 25.36 -17.34 6.95
C TYR E 246 25.89 -17.17 8.35
N SER E 247 24.99 -16.95 9.30
CA SER E 247 25.39 -16.74 10.68
C SER E 247 24.32 -17.28 11.60
N VAL E 248 24.70 -17.39 12.86
CA VAL E 248 23.84 -17.72 13.99
C VAL E 248 23.97 -16.50 14.88
N ARG E 249 23.58 -16.60 16.15
CA ARG E 249 23.61 -15.43 17.02
C ARG E 249 25.05 -14.96 17.24
N ASP E 250 25.46 -14.03 16.36
CA ASP E 250 26.77 -13.36 16.39
C ASP E 250 27.94 -14.34 16.29
N ALA E 251 27.87 -15.22 15.28
CA ALA E 251 28.95 -16.15 14.98
C ALA E 251 28.78 -16.62 13.54
N ALA E 252 29.89 -16.73 12.82
CA ALA E 252 29.85 -17.30 11.49
C ALA E 252 29.65 -18.79 11.57
N ALA E 253 29.01 -19.37 10.55
CA ALA E 253 28.67 -20.77 10.60
C ALA E 253 28.59 -21.36 9.20
N ILE E 254 28.50 -22.68 9.14
CA ILE E 254 28.34 -23.44 7.90
C ILE E 254 26.99 -24.13 7.98
N HIS E 255 26.31 -24.26 6.84
CA HIS E 255 25.04 -24.97 6.80
C HIS E 255 25.22 -26.43 7.15
N SER E 256 24.14 -27.07 7.58
CA SER E 256 24.21 -28.46 7.97
C SER E 256 24.26 -29.38 6.77
N GLN E 257 23.59 -29.02 5.67
CA GLN E 257 23.57 -29.88 4.50
C GLN E 257 24.89 -29.86 3.74
N LYS E 258 25.77 -28.90 4.03
CA LYS E 258 27.06 -28.89 3.38
C LYS E 258 28.05 -29.83 4.07
N ILE E 259 27.98 -29.87 5.41
CA ILE E 259 28.69 -30.92 6.15
C ILE E 259 28.13 -32.28 5.79
N GLY E 260 26.80 -32.36 5.66
CA GLY E 260 26.19 -33.61 5.23
C GLY E 260 26.58 -33.99 3.81
N ASN E 261 26.89 -33.02 2.97
CA ASN E 261 27.49 -33.32 1.67
C ASN E 261 28.90 -33.85 1.84
N ALA E 262 29.65 -33.30 2.80
CA ALA E 262 31.03 -33.72 2.95
C ALA E 262 31.15 -35.10 3.57
N LEU E 263 30.14 -35.56 4.30
CA LEU E 263 30.26 -36.87 4.93
C LEU E 263 30.00 -38.02 3.97
N ARG E 264 29.12 -37.84 2.98
CA ARG E 264 28.70 -38.94 2.12
C ARG E 264 29.43 -38.94 0.77
N THR E 265 30.71 -38.57 0.75
CA THR E 265 31.53 -38.76 -0.43
C THR E 265 32.12 -40.17 -0.37
N ILE E 266 31.35 -41.12 -0.89
CA ILE E 266 31.72 -42.52 -0.89
C ILE E 266 32.13 -43.00 -2.27
N ASP E 267 31.42 -42.51 -3.29
CA ASP E 267 31.28 -43.20 -4.57
C ASP E 267 32.57 -43.22 -5.37
N THR E 268 33.32 -44.30 -5.25
CA THR E 268 34.50 -44.54 -6.08
C THR E 268 34.18 -45.49 -7.22
N TRP E 269 32.90 -45.66 -7.56
CA TRP E 269 32.49 -46.69 -8.49
C TRP E 269 31.80 -46.09 -9.69
N TYR E 270 32.37 -45.04 -10.25
CA TYR E 270 31.83 -44.46 -11.47
C TYR E 270 32.15 -45.36 -12.65
N PRO E 271 31.29 -45.42 -13.67
CA PRO E 271 31.69 -46.12 -14.90
C PRO E 271 32.72 -45.36 -15.70
N ASP E 272 32.77 -44.04 -15.56
CA ASP E 272 33.61 -43.23 -16.44
C ASP E 272 35.08 -43.30 -16.03
N GLU E 273 35.40 -42.82 -14.83
CA GLU E 273 36.80 -42.72 -14.43
C GLU E 273 36.89 -42.83 -12.93
N ASP E 274 37.69 -43.79 -12.45
CA ASP E 274 37.99 -43.93 -11.03
C ASP E 274 39.30 -43.24 -10.65
N GLY E 275 39.82 -42.36 -11.51
CA GLY E 275 41.08 -41.72 -11.25
C GLY E 275 40.95 -40.35 -10.62
N LEU E 276 39.78 -39.73 -10.76
CA LEU E 276 39.56 -38.40 -10.20
C LEU E 276 39.43 -38.46 -8.68
N GLY E 277 38.44 -39.19 -8.19
CA GLY E 277 38.26 -39.34 -6.77
C GLY E 277 36.80 -39.52 -6.39
N PRO E 278 36.56 -39.82 -5.11
CA PRO E 278 35.17 -40.01 -4.65
C PRO E 278 34.43 -38.69 -4.57
N ILE E 279 33.33 -38.61 -5.31
CA ILE E 279 32.41 -37.49 -5.18
C ILE E 279 31.08 -38.08 -4.74
N ALA E 280 30.26 -37.26 -4.07
CA ALA E 280 29.21 -37.67 -3.15
C ALA E 280 28.10 -38.46 -3.83
N VAL E 281 27.29 -39.11 -2.99
CA VAL E 281 26.32 -40.10 -3.45
C VAL E 281 25.01 -39.41 -3.78
N GLU E 282 24.62 -39.45 -5.05
CA GLU E 282 23.36 -38.91 -5.51
C GLU E 282 22.74 -39.89 -6.50
N PRO E 283 21.41 -39.95 -6.58
CA PRO E 283 20.79 -40.55 -7.75
C PRO E 283 21.07 -39.67 -8.94
N TYR E 284 21.32 -40.31 -10.10
CA TYR E 284 21.91 -39.67 -11.28
C TYR E 284 23.18 -38.93 -10.88
N GLY E 285 24.18 -39.68 -10.42
CA GLY E 285 25.27 -39.15 -9.61
C GLY E 285 26.06 -38.03 -10.22
N SER E 286 25.79 -36.81 -9.74
CA SER E 286 26.14 -35.60 -10.45
C SER E 286 26.97 -34.68 -9.58
N VAL E 287 27.71 -33.80 -10.25
CA VAL E 287 28.51 -32.78 -9.60
C VAL E 287 28.03 -31.44 -10.11
N THR E 288 27.60 -30.56 -9.21
CA THR E 288 27.06 -29.28 -9.63
C THR E 288 28.15 -28.32 -10.07
N SER E 289 29.31 -28.38 -9.44
CA SER E 289 30.39 -27.46 -9.79
C SER E 289 31.01 -27.81 -11.13
N GLN E 290 31.23 -29.10 -11.38
CA GLN E 290 31.80 -29.53 -12.65
C GLN E 290 30.80 -29.47 -13.79
N GLY E 291 29.50 -29.36 -13.49
CA GLY E 291 28.50 -29.33 -14.53
C GLY E 291 28.27 -30.62 -15.25
N LYS E 292 28.81 -31.73 -14.74
CA LYS E 292 28.70 -33.04 -15.37
C LYS E 292 27.78 -33.91 -14.54
N ALA E 293 27.17 -34.89 -15.20
CA ALA E 293 26.35 -35.89 -14.54
C ALA E 293 26.93 -37.25 -14.89
N TYR E 294 27.72 -37.80 -13.97
CA TYR E 294 28.11 -39.20 -14.07
C TYR E 294 26.91 -40.09 -13.80
N ARG E 295 27.10 -41.38 -14.12
CA ARG E 295 26.13 -42.44 -13.82
C ARG E 295 24.79 -42.14 -14.52
N GLN E 296 24.85 -42.12 -15.85
CA GLN E 296 23.72 -41.73 -16.67
C GLN E 296 22.63 -42.80 -16.63
N PRO E 297 21.36 -42.40 -16.83
CA PRO E 297 20.30 -43.41 -16.98
C PRO E 297 20.34 -44.14 -18.30
N LYS E 298 21.11 -43.67 -19.29
CA LYS E 298 21.30 -44.44 -20.51
C LYS E 298 22.18 -45.65 -20.29
N GLN E 299 22.97 -45.66 -19.22
CA GLN E 299 23.65 -46.85 -18.75
C GLN E 299 22.70 -47.63 -17.85
N LYS E 300 23.21 -48.62 -17.14
CA LYS E 300 22.40 -49.41 -16.22
C LYS E 300 22.98 -49.35 -14.82
N LEU E 301 23.49 -48.18 -14.44
CA LEU E 301 24.09 -48.00 -13.12
C LEU E 301 23.40 -46.94 -12.28
N ASP E 302 22.32 -46.34 -12.77
CA ASP E 302 21.53 -45.39 -12.01
C ASP E 302 20.90 -46.06 -10.79
N PHE E 303 20.57 -45.24 -9.78
CA PHE E 303 19.96 -45.76 -8.56
C PHE E 303 18.57 -46.31 -8.82
N TYR E 304 17.78 -45.64 -9.67
CA TYR E 304 16.42 -46.10 -9.94
C TYR E 304 16.42 -47.39 -10.72
N THR E 305 17.37 -47.53 -11.65
CA THR E 305 17.47 -48.74 -12.46
C THR E 305 17.92 -49.93 -11.63
N LEU E 306 18.92 -49.73 -10.78
CA LEU E 306 19.42 -50.81 -9.93
C LEU E 306 18.39 -51.19 -8.87
N LEU E 307 17.66 -50.22 -8.35
CA LEU E 307 16.66 -50.51 -7.33
C LEU E 307 15.48 -51.25 -7.92
N ASP E 308 15.07 -50.87 -9.14
CA ASP E 308 13.98 -51.59 -9.81
C ASP E 308 14.41 -52.99 -10.20
N ASN E 309 15.66 -53.14 -10.68
CA ASN E 309 16.11 -54.46 -11.09
C ASN E 309 16.48 -55.35 -9.92
N TRP E 310 16.62 -54.80 -8.71
CA TRP E 310 17.02 -55.61 -7.57
C TRP E 310 15.88 -55.86 -6.58
N VAL E 311 14.85 -55.04 -6.58
CA VAL E 311 13.68 -55.33 -5.75
C VAL E 311 12.64 -56.13 -6.52
N LEU E 312 12.27 -55.69 -7.71
CA LEU E 312 11.15 -56.30 -8.42
C LEU E 312 11.51 -57.61 -9.09
N ARG E 313 12.74 -57.73 -9.61
CA ARG E 313 13.09 -58.82 -10.49
C ARG E 313 14.13 -59.77 -9.92
N ASP E 314 14.61 -59.51 -8.70
CA ASP E 314 15.61 -60.31 -7.99
C ASP E 314 16.94 -60.43 -8.74
N GLU E 315 17.25 -59.47 -9.61
CA GLU E 315 18.52 -59.46 -10.33
C GLU E 315 19.50 -58.67 -9.48
N ALA E 316 20.27 -59.37 -8.67
CA ALA E 316 21.20 -58.72 -7.77
C ALA E 316 22.38 -58.17 -8.55
N PRO E 317 22.73 -56.89 -8.38
CA PRO E 317 23.89 -56.34 -9.09
C PRO E 317 25.20 -56.75 -8.44
N ALA E 318 26.31 -56.13 -8.87
CA ALA E 318 27.59 -56.36 -8.20
C ALA E 318 27.55 -55.81 -6.77
N VAL E 319 28.53 -56.22 -5.98
CA VAL E 319 28.52 -55.94 -4.54
C VAL E 319 28.70 -54.45 -4.29
N GLU E 320 29.54 -53.80 -5.09
CA GLU E 320 29.84 -52.39 -4.86
C GLU E 320 28.65 -51.51 -5.26
N GLN E 321 27.90 -51.94 -6.27
CA GLN E 321 26.67 -51.24 -6.61
C GLN E 321 25.60 -51.43 -5.53
N GLN E 322 25.64 -52.57 -4.83
CA GLN E 322 24.75 -52.73 -3.68
C GLN E 322 25.14 -51.79 -2.55
N HIS E 323 26.45 -51.54 -2.38
CA HIS E 323 26.89 -50.51 -1.45
C HIS E 323 26.40 -49.13 -1.88
N TYR E 324 26.33 -48.88 -3.19
CA TYR E 324 25.79 -47.62 -3.68
C TYR E 324 24.31 -47.47 -3.37
N VAL E 325 23.52 -48.53 -3.59
CA VAL E 325 22.08 -48.45 -3.38
C VAL E 325 21.75 -48.27 -1.90
N ILE E 326 22.43 -49.03 -1.03
CA ILE E 326 22.19 -48.86 0.40
C ILE E 326 22.71 -47.51 0.90
N ALA E 327 23.74 -46.97 0.25
CA ALA E 327 24.18 -45.61 0.56
C ALA E 327 23.12 -44.58 0.20
N ASN E 328 22.41 -44.79 -0.90
CA ASN E 328 21.28 -43.91 -1.21
C ASN E 328 20.11 -44.09 -0.26
N LEU E 329 19.95 -45.28 0.33
CA LEU E 329 18.89 -45.40 1.32
C LEU E 329 19.26 -44.76 2.65
N ILE E 330 20.55 -44.73 2.99
CA ILE E 330 20.98 -44.01 4.19
C ILE E 330 20.90 -42.51 3.95
N ARG E 331 21.11 -42.07 2.71
CA ARG E 331 20.92 -40.66 2.36
C ARG E 331 19.46 -40.24 2.54
N GLY E 332 18.52 -41.06 2.09
CA GLY E 332 17.12 -40.71 2.13
C GLY E 332 16.74 -39.79 0.98
N GLY E 333 15.43 -39.63 0.79
CA GLY E 333 14.97 -38.75 -0.26
C GLY E 333 13.50 -38.98 -0.57
N VAL E 334 13.07 -38.36 -1.66
CA VAL E 334 11.72 -38.49 -2.18
C VAL E 334 11.81 -39.31 -3.45
N PHE E 335 11.36 -40.55 -3.37
CA PHE E 335 11.45 -41.49 -4.49
C PHE E 335 10.05 -41.72 -5.02
N GLY E 336 9.92 -42.64 -5.96
CA GLY E 336 8.64 -42.91 -6.56
C GLY E 336 8.25 -41.86 -7.56
N GLU E 337 7.06 -42.04 -8.14
CA GLU E 337 6.56 -41.16 -9.19
C GLU E 337 6.25 -39.75 -8.66
N ILE F 4 -39.74 -47.90 10.16
CA ILE F 4 -39.63 -46.55 10.71
C ILE F 4 -38.24 -46.31 11.31
N LEU F 5 -38.15 -45.26 12.13
CA LEU F 5 -36.90 -44.91 12.80
C LEU F 5 -35.70 -44.73 11.87
N SER F 6 -35.93 -44.05 10.75
CA SER F 6 -34.86 -43.82 9.79
C SER F 6 -33.81 -42.86 10.38
N THR F 7 -32.56 -43.02 9.95
CA THR F 7 -31.47 -42.20 10.44
C THR F 7 -31.67 -40.73 10.09
N ALA F 8 -31.34 -39.85 11.02
CA ALA F 8 -31.49 -38.41 10.83
C ALA F 8 -30.66 -37.90 9.67
N SER F 9 -31.19 -36.90 8.97
CA SER F 9 -30.48 -36.33 7.83
C SER F 9 -29.39 -35.35 8.25
N VAL F 10 -29.44 -34.85 9.48
CA VAL F 10 -28.40 -33.96 10.02
C VAL F 10 -27.94 -34.54 11.35
N LEU F 11 -26.66 -34.87 11.44
CA LEU F 11 -26.05 -35.26 12.70
C LEU F 11 -24.71 -34.56 12.84
N ALA F 12 -24.39 -34.13 14.06
CA ALA F 12 -23.15 -33.45 14.31
C ALA F 12 -22.79 -33.64 15.77
N PHE F 13 -21.59 -34.16 16.03
CA PHE F 13 -21.11 -34.39 17.38
C PHE F 13 -19.90 -33.50 17.64
N GLU F 14 -20.00 -32.65 18.66
CA GLU F 14 -18.87 -31.85 19.08
C GLU F 14 -17.81 -32.73 19.69
N ARG F 15 -16.55 -32.34 19.54
CA ARG F 15 -15.47 -33.19 20.00
C ARG F 15 -15.29 -33.06 21.51
N LYS F 16 -14.80 -34.14 22.09
CA LYS F 16 -14.26 -34.14 23.44
C LYS F 16 -12.78 -34.42 23.32
N LEU F 17 -12.08 -34.35 24.45
CA LEU F 17 -10.61 -34.38 24.51
C LEU F 17 -10.01 -33.30 23.63
N ASP F 18 -10.23 -32.06 24.05
CA ASP F 18 -9.82 -30.90 23.25
C ASP F 18 -8.42 -30.47 23.66
N PRO F 19 -7.39 -30.63 22.81
CA PRO F 19 -6.05 -30.20 23.18
C PRO F 19 -5.80 -28.76 22.81
N SER F 20 -4.58 -28.27 23.02
CA SER F 20 -4.18 -26.95 22.60
C SER F 20 -2.91 -27.06 21.77
N ASP F 21 -2.39 -25.93 21.32
CA ASP F 21 -1.16 -25.92 20.56
C ASP F 21 0.03 -26.11 21.49
N ALA F 22 0.90 -27.05 21.15
CA ALA F 22 2.05 -27.36 21.99
C ALA F 22 3.17 -26.38 21.69
N LEU F 23 3.81 -25.87 22.74
CA LEU F 23 4.93 -24.98 22.55
C LEU F 23 6.24 -25.71 22.85
N MET F 24 7.28 -25.33 22.12
CA MET F 24 8.58 -25.95 22.25
C MET F 24 9.58 -24.92 22.77
N SER F 25 10.31 -25.30 23.81
CA SER F 25 11.37 -24.48 24.37
C SER F 25 12.52 -25.39 24.77
N ALA F 26 13.74 -24.95 24.51
CA ALA F 26 14.90 -25.79 24.64
C ALA F 26 15.70 -25.42 25.89
N GLY F 27 16.38 -26.41 26.45
CA GLY F 27 17.22 -26.16 27.59
C GLY F 27 18.15 -27.31 27.86
N ALA F 28 18.69 -27.35 29.07
CA ALA F 28 19.66 -28.35 29.47
C ALA F 28 19.02 -29.37 30.40
N TRP F 29 19.34 -30.64 30.16
CA TRP F 29 18.95 -31.72 31.05
C TRP F 29 19.67 -31.55 32.40
N ALA F 30 19.01 -32.04 33.46
CA ALA F 30 19.35 -31.91 34.89
C ALA F 30 19.22 -30.48 35.42
N GLN F 31 18.92 -29.52 34.55
CA GLN F 31 18.23 -28.28 34.89
C GLN F 31 16.75 -28.42 34.62
N ARG F 32 16.24 -29.62 34.80
CA ARG F 32 14.97 -30.06 34.25
C ARG F 32 13.80 -29.70 35.14
N ASP F 33 14.01 -29.65 36.45
CA ASP F 33 12.94 -29.33 37.38
C ASP F 33 12.63 -27.84 37.42
N ALA F 34 13.57 -27.00 36.98
CA ALA F 34 13.36 -25.56 36.89
C ALA F 34 13.01 -25.12 35.48
N SER F 35 12.35 -25.99 34.71
CA SER F 35 12.02 -25.70 33.32
C SER F 35 10.81 -24.77 33.28
N GLN F 36 11.05 -23.52 33.61
CA GLN F 36 10.01 -22.50 33.60
C GLN F 36 10.46 -21.21 32.92
N GLU F 37 11.76 -20.94 32.87
CA GLU F 37 12.30 -19.74 32.24
C GLU F 37 13.11 -20.10 31.00
N TRP F 38 12.85 -21.27 30.41
CA TRP F 38 13.63 -21.68 29.25
C TRP F 38 13.22 -20.86 28.02
N PRO F 39 14.18 -20.45 27.21
CA PRO F 39 13.84 -19.67 26.02
C PRO F 39 13.24 -20.56 24.93
N ALA F 40 12.45 -19.93 24.07
CA ALA F 40 11.73 -20.67 23.06
C ALA F 40 12.62 -21.01 21.89
N VAL F 41 12.21 -22.02 21.13
CA VAL F 41 12.89 -22.41 19.90
C VAL F 41 12.31 -21.59 18.76
N THR F 42 13.15 -20.80 18.11
CA THR F 42 12.71 -19.91 17.05
C THR F 42 12.88 -20.55 15.68
N VAL F 43 12.05 -20.14 14.74
CA VAL F 43 12.09 -20.61 13.38
C VAL F 43 12.84 -19.60 12.54
N ARG F 44 13.87 -20.05 11.84
CA ARG F 44 14.70 -19.16 11.05
C ARG F 44 14.79 -19.66 9.62
N GLU F 45 15.43 -18.87 8.77
CA GLU F 45 15.58 -19.20 7.36
C GLU F 45 17.02 -19.62 7.07
N LYS F 46 17.17 -20.49 6.08
CA LYS F 46 18.48 -20.72 5.48
C LYS F 46 18.30 -21.11 4.03
N SER F 47 19.35 -20.92 3.25
CA SER F 47 19.30 -21.20 1.83
C SER F 47 19.85 -22.58 1.56
N VAL F 48 19.29 -23.24 0.55
CA VAL F 48 19.74 -24.56 0.15
C VAL F 48 19.92 -24.58 -1.37
N ARG F 49 20.84 -25.43 -1.81
CA ARG F 49 21.21 -25.58 -3.20
C ARG F 49 21.14 -27.07 -3.49
N GLY F 50 19.96 -27.55 -3.85
CA GLY F 50 19.77 -28.96 -4.08
C GLY F 50 20.25 -29.40 -5.44
N THR F 51 19.80 -30.60 -5.82
CA THR F 51 19.96 -31.12 -7.17
C THR F 51 18.59 -31.59 -7.65
N ILE F 52 18.53 -32.05 -8.88
CA ILE F 52 17.31 -32.63 -9.44
C ILE F 52 17.45 -34.15 -9.30
N SER F 53 16.85 -34.70 -8.24
CA SER F 53 16.91 -36.12 -7.97
C SER F 53 15.55 -36.77 -7.96
N ASN F 54 14.50 -36.04 -8.34
CA ASN F 54 13.17 -36.64 -8.44
C ASN F 54 13.13 -37.58 -9.63
N ARG F 55 12.24 -38.57 -9.55
CA ARG F 55 12.14 -39.59 -10.60
C ARG F 55 11.59 -38.95 -11.86
N LEU F 56 12.41 -38.93 -12.90
CA LEU F 56 12.17 -38.11 -14.07
C LEU F 56 11.35 -38.88 -15.08
N LYS F 57 10.34 -38.22 -15.65
CA LYS F 57 9.45 -38.86 -16.61
C LYS F 57 9.94 -38.63 -18.03
N THR F 58 10.05 -39.72 -18.79
CA THR F 58 10.40 -39.66 -20.21
C THR F 58 9.25 -40.26 -21.00
N LYS F 59 8.48 -39.41 -21.68
CA LYS F 59 7.48 -39.85 -22.64
C LYS F 59 7.83 -39.41 -24.05
N ASP F 60 7.98 -38.10 -24.25
CA ASP F 60 8.47 -37.55 -25.52
C ASP F 60 9.24 -36.28 -25.14
N ARG F 61 10.54 -36.45 -24.94
CA ARG F 61 11.39 -35.34 -24.49
C ARG F 61 12.77 -35.52 -25.10
N ASP F 62 13.39 -34.39 -25.47
CA ASP F 62 14.69 -34.43 -26.10
C ASP F 62 15.75 -34.84 -25.09
N PRO F 63 16.78 -35.58 -25.53
CA PRO F 63 17.88 -35.94 -24.62
C PRO F 63 18.71 -34.76 -24.16
N ALA F 64 18.72 -33.64 -24.91
CA ALA F 64 19.47 -32.47 -24.47
C ALA F 64 18.80 -31.80 -23.29
N LYS F 65 17.47 -31.75 -23.28
CA LYS F 65 16.75 -31.23 -22.13
C LYS F 65 16.91 -32.14 -20.92
N LEU F 66 16.96 -33.45 -21.15
CA LEU F 66 17.23 -34.39 -20.08
C LEU F 66 18.64 -34.25 -19.55
N ASP F 67 19.58 -33.82 -20.39
CA ASP F 67 20.94 -33.56 -19.93
C ASP F 67 21.01 -32.30 -19.09
N ALA F 68 20.46 -31.20 -19.59
CA ALA F 68 20.60 -29.92 -18.91
C ALA F 68 19.71 -29.82 -17.68
N SER F 69 18.69 -30.67 -17.57
CA SER F 69 17.83 -30.61 -16.40
C SER F 69 18.45 -31.24 -15.16
N ILE F 70 19.41 -32.16 -15.31
CA ILE F 70 19.98 -32.88 -14.19
C ILE F 70 21.41 -32.46 -13.89
N GLN F 71 21.88 -31.37 -14.49
CA GLN F 71 23.23 -30.88 -14.21
C GLN F 71 23.23 -29.52 -13.55
N SER F 72 22.24 -28.68 -13.84
CA SER F 72 22.17 -27.36 -13.25
C SER F 72 21.74 -27.46 -11.78
N PRO F 73 22.18 -26.52 -10.95
CA PRO F 73 21.79 -26.55 -9.54
C PRO F 73 20.36 -26.04 -9.34
N ASN F 74 19.92 -26.07 -8.10
CA ASN F 74 18.54 -25.74 -7.75
C ASN F 74 18.57 -24.88 -6.50
N LEU F 75 18.28 -23.60 -6.65
CA LEU F 75 18.38 -22.65 -5.55
C LEU F 75 17.02 -22.49 -4.88
N GLN F 76 17.04 -22.34 -3.56
CA GLN F 76 15.85 -22.56 -2.76
C GLN F 76 16.09 -22.00 -1.36
N THR F 77 15.02 -21.63 -0.69
CA THR F 77 15.10 -21.04 0.65
C THR F 77 14.11 -21.74 1.56
N VAL F 78 14.61 -22.33 2.64
CA VAL F 78 13.76 -23.10 3.55
C VAL F 78 13.79 -22.51 4.95
N ASP F 79 12.93 -23.04 5.82
CA ASP F 79 12.91 -22.69 7.24
C ASP F 79 13.39 -23.89 8.04
N VAL F 80 14.25 -23.62 9.02
CA VAL F 80 14.68 -24.66 9.95
C VAL F 80 14.48 -24.15 11.37
N ALA F 81 14.43 -25.11 12.29
CA ALA F 81 14.38 -24.84 13.72
C ALA F 81 15.37 -25.77 14.40
N ASN F 82 16.34 -25.18 15.09
CA ASN F 82 17.36 -25.96 15.76
C ASN F 82 17.42 -25.55 17.23
N LEU F 83 17.94 -26.45 18.05
CA LEU F 83 18.22 -26.09 19.43
C LEU F 83 19.39 -25.12 19.47
N PRO F 84 19.54 -24.36 20.56
CA PRO F 84 20.79 -23.64 20.77
C PRO F 84 21.94 -24.61 20.98
N SER F 85 23.15 -24.13 20.70
CA SER F 85 24.32 -25.00 20.68
C SER F 85 24.76 -25.45 22.07
N ASP F 86 24.24 -24.85 23.13
CA ASP F 86 24.55 -25.25 24.50
C ASP F 86 23.31 -25.76 25.22
N ALA F 87 22.48 -26.53 24.51
CA ALA F 87 21.27 -27.11 25.07
C ALA F 87 20.97 -28.39 24.34
N ASP F 88 20.54 -29.41 25.09
CA ASP F 88 20.29 -30.73 24.50
C ASP F 88 18.97 -31.32 24.96
N THR F 89 17.99 -30.50 25.29
CA THR F 89 16.71 -31.02 25.77
C THR F 89 15.58 -30.20 25.18
N LEU F 90 14.64 -30.89 24.56
CA LEU F 90 13.43 -30.30 24.01
C LEU F 90 12.31 -30.40 25.03
N LYS F 91 11.62 -29.29 25.26
CA LYS F 91 10.47 -29.21 26.13
C LYS F 91 9.23 -28.89 25.31
N VAL F 92 8.19 -29.71 25.45
CA VAL F 92 6.96 -29.55 24.68
C VAL F 92 5.80 -29.52 25.67
N ARG F 93 5.09 -28.39 25.72
CA ARG F 93 4.05 -28.20 26.72
C ARG F 93 2.71 -27.96 26.04
N PHE F 94 1.67 -28.64 26.52
CA PHE F 94 0.31 -28.33 26.08
C PHE F 94 -0.65 -28.71 27.20
N THR F 95 -1.92 -28.32 27.02
CA THR F 95 -2.97 -28.61 27.99
C THR F 95 -4.06 -29.45 27.32
N LEU F 96 -4.99 -29.95 28.14
CA LEU F 96 -6.00 -30.87 27.62
C LEU F 96 -7.24 -30.82 28.51
N ARG F 97 -8.39 -30.50 27.93
CA ARG F 97 -9.65 -30.59 28.64
C ARG F 97 -10.34 -31.89 28.31
N VAL F 98 -11.02 -32.47 29.29
CA VAL F 98 -11.85 -33.65 29.08
C VAL F 98 -13.28 -33.24 29.41
N LEU F 99 -14.12 -33.14 28.37
CA LEU F 99 -15.42 -32.50 28.56
C LEU F 99 -16.45 -33.45 29.15
N GLY F 100 -16.78 -34.52 28.43
CA GLY F 100 -17.75 -35.46 28.92
C GLY F 100 -19.14 -35.18 28.40
N GLY F 101 -19.99 -36.20 28.48
CA GLY F 101 -21.31 -36.13 27.88
C GLY F 101 -21.25 -36.51 26.42
N ALA F 102 -20.71 -37.70 26.15
CA ALA F 102 -20.30 -38.09 24.80
C ALA F 102 -21.37 -38.83 24.03
N GLY F 103 -22.64 -38.57 24.31
CA GLY F 103 -23.70 -39.22 23.57
C GLY F 103 -24.65 -38.24 22.91
N THR F 104 -24.72 -37.04 23.46
CA THR F 104 -25.70 -36.05 23.02
C THR F 104 -25.17 -35.32 21.79
N PRO F 105 -25.86 -35.38 20.66
CA PRO F 105 -25.43 -34.61 19.49
C PRO F 105 -25.76 -33.13 19.67
N SER F 106 -25.18 -32.32 18.80
CA SER F 106 -25.46 -30.89 18.80
C SER F 106 -26.50 -30.48 17.77
N ALA F 107 -26.84 -31.37 16.83
CA ALA F 107 -27.83 -31.06 15.80
C ALA F 107 -28.43 -32.37 15.31
N CYS F 108 -29.75 -32.45 15.33
CA CYS F 108 -30.43 -33.68 14.91
C CYS F 108 -31.85 -33.33 14.47
N ASN F 109 -32.25 -33.88 13.32
CA ASN F 109 -33.61 -33.64 12.83
C ASN F 109 -34.64 -34.39 13.67
N ASP F 110 -34.54 -35.71 13.69
CA ASP F 110 -35.55 -36.55 14.32
C ASP F 110 -35.44 -36.47 15.84
N ALA F 111 -36.57 -36.64 16.51
CA ALA F 111 -36.61 -36.75 17.96
C ALA F 111 -36.64 -38.19 18.43
N ALA F 112 -37.18 -39.10 17.64
CA ALA F 112 -37.19 -40.50 18.02
C ALA F 112 -35.83 -41.14 17.83
N TYR F 113 -35.14 -40.78 16.74
CA TYR F 113 -33.80 -41.29 16.48
C TYR F 113 -32.80 -40.81 17.53
N ARG F 114 -32.98 -39.58 18.03
CA ARG F 114 -32.09 -39.06 19.04
C ARG F 114 -32.32 -39.73 20.39
N ASP F 115 -33.58 -40.03 20.72
CA ASP F 115 -33.87 -40.73 21.96
C ASP F 115 -33.41 -42.17 21.92
N LYS F 116 -33.55 -42.82 20.75
CA LYS F 116 -33.03 -44.17 20.58
C LYS F 116 -31.51 -44.19 20.68
N LEU F 117 -30.85 -43.16 20.14
CA LEU F 117 -29.41 -43.05 20.26
C LEU F 117 -28.96 -42.86 21.70
N LEU F 118 -29.68 -42.04 22.47
CA LEU F 118 -29.32 -41.84 23.87
C LEU F 118 -29.59 -43.09 24.70
N GLN F 119 -30.62 -43.86 24.36
CA GLN F 119 -30.83 -45.13 25.05
C GLN F 119 -29.75 -46.14 24.70
N THR F 120 -29.23 -46.10 23.48
CA THR F 120 -28.17 -47.02 23.09
C THR F 120 -26.86 -46.69 23.80
N VAL F 121 -26.48 -45.40 23.81
CA VAL F 121 -25.25 -44.99 24.45
C VAL F 121 -25.33 -45.16 25.97
N ALA F 122 -26.48 -44.84 26.57
CA ALA F 122 -26.66 -45.04 28.00
C ALA F 122 -26.68 -46.52 28.35
N THR F 123 -27.17 -47.36 27.44
CA THR F 123 -27.08 -48.80 27.62
C THR F 123 -25.64 -49.27 27.60
N TYR F 124 -24.82 -48.68 26.71
CA TYR F 124 -23.40 -49.03 26.64
C TYR F 124 -22.67 -48.64 27.92
N VAL F 125 -22.92 -47.42 28.42
CA VAL F 125 -22.23 -46.95 29.61
C VAL F 125 -22.68 -47.73 30.84
N ASN F 126 -23.97 -48.08 30.90
CA ASN F 126 -24.46 -48.85 32.04
C ASN F 126 -23.98 -50.30 32.01
N ASP F 127 -23.76 -50.86 30.82
CA ASP F 127 -23.22 -52.22 30.75
C ASP F 127 -21.74 -52.25 31.12
N GLN F 128 -20.97 -51.30 30.62
CA GLN F 128 -19.54 -51.23 30.94
C GLN F 128 -19.08 -49.79 30.85
N GLY F 129 -18.13 -49.44 31.70
CA GLY F 129 -17.71 -48.06 31.83
C GLY F 129 -16.83 -47.60 30.68
N PHE F 130 -16.22 -46.44 30.89
CA PHE F 130 -15.22 -45.89 29.98
C PHE F 130 -13.81 -46.32 30.31
N ALA F 131 -13.63 -47.50 30.94
CA ALA F 131 -12.32 -47.87 31.47
C ALA F 131 -11.37 -48.29 30.34
N GLU F 132 -11.90 -48.92 29.30
CA GLU F 132 -11.06 -49.37 28.19
C GLU F 132 -10.51 -48.19 27.40
N LEU F 133 -11.39 -47.27 27.00
CA LEU F 133 -10.97 -46.12 26.20
C LEU F 133 -10.07 -45.20 26.99
N ALA F 134 -10.35 -44.99 28.27
CA ALA F 134 -9.48 -44.18 29.09
C ALA F 134 -8.17 -44.88 29.42
N ARG F 135 -8.15 -46.21 29.36
CA ARG F 135 -6.89 -46.93 29.53
C ARG F 135 -6.00 -46.72 28.31
N ARG F 136 -6.58 -46.76 27.10
CA ARG F 136 -5.77 -46.57 25.90
C ARG F 136 -5.38 -45.10 25.70
N TYR F 137 -6.26 -44.17 26.08
CA TYR F 137 -5.90 -42.76 26.12
C TYR F 137 -4.81 -42.49 27.14
N ALA F 138 -4.85 -43.18 28.27
CA ALA F 138 -3.79 -43.06 29.27
C ALA F 138 -2.48 -43.62 28.76
N HIS F 139 -2.52 -44.66 27.93
CA HIS F 139 -1.28 -45.15 27.35
C HIS F 139 -0.74 -44.22 26.28
N ASN F 140 -1.61 -43.51 25.56
CA ASN F 140 -1.09 -42.55 24.59
C ASN F 140 -0.59 -41.27 25.24
N LEU F 141 -1.09 -40.91 26.42
CA LEU F 141 -0.44 -39.84 27.16
C LEU F 141 0.78 -40.33 27.93
N ALA F 142 0.90 -41.63 28.16
CA ALA F 142 2.00 -42.16 28.94
C ALA F 142 3.31 -42.08 28.16
N ASN F 143 3.34 -42.64 26.96
CA ASN F 143 4.48 -42.49 26.08
C ASN F 143 4.37 -41.16 25.34
N ALA F 144 5.11 -41.02 24.25
CA ALA F 144 5.22 -39.72 23.61
C ALA F 144 4.81 -39.79 22.15
N ARG F 145 3.61 -40.32 21.88
CA ARG F 145 3.05 -40.28 20.52
C ARG F 145 2.99 -38.87 19.96
N PHE F 146 2.67 -37.88 20.81
CA PHE F 146 2.57 -36.50 20.37
C PHE F 146 3.92 -35.86 20.06
N LEU F 147 5.02 -36.52 20.39
CA LEU F 147 6.33 -36.21 19.83
C LEU F 147 6.48 -37.11 18.61
N TRP F 148 6.11 -36.59 17.45
CA TRP F 148 6.01 -37.42 16.25
C TRP F 148 7.35 -37.91 15.72
N ARG F 149 8.19 -36.99 15.26
CA ARG F 149 9.52 -37.35 14.79
C ARG F 149 10.60 -36.96 15.78
N ASN F 150 10.26 -36.09 16.74
CA ASN F 150 11.19 -35.71 17.79
C ASN F 150 11.50 -36.86 18.73
N ARG F 151 10.60 -37.84 18.85
CA ARG F 151 10.86 -38.99 19.69
C ARG F 151 11.91 -39.92 19.08
N VAL F 152 11.95 -39.99 17.76
CA VAL F 152 12.78 -40.97 17.04
C VAL F 152 14.25 -40.64 17.25
N GLY F 153 14.97 -41.57 17.88
CA GLY F 153 16.38 -41.37 18.17
C GLY F 153 16.61 -40.41 19.30
N ALA F 154 16.19 -40.78 20.51
CA ALA F 154 16.41 -39.96 21.69
C ALA F 154 16.95 -40.82 22.81
N GLU F 155 17.71 -40.21 23.70
CA GLU F 155 18.32 -40.95 24.81
C GLU F 155 17.30 -41.26 25.89
N ALA F 156 16.56 -40.25 26.33
CA ALA F 156 15.58 -40.44 27.39
C ALA F 156 14.46 -39.44 27.21
N VAL F 157 13.22 -39.92 27.30
CA VAL F 157 12.03 -39.10 27.17
C VAL F 157 11.25 -39.21 28.47
N GLU F 158 10.94 -38.07 29.08
CA GLU F 158 10.23 -38.04 30.35
C GLU F 158 8.97 -37.20 30.21
N VAL F 159 7.84 -37.75 30.66
CA VAL F 159 6.54 -37.09 30.55
C VAL F 159 6.02 -36.78 31.94
N ARG F 160 5.64 -35.53 32.17
CA ARG F 160 5.07 -35.10 33.44
C ARG F 160 3.65 -34.59 33.19
N ILE F 161 2.70 -35.13 33.94
CA ILE F 161 1.28 -34.84 33.77
C ILE F 161 0.75 -34.27 35.08
N ASN F 162 0.06 -33.14 35.01
CA ASN F 162 -0.50 -32.52 36.20
C ASN F 162 -2.01 -32.40 36.07
N HIS F 163 -2.70 -32.52 37.19
CA HIS F 163 -4.13 -32.31 37.27
C HIS F 163 -4.39 -31.02 38.03
N ILE F 164 -5.33 -30.22 37.52
CA ILE F 164 -5.52 -28.85 37.96
C ILE F 164 -6.98 -28.64 38.34
N ARG F 165 -7.23 -28.21 39.57
CA ARG F 165 -8.55 -27.88 40.07
C ARG F 165 -8.77 -26.38 40.25
N GLN F 166 -7.73 -25.66 40.63
CA GLN F 166 -7.77 -24.24 40.94
C GLN F 166 -6.43 -23.69 40.45
N GLY F 167 -5.99 -22.56 40.97
CA GLY F 167 -4.60 -22.19 40.77
C GLY F 167 -3.62 -23.02 41.60
N GLU F 168 -3.64 -24.34 41.44
CA GLU F 168 -2.94 -25.30 42.28
C GLU F 168 -2.62 -26.52 41.42
N VAL F 169 -2.10 -27.56 42.07
CA VAL F 169 -1.87 -28.86 41.44
C VAL F 169 -2.45 -29.92 42.36
N ALA F 170 -3.40 -30.69 41.85
CA ALA F 170 -4.04 -31.72 42.67
C ALA F 170 -3.15 -32.95 42.81
N ARG F 171 -2.80 -33.58 41.69
CA ARG F 171 -1.96 -34.77 41.69
C ARG F 171 -1.05 -34.76 40.47
N ALA F 172 0.23 -35.05 40.69
CA ALA F 172 1.23 -35.06 39.64
C ALA F 172 1.69 -36.48 39.35
N TRP F 173 1.85 -36.78 38.06
CA TRP F 173 2.41 -38.04 37.58
C TRP F 173 3.69 -37.77 36.82
N ARG F 174 4.65 -38.67 36.99
CA ARG F 174 5.93 -38.60 36.27
C ARG F 174 6.23 -39.98 35.70
N PHE F 175 6.28 -40.06 34.37
CA PHE F 175 6.41 -41.33 33.66
C PHE F 175 7.77 -41.44 33.00
N ASP F 176 7.95 -42.53 32.27
CA ASP F 176 9.14 -42.77 31.47
C ASP F 176 8.67 -43.36 30.15
N ALA F 177 8.81 -42.58 29.07
CA ALA F 177 8.15 -42.93 27.82
C ALA F 177 8.85 -44.05 27.06
N LEU F 178 10.14 -44.27 27.29
CA LEU F 178 10.82 -45.32 26.54
C LEU F 178 10.61 -46.70 27.14
N ALA F 179 10.41 -46.77 28.46
CA ALA F 179 10.09 -48.05 29.09
C ALA F 179 8.68 -48.49 28.74
N ILE F 180 7.74 -47.55 28.69
CA ILE F 180 6.38 -47.86 28.26
C ILE F 180 6.39 -48.09 26.76
N GLY F 181 5.82 -49.21 26.33
CA GLY F 181 5.93 -49.63 24.96
C GLY F 181 5.13 -48.76 24.00
N LEU F 182 5.44 -48.93 22.73
CA LEU F 182 4.76 -48.21 21.67
C LEU F 182 3.55 -48.97 21.14
N ARG F 183 3.57 -50.30 21.24
CA ARG F 183 2.53 -51.14 20.68
C ARG F 183 1.83 -52.04 21.68
N ASP F 184 2.40 -52.25 22.86
CA ASP F 184 1.89 -53.19 23.84
C ASP F 184 1.22 -52.41 24.98
N PHE F 185 -0.09 -52.54 25.10
CA PHE F 185 -0.85 -51.85 26.14
C PHE F 185 -0.85 -52.74 27.38
N LYS F 186 0.14 -52.52 28.25
CA LYS F 186 0.29 -53.25 29.49
C LYS F 186 -0.15 -52.39 30.67
N ALA F 187 -0.79 -53.03 31.65
CA ALA F 187 -1.37 -52.29 32.76
C ALA F 187 -0.28 -51.82 33.74
N ASP F 188 -0.68 -50.88 34.59
CA ASP F 188 0.18 -50.31 35.62
C ASP F 188 -0.72 -49.62 36.63
N ALA F 189 -0.20 -49.42 37.84
CA ALA F 189 -0.98 -48.79 38.90
C ALA F 189 -1.25 -47.32 38.60
N GLU F 190 -0.21 -46.59 38.17
CA GLU F 190 -0.35 -45.17 37.89
C GLU F 190 -1.22 -44.94 36.66
N LEU F 191 -1.09 -45.81 35.65
CA LEU F 191 -1.95 -45.71 34.49
C LEU F 191 -3.39 -46.07 34.81
N ASP F 192 -3.61 -46.90 35.82
CA ASP F 192 -4.97 -47.14 36.27
C ASP F 192 -5.52 -45.96 37.04
N ALA F 193 -4.66 -45.23 37.76
CA ALA F 193 -5.11 -44.03 38.45
C ALA F 193 -5.49 -42.93 37.47
N LEU F 194 -4.62 -42.68 36.48
CA LEU F 194 -4.91 -41.64 35.49
C LEU F 194 -6.02 -42.08 34.55
N ALA F 195 -6.18 -43.38 34.32
CA ALA F 195 -7.32 -43.86 33.56
C ALA F 195 -8.62 -43.72 34.34
N GLU F 196 -8.56 -43.82 35.68
CA GLU F 196 -9.73 -43.48 36.47
C GLU F 196 -10.03 -41.99 36.43
N LEU F 197 -9.01 -41.15 36.27
CA LEU F 197 -9.26 -39.72 36.17
C LEU F 197 -9.93 -39.36 34.84
N ILE F 198 -9.40 -39.89 33.74
CA ILE F 198 -9.99 -39.61 32.42
C ILE F 198 -11.36 -40.26 32.29
N ALA F 199 -11.52 -41.48 32.79
CA ALA F 199 -12.82 -42.15 32.76
C ALA F 199 -13.83 -41.45 33.66
N SER F 200 -13.37 -40.84 34.75
CA SER F 200 -14.25 -40.00 35.54
C SER F 200 -14.55 -38.68 34.85
N GLY F 201 -13.71 -38.26 33.91
CA GLY F 201 -13.97 -37.05 33.17
C GLY F 201 -14.96 -37.20 32.04
N LEU F 202 -14.83 -38.29 31.27
CA LEU F 202 -15.71 -38.51 30.13
C LEU F 202 -17.13 -38.87 30.54
N SER F 203 -17.33 -39.39 31.75
CA SER F 203 -18.66 -39.74 32.21
C SER F 203 -19.44 -38.54 32.72
N GLY F 204 -18.82 -37.38 32.83
CA GLY F 204 -19.50 -36.19 33.29
C GLY F 204 -19.56 -36.05 34.80
N SER F 205 -18.72 -36.77 35.53
CA SER F 205 -18.73 -36.74 36.98
C SER F 205 -17.82 -35.66 37.56
N GLY F 206 -17.28 -34.79 36.72
CA GLY F 206 -16.41 -33.74 37.21
C GLY F 206 -15.75 -33.01 36.06
N HIS F 207 -14.88 -32.07 36.43
CA HIS F 207 -14.13 -31.27 35.48
C HIS F 207 -12.68 -31.72 35.49
N VAL F 208 -12.14 -32.00 34.30
CA VAL F 208 -10.78 -32.52 34.16
C VAL F 208 -10.00 -31.62 33.22
N LEU F 209 -8.98 -30.96 33.77
CA LEU F 209 -8.02 -30.18 33.01
C LEU F 209 -6.63 -30.70 33.34
N LEU F 210 -5.90 -31.13 32.32
CA LEU F 210 -4.58 -31.70 32.49
C LEU F 210 -3.53 -30.84 31.82
N GLU F 211 -2.35 -30.77 32.43
CA GLU F 211 -1.19 -30.09 31.87
C GLU F 211 -0.12 -31.12 31.56
N VAL F 212 0.24 -31.24 30.29
CA VAL F 212 1.18 -32.26 29.83
C VAL F 212 2.47 -31.57 29.39
N VAL F 213 3.59 -32.02 29.94
CA VAL F 213 4.92 -31.48 29.64
C VAL F 213 5.83 -32.65 29.28
N ALA F 214 6.49 -32.56 28.14
CA ALA F 214 7.36 -33.63 27.66
C ALA F 214 8.79 -33.13 27.49
N PHE F 215 9.73 -34.01 27.81
CA PHE F 215 11.16 -33.73 27.85
C PHE F 215 11.89 -34.76 27.01
N ALA F 216 12.80 -34.31 26.15
CA ALA F 216 13.52 -35.24 25.29
C ALA F 216 14.98 -34.82 25.17
N ARG F 217 15.89 -35.76 25.39
CA ARG F 217 17.30 -35.54 25.06
C ARG F 217 17.53 -35.86 23.60
N ILE F 218 17.92 -34.85 22.82
CA ILE F 218 18.22 -35.02 21.42
C ILE F 218 19.71 -34.84 21.14
N GLY F 219 20.27 -33.72 21.55
CA GLY F 219 21.66 -33.42 21.31
C GLY F 219 21.89 -31.93 21.26
N ASP F 220 23.16 -31.55 21.33
CA ASP F 220 23.54 -30.15 21.29
C ASP F 220 23.38 -29.60 19.88
N GLY F 221 22.46 -28.66 19.71
CA GLY F 221 22.32 -27.99 18.44
C GLY F 221 21.66 -28.79 17.35
N GLN F 222 20.96 -29.87 17.70
CA GLN F 222 20.29 -30.71 16.72
C GLN F 222 19.02 -30.04 16.20
N GLU F 223 18.24 -30.76 15.41
CA GLU F 223 17.09 -30.19 14.73
C GLU F 223 15.79 -30.70 15.34
N VAL F 224 14.89 -29.77 15.65
CA VAL F 224 13.57 -30.10 16.09
C VAL F 224 12.60 -29.99 14.93
N PHE F 225 11.40 -30.52 15.10
CA PHE F 225 10.46 -30.74 14.00
C PHE F 225 9.10 -30.18 14.36
N PRO F 226 8.86 -28.91 14.10
CA PRO F 226 7.51 -28.35 14.24
C PRO F 226 6.66 -28.77 13.06
N SER F 227 5.39 -28.37 13.09
CA SER F 227 4.49 -28.74 12.01
C SER F 227 4.56 -27.72 10.90
N GLN F 228 4.30 -28.19 9.68
CA GLN F 228 4.58 -27.45 8.47
C GLN F 228 3.30 -26.85 7.90
N GLU F 229 3.38 -25.62 7.41
CA GLU F 229 2.23 -24.88 6.93
C GLU F 229 2.04 -25.05 5.43
N LEU F 230 0.89 -24.58 4.95
CA LEU F 230 0.52 -24.69 3.55
C LEU F 230 0.94 -23.44 2.78
N ILE F 231 1.46 -23.67 1.57
CA ILE F 231 2.29 -22.75 0.80
C ILE F 231 1.44 -21.88 -0.14
N LEU F 232 0.14 -21.77 0.12
CA LEU F 232 -0.71 -20.95 -0.73
C LEU F 232 -0.36 -19.48 -0.62
N ASP F 233 -0.56 -18.75 -1.73
CA ASP F 233 -0.27 -17.31 -1.88
C ASP F 233 1.20 -16.98 -1.55
N LYS F 234 2.10 -17.92 -1.85
CA LYS F 234 3.52 -17.77 -1.56
C LYS F 234 4.43 -18.14 -2.72
N GLY F 235 3.94 -18.90 -3.70
CA GLY F 235 4.67 -19.07 -4.95
C GLY F 235 4.50 -17.94 -5.93
N ASP F 236 3.56 -17.04 -5.65
CA ASP F 236 3.34 -15.85 -6.48
C ASP F 236 4.11 -14.65 -5.96
N LYS F 237 4.30 -14.53 -4.64
CA LYS F 237 4.96 -13.39 -4.04
C LYS F 237 6.43 -13.67 -3.76
N LYS F 238 6.73 -14.73 -3.00
CA LYS F 238 8.11 -15.11 -2.77
C LYS F 238 8.67 -15.87 -3.97
N GLY F 239 8.06 -17.01 -4.29
CA GLY F 239 8.45 -17.81 -5.43
C GLY F 239 9.70 -18.66 -5.25
N GLN F 240 10.48 -18.40 -4.21
CA GLN F 240 11.66 -19.19 -3.89
C GLN F 240 11.49 -20.04 -2.64
N LYS F 241 10.58 -19.68 -1.75
CA LYS F 241 10.44 -20.40 -0.50
C LYS F 241 9.55 -21.61 -0.71
N SER F 242 9.93 -22.74 -0.10
CA SER F 242 9.22 -23.99 -0.30
C SER F 242 8.82 -24.68 1.00
N LYS F 243 9.11 -24.07 2.15
CA LYS F 243 8.91 -24.75 3.42
C LYS F 243 8.74 -23.74 4.54
N THR F 244 7.51 -23.41 4.86
CA THR F 244 7.22 -22.60 6.03
C THR F 244 6.92 -23.51 7.21
N LEU F 245 7.07 -22.97 8.42
CA LEU F 245 6.82 -23.72 9.64
C LEU F 245 5.85 -22.95 10.51
N TYR F 246 4.96 -23.69 11.17
CA TYR F 246 3.95 -23.08 12.02
C TYR F 246 4.58 -22.47 13.25
N SER F 247 4.07 -21.31 13.66
CA SER F 247 4.62 -20.62 14.81
C SER F 247 3.50 -19.87 15.52
N VAL F 248 3.83 -19.43 16.71
CA VAL F 248 3.04 -18.56 17.56
C VAL F 248 3.93 -17.35 17.73
N ARG F 249 3.65 -16.49 18.71
CA ARG F 249 4.45 -15.28 18.86
C ARG F 249 5.89 -15.62 19.24
N ASP F 250 6.72 -15.75 18.20
CA ASP F 250 8.16 -16.01 18.26
C ASP F 250 8.49 -17.30 19.01
N ALA F 251 7.83 -18.39 18.58
CA ALA F 251 8.11 -19.72 19.10
C ALA F 251 7.58 -20.74 18.11
N ALA F 252 8.34 -21.80 17.88
CA ALA F 252 7.87 -22.89 17.04
C ALA F 252 6.81 -23.69 17.79
N ALA F 253 5.89 -24.29 17.04
CA ALA F 253 4.77 -24.96 17.66
C ALA F 253 4.25 -26.08 16.77
N ILE F 254 3.38 -26.90 17.34
CA ILE F 254 2.71 -27.99 16.65
C ILE F 254 1.22 -27.66 16.64
N HIS F 255 0.52 -28.03 15.56
CA HIS F 255 -0.92 -27.82 15.50
C HIS F 255 -1.63 -28.65 16.56
N SER F 256 -2.84 -28.22 16.90
CA SER F 256 -3.60 -28.93 17.92
C SER F 256 -4.22 -30.21 17.39
N GLN F 257 -4.59 -30.24 16.11
CA GLN F 257 -5.21 -31.44 15.57
C GLN F 257 -4.22 -32.55 15.32
N LYS F 258 -2.92 -32.25 15.35
CA LYS F 258 -1.93 -33.31 15.19
C LYS F 258 -1.67 -34.03 16.50
N ILE F 259 -1.65 -33.28 17.60
CA ILE F 259 -1.66 -33.88 18.92
C ILE F 259 -2.95 -34.65 19.13
N GLY F 260 -4.07 -34.08 18.68
CA GLY F 260 -5.34 -34.78 18.74
C GLY F 260 -5.37 -36.03 17.89
N ASN F 261 -4.59 -36.04 16.80
CA ASN F 261 -4.39 -37.29 16.06
C ASN F 261 -3.58 -38.28 16.88
N ALA F 262 -2.58 -37.79 17.61
CA ALA F 262 -1.72 -38.70 18.35
C ALA F 262 -2.41 -39.29 19.56
N LEU F 263 -3.45 -38.64 20.09
CA LEU F 263 -4.10 -39.18 21.28
C LEU F 263 -5.07 -40.30 20.97
N ARG F 264 -5.73 -40.28 19.81
CA ARG F 264 -6.78 -41.24 19.51
C ARG F 264 -6.30 -42.38 18.62
N THR F 265 -5.07 -42.85 18.80
CA THR F 265 -4.63 -44.08 18.16
C THR F 265 -5.01 -45.24 19.06
N ILE F 266 -6.23 -45.72 18.87
CA ILE F 266 -6.78 -46.81 19.66
C ILE F 266 -6.84 -48.10 18.86
N ASP F 267 -7.18 -47.99 17.59
CA ASP F 267 -7.81 -49.06 16.83
C ASP F 267 -6.85 -50.21 16.56
N THR F 268 -6.88 -51.24 17.40
CA THR F 268 -6.16 -52.48 17.18
C THR F 268 -7.07 -53.55 16.62
N TRP F 269 -8.21 -53.17 16.04
CA TRP F 269 -9.23 -54.12 15.66
C TRP F 269 -9.51 -54.05 14.17
N TYR F 270 -8.45 -54.02 13.36
CA TYR F 270 -8.63 -54.05 11.92
C TYR F 270 -9.01 -55.44 11.48
N PRO F 271 -9.80 -55.60 10.43
CA PRO F 271 -9.99 -56.94 9.87
C PRO F 271 -8.77 -57.46 9.15
N ASP F 272 -7.92 -56.58 8.63
CA ASP F 272 -6.84 -57.01 7.76
C ASP F 272 -5.68 -57.60 8.55
N GLU F 273 -5.05 -56.80 9.41
CA GLU F 273 -3.84 -57.24 10.09
C GLU F 273 -3.74 -56.52 11.42
N ASP F 274 -3.64 -57.29 12.50
CA ASP F 274 -3.38 -56.74 13.83
C ASP F 274 -1.90 -56.79 14.20
N GLY F 275 -1.02 -56.99 13.21
CA GLY F 275 0.40 -57.11 13.49
C GLY F 275 1.17 -55.81 13.30
N LEU F 276 0.59 -54.88 12.54
CA LEU F 276 1.27 -53.61 12.30
C LEU F 276 1.24 -52.73 13.53
N GLY F 277 0.04 -52.37 14.00
CA GLY F 277 -0.09 -51.58 15.20
C GLY F 277 -1.32 -50.71 15.17
N PRO F 278 -1.61 -50.05 16.29
CA PRO F 278 -2.79 -49.18 16.37
C PRO F 278 -2.58 -47.90 15.57
N ILE F 279 -3.46 -47.67 14.59
CA ILE F 279 -3.50 -46.40 13.89
C ILE F 279 -4.89 -45.81 14.15
N ALA F 280 -4.98 -44.48 14.06
CA ALA F 280 -6.00 -43.67 14.71
C ALA F 280 -7.41 -43.96 14.20
N VAL F 281 -8.38 -43.47 14.96
CA VAL F 281 -9.78 -43.83 14.80
C VAL F 281 -10.43 -42.88 13.81
N GLU F 282 -10.86 -43.42 12.67
CA GLU F 282 -11.57 -42.67 11.64
C GLU F 282 -12.73 -43.50 11.13
N PRO F 283 -13.82 -42.88 10.70
CA PRO F 283 -14.77 -43.60 9.85
C PRO F 283 -14.10 -43.86 8.51
N TYR F 284 -14.36 -45.05 7.96
CA TYR F 284 -13.60 -45.63 6.85
C TYR F 284 -12.11 -45.60 7.18
N GLY F 285 -11.74 -46.36 8.22
CA GLY F 285 -10.50 -46.15 8.95
C GLY F 285 -9.23 -46.20 8.13
N SER F 286 -8.68 -45.02 7.86
CA SER F 286 -7.72 -44.82 6.78
C SER F 286 -6.44 -44.20 7.29
N VAL F 287 -5.38 -44.41 6.54
CA VAL F 287 -4.07 -43.84 6.82
C VAL F 287 -3.68 -43.02 5.59
N THR F 288 -3.44 -41.73 5.79
CA THR F 288 -3.13 -40.87 4.66
C THR F 288 -1.71 -41.08 4.15
N SER F 289 -0.77 -41.39 5.05
CA SER F 289 0.62 -41.57 4.63
C SER F 289 0.79 -42.89 3.87
N GLN F 290 0.17 -43.96 4.36
CA GLN F 290 0.28 -45.25 3.69
C GLN F 290 -0.58 -45.32 2.43
N GLY F 291 -1.51 -44.39 2.24
CA GLY F 291 -2.36 -44.41 1.07
C GLY F 291 -3.38 -45.52 1.05
N LYS F 292 -3.58 -46.22 2.16
CA LYS F 292 -4.50 -47.34 2.25
C LYS F 292 -5.70 -46.94 3.08
N ALA F 293 -6.82 -47.62 2.83
CA ALA F 293 -8.03 -47.43 3.63
C ALA F 293 -8.42 -48.79 4.18
N TYR F 294 -8.05 -49.05 5.43
CA TYR F 294 -8.59 -50.20 6.14
C TYR F 294 -10.06 -49.98 6.43
N ARG F 295 -10.72 -51.06 6.86
CA ARG F 295 -12.10 -51.05 7.32
C ARG F 295 -13.04 -50.54 6.22
N GLN F 296 -13.07 -51.31 5.13
CA GLN F 296 -13.79 -50.91 3.93
C GLN F 296 -15.31 -51.00 4.16
N PRO F 297 -16.08 -50.18 3.44
CA PRO F 297 -17.55 -50.34 3.49
C PRO F 297 -18.06 -51.57 2.77
N LYS F 298 -17.23 -52.24 1.96
CA LYS F 298 -17.63 -53.50 1.37
C LYS F 298 -17.65 -54.62 2.40
N GLN F 299 -16.96 -54.44 3.52
CA GLN F 299 -17.09 -55.29 4.69
C GLN F 299 -18.26 -54.77 5.53
N LYS F 300 -18.40 -55.27 6.75
CA LYS F 300 -19.44 -54.82 7.65
C LYS F 300 -18.84 -54.29 8.94
N LEU F 301 -17.70 -53.63 8.85
CA LEU F 301 -17.03 -53.09 10.01
C LEU F 301 -16.87 -51.58 9.99
N ASP F 302 -17.41 -50.91 8.98
CA ASP F 302 -17.41 -49.45 8.90
C ASP F 302 -18.22 -48.85 10.05
N PHE F 303 -17.91 -47.59 10.39
CA PHE F 303 -18.63 -46.90 11.46
C PHE F 303 -20.09 -46.65 11.11
N TYR F 304 -20.36 -46.30 9.86
CA TYR F 304 -21.73 -46.00 9.46
C TYR F 304 -22.58 -47.27 9.44
N THR F 305 -21.97 -48.39 9.02
CA THR F 305 -22.69 -49.66 8.97
C THR F 305 -22.98 -50.19 10.36
N LEU F 306 -21.99 -50.11 11.27
CA LEU F 306 -22.21 -50.58 12.64
C LEU F 306 -23.17 -49.68 13.39
N LEU F 307 -23.12 -48.38 13.13
CA LEU F 307 -24.01 -47.46 13.82
C LEU F 307 -25.46 -47.63 13.34
N ASP F 308 -25.64 -47.86 12.04
CA ASP F 308 -26.97 -48.12 11.52
C ASP F 308 -27.51 -49.45 12.00
N ASN F 309 -26.66 -50.47 12.03
CA ASN F 309 -27.12 -51.78 12.48
C ASN F 309 -27.27 -51.88 13.99
N TRP F 310 -26.74 -50.93 14.76
CA TRP F 310 -26.84 -51.00 16.20
C TRP F 310 -27.81 -50.01 16.81
N VAL F 311 -28.15 -48.94 16.10
CA VAL F 311 -29.18 -48.04 16.58
C VAL F 311 -30.55 -48.42 16.04
N LEU F 312 -30.66 -48.61 14.73
CA LEU F 312 -31.97 -48.80 14.11
C LEU F 312 -32.52 -50.20 14.30
N ARG F 313 -31.66 -51.21 14.30
CA ARG F 313 -32.11 -52.59 14.20
C ARG F 313 -31.80 -53.42 15.44
N ASP F 314 -31.18 -52.83 16.46
CA ASP F 314 -30.82 -53.47 17.74
C ASP F 314 -29.89 -54.68 17.56
N GLU F 315 -29.13 -54.72 16.46
CA GLU F 315 -28.17 -55.80 16.24
C GLU F 315 -26.85 -55.34 16.84
N ALA F 316 -26.60 -55.74 18.08
CA ALA F 316 -25.40 -55.31 18.77
C ALA F 316 -24.18 -56.03 18.20
N PRO F 317 -23.13 -55.32 17.82
CA PRO F 317 -21.92 -55.98 17.31
C PRO F 317 -21.08 -56.57 18.44
N ALA F 318 -19.87 -57.02 18.12
CA ALA F 318 -18.94 -57.46 19.14
C ALA F 318 -18.54 -56.29 20.04
N VAL F 319 -17.94 -56.63 21.19
CA VAL F 319 -17.68 -55.64 22.22
C VAL F 319 -16.62 -54.64 21.77
N GLU F 320 -15.62 -55.13 21.04
CA GLU F 320 -14.51 -54.27 20.63
C GLU F 320 -14.95 -53.32 19.53
N GLN F 321 -15.89 -53.75 18.69
CA GLN F 321 -16.47 -52.84 17.70
C GLN F 321 -17.34 -51.80 18.37
N GLN F 322 -17.95 -52.13 19.52
CA GLN F 322 -18.67 -51.12 20.28
C GLN F 322 -17.71 -50.09 20.87
N HIS F 323 -16.52 -50.54 21.28
CA HIS F 323 -15.48 -49.59 21.66
C HIS F 323 -15.07 -48.70 20.49
N TYR F 324 -15.06 -49.25 19.28
CA TYR F 324 -14.76 -48.45 18.10
C TYR F 324 -15.83 -47.38 17.85
N VAL F 325 -17.10 -47.76 17.95
CA VAL F 325 -18.19 -46.81 17.66
C VAL F 325 -18.23 -45.70 18.70
N ILE F 326 -18.08 -46.04 19.98
CA ILE F 326 -18.07 -45.01 21.01
C ILE F 326 -16.81 -44.15 20.91
N ALA F 327 -15.70 -44.73 20.42
CA ALA F 327 -14.52 -43.93 20.14
C ALA F 327 -14.77 -42.91 19.03
N ASN F 328 -15.54 -43.28 18.02
CA ASN F 328 -15.92 -42.30 17.01
C ASN F 328 -16.90 -41.26 17.53
N LEU F 329 -17.69 -41.59 18.55
CA LEU F 329 -18.54 -40.55 19.11
C LEU F 329 -17.76 -39.59 20.00
N ILE F 330 -16.69 -40.07 20.64
CA ILE F 330 -15.83 -39.17 21.40
C ILE F 330 -14.99 -38.31 20.46
N ARG F 331 -14.65 -38.84 19.28
CA ARG F 331 -13.99 -38.04 18.26
C ARG F 331 -14.88 -36.91 17.77
N GLY F 332 -16.15 -37.17 17.53
CA GLY F 332 -17.04 -36.18 16.97
C GLY F 332 -16.88 -36.04 15.48
N GLY F 333 -17.84 -35.36 14.87
CA GLY F 333 -17.75 -35.15 13.43
C GLY F 333 -19.07 -34.69 12.86
N VAL F 334 -19.12 -34.67 11.53
CA VAL F 334 -20.31 -34.33 10.77
C VAL F 334 -20.83 -35.61 10.15
N PHE F 335 -21.93 -36.11 10.68
CA PHE F 335 -22.50 -37.37 10.25
C PHE F 335 -23.80 -37.08 9.50
N GLY F 336 -24.52 -38.13 9.14
CA GLY F 336 -25.75 -37.95 8.41
C GLY F 336 -25.50 -37.64 6.95
N GLU F 337 -26.59 -37.45 6.22
CA GLU F 337 -26.53 -37.22 4.78
C GLU F 337 -25.89 -35.86 4.44
N ALA F 338 -24.83 -35.95 3.64
CA ALA F 338 -24.07 -34.78 3.26
C ALA F 338 -23.80 -34.75 1.76
N LEU G 5 -63.47 -4.76 11.48
CA LEU G 5 -62.10 -4.63 11.95
C LEU G 5 -61.20 -5.71 11.37
N SER G 6 -60.73 -5.48 10.14
CA SER G 6 -59.71 -6.34 9.60
C SER G 6 -58.34 -5.99 10.19
N THR G 7 -57.38 -6.88 9.97
CA THR G 7 -56.01 -6.62 10.42
C THR G 7 -55.37 -5.52 9.59
N ALA G 8 -54.39 -4.84 10.18
CA ALA G 8 -53.62 -3.87 9.44
C ALA G 8 -52.71 -4.58 8.45
N SER G 9 -52.65 -4.06 7.23
CA SER G 9 -51.82 -4.68 6.20
C SER G 9 -50.34 -4.40 6.40
N VAL G 10 -49.99 -3.38 7.18
CA VAL G 10 -48.60 -3.06 7.49
C VAL G 10 -48.48 -2.95 9.00
N LEU G 11 -47.64 -3.79 9.59
CA LEU G 11 -47.29 -3.68 11.00
C LEU G 11 -45.80 -3.86 11.15
N ALA G 12 -45.20 -3.08 12.06
CA ALA G 12 -43.77 -3.16 12.29
C ALA G 12 -43.49 -2.68 13.71
N PHE G 13 -42.84 -3.51 14.49
CA PHE G 13 -42.48 -3.18 15.87
C PHE G 13 -40.98 -3.11 15.99
N GLU G 14 -40.47 -1.95 16.40
CA GLU G 14 -39.06 -1.80 16.69
C GLU G 14 -38.69 -2.60 17.92
N ARG G 15 -37.46 -3.09 17.95
CA ARG G 15 -37.07 -3.97 19.05
C ARG G 15 -36.74 -3.17 20.30
N LYS G 16 -36.95 -3.79 21.43
CA LYS G 16 -36.42 -3.35 22.71
C LYS G 16 -35.41 -4.38 23.16
N LEU G 17 -34.72 -4.09 24.26
CA LEU G 17 -33.56 -4.86 24.74
C LEU G 17 -32.49 -4.96 23.66
N ASP G 18 -31.90 -3.81 23.34
CA ASP G 18 -30.95 -3.71 22.25
C ASP G 18 -29.54 -3.96 22.77
N PRO G 19 -28.88 -5.07 22.42
CA PRO G 19 -27.52 -5.30 22.92
C PRO G 19 -26.48 -4.70 21.98
N SER G 20 -25.21 -4.92 22.27
CA SER G 20 -24.13 -4.50 21.40
C SER G 20 -23.24 -5.70 21.11
N ASP G 21 -22.18 -5.49 20.35
CA ASP G 21 -21.25 -6.57 20.05
C ASP G 21 -20.34 -6.80 21.25
N ALA G 22 -20.23 -8.06 21.66
CA ALA G 22 -19.43 -8.42 22.82
C ALA G 22 -17.97 -8.54 22.42
N LEU G 23 -17.09 -7.98 23.23
CA LEU G 23 -15.67 -8.10 22.96
C LEU G 23 -15.04 -9.10 23.92
N MET G 24 -14.03 -9.81 23.42
CA MET G 24 -13.34 -10.83 24.18
C MET G 24 -11.90 -10.41 24.41
N SER G 25 -11.47 -10.48 25.67
CA SER G 25 -10.09 -10.20 26.04
C SER G 25 -9.69 -11.19 27.12
N ALA G 26 -8.47 -11.69 27.04
CA ALA G 26 -8.03 -12.78 27.88
C ALA G 26 -7.09 -12.28 28.96
N GLY G 27 -7.09 -12.97 30.09
CA GLY G 27 -6.18 -12.63 31.16
C GLY G 27 -6.10 -13.73 32.18
N ALA G 28 -5.60 -13.37 33.36
CA ALA G 28 -5.40 -14.32 34.45
C ALA G 28 -6.45 -14.14 35.52
N TRP G 29 -6.96 -15.25 36.02
CA TRP G 29 -7.86 -15.25 37.17
C TRP G 29 -7.09 -14.79 38.41
N ALA G 30 -7.82 -14.18 39.34
CA ALA G 30 -7.37 -13.51 40.57
C ALA G 30 -6.58 -12.22 40.30
N GLN G 31 -6.32 -11.92 39.03
CA GLN G 31 -6.10 -10.56 38.54
C GLN G 31 -7.39 -10.00 37.96
N ARG G 32 -8.51 -10.41 38.54
CA ARG G 32 -9.83 -10.33 37.93
C ARG G 32 -10.48 -8.97 38.18
N ASP G 33 -10.19 -8.34 39.32
CA ASP G 33 -10.79 -7.05 39.63
C ASP G 33 -10.14 -5.92 38.87
N ALA G 34 -8.92 -6.10 38.37
CA ALA G 34 -8.23 -5.12 37.55
C ALA G 34 -8.36 -5.41 36.07
N SER G 35 -9.46 -6.05 35.65
CA SER G 35 -9.65 -6.45 34.26
C SER G 35 -10.07 -5.22 33.46
N GLN G 36 -9.11 -4.36 33.20
CA GLN G 36 -9.32 -3.16 32.42
C GLN G 36 -8.26 -2.93 31.36
N GLU G 37 -7.06 -3.46 31.55
CA GLU G 37 -5.95 -3.32 30.60
C GLU G 37 -5.61 -4.66 29.96
N TRP G 38 -6.55 -5.61 29.96
CA TRP G 38 -6.25 -6.92 29.41
C TRP G 38 -6.19 -6.85 27.88
N PRO G 39 -5.24 -7.53 27.26
CA PRO G 39 -5.14 -7.50 25.81
C PRO G 39 -6.22 -8.34 25.16
N ALA G 40 -6.54 -7.99 23.92
CA ALA G 40 -7.63 -8.63 23.22
C ALA G 40 -7.21 -9.98 22.67
N VAL G 41 -8.20 -10.82 22.39
CA VAL G 41 -7.98 -12.11 21.75
C VAL G 41 -8.02 -11.89 20.25
N THR G 42 -6.92 -12.19 19.56
CA THR G 42 -6.83 -11.95 18.14
C THR G 42 -7.17 -13.21 17.36
N VAL G 43 -7.66 -13.01 16.13
CA VAL G 43 -8.01 -14.09 15.22
C VAL G 43 -6.86 -14.29 14.26
N ARG G 44 -6.36 -15.52 14.17
CA ARG G 44 -5.22 -15.81 13.32
C ARG G 44 -5.55 -16.96 12.40
N GLU G 45 -4.63 -17.27 11.48
CA GLU G 45 -4.80 -18.32 10.52
C GLU G 45 -3.94 -19.52 10.87
N LYS G 46 -4.40 -20.71 10.50
CA LYS G 46 -3.53 -21.86 10.48
C LYS G 46 -4.02 -22.82 9.40
N SER G 47 -3.12 -23.68 8.95
CA SER G 47 -3.42 -24.62 7.88
C SER G 47 -3.83 -25.96 8.47
N VAL G 48 -4.73 -26.64 7.77
CA VAL G 48 -5.37 -27.87 8.22
C VAL G 48 -5.50 -28.79 7.02
N ARG G 49 -5.04 -30.04 7.16
CA ARG G 49 -5.20 -31.03 6.11
C ARG G 49 -6.34 -31.96 6.49
N GLY G 50 -7.32 -32.08 5.61
CA GLY G 50 -8.56 -32.76 5.93
C GLY G 50 -8.45 -34.26 5.77
N THR G 51 -9.63 -34.90 5.78
CA THR G 51 -9.74 -36.35 5.72
C THR G 51 -11.04 -36.69 5.01
N ILE G 52 -11.39 -37.98 5.03
CA ILE G 52 -12.64 -38.46 4.44
C ILE G 52 -13.47 -39.07 5.56
N SER G 53 -14.55 -38.40 5.96
CA SER G 53 -15.43 -38.94 6.99
C SER G 53 -16.90 -38.70 6.67
N ASN G 54 -17.26 -38.54 5.41
CA ASN G 54 -18.63 -38.31 5.01
C ASN G 54 -19.30 -39.62 4.62
N ARG G 55 -20.63 -39.61 4.53
CA ARG G 55 -21.31 -40.82 4.10
C ARG G 55 -21.09 -41.05 2.61
N LEU G 56 -21.26 -42.30 2.22
CA LEU G 56 -21.18 -42.71 0.83
C LEU G 56 -22.44 -43.48 0.48
N LYS G 57 -22.86 -43.37 -0.78
CA LYS G 57 -24.05 -44.07 -1.22
C LYS G 57 -23.78 -45.52 -1.57
N THR G 58 -22.52 -45.84 -1.88
CA THR G 58 -22.08 -47.10 -2.48
C THR G 58 -22.92 -47.42 -3.72
N LYS G 59 -23.05 -46.40 -4.56
CA LYS G 59 -23.45 -46.56 -5.95
C LYS G 59 -22.37 -46.10 -6.91
N ASP G 60 -21.44 -45.27 -6.44
CA ASP G 60 -20.21 -44.94 -7.13
C ASP G 60 -19.05 -44.93 -6.15
N ARG G 61 -19.00 -45.94 -5.27
CA ARG G 61 -17.95 -46.05 -4.24
C ARG G 61 -17.31 -47.43 -4.37
N ASP G 62 -16.35 -47.53 -5.28
CA ASP G 62 -15.55 -48.73 -5.44
C ASP G 62 -14.41 -48.72 -4.43
N PRO G 63 -13.85 -49.89 -4.08
CA PRO G 63 -12.73 -49.92 -3.14
C PRO G 63 -11.45 -49.29 -3.67
N ALA G 64 -11.31 -49.12 -4.98
CA ALA G 64 -10.21 -48.34 -5.51
C ALA G 64 -10.49 -46.84 -5.44
N LYS G 65 -11.76 -46.46 -5.44
CA LYS G 65 -12.11 -45.04 -5.40
C LYS G 65 -11.83 -44.43 -4.03
N LEU G 66 -11.85 -45.23 -2.97
CA LEU G 66 -11.52 -44.71 -1.66
C LEU G 66 -10.03 -44.44 -1.53
N ASP G 67 -9.21 -45.39 -1.99
CA ASP G 67 -7.76 -45.20 -1.93
C ASP G 67 -7.33 -44.08 -2.87
N ALA G 68 -7.98 -43.97 -4.03
CA ALA G 68 -7.71 -42.84 -4.90
C ALA G 68 -8.18 -41.52 -4.30
N SER G 69 -9.26 -41.55 -3.51
CA SER G 69 -9.76 -40.32 -2.92
C SER G 69 -9.02 -39.94 -1.64
N ILE G 70 -8.22 -40.85 -1.07
CA ILE G 70 -7.35 -40.47 0.04
C ILE G 70 -5.90 -40.36 -0.39
N GLN G 71 -5.61 -40.60 -1.68
CA GLN G 71 -4.43 -39.99 -2.27
C GLN G 71 -4.64 -38.49 -2.45
N SER G 72 -5.89 -38.08 -2.61
CA SER G 72 -6.24 -36.74 -3.05
C SER G 72 -5.96 -35.71 -1.96
N PRO G 73 -5.69 -34.46 -2.33
CA PRO G 73 -5.49 -33.42 -1.32
C PRO G 73 -6.79 -32.86 -0.78
N ASN G 74 -6.84 -32.73 0.55
CA ASN G 74 -7.93 -32.04 1.24
C ASN G 74 -7.37 -30.87 2.01
N LEU G 75 -6.51 -30.10 1.37
CA LEU G 75 -5.70 -29.07 2.02
C LEU G 75 -6.53 -27.81 2.20
N GLN G 76 -6.29 -27.11 3.31
CA GLN G 76 -7.32 -26.18 3.74
C GLN G 76 -6.70 -25.18 4.70
N THR G 77 -7.29 -23.99 4.79
CA THR G 77 -6.77 -22.93 5.64
C THR G 77 -7.92 -22.36 6.47
N VAL G 78 -7.79 -22.40 7.79
CA VAL G 78 -8.87 -21.96 8.67
C VAL G 78 -8.39 -20.83 9.57
N ASP G 79 -9.32 -20.24 10.31
CA ASP G 79 -9.03 -19.23 11.33
C ASP G 79 -9.30 -19.82 12.70
N VAL G 80 -8.39 -19.58 13.63
CA VAL G 80 -8.59 -19.95 15.02
C VAL G 80 -8.36 -18.75 15.91
N ALA G 81 -8.90 -18.83 17.11
CA ALA G 81 -8.68 -17.86 18.16
C ALA G 81 -8.38 -18.61 19.45
N ASN G 82 -7.20 -18.37 20.01
CA ASN G 82 -6.80 -19.05 21.24
C ASN G 82 -6.41 -18.01 22.27
N LEU G 83 -6.46 -18.42 23.54
CA LEU G 83 -5.93 -17.58 24.59
C LEU G 83 -4.41 -17.55 24.50
N PRO G 84 -3.76 -16.55 25.08
CA PRO G 84 -2.31 -16.63 25.26
C PRO G 84 -1.96 -17.75 26.22
N SER G 85 -0.72 -18.24 26.10
CA SER G 85 -0.31 -19.43 26.82
C SER G 85 -0.12 -19.21 28.31
N ASP G 86 -0.11 -17.96 28.77
CA ASP G 86 0.00 -17.63 30.19
C ASP G 86 -1.25 -16.91 30.68
N ALA G 87 -2.41 -17.36 30.23
CA ALA G 87 -3.68 -16.77 30.63
C ALA G 87 -4.76 -17.85 30.55
N ASP G 88 -5.65 -17.87 31.54
CA ASP G 88 -6.66 -18.92 31.61
C ASP G 88 -8.05 -18.35 31.91
N THR G 89 -8.32 -17.11 31.51
CA THR G 89 -9.61 -16.50 31.80
C THR G 89 -10.08 -15.69 30.60
N LEU G 90 -11.28 -15.99 30.14
CA LEU G 90 -11.94 -15.26 29.08
C LEU G 90 -12.82 -14.17 29.66
N LYS G 91 -12.69 -12.95 29.14
CA LYS G 91 -13.51 -11.82 29.51
C LYS G 91 -14.35 -11.40 28.32
N VAL G 92 -15.68 -11.31 28.53
CA VAL G 92 -16.62 -10.97 27.49
C VAL G 92 -17.45 -9.79 27.96
N ARG G 93 -17.35 -8.66 27.27
CA ARG G 93 -18.00 -7.44 27.72
C ARG G 93 -18.97 -6.94 26.67
N PHE G 94 -20.17 -6.57 27.09
CA PHE G 94 -21.11 -5.88 26.21
C PHE G 94 -22.02 -5.00 27.05
N THR G 95 -22.82 -4.18 26.38
CA THR G 95 -23.76 -3.27 27.02
C THR G 95 -25.19 -3.60 26.56
N LEU G 96 -26.17 -2.99 27.22
CA LEU G 96 -27.56 -3.33 26.94
C LEU G 96 -28.45 -2.16 27.32
N ARG G 97 -29.23 -1.65 26.36
CA ARG G 97 -30.24 -0.65 26.64
C ARG G 97 -31.60 -1.31 26.79
N VAL G 98 -32.41 -0.78 27.70
CA VAL G 98 -33.79 -1.22 27.85
C VAL G 98 -34.67 -0.02 27.53
N LEU G 99 -35.35 -0.07 26.38
CA LEU G 99 -35.99 1.14 25.88
C LEU G 99 -37.36 1.39 26.54
N GLY G 100 -38.29 0.47 26.35
CA GLY G 100 -39.61 0.64 26.94
C GLY G 100 -40.59 1.29 25.98
N GLY G 101 -41.87 1.13 26.30
CA GLY G 101 -42.92 1.55 25.40
C GLY G 101 -43.20 0.46 24.37
N ALA G 102 -43.50 -0.75 24.86
CA ALA G 102 -43.50 -1.95 24.05
C ALA G 102 -44.86 -2.28 23.45
N GLY G 103 -45.70 -1.28 23.20
CA GLY G 103 -46.99 -1.55 22.60
C GLY G 103 -47.20 -0.76 21.32
N THR G 104 -46.51 0.36 21.20
CA THR G 104 -46.73 1.27 20.08
C THR G 104 -45.97 0.79 18.85
N PRO G 105 -46.64 0.49 17.74
CA PRO G 105 -45.92 0.13 16.52
C PRO G 105 -45.29 1.35 15.87
N SER G 106 -44.41 1.09 14.92
CA SER G 106 -43.78 2.17 14.17
C SER G 106 -44.45 2.42 12.82
N ALA G 107 -45.30 1.52 12.36
CA ALA G 107 -45.99 1.68 11.09
C ALA G 107 -47.28 0.88 11.13
N CYS G 108 -48.40 1.54 10.82
CA CYS G 108 -49.69 0.88 10.86
C CYS G 108 -50.65 1.61 9.94
N ASN G 109 -51.39 0.85 9.14
CA ASN G 109 -52.37 1.46 8.23
C ASN G 109 -53.58 1.98 8.99
N ASP G 110 -54.29 1.08 9.67
CA ASP G 110 -55.54 1.42 10.31
C ASP G 110 -55.29 2.25 11.57
N ALA G 111 -56.26 3.10 11.90
CA ALA G 111 -56.25 3.83 13.15
C ALA G 111 -57.10 3.19 14.22
N ALA G 112 -58.12 2.44 13.84
CA ALA G 112 -58.95 1.75 14.81
C ALA G 112 -58.24 0.51 15.34
N TYR G 113 -57.55 -0.21 14.46
CA TYR G 113 -56.81 -1.40 14.86
C TYR G 113 -55.65 -1.04 15.78
N ARG G 114 -55.02 0.12 15.56
CA ARG G 114 -53.92 0.53 16.41
C ARG G 114 -54.42 0.96 17.79
N ASP G 115 -55.58 1.61 17.86
CA ASP G 115 -56.14 2.00 19.14
C ASP G 115 -56.64 0.79 19.92
N LYS G 116 -57.21 -0.18 19.22
CA LYS G 116 -57.62 -1.43 19.86
C LYS G 116 -56.40 -2.20 20.39
N LEU G 117 -55.30 -2.17 19.63
CA LEU G 117 -54.07 -2.81 20.07
C LEU G 117 -53.50 -2.13 21.31
N LEU G 118 -53.52 -0.80 21.35
CA LEU G 118 -53.02 -0.09 22.53
C LEU G 118 -53.91 -0.30 23.75
N GLN G 119 -55.23 -0.44 23.54
CA GLN G 119 -56.10 -0.77 24.66
C GLN G 119 -55.86 -2.19 25.16
N THR G 120 -55.52 -3.11 24.25
CA THR G 120 -55.24 -4.48 24.66
C THR G 120 -53.94 -4.56 25.46
N VAL G 121 -52.88 -3.93 24.96
CA VAL G 121 -51.59 -3.97 25.66
C VAL G 121 -51.66 -3.22 26.98
N ALA G 122 -52.33 -2.06 26.99
CA ALA G 122 -52.49 -1.33 28.24
C ALA G 122 -53.38 -2.08 29.24
N THR G 123 -54.34 -2.85 28.73
CA THR G 123 -55.11 -3.74 29.60
C THR G 123 -54.23 -4.82 30.21
N TYR G 124 -53.30 -5.36 29.42
CA TYR G 124 -52.37 -6.37 29.91
C TYR G 124 -51.46 -5.81 31.01
N VAL G 125 -50.89 -4.62 30.77
CA VAL G 125 -49.97 -4.03 31.73
C VAL G 125 -50.71 -3.62 33.00
N ASN G 126 -51.95 -3.14 32.86
CA ASN G 126 -52.72 -2.75 34.05
C ASN G 126 -53.20 -3.95 34.83
N ASP G 127 -53.44 -5.08 34.17
CA ASP G 127 -53.83 -6.28 34.91
C ASP G 127 -52.64 -6.89 35.65
N GLN G 128 -51.48 -6.96 35.00
CA GLN G 128 -50.28 -7.49 35.62
C GLN G 128 -49.06 -6.85 35.00
N GLY G 129 -48.02 -6.67 35.80
CA GLY G 129 -46.86 -5.93 35.36
C GLY G 129 -45.97 -6.74 34.43
N PHE G 130 -44.77 -6.20 34.23
CA PHE G 130 -43.71 -6.87 33.48
C PHE G 130 -42.82 -7.71 34.37
N ALA G 131 -43.33 -8.22 35.50
CA ALA G 131 -42.47 -8.87 36.48
C ALA G 131 -42.04 -10.25 36.02
N GLU G 132 -42.90 -10.96 35.29
CA GLU G 132 -42.58 -12.31 34.81
C GLU G 132 -41.50 -12.27 33.75
N LEU G 133 -41.68 -11.43 32.72
CA LEU G 133 -40.73 -11.34 31.63
C LEU G 133 -39.39 -10.79 32.11
N ALA G 134 -39.41 -9.80 33.00
CA ALA G 134 -38.16 -9.28 33.54
C ALA G 134 -37.51 -10.27 34.51
N ARG G 135 -38.29 -11.16 35.10
CA ARG G 135 -37.70 -12.21 35.92
C ARG G 135 -36.95 -13.21 35.06
N ARG G 136 -37.52 -13.59 33.92
CA ARG G 136 -36.86 -14.55 33.04
C ARG G 136 -35.67 -13.93 32.30
N TYR G 137 -35.80 -12.65 31.91
CA TYR G 137 -34.67 -11.90 31.38
C TYR G 137 -33.56 -11.75 32.41
N ALA G 138 -33.93 -11.55 33.67
CA ALA G 138 -32.93 -11.49 34.73
C ALA G 138 -32.26 -12.83 34.94
N HIS G 139 -32.96 -13.94 34.73
CA HIS G 139 -32.31 -15.23 34.83
C HIS G 139 -31.40 -15.50 33.64
N ASN G 140 -31.73 -14.97 32.46
CA ASN G 140 -30.81 -15.16 31.34
C ASN G 140 -29.60 -14.24 31.41
N LEU G 141 -29.70 -13.09 32.08
CA LEU G 141 -28.49 -12.33 32.38
C LEU G 141 -27.75 -12.89 33.59
N ALA G 142 -28.41 -13.67 34.43
CA ALA G 142 -27.80 -14.17 35.65
C ALA G 142 -26.75 -15.23 35.33
N ASN G 143 -27.15 -16.27 34.60
CA ASN G 143 -26.20 -17.26 34.12
C ASN G 143 -25.55 -16.75 32.83
N ALA G 144 -24.97 -17.65 32.06
CA ALA G 144 -24.15 -17.21 30.94
C ALA G 144 -24.62 -17.83 29.64
N ARG G 145 -25.91 -17.69 29.32
CA ARG G 145 -26.43 -18.11 28.03
C ARG G 145 -25.68 -17.47 26.88
N PHE G 146 -25.29 -16.20 27.01
CA PHE G 146 -24.57 -15.49 25.96
C PHE G 146 -23.14 -15.97 25.78
N LEU G 147 -22.63 -16.80 26.68
CA LEU G 147 -21.43 -17.59 26.42
C LEU G 147 -21.95 -18.92 25.88
N TRP G 148 -22.02 -19.03 24.55
CA TRP G 148 -22.67 -20.17 23.93
C TRP G 148 -21.93 -21.49 24.09
N ARG G 149 -20.74 -21.59 23.51
CA ARG G 149 -19.93 -22.80 23.66
C ARG G 149 -18.77 -22.56 24.60
N ASN G 150 -18.45 -21.30 24.90
CA ASN G 150 -17.41 -20.97 25.83
C ASN G 150 -17.77 -21.37 27.26
N ARG G 151 -19.06 -21.46 27.57
CA ARG G 151 -19.48 -21.88 28.91
C ARG G 151 -19.24 -23.37 29.12
N VAL G 152 -19.35 -24.17 28.06
CA VAL G 152 -19.31 -25.63 28.16
C VAL G 152 -17.93 -26.09 28.59
N GLY G 153 -17.86 -26.72 29.76
CA GLY G 153 -16.60 -27.18 30.30
C GLY G 153 -15.75 -26.07 30.86
N ALA G 154 -16.22 -25.42 31.92
CA ALA G 154 -15.48 -24.36 32.57
C ALA G 154 -15.48 -24.60 34.08
N GLU G 155 -14.43 -24.11 34.74
CA GLU G 155 -14.31 -24.31 36.18
C GLU G 155 -15.23 -23.38 36.95
N ALA G 156 -15.21 -22.09 36.62
CA ALA G 156 -16.01 -21.11 37.33
C ALA G 156 -16.33 -19.97 36.39
N VAL G 157 -17.60 -19.58 36.35
CA VAL G 157 -18.07 -18.48 35.51
C VAL G 157 -18.66 -17.43 36.43
N GLU G 158 -18.18 -16.19 36.32
CA GLU G 158 -18.65 -15.10 37.16
C GLU G 158 -19.17 -13.97 36.29
N VAL G 159 -20.36 -13.47 36.61
CA VAL G 159 -21.02 -12.43 35.84
C VAL G 159 -21.14 -11.19 36.72
N ARG G 160 -20.69 -10.04 36.20
CA ARG G 160 -20.80 -8.76 36.89
C ARG G 160 -21.64 -7.82 36.06
N ILE G 161 -22.68 -7.25 36.67
CA ILE G 161 -23.65 -6.40 35.99
C ILE G 161 -23.64 -5.04 36.66
N ASN G 162 -23.54 -3.98 35.88
CA ASN G 162 -23.53 -2.63 36.42
C ASN G 162 -24.67 -1.82 35.83
N HIS G 163 -25.21 -0.93 36.64
CA HIS G 163 -26.22 0.02 36.20
C HIS G 163 -25.60 1.40 36.14
N ILE G 164 -25.92 2.14 35.08
CA ILE G 164 -25.23 3.37 34.73
C ILE G 164 -26.24 4.49 34.55
N ARG G 165 -26.09 5.58 35.31
CA ARG G 165 -26.92 6.77 35.18
C ARG G 165 -26.19 7.95 34.57
N GLN G 166 -24.90 8.08 34.83
CA GLN G 166 -24.06 9.19 34.41
C GLN G 166 -22.70 8.55 34.11
N GLY G 167 -21.64 9.34 34.13
CA GLY G 167 -20.32 8.73 34.17
C GLY G 167 -19.97 8.13 35.54
N GLU G 168 -20.78 7.19 36.02
CA GLU G 168 -20.73 6.66 37.38
C GLU G 168 -21.26 5.24 37.33
N VAL G 169 -21.42 4.63 38.51
CA VAL G 169 -22.06 3.34 38.67
C VAL G 169 -23.08 3.46 39.77
N ALA G 170 -24.34 3.18 39.45
CA ALA G 170 -25.41 3.31 40.45
C ALA G 170 -25.42 2.11 41.40
N ARG G 171 -25.60 0.91 40.86
CA ARG G 171 -25.63 -0.30 41.66
C ARG G 171 -24.98 -1.44 40.90
N ALA G 172 -24.12 -2.20 41.57
CA ALA G 172 -23.40 -3.31 40.98
C ALA G 172 -23.90 -4.64 41.54
N TRP G 173 -24.04 -5.62 40.65
CA TRP G 173 -24.38 -6.98 41.00
C TRP G 173 -23.25 -7.91 40.61
N ARG G 174 -23.01 -8.93 41.44
CA ARG G 174 -22.00 -9.95 41.16
C ARG G 174 -22.62 -11.31 41.43
N PHE G 175 -22.72 -12.11 40.38
CA PHE G 175 -23.42 -13.39 40.43
C PHE G 175 -22.44 -14.55 40.30
N ASP G 176 -23.01 -15.75 40.27
CA ASP G 176 -22.26 -16.98 40.05
C ASP G 176 -23.08 -17.82 39.08
N ALA G 177 -22.59 -17.99 37.86
CA ALA G 177 -23.40 -18.55 36.79
C ALA G 177 -23.57 -20.06 36.89
N LEU G 178 -22.67 -20.76 37.55
CA LEU G 178 -22.79 -22.22 37.61
C LEU G 178 -23.74 -22.65 38.72
N ALA G 179 -23.84 -21.88 39.79
CA ALA G 179 -24.81 -22.18 40.84
C ALA G 179 -26.23 -21.92 40.36
N ILE G 180 -26.43 -20.84 39.61
CA ILE G 180 -27.73 -20.56 39.02
C ILE G 180 -27.97 -21.53 37.87
N GLY G 181 -29.12 -22.18 37.90
CA GLY G 181 -29.38 -23.26 36.98
C GLY G 181 -29.57 -22.80 35.55
N LEU G 182 -29.52 -23.77 34.64
CA LEU G 182 -29.71 -23.52 33.23
C LEU G 182 -31.17 -23.67 32.82
N ARG G 183 -31.94 -24.48 33.54
CA ARG G 183 -33.31 -24.78 33.18
C ARG G 183 -34.33 -24.45 34.25
N ASP G 184 -33.91 -24.23 35.50
CA ASP G 184 -34.81 -24.03 36.61
C ASP G 184 -34.80 -22.55 37.00
N PHE G 185 -35.92 -21.87 36.80
CA PHE G 185 -36.04 -20.45 37.13
C PHE G 185 -36.47 -20.34 38.59
N LYS G 186 -35.49 -20.26 39.49
CA LYS G 186 -35.73 -20.13 40.92
C LYS G 186 -35.48 -18.70 41.35
N ALA G 187 -36.29 -18.23 42.30
CA ALA G 187 -36.24 -16.84 42.73
C ALA G 187 -35.02 -16.59 43.61
N ASP G 188 -34.71 -15.30 43.77
CA ASP G 188 -33.60 -14.82 44.59
C ASP G 188 -33.85 -13.35 44.86
N ALA G 189 -33.22 -12.83 45.92
CA ALA G 189 -33.41 -11.42 46.28
C ALA G 189 -32.77 -10.50 45.26
N GLU G 190 -31.53 -10.82 44.85
CA GLU G 190 -30.82 -9.97 43.89
C GLU G 190 -31.46 -10.03 42.52
N LEU G 191 -31.95 -11.21 42.12
CA LEU G 191 -32.66 -11.33 40.86
C LEU G 191 -34.00 -10.62 40.90
N ASP G 192 -34.60 -10.49 42.09
CA ASP G 192 -35.81 -9.69 42.19
C ASP G 192 -35.48 -8.20 42.12
N ALA G 193 -34.31 -7.80 42.61
CA ALA G 193 -33.90 -6.40 42.49
C ALA G 193 -33.63 -6.03 41.04
N LEU G 194 -32.84 -6.85 40.34
CA LEU G 194 -32.53 -6.58 38.94
C LEU G 194 -33.75 -6.78 38.05
N ALA G 195 -34.66 -7.67 38.44
CA ALA G 195 -35.93 -7.79 37.71
C ALA G 195 -36.83 -6.58 37.94
N GLU G 196 -36.74 -5.95 39.11
CA GLU G 196 -37.42 -4.67 39.29
C GLU G 196 -36.78 -3.57 38.46
N LEU G 197 -35.47 -3.65 38.22
CA LEU G 197 -34.82 -2.65 37.37
C LEU G 197 -35.24 -2.79 35.91
N ILE G 198 -35.21 -4.03 35.39
CA ILE G 198 -35.60 -4.25 34.00
C ILE G 198 -37.10 -4.00 33.81
N ALA G 199 -37.92 -4.44 34.77
CA ALA G 199 -39.36 -4.20 34.69
C ALA G 199 -39.68 -2.72 34.83
N SER G 200 -38.87 -1.96 35.57
CA SER G 200 -39.01 -0.52 35.60
C SER G 200 -38.52 0.12 34.31
N GLY G 201 -37.68 -0.58 33.56
CA GLY G 201 -37.21 -0.06 32.29
C GLY G 201 -38.18 -0.26 31.14
N LEU G 202 -38.79 -1.44 31.06
CA LEU G 202 -39.70 -1.74 29.96
C LEU G 202 -41.02 -1.00 30.09
N SER G 203 -41.39 -0.57 31.29
CA SER G 203 -42.64 0.17 31.46
C SER G 203 -42.51 1.64 31.09
N GLY G 204 -41.31 2.12 30.80
CA GLY G 204 -41.12 3.50 30.45
C GLY G 204 -40.97 4.44 31.62
N SER G 205 -40.68 3.93 32.80
CA SER G 205 -40.56 4.75 33.99
C SER G 205 -39.15 5.27 34.21
N GLY G 206 -38.26 5.10 33.26
CA GLY G 206 -36.90 5.59 33.41
C GLY G 206 -36.03 5.08 32.29
N HIS G 207 -34.74 5.43 32.38
CA HIS G 207 -33.74 5.03 31.42
C HIS G 207 -32.84 3.97 32.04
N VAL G 208 -32.66 2.85 31.34
CA VAL G 208 -31.90 1.72 31.85
C VAL G 208 -30.80 1.38 30.86
N LEU G 209 -29.55 1.56 31.29
CA LEU G 209 -28.37 1.13 30.54
C LEU G 209 -27.55 0.23 31.45
N LEU G 210 -27.29 -0.99 31.02
CA LEU G 210 -26.57 -1.96 31.81
C LEU G 210 -25.26 -2.33 31.13
N GLU G 211 -24.24 -2.57 31.93
CA GLU G 211 -22.94 -3.06 31.46
C GLU G 211 -22.73 -4.46 31.99
N VAL G 212 -22.59 -5.42 31.08
CA VAL G 212 -22.48 -6.83 31.44
C VAL G 212 -21.08 -7.32 31.11
N VAL G 213 -20.41 -7.90 32.10
CA VAL G 213 -19.05 -8.42 31.97
C VAL G 213 -19.04 -9.85 32.47
N ALA G 214 -18.54 -10.77 31.67
CA ALA G 214 -18.51 -12.19 32.02
C ALA G 214 -17.09 -12.72 32.03
N PHE G 215 -16.83 -13.62 32.99
CA PHE G 215 -15.52 -14.18 33.29
C PHE G 215 -15.61 -15.69 33.27
N ALA G 216 -14.68 -16.35 32.59
CA ALA G 216 -14.72 -17.80 32.52
C ALA G 216 -13.31 -18.37 32.63
N ARG G 217 -13.11 -19.35 33.52
CA ARG G 217 -11.88 -20.13 33.53
C ARG G 217 -12.00 -21.26 32.53
N ILE G 218 -11.14 -21.23 31.52
CA ILE G 218 -11.10 -22.28 30.50
C ILE G 218 -9.83 -23.10 30.60
N GLY G 219 -8.68 -22.45 30.56
CA GLY G 219 -7.41 -23.13 30.62
C GLY G 219 -6.34 -22.31 29.91
N ASP G 220 -5.09 -22.71 30.16
CA ASP G 220 -3.95 -22.02 29.56
C ASP G 220 -3.86 -22.35 28.08
N GLY G 221 -4.05 -21.34 27.23
CA GLY G 221 -3.85 -21.53 25.81
C GLY G 221 -4.94 -22.30 25.10
N GLN G 222 -6.11 -22.43 25.71
CA GLN G 222 -7.22 -23.16 25.11
C GLN G 222 -7.87 -22.32 24.00
N GLU G 223 -8.99 -22.82 23.46
CA GLU G 223 -9.62 -22.21 22.30
C GLU G 223 -10.90 -21.51 22.70
N VAL G 224 -11.05 -20.27 22.26
CA VAL G 224 -12.29 -19.53 22.42
C VAL G 224 -13.07 -19.59 21.12
N PHE G 225 -14.34 -19.19 21.19
CA PHE G 225 -15.30 -19.45 20.11
C PHE G 225 -16.03 -18.16 19.78
N PRO G 226 -15.48 -17.34 18.88
CA PRO G 226 -16.22 -16.20 18.35
C PRO G 226 -17.23 -16.67 17.33
N SER G 227 -18.01 -15.72 16.82
CA SER G 227 -19.03 -16.06 15.84
C SER G 227 -18.45 -16.05 14.44
N GLN G 228 -19.01 -16.87 13.58
CA GLN G 228 -18.44 -17.21 12.28
C GLN G 228 -19.16 -16.47 11.18
N GLU G 229 -18.39 -15.96 10.21
CA GLU G 229 -18.90 -15.14 9.13
C GLU G 229 -19.27 -15.96 7.91
N LEU G 230 -19.94 -15.32 6.97
CA LEU G 230 -20.40 -15.96 5.74
C LEU G 230 -19.38 -15.80 4.63
N ILE G 231 -19.05 -16.91 3.97
CA ILE G 231 -18.29 -16.90 2.72
C ILE G 231 -18.98 -17.85 1.76
N LEU G 232 -18.74 -17.63 0.47
CA LEU G 232 -19.35 -18.48 -0.56
C LEU G 232 -18.26 -18.93 -1.53
N ASP G 233 -18.03 -20.24 -1.61
CA ASP G 233 -17.09 -20.80 -2.56
C ASP G 233 -17.73 -20.77 -3.94
N LYS G 234 -17.39 -19.76 -4.72
CA LYS G 234 -17.76 -19.71 -6.12
C LYS G 234 -16.54 -20.06 -6.97
N GLY G 235 -16.67 -19.89 -8.28
CA GLY G 235 -15.61 -20.25 -9.19
C GLY G 235 -14.51 -19.22 -9.39
N ASP G 236 -13.58 -19.12 -8.44
CA ASP G 236 -12.38 -18.33 -8.67
C ASP G 236 -11.15 -19.24 -8.67
N LYS G 237 -9.97 -18.63 -8.73
CA LYS G 237 -8.71 -19.34 -8.90
C LYS G 237 -8.03 -19.58 -7.56
N LYS G 238 -7.29 -20.69 -7.49
CA LYS G 238 -6.32 -21.03 -6.45
C LYS G 238 -6.93 -21.18 -5.06
N GLY G 239 -8.24 -21.27 -4.93
CA GLY G 239 -8.87 -21.52 -3.65
C GLY G 239 -8.83 -20.31 -2.72
N GLN G 240 -9.45 -20.49 -1.56
CA GLN G 240 -9.55 -19.45 -0.54
C GLN G 240 -9.78 -20.13 0.80
N LYS G 241 -10.15 -19.34 1.79
CA LYS G 241 -10.38 -19.79 3.15
C LYS G 241 -11.72 -20.53 3.23
N SER G 242 -11.93 -21.27 4.32
CA SER G 242 -13.16 -22.02 4.51
C SER G 242 -13.85 -21.73 5.84
N LYS G 243 -13.26 -20.89 6.67
CA LYS G 243 -13.74 -20.53 8.00
C LYS G 243 -13.19 -19.18 8.40
N THR G 244 -13.96 -18.12 8.17
CA THR G 244 -13.62 -16.80 8.69
C THR G 244 -14.32 -16.59 10.02
N LEU G 245 -13.78 -15.66 10.81
CA LEU G 245 -14.34 -15.35 12.12
C LEU G 245 -14.61 -13.86 12.21
N TYR G 246 -15.71 -13.50 12.86
CA TYR G 246 -16.09 -12.11 13.00
C TYR G 246 -15.13 -11.37 13.92
N SER G 247 -14.82 -10.13 13.56
CA SER G 247 -13.90 -9.35 14.33
C SER G 247 -14.28 -7.88 14.26
N VAL G 248 -13.67 -7.12 15.15
CA VAL G 248 -13.73 -5.66 15.21
C VAL G 248 -12.27 -5.26 15.02
N ARG G 249 -11.91 -4.02 15.36
CA ARG G 249 -10.55 -3.58 15.14
C ARG G 249 -9.58 -4.36 16.01
N ASP G 250 -9.06 -5.46 15.43
CA ASP G 250 -8.05 -6.35 16.02
C ASP G 250 -8.52 -6.96 17.34
N ALA G 251 -9.71 -7.55 17.33
CA ALA G 251 -10.25 -8.27 18.47
C ALA G 251 -11.36 -9.19 17.98
N ALA G 252 -11.38 -10.41 18.51
CA ALA G 252 -12.48 -11.32 18.20
C ALA G 252 -13.75 -10.87 18.90
N ALA G 253 -14.89 -11.18 18.30
CA ALA G 253 -16.15 -10.67 18.83
C ALA G 253 -17.29 -11.61 18.47
N ILE G 254 -18.43 -11.36 19.09
CA ILE G 254 -19.67 -12.09 18.84
C ILE G 254 -20.67 -11.10 18.27
N HIS G 255 -21.52 -11.55 17.35
CA HIS G 255 -22.55 -10.68 16.80
C HIS G 255 -23.54 -10.26 17.87
N SER G 256 -24.23 -9.15 17.62
CA SER G 256 -25.18 -8.65 18.60
C SER G 256 -26.48 -9.45 18.59
N GLN G 257 -26.90 -9.96 17.44
CA GLN G 257 -28.15 -10.70 17.39
C GLN G 257 -28.02 -12.09 17.98
N LYS G 258 -26.81 -12.58 18.23
CA LYS G 258 -26.65 -13.87 18.87
C LYS G 258 -26.77 -13.75 20.38
N ILE G 259 -26.24 -12.68 20.94
CA ILE G 259 -26.51 -12.34 22.33
C ILE G 259 -27.99 -12.04 22.51
N GLY G 260 -28.57 -11.33 21.54
CA GLY G 260 -30.00 -11.07 21.58
C GLY G 260 -30.84 -12.33 21.45
N ASN G 261 -30.29 -13.35 20.78
CA ASN G 261 -30.93 -14.66 20.81
C ASN G 261 -30.81 -15.29 22.18
N ALA G 262 -29.67 -15.10 22.84
CA ALA G 262 -29.47 -15.75 24.13
C ALA G 262 -30.29 -15.09 25.24
N LEU G 263 -30.69 -13.84 25.07
CA LEU G 263 -31.45 -13.18 26.14
C LEU G 263 -32.92 -13.57 26.14
N ARG G 264 -33.51 -13.84 24.98
CA ARG G 264 -34.95 -14.07 24.90
C ARG G 264 -35.31 -15.54 24.83
N THR G 265 -34.58 -16.39 25.54
CA THR G 265 -35.01 -17.79 25.72
C THR G 265 -35.93 -17.83 26.92
N ILE G 266 -37.22 -17.61 26.66
CA ILE G 266 -38.25 -17.58 27.67
C ILE G 266 -39.13 -18.82 27.61
N ASP G 267 -39.43 -19.26 26.40
CA ASP G 267 -40.62 -20.04 26.10
C ASP G 267 -40.56 -21.44 26.68
N THR G 268 -41.13 -21.63 27.86
CA THR G 268 -41.32 -22.94 28.48
C THR G 268 -42.73 -23.45 28.26
N TRP G 269 -43.45 -22.92 27.27
CA TRP G 269 -44.86 -23.21 27.13
C TRP G 269 -45.15 -23.83 25.78
N TYR G 270 -44.34 -24.80 25.39
CA TYR G 270 -44.59 -25.51 24.14
C TYR G 270 -45.77 -26.47 24.33
N PRO G 271 -46.57 -26.72 23.31
CA PRO G 271 -47.57 -27.79 23.43
C PRO G 271 -46.96 -29.17 23.42
N ASP G 272 -45.79 -29.33 22.80
CA ASP G 272 -45.24 -30.67 22.59
C ASP G 272 -44.61 -31.23 23.86
N GLU G 273 -43.56 -30.58 24.35
CA GLU G 273 -42.82 -31.13 25.48
C GLU G 273 -42.20 -29.99 26.27
N ASP G 274 -42.50 -29.94 27.56
CA ASP G 274 -41.86 -29.01 28.48
C ASP G 274 -40.69 -29.63 29.23
N GLY G 275 -40.17 -30.75 28.75
CA GLY G 275 -39.10 -31.44 29.43
C GLY G 275 -37.72 -31.11 28.86
N LEU G 276 -37.67 -30.61 27.63
CA LEU G 276 -36.40 -30.28 27.01
C LEU G 276 -35.81 -29.02 27.61
N GLY G 277 -36.51 -27.91 27.51
CA GLY G 277 -36.07 -26.67 28.08
C GLY G 277 -36.54 -25.45 27.31
N PRO G 278 -36.30 -24.26 27.84
CA PRO G 278 -36.71 -23.04 27.16
C PRO G 278 -35.84 -22.76 25.94
N ILE G 279 -36.48 -22.68 24.78
CA ILE G 279 -35.80 -22.22 23.57
C ILE G 279 -36.54 -20.96 23.12
N ALA G 280 -35.83 -20.10 22.39
CA ALA G 280 -36.12 -18.68 22.27
C ALA G 280 -37.45 -18.39 21.59
N VAL G 281 -37.89 -17.14 21.73
CA VAL G 281 -39.23 -16.72 21.36
C VAL G 281 -39.27 -16.30 19.90
N GLU G 282 -40.01 -17.05 19.09
CA GLU G 282 -40.21 -16.75 17.68
C GLU G 282 -41.66 -16.96 17.32
N PRO G 283 -42.20 -16.20 16.37
CA PRO G 283 -43.44 -16.63 15.73
C PRO G 283 -43.16 -17.88 14.93
N TYR G 284 -44.12 -18.81 14.95
CA TYR G 284 -43.93 -20.21 14.51
C TYR G 284 -42.70 -20.80 15.20
N GLY G 285 -42.78 -20.91 16.54
CA GLY G 285 -41.61 -21.04 17.38
C GLY G 285 -40.68 -22.20 17.08
N SER G 286 -39.56 -21.87 16.45
CA SER G 286 -38.76 -22.84 15.73
C SER G 286 -37.33 -22.83 16.22
N VAL G 287 -36.65 -23.96 15.98
CA VAL G 287 -35.25 -24.12 16.30
C VAL G 287 -34.54 -24.47 15.00
N THR G 288 -33.56 -23.66 14.62
CA THR G 288 -32.87 -23.88 13.36
C THR G 288 -31.91 -25.05 13.43
N SER G 289 -31.27 -25.26 14.58
CA SER G 289 -30.30 -26.35 14.71
C SER G 289 -31.00 -27.70 14.75
N GLN G 290 -32.09 -27.80 15.50
CA GLN G 290 -32.83 -29.06 15.58
C GLN G 290 -33.65 -29.34 14.33
N GLY G 291 -33.85 -28.34 13.47
CA GLY G 291 -34.64 -28.54 12.27
C GLY G 291 -36.12 -28.74 12.48
N LYS G 292 -36.61 -28.48 13.68
CA LYS G 292 -38.00 -28.67 14.04
C LYS G 292 -38.67 -27.30 14.20
N ALA G 293 -39.98 -27.28 14.01
CA ALA G 293 -40.78 -26.09 14.25
C ALA G 293 -41.87 -26.47 15.24
N TYR G 294 -41.64 -26.14 16.51
CA TYR G 294 -42.70 -26.21 17.50
C TYR G 294 -43.72 -25.13 17.23
N ARG G 295 -44.87 -25.24 17.92
CA ARG G 295 -45.93 -24.24 17.92
C ARG G 295 -46.46 -24.02 16.49
N GLN G 296 -47.01 -25.10 15.94
CA GLN G 296 -47.45 -25.11 14.56
C GLN G 296 -48.69 -24.24 14.36
N PRO G 297 -48.89 -23.70 13.15
CA PRO G 297 -50.14 -22.99 12.86
C PRO G 297 -51.33 -23.92 12.70
N LYS G 298 -51.12 -25.23 12.57
CA LYS G 298 -52.25 -26.15 12.58
C LYS G 298 -52.85 -26.30 13.97
N GLN G 299 -52.10 -25.94 15.01
CA GLN G 299 -52.65 -25.78 16.34
C GLN G 299 -53.20 -24.36 16.47
N LYS G 300 -53.52 -23.95 17.68
CA LYS G 300 -54.03 -22.61 17.93
C LYS G 300 -53.15 -21.88 18.93
N LEU G 301 -51.84 -22.10 18.85
CA LEU G 301 -50.89 -21.48 19.76
C LEU G 301 -49.87 -20.60 19.06
N ASP G 302 -49.96 -20.43 17.74
CA ASP G 302 -49.11 -19.53 16.99
C ASP G 302 -49.31 -18.08 17.44
N PHE G 303 -48.30 -17.25 17.21
CA PHE G 303 -48.38 -15.83 17.58
C PHE G 303 -49.43 -15.09 16.76
N TYR G 304 -49.53 -15.40 15.47
CA TYR G 304 -50.47 -14.70 14.61
C TYR G 304 -51.91 -15.08 14.96
N THR G 305 -52.12 -16.35 15.31
CA THR G 305 -53.45 -16.82 15.67
C THR G 305 -53.90 -16.25 17.01
N LEU G 306 -53.00 -16.23 18.00
CA LEU G 306 -53.35 -15.68 19.31
C LEU G 306 -53.53 -14.16 19.24
N LEU G 307 -52.73 -13.48 18.41
CA LEU G 307 -52.85 -12.04 18.30
C LEU G 307 -54.14 -11.65 17.59
N ASP G 308 -54.51 -12.41 16.55
CA ASP G 308 -55.77 -12.16 15.87
C ASP G 308 -56.96 -12.47 16.76
N ASN G 309 -56.88 -13.57 17.51
CA ASN G 309 -58.01 -13.93 18.38
C ASN G 309 -58.08 -13.09 19.65
N TRP G 310 -57.03 -12.33 19.97
CA TRP G 310 -57.05 -11.54 21.19
C TRP G 310 -57.19 -10.04 20.95
N VAL G 311 -56.87 -9.55 19.76
CA VAL G 311 -57.13 -8.16 19.44
C VAL G 311 -58.50 -7.97 18.79
N LEU G 312 -58.79 -8.76 17.76
CA LEU G 312 -59.99 -8.52 16.97
C LEU G 312 -61.25 -9.04 17.64
N ARG G 313 -61.17 -10.15 18.35
CA ARG G 313 -62.36 -10.85 18.80
C ARG G 313 -62.51 -10.88 20.32
N ASP G 314 -61.59 -10.27 21.07
CA ASP G 314 -61.58 -10.18 22.53
C ASP G 314 -61.58 -11.54 23.22
N GLU G 315 -61.08 -12.57 22.53
CA GLU G 315 -60.97 -13.91 23.13
C GLU G 315 -59.59 -13.98 23.78
N ALA G 316 -59.55 -13.70 25.08
CA ALA G 316 -58.28 -13.68 25.78
C ALA G 316 -57.78 -15.11 25.99
N PRO G 317 -56.53 -15.41 25.63
CA PRO G 317 -56.00 -16.75 25.86
C PRO G 317 -55.60 -16.97 27.32
N ALA G 318 -54.92 -18.08 27.59
CA ALA G 318 -54.36 -18.30 28.92
C ALA G 318 -53.28 -17.27 29.22
N VAL G 319 -52.93 -17.17 30.50
CA VAL G 319 -52.05 -16.10 30.98
C VAL G 319 -50.64 -16.28 30.42
N GLU G 320 -50.18 -17.52 30.32
CA GLU G 320 -48.81 -17.78 29.88
C GLU G 320 -48.67 -17.52 28.39
N GLN G 321 -49.74 -17.77 27.62
CA GLN G 321 -49.75 -17.41 26.22
C GLN G 321 -49.77 -15.90 26.03
N GLN G 322 -50.37 -15.18 26.97
CA GLN G 322 -50.29 -13.72 26.92
C GLN G 322 -48.86 -13.25 27.19
N HIS G 323 -48.15 -13.95 28.07
CA HIS G 323 -46.72 -13.67 28.24
C HIS G 323 -45.95 -13.95 26.95
N TYR G 324 -46.36 -14.98 26.20
CA TYR G 324 -45.72 -15.26 24.92
C TYR G 324 -45.95 -14.14 23.91
N VAL G 325 -47.20 -13.64 23.82
CA VAL G 325 -47.53 -12.62 22.83
C VAL G 325 -46.83 -11.31 23.14
N ILE G 326 -46.82 -10.91 24.42
CA ILE G 326 -46.11 -9.69 24.79
C ILE G 326 -44.60 -9.85 24.65
N ALA G 327 -44.10 -11.08 24.82
CA ALA G 327 -42.69 -11.34 24.54
C ALA G 327 -42.36 -11.16 23.07
N ASN G 328 -43.29 -11.55 22.18
CA ASN G 328 -43.07 -11.27 20.76
C ASN G 328 -43.19 -9.78 20.44
N LEU G 329 -43.96 -9.02 21.22
CA LEU G 329 -43.97 -7.58 20.96
C LEU G 329 -42.72 -6.90 21.46
N ILE G 330 -42.10 -7.42 22.53
CA ILE G 330 -40.82 -6.88 22.97
C ILE G 330 -39.71 -7.28 22.00
N ARG G 331 -39.85 -8.45 21.37
CA ARG G 331 -38.90 -8.85 20.32
C ARG G 331 -38.96 -7.90 19.12
N GLY G 332 -40.16 -7.54 18.69
CA GLY G 332 -40.33 -6.72 17.51
C GLY G 332 -40.23 -7.54 16.24
N GLY G 333 -40.63 -6.93 15.13
CA GLY G 333 -40.54 -7.61 13.87
C GLY G 333 -41.36 -6.93 12.80
N VAL G 334 -41.48 -7.63 11.68
CA VAL G 334 -42.28 -7.18 10.55
C VAL G 334 -43.51 -8.07 10.49
N PHE G 335 -44.65 -7.52 10.86
CA PHE G 335 -45.89 -8.27 10.94
C PHE G 335 -46.80 -7.80 9.83
N GLY G 336 -48.04 -8.30 9.82
CA GLY G 336 -48.97 -7.93 8.78
C GLY G 336 -48.69 -8.66 7.48
N GLU G 337 -49.50 -8.35 6.48
CA GLU G 337 -49.41 -9.01 5.18
C GLU G 337 -48.12 -8.67 4.43
N LEU H 5 -59.38 35.34 -15.30
CA LEU H 5 -58.15 34.94 -14.60
C LEU H 5 -58.14 33.45 -14.31
N SER H 6 -57.75 32.66 -15.29
CA SER H 6 -57.51 31.25 -15.05
C SER H 6 -56.16 31.06 -14.35
N THR H 7 -55.95 29.86 -13.83
CA THR H 7 -54.67 29.54 -13.21
C THR H 7 -53.58 29.41 -14.26
N ALA H 8 -52.34 29.64 -13.83
CA ALA H 8 -51.21 29.41 -14.72
C ALA H 8 -51.02 27.92 -14.92
N SER H 9 -50.76 27.54 -16.17
CA SER H 9 -50.58 26.13 -16.49
C SER H 9 -49.22 25.61 -16.06
N VAL H 10 -48.24 26.49 -15.82
CA VAL H 10 -46.92 26.11 -15.34
C VAL H 10 -46.62 26.95 -14.11
N LEU H 11 -46.40 26.30 -12.98
CA LEU H 11 -45.92 26.96 -11.77
C LEU H 11 -44.83 26.13 -11.15
N ALA H 12 -43.81 26.80 -10.62
CA ALA H 12 -42.71 26.11 -9.99
C ALA H 12 -42.06 27.04 -9.00
N PHE H 13 -41.96 26.60 -7.75
CA PHE H 13 -41.35 27.38 -6.68
C PHE H 13 -40.11 26.68 -6.20
N GLU H 14 -38.97 27.36 -6.29
CA GLU H 14 -37.73 26.85 -5.74
C GLU H 14 -37.80 26.84 -4.22
N ARG H 15 -37.12 25.88 -3.61
CA ARG H 15 -37.23 25.73 -2.17
C ARG H 15 -36.37 26.75 -1.45
N LYS H 16 -36.80 27.10 -0.25
CA LYS H 16 -36.00 27.80 0.72
C LYS H 16 -35.78 26.85 1.88
N LEU H 17 -34.95 27.28 2.84
CA LEU H 17 -34.45 26.44 3.93
C LEU H 17 -33.77 25.18 3.38
N ASP H 18 -32.63 25.41 2.72
CA ASP H 18 -31.92 24.35 2.03
C ASP H 18 -30.91 23.72 2.98
N PRO H 19 -31.09 22.46 3.42
CA PRO H 19 -30.10 21.85 4.30
C PRO H 19 -29.00 21.15 3.52
N SER H 20 -28.09 20.48 4.23
CA SER H 20 -27.07 19.67 3.60
C SER H 20 -27.12 18.28 4.20
N ASP H 21 -26.22 17.41 3.76
CA ASP H 21 -26.15 16.07 4.30
C ASP H 21 -25.47 16.09 5.65
N ALA H 22 -26.10 15.47 6.65
CA ALA H 22 -25.56 15.46 8.00
C ALA H 22 -24.52 14.36 8.13
N LEU H 23 -23.41 14.68 8.77
CA LEU H 23 -22.38 13.69 8.99
C LEU H 23 -22.39 13.25 10.45
N MET H 24 -22.06 11.98 10.66
CA MET H 24 -22.05 11.39 11.99
C MET H 24 -20.64 11.00 12.37
N SER H 25 -20.22 11.42 13.56
CA SER H 25 -18.92 11.06 14.11
C SER H 25 -19.09 10.83 15.60
N ALA H 26 -18.44 9.79 16.11
CA ALA H 26 -18.66 9.33 17.47
C ALA H 26 -17.52 9.74 18.37
N GLY H 27 -17.84 9.94 19.65
CA GLY H 27 -16.81 10.26 20.62
C GLY H 27 -17.30 10.09 22.02
N ALA H 28 -16.58 10.70 22.96
CA ALA H 28 -16.88 10.61 24.37
C ALA H 28 -17.51 11.89 24.89
N TRP H 29 -18.54 11.74 25.70
CA TRP H 29 -19.15 12.87 26.41
C TRP H 29 -18.14 13.42 27.40
N ALA H 30 -18.26 14.74 27.68
CA ALA H 30 -17.38 15.60 28.48
C ALA H 30 -16.01 15.82 27.84
N GLN H 31 -15.74 15.16 26.71
CA GLN H 31 -14.80 15.63 25.71
C GLN H 31 -15.54 16.36 24.60
N ARG H 32 -16.62 17.03 24.97
CA ARG H 32 -17.67 17.46 24.06
C ARG H 32 -17.35 18.80 23.41
N ASP H 33 -16.63 19.68 24.12
CA ASP H 33 -16.30 20.98 23.59
C ASP H 33 -15.17 20.92 22.57
N ALA H 34 -14.37 19.86 22.59
CA ALA H 34 -13.31 19.66 21.61
C ALA H 34 -13.73 18.72 20.50
N SER H 35 -15.02 18.68 20.17
CA SER H 35 -15.55 17.76 19.17
C SER H 35 -15.22 18.31 17.79
N GLN H 36 -13.96 18.18 17.41
CA GLN H 36 -13.48 18.62 16.11
C GLN H 36 -12.59 17.59 15.42
N GLU H 37 -11.94 16.70 16.17
CA GLU H 37 -11.07 15.67 15.63
C GLU H 37 -11.67 14.29 15.85
N TRP H 38 -12.98 14.21 16.06
CA TRP H 38 -13.60 12.91 16.33
C TRP H 38 -13.64 12.08 15.06
N PRO H 39 -13.35 10.79 15.15
CA PRO H 39 -13.40 9.93 13.95
C PRO H 39 -14.82 9.63 13.54
N ALA H 40 -14.97 9.34 12.26
CA ALA H 40 -16.30 9.13 11.69
C ALA H 40 -16.83 7.74 12.01
N VAL H 41 -18.14 7.61 11.94
CA VAL H 41 -18.80 6.31 12.09
C VAL H 41 -18.85 5.64 10.73
N THR H 42 -18.22 4.48 10.62
CA THR H 42 -18.14 3.79 9.35
C THR H 42 -19.24 2.73 9.24
N VAL H 43 -19.62 2.44 7.99
CA VAL H 43 -20.63 1.46 7.68
C VAL H 43 -19.93 0.16 7.31
N ARG H 44 -20.28 -0.93 7.98
CA ARG H 44 -19.63 -2.20 7.73
C ARG H 44 -20.68 -3.26 7.44
N GLU H 45 -20.22 -4.45 7.09
CA GLU H 45 -21.09 -5.56 6.77
C GLU H 45 -21.08 -6.59 7.89
N LYS H 46 -22.20 -7.30 8.03
CA LYS H 46 -22.21 -8.51 8.83
C LYS H 46 -23.27 -9.44 8.28
N SER H 47 -23.11 -10.72 8.59
CA SER H 47 -24.02 -11.74 8.09
C SER H 47 -25.09 -12.04 9.12
N VAL H 48 -26.24 -12.50 8.66
CA VAL H 48 -27.30 -12.69 9.62
C VAL H 48 -28.03 -13.99 9.31
N ARG H 49 -28.04 -14.90 10.27
CA ARG H 49 -28.74 -16.17 10.12
C ARG H 49 -30.02 -16.05 10.92
N GLY H 50 -31.13 -15.85 10.22
CA GLY H 50 -32.43 -15.76 10.84
C GLY H 50 -33.32 -16.89 10.37
N THR H 51 -34.51 -16.91 10.95
CA THR H 51 -35.56 -17.83 10.56
C THR H 51 -36.63 -17.06 9.79
N ILE H 52 -37.47 -17.80 9.08
CA ILE H 52 -38.53 -17.20 8.29
C ILE H 52 -39.74 -17.02 9.19
N SER H 53 -40.10 -15.77 9.47
CA SER H 53 -41.14 -15.48 10.43
C SER H 53 -42.08 -14.41 9.90
N ASN H 54 -42.48 -14.52 8.64
CA ASN H 54 -43.51 -13.67 8.09
C ASN H 54 -44.82 -14.44 8.04
N ARG H 55 -45.84 -13.83 7.45
CA ARG H 55 -47.12 -14.50 7.32
C ARG H 55 -47.15 -15.38 6.08
N LEU H 56 -47.80 -16.53 6.20
CA LEU H 56 -47.87 -17.52 5.15
C LEU H 56 -49.32 -17.90 4.93
N LYS H 57 -49.74 -18.01 3.67
CA LYS H 57 -51.15 -18.11 3.34
C LYS H 57 -51.63 -19.55 3.47
N THR H 58 -52.86 -19.79 2.98
CA THR H 58 -53.46 -21.12 2.96
C THR H 58 -53.89 -21.56 1.56
N LYS H 59 -53.91 -20.66 0.58
CA LYS H 59 -54.31 -20.99 -0.78
C LYS H 59 -53.08 -21.28 -1.62
N ASP H 60 -53.14 -22.39 -2.38
CA ASP H 60 -52.02 -22.95 -3.14
C ASP H 60 -50.82 -23.17 -2.22
N ARG H 61 -51.06 -23.88 -1.13
CA ARG H 61 -50.06 -24.08 -0.08
C ARG H 61 -49.97 -25.57 0.21
N ASP H 62 -49.04 -26.23 -0.45
CA ASP H 62 -48.66 -27.58 -0.09
C ASP H 62 -47.98 -27.54 1.28
N PRO H 63 -48.45 -28.32 2.26
CA PRO H 63 -47.81 -28.30 3.59
C PRO H 63 -46.39 -28.83 3.62
N ALA H 64 -45.95 -29.55 2.58
CA ALA H 64 -44.54 -29.90 2.48
C ALA H 64 -43.68 -28.66 2.22
N LYS H 65 -44.14 -27.77 1.34
CA LYS H 65 -43.44 -26.51 1.15
C LYS H 65 -43.52 -25.62 2.38
N LEU H 66 -44.63 -25.71 3.11
CA LEU H 66 -44.81 -24.91 4.30
C LEU H 66 -43.84 -25.32 5.40
N ASP H 67 -43.88 -26.59 5.80
CA ASP H 67 -43.01 -27.07 6.87
C ASP H 67 -41.57 -27.17 6.43
N ALA H 68 -41.32 -27.33 5.14
CA ALA H 68 -39.95 -27.27 4.64
C ALA H 68 -39.44 -25.83 4.65
N SER H 69 -40.34 -24.86 4.55
CA SER H 69 -39.93 -23.47 4.54
C SER H 69 -39.72 -22.91 5.93
N ILE H 70 -40.50 -23.37 6.91
CA ILE H 70 -40.36 -22.84 8.26
C ILE H 70 -39.14 -23.41 8.96
N GLN H 71 -38.87 -24.70 8.77
CA GLN H 71 -37.87 -25.42 9.53
C GLN H 71 -36.46 -25.27 8.99
N SER H 72 -36.19 -24.26 8.17
CA SER H 72 -34.87 -24.12 7.58
C SER H 72 -34.36 -22.70 7.81
N PRO H 73 -33.07 -22.53 8.08
CA PRO H 73 -32.56 -21.19 8.38
C PRO H 73 -32.38 -20.35 7.12
N ASN H 74 -32.44 -19.04 7.33
CA ASN H 74 -32.27 -18.07 6.25
C ASN H 74 -30.92 -17.39 6.37
N LEU H 75 -30.26 -17.19 5.25
CA LEU H 75 -28.96 -16.53 5.23
C LEU H 75 -29.01 -15.29 4.35
N GLN H 76 -28.23 -14.29 4.74
CA GLN H 76 -28.45 -12.91 4.35
C GLN H 76 -27.25 -12.08 4.83
N THR H 77 -27.00 -10.96 4.15
CA THR H 77 -25.87 -10.10 4.47
C THR H 77 -26.36 -8.67 4.56
N VAL H 78 -26.17 -8.03 5.71
CA VAL H 78 -26.67 -6.68 5.92
C VAL H 78 -25.52 -5.72 6.25
N ASP H 79 -25.83 -4.44 6.30
CA ASP H 79 -24.90 -3.40 6.72
C ASP H 79 -25.34 -2.85 8.07
N VAL H 80 -24.38 -2.67 8.96
CA VAL H 80 -24.64 -2.03 10.24
C VAL H 80 -23.65 -0.90 10.44
N ALA H 81 -24.02 0.00 11.34
CA ALA H 81 -23.15 1.09 11.77
C ALA H 81 -23.24 1.17 13.28
N ASN H 82 -22.12 0.99 13.97
CA ASN H 82 -22.10 1.04 15.42
C ASN H 82 -21.06 2.04 15.87
N LEU H 83 -21.22 2.52 17.10
CA LEU H 83 -20.20 3.35 17.71
C LEU H 83 -18.98 2.49 18.03
N PRO H 84 -17.81 3.10 18.19
CA PRO H 84 -16.70 2.36 18.78
C PRO H 84 -17.00 2.00 20.23
N SER H 85 -16.32 0.95 20.71
CA SER H 85 -16.64 0.37 22.01
C SER H 85 -16.22 1.26 23.18
N ASP H 86 -15.42 2.28 22.95
CA ASP H 86 -15.00 3.21 23.98
C ASP H 86 -15.51 4.63 23.69
N ALA H 87 -16.75 4.72 23.21
CA ALA H 87 -17.36 6.00 22.91
C ALA H 87 -18.87 5.86 23.08
N ASP H 88 -19.49 6.88 23.66
CA ASP H 88 -20.92 6.82 23.95
C ASP H 88 -21.65 8.10 23.54
N THR H 89 -21.16 8.79 22.52
CA THR H 89 -21.79 10.04 22.11
C THR H 89 -21.79 10.14 20.60
N LEU H 90 -22.96 10.36 20.03
CA LEU H 90 -23.14 10.57 18.60
C LEU H 90 -23.14 12.06 18.31
N LYS H 91 -22.35 12.46 17.31
CA LYS H 91 -22.28 13.83 16.83
C LYS H 91 -22.82 13.89 15.41
N VAL H 92 -23.78 14.77 15.17
CA VAL H 92 -24.44 14.92 13.88
C VAL H 92 -24.33 16.38 13.47
N ARG H 93 -23.64 16.65 12.36
CA ARG H 93 -23.37 18.03 11.95
C ARG H 93 -23.94 18.27 10.57
N PHE H 94 -24.63 19.41 10.41
CA PHE H 94 -25.05 19.84 9.09
C PHE H 94 -25.17 21.36 9.09
N THR H 95 -25.36 21.94 7.91
CA THR H 95 -25.52 23.38 7.73
C THR H 95 -26.89 23.68 7.13
N LEU H 96 -27.23 24.96 7.10
CA LEU H 96 -28.57 25.36 6.65
C LEU H 96 -28.53 26.78 6.14
N ARG H 97 -28.92 26.99 4.89
CA ARG H 97 -29.10 28.34 4.34
C ARG H 97 -30.56 28.73 4.42
N VAL H 98 -30.80 30.01 4.69
CA VAL H 98 -32.15 30.57 4.65
C VAL H 98 -32.16 31.62 3.55
N LEU H 99 -32.84 31.33 2.44
CA LEU H 99 -32.67 32.16 1.24
C LEU H 99 -33.54 33.41 1.29
N GLY H 100 -34.85 33.24 1.33
CA GLY H 100 -35.72 34.39 1.37
C GLY H 100 -36.21 34.80 -0.02
N GLY H 101 -37.30 35.57 -0.03
CA GLY H 101 -37.97 35.89 -1.26
C GLY H 101 -38.94 34.80 -1.65
N ALA H 102 -39.86 34.48 -0.74
CA ALA H 102 -40.65 33.26 -0.82
C ALA H 102 -41.98 33.47 -1.52
N GLY H 103 -42.08 34.41 -2.45
CA GLY H 103 -43.32 34.60 -3.18
C GLY H 103 -43.14 34.51 -4.67
N THR H 104 -41.93 34.75 -5.13
CA THR H 104 -41.66 34.83 -6.56
C THR H 104 -41.46 33.43 -7.13
N PRO H 105 -42.27 33.00 -8.08
CA PRO H 105 -42.03 31.69 -8.71
C PRO H 105 -40.86 31.76 -9.69
N SER H 106 -40.40 30.58 -10.09
CA SER H 106 -39.32 30.50 -11.07
C SER H 106 -39.83 30.28 -12.49
N ALA H 107 -41.10 29.92 -12.66
CA ALA H 107 -41.67 29.68 -13.98
C ALA H 107 -43.16 29.91 -13.91
N CYS H 108 -43.69 30.75 -14.80
CA CYS H 108 -45.10 31.06 -14.80
C CYS H 108 -45.51 31.52 -16.18
N ASN H 109 -46.64 31.00 -16.68
CA ASN H 109 -47.13 31.41 -17.99
C ASN H 109 -47.70 32.82 -17.95
N ASP H 110 -48.75 33.01 -17.15
CA ASP H 110 -49.47 34.27 -17.13
C ASP H 110 -48.66 35.36 -16.43
N ALA H 111 -48.88 36.59 -16.86
CA ALA H 111 -48.31 37.75 -16.18
C ALA H 111 -49.27 38.40 -15.20
N ALA H 112 -50.57 38.28 -15.45
CA ALA H 112 -51.56 38.83 -14.52
C ALA H 112 -51.69 37.97 -13.28
N TYR H 113 -51.66 36.64 -13.46
CA TYR H 113 -51.75 35.72 -12.34
C TYR H 113 -50.52 35.83 -11.44
N ARG H 114 -49.35 36.10 -12.01
CA ARG H 114 -48.14 36.23 -11.22
C ARG H 114 -48.15 37.53 -10.43
N ASP H 115 -48.68 38.61 -11.01
CA ASP H 115 -48.76 39.88 -10.30
C ASP H 115 -49.81 39.83 -9.19
N LYS H 116 -50.93 39.13 -9.45
CA LYS H 116 -51.93 38.92 -8.42
C LYS H 116 -51.38 38.07 -7.28
N LEU H 117 -50.56 37.07 -7.61
CA LEU H 117 -49.92 36.25 -6.59
C LEU H 117 -48.95 37.05 -5.75
N LEU H 118 -48.17 37.94 -6.37
CA LEU H 118 -47.23 38.75 -5.61
C LEU H 118 -47.95 39.79 -4.75
N GLN H 119 -49.10 40.31 -5.21
CA GLN H 119 -49.88 41.19 -4.36
C GLN H 119 -50.50 40.45 -3.19
N THR H 120 -50.86 39.17 -3.39
CA THR H 120 -51.43 38.40 -2.30
C THR H 120 -50.38 38.08 -1.24
N VAL H 121 -49.20 37.63 -1.66
CA VAL H 121 -48.14 37.28 -0.72
C VAL H 121 -47.61 38.53 -0.02
N ALA H 122 -47.45 39.63 -0.76
CA ALA H 122 -47.02 40.88 -0.14
C ALA H 122 -48.08 41.44 0.80
N THR H 123 -49.35 41.19 0.51
CA THR H 123 -50.42 41.54 1.44
C THR H 123 -50.30 40.71 2.72
N TYR H 124 -49.97 39.43 2.59
CA TYR H 124 -49.79 38.57 3.76
C TYR H 124 -48.64 39.04 4.63
N VAL H 125 -47.49 39.34 4.01
CA VAL H 125 -46.31 39.75 4.77
C VAL H 125 -46.54 41.12 5.41
N ASN H 126 -47.24 42.03 4.71
CA ASN H 126 -47.49 43.34 5.28
C ASN H 126 -48.53 43.28 6.40
N ASP H 127 -49.47 42.33 6.34
CA ASP H 127 -50.42 42.20 7.43
C ASP H 127 -49.78 41.59 8.67
N GLN H 128 -48.97 40.55 8.49
CA GLN H 128 -48.28 39.91 9.60
C GLN H 128 -46.98 39.31 9.10
N GLY H 129 -45.97 39.30 9.96
CA GLY H 129 -44.65 38.90 9.56
C GLY H 129 -44.51 37.39 9.44
N PHE H 130 -43.26 36.96 9.34
CA PHE H 130 -42.89 35.55 9.33
C PHE H 130 -42.60 35.02 10.74
N ALA H 131 -43.20 35.61 11.77
CA ALA H 131 -42.83 35.28 13.14
C ALA H 131 -43.36 33.92 13.56
N GLU H 132 -44.54 33.54 13.06
CA GLU H 132 -45.14 32.25 13.43
C GLU H 132 -44.35 31.10 12.83
N LEU H 133 -44.09 31.16 11.53
CA LEU H 133 -43.39 30.09 10.84
C LEU H 133 -41.95 29.97 11.33
N ALA H 134 -41.29 31.10 11.57
CA ALA H 134 -39.94 31.04 12.10
C ALA H 134 -39.92 30.61 13.56
N ARG H 135 -41.02 30.80 14.29
CA ARG H 135 -41.10 30.29 15.64
C ARG H 135 -41.19 28.76 15.63
N ARG H 136 -41.98 28.20 14.71
CA ARG H 136 -42.12 26.74 14.65
C ARG H 136 -40.87 26.08 14.06
N TYR H 137 -40.24 26.75 13.07
CA TYR H 137 -38.94 26.31 12.57
C TYR H 137 -37.88 26.36 13.65
N ALA H 138 -37.93 27.39 14.50
CA ALA H 138 -37.00 27.49 15.62
C ALA H 138 -37.25 26.39 16.64
N HIS H 139 -38.50 25.97 16.82
CA HIS H 139 -38.75 24.85 17.72
C HIS H 139 -38.30 23.53 17.12
N ASN H 140 -38.35 23.38 15.80
CA ASN H 140 -37.85 22.15 15.21
C ASN H 140 -36.32 22.10 15.15
N LEU H 141 -35.65 23.25 15.12
CA LEU H 141 -34.21 23.23 15.32
C LEU H 141 -33.83 23.16 16.79
N ALA H 142 -34.75 23.51 17.69
CA ALA H 142 -34.45 23.52 19.12
C ALA H 142 -34.29 22.11 19.66
N ASN H 143 -35.30 21.27 19.46
CA ASN H 143 -35.19 19.87 19.81
C ASN H 143 -34.49 19.12 18.69
N ALA H 144 -34.64 17.81 18.65
CA ALA H 144 -33.83 17.01 17.73
C ALA H 144 -34.70 16.15 16.83
N ARG H 145 -35.67 16.77 16.15
CA ARG H 145 -36.47 16.06 15.15
C ARG H 145 -35.58 15.41 14.09
N PHE H 146 -34.50 16.08 13.68
CA PHE H 146 -33.61 15.55 12.66
C PHE H 146 -32.77 14.38 13.14
N LEU H 147 -32.78 14.06 14.43
CA LEU H 147 -32.33 12.78 14.95
C LEU H 147 -33.59 11.92 15.01
N TRP H 148 -33.83 11.15 13.95
CA TRP H 148 -35.10 10.44 13.82
C TRP H 148 -35.28 9.30 14.81
N ARG H 149 -34.46 8.26 14.70
CA ARG H 149 -34.53 7.16 15.63
C ARG H 149 -33.39 7.19 16.63
N ASN H 150 -32.35 7.97 16.33
CA ASN H 150 -31.22 8.15 17.24
C ASN H 150 -31.62 8.89 18.51
N ARG H 151 -32.68 9.71 18.45
CA ARG H 151 -33.13 10.40 19.64
C ARG H 151 -33.81 9.47 20.63
N VAL H 152 -34.48 8.42 20.12
CA VAL H 152 -35.32 7.55 20.92
C VAL H 152 -34.46 6.75 21.89
N GLY H 153 -34.68 6.96 23.18
CA GLY H 153 -33.89 6.29 24.20
C GLY H 153 -32.50 6.84 24.34
N ALA H 154 -32.39 8.09 24.77
CA ALA H 154 -31.10 8.72 24.99
C ALA H 154 -31.10 9.41 26.35
N GLU H 155 -29.92 9.51 26.95
CA GLU H 155 -29.80 10.12 28.27
C GLU H 155 -29.90 11.64 28.20
N ALA H 156 -29.13 12.25 27.30
CA ALA H 156 -29.12 13.70 27.18
C ALA H 156 -28.78 14.07 25.74
N VAL H 157 -29.55 14.98 25.17
CA VAL H 157 -29.35 15.45 23.81
C VAL H 157 -29.10 16.95 23.89
N GLU H 158 -27.98 17.40 23.32
CA GLU H 158 -27.61 18.82 23.34
C GLU H 158 -27.42 19.33 21.92
N VAL H 159 -28.04 20.47 21.62
CA VAL H 159 -28.01 21.06 20.28
C VAL H 159 -27.28 22.39 20.36
N ARG H 160 -26.28 22.57 19.50
CA ARG H 160 -25.53 23.82 19.41
C ARG H 160 -25.71 24.40 18.01
N ILE H 161 -26.13 25.67 17.96
CA ILE H 161 -26.46 26.35 16.71
C ILE H 161 -25.57 27.57 16.60
N ASN H 162 -24.92 27.74 15.45
CA ASN H 162 -24.04 28.88 15.23
C ASN H 162 -24.53 29.68 14.03
N HIS H 163 -24.34 31.00 14.11
CA HIS H 163 -24.62 31.90 13.01
C HIS H 163 -23.30 32.40 12.45
N ILE H 164 -23.20 32.44 11.12
CA ILE H 164 -21.94 32.65 10.42
C ILE H 164 -22.10 33.79 9.44
N ARG H 165 -21.25 34.82 9.57
CA ARG H 165 -21.20 35.95 8.65
C ARG H 165 -19.97 35.96 7.76
N GLN H 166 -18.85 35.47 8.28
CA GLN H 166 -17.55 35.48 7.60
C GLN H 166 -16.88 34.19 8.05
N GLY H 167 -15.56 34.11 7.96
CA GLY H 167 -14.88 33.03 8.67
C GLY H 167 -14.83 33.23 10.18
N GLU H 168 -15.99 33.35 10.82
CA GLU H 168 -16.15 33.74 12.21
C GLU H 168 -17.43 33.11 12.74
N VAL H 169 -17.81 33.47 13.96
CA VAL H 169 -19.08 33.09 14.56
C VAL H 169 -19.72 34.35 15.12
N ALA H 170 -20.92 34.68 14.65
CA ALA H 170 -21.59 35.88 15.12
C ALA H 170 -22.23 35.67 16.48
N ARG H 171 -23.14 34.70 16.58
CA ARG H 171 -23.82 34.42 17.84
C ARG H 171 -24.07 32.93 17.95
N ALA H 172 -23.78 32.36 19.11
CA ALA H 172 -23.92 30.94 19.37
C ALA H 172 -25.07 30.68 20.34
N TRP H 173 -25.86 29.65 20.06
CA TRP H 173 -26.92 29.18 20.93
C TRP H 173 -26.61 27.75 21.37
N ARG H 174 -26.95 27.45 22.63
CA ARG H 174 -26.79 26.11 23.18
C ARG H 174 -28.07 25.74 23.89
N PHE H 175 -28.74 24.69 23.40
CA PHE H 175 -30.06 24.30 23.87
C PHE H 175 -30.00 22.98 24.61
N ASP H 176 -31.16 22.50 25.02
CA ASP H 176 -31.32 21.20 25.65
C ASP H 176 -32.58 20.58 25.04
N ALA H 177 -32.40 19.52 24.26
CA ALA H 177 -33.49 19.03 23.43
C ALA H 177 -34.52 18.23 24.21
N LEU H 178 -34.16 17.65 25.35
CA LEU H 178 -35.14 16.85 26.08
C LEU H 178 -36.05 17.70 26.95
N ALA H 179 -35.56 18.85 27.43
CA ALA H 179 -36.41 19.75 28.17
C ALA H 179 -37.43 20.43 27.25
N ILE H 180 -37.00 20.79 26.05
CA ILE H 180 -37.92 21.35 25.07
C ILE H 180 -38.81 20.24 24.54
N GLY H 181 -40.11 20.46 24.55
CA GLY H 181 -41.06 19.41 24.26
C GLY H 181 -41.06 19.00 22.79
N LEU H 182 -41.69 17.86 22.55
CA LEU H 182 -41.83 17.34 21.20
C LEU H 182 -43.10 17.81 20.53
N ARG H 183 -44.13 18.12 21.31
CA ARG H 183 -45.45 18.48 20.79
C ARG H 183 -45.95 19.84 21.23
N ASP H 184 -45.36 20.43 22.26
CA ASP H 184 -45.86 21.68 22.84
C ASP H 184 -44.92 22.81 22.44
N PHE H 185 -45.42 23.73 21.61
CA PHE H 185 -44.63 24.88 21.16
C PHE H 185 -44.77 25.99 22.19
N LYS H 186 -43.86 26.02 23.15
CA LYS H 186 -43.84 27.01 24.20
C LYS H 186 -42.73 28.03 23.94
N ALA H 187 -43.01 29.29 24.26
CA ALA H 187 -42.09 30.37 23.94
C ALA H 187 -40.88 30.36 24.87
N ASP H 188 -39.84 31.10 24.46
CA ASP H 188 -38.61 31.25 25.21
C ASP H 188 -37.89 32.46 24.64
N ALA H 189 -36.98 33.03 25.42
CA ALA H 189 -36.25 34.22 24.99
C ALA H 189 -35.28 33.89 23.86
N GLU H 190 -34.53 32.79 24.01
CA GLU H 190 -33.54 32.40 23.01
C GLU H 190 -34.23 31.93 21.73
N LEU H 191 -35.35 31.24 21.85
CA LEU H 191 -36.10 30.85 20.67
C LEU H 191 -36.75 32.05 19.99
N ASP H 192 -37.03 33.12 20.73
CA ASP H 192 -37.49 34.34 20.09
C ASP H 192 -36.35 35.05 19.39
N ALA H 193 -35.13 34.94 19.92
CA ALA H 193 -33.98 35.53 19.24
C ALA H 193 -33.67 34.81 17.93
N LEU H 194 -33.61 33.48 17.98
CA LEU H 194 -33.33 32.70 16.78
C LEU H 194 -34.51 32.74 15.81
N ALA H 195 -35.72 32.90 16.31
CA ALA H 195 -36.87 33.10 15.44
C ALA H 195 -36.84 34.46 14.77
N GLU H 196 -36.27 35.47 15.45
CA GLU H 196 -36.03 36.74 14.78
C GLU H 196 -34.93 36.63 13.72
N LEU H 197 -33.97 35.73 13.93
CA LEU H 197 -32.93 35.54 12.92
C LEU H 197 -33.49 34.86 11.67
N ILE H 198 -34.26 33.78 11.85
CA ILE H 198 -34.83 33.08 10.71
C ILE H 198 -35.89 33.95 10.02
N ALA H 199 -36.71 34.65 10.80
CA ALA H 199 -37.72 35.54 10.22
C ALA H 199 -37.06 36.71 9.51
N SER H 200 -35.91 37.17 9.98
CA SER H 200 -35.15 38.17 9.24
C SER H 200 -34.50 37.58 8.01
N GLY H 201 -34.32 36.26 7.96
CA GLY H 201 -33.75 35.64 6.78
C GLY H 201 -34.74 35.40 5.67
N LEU H 202 -35.94 34.93 6.02
CA LEU H 202 -36.96 34.63 5.01
C LEU H 202 -37.54 35.88 4.38
N SER H 203 -37.47 37.03 5.06
CA SER H 203 -38.00 38.26 4.50
C SER H 203 -37.05 38.90 3.50
N GLY H 204 -35.83 38.40 3.37
CA GLY H 204 -34.88 38.97 2.43
C GLY H 204 -34.09 40.12 2.97
N SER H 205 -34.05 40.31 4.28
CA SER H 205 -33.35 41.42 4.91
C SER H 205 -31.90 41.11 5.22
N GLY H 206 -31.38 39.98 4.75
CA GLY H 206 -30.00 39.64 5.01
C GLY H 206 -29.71 38.22 4.58
N HIS H 207 -28.48 37.80 4.84
CA HIS H 207 -28.01 36.46 4.52
C HIS H 207 -27.89 35.65 5.80
N VAL H 208 -28.48 34.47 5.82
CA VAL H 208 -28.50 33.62 7.02
C VAL H 208 -27.94 32.26 6.66
N LEU H 209 -26.79 31.93 7.27
CA LEU H 209 -26.19 30.61 7.20
C LEU H 209 -25.98 30.11 8.61
N LEU H 210 -26.55 28.96 8.93
CA LEU H 210 -26.50 28.39 10.26
C LEU H 210 -25.74 27.06 10.24
N GLU H 211 -25.00 26.80 11.31
CA GLU H 211 -24.31 25.54 11.51
C GLU H 211 -24.93 24.83 12.70
N VAL H 212 -25.49 23.65 12.47
CA VAL H 212 -26.22 22.91 13.50
C VAL H 212 -25.42 21.66 13.85
N VAL H 213 -25.15 21.48 15.14
CA VAL H 213 -24.40 20.34 15.66
C VAL H 213 -25.21 19.72 16.79
N ALA H 214 -25.44 18.41 16.72
CA ALA H 214 -26.23 17.71 17.71
C ALA H 214 -25.42 16.61 18.38
N PHE H 215 -25.67 16.44 19.67
CA PHE H 215 -24.94 15.55 20.56
C PHE H 215 -25.92 14.64 21.27
N ALA H 216 -25.65 13.33 21.28
CA ALA H 216 -26.56 12.40 21.94
C ALA H 216 -25.78 11.34 22.69
N ARG H 217 -26.12 11.11 23.96
CA ARG H 217 -25.61 9.96 24.69
C ARG H 217 -26.48 8.75 24.39
N ILE H 218 -25.89 7.74 23.78
CA ILE H 218 -26.58 6.49 23.47
C ILE H 218 -26.04 5.34 24.31
N GLY H 219 -24.74 5.11 24.27
CA GLY H 219 -24.14 4.03 25.01
C GLY H 219 -22.87 3.56 24.32
N ASP H 220 -22.09 2.77 25.05
CA ASP H 220 -20.83 2.26 24.54
C ASP H 220 -21.10 1.17 23.51
N GLY H 221 -20.72 1.44 22.25
CA GLY H 221 -20.81 0.41 21.23
C GLY H 221 -22.20 0.13 20.72
N GLN H 222 -23.16 1.03 20.96
CA GLN H 222 -24.53 0.83 20.52
C GLN H 222 -24.65 1.09 19.02
N GLU H 223 -25.88 1.09 18.51
CA GLU H 223 -26.12 1.17 17.08
C GLU H 223 -26.69 2.52 16.70
N VAL H 224 -26.10 3.15 15.69
CA VAL H 224 -26.62 4.37 15.12
C VAL H 224 -27.40 4.03 13.87
N PHE H 225 -28.16 5.01 13.38
CA PHE H 225 -29.17 4.78 12.35
C PHE H 225 -29.01 5.79 11.23
N PRO H 226 -28.17 5.50 10.24
CA PRO H 226 -28.12 6.33 9.04
C PRO H 226 -29.30 6.01 8.14
N SER H 227 -29.39 6.74 7.04
CA SER H 227 -30.50 6.55 6.13
C SER H 227 -30.16 5.45 5.12
N GLN H 228 -31.20 4.77 4.66
CA GLN H 228 -31.06 3.52 3.92
C GLN H 228 -31.29 3.76 2.44
N GLU H 229 -30.47 3.12 1.60
CA GLU H 229 -30.47 3.32 0.16
C GLU H 229 -31.39 2.31 -0.53
N LEU H 230 -31.62 2.56 -1.82
CA LEU H 230 -32.48 1.73 -2.65
C LEU H 230 -31.67 0.65 -3.35
N ILE H 231 -32.10 -0.60 -3.14
CA ILE H 231 -31.91 -1.70 -4.08
C ILE H 231 -33.24 -1.81 -4.82
N LEU H 232 -33.20 -1.62 -6.14
CA LEU H 232 -34.40 -1.27 -6.91
C LEU H 232 -35.44 -2.39 -6.94
N ASP H 233 -35.00 -3.64 -6.86
CA ASP H 233 -35.84 -4.85 -6.85
C ASP H 233 -36.72 -4.91 -8.10
N LYS H 234 -36.05 -5.00 -9.23
CA LYS H 234 -36.69 -5.12 -10.53
C LYS H 234 -36.59 -6.56 -11.00
N GLY H 235 -37.50 -7.39 -10.53
CA GLY H 235 -37.58 -8.76 -11.02
C GLY H 235 -36.46 -9.63 -10.49
N ASP H 236 -35.54 -9.97 -11.38
CA ASP H 236 -34.51 -10.97 -11.10
C ASP H 236 -33.40 -10.36 -10.26
N LYS H 237 -32.49 -11.24 -9.80
CA LYS H 237 -31.26 -10.88 -9.09
C LYS H 237 -31.52 -10.08 -7.82
N LYS H 238 -32.20 -10.74 -6.85
CA LYS H 238 -32.43 -10.11 -5.55
C LYS H 238 -31.12 -9.91 -4.80
N GLY H 239 -30.15 -10.80 -5.01
CA GLY H 239 -28.82 -10.61 -4.48
C GLY H 239 -28.65 -11.15 -3.07
N GLN H 240 -27.42 -11.51 -2.72
CA GLN H 240 -27.14 -11.96 -1.37
C GLN H 240 -27.30 -10.86 -0.32
N LYS H 241 -26.84 -9.65 -0.64
CA LYS H 241 -26.88 -8.50 0.28
C LYS H 241 -28.23 -7.81 0.47
N SER H 242 -28.44 -7.27 1.66
CA SER H 242 -29.65 -6.55 2.01
C SER H 242 -29.32 -5.36 2.92
N LYS H 243 -30.25 -4.41 3.02
CA LYS H 243 -30.09 -3.24 3.88
C LYS H 243 -28.82 -2.40 3.72
N THR H 244 -28.47 -2.03 2.48
CA THR H 244 -27.31 -1.19 2.24
C THR H 244 -27.54 0.19 2.84
N LEU H 245 -26.47 0.81 3.35
CA LEU H 245 -26.57 2.13 4.00
C LEU H 245 -25.87 3.27 3.25
N TYR H 246 -26.50 4.44 3.26
CA TYR H 246 -25.98 5.64 2.60
C TYR H 246 -24.70 6.10 3.26
N SER H 247 -23.82 6.71 2.47
CA SER H 247 -22.54 7.14 2.99
C SER H 247 -21.96 8.23 2.09
N VAL H 248 -20.94 8.88 2.62
CA VAL H 248 -20.10 9.85 1.94
C VAL H 248 -18.73 9.21 1.99
N ARG H 249 -17.66 9.97 1.75
CA ARG H 249 -16.33 9.39 1.73
C ARG H 249 -15.94 8.85 3.10
N ASP H 250 -16.25 7.57 3.31
CA ASP H 250 -15.93 6.78 4.50
C ASP H 250 -16.55 7.39 5.77
N ALA H 251 -17.85 7.66 5.72
CA ALA H 251 -18.60 8.13 6.87
C ALA H 251 -20.08 7.88 6.61
N ALA H 252 -20.78 7.43 7.65
CA ALA H 252 -22.22 7.28 7.53
C ALA H 252 -22.89 8.64 7.54
N ALA H 253 -24.05 8.74 6.88
CA ALA H 253 -24.69 10.03 6.72
C ALA H 253 -26.19 9.86 6.57
N ILE H 254 -26.90 10.98 6.65
CA ILE H 254 -28.34 11.05 6.47
C ILE H 254 -28.59 11.91 5.23
N HIS H 255 -29.62 11.57 4.45
CA HIS H 255 -29.97 12.38 3.29
C HIS H 255 -30.41 13.78 3.70
N SER H 256 -30.31 14.70 2.75
CA SER H 256 -30.67 16.08 3.04
C SER H 256 -32.17 16.28 3.08
N GLN H 257 -32.93 15.53 2.27
CA GLN H 257 -34.37 15.72 2.24
C GLN H 257 -35.05 15.11 3.45
N LYS H 258 -34.35 14.29 4.23
CA LYS H 258 -34.94 13.75 5.44
C LYS H 258 -34.83 14.73 6.59
N ILE H 259 -33.70 15.43 6.68
CA ILE H 259 -33.59 16.56 7.58
C ILE H 259 -34.56 17.65 7.18
N GLY H 260 -34.68 17.87 5.86
CA GLY H 260 -35.66 18.84 5.37
C GLY H 260 -37.09 18.42 5.66
N ASN H 261 -37.34 17.12 5.75
CA ASN H 261 -38.63 16.65 6.24
C ASN H 261 -38.78 16.96 7.72
N ALA H 262 -37.70 16.82 8.49
CA ALA H 262 -37.81 17.03 9.92
C ALA H 262 -37.97 18.50 10.29
N LEU H 263 -37.55 19.42 9.42
CA LEU H 263 -37.65 20.83 9.78
C LEU H 263 -39.05 21.39 9.57
N ARG H 264 -39.79 20.90 8.57
CA ARG H 264 -41.08 21.48 8.22
C ARG H 264 -42.25 20.72 8.79
N THR H 265 -42.12 20.18 10.00
CA THR H 265 -43.29 19.63 10.71
C THR H 265 -43.93 20.78 11.47
N ILE H 266 -44.84 21.47 10.79
CA ILE H 266 -45.55 22.62 11.33
C ILE H 266 -46.99 22.28 11.65
N ASP H 267 -47.62 21.48 10.79
CA ASP H 267 -49.06 21.47 10.59
C ASP H 267 -49.80 20.88 11.79
N THR H 268 -50.25 21.74 12.69
CA THR H 268 -51.13 21.35 13.78
C THR H 268 -52.58 21.68 13.48
N TRP H 269 -52.91 21.86 12.20
CA TRP H 269 -54.23 22.36 11.84
C TRP H 269 -54.96 21.38 10.94
N TYR H 270 -54.94 20.10 11.32
CA TYR H 270 -55.69 19.11 10.58
C TYR H 270 -57.17 19.25 10.88
N PRO H 271 -58.06 18.96 9.94
CA PRO H 271 -59.48 18.89 10.29
C PRO H 271 -59.82 17.68 11.13
N ASP H 272 -59.05 16.60 11.02
CA ASP H 272 -59.45 15.35 11.66
C ASP H 272 -59.16 15.36 13.16
N GLU H 273 -57.89 15.49 13.54
CA GLU H 273 -57.53 15.35 14.94
C GLU H 273 -56.27 16.18 15.21
N ASP H 274 -56.37 17.08 16.17
CA ASP H 274 -55.22 17.84 16.63
C ASP H 274 -54.58 17.23 17.88
N GLY H 275 -54.89 15.97 18.18
CA GLY H 275 -54.38 15.34 19.38
C GLY H 275 -53.15 14.49 19.13
N LEU H 276 -52.94 14.08 17.88
CA LEU H 276 -51.78 13.26 17.56
C LEU H 276 -50.49 14.06 17.59
N GLY H 277 -50.40 15.09 16.76
CA GLY H 277 -49.24 15.94 16.75
C GLY H 277 -48.97 16.53 15.39
N PRO H 278 -47.99 17.44 15.31
CA PRO H 278 -47.66 18.06 14.02
C PRO H 278 -46.91 17.09 13.12
N ILE H 279 -47.48 16.84 11.95
CA ILE H 279 -46.79 16.08 10.91
C ILE H 279 -46.65 17.03 9.72
N ALA H 280 -45.65 16.78 8.88
CA ALA H 280 -45.02 17.76 8.00
C ALA H 280 -45.98 18.28 6.93
N VAL H 281 -45.55 19.38 6.30
CA VAL H 281 -46.41 20.17 5.43
C VAL H 281 -46.32 19.64 4.00
N GLU H 282 -47.43 19.12 3.49
CA GLU H 282 -47.54 18.63 2.14
C GLU H 282 -48.86 19.09 1.55
N PRO H 283 -48.92 19.32 0.24
CA PRO H 283 -50.21 19.37 -0.43
C PRO H 283 -50.82 17.99 -0.39
N TYR H 284 -52.14 17.93 -0.17
CA TYR H 284 -52.87 16.72 0.20
C TYR H 284 -52.19 16.06 1.40
N GLY H 285 -52.20 16.77 2.53
CA GLY H 285 -51.26 16.54 3.62
C GLY H 285 -51.26 15.13 4.19
N SER H 286 -50.22 14.37 3.82
CA SER H 286 -50.25 12.92 3.93
C SER H 286 -49.06 12.42 4.73
N VAL H 287 -49.22 11.22 5.27
CA VAL H 287 -48.17 10.53 6.00
C VAL H 287 -47.94 9.20 5.30
N THR H 288 -46.70 8.98 4.85
CA THR H 288 -46.42 7.76 4.10
C THR H 288 -46.36 6.54 5.01
N SER H 289 -45.87 6.70 6.24
CA SER H 289 -45.74 5.56 7.15
C SER H 289 -47.10 5.12 7.66
N GLN H 290 -47.97 6.06 8.02
CA GLN H 290 -49.30 5.72 8.51
C GLN H 290 -50.23 5.29 7.38
N GLY H 291 -49.87 5.54 6.13
CA GLY H 291 -50.73 5.18 5.02
C GLY H 291 -52.00 5.98 4.88
N LYS H 292 -52.12 7.08 5.62
CA LYS H 292 -53.30 7.92 5.62
C LYS H 292 -53.00 9.23 4.90
N ALA H 293 -54.05 9.84 4.37
CA ALA H 293 -53.94 11.16 3.75
C ALA H 293 -54.93 12.07 4.46
N TYR H 294 -54.44 12.86 5.41
CA TYR H 294 -55.23 13.94 5.97
C TYR H 294 -55.41 15.03 4.93
N ARG H 295 -56.32 15.96 5.24
CA ARG H 295 -56.57 17.16 4.44
C ARG H 295 -56.99 16.79 3.02
N GLN H 296 -58.13 16.10 2.94
CA GLN H 296 -58.62 15.56 1.68
C GLN H 296 -59.09 16.68 0.75
N PRO H 297 -59.03 16.45 -0.57
CA PRO H 297 -59.63 17.42 -1.50
C PRO H 297 -61.15 17.40 -1.51
N LYS H 298 -61.79 16.38 -0.91
CA LYS H 298 -63.24 16.42 -0.76
C LYS H 298 -63.67 17.42 0.29
N GLN H 299 -62.76 17.82 1.18
CA GLN H 299 -62.96 18.96 2.05
C GLN H 299 -62.55 20.23 1.31
N LYS H 300 -62.43 21.33 2.02
CA LYS H 300 -62.00 22.59 1.42
C LYS H 300 -60.77 23.12 2.13
N LEU H 301 -59.88 22.22 2.53
CA LEU H 301 -58.67 22.61 3.24
C LEU H 301 -57.39 22.23 2.50
N ASP H 302 -57.50 21.65 1.31
CA ASP H 302 -56.34 21.33 0.49
C ASP H 302 -55.59 22.60 0.08
N PHE H 303 -54.30 22.44 -0.24
CA PHE H 303 -53.49 23.58 -0.65
C PHE H 303 -53.94 24.16 -1.99
N TYR H 304 -54.33 23.30 -2.93
CA TYR H 304 -54.74 23.78 -4.24
C TYR H 304 -56.07 24.52 -4.16
N THR H 305 -56.98 24.03 -3.30
CA THR H 305 -58.28 24.65 -3.14
C THR H 305 -58.16 26.01 -2.44
N LEU H 306 -57.35 26.08 -1.39
CA LEU H 306 -57.17 27.34 -0.67
C LEU H 306 -56.41 28.36 -1.52
N LEU H 307 -55.44 27.89 -2.32
CA LEU H 307 -54.68 28.80 -3.16
C LEU H 307 -55.54 29.34 -4.29
N ASP H 308 -56.39 28.49 -4.88
CA ASP H 308 -57.30 28.96 -5.93
C ASP H 308 -58.35 29.90 -5.36
N ASN H 309 -58.87 29.59 -4.17
CA ASN H 309 -59.89 30.45 -3.59
C ASN H 309 -59.33 31.73 -2.98
N TRP H 310 -58.02 31.82 -2.79
CA TRP H 310 -57.43 33.00 -2.19
C TRP H 310 -56.67 33.89 -3.16
N VAL H 311 -56.24 33.35 -4.29
CA VAL H 311 -55.63 34.19 -5.32
C VAL H 311 -56.66 34.69 -6.32
N LEU H 312 -57.46 33.78 -6.87
CA LEU H 312 -58.35 34.15 -7.97
C LEU H 312 -59.60 34.88 -7.51
N ARG H 313 -60.15 34.53 -6.35
CA ARG H 313 -61.46 34.99 -5.94
C ARG H 313 -61.46 35.90 -4.73
N ASP H 314 -60.29 36.20 -4.17
CA ASP H 314 -60.09 37.07 -3.00
C ASP H 314 -60.84 36.58 -1.76
N GLU H 315 -61.13 35.28 -1.68
CA GLU H 315 -61.78 34.73 -0.49
C GLU H 315 -60.68 34.29 0.46
N ALA H 316 -60.35 35.16 1.40
CA ALA H 316 -59.26 34.88 2.32
C ALA H 316 -59.70 33.83 3.34
N PRO H 317 -58.94 32.77 3.53
CA PRO H 317 -59.30 31.75 4.53
C PRO H 317 -58.98 32.21 5.95
N ALA H 318 -59.08 31.30 6.91
CA ALA H 318 -58.64 31.61 8.27
C ALA H 318 -57.14 31.83 8.31
N VAL H 319 -56.67 32.41 9.42
CA VAL H 319 -55.29 32.87 9.52
C VAL H 319 -54.33 31.68 9.53
N GLU H 320 -54.73 30.60 10.20
CA GLU H 320 -53.84 29.46 10.34
C GLU H 320 -53.71 28.71 9.02
N GLN H 321 -54.78 28.70 8.21
CA GLN H 321 -54.70 28.14 6.87
C GLN H 321 -53.83 29.00 5.97
N GLN H 322 -53.78 30.31 6.22
CA GLN H 322 -52.84 31.16 5.49
C GLN H 322 -51.41 30.83 5.87
N HIS H 323 -51.17 30.49 7.14
CA HIS H 323 -49.86 29.97 7.54
C HIS H 323 -49.54 28.67 6.83
N TYR H 324 -50.56 27.83 6.60
CA TYR H 324 -50.34 26.59 5.86
C TYR H 324 -49.95 26.86 4.40
N VAL H 325 -50.65 27.79 3.74
CA VAL H 325 -50.39 28.07 2.33
C VAL H 325 -49.00 28.68 2.14
N ILE H 326 -48.64 29.64 3.00
CA ILE H 326 -47.31 30.24 2.88
C ILE H 326 -46.23 29.24 3.28
N ALA H 327 -46.55 28.28 4.16
CA ALA H 327 -45.61 27.20 4.45
C ALA H 327 -45.39 26.31 3.23
N ASN H 328 -46.43 26.07 2.43
CA ASN H 328 -46.22 25.35 1.18
C ASN H 328 -45.47 26.18 0.16
N LEU H 329 -45.54 27.50 0.21
CA LEU H 329 -44.71 28.26 -0.72
C LEU H 329 -43.25 28.29 -0.29
N ILE H 330 -42.97 28.22 1.01
CA ILE H 330 -41.59 28.12 1.47
C ILE H 330 -41.04 26.71 1.17
N ARG H 331 -41.91 25.70 1.20
CA ARG H 331 -41.51 24.36 0.78
C ARG H 331 -41.10 24.32 -0.69
N GLY H 332 -41.88 24.96 -1.56
CA GLY H 332 -41.62 24.91 -2.98
C GLY H 332 -42.15 23.63 -3.60
N GLY H 333 -42.20 23.61 -4.92
CA GLY H 333 -42.66 22.43 -5.60
C GLY H 333 -43.01 22.71 -7.05
N VAL H 334 -43.64 21.72 -7.67
CA VAL H 334 -44.11 21.80 -9.04
C VAL H 334 -45.62 21.87 -8.99
N PHE H 335 -46.16 23.04 -9.26
CA PHE H 335 -47.59 23.29 -9.16
C PHE H 335 -48.13 23.46 -10.57
N GLY H 336 -49.40 23.81 -10.68
CA GLY H 336 -50.03 23.97 -11.97
C GLY H 336 -50.37 22.64 -12.60
N GLU H 337 -50.92 22.71 -13.81
CA GLU H 337 -51.37 21.52 -14.53
C GLU H 337 -50.21 20.63 -14.96
N LYS I 1 14.30 -28.85 -31.80
CA LYS I 1 13.37 -27.78 -31.46
C LYS I 1 13.84 -27.04 -30.21
N PHE I 2 14.28 -27.78 -29.21
CA PHE I 2 14.79 -27.17 -27.98
C PHE I 2 16.17 -26.57 -28.20
N ILE I 3 16.41 -25.41 -27.60
CA ILE I 3 17.67 -24.70 -27.75
C ILE I 3 18.50 -24.74 -26.47
N LYS I 4 18.00 -24.14 -25.40
CA LYS I 4 18.72 -24.04 -24.14
C LYS I 4 17.74 -23.60 -23.05
N TYR I 5 18.18 -23.74 -21.81
CA TYR I 5 17.56 -23.06 -20.68
C TYR I 5 18.05 -21.63 -20.62
N LEU I 6 17.18 -20.73 -20.18
CA LEU I 6 17.57 -19.32 -20.16
C LEU I 6 18.43 -18.99 -18.95
N SER I 7 18.18 -19.64 -17.81
CA SER I 7 18.98 -19.46 -16.62
C SER I 7 19.73 -20.74 -16.29
N THR I 8 20.89 -20.59 -15.67
CA THR I 8 21.76 -21.72 -15.36
C THR I 8 21.51 -22.30 -13.98
N ALA I 9 20.45 -21.87 -13.29
CA ALA I 9 20.14 -22.38 -11.97
C ALA I 9 18.64 -22.28 -11.76
N HIS I 10 18.03 -23.40 -11.37
CA HIS I 10 16.59 -23.46 -11.24
C HIS I 10 16.16 -22.79 -9.95
N LEU I 11 15.17 -21.90 -10.03
CA LEU I 11 14.64 -21.23 -8.85
C LEU I 11 13.34 -21.91 -8.46
N ASN I 12 13.45 -22.90 -7.56
CA ASN I 12 12.35 -23.72 -7.04
C ASN I 12 11.62 -24.42 -8.19
N TYR I 13 12.36 -25.29 -8.88
CA TYR I 13 11.89 -26.18 -9.95
C TYR I 13 11.42 -25.44 -11.20
N MET I 14 11.54 -24.13 -11.28
CA MET I 14 10.98 -23.35 -12.36
C MET I 14 12.08 -22.76 -13.22
N ASN I 15 11.91 -22.80 -14.54
CA ASN I 15 12.93 -22.25 -15.41
C ASN I 15 12.30 -21.90 -16.75
N ILE I 16 12.96 -21.01 -17.49
CA ILE I 16 12.47 -20.55 -18.78
C ILE I 16 13.20 -21.30 -19.87
N ALA I 17 12.45 -22.03 -20.71
CA ALA I 17 13.03 -22.77 -21.82
C ALA I 17 12.82 -22.01 -23.13
N VAL I 18 13.76 -22.14 -24.05
CA VAL I 18 13.76 -21.42 -25.31
C VAL I 18 13.61 -22.43 -26.44
N TYR I 19 12.56 -22.28 -27.24
CA TYR I 19 12.22 -23.20 -28.31
C TYR I 19 12.31 -22.52 -29.67
N GLU I 20 12.21 -23.33 -30.73
CA GLU I 20 12.37 -22.86 -32.10
C GLU I 20 11.23 -23.39 -32.94
N ASN I 21 10.58 -22.49 -33.69
CA ASN I 21 9.44 -22.87 -34.53
C ASN I 21 9.67 -22.61 -36.02
N GLY I 22 10.82 -22.07 -36.39
CA GLY I 22 11.02 -21.64 -37.76
C GLY I 22 10.64 -20.18 -37.90
N SER I 23 11.64 -19.34 -38.18
CA SER I 23 11.56 -17.89 -38.34
C SER I 23 11.08 -17.16 -37.08
N LYS I 24 11.06 -17.85 -35.93
CA LYS I 24 10.57 -17.30 -34.66
C LYS I 24 11.00 -18.26 -33.57
N ILE I 25 11.11 -17.72 -32.35
CA ILE I 25 11.46 -18.51 -31.18
C ILE I 25 10.36 -18.36 -30.15
N LYS I 26 10.31 -19.34 -29.23
CA LYS I 26 9.22 -19.43 -28.25
C LYS I 26 9.82 -19.58 -26.85
N ALA I 27 9.79 -18.52 -26.06
CA ALA I 27 10.18 -18.62 -24.67
C ALA I 27 8.99 -19.11 -23.85
N ARG I 28 9.25 -20.00 -22.91
CA ARG I 28 8.16 -20.69 -22.22
C ARG I 28 8.58 -20.96 -20.79
N VAL I 29 7.86 -20.36 -19.84
CA VAL I 29 8.10 -20.63 -18.43
C VAL I 29 7.54 -21.99 -18.08
N GLU I 30 8.36 -22.84 -17.48
CA GLU I 30 7.87 -24.19 -17.20
C GLU I 30 8.54 -24.79 -15.97
N ASN I 31 7.81 -25.70 -15.35
CA ASN I 31 8.35 -26.60 -14.35
C ASN I 31 9.30 -27.58 -15.00
N VAL I 32 10.24 -28.09 -14.22
CA VAL I 32 11.31 -28.93 -14.75
C VAL I 32 11.03 -30.40 -14.51
N VAL I 33 10.57 -30.76 -13.30
CA VAL I 33 10.33 -32.16 -12.96
C VAL I 33 9.12 -32.70 -13.71
N ASN I 34 8.00 -31.97 -13.66
CA ASN I 34 6.81 -32.41 -14.36
C ASN I 34 6.93 -32.20 -15.86
N GLY I 35 7.06 -30.95 -16.29
CA GLY I 35 7.15 -30.59 -17.69
C GLY I 35 6.08 -29.64 -18.16
N LYS I 36 4.98 -29.51 -17.43
CA LYS I 36 3.90 -28.63 -17.85
C LYS I 36 4.27 -27.17 -17.64
N SER I 37 3.87 -26.34 -18.59
CA SER I 37 4.30 -24.95 -18.64
C SER I 37 3.20 -24.02 -18.14
N VAL I 38 3.64 -22.85 -17.69
CA VAL I 38 2.75 -21.80 -17.18
C VAL I 38 3.03 -20.55 -17.99
N GLY I 39 2.27 -20.32 -19.04
CA GLY I 39 2.45 -19.15 -19.86
C GLY I 39 3.60 -19.29 -20.85
N ALA I 40 3.51 -18.52 -21.92
CA ALA I 40 4.51 -18.56 -22.98
C ALA I 40 4.50 -17.22 -23.70
N ARG I 41 5.55 -16.97 -24.48
CA ARG I 41 5.68 -15.72 -25.20
C ARG I 41 6.56 -15.93 -26.42
N ASP I 42 6.14 -15.39 -27.56
CA ASP I 42 6.75 -15.63 -28.84
C ASP I 42 7.57 -14.43 -29.29
N PHE I 43 8.82 -14.68 -29.66
CA PHE I 43 9.73 -13.68 -30.18
C PHE I 43 10.10 -14.04 -31.62
N ASP I 44 10.74 -13.09 -32.31
CA ASP I 44 11.06 -13.28 -33.71
C ASP I 44 12.46 -13.85 -33.92
N SER I 45 13.43 -13.42 -33.11
CA SER I 45 14.79 -13.93 -33.22
C SER I 45 15.43 -13.89 -31.84
N THR I 46 16.58 -14.56 -31.72
CA THR I 46 17.29 -14.61 -30.45
C THR I 46 17.91 -13.28 -30.09
N GLU I 47 18.15 -12.41 -31.07
CA GLU I 47 18.61 -11.06 -30.79
C GLU I 47 17.54 -10.25 -30.08
N GLN I 48 16.27 -10.49 -30.42
CA GLN I 48 15.18 -9.88 -29.67
C GLN I 48 15.05 -10.47 -28.28
N LEU I 49 15.37 -11.77 -28.13
CA LEU I 49 15.31 -12.41 -26.84
C LEU I 49 16.36 -11.86 -25.88
N GLU I 50 17.61 -11.81 -26.33
CA GLU I 50 18.67 -11.31 -25.46
C GLU I 50 18.60 -9.80 -25.32
N SER I 51 18.17 -9.09 -26.36
CA SER I 51 18.03 -7.64 -26.31
C SER I 51 16.91 -7.22 -25.38
N TRP I 52 15.84 -8.01 -25.32
CA TRP I 52 14.77 -7.72 -24.36
C TRP I 52 15.13 -8.18 -22.95
N PHE I 53 15.80 -9.33 -22.85
CA PHE I 53 16.07 -9.93 -21.56
C PHE I 53 17.12 -9.16 -20.78
N TYR I 54 18.16 -8.67 -21.48
CA TYR I 54 19.21 -7.96 -20.78
C TYR I 54 18.83 -6.53 -20.40
N GLY I 55 17.66 -6.07 -20.81
CA GLY I 55 17.13 -4.79 -20.38
C GLY I 55 16.23 -4.87 -19.17
N LEU I 56 16.06 -6.04 -18.57
CA LEU I 56 15.22 -6.19 -17.40
C LEU I 56 15.93 -5.66 -16.16
N PRO I 57 15.19 -5.11 -15.20
CA PRO I 57 15.82 -4.62 -13.98
C PRO I 57 16.23 -5.77 -13.07
N GLY I 58 17.52 -5.96 -12.89
CA GLY I 58 18.02 -6.96 -11.98
C GLY I 58 19.38 -7.48 -12.44
N SER I 59 19.85 -8.49 -11.72
CA SER I 59 21.12 -9.14 -12.04
C SER I 59 21.11 -10.53 -11.44
N GLY I 60 21.49 -11.52 -12.24
CA GLY I 60 21.53 -12.88 -11.75
C GLY I 60 20.16 -13.55 -11.77
N LEU I 61 19.64 -13.89 -10.59
CA LEU I 61 18.35 -14.57 -10.54
C LEU I 61 17.19 -13.66 -10.19
N GLY I 62 17.46 -12.42 -9.78
CA GLY I 62 16.38 -11.45 -9.73
C GLY I 62 15.87 -11.13 -11.12
N ARG I 63 16.76 -11.16 -12.11
CA ARG I 63 16.37 -10.99 -13.49
C ARG I 63 15.51 -12.15 -13.98
N ILE I 64 15.82 -13.38 -13.54
CA ILE I 64 15.01 -14.50 -13.98
C ILE I 64 13.70 -14.58 -13.21
N GLU I 65 13.64 -14.01 -12.01
CA GLU I 65 12.36 -13.92 -11.33
C GLU I 65 11.47 -12.88 -11.97
N ASN I 66 12.06 -11.75 -12.39
CA ASN I 66 11.28 -10.74 -13.11
C ASN I 66 10.84 -11.25 -14.48
N ALA I 67 11.68 -12.07 -15.13
CA ALA I 67 11.30 -12.61 -16.42
C ALA I 67 10.19 -13.65 -16.29
N MET I 68 10.25 -14.50 -15.25
CA MET I 68 9.17 -15.44 -15.02
C MET I 68 7.89 -14.75 -14.59
N ASN I 69 7.99 -13.65 -13.85
CA ASN I 69 6.81 -12.86 -13.51
C ASN I 69 6.32 -12.00 -14.65
N GLU I 70 7.10 -11.89 -15.73
CA GLU I 70 6.68 -11.13 -16.91
C GLU I 70 6.05 -12.01 -17.97
N ILE I 71 6.62 -13.19 -18.25
CA ILE I 71 6.09 -14.06 -19.29
C ILE I 71 4.80 -14.73 -18.81
N SER I 72 4.76 -15.14 -17.54
CA SER I 72 3.59 -15.80 -16.97
C SER I 72 2.60 -14.80 -16.39
N ARG I 73 2.56 -13.60 -16.94
CA ARG I 73 1.68 -12.54 -16.48
C ARG I 73 0.22 -12.89 -16.76
N ARG I 74 -0.65 -12.47 -15.85
CA ARG I 74 -2.09 -12.47 -16.06
C ARG I 74 -2.39 -11.58 -17.27
N GLU I 75 -2.89 -12.17 -18.34
CA GLU I 75 -3.00 -11.45 -19.61
C GLU I 75 -4.15 -10.44 -19.63
N ASN I 76 -5.09 -10.53 -18.70
CA ASN I 76 -6.26 -9.67 -18.73
C ASN I 76 -6.27 -8.66 -17.59
N LYS J 1 -47.11 -33.06 -6.62
CA LYS J 1 -46.38 -32.36 -7.66
C LYS J 1 -45.03 -31.87 -7.13
N PHE J 2 -45.04 -31.30 -5.93
CA PHE J 2 -43.80 -30.82 -5.33
C PHE J 2 -42.96 -31.98 -4.83
N ILE J 3 -41.64 -31.89 -5.00
CA ILE J 3 -40.72 -32.94 -4.62
C ILE J 3 -39.88 -32.52 -3.40
N LYS J 4 -39.05 -31.50 -3.54
CA LYS J 4 -38.15 -31.04 -2.48
C LYS J 4 -37.61 -29.68 -2.85
N TYR J 5 -37.00 -29.02 -1.86
CA TYR J 5 -36.13 -27.89 -2.11
C TYR J 5 -34.75 -28.39 -2.52
N LEU J 6 -34.09 -27.63 -3.39
CA LEU J 6 -32.80 -28.09 -3.88
C LEU J 6 -31.68 -27.80 -2.90
N SER J 7 -31.78 -26.72 -2.15
CA SER J 7 -30.80 -26.39 -1.13
C SER J 7 -31.46 -26.43 0.24
N THR J 8 -30.67 -26.76 1.26
CA THR J 8 -31.18 -26.93 2.61
C THR J 8 -31.10 -25.65 3.44
N ALA J 9 -30.77 -24.52 2.82
CA ALA J 9 -30.67 -23.27 3.55
C ALA J 9 -30.98 -22.14 2.58
N HIS J 10 -31.93 -21.28 2.97
CA HIS J 10 -32.39 -20.22 2.08
C HIS J 10 -31.38 -19.10 2.06
N LEU J 11 -31.02 -18.65 0.86
CA LEU J 11 -30.08 -17.53 0.71
C LEU J 11 -30.90 -16.28 0.40
N ASN J 12 -31.25 -15.53 1.46
CA ASN J 12 -32.05 -14.31 1.40
C ASN J 12 -33.40 -14.56 0.74
N TYR J 13 -34.20 -15.42 1.38
CA TYR J 13 -35.57 -15.77 1.02
C TYR J 13 -35.71 -16.49 -0.32
N MET J 14 -34.61 -16.83 -0.99
CA MET J 14 -34.67 -17.38 -2.33
C MET J 14 -34.21 -18.83 -2.32
N ASN J 15 -34.91 -19.68 -3.07
CA ASN J 15 -34.53 -21.09 -3.11
C ASN J 15 -35.07 -21.71 -4.38
N ILE J 16 -34.46 -22.82 -4.78
CA ILE J 16 -34.84 -23.54 -6.00
C ILE J 16 -35.74 -24.70 -5.63
N ALA J 17 -36.95 -24.72 -6.16
CA ALA J 17 -37.89 -25.80 -5.90
C ALA J 17 -37.94 -26.74 -7.10
N VAL J 18 -38.17 -28.02 -6.83
CA VAL J 18 -38.16 -29.06 -7.86
C VAL J 18 -39.57 -29.64 -7.95
N TYR J 19 -40.15 -29.57 -9.15
CA TYR J 19 -41.53 -29.98 -9.40
C TYR J 19 -41.56 -31.15 -10.39
N GLU J 20 -42.75 -31.74 -10.53
CA GLU J 20 -42.95 -32.93 -11.35
C GLU J 20 -44.15 -32.72 -12.25
N ASN J 21 -43.98 -32.99 -13.54
CA ASN J 21 -45.05 -32.80 -14.52
C ASN J 21 -45.45 -34.08 -15.23
N GLY J 22 -44.80 -35.20 -14.93
CA GLY J 22 -45.02 -36.40 -15.70
C GLY J 22 -44.00 -36.49 -16.83
N SER J 23 -43.11 -37.49 -16.75
CA SER J 23 -42.01 -37.77 -17.68
C SER J 23 -40.99 -36.63 -17.78
N LYS J 24 -41.03 -35.67 -16.86
CA LYS J 24 -40.16 -34.51 -16.86
C LYS J 24 -40.29 -33.82 -15.51
N ILE J 25 -39.25 -33.08 -15.14
CA ILE J 25 -39.24 -32.33 -13.89
C ILE J 25 -39.00 -30.86 -14.21
N LYS J 26 -39.39 -30.00 -13.26
CA LYS J 26 -39.37 -28.56 -13.46
C LYS J 26 -38.66 -27.89 -12.29
N ALA J 27 -37.42 -27.45 -12.50
CA ALA J 27 -36.74 -26.66 -11.50
C ALA J 27 -37.14 -25.21 -11.64
N ARG J 28 -37.35 -24.54 -10.51
CA ARG J 28 -37.96 -23.22 -10.55
C ARG J 28 -37.38 -22.39 -9.41
N VAL J 29 -36.68 -21.31 -9.76
CA VAL J 29 -36.17 -20.38 -8.76
C VAL J 29 -37.32 -19.55 -8.22
N GLU J 30 -37.48 -19.51 -6.89
CA GLU J 30 -38.61 -18.78 -6.37
C GLU J 30 -38.32 -18.22 -4.98
N ASN J 31 -39.02 -17.13 -4.67
CA ASN J 31 -39.11 -16.62 -3.32
C ASN J 31 -39.92 -17.57 -2.46
N VAL J 32 -39.66 -17.55 -1.16
CA VAL J 32 -40.26 -18.50 -0.23
C VAL J 32 -41.44 -17.92 0.51
N VAL J 33 -41.33 -16.67 0.98
CA VAL J 33 -42.40 -16.05 1.74
C VAL J 33 -43.58 -15.72 0.85
N ASN J 34 -43.33 -15.06 -0.29
CA ASN J 34 -44.42 -14.73 -1.20
C ASN J 34 -44.90 -15.95 -1.96
N GLY J 35 -44.02 -16.54 -2.77
CA GLY J 35 -44.35 -17.68 -3.58
C GLY J 35 -44.13 -17.47 -5.07
N LYS J 36 -44.04 -16.24 -5.52
CA LYS J 36 -43.88 -15.97 -6.95
C LYS J 36 -42.45 -16.29 -7.39
N SER J 37 -42.33 -16.84 -8.58
CA SER J 37 -41.08 -17.38 -9.08
C SER J 37 -40.43 -16.44 -10.08
N VAL J 38 -39.12 -16.57 -10.21
CA VAL J 38 -38.31 -15.77 -11.12
C VAL J 38 -37.56 -16.75 -12.01
N GLY J 39 -38.11 -17.05 -13.18
CA GLY J 39 -37.47 -17.96 -14.09
C GLY J 39 -37.67 -19.41 -13.72
N ALA J 40 -37.57 -20.27 -14.73
CA ALA J 40 -37.76 -21.70 -14.56
C ALA J 40 -36.99 -22.43 -15.64
N ARG J 41 -36.81 -23.73 -15.44
CA ARG J 41 -36.07 -24.54 -16.40
C ARG J 41 -36.51 -25.99 -16.29
N ASP J 42 -36.72 -26.64 -17.43
CA ASP J 42 -37.33 -27.95 -17.50
C ASP J 42 -36.29 -29.01 -17.82
N PHE J 43 -36.25 -30.06 -17.03
CA PHE J 43 -35.36 -31.19 -17.22
C PHE J 43 -36.21 -32.44 -17.48
N ASP J 44 -35.54 -33.51 -17.89
CA ASP J 44 -36.24 -34.74 -18.25
C ASP J 44 -36.34 -35.73 -17.10
N SER J 45 -35.30 -35.83 -16.28
CA SER J 45 -35.31 -36.73 -15.13
C SER J 45 -34.45 -36.13 -14.03
N THR J 46 -34.57 -36.70 -12.84
CA THR J 46 -33.79 -36.23 -11.71
C THR J 46 -32.31 -36.57 -11.83
N GLU J 47 -31.98 -37.59 -12.63
CA GLU J 47 -30.58 -37.89 -12.91
C GLU J 47 -29.94 -36.77 -13.74
N GLN J 48 -30.71 -36.16 -14.64
CA GLN J 48 -30.21 -34.99 -15.35
C GLN J 48 -30.10 -33.79 -14.42
N LEU J 49 -30.99 -33.68 -13.43
CA LEU J 49 -30.94 -32.58 -12.48
C LEU J 49 -29.71 -32.66 -11.60
N GLU J 50 -29.46 -33.82 -10.99
CA GLU J 50 -28.30 -33.96 -10.12
C GLU J 50 -27.01 -34.02 -10.93
N SER J 51 -27.06 -34.63 -12.12
CA SER J 51 -25.88 -34.72 -12.97
C SER J 51 -25.48 -33.36 -13.51
N TRP J 52 -26.44 -32.49 -13.78
CA TRP J 52 -26.11 -31.14 -14.19
C TRP J 52 -25.72 -30.27 -13.00
N PHE J 53 -26.40 -30.45 -11.88
CA PHE J 53 -26.21 -29.59 -10.72
C PHE J 53 -24.87 -29.83 -10.06
N TYR J 54 -24.45 -31.08 -9.96
CA TYR J 54 -23.19 -31.38 -9.29
C TYR J 54 -21.97 -31.06 -10.14
N GLY J 55 -22.17 -30.66 -11.39
CA GLY J 55 -21.08 -30.19 -12.23
C GLY J 55 -20.87 -28.70 -12.21
N LEU J 56 -21.63 -27.97 -11.38
CA LEU J 56 -21.47 -26.53 -11.31
C LEU J 56 -20.23 -26.15 -10.51
N PRO J 57 -19.59 -25.05 -10.84
CA PRO J 57 -18.41 -24.63 -10.07
C PRO J 57 -18.79 -24.05 -8.72
N GLY J 58 -18.44 -24.74 -7.65
CA GLY J 58 -18.69 -24.25 -6.32
C GLY J 58 -18.88 -25.40 -5.35
N SER J 59 -19.22 -25.03 -4.12
CA SER J 59 -19.49 -26.00 -3.07
C SER J 59 -20.37 -25.34 -2.02
N GLY J 60 -21.43 -26.02 -1.60
CA GLY J 60 -22.30 -25.47 -0.60
C GLY J 60 -23.30 -24.49 -1.15
N LEU J 61 -23.21 -23.22 -0.75
CA LEU J 61 -24.18 -22.24 -1.23
C LEU J 61 -23.64 -21.36 -2.35
N GLY J 62 -22.34 -21.42 -2.64
CA GLY J 62 -21.87 -20.82 -3.88
C GLY J 62 -22.42 -21.56 -5.08
N ARG J 63 -22.61 -22.87 -4.95
CA ARG J 63 -23.25 -23.67 -5.99
C ARG J 63 -24.71 -23.28 -6.17
N ILE J 64 -25.41 -22.97 -5.07
CA ILE J 64 -26.81 -22.59 -5.23
C ILE J 64 -26.94 -21.15 -5.69
N GLU J 65 -25.93 -20.30 -5.45
CA GLU J 65 -25.96 -18.97 -6.04
C GLU J 65 -25.69 -19.03 -7.54
N ASN J 66 -24.77 -19.89 -7.96
CA ASN J 66 -24.53 -20.07 -9.38
C ASN J 66 -25.73 -20.71 -10.08
N ALA J 67 -26.42 -21.61 -9.38
CA ALA J 67 -27.59 -22.24 -9.98
C ALA J 67 -28.76 -21.25 -10.09
N MET J 68 -28.94 -20.40 -9.08
CA MET J 68 -29.97 -19.38 -9.19
C MET J 68 -29.63 -18.32 -10.23
N ASN J 69 -28.33 -18.02 -10.40
CA ASN J 69 -27.92 -17.10 -11.45
C ASN J 69 -27.90 -17.76 -12.82
N GLU J 70 -28.06 -19.08 -12.89
CA GLU J 70 -28.12 -19.79 -14.16
C GLU J 70 -29.55 -20.02 -14.63
N ILE J 71 -30.44 -20.42 -13.73
CA ILE J 71 -31.82 -20.70 -14.13
C ILE J 71 -32.58 -19.41 -14.40
N SER J 72 -32.35 -18.38 -13.58
CA SER J 72 -32.99 -17.08 -13.74
C SER J 72 -32.23 -16.16 -14.67
N ARG J 73 -31.52 -16.73 -15.63
CA ARG J 73 -30.72 -15.98 -16.58
C ARG J 73 -31.61 -15.17 -17.51
N ARG J 74 -31.13 -13.98 -17.89
CA ARG J 74 -31.71 -13.19 -18.96
C ARG J 74 -31.62 -14.02 -20.24
N GLU J 75 -32.77 -14.39 -20.79
CA GLU J 75 -32.82 -15.36 -21.88
C GLU J 75 -32.36 -14.79 -23.21
N ASN J 76 -32.32 -13.47 -23.35
CA ASN J 76 -32.00 -12.86 -24.64
C ASN J 76 -30.65 -12.17 -24.64
N HIS K 6 -68.64 -3.96 -18.26
CA HIS K 6 -69.16 -5.23 -18.74
C HIS K 6 -70.46 -5.05 -19.50
N HIS K 7 -71.47 -4.53 -18.80
CA HIS K 7 -72.75 -4.22 -19.42
C HIS K 7 -72.63 -3.09 -20.43
N ILE K 8 -71.63 -2.23 -20.26
CA ILE K 8 -71.41 -1.11 -21.17
C ILE K 8 -70.95 -1.59 -22.54
N ALA K 9 -70.36 -2.79 -22.63
CA ALA K 9 -70.04 -3.43 -23.90
C ALA K 9 -71.07 -4.51 -24.25
N GLN K 10 -72.28 -4.37 -23.74
CA GLN K 10 -73.42 -5.21 -24.12
C GLN K 10 -74.61 -4.39 -24.58
N GLN K 11 -74.90 -3.27 -23.92
CA GLN K 11 -75.85 -2.31 -24.46
C GLN K 11 -75.24 -1.51 -25.59
N HIS K 12 -73.91 -1.50 -25.69
CA HIS K 12 -73.17 -0.82 -26.74
C HIS K 12 -72.08 -1.75 -27.25
N LYS K 13 -72.47 -3.00 -27.56
CA LYS K 13 -71.51 -4.06 -27.84
C LYS K 13 -70.73 -3.85 -29.12
N ASP K 14 -71.21 -3.01 -30.02
CA ASP K 14 -70.46 -2.64 -31.21
C ASP K 14 -70.27 -1.13 -31.31
N THR K 15 -70.77 -0.37 -30.35
CA THR K 15 -70.62 1.08 -30.33
C THR K 15 -69.32 1.39 -29.59
N VAL K 16 -68.29 1.75 -30.36
CA VAL K 16 -66.99 2.08 -29.76
C VAL K 16 -66.95 3.48 -29.20
N ALA K 17 -67.95 4.32 -29.51
CA ALA K 17 -68.00 5.66 -28.93
C ALA K 17 -68.39 5.60 -27.45
N ALA K 18 -69.31 4.70 -27.10
CA ALA K 18 -69.61 4.47 -25.70
C ALA K 18 -68.52 3.66 -25.01
N CYS K 19 -67.66 2.99 -25.78
CA CYS K 19 -66.44 2.43 -25.21
C CYS K 19 -65.42 3.53 -24.94
N GLU K 20 -65.47 4.62 -25.73
CA GLU K 20 -64.71 5.81 -25.36
C GLU K 20 -65.34 6.51 -24.17
N ALA K 21 -66.66 6.36 -23.98
CA ALA K 21 -67.27 6.79 -22.73
C ALA K 21 -66.84 5.89 -21.57
N ALA K 22 -66.58 4.61 -21.84
CA ALA K 22 -65.99 3.74 -20.83
C ALA K 22 -64.56 4.15 -20.53
N GLU K 23 -63.86 4.72 -21.51
CA GLU K 23 -62.58 5.36 -21.23
C GLU K 23 -62.78 6.62 -20.40
N ALA K 24 -63.91 7.32 -20.60
CA ALA K 24 -64.14 8.59 -19.92
C ALA K 24 -64.50 8.38 -18.44
N ILE K 25 -65.25 7.34 -18.14
CA ILE K 25 -65.75 7.14 -16.77
C ILE K 25 -64.77 6.35 -15.92
N ALA K 26 -64.29 5.22 -16.44
CA ALA K 26 -63.60 4.23 -15.64
C ALA K 26 -62.13 4.56 -15.36
N ILE K 27 -61.37 3.54 -14.95
CA ILE K 27 -60.03 3.70 -14.39
C ILE K 27 -59.02 3.08 -15.33
N ALA K 28 -57.76 3.02 -14.87
CA ALA K 28 -56.55 2.93 -15.69
C ALA K 28 -56.53 1.75 -16.65
N LYS K 29 -55.62 1.85 -17.61
CA LYS K 29 -55.65 1.11 -18.86
C LYS K 29 -54.35 0.31 -19.03
N ASP K 30 -54.46 -0.85 -19.66
CA ASP K 30 -53.30 -1.67 -19.98
C ASP K 30 -53.24 -1.85 -21.48
N GLN K 31 -52.06 -2.18 -21.99
CA GLN K 31 -51.86 -2.47 -23.41
C GLN K 31 -51.01 -3.73 -23.55
N VAL K 32 -51.26 -4.49 -24.61
CA VAL K 32 -50.53 -5.73 -24.88
C VAL K 32 -50.00 -5.69 -26.29
N TRP K 33 -48.67 -5.80 -26.43
CA TRP K 33 -47.96 -5.74 -27.70
C TRP K 33 -47.39 -7.12 -28.01
N ASP K 34 -47.87 -7.73 -29.09
CA ASP K 34 -47.27 -8.93 -29.67
C ASP K 34 -47.57 -8.91 -31.16
N GLY K 35 -47.59 -10.10 -31.78
CA GLY K 35 -48.06 -10.21 -33.15
C GLY K 35 -49.46 -9.64 -33.38
N GLU K 36 -50.35 -9.80 -32.41
CA GLU K 36 -51.63 -9.12 -32.38
C GLU K 36 -51.51 -7.87 -31.52
N GLY K 37 -52.63 -7.26 -31.17
CA GLY K 37 -52.55 -6.11 -30.30
C GLY K 37 -53.79 -5.86 -29.47
N TYR K 38 -53.62 -5.74 -28.16
CA TYR K 38 -54.77 -5.64 -27.26
C TYR K 38 -54.70 -4.34 -26.47
N THR K 39 -55.88 -3.84 -26.08
CA THR K 39 -55.96 -2.92 -24.96
C THR K 39 -56.88 -3.53 -23.91
N LYS K 40 -56.66 -3.14 -22.66
CA LYS K 40 -57.38 -3.70 -21.53
C LYS K 40 -57.94 -2.56 -20.71
N TYR K 41 -59.26 -2.54 -20.56
CA TYR K 41 -59.92 -1.50 -19.78
C TYR K 41 -60.33 -2.10 -18.43
N THR K 42 -59.61 -1.74 -17.38
CA THR K 42 -59.99 -2.14 -16.04
C THR K 42 -61.11 -1.26 -15.53
N PHE K 43 -62.08 -1.87 -14.86
CA PHE K 43 -63.24 -1.16 -14.32
C PHE K 43 -63.21 -1.23 -12.80
N ASP K 44 -64.15 -0.50 -12.19
CA ASP K 44 -64.26 -0.52 -10.73
C ASP K 44 -64.84 -1.82 -10.21
N ASP K 45 -65.56 -2.57 -11.06
CA ASP K 45 -66.11 -3.86 -10.68
C ASP K 45 -65.18 -5.01 -11.07
N ASN K 46 -63.88 -4.73 -11.22
CA ASN K 46 -62.84 -5.68 -11.62
C ASN K 46 -63.17 -6.32 -12.97
N SER K 47 -63.72 -5.52 -13.88
CA SER K 47 -64.10 -5.98 -15.21
C SER K 47 -63.13 -5.39 -16.22
N VAL K 48 -62.40 -6.25 -16.91
CA VAL K 48 -61.37 -5.83 -17.85
C VAL K 48 -61.86 -6.13 -19.26
N LEU K 49 -62.08 -5.09 -20.03
CA LEU K 49 -62.52 -5.21 -21.43
C LEU K 49 -61.28 -5.39 -22.29
N ILE K 50 -61.14 -6.60 -22.85
CA ILE K 50 -60.16 -6.81 -23.91
C ILE K 50 -60.70 -6.23 -25.20
N GLN K 51 -59.87 -5.46 -25.89
CA GLN K 51 -60.27 -4.80 -27.12
C GLN K 51 -59.21 -5.04 -28.17
N SER K 52 -59.64 -5.50 -29.35
CA SER K 52 -58.72 -5.91 -30.43
C SER K 52 -59.41 -5.67 -31.77
N GLY K 53 -59.07 -4.54 -32.41
CA GLY K 53 -59.60 -4.23 -33.72
C GLY K 53 -61.09 -4.03 -33.70
N THR K 54 -61.81 -5.03 -34.21
CA THR K 54 -63.27 -5.08 -34.08
C THR K 54 -63.68 -5.85 -32.83
N THR K 55 -63.07 -7.00 -32.56
CA THR K 55 -63.59 -7.91 -31.56
C THR K 55 -63.18 -7.46 -30.14
N GLN K 56 -63.87 -8.02 -29.16
CA GLN K 56 -63.71 -7.61 -27.77
C GLN K 56 -64.06 -8.80 -26.89
N TYR K 57 -63.84 -8.62 -25.58
CA TYR K 57 -64.33 -9.58 -24.59
C TYR K 57 -64.47 -8.85 -23.26
N ALA K 58 -65.63 -9.01 -22.63
CA ALA K 58 -65.91 -8.36 -21.35
C ALA K 58 -65.76 -9.39 -20.24
N MET K 59 -64.79 -9.17 -19.37
CA MET K 59 -64.43 -10.13 -18.33
C MET K 59 -65.20 -9.83 -17.06
N ASP K 60 -65.57 -10.90 -16.34
CA ASP K 60 -66.21 -10.78 -15.03
C ASP K 60 -65.33 -11.49 -14.00
N ALA K 61 -64.75 -10.73 -13.08
CA ALA K 61 -63.91 -11.34 -12.07
C ALA K 61 -64.77 -12.01 -10.99
N ASP K 62 -64.08 -12.52 -9.96
CA ASP K 62 -64.65 -13.39 -8.92
C ASP K 62 -65.34 -14.61 -9.53
N ASP K 63 -64.79 -15.09 -10.65
CA ASP K 63 -65.31 -16.26 -11.35
C ASP K 63 -64.18 -16.75 -12.24
N ALA K 64 -63.67 -17.96 -11.96
CA ALA K 64 -62.55 -18.48 -12.72
C ALA K 64 -62.95 -18.96 -14.11
N ASP K 65 -64.24 -19.20 -14.35
CA ASP K 65 -64.69 -19.61 -15.68
C ASP K 65 -64.69 -18.42 -16.63
N SER K 66 -65.04 -17.23 -16.15
CA SER K 66 -64.91 -16.03 -16.96
C SER K 66 -63.45 -15.62 -17.14
N ILE K 67 -62.56 -16.11 -16.28
CA ILE K 67 -61.13 -15.91 -16.49
C ILE K 67 -60.60 -16.94 -17.49
N LYS K 68 -61.23 -18.13 -17.55
CA LYS K 68 -60.98 -19.03 -18.67
C LYS K 68 -61.41 -18.39 -19.99
N GLY K 69 -62.56 -17.71 -19.98
CA GLY K 69 -62.96 -16.93 -21.14
C GLY K 69 -62.06 -15.74 -21.40
N TYR K 70 -61.46 -15.19 -20.34
CA TYR K 70 -60.44 -14.16 -20.46
C TYR K 70 -59.14 -14.72 -21.04
N ALA K 71 -58.92 -16.03 -20.90
CA ALA K 71 -57.81 -16.71 -21.54
C ALA K 71 -58.23 -17.42 -22.82
N ASP K 72 -59.44 -17.17 -23.31
CA ASP K 72 -59.86 -17.69 -24.61
C ASP K 72 -59.48 -16.76 -25.76
N TRP K 73 -58.83 -15.64 -25.47
CA TRP K 73 -58.50 -14.67 -26.50
C TRP K 73 -57.01 -14.44 -26.60
N LEU K 74 -56.22 -15.51 -26.60
CA LEU K 74 -54.79 -15.36 -26.56
C LEU K 74 -54.13 -16.29 -27.57
N ASP K 75 -53.13 -15.76 -28.27
CA ASP K 75 -52.15 -16.58 -28.95
C ASP K 75 -51.21 -17.19 -27.90
N ASP K 76 -50.44 -18.21 -28.30
CA ASP K 76 -49.45 -18.75 -27.38
C ASP K 76 -48.28 -17.81 -27.18
N GLU K 77 -48.02 -16.91 -28.14
CA GLU K 77 -47.12 -15.80 -27.88
C GLU K 77 -47.77 -14.76 -26.97
N ALA K 78 -49.09 -14.59 -27.08
CA ALA K 78 -49.80 -13.84 -26.06
C ALA K 78 -49.84 -14.58 -24.73
N ARG K 79 -49.74 -15.91 -24.76
CA ARG K 79 -49.56 -16.70 -23.55
C ARG K 79 -48.09 -16.87 -23.19
N SER K 80 -47.16 -16.37 -24.00
CA SER K 80 -45.79 -16.22 -23.54
C SER K 80 -45.67 -15.00 -22.63
N ALA K 81 -46.42 -13.94 -22.92
CA ALA K 81 -46.71 -12.90 -21.95
C ALA K 81 -47.92 -13.35 -21.14
N GLU K 82 -48.51 -12.45 -20.34
CA GLU K 82 -49.80 -12.60 -19.66
C GLU K 82 -49.78 -13.66 -18.54
N ALA K 83 -48.68 -14.41 -18.39
CA ALA K 83 -48.61 -15.47 -17.39
C ALA K 83 -48.53 -14.91 -15.97
N SER K 84 -47.99 -13.70 -15.82
CA SER K 84 -48.07 -13.03 -14.53
C SER K 84 -49.39 -12.28 -14.35
N GLU K 85 -50.28 -12.34 -15.34
CA GLU K 85 -51.60 -11.75 -15.20
C GLU K 85 -52.66 -12.83 -14.99
N ILE K 86 -52.45 -14.01 -15.57
CA ILE K 86 -53.37 -15.12 -15.34
C ILE K 86 -53.13 -15.74 -13.97
N GLU K 87 -51.86 -15.90 -13.59
CA GLU K 87 -51.54 -16.40 -12.26
C GLU K 87 -51.74 -15.34 -11.18
N ARG K 88 -51.85 -14.07 -11.56
CA ARG K 88 -52.23 -13.04 -10.60
C ARG K 88 -53.67 -13.21 -10.17
N LEU K 89 -54.52 -13.66 -11.08
CA LEU K 89 -55.94 -13.85 -10.82
C LEU K 89 -56.26 -15.21 -10.22
N LEU K 90 -55.25 -15.97 -9.79
CA LEU K 90 -55.47 -17.25 -9.14
C LEU K 90 -55.54 -17.11 -7.62
N GLU K 91 -56.39 -16.20 -7.15
CA GLU K 91 -56.65 -16.10 -5.72
C GLU K 91 -58.15 -16.08 -5.45
N SER K 92 -58.91 -15.52 -6.39
CA SER K 92 -60.26 -15.01 -6.11
C SER K 92 -61.22 -16.17 -5.93
N VAL K 93 -61.53 -16.49 -4.67
CA VAL K 93 -62.45 -17.55 -4.34
C VAL K 93 -63.64 -16.92 -3.61
N PHE L 1 31.87 74.00 22.32
CA PHE L 1 32.21 75.06 21.36
C PHE L 1 33.67 75.46 21.47
N THR L 2 34.42 74.73 22.30
CA THR L 2 35.83 75.00 22.53
C THR L 2 36.74 73.82 22.27
N MET L 3 36.24 72.60 22.36
CA MET L 3 37.04 71.39 22.10
C MET L 3 37.12 71.21 20.59
N ASP L 4 38.21 71.66 19.99
CA ASP L 4 38.41 71.61 18.55
C ASP L 4 39.58 70.73 18.16
N HIS L 5 39.83 69.68 18.93
CA HIS L 5 40.89 68.72 18.65
C HIS L 5 40.25 67.37 18.36
N TYR L 6 40.43 66.87 17.15
CA TYR L 6 39.86 65.59 16.74
C TYR L 6 40.96 64.55 16.57
N LEU L 7 40.58 63.28 16.74
CA LEU L 7 41.50 62.16 16.57
C LEU L 7 40.72 61.07 15.83
N ASP L 8 40.86 61.04 14.51
CA ASP L 8 40.10 60.13 13.69
C ASP L 8 40.74 58.74 13.65
N ILE L 9 39.93 57.75 13.31
CA ILE L 9 40.39 56.37 13.17
C ILE L 9 39.73 55.73 11.96
N ARG L 10 40.48 55.61 10.86
CA ARG L 10 39.96 55.04 9.63
C ARG L 10 40.07 53.53 9.67
N LEU L 11 39.02 52.85 9.21
CA LEU L 11 38.93 51.40 9.26
C LEU L 11 39.20 50.81 7.88
N ARG L 12 40.25 49.99 7.79
CA ARG L 12 40.60 49.29 6.57
C ARG L 12 40.09 47.86 6.64
N PRO L 13 39.97 47.18 5.51
CA PRO L 13 39.47 45.80 5.53
C PRO L 13 40.56 44.80 5.84
N ASP L 14 40.14 43.68 6.42
CA ASP L 14 41.03 42.58 6.77
C ASP L 14 40.29 41.29 6.44
N PRO L 15 41.00 40.24 6.02
CA PRO L 15 40.31 39.02 5.63
C PRO L 15 39.89 38.12 6.79
N GLU L 16 40.49 38.30 7.96
CA GLU L 16 40.23 37.42 9.11
C GLU L 16 39.05 37.88 9.95
N PHE L 17 38.36 38.95 9.56
CA PHE L 17 37.23 39.41 10.34
C PHE L 17 36.50 40.52 9.60
N PRO L 18 35.20 40.70 9.82
CA PRO L 18 34.48 41.81 9.21
C PRO L 18 34.63 43.07 10.03
N PRO L 19 33.96 44.16 9.64
CA PRO L 19 34.06 45.39 10.45
C PRO L 19 33.30 45.32 11.76
N ALA L 20 32.40 44.35 11.93
CA ALA L 20 31.65 44.25 13.17
C ALA L 20 32.53 43.72 14.30
N GLN L 21 33.35 42.71 14.02
CA GLN L 21 34.27 42.19 15.03
C GLN L 21 35.37 43.19 15.34
N LEU L 22 35.82 43.97 14.34
CA LEU L 22 36.78 45.03 14.60
C LEU L 22 36.14 46.16 15.40
N MET L 23 34.85 46.39 15.22
CA MET L 23 34.16 47.39 16.02
C MET L 23 33.94 46.89 17.45
N CYS L 24 33.81 45.57 17.63
CA CYS L 24 33.68 45.02 18.98
C CYS L 24 35.02 45.07 19.71
N VAL L 25 36.10 44.66 19.04
CA VAL L 25 37.41 44.65 19.67
C VAL L 25 37.90 46.08 19.90
N LEU L 26 37.60 46.98 18.98
CA LEU L 26 37.91 48.40 19.19
C LEU L 26 37.01 49.00 20.25
N PHE L 27 35.80 48.45 20.43
CA PHE L 27 34.96 48.87 21.55
C PHE L 27 35.56 48.43 22.88
N GLY L 28 36.22 47.27 22.91
CA GLY L 28 36.98 46.91 24.09
C GLY L 28 38.21 47.76 24.28
N LYS L 29 38.84 48.19 23.18
CA LYS L 29 39.97 49.10 23.25
C LYS L 29 39.56 50.51 23.67
N LEU L 30 38.28 50.85 23.53
CA LEU L 30 37.77 52.13 24.03
C LEU L 30 37.30 52.03 25.47
N HIS L 31 36.70 50.90 25.85
CA HIS L 31 36.28 50.72 27.24
C HIS L 31 37.48 50.52 28.16
N GLN L 32 38.58 49.95 27.64
CA GLN L 32 39.81 49.83 28.40
C GLN L 32 40.82 50.93 28.09
N ALA L 33 40.65 51.63 26.97
CA ALA L 33 41.53 52.74 26.64
C ALA L 33 41.07 54.06 27.24
N LEU L 34 39.79 54.20 27.52
CA LEU L 34 39.24 55.39 28.18
C LEU L 34 38.89 55.12 29.64
N VAL L 35 38.22 54.00 29.93
CA VAL L 35 37.89 53.66 31.30
C VAL L 35 39.13 53.26 32.08
N ALA L 36 40.08 52.61 31.42
CA ALA L 36 41.36 52.27 32.03
C ALA L 36 42.45 53.28 31.70
N GLN L 37 42.09 54.43 31.14
CA GLN L 37 43.06 55.44 30.75
C GLN L 37 42.94 56.73 31.57
N GLY L 38 41.75 57.32 31.60
CA GLY L 38 41.57 58.57 32.32
C GLY L 38 41.32 59.73 31.38
N GLY L 39 40.53 60.69 31.86
CA GLY L 39 40.15 61.84 31.05
C GLY L 39 38.65 61.85 30.76
N ASP L 40 37.93 62.74 31.46
CA ASP L 40 36.48 62.78 31.31
C ASP L 40 36.06 63.49 30.02
N ARG L 41 36.79 64.55 29.64
CA ARG L 41 36.45 65.33 28.46
C ARG L 41 37.10 64.76 27.20
N ILE L 42 36.76 63.51 26.91
CA ILE L 42 37.24 62.80 25.72
C ILE L 42 36.09 61.93 25.24
N GLY L 43 35.51 62.28 24.08
CA GLY L 43 34.41 61.54 23.53
C GLY L 43 34.74 61.00 22.15
N VAL L 44 33.83 60.17 21.63
CA VAL L 44 33.97 59.55 20.33
C VAL L 44 32.70 59.81 19.52
N SER L 45 32.85 59.71 18.19
CA SER L 45 31.75 59.98 17.29
C SER L 45 31.74 58.96 16.16
N PHE L 46 30.59 58.31 15.95
CA PHE L 46 30.43 57.32 14.90
C PHE L 46 29.77 57.99 13.70
N PRO L 47 30.47 58.16 12.58
CA PRO L 47 29.91 58.90 11.45
C PRO L 47 29.17 58.06 10.43
N ASP L 48 29.21 56.73 10.53
CA ASP L 48 28.53 55.83 9.62
C ASP L 48 27.32 55.16 10.27
N LEU L 49 26.73 55.81 11.27
CA LEU L 49 25.60 55.24 11.99
C LEU L 49 24.34 55.35 11.16
N ASP L 50 23.51 54.31 11.20
CA ASP L 50 22.26 54.28 10.44
C ASP L 50 21.29 53.37 11.19
N GLU L 51 20.20 53.94 11.69
CA GLU L 51 19.21 53.18 12.43
C GLU L 51 18.33 52.31 11.53
N SER L 52 18.37 52.53 10.20
CA SER L 52 17.66 51.69 9.26
C SER L 52 18.50 50.54 8.72
N ARG L 53 19.80 50.52 9.03
CA ARG L 53 20.69 49.47 8.56
C ARG L 53 21.35 48.68 9.68
N SER L 54 21.23 49.11 10.94
CA SER L 54 21.82 48.43 12.08
C SER L 54 23.34 48.51 12.10
N ARG L 55 23.92 49.52 11.46
CA ARG L 55 25.37 49.68 11.39
C ARG L 55 25.88 50.46 12.60
N LEU L 56 27.20 50.44 12.76
CA LEU L 56 27.86 51.14 13.85
C LEU L 56 28.72 52.30 13.39
N GLY L 57 29.44 52.15 12.29
CA GLY L 57 30.25 53.22 11.76
C GLY L 57 31.30 52.76 10.77
N GLU L 58 31.59 53.59 9.78
CA GLU L 58 32.61 53.31 8.77
C GLU L 58 33.89 54.11 8.98
N ARG L 59 33.91 55.03 9.95
CA ARG L 59 35.11 55.80 10.25
C ARG L 59 34.90 56.44 11.62
N LEU L 60 35.83 56.20 12.54
CA LEU L 60 35.74 56.79 13.87
C LEU L 60 36.20 58.23 13.83
N ARG L 61 35.50 59.09 14.59
CA ARG L 61 35.84 60.51 14.67
C ARG L 61 35.96 60.85 16.16
N ILE L 62 37.17 60.79 16.69
CA ILE L 62 37.40 61.07 18.09
C ILE L 62 37.42 62.58 18.34
N HIS L 63 37.06 62.98 19.55
CA HIS L 63 37.04 64.38 19.95
C HIS L 63 37.64 64.47 21.35
N ALA L 64 38.80 65.10 21.46
CA ALA L 64 39.46 65.28 22.75
C ALA L 64 40.04 66.68 22.87
N SER L 65 40.86 66.91 23.91
CA SER L 65 41.51 68.20 24.10
C SER L 65 42.81 68.24 23.28
N ALA L 66 43.65 69.25 23.54
CA ALA L 66 44.92 69.35 22.84
C ALA L 66 45.89 68.26 23.33
N ASP L 67 46.12 68.21 24.64
CA ASP L 67 46.93 67.15 25.22
C ASP L 67 46.15 65.86 25.43
N ASP L 68 44.82 65.92 25.41
CA ASP L 68 44.01 64.72 25.50
C ASP L 68 44.08 63.87 24.23
N LEU L 69 44.39 64.49 23.09
CA LEU L 69 44.64 63.77 21.86
C LEU L 69 46.11 63.75 21.45
N ARG L 70 46.92 64.66 22.00
CA ARG L 70 48.34 64.73 21.64
C ARG L 70 49.19 63.72 22.39
N ALA L 71 48.64 63.03 23.38
CA ALA L 71 49.37 62.02 24.14
C ALA L 71 48.83 60.61 23.92
N LEU L 72 47.79 60.46 23.11
CA LEU L 72 47.22 59.15 22.79
C LEU L 72 47.65 58.63 21.44
N LEU L 73 48.39 59.43 20.66
CA LEU L 73 48.86 58.97 19.34
C LEU L 73 50.02 58.01 19.45
N ALA L 74 50.90 58.18 20.45
CA ALA L 74 52.05 57.31 20.65
C ALA L 74 51.75 56.16 21.61
N ARG L 75 50.51 55.68 21.63
CA ARG L 75 50.11 54.65 22.58
C ARG L 75 50.66 53.30 22.17
N PRO L 76 51.53 52.67 22.97
CA PRO L 76 51.90 51.28 22.70
C PRO L 76 50.77 50.30 22.97
N TRP L 77 49.80 50.67 23.79
CA TRP L 77 48.56 49.91 23.92
C TRP L 77 47.61 50.12 22.74
N LEU L 78 47.88 51.12 21.90
CA LEU L 78 47.16 51.31 20.65
C LEU L 78 47.80 50.56 19.49
N GLU L 79 48.80 49.74 19.75
CA GLU L 79 49.41 48.91 18.72
C GLU L 79 48.52 47.70 18.45
N GLY L 80 48.90 46.94 17.43
CA GLY L 80 48.09 45.82 16.98
C GLY L 80 47.07 46.27 15.95
N LEU L 81 46.25 47.27 16.30
CA LEU L 81 45.35 47.90 15.35
C LEU L 81 46.08 48.78 14.35
N ARG L 82 47.35 49.11 14.60
CA ARG L 82 48.14 49.82 13.61
C ARG L 82 48.43 48.94 12.40
N ASP L 83 48.44 47.62 12.58
CA ASP L 83 48.54 46.69 11.46
C ASP L 83 47.19 46.32 10.88
N HIS L 84 46.11 46.45 11.66
CA HIS L 84 44.78 46.08 11.19
C HIS L 84 44.04 47.26 10.56
N LEU L 85 44.12 48.43 11.16
CA LEU L 85 43.44 49.62 10.69
C LEU L 85 44.46 50.72 10.38
N GLN L 86 43.95 51.91 10.07
CA GLN L 86 44.78 53.06 9.71
C GLN L 86 44.53 54.21 10.67
N PHE L 87 45.46 55.16 10.68
CA PHE L 87 45.35 56.32 11.55
C PHE L 87 45.44 57.62 10.76
N GLY L 88 45.53 58.74 11.46
CA GLY L 88 45.60 60.05 10.81
C GLY L 88 46.50 61.03 11.53
N GLU L 89 45.99 62.23 11.77
CA GLU L 89 46.74 63.26 12.47
C GLU L 89 45.75 64.24 13.06
N PRO L 90 46.22 65.21 13.85
CA PRO L 90 45.30 66.20 14.42
C PRO L 90 44.95 67.29 13.42
N ALA L 91 43.70 67.73 13.47
CA ALA L 91 43.20 68.75 12.56
C ALA L 91 42.19 69.62 13.29
N VAL L 92 42.09 70.87 12.84
CA VAL L 92 41.23 71.84 13.51
C VAL L 92 39.76 71.56 13.19
N VAL L 93 38.88 72.16 13.98
CA VAL L 93 37.44 72.00 13.79
C VAL L 93 36.87 73.31 13.27
N PRO L 94 35.70 73.29 12.63
CA PRO L 94 35.10 74.53 12.14
C PRO L 94 34.40 75.28 13.28
N HIS L 95 33.94 76.50 12.95
CA HIS L 95 33.25 77.31 13.95
C HIS L 95 31.86 76.77 14.27
N PRO L 96 30.93 76.71 13.33
CA PRO L 96 29.60 76.16 13.62
C PRO L 96 29.61 74.63 13.55
N THR L 97 29.52 74.00 14.72
CA THR L 97 29.45 72.55 14.80
C THR L 97 28.06 72.16 15.23
N PRO L 98 27.42 71.20 14.54
CA PRO L 98 26.05 70.83 14.89
C PRO L 98 26.03 69.96 16.14
N TYR L 99 25.16 70.31 17.08
CA TYR L 99 25.04 69.58 18.34
C TYR L 99 24.29 68.28 18.09
N ARG L 100 25.03 67.16 18.06
CA ARG L 100 24.48 65.84 17.87
C ARG L 100 24.47 65.09 19.19
N GLN L 101 23.94 63.87 19.17
CA GLN L 101 23.79 63.06 20.37
C GLN L 101 24.34 61.66 20.11
N VAL L 102 25.35 61.26 20.88
CA VAL L 102 25.90 59.92 20.81
C VAL L 102 26.36 59.51 22.20
N SER L 103 25.78 58.44 22.75
CA SER L 103 26.13 57.97 24.08
C SER L 103 25.61 56.54 24.23
N ARG L 104 25.80 55.99 25.43
CA ARG L 104 25.39 54.62 25.75
C ARG L 104 24.17 54.67 26.64
N VAL L 105 23.16 53.86 26.33
CA VAL L 105 21.96 53.75 27.13
C VAL L 105 21.42 52.33 27.04
N GLN L 106 21.32 51.65 28.18
CA GLN L 106 20.91 50.25 28.20
C GLN L 106 19.39 50.16 28.38
N ALA L 107 18.76 49.34 27.56
CA ALA L 107 17.34 49.07 27.65
C ALA L 107 17.11 47.69 28.26
N LYS L 108 15.92 47.49 28.81
CA LYS L 108 15.55 46.25 29.48
C LYS L 108 14.43 45.61 28.66
N SER L 109 14.82 44.78 27.70
CA SER L 109 13.90 44.07 26.82
C SER L 109 13.77 42.60 27.17
N ASN L 110 13.81 42.28 28.46
CA ASN L 110 13.71 40.89 28.92
C ASN L 110 13.14 40.84 30.34
N PRO L 111 11.97 40.25 30.53
CA PRO L 111 11.42 40.08 31.88
C PRO L 111 11.83 38.80 32.58
N GLU L 112 12.81 38.07 32.05
CA GLU L 112 13.25 36.82 32.68
C GLU L 112 14.25 37.06 33.80
N ARG L 113 15.08 38.11 33.68
CA ARG L 113 16.01 38.45 34.76
C ARG L 113 15.26 39.07 35.92
N LEU L 114 14.35 40.00 35.64
CA LEU L 114 13.45 40.54 36.66
C LEU L 114 12.42 39.53 37.12
N ARG L 115 12.22 38.45 36.34
CA ARG L 115 11.46 37.31 36.83
C ARG L 115 12.30 36.39 37.70
N ARG L 116 13.63 36.45 37.57
CA ARG L 116 14.50 35.70 38.48
C ARG L 116 14.62 36.41 39.82
N ARG L 117 14.92 37.73 39.79
CA ARG L 117 14.93 38.51 41.01
C ARG L 117 13.52 38.69 41.57
N LEU L 118 12.50 38.67 40.71
CA LEU L 118 11.12 38.69 41.16
C LEU L 118 10.65 37.34 41.65
N MET L 119 11.33 36.25 41.26
CA MET L 119 11.09 34.95 41.85
C MET L 119 11.83 34.79 43.17
N ARG L 120 12.93 35.53 43.36
CA ARG L 120 13.67 35.49 44.61
C ARG L 120 13.20 36.53 45.62
N ARG L 121 12.41 37.51 45.20
CA ARG L 121 11.93 38.57 46.09
C ARG L 121 10.41 38.59 46.20
N HIS L 122 9.69 38.51 45.08
CA HIS L 122 8.24 38.53 45.11
C HIS L 122 7.63 37.17 45.40
N ASP L 123 8.37 36.08 45.14
CA ASP L 123 7.88 34.72 45.34
C ASP L 123 6.74 34.38 44.38
N LEU L 124 6.99 34.59 43.09
CA LEU L 124 6.00 34.30 42.07
C LEU L 124 6.03 32.83 41.70
N SER L 125 4.91 32.35 41.15
CA SER L 125 4.74 30.98 40.73
C SER L 125 5.03 30.86 39.23
N GLU L 126 4.68 29.70 38.66
CA GLU L 126 4.80 29.54 37.21
C GLU L 126 3.73 30.33 36.47
N GLU L 127 2.47 30.12 36.85
CA GLU L 127 1.37 30.84 36.22
C GLU L 127 1.15 32.22 36.82
N GLU L 128 1.53 32.42 38.09
CA GLU L 128 1.34 33.71 38.73
C GLU L 128 2.48 34.67 38.42
N ALA L 129 3.71 34.16 38.35
CA ALA L 129 4.83 34.98 37.88
C ALA L 129 4.87 35.06 36.37
N ARG L 130 4.41 34.02 35.67
CA ARG L 130 4.34 34.06 34.21
C ARG L 130 3.18 34.90 33.72
N LYS L 131 2.12 35.01 34.52
CA LYS L 131 0.97 35.84 34.18
C LYS L 131 1.06 37.24 34.78
N ARG L 132 1.85 37.42 35.84
CA ARG L 132 2.06 38.75 36.40
C ARG L 132 2.96 39.62 35.52
N ILE L 133 3.73 39.01 34.64
CA ILE L 133 4.53 39.72 33.65
C ILE L 133 3.87 39.54 32.30
N PRO L 134 3.39 40.60 31.66
CA PRO L 134 2.75 40.47 30.35
C PRO L 134 3.78 40.30 29.25
N ASP L 135 3.29 39.93 28.07
CA ASP L 135 4.16 39.72 26.92
C ASP L 135 4.61 41.03 26.28
N THR L 136 3.90 42.13 26.54
CA THR L 136 4.22 43.42 25.94
C THR L 136 5.30 44.19 26.70
N VAL L 137 5.76 43.69 27.85
CA VAL L 137 6.79 44.38 28.62
C VAL L 137 8.18 44.25 28.04
N ALA L 138 8.38 43.33 27.08
CA ALA L 138 9.68 43.12 26.46
C ALA L 138 9.65 43.67 25.04
N ARG L 139 10.77 44.23 24.59
CA ARG L 139 10.89 44.77 23.25
C ARG L 139 12.36 44.81 22.87
N ALA L 140 12.64 44.50 21.60
CA ALA L 140 13.99 44.51 21.07
C ALA L 140 14.29 45.87 20.45
N LEU L 141 15.39 46.49 20.88
CA LEU L 141 15.79 47.81 20.41
C LEU L 141 16.65 47.65 19.16
N ASP L 142 16.13 48.14 18.03
CA ASP L 142 16.82 48.01 16.75
C ASP L 142 17.74 49.19 16.45
N LEU L 143 18.61 49.50 17.41
CA LEU L 143 19.61 50.56 17.25
C LEU L 143 20.88 49.92 16.70
N PRO L 144 21.94 50.71 16.48
CA PRO L 144 23.20 50.12 16.02
C PRO L 144 23.89 49.36 17.13
N PHE L 145 23.86 48.03 17.06
CA PHE L 145 24.43 47.17 18.09
C PHE L 145 25.80 46.66 17.64
N VAL L 146 26.56 46.18 18.63
CA VAL L 146 27.90 45.64 18.40
C VAL L 146 27.94 44.25 19.03
N THR L 147 28.37 43.26 18.25
CA THR L 147 28.43 41.88 18.72
C THR L 147 29.64 41.71 19.64
N LEU L 148 29.44 42.09 20.90
CA LEU L 148 30.48 41.97 21.93
C LEU L 148 30.42 40.57 22.55
N ARG L 149 30.88 39.60 21.77
CA ARG L 149 30.85 38.19 22.17
C ARG L 149 32.08 37.88 23.02
N SER L 150 32.01 38.30 24.28
CA SER L 150 33.07 38.09 25.25
C SER L 150 32.78 36.84 26.07
N GLN L 151 33.53 36.64 27.15
CA GLN L 151 33.45 35.42 27.95
C GLN L 151 32.41 35.50 29.06
N SER L 152 31.19 35.89 28.71
CA SER L 152 30.04 35.77 29.60
C SER L 152 28.99 34.84 29.04
N THR L 153 28.70 34.96 27.74
CA THR L 153 27.92 33.99 26.99
C THR L 153 28.71 33.68 25.73
N GLY L 154 28.81 32.39 25.39
CA GLY L 154 29.69 31.98 24.31
C GLY L 154 29.19 32.38 22.93
N GLN L 155 27.89 32.47 22.75
CA GLN L 155 27.33 32.82 21.45
C GLN L 155 27.46 34.33 21.20
N HIS L 156 27.16 34.72 19.97
CA HIS L 156 27.19 36.13 19.60
C HIS L 156 26.02 36.86 20.24
N PHE L 157 26.25 38.10 20.66
CA PHE L 157 25.22 38.90 21.32
C PHE L 157 24.99 40.20 20.56
N ARG L 158 24.20 41.10 21.14
CA ARG L 158 23.91 42.39 20.54
C ARG L 158 24.50 43.50 21.40
N LEU L 159 24.31 44.74 20.94
CA LEU L 159 24.78 45.91 21.66
C LEU L 159 23.63 46.89 21.83
N PHE L 160 23.65 47.62 22.94
CA PHE L 160 22.60 48.58 23.29
C PHE L 160 23.23 49.94 23.55
N ILE L 161 22.71 50.96 22.87
CA ILE L 161 23.18 52.34 23.04
C ILE L 161 22.13 53.29 22.51
N ARG L 162 21.91 54.40 23.22
CA ARG L 162 20.88 55.37 22.86
C ARG L 162 21.55 56.68 22.45
N HIS L 163 21.15 57.23 21.30
CA HIS L 163 21.67 58.49 20.81
C HIS L 163 20.66 59.61 21.08
N GLY L 164 21.11 60.83 20.83
CA GLY L 164 20.29 62.00 21.07
C GLY L 164 19.91 62.70 19.77
N PRO L 165 19.18 63.80 19.89
CA PRO L 165 18.68 64.50 18.70
C PRO L 165 19.76 65.39 18.10
N LEU L 166 19.38 66.05 17.00
CA LEU L 166 20.26 66.97 16.30
C LEU L 166 19.91 68.41 16.66
N GLN L 167 20.93 69.26 16.69
CA GLN L 167 20.75 70.66 17.05
C GLN L 167 21.94 71.45 16.51
N VAL L 168 21.84 72.77 16.65
CA VAL L 168 22.87 73.68 16.15
C VAL L 168 23.64 74.36 17.28
N THR L 169 22.99 74.68 18.40
CA THR L 169 23.66 75.36 19.50
C THR L 169 24.60 74.40 20.24
N ALA L 170 25.59 74.99 20.89
CA ALA L 170 26.61 74.22 21.60
C ALA L 170 26.24 74.08 23.07
N GLU L 171 26.23 72.84 23.56
CA GLU L 171 25.98 72.54 24.98
C GLU L 171 26.96 71.43 25.37
N GLU L 172 28.14 71.83 25.84
CA GLU L 172 29.18 70.88 26.19
C GLU L 172 28.96 70.32 27.58
N GLY L 173 29.64 69.22 27.87
CA GLY L 173 29.52 68.58 29.16
C GLY L 173 30.56 67.48 29.32
N GLY L 174 30.51 66.84 30.48
CA GLY L 174 31.45 65.77 30.78
C GLY L 174 31.06 64.48 30.08
N PHE L 175 32.06 63.78 29.56
CA PHE L 175 31.83 62.55 28.83
C PHE L 175 31.53 61.40 29.80
N THR L 176 31.00 60.32 29.25
CA THR L 176 30.63 59.14 30.03
C THR L 176 31.85 58.23 30.17
N CYS L 177 31.61 56.99 30.65
CA CYS L 177 32.70 56.04 30.83
CA CYS L 177 32.70 56.04 30.83
C CYS L 177 33.22 55.49 29.51
N TYR L 178 32.45 55.61 28.43
CA TYR L 178 32.86 55.14 27.11
C TYR L 178 33.06 56.27 26.11
N GLY L 179 33.16 57.51 26.59
CA GLY L 179 33.33 58.65 25.70
C GLY L 179 32.08 58.99 24.92
N LEU L 180 30.95 59.08 25.62
CA LEU L 180 29.67 59.35 24.96
C LEU L 180 28.99 60.54 25.61
N SER L 181 27.72 60.77 25.26
CA SER L 181 26.93 61.84 25.84
C SER L 181 26.07 61.29 26.98
N LYS L 182 26.01 62.05 28.08
CA LYS L 182 25.14 61.70 29.20
C LYS L 182 24.46 62.93 29.79
N GLY L 183 24.34 64.01 29.02
CA GLY L 183 23.91 65.29 29.54
C GLY L 183 24.70 66.41 28.88
N GLY L 184 25.64 66.03 28.03
CA GLY L 184 26.41 66.96 27.23
C GLY L 184 26.50 66.53 25.79
N PHE L 185 26.27 67.46 24.87
CA PHE L 185 26.22 67.13 23.44
C PHE L 185 27.63 66.99 22.88
N VAL L 186 27.70 66.63 21.60
CA VAL L 186 28.97 66.48 20.90
C VAL L 186 28.79 66.91 19.45
N PRO L 187 29.83 67.42 18.79
CA PRO L 187 29.69 67.83 17.39
C PRO L 187 29.66 66.62 16.46
N TRP L 188 29.01 66.81 15.31
CA TRP L 188 28.84 65.75 14.33
C TRP L 188 29.00 66.35 12.94
N PHE L 189 30.08 65.97 12.25
CA PHE L 189 30.34 66.46 10.90
C PHE L 189 31.05 65.41 10.06
N GLN A 11 -54.57 -2.42 -61.40
CA GLN A 11 -55.31 -3.36 -60.56
C GLN A 11 -54.38 -4.41 -59.96
N GLU A 12 -53.10 -4.27 -60.27
CA GLU A 12 -52.09 -5.26 -59.88
C GLU A 12 -51.77 -5.24 -58.39
N LEU A 13 -52.14 -4.19 -57.68
CA LEU A 13 -51.86 -4.09 -56.25
C LEU A 13 -52.96 -4.72 -55.39
N ARG A 14 -54.01 -5.26 -56.00
CA ARG A 14 -55.01 -6.04 -55.28
C ARG A 14 -54.59 -7.50 -55.13
N GLN A 15 -53.37 -7.85 -55.55
CA GLN A 15 -52.83 -9.17 -55.27
C GLN A 15 -52.54 -9.35 -53.79
N PHE A 16 -52.11 -8.28 -53.12
CA PHE A 16 -51.76 -8.32 -51.71
C PHE A 16 -52.94 -7.96 -50.81
N ILE A 17 -53.74 -6.97 -51.19
CA ILE A 17 -54.78 -6.45 -50.32
C ILE A 17 -56.11 -7.18 -50.53
N GLU A 18 -56.09 -8.32 -51.21
CA GLU A 18 -57.21 -9.24 -51.21
C GLU A 18 -56.84 -10.56 -50.57
N SER A 19 -55.79 -11.22 -51.09
CA SER A 19 -55.42 -12.57 -50.68
C SER A 19 -55.03 -12.64 -49.22
N PHE A 20 -54.32 -11.62 -48.72
CA PHE A 20 -53.96 -11.57 -47.30
C PHE A 20 -55.20 -11.48 -46.43
N ILE A 21 -56.24 -10.77 -46.91
CA ILE A 21 -57.52 -10.77 -46.22
C ILE A 21 -58.07 -12.18 -46.15
N GLN A 22 -57.98 -12.92 -47.26
CA GLN A 22 -58.34 -14.33 -47.25
C GLN A 22 -57.46 -15.12 -46.30
N GLU A 23 -56.17 -14.77 -46.22
CA GLU A 23 -55.29 -15.39 -45.24
C GLU A 23 -55.74 -15.07 -43.82
N ARG A 24 -56.21 -13.84 -43.58
CA ARG A 24 -56.81 -13.53 -42.30
C ARG A 24 -58.11 -14.30 -42.11
N LEU A 25 -58.85 -14.51 -43.20
CA LEU A 25 -60.03 -15.37 -43.12
C LEU A 25 -59.63 -16.84 -42.99
N GLN A 26 -58.40 -17.18 -43.35
CA GLN A 26 -57.88 -18.50 -43.05
C GLN A 26 -57.16 -18.54 -41.71
N GLY A 27 -57.14 -17.42 -40.97
CA GLY A 27 -56.50 -17.38 -39.68
C GLY A 27 -57.47 -17.46 -38.53
N LYS A 28 -58.65 -16.84 -38.71
CA LYS A 28 -59.66 -16.82 -37.66
C LYS A 28 -60.71 -17.91 -37.86
N LEU A 29 -61.20 -18.09 -39.09
CA LEU A 29 -62.27 -19.04 -39.33
C LEU A 29 -61.76 -20.47 -39.40
N ASP A 30 -60.51 -20.67 -39.81
CA ASP A 30 -59.92 -22.00 -39.88
C ASP A 30 -59.30 -22.43 -38.56
N LYS A 31 -59.37 -21.59 -37.53
CA LYS A 31 -58.86 -21.93 -36.20
C LYS A 31 -59.96 -22.04 -35.17
N LEU A 32 -60.85 -21.06 -35.09
CA LEU A 32 -61.99 -21.14 -34.18
C LEU A 32 -62.99 -22.18 -34.64
N GLN A 33 -63.24 -22.25 -35.96
CA GLN A 33 -64.06 -23.22 -36.68
C GLN A 33 -65.49 -23.27 -36.16
N PRO A 34 -66.23 -22.17 -36.25
CA PRO A 34 -67.64 -22.20 -35.85
C PRO A 34 -68.48 -23.00 -36.83
N ASP A 35 -69.02 -24.14 -36.36
CA ASP A 35 -69.79 -25.01 -37.25
C ASP A 35 -71.13 -24.40 -37.64
N GLU A 36 -71.68 -23.54 -36.79
CA GLU A 36 -72.90 -22.81 -37.09
C GLU A 36 -72.54 -21.33 -37.17
N ASP A 37 -72.12 -20.91 -38.37
CA ASP A 37 -71.76 -19.52 -38.63
C ASP A 37 -73.01 -18.73 -39.02
N ASP A 38 -73.94 -18.65 -38.07
CA ASP A 38 -75.16 -17.86 -38.24
C ASP A 38 -74.94 -16.41 -37.84
N LYS A 39 -74.34 -16.20 -36.67
CA LYS A 39 -73.90 -14.85 -36.29
C LYS A 39 -72.65 -14.45 -37.07
N ARG A 40 -71.86 -15.42 -37.55
CA ARG A 40 -70.68 -15.16 -38.34
C ARG A 40 -70.94 -15.28 -39.84
N GLN A 41 -72.20 -15.19 -40.26
CA GLN A 41 -72.52 -15.27 -41.68
C GLN A 41 -72.12 -13.99 -42.40
N THR A 42 -72.73 -12.86 -42.01
CA THR A 42 -72.40 -11.56 -42.55
C THR A 42 -71.37 -10.82 -41.69
N LEU A 43 -70.76 -11.51 -40.73
CA LEU A 43 -69.74 -10.92 -39.89
C LEU A 43 -68.33 -11.24 -40.36
N LEU A 44 -68.08 -12.47 -40.82
CA LEU A 44 -66.75 -12.88 -41.24
C LEU A 44 -66.65 -13.17 -42.73
N ALA A 45 -67.68 -13.76 -43.34
CA ALA A 45 -67.70 -14.03 -44.77
C ALA A 45 -68.32 -12.87 -45.56
N THR A 46 -68.20 -11.65 -45.06
CA THR A 46 -68.82 -10.46 -45.61
C THR A 46 -68.02 -9.88 -46.78
N HIS A 47 -68.29 -8.62 -47.10
CA HIS A 47 -67.64 -7.89 -48.18
C HIS A 47 -66.38 -7.17 -47.69
N ARG A 48 -65.65 -7.81 -46.78
CA ARG A 48 -64.50 -7.22 -46.09
C ARG A 48 -63.33 -6.86 -47.00
N ARG A 49 -63.36 -7.24 -48.29
CA ARG A 49 -62.33 -6.79 -49.21
C ARG A 49 -62.42 -5.28 -49.48
N GLU A 50 -63.59 -4.69 -49.26
CA GLU A 50 -63.80 -3.26 -49.25
C GLU A 50 -64.26 -2.75 -47.89
N ALA A 51 -65.15 -3.49 -47.23
CA ALA A 51 -65.65 -3.10 -45.92
C ALA A 51 -64.60 -3.21 -44.83
N TRP A 52 -63.56 -4.04 -45.03
CA TRP A 52 -62.47 -4.05 -44.07
C TRP A 52 -61.54 -2.86 -44.27
N LEU A 53 -61.43 -2.37 -45.51
CA LEU A 53 -60.78 -1.08 -45.73
C LEU A 53 -61.60 0.05 -45.12
N ALA A 54 -62.93 -0.11 -45.07
CA ALA A 54 -63.74 0.83 -44.30
C ALA A 54 -63.51 0.68 -42.80
N ASP A 55 -63.21 -0.54 -42.33
CA ASP A 55 -62.91 -0.75 -40.92
C ASP A 55 -61.62 -0.03 -40.52
N ALA A 56 -60.54 -0.27 -41.27
CA ALA A 56 -59.27 0.38 -40.99
C ALA A 56 -59.32 1.87 -41.31
N ALA A 57 -60.23 2.30 -42.17
CA ALA A 57 -60.44 3.73 -42.36
C ALA A 57 -61.10 4.35 -41.13
N ARG A 58 -62.03 3.62 -40.51
CA ARG A 58 -62.71 4.17 -39.33
C ARG A 58 -61.83 4.17 -38.09
N ARG A 59 -61.02 3.13 -37.90
CA ARG A 59 -60.37 2.95 -36.61
C ARG A 59 -58.88 3.29 -36.62
N VAL A 60 -58.37 3.87 -37.69
CA VAL A 60 -57.02 4.42 -37.63
C VAL A 60 -57.12 5.78 -36.96
N GLY A 61 -56.02 6.20 -36.32
CA GLY A 61 -56.05 7.36 -35.47
C GLY A 61 -56.11 7.03 -34.00
N GLN A 62 -56.45 5.79 -33.65
CA GLN A 62 -56.20 5.32 -32.29
C GLN A 62 -54.71 5.21 -32.05
N LEU A 63 -53.96 4.79 -33.05
CA LEU A 63 -52.51 4.73 -33.00
C LEU A 63 -51.91 6.08 -33.36
N GLN A 64 -50.59 6.12 -33.39
CA GLN A 64 -49.83 7.32 -33.75
C GLN A 64 -48.43 6.85 -34.09
N LEU A 65 -48.00 7.11 -35.32
CA LEU A 65 -46.70 6.65 -35.80
C LEU A 65 -45.67 7.74 -35.55
N VAL A 66 -44.74 7.50 -34.64
CA VAL A 66 -43.85 8.54 -34.15
C VAL A 66 -42.39 8.11 -34.22
N THR A 67 -41.55 9.13 -34.29
CA THR A 67 -40.27 9.18 -33.60
C THR A 67 -40.47 10.21 -32.50
N HIS A 68 -39.59 10.23 -31.51
CA HIS A 68 -39.57 11.24 -30.43
C HIS A 68 -40.86 11.21 -29.61
N THR A 69 -41.01 10.13 -28.85
CA THR A 69 -42.06 10.07 -27.84
C THR A 69 -41.74 11.04 -26.71
N LEU A 70 -42.75 11.83 -26.32
CA LEU A 70 -42.60 12.72 -25.18
C LEU A 70 -42.60 11.96 -23.86
N LYS A 71 -43.29 10.82 -23.81
CA LYS A 71 -43.62 10.17 -22.55
C LYS A 71 -42.44 9.62 -21.71
N PRO A 72 -41.29 9.19 -22.24
CA PRO A 72 -40.18 8.84 -21.33
C PRO A 72 -39.61 9.98 -20.51
N ILE A 73 -39.97 11.24 -20.77
CA ILE A 73 -39.57 12.32 -19.88
C ILE A 73 -40.35 12.23 -18.58
N HIS A 74 -41.68 12.10 -18.68
CA HIS A 74 -42.51 11.84 -17.52
C HIS A 74 -43.76 11.15 -18.03
N PRO A 75 -44.26 10.11 -17.35
CA PRO A 75 -45.39 9.34 -17.88
C PRO A 75 -46.71 10.08 -17.85
N ASP A 76 -46.85 11.11 -17.03
CA ASP A 76 -48.09 11.88 -16.98
C ASP A 76 -48.16 12.97 -18.04
N ALA A 77 -47.14 13.09 -18.89
CA ALA A 77 -47.12 14.14 -19.89
C ALA A 77 -48.08 13.83 -21.03
N ARG A 78 -48.83 14.85 -21.45
CA ARG A 78 -49.78 14.73 -22.55
C ARG A 78 -49.51 15.87 -23.51
N GLY A 79 -48.74 15.60 -24.57
CA GLY A 79 -48.36 16.66 -25.48
C GLY A 79 -48.07 16.20 -26.88
N SER A 80 -47.38 17.04 -27.65
CA SER A 80 -47.14 16.72 -29.06
C SER A 80 -45.96 15.78 -29.19
N ASN A 81 -46.18 14.67 -29.89
CA ASN A 81 -45.10 13.86 -30.44
C ASN A 81 -44.89 14.26 -31.90
N LEU A 82 -43.81 13.78 -32.49
CA LEU A 82 -43.49 14.18 -33.85
C LEU A 82 -43.28 12.94 -34.72
N HIS A 83 -42.96 13.17 -35.99
CA HIS A 83 -42.43 12.15 -36.87
C HIS A 83 -41.65 12.90 -37.95
N SER A 84 -40.34 12.99 -37.77
CA SER A 84 -39.58 13.92 -38.59
C SER A 84 -38.12 13.50 -38.67
N LEU A 85 -37.56 13.61 -39.86
CA LEU A 85 -36.12 13.54 -40.04
C LEU A 85 -35.56 14.95 -40.03
N PRO A 86 -34.64 15.27 -39.13
CA PRO A 86 -34.06 16.62 -39.12
C PRO A 86 -33.14 16.83 -40.31
N GLN A 87 -33.06 18.09 -40.75
CA GLN A 87 -32.15 18.45 -41.82
C GLN A 87 -30.71 18.31 -41.33
N ALA A 88 -29.88 17.67 -42.13
CA ALA A 88 -28.52 17.34 -41.71
C ALA A 88 -27.67 18.61 -41.64
N PRO A 89 -26.92 18.82 -40.57
CA PRO A 89 -26.05 19.99 -40.50
C PRO A 89 -24.84 19.85 -41.41
N GLY A 90 -24.42 20.98 -41.97
CA GLY A 90 -23.18 20.99 -42.73
C GLY A 90 -21.94 21.05 -41.89
N GLN A 91 -22.09 21.28 -40.59
CA GLN A 91 -20.96 21.33 -39.68
C GLN A 91 -20.32 19.94 -39.57
N PRO A 92 -19.00 19.83 -39.66
CA PRO A 92 -18.36 18.50 -39.57
C PRO A 92 -18.22 18.03 -38.14
N GLY A 93 -18.54 16.75 -37.92
CA GLY A 93 -18.28 16.11 -36.65
C GLY A 93 -19.40 16.17 -35.65
N LEU A 94 -20.63 15.86 -36.07
CA LEU A 94 -21.79 15.90 -35.19
C LEU A 94 -22.69 14.71 -35.52
N ALA A 95 -23.12 14.00 -34.48
CA ALA A 95 -23.95 12.80 -34.64
C ALA A 95 -25.34 13.03 -34.07
N GLY A 96 -26.34 12.50 -34.75
CA GLY A 96 -27.72 12.63 -34.32
C GLY A 96 -28.56 11.61 -35.05
N SER A 97 -29.81 11.97 -35.32
CA SER A 97 -30.67 11.13 -36.14
C SER A 97 -30.70 11.59 -37.59
N HIS A 98 -29.93 12.61 -37.95
CA HIS A 98 -29.89 13.02 -39.34
C HIS A 98 -29.10 12.04 -40.19
N GLU A 99 -28.07 11.43 -39.62
CA GLU A 99 -27.30 10.41 -40.30
C GLU A 99 -27.93 9.02 -40.17
N LEU A 100 -29.05 8.92 -39.45
CA LEU A 100 -29.76 7.65 -39.37
C LEU A 100 -30.34 7.27 -40.72
N GLY A 101 -31.26 8.08 -41.23
CA GLY A 101 -31.75 7.95 -42.60
C GLY A 101 -32.54 6.69 -42.86
N ASP A 102 -31.94 5.77 -43.61
CA ASP A 102 -32.55 4.49 -43.88
C ASP A 102 -32.54 3.61 -42.63
N ARG A 103 -33.23 2.47 -42.74
CA ARG A 103 -33.48 1.52 -41.65
C ARG A 103 -34.16 2.20 -40.47
N LEU A 104 -35.08 3.10 -40.77
CA LEU A 104 -35.76 3.90 -39.76
C LEU A 104 -36.78 3.02 -39.05
N VAL A 105 -36.39 2.50 -37.88
CA VAL A 105 -37.32 1.73 -37.04
C VAL A 105 -38.27 2.75 -36.41
N SER A 106 -39.49 2.81 -36.91
CA SER A 106 -40.45 3.79 -36.45
C SER A 106 -41.24 3.24 -35.27
N ASP A 107 -41.46 4.10 -34.28
CA ASP A 107 -42.16 3.74 -33.07
C ASP A 107 -43.66 3.88 -33.28
N VAL A 108 -44.43 2.99 -32.67
CA VAL A 108 -45.88 3.02 -32.73
C VAL A 108 -46.40 3.22 -31.32
N VAL A 109 -47.13 4.32 -31.09
CA VAL A 109 -47.69 4.59 -29.79
C VAL A 109 -49.21 4.65 -29.92
N GLY A 110 -49.88 4.66 -28.78
CA GLY A 110 -51.32 4.72 -28.74
C GLY A 110 -51.93 3.41 -28.28
N ASN A 111 -53.24 3.32 -28.41
CA ASN A 111 -53.97 2.11 -28.08
C ASN A 111 -53.63 1.02 -29.07
N ALA A 112 -53.02 -0.06 -28.60
CA ALA A 112 -52.45 -1.09 -29.47
C ALA A 112 -53.49 -2.10 -29.97
N ALA A 113 -54.78 -1.77 -29.94
CA ALA A 113 -55.79 -2.67 -30.46
C ALA A 113 -55.77 -2.72 -31.98
N ALA A 114 -55.30 -1.66 -32.63
CA ALA A 114 -55.38 -1.52 -34.08
C ALA A 114 -54.05 -1.76 -34.77
N LEU A 115 -53.21 -2.63 -34.18
CA LEU A 115 -51.89 -2.95 -34.74
C LEU A 115 -52.00 -3.59 -36.12
N ASP A 116 -53.06 -4.37 -36.35
CA ASP A 116 -53.30 -4.97 -37.65
C ASP A 116 -53.53 -3.95 -38.75
N VAL A 117 -53.93 -2.72 -38.38
CA VAL A 117 -53.96 -1.65 -39.37
C VAL A 117 -52.55 -1.31 -39.83
N PHE A 118 -51.64 -1.07 -38.87
CA PHE A 118 -50.34 -0.50 -39.21
C PHE A 118 -49.47 -1.51 -39.95
N LYS A 119 -49.51 -2.77 -39.53
CA LYS A 119 -48.82 -3.83 -40.27
C LYS A 119 -49.37 -3.96 -41.67
N PHE A 120 -50.67 -3.70 -41.85
CA PHE A 120 -51.24 -3.61 -43.19
C PHE A 120 -50.58 -2.49 -43.99
N LEU A 121 -50.40 -1.32 -43.37
CA LEU A 121 -49.66 -0.27 -44.03
C LEU A 121 -48.16 -0.52 -44.03
N SER A 122 -47.69 -1.50 -43.26
CA SER A 122 -46.32 -1.97 -43.40
C SER A 122 -46.18 -3.00 -44.51
N LEU A 123 -47.31 -3.43 -45.11
CA LEU A 123 -47.27 -4.32 -46.26
C LEU A 123 -46.80 -3.62 -47.52
N GLN A 124 -46.83 -2.28 -47.53
CA GLN A 124 -46.46 -1.46 -48.67
C GLN A 124 -44.98 -1.53 -49.02
N TYR A 125 -44.13 -2.07 -48.14
CA TYR A 125 -42.75 -2.31 -48.51
C TYR A 125 -42.63 -3.46 -49.50
N GLN A 126 -43.53 -4.43 -49.41
CA GLN A 126 -43.59 -5.54 -50.36
C GLN A 126 -44.14 -4.99 -51.68
N GLY A 127 -43.26 -4.87 -52.67
CA GLY A 127 -43.58 -4.15 -53.90
C GLY A 127 -42.76 -2.88 -53.98
N LYS A 128 -42.29 -2.55 -55.18
CA LYS A 128 -41.38 -1.42 -55.35
C LYS A 128 -42.15 -0.11 -55.29
N ASN A 129 -41.80 0.74 -54.31
CA ASN A 129 -42.33 2.10 -54.13
C ASN A 129 -43.85 2.12 -53.98
N LEU A 130 -44.39 1.12 -53.30
CA LEU A 130 -45.81 1.08 -52.99
C LEU A 130 -46.15 1.82 -51.70
N LEU A 131 -45.16 2.38 -51.01
CA LEU A 131 -45.37 3.13 -49.78
C LEU A 131 -45.66 4.59 -50.05
N ASN A 132 -46.65 4.84 -50.90
CA ASN A 132 -47.02 6.19 -51.32
C ASN A 132 -48.53 6.28 -51.40
N TRP A 133 -49.08 7.36 -50.85
CA TRP A 133 -50.50 7.64 -50.94
C TRP A 133 -50.80 8.36 -52.25
N LEU A 134 -52.00 8.91 -52.37
CA LEU A 134 -52.41 9.64 -53.58
C LEU A 134 -51.91 11.08 -53.48
N THR A 135 -50.58 11.22 -53.56
CA THR A 135 -49.93 12.51 -53.63
C THR A 135 -49.09 12.67 -54.89
N GLU A 136 -48.27 11.67 -55.22
CA GLU A 136 -47.47 11.67 -56.43
C GLU A 136 -47.56 10.37 -57.21
N ASP A 137 -48.10 9.30 -56.61
CA ASP A 137 -48.30 8.02 -57.27
C ASP A 137 -49.76 7.61 -57.15
N SER A 138 -50.66 8.54 -57.48
CA SER A 138 -52.09 8.31 -57.35
C SER A 138 -52.64 7.34 -58.39
N ALA A 139 -51.90 7.09 -59.48
CA ALA A 139 -52.35 6.14 -60.48
C ALA A 139 -52.30 4.72 -59.93
N GLU A 140 -51.17 4.34 -59.31
CA GLU A 140 -51.08 3.06 -58.64
C GLU A 140 -51.94 3.02 -57.38
N ALA A 141 -52.23 4.18 -56.78
CA ALA A 141 -53.19 4.23 -55.69
C ALA A 141 -54.60 3.95 -56.17
N LEU A 142 -54.92 4.29 -57.43
CA LEU A 142 -56.21 3.98 -58.03
C LEU A 142 -56.34 2.51 -58.43
N GLN A 143 -55.24 1.75 -58.39
CA GLN A 143 -55.35 0.30 -58.55
C GLN A 143 -55.99 -0.34 -57.34
N ALA A 144 -55.86 0.30 -56.18
CA ALA A 144 -56.56 -0.11 -54.96
C ALA A 144 -57.82 0.70 -54.71
N LEU A 145 -57.97 1.85 -55.36
CA LEU A 145 -59.06 2.78 -55.13
C LEU A 145 -59.97 2.93 -56.34
N SER A 146 -60.19 1.86 -57.11
CA SER A 146 -61.08 1.90 -58.26
C SER A 146 -62.49 1.45 -57.93
N ASP A 147 -62.80 1.28 -56.65
CA ASP A 147 -64.14 0.90 -56.22
C ASP A 147 -64.99 2.11 -55.87
N ASN A 148 -64.54 2.90 -54.90
CA ASN A 148 -65.28 4.01 -54.31
C ASN A 148 -64.38 5.23 -54.21
N ALA A 149 -63.80 5.62 -55.36
CA ALA A 149 -62.71 6.62 -55.41
C ALA A 149 -63.08 7.96 -54.82
N GLU A 150 -64.36 8.36 -54.90
CA GLU A 150 -64.81 9.58 -54.25
C GLU A 150 -64.74 9.48 -52.73
N GLN A 151 -64.95 8.29 -52.19
CA GLN A 151 -64.73 8.03 -50.77
C GLN A 151 -63.36 7.45 -50.49
N ALA A 152 -62.71 6.84 -51.49
CA ALA A 152 -61.38 6.31 -51.27
C ALA A 152 -60.30 7.38 -51.27
N ARG A 153 -60.60 8.58 -51.78
CA ARG A 153 -59.72 9.70 -51.48
C ARG A 153 -59.81 10.11 -50.02
N GLU A 154 -60.99 9.96 -49.40
CA GLU A 154 -61.11 10.15 -47.97
C GLU A 154 -60.42 9.00 -47.22
N TRP A 155 -60.40 7.81 -47.81
CA TRP A 155 -59.58 6.73 -47.26
C TRP A 155 -58.10 7.06 -47.34
N ARG A 156 -57.66 7.76 -48.40
CA ARG A 156 -56.30 8.26 -48.45
C ARG A 156 -56.08 9.31 -47.37
N GLN A 157 -57.10 10.12 -47.09
CA GLN A 157 -56.98 11.13 -46.05
C GLN A 157 -56.85 10.50 -44.68
N ALA A 158 -57.50 9.37 -44.45
CA ALA A 158 -57.38 8.70 -43.15
C ALA A 158 -56.09 7.90 -43.04
N PHE A 159 -55.56 7.39 -44.15
CA PHE A 159 -54.41 6.50 -44.12
C PHE A 159 -53.08 7.23 -44.12
N ILE A 160 -53.09 8.55 -44.01
CA ILE A 160 -51.87 9.32 -43.73
C ILE A 160 -51.94 10.05 -42.40
N GLY A 161 -53.08 9.99 -41.71
CA GLY A 161 -53.26 10.60 -40.41
C GLY A 161 -52.71 9.81 -39.25
N ILE A 162 -52.10 8.65 -39.51
CA ILE A 162 -51.41 7.92 -38.47
C ILE A 162 -49.95 8.37 -38.36
N THR A 163 -49.37 8.86 -39.46
CA THR A 163 -47.98 9.29 -39.47
C THR A 163 -47.81 10.73 -39.03
N THR A 164 -48.86 11.51 -39.07
CA THR A 164 -48.81 12.93 -38.74
C THR A 164 -49.46 13.18 -37.38
N VAL A 165 -49.38 14.43 -36.95
CA VAL A 165 -49.86 14.87 -35.64
C VAL A 165 -51.38 14.94 -35.63
N LYS A 166 -51.96 15.14 -34.45
CA LYS A 166 -53.41 15.15 -34.33
C LYS A 166 -54.03 16.44 -34.89
N GLY A 167 -53.30 17.55 -34.86
CA GLY A 167 -53.85 18.76 -35.44
C GLY A 167 -53.50 20.07 -34.76
N ALA A 168 -52.84 20.04 -33.60
CA ALA A 168 -52.48 21.27 -32.91
C ALA A 168 -51.23 21.06 -32.06
N PRO A 169 -50.27 21.97 -32.08
CA PRO A 169 -49.09 21.83 -31.21
C PRO A 169 -49.45 22.02 -29.76
N ALA A 170 -48.89 21.17 -28.90
CA ALA A 170 -49.20 21.20 -27.48
C ALA A 170 -48.05 20.57 -26.70
N SER A 171 -47.64 21.21 -25.62
CA SER A 171 -46.58 20.73 -24.76
C SER A 171 -47.15 20.42 -23.38
N HIS A 172 -46.28 20.13 -22.41
CA HIS A 172 -46.76 19.89 -21.06
C HIS A 172 -45.79 20.53 -20.06
N SER A 173 -46.30 20.78 -18.84
CA SER A 173 -45.51 21.41 -17.80
C SER A 173 -44.38 20.52 -17.33
N LEU A 174 -44.65 19.22 -17.19
CA LEU A 174 -43.63 18.28 -16.75
C LEU A 174 -42.63 17.93 -17.83
N ALA A 175 -42.89 18.31 -19.08
CA ALA A 175 -41.91 18.19 -20.14
C ALA A 175 -40.81 19.23 -19.95
N LYS A 176 -39.60 18.88 -20.36
CA LYS A 176 -38.46 19.75 -20.20
C LYS A 176 -38.52 20.87 -21.23
N GLN A 177 -38.50 22.11 -20.76
CA GLN A 177 -38.46 23.28 -21.61
C GLN A 177 -37.40 24.20 -21.06
N LEU A 178 -36.56 24.74 -21.93
CA LEU A 178 -35.44 25.50 -21.43
C LEU A 178 -35.07 26.56 -22.45
N TYR A 179 -34.43 27.62 -21.97
CA TYR A 179 -34.13 28.79 -22.79
C TYR A 179 -32.80 28.63 -23.49
N PHE A 180 -32.63 29.38 -24.56
CA PHE A 180 -31.35 29.39 -25.25
C PHE A 180 -31.08 30.77 -25.83
N PRO A 181 -30.03 31.44 -25.38
CA PRO A 181 -29.79 32.82 -25.83
C PRO A 181 -29.28 32.87 -27.25
N LEU A 182 -29.51 34.01 -27.88
CA LEU A 182 -29.13 34.31 -29.25
C LEU A 182 -27.97 35.29 -29.27
N PRO A 183 -27.27 35.46 -30.41
CA PRO A 183 -26.23 36.49 -30.47
C PRO A 183 -26.75 37.90 -30.36
N GLY A 184 -26.49 38.55 -29.23
CA GLY A 184 -26.83 39.95 -29.03
C GLY A 184 -28.31 40.25 -29.06
N SER A 185 -29.16 39.29 -28.73
CA SER A 185 -30.59 39.43 -28.91
C SER A 185 -31.28 38.64 -27.80
N GLY A 186 -32.56 38.31 -28.02
CA GLY A 186 -33.32 37.57 -27.04
C GLY A 186 -32.98 36.09 -27.01
N TYR A 187 -33.98 35.25 -26.79
CA TYR A 187 -33.72 33.83 -26.61
C TYR A 187 -34.86 33.03 -27.21
N HIS A 188 -34.66 31.72 -27.34
CA HIS A 188 -35.68 30.81 -27.85
C HIS A 188 -35.98 29.76 -26.80
N LEU A 189 -37.27 29.50 -26.60
CA LEU A 189 -37.68 28.31 -25.87
C LEU A 189 -37.37 27.07 -26.69
N LEU A 190 -36.92 26.02 -26.01
CA LEU A 190 -36.62 24.74 -26.64
C LEU A 190 -37.26 23.65 -25.82
N ALA A 191 -37.91 22.70 -26.48
CA ALA A 191 -38.53 21.56 -25.81
C ALA A 191 -37.90 20.28 -26.34
N PRO A 192 -36.96 19.68 -25.63
CA PRO A 192 -36.34 18.44 -26.12
C PRO A 192 -37.29 17.26 -26.06
N LEU A 193 -37.01 16.28 -26.89
CA LEU A 193 -37.78 15.05 -26.98
C LEU A 193 -36.83 13.86 -26.90
N PHE A 194 -37.40 12.67 -26.75
CA PHE A 194 -36.59 11.48 -26.50
C PHE A 194 -36.40 10.73 -27.81
N PRO A 195 -35.18 10.65 -28.35
CA PRO A 195 -34.98 10.05 -29.67
C PRO A 195 -35.11 8.54 -29.69
N THR A 196 -36.34 8.06 -29.88
CA THR A 196 -36.65 6.63 -29.74
C THR A 196 -35.93 5.78 -30.77
N SER A 197 -35.87 6.24 -32.02
CA SER A 197 -35.27 5.43 -33.07
C SER A 197 -33.76 5.32 -32.91
N LEU A 198 -33.10 6.37 -32.40
CA LEU A 198 -31.67 6.27 -32.11
C LEU A 198 -31.39 5.32 -30.97
N VAL A 199 -32.21 5.38 -29.91
CA VAL A 199 -32.02 4.52 -28.75
C VAL A 199 -32.26 3.06 -29.13
N HIS A 200 -33.22 2.81 -30.02
CA HIS A 200 -33.44 1.44 -30.47
C HIS A 200 -32.34 0.96 -31.41
N HIS A 201 -31.83 1.84 -32.27
CA HIS A 201 -30.78 1.45 -33.20
C HIS A 201 -29.48 1.15 -32.48
N VAL A 202 -29.05 2.07 -31.61
CA VAL A 202 -27.83 1.88 -30.83
C VAL A 202 -28.00 0.73 -29.85
N HIS A 203 -29.22 0.52 -29.34
CA HIS A 203 -29.48 -0.64 -28.48
C HIS A 203 -29.34 -1.96 -29.25
N ALA A 204 -29.70 -1.96 -30.53
CA ALA A 204 -29.46 -3.14 -31.36
C ALA A 204 -27.97 -3.34 -31.60
N LEU A 205 -27.22 -2.24 -31.78
CA LEU A 205 -25.77 -2.36 -31.92
C LEU A 205 -25.10 -2.85 -30.64
N LEU A 206 -25.70 -2.55 -29.48
CA LEU A 206 -25.15 -3.05 -28.23
C LEU A 206 -25.49 -4.51 -28.02
N ARG A 207 -26.68 -4.95 -28.47
CA ARG A 207 -27.01 -6.37 -28.43
C ARG A 207 -26.08 -7.17 -29.34
N GLU A 208 -25.76 -6.64 -30.52
CA GLU A 208 -24.82 -7.35 -31.38
C GLU A 208 -23.39 -7.24 -30.89
N ALA A 209 -23.06 -6.19 -30.14
CA ALA A 209 -21.68 -6.04 -29.70
C ALA A 209 -21.38 -6.90 -28.49
N ARG A 210 -22.27 -6.93 -27.51
CA ARG A 210 -21.96 -7.60 -26.25
C ARG A 210 -22.07 -9.11 -26.36
N PHE A 211 -23.01 -9.61 -27.15
CA PHE A 211 -23.12 -11.04 -27.40
C PHE A 211 -23.63 -11.24 -28.81
N GLY A 212 -23.97 -12.49 -29.15
CA GLY A 212 -24.43 -12.81 -30.49
C GLY A 212 -23.66 -13.96 -31.10
N ASP A 213 -23.00 -13.71 -32.23
CA ASP A 213 -22.25 -14.74 -32.93
C ASP A 213 -20.74 -14.52 -32.87
N ALA A 214 -20.29 -13.33 -33.27
CA ALA A 214 -18.86 -13.04 -33.28
C ALA A 214 -18.29 -12.86 -31.89
N ALA A 215 -19.12 -12.47 -30.91
CA ALA A 215 -18.62 -12.33 -29.54
C ALA A 215 -18.42 -13.69 -28.90
N LYS A 216 -19.27 -14.66 -29.22
CA LYS A 216 -19.07 -16.01 -28.71
C LYS A 216 -17.88 -16.68 -29.38
N ALA A 217 -17.65 -16.40 -30.66
CA ALA A 217 -16.54 -17.02 -31.38
C ALA A 217 -15.22 -16.41 -30.96
N ALA A 218 -15.12 -15.08 -30.97
CA ALA A 218 -13.86 -14.44 -30.63
C ALA A 218 -13.58 -14.52 -29.13
N ARG A 219 -14.63 -14.38 -28.30
CA ARG A 219 -14.46 -14.55 -26.86
C ARG A 219 -14.16 -16.00 -26.50
N GLU A 220 -14.69 -16.94 -27.27
CA GLU A 220 -14.28 -18.34 -27.15
C GLU A 220 -12.82 -18.52 -27.53
N ALA A 221 -12.35 -17.79 -28.53
CA ALA A 221 -10.97 -17.89 -28.97
C ALA A 221 -10.00 -17.32 -27.93
N ARG A 222 -10.37 -16.20 -27.29
CA ARG A 222 -9.53 -15.73 -26.20
C ARG A 222 -9.71 -16.55 -24.93
N SER A 223 -10.80 -17.30 -24.82
CA SER A 223 -10.96 -18.19 -23.68
C SER A 223 -9.99 -19.36 -23.77
N ARG A 224 -9.97 -20.04 -24.92
CA ARG A 224 -9.18 -21.26 -25.06
C ARG A 224 -8.02 -21.11 -26.03
N GLN A 225 -7.53 -19.89 -26.24
CA GLN A 225 -6.21 -19.55 -26.78
C GLN A 225 -5.97 -20.12 -28.18
N GLU A 226 -6.76 -19.61 -29.12
CA GLU A 226 -6.50 -19.86 -30.53
C GLU A 226 -6.49 -18.54 -31.30
N SER A 227 -6.45 -18.62 -32.62
CA SER A 227 -6.49 -17.40 -33.42
C SER A 227 -7.92 -16.86 -33.49
N TRP A 228 -8.01 -15.59 -33.90
CA TRP A 228 -9.28 -14.93 -34.10
C TRP A 228 -9.51 -14.72 -35.60
N PRO A 229 -10.73 -14.96 -36.08
CA PRO A 229 -11.04 -14.65 -37.48
C PRO A 229 -10.95 -13.18 -37.83
N HIS A 230 -11.71 -12.31 -37.14
CA HIS A 230 -11.66 -10.90 -37.56
C HIS A 230 -11.41 -9.90 -36.43
N GLY A 231 -11.99 -10.09 -35.25
CA GLY A 231 -11.87 -9.07 -34.22
C GLY A 231 -12.89 -9.29 -33.11
N PHE A 232 -12.90 -8.32 -32.18
CA PHE A 232 -13.60 -8.43 -30.91
C PHE A 232 -13.61 -7.06 -30.25
N SER A 233 -14.67 -6.77 -29.51
CA SER A 233 -14.80 -5.46 -28.88
C SER A 233 -15.62 -5.57 -27.60
N GLU A 234 -15.47 -4.58 -26.73
CA GLU A 234 -16.09 -4.65 -25.41
C GLU A 234 -16.21 -3.26 -24.82
N TYR A 235 -17.37 -2.98 -24.21
CA TYR A 235 -17.71 -1.66 -23.69
C TYR A 235 -17.76 -1.71 -22.17
N PRO A 236 -16.84 -1.09 -21.46
CA PRO A 236 -16.91 -1.07 -20.00
C PRO A 236 -17.85 0.02 -19.50
N ASN A 237 -18.38 -0.19 -18.29
CA ASN A 237 -19.10 0.81 -17.51
C ASN A 237 -20.37 1.32 -18.19
N LEU A 238 -21.25 0.39 -18.55
CA LEU A 238 -22.57 0.83 -18.96
C LEU A 238 -23.44 1.08 -17.73
N ALA A 239 -24.58 1.72 -17.94
CA ALA A 239 -25.55 1.93 -16.88
C ALA A 239 -26.93 1.57 -17.39
N ILE A 240 -27.86 1.38 -16.46
CA ILE A 240 -29.21 0.95 -16.80
C ILE A 240 -30.16 2.10 -16.47
N GLN A 241 -30.93 2.51 -17.47
CA GLN A 241 -31.98 3.49 -17.29
C GLN A 241 -33.31 2.81 -17.57
N LYS A 242 -34.17 2.71 -16.56
CA LYS A 242 -35.39 1.92 -16.65
C LYS A 242 -36.62 2.82 -16.74
N PHE A 243 -37.43 2.58 -17.77
CA PHE A 243 -38.63 3.36 -18.03
C PHE A 243 -39.87 2.56 -17.65
N GLY A 244 -40.98 3.27 -17.48
CA GLY A 244 -42.24 2.64 -17.17
C GLY A 244 -42.41 2.28 -15.72
N GLY A 245 -41.59 1.36 -15.21
CA GLY A 245 -41.71 0.91 -13.85
C GLY A 245 -42.12 -0.55 -13.75
N THR A 246 -43.17 -0.84 -13.00
CA THR A 246 -43.66 -2.20 -12.91
C THR A 246 -44.40 -2.63 -14.16
N LYS A 247 -44.89 -1.69 -14.95
CA LYS A 247 -45.53 -1.96 -16.24
C LYS A 247 -44.72 -1.25 -17.32
N PRO A 248 -43.66 -1.87 -17.83
CA PRO A 248 -42.73 -1.19 -18.73
C PRO A 248 -43.20 -1.11 -20.17
N GLN A 249 -44.47 -1.41 -20.45
CA GLN A 249 -44.96 -1.44 -21.81
C GLN A 249 -45.76 -0.19 -22.20
N ASN A 250 -46.38 0.49 -21.23
CA ASN A 250 -47.32 1.56 -21.56
C ASN A 250 -46.67 2.82 -22.09
N ILE A 251 -45.36 2.85 -22.29
CA ILE A 251 -44.74 3.95 -23.01
C ILE A 251 -44.95 3.80 -24.50
N SER A 252 -44.45 2.71 -25.08
CA SER A 252 -44.46 2.52 -26.52
C SER A 252 -44.27 1.05 -26.83
N GLN A 253 -44.14 0.73 -28.12
CA GLN A 253 -43.90 -0.63 -28.60
C GLN A 253 -42.42 -0.98 -28.66
N LEU A 254 -41.59 -0.04 -29.11
CA LEU A 254 -40.16 -0.25 -29.08
C LEU A 254 -39.61 -0.30 -27.65
N ASN A 255 -40.36 0.25 -26.70
CA ASN A 255 -40.05 0.00 -25.29
C ASN A 255 -40.25 -1.47 -24.94
N ASN A 256 -41.35 -2.06 -25.45
CA ASN A 256 -41.63 -3.47 -25.19
C ASN A 256 -40.58 -4.37 -25.83
N GLU A 257 -40.02 -3.96 -26.98
CA GLU A 257 -38.90 -4.71 -27.52
C GLU A 257 -37.63 -4.53 -26.69
N ARG A 258 -37.49 -3.39 -26.01
CA ARG A 258 -36.31 -3.11 -25.21
C ARG A 258 -36.48 -3.50 -23.75
N ARG A 259 -37.57 -4.15 -23.39
CA ARG A 259 -37.88 -4.68 -22.06
C ARG A 259 -37.91 -3.62 -20.97
N GLY A 260 -38.09 -2.35 -21.33
CA GLY A 260 -38.16 -1.31 -20.32
C GLY A 260 -36.83 -0.83 -19.81
N GLU A 261 -35.79 -0.91 -20.63
CA GLU A 261 -34.44 -0.52 -20.21
C GLU A 261 -33.84 0.44 -21.21
N ASN A 262 -32.70 1.00 -20.82
CA ASN A 262 -31.92 1.87 -21.69
C ASN A 262 -30.47 1.82 -21.23
N TRP A 263 -29.55 1.56 -22.15
CA TRP A 263 -28.15 1.39 -21.82
C TRP A 263 -27.42 2.68 -22.16
N LEU A 264 -26.92 3.36 -21.12
CA LEU A 264 -26.27 4.66 -21.26
C LEU A 264 -24.77 4.48 -21.30
N LEU A 265 -24.12 5.15 -22.23
CA LEU A 265 -22.66 5.13 -22.30
C LEU A 265 -22.05 5.99 -21.19
N PRO A 266 -20.89 5.63 -20.68
CA PRO A 266 -20.30 6.41 -19.59
C PRO A 266 -19.67 7.69 -20.10
N SER A 267 -19.58 8.66 -19.19
CA SER A 267 -18.81 9.88 -19.43
C SER A 267 -18.26 10.33 -18.08
N LEU A 268 -17.06 9.87 -17.76
CA LEU A 268 -16.56 10.04 -16.42
C LEU A 268 -15.28 10.86 -16.43
N PRO A 269 -15.05 11.67 -15.40
CA PRO A 269 -13.73 12.25 -15.21
C PRO A 269 -12.77 11.17 -14.77
N PRO A 270 -11.50 11.24 -15.18
CA PRO A 270 -10.56 10.18 -14.80
C PRO A 270 -10.15 10.18 -13.35
N ASN A 271 -10.50 11.20 -12.57
CA ASN A 271 -10.30 11.19 -11.13
C ASN A 271 -11.52 10.70 -10.38
N TRP A 272 -12.27 9.76 -10.98
CA TRP A 272 -13.48 9.24 -10.34
C TRP A 272 -13.16 8.41 -9.10
N GLN A 273 -12.02 7.74 -9.09
CA GLN A 273 -11.65 6.89 -7.96
C GLN A 273 -11.23 7.72 -6.76
N ARG A 274 -11.47 7.18 -5.57
CA ARG A 274 -11.01 7.83 -4.36
C ARG A 274 -9.51 7.63 -4.19
N GLN A 275 -8.93 8.35 -3.23
CA GLN A 275 -7.48 8.40 -3.04
C GLN A 275 -7.15 8.07 -1.59
N ASN A 276 -6.51 6.93 -1.37
CA ASN A 276 -5.98 6.56 -0.06
C ASN A 276 -4.47 6.82 -0.08
N VAL A 277 -4.11 8.08 0.12
CA VAL A 277 -2.72 8.51 0.14
C VAL A 277 -2.45 9.26 1.43
N ASN A 278 -1.17 9.34 1.79
CA ASN A 278 -0.71 10.10 2.95
C ASN A 278 0.74 10.55 2.69
N ALA A 279 1.42 10.97 3.75
CA ALA A 279 2.82 11.34 3.67
C ALA A 279 3.68 10.11 3.36
N PRO A 280 4.91 10.30 2.83
CA PRO A 280 5.81 9.15 2.64
C PRO A 280 6.18 8.48 3.95
N MET A 281 5.66 7.27 4.12
CA MET A 281 5.67 6.59 5.42
C MET A 281 7.03 5.99 5.74
N ARG A 282 7.77 5.56 4.73
CA ARG A 282 9.04 4.89 4.92
C ARG A 282 10.13 5.66 4.17
N HIS A 283 11.30 5.04 4.08
CA HIS A 283 12.41 5.64 3.35
C HIS A 283 12.21 5.46 1.85
N SER A 284 13.15 6.01 1.07
CA SER A 284 13.03 6.01 -0.39
C SER A 284 13.11 4.61 -0.98
N SER A 285 13.90 3.72 -0.37
CA SER A 285 14.04 2.36 -0.87
C SER A 285 12.82 1.49 -0.56
N VAL A 286 11.92 1.95 0.30
CA VAL A 286 10.72 1.19 0.67
C VAL A 286 9.45 1.85 0.17
N PHE A 287 9.38 3.18 0.21
CA PHE A 287 8.19 3.89 -0.20
C PHE A 287 8.11 3.96 -1.73
N GLU A 288 6.88 4.11 -2.23
CA GLU A 288 6.55 4.02 -3.65
C GLU A 288 6.68 5.34 -4.39
N HIS A 289 7.52 6.25 -3.91
CA HIS A 289 7.94 7.43 -4.67
C HIS A 289 9.18 7.16 -5.51
N ASP A 290 9.47 5.89 -5.79
CA ASP A 290 10.41 5.51 -6.83
C ASP A 290 9.76 4.64 -7.90
N PHE A 291 9.10 3.55 -7.52
CA PHE A 291 8.49 2.64 -8.50
C PHE A 291 6.99 2.48 -8.33
N GLY A 292 6.52 2.08 -7.15
CA GLY A 292 5.19 1.52 -7.01
C GLY A 292 4.02 2.48 -7.15
N ARG A 293 3.92 3.17 -8.28
CA ARG A 293 2.93 4.21 -8.46
C ARG A 293 1.57 3.60 -8.83
N THR A 294 0.64 4.46 -9.25
CA THR A 294 -0.69 4.03 -9.67
C THR A 294 -0.59 3.16 -10.93
N PRO A 295 -1.56 2.26 -11.16
CA PRO A 295 -1.49 1.40 -12.37
C PRO A 295 -1.57 2.15 -13.69
N GLU A 296 -2.03 3.40 -13.72
CA GLU A 296 -2.02 4.15 -14.96
C GLU A 296 -0.59 4.52 -15.39
N VAL A 297 0.32 4.66 -14.43
CA VAL A 297 1.74 4.75 -14.74
C VAL A 297 2.21 3.52 -15.48
N SER A 298 1.82 2.34 -14.98
CA SER A 298 2.21 1.09 -15.64
C SER A 298 1.58 0.95 -17.01
N ARG A 299 0.40 1.55 -17.23
CA ARG A 299 -0.17 1.56 -18.56
C ARG A 299 0.61 2.48 -19.50
N LEU A 300 1.06 3.64 -18.99
CA LEU A 300 1.82 4.57 -19.82
C LEU A 300 3.20 4.02 -20.15
N THR A 301 3.88 3.46 -19.16
CA THR A 301 5.23 2.93 -19.35
C THR A 301 5.21 1.68 -20.20
N ARG A 302 4.28 0.77 -19.94
CA ARG A 302 4.17 -0.43 -20.76
C ARG A 302 3.51 -0.16 -22.11
N THR A 303 3.00 1.04 -22.34
CA THR A 303 2.72 1.49 -23.70
C THR A 303 3.98 2.03 -24.36
N LEU A 304 4.82 2.70 -23.56
CA LEU A 304 6.06 3.28 -24.06
C LEU A 304 7.07 2.23 -24.47
N GLN A 305 7.05 1.06 -23.81
CA GLN A 305 7.96 -0.02 -24.19
C GLN A 305 7.57 -0.66 -25.51
N ARG A 306 6.30 -0.55 -25.92
CA ARG A 306 5.86 -1.04 -27.22
C ARG A 306 6.33 -0.16 -28.38
N PHE A 307 6.90 1.01 -28.09
CA PHE A 307 7.56 1.82 -29.11
C PHE A 307 9.03 1.43 -29.30
N LEU A 308 9.42 0.22 -28.90
CA LEU A 308 10.77 -0.25 -29.16
C LEU A 308 10.86 -0.98 -30.50
N ALA A 309 9.84 -1.77 -30.82
CA ALA A 309 9.73 -2.38 -32.15
C ALA A 309 8.89 -1.54 -33.10
N LYS A 310 8.09 -0.62 -32.59
CA LYS A 310 7.34 0.32 -33.40
C LYS A 310 8.09 1.63 -33.61
N THR A 311 9.41 1.64 -33.43
CA THR A 311 10.22 2.83 -33.67
C THR A 311 10.61 2.98 -35.14
N VAL A 312 10.71 1.87 -35.87
CA VAL A 312 10.88 1.97 -37.32
C VAL A 312 9.60 2.47 -37.97
N HIS A 313 8.46 2.20 -37.35
CA HIS A 313 7.20 2.75 -37.83
C HIS A 313 6.96 4.17 -37.31
N ASN A 314 7.65 4.58 -36.26
CA ASN A 314 7.54 5.94 -35.75
C ASN A 314 8.60 6.88 -36.31
N ASN A 315 9.46 6.39 -37.19
CA ASN A 315 10.44 7.22 -37.88
C ASN A 315 10.13 7.41 -39.36
N LEU A 316 9.52 6.42 -39.99
CA LEU A 316 9.09 6.52 -41.38
C LEU A 316 7.61 6.86 -41.52
N ALA A 317 6.80 6.57 -40.50
CA ALA A 317 5.37 6.84 -40.46
C ALA A 317 5.03 7.51 -39.14
N ILE A 318 5.75 8.60 -38.85
CA ILE A 318 5.80 9.20 -37.51
C ILE A 318 4.43 9.70 -37.08
N ARG A 319 4.08 9.42 -35.83
CA ARG A 319 2.79 9.79 -35.26
C ARG A 319 2.90 10.86 -34.17
N GLN A 320 4.12 11.24 -33.78
CA GLN A 320 4.41 12.21 -32.71
C GLN A 320 3.74 11.79 -31.40
N ARG A 321 3.97 10.53 -31.03
CA ARG A 321 3.24 9.87 -29.96
C ARG A 321 3.95 9.93 -28.61
N ARG A 322 5.28 9.85 -28.61
CA ARG A 322 6.01 9.70 -27.35
C ARG A 322 6.02 10.98 -26.52
N ALA A 323 5.84 12.15 -27.15
CA ALA A 323 5.88 13.41 -26.41
C ALA A 323 4.63 13.58 -25.56
N GLN A 324 3.47 13.19 -26.09
CA GLN A 324 2.25 13.15 -25.30
C GLN A 324 2.38 12.16 -24.15
N LEU A 325 3.09 11.06 -24.40
CA LEU A 325 3.17 9.96 -23.44
C LEU A 325 4.07 10.33 -22.26
N VAL A 326 5.27 10.85 -22.54
CA VAL A 326 6.14 11.31 -21.47
C VAL A 326 5.61 12.58 -20.83
N ALA A 327 4.79 13.34 -21.56
CA ALA A 327 4.08 14.46 -20.95
C ALA A 327 3.12 13.98 -19.87
N GLN A 328 2.33 12.94 -20.16
CA GLN A 328 1.38 12.41 -19.18
C GLN A 328 2.09 11.74 -18.01
N ILE A 329 3.29 11.20 -18.24
CA ILE A 329 4.08 10.68 -17.12
C ILE A 329 4.53 11.82 -16.21
N CYS A 330 4.96 12.94 -16.81
CA CYS A 330 5.24 14.14 -16.03
C CYS A 330 3.99 14.70 -15.35
N ASP A 331 2.79 14.41 -15.89
CA ASP A 331 1.57 14.92 -15.29
C ASP A 331 1.12 14.05 -14.12
N GLU A 332 1.39 12.75 -14.17
CA GLU A 332 1.16 11.96 -12.96
C GLU A 332 2.20 12.27 -11.88
N ALA A 333 3.40 12.70 -12.30
CA ALA A 333 4.36 13.20 -11.33
C ALA A 333 3.86 14.49 -10.66
N LEU A 334 3.41 15.45 -11.48
CA LEU A 334 3.05 16.76 -10.96
C LEU A 334 1.76 16.70 -10.16
N GLN A 335 0.81 15.89 -10.59
CA GLN A 335 -0.41 15.70 -9.82
C GLN A 335 -0.24 14.77 -8.64
N TYR A 336 0.78 13.90 -8.65
CA TYR A 336 1.13 13.23 -7.41
C TYR A 336 1.68 14.22 -6.40
N ALA A 337 2.42 15.23 -6.88
CA ALA A 337 2.81 16.31 -5.99
C ALA A 337 1.62 17.16 -5.57
N ALA A 338 0.55 17.18 -6.37
CA ALA A 338 -0.65 17.93 -5.99
C ALA A 338 -1.43 17.20 -4.91
N ARG A 339 -1.69 15.91 -5.10
CA ARG A 339 -2.49 15.12 -4.17
C ARG A 339 -1.78 14.91 -2.84
N LEU A 340 -0.46 15.06 -2.80
CA LEU A 340 0.29 14.93 -1.56
C LEU A 340 0.02 16.10 -0.61
N ARG A 341 -0.46 17.22 -1.14
CA ARG A 341 -0.97 18.29 -0.30
C ARG A 341 -2.26 17.86 0.36
N GLU A 342 -2.63 18.61 1.42
CA GLU A 342 -3.76 18.31 2.31
C GLU A 342 -3.69 16.90 2.89
N LEU A 343 -2.48 16.46 3.25
CA LEU A 343 -2.27 15.18 3.91
C LEU A 343 -1.70 15.36 5.31
N GLU A 344 -0.61 16.08 5.44
CA GLU A 344 -0.02 16.41 6.72
C GLU A 344 0.79 17.70 6.59
N PRO A 345 0.38 18.78 7.23
CA PRO A 345 1.18 20.02 7.17
C PRO A 345 2.39 19.96 8.09
N GLY A 346 3.37 19.15 7.72
CA GLY A 346 4.54 18.91 8.53
C GLY A 346 4.61 17.52 9.09
N TRP A 347 5.37 16.65 8.42
CA TRP A 347 5.59 15.28 8.87
C TRP A 347 7.08 14.90 8.79
N SER A 348 7.96 15.89 8.70
CA SER A 348 9.39 15.67 8.65
C SER A 348 10.04 15.52 10.01
N ALA A 349 9.24 15.41 11.07
CA ALA A 349 9.76 15.25 12.43
C ALA A 349 9.83 13.80 12.87
N THR A 350 9.46 12.86 12.01
CA THR A 350 9.49 11.46 12.45
C THR A 350 10.75 10.77 11.95
N PRO A 351 11.14 9.68 12.60
CA PRO A 351 12.28 8.89 12.12
C PRO A 351 11.85 7.84 11.11
N GLY A 352 12.73 7.60 10.16
CA GLY A 352 12.40 6.80 8.99
C GLY A 352 11.83 7.58 7.84
N CYS A 353 11.42 8.83 8.07
CA CYS A 353 10.95 9.74 7.04
C CYS A 353 12.00 10.81 6.74
N GLN A 354 13.28 10.46 6.87
CA GLN A 354 14.38 11.38 6.62
C GLN A 354 15.07 11.11 5.29
N LEU A 355 14.61 10.14 4.51
CA LEU A 355 15.22 9.85 3.22
C LEU A 355 14.86 10.91 2.17
N HIS A 356 13.82 11.69 2.42
CA HIS A 356 13.39 12.72 1.48
C HIS A 356 14.01 14.08 1.77
N ASP A 357 15.20 14.12 2.38
CA ASP A 357 15.84 15.39 2.71
C ASP A 357 16.21 16.20 1.48
N ALA A 358 16.40 15.55 0.33
CA ALA A 358 16.55 16.25 -0.94
C ALA A 358 15.28 16.23 -1.79
N GLU A 359 14.24 15.54 -1.35
CA GLU A 359 13.03 15.38 -2.13
C GLU A 359 11.77 15.92 -1.46
N GLN A 360 11.76 16.11 -0.14
CA GLN A 360 10.60 16.70 0.51
C GLN A 360 10.61 18.21 0.48
N LEU A 361 11.57 18.84 -0.20
CA LEU A 361 11.51 20.28 -0.40
C LEU A 361 10.39 20.68 -1.34
N TRP A 362 9.94 19.76 -2.20
CA TRP A 362 8.74 19.99 -3.00
C TRP A 362 7.47 19.69 -2.21
N LEU A 363 7.55 18.83 -1.20
CA LEU A 363 6.42 18.51 -0.34
C LEU A 363 6.41 19.33 0.93
N ASP A 364 7.38 20.21 1.13
CA ASP A 364 7.54 21.06 2.30
C ASP A 364 6.44 22.11 2.41
N PRO A 365 5.77 22.45 1.30
CA PRO A 365 5.09 23.77 1.21
C PRO A 365 3.96 24.01 2.20
N LEU A 366 3.50 22.99 2.92
CA LEU A 366 2.65 23.17 4.09
C LEU A 366 3.42 22.62 5.28
N ARG A 367 3.84 23.50 6.18
CA ARG A 367 4.66 23.10 7.31
C ARG A 367 4.56 24.15 8.41
N ALA A 368 4.75 23.70 9.66
CA ALA A 368 4.89 24.63 10.77
C ALA A 368 6.23 25.34 10.74
N GLN A 369 7.24 24.73 10.13
CA GLN A 369 8.52 25.39 9.92
C GLN A 369 8.44 26.47 8.85
N THR A 370 7.40 26.47 8.02
CA THR A 370 7.20 27.54 7.05
C THR A 370 6.78 28.84 7.72
N ASP A 371 6.25 28.78 8.94
CA ASP A 371 6.05 29.99 9.73
C ASP A 371 7.26 30.34 10.58
N GLU A 372 8.09 29.34 10.90
CA GLU A 372 9.30 29.58 11.68
C GLU A 372 10.39 30.19 10.80
N THR A 373 11.13 31.15 11.37
CA THR A 373 12.10 31.91 10.59
C THR A 373 13.36 31.10 10.29
N PHE A 374 13.88 30.41 11.30
CA PHE A 374 15.19 29.75 11.19
C PHE A 374 15.15 28.45 10.39
N LEU A 375 13.99 27.99 9.95
CA LEU A 375 13.89 26.80 9.12
C LEU A 375 13.40 27.06 7.70
N GLN A 376 12.54 28.06 7.52
CA GLN A 376 12.13 28.46 6.17
C GLN A 376 13.29 29.13 5.42
N ARG A 377 14.16 29.82 6.15
CA ARG A 377 15.41 30.33 5.59
C ARG A 377 16.45 29.24 5.43
N ARG A 378 16.27 28.10 6.11
CA ARG A 378 17.04 26.89 5.84
C ARG A 378 16.38 26.03 4.77
N LEU A 379 15.28 26.50 4.19
CA LEU A 379 14.56 25.77 3.15
C LEU A 379 14.72 26.41 1.78
N ARG A 380 15.88 27.03 1.53
CA ARG A 380 16.14 27.67 0.25
C ARG A 380 17.56 27.36 -0.21
N GLY A 381 17.77 27.46 -1.51
CA GLY A 381 19.09 27.26 -2.08
C GLY A 381 19.18 26.11 -3.05
N ASP A 382 19.97 25.09 -2.70
CA ASP A 382 20.23 23.97 -3.57
C ASP A 382 19.14 22.91 -3.45
N TRP A 383 19.25 21.88 -4.30
CA TRP A 383 18.38 20.72 -4.45
C TRP A 383 16.92 21.11 -4.68
N PRO A 384 16.67 22.15 -5.46
CA PRO A 384 15.29 22.43 -5.88
C PRO A 384 14.97 21.67 -7.15
N ALA A 385 16.01 21.40 -7.93
CA ALA A 385 15.91 20.69 -9.19
C ALA A 385 16.67 19.37 -9.18
N GLU A 386 17.17 18.93 -8.02
CA GLU A 386 17.70 17.58 -7.91
C GLU A 386 16.58 16.54 -8.00
N VAL A 387 15.35 16.93 -7.66
CA VAL A 387 14.19 16.05 -7.81
C VAL A 387 13.94 15.76 -9.29
N GLY A 388 13.93 16.81 -10.12
CA GLY A 388 13.81 16.64 -11.55
C GLY A 388 15.01 15.96 -12.20
N ASN A 389 16.17 16.03 -11.54
CA ASN A 389 17.33 15.28 -12.03
C ASN A 389 17.19 13.80 -11.70
N ARG A 390 16.63 13.48 -10.54
CA ARG A 390 16.32 12.09 -10.21
C ARG A 390 15.18 11.54 -11.05
N PHE A 391 14.32 12.41 -11.58
CA PHE A 391 13.11 11.97 -12.27
C PHE A 391 13.41 11.30 -13.60
N ALA A 392 14.53 11.62 -14.24
CA ALA A 392 14.89 10.98 -15.51
C ALA A 392 15.27 9.51 -15.35
N ASN A 393 15.65 9.10 -14.13
CA ASN A 393 16.10 7.72 -13.92
C ASN A 393 14.94 6.73 -13.96
N TRP A 394 13.71 7.21 -13.76
CA TRP A 394 12.55 6.35 -13.98
C TRP A 394 12.38 6.03 -15.46
N LEU A 395 12.46 7.06 -16.30
CA LEU A 395 12.27 6.87 -17.74
C LEU A 395 13.46 6.19 -18.38
N ASN A 396 14.64 6.27 -17.76
CA ASN A 396 15.77 5.48 -18.24
C ASN A 396 15.54 3.99 -18.00
N ARG A 397 14.93 3.66 -16.86
CA ARG A 397 14.56 2.29 -16.55
C ARG A 397 13.21 1.89 -17.14
N ALA A 398 12.52 2.82 -17.82
CA ALA A 398 11.25 2.50 -18.44
C ALA A 398 11.43 1.57 -19.64
N VAL A 399 12.26 2.00 -20.59
CA VAL A 399 12.52 1.21 -21.80
C VAL A 399 14.00 0.84 -21.85
N SER A 400 14.38 0.11 -22.89
CA SER A 400 15.76 -0.34 -23.06
C SER A 400 16.56 0.73 -23.79
N SER A 401 17.77 0.35 -24.24
CA SER A 401 18.63 1.23 -25.03
C SER A 401 18.55 0.94 -26.52
N ASP A 402 17.43 0.37 -26.97
CA ASP A 402 17.25 0.04 -28.38
C ASP A 402 17.00 1.26 -29.24
N SER A 403 16.68 2.40 -28.64
CA SER A 403 16.54 3.62 -29.42
C SER A 403 17.89 4.18 -29.84
N GLN A 404 18.94 3.89 -29.06
CA GLN A 404 20.29 4.35 -29.36
C GLN A 404 21.15 3.28 -30.02
N ILE A 405 20.86 2.00 -29.79
CA ILE A 405 21.65 0.93 -30.39
C ILE A 405 21.31 0.76 -31.86
N LEU A 406 20.07 1.07 -32.25
CA LEU A 406 19.63 0.99 -33.64
C LEU A 406 19.64 2.36 -34.32
N GLY A 407 20.62 3.20 -33.98
CA GLY A 407 20.76 4.50 -34.61
C GLY A 407 20.85 5.63 -33.61
N SER A 408 21.94 6.40 -33.67
CA SER A 408 22.14 7.54 -32.80
C SER A 408 21.15 8.66 -33.11
N PRO A 409 20.62 8.72 -34.33
CA PRO A 409 19.64 9.78 -34.65
C PRO A 409 18.30 9.58 -33.95
N GLU A 410 17.90 8.33 -33.73
CA GLU A 410 16.71 8.08 -32.90
C GLU A 410 16.99 8.39 -31.44
N ALA A 411 18.25 8.31 -31.01
CA ALA A 411 18.64 8.76 -29.68
C ALA A 411 18.71 10.27 -29.57
N ALA A 412 18.92 10.98 -30.68
CA ALA A 412 18.88 12.43 -30.66
C ALA A 412 17.44 12.94 -30.75
N GLN A 413 16.56 12.18 -31.44
CA GLN A 413 15.14 12.52 -31.43
C GLN A 413 14.53 12.22 -30.06
N TRP A 414 14.81 11.04 -29.51
CA TRP A 414 14.26 10.67 -28.22
C TRP A 414 14.88 11.47 -27.09
N SER A 415 16.19 11.70 -27.14
CA SER A 415 16.83 12.53 -26.12
C SER A 415 16.52 13.99 -26.32
N GLN A 416 16.08 14.38 -27.51
CA GLN A 416 15.65 15.76 -27.73
C GLN A 416 14.26 16.01 -27.19
N GLU A 417 13.33 15.08 -27.44
CA GLU A 417 12.01 15.14 -26.83
C GLU A 417 12.09 15.06 -25.32
N LEU A 418 12.93 14.16 -24.82
CA LEU A 418 13.10 13.98 -23.38
C LEU A 418 13.76 15.18 -22.74
N SER A 419 14.76 15.78 -23.41
CA SER A 419 15.41 16.96 -22.88
C SER A 419 14.47 18.15 -22.87
N LYS A 420 13.60 18.26 -23.88
CA LYS A 420 12.66 19.37 -23.95
C LYS A 420 11.60 19.26 -22.86
N GLU A 421 11.01 18.06 -22.72
CA GLU A 421 9.93 17.90 -21.75
C GLU A 421 10.45 17.95 -20.31
N LEU A 422 11.63 17.36 -20.06
CA LEU A 422 12.23 17.50 -18.74
C LEU A 422 12.68 18.94 -18.48
N THR A 423 13.03 19.68 -19.52
CA THR A 423 13.40 21.09 -19.34
C THR A 423 12.20 21.93 -18.94
N MET A 424 11.06 21.74 -19.63
CA MET A 424 9.84 22.46 -19.26
C MET A 424 9.33 22.05 -17.89
N PHE A 425 9.53 20.78 -17.52
CA PHE A 425 9.20 20.31 -16.18
C PHE A 425 10.09 20.98 -15.14
N LYS A 426 11.36 21.18 -15.46
CA LYS A 426 12.26 21.93 -14.58
C LYS A 426 11.85 23.40 -14.47
N GLU A 427 11.25 23.96 -15.52
CA GLU A 427 10.81 25.35 -15.44
C GLU A 427 9.56 25.47 -14.57
N ILE A 428 8.66 24.48 -14.65
CA ILE A 428 7.48 24.48 -13.77
C ILE A 428 7.91 24.31 -12.32
N LEU A 429 8.84 23.39 -12.06
CA LEU A 429 9.37 23.22 -10.70
C LEU A 429 10.14 24.44 -10.24
N GLU A 430 10.77 25.17 -11.16
CA GLU A 430 11.48 26.38 -10.78
C GLU A 430 10.51 27.49 -10.41
N ASP A 431 9.37 27.54 -11.09
CA ASP A 431 8.34 28.50 -10.68
C ASP A 431 7.55 28.02 -9.47
N GLU A 432 7.67 26.75 -9.08
CA GLU A 432 7.13 26.32 -7.79
C GLU A 432 7.87 26.99 -6.64
N ARG A 433 9.19 27.07 -6.74
CA ARG A 433 9.98 27.85 -5.78
C ARG A 433 9.68 29.33 -5.98
N ASP A 434 9.11 29.95 -4.95
CA ASP A 434 8.51 31.29 -5.00
C ASP A 434 7.47 31.38 -6.12
N VAL B 3 -17.85 35.72 -31.00
CA VAL B 3 -16.98 35.32 -29.89
C VAL B 3 -15.82 36.29 -29.76
N THR B 4 -15.81 37.04 -28.66
CA THR B 4 -14.78 38.02 -28.39
C THR B 4 -13.94 37.56 -27.20
N ASP B 5 -12.64 37.83 -27.26
CA ASP B 5 -11.73 37.35 -26.23
C ASP B 5 -11.83 38.23 -24.98
N PRO B 6 -11.86 37.64 -23.80
CA PRO B 6 -12.06 38.44 -22.59
C PRO B 6 -10.76 39.06 -22.11
N GLU B 7 -10.88 40.23 -21.50
CA GLU B 7 -9.71 40.88 -20.94
C GLU B 7 -9.26 40.22 -19.66
N ALA B 8 -10.20 39.82 -18.81
CA ALA B 8 -9.90 39.18 -17.54
C ALA B 8 -10.34 37.73 -17.54
N LEU B 9 -9.86 36.98 -16.55
CA LEU B 9 -10.25 35.59 -16.34
C LEU B 9 -10.59 35.40 -14.87
N LEU B 10 -11.87 35.54 -14.53
CA LEU B 10 -12.31 35.38 -13.15
C LEU B 10 -12.35 33.89 -12.81
N LEU B 11 -11.49 33.46 -11.90
CA LEU B 11 -11.44 32.08 -11.48
C LEU B 11 -12.18 31.92 -10.15
N LEU B 12 -13.13 31.03 -10.12
CA LEU B 12 -13.83 30.64 -8.90
C LEU B 12 -13.09 29.49 -8.21
N PRO B 13 -13.12 29.44 -6.88
CA PRO B 13 -12.45 28.34 -6.18
C PRO B 13 -13.26 27.07 -6.21
N ARG B 14 -12.85 26.07 -5.44
CA ARG B 14 -13.54 24.79 -5.41
C ARG B 14 -14.93 24.93 -4.81
N LEU B 15 -15.95 24.70 -5.64
CA LEU B 15 -17.34 24.68 -5.24
C LEU B 15 -17.77 23.23 -5.08
N SER B 16 -18.29 22.88 -3.91
CA SER B 16 -18.77 21.54 -3.66
C SER B 16 -20.27 21.51 -3.90
N ILE B 17 -20.72 20.63 -4.79
CA ILE B 17 -22.07 20.66 -5.34
C ILE B 17 -22.74 19.32 -5.11
N GLN B 18 -23.91 19.33 -4.48
CA GLN B 18 -24.71 18.13 -4.28
C GLN B 18 -25.83 18.10 -5.31
N ASN B 19 -25.49 17.79 -6.57
CA ASN B 19 -26.38 18.12 -7.68
C ASN B 19 -27.53 17.11 -7.77
N ALA B 20 -28.25 17.13 -8.89
CA ALA B 20 -29.35 16.18 -9.05
C ALA B 20 -29.47 15.65 -10.48
N ASN B 21 -28.38 15.57 -11.24
CA ASN B 21 -28.39 14.70 -12.39
C ASN B 21 -26.99 14.19 -12.71
N ALA B 22 -26.96 12.95 -13.19
CA ALA B 22 -25.82 12.40 -13.88
C ALA B 22 -26.17 11.96 -15.28
N ILE B 23 -27.44 11.96 -15.65
CA ILE B 23 -27.88 11.68 -17.01
C ILE B 23 -27.80 12.99 -17.79
N SER B 24 -26.79 13.11 -18.65
CA SER B 24 -26.68 14.32 -19.45
C SER B 24 -27.56 14.26 -20.68
N SER B 25 -27.66 13.10 -21.30
CA SER B 25 -28.31 12.95 -22.59
C SER B 25 -29.00 11.59 -22.58
N PRO B 26 -29.86 11.29 -23.57
CA PRO B 26 -30.42 9.94 -23.65
C PRO B 26 -29.44 8.81 -23.96
N LEU B 27 -28.16 9.10 -24.21
CA LEU B 27 -27.20 8.03 -24.41
C LEU B 27 -25.92 8.17 -23.61
N THR B 28 -25.79 9.19 -22.75
CA THR B 28 -24.60 9.35 -21.93
C THR B 28 -24.98 9.57 -20.47
N TRP B 29 -24.24 8.93 -19.56
CA TRP B 29 -24.35 9.23 -18.14
C TRP B 29 -22.99 9.64 -17.61
N GLY B 30 -23.00 10.22 -16.41
CA GLY B 30 -21.76 10.57 -15.76
C GLY B 30 -21.67 12.01 -15.36
N PHE B 31 -20.62 12.68 -15.78
CA PHE B 31 -20.44 14.10 -15.52
C PHE B 31 -21.54 14.88 -16.25
N PRO B 32 -22.09 15.93 -15.64
CA PRO B 32 -23.22 16.63 -16.26
C PRO B 32 -22.85 17.32 -17.56
N SER B 33 -23.89 17.60 -18.34
CA SER B 33 -23.71 18.29 -19.59
C SER B 33 -23.19 19.71 -19.33
N PRO B 34 -22.36 20.26 -20.21
CA PRO B 34 -21.83 21.60 -19.98
C PRO B 34 -22.86 22.71 -20.17
N GLY B 35 -24.08 22.39 -20.61
CA GLY B 35 -25.10 23.41 -20.71
C GLY B 35 -25.58 23.89 -19.36
N ALA B 36 -25.38 23.07 -18.32
CA ALA B 36 -25.62 23.53 -16.97
C ALA B 36 -24.58 24.54 -16.54
N PHE B 37 -23.43 24.58 -17.20
CA PHE B 37 -22.37 25.49 -16.81
C PHE B 37 -22.49 26.81 -17.55
N THR B 38 -22.57 26.76 -18.88
CA THR B 38 -22.66 27.97 -19.69
C THR B 38 -23.94 28.72 -19.39
N GLY B 39 -25.07 28.01 -19.30
CA GLY B 39 -26.31 28.61 -18.84
C GLY B 39 -26.18 29.25 -17.47
N PHE B 40 -25.38 28.62 -16.59
CA PHE B 40 -25.09 29.18 -15.26
C PHE B 40 -24.49 30.57 -15.37
N VAL B 41 -23.51 30.76 -16.26
CA VAL B 41 -22.89 32.06 -16.27
C VAL B 41 -23.81 33.07 -16.93
N HIS B 42 -24.71 32.60 -17.81
CA HIS B 42 -25.67 33.53 -18.39
C HIS B 42 -26.68 33.96 -17.34
N ALA B 43 -26.97 33.07 -16.37
CA ALA B 43 -27.79 33.47 -15.26
C ALA B 43 -27.09 34.51 -14.38
N LEU B 44 -25.76 34.40 -14.25
CA LEU B 44 -25.01 35.46 -13.59
C LEU B 44 -25.11 36.75 -14.38
N GLN B 45 -25.12 36.64 -15.72
CA GLN B 45 -25.29 37.80 -16.59
C GLN B 45 -26.66 38.42 -16.41
N ARG B 46 -27.63 37.65 -15.90
CA ARG B 46 -28.92 38.23 -15.57
C ARG B 46 -28.90 38.88 -14.19
N ARG B 47 -28.14 38.31 -13.25
CA ARG B 47 -28.34 38.71 -11.86
C ARG B 47 -27.33 39.75 -11.38
N VAL B 48 -26.10 39.71 -11.90
CA VAL B 48 -25.00 40.52 -11.39
C VAL B 48 -24.42 41.43 -12.46
N GLY B 49 -24.17 40.87 -13.66
CA GLY B 49 -23.38 41.54 -14.68
C GLY B 49 -23.99 42.79 -15.25
N ILE B 50 -25.31 42.95 -15.19
CA ILE B 50 -25.92 44.20 -15.63
C ILE B 50 -25.88 45.27 -14.56
N SER B 51 -25.54 44.91 -13.32
CA SER B 51 -25.46 45.88 -12.23
C SER B 51 -24.03 46.29 -11.91
N LEU B 52 -23.04 45.56 -12.40
CA LEU B 52 -21.64 45.96 -12.29
C LEU B 52 -21.10 46.53 -13.59
N ASP B 53 -21.93 46.57 -14.64
CA ASP B 53 -21.56 47.00 -15.99
C ASP B 53 -20.38 46.19 -16.53
N ILE B 54 -20.42 44.89 -16.30
CA ILE B 54 -19.42 43.96 -16.82
C ILE B 54 -20.14 42.94 -17.68
N GLU B 55 -19.41 41.96 -18.19
CA GLU B 55 -19.99 40.94 -19.07
C GLU B 55 -19.36 39.60 -18.74
N LEU B 56 -19.99 38.84 -17.84
CA LEU B 56 -19.51 37.52 -17.49
C LEU B 56 -19.77 36.56 -18.64
N ASP B 57 -18.73 35.85 -19.08
CA ASP B 57 -18.81 35.18 -20.36
C ASP B 57 -17.79 34.05 -20.42
N GLY B 58 -18.20 32.88 -20.93
CA GLY B 58 -17.29 31.74 -21.08
C GLY B 58 -17.03 30.97 -19.81
N VAL B 59 -16.99 29.64 -19.88
CA VAL B 59 -16.85 28.78 -18.70
C VAL B 59 -15.88 27.64 -19.01
N GLY B 60 -14.88 27.45 -18.15
CA GLY B 60 -13.98 26.30 -18.22
C GLY B 60 -14.13 25.43 -16.98
N ILE B 61 -14.06 24.11 -17.18
CA ILE B 61 -14.25 23.15 -16.11
C ILE B 61 -12.89 22.72 -15.58
N VAL B 62 -12.80 22.47 -14.28
CA VAL B 62 -11.62 21.90 -13.67
C VAL B 62 -11.90 20.55 -13.02
N CYS B 63 -13.04 20.43 -12.32
CA CYS B 63 -13.64 19.15 -11.89
C CYS B 63 -12.71 18.34 -10.97
N HIS B 64 -12.53 18.87 -9.76
CA HIS B 64 -11.68 18.21 -8.78
C HIS B 64 -12.24 16.89 -8.26
N ARG B 65 -13.53 16.60 -8.47
CA ARG B 65 -14.15 15.46 -7.81
C ARG B 65 -15.43 15.07 -8.54
N PHE B 66 -15.70 13.77 -8.57
CA PHE B 66 -16.98 13.24 -9.06
C PHE B 66 -17.22 11.94 -8.32
N GLU B 67 -18.36 11.84 -7.63
CA GLU B 67 -18.70 10.64 -6.84
C GLU B 67 -20.20 10.39 -7.04
N ALA B 68 -20.53 9.57 -8.02
CA ALA B 68 -21.92 9.33 -8.36
C ALA B 68 -22.53 8.32 -7.43
N GLN B 69 -23.76 8.61 -6.99
CA GLN B 69 -24.50 7.70 -6.12
C GLN B 69 -25.03 6.56 -6.99
N ILE B 70 -24.18 5.57 -7.19
CA ILE B 70 -24.45 4.48 -8.12
C ILE B 70 -23.85 3.21 -7.55
N SER B 71 -24.59 2.11 -7.66
CA SER B 71 -24.17 0.86 -7.02
C SER B 71 -24.94 -0.30 -7.63
N GLN B 72 -24.21 -1.33 -8.09
CA GLN B 72 -24.87 -2.54 -8.54
C GLN B 72 -24.01 -3.78 -8.47
N PRO B 73 -24.42 -4.79 -7.71
CA PRO B 73 -23.78 -6.10 -7.74
C PRO B 73 -24.44 -7.07 -8.73
N ALA B 74 -24.61 -6.63 -9.98
CA ALA B 74 -25.09 -7.56 -11.00
C ALA B 74 -23.97 -8.43 -11.56
N GLY B 75 -22.71 -8.06 -11.30
CA GLY B 75 -21.58 -8.78 -11.81
C GLY B 75 -21.18 -8.43 -13.22
N LYS B 76 -22.09 -7.86 -14.01
CA LYS B 76 -21.83 -7.55 -15.41
C LYS B 76 -21.37 -6.12 -15.60
N ARG B 77 -20.98 -5.44 -14.51
CA ARG B 77 -20.44 -4.08 -14.51
C ARG B 77 -21.41 -3.06 -15.10
N THR B 78 -22.71 -3.34 -15.03
CA THR B 78 -23.74 -2.40 -15.45
C THR B 78 -24.25 -1.73 -14.20
N LYS B 79 -23.61 -0.63 -13.83
CA LYS B 79 -23.89 0.01 -12.56
C LYS B 79 -25.22 0.75 -12.61
N VAL B 80 -26.08 0.52 -11.62
CA VAL B 80 -27.46 0.97 -11.60
C VAL B 80 -27.62 2.06 -10.55
N PHE B 81 -28.41 3.08 -10.88
CA PHE B 81 -28.55 4.30 -10.08
C PHE B 81 -29.22 4.03 -8.74
N ASN B 82 -29.00 4.97 -7.82
CA ASN B 82 -29.71 5.03 -6.55
C ASN B 82 -30.72 6.17 -6.59
N LEU B 83 -31.74 6.07 -5.74
CA LEU B 83 -32.93 6.88 -5.88
C LEU B 83 -33.31 7.47 -4.53
N THR B 84 -34.44 8.13 -4.52
CA THR B 84 -35.10 8.68 -3.36
C THR B 84 -36.55 8.23 -3.38
N ARG B 85 -37.33 8.69 -2.42
CA ARG B 85 -38.75 8.43 -2.45
C ARG B 85 -39.51 9.65 -2.97
N ASN B 86 -40.78 9.44 -3.24
CA ASN B 86 -41.72 10.48 -3.58
C ASN B 86 -42.90 10.32 -2.64
N PRO B 87 -43.63 11.39 -2.32
CA PRO B 87 -44.79 11.24 -1.46
C PRO B 87 -45.93 10.49 -2.16
N LEU B 88 -46.90 10.07 -1.34
CA LEU B 88 -47.98 9.20 -1.82
C LEU B 88 -48.90 9.94 -2.77
N ASN B 89 -49.74 9.16 -3.45
CA ASN B 89 -50.89 9.73 -4.12
C ASN B 89 -51.97 10.05 -3.11
N ARG B 90 -53.05 10.66 -3.58
CA ARG B 90 -54.10 11.11 -2.68
C ARG B 90 -54.98 9.98 -2.18
N ASP B 91 -54.90 8.79 -2.78
CA ASP B 91 -55.65 7.64 -2.28
C ASP B 91 -54.84 6.78 -1.32
N GLY B 92 -53.55 7.04 -1.17
CA GLY B 92 -52.69 6.24 -0.32
C GLY B 92 -51.83 5.24 -1.04
N SER B 93 -51.64 5.38 -2.34
CA SER B 93 -50.86 4.44 -3.13
C SER B 93 -49.58 5.09 -3.62
N THR B 94 -48.58 4.25 -3.87
CA THR B 94 -47.29 4.72 -4.35
C THR B 94 -47.35 4.93 -5.86
N ALA B 95 -46.92 6.12 -6.31
CA ALA B 95 -46.97 6.45 -7.72
C ALA B 95 -45.86 5.75 -8.48
N ALA B 96 -45.90 5.89 -9.81
CA ALA B 96 -44.91 5.26 -10.68
C ALA B 96 -43.56 5.94 -10.52
N ILE B 97 -42.54 5.14 -10.24
CA ILE B 97 -41.24 5.67 -9.84
C ILE B 97 -40.49 6.11 -11.10
N VAL B 98 -40.46 7.42 -11.33
CA VAL B 98 -39.46 7.96 -12.25
C VAL B 98 -38.11 7.94 -11.57
N GLU B 99 -37.05 8.03 -12.38
CA GLU B 99 -35.71 7.93 -11.83
C GLU B 99 -34.87 9.11 -12.28
N GLU B 100 -33.72 9.26 -11.62
CA GLU B 100 -32.97 10.50 -11.70
C GLU B 100 -31.53 10.22 -11.32
N GLY B 101 -30.60 10.79 -12.07
CA GLY B 101 -29.20 10.69 -11.73
C GLY B 101 -28.83 11.58 -10.56
N ARG B 102 -27.63 11.37 -10.05
CA ARG B 102 -27.25 12.00 -8.80
C ARG B 102 -25.73 11.95 -8.68
N ALA B 103 -25.13 13.01 -8.16
CA ALA B 103 -23.68 13.06 -7.99
C ALA B 103 -23.31 14.07 -6.92
N HIS B 104 -22.03 14.06 -6.55
CA HIS B 104 -21.45 15.02 -5.61
C HIS B 104 -20.23 15.64 -6.30
N LEU B 105 -20.47 16.67 -7.11
CA LEU B 105 -19.40 17.35 -7.82
C LEU B 105 -18.57 18.22 -6.88
N GLU B 106 -17.39 18.63 -7.37
CA GLU B 106 -16.61 19.69 -6.76
C GLU B 106 -15.77 20.31 -7.86
N VAL B 107 -16.22 21.43 -8.40
CA VAL B 107 -15.65 21.98 -9.63
C VAL B 107 -14.99 23.32 -9.33
N SER B 108 -14.33 23.87 -10.35
CA SER B 108 -13.74 25.20 -10.31
C SER B 108 -13.89 25.79 -11.70
N LEU B 109 -14.35 27.04 -11.78
CA LEU B 109 -14.79 27.61 -13.05
C LEU B 109 -13.96 28.84 -13.41
N LEU B 110 -13.44 28.85 -14.63
CA LEU B 110 -12.89 30.05 -15.22
C LEU B 110 -14.01 30.84 -15.89
N LEU B 111 -13.96 32.15 -15.78
CA LEU B 111 -14.95 33.03 -16.40
C LEU B 111 -14.23 33.99 -17.34
N GLY B 112 -14.96 34.98 -17.83
CA GLY B 112 -14.36 36.04 -18.60
C GLY B 112 -15.15 37.32 -18.49
N VAL B 113 -14.47 38.46 -18.41
CA VAL B 113 -15.10 39.76 -18.19
C VAL B 113 -14.74 40.67 -19.35
N HIS B 114 -15.71 41.46 -19.82
CA HIS B 114 -15.49 42.39 -20.91
C HIS B 114 -15.69 43.85 -20.54
N GLY B 115 -16.48 44.15 -19.51
CA GLY B 115 -16.99 45.49 -19.29
C GLY B 115 -15.97 46.48 -18.75
N ASP B 116 -16.48 47.66 -18.41
CA ASP B 116 -15.65 48.77 -17.95
C ASP B 116 -15.45 48.80 -16.44
N GLY B 117 -16.13 47.93 -15.69
CA GLY B 117 -15.98 47.89 -14.24
C GLY B 117 -14.60 47.52 -13.77
N LEU B 118 -13.82 46.84 -14.62
CA LEU B 118 -12.40 46.60 -14.39
C LEU B 118 -11.64 47.90 -14.15
N ASP B 119 -12.03 48.97 -14.85
CA ASP B 119 -11.44 50.28 -14.59
C ASP B 119 -11.98 50.87 -13.29
N ASP B 120 -13.26 50.63 -13.00
CA ASP B 120 -13.88 51.29 -11.85
C ASP B 120 -13.55 50.56 -10.56
N HIS B 121 -13.97 49.35 -10.45
CA HIS B 121 -13.88 48.69 -9.16
C HIS B 121 -12.65 47.80 -9.09
N PRO B 122 -12.09 47.61 -7.89
CA PRO B 122 -10.92 46.74 -7.75
C PRO B 122 -11.27 45.26 -7.86
N ALA B 123 -10.27 44.39 -7.66
CA ALA B 123 -10.49 42.96 -7.81
C ALA B 123 -11.32 42.39 -6.67
N GLN B 124 -11.18 42.95 -5.46
CA GLN B 124 -11.90 42.41 -4.31
C GLN B 124 -13.40 42.66 -4.42
N GLU B 125 -13.80 43.84 -4.89
CA GLU B 125 -15.22 44.16 -4.98
C GLU B 125 -15.89 43.43 -6.13
N ILE B 126 -15.19 43.28 -7.26
CA ILE B 126 -15.76 42.57 -8.40
C ILE B 126 -15.85 41.09 -8.13
N ALA B 127 -14.72 40.47 -7.74
CA ALA B 127 -14.69 39.02 -7.53
C ALA B 127 -15.50 38.63 -6.30
N ARG B 128 -15.45 39.43 -5.25
CA ARG B 128 -16.28 39.17 -4.08
C ARG B 128 -17.75 39.38 -4.40
N GLN B 129 -18.07 40.36 -5.26
CA GLN B 129 -19.46 40.59 -5.65
C GLN B 129 -20.00 39.44 -6.49
N VAL B 130 -19.16 38.83 -7.32
CA VAL B 130 -19.58 37.65 -8.07
C VAL B 130 -19.76 36.45 -7.13
N GLN B 131 -18.90 36.35 -6.11
CA GLN B 131 -18.99 35.23 -5.18
C GLN B 131 -20.26 35.29 -4.32
N GLU B 132 -20.63 36.48 -3.85
CA GLU B 132 -21.72 36.60 -2.89
C GLU B 132 -23.10 36.37 -3.51
N GLN B 133 -23.20 36.28 -4.84
CA GLN B 133 -24.46 35.94 -5.47
C GLN B 133 -24.41 34.65 -6.25
N ALA B 134 -23.26 34.00 -6.34
CA ALA B 134 -23.16 32.65 -6.87
C ALA B 134 -23.24 31.62 -5.77
N GLY B 135 -23.39 32.03 -4.53
CA GLY B 135 -23.57 31.13 -3.42
C GLY B 135 -25.00 30.90 -3.04
N ALA B 136 -25.95 31.57 -3.70
CA ALA B 136 -27.37 31.34 -3.51
C ALA B 136 -28.03 30.64 -4.68
N MET B 137 -27.26 30.30 -5.70
CA MET B 137 -27.74 29.67 -6.93
C MET B 137 -27.54 28.16 -6.86
N ARG B 138 -27.72 27.49 -7.99
CA ARG B 138 -27.58 26.04 -8.03
C ARG B 138 -27.07 25.63 -9.41
N LEU B 139 -27.24 24.36 -9.74
CA LEU B 139 -26.71 23.79 -10.96
C LEU B 139 -27.82 22.91 -11.52
N ALA B 140 -27.51 21.95 -12.39
CA ALA B 140 -28.56 21.10 -12.98
C ALA B 140 -29.10 20.19 -11.89
N GLY B 141 -30.00 20.78 -11.10
CA GLY B 141 -30.38 20.23 -9.82
C GLY B 141 -29.33 20.50 -8.76
N GLY B 142 -29.77 20.60 -7.51
CA GLY B 142 -28.86 20.51 -6.41
C GLY B 142 -28.03 21.71 -6.06
N SER B 143 -27.80 21.88 -4.77
CA SER B 143 -27.33 23.13 -4.21
C SER B 143 -25.83 23.32 -4.42
N ILE B 144 -25.30 24.36 -3.80
CA ILE B 144 -23.88 24.66 -3.72
C ILE B 144 -23.55 24.80 -2.24
N LEU B 145 -22.71 23.91 -1.74
CA LEU B 145 -22.43 23.83 -0.30
C LEU B 145 -21.63 25.04 0.16
N PRO B 146 -22.19 25.88 1.01
CA PRO B 146 -21.67 27.24 1.16
C PRO B 146 -20.60 27.42 2.22
N TRP B 147 -20.56 26.53 3.22
CA TRP B 147 -19.87 26.82 4.49
C TRP B 147 -18.36 26.71 4.41
N CYS B 148 -17.81 26.54 3.20
CA CYS B 148 -16.42 26.15 2.96
C CYS B 148 -15.44 27.09 3.66
N ASN B 149 -15.76 28.39 3.71
CA ASN B 149 -14.87 29.39 4.31
C ASN B 149 -14.60 29.19 5.81
N GLU B 150 -15.26 28.25 6.48
CA GLU B 150 -14.77 27.87 7.80
C GLU B 150 -13.60 26.88 7.71
N ARG B 151 -13.77 25.82 6.93
CA ARG B 151 -12.79 24.73 6.86
C ARG B 151 -12.15 24.58 5.49
N PHE B 152 -12.29 25.57 4.61
CA PHE B 152 -11.68 25.68 3.29
C PHE B 152 -11.80 27.15 2.94
N PRO B 153 -10.95 28.04 3.51
CA PRO B 153 -11.26 29.48 3.48
C PRO B 153 -10.89 30.19 2.18
N ALA B 154 -10.75 29.43 1.10
CA ALA B 154 -10.19 29.91 -0.17
C ALA B 154 -11.02 31.02 -0.81
N PRO B 155 -10.44 32.20 -1.01
CA PRO B 155 -11.16 33.27 -1.72
C PRO B 155 -10.93 33.21 -3.23
N ASN B 156 -11.43 34.22 -3.94
CA ASN B 156 -11.39 34.26 -5.39
C ASN B 156 -10.00 34.64 -5.89
N ALA B 157 -9.92 34.88 -7.19
CA ALA B 157 -8.76 35.46 -7.84
C ALA B 157 -9.24 36.13 -9.12
N GLU B 158 -8.48 37.13 -9.57
CA GLU B 158 -8.84 37.85 -10.78
C GLU B 158 -7.56 38.39 -11.43
N LEU B 159 -7.46 38.22 -12.74
CA LEU B 159 -6.23 38.49 -13.47
C LEU B 159 -6.57 39.15 -14.80
N LEU B 160 -5.99 40.31 -15.06
CA LEU B 160 -6.10 40.94 -16.38
C LEU B 160 -5.11 40.24 -17.30
N MET B 161 -5.60 39.29 -18.09
CA MET B 161 -4.75 38.50 -18.96
C MET B 161 -4.28 39.29 -20.18
N LEU B 162 -5.02 40.32 -20.59
CA LEU B 162 -4.68 41.05 -21.80
C LEU B 162 -3.43 41.91 -21.62
N GLY B 163 -3.47 42.84 -20.67
CA GLY B 163 -2.39 43.79 -20.52
C GLY B 163 -1.14 43.19 -19.91
N GLY B 164 -0.10 44.00 -19.88
CA GLY B 164 1.18 43.60 -19.35
C GLY B 164 2.04 42.87 -20.37
N SER B 165 3.27 42.61 -19.97
CA SER B 165 4.20 41.87 -20.82
C SER B 165 3.84 40.39 -20.83
N ASP B 166 4.38 39.68 -21.82
CA ASP B 166 4.14 38.24 -21.90
C ASP B 166 4.84 37.49 -20.77
N GLU B 167 5.95 38.04 -20.28
CA GLU B 167 6.66 37.47 -19.15
C GLU B 167 5.94 37.70 -17.83
N GLN B 168 4.89 38.52 -17.81
CA GLN B 168 3.92 38.52 -16.73
C GLN B 168 2.75 37.60 -17.01
N ARG B 169 2.45 37.37 -18.30
CA ARG B 169 1.33 36.50 -18.66
C ARG B 169 1.63 35.05 -18.31
N ARG B 170 2.84 34.58 -18.62
CA ARG B 170 3.17 33.21 -18.24
C ARG B 170 3.46 33.11 -16.74
N LYS B 171 3.87 34.22 -16.12
CA LYS B 171 4.13 34.24 -14.68
C LYS B 171 2.85 34.07 -13.89
N ASN B 172 1.91 35.01 -14.04
CA ASN B 172 0.64 34.91 -13.34
C ASN B 172 -0.23 33.80 -13.88
N GLN B 173 0.00 33.36 -15.12
CA GLN B 173 -0.71 32.21 -15.65
C GLN B 173 -0.29 30.93 -14.93
N ARG B 174 1.01 30.75 -14.72
CA ARG B 174 1.46 29.62 -13.91
C ARG B 174 1.14 29.84 -12.44
N ARG B 175 0.89 31.09 -12.02
CA ARG B 175 0.35 31.28 -10.67
C ARG B 175 -1.12 30.87 -10.59
N LEU B 176 -1.86 30.95 -11.69
CA LEU B 176 -3.23 30.45 -11.69
C LEU B 176 -3.25 28.92 -11.68
N THR B 177 -2.44 28.29 -12.54
CA THR B 177 -2.52 26.85 -12.69
C THR B 177 -1.85 26.07 -11.55
N ARG B 178 -1.37 26.74 -10.50
CA ARG B 178 -1.00 26.06 -9.27
C ARG B 178 -2.15 26.00 -8.27
N ARG B 179 -3.34 26.43 -8.68
CA ARG B 179 -4.55 26.28 -7.87
C ARG B 179 -5.61 25.46 -8.56
N LEU B 180 -5.35 24.97 -9.77
CA LEU B 180 -6.23 24.10 -10.51
C LEU B 180 -5.55 22.78 -10.82
N LEU B 181 -4.60 22.40 -9.98
CA LEU B 181 -3.68 21.33 -10.35
C LEU B 181 -4.21 19.90 -10.16
N PRO B 182 -4.94 19.53 -9.09
CA PRO B 182 -5.51 18.17 -9.08
C PRO B 182 -6.64 17.95 -10.05
N GLY B 183 -7.28 19.01 -10.53
CA GLY B 183 -8.41 18.84 -11.42
C GLY B 183 -8.02 18.49 -12.84
N PHE B 184 -9.03 18.10 -13.62
CA PHE B 184 -8.90 17.72 -15.02
C PHE B 184 -9.80 18.62 -15.86
N ALA B 185 -9.21 19.44 -16.72
CA ALA B 185 -9.97 20.28 -17.63
C ALA B 185 -10.68 19.44 -18.68
N LEU B 186 -11.65 20.06 -19.37
CA LEU B 186 -12.44 19.42 -20.40
C LEU B 186 -12.56 20.33 -21.62
N VAL B 187 -12.30 19.78 -22.81
CA VAL B 187 -12.40 20.56 -24.04
C VAL B 187 -13.29 19.84 -25.04
N SER B 188 -13.36 20.34 -26.27
CA SER B 188 -14.12 19.70 -27.34
C SER B 188 -13.20 19.50 -28.55
N ARG B 189 -13.25 18.31 -29.13
CA ARG B 189 -12.25 17.85 -30.11
C ARG B 189 -12.92 17.22 -31.33
N GLU B 190 -13.87 17.94 -31.94
CA GLU B 190 -14.65 17.36 -33.04
C GLU B 190 -13.85 17.23 -34.34
N ALA B 191 -12.76 17.98 -34.51
CA ALA B 191 -11.93 17.81 -35.68
C ALA B 191 -11.20 16.46 -35.66
N LEU B 192 -10.90 15.96 -34.46
CA LEU B 192 -10.37 14.61 -34.32
C LEU B 192 -11.39 13.57 -34.75
N LEU B 193 -12.68 13.83 -34.48
CA LEU B 193 -13.73 12.95 -34.97
C LEU B 193 -13.84 13.00 -36.48
N GLN B 194 -13.60 14.18 -37.07
CA GLN B 194 -13.62 14.28 -38.52
C GLN B 194 -12.44 13.54 -39.16
N GLN B 195 -11.28 13.59 -38.53
CA GLN B 195 -10.14 12.81 -38.99
C GLN B 195 -10.40 11.32 -38.86
N HIS B 196 -11.06 10.90 -37.77
CA HIS B 196 -11.43 9.51 -37.60
C HIS B 196 -12.48 9.08 -38.62
N LEU B 197 -13.31 10.01 -39.09
CA LEU B 197 -14.19 9.73 -40.21
C LEU B 197 -13.40 9.54 -41.49
N GLU B 198 -12.33 10.32 -41.67
CA GLU B 198 -11.52 10.16 -42.86
C GLU B 198 -10.53 9.01 -42.78
N THR B 199 -10.45 8.33 -41.64
CA THR B 199 -9.67 7.10 -41.56
C THR B 199 -10.47 5.89 -42.06
N LEU B 200 -11.77 5.88 -41.82
CA LEU B 200 -12.60 4.76 -42.25
C LEU B 200 -12.74 4.74 -43.77
N ARG B 201 -12.33 3.63 -44.37
CA ARG B 201 -12.44 3.39 -45.81
C ARG B 201 -13.47 2.32 -46.12
N THR B 202 -14.59 2.33 -45.38
CA THR B 202 -15.66 1.37 -45.62
C THR B 202 -16.66 1.96 -46.63
N THR B 203 -17.81 1.31 -46.76
CA THR B 203 -18.81 1.75 -47.73
C THR B 203 -19.53 3.01 -47.27
N LEU B 204 -20.24 2.93 -46.16
CA LEU B 204 -21.04 4.05 -45.70
C LEU B 204 -20.29 4.84 -44.63
N PRO B 205 -19.57 5.90 -45.03
CA PRO B 205 -19.03 6.82 -44.02
C PRO B 205 -20.07 7.80 -43.50
N GLU B 206 -21.22 7.91 -44.17
CA GLU B 206 -22.25 8.84 -43.73
C GLU B 206 -22.93 8.36 -42.46
N ALA B 207 -23.49 7.15 -42.50
CA ALA B 207 -24.16 6.54 -41.35
C ALA B 207 -23.18 5.99 -40.31
N THR B 208 -21.89 6.28 -40.45
CA THR B 208 -20.88 5.85 -39.51
C THR B 208 -20.18 7.06 -38.88
N THR B 209 -20.96 8.09 -38.56
CA THR B 209 -20.46 9.24 -37.81
C THR B 209 -20.61 9.08 -36.32
N LEU B 210 -20.62 7.85 -35.82
CA LEU B 210 -20.87 7.59 -34.41
C LEU B 210 -19.57 7.32 -33.65
N ASP B 211 -19.59 7.68 -32.37
CA ASP B 211 -18.45 7.53 -31.48
C ASP B 211 -18.28 6.10 -30.97
N ALA B 212 -19.22 5.20 -31.30
CA ALA B 212 -19.26 3.88 -30.69
C ALA B 212 -18.08 3.01 -31.09
N LEU B 213 -17.40 3.32 -32.19
CA LEU B 213 -16.17 2.66 -32.57
C LEU B 213 -14.98 3.60 -32.45
N LEU B 214 -15.03 4.50 -31.48
CA LEU B 214 -13.87 5.31 -31.13
C LEU B 214 -13.57 5.30 -29.65
N ASP B 215 -14.60 5.29 -28.81
CA ASP B 215 -14.45 5.27 -27.35
C ASP B 215 -14.83 3.87 -26.86
N LEU B 216 -13.86 2.96 -26.86
CA LEU B 216 -14.11 1.55 -26.61
C LEU B 216 -12.76 0.86 -26.40
N CYS B 217 -12.82 -0.44 -26.12
CA CYS B 217 -11.64 -1.29 -26.01
C CYS B 217 -11.70 -2.31 -27.15
N ARG B 218 -10.93 -2.08 -28.21
CA ARG B 218 -10.92 -2.95 -29.38
C ARG B 218 -9.87 -4.03 -29.19
N ILE B 219 -10.30 -5.22 -28.75
CA ILE B 219 -9.39 -6.34 -28.61
C ILE B 219 -9.17 -6.94 -29.99
N ASN B 220 -7.94 -6.80 -30.51
CA ASN B 220 -7.63 -7.14 -31.88
C ASN B 220 -7.30 -8.63 -32.00
N PHE B 221 -6.78 -9.03 -33.15
CA PHE B 221 -6.58 -10.43 -33.49
C PHE B 221 -5.10 -10.71 -33.72
N GLU B 222 -4.64 -11.85 -33.20
CA GLU B 222 -3.31 -12.33 -33.52
C GLU B 222 -3.31 -12.90 -34.94
N PRO B 223 -2.53 -12.35 -35.87
CA PRO B 223 -2.51 -12.84 -37.25
C PRO B 223 -1.78 -14.17 -37.40
N TRP B 239 -2.90 -10.30 -26.60
CA TRP B 239 -3.59 -9.72 -27.75
C TRP B 239 -3.09 -8.30 -28.04
N GLN B 240 -3.90 -7.56 -28.80
CA GLN B 240 -3.61 -6.18 -29.14
C GLN B 240 -4.84 -5.32 -28.90
N VAL B 241 -4.63 -4.10 -28.43
CA VAL B 241 -5.70 -3.13 -28.28
C VAL B 241 -5.27 -1.82 -28.94
N ARG B 242 -6.26 -1.05 -29.40
CA ARG B 242 -6.02 0.34 -29.71
C ARG B 242 -5.77 1.11 -28.43
N ASP B 243 -4.70 1.89 -28.39
CA ASP B 243 -4.25 2.53 -27.18
C ASP B 243 -4.30 4.04 -27.28
N LYS B 244 -5.40 4.56 -27.80
CA LYS B 244 -5.53 5.99 -28.11
C LYS B 244 -5.61 6.82 -26.83
N PRO B 245 -4.62 7.65 -26.52
CA PRO B 245 -4.57 8.30 -25.21
C PRO B 245 -5.42 9.56 -25.14
N GLY B 246 -5.35 10.29 -24.03
CA GLY B 246 -6.10 11.52 -23.92
C GLY B 246 -7.58 11.25 -23.79
N TRP B 247 -8.00 10.80 -22.60
CA TRP B 247 -9.28 10.15 -22.31
C TRP B 247 -10.48 10.84 -22.93
N LEU B 248 -11.13 10.15 -23.86
CA LEU B 248 -12.20 10.71 -24.65
C LEU B 248 -13.54 10.32 -24.04
N VAL B 249 -14.45 11.29 -23.97
CA VAL B 249 -15.80 11.03 -23.51
C VAL B 249 -16.76 11.46 -24.61
N PRO B 250 -17.94 10.85 -24.72
CA PRO B 250 -18.98 11.44 -25.56
C PRO B 250 -19.81 12.43 -24.76
N ILE B 251 -19.96 13.63 -25.30
CA ILE B 251 -20.71 14.69 -24.62
C ILE B 251 -21.84 15.11 -25.56
N PRO B 252 -22.93 15.65 -25.01
CA PRO B 252 -23.94 16.28 -25.87
C PRO B 252 -23.42 17.58 -26.45
N ALA B 253 -23.24 17.61 -27.76
CA ALA B 253 -22.59 18.74 -28.40
C ALA B 253 -23.55 19.87 -28.70
N GLY B 254 -24.85 19.63 -28.79
CA GLY B 254 -25.76 20.75 -29.04
C GLY B 254 -27.19 20.28 -29.24
N TYR B 255 -27.96 21.14 -29.90
CA TYR B 255 -29.37 20.96 -30.18
C TYR B 255 -29.62 21.16 -31.67
N ASN B 256 -30.69 20.52 -32.16
CA ASN B 256 -31.02 20.47 -33.57
C ASN B 256 -32.53 20.52 -33.70
N ALA B 257 -33.02 21.31 -34.66
CA ALA B 257 -34.45 21.55 -34.76
C ALA B 257 -35.16 20.39 -35.44
N LEU B 258 -36.42 20.21 -35.08
CA LEU B 258 -37.32 19.27 -35.75
C LEU B 258 -38.49 19.96 -36.40
N SER B 259 -39.19 20.79 -35.68
CA SER B 259 -40.34 21.61 -36.04
C SER B 259 -39.87 22.99 -36.49
N PRO B 260 -40.61 23.68 -37.35
CA PRO B 260 -40.29 25.07 -37.65
C PRO B 260 -40.63 25.96 -36.46
N LEU B 261 -40.20 27.21 -36.55
CA LEU B 261 -40.35 28.14 -35.43
C LEU B 261 -41.80 28.56 -35.27
N TYR B 262 -42.28 28.50 -34.04
CA TYR B 262 -43.65 28.83 -33.70
C TYR B 262 -43.71 30.24 -33.11
N LEU B 263 -44.82 30.91 -33.35
CA LEU B 263 -45.01 32.27 -32.87
C LEU B 263 -45.17 32.27 -31.34
N PRO B 264 -44.84 33.39 -30.69
CA PRO B 264 -45.09 33.49 -29.24
C PRO B 264 -46.56 33.43 -28.88
N GLY B 265 -46.95 32.36 -28.21
CA GLY B 265 -48.32 32.14 -27.83
C GLY B 265 -49.12 31.21 -28.71
N GLU B 266 -48.47 30.21 -29.32
CA GLU B 266 -49.18 29.22 -30.12
C GLU B 266 -49.35 27.90 -29.41
N VAL B 267 -48.40 27.52 -28.57
CA VAL B 267 -48.38 26.20 -27.95
C VAL B 267 -48.84 26.33 -26.51
N ARG B 268 -49.84 25.54 -26.13
CA ARG B 268 -50.24 25.47 -24.74
C ARG B 268 -49.14 24.79 -23.94
N ASN B 269 -49.00 25.22 -22.67
CA ASN B 269 -48.01 24.73 -21.71
C ASN B 269 -46.58 25.09 -22.12
N ALA B 270 -46.35 26.36 -22.43
CA ALA B 270 -44.99 26.84 -22.61
C ALA B 270 -44.44 27.25 -21.24
N ARG B 271 -43.20 27.75 -21.20
CA ARG B 271 -42.79 28.36 -19.94
C ARG B 271 -43.27 29.80 -19.84
N ASP B 272 -43.33 30.49 -20.97
CA ASP B 272 -43.87 31.84 -21.04
C ASP B 272 -44.47 32.06 -22.42
N ARG B 273 -45.44 32.98 -22.49
CA ARG B 273 -46.18 33.25 -23.70
C ARG B 273 -45.64 34.45 -24.45
N GLU B 274 -44.32 34.70 -24.37
CA GLU B 274 -43.70 35.88 -24.96
C GLU B 274 -42.44 35.53 -25.73
N THR B 275 -42.23 34.25 -26.03
CA THR B 275 -40.97 33.77 -26.62
C THR B 275 -41.28 32.70 -27.66
N PRO B 276 -40.67 32.79 -28.85
CA PRO B 276 -40.85 31.74 -29.85
C PRO B 276 -40.23 30.43 -29.39
N LEU B 277 -40.79 29.32 -29.89
CA LEU B 277 -40.33 28.00 -29.47
C LEU B 277 -40.26 27.06 -30.66
N ARG B 278 -39.50 25.98 -30.46
CA ARG B 278 -39.40 24.91 -31.44
C ARG B 278 -39.01 23.63 -30.71
N PHE B 279 -39.20 22.50 -31.39
CA PHE B 279 -38.91 21.19 -30.81
C PHE B 279 -37.57 20.71 -31.34
N VAL B 280 -36.74 20.13 -30.46
CA VAL B 280 -35.34 19.89 -30.77
C VAL B 280 -34.96 18.45 -30.45
N GLU B 281 -33.68 18.16 -30.65
CA GLU B 281 -33.07 16.85 -30.47
C GLU B 281 -31.58 17.09 -30.27
N ASN B 282 -30.94 16.26 -29.44
CA ASN B 282 -29.53 16.42 -29.15
C ASN B 282 -28.65 16.11 -30.35
N LEU B 283 -27.52 16.80 -30.43
CA LEU B 283 -26.43 16.46 -31.32
C LEU B 283 -25.23 16.03 -30.49
N PHE B 284 -24.65 14.89 -30.84
CA PHE B 284 -23.62 14.24 -30.04
C PHE B 284 -22.25 14.51 -30.62
N GLY B 285 -21.33 14.93 -29.77
CA GLY B 285 -19.94 15.13 -30.19
C GLY B 285 -19.02 14.38 -29.26
N LEU B 286 -17.76 14.80 -29.19
CA LEU B 286 -16.85 14.23 -28.22
C LEU B 286 -15.95 15.32 -27.68
N GLY B 287 -15.27 15.00 -26.59
CA GLY B 287 -14.34 15.93 -26.00
C GLY B 287 -13.31 15.14 -25.24
N GLU B 288 -12.45 15.79 -24.45
CA GLU B 288 -11.47 15.05 -23.70
C GLU B 288 -11.10 15.78 -22.43
N TRP B 289 -10.65 14.99 -21.46
CA TRP B 289 -10.22 15.46 -20.15
C TRP B 289 -8.70 15.51 -20.14
N LEU B 290 -8.16 16.68 -19.82
CA LEU B 290 -6.72 16.92 -19.90
C LEU B 290 -6.32 17.85 -18.77
N SER B 291 -5.12 17.63 -18.22
CA SER B 291 -4.60 18.47 -17.14
C SER B 291 -4.36 19.89 -17.66
N PRO B 292 -4.66 20.92 -16.85
CA PRO B 292 -4.71 22.28 -17.41
C PRO B 292 -3.36 22.90 -17.69
N HIS B 293 -2.30 22.49 -17.00
CA HIS B 293 -1.06 23.26 -16.98
C HIS B 293 -0.22 23.11 -18.24
N ARG B 294 -0.70 22.41 -19.27
CA ARG B 294 0.08 22.20 -20.48
C ARG B 294 -0.42 23.00 -21.67
N VAL B 295 -1.58 23.66 -21.56
CA VAL B 295 -2.17 24.36 -22.70
C VAL B 295 -1.40 25.65 -22.98
N ALA B 296 -1.65 26.25 -24.15
CA ALA B 296 -0.96 27.48 -24.51
C ALA B 296 -1.43 28.66 -23.67
N ALA B 297 -2.71 28.99 -23.76
CA ALA B 297 -3.31 30.03 -22.95
C ALA B 297 -4.55 29.48 -22.27
N LEU B 298 -4.82 30.00 -21.07
CA LEU B 298 -6.03 29.63 -20.36
C LEU B 298 -7.27 30.29 -20.93
N SER B 299 -7.10 31.27 -21.82
CA SER B 299 -8.26 31.91 -22.45
C SER B 299 -8.95 31.00 -23.46
N ASP B 300 -8.29 29.94 -23.91
CA ASP B 300 -8.91 28.95 -24.76
C ASP B 300 -9.52 27.81 -23.96
N LEU B 301 -9.39 27.84 -22.65
CA LEU B 301 -10.08 26.91 -21.76
C LEU B 301 -11.40 27.51 -21.29
N LEU B 302 -12.18 27.94 -22.27
CA LEU B 302 -13.50 28.54 -22.09
C LEU B 302 -14.30 28.17 -23.32
N TRP B 303 -15.62 28.19 -23.21
CA TRP B 303 -16.43 28.04 -24.41
C TRP B 303 -17.76 28.75 -24.27
N TYR B 304 -18.48 28.78 -25.38
CA TYR B 304 -19.62 29.66 -25.58
C TYR B 304 -20.72 28.84 -26.21
N HIS B 305 -21.75 29.52 -26.70
CA HIS B 305 -22.78 28.88 -27.50
C HIS B 305 -23.02 29.72 -28.75
N HIS B 306 -22.95 29.10 -29.91
CA HIS B 306 -23.17 29.81 -31.15
C HIS B 306 -24.32 29.18 -31.92
N ALA B 307 -25.23 30.01 -32.38
CA ALA B 307 -26.48 29.54 -32.95
C ALA B 307 -26.58 29.91 -34.42
N GLU B 308 -27.21 29.02 -35.18
CA GLU B 308 -27.69 29.33 -36.53
C GLU B 308 -29.20 29.10 -36.53
N PRO B 309 -29.99 30.12 -36.22
CA PRO B 309 -31.42 30.06 -36.53
C PRO B 309 -31.62 30.25 -38.03
N ASP B 310 -32.86 29.96 -38.46
CA ASP B 310 -33.36 29.71 -39.82
C ASP B 310 -32.81 28.43 -40.42
N LYS B 311 -31.96 27.71 -39.71
CA LYS B 311 -31.53 26.34 -39.95
C LYS B 311 -31.77 25.48 -38.73
N GLY B 312 -31.70 26.06 -37.54
CA GLY B 312 -32.02 25.36 -36.32
C GLY B 312 -30.86 24.59 -35.74
N LEU B 313 -29.66 25.16 -35.76
CA LEU B 313 -28.48 24.49 -35.23
C LEU B 313 -27.99 25.27 -34.02
N TYR B 314 -28.24 24.73 -32.83
CA TYR B 314 -27.91 25.44 -31.60
C TYR B 314 -26.76 24.69 -30.92
N ARG B 315 -25.54 25.00 -31.32
CA ARG B 315 -24.42 24.14 -30.93
C ARG B 315 -23.25 24.89 -30.31
N TRP B 316 -22.17 24.15 -30.04
CA TRP B 316 -20.98 24.67 -29.38
C TRP B 316 -19.68 24.38 -30.10
N SER B 317 -18.61 24.82 -29.44
CA SER B 317 -17.20 24.57 -29.72
C SER B 317 -16.44 25.20 -28.58
N THR B 318 -15.24 24.68 -28.32
CA THR B 318 -14.22 25.47 -27.64
C THR B 318 -13.36 26.04 -28.75
N PRO B 319 -13.66 27.25 -29.24
CA PRO B 319 -13.17 27.66 -30.55
C PRO B 319 -11.69 28.02 -30.51
N ARG B 320 -10.96 27.52 -31.52
CA ARG B 320 -9.53 27.75 -31.73
C ARG B 320 -8.70 27.28 -30.54
N PHE B 321 -9.09 26.17 -29.93
CA PHE B 321 -8.29 25.60 -28.86
C PHE B 321 -7.07 24.86 -29.42
N VAL B 322 -7.32 23.76 -30.13
CA VAL B 322 -6.33 22.86 -30.75
C VAL B 322 -5.20 22.41 -29.80
N LEU C 5 43.57 19.34 -28.88
CA LEU C 5 43.91 19.35 -27.47
C LEU C 5 42.75 19.90 -26.64
N SER C 6 41.76 19.05 -26.39
CA SER C 6 40.70 19.43 -25.48
C SER C 6 41.16 19.32 -24.03
N THR C 7 40.43 19.98 -23.15
CA THR C 7 40.74 19.93 -21.72
C THR C 7 40.39 18.54 -21.18
N ALA C 8 41.31 17.98 -20.38
CA ALA C 8 41.06 16.69 -19.77
C ALA C 8 39.93 16.80 -18.76
N SER C 9 39.05 15.80 -18.75
CA SER C 9 37.83 15.88 -17.97
C SER C 9 38.05 15.60 -16.49
N VAL C 10 39.14 14.94 -16.13
CA VAL C 10 39.46 14.62 -14.74
C VAL C 10 40.84 15.16 -14.43
N LEU C 11 40.92 16.09 -13.47
CA LEU C 11 42.21 16.49 -12.92
C LEU C 11 42.14 16.49 -11.40
N ALA C 12 43.28 16.21 -10.78
CA ALA C 12 43.32 16.15 -9.33
C ALA C 12 44.75 16.40 -8.89
N PHE C 13 44.96 17.46 -8.12
CA PHE C 13 46.27 17.77 -7.58
C PHE C 13 46.21 17.66 -6.06
N GLU C 14 47.16 16.96 -5.47
CA GLU C 14 47.25 16.89 -4.03
C GLU C 14 48.15 17.99 -3.51
N ARG C 15 47.90 18.42 -2.27
CA ARG C 15 48.55 19.61 -1.76
C ARG C 15 50.00 19.32 -1.40
N LYS C 16 50.81 20.36 -1.42
CA LYS C 16 52.25 20.22 -1.22
C LYS C 16 52.75 20.88 0.04
N LEU C 17 51.94 21.70 0.71
CA LEU C 17 52.24 22.22 2.03
C LEU C 17 51.29 21.53 2.99
N ASP C 18 51.85 20.72 3.90
CA ASP C 18 51.03 19.84 4.74
C ASP C 18 51.24 20.21 6.20
N PRO C 19 50.31 20.97 6.79
CA PRO C 19 50.39 21.25 8.23
C PRO C 19 49.74 20.18 9.09
N SER C 20 49.66 20.43 10.40
CA SER C 20 48.99 19.54 11.33
C SER C 20 48.20 20.40 12.31
N ASP C 21 47.72 19.78 13.39
CA ASP C 21 46.93 20.49 14.37
C ASP C 21 47.85 21.33 15.27
N ALA C 22 47.24 22.24 16.04
CA ALA C 22 48.02 23.31 16.65
C ALA C 22 48.36 23.12 18.12
N LEU C 23 47.51 22.45 18.91
CA LEU C 23 47.85 21.91 20.23
C LEU C 23 48.29 22.98 21.22
N MET C 24 47.34 23.83 21.60
CA MET C 24 47.68 24.97 22.44
C MET C 24 48.00 24.54 23.87
N SER C 25 48.97 25.23 24.47
CA SER C 25 49.33 25.03 25.87
C SER C 25 49.62 26.41 26.47
N ALA C 26 49.81 26.45 27.78
CA ALA C 26 49.91 27.73 28.46
C ALA C 26 51.03 27.72 29.50
N GLY C 27 51.55 28.91 29.76
CA GLY C 27 52.60 29.04 30.75
C GLY C 27 52.95 30.49 30.98
N ALA C 28 54.12 30.71 31.60
CA ALA C 28 54.57 32.05 31.95
C ALA C 28 55.67 32.52 31.01
N TRP C 29 55.65 33.80 30.69
CA TRP C 29 56.71 34.42 29.90
C TRP C 29 58.02 34.40 30.68
N ALA C 30 59.13 34.44 29.94
CA ALA C 30 60.52 34.24 30.34
C ALA C 30 60.82 32.82 30.80
N GLN C 31 59.84 31.92 30.74
CA GLN C 31 60.07 30.48 30.79
C GLN C 31 59.96 29.86 29.42
N ARG C 32 60.19 30.66 28.38
CA ARG C 32 60.06 30.20 27.00
C ARG C 32 61.08 29.14 26.65
N ASP C 33 62.26 29.19 27.26
CA ASP C 33 63.32 28.26 26.91
C ASP C 33 63.09 26.86 27.45
N ALA C 34 62.28 26.72 28.50
CA ALA C 34 61.97 25.44 29.10
C ALA C 34 60.49 25.10 28.93
N SER C 35 59.94 25.39 27.75
CA SER C 35 58.52 25.24 27.49
C SER C 35 58.15 23.85 27.00
N GLN C 36 58.96 22.84 27.28
CA GLN C 36 58.65 21.49 26.84
C GLN C 36 57.68 20.77 27.77
N GLU C 37 57.41 21.32 28.94
CA GLU C 37 56.62 20.64 29.96
C GLU C 37 55.41 21.46 30.40
N TRP C 38 54.97 22.41 29.59
CA TRP C 38 53.84 23.24 29.99
C TRP C 38 52.54 22.43 29.91
N PRO C 39 51.60 22.66 30.82
CA PRO C 39 50.33 21.94 30.75
C PRO C 39 49.45 22.51 29.64
N ALA C 40 48.47 21.71 29.24
CA ALA C 40 47.63 22.07 28.12
C ALA C 40 46.47 22.95 28.55
N VAL C 41 45.90 23.65 27.58
CA VAL C 41 44.71 24.45 27.79
C VAL C 41 43.50 23.56 27.58
N THR C 42 42.66 23.43 28.59
CA THR C 42 41.50 22.56 28.50
C THR C 42 40.25 23.36 28.15
N VAL C 43 39.28 22.66 27.58
CA VAL C 43 38.01 23.24 27.17
C VAL C 43 36.96 22.84 28.19
N ARG C 44 36.29 23.83 28.78
CA ARG C 44 35.34 23.55 29.84
C ARG C 44 34.04 24.30 29.57
N GLU C 45 32.99 23.92 30.30
CA GLU C 45 31.66 24.45 30.06
C GLU C 45 31.35 25.60 31.00
N LYS C 46 30.42 26.45 30.57
CA LYS C 46 29.86 27.49 31.43
C LYS C 46 28.48 27.80 30.88
N SER C 47 27.66 28.40 31.73
CA SER C 47 26.29 28.74 31.34
C SER C 47 26.17 30.23 31.09
N GLN C 76 21.66 29.30 27.76
CA GLN C 76 22.53 28.49 26.93
C GLN C 76 23.67 27.93 27.77
N THR C 77 24.41 26.99 27.18
CA THR C 77 25.53 26.34 27.87
C THR C 77 26.69 26.27 26.88
N VAL C 78 27.55 27.28 26.91
CA VAL C 78 28.60 27.39 25.94
C VAL C 78 29.88 26.79 26.48
N ASP C 79 30.84 26.54 25.60
CA ASP C 79 32.19 26.16 25.98
C ASP C 79 33.10 27.37 26.00
N VAL C 80 34.21 27.23 26.72
CA VAL C 80 35.15 28.31 26.91
C VAL C 80 36.51 27.69 27.19
N ALA C 81 37.56 28.41 26.80
CA ALA C 81 38.94 28.01 27.05
C ALA C 81 39.68 29.24 27.55
N ASN C 82 40.14 29.18 28.80
CA ASN C 82 40.90 30.27 29.38
C ASN C 82 42.26 29.77 29.82
N LEU C 83 43.20 30.70 29.94
CA LEU C 83 44.49 30.38 30.51
C LEU C 83 44.32 30.12 32.01
N PRO C 84 45.28 29.43 32.64
CA PRO C 84 45.27 29.37 34.10
C PRO C 84 45.50 30.74 34.71
N SER C 85 45.16 30.84 36.00
CA SER C 85 45.14 32.13 36.68
C SER C 85 46.51 32.70 36.97
N ASP C 86 47.58 31.93 36.75
CA ASP C 86 48.94 32.38 36.99
C ASP C 86 49.82 32.12 35.77
N ALA C 87 49.28 32.36 34.59
CA ALA C 87 50.02 32.16 33.34
C ALA C 87 49.54 33.19 32.34
N ASP C 88 50.49 33.79 31.61
CA ASP C 88 50.15 34.86 30.67
C ASP C 88 50.76 34.64 29.30
N THR C 89 50.97 33.38 28.90
CA THR C 89 51.63 33.10 27.64
C THR C 89 51.01 31.88 27.00
N LEU C 90 50.56 32.04 25.75
CA LEU C 90 50.01 30.97 24.95
C LEU C 90 51.09 30.40 24.04
N LYS C 91 51.14 29.07 23.96
CA LYS C 91 52.08 28.36 23.12
C LYS C 91 51.31 27.54 22.09
N VAL C 92 51.68 27.70 20.81
CA VAL C 92 51.05 26.97 19.71
C VAL C 92 52.15 26.26 18.94
N ARG C 93 52.06 24.93 18.85
CA ARG C 93 53.09 24.11 18.23
C ARG C 93 52.50 23.23 17.16
N PHE C 94 52.92 23.43 15.91
CA PHE C 94 52.53 22.52 14.84
C PHE C 94 53.74 22.19 13.99
N THR C 95 53.60 21.22 13.11
CA THR C 95 54.66 20.83 12.19
C THR C 95 54.21 21.09 10.77
N LEU C 96 55.15 20.96 9.83
CA LEU C 96 54.86 21.32 8.45
C LEU C 96 55.77 20.53 7.54
N ARG C 97 55.21 19.73 6.65
CA ARG C 97 55.98 19.09 5.59
C ARG C 97 55.87 19.90 4.32
N VAL C 98 57.00 20.11 3.67
CA VAL C 98 57.04 20.79 2.37
C VAL C 98 57.35 19.72 1.33
N LEU C 99 56.33 19.29 0.61
CA LEU C 99 56.47 18.20 -0.35
C LEU C 99 56.86 18.74 -1.72
N GLY C 100 57.76 18.02 -2.39
CA GLY C 100 58.22 18.44 -3.70
C GLY C 100 57.41 17.82 -4.82
N GLY C 101 57.74 18.24 -6.04
CA GLY C 101 57.08 17.69 -7.21
C GLY C 101 55.73 18.30 -7.51
N ALA C 102 55.62 19.62 -7.45
CA ALA C 102 54.37 20.28 -7.79
C ALA C 102 54.16 20.28 -9.30
N GLY C 103 52.90 20.36 -9.70
CA GLY C 103 52.54 20.40 -11.10
C GLY C 103 52.19 19.05 -11.69
N THR C 104 52.68 17.96 -11.12
CA THR C 104 52.34 16.64 -11.62
C THR C 104 51.02 16.17 -11.03
N PRO C 105 49.98 15.96 -11.82
CA PRO C 105 48.69 15.56 -11.26
C PRO C 105 48.70 14.11 -10.80
N SER C 106 47.68 13.77 -10.02
CA SER C 106 47.50 12.41 -9.55
C SER C 106 46.47 11.63 -10.36
N ALA C 107 45.69 12.31 -11.20
CA ALA C 107 44.68 11.66 -12.02
C ALA C 107 44.42 12.52 -13.25
N CYS C 108 44.52 11.92 -14.42
CA CYS C 108 44.31 12.66 -15.66
C CYS C 108 43.92 11.70 -16.76
N ASN C 109 42.93 12.10 -17.56
CA ASN C 109 42.50 11.26 -18.68
C ASN C 109 43.52 11.27 -19.81
N ASP C 110 43.75 12.45 -20.39
CA ASP C 110 44.59 12.58 -21.57
C ASP C 110 46.06 12.40 -21.21
N ALA C 111 46.82 11.88 -22.16
CA ALA C 111 48.26 11.81 -22.04
C ALA C 111 48.96 12.99 -22.69
N ALA C 112 48.35 13.58 -23.72
CA ALA C 112 48.95 14.74 -24.37
C ALA C 112 48.77 15.98 -23.52
N TYR C 113 47.62 16.11 -22.85
CA TYR C 113 47.36 17.27 -22.01
C TYR C 113 48.26 17.27 -20.78
N ARG C 114 48.57 16.08 -20.26
CA ARG C 114 49.48 15.99 -19.11
C ARG C 114 50.91 16.35 -19.52
N ASP C 115 51.34 15.93 -20.71
CA ASP C 115 52.68 16.25 -21.17
C ASP C 115 52.82 17.73 -21.50
N LYS C 116 51.78 18.33 -22.07
CA LYS C 116 51.78 19.77 -22.30
C LYS C 116 51.79 20.54 -20.99
N LEU C 117 51.08 20.03 -19.98
CA LEU C 117 51.08 20.67 -18.67
C LEU C 117 52.44 20.60 -18.01
N LEU C 118 53.12 19.45 -18.10
CA LEU C 118 54.43 19.33 -17.50
C LEU C 118 55.48 20.14 -18.25
N GLN C 119 55.32 20.31 -19.57
CA GLN C 119 56.21 21.23 -20.28
C GLN C 119 55.97 22.68 -19.89
N THR C 120 54.71 23.03 -19.59
CA THR C 120 54.41 24.39 -19.16
C THR C 120 55.00 24.68 -17.78
N VAL C 121 54.80 23.77 -16.83
CA VAL C 121 55.30 23.97 -15.47
C VAL C 121 56.83 23.92 -15.44
N ALA C 122 57.42 22.99 -16.21
CA ALA C 122 58.88 22.93 -16.29
C ALA C 122 59.46 24.16 -16.98
N THR C 123 58.72 24.73 -17.93
CA THR C 123 59.12 26.00 -18.52
C THR C 123 59.08 27.12 -17.50
N TYR C 124 58.06 27.13 -16.64
CA TYR C 124 57.96 28.13 -15.58
C TYR C 124 59.12 28.02 -14.59
N VAL C 125 59.43 26.82 -14.15
CA VAL C 125 60.49 26.63 -13.16
C VAL C 125 61.85 26.92 -13.77
N ASN C 126 62.05 26.58 -15.05
CA ASN C 126 63.32 26.86 -15.68
C ASN C 126 63.49 28.36 -15.98
N ASP C 127 62.40 29.08 -16.23
CA ASP C 127 62.53 30.51 -16.43
C ASP C 127 62.80 31.24 -15.12
N GLN C 128 62.12 30.84 -14.05
CA GLN C 128 62.31 31.46 -12.75
C GLN C 128 61.98 30.45 -11.67
N GLY C 129 62.67 30.57 -10.53
CA GLY C 129 62.52 29.59 -9.48
C GLY C 129 61.26 29.75 -8.68
N PHE C 130 61.23 29.06 -7.54
CA PHE C 130 60.17 29.20 -6.56
C PHE C 130 60.49 30.23 -5.49
N ALA C 131 61.28 31.25 -5.83
CA ALA C 131 61.76 32.19 -4.81
C ALA C 131 60.68 33.14 -4.33
N GLU C 132 59.77 33.55 -5.22
CA GLU C 132 58.71 34.48 -4.84
C GLU C 132 57.71 33.83 -3.89
N LEU C 133 57.24 32.65 -4.25
CA LEU C 133 56.23 31.97 -3.45
C LEU C 133 56.80 31.50 -2.13
N ALA C 134 58.04 31.05 -2.11
CA ALA C 134 58.66 30.69 -0.84
C ALA C 134 58.99 31.90 0.00
N ARG C 135 59.21 33.05 -0.65
CA ARG C 135 59.42 34.29 0.11
C ARG C 135 58.14 34.71 0.82
N ARG C 136 57.01 34.63 0.13
CA ARG C 136 55.75 35.02 0.77
C ARG C 136 55.28 33.99 1.79
N TYR C 137 55.52 32.71 1.53
CA TYR C 137 55.23 31.68 2.53
C TYR C 137 56.12 31.85 3.75
N ALA C 138 57.36 32.30 3.55
CA ALA C 138 58.24 32.60 4.67
C ALA C 138 57.74 33.79 5.47
N HIS C 139 57.13 34.78 4.81
CA HIS C 139 56.53 35.87 5.57
C HIS C 139 55.32 35.42 6.37
N ASN C 140 54.49 34.54 5.81
CA ASN C 140 53.32 34.09 6.58
C ASN C 140 53.70 33.14 7.70
N LEU C 141 54.86 32.47 7.59
CA LEU C 141 55.35 31.78 8.77
C LEU C 141 56.02 32.72 9.75
N ALA C 142 56.48 33.89 9.29
CA ALA C 142 57.19 34.79 10.19
C ALA C 142 56.23 35.62 11.04
N ASN C 143 55.26 36.28 10.41
CA ASN C 143 54.44 37.26 11.13
C ASN C 143 53.30 36.64 11.92
N ALA C 144 53.16 35.32 11.90
CA ALA C 144 52.18 34.55 12.66
C ALA C 144 50.74 34.97 12.32
N ARG C 145 50.38 34.71 11.07
CA ARG C 145 48.97 34.78 10.67
C ARG C 145 48.16 33.74 11.44
N PHE C 146 48.72 32.55 11.64
CA PHE C 146 48.01 31.43 12.24
C PHE C 146 47.66 31.69 13.70
N LEU C 147 48.46 32.47 14.42
CA LEU C 147 48.06 32.92 15.74
C LEU C 147 46.90 33.90 15.66
N TRP C 148 47.12 35.04 14.95
CA TRP C 148 46.47 36.34 15.21
C TRP C 148 44.95 36.34 15.03
N ARG C 149 44.35 35.21 14.70
CA ARG C 149 42.99 34.94 15.14
C ARG C 149 42.89 35.09 16.66
N ASN C 150 43.87 34.51 17.38
CA ASN C 150 44.02 34.75 18.81
C ASN C 150 44.47 36.18 19.08
N ARG C 151 45.65 36.53 18.59
CA ARG C 151 46.19 37.86 18.85
C ARG C 151 45.47 38.91 18.01
N VAL C 152 44.46 39.53 18.58
CA VAL C 152 43.99 40.80 18.04
C VAL C 152 44.70 41.94 18.74
N GLY C 153 45.27 41.69 19.92
CA GLY C 153 46.17 42.61 20.58
C GLY C 153 46.93 41.92 21.69
N ALA C 154 48.25 42.04 21.67
CA ALA C 154 49.08 41.44 22.70
C ALA C 154 50.38 42.23 22.78
N GLU C 155 51.15 41.94 23.83
CA GLU C 155 52.38 42.69 24.07
C GLU C 155 53.49 42.21 23.14
N ALA C 156 53.82 40.93 23.20
CA ALA C 156 54.93 40.39 22.44
C ALA C 156 54.55 39.04 21.86
N VAL C 157 54.96 38.81 20.61
CA VAL C 157 54.76 37.55 19.90
C VAL C 157 56.11 37.11 19.37
N GLU C 158 56.53 35.90 19.73
CA GLU C 158 57.80 35.35 19.29
C GLU C 158 57.57 34.02 18.59
N VAL C 159 58.08 33.89 17.37
CA VAL C 159 57.90 32.70 16.55
C VAL C 159 59.25 32.01 16.42
N ARG C 160 59.32 30.73 16.78
CA ARG C 160 60.55 29.97 16.66
C ARG C 160 60.33 28.82 15.68
N ILE C 161 61.19 28.73 14.67
CA ILE C 161 61.07 27.77 13.59
C ILE C 161 62.30 26.89 13.60
N ASN C 162 62.11 25.58 13.55
CA ASN C 162 63.22 24.65 13.54
C ASN C 162 63.17 23.78 12.29
N HIS C 163 64.32 23.54 11.69
CA HIS C 163 64.46 22.57 10.61
C HIS C 163 64.85 21.25 11.23
N ILE C 164 64.08 20.21 10.93
CA ILE C 164 64.35 18.87 11.45
C ILE C 164 64.80 17.99 10.30
N ARG C 165 66.05 17.51 10.39
CA ARG C 165 66.67 16.71 9.36
C ARG C 165 66.93 15.28 9.80
N GLN C 166 67.06 15.05 11.10
CA GLN C 166 67.25 13.75 11.74
C GLN C 166 66.52 13.83 13.07
N GLY C 167 66.90 13.00 14.03
CA GLY C 167 66.48 13.25 15.40
C GLY C 167 66.96 14.58 15.94
N GLU C 168 68.08 15.09 15.41
CA GLU C 168 68.65 16.37 15.82
C GLU C 168 67.92 17.53 15.15
N VAL C 169 68.46 18.73 15.31
CA VAL C 169 67.92 19.96 14.73
C VAL C 169 68.97 20.56 13.80
N ALA C 170 68.59 20.84 12.56
CA ALA C 170 69.54 21.37 11.59
C ALA C 170 69.84 22.84 11.84
N ARG C 171 68.83 23.70 11.74
CA ARG C 171 69.03 25.13 11.90
C ARG C 171 67.80 25.74 12.53
N ALA C 172 68.00 26.63 13.51
CA ALA C 172 66.93 27.25 14.27
C ALA C 172 66.84 28.73 13.92
N TRP C 173 65.62 29.21 13.70
CA TRP C 173 65.32 30.62 13.51
C TRP C 173 64.44 31.12 14.65
N ARG C 174 64.69 32.37 15.06
CA ARG C 174 63.89 33.01 16.10
C ARG C 174 63.48 34.39 15.59
N PHE C 175 62.20 34.56 15.31
CA PHE C 175 61.67 35.77 14.70
C PHE C 175 60.94 36.61 15.74
N ASP C 176 60.32 37.68 15.26
CA ASP C 176 59.55 38.58 16.10
C ASP C 176 58.45 39.16 15.23
N ALA C 177 57.22 38.72 15.45
CA ALA C 177 56.10 39.07 14.59
C ALA C 177 55.58 40.50 14.80
N LEU C 178 56.12 41.21 15.79
CA LEU C 178 55.69 42.59 16.01
C LEU C 178 56.19 43.51 14.92
N ALA C 179 57.47 43.40 14.57
CA ALA C 179 58.04 44.24 13.52
C ALA C 179 57.55 43.80 12.15
N ILE C 180 57.52 42.50 11.90
CA ILE C 180 57.07 41.96 10.62
C ILE C 180 55.57 42.10 10.54
N GLY C 181 55.09 43.08 9.77
CA GLY C 181 53.68 43.40 9.73
C GLY C 181 52.87 42.43 8.90
N LEU C 182 51.62 42.83 8.67
CA LEU C 182 50.70 42.05 7.85
C LEU C 182 50.83 42.39 6.36
N ARG C 183 50.68 43.67 6.03
CA ARG C 183 50.44 44.05 4.64
C ARG C 183 51.73 44.08 3.82
N ASP C 184 52.83 44.50 4.42
CA ASP C 184 54.07 44.70 3.69
C ASP C 184 54.85 43.41 3.57
N PHE C 185 55.54 43.25 2.44
CA PHE C 185 56.45 42.14 2.18
C PHE C 185 57.84 42.72 2.00
N LYS C 186 58.54 42.91 3.12
CA LYS C 186 59.88 43.49 3.13
C LYS C 186 60.92 42.40 3.28
N ALA C 187 62.02 42.54 2.56
CA ALA C 187 63.06 41.52 2.55
C ALA C 187 63.86 41.55 3.86
N ASP C 188 64.55 40.44 4.12
CA ASP C 188 65.41 40.28 5.27
C ASP C 188 66.35 39.12 4.97
N ALA C 189 67.48 39.08 5.69
CA ALA C 189 68.46 38.02 5.45
C ALA C 189 67.96 36.67 5.92
N GLU C 190 67.33 36.63 7.10
CA GLU C 190 66.85 35.37 7.64
C GLU C 190 65.65 34.84 6.87
N LEU C 191 64.77 35.74 6.42
CA LEU C 191 63.67 35.34 5.57
C LEU C 191 64.14 34.87 4.20
N ASP C 192 65.29 35.38 3.74
CA ASP C 192 65.84 34.86 2.50
C ASP C 192 66.48 33.49 2.72
N ALA C 193 67.01 33.24 3.92
CA ALA C 193 67.55 31.91 4.22
C ALA C 193 66.43 30.87 4.30
N LEU C 194 65.37 31.18 5.04
CA LEU C 194 64.26 30.24 5.17
C LEU C 194 63.46 30.14 3.87
N ALA C 195 63.45 31.21 3.08
CA ALA C 195 62.85 31.12 1.75
C ALA C 195 63.68 30.28 0.80
N GLU C 196 65.00 30.26 0.98
CA GLU C 196 65.81 29.29 0.23
C GLU C 196 65.56 27.87 0.70
N LEU C 197 65.22 27.68 1.97
CA LEU C 197 64.90 26.33 2.45
C LEU C 197 63.59 25.83 1.87
N ILE C 198 62.55 26.67 1.91
CA ILE C 198 61.25 26.26 1.36
C ILE C 198 61.31 26.12 -0.15
N ALA C 199 62.01 27.05 -0.82
CA ALA C 199 62.17 26.95 -2.27
C ALA C 199 63.00 25.74 -2.67
N SER C 200 63.95 25.35 -1.83
CA SER C 200 64.65 24.09 -2.06
C SER C 200 63.78 22.89 -1.76
N GLY C 201 62.73 23.06 -0.97
CA GLY C 201 61.82 21.97 -0.69
C GLY C 201 60.79 21.72 -1.77
N LEU C 202 60.20 22.79 -2.31
CA LEU C 202 59.17 22.65 -3.31
C LEU C 202 59.70 22.20 -4.66
N SER C 203 60.98 22.44 -4.94
CA SER C 203 61.55 22.02 -6.22
C SER C 203 61.91 20.55 -6.23
N GLY C 204 61.84 19.86 -5.10
CA GLY C 204 62.16 18.45 -5.05
C GLY C 204 63.61 18.15 -4.79
N SER C 205 64.39 19.12 -4.35
CA SER C 205 65.82 18.93 -4.13
C SER C 205 66.15 18.40 -2.75
N GLY C 206 65.14 18.07 -1.93
CA GLY C 206 65.41 17.56 -0.61
C GLY C 206 64.12 17.34 0.16
N HIS C 207 64.29 17.01 1.43
CA HIS C 207 63.18 16.77 2.34
C HIS C 207 63.14 17.85 3.39
N VAL C 208 61.98 18.50 3.55
CA VAL C 208 61.84 19.65 4.44
C VAL C 208 60.73 19.37 5.44
N LEU C 209 61.10 19.22 6.70
CA LEU C 209 60.17 19.11 7.82
C LEU C 209 60.49 20.22 8.82
N LEU C 210 59.51 21.06 9.09
CA LEU C 210 59.69 22.22 9.96
C LEU C 210 58.82 22.09 11.20
N GLU C 211 59.39 22.43 12.35
CA GLU C 211 58.65 22.51 13.61
C GLU C 211 58.46 23.97 13.97
N VAL C 212 57.21 24.40 14.07
CA VAL C 212 56.90 25.81 14.30
C VAL C 212 56.24 25.92 15.66
N VAL C 213 56.84 26.73 16.54
CA VAL C 213 56.21 27.07 17.80
C VAL C 213 56.02 28.59 17.85
N ALA C 214 55.03 29.02 18.61
CA ALA C 214 54.63 30.41 18.62
C ALA C 214 54.18 30.80 20.02
N PHE C 215 54.71 31.92 20.49
CA PHE C 215 54.52 32.42 21.86
C PHE C 215 53.79 33.75 21.79
N ALA C 216 52.63 33.82 22.45
CA ALA C 216 51.85 35.04 22.55
C ALA C 216 51.72 35.42 24.02
N ARG C 217 51.79 36.72 24.31
CA ARG C 217 51.70 37.20 25.69
C ARG C 217 50.42 38.03 25.78
N ILE C 218 49.31 37.37 26.09
CA ILE C 218 48.00 37.98 25.95
C ILE C 218 47.39 38.34 27.30
N GLY C 219 48.13 38.19 28.38
CA GLY C 219 47.61 38.58 29.68
C GLY C 219 47.28 37.37 30.55
N ASP C 220 47.18 37.64 31.85
CA ASP C 220 47.04 36.59 32.85
C ASP C 220 45.58 36.21 33.00
N GLY C 221 45.26 34.93 32.79
CA GLY C 221 43.91 34.46 32.99
C GLY C 221 42.93 34.84 31.91
N GLN C 222 43.40 35.30 30.75
CA GLN C 222 42.54 35.78 29.68
C GLN C 222 41.93 34.60 28.91
N GLU C 223 41.33 34.90 27.76
CA GLU C 223 40.64 33.89 26.97
C GLU C 223 41.38 33.61 25.68
N VAL C 224 41.67 32.33 25.43
CA VAL C 224 42.21 31.89 24.16
C VAL C 224 41.05 31.46 23.26
N PHE C 225 41.32 31.43 21.97
CA PHE C 225 40.32 31.14 20.94
C PHE C 225 40.74 29.91 20.16
N PRO C 226 40.39 28.71 20.60
CA PRO C 226 40.51 27.53 19.72
C PRO C 226 39.39 27.50 18.69
N SER C 227 39.43 28.46 17.77
CA SER C 227 38.22 28.96 17.11
C SER C 227 37.67 27.92 16.13
N GLN C 228 37.05 26.88 16.69
CA GLN C 228 36.57 25.74 15.94
C GLN C 228 35.23 25.34 16.52
N GLU C 229 34.25 25.04 15.66
CA GLU C 229 32.93 24.66 16.13
C GLU C 229 32.31 23.69 15.13
N LEU C 230 31.37 22.86 15.61
CA LEU C 230 30.21 22.37 14.83
C LEU C 230 29.18 21.68 15.73
N LYS C 243 27.60 26.10 21.47
CA LYS C 243 28.98 26.40 21.08
C LYS C 243 29.89 25.29 21.61
N THR C 244 30.41 24.48 20.71
CA THR C 244 31.40 23.48 21.07
C THR C 244 32.75 23.88 20.49
N LEU C 245 33.80 23.25 21.01
CA LEU C 245 35.16 23.56 20.60
C LEU C 245 35.91 22.27 20.31
N TYR C 246 36.74 22.31 19.27
CA TYR C 246 37.52 21.15 18.87
C TYR C 246 38.63 20.88 19.87
N SER C 247 38.90 19.59 20.07
CA SER C 247 39.95 19.19 20.99
C SER C 247 40.58 17.91 20.49
N VAL C 248 41.67 17.56 21.14
CA VAL C 248 42.37 16.30 21.03
C VAL C 248 42.27 15.75 22.45
N ARG C 249 43.08 14.76 22.80
CA ARG C 249 42.99 14.17 24.12
C ARG C 249 43.35 15.20 25.20
N ASP C 250 42.32 15.91 25.68
CA ASP C 250 42.39 16.89 26.76
C ASP C 250 43.34 18.06 26.43
N ALA C 251 43.12 18.68 25.28
CA ALA C 251 43.85 19.88 24.89
C ALA C 251 43.07 20.59 23.81
N ALA C 252 42.93 21.92 23.93
CA ALA C 252 42.30 22.70 22.89
C ALA C 252 43.24 22.80 21.69
N ALA C 253 42.66 22.84 20.49
CA ALA C 253 43.47 22.80 19.29
C ALA C 253 42.77 23.50 18.14
N ILE C 254 43.56 23.98 17.20
CA ILE C 254 43.10 24.58 15.96
C ILE C 254 43.18 23.51 14.88
N HIS C 255 42.19 23.48 13.98
CA HIS C 255 42.22 22.58 12.84
C HIS C 255 43.42 22.89 11.95
N SER C 256 43.82 21.89 11.17
CA SER C 256 44.89 22.12 10.21
C SER C 256 44.45 22.95 9.01
N GLN C 257 43.15 23.13 8.85
CA GLN C 257 42.61 23.89 7.73
C GLN C 257 42.77 25.39 7.92
N LYS C 258 42.67 25.88 9.16
CA LYS C 258 42.91 27.30 9.39
C LYS C 258 44.39 27.64 9.37
N ILE C 259 45.24 26.70 9.80
CA ILE C 259 46.68 26.89 9.67
C ILE C 259 47.07 26.92 8.19
N GLY C 260 46.55 25.97 7.42
CA GLY C 260 46.81 25.95 6.00
C GLY C 260 46.21 27.12 5.26
N ASN C 261 45.11 27.67 5.77
CA ASN C 261 44.58 28.91 5.19
C ASN C 261 45.47 30.09 5.52
N ALA C 262 46.05 30.10 6.72
CA ALA C 262 46.89 31.22 7.10
C ALA C 262 48.21 31.20 6.34
N LEU C 263 48.69 30.03 5.95
CA LEU C 263 49.94 29.96 5.20
C LEU C 263 49.79 30.20 3.70
N ARG C 264 48.61 30.56 3.21
CA ARG C 264 48.51 30.87 1.79
C ARG C 264 47.69 32.12 1.52
N THR C 265 47.75 33.10 2.42
CA THR C 265 47.22 34.43 2.12
C THR C 265 48.36 35.26 1.53
N ILE C 266 48.64 34.98 0.26
CA ILE C 266 49.72 35.64 -0.46
C ILE C 266 49.23 36.42 -1.66
N ASP C 267 47.92 36.43 -1.93
CA ASP C 267 47.38 36.96 -3.16
C ASP C 267 47.14 38.46 -3.00
N THR C 268 48.05 39.26 -3.53
CA THR C 268 47.80 40.69 -3.70
C THR C 268 47.53 41.05 -5.15
N TRP C 269 47.61 40.08 -6.04
CA TRP C 269 47.58 40.26 -7.50
C TRP C 269 46.19 40.06 -8.06
N TYR C 270 45.21 40.75 -7.50
CA TYR C 270 43.84 40.73 -7.99
C TYR C 270 43.54 42.18 -8.36
N PRO C 271 42.35 42.52 -8.98
CA PRO C 271 42.07 43.94 -9.26
C PRO C 271 42.09 44.83 -8.03
N ASP C 272 43.10 45.71 -7.99
CA ASP C 272 43.51 46.42 -6.79
C ASP C 272 42.78 47.73 -6.59
N GLU C 273 41.62 47.91 -7.21
CA GLU C 273 40.71 48.98 -6.78
C GLU C 273 40.17 48.70 -5.39
N ASP C 274 40.16 47.44 -4.97
CA ASP C 274 39.89 47.03 -3.60
C ASP C 274 41.07 46.19 -3.12
N GLY C 275 42.28 46.70 -3.34
CA GLY C 275 43.54 46.03 -3.00
C GLY C 275 43.65 45.55 -1.58
N LEU C 276 43.73 46.47 -0.61
CA LEU C 276 43.36 46.25 0.79
C LEU C 276 44.25 45.28 1.58
N GLY C 277 45.20 44.62 0.93
CA GLY C 277 46.00 43.61 1.57
C GLY C 277 45.81 42.24 0.96
N PRO C 278 46.60 41.27 1.40
CA PRO C 278 46.54 39.95 0.78
C PRO C 278 45.30 39.18 1.17
N ILE C 279 44.86 38.31 0.25
CA ILE C 279 43.79 37.36 0.50
C ILE C 279 44.31 35.96 0.21
N ALA C 280 43.50 34.96 0.53
CA ALA C 280 43.90 33.58 0.33
C ALA C 280 43.79 33.19 -1.14
N VAL C 281 44.52 32.15 -1.52
CA VAL C 281 44.57 31.71 -2.91
C VAL C 281 43.45 30.70 -3.14
N GLU C 282 42.46 31.09 -3.93
CA GLU C 282 41.35 30.25 -4.34
C GLU C 282 41.25 30.34 -5.85
N PRO C 283 40.58 29.38 -6.50
CA PRO C 283 40.34 29.54 -7.94
C PRO C 283 39.48 30.74 -8.27
N TYR C 284 38.30 30.82 -7.68
CA TYR C 284 37.49 32.03 -7.70
C TYR C 284 37.90 32.80 -6.46
N GLY C 285 38.52 33.96 -6.63
CA GLY C 285 39.20 34.60 -5.52
C GLY C 285 38.29 35.15 -4.45
N SER C 286 37.65 34.24 -3.71
CA SER C 286 36.52 34.55 -2.87
C SER C 286 36.93 34.65 -1.41
N VAL C 287 36.27 35.56 -0.69
CA VAL C 287 36.41 35.69 0.75
C VAL C 287 35.02 35.53 1.34
N THR C 288 34.87 34.58 2.26
CA THR C 288 33.56 34.25 2.80
C THR C 288 33.11 35.22 3.88
N SER C 289 34.05 35.72 4.69
CA SER C 289 33.69 36.68 5.73
C SER C 289 33.27 38.00 5.13
N GLN C 290 33.98 38.45 4.10
CA GLN C 290 33.51 39.59 3.32
C GLN C 290 32.28 39.24 2.48
N GLY C 291 32.06 37.96 2.21
CA GLY C 291 30.96 37.57 1.34
C GLY C 291 31.13 37.98 -0.09
N LYS C 292 32.38 38.17 -0.53
CA LYS C 292 32.65 38.78 -1.83
C LYS C 292 33.61 37.92 -2.61
N ALA C 293 33.27 37.65 -3.86
CA ALA C 293 34.09 36.82 -4.74
C ALA C 293 34.85 37.73 -5.68
N TYR C 294 36.09 38.04 -5.32
CA TYR C 294 37.05 38.64 -6.23
C TYR C 294 37.41 37.63 -7.32
N ARG C 295 38.02 38.13 -8.39
CA ARG C 295 38.37 37.35 -9.59
C ARG C 295 37.14 36.66 -10.18
N GLN C 296 36.21 37.47 -10.64
CA GLN C 296 35.00 36.95 -11.27
C GLN C 296 35.35 36.28 -12.61
N PRO C 297 34.59 35.25 -13.01
CA PRO C 297 34.79 34.67 -14.33
C PRO C 297 34.32 35.55 -15.47
N LYS C 298 33.55 36.61 -15.18
CA LYS C 298 33.25 37.61 -16.19
C LYS C 298 34.51 38.32 -16.63
N GLN C 299 35.35 38.71 -15.68
CA GLN C 299 36.72 39.10 -15.99
C GLN C 299 37.53 37.88 -16.36
N LYS C 300 38.69 38.12 -16.97
CA LYS C 300 39.58 37.03 -17.38
C LYS C 300 40.70 36.79 -16.39
N LEU C 301 40.46 37.05 -15.10
CA LEU C 301 41.45 36.81 -14.06
C LEU C 301 41.07 35.63 -13.17
N ASP C 302 40.31 34.69 -13.74
CA ASP C 302 39.97 33.42 -13.11
C ASP C 302 41.16 32.47 -13.18
N PHE C 303 41.15 31.44 -12.34
CA PHE C 303 42.18 30.40 -12.44
C PHE C 303 41.94 29.52 -13.66
N TYR C 304 40.68 29.19 -13.95
CA TYR C 304 40.37 28.26 -15.01
C TYR C 304 40.65 28.86 -16.38
N THR C 305 40.36 30.15 -16.55
CA THR C 305 40.57 30.79 -17.84
C THR C 305 42.05 31.02 -18.10
N LEU C 306 42.83 31.35 -17.06
CA LEU C 306 44.26 31.52 -17.24
C LEU C 306 44.96 30.18 -17.49
N LEU C 307 44.49 29.12 -16.82
CA LEU C 307 45.09 27.80 -17.04
C LEU C 307 44.76 27.28 -18.43
N ASP C 308 43.54 27.51 -18.89
CA ASP C 308 43.17 27.09 -20.24
C ASP C 308 43.91 27.92 -21.30
N ASN C 309 44.03 29.23 -21.09
CA ASN C 309 44.69 30.06 -22.07
C ASN C 309 46.20 29.91 -22.07
N TRP C 310 46.77 29.36 -21.00
CA TRP C 310 48.21 29.22 -20.93
C TRP C 310 48.70 27.79 -21.18
N VAL C 311 47.85 26.80 -21.02
CA VAL C 311 48.23 25.44 -21.41
C VAL C 311 47.84 25.15 -22.85
N LEU C 312 46.57 25.36 -23.19
CA LEU C 312 46.08 24.96 -24.51
C LEU C 312 46.49 25.96 -25.58
N ARG C 313 46.05 27.20 -25.46
CA ARG C 313 46.17 28.19 -26.50
C ARG C 313 47.52 28.92 -26.51
N ASP C 314 48.42 28.55 -25.59
CA ASP C 314 49.80 29.05 -25.52
C ASP C 314 49.89 30.56 -25.30
N GLU C 315 48.86 31.16 -24.71
CA GLU C 315 48.85 32.60 -24.43
C GLU C 315 49.34 32.79 -23.01
N ALA C 316 50.62 33.13 -22.86
CA ALA C 316 51.19 33.27 -21.53
C ALA C 316 50.72 34.56 -20.88
N PRO C 317 50.17 34.51 -19.67
CA PRO C 317 49.72 35.73 -19.01
C PRO C 317 50.88 36.55 -18.45
N ALA C 318 50.56 37.60 -17.69
CA ALA C 318 51.57 38.36 -16.99
C ALA C 318 52.25 37.49 -15.93
N VAL C 319 53.41 37.96 -15.46
CA VAL C 319 54.28 37.10 -14.65
C VAL C 319 53.68 36.86 -13.27
N GLU C 320 52.99 37.87 -12.71
CA GLU C 320 52.36 37.70 -11.41
C GLU C 320 51.14 36.79 -11.50
N GLN C 321 50.46 36.77 -12.64
CA GLN C 321 49.38 35.81 -12.81
C GLN C 321 49.92 34.40 -12.94
N GLN C 322 51.14 34.25 -13.46
CA GLN C 322 51.79 32.96 -13.46
C GLN C 322 52.13 32.52 -12.05
N HIS C 323 52.53 33.47 -11.19
CA HIS C 323 52.69 33.17 -9.77
C HIS C 323 51.37 32.73 -9.15
N TYR C 324 50.26 33.34 -9.58
CA TYR C 324 48.95 32.95 -9.05
C TYR C 324 48.57 31.54 -9.46
N VAL C 325 48.80 31.18 -10.72
CA VAL C 325 48.40 29.86 -11.20
C VAL C 325 49.27 28.77 -10.58
N ILE C 326 50.59 28.99 -10.51
CA ILE C 326 51.47 27.98 -9.92
C ILE C 326 51.21 27.87 -8.42
N ALA C 327 50.90 28.98 -7.75
CA ALA C 327 50.52 28.93 -6.35
C ALA C 327 49.23 28.15 -6.16
N ASN C 328 48.31 28.27 -7.11
CA ASN C 328 47.06 27.53 -7.02
C ASN C 328 47.23 26.07 -7.42
N LEU C 329 48.35 25.70 -8.05
CA LEU C 329 48.66 24.27 -8.17
C LEU C 329 49.35 23.73 -6.94
N ILE C 330 50.09 24.57 -6.21
CA ILE C 330 50.65 24.14 -4.94
C ILE C 330 49.54 23.96 -3.90
N ARG C 331 48.44 24.73 -4.03
CA ARG C 331 47.26 24.48 -3.20
C ARG C 331 46.66 23.11 -3.46
N GLY C 332 46.51 22.74 -4.73
CA GLY C 332 45.89 21.49 -5.09
C GLY C 332 44.36 21.59 -5.07
N GLY C 333 43.73 20.63 -5.72
CA GLY C 333 42.28 20.63 -5.76
C GLY C 333 41.75 19.57 -6.71
N VAL C 334 40.46 19.68 -6.99
CA VAL C 334 39.74 18.81 -7.91
C VAL C 334 39.34 19.65 -9.11
N PHE C 335 40.01 19.42 -10.24
CA PHE C 335 39.83 20.22 -11.43
C PHE C 335 39.28 19.31 -12.52
N GLY C 336 39.04 19.88 -13.70
CA GLY C 336 38.63 19.04 -14.81
C GLY C 336 37.42 19.53 -15.56
N GLU C 337 36.37 18.72 -15.64
CA GLU C 337 35.13 19.12 -16.27
C GLU C 337 33.91 18.71 -15.45
N LEU D 5 38.18 -29.14 -29.78
CA LEU D 5 38.56 -28.52 -28.51
C LEU D 5 38.03 -27.09 -28.43
N SER D 6 36.75 -26.96 -28.11
CA SER D 6 36.20 -25.64 -27.85
C SER D 6 36.61 -25.17 -26.46
N THR D 7 36.49 -23.86 -26.25
CA THR D 7 36.79 -23.27 -24.96
C THR D 7 35.72 -23.67 -23.95
N ALA D 8 36.15 -24.07 -22.75
CA ALA D 8 35.20 -24.41 -21.70
C ALA D 8 34.44 -23.17 -21.26
N SER D 9 33.15 -23.34 -21.04
CA SER D 9 32.28 -22.19 -20.78
C SER D 9 32.38 -21.66 -19.36
N VAL D 10 32.87 -22.47 -18.42
CA VAL D 10 33.02 -22.07 -17.03
C VAL D 10 34.46 -22.30 -16.62
N LEU D 11 35.15 -21.23 -16.24
CA LEU D 11 36.45 -21.36 -15.59
C LEU D 11 36.51 -20.49 -14.36
N ALA D 12 37.27 -20.93 -13.37
CA ALA D 12 37.37 -20.19 -12.11
C ALA D 12 38.67 -20.56 -11.44
N PHE D 13 39.54 -19.58 -11.25
CA PHE D 13 40.80 -19.78 -10.56
C PHE D 13 40.78 -18.98 -9.27
N GLU D 14 41.15 -19.62 -8.17
CA GLU D 14 41.26 -18.91 -6.91
C GLU D 14 42.69 -18.41 -6.74
N ARG D 15 42.84 -17.32 -5.99
CA ARG D 15 44.11 -16.63 -5.93
C ARG D 15 45.10 -17.38 -5.06
N LYS D 16 46.38 -17.17 -5.34
CA LYS D 16 47.44 -17.93 -4.68
C LYS D 16 48.33 -17.08 -3.80
N LEU D 17 48.23 -15.76 -3.88
CA LEU D 17 48.87 -14.85 -2.93
C LEU D 17 47.77 -14.25 -2.08
N ASP D 18 47.78 -14.56 -0.79
CA ASP D 18 46.65 -14.22 0.09
C ASP D 18 47.14 -13.28 1.18
N PRO D 19 46.90 -11.97 1.05
CA PRO D 19 47.25 -11.04 2.13
C PRO D 19 46.15 -10.88 3.15
N SER D 20 46.33 -9.96 4.09
CA SER D 20 45.31 -9.64 5.09
C SER D 20 45.27 -8.13 5.26
N ASP D 21 44.59 -7.67 6.30
CA ASP D 21 44.47 -6.25 6.56
C ASP D 21 45.77 -5.72 7.17
N ALA D 22 45.90 -4.38 7.20
CA ALA D 22 47.21 -3.79 7.43
C ALA D 22 47.46 -3.28 8.85
N LEU D 23 46.43 -2.80 9.56
CA LEU D 23 46.45 -2.61 11.01
C LEU D 23 47.53 -1.61 11.46
N MET D 24 47.33 -0.35 11.09
CA MET D 24 48.35 0.66 11.35
C MET D 24 48.44 1.01 12.83
N SER D 25 49.66 1.24 13.30
CA SER D 25 49.92 1.70 14.66
C SER D 25 51.02 2.75 14.59
N ALA D 26 51.29 3.40 15.71
CA ALA D 26 52.20 4.54 15.70
C ALA D 26 53.15 4.51 16.89
N GLY D 27 54.30 5.12 16.71
CA GLY D 27 55.29 5.19 17.77
C GLY D 27 56.46 6.06 17.39
N ALA D 28 57.55 5.90 18.13
CA ALA D 28 58.75 6.70 17.93
C ALA D 28 59.83 5.88 17.25
N TRP D 29 60.59 6.54 16.37
CA TRP D 29 61.74 5.91 15.73
C TRP D 29 62.82 5.63 16.78
N ALA D 30 63.67 4.65 16.47
CA ALA D 30 64.68 3.98 17.32
C ALA D 30 64.06 3.18 18.45
N GLN D 31 62.74 3.11 18.55
CA GLN D 31 62.04 2.10 19.34
C GLN D 31 61.49 1.00 18.46
N ARG D 32 62.09 0.81 17.29
CA ARG D 32 61.61 -0.17 16.32
C ARG D 32 61.75 -1.59 16.83
N ASP D 33 62.74 -1.85 17.66
CA ASP D 33 62.99 -3.22 18.13
C ASP D 33 61.99 -3.67 19.17
N ALA D 34 61.34 -2.74 19.87
CA ALA D 34 60.35 -3.05 20.89
C ALA D 34 58.96 -2.57 20.46
N SER D 35 58.63 -2.75 19.19
CA SER D 35 57.41 -2.22 18.62
C SER D 35 56.22 -3.17 18.76
N GLN D 36 56.27 -4.10 19.70
CA GLN D 36 55.16 -5.02 19.89
C GLN D 36 54.03 -4.45 20.71
N GLU D 37 54.23 -3.29 21.35
CA GLU D 37 53.26 -2.74 22.28
C GLU D 37 52.83 -1.33 21.90
N TRP D 38 53.02 -0.93 20.65
CA TRP D 38 52.65 0.42 20.25
C TRP D 38 51.13 0.56 20.18
N PRO D 39 50.60 1.71 20.56
CA PRO D 39 49.14 1.91 20.46
C PRO D 39 48.72 2.13 19.02
N ALA D 40 47.43 1.93 18.77
CA ALA D 40 46.92 1.98 17.42
C ALA D 40 46.58 3.41 17.02
N VAL D 41 46.49 3.63 15.72
CA VAL D 41 46.05 4.90 15.17
C VAL D 41 44.54 4.87 15.04
N THR D 42 43.86 5.79 15.70
CA THR D 42 42.41 5.82 15.69
C THR D 42 41.89 6.80 14.65
N VAL D 43 40.66 6.57 14.23
CA VAL D 43 39.99 7.40 13.23
C VAL D 43 38.98 8.27 13.97
N ARG D 44 39.09 9.58 13.79
CA ARG D 44 38.25 10.51 14.52
C ARG D 44 37.66 11.53 13.56
N GLU D 45 36.65 12.25 14.02
CA GLU D 45 35.91 13.19 13.18
C GLU D 45 36.44 14.60 13.34
N LYS D 46 36.19 15.41 12.30
CA LYS D 46 36.44 16.84 12.35
C LYS D 46 35.51 17.49 11.33
N SER D 47 35.28 18.78 11.51
CA SER D 47 34.39 19.51 10.62
C SER D 47 35.19 20.39 9.68
N VAL D 48 34.51 20.82 8.62
CA VAL D 48 35.16 21.61 7.59
C VAL D 48 34.10 22.44 6.87
N ARG D 49 34.43 23.65 6.47
CA ARG D 49 33.50 24.46 5.68
C ARG D 49 34.22 24.86 4.40
N GLY D 50 33.87 24.19 3.31
CA GLY D 50 34.54 24.40 2.02
C GLY D 50 33.68 25.25 1.11
N THR D 51 34.32 26.24 0.49
CA THR D 51 33.65 27.13 -0.43
C THR D 51 33.50 26.48 -1.80
N ILE D 52 32.81 27.18 -2.70
CA ILE D 52 32.55 26.66 -4.04
C ILE D 52 33.79 26.84 -4.89
N SER D 53 34.30 25.75 -5.44
CA SER D 53 35.38 25.79 -6.41
C SER D 53 35.05 24.97 -7.65
N ASN D 54 33.77 24.67 -7.86
CA ASN D 54 33.34 23.90 -9.02
C ASN D 54 33.52 24.71 -10.29
N ARG D 55 33.80 24.01 -11.38
CA ARG D 55 34.08 24.67 -12.65
C ARG D 55 32.75 25.11 -13.28
N LEU D 56 32.47 26.40 -13.18
CA LEU D 56 31.25 26.96 -13.73
C LEU D 56 31.31 26.96 -15.25
N LYS D 57 30.16 26.70 -15.87
CA LYS D 57 30.08 26.58 -17.32
C LYS D 57 30.05 27.96 -17.97
N THR D 58 29.82 28.01 -19.28
CA THR D 58 29.52 29.28 -19.92
C THR D 58 28.10 29.72 -19.61
N LYS D 59 27.19 28.76 -19.47
CA LYS D 59 25.84 29.07 -19.02
C LYS D 59 25.85 29.45 -17.55
N ASP D 60 25.01 30.42 -17.20
CA ASP D 60 24.74 30.85 -15.82
C ASP D 60 25.98 31.43 -15.15
N ARG D 61 26.62 32.37 -15.83
CA ARG D 61 27.67 33.19 -15.24
C ARG D 61 27.09 34.54 -14.80
N ASP D 62 26.08 34.44 -13.96
CA ASP D 62 25.43 35.60 -13.36
C ASP D 62 26.24 36.04 -12.16
N PRO D 63 25.82 37.12 -11.47
CA PRO D 63 26.20 37.28 -10.07
C PRO D 63 25.42 36.42 -9.09
N ALA D 64 24.65 35.42 -9.58
CA ALA D 64 24.04 34.43 -8.71
C ALA D 64 25.08 33.51 -8.07
N LYS D 65 26.27 33.41 -8.65
CA LYS D 65 27.36 32.69 -8.01
C LYS D 65 28.11 33.58 -7.02
N LEU D 66 28.15 34.89 -7.27
CA LEU D 66 28.54 35.83 -6.24
C LEU D 66 27.58 35.76 -5.05
N ASP D 67 26.29 35.65 -5.33
CA ASP D 67 25.30 35.46 -4.29
C ASP D 67 25.41 34.06 -3.68
N ALA D 68 25.93 33.09 -4.43
CA ALA D 68 26.21 31.78 -3.85
C ALA D 68 27.39 31.84 -2.88
N SER D 69 28.37 32.69 -3.16
CA SER D 69 29.42 32.92 -2.18
C SER D 69 28.90 33.70 -0.98
N ILE D 70 27.88 34.55 -1.18
CA ILE D 70 27.21 35.19 -0.05
C ILE D 70 26.48 34.14 0.78
N GLN D 71 25.75 33.24 0.13
CA GLN D 71 25.00 32.21 0.83
C GLN D 71 25.95 31.13 1.33
N SER D 72 25.39 30.15 2.03
CA SER D 72 26.19 29.21 2.80
C SER D 72 26.89 28.21 1.89
N PRO D 73 28.21 28.04 2.03
CA PRO D 73 28.93 27.05 1.23
C PRO D 73 28.79 25.64 1.80
N ASN D 74 29.59 24.71 1.29
CA ASN D 74 29.60 23.35 1.81
C ASN D 74 30.06 23.34 3.27
N LEU D 75 29.37 22.54 4.08
CA LEU D 75 29.64 22.44 5.52
C LEU D 75 29.64 20.96 5.86
N GLN D 76 30.83 20.38 6.02
CA GLN D 76 30.97 18.94 5.97
C GLN D 76 31.57 18.44 7.27
N THR D 77 31.56 17.12 7.44
CA THR D 77 32.08 16.48 8.66
C THR D 77 32.89 15.26 8.21
N VAL D 78 34.19 15.45 8.02
CA VAL D 78 35.02 14.41 7.46
C VAL D 78 35.70 13.64 8.58
N ASP D 79 36.25 12.48 8.25
CA ASP D 79 37.09 11.72 9.15
C ASP D 79 38.56 12.02 8.86
N VAL D 80 39.39 11.72 9.85
CA VAL D 80 40.81 12.01 9.77
C VAL D 80 41.53 11.04 10.70
N ALA D 81 42.76 10.71 10.34
CA ALA D 81 43.62 9.85 11.16
C ALA D 81 44.99 10.51 11.21
N ASN D 82 45.41 10.91 12.40
CA ASN D 82 46.71 11.53 12.59
C ASN D 82 47.51 10.71 13.60
N LEU D 83 48.83 10.87 13.54
CA LEU D 83 49.68 10.28 14.55
C LEU D 83 49.49 11.04 15.86
N PRO D 84 49.87 10.43 16.99
CA PRO D 84 49.92 11.21 18.23
C PRO D 84 50.98 12.29 18.17
N SER D 85 50.87 13.25 19.08
CA SER D 85 51.68 14.46 19.02
C SER D 85 53.14 14.24 19.40
N ASP D 86 53.48 13.06 19.91
CA ASP D 86 54.85 12.74 20.29
C ASP D 86 55.30 11.43 19.67
N ALA D 87 54.95 11.21 18.40
CA ALA D 87 55.32 10.00 17.69
C ALA D 87 55.51 10.35 16.22
N ASP D 88 56.57 9.82 15.61
CA ASP D 88 56.89 10.16 14.23
C ASP D 88 57.16 8.92 13.38
N THR D 89 56.53 7.80 13.70
CA THR D 89 56.78 6.56 12.98
C THR D 89 55.49 5.77 12.85
N LEU D 90 55.16 5.42 11.61
CA LEU D 90 54.02 4.60 11.28
C LEU D 90 54.46 3.15 11.11
N LYS D 91 53.69 2.24 11.70
CA LYS D 91 53.93 0.80 11.61
C LYS D 91 52.75 0.13 10.92
N VAL D 92 53.05 -0.67 9.90
CA VAL D 92 52.04 -1.41 9.14
C VAL D 92 52.42 -2.87 9.16
N ARG D 93 51.53 -3.72 9.69
CA ARG D 93 51.81 -5.14 9.87
C ARG D 93 50.72 -5.97 9.21
N PHE D 94 51.09 -6.77 8.21
CA PHE D 94 50.15 -7.72 7.64
C PHE D 94 50.86 -9.05 7.45
N THR D 95 50.08 -10.08 7.14
CA THR D 95 50.62 -11.41 6.87
C THR D 95 50.33 -11.80 5.44
N LEU D 96 50.93 -12.89 4.99
CA LEU D 96 50.82 -13.28 3.60
C LEU D 96 51.01 -14.78 3.48
N ARG D 97 50.00 -15.48 2.95
CA ARG D 97 50.15 -16.88 2.61
C ARG D 97 50.47 -17.01 1.14
N VAL D 98 51.45 -17.86 0.83
CA VAL D 98 51.80 -18.16 -0.55
C VAL D 98 51.32 -19.58 -0.81
N LEU D 99 50.21 -19.71 -1.52
CA LEU D 99 49.60 -21.01 -1.76
C LEU D 99 50.14 -21.62 -3.02
N GLY D 100 50.36 -22.94 -2.98
CA GLY D 100 50.89 -23.65 -4.13
C GLY D 100 49.79 -24.23 -5.01
N GLY D 101 50.22 -24.82 -6.12
CA GLY D 101 49.30 -25.46 -7.02
C GLY D 101 48.59 -24.52 -7.96
N ALA D 102 49.31 -23.59 -8.57
CA ALA D 102 48.71 -22.67 -9.54
C ALA D 102 48.44 -23.40 -10.84
N GLY D 103 47.47 -22.88 -11.59
CA GLY D 103 47.10 -23.45 -12.87
C GLY D 103 45.97 -24.44 -12.83
N THR D 104 45.72 -25.08 -11.69
CA THR D 104 44.62 -26.02 -11.58
C THR D 104 43.34 -25.27 -11.26
N PRO D 105 42.33 -25.29 -12.12
CA PRO D 105 41.11 -24.53 -11.86
C PRO D 105 40.26 -25.19 -10.79
N SER D 106 39.30 -24.43 -10.28
CA SER D 106 38.35 -24.94 -9.30
C SER D 106 37.02 -25.32 -9.91
N ALA D 107 36.76 -24.93 -11.15
CA ALA D 107 35.50 -25.26 -11.82
C ALA D 107 35.75 -25.25 -13.32
N CYS D 108 35.38 -26.34 -13.99
CA CYS D 108 35.59 -26.45 -15.43
C CYS D 108 34.61 -27.46 -16.00
N ASN D 109 34.01 -27.12 -17.16
CA ASN D 109 33.09 -28.03 -17.81
C ASN D 109 33.83 -29.20 -18.45
N ASP D 110 34.69 -28.90 -19.41
CA ASP D 110 35.35 -29.92 -20.21
C ASP D 110 36.43 -30.63 -19.39
N ALA D 111 36.64 -31.89 -19.71
CA ALA D 111 37.75 -32.64 -19.14
C ALA D 111 38.97 -32.65 -20.04
N ALA D 112 38.78 -32.51 -21.36
CA ALA D 112 39.92 -32.45 -22.27
C ALA D 112 40.60 -31.10 -22.20
N TYR D 113 39.81 -30.03 -22.05
CA TYR D 113 40.37 -28.69 -21.97
C TYR D 113 41.16 -28.49 -20.69
N ARG D 114 40.73 -29.12 -19.61
CA ARG D 114 41.47 -29.04 -18.35
C ARG D 114 42.78 -29.80 -18.43
N ASP D 115 42.78 -30.96 -19.09
CA ASP D 115 44.01 -31.74 -19.22
C ASP D 115 44.99 -31.05 -20.14
N LYS D 116 44.49 -30.43 -21.22
CA LYS D 116 45.36 -29.65 -22.09
C LYS D 116 45.93 -28.44 -21.37
N LEU D 117 45.13 -27.82 -20.50
CA LEU D 117 45.60 -26.68 -19.72
C LEU D 117 46.69 -27.10 -18.73
N LEU D 118 46.51 -28.24 -18.07
CA LEU D 118 47.51 -28.70 -17.12
C LEU D 118 48.79 -29.16 -17.82
N GLN D 119 48.68 -29.69 -19.04
CA GLN D 119 49.89 -29.99 -19.80
C GLN D 119 50.61 -28.72 -20.24
N THR D 120 49.86 -27.66 -20.52
CA THR D 120 50.48 -26.40 -20.90
C THR D 120 51.22 -25.76 -19.72
N VAL D 121 50.56 -25.71 -18.55
CA VAL D 121 51.18 -25.09 -17.38
C VAL D 121 52.34 -25.93 -16.87
N ALA D 122 52.20 -27.26 -16.90
CA ALA D 122 53.30 -28.14 -16.50
C ALA D 122 54.47 -28.06 -17.49
N THR D 123 54.16 -27.82 -18.77
CA THR D 123 55.22 -27.56 -19.74
C THR D 123 55.94 -26.25 -19.43
N TYR D 124 55.20 -25.22 -19.02
CA TYR D 124 55.81 -23.94 -18.65
C TYR D 124 56.73 -24.10 -17.45
N VAL D 125 56.26 -24.78 -16.41
CA VAL D 125 57.05 -24.93 -15.18
C VAL D 125 58.26 -25.82 -15.42
N ASN D 126 58.11 -26.84 -16.27
CA ASN D 126 59.26 -27.69 -16.56
C ASN D 126 60.28 -27.01 -17.45
N ASP D 127 59.84 -26.10 -18.32
CA ASP D 127 60.80 -25.37 -19.13
C ASP D 127 61.55 -24.33 -18.32
N GLN D 128 60.85 -23.62 -17.43
CA GLN D 128 61.47 -22.61 -16.59
C GLN D 128 60.66 -22.47 -15.32
N GLY D 129 61.34 -22.15 -14.23
CA GLY D 129 60.71 -22.11 -12.93
C GLY D 129 59.86 -20.87 -12.72
N PHE D 130 59.50 -20.66 -11.46
CA PHE D 130 58.81 -19.46 -11.01
C PHE D 130 59.77 -18.39 -10.53
N ALA D 131 61.00 -18.36 -11.05
CA ALA D 131 62.01 -17.47 -10.51
C ALA D 131 61.77 -16.01 -10.88
N GLU D 132 61.24 -15.75 -12.09
CA GLU D 132 61.02 -14.38 -12.52
C GLU D 132 59.90 -13.72 -11.73
N LEU D 133 58.76 -14.42 -11.60
CA LEU D 133 57.61 -13.86 -10.92
C LEU D 133 57.86 -13.72 -9.43
N ALA D 134 58.57 -14.68 -8.83
CA ALA D 134 58.92 -14.55 -7.42
C ALA D 134 59.98 -13.49 -7.21
N ARG D 135 60.81 -13.23 -8.22
CA ARG D 135 61.78 -12.14 -8.11
C ARG D 135 61.08 -10.79 -8.11
N ARG D 136 60.08 -10.61 -8.97
CA ARG D 136 59.38 -9.33 -9.00
C ARG D 136 58.46 -9.16 -7.81
N TYR D 137 57.84 -10.25 -7.34
CA TYR D 137 57.05 -10.19 -6.11
C TYR D 137 57.94 -9.88 -4.91
N ALA D 138 59.18 -10.38 -4.94
CA ALA D 138 60.13 -10.05 -3.89
C ALA D 138 60.52 -8.58 -3.93
N HIS D 139 60.59 -7.98 -5.13
CA HIS D 139 60.85 -6.55 -5.20
C HIS D 139 59.67 -5.74 -4.68
N ASN D 140 58.43 -6.16 -4.96
CA ASN D 140 57.30 -5.39 -4.46
C ASN D 140 57.09 -5.59 -2.97
N LEU D 141 57.58 -6.69 -2.40
CA LEU D 141 57.63 -6.74 -0.95
C LEU D 141 58.80 -5.96 -0.38
N ALA D 142 59.84 -5.72 -1.17
CA ALA D 142 61.01 -5.03 -0.64
C ALA D 142 60.82 -3.52 -0.62
N ASN D 143 60.41 -2.93 -1.75
CA ASN D 143 60.42 -1.47 -1.86
C ASN D 143 59.20 -0.79 -1.24
N ALA D 144 58.28 -1.57 -0.67
CA ALA D 144 57.08 -1.11 0.03
C ALA D 144 56.19 -0.27 -0.87
N ARG D 145 55.66 -0.93 -1.91
CA ARG D 145 54.55 -0.34 -2.67
C ARG D 145 53.34 -0.13 -1.79
N PHE D 146 53.07 -1.08 -0.89
CA PHE D 146 51.87 -1.07 -0.07
C PHE D 146 51.84 0.09 0.91
N LEU D 147 53.01 0.54 1.37
CA LEU D 147 53.04 1.79 2.14
C LEU D 147 52.73 2.98 1.26
N TRP D 148 53.54 3.20 0.20
CA TRP D 148 53.85 4.51 -0.39
C TRP D 148 52.64 5.23 -0.99
N ARG D 149 51.45 4.66 -0.89
CA ARG D 149 50.24 5.46 -0.81
C ARG D 149 50.37 6.45 0.34
N ASN D 150 50.82 5.95 1.51
CA ASN D 150 51.18 6.82 2.62
C ASN D 150 52.43 7.63 2.31
N ARG D 151 53.55 6.95 2.08
CA ARG D 151 54.81 7.65 1.83
C ARG D 151 54.82 8.23 0.43
N VAL D 152 54.45 9.50 0.30
CA VAL D 152 54.82 10.24 -0.89
C VAL D 152 56.12 10.98 -0.63
N GLY D 153 56.49 11.16 0.63
CA GLY D 153 57.80 11.63 1.00
C GLY D 153 58.05 11.40 2.47
N ALA D 154 59.18 10.75 2.80
CA ALA D 154 59.53 10.49 4.18
C ALA D 154 61.04 10.33 4.26
N GLU D 155 61.55 10.32 5.50
CA GLU D 155 62.99 10.26 5.70
C GLU D 155 63.51 8.85 5.50
N ALA D 156 62.98 7.89 6.24
CA ALA D 156 63.48 6.53 6.19
C ALA D 156 62.31 5.54 6.24
N VAL D 157 62.42 4.50 5.44
CA VAL D 157 61.45 3.41 5.38
C VAL D 157 62.20 2.11 5.55
N GLU D 158 61.82 1.32 6.55
CA GLU D 158 62.46 0.03 6.82
C GLU D 158 61.41 -1.07 6.79
N VAL D 159 61.65 -2.10 6.00
CA VAL D 159 60.72 -3.22 5.83
C VAL D 159 61.36 -4.46 6.44
N ARG D 160 60.66 -5.10 7.36
CA ARG D 160 61.15 -6.32 7.99
C ARG D 160 60.21 -7.47 7.66
N ILE D 161 60.78 -8.55 7.12
CA ILE D 161 60.01 -9.69 6.64
C ILE D 161 60.45 -10.91 7.43
N ASN D 162 59.50 -11.67 7.96
CA ASN D 162 59.79 -12.86 8.72
C ASN D 162 59.14 -14.07 8.08
N HIS D 163 59.87 -15.17 8.03
CA HIS D 163 59.31 -16.46 7.63
C HIS D 163 58.85 -17.18 8.88
N ILE D 164 57.59 -17.59 8.91
CA ILE D 164 57.01 -18.29 10.04
C ILE D 164 56.76 -19.74 9.65
N ARG D 165 57.45 -20.65 10.32
CA ARG D 165 57.38 -22.08 10.03
C ARG D 165 56.73 -22.88 11.15
N GLN D 166 56.79 -22.36 12.38
CA GLN D 166 56.20 -22.94 13.58
C GLN D 166 55.75 -21.76 14.42
N GLY D 167 55.61 -21.96 15.73
CA GLY D 167 55.53 -20.82 16.62
C GLY D 167 56.77 -19.93 16.57
N GLU D 168 57.92 -20.50 16.23
CA GLU D 168 59.17 -19.77 16.14
C GLU D 168 59.26 -19.02 14.81
N VAL D 169 60.44 -18.46 14.53
CA VAL D 169 60.71 -17.71 13.31
C VAL D 169 61.85 -18.41 12.57
N ALA D 170 61.63 -18.71 11.30
CA ALA D 170 62.64 -19.43 10.52
C ALA D 170 63.80 -18.52 10.13
N ARG D 171 63.53 -17.49 9.33
CA ARG D 171 64.57 -16.60 8.85
C ARG D 171 64.01 -15.18 8.71
N ALA D 172 64.77 -14.20 9.17
CA ALA D 172 64.36 -12.80 9.18
C ALA D 172 65.18 -12.00 8.18
N TRP D 173 64.49 -11.17 7.40
CA TRP D 173 65.10 -10.22 6.48
C TRP D 173 64.79 -8.80 6.93
N ARG D 174 65.77 -7.91 6.75
CA ARG D 174 65.61 -6.49 7.08
C ARG D 174 66.09 -5.69 5.88
N PHE D 175 65.17 -5.04 5.19
CA PHE D 175 65.45 -4.33 3.96
C PHE D 175 65.47 -2.83 4.20
N ASP D 176 65.59 -2.08 3.12
CA ASP D 176 65.59 -0.62 3.17
C ASP D 176 65.02 -0.14 1.83
N ALA D 177 63.79 0.37 1.86
CA ALA D 177 63.08 0.72 0.64
C ALA D 177 63.55 2.01 0.00
N LEU D 178 64.48 2.73 0.64
CA LEU D 178 64.99 3.95 0.05
C LEU D 178 65.88 3.66 -1.15
N ALA D 179 66.80 2.70 -1.01
CA ALA D 179 67.69 2.35 -2.10
C ALA D 179 66.95 1.58 -3.18
N ILE D 180 66.10 0.63 -2.78
CA ILE D 180 65.34 -0.18 -3.72
C ILE D 180 64.22 0.68 -4.30
N GLY D 181 64.39 1.12 -5.54
CA GLY D 181 63.48 2.07 -6.13
C GLY D 181 62.20 1.43 -6.63
N LEU D 182 61.43 2.22 -7.37
CA LEU D 182 60.18 1.78 -7.96
C LEU D 182 60.38 1.10 -9.30
N ARG D 183 61.03 1.79 -10.23
CA ARG D 183 60.99 1.40 -11.63
C ARG D 183 61.96 0.28 -11.95
N ASP D 184 63.13 0.28 -11.32
CA ASP D 184 64.17 -0.67 -11.66
C ASP D 184 63.99 -1.98 -10.91
N PHE D 185 64.37 -3.07 -11.58
CA PHE D 185 64.38 -4.41 -11.00
C PHE D 185 65.82 -4.88 -11.00
N LYS D 186 66.56 -4.53 -9.96
CA LYS D 186 67.97 -4.88 -9.83
C LYS D 186 68.13 -6.05 -8.88
N ALA D 187 69.05 -6.95 -9.23
CA ALA D 187 69.24 -8.15 -8.43
C ALA D 187 69.97 -7.84 -7.13
N ASP D 188 69.86 -8.78 -6.19
CA ASP D 188 70.52 -8.70 -4.90
C ASP D 188 70.53 -10.11 -4.32
N ALA D 189 71.45 -10.36 -3.37
CA ALA D 189 71.57 -11.69 -2.78
C ALA D 189 70.36 -12.01 -1.91
N GLU D 190 69.92 -11.04 -1.09
CA GLU D 190 68.81 -11.28 -0.17
C GLU D 190 67.50 -11.40 -0.92
N LEU D 191 67.32 -10.60 -1.99
CA LEU D 191 66.14 -10.73 -2.82
C LEU D 191 66.14 -12.04 -3.60
N ASP D 192 67.32 -12.60 -3.89
CA ASP D 192 67.35 -13.92 -4.50
C ASP D 192 67.04 -15.00 -3.48
N ALA D 193 67.39 -14.79 -2.21
CA ALA D 193 67.01 -15.75 -1.18
C ALA D 193 65.51 -15.77 -0.95
N LEU D 194 64.91 -14.59 -0.79
CA LEU D 194 63.47 -14.52 -0.57
C LEU D 194 62.69 -14.86 -1.84
N ALA D 195 63.28 -14.62 -3.01
CA ALA D 195 62.66 -15.08 -4.24
C ALA D 195 62.74 -16.59 -4.38
N GLU D 196 63.78 -17.23 -3.83
CA GLU D 196 63.78 -18.68 -3.76
C GLU D 196 62.74 -19.19 -2.77
N LEU D 197 62.45 -18.42 -1.72
CA LEU D 197 61.40 -18.85 -0.79
C LEU D 197 60.02 -18.77 -1.43
N ILE D 198 59.72 -17.66 -2.10
CA ILE D 198 58.41 -17.52 -2.73
C ILE D 198 58.27 -18.48 -3.91
N ALA D 199 59.34 -18.64 -4.69
CA ALA D 199 59.31 -19.60 -5.81
C ALA D 199 59.19 -21.03 -5.32
N SER D 200 59.76 -21.33 -4.15
CA SER D 200 59.54 -22.63 -3.54
C SER D 200 58.13 -22.76 -2.98
N GLY D 201 57.46 -21.64 -2.72
CA GLY D 201 56.09 -21.68 -2.23
C GLY D 201 55.05 -21.89 -3.32
N LEU D 202 55.22 -21.19 -4.44
CA LEU D 202 54.23 -21.28 -5.52
C LEU D 202 54.29 -22.60 -6.26
N SER D 203 55.43 -23.29 -6.24
CA SER D 203 55.55 -24.57 -6.93
C SER D 203 54.92 -25.71 -6.14
N GLY D 204 54.52 -25.47 -4.89
CA GLY D 204 53.92 -26.51 -4.09
C GLY D 204 54.88 -27.35 -3.29
N SER D 205 56.13 -26.91 -3.16
CA SER D 205 57.16 -27.68 -2.46
C SER D 205 57.18 -27.43 -0.97
N GLY D 206 56.25 -26.64 -0.44
CA GLY D 206 56.24 -26.37 0.98
C GLY D 206 55.14 -25.40 1.34
N HIS D 207 55.16 -24.99 2.60
CA HIS D 207 54.18 -24.04 3.14
C HIS D 207 54.89 -22.75 3.49
N VAL D 208 54.38 -21.63 2.97
CA VAL D 208 55.03 -20.33 3.12
C VAL D 208 54.06 -19.34 3.75
N LEU D 209 54.35 -18.95 4.98
CA LEU D 209 53.62 -17.89 5.69
C LEU D 209 54.61 -16.81 6.09
N LEU D 210 54.38 -15.59 5.63
CA LEU D 210 55.29 -14.47 5.85
C LEU D 210 54.60 -13.41 6.69
N GLU D 211 55.34 -12.85 7.65
CA GLU D 211 54.89 -11.72 8.43
C GLU D 211 55.66 -10.50 7.98
N VAL D 212 54.95 -9.48 7.49
CA VAL D 212 55.57 -8.30 6.93
C VAL D 212 55.22 -7.11 7.81
N VAL D 213 56.24 -6.43 8.33
CA VAL D 213 56.04 -5.17 9.03
C VAL D 213 56.82 -4.09 8.29
N ALA D 214 56.35 -2.85 8.43
CA ALA D 214 56.89 -1.75 7.66
C ALA D 214 56.87 -0.49 8.51
N PHE D 215 58.01 0.20 8.52
CA PHE D 215 58.25 1.37 9.37
C PHE D 215 58.47 2.57 8.47
N ALA D 216 57.65 3.61 8.64
CA ALA D 216 57.80 4.86 7.91
C ALA D 216 58.03 5.98 8.90
N ARG D 217 58.88 6.92 8.56
CA ARG D 217 59.21 8.04 9.44
C ARG D 217 58.73 9.31 8.75
N ILE D 218 57.46 9.66 8.99
CA ILE D 218 56.79 10.68 8.20
C ILE D 218 56.62 11.99 8.97
N GLY D 219 57.17 12.09 10.16
CA GLY D 219 57.09 13.33 10.89
C GLY D 219 56.15 13.23 12.09
N ASP D 220 56.33 14.18 13.00
CA ASP D 220 55.65 14.13 14.29
C ASP D 220 54.28 14.77 14.17
N GLY D 221 53.23 14.01 14.51
CA GLY D 221 51.89 14.56 14.49
C GLY D 221 51.28 14.73 13.13
N GLN D 222 51.85 14.12 12.09
CA GLN D 222 51.38 14.29 10.72
C GLN D 222 50.14 13.44 10.46
N GLU D 223 49.77 13.32 9.19
CA GLU D 223 48.55 12.63 8.81
C GLU D 223 48.87 11.33 8.08
N VAL D 224 48.31 10.23 8.57
CA VAL D 224 48.37 8.95 7.88
C VAL D 224 47.14 8.80 7.00
N PHE D 225 47.25 7.91 6.02
CA PHE D 225 46.21 7.71 5.02
C PHE D 225 45.74 6.27 5.07
N PRO D 226 44.75 5.94 5.90
CA PRO D 226 44.07 4.63 5.76
C PRO D 226 43.10 4.65 4.59
N SER D 227 43.66 4.73 3.38
CA SER D 227 42.97 5.33 2.24
C SER D 227 41.83 4.44 1.76
N GLN D 228 40.74 4.42 2.53
CA GLN D 228 39.61 3.54 2.31
C GLN D 228 38.35 4.33 2.58
N GLU D 229 37.34 4.20 1.72
CA GLU D 229 36.10 4.92 1.91
C GLU D 229 34.95 4.08 1.35
N LEU D 230 33.73 4.33 1.85
CA LEU D 230 32.47 4.22 1.10
C LEU D 230 31.30 4.83 1.87
N ILE D 231 30.57 5.77 1.26
CA ILE D 231 29.36 6.34 1.87
C ILE D 231 28.22 6.30 0.87
N LEU D 232 27.14 5.63 1.23
CA LEU D 232 25.89 5.76 0.48
C LEU D 232 24.70 6.05 1.38
N ASP D 233 24.72 5.60 2.64
CA ASP D 233 23.55 5.75 3.49
C ASP D 233 23.58 7.05 4.28
N LYS D 234 24.72 7.35 4.90
CA LYS D 234 24.81 8.52 5.79
C LYS D 234 25.04 9.82 5.04
N GLY D 235 25.30 9.79 3.74
CA GLY D 235 25.65 10.99 3.02
C GLY D 235 24.75 11.30 1.84
N ASP D 236 23.91 10.35 1.46
CA ASP D 236 22.89 10.60 0.44
C ASP D 236 21.51 10.82 1.03
N LYS D 237 21.27 10.32 2.24
CA LYS D 237 20.00 10.56 2.94
C LYS D 237 20.10 11.77 3.87
N LYS D 238 21.22 11.91 4.56
CA LYS D 238 21.45 13.07 5.44
C LYS D 238 22.20 14.18 4.72
N GLY D 239 23.39 13.87 4.20
CA GLY D 239 24.18 14.83 3.44
C GLY D 239 25.27 15.53 4.22
N GLN D 240 25.48 15.18 5.49
CA GLN D 240 26.51 15.78 6.31
C GLN D 240 27.54 14.75 6.73
N LYS D 241 27.96 13.91 5.78
CA LYS D 241 29.02 12.93 6.00
C LYS D 241 29.63 12.65 4.63
N SER D 242 30.83 13.19 4.39
CA SER D 242 31.45 13.13 3.08
C SER D 242 32.62 12.18 2.97
N LYS D 243 33.14 11.66 4.07
CA LYS D 243 34.38 10.89 4.02
C LYS D 243 34.46 10.00 5.24
N THR D 244 34.30 8.70 5.04
CA THR D 244 34.50 7.73 6.10
C THR D 244 35.77 6.94 5.84
N LEU D 245 36.25 6.26 6.87
CA LEU D 245 37.49 5.49 6.79
C LEU D 245 37.28 4.11 7.38
N TYR D 246 37.87 3.11 6.74
CA TYR D 246 37.76 1.73 7.19
C TYR D 246 38.53 1.52 8.48
N SER D 247 37.97 0.66 9.33
CA SER D 247 38.62 0.35 10.58
C SER D 247 38.29 -1.07 10.98
N VAL D 248 38.98 -1.52 12.01
CA VAL D 248 38.75 -2.76 12.72
C VAL D 248 38.44 -2.27 14.12
N ARG D 249 38.50 -3.14 15.12
CA ARG D 249 38.16 -2.72 16.47
C ARG D 249 39.15 -1.68 16.99
N ASP D 250 38.79 -0.41 16.74
CA ASP D 250 39.54 0.78 17.19
C ASP D 250 40.96 0.83 16.66
N ALA D 251 41.10 0.70 15.33
CA ALA D 251 42.38 0.86 14.65
C ALA D 251 42.13 1.13 13.19
N ALA D 252 42.83 2.11 12.63
CA ALA D 252 42.74 2.36 11.21
C ALA D 252 43.46 1.25 10.44
N ALA D 253 42.95 0.93 9.26
CA ALA D 253 43.49 -0.20 8.52
C ALA D 253 43.28 -0.01 7.02
N ILE D 254 44.13 -0.66 6.26
CA ILE D 254 44.05 -0.71 4.80
C ILE D 254 43.40 -2.03 4.44
N HIS D 255 42.53 -2.01 3.42
CA HIS D 255 41.93 -3.23 2.91
C HIS D 255 43.00 -4.18 2.37
N SER D 256 42.66 -5.46 2.31
CA SER D 256 43.58 -6.43 1.73
C SER D 256 43.65 -6.32 0.22
N GLN D 257 42.74 -5.60 -0.39
CA GLN D 257 42.69 -5.44 -1.84
C GLN D 257 43.75 -4.47 -2.34
N LYS D 258 44.06 -3.43 -1.59
CA LYS D 258 45.13 -2.53 -1.99
C LYS D 258 46.50 -3.13 -1.72
N ILE D 259 46.62 -3.94 -0.68
CA ILE D 259 47.86 -4.67 -0.45
C ILE D 259 48.09 -5.67 -1.57
N GLY D 260 47.04 -6.43 -1.91
CA GLY D 260 47.14 -7.37 -3.02
C GLY D 260 47.34 -6.70 -4.36
N ASN D 261 46.84 -5.48 -4.52
CA ASN D 261 47.13 -4.73 -5.73
C ASN D 261 48.58 -4.29 -5.76
N ALA D 262 49.12 -3.91 -4.60
CA ALA D 262 50.50 -3.46 -4.57
C ALA D 262 51.48 -4.60 -4.80
N LEU D 263 51.12 -5.81 -4.43
CA LEU D 263 52.00 -6.95 -4.65
C LEU D 263 51.93 -7.54 -6.05
N ARG D 264 51.20 -6.95 -6.98
CA ARG D 264 51.20 -7.49 -8.33
C ARG D 264 51.30 -6.40 -9.39
N THR D 265 52.02 -5.32 -9.09
CA THR D 265 52.39 -4.34 -10.12
C THR D 265 53.75 -4.77 -10.67
N ILE D 266 53.72 -5.80 -11.51
CA ILE D 266 54.92 -6.36 -12.10
C ILE D 266 54.93 -6.28 -13.61
N ASP D 267 53.89 -5.71 -14.21
CA ASP D 267 53.70 -5.76 -15.66
C ASP D 267 54.44 -4.59 -16.29
N THR D 268 55.61 -4.87 -16.86
CA THR D 268 56.28 -3.92 -17.74
C THR D 268 56.19 -4.35 -19.19
N TRP D 269 55.59 -5.51 -19.46
CA TRP D 269 55.58 -6.18 -20.75
C TRP D 269 54.32 -5.87 -21.54
N TYR D 270 54.02 -4.60 -21.69
CA TYR D 270 52.89 -4.14 -22.49
C TYR D 270 53.50 -3.26 -23.56
N PRO D 271 52.74 -2.76 -24.59
CA PRO D 271 53.37 -1.85 -25.58
C PRO D 271 54.01 -0.61 -24.98
N ASP D 272 55.34 -0.59 -25.07
CA ASP D 272 56.18 0.31 -24.29
C ASP D 272 56.43 1.65 -24.96
N GLU D 273 55.57 2.05 -25.90
CA GLU D 273 55.54 3.44 -26.31
C GLU D 273 55.04 4.34 -25.19
N ASP D 274 54.28 3.77 -24.25
CA ASP D 274 53.92 4.42 -23.01
C ASP D 274 54.37 3.52 -21.86
N GLY D 275 55.62 3.06 -21.92
CA GLY D 275 56.23 2.15 -20.96
C GLY D 275 56.12 2.57 -19.50
N LEU D 276 56.82 3.65 -19.12
CA LEU D 276 56.47 4.49 -17.97
C LEU D 276 56.63 3.84 -16.59
N GLY D 277 56.94 2.54 -16.53
CA GLY D 277 57.01 1.83 -15.28
C GLY D 277 55.97 0.72 -15.20
N PRO D 278 56.03 -0.08 -14.14
CA PRO D 278 55.14 -1.24 -14.04
C PRO D 278 53.70 -0.84 -13.73
N ILE D 279 52.77 -1.66 -14.21
CA ILE D 279 51.37 -1.55 -13.87
C ILE D 279 50.91 -2.88 -13.29
N ALA D 280 49.68 -2.90 -12.79
CA ALA D 280 49.13 -4.10 -12.19
C ALA D 280 48.71 -5.09 -13.26
N VAL D 281 48.61 -6.37 -12.87
CA VAL D 281 48.29 -7.44 -13.79
C VAL D 281 46.78 -7.60 -13.83
N GLU D 282 46.19 -7.26 -14.96
CA GLU D 282 44.77 -7.42 -15.24
C GLU D 282 44.64 -8.14 -16.56
N PRO D 283 43.48 -8.75 -16.85
CA PRO D 283 43.29 -9.33 -18.19
C PRO D 283 43.32 -8.28 -19.29
N TYR D 284 42.48 -7.26 -19.18
CA TYR D 284 42.58 -6.07 -20.01
C TYR D 284 43.46 -5.11 -19.22
N GLY D 285 44.64 -4.81 -19.73
CA GLY D 285 45.66 -4.17 -18.91
C GLY D 285 45.34 -2.73 -18.55
N SER D 286 44.33 -2.55 -17.71
CA SER D 286 43.68 -1.27 -17.49
C SER D 286 44.16 -0.62 -16.20
N VAL D 287 44.24 0.71 -16.23
CA VAL D 287 44.54 1.51 -15.05
C VAL D 287 43.38 2.49 -14.90
N THR D 288 42.74 2.47 -13.73
CA THR D 288 41.55 3.26 -13.51
C THR D 288 41.87 4.73 -13.21
N SER D 289 42.96 4.99 -12.49
CA SER D 289 43.33 6.37 -12.19
C SER D 289 43.78 7.10 -13.44
N GLN D 290 44.54 6.43 -14.31
CA GLN D 290 44.81 6.98 -15.63
C GLN D 290 43.58 6.95 -16.51
N GLY D 291 42.59 6.12 -16.21
CA GLY D 291 41.43 5.97 -17.06
C GLY D 291 41.72 5.35 -18.40
N LYS D 292 42.79 4.55 -18.49
CA LYS D 292 43.30 4.08 -19.77
C LYS D 292 43.46 2.57 -19.71
N ALA D 293 42.96 1.89 -20.73
CA ALA D 293 43.03 0.44 -20.83
C ALA D 293 44.13 0.08 -21.82
N TYR D 294 45.32 -0.19 -21.30
CA TYR D 294 46.38 -0.83 -22.06
C TYR D 294 45.96 -2.26 -22.37
N ARG D 295 46.69 -2.88 -23.32
CA ARG D 295 46.40 -4.22 -23.84
C ARG D 295 44.97 -4.32 -24.36
N GLN D 296 44.69 -3.55 -25.41
CA GLN D 296 43.38 -3.60 -26.04
C GLN D 296 43.16 -4.94 -26.72
N PRO D 297 41.90 -5.40 -26.79
CA PRO D 297 41.61 -6.62 -27.56
C PRO D 297 41.71 -6.43 -29.06
N LYS D 298 41.76 -5.19 -29.55
CA LYS D 298 42.07 -4.95 -30.96
C LYS D 298 43.48 -5.42 -31.28
N GLN D 299 44.44 -5.10 -30.42
CA GLN D 299 45.74 -5.76 -30.46
C GLN D 299 45.60 -7.19 -29.95
N LYS D 300 46.62 -8.00 -30.22
CA LYS D 300 46.62 -9.39 -29.79
C LYS D 300 47.44 -9.60 -28.52
N LEU D 301 47.49 -8.59 -27.64
CA LEU D 301 48.19 -8.70 -26.38
C LEU D 301 47.23 -8.76 -25.20
N ASP D 302 46.03 -9.25 -25.44
CA ASP D 302 45.02 -9.52 -24.43
C ASP D 302 45.37 -10.82 -23.68
N PHE D 303 44.80 -10.99 -22.50
CA PHE D 303 44.96 -12.26 -21.79
C PHE D 303 44.16 -13.37 -22.45
N TYR D 304 42.94 -13.05 -22.91
CA TYR D 304 42.05 -14.07 -23.44
C TYR D 304 42.55 -14.59 -24.78
N THR D 305 43.10 -13.72 -25.63
CA THR D 305 43.57 -14.14 -26.93
C THR D 305 44.87 -14.94 -26.81
N LEU D 306 45.74 -14.57 -25.87
CA LEU D 306 46.96 -15.34 -25.68
C LEU D 306 46.68 -16.69 -25.05
N LEU D 307 45.71 -16.75 -24.13
CA LEU D 307 45.36 -18.03 -23.51
C LEU D 307 44.68 -18.95 -24.51
N ASP D 308 43.82 -18.40 -25.37
CA ASP D 308 43.20 -19.21 -26.40
C ASP D 308 44.20 -19.67 -27.45
N ASN D 309 45.11 -18.79 -27.86
CA ASN D 309 46.08 -19.17 -28.87
C ASN D 309 47.18 -20.07 -28.35
N TRP D 310 47.36 -20.14 -27.03
CA TRP D 310 48.43 -20.97 -26.48
C TRP D 310 47.92 -22.27 -25.88
N VAL D 311 46.65 -22.36 -25.53
CA VAL D 311 46.09 -23.64 -25.09
C VAL D 311 45.51 -24.41 -26.26
N LEU D 312 44.61 -23.79 -27.02
CA LEU D 312 43.90 -24.50 -28.07
C LEU D 312 44.75 -24.69 -29.31
N ARG D 313 45.18 -23.59 -29.92
CA ARG D 313 45.81 -23.61 -31.23
C ARG D 313 47.31 -23.87 -31.17
N ASP D 314 47.86 -24.08 -29.97
CA ASP D 314 49.27 -24.47 -29.74
C ASP D 314 50.27 -23.45 -30.25
N GLU D 315 49.87 -22.18 -30.35
CA GLU D 315 50.76 -21.12 -30.80
C GLU D 315 51.35 -20.47 -29.56
N ALA D 316 52.57 -20.85 -29.23
CA ALA D 316 53.20 -20.34 -28.03
C ALA D 316 53.67 -18.90 -28.24
N PRO D 317 53.28 -17.97 -27.36
CA PRO D 317 53.72 -16.58 -27.53
C PRO D 317 55.17 -16.37 -27.12
N ALA D 318 55.61 -15.13 -27.08
CA ALA D 318 56.92 -14.80 -26.55
C ALA D 318 57.01 -15.12 -25.06
N VAL D 319 58.23 -15.19 -24.54
CA VAL D 319 58.45 -15.76 -23.22
C VAL D 319 57.93 -14.82 -22.13
N GLU D 320 58.03 -13.51 -22.35
CA GLU D 320 57.51 -12.55 -21.37
C GLU D 320 56.00 -12.51 -21.37
N GLN D 321 55.37 -12.81 -22.51
CA GLN D 321 53.92 -12.92 -22.53
C GLN D 321 53.48 -14.17 -21.80
N GLN D 322 54.32 -15.21 -21.80
CA GLN D 322 54.03 -16.39 -21.00
C GLN D 322 54.13 -16.06 -19.52
N HIS D 323 55.09 -15.20 -19.14
CA HIS D 323 55.12 -14.69 -17.78
C HIS D 323 53.86 -13.91 -17.44
N TYR D 324 53.33 -13.17 -18.41
CA TYR D 324 52.10 -12.41 -18.18
C TYR D 324 50.90 -13.33 -17.96
N VAL D 325 50.78 -14.39 -18.77
CA VAL D 325 49.63 -15.28 -18.66
C VAL D 325 49.68 -16.09 -17.37
N ILE D 326 50.87 -16.63 -17.04
CA ILE D 326 50.98 -17.40 -15.81
C ILE D 326 50.81 -16.51 -14.58
N ALA D 327 51.29 -15.26 -14.65
CA ALA D 327 51.05 -14.31 -13.56
C ALA D 327 49.57 -14.00 -13.42
N ASN D 328 48.86 -13.96 -14.54
CA ASN D 328 47.43 -13.71 -14.49
C ASN D 328 46.64 -14.95 -14.07
N LEU D 329 47.24 -16.14 -14.09
CA LEU D 329 46.62 -17.27 -13.43
C LEU D 329 46.90 -17.31 -11.94
N ILE D 330 48.06 -16.78 -11.52
CA ILE D 330 48.32 -16.64 -10.09
C ILE D 330 47.40 -15.58 -9.48
N ARG D 331 47.01 -14.58 -10.27
CA ARG D 331 45.98 -13.64 -9.82
C ARG D 331 44.65 -14.33 -9.56
N GLY D 332 44.22 -15.18 -10.48
CA GLY D 332 42.93 -15.83 -10.37
C GLY D 332 41.80 -14.94 -10.85
N GLY D 333 40.67 -15.57 -11.13
CA GLY D 333 39.52 -14.81 -11.59
C GLY D 333 38.39 -15.72 -12.02
N VAL D 334 37.42 -15.11 -12.70
CA VAL D 334 36.26 -15.79 -13.26
C VAL D 334 36.38 -15.71 -14.77
N PHE D 335 36.68 -16.83 -15.40
CA PHE D 335 36.95 -16.89 -16.82
C PHE D 335 35.89 -17.78 -17.46
N GLY D 336 35.97 -17.94 -18.78
CA GLY D 336 35.05 -18.87 -19.42
C GLY D 336 34.36 -18.32 -20.63
N GLU D 337 33.03 -18.31 -20.63
CA GLU D 337 32.25 -17.73 -21.71
C GLU D 337 31.10 -16.89 -21.20
N ILE E 4 0.60 -58.53 -9.49
CA ILE E 4 1.74 -58.04 -10.24
C ILE E 4 2.41 -56.95 -9.42
N LEU E 5 3.73 -57.06 -9.26
CA LEU E 5 4.51 -56.18 -8.39
C LEU E 5 4.97 -54.93 -9.14
N SER E 6 4.06 -53.98 -9.29
CA SER E 6 4.44 -52.69 -9.84
C SER E 6 5.18 -51.87 -8.80
N THR E 7 5.89 -50.84 -9.27
CA THR E 7 6.60 -49.94 -8.38
C THR E 7 5.60 -49.05 -7.65
N ALA E 8 5.78 -48.91 -6.34
CA ALA E 8 4.92 -48.04 -5.56
C ALA E 8 5.11 -46.59 -5.97
N SER E 9 4.01 -45.86 -6.06
CA SER E 9 4.03 -44.52 -6.63
C SER E 9 4.56 -43.48 -5.66
N VAL E 10 4.53 -43.75 -4.36
CA VAL E 10 5.01 -42.82 -3.34
C VAL E 10 6.05 -43.54 -2.49
N LEU E 11 7.28 -43.03 -2.49
CA LEU E 11 8.28 -43.48 -1.53
C LEU E 11 8.95 -42.28 -0.90
N ALA E 12 9.37 -42.44 0.34
CA ALA E 12 10.01 -41.35 1.07
C ALA E 12 10.87 -41.95 2.16
N PHE E 13 12.17 -41.68 2.10
CA PHE E 13 13.10 -42.13 3.11
C PHE E 13 13.69 -40.91 3.80
N GLU E 14 13.68 -40.92 5.14
CA GLU E 14 14.31 -39.85 5.89
C GLU E 14 15.76 -40.22 6.18
N ARG E 15 16.59 -39.20 6.33
CA ARG E 15 18.03 -39.42 6.39
C ARG E 15 18.42 -39.98 7.76
N LYS E 16 19.55 -40.69 7.77
CA LYS E 16 19.98 -41.40 8.97
C LYS E 16 21.27 -40.87 9.55
N LEU E 17 21.98 -40.02 8.83
CA LEU E 17 23.13 -39.28 9.37
C LEU E 17 22.69 -37.83 9.49
N ASP E 18 22.60 -37.33 10.72
CA ASP E 18 22.01 -36.03 10.99
C ASP E 18 23.05 -35.10 11.60
N PRO E 19 23.65 -34.20 10.80
CA PRO E 19 24.58 -33.22 11.34
C PRO E 19 23.88 -31.96 11.83
N SER E 20 24.66 -30.96 12.24
CA SER E 20 24.13 -29.66 12.64
C SER E 20 25.04 -28.58 12.07
N ASP E 21 24.87 -27.35 12.54
CA ASP E 21 25.66 -26.24 12.04
C ASP E 21 27.06 -26.27 12.65
N ALA E 22 27.97 -25.48 12.09
CA ALA E 22 29.39 -25.69 12.35
C ALA E 22 30.01 -24.74 13.36
N LEU E 23 29.55 -23.49 13.46
CA LEU E 23 29.81 -22.58 14.59
C LEU E 23 31.30 -22.30 14.78
N MET E 24 31.87 -21.58 13.83
CA MET E 24 33.31 -21.35 13.84
C MET E 24 33.72 -20.38 14.94
N SER E 25 34.87 -20.65 15.55
CA SER E 25 35.47 -19.76 16.53
C SER E 25 36.97 -19.73 16.29
N ALA E 26 37.68 -18.86 16.99
CA ALA E 26 39.07 -18.63 16.69
C ALA E 26 39.90 -18.52 17.96
N GLY E 27 41.18 -18.87 17.83
CA GLY E 27 42.09 -18.78 18.95
C GLY E 27 43.51 -19.09 18.55
N ALA E 28 44.34 -19.39 19.54
CA ALA E 28 45.76 -19.64 19.32
C ALA E 28 46.06 -21.12 19.43
N TRP E 29 46.99 -21.59 18.60
CA TRP E 29 47.46 -22.96 18.67
C TRP E 29 48.23 -23.17 19.97
N ALA E 30 48.29 -24.43 20.41
CA ALA E 30 48.75 -24.95 21.70
C ALA E 30 47.88 -24.51 22.87
N GLN E 31 46.79 -23.78 22.62
CA GLN E 31 45.71 -23.61 23.58
C GLN E 31 44.52 -24.49 23.21
N ARG E 32 44.78 -25.58 22.48
CA ARG E 32 43.73 -26.46 22.00
C ARG E 32 43.01 -27.18 23.14
N ASP E 33 43.72 -27.43 24.24
CA ASP E 33 43.13 -28.19 25.33
C ASP E 33 42.15 -27.37 26.16
N ALA E 34 42.26 -26.05 26.13
CA ALA E 34 41.37 -25.16 26.85
C ALA E 34 40.53 -24.31 25.89
N SER E 35 40.05 -24.94 24.82
CA SER E 35 39.36 -24.23 23.76
C SER E 35 37.86 -24.12 23.99
N GLN E 36 37.41 -24.22 25.25
CA GLN E 36 35.99 -24.12 25.54
C GLN E 36 35.51 -22.68 25.65
N GLU E 37 36.42 -21.71 25.69
CA GLU E 37 36.07 -20.32 25.94
C GLU E 37 36.55 -19.38 24.84
N TRP E 38 36.83 -19.91 23.65
CA TRP E 38 37.33 -19.05 22.59
C TRP E 38 36.21 -18.18 22.04
N PRO E 39 36.51 -16.94 21.66
CA PRO E 39 35.47 -16.07 21.09
C PRO E 39 35.15 -16.48 19.66
N ALA E 40 33.98 -16.04 19.20
CA ALA E 40 33.49 -16.45 17.90
C ALA E 40 34.06 -15.56 16.81
N VAL E 41 34.01 -16.08 15.58
CA VAL E 41 34.38 -15.33 14.39
C VAL E 41 33.16 -14.59 13.90
N THR E 42 33.24 -13.27 13.83
CA THR E 42 32.11 -12.46 13.41
C THR E 42 32.20 -12.11 11.94
N VAL E 43 31.04 -11.81 11.35
CA VAL E 43 30.93 -11.45 9.95
C VAL E 43 30.73 -9.95 9.87
N ARG E 44 31.60 -9.27 9.13
CA ARG E 44 31.54 -7.82 9.07
C ARG E 44 31.63 -7.36 7.62
N GLU E 45 31.30 -6.10 7.39
CA GLU E 45 31.21 -5.55 6.05
C GLU E 45 32.50 -4.85 5.65
N LYS E 46 32.70 -4.75 4.34
CA LYS E 46 33.77 -3.95 3.77
C LYS E 46 33.34 -3.57 2.36
N SER E 47 33.96 -2.54 1.83
CA SER E 47 33.61 -2.06 0.50
C SER E 47 34.70 -2.44 -0.50
N VAL E 48 34.33 -2.40 -1.77
CA VAL E 48 35.26 -2.84 -2.80
C VAL E 48 34.98 -2.15 -4.13
N ARG E 49 36.02 -1.63 -4.79
CA ARG E 49 35.88 -1.03 -6.11
C ARG E 49 36.42 -2.02 -7.13
N GLY E 50 35.52 -2.60 -7.92
CA GLY E 50 35.84 -3.69 -8.82
C GLY E 50 35.69 -3.28 -10.27
N THR E 51 36.70 -3.61 -11.06
CA THR E 51 36.90 -3.13 -12.41
C THR E 51 36.40 -4.15 -13.43
N ILE E 52 36.69 -3.90 -14.71
CA ILE E 52 36.29 -4.79 -15.79
C ILE E 52 37.28 -5.96 -15.84
N SER E 53 36.75 -7.18 -15.78
CA SER E 53 37.56 -8.36 -15.98
C SER E 53 36.87 -9.44 -16.81
N ASN E 54 35.64 -9.20 -17.26
CA ASN E 54 34.82 -10.22 -17.88
C ASN E 54 35.05 -10.28 -19.38
N ARG E 55 34.75 -11.44 -19.95
CA ARG E 55 34.85 -11.65 -21.38
C ARG E 55 33.79 -10.81 -22.10
N LEU E 56 34.10 -10.36 -23.31
CA LEU E 56 33.27 -9.42 -24.03
C LEU E 56 32.62 -10.06 -25.26
N LYS E 57 31.90 -9.22 -26.01
CA LYS E 57 31.40 -9.60 -27.32
C LYS E 57 32.56 -9.63 -28.32
N THR E 58 32.36 -10.38 -29.42
CA THR E 58 33.26 -10.28 -30.56
C THR E 58 33.29 -8.86 -31.13
N LYS E 59 32.11 -8.23 -31.23
CA LYS E 59 32.03 -6.89 -31.79
C LYS E 59 32.42 -5.80 -30.80
N ASP E 60 32.06 -5.96 -29.53
CA ASP E 60 32.29 -4.92 -28.53
C ASP E 60 33.73 -5.00 -28.01
N ARG E 61 34.64 -4.60 -28.89
CA ARG E 61 36.08 -4.54 -28.60
C ARG E 61 36.63 -3.17 -28.95
N ASP E 62 35.88 -2.13 -28.61
CA ASP E 62 36.17 -0.76 -28.96
C ASP E 62 36.65 0.03 -27.76
N PRO E 63 37.30 1.19 -27.96
CA PRO E 63 37.62 2.09 -26.82
C PRO E 63 36.41 2.78 -26.19
N ALA E 64 35.18 2.51 -26.65
CA ALA E 64 34.02 2.82 -25.83
C ALA E 64 34.03 2.01 -24.54
N LYS E 65 34.62 0.81 -24.56
CA LYS E 65 34.81 0.04 -23.34
C LYS E 65 35.87 0.67 -22.46
N LEU E 66 36.89 1.29 -23.05
CA LEU E 66 37.81 2.11 -22.28
C LEU E 66 37.08 3.28 -21.63
N ASP E 67 36.12 3.87 -22.35
CA ASP E 67 35.30 4.92 -21.76
C ASP E 67 34.37 4.36 -20.68
N ALA E 68 34.02 3.08 -20.77
CA ALA E 68 33.27 2.44 -19.70
C ALA E 68 34.15 2.19 -18.48
N SER E 69 35.45 2.02 -18.69
CA SER E 69 36.38 1.98 -17.57
C SER E 69 36.60 3.38 -16.98
N ILE E 70 36.45 4.43 -17.80
CA ILE E 70 36.49 5.79 -17.29
C ILE E 70 35.28 6.06 -16.39
N GLN E 71 34.13 5.48 -16.73
CA GLN E 71 32.96 5.50 -15.86
C GLN E 71 33.27 4.78 -14.56
N SER E 72 32.60 5.20 -13.49
CA SER E 72 32.76 4.65 -12.15
C SER E 72 32.51 3.15 -12.14
N PRO E 73 33.47 2.34 -11.72
CA PRO E 73 33.30 0.88 -11.76
C PRO E 73 32.39 0.37 -10.66
N ASN E 74 32.33 -0.95 -10.50
CA ASN E 74 31.39 -1.57 -9.57
C ASN E 74 31.78 -1.26 -8.12
N LEU E 75 31.02 -0.38 -7.47
CA LEU E 75 31.25 -0.05 -6.07
C LEU E 75 30.37 -0.93 -5.21
N GLN E 76 30.94 -2.04 -4.74
CA GLN E 76 30.16 -3.06 -4.06
C GLN E 76 30.45 -3.00 -2.57
N THR E 77 29.65 -3.74 -1.80
CA THR E 77 29.79 -3.79 -0.34
C THR E 77 29.64 -5.25 0.08
N VAL E 78 30.77 -5.95 0.18
CA VAL E 78 30.77 -7.36 0.44
C VAL E 78 30.92 -7.62 1.92
N ASP E 79 30.63 -8.84 2.34
CA ASP E 79 30.92 -9.31 3.69
C ASP E 79 32.22 -10.08 3.71
N VAL E 80 32.79 -10.18 4.90
CA VAL E 80 34.09 -10.82 5.08
C VAL E 80 34.13 -11.34 6.52
N ALA E 81 34.89 -12.41 6.72
CA ALA E 81 35.12 -12.99 8.03
C ALA E 81 36.60 -13.29 8.14
N ASN E 82 37.28 -12.63 9.06
CA ASN E 82 38.70 -12.84 9.29
C ASN E 82 38.92 -13.26 10.73
N LEU E 83 40.06 -13.91 10.97
CA LEU E 83 40.47 -14.21 12.32
C LEU E 83 40.89 -12.91 13.01
N PRO E 84 40.91 -12.89 14.35
CA PRO E 84 41.53 -11.76 15.03
C PRO E 84 43.01 -11.68 14.75
N SER E 85 43.59 -10.51 15.03
CA SER E 85 44.96 -10.21 14.64
C SER E 85 46.00 -10.94 15.45
N ASP E 86 45.61 -11.62 16.53
CA ASP E 86 46.54 -12.37 17.38
C ASP E 86 46.04 -13.79 17.59
N ALA E 87 45.52 -14.42 16.54
CA ALA E 87 45.03 -15.78 16.62
C ALA E 87 45.27 -16.45 15.28
N ASP E 88 45.72 -17.69 15.31
CA ASP E 88 46.07 -18.40 14.08
C ASP E 88 45.46 -19.79 14.02
N THR E 89 44.31 -20.00 14.65
CA THR E 89 43.70 -21.32 14.71
C THR E 89 42.19 -21.19 14.61
N LEU E 90 41.61 -21.90 13.66
CA LEU E 90 40.18 -21.98 13.46
C LEU E 90 39.64 -23.24 14.12
N LYS E 91 38.52 -23.09 14.83
CA LYS E 91 37.84 -24.18 15.51
C LYS E 91 36.45 -24.34 14.92
N VAL E 92 36.11 -25.56 14.53
CA VAL E 92 34.80 -25.89 13.97
C VAL E 92 34.20 -27.02 14.79
N ARG E 93 33.04 -26.79 15.39
CA ARG E 93 32.41 -27.76 16.29
C ARG E 93 30.99 -28.05 15.84
N PHE E 94 30.72 -29.30 15.48
CA PHE E 94 29.36 -29.71 15.19
C PHE E 94 29.09 -31.04 15.85
N THR E 95 27.82 -31.45 15.87
CA THR E 95 27.43 -32.74 16.43
C THR E 95 26.83 -33.60 15.32
N LEU E 96 26.61 -34.87 15.64
CA LEU E 96 26.18 -35.81 14.62
C LEU E 96 25.39 -36.93 15.29
N ARG E 97 24.14 -37.12 14.90
CA ARG E 97 23.38 -38.28 15.32
C ARG E 97 23.42 -39.34 14.24
N VAL E 98 23.67 -40.58 14.64
CA VAL E 98 23.64 -41.70 13.73
C VAL E 98 22.39 -42.50 14.04
N LEU E 99 21.36 -42.35 13.22
CA LEU E 99 20.07 -42.97 13.47
C LEU E 99 20.02 -44.36 12.85
N GLY E 100 19.40 -45.30 13.56
CA GLY E 100 19.29 -46.65 13.08
C GLY E 100 18.00 -46.90 12.33
N GLY E 101 17.90 -48.11 11.78
CA GLY E 101 16.69 -48.50 11.08
C GLY E 101 16.62 -48.02 9.65
N ALA E 102 17.70 -48.15 8.90
CA ALA E 102 17.69 -47.75 7.49
C ALA E 102 16.93 -48.78 6.66
N GLY E 103 16.41 -48.32 5.54
CA GLY E 103 15.68 -49.17 4.63
C GLY E 103 14.17 -49.16 4.82
N THR E 104 13.69 -48.83 6.02
CA THR E 104 12.26 -48.76 6.25
C THR E 104 11.73 -47.40 5.83
N PRO E 105 10.84 -47.33 4.83
CA PRO E 105 10.36 -46.03 4.36
C PRO E 105 9.38 -45.41 5.34
N SER E 106 9.12 -44.13 5.15
CA SER E 106 8.16 -43.40 5.95
C SER E 106 6.81 -43.25 5.26
N ALA E 107 6.73 -43.53 3.95
CA ALA E 107 5.49 -43.42 3.21
C ALA E 107 5.55 -44.35 2.02
N CYS E 108 4.55 -45.21 1.86
CA CYS E 108 4.53 -46.17 0.78
C CYS E 108 3.09 -46.58 0.50
N ASN E 109 2.74 -46.67 -0.78
CA ASN E 109 1.39 -47.10 -1.15
C ASN E 109 1.22 -48.59 -0.94
N ASP E 110 2.00 -49.40 -1.65
CA ASP E 110 1.84 -50.84 -1.65
C ASP E 110 2.33 -51.44 -0.34
N ALA E 111 1.69 -52.54 0.05
CA ALA E 111 2.17 -53.32 1.19
C ALA E 111 3.06 -54.48 0.77
N ALA E 112 2.87 -54.99 -0.45
CA ALA E 112 3.74 -56.07 -0.92
C ALA E 112 5.11 -55.54 -1.33
N TYR E 113 5.14 -54.35 -1.92
CA TYR E 113 6.40 -53.75 -2.34
C TYR E 113 7.26 -53.37 -1.15
N ARG E 114 6.63 -52.94 -0.06
CA ARG E 114 7.37 -52.61 1.16
C ARG E 114 7.93 -53.87 1.80
N ASP E 115 7.18 -54.97 1.80
CA ASP E 115 7.67 -56.21 2.39
C ASP E 115 8.78 -56.81 1.56
N LYS E 116 8.68 -56.71 0.24
CA LYS E 116 9.76 -57.16 -0.63
C LYS E 116 11.01 -56.31 -0.44
N LEU E 117 10.82 -55.01 -0.22
CA LEU E 117 11.95 -54.11 0.02
C LEU E 117 12.65 -54.43 1.34
N LEU E 118 11.86 -54.71 2.38
CA LEU E 118 12.47 -55.04 3.67
C LEU E 118 13.13 -56.41 3.65
N GLN E 119 12.62 -57.35 2.86
CA GLN E 119 13.33 -58.62 2.69
C GLN E 119 14.63 -58.43 1.91
N THR E 120 14.66 -57.50 0.97
CA THR E 120 15.88 -57.23 0.22
C THR E 120 16.94 -56.59 1.12
N VAL E 121 16.56 -55.57 1.88
CA VAL E 121 17.52 -54.89 2.75
C VAL E 121 17.98 -55.79 3.89
N ALA E 122 17.06 -56.57 4.45
CA ALA E 122 17.43 -57.53 5.51
C ALA E 122 18.32 -58.64 4.95
N THR E 123 18.12 -59.01 3.70
CA THR E 123 19.02 -59.94 3.04
C THR E 123 20.41 -59.35 2.88
N TYR E 124 20.48 -58.06 2.52
CA TYR E 124 21.77 -57.37 2.41
C TYR E 124 22.51 -57.32 3.73
N VAL E 125 21.81 -56.94 4.80
CA VAL E 125 22.45 -56.80 6.10
C VAL E 125 22.85 -58.16 6.66
N ASN E 126 22.05 -59.20 6.39
CA ASN E 126 22.41 -60.53 6.87
C ASN E 126 23.56 -61.14 6.07
N ASP E 127 23.69 -60.78 4.79
CA ASP E 127 24.82 -61.28 4.03
C ASP E 127 26.11 -60.58 4.43
N GLN E 128 26.06 -59.27 4.64
CA GLN E 128 27.23 -58.50 5.04
C GLN E 128 26.79 -57.28 5.82
N GLY E 129 27.62 -56.86 6.75
CA GLY E 129 27.26 -55.79 7.65
C GLY E 129 27.35 -54.42 7.02
N PHE E 130 27.29 -53.41 7.87
CA PHE E 130 27.51 -52.02 7.49
C PHE E 130 28.96 -51.60 7.65
N ALA E 131 29.90 -52.54 7.53
CA ALA E 131 31.30 -52.23 7.83
C ALA E 131 31.95 -51.36 6.77
N GLU E 132 31.59 -51.56 5.50
CA GLU E 132 32.21 -50.79 4.42
C GLU E 132 31.78 -49.33 4.47
N LEU E 133 30.47 -49.09 4.60
CA LEU E 133 29.96 -47.74 4.59
C LEU E 133 30.38 -46.98 5.84
N ALA E 134 30.40 -47.65 6.99
CA ALA E 134 30.88 -46.99 8.20
C ALA E 134 32.38 -46.79 8.16
N ARG E 135 33.11 -47.62 7.42
CA ARG E 135 34.54 -47.40 7.26
C ARG E 135 34.81 -46.15 6.43
N ARG E 136 34.05 -45.95 5.35
CA ARG E 136 34.26 -44.78 4.52
C ARG E 136 33.74 -43.51 5.19
N TYR E 137 32.63 -43.61 5.93
CA TYR E 137 32.14 -42.48 6.73
C TYR E 137 33.14 -42.13 7.82
N ALA E 138 33.81 -43.14 8.38
CA ALA E 138 34.86 -42.88 9.35
C ALA E 138 36.05 -42.17 8.72
N HIS E 139 36.37 -42.49 7.47
CA HIS E 139 37.44 -41.73 6.80
C HIS E 139 37.04 -40.30 6.53
N ASN E 140 35.78 -40.04 6.16
CA ASN E 140 35.39 -38.66 5.90
C ASN E 140 35.23 -37.87 7.19
N LEU E 141 35.01 -38.53 8.32
CA LEU E 141 35.14 -37.80 9.57
C LEU E 141 36.57 -37.64 9.99
N ALA E 142 37.48 -38.49 9.50
CA ALA E 142 38.87 -38.41 9.93
C ALA E 142 39.63 -37.32 9.19
N ASN E 143 39.58 -37.33 7.86
CA ASN E 143 40.46 -36.46 7.07
C ASN E 143 39.95 -35.03 6.95
N ALA E 144 38.80 -34.70 7.54
CA ALA E 144 38.19 -33.37 7.58
C ALA E 144 37.92 -32.83 6.17
N ARG E 145 37.01 -33.53 5.48
CA ARG E 145 36.43 -32.96 4.26
C ARG E 145 35.67 -31.68 4.57
N PHE E 146 34.95 -31.66 5.70
CA PHE E 146 34.08 -30.56 6.05
C PHE E 146 34.84 -29.27 6.32
N LEU E 147 36.08 -29.37 6.80
CA LEU E 147 36.92 -28.18 6.86
C LEU E 147 37.32 -27.72 5.48
N TRP E 148 38.02 -28.60 4.72
CA TRP E 148 39.00 -28.24 3.68
C TRP E 148 38.43 -27.44 2.51
N ARG E 149 37.15 -27.11 2.53
CA ARG E 149 36.68 -25.89 1.89
C ARG E 149 37.48 -24.70 2.43
N ASN E 150 37.64 -24.64 3.76
CA ASN E 150 38.55 -23.67 4.38
C ASN E 150 39.99 -24.01 4.08
N ARG E 151 40.45 -25.18 4.51
CA ARG E 151 41.84 -25.56 4.31
C ARG E 151 42.08 -25.95 2.86
N VAL E 152 42.55 -25.01 2.06
CA VAL E 152 43.19 -25.37 0.80
C VAL E 152 44.69 -25.47 1.04
N GLY E 153 45.20 -24.88 2.11
CA GLY E 153 46.55 -25.10 2.56
C GLY E 153 46.74 -24.59 3.96
N ALA E 154 47.26 -25.44 4.85
CA ALA E 154 47.51 -25.06 6.23
C ALA E 154 48.61 -25.95 6.77
N GLU E 155 49.11 -25.56 7.95
CA GLU E 155 50.23 -26.28 8.55
C GLU E 155 49.77 -27.58 9.19
N ALA E 156 48.84 -27.51 10.13
CA ALA E 156 48.40 -28.67 10.86
C ALA E 156 46.89 -28.64 11.05
N VAL E 157 46.27 -29.79 10.90
CA VAL E 157 44.84 -29.99 11.10
C VAL E 157 44.66 -31.14 12.07
N GLU E 158 43.96 -30.90 13.17
CA GLU E 158 43.71 -31.92 14.19
C GLU E 158 42.22 -32.07 14.40
N VAL E 159 41.72 -33.29 14.29
CA VAL E 159 40.29 -33.59 14.43
C VAL E 159 40.10 -34.40 15.70
N ARG E 160 39.23 -33.92 16.59
CA ARG E 160 38.94 -34.64 17.82
C ARG E 160 37.47 -35.04 17.82
N ILE E 161 37.21 -36.32 18.04
CA ILE E 161 35.87 -36.90 17.97
C ILE E 161 35.55 -37.50 19.34
N ASN E 162 34.38 -37.18 19.87
CA ASN E 162 33.96 -37.69 21.16
C ASN E 162 32.65 -38.45 21.01
N HIS E 163 32.56 -39.59 21.69
CA HIS E 163 31.31 -40.31 21.82
C HIS E 163 30.61 -39.84 23.09
N ILE E 164 29.37 -39.40 22.95
CA ILE E 164 28.59 -38.93 24.08
C ILE E 164 27.48 -39.93 24.36
N ARG E 165 27.52 -40.53 25.54
CA ARG E 165 26.58 -41.56 25.96
C ARG E 165 25.70 -41.11 27.11
N GLN E 166 26.14 -40.16 27.90
CA GLN E 166 25.43 -39.55 29.02
C GLN E 166 25.86 -38.09 29.05
N GLY E 167 25.74 -37.44 30.20
CA GLY E 167 26.45 -36.18 30.37
C GLY E 167 27.96 -36.31 30.26
N GLU E 168 28.49 -37.49 30.55
CA GLU E 168 29.92 -37.77 30.47
C GLU E 168 30.33 -38.06 29.03
N VAL E 169 31.58 -38.49 28.85
CA VAL E 169 32.14 -38.81 27.55
C VAL E 169 32.55 -40.28 27.58
N ALA E 170 32.10 -41.04 26.59
CA ALA E 170 32.39 -42.47 26.55
C ALA E 170 33.82 -42.74 26.10
N ARG E 171 34.17 -42.36 24.87
CA ARG E 171 35.49 -42.62 24.33
C ARG E 171 35.89 -41.49 23.40
N ALA E 172 37.14 -41.03 23.53
CA ALA E 172 37.65 -39.90 22.76
C ALA E 172 38.70 -40.38 21.76
N TRP E 173 38.59 -39.89 20.52
CA TRP E 173 39.57 -40.11 19.48
C TRP E 173 40.23 -38.80 19.10
N ARG E 174 41.52 -38.86 18.79
CA ARG E 174 42.28 -37.69 18.35
C ARG E 174 43.05 -38.08 17.09
N PHE E 175 42.65 -37.54 15.96
CA PHE E 175 43.20 -37.90 14.67
C PHE E 175 44.14 -36.82 14.17
N ASP E 176 44.61 -36.99 12.93
CA ASP E 176 45.49 -36.03 12.29
C ASP E 176 45.22 -36.14 10.79
N ALA E 177 44.55 -35.12 10.24
CA ALA E 177 44.09 -35.17 8.86
C ALA E 177 45.19 -34.93 7.84
N LEU E 178 46.41 -34.65 8.28
CA LEU E 178 47.52 -34.46 7.34
C LEU E 178 47.93 -35.78 6.72
N ALA E 179 48.11 -36.82 7.55
CA ALA E 179 48.49 -38.12 7.03
C ALA E 179 47.35 -38.79 6.30
N ILE E 180 46.14 -38.72 6.86
CA ILE E 180 44.97 -39.33 6.24
C ILE E 180 44.56 -38.48 5.04
N GLY E 181 44.85 -38.96 3.84
CA GLY E 181 44.65 -38.17 2.65
C GLY E 181 43.21 -38.14 2.20
N LEU E 182 43.02 -37.62 0.98
CA LEU E 182 41.71 -37.54 0.36
C LEU E 182 41.35 -38.82 -0.39
N ARG E 183 42.20 -39.22 -1.32
CA ARG E 183 41.81 -40.20 -2.33
C ARG E 183 41.87 -41.62 -1.79
N ASP E 184 42.85 -41.92 -0.94
CA ASP E 184 43.08 -43.28 -0.49
C ASP E 184 42.20 -43.63 0.70
N PHE E 185 41.78 -44.89 0.76
CA PHE E 185 41.03 -45.44 1.88
C PHE E 185 41.89 -46.54 2.51
N LYS E 186 42.78 -46.15 3.41
CA LYS E 186 43.69 -47.06 4.06
C LYS E 186 43.19 -47.40 5.46
N ALA E 187 43.34 -48.65 5.85
CA ALA E 187 42.83 -49.11 7.13
C ALA E 187 43.71 -48.61 8.28
N ASP E 188 43.14 -48.64 9.48
CA ASP E 188 43.80 -48.25 10.71
C ASP E 188 43.01 -48.85 11.87
N ALA E 189 43.68 -48.99 13.01
CA ALA E 189 43.01 -49.59 14.17
C ALA E 189 41.94 -48.66 14.74
N GLU E 190 42.25 -47.36 14.84
CA GLU E 190 41.30 -46.42 15.41
C GLU E 190 40.13 -46.18 14.48
N LEU E 191 40.38 -46.15 13.17
CA LEU E 191 39.29 -46.03 12.21
C LEU E 191 38.44 -47.29 12.17
N ASP E 192 39.01 -48.44 12.52
CA ASP E 192 38.18 -49.64 12.65
C ASP E 192 37.37 -49.61 13.92
N ALA E 193 37.87 -48.97 14.98
CA ALA E 193 37.09 -48.83 16.21
C ALA E 193 35.90 -47.89 15.98
N LEU E 194 36.16 -46.73 15.40
CA LEU E 194 35.08 -45.78 15.16
C LEU E 194 34.15 -46.26 14.05
N ALA E 195 34.66 -47.06 13.12
CA ALA E 195 33.78 -47.68 12.13
C ALA E 195 32.92 -48.76 12.75
N GLU E 196 33.41 -49.44 13.79
CA GLU E 196 32.52 -50.33 14.55
C GLU E 196 31.48 -49.56 15.33
N LEU E 197 31.80 -48.33 15.78
CA LEU E 197 30.81 -47.53 16.47
C LEU E 197 29.70 -47.07 15.53
N ILE E 198 30.07 -46.56 14.35
CA ILE E 198 29.07 -46.09 13.40
C ILE E 198 28.29 -47.27 12.82
N ALA E 199 28.96 -48.38 12.53
CA ALA E 199 28.26 -49.56 12.04
C ALA E 199 27.35 -50.16 13.11
N SER E 200 27.72 -50.04 14.38
CA SER E 200 26.80 -50.42 15.44
C SER E 200 25.66 -49.42 15.58
N GLY E 201 25.83 -48.20 15.10
CA GLY E 201 24.77 -47.23 15.15
C GLY E 201 23.73 -47.37 14.06
N LEU E 202 24.17 -47.62 12.83
CA LEU E 202 23.26 -47.72 11.70
C LEU E 202 22.44 -48.99 11.72
N SER E 203 22.92 -50.05 12.38
CA SER E 203 22.18 -51.30 12.44
C SER E 203 21.06 -51.26 13.47
N GLY E 204 20.99 -50.23 14.30
CA GLY E 204 19.96 -50.12 15.29
C GLY E 204 20.29 -50.76 16.61
N SER E 205 21.54 -51.09 16.86
CA SER E 205 21.96 -51.76 18.09
C SER E 205 22.26 -50.81 19.23
N GLY E 206 22.04 -49.51 19.05
CA GLY E 206 22.31 -48.57 20.11
C GLY E 206 22.06 -47.15 19.65
N HIS E 207 22.43 -46.21 20.51
CA HIS E 207 22.28 -44.79 20.25
C HIS E 207 23.66 -44.15 20.12
N VAL E 208 23.88 -43.43 19.02
CA VAL E 208 25.20 -42.88 18.72
C VAL E 208 25.07 -41.38 18.50
N LEU E 209 25.65 -40.62 19.43
CA LEU E 209 25.78 -39.17 19.33
C LEU E 209 27.25 -38.80 19.42
N LEU E 210 27.76 -38.15 18.38
CA LEU E 210 29.17 -37.81 18.29
C LEU E 210 29.35 -36.29 18.30
N GLU E 211 30.35 -35.82 19.04
CA GLU E 211 30.74 -34.43 19.04
C GLU E 211 32.07 -34.31 18.29
N VAL E 212 32.06 -33.54 17.21
CA VAL E 212 33.23 -33.43 16.35
C VAL E 212 33.74 -32.00 16.43
N VAL E 213 35.01 -31.84 16.82
CA VAL E 213 35.68 -30.55 16.75
C VAL E 213 36.88 -30.68 15.83
N ALA E 214 37.27 -29.56 15.24
CA ALA E 214 38.30 -29.56 14.22
C ALA E 214 39.12 -28.29 14.32
N PHE E 215 40.44 -28.45 14.32
CA PHE E 215 41.41 -27.39 14.53
C PHE E 215 42.24 -27.23 13.28
N ALA E 216 42.23 -26.03 12.70
CA ALA E 216 43.04 -25.71 11.54
C ALA E 216 43.98 -24.57 11.91
N ARG E 217 45.21 -24.62 11.40
CA ARG E 217 46.21 -23.61 11.70
C ARG E 217 46.54 -22.90 10.38
N ILE E 218 45.78 -21.86 10.08
CA ILE E 218 45.79 -21.26 8.75
C ILE E 218 46.52 -19.92 8.73
N GLY E 219 47.11 -19.52 9.83
CA GLY E 219 47.87 -18.28 9.83
C GLY E 219 47.17 -17.19 10.62
N ASP E 220 47.95 -16.19 11.00
CA ASP E 220 47.50 -15.14 11.92
C ASP E 220 46.78 -14.05 11.13
N GLY E 221 45.53 -13.79 11.49
CA GLY E 221 44.80 -12.71 10.85
C GLY E 221 44.30 -13.00 9.46
N GLN E 222 44.29 -14.26 9.04
CA GLN E 222 43.91 -14.64 7.68
C GLN E 222 42.39 -14.64 7.52
N GLU E 223 41.91 -15.19 6.42
CA GLU E 223 40.50 -15.19 6.10
C GLU E 223 39.92 -16.59 6.19
N VAL E 224 38.84 -16.71 6.96
CA VAL E 224 38.05 -17.94 7.02
C VAL E 224 36.92 -17.84 6.01
N PHE E 225 36.39 -18.99 5.63
CA PHE E 225 35.35 -19.10 4.61
C PHE E 225 34.11 -19.74 5.22
N PRO E 226 33.20 -18.95 5.79
CA PRO E 226 31.86 -19.49 6.11
C PRO E 226 31.00 -19.58 4.85
N SER E 227 31.39 -20.48 3.95
CA SER E 227 31.11 -20.34 2.53
C SER E 227 29.63 -20.55 2.24
N GLN E 228 28.82 -19.54 2.60
CA GLN E 228 27.37 -19.62 2.52
C GLN E 228 26.87 -18.27 2.03
N GLU E 229 25.92 -18.27 1.10
CA GLU E 229 25.39 -17.02 0.58
C GLU E 229 23.93 -17.24 0.19
N LEU E 230 23.16 -16.14 0.16
CA LEU E 230 22.03 -15.92 -0.75
C LEU E 230 21.54 -14.48 -0.72
N ILE E 231 21.46 -13.81 -1.88
CA ILE E 231 20.73 -12.55 -2.04
C ILE E 231 20.05 -12.57 -3.40
N LEU E 232 18.75 -12.23 -3.44
CA LEU E 232 18.03 -12.05 -4.71
C LEU E 232 18.20 -10.61 -5.19
N ASP E 233 18.83 -10.45 -6.34
CA ASP E 233 18.99 -9.14 -6.97
C ASP E 233 17.87 -8.93 -8.00
N LYS E 234 16.66 -8.73 -7.50
CA LYS E 234 15.53 -8.43 -8.36
C LYS E 234 14.81 -7.15 -8.02
N GLY E 235 14.96 -6.65 -6.80
CA GLY E 235 14.20 -5.50 -6.37
C GLY E 235 14.71 -4.22 -6.96
N ASP E 236 14.00 -3.14 -6.64
CA ASP E 236 14.36 -1.82 -7.09
C ASP E 236 15.35 -1.13 -6.17
N LYS E 237 15.68 -1.75 -5.03
CA LYS E 237 16.63 -1.19 -4.09
C LYS E 237 18.03 -1.17 -4.68
N LYS E 238 18.75 -0.08 -4.44
CA LYS E 238 20.11 0.10 -4.95
C LYS E 238 21.17 -0.24 -3.91
N GLY E 239 20.78 -0.67 -2.72
CA GLY E 239 21.75 -0.89 -1.66
C GLY E 239 21.91 -2.32 -1.21
N GLN E 240 21.93 -3.26 -2.14
CA GLN E 240 22.19 -4.64 -1.79
C GLN E 240 23.69 -4.83 -1.49
N LYS E 241 24.03 -6.03 -1.04
CA LYS E 241 25.41 -6.33 -0.69
C LYS E 241 26.17 -7.03 -1.81
N SER E 242 25.53 -7.99 -2.48
CA SER E 242 26.04 -8.93 -3.48
C SER E 242 26.97 -9.97 -2.90
N LYS E 243 27.32 -9.93 -1.61
CA LYS E 243 27.83 -11.12 -0.95
C LYS E 243 27.44 -11.07 0.51
N THR E 244 26.53 -11.94 0.92
CA THR E 244 26.19 -12.09 2.32
C THR E 244 26.69 -13.44 2.83
N LEU E 245 26.75 -13.57 4.14
CA LEU E 245 27.25 -14.78 4.77
C LEU E 245 26.29 -15.23 5.86
N TYR E 246 26.12 -16.54 5.97
CA TYR E 246 25.23 -17.12 6.96
C TYR E 246 25.82 -16.98 8.36
N SER E 247 24.94 -16.77 9.32
CA SER E 247 25.37 -16.64 10.69
C SER E 247 24.27 -17.17 11.61
N VAL E 248 24.64 -17.28 12.88
CA VAL E 248 23.77 -17.56 13.99
C VAL E 248 23.94 -16.31 14.85
N ARG E 249 23.54 -16.37 16.11
CA ARG E 249 23.64 -15.18 16.95
C ARG E 249 25.09 -14.78 17.15
N ASP E 250 25.56 -13.90 16.27
CA ASP E 250 26.90 -13.30 16.27
C ASP E 250 28.02 -14.35 16.19
N ALA E 251 27.94 -15.21 15.18
CA ALA E 251 28.99 -16.18 14.89
C ALA E 251 28.83 -16.66 13.46
N ALA E 252 29.93 -16.72 12.73
CA ALA E 252 29.89 -17.28 11.38
C ALA E 252 29.73 -18.79 11.47
N ALA E 253 29.02 -19.36 10.49
CA ALA E 253 28.70 -20.78 10.55
C ALA E 253 28.53 -21.34 9.15
N ILE E 254 28.75 -22.65 9.05
CA ILE E 254 28.53 -23.42 7.84
C ILE E 254 27.18 -24.09 7.97
N HIS E 255 26.41 -24.17 6.87
CA HIS E 255 25.16 -24.89 6.86
C HIS E 255 25.39 -26.37 7.16
N SER E 256 24.34 -27.03 7.62
CA SER E 256 24.43 -28.47 7.83
C SER E 256 24.43 -29.26 6.54
N GLN E 257 24.09 -28.62 5.43
CA GLN E 257 24.02 -29.28 4.14
C GLN E 257 25.40 -29.52 3.55
N LYS E 258 26.34 -28.60 3.77
CA LYS E 258 27.69 -28.84 3.29
C LYS E 258 28.44 -29.82 4.17
N ILE E 259 28.14 -29.85 5.47
CA ILE E 259 28.70 -30.87 6.35
C ILE E 259 28.18 -32.24 5.94
N GLY E 260 26.87 -32.33 5.72
CA GLY E 260 26.28 -33.58 5.28
C GLY E 260 26.72 -33.99 3.89
N ASN E 261 27.05 -33.03 3.04
CA ASN E 261 27.63 -33.36 1.75
C ASN E 261 29.05 -33.88 1.91
N ALA E 262 29.80 -33.32 2.85
CA ALA E 262 31.17 -33.76 3.05
C ALA E 262 31.23 -35.15 3.65
N LEU E 263 30.25 -35.53 4.44
CA LEU E 263 30.24 -36.86 5.04
C LEU E 263 29.71 -37.96 4.12
N ARG E 264 29.40 -37.68 2.87
CA ARG E 264 28.96 -38.76 1.99
C ARG E 264 29.62 -38.68 0.62
N THR E 265 30.86 -38.22 0.55
CA THR E 265 31.65 -38.36 -0.67
C THR E 265 32.43 -39.66 -0.56
N ILE E 266 31.72 -40.77 -0.79
CA ILE E 266 32.27 -42.11 -0.68
C ILE E 266 32.20 -42.87 -1.99
N ASP E 267 31.67 -42.27 -3.05
CA ASP E 267 31.36 -42.98 -4.28
C ASP E 267 32.60 -42.98 -5.17
N THR E 268 33.32 -44.09 -5.19
CA THR E 268 34.35 -44.33 -6.20
C THR E 268 33.89 -45.34 -7.24
N TRP E 269 32.70 -45.89 -7.06
CA TRP E 269 32.17 -47.02 -7.84
C TRP E 269 31.29 -46.57 -8.99
N TYR E 270 31.81 -45.66 -9.80
CA TYR E 270 31.13 -45.18 -10.99
C TYR E 270 32.05 -45.53 -12.15
N PRO E 271 31.67 -45.35 -13.45
CA PRO E 271 32.63 -45.65 -14.54
C PRO E 271 33.93 -44.88 -14.45
N ASP E 272 35.00 -45.64 -14.18
CA ASP E 272 36.27 -45.11 -13.71
C ASP E 272 37.22 -44.74 -14.84
N GLU E 273 36.71 -44.52 -16.05
CA GLU E 273 37.50 -43.84 -17.06
C GLU E 273 37.73 -42.38 -16.69
N ASP E 274 36.87 -41.84 -15.83
CA ASP E 274 37.09 -40.55 -15.20
C ASP E 274 36.98 -40.75 -13.69
N GLY E 275 37.70 -41.76 -13.18
CA GLY E 275 37.71 -42.15 -11.78
C GLY E 275 38.00 -41.04 -10.79
N LEU E 276 39.23 -40.52 -10.79
CA LEU E 276 39.57 -39.18 -10.32
C LEU E 276 39.42 -38.95 -8.81
N GLY E 277 38.87 -39.91 -8.07
CA GLY E 277 38.61 -39.72 -6.66
C GLY E 277 37.13 -39.82 -6.35
N PRO E 278 36.78 -39.80 -5.07
CA PRO E 278 35.38 -39.99 -4.68
C PRO E 278 34.52 -38.79 -5.00
N ILE E 279 33.24 -39.06 -5.26
CA ILE E 279 32.22 -38.03 -5.42
C ILE E 279 31.10 -38.32 -4.44
N ALA E 280 30.16 -37.40 -4.34
CA ALA E 280 29.04 -37.54 -3.41
C ALA E 280 28.02 -38.53 -3.96
N VAL E 281 27.21 -39.06 -3.05
CA VAL E 281 26.23 -40.07 -3.39
C VAL E 281 24.93 -39.37 -3.76
N GLU E 282 24.57 -39.44 -5.04
CA GLU E 282 23.33 -38.92 -5.58
C GLU E 282 22.68 -40.02 -6.38
N PRO E 283 21.37 -39.93 -6.64
CA PRO E 283 20.75 -40.92 -7.56
C PRO E 283 21.32 -40.86 -8.96
N TYR E 284 21.29 -39.69 -9.58
CA TYR E 284 22.00 -39.44 -10.81
C TYR E 284 23.34 -38.87 -10.37
N GLY E 285 24.43 -39.60 -10.62
CA GLY E 285 25.69 -39.30 -9.96
C GLY E 285 26.35 -38.02 -10.42
N SER E 286 25.72 -36.90 -10.07
CA SER E 286 26.00 -35.60 -10.67
C SER E 286 26.88 -34.76 -9.77
N VAL E 287 27.75 -33.97 -10.40
CA VAL E 287 28.57 -32.98 -9.72
C VAL E 287 28.27 -31.63 -10.37
N THR E 288 27.84 -30.67 -9.55
CA THR E 288 27.40 -29.38 -10.07
C THR E 288 28.55 -28.46 -10.42
N SER E 289 29.64 -28.51 -9.65
CA SER E 289 30.79 -27.66 -9.95
C SER E 289 31.49 -28.12 -11.23
N GLN E 290 31.61 -29.43 -11.43
CA GLN E 290 32.05 -29.95 -12.72
C GLN E 290 30.98 -29.76 -13.78
N GLY E 291 29.71 -29.60 -13.39
CA GLY E 291 28.64 -29.51 -14.35
C GLY E 291 28.38 -30.79 -15.09
N LYS E 292 28.73 -31.92 -14.51
CA LYS E 292 28.74 -33.20 -15.22
C LYS E 292 27.96 -34.23 -14.42
N ALA E 293 27.06 -34.93 -15.08
CA ALA E 293 26.24 -35.95 -14.46
C ALA E 293 26.80 -37.32 -14.82
N TYR E 294 27.63 -37.86 -13.92
CA TYR E 294 28.02 -39.26 -13.97
C TYR E 294 26.79 -40.13 -13.68
N ARG E 295 26.91 -41.42 -13.98
CA ARG E 295 25.84 -42.41 -13.85
C ARG E 295 24.59 -41.97 -14.63
N GLN E 296 24.75 -41.90 -15.95
CA GLN E 296 23.64 -41.54 -16.82
C GLN E 296 22.58 -42.65 -16.82
N PRO E 297 21.30 -42.30 -16.99
CA PRO E 297 20.27 -43.33 -17.13
C PRO E 297 20.32 -44.07 -18.47
N LYS E 298 21.08 -43.57 -19.45
CA LYS E 298 21.35 -44.35 -20.65
C LYS E 298 22.15 -45.60 -20.31
N GLN E 299 23.18 -45.46 -19.48
CA GLN E 299 23.81 -46.60 -18.86
C GLN E 299 22.89 -47.17 -17.78
N LYS E 300 23.17 -48.39 -17.35
CA LYS E 300 22.36 -49.04 -16.33
C LYS E 300 23.00 -48.94 -14.95
N LEU E 301 23.72 -47.85 -14.68
CA LEU E 301 24.32 -47.62 -13.37
C LEU E 301 23.63 -46.49 -12.62
N ASP E 302 22.35 -46.28 -12.91
CA ASP E 302 21.48 -45.36 -12.21
C ASP E 302 21.03 -45.98 -10.88
N PHE E 303 20.57 -45.13 -9.96
CA PHE E 303 19.99 -45.65 -8.73
C PHE E 303 18.63 -46.28 -8.97
N TYR E 304 17.82 -45.66 -9.83
CA TYR E 304 16.46 -46.11 -10.04
C TYR E 304 16.42 -47.44 -10.78
N THR E 305 17.31 -47.63 -11.75
CA THR E 305 17.32 -48.87 -12.52
C THR E 305 17.87 -50.03 -11.69
N LEU E 306 18.86 -49.77 -10.84
CA LEU E 306 19.38 -50.82 -9.98
C LEU E 306 18.39 -51.19 -8.89
N LEU E 307 17.67 -50.20 -8.35
CA LEU E 307 16.67 -50.49 -7.32
C LEU E 307 15.49 -51.25 -7.91
N ASP E 308 15.08 -50.90 -9.12
CA ASP E 308 14.00 -51.62 -9.77
C ASP E 308 14.42 -53.04 -10.16
N ASN E 309 15.65 -53.19 -10.67
CA ASN E 309 16.09 -54.51 -11.08
C ASN E 309 16.47 -55.40 -9.91
N TRP E 310 16.67 -54.84 -8.73
CA TRP E 310 17.06 -55.65 -7.58
C TRP E 310 15.93 -55.89 -6.60
N VAL E 311 14.89 -55.05 -6.60
CA VAL E 311 13.72 -55.33 -5.78
C VAL E 311 12.68 -56.14 -6.56
N LEU E 312 12.30 -55.66 -7.74
CA LEU E 312 11.21 -56.29 -8.47
C LEU E 312 11.67 -57.55 -9.19
N ARG E 313 12.61 -57.41 -10.10
CA ARG E 313 12.99 -58.48 -11.02
C ARG E 313 14.03 -59.43 -10.43
N ASP E 314 14.43 -59.23 -9.18
CA ASP E 314 15.33 -60.11 -8.42
C ASP E 314 16.70 -60.28 -9.07
N GLU E 315 17.13 -59.30 -9.86
CA GLU E 315 18.45 -59.35 -10.50
C GLU E 315 19.43 -58.59 -9.61
N ALA E 316 20.19 -59.33 -8.82
CA ALA E 316 21.10 -58.70 -7.86
C ALA E 316 22.31 -58.15 -8.60
N PRO E 317 22.65 -56.88 -8.41
CA PRO E 317 23.82 -56.32 -9.10
C PRO E 317 25.13 -56.75 -8.45
N ALA E 318 26.24 -56.17 -8.90
CA ALA E 318 27.53 -56.39 -8.25
C ALA E 318 27.51 -55.84 -6.83
N VAL E 319 28.49 -56.28 -6.02
CA VAL E 319 28.43 -56.04 -4.58
C VAL E 319 28.68 -54.57 -4.26
N GLU E 320 29.54 -53.91 -5.04
CA GLU E 320 29.79 -52.49 -4.81
C GLU E 320 28.61 -51.64 -5.25
N GLN E 321 27.84 -52.09 -6.24
CA GLN E 321 26.62 -51.38 -6.59
C GLN E 321 25.58 -51.55 -5.50
N GLN E 322 25.61 -52.68 -4.79
CA GLN E 322 24.74 -52.84 -3.63
C GLN E 322 25.14 -51.88 -2.52
N HIS E 323 26.45 -51.65 -2.35
CA HIS E 323 26.90 -50.61 -1.44
C HIS E 323 26.40 -49.23 -1.87
N TYR E 324 26.35 -48.99 -3.18
CA TYR E 324 25.85 -47.72 -3.69
C TYR E 324 24.37 -47.52 -3.39
N VAL E 325 23.57 -48.56 -3.60
CA VAL E 325 22.13 -48.44 -3.40
C VAL E 325 21.79 -48.31 -1.93
N ILE E 326 22.43 -49.11 -1.07
CA ILE E 326 22.15 -49.00 0.37
C ILE E 326 22.67 -47.69 0.93
N ALA E 327 23.79 -47.19 0.41
CA ALA E 327 24.27 -45.87 0.81
C ALA E 327 23.30 -44.78 0.37
N ASN E 328 22.66 -44.96 -0.78
CA ASN E 328 21.69 -43.99 -1.25
C ASN E 328 20.35 -44.13 -0.52
N LEU E 329 20.11 -45.23 0.18
CA LEU E 329 18.98 -45.26 1.11
C LEU E 329 19.32 -44.63 2.45
N ILE E 330 20.58 -44.69 2.86
CA ILE E 330 21.00 -43.97 4.06
C ILE E 330 20.97 -42.47 3.82
N ARG E 331 21.19 -42.04 2.59
CA ARG E 331 20.99 -40.63 2.23
C ARG E 331 19.53 -40.21 2.42
N GLY E 332 18.60 -41.02 1.93
CA GLY E 332 17.20 -40.67 1.98
C GLY E 332 16.80 -39.74 0.85
N GLY E 333 15.50 -39.67 0.60
CA GLY E 333 15.01 -38.81 -0.46
C GLY E 333 13.53 -39.00 -0.69
N VAL E 334 13.08 -38.44 -1.81
CA VAL E 334 11.70 -38.54 -2.27
C VAL E 334 11.71 -39.37 -3.55
N PHE E 335 11.23 -40.59 -3.46
CA PHE E 335 11.27 -41.56 -4.55
C PHE E 335 9.84 -41.88 -4.96
N GLY E 336 9.69 -42.74 -5.96
CA GLY E 336 8.36 -43.19 -6.30
C GLY E 336 8.04 -43.10 -7.77
N GLU E 337 6.99 -42.37 -8.13
CA GLU E 337 6.62 -42.16 -9.52
C GLU E 337 6.27 -40.70 -9.81
N ILE F 4 -39.56 -47.89 9.16
CA ILE F 4 -39.80 -47.32 10.49
C ILE F 4 -38.48 -47.07 11.21
N LEU F 5 -38.45 -45.95 11.96
CA LEU F 5 -37.24 -45.32 12.47
C LEU F 5 -36.19 -45.20 11.38
N SER F 6 -36.35 -44.20 10.52
CA SER F 6 -35.32 -43.90 9.54
C SER F 6 -34.16 -43.17 10.21
N THR F 7 -33.01 -43.16 9.53
CA THR F 7 -31.84 -42.47 10.02
C THR F 7 -32.06 -40.97 9.90
N ALA F 8 -31.72 -40.22 10.95
CA ALA F 8 -31.83 -38.78 10.93
C ALA F 8 -30.84 -38.20 9.92
N SER F 9 -31.30 -37.20 9.17
CA SER F 9 -30.52 -36.69 8.06
C SER F 9 -29.40 -35.76 8.50
N VAL F 10 -29.48 -35.18 9.69
CA VAL F 10 -28.47 -34.26 10.21
C VAL F 10 -28.00 -34.79 11.56
N LEU F 11 -26.72 -35.11 11.67
CA LEU F 11 -26.12 -35.39 12.97
C LEU F 11 -24.81 -34.63 13.09
N ALA F 12 -24.49 -34.26 14.32
CA ALA F 12 -23.27 -33.48 14.56
C ALA F 12 -22.85 -33.70 15.99
N PHE F 13 -21.66 -34.26 16.19
CA PHE F 13 -21.11 -34.46 17.52
C PHE F 13 -19.86 -33.61 17.66
N GLU F 14 -19.78 -32.86 18.75
CA GLU F 14 -18.58 -32.09 19.04
C GLU F 14 -17.62 -32.92 19.87
N ARG F 15 -16.33 -32.63 19.74
CA ARG F 15 -15.31 -33.49 20.32
C ARG F 15 -15.23 -33.29 21.82
N LYS F 16 -14.76 -34.32 22.52
CA LYS F 16 -14.75 -34.33 23.97
C LYS F 16 -13.36 -34.35 24.56
N LEU F 17 -12.33 -34.58 23.76
CA LEU F 17 -10.94 -34.42 24.17
C LEU F 17 -10.42 -33.20 23.43
N ASP F 18 -10.08 -32.15 24.18
CA ASP F 18 -9.76 -30.86 23.58
C ASP F 18 -8.33 -30.47 23.93
N PRO F 19 -7.38 -30.68 23.01
CA PRO F 19 -6.00 -30.23 23.25
C PRO F 19 -5.77 -28.79 22.83
N SER F 20 -4.52 -28.34 22.90
CA SER F 20 -4.14 -27.02 22.44
C SER F 20 -2.81 -27.13 21.70
N ASP F 21 -2.17 -25.99 21.43
CA ASP F 21 -0.91 -25.99 20.70
C ASP F 21 0.23 -26.40 21.63
N ALA F 22 1.38 -26.70 21.05
CA ALA F 22 2.41 -27.43 21.78
C ALA F 22 3.55 -26.60 22.32
N LEU F 23 3.94 -25.50 21.64
CA LEU F 23 4.77 -24.42 22.21
C LEU F 23 6.15 -24.93 22.66
N MET F 24 6.96 -25.31 21.69
CA MET F 24 8.25 -25.92 22.01
C MET F 24 9.24 -24.90 22.56
N SER F 25 10.04 -25.33 23.52
CA SER F 25 11.13 -24.53 24.06
C SER F 25 12.32 -25.45 24.28
N ALA F 26 13.46 -24.87 24.65
CA ALA F 26 14.70 -25.63 24.69
C ALA F 26 15.51 -25.29 25.92
N GLY F 27 16.31 -26.25 26.36
CA GLY F 27 17.18 -26.05 27.50
C GLY F 27 18.09 -27.22 27.72
N ALA F 28 18.66 -27.29 28.92
CA ALA F 28 19.62 -28.32 29.29
C ALA F 28 18.98 -29.35 30.19
N TRP F 29 19.37 -30.61 30.01
CA TRP F 29 18.94 -31.70 30.88
C TRP F 29 19.53 -31.49 32.27
N ALA F 30 18.85 -32.08 33.27
CA ALA F 30 19.02 -31.92 34.71
C ALA F 30 18.67 -30.52 35.21
N GLN F 31 18.21 -29.63 34.33
CA GLN F 31 17.52 -28.41 34.71
C GLN F 31 16.02 -28.54 34.50
N ARG F 32 15.52 -29.78 34.51
CA ARG F 32 14.12 -30.06 34.25
C ARG F 32 13.22 -29.48 35.32
N ASP F 33 13.69 -29.40 36.56
CA ASP F 33 12.85 -28.95 37.65
C ASP F 33 12.63 -27.45 37.64
N ALA F 34 13.51 -26.69 37.00
CA ALA F 34 13.38 -25.24 36.90
C ALA F 34 13.15 -24.80 35.46
N SER F 35 12.31 -25.55 34.74
CA SER F 35 12.10 -25.33 33.32
C SER F 35 10.98 -24.33 33.03
N GLN F 36 10.66 -23.46 33.98
CA GLN F 36 9.61 -22.48 33.76
C GLN F 36 10.11 -21.26 33.00
N GLU F 37 11.41 -21.10 32.82
CA GLU F 37 11.98 -19.89 32.24
C GLU F 37 12.84 -20.18 31.02
N TRP F 38 12.66 -21.32 30.38
CA TRP F 38 13.48 -21.65 29.23
C TRP F 38 13.07 -20.82 28.02
N PRO F 39 14.03 -20.40 27.19
CA PRO F 39 13.68 -19.63 26.01
C PRO F 39 13.07 -20.51 24.93
N ALA F 40 12.37 -19.88 24.00
CA ALA F 40 11.64 -20.62 22.99
C ALA F 40 12.54 -20.97 21.83
N VAL F 41 12.09 -21.97 21.05
CA VAL F 41 12.75 -22.36 19.82
C VAL F 41 12.17 -21.52 18.70
N THR F 42 13.02 -20.77 18.01
CA THR F 42 12.57 -19.89 16.94
C THR F 42 12.75 -20.56 15.59
N VAL F 43 11.96 -20.08 14.63
CA VAL F 43 11.97 -20.59 13.26
C VAL F 43 12.71 -19.58 12.40
N ARG F 44 13.76 -20.02 11.71
CA ARG F 44 14.58 -19.10 10.93
C ARG F 44 14.81 -19.68 9.55
N GLU F 45 15.29 -18.83 8.65
CA GLU F 45 15.44 -19.20 7.24
C GLU F 45 16.85 -19.67 6.94
N LYS F 46 16.98 -20.45 5.88
CA LYS F 46 18.26 -20.82 5.33
C LYS F 46 18.04 -21.16 3.86
N SER F 47 19.12 -21.13 3.09
CA SER F 47 19.04 -21.39 1.67
C SER F 47 19.59 -22.77 1.35
N VAL F 48 19.15 -23.29 0.22
CA VAL F 48 19.46 -24.64 -0.23
C VAL F 48 19.89 -24.56 -1.69
N ARG F 49 21.07 -25.08 -1.99
CA ARG F 49 21.47 -25.36 -3.35
C ARG F 49 21.63 -26.87 -3.50
N GLY F 50 20.59 -27.56 -3.92
CA GLY F 50 20.75 -28.98 -4.15
C GLY F 50 19.77 -29.58 -5.12
N THR F 51 20.25 -30.39 -6.06
CA THR F 51 19.39 -30.99 -7.06
C THR F 51 19.46 -32.50 -7.03
N ILE F 52 18.34 -33.10 -7.44
CA ILE F 52 18.23 -34.47 -7.94
C ILE F 52 17.34 -34.32 -9.15
N SER F 53 16.91 -35.44 -9.71
CA SER F 53 15.71 -35.44 -10.51
C SER F 53 14.97 -36.75 -10.27
N ASN F 54 13.77 -36.85 -10.82
CA ASN F 54 12.81 -37.89 -10.46
C ASN F 54 12.13 -38.45 -11.71
N ARG F 55 12.93 -38.86 -12.69
CA ARG F 55 12.52 -38.89 -14.09
C ARG F 55 11.76 -40.13 -14.52
N LEU F 56 11.04 -40.76 -13.60
CA LEU F 56 10.25 -41.94 -13.93
C LEU F 56 8.91 -41.60 -14.63
N LYS F 57 8.78 -40.39 -15.19
CA LYS F 57 7.64 -39.93 -15.98
C LYS F 57 8.12 -39.33 -17.30
N THR F 58 9.00 -40.05 -18.00
CA THR F 58 9.59 -39.58 -19.24
C THR F 58 8.95 -40.29 -20.42
N LYS F 59 8.26 -39.54 -21.28
CA LYS F 59 7.64 -40.10 -22.47
C LYS F 59 8.25 -39.54 -23.76
N ASP F 60 8.22 -38.23 -23.95
CA ASP F 60 8.73 -37.60 -25.16
C ASP F 60 9.54 -36.38 -24.75
N ARG F 61 10.86 -36.54 -24.72
CA ARG F 61 11.74 -35.45 -24.30
C ARG F 61 13.08 -35.62 -25.00
N ASP F 62 13.70 -34.49 -25.34
CA ASP F 62 14.99 -34.53 -25.99
C ASP F 62 16.07 -34.98 -25.01
N PRO F 63 17.14 -35.61 -25.49
CA PRO F 63 18.26 -35.93 -24.60
C PRO F 63 18.97 -34.70 -24.06
N ALA F 64 19.07 -33.64 -24.85
CA ALA F 64 19.76 -32.43 -24.40
C ALA F 64 18.99 -31.72 -23.30
N LYS F 65 17.66 -31.80 -23.33
CA LYS F 65 16.84 -31.20 -22.29
C LYS F 65 17.03 -31.92 -20.97
N LEU F 66 17.13 -33.25 -21.01
CA LEU F 66 17.37 -34.01 -19.79
C LEU F 66 18.78 -33.80 -19.28
N ASP F 67 19.75 -33.68 -20.19
CA ASP F 67 21.13 -33.45 -19.81
C ASP F 67 21.30 -32.10 -19.13
N ALA F 68 20.68 -31.05 -19.68
CA ALA F 68 20.75 -29.76 -19.02
C ALA F 68 19.85 -29.67 -17.81
N SER F 69 18.85 -30.56 -17.70
CA SER F 69 18.01 -30.56 -16.52
C SER F 69 18.74 -31.16 -15.33
N ILE F 70 19.52 -32.21 -15.54
CA ILE F 70 20.15 -32.89 -14.41
C ILE F 70 21.41 -32.16 -13.95
N GLN F 71 22.14 -31.52 -14.86
CA GLN F 71 23.44 -30.93 -14.55
C GLN F 71 23.36 -29.51 -14.04
N SER F 72 22.24 -29.10 -13.44
CA SER F 72 22.07 -27.72 -13.04
C SER F 72 21.54 -27.65 -11.61
N PRO F 73 21.95 -26.65 -10.83
CA PRO F 73 21.58 -26.61 -9.42
C PRO F 73 20.25 -25.93 -9.15
N ASN F 74 19.50 -26.52 -8.23
CA ASN F 74 18.21 -26.00 -7.78
C ASN F 74 18.45 -25.09 -6.58
N LEU F 75 17.64 -24.05 -6.45
CA LEU F 75 17.85 -23.04 -5.43
C LEU F 75 16.55 -22.70 -4.73
N GLN F 76 16.51 -22.92 -3.43
CA GLN F 76 15.33 -22.79 -2.58
C GLN F 76 15.70 -22.06 -1.30
N THR F 77 14.69 -21.67 -0.54
CA THR F 77 14.88 -20.94 0.72
C THR F 77 13.92 -21.56 1.74
N VAL F 78 14.41 -22.53 2.49
CA VAL F 78 13.58 -23.28 3.40
C VAL F 78 13.66 -22.70 4.79
N ASP F 79 12.72 -23.08 5.65
CA ASP F 79 12.77 -22.76 7.07
C ASP F 79 13.36 -23.93 7.84
N VAL F 80 13.84 -23.63 9.04
CA VAL F 80 14.51 -24.60 9.88
C VAL F 80 14.34 -24.15 11.32
N ALA F 81 14.32 -25.12 12.23
CA ALA F 81 14.26 -24.87 13.66
C ALA F 81 15.27 -25.77 14.33
N ASN F 82 16.29 -25.19 14.95
CA ASN F 82 17.30 -25.94 15.65
C ASN F 82 17.34 -25.52 17.10
N LEU F 83 17.87 -26.40 17.95
CA LEU F 83 18.12 -26.04 19.34
C LEU F 83 19.28 -25.05 19.39
N PRO F 84 19.41 -24.29 20.48
CA PRO F 84 20.63 -23.51 20.67
C PRO F 84 21.85 -24.41 20.83
N SER F 85 23.02 -23.81 20.65
CA SER F 85 24.27 -24.57 20.58
C SER F 85 24.72 -25.12 21.91
N ASP F 86 24.09 -24.74 23.02
CA ASP F 86 24.44 -25.22 24.34
C ASP F 86 23.21 -25.74 25.08
N ALA F 87 22.35 -26.46 24.36
CA ALA F 87 21.14 -27.01 24.96
C ALA F 87 20.83 -28.32 24.25
N ASP F 88 20.46 -29.34 25.02
CA ASP F 88 20.21 -30.66 24.47
C ASP F 88 18.89 -31.25 24.92
N THR F 89 17.90 -30.41 25.20
CA THR F 89 16.62 -30.90 25.71
C THR F 89 15.49 -30.07 25.15
N LEU F 90 14.53 -30.76 24.53
CA LEU F 90 13.32 -30.17 23.99
C LEU F 90 12.18 -30.30 25.00
N LYS F 91 11.45 -29.21 25.18
CA LYS F 91 10.30 -29.16 26.07
C LYS F 91 9.05 -28.86 25.27
N VAL F 92 8.01 -29.67 25.45
CA VAL F 92 6.74 -29.51 24.77
C VAL F 92 5.64 -29.46 25.83
N ARG F 93 4.89 -28.35 25.87
CA ARG F 93 3.89 -28.12 26.90
C ARG F 93 2.54 -27.81 26.26
N PHE F 94 1.55 -28.66 26.51
CA PHE F 94 0.20 -28.36 26.07
C PHE F 94 -0.77 -28.69 27.19
N THR F 95 -2.01 -28.27 27.04
CA THR F 95 -3.06 -28.56 28.01
C THR F 95 -4.13 -29.42 27.36
N LEU F 96 -5.04 -29.93 28.17
CA LEU F 96 -6.04 -30.87 27.67
C LEU F 96 -7.27 -30.79 28.55
N ARG F 97 -8.41 -30.46 27.95
CA ARG F 97 -9.69 -30.56 28.65
C ARG F 97 -10.37 -31.86 28.29
N VAL F 98 -10.88 -32.55 29.30
CA VAL F 98 -11.66 -33.77 29.09
C VAL F 98 -13.11 -33.43 29.38
N LEU F 99 -13.89 -33.26 28.33
CA LEU F 99 -15.27 -32.83 28.47
C LEU F 99 -16.19 -34.03 28.62
N GLY F 100 -17.19 -33.90 29.48
CA GLY F 100 -18.13 -34.97 29.72
C GLY F 100 -19.37 -34.87 28.85
N GLY F 101 -20.22 -35.88 28.97
CA GLY F 101 -21.46 -35.89 28.24
C GLY F 101 -21.34 -36.35 26.80
N ALA F 102 -20.61 -37.43 26.57
CA ALA F 102 -20.48 -37.97 25.22
C ALA F 102 -21.77 -38.68 24.82
N GLY F 103 -22.00 -38.77 23.51
CA GLY F 103 -23.16 -39.43 22.98
C GLY F 103 -24.34 -38.51 22.69
N THR F 104 -24.43 -37.38 23.36
CA THR F 104 -25.52 -36.45 23.11
C THR F 104 -25.16 -35.55 21.94
N PRO F 105 -25.90 -35.59 20.83
CA PRO F 105 -25.54 -34.78 19.67
C PRO F 105 -25.88 -33.31 19.88
N SER F 106 -25.33 -32.48 19.02
CA SER F 106 -25.61 -31.06 19.04
C SER F 106 -26.64 -30.63 18.00
N ALA F 107 -26.96 -31.51 17.05
CA ALA F 107 -27.95 -31.19 16.03
C ALA F 107 -28.54 -32.49 15.52
N CYS F 108 -29.87 -32.59 15.52
CA CYS F 108 -30.54 -33.81 15.09
C CYS F 108 -31.95 -33.47 14.66
N ASN F 109 -32.39 -34.05 13.54
CA ASN F 109 -33.75 -33.82 13.05
C ASN F 109 -34.77 -34.56 13.92
N ASP F 110 -34.67 -35.88 13.95
CA ASP F 110 -35.67 -36.71 14.61
C ASP F 110 -35.54 -36.61 16.12
N ALA F 111 -36.67 -36.76 16.80
CA ALA F 111 -36.67 -36.86 18.26
C ALA F 111 -36.69 -38.30 18.73
N ALA F 112 -37.23 -39.21 17.94
CA ALA F 112 -37.23 -40.62 18.32
C ALA F 112 -35.85 -41.24 18.13
N TYR F 113 -35.15 -40.84 17.07
CA TYR F 113 -33.82 -41.36 16.80
C TYR F 113 -32.82 -40.90 17.84
N ARG F 114 -32.99 -39.68 18.34
CA ARG F 114 -32.11 -39.17 19.39
C ARG F 114 -32.35 -39.91 20.70
N ASP F 115 -33.62 -40.19 21.03
CA ASP F 115 -33.93 -40.91 22.26
C ASP F 115 -33.46 -42.35 22.20
N LYS F 116 -33.59 -42.99 21.04
CA LYS F 116 -33.06 -44.33 20.85
C LYS F 116 -31.54 -44.34 20.95
N LEU F 117 -30.89 -43.30 20.43
CA LEU F 117 -29.44 -43.19 20.53
C LEU F 117 -28.98 -43.01 21.96
N LEU F 118 -29.68 -42.18 22.74
CA LEU F 118 -29.30 -41.98 24.13
C LEU F 118 -29.60 -43.22 24.98
N GLN F 119 -30.63 -43.99 24.64
CA GLN F 119 -30.83 -45.26 25.33
C GLN F 119 -29.74 -46.27 24.98
N THR F 120 -29.23 -46.23 23.75
CA THR F 120 -28.15 -47.13 23.37
C THR F 120 -26.85 -46.78 24.10
N VAL F 121 -26.49 -45.50 24.11
CA VAL F 121 -25.25 -45.08 24.76
C VAL F 121 -25.34 -45.25 26.28
N ALA F 122 -26.50 -44.94 26.86
CA ALA F 122 -26.69 -45.16 28.29
C ALA F 122 -26.69 -46.63 28.65
N THR F 123 -27.17 -47.48 27.73
CA THR F 123 -27.05 -48.93 27.91
C THR F 123 -25.60 -49.36 27.89
N TYR F 124 -24.80 -48.79 26.99
CA TYR F 124 -23.37 -49.10 26.93
C TYR F 124 -22.65 -48.70 28.21
N VAL F 125 -22.90 -47.49 28.70
CA VAL F 125 -22.21 -47.01 29.89
C VAL F 125 -22.67 -47.78 31.13
N ASN F 126 -23.94 -48.15 31.18
CA ASN F 126 -24.42 -48.91 32.34
C ASN F 126 -23.93 -50.35 32.31
N ASP F 127 -23.70 -50.93 31.12
CA ASP F 127 -23.15 -52.28 31.08
C ASP F 127 -21.68 -52.29 31.44
N GLN F 128 -20.92 -51.31 30.94
CA GLN F 128 -19.49 -51.22 31.24
C GLN F 128 -19.06 -49.76 31.14
N GLY F 129 -18.07 -49.41 31.95
CA GLY F 129 -17.65 -48.03 32.06
C GLY F 129 -16.81 -47.58 30.88
N PHE F 130 -16.19 -46.42 31.08
CA PHE F 130 -15.21 -45.87 30.15
C PHE F 130 -13.79 -46.28 30.50
N ALA F 131 -13.60 -47.45 31.12
CA ALA F 131 -12.29 -47.81 31.63
C ALA F 131 -11.33 -48.21 30.53
N GLU F 132 -11.82 -48.86 29.47
CA GLU F 132 -10.95 -49.31 28.39
C GLU F 132 -10.42 -48.14 27.59
N LEU F 133 -11.30 -47.22 27.20
CA LEU F 133 -10.91 -46.09 26.37
C LEU F 133 -10.03 -45.12 27.15
N ALA F 134 -10.33 -44.92 28.43
CA ALA F 134 -9.46 -44.06 29.25
C ALA F 134 -8.14 -44.75 29.55
N ARG F 135 -8.12 -46.09 29.56
CA ARG F 135 -6.85 -46.79 29.73
C ARG F 135 -5.96 -46.61 28.52
N ARG F 136 -6.53 -46.69 27.32
CA ARG F 136 -5.71 -46.52 26.12
C ARG F 136 -5.32 -45.07 25.90
N TYR F 137 -6.21 -44.13 26.24
CA TYR F 137 -5.86 -42.72 26.20
C TYR F 137 -4.77 -42.39 27.20
N ALA F 138 -4.80 -43.07 28.35
CA ALA F 138 -3.73 -42.91 29.33
C ALA F 138 -2.41 -43.45 28.81
N HIS F 139 -2.44 -44.52 28.03
CA HIS F 139 -1.19 -44.99 27.43
C HIS F 139 -0.66 -44.02 26.38
N ASN F 140 -1.54 -43.41 25.58
CA ASN F 140 -1.05 -42.47 24.58
C ASN F 140 -0.60 -41.16 25.20
N LEU F 141 -1.09 -40.82 26.39
CA LEU F 141 -0.46 -39.72 27.10
C LEU F 141 0.82 -40.14 27.79
N ALA F 142 0.99 -41.44 28.06
CA ALA F 142 2.18 -41.87 28.77
C ALA F 142 3.39 -42.00 27.85
N ASN F 143 3.25 -42.74 26.74
CA ASN F 143 4.40 -43.09 25.93
C ASN F 143 4.84 -41.99 24.98
N ALA F 144 4.16 -40.84 24.97
CA ALA F 144 4.48 -39.66 24.18
C ALA F 144 4.47 -39.96 22.68
N ARG F 145 3.29 -40.31 22.18
CA ARG F 145 3.07 -40.33 20.74
C ARG F 145 3.25 -38.95 20.14
N PHE F 146 2.78 -37.92 20.85
CA PHE F 146 2.77 -36.56 20.35
C PHE F 146 4.17 -35.99 20.16
N LEU F 147 5.13 -36.44 20.96
CA LEU F 147 6.52 -36.09 20.67
C LEU F 147 7.01 -36.80 19.44
N TRP F 148 6.99 -38.14 19.43
CA TRP F 148 7.90 -39.03 18.69
C TRP F 148 7.83 -38.88 17.17
N ARG F 149 7.01 -37.98 16.66
CA ARG F 149 7.33 -37.32 15.39
C ARG F 149 8.71 -36.69 15.49
N ASN F 150 8.98 -35.99 16.59
CA ASN F 150 10.32 -35.51 16.90
C ASN F 150 11.25 -36.65 17.23
N ARG F 151 10.95 -37.39 18.30
CA ARG F 151 11.82 -38.48 18.72
C ARG F 151 11.67 -39.68 17.79
N VAL F 152 12.55 -39.77 16.80
CA VAL F 152 12.75 -41.05 16.14
C VAL F 152 13.89 -41.78 16.81
N GLY F 153 14.74 -41.06 17.55
CA GLY F 153 15.72 -41.67 18.42
C GLY F 153 16.28 -40.65 19.38
N ALA F 154 16.25 -40.97 20.67
CA ALA F 154 16.78 -40.07 21.69
C ALA F 154 17.18 -40.91 22.90
N GLU F 155 17.89 -40.27 23.82
CA GLU F 155 18.41 -40.98 24.99
C GLU F 155 17.31 -41.20 26.02
N ALA F 156 16.68 -40.13 26.48
CA ALA F 156 15.68 -40.21 27.54
C ALA F 156 14.52 -39.29 27.23
N VAL F 157 13.31 -39.79 27.50
CA VAL F 157 12.08 -39.03 27.34
C VAL F 157 11.32 -39.12 28.65
N GLU F 158 10.98 -37.97 29.24
CA GLU F 158 10.25 -37.92 30.50
C GLU F 158 8.98 -37.10 30.31
N VAL F 159 7.85 -37.67 30.67
CA VAL F 159 6.53 -37.04 30.52
C VAL F 159 6.00 -36.73 31.90
N ARG F 160 5.66 -35.47 32.15
CA ARG F 160 5.08 -35.07 33.43
C ARG F 160 3.68 -34.54 33.21
N ILE F 161 2.72 -35.10 33.94
CA ILE F 161 1.31 -34.79 33.78
C ILE F 161 0.79 -34.23 35.09
N ASN F 162 0.09 -33.10 35.04
CA ASN F 162 -0.45 -32.48 36.23
C ASN F 162 -1.96 -32.36 36.10
N HIS F 163 -2.67 -32.63 37.19
CA HIS F 163 -4.09 -32.36 37.29
C HIS F 163 -4.27 -30.99 37.89
N ILE F 164 -5.01 -30.12 37.20
CA ILE F 164 -5.26 -28.77 37.67
C ILE F 164 -6.72 -28.66 38.07
N ARG F 165 -6.95 -28.39 39.35
CA ARG F 165 -8.29 -28.32 39.93
C ARG F 165 -8.65 -26.91 40.38
N GLN F 166 -7.66 -26.09 40.71
CA GLN F 166 -7.78 -24.70 41.12
C GLN F 166 -6.56 -24.00 40.54
N GLY F 167 -6.18 -22.87 41.15
CA GLY F 167 -4.85 -22.34 40.87
C GLY F 167 -3.73 -23.29 41.28
N GLU F 168 -3.99 -24.16 42.26
CA GLU F 168 -3.02 -25.13 42.74
C GLU F 168 -2.97 -26.34 41.81
N VAL F 169 -2.25 -27.38 42.24
CA VAL F 169 -2.09 -28.62 41.50
C VAL F 169 -2.64 -29.76 42.36
N ALA F 170 -3.54 -30.56 41.79
CA ALA F 170 -4.16 -31.63 42.55
C ALA F 170 -3.21 -32.82 42.73
N ARG F 171 -2.80 -33.45 41.63
CA ARG F 171 -1.94 -34.62 41.69
C ARG F 171 -1.02 -34.64 40.49
N ALA F 172 0.25 -34.94 40.73
CA ALA F 172 1.29 -34.93 39.69
C ALA F 172 1.76 -36.35 39.41
N TRP F 173 1.87 -36.68 38.13
CA TRP F 173 2.44 -37.93 37.65
C TRP F 173 3.73 -37.66 36.89
N ARG F 174 4.70 -38.55 37.04
CA ARG F 174 5.97 -38.47 36.33
C ARG F 174 6.25 -39.83 35.72
N PHE F 175 6.17 -39.92 34.40
CA PHE F 175 6.30 -41.16 33.68
C PHE F 175 7.66 -41.26 33.00
N ASP F 176 7.82 -42.30 32.21
CA ASP F 176 9.06 -42.53 31.46
C ASP F 176 8.67 -43.30 30.21
N ALA F 177 8.71 -42.63 29.07
CA ALA F 177 8.21 -43.19 27.82
C ALA F 177 9.15 -44.20 27.18
N LEU F 178 10.33 -44.41 27.77
CA LEU F 178 11.24 -45.40 27.23
C LEU F 178 10.75 -46.81 27.48
N ALA F 179 10.32 -47.09 28.72
CA ALA F 179 9.81 -48.41 29.05
C ALA F 179 8.45 -48.65 28.44
N ILE F 180 7.56 -47.66 28.51
CA ILE F 180 6.22 -47.76 27.97
C ILE F 180 6.31 -47.68 26.44
N GLY F 181 6.17 -48.82 25.78
CA GLY F 181 6.39 -48.90 24.36
C GLY F 181 5.22 -48.37 23.55
N LEU F 182 5.29 -48.63 22.24
CA LEU F 182 4.25 -48.22 21.31
C LEU F 182 3.14 -49.27 21.21
N ARG F 183 3.51 -50.51 20.90
CA ARG F 183 2.54 -51.49 20.44
C ARG F 183 1.77 -52.11 21.59
N ASP F 184 2.43 -52.35 22.72
CA ASP F 184 1.84 -53.07 23.83
C ASP F 184 1.03 -52.15 24.73
N PHE F 185 -0.06 -52.70 25.27
CA PHE F 185 -0.90 -52.01 26.24
C PHE F 185 -0.83 -52.82 27.54
N LYS F 186 0.18 -52.53 28.35
CA LYS F 186 0.41 -53.22 29.60
C LYS F 186 -0.09 -52.37 30.77
N ALA F 187 -0.69 -53.03 31.74
CA ALA F 187 -1.27 -52.32 32.88
C ALA F 187 -0.18 -51.83 33.83
N ASP F 188 -0.57 -50.86 34.66
CA ASP F 188 0.29 -50.27 35.68
C ASP F 188 -0.61 -49.58 36.68
N ALA F 189 -0.09 -49.38 37.89
CA ALA F 189 -0.89 -48.74 38.94
C ALA F 189 -1.14 -47.27 38.64
N GLU F 190 -0.11 -46.55 38.19
CA GLU F 190 -0.25 -45.13 37.91
C GLU F 190 -1.13 -44.88 36.69
N LEU F 191 -1.01 -45.74 35.67
CA LEU F 191 -1.87 -45.64 34.51
C LEU F 191 -3.31 -46.00 34.85
N ASP F 192 -3.52 -46.84 35.86
CA ASP F 192 -4.88 -47.09 36.32
C ASP F 192 -5.42 -45.92 37.11
N ALA F 193 -4.55 -45.19 37.82
CA ALA F 193 -5.00 -43.99 38.53
C ALA F 193 -5.41 -42.89 37.55
N LEU F 194 -4.53 -42.61 36.56
CA LEU F 194 -4.85 -41.58 35.59
C LEU F 194 -5.97 -42.02 34.64
N ALA F 195 -6.11 -43.32 34.42
CA ALA F 195 -7.25 -43.81 33.66
C ALA F 195 -8.55 -43.69 34.44
N GLU F 196 -8.49 -43.79 35.77
CA GLU F 196 -9.66 -43.47 36.58
C GLU F 196 -9.97 -41.98 36.54
N LEU F 197 -8.95 -41.13 36.39
CA LEU F 197 -9.22 -39.69 36.29
C LEU F 197 -9.89 -39.35 34.96
N ILE F 198 -9.37 -39.89 33.85
CA ILE F 198 -9.98 -39.60 32.55
C ILE F 198 -11.34 -40.25 32.43
N ALA F 199 -11.49 -41.48 32.94
CA ALA F 199 -12.79 -42.14 32.91
C ALA F 199 -13.79 -41.43 33.81
N SER F 200 -13.33 -40.83 34.90
CA SER F 200 -14.21 -39.99 35.69
C SER F 200 -14.52 -38.67 34.99
N GLY F 201 -13.69 -38.27 34.04
CA GLY F 201 -13.95 -37.05 33.29
C GLY F 201 -14.95 -37.22 32.17
N LEU F 202 -14.83 -38.30 31.41
CA LEU F 202 -15.70 -38.52 30.27
C LEU F 202 -17.12 -38.89 30.68
N SER F 203 -17.31 -39.44 31.87
CA SER F 203 -18.65 -39.80 32.32
C SER F 203 -19.44 -38.60 32.82
N GLY F 204 -18.81 -37.44 32.97
CA GLY F 204 -19.50 -36.26 33.44
C GLY F 204 -19.52 -36.09 34.93
N SER F 205 -18.70 -36.83 35.66
CA SER F 205 -18.69 -36.78 37.12
C SER F 205 -17.78 -35.69 37.68
N GLY F 206 -17.20 -34.86 36.83
CA GLY F 206 -16.33 -33.80 37.31
C GLY F 206 -15.72 -33.04 36.17
N HIS F 207 -14.80 -32.14 36.53
CA HIS F 207 -14.09 -31.31 35.57
C HIS F 207 -12.62 -31.71 35.56
N VAL F 208 -12.10 -32.01 34.36
CA VAL F 208 -10.74 -32.52 34.22
C VAL F 208 -9.95 -31.61 33.28
N LEU F 209 -8.96 -30.92 33.83
CA LEU F 209 -8.01 -30.13 33.07
C LEU F 209 -6.61 -30.62 33.39
N LEU F 210 -5.89 -31.06 32.36
CA LEU F 210 -4.56 -31.64 32.54
C LEU F 210 -3.51 -30.77 31.85
N GLU F 211 -2.38 -30.58 32.52
CA GLU F 211 -1.23 -29.91 31.95
C GLU F 211 -0.16 -30.96 31.66
N VAL F 212 0.22 -31.08 30.39
CA VAL F 212 1.15 -32.11 29.97
C VAL F 212 2.42 -31.44 29.48
N VAL F 213 3.55 -31.78 30.10
CA VAL F 213 4.85 -31.36 29.59
C VAL F 213 5.67 -32.60 29.26
N ALA F 214 6.60 -32.43 28.33
CA ALA F 214 7.35 -33.55 27.79
C ALA F 214 8.76 -33.11 27.49
N PHE F 215 9.72 -33.91 27.95
CA PHE F 215 11.15 -33.64 27.89
C PHE F 215 11.82 -34.68 27.02
N ALA F 216 12.48 -34.24 25.96
CA ALA F 216 13.23 -35.12 25.08
C ALA F 216 14.70 -34.69 25.10
N ARG F 217 15.60 -35.66 25.06
CA ARG F 217 17.03 -35.38 25.10
C ARG F 217 17.61 -35.85 23.77
N ILE F 218 17.61 -34.96 22.78
CA ILE F 218 17.87 -35.33 21.40
C ILE F 218 19.25 -34.88 20.93
N GLY F 219 20.05 -34.32 21.82
CA GLY F 219 21.39 -33.94 21.43
C GLY F 219 21.55 -32.42 21.35
N ASP F 220 22.80 -31.99 21.39
CA ASP F 220 23.13 -30.58 21.50
C ASP F 220 23.16 -29.95 20.11
N GLY F 221 22.34 -28.92 19.91
CA GLY F 221 22.36 -28.20 18.65
C GLY F 221 21.69 -28.92 17.50
N GLN F 222 20.89 -29.95 17.77
CA GLN F 222 20.26 -30.75 16.73
C GLN F 222 19.03 -30.04 16.16
N GLU F 223 18.24 -30.77 15.39
CA GLU F 223 17.09 -30.19 14.71
C GLU F 223 15.79 -30.71 15.31
N VAL F 224 14.91 -29.79 15.68
CA VAL F 224 13.56 -30.12 16.09
C VAL F 224 12.64 -30.02 14.90
N PHE F 225 11.50 -30.69 15.00
CA PHE F 225 10.53 -30.79 13.90
C PHE F 225 9.20 -30.19 14.35
N PRO F 226 8.98 -28.88 14.18
CA PRO F 226 7.63 -28.34 14.33
C PRO F 226 6.79 -28.65 13.09
N SER F 227 6.49 -29.94 12.90
CA SER F 227 6.24 -30.50 11.58
C SER F 227 4.91 -30.01 11.02
N GLN F 228 4.90 -28.75 10.59
CA GLN F 228 3.70 -28.08 10.13
C GLN F 228 4.06 -27.24 8.93
N GLU F 229 3.23 -27.26 7.89
CA GLU F 229 3.51 -26.49 6.68
C GLU F 229 2.19 -26.07 6.05
N LEU F 230 2.24 -24.97 5.26
CA LEU F 230 1.40 -24.75 4.08
C LEU F 230 1.87 -23.57 3.25
N ILE F 231 2.14 -23.80 1.96
CA ILE F 231 2.61 -22.74 1.07
C ILE F 231 1.51 -21.70 0.87
N LEU F 232 1.90 -20.42 0.91
CA LEU F 232 0.94 -19.31 1.02
C LEU F 232 0.30 -19.00 -0.33
N ASP F 233 -0.35 -17.85 -0.41
CA ASP F 233 -1.08 -17.45 -1.60
C ASP F 233 -0.14 -17.00 -2.71
N LYS F 234 -0.73 -16.53 -3.80
CA LYS F 234 0.00 -16.10 -4.98
C LYS F 234 0.43 -14.65 -4.92
N GLY F 235 0.22 -13.97 -3.79
CA GLY F 235 0.85 -12.67 -3.60
C GLY F 235 2.35 -12.79 -3.44
N ASP F 236 2.81 -13.88 -2.84
CA ASP F 236 4.22 -14.23 -2.77
C ASP F 236 4.45 -15.44 -3.68
N LYS F 237 5.51 -15.38 -4.47
CA LYS F 237 5.80 -16.46 -5.40
C LYS F 237 6.95 -17.31 -4.89
N LYS F 238 7.39 -18.25 -5.72
CA LYS F 238 8.54 -19.10 -5.47
C LYS F 238 9.84 -18.29 -5.52
N GLY F 239 10.94 -18.92 -5.11
CA GLY F 239 12.20 -18.22 -4.86
C GLY F 239 12.27 -17.85 -3.40
N GLN F 240 11.09 -17.58 -2.87
CA GLN F 240 10.73 -17.62 -1.47
C GLN F 240 10.50 -19.07 -1.04
N LYS F 241 9.83 -19.24 0.08
CA LYS F 241 9.82 -20.49 0.82
C LYS F 241 9.15 -21.63 0.04
N SER F 242 9.89 -22.72 -0.10
CA SER F 242 9.33 -24.02 -0.44
C SER F 242 8.96 -24.83 0.78
N LYS F 243 9.14 -24.25 1.97
CA LYS F 243 8.88 -24.90 3.25
C LYS F 243 8.71 -23.84 4.32
N THR F 244 7.50 -23.67 4.80
CA THR F 244 7.24 -22.79 5.94
C THR F 244 6.87 -23.63 7.16
N LEU F 245 6.93 -22.99 8.32
CA LEU F 245 6.67 -23.68 9.57
C LEU F 245 5.71 -22.84 10.41
N TYR F 246 4.79 -23.52 11.09
CA TYR F 246 3.82 -22.85 11.94
C TYR F 246 4.48 -22.29 13.18
N SER F 247 3.97 -21.15 13.61
CA SER F 247 4.49 -20.51 14.80
C SER F 247 3.38 -19.75 15.50
N VAL F 248 3.70 -19.30 16.70
CA VAL F 248 2.92 -18.38 17.50
C VAL F 248 3.87 -17.21 17.64
N ARG F 249 3.61 -16.31 18.60
CA ARG F 249 4.46 -15.14 18.73
C ARG F 249 5.88 -15.53 19.12
N ASP F 250 6.71 -15.74 18.09
CA ASP F 250 8.14 -16.06 18.20
C ASP F 250 8.40 -17.36 18.96
N ALA F 251 7.74 -18.43 18.54
CA ALA F 251 7.98 -19.76 19.08
C ALA F 251 7.45 -20.79 18.09
N ALA F 252 8.24 -21.83 17.84
CA ALA F 252 7.78 -22.92 17.01
C ALA F 252 6.74 -23.75 17.76
N ALA F 253 5.77 -24.29 17.03
CA ALA F 253 4.67 -24.97 17.69
C ALA F 253 4.09 -26.03 16.76
N ILE F 254 3.48 -27.03 17.38
CA ILE F 254 2.74 -28.09 16.70
C ILE F 254 1.27 -27.73 16.75
N HIS F 255 0.54 -27.99 15.66
CA HIS F 255 -0.90 -27.80 15.65
C HIS F 255 -1.58 -28.69 16.67
N SER F 256 -2.79 -28.30 17.08
CA SER F 256 -3.56 -29.13 17.99
C SER F 256 -4.12 -30.36 17.31
N GLN F 257 -4.09 -30.39 15.99
CA GLN F 257 -4.64 -31.51 15.23
C GLN F 257 -3.73 -32.72 15.25
N LYS F 258 -2.40 -32.52 15.27
CA LYS F 258 -1.50 -33.65 15.39
C LYS F 258 -1.43 -34.17 16.81
N ILE F 259 -1.58 -33.30 17.80
CA ILE F 259 -1.70 -33.75 19.18
C ILE F 259 -2.96 -34.57 19.37
N GLY F 260 -4.08 -34.05 18.86
CA GLY F 260 -5.32 -34.78 18.94
C GLY F 260 -5.32 -36.07 18.13
N ASN F 261 -4.55 -36.11 17.05
CA ASN F 261 -4.38 -37.36 16.32
C ASN F 261 -3.54 -38.34 17.12
N ALA F 262 -2.53 -37.85 17.83
CA ALA F 262 -1.70 -38.75 18.61
C ALA F 262 -2.43 -39.33 19.80
N LEU F 263 -3.39 -38.59 20.36
CA LEU F 263 -4.14 -39.10 21.50
C LEU F 263 -5.29 -40.02 21.13
N ARG F 264 -5.46 -40.40 19.87
CA ARG F 264 -6.52 -41.34 19.56
C ARG F 264 -6.07 -42.42 18.57
N THR F 265 -4.79 -42.82 18.65
CA THR F 265 -4.35 -44.02 17.95
C THR F 265 -4.50 -45.19 18.90
N ILE F 266 -5.74 -45.64 19.05
CA ILE F 266 -6.09 -46.73 19.96
C ILE F 266 -6.70 -47.91 19.23
N ASP F 267 -6.84 -47.84 17.92
CA ASP F 267 -7.61 -48.82 17.16
C ASP F 267 -6.69 -49.98 16.78
N THR F 268 -6.78 -51.08 17.53
CA THR F 268 -6.19 -52.34 17.12
C THR F 268 -7.23 -53.32 16.62
N TRP F 269 -8.51 -52.95 16.69
CA TRP F 269 -9.65 -53.82 16.45
C TRP F 269 -10.17 -53.72 15.03
N TYR F 270 -9.27 -53.89 14.07
CA TYR F 270 -9.63 -53.89 12.66
C TYR F 270 -9.18 -55.26 12.15
N PRO F 271 -9.48 -55.68 10.87
CA PRO F 271 -8.98 -56.98 10.41
C PRO F 271 -7.47 -57.14 10.49
N ASP F 272 -7.04 -58.03 11.39
CA ASP F 272 -5.68 -58.10 11.88
C ASP F 272 -4.79 -59.01 11.05
N GLU F 273 -5.17 -59.29 9.80
CA GLU F 273 -4.20 -59.84 8.87
C GLU F 273 -3.11 -58.83 8.53
N ASP F 274 -3.41 -57.55 8.70
CA ASP F 274 -2.42 -56.48 8.66
C ASP F 274 -2.51 -55.70 9.96
N GLY F 275 -2.50 -56.44 11.08
CA GLY F 275 -2.63 -55.89 12.43
C GLY F 275 -1.65 -54.78 12.79
N LEU F 276 -0.36 -55.12 12.90
CA LEU F 276 0.76 -54.17 12.72
C LEU F 276 0.88 -53.09 13.81
N GLY F 277 -0.07 -53.00 14.73
CA GLY F 277 -0.06 -51.94 15.71
C GLY F 277 -1.28 -51.05 15.58
N PRO F 278 -1.45 -50.12 16.53
CA PRO F 278 -2.65 -49.29 16.53
C PRO F 278 -2.64 -48.25 15.43
N ILE F 279 -3.85 -47.89 14.98
CA ILE F 279 -4.04 -46.79 14.05
C ILE F 279 -5.04 -45.82 14.68
N ALA F 280 -5.24 -44.68 14.02
CA ALA F 280 -6.14 -43.66 14.54
C ALA F 280 -7.59 -44.05 14.28
N VAL F 281 -8.49 -43.46 15.05
CA VAL F 281 -9.91 -43.77 14.98
C VAL F 281 -10.55 -42.85 13.95
N GLU F 282 -10.97 -43.42 12.84
CA GLU F 282 -11.68 -42.74 11.77
C GLU F 282 -12.93 -43.54 11.47
N PRO F 283 -13.94 -42.95 10.83
CA PRO F 283 -15.09 -43.76 10.38
C PRO F 283 -14.71 -44.82 9.36
N TYR F 284 -14.09 -44.41 8.27
CA TYR F 284 -13.44 -45.33 7.34
C TYR F 284 -12.01 -45.42 7.82
N GLY F 285 -11.60 -46.60 8.29
CA GLY F 285 -10.37 -46.70 9.04
C GLY F 285 -9.11 -46.50 8.23
N SER F 286 -8.91 -45.26 7.79
CA SER F 286 -7.96 -44.94 6.74
C SER F 286 -6.68 -44.36 7.32
N VAL F 287 -5.57 -44.67 6.67
CA VAL F 287 -4.26 -44.10 6.97
C VAL F 287 -3.75 -43.45 5.69
N THR F 288 -3.45 -42.15 5.77
CA THR F 288 -3.08 -41.39 4.59
C THR F 288 -1.63 -41.63 4.18
N SER F 289 -0.73 -41.78 5.15
CA SER F 289 0.67 -42.03 4.83
C SER F 289 0.86 -43.40 4.21
N GLN F 290 0.15 -44.41 4.72
CA GLN F 290 0.10 -45.70 4.03
C GLN F 290 -0.73 -45.62 2.75
N GLY F 291 -1.60 -44.63 2.63
CA GLY F 291 -2.48 -44.55 1.49
C GLY F 291 -3.51 -45.65 1.43
N LYS F 292 -3.87 -46.21 2.57
CA LYS F 292 -4.68 -47.42 2.61
C LYS F 292 -5.85 -47.22 3.55
N ALA F 293 -7.04 -47.56 3.09
CA ALA F 293 -8.27 -47.42 3.87
C ALA F 293 -8.66 -48.79 4.41
N TYR F 294 -8.26 -49.06 5.64
CA TYR F 294 -8.78 -50.18 6.41
C TYR F 294 -10.26 -49.91 6.72
N ARG F 295 -10.96 -50.97 7.13
CA ARG F 295 -12.41 -50.95 7.41
C ARG F 295 -13.19 -50.45 6.20
N GLN F 296 -13.13 -51.24 5.12
CA GLN F 296 -13.87 -50.91 3.91
C GLN F 296 -15.37 -51.06 4.16
N PRO F 297 -16.19 -50.26 3.47
CA PRO F 297 -17.65 -50.45 3.55
C PRO F 297 -18.14 -51.69 2.84
N LYS F 298 -17.31 -52.34 2.01
CA LYS F 298 -17.65 -53.65 1.49
C LYS F 298 -17.73 -54.68 2.60
N GLN F 299 -16.77 -54.66 3.51
CA GLN F 299 -16.91 -55.36 4.77
C GLN F 299 -17.90 -54.63 5.67
N LYS F 300 -18.37 -55.31 6.69
CA LYS F 300 -19.33 -54.73 7.63
C LYS F 300 -18.66 -54.21 8.89
N LEU F 301 -17.41 -53.75 8.80
CA LEU F 301 -16.69 -53.18 9.93
C LEU F 301 -16.52 -51.67 9.79
N ASP F 302 -17.43 -51.04 9.07
CA ASP F 302 -17.52 -49.59 8.95
C ASP F 302 -18.14 -49.00 10.21
N PHE F 303 -17.93 -47.70 10.42
CA PHE F 303 -18.62 -47.02 11.53
C PHE F 303 -20.10 -46.84 11.23
N TYR F 304 -20.44 -46.50 9.99
CA TYR F 304 -21.82 -46.19 9.64
C TYR F 304 -22.70 -47.43 9.68
N THR F 305 -22.17 -48.57 9.23
CA THR F 305 -22.96 -49.79 9.21
C THR F 305 -23.15 -50.35 10.62
N LEU F 306 -22.14 -50.23 11.48
CA LEU F 306 -22.29 -50.68 12.85
C LEU F 306 -23.22 -49.78 13.64
N LEU F 307 -23.16 -48.46 13.38
CA LEU F 307 -24.06 -47.55 14.08
C LEU F 307 -25.50 -47.73 13.64
N ASP F 308 -25.70 -47.97 12.34
CA ASP F 308 -27.06 -48.23 11.85
C ASP F 308 -27.59 -49.57 12.36
N ASN F 309 -26.75 -50.59 12.36
CA ASN F 309 -27.20 -51.91 12.80
C ASN F 309 -27.35 -52.01 14.31
N TRP F 310 -26.76 -51.09 15.07
CA TRP F 310 -26.85 -51.16 16.52
C TRP F 310 -27.82 -50.15 17.11
N VAL F 311 -28.15 -49.09 16.40
CA VAL F 311 -29.19 -48.18 16.86
C VAL F 311 -30.55 -48.58 16.33
N LEU F 312 -30.68 -48.73 15.01
CA LEU F 312 -31.97 -48.97 14.40
C LEU F 312 -32.42 -50.43 14.56
N ARG F 313 -31.64 -51.36 14.01
CA ARG F 313 -32.04 -52.74 13.90
C ARG F 313 -31.75 -53.57 15.14
N ASP F 314 -31.20 -52.95 16.19
CA ASP F 314 -30.96 -53.55 17.51
C ASP F 314 -30.02 -54.75 17.46
N GLU F 315 -29.15 -54.80 16.46
CA GLU F 315 -28.18 -55.88 16.34
C GLU F 315 -26.88 -55.42 16.99
N ALA F 316 -26.65 -55.85 18.22
CA ALA F 316 -25.47 -55.39 18.95
C ALA F 316 -24.23 -56.09 18.42
N PRO F 317 -23.18 -55.37 18.05
CA PRO F 317 -21.97 -56.01 17.56
C PRO F 317 -21.14 -56.61 18.69
N ALA F 318 -19.94 -57.09 18.35
CA ALA F 318 -19.00 -57.54 19.37
C ALA F 318 -18.57 -56.38 20.27
N VAL F 319 -18.00 -56.72 21.42
CA VAL F 319 -17.79 -55.73 22.47
C VAL F 319 -16.69 -54.75 22.09
N GLU F 320 -15.66 -55.22 21.37
CA GLU F 320 -14.59 -54.32 20.94
C GLU F 320 -15.06 -53.40 19.81
N GLN F 321 -16.03 -53.84 19.01
CA GLN F 321 -16.59 -52.95 18.01
C GLN F 321 -17.45 -51.89 18.68
N GLN F 322 -18.04 -52.21 19.83
CA GLN F 322 -18.74 -51.21 20.61
C GLN F 322 -17.77 -50.18 21.18
N HIS F 323 -16.57 -50.64 21.57
CA HIS F 323 -15.52 -49.70 21.94
C HIS F 323 -15.12 -48.81 20.77
N TYR F 324 -15.12 -49.37 19.56
CA TYR F 324 -14.80 -48.58 18.38
C TYR F 324 -15.84 -47.51 18.10
N VAL F 325 -17.12 -47.86 18.21
CA VAL F 325 -18.18 -46.91 17.88
C VAL F 325 -18.26 -45.82 18.94
N ILE F 326 -18.16 -46.17 20.22
CA ILE F 326 -18.21 -45.15 21.26
C ILE F 326 -16.97 -44.27 21.22
N ALA F 327 -15.82 -44.85 20.88
CA ALA F 327 -14.61 -44.04 20.70
C ALA F 327 -14.77 -43.08 19.52
N ASN F 328 -15.47 -43.51 18.48
CA ASN F 328 -15.71 -42.65 17.35
C ASN F 328 -16.79 -41.61 17.62
N LEU F 329 -17.60 -41.78 18.67
CA LEU F 329 -18.45 -40.68 19.12
C LEU F 329 -17.70 -39.71 20.01
N ILE F 330 -16.69 -40.18 20.74
CA ILE F 330 -15.85 -39.27 21.50
C ILE F 330 -14.99 -38.43 20.56
N ARG F 331 -14.64 -38.98 19.38
CA ARG F 331 -13.99 -38.18 18.36
C ARG F 331 -14.88 -37.04 17.87
N GLY F 332 -16.15 -37.33 17.60
CA GLY F 332 -17.06 -36.34 17.06
C GLY F 332 -16.90 -36.18 15.56
N GLY F 333 -17.92 -35.58 14.94
CA GLY F 333 -17.87 -35.38 13.51
C GLY F 333 -19.19 -34.86 12.99
N VAL F 334 -19.30 -34.90 11.66
CA VAL F 334 -20.50 -34.49 10.93
C VAL F 334 -21.08 -35.74 10.29
N PHE F 335 -22.20 -36.21 10.82
CA PHE F 335 -22.80 -37.46 10.41
C PHE F 335 -24.18 -37.14 9.82
N GLY F 336 -24.88 -38.17 9.38
CA GLY F 336 -26.24 -37.94 8.93
C GLY F 336 -26.55 -38.55 7.58
N GLU F 337 -26.98 -37.73 6.64
CA GLU F 337 -27.25 -38.19 5.28
C GLU F 337 -26.68 -37.25 4.22
N ALA F 338 -26.58 -35.97 4.54
CA ALA F 338 -26.13 -34.96 3.58
C ALA F 338 -24.61 -34.93 3.45
N LEU G 5 -63.52 -4.51 11.74
CA LEU G 5 -62.14 -4.46 12.21
C LEU G 5 -61.30 -5.54 11.53
N SER G 6 -60.89 -5.27 10.30
CA SER G 6 -59.95 -6.17 9.65
C SER G 6 -58.54 -5.94 10.18
N THR G 7 -57.68 -6.92 9.94
CA THR G 7 -56.29 -6.83 10.35
C THR G 7 -55.57 -5.80 9.48
N ALA G 8 -54.78 -4.92 10.11
CA ALA G 8 -54.01 -3.94 9.37
C ALA G 8 -52.94 -4.64 8.54
N SER G 9 -52.76 -4.17 7.31
CA SER G 9 -51.90 -4.86 6.37
C SER G 9 -50.42 -4.62 6.61
N VAL G 10 -50.06 -3.54 7.31
CA VAL G 10 -48.68 -3.21 7.59
C VAL G 10 -48.53 -3.05 9.10
N LEU G 11 -47.69 -3.88 9.71
CA LEU G 11 -47.29 -3.67 11.09
C LEU G 11 -45.79 -3.81 11.21
N ALA G 12 -45.21 -3.06 12.15
CA ALA G 12 -43.77 -3.08 12.33
C ALA G 12 -43.46 -2.65 13.75
N PHE G 13 -42.84 -3.54 14.52
CA PHE G 13 -42.43 -3.23 15.88
C PHE G 13 -40.91 -3.26 15.95
N GLU G 14 -40.32 -2.23 16.53
CA GLU G 14 -38.88 -2.21 16.74
C GLU G 14 -38.57 -2.81 18.11
N ARG G 15 -37.37 -3.37 18.23
CA ARG G 15 -37.04 -4.15 19.41
C ARG G 15 -36.75 -3.23 20.59
N LYS G 16 -36.94 -3.77 21.79
CA LYS G 16 -36.84 -2.99 23.00
C LYS G 16 -35.71 -3.42 23.91
N LEU G 17 -35.08 -4.56 23.65
CA LEU G 17 -33.85 -4.96 24.30
C LEU G 17 -32.74 -4.86 23.27
N ASP G 18 -31.80 -3.94 23.48
CA ASP G 18 -30.81 -3.60 22.46
C ASP G 18 -29.42 -3.92 22.98
N PRO G 19 -28.84 -5.06 22.58
CA PRO G 19 -27.45 -5.38 22.96
C PRO G 19 -26.44 -4.79 22.00
N SER G 20 -25.16 -5.14 22.20
CA SER G 20 -24.09 -4.73 21.30
C SER G 20 -23.16 -5.92 21.11
N ASP G 21 -21.99 -5.67 20.54
CA ASP G 21 -21.02 -6.73 20.29
C ASP G 21 -20.30 -7.09 21.57
N ALA G 22 -19.59 -8.22 21.56
CA ALA G 22 -19.16 -8.84 22.81
C ALA G 22 -17.72 -8.60 23.19
N LEU G 23 -16.80 -8.47 22.22
CA LEU G 23 -15.45 -7.91 22.42
C LEU G 23 -14.62 -8.71 23.42
N MET G 24 -14.27 -9.94 23.03
CA MET G 24 -13.58 -10.83 23.95
C MET G 24 -12.15 -10.39 24.21
N SER G 25 -11.70 -10.57 25.45
CA SER G 25 -10.32 -10.34 25.83
C SER G 25 -9.89 -11.44 26.78
N ALA G 26 -8.61 -11.47 27.13
CA ALA G 26 -8.09 -12.59 27.89
C ALA G 26 -7.14 -12.13 28.99
N GLY G 27 -7.06 -12.94 30.03
CA GLY G 27 -6.17 -12.63 31.13
C GLY G 27 -6.12 -13.77 32.13
N ALA G 28 -5.63 -13.45 33.32
CA ALA G 28 -5.45 -14.42 34.39
C ALA G 28 -6.53 -14.27 35.46
N TRP G 29 -6.98 -15.39 36.01
CA TRP G 29 -7.91 -15.38 37.12
C TRP G 29 -7.23 -14.80 38.35
N ALA G 30 -8.06 -14.27 39.26
CA ALA G 30 -7.74 -13.46 40.45
C ALA G 30 -7.14 -12.10 40.10
N GLN G 31 -7.02 -11.76 38.81
CA GLN G 31 -6.82 -10.40 38.36
C GLN G 31 -8.12 -9.80 37.81
N ARG G 32 -9.25 -10.33 38.27
CA ARG G 32 -10.56 -9.91 37.78
C ARG G 32 -10.87 -8.47 38.15
N ASP G 33 -10.36 -8.01 39.27
CA ASP G 33 -10.68 -6.66 39.75
C ASP G 33 -9.96 -5.58 38.96
N ALA G 34 -8.84 -5.90 38.31
CA ALA G 34 -8.09 -4.96 37.51
C ALA G 34 -8.11 -5.34 36.03
N SER G 35 -9.27 -5.77 35.55
CA SER G 35 -9.40 -6.29 34.20
C SER G 35 -9.72 -5.22 33.17
N GLN G 36 -9.39 -3.96 33.45
CA GLN G 36 -9.64 -2.89 32.51
C GLN G 36 -8.58 -2.77 31.43
N GLU G 37 -7.45 -3.47 31.59
CA GLU G 37 -6.32 -3.30 30.69
C GLU G 37 -5.88 -4.61 30.06
N TRP G 38 -6.74 -5.61 30.01
CA TRP G 38 -6.36 -6.90 29.45
C TRP G 38 -6.26 -6.79 27.92
N PRO G 39 -5.32 -7.49 27.31
CA PRO G 39 -5.21 -7.46 25.85
C PRO G 39 -6.31 -8.29 25.21
N ALA G 40 -6.54 -8.02 23.93
CA ALA G 40 -7.63 -8.65 23.23
C ALA G 40 -7.22 -10.02 22.68
N VAL G 41 -8.21 -10.83 22.38
CA VAL G 41 -7.99 -12.11 21.72
C VAL G 41 -8.04 -11.89 20.22
N THR G 42 -6.96 -12.22 19.54
CA THR G 42 -6.86 -12.00 18.11
C THR G 42 -7.21 -13.26 17.35
N VAL G 43 -7.61 -13.08 16.09
CA VAL G 43 -8.00 -14.16 15.20
C VAL G 43 -6.86 -14.36 14.21
N ARG G 44 -6.34 -15.58 14.15
CA ARG G 44 -5.19 -15.85 13.29
C ARG G 44 -5.43 -17.10 12.48
N GLU G 45 -4.61 -17.31 11.46
CA GLU G 45 -4.80 -18.39 10.51
C GLU G 45 -3.97 -19.61 10.88
N LYS G 46 -4.42 -20.76 10.41
CA LYS G 46 -3.65 -21.99 10.49
C LYS G 46 -4.12 -22.89 9.35
N SER G 47 -3.29 -23.86 9.01
CA SER G 47 -3.61 -24.76 7.92
C SER G 47 -4.02 -26.12 8.46
N VAL G 48 -4.79 -26.86 7.65
CA VAL G 48 -5.43 -28.13 8.01
C VAL G 48 -5.26 -29.07 6.83
N ARG G 49 -4.89 -30.33 7.08
CA ARG G 49 -5.04 -31.37 6.08
C ARG G 49 -6.17 -32.27 6.56
N GLY G 50 -7.26 -32.28 5.81
CA GLY G 50 -8.45 -33.00 6.22
C GLY G 50 -8.43 -34.45 5.79
N THR G 51 -9.58 -35.09 5.98
CA THR G 51 -9.72 -36.51 5.67
C THR G 51 -11.10 -36.72 5.04
N ILE G 52 -11.46 -37.98 4.83
CA ILE G 52 -12.75 -38.35 4.25
C ILE G 52 -13.57 -39.07 5.30
N SER G 53 -14.72 -38.51 5.66
CA SER G 53 -15.61 -39.15 6.61
C SER G 53 -17.09 -38.97 6.24
N ASN G 54 -17.42 -38.87 4.96
CA ASN G 54 -18.79 -38.54 4.54
C ASN G 54 -19.33 -39.52 3.48
N ARG G 55 -19.83 -40.66 3.94
CA ARG G 55 -20.92 -41.47 3.35
C ARG G 55 -20.79 -41.69 1.84
N LEU G 56 -19.78 -42.47 1.46
CA LEU G 56 -19.71 -42.94 0.07
C LEU G 56 -20.89 -43.85 -0.22
N LYS G 57 -21.68 -43.49 -1.24
CA LYS G 57 -22.84 -44.28 -1.67
C LYS G 57 -22.80 -44.42 -3.20
N THR G 58 -22.11 -45.44 -3.69
CA THR G 58 -22.00 -45.67 -5.12
C THR G 58 -21.84 -47.16 -5.35
N LYS G 59 -21.37 -47.53 -6.55
CA LYS G 59 -21.14 -48.92 -6.92
C LYS G 59 -19.73 -49.38 -6.59
N ASP G 60 -18.70 -48.67 -7.08
CA ASP G 60 -17.32 -49.08 -6.90
C ASP G 60 -16.76 -48.55 -5.59
N ARG G 61 -15.97 -49.38 -4.91
CA ARG G 61 -15.46 -49.04 -3.58
C ARG G 61 -13.95 -48.89 -3.53
N ASP G 62 -13.20 -49.93 -3.92
CA ASP G 62 -11.76 -49.96 -3.65
C ASP G 62 -10.94 -48.91 -4.40
N PRO G 63 -11.06 -48.72 -5.73
CA PRO G 63 -10.24 -47.67 -6.35
C PRO G 63 -10.72 -46.26 -6.03
N ALA G 64 -12.02 -46.08 -5.79
CA ALA G 64 -12.54 -44.75 -5.49
C ALA G 64 -12.05 -44.27 -4.13
N LYS G 65 -11.90 -45.19 -3.17
CA LYS G 65 -11.46 -44.83 -1.84
C LYS G 65 -9.94 -44.81 -1.73
N LEU G 66 -9.26 -45.78 -2.34
CA LEU G 66 -7.80 -45.77 -2.27
C LEU G 66 -7.19 -44.71 -3.20
N ASP G 67 -7.96 -44.20 -4.15
CA ASP G 67 -7.51 -43.03 -4.89
C ASP G 67 -8.05 -41.74 -4.30
N ALA G 68 -9.19 -41.78 -3.61
CA ALA G 68 -9.73 -40.57 -3.01
C ALA G 68 -9.00 -40.18 -1.73
N SER G 69 -8.46 -41.15 -1.00
CA SER G 69 -7.79 -40.86 0.26
C SER G 69 -6.34 -40.41 0.09
N ILE G 70 -5.85 -40.34 -1.14
CA ILE G 70 -4.56 -39.71 -1.43
C ILE G 70 -4.64 -38.66 -2.53
N GLN G 71 -5.70 -38.65 -3.35
CA GLN G 71 -5.71 -37.89 -4.59
C GLN G 71 -5.84 -36.39 -4.32
N SER G 72 -6.72 -36.01 -3.41
CA SER G 72 -6.85 -34.61 -3.00
C SER G 72 -7.31 -34.58 -1.56
N PRO G 73 -6.38 -34.57 -0.61
CA PRO G 73 -6.76 -34.31 0.78
C PRO G 73 -7.24 -32.87 0.93
N ASN G 74 -8.06 -32.66 1.95
CA ASN G 74 -8.67 -31.36 2.19
C ASN G 74 -7.61 -30.42 2.75
N LEU G 75 -6.84 -29.84 1.84
CA LEU G 75 -5.86 -28.83 2.22
C LEU G 75 -6.61 -27.53 2.43
N GLN G 76 -6.89 -27.21 3.68
CA GLN G 76 -7.69 -26.04 3.97
C GLN G 76 -6.87 -25.06 4.81
N THR G 77 -7.40 -23.85 4.97
CA THR G 77 -6.73 -22.79 5.73
C THR G 77 -7.79 -22.12 6.60
N VAL G 78 -7.93 -22.60 7.83
CA VAL G 78 -8.99 -22.15 8.69
C VAL G 78 -8.47 -21.05 9.61
N ASP G 79 -9.40 -20.33 10.23
CA ASP G 79 -9.07 -19.38 11.28
C ASP G 79 -9.25 -20.02 12.65
N VAL G 80 -8.60 -19.42 13.63
CA VAL G 80 -8.60 -19.95 14.99
C VAL G 80 -8.37 -18.78 15.93
N ALA G 81 -8.90 -18.90 17.14
CA ALA G 81 -8.71 -17.91 18.20
C ALA G 81 -8.40 -18.67 19.48
N ASN G 82 -7.20 -18.48 20.00
CA ASN G 82 -6.80 -19.13 21.24
C ASN G 82 -6.42 -18.07 22.26
N LEU G 83 -6.47 -18.46 23.53
CA LEU G 83 -5.95 -17.61 24.58
C LEU G 83 -4.43 -17.55 24.49
N PRO G 84 -3.80 -16.54 25.08
CA PRO G 84 -2.34 -16.58 25.22
C PRO G 84 -1.89 -17.72 26.12
N SER G 85 -0.62 -18.05 26.03
CA SER G 85 -0.08 -19.25 26.68
C SER G 85 0.04 -19.11 28.19
N ASP G 86 -0.17 -17.92 28.74
CA ASP G 86 -0.08 -17.69 30.17
C ASP G 86 -1.33 -16.97 30.68
N ALA G 87 -2.49 -17.36 30.18
CA ALA G 87 -3.74 -16.76 30.59
C ALA G 87 -4.83 -17.83 30.54
N ASP G 88 -5.68 -17.87 31.56
CA ASP G 88 -6.71 -18.90 31.64
C ASP G 88 -8.09 -18.33 31.93
N THR G 89 -8.36 -17.11 31.48
CA THR G 89 -9.62 -16.46 31.78
C THR G 89 -10.08 -15.64 30.59
N LEU G 90 -11.29 -15.91 30.12
CA LEU G 90 -11.94 -15.18 29.05
C LEU G 90 -12.86 -14.11 29.64
N LYS G 91 -12.79 -12.92 29.06
CA LYS G 91 -13.61 -11.79 29.45
C LYS G 91 -14.49 -11.36 28.29
N VAL G 92 -15.79 -11.25 28.53
CA VAL G 92 -16.75 -10.83 27.52
C VAL G 92 -17.53 -9.64 28.07
N ARG G 93 -17.46 -8.51 27.36
CA ARG G 93 -18.06 -7.26 27.82
C ARG G 93 -18.98 -6.70 26.76
N PHE G 94 -20.26 -6.59 27.08
CA PHE G 94 -21.20 -5.91 26.19
C PHE G 94 -22.09 -5.00 27.02
N THR G 95 -22.85 -4.15 26.33
CA THR G 95 -23.79 -3.25 26.98
C THR G 95 -25.20 -3.59 26.54
N LEU G 96 -26.18 -2.99 27.20
CA LEU G 96 -27.57 -3.35 26.94
C LEU G 96 -28.46 -2.16 27.28
N ARG G 97 -29.21 -1.67 26.30
CA ARG G 97 -30.23 -0.68 26.57
C ARG G 97 -31.59 -1.35 26.70
N VAL G 98 -32.34 -0.97 27.71
CA VAL G 98 -33.70 -1.47 27.90
C VAL G 98 -34.63 -0.32 27.55
N LEU G 99 -35.23 -0.37 26.38
CA LEU G 99 -36.07 0.72 25.90
C LEU G 99 -37.51 0.51 26.33
N GLY G 100 -38.17 1.61 26.70
CA GLY G 100 -39.54 1.55 27.15
C GLY G 100 -40.53 1.78 26.02
N GLY G 101 -41.80 1.65 26.36
CA GLY G 101 -42.85 1.89 25.39
C GLY G 101 -43.12 0.74 24.45
N ALA G 102 -43.21 -0.47 24.97
CA ALA G 102 -43.52 -1.62 24.13
C ALA G 102 -44.99 -1.63 23.77
N GLY G 103 -45.31 -2.26 22.65
CA GLY G 103 -46.67 -2.37 22.18
C GLY G 103 -47.09 -1.31 21.19
N THR G 104 -46.43 -0.16 21.18
CA THR G 104 -46.77 0.88 20.22
C THR G 104 -46.02 0.63 18.92
N PRO G 105 -46.70 0.39 17.81
CA PRO G 105 -46.01 0.09 16.56
C PRO G 105 -45.40 1.33 15.95
N SER G 106 -44.51 1.11 14.99
CA SER G 106 -43.88 2.19 14.25
C SER G 106 -44.52 2.44 12.89
N ALA G 107 -45.37 1.53 12.42
CA ALA G 107 -46.03 1.69 11.14
C ALA G 107 -47.32 0.89 11.16
N CYS G 108 -48.44 1.54 10.84
CA CYS G 108 -49.73 0.87 10.86
C CYS G 108 -50.69 1.59 9.93
N ASN G 109 -51.45 0.83 9.15
CA ASN G 109 -52.43 1.43 8.26
C ASN G 109 -53.63 1.97 9.02
N ASP G 110 -54.35 1.09 9.71
CA ASP G 110 -55.59 1.45 10.37
C ASP G 110 -55.32 2.26 11.62
N ALA G 111 -56.27 3.15 11.94
CA ALA G 111 -56.24 3.88 13.20
C ALA G 111 -57.08 3.21 14.27
N ALA G 112 -58.12 2.48 13.88
CA ALA G 112 -58.93 1.77 14.86
C ALA G 112 -58.22 0.53 15.38
N TYR G 113 -57.48 -0.16 14.51
CA TYR G 113 -56.76 -1.35 14.91
C TYR G 113 -55.61 -1.01 15.86
N ARG G 114 -54.98 0.15 15.64
CA ARG G 114 -53.91 0.58 16.54
C ARG G 114 -54.46 0.96 17.91
N ASP G 115 -55.61 1.61 17.95
CA ASP G 115 -56.20 2.00 19.23
C ASP G 115 -56.70 0.77 19.99
N LYS G 116 -57.26 -0.20 19.28
CA LYS G 116 -57.65 -1.46 19.92
C LYS G 116 -56.44 -2.21 20.44
N LEU G 117 -55.33 -2.17 19.70
CA LEU G 117 -54.10 -2.82 20.14
C LEU G 117 -53.53 -2.15 21.39
N LEU G 118 -53.55 -0.82 21.44
CA LEU G 118 -53.03 -0.13 22.62
C LEU G 118 -53.95 -0.31 23.82
N GLN G 119 -55.26 -0.46 23.61
CA GLN G 119 -56.14 -0.79 24.73
C GLN G 119 -55.89 -2.21 25.23
N THR G 120 -55.54 -3.12 24.32
CA THR G 120 -55.25 -4.49 24.74
C THR G 120 -53.96 -4.56 25.55
N VAL G 121 -52.89 -3.90 25.06
CA VAL G 121 -51.61 -3.94 25.76
C VAL G 121 -51.69 -3.18 27.08
N ALA G 122 -52.38 -2.04 27.09
CA ALA G 122 -52.57 -1.29 28.33
C ALA G 122 -53.43 -2.05 29.33
N THR G 123 -54.38 -2.85 28.82
CA THR G 123 -55.14 -3.74 29.70
C THR G 123 -54.24 -4.81 30.29
N TYR G 124 -53.31 -5.35 29.50
CA TYR G 124 -52.37 -6.35 30.00
C TYR G 124 -51.47 -5.78 31.09
N VAL G 125 -50.92 -4.58 30.85
CA VAL G 125 -49.99 -3.99 31.81
C VAL G 125 -50.72 -3.57 33.08
N ASN G 126 -51.97 -3.10 32.94
CA ASN G 126 -52.73 -2.71 34.13
C ASN G 126 -53.20 -3.92 34.92
N ASP G 127 -53.44 -5.05 34.27
CA ASP G 127 -53.82 -6.24 35.02
C ASP G 127 -52.62 -6.84 35.74
N GLN G 128 -51.47 -6.88 35.09
CA GLN G 128 -50.26 -7.42 35.70
C GLN G 128 -49.04 -6.75 35.06
N GLY G 129 -47.99 -6.60 35.84
CA GLY G 129 -46.83 -5.87 35.41
C GLY G 129 -45.97 -6.67 34.45
N PHE G 130 -44.76 -6.15 34.24
CA PHE G 130 -43.71 -6.83 33.48
C PHE G 130 -42.80 -7.66 34.38
N ALA G 131 -43.30 -8.16 35.49
CA ALA G 131 -42.43 -8.82 36.47
C ALA G 131 -41.98 -10.19 36.02
N GLU G 132 -42.85 -10.92 35.30
CA GLU G 132 -42.49 -12.27 34.86
C GLU G 132 -41.41 -12.23 33.78
N LEU G 133 -41.60 -11.38 32.77
CA LEU G 133 -40.65 -11.32 31.67
C LEU G 133 -39.33 -10.73 32.11
N ALA G 134 -39.35 -9.74 32.99
CA ALA G 134 -38.10 -9.21 33.51
C ALA G 134 -37.43 -10.18 34.48
N ARG G 135 -38.22 -11.05 35.11
CA ARG G 135 -37.61 -12.08 35.95
C ARG G 135 -36.87 -13.11 35.11
N ARG G 136 -37.46 -13.53 33.99
CA ARG G 136 -36.78 -14.50 33.14
C ARG G 136 -35.61 -13.88 32.38
N TYR G 137 -35.75 -12.62 31.96
CA TYR G 137 -34.62 -11.92 31.35
C TYR G 137 -33.48 -11.73 32.36
N ALA G 138 -33.84 -11.53 33.63
CA ALA G 138 -32.83 -11.45 34.68
C ALA G 138 -32.13 -12.79 34.87
N HIS G 139 -32.85 -13.89 34.72
CA HIS G 139 -32.17 -15.20 34.79
C HIS G 139 -31.24 -15.42 33.60
N ASN G 140 -31.63 -14.99 32.41
CA ASN G 140 -30.74 -15.19 31.26
C ASN G 140 -29.55 -14.24 31.29
N LEU G 141 -29.67 -13.11 31.98
CA LEU G 141 -28.46 -12.33 32.23
C LEU G 141 -27.64 -12.92 33.37
N ALA G 142 -28.25 -13.70 34.26
CA ALA G 142 -27.52 -14.23 35.40
C ALA G 142 -26.70 -15.45 35.04
N ASN G 143 -27.32 -16.46 34.42
CA ASN G 143 -26.66 -17.74 34.24
C ASN G 143 -25.72 -17.79 33.05
N ALA G 144 -25.58 -16.69 32.31
CA ALA G 144 -24.67 -16.52 31.17
C ALA G 144 -24.95 -17.54 30.07
N ARG G 145 -26.15 -17.41 29.48
CA ARG G 145 -26.42 -18.11 28.23
C ARG G 145 -25.50 -17.63 27.12
N PHE G 146 -25.21 -16.32 27.10
CA PHE G 146 -24.43 -15.72 26.03
C PHE G 146 -22.99 -16.19 26.01
N LEU G 147 -22.43 -16.55 27.16
CA LEU G 147 -21.14 -17.22 27.15
C LEU G 147 -21.25 -18.63 26.59
N TRP G 148 -22.09 -19.47 27.22
CA TRP G 148 -21.93 -20.94 27.28
C TRP G 148 -21.99 -21.65 25.92
N ARG G 149 -22.15 -20.91 24.83
CA ARG G 149 -21.59 -21.34 23.56
C ARG G 149 -20.09 -21.61 23.72
N ASN G 150 -19.39 -20.70 24.40
CA ASN G 150 -18.00 -20.93 24.81
C ASN G 150 -17.93 -21.99 25.89
N ARG G 151 -18.54 -21.71 27.05
CA ARG G 151 -18.47 -22.64 28.16
C ARG G 151 -19.36 -23.86 27.91
N VAL G 152 -18.78 -24.92 27.38
CA VAL G 152 -19.44 -26.21 27.48
C VAL G 152 -18.92 -26.94 28.72
N GLY G 153 -17.77 -26.51 29.24
CA GLY G 153 -17.29 -26.95 30.53
C GLY G 153 -16.17 -26.06 31.01
N ALA G 154 -16.29 -25.54 32.22
CA ALA G 154 -15.27 -24.68 32.80
C ALA G 154 -15.37 -24.77 34.31
N GLU G 155 -14.35 -24.24 34.99
CA GLU G 155 -14.29 -24.32 36.43
C GLU G 155 -15.24 -23.32 37.09
N ALA G 156 -15.06 -22.04 36.79
CA ALA G 156 -15.83 -21.00 37.43
C ALA G 156 -16.24 -19.95 36.41
N VAL G 157 -17.47 -19.48 36.52
CA VAL G 157 -18.02 -18.42 35.68
C VAL G 157 -18.59 -17.36 36.60
N GLU G 158 -18.14 -16.12 36.45
CA GLU G 158 -18.60 -15.00 37.27
C GLU G 158 -19.13 -13.90 36.36
N VAL G 159 -20.36 -13.47 36.61
CA VAL G 159 -21.03 -12.45 35.81
C VAL G 159 -21.19 -11.21 36.67
N ARG G 160 -20.68 -10.07 36.18
CA ARG G 160 -20.82 -8.81 36.90
C ARG G 160 -21.64 -7.84 36.05
N ILE G 161 -22.69 -7.30 36.66
CA ILE G 161 -23.66 -6.44 35.98
C ILE G 161 -23.64 -5.08 36.66
N ASN G 162 -23.52 -4.02 35.89
CA ASN G 162 -23.51 -2.67 36.43
C ASN G 162 -24.65 -1.86 35.83
N HIS G 163 -25.30 -1.06 36.67
CA HIS G 163 -26.28 -0.08 36.21
C HIS G 163 -25.54 1.24 36.02
N ILE G 164 -25.67 1.81 34.83
CA ILE G 164 -25.03 3.07 34.51
C ILE G 164 -26.11 4.14 34.37
N ARG G 165 -26.04 5.14 35.25
CA ARG G 165 -27.03 6.21 35.31
C ARG G 165 -26.44 7.56 34.93
N GLN G 166 -25.14 7.74 35.09
CA GLN G 166 -24.37 8.94 34.75
C GLN G 166 -23.02 8.43 34.28
N GLY G 167 -22.00 9.28 34.35
CA GLY G 167 -20.64 8.77 34.25
C GLY G 167 -20.29 7.78 35.37
N GLU G 168 -20.95 7.91 36.51
CA GLU G 168 -20.73 7.02 37.66
C GLU G 168 -21.48 5.70 37.46
N VAL G 169 -21.49 4.88 38.52
CA VAL G 169 -22.16 3.59 38.53
C VAL G 169 -23.22 3.62 39.63
N ALA G 170 -24.45 3.26 39.27
CA ALA G 170 -25.54 3.31 40.25
C ALA G 170 -25.48 2.14 41.22
N ARG G 171 -25.61 0.91 40.72
CA ARG G 171 -25.62 -0.26 41.57
C ARG G 171 -24.96 -1.42 40.84
N ALA G 172 -24.11 -2.16 41.54
CA ALA G 172 -23.36 -3.27 40.97
C ALA G 172 -23.85 -4.60 41.54
N TRP G 173 -24.04 -5.57 40.66
CA TRP G 173 -24.36 -6.94 41.02
C TRP G 173 -23.23 -7.87 40.62
N ARG G 174 -22.97 -8.88 41.44
CA ARG G 174 -21.96 -9.89 41.16
C ARG G 174 -22.58 -11.26 41.38
N PHE G 175 -22.79 -12.00 40.30
CA PHE G 175 -23.49 -13.27 40.33
C PHE G 175 -22.50 -14.42 40.20
N ASP G 176 -23.04 -15.62 40.09
CA ASP G 176 -22.25 -16.83 39.91
C ASP G 176 -23.10 -17.81 39.12
N ALA G 177 -22.74 -18.01 37.86
CA ALA G 177 -23.57 -18.80 36.94
C ALA G 177 -23.46 -20.29 37.16
N LEU G 178 -22.61 -20.75 38.07
CA LEU G 178 -22.50 -22.17 38.36
C LEU G 178 -23.74 -22.67 39.10
N ALA G 179 -24.15 -21.95 40.14
CA ALA G 179 -25.33 -22.35 40.89
C ALA G 179 -26.60 -22.11 40.11
N ILE G 180 -26.71 -20.96 39.44
CA ILE G 180 -27.89 -20.62 38.66
C ILE G 180 -27.87 -21.45 37.39
N GLY G 181 -28.70 -22.47 37.33
CA GLY G 181 -28.67 -23.42 36.24
C GLY G 181 -29.34 -22.90 34.98
N LEU G 182 -29.52 -23.81 34.03
CA LEU G 182 -30.17 -23.52 32.77
C LEU G 182 -31.69 -23.65 32.87
N ARG G 183 -32.15 -24.83 33.29
CA ARG G 183 -33.56 -25.19 33.09
C ARG G 183 -34.46 -24.56 34.14
N ASP G 184 -33.99 -24.45 35.37
CA ASP G 184 -34.84 -24.00 36.47
C ASP G 184 -34.87 -22.48 36.55
N PHE G 185 -36.02 -21.95 36.95
CA PHE G 185 -36.22 -20.53 37.21
C PHE G 185 -36.57 -20.38 38.68
N LYS G 186 -35.53 -20.28 39.51
CA LYS G 186 -35.68 -20.17 40.95
C LYS G 186 -35.48 -18.72 41.39
N ALA G 187 -36.29 -18.29 42.34
CA ALA G 187 -36.26 -16.91 42.78
C ALA G 187 -35.03 -16.63 43.65
N ASP G 188 -34.70 -15.35 43.77
CA ASP G 188 -33.60 -14.88 44.59
C ASP G 188 -33.84 -13.39 44.85
N ALA G 189 -33.22 -12.88 45.91
CA ALA G 189 -33.40 -11.47 46.26
C ALA G 189 -32.75 -10.55 45.23
N GLU G 190 -31.53 -10.88 44.81
CA GLU G 190 -30.81 -10.03 43.87
C GLU G 190 -31.44 -10.09 42.48
N LEU G 191 -31.92 -11.26 42.08
CA LEU G 191 -32.63 -11.36 40.81
C LEU G 191 -33.97 -10.65 40.85
N ASP G 192 -34.57 -10.52 42.04
CA ASP G 192 -35.78 -9.72 42.15
C ASP G 192 -35.45 -8.23 42.10
N ALA G 193 -34.28 -7.83 42.59
CA ALA G 193 -33.87 -6.44 42.49
C ALA G 193 -33.60 -6.05 41.04
N LEU G 194 -32.82 -6.87 40.33
CA LEU G 194 -32.51 -6.57 38.94
C LEU G 194 -33.72 -6.78 38.04
N ALA G 195 -34.63 -7.67 38.43
CA ALA G 195 -35.89 -7.80 37.71
C ALA G 195 -36.79 -6.60 37.93
N GLU G 196 -36.72 -5.97 39.11
CA GLU G 196 -37.40 -4.69 39.29
C GLU G 196 -36.77 -3.59 38.46
N LEU G 197 -35.46 -3.66 38.24
CA LEU G 197 -34.81 -2.65 37.39
C LEU G 197 -35.24 -2.79 35.93
N ILE G 198 -35.22 -4.02 35.40
CA ILE G 198 -35.62 -4.24 34.01
C ILE G 198 -37.10 -3.99 33.83
N ALA G 199 -37.93 -4.43 34.78
CA ALA G 199 -39.37 -4.19 34.71
C ALA G 199 -39.69 -2.71 34.84
N SER G 200 -38.88 -1.96 35.59
CA SER G 200 -39.02 -0.51 35.61
C SER G 200 -38.53 0.12 34.32
N GLY G 201 -37.68 -0.58 33.57
CA GLY G 201 -37.22 -0.06 32.30
C GLY G 201 -38.18 -0.26 31.16
N LEU G 202 -38.79 -1.44 31.07
CA LEU G 202 -39.69 -1.74 29.97
C LEU G 202 -41.02 -1.00 30.08
N SER G 203 -41.43 -0.61 31.28
CA SER G 203 -42.68 0.12 31.44
C SER G 203 -42.56 1.59 31.07
N GLY G 204 -41.35 2.08 30.83
CA GLY G 204 -41.16 3.47 30.46
C GLY G 204 -40.98 4.41 31.63
N SER G 205 -40.71 3.90 32.81
CA SER G 205 -40.58 4.72 34.01
C SER G 205 -39.17 5.24 34.21
N GLY G 206 -38.26 5.01 33.28
CA GLY G 206 -36.91 5.50 33.44
C GLY G 206 -36.03 5.05 32.30
N HIS G 207 -34.74 5.32 32.43
CA HIS G 207 -33.74 4.97 31.45
C HIS G 207 -32.80 3.92 32.04
N VAL G 208 -32.64 2.80 31.33
CA VAL G 208 -31.88 1.67 31.84
C VAL G 208 -30.77 1.32 30.85
N LEU G 209 -29.53 1.54 31.27
CA LEU G 209 -28.34 1.14 30.53
C LEU G 209 -27.50 0.25 31.43
N LEU G 210 -27.25 -0.98 30.99
CA LEU G 210 -26.53 -1.97 31.78
C LEU G 210 -25.22 -2.33 31.10
N GLU G 211 -24.16 -2.45 31.89
CA GLU G 211 -22.87 -2.93 31.42
C GLU G 211 -22.67 -4.34 31.98
N VAL G 212 -22.52 -5.31 31.09
CA VAL G 212 -22.43 -6.71 31.49
C VAL G 212 -21.04 -7.21 31.13
N VAL G 213 -20.30 -7.70 32.12
CA VAL G 213 -19.04 -8.38 31.88
C VAL G 213 -19.16 -9.80 32.41
N ALA G 214 -18.37 -10.70 31.83
CA ALA G 214 -18.49 -12.12 32.12
C ALA G 214 -17.11 -12.75 32.07
N PHE G 215 -16.80 -13.53 33.10
CA PHE G 215 -15.49 -14.13 33.32
C PHE G 215 -15.65 -15.64 33.28
N ALA G 216 -14.92 -16.30 32.38
CA ALA G 216 -14.91 -17.75 32.28
C ALA G 216 -13.48 -18.23 32.50
N ARG G 217 -13.35 -19.36 33.19
CA ARG G 217 -12.04 -19.92 33.50
C ARG G 217 -11.93 -21.26 32.77
N ILE G 218 -11.46 -21.21 31.53
CA ILE G 218 -11.58 -22.37 30.64
C ILE G 218 -10.24 -23.05 30.43
N GLY G 219 -9.20 -22.63 31.12
CA GLY G 219 -7.92 -23.31 31.00
C GLY G 219 -6.90 -22.46 30.26
N ASP G 220 -5.64 -22.82 30.45
CA ASP G 220 -4.52 -22.02 29.96
C ASP G 220 -4.22 -22.39 28.51
N GLY G 221 -4.26 -21.39 27.63
CA GLY G 221 -3.91 -21.64 26.24
C GLY G 221 -4.95 -22.37 25.43
N GLN G 222 -6.18 -22.47 25.92
CA GLN G 222 -7.24 -23.22 25.25
C GLN G 222 -7.83 -22.43 24.10
N GLU G 223 -8.95 -22.89 23.56
CA GLU G 223 -9.57 -22.28 22.40
C GLU G 223 -10.87 -21.60 22.76
N VAL G 224 -11.00 -20.33 22.40
CA VAL G 224 -12.25 -19.61 22.52
C VAL G 224 -13.01 -19.71 21.21
N PHE G 225 -14.31 -19.48 21.28
CA PHE G 225 -15.20 -19.63 20.14
C PHE G 225 -15.89 -18.29 19.86
N PRO G 226 -15.29 -17.43 19.03
CA PRO G 226 -16.04 -16.27 18.50
C PRO G 226 -16.98 -16.71 17.38
N SER G 227 -18.00 -17.49 17.75
CA SER G 227 -18.63 -18.44 16.84
C SER G 227 -19.42 -17.73 15.77
N GLN G 228 -18.71 -17.14 14.80
CA GLN G 228 -19.30 -16.32 13.77
C GLN G 228 -18.59 -16.62 12.47
N GLU G 229 -19.32 -16.78 11.37
CA GLU G 229 -18.71 -17.08 10.09
C GLU G 229 -19.56 -16.46 8.98
N LEU G 230 -18.93 -16.20 7.82
CA LEU G 230 -19.55 -16.27 6.49
C LEU G 230 -18.52 -16.20 5.37
N ILE G 231 -18.58 -17.15 4.43
CA ILE G 231 -17.83 -17.07 3.18
C ILE G 231 -18.66 -17.81 2.12
N LEU G 232 -18.25 -17.69 0.86
CA LEU G 232 -18.95 -18.31 -0.26
C LEU G 232 -17.91 -19.03 -1.12
N ASP G 233 -18.27 -19.39 -2.38
CA ASP G 233 -17.41 -20.22 -3.25
C ASP G 233 -16.05 -19.55 -3.65
N LYS G 234 -15.66 -18.36 -3.18
CA LYS G 234 -14.34 -17.81 -3.48
C LYS G 234 -13.22 -18.66 -2.86
N GLY G 235 -13.52 -19.42 -1.80
CA GLY G 235 -12.62 -20.43 -1.29
C GLY G 235 -12.32 -21.56 -2.25
N ASP G 236 -13.14 -21.73 -3.30
CA ASP G 236 -12.91 -22.74 -4.32
C ASP G 236 -12.30 -22.15 -5.59
N LYS G 237 -12.89 -21.08 -6.13
CA LYS G 237 -12.44 -20.53 -7.40
C LYS G 237 -11.15 -19.74 -7.28
N LYS G 238 -10.80 -19.27 -6.08
CA LYS G 238 -9.60 -18.48 -5.86
C LYS G 238 -8.62 -19.10 -4.89
N GLY G 239 -8.91 -20.30 -4.38
CA GLY G 239 -8.03 -20.94 -3.41
C GLY G 239 -8.00 -20.24 -2.07
N GLN G 240 -9.15 -19.80 -1.57
CA GLN G 240 -9.22 -18.96 -0.40
C GLN G 240 -9.64 -19.76 0.84
N LYS G 241 -9.96 -19.03 1.89
CA LYS G 241 -10.29 -19.54 3.21
C LYS G 241 -11.63 -20.28 3.17
N SER G 242 -11.88 -21.12 4.18
CA SER G 242 -13.16 -21.78 4.34
C SER G 242 -13.91 -21.34 5.58
N LYS G 243 -13.20 -21.19 6.69
CA LYS G 243 -13.72 -20.78 8.00
C LYS G 243 -13.14 -19.42 8.34
N THR G 244 -13.98 -18.40 8.32
CA THR G 244 -13.59 -17.08 8.78
C THR G 244 -14.29 -16.76 10.09
N LEU G 245 -13.79 -15.75 10.78
CA LEU G 245 -14.34 -15.35 12.07
C LEU G 245 -14.54 -13.84 12.10
N TYR G 246 -15.63 -13.43 12.72
CA TYR G 246 -15.95 -12.02 12.83
C TYR G 246 -15.02 -11.32 13.79
N SER G 247 -14.69 -10.07 13.47
CA SER G 247 -13.82 -9.28 14.31
C SER G 247 -14.22 -7.82 14.22
N VAL G 248 -13.60 -7.05 15.10
CA VAL G 248 -13.63 -5.60 15.11
C VAL G 248 -12.16 -5.26 14.94
N ARG G 249 -11.75 -4.02 15.24
CA ARG G 249 -10.37 -3.64 15.04
C ARG G 249 -9.44 -4.44 15.96
N ASP G 250 -8.97 -5.57 15.43
CA ASP G 250 -8.02 -6.48 16.08
C ASP G 250 -8.54 -7.04 17.41
N ALA G 251 -9.74 -7.61 17.36
CA ALA G 251 -10.31 -8.31 18.52
C ALA G 251 -11.41 -9.24 18.03
N ALA G 252 -11.42 -10.46 18.54
CA ALA G 252 -12.50 -11.38 18.22
C ALA G 252 -13.76 -10.96 18.95
N ALA G 253 -14.92 -11.18 18.32
CA ALA G 253 -16.16 -10.69 18.88
C ALA G 253 -17.32 -11.57 18.45
N ILE G 254 -18.37 -11.56 19.26
CA ILE G 254 -19.63 -12.23 18.98
C ILE G 254 -20.59 -11.18 18.43
N HIS G 255 -21.39 -11.56 17.44
CA HIS G 255 -22.43 -10.68 16.92
C HIS G 255 -23.43 -10.33 18.01
N SER G 256 -24.13 -9.21 17.82
CA SER G 256 -25.19 -8.84 18.75
C SER G 256 -26.43 -9.71 18.61
N GLN G 257 -26.52 -10.48 17.52
CA GLN G 257 -27.66 -11.32 17.27
C GLN G 257 -27.66 -12.58 18.12
N LYS G 258 -26.48 -13.14 18.41
CA LYS G 258 -26.44 -14.28 19.30
C LYS G 258 -26.60 -13.88 20.76
N ILE G 259 -26.13 -12.69 21.12
CA ILE G 259 -26.39 -12.17 22.46
C ILE G 259 -27.87 -11.92 22.64
N GLY G 260 -28.50 -11.27 21.66
CA GLY G 260 -29.93 -11.04 21.71
C GLY G 260 -30.75 -12.31 21.64
N ASN G 261 -30.22 -13.35 20.98
CA ASN G 261 -30.88 -14.64 21.01
C ASN G 261 -30.76 -15.29 22.38
N ALA G 262 -29.61 -15.11 23.03
CA ALA G 262 -29.43 -15.72 24.34
C ALA G 262 -30.28 -15.04 25.40
N LEU G 263 -30.56 -13.76 25.24
CA LEU G 263 -31.39 -13.05 26.22
C LEU G 263 -32.89 -13.25 26.02
N ARG G 264 -33.34 -14.09 25.09
CA ARG G 264 -34.77 -14.31 24.98
C ARG G 264 -35.11 -15.78 24.80
N THR G 265 -34.34 -16.68 25.42
CA THR G 265 -34.74 -18.08 25.53
C THR G 265 -35.50 -18.23 26.84
N ILE G 266 -36.75 -17.78 26.82
CA ILE G 266 -37.62 -17.80 27.98
C ILE G 266 -38.87 -18.64 27.77
N ASP G 267 -39.02 -19.24 26.60
CA ASP G 267 -40.28 -19.89 26.22
C ASP G 267 -40.26 -21.33 26.71
N THR G 268 -40.94 -21.58 27.82
CA THR G 268 -41.24 -22.94 28.25
C THR G 268 -42.70 -23.30 28.00
N TRP G 269 -43.49 -22.34 27.52
CA TRP G 269 -44.94 -22.42 27.40
C TRP G 269 -45.39 -22.86 26.02
N TYR G 270 -44.84 -23.96 25.55
CA TYR G 270 -45.21 -24.55 24.28
C TYR G 270 -45.72 -25.95 24.64
N PRO G 271 -46.29 -26.77 23.67
CA PRO G 271 -46.70 -28.14 24.05
C PRO G 271 -45.59 -29.00 24.62
N ASP G 272 -45.72 -29.29 25.91
CA ASP G 272 -44.64 -29.80 26.75
C ASP G 272 -44.53 -31.31 26.74
N GLU G 273 -45.08 -31.98 25.72
CA GLU G 273 -44.70 -33.36 25.47
C GLU G 273 -43.25 -33.47 25.02
N ASP G 274 -42.70 -32.38 24.47
CA ASP G 274 -41.28 -32.24 24.22
C ASP G 274 -40.80 -30.99 24.92
N GLY G 275 -41.15 -30.85 26.20
CA GLY G 275 -40.84 -29.69 27.03
C GLY G 275 -39.38 -29.30 27.08
N LEU G 276 -38.53 -30.14 27.69
CA LEU G 276 -37.09 -30.21 27.42
C LEU G 276 -36.27 -28.99 27.85
N GLY G 277 -36.91 -27.91 28.30
CA GLY G 277 -36.21 -26.70 28.63
C GLY G 277 -36.65 -25.54 27.76
N PRO G 278 -36.17 -24.34 28.05
CA PRO G 278 -36.64 -23.16 27.32
C PRO G 278 -36.08 -23.10 25.91
N ILE G 279 -36.85 -22.48 25.02
CA ILE G 279 -36.42 -22.15 23.67
C ILE G 279 -36.60 -20.66 23.46
N ALA G 280 -36.12 -20.18 22.32
CA ALA G 280 -36.19 -18.77 22.01
C ALA G 280 -37.59 -18.39 21.56
N VAL G 281 -37.90 -17.11 21.67
CA VAL G 281 -39.23 -16.59 21.35
C VAL G 281 -39.26 -16.22 19.87
N GLU G 282 -40.01 -16.98 19.10
CA GLU G 282 -40.25 -16.74 17.68
C GLU G 282 -41.74 -16.77 17.46
N PRO G 283 -42.24 -16.20 16.35
CA PRO G 283 -43.67 -16.36 16.03
C PRO G 283 -44.07 -17.80 15.80
N TYR G 284 -43.40 -18.46 14.87
CA TYR G 284 -43.49 -19.91 14.71
C TYR G 284 -42.38 -20.47 15.57
N GLY G 285 -42.72 -21.19 16.63
CA GLY G 285 -41.75 -21.49 17.66
C GLY G 285 -40.68 -22.48 17.24
N SER G 286 -39.80 -22.03 16.34
CA SER G 286 -38.91 -22.90 15.58
C SER G 286 -37.51 -22.88 16.16
N VAL G 287 -36.85 -24.03 16.08
CA VAL G 287 -35.45 -24.18 16.43
C VAL G 287 -34.74 -24.73 15.21
N THR G 288 -33.72 -24.01 14.74
CA THR G 288 -33.04 -24.36 13.51
C THR G 288 -32.05 -25.51 13.68
N SER G 289 -31.37 -25.57 14.84
CA SER G 289 -30.42 -26.64 15.08
C SER G 289 -31.13 -27.97 15.26
N GLN G 290 -32.26 -27.97 15.96
CA GLN G 290 -33.12 -29.14 15.98
C GLN G 290 -33.82 -29.36 14.65
N GLY G 291 -33.93 -28.32 13.83
CA GLY G 291 -34.67 -28.42 12.58
C GLY G 291 -36.15 -28.62 12.76
N LYS G 292 -36.70 -28.17 13.88
CA LYS G 292 -38.07 -28.51 14.26
C LYS G 292 -38.82 -27.24 14.61
N ALA G 293 -40.00 -27.08 14.04
CA ALA G 293 -40.84 -25.91 14.28
C ALA G 293 -41.94 -26.29 15.26
N TYR G 294 -41.70 -26.01 16.54
CA TYR G 294 -42.74 -26.03 17.55
C TYR G 294 -43.74 -24.91 17.26
N ARG G 295 -44.90 -24.99 17.91
CA ARG G 295 -46.02 -24.06 17.72
C ARG G 295 -46.44 -23.98 16.25
N GLN G 296 -46.92 -25.11 15.74
CA GLN G 296 -47.40 -25.18 14.38
C GLN G 296 -48.67 -24.34 14.21
N PRO G 297 -48.89 -23.77 13.03
CA PRO G 297 -50.16 -23.07 12.78
C PRO G 297 -51.35 -24.00 12.63
N LYS G 298 -51.13 -25.31 12.47
CA LYS G 298 -52.22 -26.27 12.56
C LYS G 298 -52.83 -26.27 13.96
N GLN G 299 -51.99 -26.27 14.98
CA GLN G 299 -52.43 -25.97 16.32
C GLN G 299 -52.73 -24.47 16.43
N LYS G 300 -53.45 -24.10 17.50
CA LYS G 300 -53.79 -22.71 17.71
C LYS G 300 -52.87 -22.03 18.72
N LEU G 301 -51.60 -22.45 18.77
CA LEU G 301 -50.62 -21.84 19.66
C LEU G 301 -49.58 -21.03 18.88
N ASP G 302 -49.97 -20.54 17.71
CA ASP G 302 -49.19 -19.62 16.90
C ASP G 302 -49.25 -18.21 17.51
N PHE G 303 -48.29 -17.37 17.12
CA PHE G 303 -48.36 -15.97 17.52
C PHE G 303 -49.45 -15.21 16.77
N TYR G 304 -49.60 -15.51 15.48
CA TYR G 304 -50.54 -14.77 14.64
C TYR G 304 -51.98 -15.07 15.02
N THR G 305 -52.27 -16.34 15.34
CA THR G 305 -53.64 -16.72 15.67
C THR G 305 -54.03 -16.20 17.05
N LEU G 306 -53.09 -16.19 17.99
CA LEU G 306 -53.40 -15.66 19.32
C LEU G 306 -53.53 -14.15 19.28
N LEU G 307 -52.72 -13.46 18.47
CA LEU G 307 -52.84 -12.02 18.36
C LEU G 307 -54.14 -11.61 17.66
N ASP G 308 -54.53 -12.37 16.64
CA ASP G 308 -55.80 -12.09 15.97
C ASP G 308 -56.98 -12.39 16.87
N ASN G 309 -56.93 -13.50 17.60
CA ASN G 309 -58.06 -13.87 18.45
C ASN G 309 -58.13 -13.03 19.72
N TRP G 310 -57.05 -12.33 20.08
CA TRP G 310 -57.08 -11.55 21.31
C TRP G 310 -57.21 -10.04 21.05
N VAL G 311 -56.88 -9.58 19.86
CA VAL G 311 -57.14 -8.18 19.52
C VAL G 311 -58.50 -8.01 18.86
N LEU G 312 -58.78 -8.77 17.81
CA LEU G 312 -60.00 -8.57 17.04
C LEU G 312 -61.20 -9.18 17.74
N ARG G 313 -61.18 -10.49 17.94
CA ARG G 313 -62.35 -11.24 18.39
C ARG G 313 -62.52 -11.24 19.89
N ASP G 314 -61.64 -10.56 20.63
CA ASP G 314 -61.72 -10.36 22.08
C ASP G 314 -61.69 -11.66 22.88
N GLU G 315 -61.10 -12.71 22.33
CA GLU G 315 -60.98 -13.99 23.01
C GLU G 315 -59.62 -14.02 23.69
N ALA G 316 -59.60 -13.74 24.99
CA ALA G 316 -58.34 -13.67 25.72
C ALA G 316 -57.82 -15.08 25.97
N PRO G 317 -56.56 -15.36 25.61
CA PRO G 317 -56.01 -16.70 25.85
C PRO G 317 -55.64 -16.91 27.31
N ALA G 318 -54.98 -18.03 27.60
CA ALA G 318 -54.43 -18.26 28.93
C ALA G 318 -53.34 -17.26 29.25
N VAL G 319 -53.01 -17.15 30.54
CA VAL G 319 -52.18 -16.04 31.01
C VAL G 319 -50.73 -16.20 30.52
N GLU G 320 -50.25 -17.44 30.45
CA GLU G 320 -48.89 -17.67 29.97
C GLU G 320 -48.78 -17.44 28.47
N GLN G 321 -49.87 -17.66 27.74
CA GLN G 321 -49.86 -17.32 26.32
C GLN G 321 -49.86 -15.81 26.13
N GLN G 322 -50.45 -15.08 27.07
CA GLN G 322 -50.36 -13.63 27.04
C GLN G 322 -48.93 -13.17 27.30
N HIS G 323 -48.23 -13.88 28.20
CA HIS G 323 -46.79 -13.64 28.36
C HIS G 323 -46.03 -13.91 27.07
N TYR G 324 -46.44 -14.94 26.33
CA TYR G 324 -45.78 -15.25 25.07
C TYR G 324 -46.00 -14.15 24.02
N VAL G 325 -47.22 -13.65 23.92
CA VAL G 325 -47.52 -12.64 22.90
C VAL G 325 -46.86 -11.31 23.24
N ILE G 326 -46.91 -10.89 24.51
CA ILE G 326 -46.27 -9.64 24.87
C ILE G 326 -44.75 -9.74 24.79
N ALA G 327 -44.19 -10.92 25.11
CA ALA G 327 -42.76 -11.13 24.90
C ALA G 327 -42.40 -11.07 23.43
N ASN G 328 -43.28 -11.55 22.56
CA ASN G 328 -43.03 -11.49 21.15
C ASN G 328 -43.26 -10.10 20.56
N LEU G 329 -43.93 -9.20 21.30
CA LEU G 329 -43.92 -7.80 20.91
C LEU G 329 -42.68 -7.07 21.41
N ILE G 330 -42.11 -7.51 22.53
CA ILE G 330 -40.84 -6.96 22.98
C ILE G 330 -39.72 -7.39 22.03
N ARG G 331 -39.85 -8.56 21.41
CA ARG G 331 -38.92 -8.95 20.35
C ARG G 331 -38.98 -8.01 19.16
N GLY G 332 -40.18 -7.67 18.72
CA GLY G 332 -40.35 -6.86 17.54
C GLY G 332 -40.23 -7.65 16.26
N GLY G 333 -40.73 -7.06 15.18
CA GLY G 333 -40.66 -7.74 13.90
C GLY G 333 -41.43 -6.99 12.83
N VAL G 334 -41.64 -7.69 11.72
CA VAL G 334 -42.40 -7.19 10.57
C VAL G 334 -43.65 -8.04 10.46
N PHE G 335 -44.78 -7.46 10.82
CA PHE G 335 -46.05 -8.17 10.89
C PHE G 335 -47.00 -7.56 9.85
N GLY G 336 -48.20 -8.09 9.77
CA GLY G 336 -49.17 -7.47 8.89
C GLY G 336 -49.89 -8.44 7.98
N GLU G 337 -49.80 -8.20 6.66
CA GLU G 337 -50.39 -9.10 5.68
C GLU G 337 -49.43 -9.37 4.52
N LEU H 5 -59.18 35.35 -15.52
CA LEU H 5 -58.02 34.90 -14.77
C LEU H 5 -58.05 33.40 -14.56
N SER H 6 -57.66 32.66 -15.59
CA SER H 6 -57.50 31.23 -15.44
C SER H 6 -56.20 30.91 -14.70
N THR H 7 -56.12 29.69 -14.18
CA THR H 7 -54.92 29.24 -13.50
C THR H 7 -53.81 29.02 -14.51
N ALA H 8 -52.61 29.50 -14.20
CA ALA H 8 -51.47 29.30 -15.06
C ALA H 8 -51.10 27.83 -15.11
N SER H 9 -50.77 27.34 -16.30
CA SER H 9 -50.58 25.92 -16.51
C SER H 9 -49.24 25.42 -16.01
N VAL H 10 -48.25 26.30 -15.85
CA VAL H 10 -46.92 25.93 -15.39
C VAL H 10 -46.59 26.79 -14.17
N LEU H 11 -46.37 26.15 -13.03
CA LEU H 11 -45.80 26.84 -11.87
C LEU H 11 -44.68 26.02 -11.28
N ALA H 12 -43.71 26.70 -10.70
CA ALA H 12 -42.55 26.03 -10.14
C ALA H 12 -41.94 26.92 -9.09
N PHE H 13 -41.91 26.45 -7.85
CA PHE H 13 -41.29 27.18 -6.75
C PHE H 13 -40.10 26.38 -6.25
N GLU H 14 -38.96 27.05 -6.11
CA GLU H 14 -37.79 26.41 -5.54
C GLU H 14 -37.78 26.63 -4.03
N ARG H 15 -37.16 25.69 -3.31
CA ARG H 15 -37.27 25.68 -1.86
C ARG H 15 -36.40 26.76 -1.25
N LYS H 16 -36.78 27.19 -0.06
CA LYS H 16 -36.12 28.31 0.59
C LYS H 16 -35.40 27.93 1.87
N LEU H 17 -35.62 26.73 2.39
CA LEU H 17 -34.82 26.17 3.47
C LEU H 17 -33.96 25.07 2.88
N ASP H 18 -32.64 25.27 2.88
CA ASP H 18 -31.73 24.39 2.15
C ASP H 18 -30.78 23.73 3.13
N PRO H 19 -31.03 22.46 3.52
CA PRO H 19 -30.09 21.73 4.38
C PRO H 19 -29.00 21.02 3.59
N SER H 20 -28.19 20.24 4.28
CA SER H 20 -27.16 19.42 3.64
C SER H 20 -27.14 18.06 4.33
N ASP H 21 -26.10 17.28 4.06
CA ASP H 21 -26.00 15.95 4.64
C ASP H 21 -25.54 16.05 6.10
N ALA H 22 -25.66 14.95 6.82
CA ALA H 22 -25.59 15.01 8.28
C ALA H 22 -24.25 14.61 8.89
N LEU H 23 -23.53 13.66 8.28
CA LEU H 23 -22.11 13.40 8.56
C LEU H 23 -21.84 13.00 10.02
N MET H 24 -22.33 11.83 10.38
CA MET H 24 -22.24 11.39 11.77
C MET H 24 -20.82 11.05 12.17
N SER H 25 -20.47 11.38 13.41
CA SER H 25 -19.20 11.01 14.00
C SER H 25 -19.45 10.61 15.45
N ALA H 26 -18.42 10.10 16.12
CA ALA H 26 -18.61 9.52 17.43
C ALA H 26 -17.49 9.92 18.39
N GLY H 27 -17.83 9.94 19.67
CA GLY H 27 -16.85 10.27 20.68
C GLY H 27 -17.41 10.09 22.07
N ALA H 28 -16.73 10.70 23.05
CA ALA H 28 -17.09 10.57 24.45
C ALA H 28 -17.77 11.84 24.95
N TRP H 29 -18.75 11.67 25.82
CA TRP H 29 -19.41 12.80 26.48
C TRP H 29 -18.41 13.49 27.40
N ALA H 30 -18.68 14.78 27.66
CA ALA H 30 -17.84 15.77 28.34
C ALA H 30 -16.58 16.12 27.56
N GLN H 31 -16.38 15.56 26.37
CA GLN H 31 -15.44 16.07 25.38
C GLN H 31 -16.15 16.84 24.28
N ARG H 32 -17.35 17.36 24.59
CA ARG H 32 -18.18 18.06 23.62
C ARG H 32 -17.53 19.34 23.13
N ASP H 33 -16.74 19.99 23.98
CA ASP H 33 -16.16 21.27 23.63
C ASP H 33 -15.00 21.15 22.65
N ALA H 34 -14.36 19.99 22.59
CA ALA H 34 -13.25 19.73 21.68
C ALA H 34 -13.62 18.68 20.64
N SER H 35 -14.84 18.76 20.12
CA SER H 35 -15.38 17.75 19.22
C SER H 35 -15.06 18.03 17.76
N GLN H 36 -14.01 18.80 17.48
CA GLN H 36 -13.66 19.10 16.10
C GLN H 36 -12.83 18.00 15.46
N GLU H 37 -12.33 17.04 16.24
CA GLU H 37 -11.40 16.04 15.74
C GLU H 37 -11.88 14.62 15.97
N TRP H 38 -13.19 14.43 16.18
CA TRP H 38 -13.69 13.10 16.44
C TRP H 38 -13.68 12.26 15.16
N PRO H 39 -13.38 10.96 15.26
CA PRO H 39 -13.41 10.12 14.06
C PRO H 39 -14.83 9.82 13.63
N ALA H 40 -14.96 9.41 12.38
CA ALA H 40 -16.27 9.19 11.80
C ALA H 40 -16.79 7.80 12.12
N VAL H 41 -18.10 7.64 11.99
CA VAL H 41 -18.75 6.35 12.13
C VAL H 41 -18.77 5.68 10.77
N THR H 42 -18.16 4.51 10.67
CA THR H 42 -18.06 3.80 9.41
C THR H 42 -19.16 2.76 9.30
N VAL H 43 -19.48 2.40 8.05
CA VAL H 43 -20.50 1.43 7.72
C VAL H 43 -19.80 0.13 7.33
N ARG H 44 -20.12 -0.96 8.02
CA ARG H 44 -19.44 -2.21 7.78
C ARG H 44 -20.46 -3.34 7.63
N GLU H 45 -20.00 -4.47 7.12
CA GLU H 45 -20.87 -5.58 6.81
C GLU H 45 -20.92 -6.59 7.95
N LYS H 46 -22.01 -7.36 7.98
CA LYS H 46 -22.13 -8.50 8.87
C LYS H 46 -23.14 -9.45 8.24
N SER H 47 -23.08 -10.71 8.65
CA SER H 47 -23.97 -11.71 8.11
C SER H 47 -25.06 -12.06 9.11
N VAL H 48 -26.19 -12.54 8.61
CA VAL H 48 -27.23 -12.95 9.55
C VAL H 48 -27.62 -14.39 9.23
N ARG H 49 -28.04 -15.11 10.26
CA ARG H 49 -28.71 -16.39 10.09
C ARG H 49 -30.03 -16.23 10.82
N GLY H 50 -31.07 -15.88 10.07
CA GLY H 50 -32.38 -15.68 10.64
C GLY H 50 -33.27 -16.87 10.34
N THR H 51 -34.48 -16.78 10.84
CA THR H 51 -35.52 -17.72 10.51
C THR H 51 -36.64 -16.99 9.78
N ILE H 52 -37.49 -17.74 9.10
CA ILE H 52 -38.57 -17.14 8.32
C ILE H 52 -39.77 -16.97 9.23
N SER H 53 -40.12 -15.71 9.50
CA SER H 53 -41.17 -15.39 10.45
C SER H 53 -42.18 -14.42 9.86
N ASN H 54 -42.31 -14.39 8.54
CA ASN H 54 -43.36 -13.62 7.91
C ASN H 54 -44.64 -14.44 7.88
N ARG H 55 -45.67 -13.90 7.24
CA ARG H 55 -46.90 -14.66 7.08
C ARG H 55 -46.87 -15.47 5.79
N LEU H 56 -47.58 -16.59 5.80
CA LEU H 56 -47.51 -17.56 4.72
C LEU H 56 -48.92 -17.93 4.30
N LYS H 57 -49.27 -17.61 3.07
CA LYS H 57 -50.57 -17.94 2.50
C LYS H 57 -50.37 -18.49 1.10
N THR H 58 -50.89 -19.68 0.84
CA THR H 58 -50.80 -20.33 -0.45
C THR H 58 -51.96 -21.30 -0.58
N LYS H 59 -51.88 -22.16 -1.59
CA LYS H 59 -52.85 -23.25 -1.73
C LYS H 59 -52.67 -24.24 -0.58
N ASP H 60 -53.79 -24.75 -0.08
CA ASP H 60 -53.77 -25.68 1.05
C ASP H 60 -53.33 -27.09 0.67
N ARG H 61 -53.04 -27.34 -0.62
CA ARG H 61 -52.57 -28.66 -1.05
C ARG H 61 -51.11 -28.92 -0.68
N ASP H 62 -50.37 -27.91 -0.22
CA ASP H 62 -48.95 -28.06 0.09
C ASP H 62 -48.62 -27.59 1.50
N PRO H 63 -48.76 -28.45 2.50
CA PRO H 63 -48.07 -28.20 3.76
C PRO H 63 -46.63 -28.69 3.76
N ALA H 64 -46.19 -29.33 2.67
CA ALA H 64 -44.81 -29.75 2.57
C ALA H 64 -43.88 -28.56 2.34
N LYS H 65 -44.28 -27.63 1.47
CA LYS H 65 -43.51 -26.40 1.33
C LYS H 65 -43.61 -25.55 2.58
N LEU H 66 -44.76 -25.59 3.25
CA LEU H 66 -44.99 -24.80 4.45
C LEU H 66 -44.06 -25.25 5.57
N ASP H 67 -44.08 -26.54 5.89
CA ASP H 67 -43.20 -27.04 6.94
C ASP H 67 -41.77 -27.16 6.48
N ALA H 68 -41.52 -27.17 5.18
CA ALA H 68 -40.15 -27.21 4.68
C ALA H 68 -39.50 -25.84 4.70
N SER H 69 -40.28 -24.76 4.72
CA SER H 69 -39.71 -23.43 4.72
C SER H 69 -39.55 -22.83 6.10
N ILE H 70 -40.39 -23.22 7.08
CA ILE H 70 -40.26 -22.65 8.42
C ILE H 70 -39.33 -23.46 9.31
N GLN H 71 -38.70 -24.50 8.78
CA GLN H 71 -37.78 -25.33 9.54
C GLN H 71 -36.36 -25.25 8.97
N SER H 72 -36.03 -24.16 8.30
CA SER H 72 -34.76 -24.07 7.63
C SER H 72 -34.23 -22.66 7.83
N PRO H 73 -32.94 -22.48 8.06
CA PRO H 73 -32.39 -21.15 8.32
C PRO H 73 -32.29 -20.30 7.07
N ASN H 74 -32.02 -19.02 7.29
CA ASN H 74 -32.00 -18.01 6.24
C ASN H 74 -30.71 -17.19 6.32
N LEU H 75 -30.15 -16.86 5.16
CA LEU H 75 -28.83 -16.24 5.11
C LEU H 75 -28.83 -14.98 4.26
N GLN H 76 -28.39 -13.88 4.86
CA GLN H 76 -28.29 -12.54 4.31
C GLN H 76 -26.98 -11.89 4.76
N THR H 77 -26.66 -10.74 4.15
CA THR H 77 -25.44 -10.01 4.45
C THR H 77 -25.81 -8.53 4.55
N VAL H 78 -26.12 -8.08 5.76
CA VAL H 78 -26.61 -6.74 5.96
C VAL H 78 -25.47 -5.81 6.32
N ASP H 79 -25.72 -4.51 6.23
CA ASP H 79 -24.81 -3.50 6.73
C ASP H 79 -25.22 -3.05 8.11
N VAL H 80 -24.27 -2.46 8.83
CA VAL H 80 -24.48 -2.04 10.19
C VAL H 80 -23.52 -0.91 10.47
N ALA H 81 -23.91 -0.02 11.38
CA ALA H 81 -23.07 1.08 11.83
C ALA H 81 -23.19 1.16 13.34
N ASN H 82 -22.08 0.92 14.03
CA ASN H 82 -22.04 0.98 15.48
C ASN H 82 -21.03 2.02 15.92
N LEU H 83 -21.19 2.50 17.14
CA LEU H 83 -20.19 3.35 17.74
C LEU H 83 -18.95 2.53 18.07
N PRO H 84 -17.80 3.16 18.25
CA PRO H 84 -16.65 2.44 18.79
C PRO H 84 -16.91 1.98 20.22
N SER H 85 -16.10 1.02 20.66
CA SER H 85 -16.33 0.34 21.93
C SER H 85 -16.03 1.21 23.14
N ASP H 86 -15.44 2.37 22.97
CA ASP H 86 -15.12 3.27 24.06
C ASP H 86 -15.63 4.67 23.78
N ALA H 87 -16.84 4.77 23.24
CA ALA H 87 -17.44 6.06 22.93
C ALA H 87 -18.95 5.93 23.09
N ASP H 88 -19.57 6.93 23.71
CA ASP H 88 -21.00 6.87 24.00
C ASP H 88 -21.73 8.13 23.56
N THR H 89 -21.24 8.80 22.53
CA THR H 89 -21.85 10.06 22.10
C THR H 89 -21.81 10.16 20.59
N LEU H 90 -22.97 10.38 20.00
CA LEU H 90 -23.14 10.60 18.56
C LEU H 90 -23.18 12.08 18.27
N LYS H 91 -22.45 12.49 17.24
CA LYS H 91 -22.40 13.87 16.78
C LYS H 91 -22.94 13.95 15.36
N VAL H 92 -23.89 14.87 15.13
CA VAL H 92 -24.48 15.07 13.82
C VAL H 92 -24.33 16.55 13.47
N ARG H 93 -23.66 16.85 12.36
CA ARG H 93 -23.36 18.22 11.97
C ARG H 93 -23.83 18.48 10.55
N PHE H 94 -24.76 19.41 10.40
CA PHE H 94 -25.18 19.85 9.08
C PHE H 94 -25.27 21.36 9.06
N THR H 95 -25.42 21.93 7.87
CA THR H 95 -25.58 23.37 7.70
C THR H 95 -26.94 23.65 7.10
N LEU H 96 -27.31 24.93 7.08
CA LEU H 96 -28.65 25.31 6.65
C LEU H 96 -28.61 26.72 6.10
N ARG H 97 -28.99 26.89 4.84
CA ARG H 97 -29.19 28.23 4.29
C ARG H 97 -30.66 28.58 4.34
N VAL H 98 -30.95 29.79 4.79
CA VAL H 98 -32.32 30.31 4.79
C VAL H 98 -32.39 31.36 3.69
N LEU H 99 -32.99 30.99 2.57
CA LEU H 99 -33.04 31.86 1.41
C LEU H 99 -34.28 32.74 1.46
N GLY H 100 -34.12 33.99 1.05
CA GLY H 100 -35.22 34.94 1.06
C GLY H 100 -35.95 34.99 -0.27
N GLY H 101 -37.02 35.78 -0.28
CA GLY H 101 -37.79 35.96 -1.50
C GLY H 101 -38.76 34.85 -1.80
N ALA H 102 -39.52 34.41 -0.80
CA ALA H 102 -40.52 33.38 -1.02
C ALA H 102 -41.73 33.96 -1.74
N GLY H 103 -42.46 33.11 -2.44
CA GLY H 103 -43.64 33.51 -3.16
C GLY H 103 -43.42 33.85 -4.61
N THR H 104 -42.21 34.23 -5.00
CA THR H 104 -41.92 34.53 -6.39
C THR H 104 -41.58 33.25 -7.14
N PRO H 105 -42.37 32.85 -8.13
CA PRO H 105 -42.10 31.58 -8.82
C PRO H 105 -40.91 31.71 -9.76
N SER H 106 -40.41 30.55 -10.19
CA SER H 106 -39.32 30.50 -11.15
C SER H 106 -39.79 30.24 -12.57
N ALA H 107 -41.05 29.86 -12.76
CA ALA H 107 -41.59 29.60 -14.08
C ALA H 107 -43.10 29.80 -14.04
N CYS H 108 -43.62 30.62 -14.94
CA CYS H 108 -45.05 30.90 -14.96
C CYS H 108 -45.44 31.36 -16.35
N ASN H 109 -46.58 30.85 -16.85
CA ASN H 109 -47.07 31.27 -18.16
C ASN H 109 -47.63 32.68 -18.12
N ASP H 110 -48.68 32.88 -17.33
CA ASP H 110 -49.41 34.13 -17.31
C ASP H 110 -48.60 35.21 -16.60
N ALA H 111 -48.80 36.45 -17.03
CA ALA H 111 -48.24 37.59 -16.34
C ALA H 111 -49.21 38.22 -15.36
N ALA H 112 -50.52 38.10 -15.61
CA ALA H 112 -51.50 38.64 -14.69
C ALA H 112 -51.63 37.75 -13.46
N TYR H 113 -51.53 36.44 -13.63
CA TYR H 113 -51.65 35.51 -12.51
C TYR H 113 -50.45 35.63 -11.58
N ARG H 114 -49.27 35.91 -12.14
CA ARG H 114 -48.09 36.11 -11.30
C ARG H 114 -48.18 37.40 -10.51
N ASP H 115 -48.71 38.47 -11.13
CA ASP H 115 -48.85 39.74 -10.42
C ASP H 115 -49.91 39.66 -9.34
N LYS H 116 -51.00 38.93 -9.61
CA LYS H 116 -52.01 38.71 -8.58
C LYS H 116 -51.47 37.87 -7.44
N LEU H 117 -50.61 36.89 -7.76
CA LEU H 117 -50.00 36.07 -6.73
C LEU H 117 -49.04 36.87 -5.86
N LEU H 118 -48.25 37.76 -6.47
CA LEU H 118 -47.33 38.58 -5.69
C LEU H 118 -48.06 39.63 -4.86
N GLN H 119 -49.21 40.12 -5.34
CA GLN H 119 -50.02 40.99 -4.50
C GLN H 119 -50.63 40.24 -3.33
N THR H 120 -50.98 38.97 -3.53
CA THR H 120 -51.53 38.17 -2.44
C THR H 120 -50.48 37.89 -1.38
N VAL H 121 -49.28 37.47 -1.79
CA VAL H 121 -48.22 37.15 -0.83
C VAL H 121 -47.73 38.40 -0.14
N ALA H 122 -47.59 39.51 -0.88
CA ALA H 122 -47.19 40.77 -0.28
C ALA H 122 -48.25 41.30 0.68
N THR H 123 -49.52 41.03 0.39
CA THR H 123 -50.60 41.35 1.32
C THR H 123 -50.48 40.52 2.59
N TYR H 124 -50.13 39.24 2.46
CA TYR H 124 -49.94 38.38 3.62
C TYR H 124 -48.79 38.88 4.50
N VAL H 125 -47.65 39.19 3.89
CA VAL H 125 -46.48 39.61 4.65
C VAL H 125 -46.71 40.99 5.28
N ASN H 126 -47.43 41.87 4.59
CA ASN H 126 -47.70 43.19 5.16
C ASN H 126 -48.74 43.11 6.28
N ASP H 127 -49.67 42.16 6.22
CA ASP H 127 -50.62 42.02 7.31
C ASP H 127 -49.97 41.40 8.54
N GLN H 128 -49.12 40.40 8.34
CA GLN H 128 -48.43 39.74 9.45
C GLN H 128 -47.13 39.16 8.95
N GLY H 129 -46.13 39.13 9.83
CA GLY H 129 -44.80 38.73 9.44
C GLY H 129 -44.67 37.22 9.28
N PHE H 130 -43.41 36.79 9.19
CA PHE H 130 -43.05 35.38 9.19
C PHE H 130 -42.75 34.86 10.59
N ALA H 131 -43.36 35.44 11.62
CA ALA H 131 -42.98 35.09 12.99
C ALA H 131 -43.49 33.72 13.41
N GLU H 132 -44.67 33.33 12.93
CA GLU H 132 -45.24 32.03 13.31
C GLU H 132 -44.44 30.88 12.72
N LEU H 133 -44.16 30.96 11.42
CA LEU H 133 -43.46 29.88 10.73
C LEU H 133 -42.02 29.79 11.19
N ALA H 134 -41.37 30.92 11.44
CA ALA H 134 -40.01 30.87 11.96
C ALA H 134 -39.99 30.44 13.41
N ARG H 135 -41.08 30.65 14.14
CA ARG H 135 -41.16 30.15 15.51
C ARG H 135 -41.24 28.63 15.52
N ARG H 136 -42.05 28.06 14.62
CA ARG H 136 -42.16 26.60 14.59
C ARG H 136 -40.93 25.95 14.00
N TYR H 137 -40.31 26.59 13.00
CA TYR H 137 -39.04 26.09 12.48
C TYR H 137 -37.95 26.16 13.53
N ALA H 138 -38.00 27.19 14.39
CA ALA H 138 -37.07 27.28 15.50
C ALA H 138 -37.29 26.16 16.51
N HIS H 139 -38.54 25.75 16.72
CA HIS H 139 -38.78 24.61 17.59
C HIS H 139 -38.27 23.31 16.99
N ASN H 140 -38.42 23.12 15.67
CA ASN H 140 -37.93 21.89 15.08
C ASN H 140 -36.41 21.87 14.98
N LEU H 141 -35.77 23.03 14.98
CA LEU H 141 -34.32 23.02 15.15
C LEU H 141 -33.92 22.84 16.60
N ALA H 142 -34.81 23.17 17.54
CA ALA H 142 -34.45 23.08 18.95
C ALA H 142 -34.56 21.66 19.48
N ASN H 143 -35.71 21.01 19.28
CA ASN H 143 -35.98 19.74 19.93
C ASN H 143 -35.34 18.54 19.25
N ALA H 144 -34.64 18.76 18.14
CA ALA H 144 -33.90 17.74 17.38
C ALA H 144 -34.83 16.63 16.88
N ARG H 145 -35.75 17.02 15.99
CA ARG H 145 -36.48 16.04 15.21
C ARG H 145 -35.54 15.23 14.33
N PHE H 146 -34.54 15.89 13.76
CA PHE H 146 -33.64 15.26 12.79
C PHE H 146 -32.78 14.18 13.41
N LEU H 147 -32.47 14.29 14.70
CA LEU H 147 -31.84 13.16 15.39
C LEU H 147 -32.81 12.02 15.57
N TRP H 148 -33.94 12.27 16.27
CA TRP H 148 -34.68 11.30 17.08
C TRP H 148 -35.28 10.13 16.28
N ARG H 149 -35.03 10.07 14.97
CA ARG H 149 -34.95 8.78 14.29
C ARG H 149 -33.92 7.91 14.99
N ASN H 150 -32.75 8.48 15.29
CA ASN H 150 -31.75 7.83 16.14
C ASN H 150 -32.24 7.72 17.57
N ARG H 151 -32.48 8.86 18.22
CA ARG H 151 -32.88 8.85 19.61
C ARG H 151 -34.34 8.43 19.74
N VAL H 152 -34.57 7.14 19.97
CA VAL H 152 -35.85 6.73 20.52
C VAL H 152 -35.77 6.68 22.04
N GLY H 153 -34.56 6.61 22.58
CA GLY H 153 -34.34 6.81 23.99
C GLY H 153 -32.87 7.03 24.28
N ALA H 154 -32.56 8.11 25.00
CA ALA H 154 -31.19 8.42 25.35
C ALA H 154 -31.20 9.26 26.62
N GLU H 155 -30.01 9.43 27.19
CA GLU H 155 -29.90 10.15 28.45
C GLU H 155 -29.99 11.66 28.24
N ALA H 156 -29.12 12.21 27.42
CA ALA H 156 -29.04 13.65 27.22
C ALA H 156 -28.82 13.96 25.75
N VAL H 157 -29.51 14.99 25.26
CA VAL H 157 -29.38 15.48 23.90
C VAL H 157 -29.13 16.98 23.98
N GLU H 158 -28.03 17.43 23.39
CA GLU H 158 -27.67 18.84 23.39
C GLU H 158 -27.50 19.33 21.96
N VAL H 159 -28.20 20.40 21.60
CA VAL H 159 -28.18 20.95 20.26
C VAL H 159 -27.49 22.31 20.32
N ARG H 160 -26.46 22.49 19.50
CA ARG H 160 -25.75 23.76 19.44
C ARG H 160 -25.89 24.35 18.05
N ILE H 161 -26.35 25.59 17.98
CA ILE H 161 -26.66 26.28 16.73
C ILE H 161 -25.77 27.51 16.65
N ASN H 162 -25.10 27.69 15.51
CA ASN H 162 -24.24 28.85 15.31
C ASN H 162 -24.70 29.64 14.11
N HIS H 163 -24.69 30.96 14.23
CA HIS H 163 -24.91 31.85 13.10
C HIS H 163 -23.55 32.19 12.50
N ILE H 164 -23.40 31.95 11.20
CA ILE H 164 -22.16 32.24 10.50
C ILE H 164 -22.38 33.42 9.57
N ARG H 165 -21.66 34.50 9.82
CA ARG H 165 -21.80 35.74 9.08
C ARG H 165 -20.56 36.08 8.27
N GLN H 166 -19.40 35.58 8.68
CA GLN H 166 -18.10 35.74 8.04
C GLN H 166 -17.36 34.43 8.28
N GLY H 167 -16.04 34.47 8.22
CA GLY H 167 -15.27 33.36 8.76
C GLY H 167 -15.49 33.17 10.26
N GLU H 168 -15.85 34.23 10.97
CA GLU H 168 -16.11 34.19 12.40
C GLU H 168 -17.52 33.65 12.68
N VAL H 169 -17.94 33.72 13.94
CA VAL H 169 -19.24 33.27 14.39
C VAL H 169 -19.97 34.46 14.99
N ALA H 170 -21.20 34.70 14.52
CA ALA H 170 -21.96 35.85 14.99
C ALA H 170 -22.54 35.62 16.38
N ARG H 171 -23.41 34.63 16.52
CA ARG H 171 -24.06 34.36 17.80
C ARG H 171 -24.30 32.87 17.94
N ALA H 172 -24.00 32.33 19.12
CA ALA H 172 -24.12 30.91 19.41
C ALA H 172 -25.25 30.65 20.38
N TRP H 173 -26.06 29.64 20.07
CA TRP H 173 -27.11 29.14 20.95
C TRP H 173 -26.80 27.71 21.38
N ARG H 174 -27.13 27.41 22.63
CA ARG H 174 -26.96 26.07 23.18
C ARG H 174 -28.26 25.66 23.84
N PHE H 175 -28.95 24.70 23.25
CA PHE H 175 -30.26 24.27 23.69
C PHE H 175 -30.18 22.94 24.43
N ASP H 176 -31.35 22.40 24.76
CA ASP H 176 -31.46 21.12 25.44
C ASP H 176 -32.78 20.51 25.01
N ALA H 177 -32.72 19.49 24.17
CA ALA H 177 -33.92 18.91 23.56
C ALA H 177 -34.72 18.02 24.50
N LEU H 178 -34.23 17.79 25.72
CA LEU H 178 -34.98 16.99 26.68
C LEU H 178 -36.21 17.74 27.19
N ALA H 179 -36.02 19.00 27.57
CA ALA H 179 -37.13 19.80 28.06
C ALA H 179 -38.07 20.20 26.94
N ILE H 180 -37.52 20.62 25.80
CA ILE H 180 -38.31 21.02 24.65
C ILE H 180 -38.90 19.78 24.00
N GLY H 181 -40.18 19.55 24.21
CA GLY H 181 -40.81 18.31 23.78
C GLY H 181 -41.14 18.31 22.30
N LEU H 182 -41.91 17.29 21.92
CA LEU H 182 -42.36 17.13 20.54
C LEU H 182 -43.64 17.90 20.26
N ARG H 183 -44.67 17.65 21.05
CA ARG H 183 -46.02 18.06 20.66
C ARG H 183 -46.28 19.53 20.96
N ASP H 184 -45.74 20.04 22.06
CA ASP H 184 -46.05 21.38 22.52
C ASP H 184 -45.16 22.41 21.83
N PHE H 185 -45.73 23.58 21.58
CA PHE H 185 -45.01 24.74 21.04
C PHE H 185 -45.08 25.83 22.09
N LYS H 186 -44.13 25.80 23.02
CA LYS H 186 -44.06 26.76 24.12
C LYS H 186 -43.00 27.82 23.83
N ALA H 187 -43.31 29.06 24.18
CA ALA H 187 -42.42 30.17 23.88
C ALA H 187 -41.21 30.16 24.81
N ASP H 188 -40.18 30.86 24.39
CA ASP H 188 -38.94 31.03 25.14
C ASP H 188 -38.23 32.25 24.57
N ALA H 189 -37.33 32.83 25.37
CA ALA H 189 -36.61 34.02 24.92
C ALA H 189 -35.61 33.69 23.82
N GLU H 190 -34.88 32.58 23.97
CA GLU H 190 -33.87 32.22 22.99
C GLU H 190 -34.51 31.75 21.68
N LEU H 191 -35.63 31.03 21.78
CA LEU H 191 -36.37 30.65 20.59
C LEU H 191 -37.00 31.84 19.89
N ASP H 192 -37.31 32.90 20.65
CA ASP H 192 -37.77 34.11 20.00
C ASP H 192 -36.63 34.86 19.33
N ALA H 193 -35.42 34.76 19.88
CA ALA H 193 -34.26 35.37 19.23
C ALA H 193 -33.93 34.66 17.91
N LEU H 194 -33.85 33.34 17.96
CA LEU H 194 -33.55 32.58 16.74
C LEU H 194 -34.71 32.60 15.76
N ALA H 195 -35.94 32.74 16.26
CA ALA H 195 -37.07 32.92 15.36
C ALA H 195 -37.05 34.30 14.72
N GLU H 196 -36.52 35.31 15.40
CA GLU H 196 -36.28 36.59 14.73
C GLU H 196 -35.18 36.49 13.69
N LEU H 197 -34.20 35.61 13.91
CA LEU H 197 -33.15 35.44 12.90
C LEU H 197 -33.69 34.77 11.65
N ILE H 198 -34.46 33.68 11.81
CA ILE H 198 -35.01 32.98 10.66
C ILE H 198 -36.07 33.83 9.97
N ALA H 199 -36.91 34.53 10.74
CA ALA H 199 -37.90 35.41 10.15
C ALA H 199 -37.27 36.60 9.44
N SER H 200 -36.12 37.06 9.93
CA SER H 200 -35.36 38.06 9.20
C SER H 200 -34.68 37.48 7.97
N GLY H 201 -34.50 36.16 7.93
CA GLY H 201 -33.91 35.53 6.75
C GLY H 201 -34.89 35.30 5.63
N LEU H 202 -36.10 34.82 5.97
CA LEU H 202 -37.09 34.50 4.94
C LEU H 202 -37.69 35.74 4.30
N SER H 203 -37.68 36.88 4.99
CA SER H 203 -38.22 38.10 4.42
C SER H 203 -37.28 38.77 3.43
N GLY H 204 -36.03 38.30 3.33
CA GLY H 204 -35.09 38.88 2.40
C GLY H 204 -34.28 40.02 2.96
N SER H 205 -34.29 40.22 4.27
CA SER H 205 -33.59 41.33 4.90
C SER H 205 -32.13 41.02 5.20
N GLY H 206 -31.63 39.87 4.81
CA GLY H 206 -30.24 39.54 5.08
C GLY H 206 -29.91 38.15 4.60
N HIS H 207 -28.70 37.71 4.95
CA HIS H 207 -28.20 36.39 4.59
C HIS H 207 -28.04 35.56 5.85
N VAL H 208 -28.64 34.37 5.86
CA VAL H 208 -28.67 33.52 7.04
C VAL H 208 -28.08 32.16 6.71
N LEU H 209 -26.91 31.86 7.30
CA LEU H 209 -26.28 30.56 7.22
C LEU H 209 -26.07 30.04 8.64
N LEU H 210 -26.63 28.89 8.94
CA LEU H 210 -26.59 28.32 10.27
C LEU H 210 -25.83 27.01 10.26
N GLU H 211 -25.00 26.81 11.27
CA GLU H 211 -24.30 25.55 11.49
C GLU H 211 -24.93 24.85 12.68
N VAL H 212 -25.47 23.67 12.46
CA VAL H 212 -26.20 22.94 13.49
C VAL H 212 -25.43 21.68 13.84
N VAL H 213 -25.05 21.53 15.11
CA VAL H 213 -24.49 20.29 15.59
C VAL H 213 -25.38 19.74 16.70
N ALA H 214 -25.34 18.42 16.86
CA ALA H 214 -26.26 17.75 17.77
C ALA H 214 -25.55 16.58 18.43
N PHE H 215 -25.69 16.51 19.74
CA PHE H 215 -25.00 15.54 20.59
C PHE H 215 -26.02 14.64 21.24
N ALA H 216 -25.91 13.34 21.01
CA ALA H 216 -26.77 12.35 21.64
C ALA H 216 -25.92 11.40 22.47
N ARG H 217 -26.43 10.99 23.62
CA ARG H 217 -25.69 10.10 24.52
C ARG H 217 -26.48 8.80 24.60
N ILE H 218 -26.19 7.89 23.68
CA ILE H 218 -27.02 6.72 23.47
C ILE H 218 -26.39 5.44 24.01
N GLY H 219 -25.26 5.55 24.68
CA GLY H 219 -24.65 4.36 25.26
C GLY H 219 -23.40 3.94 24.53
N ASP H 220 -22.59 3.14 25.22
CA ASP H 220 -21.26 2.78 24.74
C ASP H 220 -21.36 1.58 23.81
N GLY H 221 -20.87 1.74 22.58
CA GLY H 221 -20.85 0.63 21.65
C GLY H 221 -22.18 0.26 21.03
N GLN H 222 -23.18 1.14 21.14
CA GLN H 222 -24.53 0.86 20.66
C GLN H 222 -24.61 1.03 19.14
N GLU H 223 -25.83 1.04 18.61
CA GLU H 223 -26.05 1.11 17.18
C GLU H 223 -26.65 2.44 16.80
N VAL H 224 -26.02 3.11 15.84
CA VAL H 224 -26.56 4.31 15.23
C VAL H 224 -27.33 3.92 13.98
N PHE H 225 -28.23 4.81 13.56
CA PHE H 225 -29.13 4.56 12.43
C PHE H 225 -28.89 5.61 11.36
N PRO H 226 -27.96 5.38 10.43
CA PRO H 226 -27.91 6.23 9.22
C PRO H 226 -29.01 5.83 8.24
N SER H 227 -30.25 6.08 8.63
CA SER H 227 -31.40 5.31 8.17
C SER H 227 -31.70 5.59 6.71
N GLN H 228 -30.85 5.04 5.83
CA GLN H 228 -30.91 5.31 4.40
C GLN H 228 -30.63 4.01 3.68
N GLU H 229 -31.40 3.70 2.64
CA GLU H 229 -31.20 2.46 1.89
C GLU H 229 -31.59 2.70 0.44
N LEU H 230 -31.03 1.87 -0.46
CA LEU H 230 -31.67 1.42 -1.71
C LEU H 230 -30.89 0.30 -2.37
N ILE H 231 -31.57 -0.84 -2.55
CA ILE H 231 -31.26 -1.82 -3.58
C ILE H 231 -32.55 -1.90 -4.40
N LEU H 232 -32.54 -1.29 -5.58
CA LEU H 232 -33.76 -1.12 -6.37
C LEU H 232 -34.20 -2.47 -6.93
N ASP H 233 -35.25 -3.03 -6.32
CA ASP H 233 -35.74 -4.33 -6.73
C ASP H 233 -36.63 -4.16 -7.95
N LYS H 234 -36.20 -4.73 -9.08
CA LYS H 234 -36.98 -4.78 -10.31
C LYS H 234 -36.97 -6.22 -10.80
N GLY H 235 -37.90 -7.02 -10.30
CA GLY H 235 -38.06 -8.39 -10.75
C GLY H 235 -36.97 -9.34 -10.28
N ASP H 236 -36.08 -9.70 -11.20
CA ASP H 236 -35.09 -10.73 -10.95
C ASP H 236 -33.97 -10.20 -10.05
N LYS H 237 -33.09 -11.12 -9.66
CA LYS H 237 -31.83 -10.86 -8.95
C LYS H 237 -32.07 -10.16 -7.61
N LYS H 238 -32.71 -10.90 -6.70
CA LYS H 238 -32.99 -10.39 -5.36
C LYS H 238 -31.72 -10.18 -4.54
N GLY H 239 -30.60 -10.79 -4.92
CA GLY H 239 -29.31 -10.44 -4.35
C GLY H 239 -29.04 -11.08 -3.01
N GLN H 240 -27.87 -10.73 -2.47
CA GLN H 240 -27.43 -11.25 -1.18
C GLN H 240 -27.44 -10.23 -0.08
N LYS H 241 -27.32 -8.93 -0.40
CA LYS H 241 -27.10 -7.96 0.66
C LYS H 241 -28.40 -7.56 1.35
N SER H 242 -29.31 -6.94 0.62
CA SER H 242 -30.65 -6.53 1.05
C SER H 242 -30.69 -5.56 2.22
N LYS H 243 -29.56 -4.99 2.65
CA LYS H 243 -29.62 -3.74 3.38
C LYS H 243 -28.32 -2.98 3.17
N THR H 244 -28.37 -1.89 2.42
CA THR H 244 -27.22 -1.02 2.26
C THR H 244 -27.49 0.30 2.99
N LEU H 245 -26.42 1.05 3.21
CA LEU H 245 -26.52 2.31 3.93
C LEU H 245 -25.77 3.39 3.17
N TYR H 246 -26.34 4.60 3.16
CA TYR H 246 -25.74 5.73 2.47
C TYR H 246 -24.49 6.20 3.20
N SER H 247 -23.53 6.65 2.42
CA SER H 247 -22.28 7.14 2.98
C SER H 247 -21.72 8.23 2.08
N VAL H 248 -20.71 8.88 2.60
CA VAL H 248 -19.85 9.83 1.90
C VAL H 248 -18.49 9.15 2.02
N ARG H 249 -17.41 9.90 1.77
CA ARG H 249 -16.09 9.28 1.81
C ARG H 249 -15.77 8.80 3.22
N ASP H 250 -16.11 7.53 3.47
CA ASP H 250 -15.85 6.80 4.72
C ASP H 250 -16.48 7.47 5.94
N ALA H 251 -17.79 7.72 5.85
CA ALA H 251 -18.56 8.22 6.98
C ALA H 251 -20.04 7.95 6.72
N ALA H 252 -20.74 7.46 7.73
CA ALA H 252 -22.17 7.28 7.61
C ALA H 252 -22.87 8.64 7.64
N ALA H 253 -23.97 8.75 6.90
CA ALA H 253 -24.62 10.04 6.77
C ALA H 253 -26.11 9.86 6.52
N ILE H 254 -26.86 10.89 6.89
CA ILE H 254 -28.30 10.98 6.63
C ILE H 254 -28.47 11.86 5.39
N HIS H 255 -29.42 11.50 4.53
CA HIS H 255 -29.77 12.32 3.38
C HIS H 255 -30.27 13.69 3.84
N SER H 256 -30.17 14.66 2.93
CA SER H 256 -30.71 15.98 3.22
C SER H 256 -32.22 16.01 3.17
N GLN H 257 -32.84 14.98 2.63
CA GLN H 257 -34.29 14.91 2.50
C GLN H 257 -34.96 14.58 3.81
N LYS H 258 -34.34 13.76 4.66
CA LYS H 258 -34.92 13.50 5.97
C LYS H 258 -34.69 14.66 6.93
N ILE H 259 -33.57 15.37 6.79
CA ILE H 259 -33.36 16.58 7.56
C ILE H 259 -34.39 17.63 7.18
N GLY H 260 -34.56 17.83 5.87
CA GLY H 260 -35.56 18.77 5.40
C GLY H 260 -36.98 18.36 5.73
N ASN H 261 -37.24 17.06 5.83
CA ASN H 261 -38.55 16.60 6.30
C ASN H 261 -38.72 16.89 7.79
N ALA H 262 -37.65 16.75 8.56
CA ALA H 262 -37.75 16.99 9.99
C ALA H 262 -37.94 18.47 10.29
N LEU H 263 -37.41 19.35 9.46
CA LEU H 263 -37.57 20.78 9.69
C LEU H 263 -38.89 21.36 9.20
N ARG H 264 -39.83 20.55 8.71
CA ARG H 264 -41.11 21.11 8.32
C ARG H 264 -42.27 20.25 8.80
N THR H 265 -42.15 19.62 9.96
CA THR H 265 -43.30 19.00 10.62
C THR H 265 -43.89 20.04 11.56
N ILE H 266 -44.62 20.99 10.97
CA ILE H 266 -45.23 22.08 11.70
C ILE H 266 -46.74 22.10 11.58
N ASP H 267 -47.33 21.16 10.86
CA ASP H 267 -48.74 21.20 10.50
C ASP H 267 -49.55 20.55 11.62
N THR H 268 -50.16 21.37 12.46
CA THR H 268 -51.18 20.91 13.38
C THR H 268 -52.57 21.33 12.94
N TRP H 269 -52.66 22.09 11.86
CA TRP H 269 -53.88 22.75 11.39
C TRP H 269 -54.61 21.94 10.34
N TYR H 270 -54.87 20.68 10.64
CA TYR H 270 -55.63 19.80 9.76
C TYR H 270 -56.84 19.38 10.59
N PRO H 271 -57.85 18.64 10.04
CA PRO H 271 -58.97 18.20 10.90
C PRO H 271 -58.56 17.37 12.10
N ASP H 272 -58.75 17.97 13.28
CA ASP H 272 -58.11 17.54 14.52
C ASP H 272 -58.94 16.52 15.28
N GLU H 273 -59.86 15.81 14.61
CA GLU H 273 -60.41 14.60 15.18
C GLU H 273 -59.35 13.50 15.28
N ASP H 274 -58.31 13.59 14.45
CA ASP H 274 -57.12 12.77 14.57
C ASP H 274 -55.92 13.70 14.67
N GLY H 275 -56.02 14.70 15.57
CA GLY H 275 -55.01 15.73 15.78
C GLY H 275 -53.60 15.22 16.04
N LEU H 276 -53.38 14.57 17.19
CA LEU H 276 -52.31 13.60 17.41
C LEU H 276 -50.88 14.18 17.41
N GLY H 277 -50.71 15.46 17.08
CA GLY H 277 -49.40 16.03 16.95
C GLY H 277 -49.13 16.52 15.54
N PRO H 278 -48.00 17.20 15.35
CA PRO H 278 -47.72 17.78 14.03
C PRO H 278 -47.36 16.74 12.99
N ILE H 279 -47.67 17.06 11.73
CA ILE H 279 -47.24 16.27 10.59
C ILE H 279 -46.50 17.20 9.63
N ALA H 280 -45.92 16.61 8.60
CA ALA H 280 -45.16 17.38 7.63
C ALA H 280 -46.09 18.12 6.67
N VAL H 281 -45.55 19.17 6.06
CA VAL H 281 -46.33 20.03 5.17
C VAL H 281 -46.24 19.46 3.76
N GLU H 282 -47.36 18.95 3.27
CA GLU H 282 -47.52 18.43 1.92
C GLU H 282 -48.74 19.09 1.32
N PRO H 283 -48.88 19.09 0.00
CA PRO H 283 -50.14 19.60 -0.59
C PRO H 283 -51.34 18.75 -0.21
N TYR H 284 -51.29 17.46 -0.46
CA TYR H 284 -52.24 16.51 0.09
C TYR H 284 -51.62 16.03 1.38
N GLY H 285 -52.24 16.35 2.51
CA GLY H 285 -51.56 16.20 3.80
C GLY H 285 -51.34 14.77 4.22
N SER H 286 -50.45 14.09 3.51
CA SER H 286 -50.33 12.65 3.55
C SER H 286 -49.15 12.23 4.42
N VAL H 287 -49.32 11.10 5.10
CA VAL H 287 -48.27 10.45 5.86
C VAL H 287 -48.13 9.04 5.31
N THR H 288 -46.92 8.69 4.87
CA THR H 288 -46.70 7.41 4.21
C THR H 288 -46.59 6.26 5.20
N SER H 289 -45.97 6.49 6.36
CA SER H 289 -45.85 5.43 7.37
C SER H 289 -47.20 5.07 7.95
N GLN H 290 -48.04 6.07 8.21
CA GLN H 290 -49.43 5.80 8.56
C GLN H 290 -50.22 5.29 7.36
N GLY H 291 -49.75 5.55 6.15
CA GLY H 291 -50.50 5.18 4.96
C GLY H 291 -51.78 5.96 4.78
N LYS H 292 -51.86 7.16 5.33
CA LYS H 292 -53.12 7.89 5.42
C LYS H 292 -52.92 9.29 4.89
N ALA H 293 -53.83 9.71 4.01
CA ALA H 293 -53.76 11.04 3.40
C ALA H 293 -54.79 11.92 4.09
N TYR H 294 -54.33 12.69 5.07
CA TYR H 294 -55.09 13.80 5.62
C TYR H 294 -55.23 14.89 4.56
N ARG H 295 -56.15 15.81 4.80
CA ARG H 295 -56.50 16.90 3.87
C ARG H 295 -56.90 16.35 2.51
N GLN H 296 -58.00 15.61 2.50
CA GLN H 296 -58.54 15.07 1.27
C GLN H 296 -59.07 16.19 0.37
N PRO H 297 -58.99 16.01 -0.96
CA PRO H 297 -59.60 17.00 -1.87
C PRO H 297 -61.12 16.96 -1.87
N LYS H 298 -61.74 15.92 -1.30
CA LYS H 298 -63.18 15.94 -1.07
C LYS H 298 -63.55 17.04 -0.08
N GLN H 299 -62.80 17.16 1.00
CA GLN H 299 -62.86 18.34 1.83
C GLN H 299 -62.19 19.51 1.12
N LYS H 300 -62.45 20.72 1.61
CA LYS H 300 -61.88 21.91 1.02
C LYS H 300 -60.65 22.41 1.78
N LEU H 301 -59.89 21.49 2.39
CA LEU H 301 -58.67 21.84 3.10
C LEU H 301 -57.43 21.37 2.36
N ASP H 302 -57.53 21.26 1.04
CA ASP H 302 -56.42 20.96 0.15
C ASP H 302 -55.58 22.22 -0.06
N PHE H 303 -54.34 22.03 -0.52
CA PHE H 303 -53.52 23.18 -0.88
C PHE H 303 -54.00 23.82 -2.17
N TYR H 304 -54.40 23.00 -3.14
CA TYR H 304 -54.76 23.51 -4.46
C TYR H 304 -56.07 24.29 -4.41
N THR H 305 -57.04 23.81 -3.62
CA THR H 305 -58.32 24.50 -3.53
C THR H 305 -58.21 25.80 -2.76
N LEU H 306 -57.38 25.83 -1.72
CA LEU H 306 -57.19 27.07 -0.97
C LEU H 306 -56.40 28.09 -1.78
N LEU H 307 -55.41 27.63 -2.55
CA LEU H 307 -54.65 28.55 -3.38
C LEU H 307 -55.49 29.11 -4.52
N ASP H 308 -56.34 28.28 -5.11
CA ASP H 308 -57.24 28.76 -6.16
C ASP H 308 -58.30 29.70 -5.60
N ASN H 309 -58.86 29.38 -4.43
CA ASN H 309 -59.90 30.22 -3.87
C ASN H 309 -59.36 31.50 -3.26
N TRP H 310 -58.06 31.57 -2.98
CA TRP H 310 -57.50 32.77 -2.37
C TRP H 310 -56.72 33.65 -3.35
N VAL H 311 -56.27 33.10 -4.47
CA VAL H 311 -55.66 33.94 -5.50
C VAL H 311 -56.71 34.41 -6.51
N LEU H 312 -57.47 33.49 -7.09
CA LEU H 312 -58.38 33.84 -8.17
C LEU H 312 -59.65 34.49 -7.64
N ARG H 313 -60.41 33.75 -6.82
CA ARG H 313 -61.74 34.15 -6.42
C ARG H 313 -61.77 35.08 -5.21
N ASP H 314 -60.59 35.46 -4.70
CA ASP H 314 -60.42 36.44 -3.62
C ASP H 314 -61.11 36.04 -2.31
N GLU H 315 -61.31 34.74 -2.09
CA GLU H 315 -61.93 34.25 -0.87
C GLU H 315 -60.82 33.88 0.09
N ALA H 316 -60.54 34.77 1.03
CA ALA H 316 -59.43 34.55 1.95
C ALA H 316 -59.82 33.51 3.00
N PRO H 317 -59.03 32.46 3.19
CA PRO H 317 -59.38 31.45 4.20
C PRO H 317 -59.09 31.93 5.61
N ALA H 318 -59.22 31.03 6.59
CA ALA H 318 -58.82 31.32 7.95
C ALA H 318 -57.31 31.56 8.04
N VAL H 319 -56.88 32.17 9.15
CA VAL H 319 -55.52 32.69 9.22
C VAL H 319 -54.50 31.54 9.31
N GLU H 320 -54.86 30.45 9.99
CA GLU H 320 -53.96 29.31 10.09
C GLU H 320 -53.86 28.56 8.76
N GLN H 321 -54.91 28.60 7.95
CA GLN H 321 -54.81 28.02 6.63
C GLN H 321 -53.93 28.88 5.73
N GLN H 322 -53.88 30.18 5.99
CA GLN H 322 -52.94 31.03 5.29
C GLN H 322 -51.51 30.71 5.69
N HIS H 323 -51.30 30.37 6.97
CA HIS H 323 -50.00 29.86 7.39
C HIS H 323 -49.66 28.56 6.67
N TYR H 324 -50.66 27.71 6.44
CA TYR H 324 -50.43 26.45 5.74
C TYR H 324 -50.03 26.69 4.28
N VAL H 325 -50.71 27.60 3.60
CA VAL H 325 -50.43 27.84 2.19
C VAL H 325 -49.07 28.51 2.01
N ILE H 326 -48.76 29.51 2.84
CA ILE H 326 -47.46 30.17 2.71
C ILE H 326 -46.33 29.24 3.12
N ALA H 327 -46.57 28.38 4.11
CA ALA H 327 -45.57 27.36 4.45
C ALA H 327 -45.36 26.38 3.30
N ASN H 328 -46.43 26.07 2.58
CA ASN H 328 -46.30 25.18 1.44
C ASN H 328 -45.70 25.88 0.22
N LEU H 329 -45.63 27.20 0.21
CA LEU H 329 -44.82 27.88 -0.80
C LEU H 329 -43.35 27.95 -0.39
N ILE H 330 -43.07 28.00 0.91
CA ILE H 330 -41.69 27.91 1.37
C ILE H 330 -41.13 26.52 1.12
N ARG H 331 -41.99 25.50 1.13
CA ARG H 331 -41.57 24.16 0.73
C ARG H 331 -41.15 24.13 -0.74
N GLY H 332 -41.94 24.73 -1.61
CA GLY H 332 -41.68 24.69 -3.03
C GLY H 332 -42.16 23.41 -3.67
N GLY H 333 -42.29 23.44 -4.99
CA GLY H 333 -42.75 22.26 -5.70
C GLY H 333 -43.00 22.56 -7.16
N VAL H 334 -43.67 21.61 -7.81
CA VAL H 334 -44.07 21.69 -9.21
C VAL H 334 -45.59 21.77 -9.24
N PHE H 335 -46.11 22.94 -9.56
CA PHE H 335 -47.53 23.20 -9.51
C PHE H 335 -48.01 23.52 -10.92
N GLY H 336 -49.29 23.79 -11.07
CA GLY H 336 -49.77 24.21 -12.38
C GLY H 336 -50.99 23.47 -12.87
N GLU H 337 -50.88 22.85 -14.04
CA GLU H 337 -51.97 22.04 -14.58
C GLU H 337 -51.47 20.71 -15.14
N LYS I 1 13.84 -29.04 -31.98
CA LYS I 1 13.07 -27.81 -31.76
C LYS I 1 13.64 -27.05 -30.57
N PHE I 2 14.07 -27.80 -29.56
CA PHE I 2 14.65 -27.19 -28.36
C PHE I 2 16.02 -26.59 -28.66
N ILE I 3 16.31 -25.45 -28.02
CA ILE I 3 17.58 -24.76 -28.22
C ILE I 3 18.45 -24.83 -26.97
N LYS I 4 18.00 -24.22 -25.87
CA LYS I 4 18.78 -24.16 -24.63
C LYS I 4 17.86 -23.69 -23.52
N TYR I 5 18.33 -23.87 -22.29
CA TYR I 5 17.76 -23.19 -21.13
C TYR I 5 18.30 -21.77 -21.07
N LEU I 6 17.52 -20.89 -20.45
CA LEU I 6 17.93 -19.50 -20.40
C LEU I 6 18.75 -19.19 -19.15
N SER I 7 18.57 -19.95 -18.09
CA SER I 7 19.34 -19.79 -16.86
C SER I 7 20.26 -20.98 -16.66
N THR I 8 21.42 -20.72 -16.07
CA THR I 8 22.35 -21.81 -15.78
C THR I 8 21.90 -22.64 -14.60
N ALA I 9 21.14 -22.05 -13.69
CA ALA I 9 20.67 -22.71 -12.47
C ALA I 9 19.17 -22.57 -12.37
N HIS I 10 18.51 -23.65 -11.96
CA HIS I 10 17.07 -23.60 -11.79
C HIS I 10 16.72 -22.81 -10.54
N LEU I 11 15.47 -22.37 -10.48
CA LEU I 11 14.97 -21.66 -9.29
C LEU I 11 13.66 -22.32 -8.89
N ASN I 12 13.76 -23.27 -7.96
CA ASN I 12 12.64 -24.05 -7.42
C ASN I 12 11.90 -24.77 -8.54
N TYR I 13 12.63 -25.66 -9.22
CA TYR I 13 12.17 -26.55 -10.29
C TYR I 13 11.72 -25.83 -11.55
N MET I 14 11.84 -24.50 -11.62
CA MET I 14 11.27 -23.74 -12.71
C MET I 14 12.37 -23.12 -13.55
N ASN I 15 12.18 -23.10 -14.87
CA ASN I 15 13.20 -22.52 -15.73
C ASN I 15 12.53 -22.10 -17.04
N ILE I 16 13.22 -21.22 -17.77
CA ILE I 16 12.70 -20.66 -19.02
C ILE I 16 13.38 -21.37 -20.18
N ALA I 17 12.58 -22.02 -21.04
CA ALA I 17 13.12 -22.76 -22.16
C ALA I 17 12.94 -21.96 -23.46
N VAL I 18 13.87 -22.19 -24.39
CA VAL I 18 13.90 -21.46 -25.66
C VAL I 18 13.75 -22.47 -26.80
N TYR I 19 12.74 -22.27 -27.63
CA TYR I 19 12.40 -23.19 -28.71
C TYR I 19 12.48 -22.49 -30.07
N GLU I 20 12.70 -23.31 -31.10
CA GLU I 20 12.85 -22.85 -32.49
C GLU I 20 11.56 -23.21 -33.23
N ASN I 21 10.82 -22.20 -33.68
CA ASN I 21 9.47 -22.46 -34.16
C ASN I 21 9.27 -21.93 -35.58
N GLY I 22 10.19 -22.24 -36.50
CA GLY I 22 10.03 -21.84 -37.89
C GLY I 22 10.23 -20.35 -38.13
N SER I 23 11.48 -19.88 -38.00
CA SER I 23 11.93 -18.50 -38.10
C SER I 23 11.33 -17.60 -37.01
N LYS I 24 10.75 -18.18 -35.98
CA LYS I 24 10.34 -17.50 -34.77
C LYS I 24 10.82 -18.35 -33.60
N ILE I 25 11.02 -17.72 -32.45
CA ILE I 25 11.46 -18.47 -31.28
C ILE I 25 10.43 -18.31 -30.18
N LYS I 26 10.36 -19.32 -29.32
CA LYS I 26 9.46 -19.34 -28.17
C LYS I 26 10.25 -19.26 -26.88
N ALA I 27 9.78 -18.44 -25.96
CA ALA I 27 10.22 -18.48 -24.58
C ALA I 27 9.08 -19.04 -23.76
N ARG I 28 9.32 -20.16 -23.10
CA ARG I 28 8.25 -20.90 -22.43
C ARG I 28 8.69 -21.18 -21.00
N VAL I 29 7.98 -20.59 -20.03
CA VAL I 29 8.25 -20.86 -18.63
C VAL I 29 7.71 -22.23 -18.27
N GLU I 30 8.56 -23.08 -17.69
CA GLU I 30 8.09 -24.44 -17.44
C GLU I 30 8.77 -25.06 -16.24
N ASN I 31 8.09 -26.06 -15.69
CA ASN I 31 8.63 -26.94 -14.66
C ASN I 31 9.50 -27.99 -15.33
N VAL I 32 10.71 -28.19 -14.80
CA VAL I 32 11.66 -29.07 -15.48
C VAL I 32 11.42 -30.54 -15.19
N VAL I 33 10.70 -30.87 -14.12
CA VAL I 33 10.44 -32.27 -13.80
C VAL I 33 9.24 -32.79 -14.58
N ASN I 34 8.15 -32.03 -14.59
CA ASN I 34 6.92 -32.44 -15.27
C ASN I 34 6.92 -32.10 -16.75
N GLY I 35 7.52 -30.97 -17.14
CA GLY I 35 7.40 -30.49 -18.49
C GLY I 35 6.21 -29.60 -18.75
N LYS I 36 5.39 -29.35 -17.73
CA LYS I 36 4.20 -28.53 -17.90
C LYS I 36 4.56 -27.06 -18.03
N SER I 37 4.05 -26.41 -19.07
CA SER I 37 4.31 -24.99 -19.26
C SER I 37 3.36 -24.16 -18.41
N VAL I 38 3.69 -22.88 -18.28
CA VAL I 38 2.86 -21.94 -17.54
C VAL I 38 2.52 -20.76 -18.45
N GLY I 39 3.54 -20.10 -18.98
CA GLY I 39 3.35 -19.00 -19.90
C GLY I 39 4.34 -19.08 -21.05
N ALA I 40 4.02 -18.35 -22.10
CA ALA I 40 4.85 -18.35 -23.29
C ALA I 40 4.84 -16.97 -23.94
N ARG I 41 5.90 -16.66 -24.67
CA ARG I 41 6.00 -15.39 -25.38
C ARG I 41 6.86 -15.63 -26.60
N ASP I 42 6.41 -15.12 -27.75
CA ASP I 42 7.01 -15.43 -29.04
C ASP I 42 7.82 -14.24 -29.53
N PHE I 43 9.05 -14.51 -29.96
CA PHE I 43 9.97 -13.50 -30.46
C PHE I 43 10.37 -13.83 -31.88
N ASP I 44 10.97 -12.85 -32.56
CA ASP I 44 11.34 -13.04 -33.96
C ASP I 44 12.62 -13.86 -34.08
N SER I 45 13.72 -13.38 -33.49
CA SER I 45 15.00 -14.04 -33.58
C SER I 45 15.67 -13.99 -32.20
N THR I 46 16.86 -14.58 -32.14
CA THR I 46 17.60 -14.66 -30.89
C THR I 46 18.08 -13.29 -30.42
N GLU I 47 18.30 -12.37 -31.37
CA GLU I 47 18.75 -11.03 -31.04
C GLU I 47 17.68 -10.24 -30.29
N GLN I 48 16.41 -10.47 -30.61
CA GLN I 48 15.35 -9.85 -29.85
C GLN I 48 15.24 -10.45 -28.45
N LEU I 49 15.53 -11.75 -28.33
CA LEU I 49 15.48 -12.39 -27.03
C LEU I 49 16.58 -11.88 -26.11
N GLU I 50 17.82 -11.88 -26.59
CA GLU I 50 18.93 -11.45 -25.75
C GLU I 50 18.98 -9.94 -25.58
N SER I 51 18.48 -9.18 -26.57
CA SER I 51 18.44 -7.74 -26.42
C SER I 51 17.29 -7.29 -25.52
N TRP I 52 16.19 -8.03 -25.51
CA TRP I 52 15.11 -7.75 -24.57
C TRP I 52 15.45 -8.21 -23.17
N PHE I 53 16.17 -9.32 -23.06
CA PHE I 53 16.41 -9.97 -21.78
C PHE I 53 17.44 -9.22 -20.95
N TYR I 54 18.52 -8.75 -21.58
CA TYR I 54 19.58 -8.07 -20.85
C TYR I 54 19.21 -6.66 -20.46
N GLY I 55 18.08 -6.13 -20.93
CA GLY I 55 17.59 -4.85 -20.52
C GLY I 55 16.70 -4.88 -19.29
N LEU I 56 16.55 -6.03 -18.65
CA LEU I 56 15.73 -6.21 -17.47
C LEU I 56 16.52 -5.83 -16.22
N PRO I 57 15.84 -5.28 -15.21
CA PRO I 57 16.56 -4.90 -13.98
C PRO I 57 16.91 -6.12 -13.15
N GLY I 58 18.18 -6.21 -12.76
CA GLY I 58 18.70 -7.27 -11.92
C GLY I 58 19.90 -7.90 -12.55
N SER I 59 20.41 -8.95 -11.90
CA SER I 59 21.54 -9.71 -12.42
C SER I 59 21.47 -11.12 -11.86
N GLY I 60 21.76 -12.10 -12.70
CA GLY I 60 21.75 -13.48 -12.25
C GLY I 60 20.36 -14.04 -12.07
N LEU I 61 20.03 -14.46 -10.85
CA LEU I 61 18.74 -15.10 -10.61
C LEU I 61 17.60 -14.11 -10.54
N GLY I 62 17.85 -12.88 -10.11
CA GLY I 62 16.78 -11.90 -10.03
C GLY I 62 16.26 -11.50 -11.39
N ARG I 63 17.13 -11.53 -12.40
CA ARG I 63 16.70 -11.33 -13.77
C ARG I 63 15.84 -12.49 -14.25
N ILE I 64 16.12 -13.71 -13.79
CA ILE I 64 15.32 -14.87 -14.15
C ILE I 64 13.96 -14.81 -13.45
N GLU I 65 13.93 -14.32 -12.21
CA GLU I 65 12.66 -14.14 -11.52
C GLU I 65 11.82 -13.04 -12.17
N ASN I 66 12.47 -11.96 -12.59
CA ASN I 66 11.74 -10.87 -13.23
C ASN I 66 11.21 -11.28 -14.60
N ALA I 67 12.04 -11.91 -15.43
CA ALA I 67 11.59 -12.37 -16.74
C ALA I 67 10.52 -13.44 -16.61
N MET I 68 10.67 -14.30 -15.60
CA MET I 68 9.70 -15.36 -15.37
C MET I 68 8.39 -14.80 -14.85
N ASN I 69 8.43 -13.61 -14.25
CA ASN I 69 7.19 -12.93 -13.90
C ASN I 69 6.67 -12.04 -15.01
N GLU I 70 7.46 -11.77 -16.05
CA GLU I 70 6.93 -11.01 -17.18
C GLU I 70 6.28 -11.91 -18.21
N ILE I 71 6.80 -13.12 -18.41
CA ILE I 71 6.21 -14.01 -19.40
C ILE I 71 4.86 -14.53 -18.92
N SER I 72 4.77 -14.88 -17.64
CA SER I 72 3.51 -15.32 -17.07
C SER I 72 2.70 -14.17 -16.47
N ARG I 73 2.97 -12.93 -16.89
CA ARG I 73 2.21 -11.77 -16.41
C ARG I 73 0.84 -11.80 -17.07
N ARG I 74 -0.14 -12.34 -16.35
CA ARG I 74 -1.51 -12.47 -16.85
C ARG I 74 -2.25 -11.17 -16.53
N GLU I 75 -2.57 -10.42 -17.58
CA GLU I 75 -3.32 -9.18 -17.38
C GLU I 75 -4.77 -9.44 -16.99
N ASN I 76 -5.30 -10.63 -17.24
CA ASN I 76 -6.63 -10.98 -16.77
C ASN I 76 -6.53 -12.17 -15.83
N LYS J 1 -47.21 -32.22 -6.44
CA LYS J 1 -46.41 -31.77 -7.56
C LYS J 1 -45.02 -31.37 -7.07
N PHE J 2 -44.98 -30.77 -5.88
CA PHE J 2 -43.71 -30.35 -5.29
C PHE J 2 -42.90 -31.55 -4.83
N ILE J 3 -41.58 -31.46 -5.00
CA ILE J 3 -40.66 -32.54 -4.62
C ILE J 3 -39.82 -32.16 -3.41
N LYS J 4 -38.95 -31.15 -3.56
CA LYS J 4 -38.03 -30.74 -2.51
C LYS J 4 -37.44 -29.39 -2.88
N TYR J 5 -36.83 -28.75 -1.89
CA TYR J 5 -35.93 -27.63 -2.13
C TYR J 5 -34.57 -28.16 -2.55
N LEU J 6 -33.83 -27.35 -3.29
CA LEU J 6 -32.55 -27.81 -3.79
C LEU J 6 -31.41 -27.46 -2.85
N SER J 7 -31.57 -26.43 -2.03
CA SER J 7 -30.58 -26.04 -1.05
C SER J 7 -31.12 -26.29 0.36
N THR J 8 -30.22 -26.64 1.27
CA THR J 8 -30.63 -26.84 2.66
C THR J 8 -30.88 -25.53 3.37
N ALA J 9 -30.23 -24.45 2.93
CA ALA J 9 -30.34 -23.15 3.55
C ALA J 9 -30.71 -22.12 2.50
N HIS J 10 -31.60 -21.20 2.86
CA HIS J 10 -32.00 -20.16 1.93
C HIS J 10 -30.88 -19.14 1.81
N LEU J 11 -30.92 -18.35 0.74
CA LEU J 11 -29.95 -17.26 0.55
C LEU J 11 -30.75 -16.01 0.22
N ASN J 12 -31.03 -15.22 1.26
CA ASN J 12 -31.79 -13.97 1.18
C ASN J 12 -33.17 -14.20 0.58
N TYR J 13 -33.96 -15.02 1.28
CA TYR J 13 -35.35 -15.39 0.99
C TYR J 13 -35.53 -16.15 -0.32
N MET J 14 -34.46 -16.50 -1.03
CA MET J 14 -34.57 -17.08 -2.36
C MET J 14 -34.10 -18.52 -2.34
N ASN J 15 -34.78 -19.38 -3.09
CA ASN J 15 -34.38 -20.77 -3.14
C ASN J 15 -34.91 -21.39 -4.42
N ILE J 16 -34.32 -22.52 -4.80
CA ILE J 16 -34.65 -23.22 -6.04
C ILE J 16 -35.54 -24.40 -5.71
N ALA J 17 -36.75 -24.42 -6.27
CA ALA J 17 -37.70 -25.48 -6.01
C ALA J 17 -37.74 -26.47 -7.17
N VAL J 18 -38.05 -27.72 -6.86
CA VAL J 18 -38.07 -28.81 -7.82
C VAL J 18 -39.48 -29.40 -7.88
N TYR J 19 -40.08 -29.38 -9.06
CA TYR J 19 -41.45 -29.82 -9.27
C TYR J 19 -41.52 -31.00 -10.23
N GLU J 20 -42.59 -31.79 -10.09
CA GLU J 20 -42.85 -32.98 -10.88
C GLU J 20 -43.94 -32.66 -11.90
N ASN J 21 -43.61 -32.67 -13.18
CA ASN J 21 -44.53 -32.13 -14.17
C ASN J 21 -44.85 -33.14 -15.27
N GLY J 22 -45.23 -34.36 -14.89
CA GLY J 22 -45.62 -35.36 -15.86
C GLY J 22 -44.48 -35.92 -16.69
N SER J 23 -43.60 -36.71 -16.05
CA SER J 23 -42.37 -37.30 -16.59
C SER J 23 -41.34 -36.26 -16.99
N LYS J 24 -41.52 -35.01 -16.59
CA LYS J 24 -40.53 -33.96 -16.70
C LYS J 24 -40.48 -33.26 -15.35
N ILE J 25 -39.34 -32.63 -15.04
CA ILE J 25 -39.24 -31.92 -13.78
C ILE J 25 -38.93 -30.46 -14.06
N LYS J 26 -39.36 -29.61 -13.13
CA LYS J 26 -39.13 -28.17 -13.22
C LYS J 26 -38.17 -27.73 -12.13
N ALA J 27 -37.22 -26.87 -12.49
CA ALA J 27 -36.43 -26.12 -11.53
C ALA J 27 -36.89 -24.68 -11.61
N ARG J 28 -37.40 -24.16 -10.50
CA ARG J 28 -38.03 -22.85 -10.50
C ARG J 28 -37.41 -22.02 -9.38
N VAL J 29 -36.73 -20.94 -9.76
CA VAL J 29 -36.17 -20.03 -8.77
C VAL J 29 -37.28 -19.18 -8.18
N GLU J 30 -37.40 -19.16 -6.86
CA GLU J 30 -38.52 -18.44 -6.29
C GLU J 30 -38.21 -17.88 -4.91
N ASN J 31 -38.99 -16.85 -4.55
CA ASN J 31 -39.01 -16.30 -3.21
C ASN J 31 -39.86 -17.17 -2.33
N VAL J 32 -39.36 -17.53 -1.15
CA VAL J 32 -40.05 -18.51 -0.31
C VAL J 32 -41.18 -17.88 0.49
N VAL J 33 -41.18 -16.57 0.69
CA VAL J 33 -42.25 -15.93 1.46
C VAL J 33 -43.45 -15.66 0.58
N ASN J 34 -43.24 -15.08 -0.60
CA ASN J 34 -44.32 -14.74 -1.51
C ASN J 34 -44.76 -15.89 -2.38
N GLY J 35 -43.84 -16.75 -2.80
CA GLY J 35 -44.14 -17.77 -3.78
C GLY J 35 -43.97 -17.33 -5.22
N LYS J 36 -43.56 -16.09 -5.45
CA LYS J 36 -43.40 -15.58 -6.80
C LYS J 36 -42.15 -16.16 -7.45
N SER J 37 -42.31 -16.71 -8.64
CA SER J 37 -41.17 -17.26 -9.37
C SER J 37 -40.42 -16.15 -10.10
N VAL J 38 -39.21 -16.48 -10.55
CA VAL J 38 -38.40 -15.55 -11.32
C VAL J 38 -38.02 -16.20 -12.64
N GLY J 39 -37.38 -17.37 -12.57
CA GLY J 39 -37.00 -18.12 -13.75
C GLY J 39 -37.28 -19.59 -13.56
N ALA J 40 -37.31 -20.30 -14.68
CA ALA J 40 -37.59 -21.73 -14.66
C ALA J 40 -36.80 -22.42 -15.76
N ARG J 41 -36.53 -23.70 -15.55
CA ARG J 41 -35.82 -24.51 -16.53
C ARG J 41 -36.30 -25.94 -16.38
N ASP J 42 -36.60 -26.58 -17.51
CA ASP J 42 -37.27 -27.88 -17.50
C ASP J 42 -36.27 -28.98 -17.87
N PHE J 43 -36.26 -30.05 -17.08
CA PHE J 43 -35.36 -31.18 -17.25
C PHE J 43 -36.18 -32.45 -17.45
N ASP J 44 -35.51 -33.49 -17.92
CA ASP J 44 -36.20 -34.75 -18.20
C ASP J 44 -36.47 -35.52 -16.91
N SER J 45 -35.42 -35.87 -16.18
CA SER J 45 -35.55 -36.65 -14.96
C SER J 45 -34.61 -36.07 -13.91
N THR J 46 -34.64 -36.70 -12.73
CA THR J 46 -33.84 -36.23 -11.60
C THR J 46 -32.34 -36.42 -11.85
N GLU J 47 -31.98 -37.42 -12.67
CA GLU J 47 -30.59 -37.69 -12.97
C GLU J 47 -29.97 -36.57 -13.80
N GLN J 48 -30.76 -35.95 -14.68
CA GLN J 48 -30.26 -34.80 -15.42
C GLN J 48 -30.10 -33.59 -14.51
N LEU J 49 -30.99 -33.46 -13.51
CA LEU J 49 -30.89 -32.36 -12.56
C LEU J 49 -29.65 -32.47 -11.69
N GLU J 50 -29.45 -33.63 -11.08
CA GLU J 50 -28.31 -33.80 -10.19
C GLU J 50 -27.00 -33.94 -10.94
N SER J 51 -27.05 -34.48 -12.16
CA SER J 51 -25.82 -34.59 -12.95
C SER J 51 -25.43 -33.25 -13.56
N TRP J 52 -26.41 -32.41 -13.88
CA TRP J 52 -26.11 -31.07 -14.35
C TRP J 52 -25.68 -30.17 -13.20
N PHE J 53 -26.28 -30.36 -12.04
CA PHE J 53 -26.09 -29.45 -10.91
C PHE J 53 -24.73 -29.63 -10.25
N TYR J 54 -24.29 -30.88 -10.08
CA TYR J 54 -23.02 -31.12 -9.42
C TYR J 54 -21.81 -30.83 -10.30
N GLY J 55 -22.01 -30.53 -11.58
CA GLY J 55 -20.95 -30.12 -12.46
C GLY J 55 -20.70 -28.63 -12.48
N LEU J 56 -21.37 -27.87 -11.63
CA LEU J 56 -21.22 -26.43 -11.54
C LEU J 56 -20.05 -26.07 -10.65
N PRO J 57 -19.34 -24.98 -10.95
CA PRO J 57 -18.21 -24.58 -10.12
C PRO J 57 -18.67 -23.98 -8.80
N GLY J 58 -18.10 -24.49 -7.71
CA GLY J 58 -18.37 -24.03 -6.37
C GLY J 58 -18.76 -25.17 -5.47
N SER J 59 -19.11 -24.84 -4.24
CA SER J 59 -19.57 -25.83 -3.27
C SER J 59 -20.47 -25.13 -2.25
N GLY J 60 -21.56 -25.78 -1.88
CA GLY J 60 -22.45 -25.21 -0.89
C GLY J 60 -23.30 -24.09 -1.43
N LEU J 61 -23.16 -22.89 -0.85
CA LEU J 61 -24.01 -21.78 -1.24
C LEU J 61 -23.58 -21.16 -2.57
N GLY J 62 -22.29 -21.21 -2.89
CA GLY J 62 -21.84 -20.62 -4.15
C GLY J 62 -22.36 -21.36 -5.36
N ARG J 63 -22.57 -22.66 -5.21
CA ARG J 63 -23.23 -23.44 -6.24
C ARG J 63 -24.69 -23.05 -6.39
N ILE J 64 -25.34 -22.68 -5.29
CA ILE J 64 -26.73 -22.23 -5.33
C ILE J 64 -26.81 -20.86 -5.98
N GLU J 65 -25.84 -20.00 -5.70
CA GLU J 65 -25.80 -18.69 -6.35
C GLU J 65 -25.53 -18.81 -7.84
N ASN J 66 -24.64 -19.73 -8.22
CA ASN J 66 -24.32 -19.91 -9.64
C ASN J 66 -25.49 -20.52 -10.40
N ALA J 67 -26.11 -21.58 -9.85
CA ALA J 67 -27.27 -22.18 -10.49
C ALA J 67 -28.44 -21.22 -10.54
N MET J 68 -28.60 -20.42 -9.49
CA MET J 68 -29.68 -19.45 -9.43
C MET J 68 -29.43 -18.31 -10.40
N ASN J 69 -28.17 -18.07 -10.78
CA ASN J 69 -27.88 -17.13 -11.85
C ASN J 69 -27.91 -17.77 -13.23
N GLU J 70 -27.91 -19.10 -13.31
CA GLU J 70 -28.03 -19.74 -14.63
C GLU J 70 -29.47 -19.94 -15.04
N ILE J 71 -30.35 -20.21 -14.08
CA ILE J 71 -31.76 -20.42 -14.43
C ILE J 71 -32.42 -19.11 -14.83
N SER J 72 -32.11 -18.03 -14.11
CA SER J 72 -32.62 -16.72 -14.44
C SER J 72 -31.70 -15.95 -15.38
N ARG J 73 -30.81 -16.63 -16.09
CA ARG J 73 -29.92 -15.99 -17.05
C ARG J 73 -30.73 -15.58 -18.27
N ARG J 74 -31.16 -14.32 -18.29
CA ARG J 74 -31.98 -13.80 -19.38
C ARG J 74 -31.05 -13.30 -20.47
N GLU J 75 -31.05 -13.99 -21.61
CA GLU J 75 -30.24 -13.56 -22.74
C GLU J 75 -30.76 -12.30 -23.40
N ASN J 76 -32.02 -11.95 -23.19
CA ASN J 76 -32.54 -10.69 -23.67
C ASN J 76 -33.00 -9.84 -22.48
N HIS K 6 -68.42 -4.19 -18.46
CA HIS K 6 -69.25 -5.39 -18.59
C HIS K 6 -70.44 -5.13 -19.48
N HIS K 7 -71.46 -4.46 -18.94
CA HIS K 7 -72.69 -4.20 -19.68
C HIS K 7 -72.51 -3.14 -20.75
N ILE K 8 -71.42 -2.38 -20.70
CA ILE K 8 -71.14 -1.35 -21.69
C ILE K 8 -70.92 -1.97 -23.06
N ALA K 9 -70.09 -3.00 -23.14
CA ALA K 9 -69.91 -3.71 -24.39
C ALA K 9 -71.09 -4.62 -24.69
N GLN K 10 -71.91 -4.97 -23.70
CA GLN K 10 -73.10 -5.75 -23.96
C GLN K 10 -74.21 -4.92 -24.58
N GLN K 11 -74.19 -3.60 -24.38
CA GLN K 11 -75.14 -2.71 -25.02
C GLN K 11 -74.57 -1.98 -26.22
N HIS K 12 -73.26 -2.05 -26.46
CA HIS K 12 -72.62 -1.30 -27.52
C HIS K 12 -71.55 -2.16 -28.21
N LYS K 13 -71.91 -3.40 -28.55
CA LYS K 13 -70.93 -4.37 -29.03
C LYS K 13 -70.42 -4.07 -30.44
N ASP K 14 -71.18 -3.34 -31.25
CA ASP K 14 -70.80 -3.11 -32.64
C ASP K 14 -70.32 -1.69 -32.88
N THR K 15 -70.03 -0.95 -31.81
CA THR K 15 -69.62 0.44 -31.92
C THR K 15 -68.20 0.60 -31.38
N VAL K 16 -67.50 1.60 -31.89
CA VAL K 16 -66.20 1.98 -31.35
C VAL K 16 -66.40 3.14 -30.38
N ALA K 17 -67.66 3.41 -30.05
CA ALA K 17 -68.00 4.36 -29.01
C ALA K 17 -68.07 3.71 -27.63
N ALA K 18 -67.89 2.39 -27.55
CA ALA K 18 -67.85 1.72 -26.26
C ALA K 18 -66.58 2.09 -25.50
N CYS K 19 -65.46 2.23 -26.22
CA CYS K 19 -64.21 2.62 -25.57
C CYS K 19 -64.22 4.10 -25.23
N GLU K 20 -65.00 4.91 -25.94
CA GLU K 20 -65.04 6.34 -25.65
C GLU K 20 -65.77 6.63 -24.36
N ALA K 21 -66.92 5.98 -24.15
CA ALA K 21 -67.63 6.13 -22.88
C ALA K 21 -66.94 5.36 -21.77
N ALA K 22 -66.36 4.19 -22.09
CA ALA K 22 -65.71 3.36 -21.09
C ALA K 22 -64.45 4.03 -20.55
N GLU K 23 -63.67 4.66 -21.43
CA GLU K 23 -62.56 5.48 -20.97
C GLU K 23 -63.05 6.81 -20.41
N ALA K 24 -64.25 7.24 -20.78
CA ALA K 24 -64.79 8.48 -20.27
C ALA K 24 -65.31 8.35 -18.84
N ILE K 25 -65.54 7.14 -18.35
CA ILE K 25 -66.09 6.92 -17.01
C ILE K 25 -65.07 6.24 -16.09
N ALA K 26 -64.62 5.05 -16.44
CA ALA K 26 -63.92 4.17 -15.53
C ALA K 26 -62.42 4.50 -15.49
N ILE K 27 -61.62 3.57 -14.98
CA ILE K 27 -60.25 3.83 -14.53
C ILE K 27 -59.25 3.23 -15.51
N ALA K 28 -57.96 3.37 -15.17
CA ALA K 28 -56.83 3.27 -16.10
C ALA K 28 -56.74 1.90 -16.78
N LYS K 29 -55.96 1.87 -17.86
CA LYS K 29 -55.96 0.81 -18.85
C LYS K 29 -54.58 0.18 -18.95
N ASP K 30 -54.45 -0.79 -19.85
CA ASP K 30 -53.20 -1.47 -20.16
C ASP K 30 -53.01 -1.50 -21.68
N GLN K 31 -51.88 -2.04 -22.10
CA GLN K 31 -51.58 -2.26 -23.50
C GLN K 31 -50.81 -3.56 -23.62
N VAL K 32 -51.05 -4.32 -24.69
CA VAL K 32 -50.38 -5.59 -24.94
C VAL K 32 -49.95 -5.63 -26.39
N TRP K 33 -48.66 -5.89 -26.63
CA TRP K 33 -48.14 -6.06 -27.98
C TRP K 33 -47.73 -7.50 -28.21
N ASP K 34 -48.13 -8.03 -29.36
CA ASP K 34 -47.79 -9.35 -29.88
C ASP K 34 -48.02 -9.29 -31.39
N GLY K 35 -48.22 -10.47 -32.00
CA GLY K 35 -48.60 -10.51 -33.41
C GLY K 35 -49.83 -9.69 -33.76
N GLU K 36 -50.88 -9.79 -32.94
CA GLU K 36 -52.10 -9.02 -33.14
C GLU K 36 -52.48 -8.41 -31.79
N GLY K 37 -52.24 -7.11 -31.64
CA GLY K 37 -52.20 -6.50 -30.32
C GLY K 37 -53.57 -6.27 -29.72
N TYR K 38 -53.61 -6.28 -28.40
CA TYR K 38 -54.81 -6.10 -27.60
C TYR K 38 -54.71 -4.78 -26.82
N THR K 39 -55.78 -4.45 -26.11
CA THR K 39 -55.79 -3.25 -25.26
C THR K 39 -56.77 -3.48 -24.13
N LYS K 40 -56.25 -3.65 -22.92
CA LYS K 40 -57.07 -3.97 -21.76
C LYS K 40 -57.65 -2.71 -21.15
N TYR K 41 -58.87 -2.82 -20.63
CA TYR K 41 -59.61 -1.72 -19.99
C TYR K 41 -60.03 -2.21 -18.61
N THR K 42 -59.31 -1.77 -17.58
CA THR K 42 -59.70 -2.14 -16.22
C THR K 42 -60.81 -1.24 -15.73
N PHE K 43 -61.89 -1.83 -15.24
CA PHE K 43 -63.01 -1.09 -14.70
C PHE K 43 -62.97 -1.17 -13.18
N ASP K 44 -64.00 -0.64 -12.53
CA ASP K 44 -64.14 -0.75 -11.08
C ASP K 44 -64.82 -2.04 -10.65
N ASP K 45 -65.37 -2.80 -11.60
CA ASP K 45 -66.08 -4.05 -11.31
C ASP K 45 -65.15 -5.25 -11.23
N ASN K 46 -63.83 -5.02 -11.21
CA ASN K 46 -62.80 -6.03 -11.46
C ASN K 46 -63.08 -6.75 -12.79
N SER K 47 -63.51 -5.99 -13.78
CA SER K 47 -63.93 -6.53 -15.07
C SER K 47 -63.22 -5.74 -16.16
N VAL K 48 -62.45 -6.45 -16.97
CA VAL K 48 -61.57 -5.83 -17.96
C VAL K 48 -62.18 -6.04 -19.34
N LEU K 49 -62.29 -4.97 -20.11
CA LEU K 49 -62.75 -5.05 -21.49
C LEU K 49 -61.56 -5.10 -22.44
N ILE K 50 -61.53 -6.09 -23.32
CA ILE K 50 -60.40 -6.35 -24.19
C ILE K 50 -60.89 -6.28 -25.64
N GLN K 51 -60.35 -5.36 -26.42
CA GLN K 51 -60.82 -5.17 -27.78
C GLN K 51 -59.69 -5.34 -28.79
N SER K 52 -60.04 -5.98 -29.91
CA SER K 52 -59.16 -6.13 -31.08
C SER K 52 -60.03 -6.51 -32.26
N GLY K 53 -60.03 -5.69 -33.31
CA GLY K 53 -60.95 -5.93 -34.40
C GLY K 53 -62.37 -5.69 -33.94
N THR K 54 -63.23 -6.68 -34.16
CA THR K 54 -64.56 -6.64 -33.55
C THR K 54 -64.62 -7.41 -32.26
N THR K 55 -63.52 -8.05 -31.85
CA THR K 55 -63.52 -8.90 -30.66
C THR K 55 -63.39 -8.01 -29.44
N GLN K 56 -64.54 -7.74 -28.82
CA GLN K 56 -64.60 -6.92 -27.60
C GLN K 56 -65.13 -7.82 -26.49
N TYR K 57 -64.22 -8.56 -25.85
CA TYR K 57 -64.56 -9.52 -24.83
C TYR K 57 -64.53 -8.88 -23.45
N ALA K 58 -65.52 -9.22 -22.63
CA ALA K 58 -65.66 -8.68 -21.28
C ALA K 58 -65.22 -9.77 -20.30
N MET K 59 -64.00 -9.67 -19.81
CA MET K 59 -63.50 -10.60 -18.80
C MET K 59 -63.96 -10.15 -17.43
N ASP K 60 -64.49 -11.09 -16.66
CA ASP K 60 -65.04 -10.81 -15.34
C ASP K 60 -64.26 -11.58 -14.29
N ALA K 61 -64.03 -10.96 -13.13
CA ALA K 61 -63.44 -11.66 -12.01
C ALA K 61 -64.50 -12.50 -11.30
N ASP K 62 -64.07 -13.19 -10.23
CA ASP K 62 -64.88 -14.15 -9.46
C ASP K 62 -65.45 -15.23 -10.38
N ASP K 63 -64.66 -15.63 -11.37
CA ASP K 63 -65.09 -16.62 -12.36
C ASP K 63 -63.83 -17.19 -12.99
N ALA K 64 -63.55 -18.46 -12.73
CA ALA K 64 -62.45 -19.12 -13.42
C ALA K 64 -62.80 -19.42 -14.87
N ASP K 65 -64.10 -19.56 -15.16
CA ASP K 65 -64.53 -19.87 -16.52
C ASP K 65 -64.45 -18.65 -17.42
N SER K 66 -64.55 -17.45 -16.84
CA SER K 66 -64.41 -16.24 -17.65
C SER K 66 -62.96 -15.96 -17.97
N ILE K 67 -62.07 -16.20 -17.01
CA ILE K 67 -60.65 -15.94 -17.21
C ILE K 67 -60.02 -17.01 -18.09
N LYS K 68 -60.41 -18.27 -17.88
CA LYS K 68 -59.98 -19.32 -18.78
C LYS K 68 -60.68 -19.23 -20.12
N GLY K 69 -61.84 -18.56 -20.16
CA GLY K 69 -62.39 -18.16 -21.44
C GLY K 69 -61.56 -17.07 -22.10
N TYR K 70 -60.92 -16.21 -21.30
CA TYR K 70 -59.99 -15.25 -21.88
C TYR K 70 -58.72 -15.92 -22.37
N ALA K 71 -58.34 -17.06 -21.76
CA ALA K 71 -57.18 -17.80 -22.21
C ALA K 71 -57.36 -18.39 -23.60
N ASP K 72 -58.60 -18.57 -24.06
CA ASP K 72 -58.83 -19.03 -25.42
C ASP K 72 -58.53 -17.95 -26.46
N TRP K 73 -58.56 -16.67 -26.07
CA TRP K 73 -58.33 -15.60 -27.02
C TRP K 73 -56.86 -15.51 -27.42
N LEU K 74 -55.96 -15.75 -26.48
CA LEU K 74 -54.55 -15.46 -26.69
C LEU K 74 -53.89 -16.50 -27.59
N ASP K 75 -52.84 -16.07 -28.28
CA ASP K 75 -51.87 -16.98 -28.84
C ASP K 75 -50.95 -17.48 -27.72
N ASP K 76 -50.26 -18.59 -27.97
CA ASP K 76 -49.31 -19.08 -26.97
C ASP K 76 -48.12 -18.15 -26.80
N GLU K 77 -47.79 -17.35 -27.81
CA GLU K 77 -46.87 -16.23 -27.59
C GLU K 77 -47.51 -15.17 -26.70
N ALA K 78 -48.79 -14.90 -26.91
CA ALA K 78 -49.50 -13.97 -26.04
C ALA K 78 -49.74 -14.57 -24.66
N ARG K 79 -49.89 -15.91 -24.57
CA ARG K 79 -49.93 -16.55 -23.26
C ARG K 79 -48.57 -16.52 -22.58
N SER K 80 -47.49 -16.51 -23.37
CA SER K 80 -46.16 -16.33 -22.80
C SER K 80 -45.95 -14.90 -22.33
N ALA K 81 -46.59 -13.93 -23.00
CA ALA K 81 -46.54 -12.56 -22.55
C ALA K 81 -47.44 -12.30 -21.35
N GLU K 82 -48.38 -13.19 -21.08
CA GLU K 82 -49.30 -13.05 -19.96
C GLU K 82 -49.35 -14.32 -19.13
N ALA K 83 -48.18 -14.90 -18.83
CA ALA K 83 -48.14 -16.11 -18.03
C ALA K 83 -48.46 -15.81 -16.57
N SER K 84 -47.64 -14.98 -15.92
CA SER K 84 -47.90 -14.54 -14.55
C SER K 84 -48.98 -13.47 -14.48
N GLU K 85 -49.53 -13.05 -15.61
CA GLU K 85 -50.73 -12.23 -15.62
C GLU K 85 -51.98 -13.06 -15.36
N ILE K 86 -52.15 -14.13 -16.13
CA ILE K 86 -53.28 -15.04 -15.91
C ILE K 86 -53.08 -15.80 -14.60
N GLU K 87 -51.87 -16.28 -14.36
CA GLU K 87 -51.58 -16.92 -13.08
C GLU K 87 -51.58 -15.92 -11.92
N ARG K 88 -51.38 -14.63 -12.21
CA ARG K 88 -51.63 -13.59 -11.21
C ARG K 88 -53.12 -13.50 -10.90
N LEU K 89 -53.96 -13.66 -11.91
CA LEU K 89 -55.40 -13.62 -11.69
C LEU K 89 -55.93 -14.87 -10.99
N LEU K 90 -55.20 -15.98 -11.06
CA LEU K 90 -55.69 -17.25 -10.51
C LEU K 90 -55.24 -17.43 -9.05
N GLU K 91 -55.61 -16.46 -8.21
CA GLU K 91 -55.41 -16.62 -6.78
C GLU K 91 -56.68 -16.26 -6.01
N SER K 92 -57.46 -15.32 -6.53
CA SER K 92 -58.55 -14.73 -5.78
C SER K 92 -59.74 -15.69 -5.69
N VAL K 93 -60.58 -15.45 -4.69
CA VAL K 93 -61.81 -16.20 -4.47
C VAL K 93 -62.78 -15.30 -3.72
N PHE L 1 31.96 74.05 22.29
CA PHE L 1 32.32 75.08 21.34
C PHE L 1 33.79 75.46 21.46
N THR L 2 34.50 74.75 22.33
CA THR L 2 35.92 75.00 22.57
C THR L 2 36.81 73.80 22.31
N MET L 3 36.28 72.57 22.43
CA MET L 3 37.05 71.36 22.16
C MET L 3 37.14 71.18 20.65
N ASP L 4 38.23 71.65 20.05
CA ASP L 4 38.42 71.62 18.61
C ASP L 4 39.60 70.73 18.21
N HIS L 5 39.84 69.67 18.97
CA HIS L 5 40.91 68.71 18.70
C HIS L 5 40.27 67.36 18.41
N TYR L 6 40.48 66.85 17.20
CA TYR L 6 39.92 65.58 16.78
C TYR L 6 41.03 64.55 16.59
N LEU L 7 40.65 63.29 16.74
CA LEU L 7 41.57 62.15 16.56
C LEU L 7 40.81 61.09 15.79
N ASP L 8 40.98 61.07 14.47
CA ASP L 8 40.22 60.16 13.62
C ASP L 8 40.84 58.76 13.63
N ILE L 9 40.01 57.77 13.31
CA ILE L 9 40.44 56.38 13.21
C ILE L 9 39.81 55.76 11.97
N ARG L 10 40.58 55.67 10.88
CA ARG L 10 40.07 55.13 9.63
C ARG L 10 40.13 53.61 9.66
N LEU L 11 39.03 52.98 9.25
CA LEU L 11 38.91 51.53 9.28
C LEU L 11 39.21 50.94 7.90
N ARG L 12 40.16 50.02 7.86
CA ARG L 12 40.56 49.33 6.65
C ARG L 12 40.05 47.90 6.70
N PRO L 13 39.91 47.24 5.55
CA PRO L 13 39.40 45.87 5.55
C PRO L 13 40.47 44.87 5.94
N ASP L 14 40.01 43.71 6.40
CA ASP L 14 40.87 42.61 6.79
C ASP L 14 40.18 41.32 6.36
N PRO L 15 40.95 40.30 5.96
CA PRO L 15 40.31 39.07 5.47
C PRO L 15 39.87 38.13 6.57
N GLU L 16 40.42 38.26 7.78
CA GLU L 16 40.12 37.33 8.86
C GLU L 16 39.01 37.80 9.78
N PHE L 17 38.45 38.98 9.55
CA PHE L 17 37.38 39.50 10.39
C PHE L 17 36.63 40.56 9.61
N PRO L 18 35.32 40.71 9.83
CA PRO L 18 34.59 41.79 9.19
C PRO L 18 34.70 43.07 10.02
N PRO L 19 34.00 44.14 9.63
CA PRO L 19 34.08 45.37 10.41
C PRO L 19 33.32 45.31 11.73
N ALA L 20 32.42 44.34 11.90
CA ALA L 20 31.67 44.23 13.15
C ALA L 20 32.55 43.71 14.28
N GLN L 21 33.36 42.69 14.00
CA GLN L 21 34.26 42.17 15.02
C GLN L 21 35.39 43.16 15.31
N LEU L 22 35.83 43.92 14.31
CA LEU L 22 36.81 44.97 14.56
C LEU L 22 36.19 46.12 15.36
N MET L 23 34.90 46.38 15.17
CA MET L 23 34.24 47.38 15.98
C MET L 23 34.00 46.89 17.40
N CYS L 24 33.87 45.58 17.59
CA CYS L 24 33.72 45.04 18.93
C CYS L 24 35.05 45.06 19.68
N VAL L 25 36.13 44.64 19.02
CA VAL L 25 37.44 44.63 19.66
C VAL L 25 37.94 46.04 19.88
N LEU L 26 37.67 46.95 18.95
CA LEU L 26 37.99 48.35 19.15
C LEU L 26 37.08 48.97 20.21
N PHE L 27 35.88 48.44 20.39
CA PHE L 27 35.03 48.86 21.49
C PHE L 27 35.62 48.43 22.83
N GLY L 28 36.27 47.26 22.86
CA GLY L 28 37.02 46.88 24.05
C GLY L 28 38.26 47.75 24.24
N LYS L 29 38.90 48.16 23.16
CA LYS L 29 40.03 49.07 23.24
C LYS L 29 39.61 50.49 23.65
N LEU L 30 38.33 50.83 23.49
CA LEU L 30 37.81 52.10 23.96
C LEU L 30 37.36 52.02 25.41
N HIS L 31 36.74 50.90 25.81
CA HIS L 31 36.36 50.73 27.20
C HIS L 31 37.56 50.55 28.11
N GLN L 32 38.63 49.94 27.60
CA GLN L 32 39.87 49.82 28.36
C GLN L 32 40.86 50.93 28.07
N ALA L 33 40.69 51.65 26.96
CA ALA L 33 41.54 52.78 26.63
C ALA L 33 41.07 54.09 27.25
N LEU L 34 39.78 54.17 27.60
CA LEU L 34 39.22 55.34 28.27
C LEU L 34 38.92 55.07 29.73
N VAL L 35 38.28 53.94 30.04
CA VAL L 35 37.99 53.61 31.43
C VAL L 35 39.26 53.20 32.17
N ALA L 36 40.19 52.54 31.48
CA ALA L 36 41.48 52.20 32.04
C ALA L 36 42.56 53.21 31.70
N GLN L 37 42.18 54.37 31.15
CA GLN L 37 43.13 55.39 30.76
C GLN L 37 42.98 56.67 31.58
N GLY L 38 41.79 57.23 31.61
CA GLY L 38 41.57 58.46 32.34
C GLY L 38 41.32 59.63 31.40
N GLY L 39 40.55 60.60 31.89
CA GLY L 39 40.17 61.75 31.09
C GLY L 39 38.68 61.79 30.80
N ASP L 40 37.96 62.67 31.51
CA ASP L 40 36.52 62.73 31.36
C ASP L 40 36.09 63.45 30.09
N ARG L 41 36.81 64.50 29.71
CA ARG L 41 36.46 65.29 28.52
C ARG L 41 37.12 64.73 27.27
N ILE L 42 36.77 63.48 26.96
CA ILE L 42 37.27 62.77 25.78
C ILE L 42 36.12 61.90 25.29
N GLY L 43 35.59 62.21 24.10
CA GLY L 43 34.49 61.48 23.54
C GLY L 43 34.82 60.94 22.16
N VAL L 44 33.91 60.14 21.62
CA VAL L 44 34.06 59.54 20.30
C VAL L 44 32.78 59.79 19.50
N SER L 45 32.91 59.73 18.18
CA SER L 45 31.81 59.99 17.27
C SER L 45 31.80 58.97 16.14
N PHE L 46 30.63 58.36 15.93
CA PHE L 46 30.47 57.36 14.87
C PHE L 46 29.82 58.02 13.67
N PRO L 47 30.54 58.23 12.57
CA PRO L 47 29.97 58.97 11.43
C PRO L 47 29.22 58.13 10.42
N ASP L 48 29.26 56.81 10.52
CA ASP L 48 28.55 55.91 9.61
C ASP L 48 27.35 55.24 10.28
N LEU L 49 26.75 55.91 11.25
CA LEU L 49 25.62 55.34 11.99
C LEU L 49 24.36 55.42 11.15
N ASP L 50 23.56 54.35 11.21
CA ASP L 50 22.32 54.28 10.45
C ASP L 50 21.37 53.36 11.19
N GLU L 51 20.26 53.92 11.68
CA GLU L 51 19.26 53.14 12.41
C GLU L 51 18.41 52.25 11.51
N SER L 52 18.47 52.44 10.19
CA SER L 52 17.77 51.58 9.25
C SER L 52 18.63 50.43 8.75
N ARG L 53 19.92 50.44 9.04
CA ARG L 53 20.82 49.37 8.60
C ARG L 53 21.45 48.60 9.75
N SER L 54 21.32 49.08 10.98
CA SER L 54 21.88 48.40 12.16
C SER L 54 23.41 48.47 12.19
N ARG L 55 23.99 49.47 11.54
CA ARG L 55 25.43 49.63 11.45
C ARG L 55 25.94 50.53 12.56
N LEU L 56 27.23 50.42 12.84
CA LEU L 56 27.89 51.19 13.89
C LEU L 56 28.71 52.36 13.35
N GLY L 57 29.46 52.14 12.27
CA GLY L 57 30.23 53.21 11.67
C GLY L 57 31.31 52.72 10.73
N GLU L 58 31.61 53.51 9.71
CA GLU L 58 32.67 53.20 8.75
C GLU L 58 33.94 53.99 9.01
N ARG L 59 33.96 54.85 10.03
CA ARG L 59 35.14 55.59 10.40
C ARG L 59 34.94 56.26 11.76
N LEU L 60 35.94 56.15 12.63
CA LEU L 60 35.86 56.75 13.95
C LEU L 60 36.29 58.21 13.89
N ARG L 61 35.57 59.05 14.64
CA ARG L 61 35.87 60.48 14.72
C ARG L 61 36.01 60.84 16.21
N ILE L 62 37.23 60.72 16.72
CA ILE L 62 37.47 61.01 18.14
C ILE L 62 37.51 62.52 18.36
N HIS L 63 37.16 62.93 19.58
CA HIS L 63 37.17 64.33 19.97
C HIS L 63 37.73 64.42 21.38
N ALA L 64 38.86 65.11 21.53
CA ALA L 64 39.51 65.28 22.82
C ALA L 64 40.07 66.69 22.90
N SER L 65 40.91 66.93 23.91
CA SER L 65 41.57 68.21 24.08
C SER L 65 42.87 68.22 23.28
N ALA L 66 43.72 69.22 23.52
CA ALA L 66 45.01 69.29 22.84
C ALA L 66 45.96 68.22 23.36
N ASP L 67 46.18 68.20 24.67
CA ASP L 67 47.00 67.16 25.29
C ASP L 67 46.23 65.86 25.47
N ASP L 68 44.90 65.91 25.45
CA ASP L 68 44.10 64.69 25.55
C ASP L 68 44.16 63.86 24.27
N LEU L 69 44.50 64.47 23.13
CA LEU L 69 44.73 63.76 21.89
C LEU L 69 46.19 63.72 21.48
N ARG L 70 47.03 64.61 22.02
CA ARG L 70 48.45 64.65 21.67
C ARG L 70 49.27 63.62 22.43
N ALA L 71 48.71 62.94 23.41
CA ALA L 71 49.40 61.91 24.17
C ALA L 71 48.83 60.51 23.94
N LEU L 72 47.83 60.38 23.08
CA LEU L 72 47.24 59.08 22.76
C LEU L 72 47.72 58.52 21.43
N LEU L 73 48.46 59.30 20.65
CA LEU L 73 48.97 58.81 19.37
C LEU L 73 50.14 57.85 19.55
N ALA L 74 50.99 58.08 20.56
CA ALA L 74 52.15 57.24 20.82
C ALA L 74 51.85 56.11 21.80
N ARG L 75 50.62 55.62 21.82
CA ARG L 75 50.22 54.61 22.79
C ARG L 75 50.76 53.25 22.39
N PRO L 76 51.60 52.61 23.21
CA PRO L 76 51.99 51.22 22.93
C PRO L 76 50.87 50.23 23.13
N TRP L 77 49.83 50.59 23.89
CA TRP L 77 48.61 49.80 23.98
C TRP L 77 47.71 49.97 22.77
N LEU L 78 47.99 50.95 21.91
CA LEU L 78 47.29 51.13 20.65
C LEU L 78 47.95 50.37 19.50
N GLU L 79 48.93 49.52 19.80
CA GLU L 79 49.54 48.67 18.79
C GLU L 79 48.63 47.51 18.44
N GLY L 80 49.01 46.77 17.42
CA GLY L 80 48.17 45.68 16.89
C GLY L 80 47.15 46.18 15.89
N LEU L 81 46.36 47.18 16.28
CA LEU L 81 45.46 47.83 15.33
C LEU L 81 46.20 48.71 14.36
N ARG L 82 47.47 49.05 14.63
CA ARG L 82 48.29 49.75 13.65
C ARG L 82 48.62 48.87 12.46
N ASP L 83 48.64 47.54 12.66
CA ASP L 83 48.76 46.61 11.55
C ASP L 83 47.41 46.23 10.95
N HIS L 84 46.33 46.36 11.70
CA HIS L 84 45.01 46.00 11.21
C HIS L 84 44.29 47.17 10.55
N LEU L 85 44.39 48.36 11.13
CA LEU L 85 43.74 49.54 10.57
C LEU L 85 44.74 50.67 10.34
N GLN L 86 44.26 51.86 10.04
CA GLN L 86 45.11 53.01 9.76
C GLN L 86 44.74 54.16 10.67
N PHE L 87 45.57 55.21 10.65
CA PHE L 87 45.37 56.36 11.51
C PHE L 87 45.55 57.66 10.73
N GLY L 88 45.59 58.79 11.44
CA GLY L 88 45.73 60.08 10.80
C GLY L 88 46.59 61.04 11.59
N GLU L 89 46.08 62.25 11.80
CA GLU L 89 46.79 63.26 12.57
C GLU L 89 45.77 64.25 13.13
N PRO L 90 46.18 65.13 14.03
CA PRO L 90 45.24 66.12 14.57
C PRO L 90 44.99 67.25 13.58
N ALA L 91 43.76 67.74 13.58
CA ALA L 91 43.37 68.81 12.67
C ALA L 91 42.35 69.70 13.36
N VAL L 92 42.08 70.84 12.75
CA VAL L 92 41.21 71.86 13.32
C VAL L 92 39.75 71.44 13.20
N VAL L 93 38.87 72.12 13.92
CA VAL L 93 37.44 71.83 13.88
C VAL L 93 36.69 73.12 13.62
N PRO L 94 35.45 73.04 13.16
CA PRO L 94 34.67 74.25 12.88
C PRO L 94 34.13 74.85 14.17
N HIS L 95 33.80 76.13 14.08
CA HIS L 95 33.24 76.86 15.22
C HIS L 95 31.78 76.46 15.42
N PRO L 96 30.93 76.68 14.43
CA PRO L 96 29.51 76.30 14.54
C PRO L 96 29.22 74.88 14.06
N THR L 97 29.83 73.91 14.73
CA THR L 97 29.56 72.52 14.40
C THR L 97 28.18 72.12 14.92
N PRO L 98 27.55 71.13 14.29
CA PRO L 98 26.20 70.72 14.72
C PRO L 98 26.26 69.90 16.00
N TYR L 99 25.40 70.23 16.95
CA TYR L 99 25.35 69.54 18.23
C TYR L 99 24.42 68.34 18.11
N ARG L 100 25.00 67.14 18.09
CA ARG L 100 24.27 65.89 18.05
C ARG L 100 24.52 65.11 19.35
N GLN L 101 23.82 64.00 19.50
CA GLN L 101 23.87 63.20 20.71
C GLN L 101 24.34 61.79 20.37
N VAL L 102 25.38 61.32 21.07
CA VAL L 102 25.88 59.96 20.94
C VAL L 102 26.40 59.51 22.30
N SER L 103 25.80 58.44 22.84
CA SER L 103 26.19 57.93 24.14
C SER L 103 25.64 56.52 24.28
N ARG L 104 25.82 55.94 25.46
CA ARG L 104 25.38 54.59 25.76
C ARG L 104 24.16 54.64 26.68
N VAL L 105 23.17 53.80 26.38
CA VAL L 105 21.96 53.70 27.20
C VAL L 105 21.44 52.27 27.12
N GLN L 106 21.36 51.61 28.27
CA GLN L 106 20.94 50.21 28.33
C GLN L 106 19.42 50.12 28.45
N ALA L 107 18.82 49.29 27.62
CA ALA L 107 17.39 49.02 27.66
C ALA L 107 17.13 47.65 28.28
N LYS L 108 15.92 47.47 28.79
CA LYS L 108 15.52 46.24 29.47
C LYS L 108 14.42 45.59 28.62
N SER L 109 14.85 44.73 27.70
CA SER L 109 13.95 44.01 26.80
C SER L 109 13.84 42.54 27.15
N ASN L 110 13.86 42.22 28.44
CA ASN L 110 13.76 40.84 28.89
C ASN L 110 13.20 40.79 30.32
N PRO L 111 12.02 40.20 30.50
CA PRO L 111 11.46 40.05 31.86
C PRO L 111 11.87 38.76 32.57
N GLU L 112 12.84 38.01 32.03
CA GLU L 112 13.26 36.78 32.66
C GLU L 112 14.25 37.02 33.79
N ARG L 113 15.09 38.06 33.68
CA ARG L 113 15.99 38.41 34.78
C ARG L 113 15.22 39.02 35.95
N LEU L 114 14.27 39.92 35.64
CA LEU L 114 13.37 40.43 36.67
C LEU L 114 12.37 39.38 37.11
N ARG L 115 12.20 38.30 36.35
CA ARG L 115 11.45 37.14 36.83
C ARG L 115 12.30 36.25 37.72
N ARG L 116 13.62 36.32 37.60
CA ARG L 116 14.50 35.60 38.52
C ARG L 116 14.63 36.34 39.84
N ARG L 117 14.89 37.65 39.79
CA ARG L 117 14.90 38.46 40.99
C ARG L 117 13.51 38.62 41.58
N LEU L 118 12.47 38.58 40.74
CA LEU L 118 11.10 38.57 41.19
C LEU L 118 10.67 37.22 41.72
N MET L 119 11.34 36.15 41.30
CA MET L 119 11.14 34.85 41.91
C MET L 119 11.89 34.71 43.23
N ARG L 120 12.97 35.48 43.41
CA ARG L 120 13.71 35.48 44.66
C ARG L 120 13.24 36.53 45.65
N ARG L 121 12.42 37.48 45.22
CA ARG L 121 11.92 38.55 46.09
C ARG L 121 10.41 38.54 46.22
N HIS L 122 9.67 38.42 45.11
CA HIS L 122 8.22 38.44 45.15
C HIS L 122 7.62 37.07 45.44
N ASP L 123 8.37 35.99 45.18
CA ASP L 123 7.89 34.63 45.40
C ASP L 123 6.74 34.27 44.46
N LEU L 124 6.95 34.48 43.17
CA LEU L 124 5.95 34.18 42.15
C LEU L 124 6.02 32.72 41.75
N SER L 125 4.92 32.23 41.19
CA SER L 125 4.80 30.86 40.72
C SER L 125 5.08 30.79 39.23
N GLU L 126 4.78 29.64 38.62
CA GLU L 126 4.91 29.52 37.17
C GLU L 126 3.81 30.29 36.45
N GLU L 127 2.56 30.07 36.83
CA GLU L 127 1.45 30.77 36.22
C GLU L 127 1.23 32.15 36.82
N GLU L 128 1.62 32.35 38.08
CA GLU L 128 1.44 33.65 38.74
C GLU L 128 2.57 34.61 38.39
N ALA L 129 3.80 34.10 38.29
CA ALA L 129 4.89 34.94 37.80
C ALA L 129 4.89 35.05 36.28
N ARG L 130 4.41 34.00 35.58
CA ARG L 130 4.31 34.06 34.14
C ARG L 130 3.12 34.90 33.68
N LYS L 131 2.07 34.98 34.50
CA LYS L 131 0.93 35.82 34.20
C LYS L 131 1.03 37.22 34.80
N ARG L 132 1.82 37.38 35.86
CA ARG L 132 2.04 38.70 36.43
C ARG L 132 2.94 39.57 35.56
N ILE L 133 3.71 38.97 34.66
CA ILE L 133 4.52 39.68 33.68
C ILE L 133 3.87 39.49 32.32
N PRO L 134 3.39 40.56 31.68
CA PRO L 134 2.76 40.42 30.36
C PRO L 134 3.81 40.27 29.27
N ASP L 135 3.33 39.89 28.08
CA ASP L 135 4.22 39.71 26.94
C ASP L 135 4.66 41.03 26.32
N THR L 136 3.94 42.11 26.59
CA THR L 136 4.24 43.42 26.00
C THR L 136 5.34 44.17 26.73
N VAL L 137 5.81 43.67 27.87
CA VAL L 137 6.85 44.36 28.62
C VAL L 137 8.23 44.18 28.01
N ALA L 138 8.41 43.24 27.08
CA ALA L 138 9.68 43.01 26.43
C ALA L 138 9.65 43.59 25.02
N ARG L 139 10.77 44.17 24.60
CA ARG L 139 10.89 44.75 23.27
C ARG L 139 12.35 44.79 22.88
N ALA L 140 12.64 44.48 21.62
CA ALA L 140 13.99 44.50 21.08
C ALA L 140 14.28 45.86 20.46
N LEU L 141 15.39 46.48 20.87
CA LEU L 141 15.77 47.80 20.39
C LEU L 141 16.65 47.64 19.15
N ASP L 142 16.18 48.18 18.02
CA ASP L 142 16.88 48.06 16.74
C ASP L 142 17.84 49.22 16.50
N LEU L 143 18.71 49.48 17.49
CA LEU L 143 19.73 50.50 17.38
C LEU L 143 21.00 49.87 16.82
N PRO L 144 22.08 50.63 16.64
CA PRO L 144 23.33 50.04 16.18
C PRO L 144 23.99 49.19 17.25
N PHE L 145 23.93 47.88 17.10
CA PHE L 145 24.46 46.95 18.08
C PHE L 145 25.87 46.52 17.71
N VAL L 146 26.59 46.00 18.71
CA VAL L 146 27.96 45.53 18.54
C VAL L 146 28.02 44.10 19.09
N THR L 147 28.51 43.17 18.26
CA THR L 147 28.61 41.77 18.65
C THR L 147 29.80 41.60 19.59
N LEU L 148 29.57 41.91 20.87
CA LEU L 148 30.60 41.79 21.89
C LEU L 148 30.57 40.38 22.49
N ARG L 149 30.99 39.42 21.66
CA ARG L 149 31.00 38.01 22.04
C ARG L 149 32.21 37.74 22.92
N SER L 150 32.08 38.11 24.19
CA SER L 150 33.13 37.93 25.18
C SER L 150 32.85 36.69 26.01
N GLN L 151 33.60 36.50 27.09
CA GLN L 151 33.52 35.29 27.90
C GLN L 151 32.49 35.40 29.02
N SER L 152 31.28 35.82 28.68
CA SER L 152 30.12 35.70 29.55
C SER L 152 29.01 34.89 28.91
N THR L 153 28.69 35.18 27.65
CA THR L 153 27.83 34.34 26.83
C THR L 153 28.58 34.10 25.53
N GLY L 154 28.95 32.83 25.28
CA GLY L 154 29.85 32.49 24.18
C GLY L 154 29.25 32.69 22.80
N GLN L 155 27.93 32.70 22.68
CA GLN L 155 27.30 32.95 21.40
C GLN L 155 27.37 34.45 21.07
N HIS L 156 27.00 34.78 19.83
CA HIS L 156 26.97 36.17 19.42
C HIS L 156 25.82 36.89 20.10
N PHE L 157 26.09 38.11 20.56
CA PHE L 157 25.11 38.94 21.27
C PHE L 157 24.97 40.27 20.55
N ARG L 158 24.11 41.12 21.08
CA ARG L 158 23.85 42.43 20.51
C ARG L 158 24.45 43.52 21.41
N LEU L 159 24.30 44.77 20.97
CA LEU L 159 24.78 45.93 21.72
C LEU L 159 23.63 46.91 21.87
N PHE L 160 23.59 47.60 23.00
CA PHE L 160 22.55 48.57 23.31
C PHE L 160 23.19 49.92 23.55
N ILE L 161 22.75 50.93 22.79
CA ILE L 161 23.23 52.30 22.94
C ILE L 161 22.17 53.24 22.41
N ARG L 162 21.87 54.30 23.17
CA ARG L 162 20.85 55.28 22.82
C ARG L 162 21.53 56.58 22.41
N HIS L 163 21.12 57.13 21.27
CA HIS L 163 21.65 58.38 20.76
C HIS L 163 20.70 59.52 21.08
N GLY L 164 21.13 60.74 20.77
CA GLY L 164 20.35 61.93 21.04
C GLY L 164 19.93 62.65 19.78
N PRO L 165 19.26 63.78 19.94
CA PRO L 165 18.75 64.53 18.79
C PRO L 165 19.83 65.38 18.15
N LEU L 166 19.44 66.09 17.10
CA LEU L 166 20.34 66.97 16.36
C LEU L 166 19.99 68.42 16.67
N GLN L 167 21.01 69.26 16.74
CA GLN L 167 20.82 70.68 17.02
C GLN L 167 22.05 71.45 16.54
N VAL L 168 21.94 72.78 16.56
CA VAL L 168 23.02 73.64 16.14
C VAL L 168 23.70 74.37 17.28
N THR L 169 23.05 74.49 18.43
CA THR L 169 23.63 75.18 19.58
C THR L 169 24.67 74.30 20.27
N ALA L 170 25.61 74.94 20.95
CA ALA L 170 26.70 74.25 21.64
C ALA L 170 26.32 74.09 23.11
N GLU L 171 26.31 72.84 23.58
CA GLU L 171 26.07 72.52 24.99
C GLU L 171 27.04 71.39 25.37
N GLU L 172 28.21 71.79 25.86
CA GLU L 172 29.26 70.83 26.20
C GLU L 172 29.03 70.28 27.61
N GLY L 173 29.72 69.18 27.91
CA GLY L 173 29.59 68.54 29.21
C GLY L 173 30.63 67.46 29.37
N GLY L 174 30.58 66.82 30.54
CA GLY L 174 31.52 65.75 30.85
C GLY L 174 31.13 64.46 30.15
N PHE L 175 32.11 63.78 29.59
CA PHE L 175 31.85 62.54 28.86
C PHE L 175 31.59 61.39 29.82
N THR L 176 31.10 60.29 29.26
CA THR L 176 30.78 59.10 30.04
C THR L 176 32.01 58.20 30.15
N CYS L 177 31.80 56.97 30.63
CA CYS L 177 32.92 56.03 30.77
CA CYS L 177 32.92 56.03 30.77
C CYS L 177 33.39 55.51 29.43
N TYR L 178 32.53 55.52 28.41
CA TYR L 178 32.89 55.06 27.09
C TYR L 178 33.10 56.20 26.09
N GLY L 179 33.23 57.43 26.57
CA GLY L 179 33.41 58.57 25.69
C GLY L 179 32.14 58.94 24.93
N LEU L 180 31.03 59.02 25.65
CA LEU L 180 29.74 59.30 25.02
C LEU L 180 29.07 60.49 25.69
N SER L 181 27.80 60.72 25.36
CA SER L 181 27.03 61.81 25.93
C SER L 181 26.13 61.27 27.05
N LYS L 182 26.04 62.03 28.14
CA LYS L 182 25.14 61.69 29.23
C LYS L 182 24.46 62.94 29.81
N GLY L 183 24.36 64.01 29.03
CA GLY L 183 23.93 65.30 29.53
C GLY L 183 24.72 66.42 28.87
N GLY L 184 25.67 66.02 28.02
CA GLY L 184 26.44 66.96 27.22
C GLY L 184 26.56 66.48 25.78
N PHE L 185 26.23 67.35 24.83
CA PHE L 185 26.20 66.98 23.43
C PHE L 185 27.61 66.92 22.85
N VAL L 186 27.70 66.51 21.59
CA VAL L 186 28.98 66.46 20.88
C VAL L 186 28.77 66.85 19.44
N PRO L 187 29.77 67.49 18.84
CA PRO L 187 29.64 67.93 17.44
C PRO L 187 29.69 66.75 16.48
N TRP L 188 29.00 66.93 15.35
CA TRP L 188 28.89 65.89 14.34
C TRP L 188 29.15 66.50 12.97
N PHE L 189 30.17 65.99 12.29
CA PHE L 189 30.53 66.49 10.97
C PHE L 189 31.07 65.37 10.08
N GLN A 11 -53.31 -2.14 -61.03
CA GLN A 11 -54.58 -2.71 -60.60
C GLN A 11 -54.37 -4.01 -59.84
N GLU A 12 -53.09 -4.40 -59.72
CA GLU A 12 -52.71 -5.68 -59.15
C GLU A 12 -52.67 -5.66 -57.63
N LEU A 13 -52.92 -4.50 -57.00
CA LEU A 13 -52.82 -4.37 -55.56
C LEU A 13 -53.97 -5.08 -54.84
N ARG A 14 -55.07 -5.35 -55.52
CA ARG A 14 -56.11 -6.21 -54.97
C ARG A 14 -55.70 -7.68 -54.94
N GLN A 15 -54.57 -8.03 -55.56
CA GLN A 15 -53.93 -9.32 -55.33
C GLN A 15 -53.15 -9.36 -54.02
N PHE A 16 -53.00 -8.22 -53.34
CA PHE A 16 -52.34 -8.16 -52.05
C PHE A 16 -53.31 -7.97 -50.89
N ILE A 17 -54.35 -7.17 -51.08
CA ILE A 17 -55.29 -6.89 -50.01
C ILE A 17 -56.26 -8.06 -49.84
N GLU A 18 -56.79 -8.56 -50.96
CA GLU A 18 -57.76 -9.64 -50.89
C GLU A 18 -57.09 -10.97 -50.63
N SER A 19 -55.84 -11.15 -51.05
CA SER A 19 -55.09 -12.34 -50.65
C SER A 19 -54.28 -12.10 -49.39
N PHE A 20 -54.93 -11.52 -48.39
CA PHE A 20 -54.39 -11.38 -47.05
C PHE A 20 -55.37 -11.80 -45.97
N ILE A 21 -56.66 -11.46 -46.14
CA ILE A 21 -57.67 -11.75 -45.11
C ILE A 21 -57.94 -13.24 -45.02
N GLN A 22 -57.72 -13.97 -46.13
CA GLN A 22 -57.76 -15.43 -46.10
C GLN A 22 -56.70 -15.99 -45.16
N GLU A 23 -55.55 -15.33 -45.07
CA GLU A 23 -54.51 -15.70 -44.12
C GLU A 23 -54.71 -15.04 -42.76
N ARG A 24 -55.82 -14.35 -42.55
CA ARG A 24 -56.18 -13.74 -41.27
C ARG A 24 -57.42 -14.34 -40.64
N LEU A 25 -58.46 -14.60 -41.43
CA LEU A 25 -59.61 -15.34 -40.94
C LEU A 25 -59.39 -16.85 -40.92
N GLN A 26 -58.20 -17.30 -41.31
CA GLN A 26 -57.84 -18.71 -41.19
C GLN A 26 -57.73 -19.13 -39.73
N GLY A 27 -57.28 -18.24 -38.86
CA GLY A 27 -57.09 -18.60 -37.46
C GLY A 27 -58.39 -18.81 -36.72
N LYS A 28 -59.38 -17.93 -36.95
CA LYS A 28 -60.67 -18.09 -36.29
C LYS A 28 -61.48 -19.22 -36.90
N LEU A 29 -61.43 -19.36 -38.23
CA LEU A 29 -62.21 -20.37 -38.95
C LEU A 29 -61.36 -21.60 -39.26
N ASP A 30 -60.49 -21.98 -38.34
CA ASP A 30 -59.63 -23.15 -38.50
C ASP A 30 -60.41 -24.42 -38.16
N LYS A 31 -59.68 -25.53 -38.05
CA LYS A 31 -60.28 -26.81 -37.69
C LYS A 31 -60.33 -26.96 -36.17
N LEU A 32 -61.30 -27.75 -35.71
CA LEU A 32 -61.55 -28.07 -34.30
C LEU A 32 -61.81 -26.81 -33.46
N GLN A 33 -62.46 -25.81 -34.05
CA GLN A 33 -62.85 -24.60 -33.35
C GLN A 33 -64.22 -24.77 -32.75
N PRO A 34 -64.77 -23.75 -32.09
CA PRO A 34 -66.10 -23.89 -31.48
C PRO A 34 -67.25 -23.86 -32.49
N ASP A 35 -68.48 -23.85 -32.00
CA ASP A 35 -69.65 -23.89 -32.85
C ASP A 35 -69.91 -22.51 -33.45
N GLU A 36 -71.04 -22.36 -34.13
CA GLU A 36 -71.36 -21.13 -34.87
C GLU A 36 -71.78 -20.04 -33.88
N ASP A 37 -70.77 -19.44 -33.24
CA ASP A 37 -70.98 -18.29 -32.37
C ASP A 37 -70.99 -16.99 -33.14
N ASP A 38 -70.09 -16.85 -34.12
CA ASP A 38 -70.07 -15.69 -35.02
C ASP A 38 -70.86 -16.07 -36.27
N LYS A 39 -72.18 -15.98 -36.16
CA LYS A 39 -73.09 -16.44 -37.21
C LYS A 39 -73.10 -15.54 -38.43
N ARG A 40 -72.52 -14.35 -38.35
CA ARG A 40 -72.46 -13.44 -39.50
C ARG A 40 -71.20 -13.67 -40.32
N GLN A 41 -70.99 -14.92 -40.76
CA GLN A 41 -69.84 -15.24 -41.58
C GLN A 41 -70.00 -14.71 -42.99
N THR A 42 -71.24 -14.61 -43.49
CA THR A 42 -71.49 -13.94 -44.75
C THR A 42 -71.24 -12.45 -44.64
N LEU A 43 -71.58 -11.86 -43.50
CA LEU A 43 -71.18 -10.49 -43.22
C LEU A 43 -69.70 -10.38 -42.88
N LEU A 44 -69.07 -11.48 -42.47
CA LEU A 44 -67.62 -11.47 -42.30
C LEU A 44 -66.89 -11.53 -43.64
N ALA A 45 -67.53 -12.08 -44.67
CA ALA A 45 -66.94 -12.12 -46.00
C ALA A 45 -67.23 -10.85 -46.79
N THR A 46 -68.49 -10.41 -46.79
CA THR A 46 -68.83 -9.14 -47.44
C THR A 46 -68.24 -7.95 -46.69
N HIS A 47 -68.07 -8.08 -45.37
CA HIS A 47 -67.33 -7.08 -44.63
C HIS A 47 -65.83 -7.24 -44.83
N ARG A 48 -65.34 -8.47 -44.97
CA ARG A 48 -63.93 -8.70 -45.17
C ARG A 48 -63.47 -8.40 -46.61
N ARG A 49 -64.39 -8.06 -47.51
CA ARG A 49 -63.99 -7.67 -48.85
C ARG A 49 -63.62 -6.19 -48.92
N GLU A 50 -64.53 -5.31 -48.48
CA GLU A 50 -64.30 -3.88 -48.60
C GLU A 50 -64.49 -3.15 -47.27
N ALA A 51 -65.39 -3.64 -46.42
CA ALA A 51 -65.65 -2.96 -45.15
C ALA A 51 -64.57 -3.19 -44.10
N TRP A 52 -63.61 -4.08 -44.37
CA TRP A 52 -62.42 -4.17 -43.54
C TRP A 52 -61.62 -2.88 -43.62
N LEU A 53 -61.55 -2.28 -44.81
CA LEU A 53 -60.94 -0.98 -44.97
C LEU A 53 -61.84 0.13 -44.45
N ALA A 54 -63.15 -0.09 -44.37
CA ALA A 54 -64.03 0.85 -43.70
C ALA A 54 -63.93 0.77 -42.19
N ASP A 55 -63.38 -0.33 -41.66
CA ASP A 55 -63.03 -0.42 -40.26
C ASP A 55 -61.65 0.17 -40.00
N ALA A 56 -60.72 -0.03 -40.94
CA ALA A 56 -59.37 0.46 -40.77
C ALA A 56 -59.30 1.98 -40.87
N ALA A 57 -60.11 2.57 -41.75
CA ALA A 57 -60.06 4.02 -41.93
C ALA A 57 -60.69 4.76 -40.75
N ARG A 58 -61.59 4.12 -40.02
CA ARG A 58 -62.23 4.80 -38.90
C ARG A 58 -61.41 4.69 -37.62
N ARG A 59 -60.63 3.63 -37.47
CA ARG A 59 -59.86 3.40 -36.26
C ARG A 59 -58.35 3.51 -36.50
N VAL A 60 -57.94 4.28 -37.50
CA VAL A 60 -56.52 4.52 -37.69
C VAL A 60 -56.05 5.67 -36.81
N GLY A 61 -56.97 6.49 -36.32
CA GLY A 61 -56.64 7.56 -35.40
C GLY A 61 -56.46 7.13 -33.96
N GLN A 62 -56.63 5.83 -33.67
CA GLN A 62 -56.33 5.32 -32.34
C GLN A 62 -54.83 5.30 -32.09
N LEU A 63 -54.03 5.10 -33.12
CA LEU A 63 -52.59 5.01 -33.02
C LEU A 63 -51.95 6.34 -33.39
N GLN A 64 -50.62 6.34 -33.38
CA GLN A 64 -49.82 7.45 -33.90
C GLN A 64 -48.44 6.89 -34.20
N LEU A 65 -48.02 6.99 -35.45
CA LEU A 65 -46.71 6.51 -35.87
C LEU A 65 -45.71 7.65 -35.75
N VAL A 66 -44.81 7.58 -34.78
CA VAL A 66 -43.85 8.64 -34.51
C VAL A 66 -42.49 8.06 -34.18
N THR A 67 -41.48 8.91 -34.35
CA THR A 67 -40.27 8.92 -33.56
C THR A 67 -40.36 10.11 -32.63
N HIS A 68 -39.40 10.19 -31.69
CA HIS A 68 -39.29 11.24 -30.67
C HIS A 68 -40.52 11.30 -29.75
N THR A 69 -40.70 10.24 -28.98
CA THR A 69 -41.75 10.22 -27.97
C THR A 69 -41.47 11.21 -26.84
N LEU A 70 -42.54 11.83 -26.33
CA LEU A 70 -42.48 12.72 -25.18
C LEU A 70 -42.58 11.97 -23.87
N LYS A 71 -43.25 10.81 -23.88
CA LYS A 71 -43.63 10.15 -22.64
C LYS A 71 -42.50 9.59 -21.76
N PRO A 72 -41.33 9.16 -22.25
CA PRO A 72 -40.24 8.81 -21.31
C PRO A 72 -39.67 9.96 -20.49
N ILE A 73 -40.02 11.21 -20.78
CA ILE A 73 -39.59 12.30 -19.91
C ILE A 73 -40.35 12.24 -18.59
N HIS A 74 -41.67 12.10 -18.67
CA HIS A 74 -42.49 11.88 -17.51
C HIS A 74 -43.75 11.17 -18.00
N PRO A 75 -44.22 10.14 -17.30
CA PRO A 75 -45.36 9.36 -17.81
C PRO A 75 -46.68 10.10 -17.81
N ASP A 76 -46.84 11.12 -16.97
CA ASP A 76 -48.10 11.85 -16.92
C ASP A 76 -48.21 12.91 -18.00
N ALA A 77 -47.14 13.16 -18.77
CA ALA A 77 -47.16 14.18 -19.79
C ALA A 77 -48.00 13.75 -20.98
N ARG A 78 -48.53 14.74 -21.69
CA ARG A 78 -49.33 14.48 -22.88
C ARG A 78 -49.22 15.69 -23.79
N GLY A 79 -48.55 15.54 -24.93
CA GLY A 79 -48.36 16.64 -25.84
C GLY A 79 -48.08 16.19 -27.26
N SER A 80 -47.21 16.92 -27.96
CA SER A 80 -46.90 16.56 -29.33
C SER A 80 -45.86 15.44 -29.37
N ASN A 81 -46.01 14.56 -30.36
CA ASN A 81 -45.15 13.39 -30.48
C ASN A 81 -44.24 13.42 -31.70
N LEU A 82 -44.63 14.12 -32.77
CA LEU A 82 -43.72 14.68 -33.77
C LEU A 82 -42.90 13.61 -34.51
N HIS A 83 -43.60 12.87 -35.38
CA HIS A 83 -42.90 12.07 -36.38
C HIS A 83 -42.14 12.98 -37.34
N SER A 84 -40.81 12.98 -37.25
CA SER A 84 -40.04 13.93 -38.04
C SER A 84 -38.65 13.38 -38.31
N LEU A 85 -37.96 14.05 -39.21
CA LEU A 85 -36.59 13.74 -39.56
C LEU A 85 -35.80 15.05 -39.57
N PRO A 86 -34.67 15.12 -38.87
CA PRO A 86 -33.92 16.38 -38.82
C PRO A 86 -33.24 16.67 -40.15
N GLN A 87 -33.21 17.95 -40.50
CA GLN A 87 -32.38 18.39 -41.62
C GLN A 87 -30.91 18.21 -41.26
N ALA A 88 -30.15 17.64 -42.18
CA ALA A 88 -28.76 17.28 -41.91
C ALA A 88 -27.90 18.52 -41.75
N PRO A 89 -27.20 18.70 -40.63
CA PRO A 89 -26.38 19.89 -40.44
C PRO A 89 -25.11 19.82 -41.26
N GLY A 90 -24.68 20.98 -41.74
CA GLY A 90 -23.44 21.07 -42.48
C GLY A 90 -22.25 21.22 -41.56
N GLN A 91 -21.96 20.20 -40.77
CA GLN A 91 -20.89 20.27 -39.79
C GLN A 91 -20.01 19.04 -39.90
N PRO A 92 -18.72 19.17 -39.55
CA PRO A 92 -17.82 18.01 -39.67
C PRO A 92 -18.11 16.86 -38.71
N GLY A 93 -18.30 17.13 -37.42
CA GLY A 93 -18.28 16.04 -36.46
C GLY A 93 -19.51 15.82 -35.60
N LEU A 94 -20.57 16.59 -35.82
CA LEU A 94 -21.78 16.45 -35.00
C LEU A 94 -22.57 15.22 -35.42
N ALA A 95 -22.84 14.33 -34.47
CA ALA A 95 -23.56 13.09 -34.72
C ALA A 95 -24.94 13.17 -34.10
N GLY A 96 -25.94 12.69 -34.84
CA GLY A 96 -27.32 12.72 -34.36
C GLY A 96 -28.19 11.73 -35.10
N SER A 97 -29.51 11.94 -35.11
CA SER A 97 -30.40 11.08 -35.86
C SER A 97 -30.58 11.50 -37.30
N HIS A 98 -29.87 12.54 -37.75
CA HIS A 98 -29.87 12.85 -39.17
C HIS A 98 -29.08 11.82 -39.96
N GLU A 99 -28.10 11.18 -39.31
CA GLU A 99 -27.34 10.12 -39.93
C GLU A 99 -28.15 8.85 -40.14
N LEU A 100 -29.27 8.71 -39.42
CA LEU A 100 -30.05 7.48 -39.41
C LEU A 100 -30.62 7.19 -40.80
N GLY A 101 -31.51 8.05 -41.29
CA GLY A 101 -32.03 7.95 -42.64
C GLY A 101 -32.86 6.70 -42.90
N ASP A 102 -32.29 5.76 -43.64
CA ASP A 102 -32.94 4.48 -43.85
C ASP A 102 -32.80 3.62 -42.59
N ARG A 103 -33.38 2.41 -42.67
CA ARG A 103 -33.55 1.49 -41.53
C ARG A 103 -34.26 2.19 -40.37
N LEU A 104 -35.24 3.01 -40.71
CA LEU A 104 -35.95 3.84 -39.74
C LEU A 104 -36.93 2.95 -38.98
N VAL A 105 -36.50 2.47 -37.81
CA VAL A 105 -37.40 1.75 -36.93
C VAL A 105 -38.34 2.78 -36.32
N SER A 106 -39.57 2.81 -36.80
CA SER A 106 -40.54 3.80 -36.37
C SER A 106 -41.40 3.24 -35.24
N ASP A 107 -41.75 4.10 -34.30
CA ASP A 107 -42.42 3.70 -33.08
C ASP A 107 -43.92 3.89 -33.23
N VAL A 108 -44.68 2.93 -32.72
CA VAL A 108 -46.14 2.98 -32.74
C VAL A 108 -46.61 3.27 -31.32
N VAL A 109 -47.28 4.41 -31.14
CA VAL A 109 -47.72 4.85 -29.82
C VAL A 109 -49.24 5.00 -29.85
N GLY A 110 -49.91 4.32 -28.94
CA GLY A 110 -51.34 4.46 -28.81
C GLY A 110 -51.96 3.16 -28.34
N ASN A 111 -53.29 3.11 -28.45
CA ASN A 111 -54.03 1.90 -28.12
C ASN A 111 -53.71 0.81 -29.15
N ALA A 112 -53.06 -0.26 -28.70
CA ALA A 112 -52.49 -1.28 -29.57
C ALA A 112 -53.51 -2.09 -30.36
N ALA A 113 -54.82 -1.94 -30.06
CA ALA A 113 -55.87 -2.73 -30.68
C ALA A 113 -55.96 -2.54 -32.19
N ALA A 114 -55.47 -1.44 -32.73
CA ALA A 114 -55.47 -1.19 -34.17
C ALA A 114 -54.13 -1.53 -34.82
N LEU A 115 -53.34 -2.42 -34.19
CA LEU A 115 -52.05 -2.82 -34.75
C LEU A 115 -52.21 -3.50 -36.11
N ASP A 116 -53.32 -4.22 -36.31
CA ASP A 116 -53.62 -4.85 -37.60
C ASP A 116 -53.76 -3.82 -38.72
N VAL A 117 -54.11 -2.57 -38.39
CA VAL A 117 -54.09 -1.53 -39.40
C VAL A 117 -52.65 -1.23 -39.82
N PHE A 118 -51.76 -1.06 -38.84
CA PHE A 118 -50.42 -0.56 -39.14
C PHE A 118 -49.59 -1.59 -39.90
N LYS A 119 -49.67 -2.85 -39.50
CA LYS A 119 -49.02 -3.93 -40.24
C LYS A 119 -49.58 -4.03 -41.65
N PHE A 120 -50.87 -3.69 -41.82
CA PHE A 120 -51.45 -3.56 -43.15
C PHE A 120 -50.68 -2.54 -43.98
N LEU A 121 -50.41 -1.37 -43.41
CA LEU A 121 -49.59 -0.40 -44.10
C LEU A 121 -48.13 -0.82 -44.16
N SER A 122 -47.69 -1.73 -43.29
CA SER A 122 -46.38 -2.33 -43.45
C SER A 122 -46.33 -3.19 -44.70
N LEU A 123 -47.46 -3.79 -45.09
CA LEU A 123 -47.54 -4.45 -46.38
C LEU A 123 -47.40 -3.45 -47.52
N GLN A 124 -47.79 -2.18 -47.28
CA GLN A 124 -47.48 -1.13 -48.23
C GLN A 124 -46.00 -0.76 -48.19
N TYR A 125 -45.35 -0.92 -47.03
CA TYR A 125 -43.96 -0.51 -46.89
C TYR A 125 -43.00 -1.45 -47.62
N GLN A 126 -43.46 -2.64 -48.00
CA GLN A 126 -42.65 -3.56 -48.80
C GLN A 126 -42.57 -3.03 -50.23
N GLY A 127 -41.41 -2.50 -50.60
CA GLY A 127 -41.25 -1.90 -51.93
C GLY A 127 -41.51 -0.41 -51.92
N LYS A 128 -40.62 0.36 -52.56
CA LYS A 128 -40.72 1.80 -52.54
C LYS A 128 -41.81 2.33 -53.47
N ASN A 129 -42.31 1.51 -54.39
CA ASN A 129 -43.36 1.95 -55.29
C ASN A 129 -44.68 2.16 -54.57
N LEU A 130 -44.93 1.38 -53.52
CA LEU A 130 -46.18 1.51 -52.77
C LEU A 130 -46.10 2.57 -51.67
N LEU A 131 -44.90 2.84 -51.13
CA LEU A 131 -44.75 4.06 -50.34
C LEU A 131 -44.86 5.30 -51.23
N ASN A 132 -44.42 5.19 -52.49
CA ASN A 132 -44.74 6.21 -53.47
C ASN A 132 -46.24 6.22 -53.79
N TRP A 133 -46.94 5.10 -53.59
CA TRP A 133 -48.39 5.11 -53.65
C TRP A 133 -49.02 5.69 -52.38
N LEU A 134 -48.26 5.78 -51.29
CA LEU A 134 -48.66 6.68 -50.21
C LEU A 134 -48.33 8.13 -50.53
N THR A 135 -47.46 8.35 -51.52
CA THR A 135 -47.21 9.70 -52.03
C THR A 135 -48.11 10.06 -53.22
N GLU A 136 -48.28 9.15 -54.18
CA GLU A 136 -49.12 9.43 -55.34
C GLU A 136 -50.59 9.37 -54.97
N ASP A 137 -51.43 10.00 -55.80
CA ASP A 137 -52.83 10.23 -55.47
C ASP A 137 -53.81 9.49 -56.37
N SER A 138 -53.76 9.72 -57.68
CA SER A 138 -54.85 9.28 -58.55
C SER A 138 -54.74 7.80 -58.89
N ALA A 139 -53.66 7.39 -59.56
CA ALA A 139 -53.50 6.00 -59.94
C ALA A 139 -53.17 5.10 -58.76
N GLU A 140 -52.74 5.67 -57.64
CA GLU A 140 -52.48 4.89 -56.45
C GLU A 140 -53.78 4.43 -55.80
N ALA A 141 -54.71 5.36 -55.58
CA ALA A 141 -56.01 4.98 -55.03
C ALA A 141 -56.87 4.27 -56.06
N LEU A 142 -56.71 4.62 -57.33
CA LEU A 142 -57.49 3.97 -58.39
C LEU A 142 -57.04 2.54 -58.61
N GLN A 143 -55.74 2.28 -58.56
CA GLN A 143 -55.23 0.93 -58.56
C GLN A 143 -55.33 0.24 -57.21
N ALA A 144 -55.66 0.99 -56.16
CA ALA A 144 -55.68 0.46 -54.80
C ALA A 144 -57.06 -0.03 -54.38
N LEU A 145 -58.13 0.67 -54.78
CA LEU A 145 -59.47 0.30 -54.38
C LEU A 145 -60.34 -0.18 -55.53
N SER A 146 -59.81 -0.20 -56.75
CA SER A 146 -60.55 -0.43 -58.01
C SER A 146 -61.71 0.55 -58.15
N ASP A 147 -61.52 1.77 -57.63
CA ASP A 147 -62.50 2.85 -57.66
C ASP A 147 -61.82 4.15 -57.30
N ASN A 148 -62.04 5.20 -58.08
CA ASN A 148 -61.50 6.53 -57.80
C ASN A 148 -62.56 7.45 -57.21
N ALA A 149 -63.50 6.89 -56.47
CA ALA A 149 -64.59 7.66 -55.88
C ALA A 149 -64.13 8.29 -54.58
N GLU A 150 -65.09 8.83 -53.81
CA GLU A 150 -64.79 9.43 -52.52
C GLU A 150 -64.45 8.40 -51.45
N GLN A 151 -64.68 7.12 -51.73
CA GLN A 151 -64.33 6.06 -50.79
C GLN A 151 -62.82 5.94 -50.64
N ALA A 152 -62.10 5.81 -51.77
CA ALA A 152 -60.65 5.68 -51.72
C ALA A 152 -59.98 7.01 -51.39
N ARG A 153 -60.60 8.14 -51.73
CA ARG A 153 -60.02 9.43 -51.38
C ARG A 153 -60.18 9.70 -49.89
N GLU A 154 -61.32 9.33 -49.31
CA GLU A 154 -61.48 9.40 -47.87
C GLU A 154 -60.55 8.42 -47.16
N TRP A 155 -60.29 7.26 -47.78
CA TRP A 155 -59.27 6.35 -47.26
C TRP A 155 -57.90 6.99 -47.29
N ARG A 156 -57.61 7.78 -48.33
CA ARG A 156 -56.32 8.47 -48.39
C ARG A 156 -56.23 9.54 -47.31
N GLN A 157 -57.33 10.26 -47.06
CA GLN A 157 -57.35 11.25 -46.00
C GLN A 157 -57.28 10.59 -44.62
N ALA A 158 -57.63 9.32 -44.51
CA ALA A 158 -57.48 8.62 -43.24
C ALA A 158 -56.12 7.96 -43.09
N PHE A 159 -55.57 7.38 -44.17
CA PHE A 159 -54.39 6.53 -44.06
C PHE A 159 -53.09 7.31 -44.06
N ILE A 160 -53.13 8.63 -43.89
CA ILE A 160 -51.92 9.40 -43.59
C ILE A 160 -52.00 10.09 -42.24
N GLY A 161 -53.13 10.00 -41.54
CA GLY A 161 -53.32 10.57 -40.22
C GLY A 161 -52.76 9.76 -39.09
N ILE A 162 -52.11 8.63 -39.38
CA ILE A 162 -51.43 7.87 -38.35
C ILE A 162 -49.97 8.28 -38.26
N THR A 163 -49.40 8.81 -39.35
CA THR A 163 -47.99 9.19 -39.39
C THR A 163 -47.78 10.67 -39.13
N THR A 164 -48.85 11.43 -38.94
CA THR A 164 -48.75 12.87 -38.76
C THR A 164 -49.33 13.28 -37.42
N VAL A 165 -48.93 14.48 -37.00
CA VAL A 165 -49.44 15.08 -35.77
C VAL A 165 -50.91 15.43 -35.94
N LYS A 166 -51.64 15.48 -34.82
CA LYS A 166 -53.06 15.81 -34.83
C LYS A 166 -53.27 17.31 -35.03
N GLY A 167 -54.49 17.78 -34.78
CA GLY A 167 -54.95 19.07 -35.26
C GLY A 167 -54.27 20.30 -34.69
N ALA A 168 -53.57 20.18 -33.56
CA ALA A 168 -52.95 21.34 -32.94
C ALA A 168 -51.72 20.92 -32.17
N PRO A 169 -50.68 21.76 -32.12
CA PRO A 169 -49.52 21.48 -31.26
C PRO A 169 -49.88 21.61 -29.79
N ALA A 170 -49.00 21.08 -28.95
CA ALA A 170 -49.19 21.12 -27.50
C ALA A 170 -47.85 20.90 -26.81
N SER A 171 -47.79 21.29 -25.54
CA SER A 171 -46.61 21.10 -24.72
C SER A 171 -47.03 21.16 -23.26
N HIS A 172 -46.41 20.32 -22.43
CA HIS A 172 -46.83 20.11 -21.06
C HIS A 172 -45.83 20.72 -20.09
N SER A 173 -46.26 20.87 -18.83
CA SER A 173 -45.41 21.41 -17.77
C SER A 173 -44.18 20.54 -17.51
N LEU A 174 -44.31 19.24 -17.68
CA LEU A 174 -43.25 18.28 -17.38
C LEU A 174 -42.50 17.87 -18.64
N ALA A 175 -42.31 18.80 -19.58
CA ALA A 175 -41.73 18.48 -20.87
C ALA A 175 -40.37 19.15 -21.08
N LYS A 176 -39.82 19.78 -20.04
CA LYS A 176 -38.43 20.25 -19.98
C LYS A 176 -38.13 21.34 -21.03
N GLN A 177 -38.97 22.37 -21.08
CA GLN A 177 -38.70 23.48 -21.98
C GLN A 177 -37.53 24.32 -21.46
N LEU A 178 -36.58 24.63 -22.34
CA LEU A 178 -35.37 25.33 -21.95
C LEU A 178 -35.20 26.61 -22.75
N TYR A 179 -34.62 27.61 -22.10
CA TYR A 179 -34.18 28.84 -22.76
C TYR A 179 -32.91 28.58 -23.55
N PHE A 180 -32.60 29.51 -24.44
CA PHE A 180 -31.35 29.45 -25.18
C PHE A 180 -30.96 30.86 -25.62
N PRO A 181 -29.85 31.39 -25.13
CA PRO A 181 -29.51 32.78 -25.40
C PRO A 181 -28.89 32.98 -26.77
N LEU A 182 -29.23 34.09 -27.39
CA LEU A 182 -28.60 34.57 -28.60
C LEU A 182 -27.92 35.90 -28.30
N PRO A 183 -26.94 36.33 -29.11
CA PRO A 183 -26.37 37.67 -28.90
C PRO A 183 -27.35 38.75 -29.29
N GLY A 184 -27.93 39.41 -28.30
CA GLY A 184 -28.80 40.55 -28.54
C GLY A 184 -30.22 40.23 -28.98
N SER A 185 -30.37 39.33 -29.93
CA SER A 185 -31.64 39.11 -30.62
C SER A 185 -32.67 38.35 -29.79
N GLY A 186 -32.33 37.89 -28.59
CA GLY A 186 -33.30 37.34 -27.68
C GLY A 186 -33.10 35.86 -27.41
N TYR A 187 -34.19 35.22 -27.01
CA TYR A 187 -34.19 33.84 -26.55
C TYR A 187 -35.03 32.98 -27.50
N HIS A 188 -34.96 31.67 -27.26
CA HIS A 188 -35.86 30.70 -27.88
C HIS A 188 -36.14 29.61 -26.88
N LEU A 189 -37.40 29.34 -26.60
CA LEU A 189 -37.73 28.16 -25.82
C LEU A 189 -37.49 26.92 -26.66
N LEU A 190 -37.04 25.85 -26.00
CA LEU A 190 -36.66 24.62 -26.67
C LEU A 190 -37.18 23.46 -25.84
N ALA A 191 -38.05 22.65 -26.42
CA ALA A 191 -38.57 21.48 -25.72
C ALA A 191 -37.99 20.23 -26.35
N PRO A 192 -37.02 19.57 -25.71
CA PRO A 192 -36.45 18.36 -26.29
C PRO A 192 -37.40 17.18 -26.19
N LEU A 193 -37.13 16.19 -27.04
CA LEU A 193 -37.90 14.95 -27.08
C LEU A 193 -36.93 13.78 -26.96
N PHE A 194 -37.47 12.59 -26.72
CA PHE A 194 -36.64 11.43 -26.49
C PHE A 194 -36.47 10.64 -27.78
N PRO A 195 -35.28 10.56 -28.34
CA PRO A 195 -35.10 9.94 -29.66
C PRO A 195 -35.23 8.43 -29.67
N THR A 196 -36.46 7.95 -29.84
CA THR A 196 -36.76 6.51 -29.73
C THR A 196 -36.05 5.69 -30.80
N SER A 197 -36.05 6.18 -32.05
CA SER A 197 -35.45 5.42 -33.14
C SER A 197 -33.94 5.36 -33.00
N LEU A 198 -33.33 6.44 -32.51
CA LEU A 198 -31.88 6.47 -32.32
C LEU A 198 -31.46 5.51 -31.21
N VAL A 199 -32.16 5.55 -30.07
CA VAL A 199 -31.76 4.69 -28.96
C VAL A 199 -32.13 3.23 -29.24
N HIS A 200 -33.09 2.98 -30.13
CA HIS A 200 -33.35 1.60 -30.51
C HIS A 200 -32.30 1.08 -31.47
N HIS A 201 -31.84 1.93 -32.39
CA HIS A 201 -30.77 1.54 -33.31
C HIS A 201 -29.47 1.27 -32.56
N VAL A 202 -29.08 2.19 -31.68
CA VAL A 202 -27.86 2.02 -30.89
C VAL A 202 -28.03 0.88 -29.90
N HIS A 203 -29.25 0.66 -29.40
CA HIS A 203 -29.51 -0.49 -28.53
C HIS A 203 -29.31 -1.81 -29.26
N ALA A 204 -29.72 -1.87 -30.54
CA ALA A 204 -29.45 -3.07 -31.33
C ALA A 204 -27.97 -3.23 -31.63
N LEU A 205 -27.23 -2.12 -31.80
CA LEU A 205 -25.79 -2.22 -32.01
C LEU A 205 -25.07 -2.71 -30.77
N LEU A 206 -25.52 -2.28 -29.59
CA LEU A 206 -24.89 -2.74 -28.36
C LEU A 206 -25.21 -4.20 -28.09
N ARG A 207 -26.46 -4.62 -28.37
CA ARG A 207 -26.78 -6.03 -28.20
C ARG A 207 -26.08 -6.92 -29.22
N GLU A 208 -25.76 -6.37 -30.40
CA GLU A 208 -24.89 -7.11 -31.30
C GLU A 208 -23.46 -7.17 -30.78
N ALA A 209 -23.02 -6.13 -30.08
CA ALA A 209 -21.65 -6.13 -29.58
C ALA A 209 -21.46 -7.03 -28.36
N ARG A 210 -22.49 -7.20 -27.54
CA ARG A 210 -22.33 -7.98 -26.31
C ARG A 210 -22.29 -9.48 -26.61
N PHE A 211 -23.36 -10.00 -27.17
CA PHE A 211 -23.47 -11.41 -27.50
C PHE A 211 -23.79 -11.55 -28.99
N GLY A 212 -24.06 -12.78 -29.41
CA GLY A 212 -24.33 -13.04 -30.80
C GLY A 212 -23.44 -14.14 -31.34
N ASP A 213 -23.05 -14.02 -32.61
CA ASP A 213 -22.20 -15.04 -33.21
C ASP A 213 -20.72 -14.71 -33.05
N ALA A 214 -20.34 -13.48 -33.39
CA ALA A 214 -18.93 -13.13 -33.41
C ALA A 214 -18.33 -12.98 -32.02
N ALA A 215 -19.16 -12.63 -31.03
CA ALA A 215 -18.64 -12.48 -29.67
C ALA A 215 -18.41 -13.84 -29.02
N LYS A 216 -19.35 -14.77 -29.20
CA LYS A 216 -19.20 -16.10 -28.64
C LYS A 216 -18.07 -16.87 -29.31
N ALA A 217 -17.92 -16.70 -30.62
CA ALA A 217 -16.86 -17.42 -31.33
C ALA A 217 -15.51 -16.76 -31.13
N ALA A 218 -15.47 -15.43 -31.05
CA ALA A 218 -14.20 -14.74 -30.86
C ALA A 218 -13.69 -14.92 -29.44
N ARG A 219 -14.56 -14.76 -28.44
CA ARG A 219 -14.13 -15.00 -27.06
C ARG A 219 -13.95 -16.48 -26.78
N GLU A 220 -14.69 -17.34 -27.49
CA GLU A 220 -14.49 -18.78 -27.40
C GLU A 220 -13.12 -19.17 -27.94
N ALA A 221 -12.68 -18.51 -29.01
CA ALA A 221 -11.31 -18.72 -29.49
C ALA A 221 -10.30 -18.10 -28.55
N ARG A 222 -10.68 -17.02 -27.87
CA ARG A 222 -9.81 -16.40 -26.88
C ARG A 222 -9.60 -17.29 -25.66
N SER A 223 -10.60 -18.11 -25.32
CA SER A 223 -10.38 -19.14 -24.30
C SER A 223 -9.45 -20.23 -24.81
N ARG A 224 -9.55 -20.58 -26.10
CA ARG A 224 -8.68 -21.56 -26.72
C ARG A 224 -7.39 -20.95 -27.27
N GLN A 225 -7.20 -19.64 -27.09
CA GLN A 225 -6.00 -18.89 -27.51
C GLN A 225 -5.70 -19.02 -29.00
N GLU A 226 -6.74 -19.17 -29.81
CA GLU A 226 -6.62 -19.42 -31.23
C GLU A 226 -6.43 -18.11 -32.00
N SER A 227 -6.55 -18.19 -33.32
CA SER A 227 -6.60 -17.04 -34.20
C SER A 227 -8.01 -16.89 -34.76
N TRP A 228 -8.25 -15.74 -35.40
CA TRP A 228 -9.59 -15.37 -35.83
C TRP A 228 -9.44 -14.22 -36.83
N PRO A 229 -10.34 -14.11 -37.82
CA PRO A 229 -10.19 -13.05 -38.83
C PRO A 229 -10.31 -11.63 -38.31
N HIS A 230 -11.32 -11.32 -37.50
CA HIS A 230 -11.55 -9.95 -37.08
C HIS A 230 -11.39 -9.84 -35.56
N GLY A 231 -11.80 -8.72 -35.00
CA GLY A 231 -11.67 -8.48 -33.57
C GLY A 231 -12.97 -8.00 -32.96
N PHE A 232 -13.23 -8.46 -31.74
CA PHE A 232 -14.43 -8.08 -31.01
C PHE A 232 -14.17 -6.78 -30.24
N SER A 233 -15.11 -6.40 -29.39
CA SER A 233 -15.05 -5.13 -28.68
C SER A 233 -15.61 -5.29 -27.27
N GLU A 234 -15.22 -4.39 -26.39
CA GLU A 234 -15.58 -4.49 -24.98
C GLU A 234 -15.64 -3.10 -24.37
N TYR A 235 -16.65 -2.86 -23.53
CA TYR A 235 -17.10 -1.66 -22.86
C TYR A 235 -16.72 -1.69 -21.38
N PRO A 236 -16.30 -0.56 -20.81
CA PRO A 236 -15.93 -0.55 -19.39
C PRO A 236 -17.12 -0.82 -18.49
N ASN A 237 -18.18 -0.03 -18.65
CA ASN A 237 -19.44 -0.20 -17.93
C ASN A 237 -20.50 0.64 -18.60
N LEU A 238 -21.75 0.25 -18.41
CA LEU A 238 -22.89 1.01 -18.88
C LEU A 238 -23.70 1.43 -17.66
N ALA A 239 -24.88 1.99 -17.90
CA ALA A 239 -25.83 2.22 -16.82
C ALA A 239 -27.21 1.82 -17.32
N ILE A 240 -28.07 1.46 -16.37
CA ILE A 240 -29.42 1.00 -16.67
C ILE A 240 -30.39 2.10 -16.28
N GLN A 241 -31.17 2.57 -17.24
CA GLN A 241 -32.21 3.56 -16.99
C GLN A 241 -33.54 2.94 -17.39
N LYS A 242 -34.34 2.55 -16.41
CA LYS A 242 -35.57 1.80 -16.66
C LYS A 242 -36.76 2.74 -16.75
N PHE A 243 -37.53 2.59 -17.82
CA PHE A 243 -38.71 3.41 -18.07
C PHE A 243 -39.98 2.64 -17.74
N GLY A 244 -41.03 3.38 -17.40
CA GLY A 244 -42.31 2.76 -17.14
C GLY A 244 -42.52 2.29 -15.71
N GLY A 245 -41.53 1.62 -15.15
CA GLY A 245 -41.67 1.05 -13.82
C GLY A 245 -41.99 -0.43 -13.86
N THR A 246 -43.07 -0.82 -13.20
CA THR A 246 -43.48 -2.22 -13.23
C THR A 246 -44.21 -2.59 -14.51
N LYS A 247 -44.71 -1.61 -15.26
CA LYS A 247 -45.41 -1.85 -16.52
C LYS A 247 -44.70 -1.10 -17.63
N PRO A 248 -43.66 -1.68 -18.22
CA PRO A 248 -42.88 -0.99 -19.25
C PRO A 248 -43.50 -1.02 -20.64
N GLN A 249 -44.71 -1.54 -20.78
CA GLN A 249 -45.37 -1.63 -22.07
C GLN A 249 -46.31 -0.46 -22.34
N ASN A 250 -46.71 0.28 -21.31
CA ASN A 250 -47.63 1.39 -21.49
C ASN A 250 -46.98 2.62 -22.08
N ILE A 251 -45.65 2.67 -22.17
CA ILE A 251 -45.00 3.82 -22.77
C ILE A 251 -45.12 3.78 -24.29
N SER A 252 -44.60 2.71 -24.90
CA SER A 252 -44.57 2.62 -26.36
C SER A 252 -44.48 1.15 -26.74
N GLN A 253 -44.28 0.89 -28.04
CA GLN A 253 -44.11 -0.47 -28.51
C GLN A 253 -42.66 -0.93 -28.43
N LEU A 254 -41.71 -0.06 -28.79
CA LEU A 254 -40.31 -0.46 -28.82
C LEU A 254 -39.72 -0.65 -27.44
N ASN A 255 -40.35 -0.10 -26.39
CA ASN A 255 -39.90 -0.41 -25.04
C ASN A 255 -40.23 -1.84 -24.66
N ASN A 256 -41.31 -2.40 -25.21
CA ASN A 256 -41.59 -3.82 -25.04
C ASN A 256 -40.51 -4.67 -25.70
N GLU A 257 -39.98 -4.21 -26.84
CA GLU A 257 -38.88 -4.91 -27.47
C GLU A 257 -37.59 -4.71 -26.70
N ARG A 258 -37.38 -3.51 -26.16
CA ARG A 258 -36.20 -3.23 -25.36
C ARG A 258 -36.33 -3.69 -23.92
N ARG A 259 -37.44 -4.35 -23.57
CA ARG A 259 -37.77 -4.86 -22.23
C ARG A 259 -37.83 -3.75 -21.18
N GLY A 260 -38.00 -2.51 -21.61
CA GLY A 260 -38.23 -1.40 -20.70
C GLY A 260 -37.01 -0.85 -20.01
N GLU A 261 -35.88 -0.75 -20.71
CA GLU A 261 -34.68 -0.23 -20.09
C GLU A 261 -33.82 0.43 -21.15
N ASN A 262 -32.80 1.16 -20.69
CA ASN A 262 -31.93 1.92 -21.56
C ASN A 262 -30.50 1.77 -21.07
N TRP A 263 -29.57 1.71 -22.02
CA TRP A 263 -28.16 1.50 -21.73
C TRP A 263 -27.40 2.81 -21.96
N LEU A 264 -26.75 3.31 -20.93
CA LEU A 264 -26.10 4.61 -20.95
C LEU A 264 -24.58 4.45 -20.92
N LEU A 265 -23.89 5.24 -21.77
CA LEU A 265 -22.45 5.35 -21.95
C LEU A 265 -21.84 6.30 -20.92
N PRO A 266 -20.60 6.07 -20.49
CA PRO A 266 -20.02 6.91 -19.43
C PRO A 266 -19.34 8.16 -19.94
N SER A 267 -19.68 9.32 -19.39
CA SER A 267 -18.84 10.51 -19.49
C SER A 267 -18.09 10.73 -18.18
N LEU A 268 -17.23 9.78 -17.84
CA LEU A 268 -16.66 9.96 -16.51
C LEU A 268 -15.36 10.75 -16.57
N PRO A 269 -15.13 11.64 -15.61
CA PRO A 269 -13.80 12.22 -15.44
C PRO A 269 -12.89 11.21 -14.77
N PRO A 270 -11.61 11.15 -15.16
CA PRO A 270 -10.76 10.03 -14.73
C PRO A 270 -10.28 10.09 -13.29
N ASN A 271 -10.79 11.00 -12.46
CA ASN A 271 -10.58 10.94 -11.02
C ASN A 271 -11.85 10.57 -10.28
N TRP A 272 -12.69 9.73 -10.89
CA TRP A 272 -13.95 9.36 -10.26
C TRP A 272 -13.78 8.31 -9.17
N GLN A 273 -12.59 7.73 -9.03
CA GLN A 273 -12.35 6.69 -8.04
C GLN A 273 -11.72 7.27 -6.78
N ARG A 274 -11.69 6.45 -5.74
CA ARG A 274 -11.13 6.87 -4.46
C ARG A 274 -9.61 6.94 -4.53
N GLN A 275 -9.05 8.00 -3.96
CA GLN A 275 -7.61 8.18 -3.88
C GLN A 275 -7.19 7.96 -2.42
N ASN A 276 -6.69 6.76 -2.13
CA ASN A 276 -6.06 6.48 -0.85
C ASN A 276 -4.55 6.65 -1.01
N VAL A 277 -4.15 7.91 -1.17
CA VAL A 277 -2.74 8.27 -1.36
C VAL A 277 -2.01 8.04 -0.04
N ASN A 278 -1.11 7.07 -0.02
CA ASN A 278 -0.48 6.62 1.20
C ASN A 278 1.03 6.79 1.11
N ALA A 279 1.64 7.21 2.22
CA ALA A 279 3.09 7.31 2.30
C ALA A 279 3.53 7.12 3.75
N PRO A 280 3.78 5.89 4.18
CA PRO A 280 4.42 5.67 5.48
C PRO A 280 5.91 6.00 5.42
N MET A 281 6.49 6.25 6.60
CA MET A 281 7.87 6.72 6.69
C MET A 281 8.84 5.63 7.13
N ARG A 282 8.52 4.37 6.84
CA ARG A 282 9.53 3.32 6.96
C ARG A 282 10.52 3.43 5.80
N HIS A 283 11.65 2.73 5.93
CA HIS A 283 12.72 2.84 4.92
C HIS A 283 12.29 2.19 3.60
N SER A 284 11.76 0.97 3.66
CA SER A 284 11.18 0.34 2.48
C SER A 284 9.95 1.10 2.01
N SER A 285 9.22 1.73 2.93
CA SER A 285 8.15 2.64 2.57
C SER A 285 8.67 4.00 2.11
N VAL A 286 9.95 4.31 2.33
CA VAL A 286 10.51 5.53 1.77
C VAL A 286 10.98 5.29 0.35
N PHE A 287 11.54 4.11 0.07
CA PHE A 287 11.87 3.78 -1.31
C PHE A 287 10.61 3.53 -2.13
N GLU A 288 9.62 2.86 -1.53
CA GLU A 288 8.38 2.60 -2.26
C GLU A 288 7.52 3.86 -2.36
N HIS A 289 7.51 4.69 -1.31
CA HIS A 289 6.68 5.89 -1.32
C HIS A 289 7.30 7.00 -2.16
N ASP A 290 8.61 7.19 -2.07
CA ASP A 290 9.27 8.12 -2.98
C ASP A 290 9.29 7.57 -4.40
N PHE A 291 9.36 6.24 -4.55
CA PHE A 291 9.19 5.59 -5.84
C PHE A 291 7.79 5.83 -6.39
N GLY A 292 6.77 5.33 -5.70
CA GLY A 292 5.38 5.73 -5.88
C GLY A 292 4.73 5.50 -7.22
N ARG A 293 4.49 4.24 -7.59
CA ARG A 293 3.81 3.93 -8.84
C ARG A 293 2.36 3.55 -8.61
N THR A 294 1.49 4.07 -9.45
CA THR A 294 0.07 3.77 -9.52
C THR A 294 -0.18 2.93 -10.78
N PRO A 295 -1.35 2.30 -10.92
CA PRO A 295 -1.64 1.59 -12.18
C PRO A 295 -1.67 2.47 -13.42
N GLU A 296 -1.99 3.75 -13.29
CA GLU A 296 -2.03 4.61 -14.47
C GLU A 296 -0.63 5.01 -14.93
N VAL A 297 0.34 5.06 -14.01
CA VAL A 297 1.71 5.34 -14.41
C VAL A 297 2.34 4.10 -15.05
N SER A 298 2.05 2.91 -14.53
CA SER A 298 2.61 1.68 -15.10
C SER A 298 2.00 1.38 -16.45
N ARG A 299 0.65 1.40 -16.54
CA ARG A 299 -0.04 1.28 -17.82
C ARG A 299 0.34 2.42 -18.76
N LEU A 300 0.67 3.58 -18.20
CA LEU A 300 1.18 4.70 -18.98
C LEU A 300 2.59 4.44 -19.52
N THR A 301 3.36 3.57 -18.87
CA THR A 301 4.74 3.26 -19.27
C THR A 301 4.81 2.11 -20.27
N ARG A 302 3.84 1.19 -20.20
CA ARG A 302 3.88 -0.02 -21.03
C ARG A 302 3.72 0.25 -22.52
N THR A 303 3.24 1.42 -22.92
CA THR A 303 3.24 1.75 -24.34
C THR A 303 4.59 2.32 -24.76
N LEU A 304 5.26 3.05 -23.87
CA LEU A 304 6.62 3.51 -24.13
C LEU A 304 7.59 2.34 -24.26
N GLN A 305 7.39 1.29 -23.47
CA GLN A 305 8.26 0.13 -23.61
C GLN A 305 7.91 -0.68 -24.86
N ARG A 306 6.63 -0.74 -25.23
CA ARG A 306 6.19 -1.51 -26.39
C ARG A 306 6.12 -0.67 -27.66
N PHE A 307 6.95 0.37 -27.76
CA PHE A 307 7.08 1.15 -28.99
C PHE A 307 8.54 1.15 -29.40
N LEU A 308 9.15 -0.03 -29.41
CA LEU A 308 10.55 -0.20 -29.81
C LEU A 308 10.71 -0.54 -31.28
N ALA A 309 9.63 -0.94 -31.95
CA ALA A 309 9.65 -1.18 -33.39
C ALA A 309 9.34 0.13 -34.12
N LYS A 310 10.14 0.43 -35.13
CA LYS A 310 10.04 1.74 -35.78
C LYS A 310 10.33 1.65 -37.27
N THR A 311 9.40 2.14 -38.07
CA THR A 311 9.65 2.56 -39.45
C THR A 311 9.43 4.07 -39.50
N VAL A 312 10.21 4.75 -40.35
CA VAL A 312 10.42 6.20 -40.22
C VAL A 312 9.15 6.99 -40.52
N HIS A 313 8.43 6.61 -41.59
CA HIS A 313 7.16 7.26 -41.90
C HIS A 313 6.11 7.00 -40.82
N ASN A 314 6.18 5.84 -40.17
CA ASN A 314 5.39 5.60 -38.98
C ASN A 314 6.03 6.19 -37.73
N ASN A 315 7.34 6.50 -37.77
CA ASN A 315 8.01 7.11 -36.64
C ASN A 315 7.82 8.62 -36.57
N LEU A 316 7.27 9.24 -37.62
CA LEU A 316 6.88 10.65 -37.50
C LEU A 316 5.67 10.78 -36.57
N ALA A 317 4.55 10.15 -36.93
CA ALA A 317 3.35 10.19 -36.10
C ALA A 317 3.55 9.41 -34.80
N ILE A 318 4.29 8.30 -34.86
CA ILE A 318 4.58 7.52 -33.67
C ILE A 318 5.50 8.30 -32.73
N ARG A 319 6.42 9.09 -33.28
CA ARG A 319 7.28 9.93 -32.44
C ARG A 319 6.48 11.06 -31.81
N GLN A 320 5.52 11.60 -32.56
CA GLN A 320 4.57 12.56 -31.99
C GLN A 320 3.80 11.96 -30.84
N ARG A 321 3.40 10.68 -30.98
CA ARG A 321 2.68 10.02 -29.90
C ARG A 321 3.59 9.70 -28.72
N ARG A 322 4.88 9.48 -28.96
CA ARG A 322 5.82 9.32 -27.85
C ARG A 322 5.99 10.62 -27.08
N ALA A 323 5.97 11.76 -27.78
CA ALA A 323 5.99 13.05 -27.11
C ALA A 323 4.71 13.27 -26.30
N GLN A 324 3.58 12.79 -26.82
CA GLN A 324 2.34 12.82 -26.05
C GLN A 324 2.45 11.99 -24.78
N LEU A 325 3.06 10.80 -24.87
CA LEU A 325 3.15 9.91 -23.71
C LEU A 325 4.08 10.47 -22.64
N VAL A 326 5.22 11.04 -23.03
CA VAL A 326 6.12 11.59 -22.02
C VAL A 326 5.53 12.87 -21.41
N ALA A 327 4.69 13.59 -22.17
CA ALA A 327 3.93 14.69 -21.59
C ALA A 327 2.95 14.18 -20.54
N GLN A 328 2.30 13.04 -20.81
CA GLN A 328 1.35 12.47 -19.87
C GLN A 328 2.02 12.00 -18.58
N ILE A 329 3.22 11.43 -18.68
CA ILE A 329 3.84 10.94 -17.45
C ILE A 329 4.48 12.07 -16.65
N CYS A 330 4.94 13.14 -17.32
CA CYS A 330 5.44 14.31 -16.58
C CYS A 330 4.31 15.00 -15.83
N ASP A 331 3.17 15.21 -16.50
CA ASP A 331 2.03 15.83 -15.84
C ASP A 331 1.46 14.96 -14.73
N GLU A 332 1.46 13.63 -14.94
CA GLU A 332 0.94 12.72 -13.92
C GLU A 332 1.81 12.73 -12.67
N ALA A 333 3.13 12.85 -12.84
CA ALA A 333 3.99 13.02 -11.66
C ALA A 333 3.76 14.37 -11.00
N LEU A 334 3.44 15.41 -11.79
CA LEU A 334 3.14 16.72 -11.21
C LEU A 334 1.88 16.69 -10.36
N GLN A 335 0.83 16.01 -10.84
CA GLN A 335 -0.40 15.90 -10.08
C GLN A 335 -0.23 15.02 -8.84
N TYR A 336 0.58 13.95 -8.96
CA TYR A 336 0.87 13.14 -7.77
C TYR A 336 1.62 13.93 -6.72
N ALA A 337 2.48 14.88 -7.16
CA ALA A 337 3.04 15.83 -6.21
C ALA A 337 1.97 16.73 -5.60
N ALA A 338 0.92 17.05 -6.37
CA ALA A 338 -0.14 17.91 -5.83
C ALA A 338 -0.94 17.24 -4.73
N ARG A 339 -1.64 16.13 -5.04
CA ARG A 339 -2.47 15.56 -3.99
C ARG A 339 -1.67 14.75 -2.97
N LEU A 340 -0.43 14.36 -3.30
CA LEU A 340 0.47 13.89 -2.25
C LEU A 340 0.84 15.02 -1.30
N ARG A 341 0.98 16.23 -1.84
CA ARG A 341 1.34 17.37 -1.00
C ARG A 341 0.18 17.79 -0.10
N GLU A 342 -1.03 17.91 -0.65
CA GLU A 342 -2.11 18.55 0.09
C GLU A 342 -3.24 17.59 0.47
N LEU A 343 -3.07 16.29 0.28
CA LEU A 343 -4.15 15.35 0.55
C LEU A 343 -3.85 14.36 1.66
N GLU A 344 -2.60 13.97 1.86
CA GLU A 344 -2.23 12.90 2.76
C GLU A 344 -1.31 13.41 3.86
N PRO A 345 -1.01 12.57 4.85
CA PRO A 345 -0.14 12.99 5.95
C PRO A 345 1.31 12.58 5.75
N GLY A 346 1.64 12.08 4.55
CA GLY A 346 2.96 11.53 4.28
C GLY A 346 4.08 12.56 4.18
N TRP A 347 3.76 13.85 4.24
CA TRP A 347 4.81 14.86 4.20
C TRP A 347 5.58 14.91 5.52
N SER A 348 4.88 14.83 6.64
CA SER A 348 5.48 14.87 7.98
C SER A 348 4.87 13.80 8.87
N ALA A 349 4.83 12.57 8.37
CA ALA A 349 4.16 11.48 9.11
C ALA A 349 4.97 11.04 10.31
N THR A 350 6.20 10.57 10.09
CA THR A 350 7.05 10.10 11.18
C THR A 350 8.49 10.49 10.89
N PRO A 351 9.19 11.09 11.85
CA PRO A 351 10.60 11.42 11.62
C PRO A 351 11.48 10.19 11.68
N GLY A 352 12.55 10.21 10.90
CA GLY A 352 13.43 9.07 10.81
C GLY A 352 14.76 9.37 10.13
N CYS A 353 15.40 8.33 9.59
CA CYS A 353 16.71 8.46 8.96
C CYS A 353 16.67 8.19 7.46
N GLN A 354 16.17 7.03 7.05
CA GLN A 354 16.07 6.68 5.63
C GLN A 354 14.71 7.18 5.14
N LEU A 355 14.68 8.44 4.72
CA LEU A 355 13.44 9.06 4.25
C LEU A 355 13.59 9.90 2.99
N HIS A 356 14.82 10.23 2.57
CA HIS A 356 15.14 11.04 1.39
C HIS A 356 14.47 12.41 1.46
N ASP A 357 14.95 13.20 2.44
CA ASP A 357 14.48 14.56 2.64
C ASP A 357 15.21 15.59 1.77
N ALA A 358 15.87 15.14 0.70
CA ALA A 358 16.48 16.04 -0.27
C ALA A 358 15.55 16.38 -1.42
N GLU A 359 14.30 15.94 -1.36
CA GLU A 359 13.32 16.30 -2.39
C GLU A 359 12.87 17.75 -2.22
N GLN A 360 12.29 18.06 -1.04
CA GLN A 360 11.82 19.40 -0.66
C GLN A 360 10.76 19.94 -1.62
N LEU A 361 9.95 19.03 -2.16
CA LEU A 361 8.81 19.39 -3.00
C LEU A 361 7.50 18.90 -2.40
N TRP A 362 7.47 17.66 -1.91
CA TRP A 362 6.28 17.09 -1.30
C TRP A 362 6.06 17.56 0.13
N LEU A 363 6.95 18.38 0.68
CA LEU A 363 6.85 18.81 2.06
C LEU A 363 6.89 20.33 2.17
N ASP A 364 6.11 21.02 1.34
CA ASP A 364 6.05 22.47 1.40
C ASP A 364 5.30 22.90 2.66
N PRO A 365 4.25 22.19 3.03
CA PRO A 365 3.55 22.53 4.27
C PRO A 365 4.19 21.88 5.49
N LEU A 366 4.91 20.79 5.26
CA LEU A 366 5.58 20.10 6.38
C LEU A 366 6.79 20.87 6.87
N ARG A 367 7.38 21.71 6.02
CA ARG A 367 8.53 22.51 6.40
C ARG A 367 8.23 24.01 6.42
N ALA A 368 7.18 24.45 5.72
CA ALA A 368 6.85 25.86 5.67
C ALA A 368 5.71 26.26 6.61
N GLN A 369 4.64 25.47 6.65
CA GLN A 369 3.46 25.83 7.44
C GLN A 369 3.60 25.54 8.92
N THR A 370 4.68 24.87 9.34
CA THR A 370 4.93 24.61 10.75
C THR A 370 6.11 25.44 11.26
N ASP A 371 7.27 25.33 10.63
CA ASP A 371 8.42 26.14 10.98
C ASP A 371 8.62 27.23 9.95
N GLU A 372 9.11 28.38 10.41
CA GLU A 372 9.22 29.55 9.55
C GLU A 372 10.65 30.02 9.37
N THR A 373 11.41 30.21 10.45
CA THR A 373 12.72 30.84 10.32
C THR A 373 13.79 29.86 9.87
N PHE A 374 14.05 28.84 10.68
CA PHE A 374 15.17 27.94 10.41
C PHE A 374 14.89 27.01 9.24
N LEU A 375 13.63 26.62 9.05
CA LEU A 375 13.32 25.70 7.96
C LEU A 375 13.20 26.43 6.62
N GLN A 376 12.32 27.42 6.53
CA GLN A 376 12.09 28.11 5.26
C GLN A 376 13.23 29.05 4.92
N ARG A 377 14.03 29.46 5.91
CA ARG A 377 15.27 30.17 5.60
C ARG A 377 16.35 29.23 5.10
N ARG A 378 16.16 27.92 5.25
CA ARG A 378 17.00 26.91 4.63
C ARG A 378 16.27 26.14 3.54
N LEU A 379 15.21 26.72 2.98
CA LEU A 379 14.41 26.03 1.97
C LEU A 379 14.18 26.89 0.74
N ARG A 380 14.23 28.21 0.92
CA ARG A 380 14.01 29.15 -0.17
C ARG A 380 15.30 29.57 -0.86
N GLY A 381 16.36 28.77 -0.71
CA GLY A 381 17.65 29.13 -1.25
C GLY A 381 18.09 28.28 -2.43
N ASP A 382 17.71 27.00 -2.43
CA ASP A 382 18.08 26.08 -3.50
C ASP A 382 16.89 25.71 -4.37
N TRP A 383 15.81 25.17 -3.76
CA TRP A 383 14.59 24.66 -4.40
C TRP A 383 14.97 23.66 -5.49
N PRO A 384 15.39 22.45 -5.11
CA PRO A 384 16.19 21.59 -6.00
C PRO A 384 15.41 21.12 -7.22
N ALA A 385 15.87 21.54 -8.39
CA ALA A 385 15.34 21.07 -9.66
C ALA A 385 15.95 19.73 -10.06
N GLU A 386 16.92 19.23 -9.30
CA GLU A 386 17.55 17.93 -9.55
C GLU A 386 16.61 16.76 -9.31
N VAL A 387 15.44 16.99 -8.68
CA VAL A 387 14.39 16.00 -8.65
C VAL A 387 13.85 15.71 -10.03
N GLY A 388 14.00 16.64 -10.98
CA GLY A 388 13.80 16.29 -12.38
C GLY A 388 14.84 15.29 -12.87
N ASN A 389 16.09 15.46 -12.46
CA ASN A 389 17.16 14.54 -12.81
C ASN A 389 16.87 13.12 -12.33
N ARG A 390 16.49 12.98 -11.06
CA ARG A 390 16.00 11.71 -10.53
C ARG A 390 14.79 11.21 -11.28
N PHE A 391 13.93 12.14 -11.73
CA PHE A 391 12.77 11.75 -12.52
C PHE A 391 13.20 11.18 -13.88
N ALA A 392 14.31 11.69 -14.43
CA ALA A 392 14.89 11.08 -15.61
C ALA A 392 15.37 9.67 -15.30
N ASN A 393 15.90 9.47 -14.09
CA ASN A 393 16.27 8.14 -13.64
C ASN A 393 15.06 7.23 -13.48
N TRP A 394 13.87 7.81 -13.29
CA TRP A 394 12.67 6.99 -13.29
C TRP A 394 12.28 6.62 -14.72
N LEU A 395 12.61 7.47 -15.69
CA LEU A 395 12.16 7.24 -17.06
C LEU A 395 13.08 6.33 -17.84
N ASN A 396 14.33 6.17 -17.40
CA ASN A 396 15.32 5.38 -18.13
C ASN A 396 15.01 3.89 -18.15
N ARG A 397 14.09 3.43 -17.30
CA ARG A 397 13.56 2.08 -17.36
C ARG A 397 12.34 1.97 -18.27
N ALA A 398 12.20 2.89 -19.23
CA ALA A 398 11.26 2.74 -20.32
C ALA A 398 11.93 2.29 -21.61
N VAL A 399 13.24 2.50 -21.74
CA VAL A 399 13.99 2.14 -22.94
C VAL A 399 14.57 0.74 -22.74
N SER A 400 14.42 -0.11 -23.75
CA SER A 400 14.98 -1.45 -23.75
C SER A 400 16.46 -1.40 -24.15
N SER A 401 17.04 -2.57 -24.43
CA SER A 401 18.44 -2.66 -24.83
C SER A 401 18.58 -2.76 -26.35
N ASP A 402 17.73 -2.05 -27.09
CA ASP A 402 17.77 -2.09 -28.55
C ASP A 402 19.02 -1.38 -29.06
N SER A 403 19.77 -2.07 -29.94
CA SER A 403 21.00 -1.52 -30.50
C SER A 403 20.75 -0.71 -31.76
N GLN A 404 19.60 -0.87 -32.42
CA GLN A 404 19.31 -0.13 -33.64
C GLN A 404 19.01 1.34 -33.37
N ILE A 405 18.69 1.70 -32.13
CA ILE A 405 18.56 3.10 -31.74
C ILE A 405 19.74 3.59 -30.92
N LEU A 406 20.59 2.68 -30.42
CA LEU A 406 21.75 3.10 -29.64
C LEU A 406 22.85 3.69 -30.51
N GLY A 407 22.89 3.34 -31.79
CA GLY A 407 23.87 3.91 -32.69
C GLY A 407 23.23 4.64 -33.86
N SER A 408 22.13 5.32 -33.60
CA SER A 408 21.38 5.97 -34.66
C SER A 408 20.91 7.36 -34.23
N PRO A 409 20.22 8.09 -35.11
CA PRO A 409 19.63 9.37 -34.72
C PRO A 409 18.31 9.25 -33.99
N GLU A 410 17.84 8.02 -33.73
CA GLU A 410 16.62 7.84 -32.95
C GLU A 410 16.82 8.27 -31.51
N ALA A 411 17.97 7.93 -30.91
CA ALA A 411 18.25 8.35 -29.55
C ALA A 411 18.58 9.83 -29.45
N ALA A 412 18.97 10.46 -30.57
CA ALA A 412 19.13 11.91 -30.57
C ALA A 412 17.78 12.60 -30.52
N GLN A 413 16.80 12.10 -31.29
CA GLN A 413 15.45 12.65 -31.25
C GLN A 413 14.77 12.34 -29.91
N TRP A 414 15.04 11.16 -29.36
CA TRP A 414 14.52 10.81 -28.03
C TRP A 414 15.13 11.70 -26.95
N SER A 415 16.43 11.99 -27.07
CA SER A 415 17.08 12.89 -26.13
C SER A 415 16.61 14.33 -26.31
N GLN A 416 16.11 14.68 -27.49
CA GLN A 416 15.45 15.99 -27.63
C GLN A 416 14.05 15.99 -27.06
N GLU A 417 13.36 14.84 -27.10
CA GLU A 417 12.07 14.72 -26.43
C GLU A 417 12.21 14.90 -24.93
N LEU A 418 13.15 14.17 -24.32
CA LEU A 418 13.38 14.34 -22.89
C LEU A 418 14.04 15.67 -22.57
N SER A 419 14.76 16.25 -23.53
CA SER A 419 15.31 17.60 -23.34
C SER A 419 14.19 18.63 -23.21
N LYS A 420 13.22 18.60 -24.13
CA LYS A 420 12.16 19.59 -24.09
C LYS A 420 11.21 19.34 -22.91
N GLU A 421 10.76 18.10 -22.74
CA GLU A 421 9.76 17.83 -21.72
C GLU A 421 10.34 17.90 -20.31
N LEU A 422 11.52 17.31 -20.11
CA LEU A 422 12.17 17.43 -18.80
C LEU A 422 12.65 18.85 -18.54
N THR A 423 12.99 19.60 -19.58
CA THR A 423 13.39 21.00 -19.39
C THR A 423 12.20 21.86 -18.97
N MET A 424 11.03 21.69 -19.61
CA MET A 424 9.86 22.47 -19.23
C MET A 424 9.32 22.04 -17.86
N PHE A 425 9.45 20.75 -17.53
CA PHE A 425 9.17 20.30 -16.17
C PHE A 425 10.08 20.99 -15.17
N LYS A 426 11.37 21.14 -15.52
CA LYS A 426 12.27 21.95 -14.70
C LYS A 426 11.88 23.42 -14.70
N GLU A 427 11.20 23.92 -15.74
CA GLU A 427 10.76 25.31 -15.74
C GLU A 427 9.63 25.51 -14.75
N ILE A 428 8.79 24.49 -14.55
CA ILE A 428 7.84 24.56 -13.44
C ILE A 428 8.58 24.41 -12.12
N LEU A 429 9.64 23.57 -12.10
CA LEU A 429 10.39 23.36 -10.87
C LEU A 429 11.16 24.59 -10.42
N GLU A 430 11.46 25.52 -11.33
CA GLU A 430 12.11 26.74 -10.91
C GLU A 430 11.13 27.71 -10.26
N ASP A 431 9.83 27.50 -10.48
CA ASP A 431 8.78 28.33 -9.91
C ASP A 431 7.98 27.60 -8.84
N GLU A 432 8.61 26.74 -8.06
CA GLU A 432 7.89 26.05 -6.99
C GLU A 432 7.55 27.00 -5.84
N ARG A 433 8.34 28.05 -5.66
CA ARG A 433 8.06 29.03 -4.62
C ARG A 433 6.93 29.98 -4.98
N ASP A 434 6.52 30.01 -6.25
CA ASP A 434 5.45 30.88 -6.70
C ASP A 434 4.09 30.32 -6.23
N VAL B 3 -18.13 34.52 -29.27
CA VAL B 3 -16.68 34.48 -29.44
C VAL B 3 -16.12 35.90 -29.39
N THR B 4 -15.50 36.23 -28.25
CA THR B 4 -14.78 37.49 -28.08
C THR B 4 -13.75 37.24 -26.99
N ASP B 5 -12.51 37.64 -27.23
CA ASP B 5 -11.43 37.32 -26.30
C ASP B 5 -11.55 38.14 -25.02
N PRO B 6 -11.47 37.51 -23.86
CA PRO B 6 -11.75 38.23 -22.62
C PRO B 6 -10.52 38.98 -22.11
N GLU B 7 -10.77 40.09 -21.44
CA GLU B 7 -9.68 40.84 -20.85
C GLU B 7 -9.21 40.19 -19.56
N ALA B 8 -10.13 39.75 -18.71
CA ALA B 8 -9.81 39.11 -17.44
C ALA B 8 -10.25 37.65 -17.48
N LEU B 9 -9.81 36.90 -16.46
CA LEU B 9 -10.19 35.51 -16.26
C LEU B 9 -10.53 35.35 -14.79
N LEU B 10 -11.81 35.50 -14.46
CA LEU B 10 -12.27 35.39 -13.08
C LEU B 10 -12.26 33.93 -12.67
N LEU B 11 -11.23 33.54 -11.93
CA LEU B 11 -11.18 32.19 -11.37
C LEU B 11 -12.19 32.04 -10.25
N LEU B 12 -13.01 30.99 -10.34
CA LEU B 12 -13.95 30.65 -9.30
C LEU B 12 -13.48 29.37 -8.64
N PRO B 13 -13.26 29.34 -7.33
CA PRO B 13 -12.57 28.19 -6.71
C PRO B 13 -13.47 26.99 -6.53
N ARG B 14 -12.98 26.00 -5.78
CA ARG B 14 -13.65 24.75 -5.49
C ARG B 14 -15.04 24.94 -4.90
N LEU B 15 -16.08 24.53 -5.64
CA LEU B 15 -17.47 24.64 -5.23
C LEU B 15 -18.04 23.23 -5.10
N SER B 16 -18.28 22.79 -3.88
CA SER B 16 -18.82 21.45 -3.66
C SER B 16 -20.31 21.44 -3.96
N ILE B 17 -20.73 20.58 -4.89
CA ILE B 17 -22.10 20.53 -5.37
C ILE B 17 -22.77 19.28 -4.80
N GLN B 18 -23.96 19.45 -4.24
CA GLN B 18 -24.77 18.33 -3.77
C GLN B 18 -25.91 18.09 -4.73
N ASN B 19 -26.14 16.82 -5.05
CA ASN B 19 -27.30 16.33 -5.80
C ASN B 19 -27.42 16.93 -7.20
N ALA B 20 -26.43 16.62 -8.02
CA ALA B 20 -26.40 17.07 -9.41
C ALA B 20 -27.28 16.17 -10.27
N ASN B 21 -27.15 16.26 -11.59
CA ASN B 21 -28.03 15.54 -12.51
C ASN B 21 -27.19 14.72 -13.47
N ALA B 22 -26.80 13.52 -13.03
CA ALA B 22 -25.77 12.73 -13.72
C ALA B 22 -26.22 12.21 -15.08
N ILE B 23 -27.51 12.09 -15.34
CA ILE B 23 -27.97 11.69 -16.67
C ILE B 23 -27.89 12.92 -17.57
N SER B 24 -26.92 12.90 -18.49
CA SER B 24 -26.67 14.05 -19.36
C SER B 24 -27.57 14.07 -20.59
N SER B 25 -27.84 12.90 -21.15
CA SER B 25 -28.47 12.79 -22.45
C SER B 25 -29.17 11.44 -22.52
N PRO B 26 -29.97 11.18 -23.57
CA PRO B 26 -30.48 9.82 -23.75
C PRO B 26 -29.44 8.75 -23.98
N LEU B 27 -28.23 9.08 -24.42
CA LEU B 27 -27.25 8.06 -24.71
C LEU B 27 -25.93 8.18 -23.96
N THR B 28 -25.65 9.31 -23.32
CA THR B 28 -24.49 9.44 -22.48
C THR B 28 -24.93 9.71 -21.05
N TRP B 29 -23.97 9.67 -20.15
CA TRP B 29 -24.21 9.63 -18.71
C TRP B 29 -22.89 9.85 -18.01
N GLY B 30 -22.92 10.49 -16.84
CA GLY B 30 -21.68 10.69 -16.12
C GLY B 30 -21.52 12.08 -15.58
N PHE B 31 -20.52 12.81 -16.08
CA PHE B 31 -20.25 14.17 -15.63
C PHE B 31 -21.42 15.06 -16.02
N PRO B 32 -22.10 15.66 -15.07
CA PRO B 32 -23.48 16.07 -15.27
C PRO B 32 -23.65 17.41 -15.92
N SER B 33 -22.86 17.72 -16.94
CA SER B 33 -22.92 19.08 -17.47
C SER B 33 -22.41 19.14 -18.89
N PRO B 34 -23.24 18.92 -19.86
CA PRO B 34 -22.84 19.25 -21.23
C PRO B 34 -22.76 20.75 -21.43
N GLY B 35 -23.80 21.48 -21.05
CA GLY B 35 -23.91 22.91 -21.23
C GLY B 35 -24.70 23.57 -20.12
N ALA B 36 -24.80 22.89 -18.97
CA ALA B 36 -25.45 23.49 -17.82
C ALA B 36 -24.60 24.60 -17.24
N PHE B 37 -23.29 24.48 -17.36
CA PHE B 37 -22.37 25.46 -16.82
C PHE B 37 -22.49 26.80 -17.54
N THR B 38 -22.64 26.76 -18.87
CA THR B 38 -22.78 27.98 -19.64
C THR B 38 -24.10 28.69 -19.34
N GLY B 39 -25.16 27.91 -19.11
CA GLY B 39 -26.41 28.50 -18.66
C GLY B 39 -26.31 29.09 -17.26
N PHE B 40 -25.48 28.49 -16.41
CA PHE B 40 -25.23 29.07 -15.10
C PHE B 40 -24.52 30.41 -15.20
N VAL B 41 -23.55 30.50 -16.10
CA VAL B 41 -22.81 31.74 -16.27
C VAL B 41 -23.68 32.83 -16.89
N HIS B 42 -24.55 32.46 -17.84
CA HIS B 42 -25.48 33.43 -18.39
C HIS B 42 -26.54 33.84 -17.35
N ALA B 43 -26.83 32.96 -16.39
CA ALA B 43 -27.70 33.35 -15.30
C ALA B 43 -27.01 34.35 -14.37
N LEU B 44 -25.71 34.20 -14.16
CA LEU B 44 -24.94 35.25 -13.49
C LEU B 44 -24.94 36.54 -14.28
N GLN B 45 -24.92 36.45 -15.61
CA GLN B 45 -25.00 37.63 -16.46
C GLN B 45 -26.35 38.32 -16.32
N ARG B 46 -27.42 37.58 -16.05
CA ARG B 46 -28.71 38.21 -15.83
C ARG B 46 -28.90 38.69 -14.40
N ARG B 47 -28.14 38.18 -13.43
CA ARG B 47 -28.35 38.60 -12.06
C ARG B 47 -27.39 39.66 -11.57
N VAL B 48 -26.16 39.70 -12.08
CA VAL B 48 -25.09 40.53 -11.54
C VAL B 48 -24.53 41.47 -12.60
N GLY B 49 -24.20 40.93 -13.78
CA GLY B 49 -23.39 41.64 -14.77
C GLY B 49 -24.03 42.88 -15.35
N ILE B 50 -25.35 43.01 -15.28
CA ILE B 50 -26.00 44.24 -15.70
C ILE B 50 -25.97 45.31 -14.62
N SER B 51 -25.63 44.94 -13.37
CA SER B 51 -25.58 45.89 -12.28
C SER B 51 -24.17 46.31 -11.91
N LEU B 52 -23.16 45.56 -12.35
CA LEU B 52 -21.76 45.97 -12.20
C LEU B 52 -21.15 46.41 -13.52
N ASP B 53 -21.93 46.41 -14.61
CA ASP B 53 -21.51 46.83 -15.95
C ASP B 53 -20.33 46.01 -16.45
N ILE B 54 -20.42 44.70 -16.28
CA ILE B 54 -19.42 43.77 -16.79
C ILE B 54 -20.14 42.80 -17.73
N GLU B 55 -19.42 41.82 -18.26
CA GLU B 55 -19.97 40.93 -19.26
C GLU B 55 -19.35 39.55 -19.07
N LEU B 56 -20.09 38.65 -18.42
CA LEU B 56 -19.55 37.35 -18.06
C LEU B 56 -19.67 36.37 -19.23
N ASP B 57 -18.58 35.66 -19.50
CA ASP B 57 -18.52 34.74 -20.64
C ASP B 57 -17.57 33.61 -20.32
N GLY B 58 -17.75 32.48 -21.01
CA GLY B 58 -16.82 31.38 -20.95
C GLY B 58 -16.92 30.52 -19.72
N VAL B 59 -16.58 29.23 -19.85
CA VAL B 59 -16.60 28.29 -18.73
C VAL B 59 -15.34 27.45 -18.80
N GLY B 60 -14.51 27.52 -17.76
CA GLY B 60 -13.40 26.59 -17.66
C GLY B 60 -13.71 25.48 -16.68
N ILE B 61 -14.05 24.30 -17.18
CA ILE B 61 -14.40 23.19 -16.31
C ILE B 61 -13.11 22.56 -15.78
N VAL B 62 -13.07 22.28 -14.48
CA VAL B 62 -11.87 21.77 -13.82
C VAL B 62 -12.08 20.42 -13.18
N CYS B 63 -13.21 20.22 -12.47
CA CYS B 63 -13.71 18.92 -12.01
C CYS B 63 -12.73 18.21 -11.07
N HIS B 64 -12.62 18.75 -9.86
CA HIS B 64 -11.68 18.20 -8.89
C HIS B 64 -12.04 16.79 -8.45
N ARG B 65 -13.33 16.50 -8.25
CA ARG B 65 -13.75 15.14 -7.93
C ARG B 65 -15.18 14.90 -8.37
N PHE B 66 -15.58 13.63 -8.33
CA PHE B 66 -16.88 13.21 -8.85
C PHE B 66 -17.22 11.85 -8.26
N GLU B 67 -18.30 11.76 -7.49
CA GLU B 67 -18.70 10.52 -6.83
C GLU B 67 -20.20 10.34 -7.02
N ALA B 68 -20.58 9.52 -7.99
CA ALA B 68 -21.99 9.32 -8.31
C ALA B 68 -22.60 8.29 -7.39
N GLN B 69 -23.88 8.47 -7.08
CA GLN B 69 -24.60 7.55 -6.22
C GLN B 69 -25.14 6.40 -7.08
N ILE B 70 -24.24 5.46 -7.39
CA ILE B 70 -24.59 4.28 -8.14
C ILE B 70 -24.42 3.06 -7.23
N SER B 71 -24.94 1.92 -7.68
CA SER B 71 -24.97 0.72 -6.87
C SER B 71 -24.28 -0.42 -7.58
N GLN B 72 -23.70 -1.33 -6.79
CA GLN B 72 -23.01 -2.51 -7.31
C GLN B 72 -23.50 -3.79 -6.67
N PRO B 73 -24.66 -4.34 -7.11
CA PRO B 73 -25.09 -5.65 -6.59
C PRO B 73 -24.28 -6.82 -7.11
N ALA B 74 -24.70 -8.03 -6.78
CA ALA B 74 -23.92 -9.22 -7.10
C ALA B 74 -24.03 -9.56 -8.59
N GLY B 75 -22.89 -9.87 -9.19
CA GLY B 75 -22.82 -10.20 -10.60
C GLY B 75 -22.33 -9.05 -11.46
N LYS B 76 -22.66 -9.12 -12.74
CA LYS B 76 -22.41 -8.03 -13.67
C LYS B 76 -23.51 -6.99 -13.66
N ARG B 77 -24.36 -7.01 -12.65
CA ARG B 77 -25.48 -6.08 -12.51
C ARG B 77 -25.13 -4.90 -11.63
N THR B 78 -23.87 -4.44 -11.70
CA THR B 78 -23.34 -3.33 -10.91
C THR B 78 -23.57 -1.97 -11.58
N LYS B 79 -24.61 -1.85 -12.39
CA LYS B 79 -24.76 -0.75 -13.33
C LYS B 79 -26.10 -0.05 -13.14
N VAL B 80 -26.50 0.19 -11.89
CA VAL B 80 -27.81 0.80 -11.65
C VAL B 80 -27.64 2.06 -10.82
N PHE B 81 -28.76 2.70 -10.48
CA PHE B 81 -28.79 3.98 -9.78
C PHE B 81 -29.25 3.78 -8.34
N ASN B 82 -29.24 4.88 -7.59
CA ASN B 82 -29.73 4.91 -6.22
C ASN B 82 -30.79 6.01 -6.15
N LEU B 83 -32.05 5.62 -6.11
CA LEU B 83 -33.13 6.59 -6.22
C LEU B 83 -33.48 7.15 -4.85
N THR B 84 -34.57 7.89 -4.79
CA THR B 84 -35.13 8.43 -3.57
C THR B 84 -36.61 8.10 -3.55
N ARG B 85 -37.31 8.57 -2.53
CA ARG B 85 -38.75 8.38 -2.49
C ARG B 85 -39.48 9.62 -2.98
N ASN B 86 -40.77 9.46 -3.18
CA ASN B 86 -41.70 10.52 -3.53
C ASN B 86 -42.87 10.38 -2.59
N PRO B 87 -43.65 11.45 -2.37
CA PRO B 87 -44.83 11.33 -1.52
C PRO B 87 -45.91 10.47 -2.16
N LEU B 88 -46.89 10.09 -1.35
CA LEU B 88 -47.95 9.20 -1.79
C LEU B 88 -48.89 9.91 -2.76
N ASN B 89 -49.82 9.14 -3.30
CA ASN B 89 -50.89 9.71 -4.11
C ASN B 89 -51.97 10.27 -3.19
N ARG B 90 -53.11 10.64 -3.76
CA ARG B 90 -54.16 11.30 -2.98
C ARG B 90 -55.00 10.33 -2.16
N ASP B 91 -54.66 9.03 -2.14
CA ASP B 91 -55.35 8.07 -1.29
C ASP B 91 -54.44 7.20 -0.44
N GLY B 92 -53.17 7.06 -0.80
CA GLY B 92 -52.29 6.19 -0.05
C GLY B 92 -51.62 5.13 -0.90
N SER B 93 -51.48 5.41 -2.20
CA SER B 93 -50.85 4.49 -3.13
C SER B 93 -49.55 5.08 -3.63
N THR B 94 -48.56 4.22 -3.86
CA THR B 94 -47.26 4.66 -4.35
C THR B 94 -47.31 4.87 -5.85
N ALA B 95 -46.88 6.05 -6.30
CA ALA B 95 -46.94 6.41 -7.71
C ALA B 95 -45.82 5.72 -8.48
N ALA B 96 -45.85 5.89 -9.80
CA ALA B 96 -44.86 5.27 -10.67
C ALA B 96 -43.51 5.96 -10.53
N ILE B 97 -42.48 5.17 -10.22
CA ILE B 97 -41.19 5.72 -9.85
C ILE B 97 -40.42 6.12 -11.11
N VAL B 98 -40.22 7.42 -11.29
CA VAL B 98 -39.31 7.89 -12.31
C VAL B 98 -37.87 7.77 -11.80
N GLU B 99 -36.92 7.80 -12.72
CA GLU B 99 -35.51 7.60 -12.37
C GLU B 99 -34.71 8.86 -12.65
N GLU B 100 -33.73 9.12 -11.79
CA GLU B 100 -33.00 10.37 -11.82
C GLU B 100 -31.54 10.12 -11.44
N GLY B 101 -30.63 10.70 -12.20
CA GLY B 101 -29.22 10.60 -11.89
C GLY B 101 -28.83 11.45 -10.71
N ARG B 102 -27.58 11.31 -10.27
CA ARG B 102 -27.18 11.89 -9.01
C ARG B 102 -25.66 11.97 -8.93
N ALA B 103 -25.15 13.02 -8.28
CA ALA B 103 -23.71 13.19 -8.17
C ALA B 103 -23.37 14.09 -6.99
N HIS B 104 -22.10 14.06 -6.58
CA HIS B 104 -21.53 15.00 -5.62
C HIS B 104 -20.31 15.64 -6.29
N LEU B 105 -20.52 16.70 -7.05
CA LEU B 105 -19.42 17.33 -7.76
C LEU B 105 -18.53 18.14 -6.83
N GLU B 106 -17.39 18.57 -7.38
CA GLU B 106 -16.58 19.63 -6.79
C GLU B 106 -15.78 20.24 -7.94
N VAL B 107 -16.24 21.39 -8.44
CA VAL B 107 -15.67 21.96 -9.65
C VAL B 107 -15.07 23.32 -9.35
N SER B 108 -14.27 23.80 -10.28
CA SER B 108 -13.77 25.17 -10.32
C SER B 108 -14.03 25.73 -11.71
N LEU B 109 -14.30 27.03 -11.79
CA LEU B 109 -14.76 27.62 -13.03
C LEU B 109 -13.90 28.81 -13.43
N LEU B 110 -13.56 28.87 -14.70
CA LEU B 110 -12.91 30.04 -15.29
C LEU B 110 -13.95 30.84 -16.05
N LEU B 111 -14.01 32.14 -15.78
CA LEU B 111 -14.96 33.03 -16.40
C LEU B 111 -14.25 33.94 -17.39
N GLY B 112 -14.97 34.91 -17.93
CA GLY B 112 -14.37 35.92 -18.77
C GLY B 112 -15.14 37.20 -18.68
N VAL B 113 -14.44 38.33 -18.53
CA VAL B 113 -15.06 39.63 -18.31
C VAL B 113 -14.70 40.55 -19.47
N HIS B 114 -15.68 41.30 -19.96
CA HIS B 114 -15.47 42.25 -21.05
C HIS B 114 -15.80 43.69 -20.69
N GLY B 115 -16.45 43.95 -19.56
CA GLY B 115 -17.10 45.21 -19.34
C GLY B 115 -16.15 46.35 -19.02
N ASP B 116 -16.76 47.54 -18.90
CA ASP B 116 -16.01 48.76 -18.63
C ASP B 116 -15.72 48.99 -17.16
N GLY B 117 -16.51 48.39 -16.26
CA GLY B 117 -16.35 48.66 -14.84
C GLY B 117 -15.14 48.00 -14.24
N LEU B 118 -13.95 48.45 -14.64
CA LEU B 118 -12.70 47.84 -14.24
C LEU B 118 -11.76 48.94 -13.75
N ASP B 119 -11.18 48.72 -12.58
CA ASP B 119 -10.35 49.70 -11.88
C ASP B 119 -9.60 48.93 -10.80
N ASP B 120 -8.65 49.60 -10.14
CA ASP B 120 -7.78 48.93 -9.18
C ASP B 120 -8.53 48.49 -7.92
N HIS B 121 -9.41 49.34 -7.40
CA HIS B 121 -10.19 48.99 -6.21
C HIS B 121 -11.27 47.93 -6.44
N PRO B 122 -11.97 47.84 -7.62
CA PRO B 122 -12.82 46.67 -7.85
C PRO B 122 -12.15 45.31 -8.02
N ALA B 123 -10.80 45.24 -8.01
CA ALA B 123 -10.10 43.98 -8.24
C ALA B 123 -10.37 42.94 -7.15
N GLN B 124 -10.69 43.37 -5.94
CA GLN B 124 -11.26 42.49 -4.93
C GLN B 124 -12.77 42.59 -4.86
N GLU B 125 -13.34 43.73 -5.28
CA GLU B 125 -14.76 43.96 -5.10
C GLU B 125 -15.61 43.14 -6.07
N ILE B 126 -15.26 43.19 -7.37
CA ILE B 126 -16.03 42.50 -8.41
C ILE B 126 -16.11 41.01 -8.11
N ALA B 127 -14.96 40.39 -7.86
CA ALA B 127 -14.90 38.98 -7.48
C ALA B 127 -15.69 38.70 -6.22
N ARG B 128 -15.69 39.62 -5.25
CA ARG B 128 -16.50 39.41 -4.06
C ARG B 128 -17.98 39.44 -4.39
N GLN B 129 -18.39 40.30 -5.32
CA GLN B 129 -19.77 40.32 -5.74
C GLN B 129 -20.13 39.14 -6.62
N VAL B 130 -19.15 38.32 -7.02
CA VAL B 130 -19.48 37.09 -7.71
C VAL B 130 -19.61 35.96 -6.70
N GLN B 131 -19.05 36.11 -5.49
CA GLN B 131 -19.33 35.13 -4.45
C GLN B 131 -20.78 35.21 -3.98
N GLU B 132 -21.19 36.40 -3.51
CA GLU B 132 -22.43 36.58 -2.75
C GLU B 132 -23.69 36.40 -3.58
N GLN B 133 -23.58 36.17 -4.88
CA GLN B 133 -24.72 35.80 -5.69
C GLN B 133 -24.58 34.45 -6.36
N ALA B 134 -23.39 33.84 -6.34
CA ALA B 134 -23.25 32.46 -6.78
C ALA B 134 -23.23 31.48 -5.61
N GLY B 135 -23.46 31.97 -4.40
CA GLY B 135 -23.68 31.10 -3.27
C GLY B 135 -25.13 30.87 -2.96
N ALA B 136 -26.05 31.38 -3.78
CA ALA B 136 -27.48 31.21 -3.58
C ALA B 136 -28.16 30.68 -4.83
N MET B 137 -27.44 29.87 -5.61
CA MET B 137 -27.94 29.39 -6.89
C MET B 137 -27.82 27.88 -6.97
N ARG B 138 -28.37 27.32 -8.04
CA ARG B 138 -28.26 25.90 -8.35
C ARG B 138 -27.30 25.74 -9.52
N LEU B 139 -26.37 24.80 -9.38
CA LEU B 139 -25.43 24.48 -10.45
C LEU B 139 -25.76 23.10 -11.00
N ALA B 140 -26.06 23.04 -12.29
CA ALA B 140 -26.40 21.81 -13.03
C ALA B 140 -27.57 21.06 -12.40
N GLY B 141 -28.51 21.80 -11.81
CA GLY B 141 -29.59 21.16 -11.09
C GLY B 141 -29.23 20.68 -9.72
N GLY B 142 -28.15 21.18 -9.14
CA GLY B 142 -27.74 20.75 -7.81
C GLY B 142 -27.35 21.94 -6.96
N SER B 143 -27.44 21.76 -5.66
CA SER B 143 -27.19 22.85 -4.73
C SER B 143 -25.70 23.12 -4.61
N ILE B 144 -25.37 24.20 -3.91
CA ILE B 144 -23.99 24.65 -3.74
C ILE B 144 -23.70 24.72 -2.24
N LEU B 145 -22.74 23.94 -1.79
CA LEU B 145 -22.34 24.00 -0.39
C LEU B 145 -21.54 25.27 -0.14
N PRO B 146 -21.93 26.09 0.82
CA PRO B 146 -21.26 27.37 1.00
C PRO B 146 -20.10 27.30 1.99
N TRP B 147 -20.01 26.21 2.74
CA TRP B 147 -19.16 26.23 3.93
C TRP B 147 -17.72 25.84 3.67
N CYS B 148 -17.47 24.97 2.69
CA CYS B 148 -16.13 24.43 2.46
C CYS B 148 -15.13 25.48 2.02
N ASN B 149 -15.59 26.64 1.57
CA ASN B 149 -14.73 27.79 1.29
C ASN B 149 -14.46 28.63 2.53
N GLU B 150 -14.88 28.18 3.71
CA GLU B 150 -14.58 28.89 4.95
C GLU B 150 -13.99 27.94 5.99
N ARG B 151 -14.40 26.67 5.95
CA ARG B 151 -13.68 25.67 6.72
C ARG B 151 -12.29 25.43 6.11
N PHE B 152 -12.24 25.39 4.78
CA PHE B 152 -11.00 25.55 4.03
C PHE B 152 -11.10 26.92 3.37
N PRO B 153 -10.55 28.00 4.00
CA PRO B 153 -10.80 29.36 3.51
C PRO B 153 -10.25 29.65 2.12
N ALA B 154 -11.13 29.89 1.15
CA ALA B 154 -10.75 30.00 -0.25
C ALA B 154 -11.48 31.17 -0.92
N PRO B 155 -10.81 32.32 -1.08
CA PRO B 155 -11.41 33.42 -1.84
C PRO B 155 -11.06 33.35 -3.32
N ASN B 156 -11.52 34.33 -4.09
CA ASN B 156 -11.41 34.32 -5.54
C ASN B 156 -10.03 34.78 -5.99
N ALA B 157 -9.92 35.04 -7.29
CA ALA B 157 -8.75 35.67 -7.90
C ALA B 157 -9.21 36.33 -9.19
N GLU B 158 -8.48 37.35 -9.62
CA GLU B 158 -8.70 37.98 -10.91
C GLU B 158 -7.38 38.17 -11.62
N LEU B 159 -7.47 38.44 -12.92
CA LEU B 159 -6.30 38.69 -13.75
C LEU B 159 -6.57 39.85 -14.67
N LEU B 160 -5.61 40.10 -15.56
CA LEU B 160 -5.83 40.90 -16.76
C LEU B 160 -4.86 40.35 -17.79
N MET B 161 -5.34 39.43 -18.63
CA MET B 161 -4.50 38.75 -19.58
C MET B 161 -4.24 39.55 -20.85
N LEU B 162 -4.78 40.77 -20.94
CA LEU B 162 -4.60 41.58 -22.14
C LEU B 162 -3.26 42.29 -22.13
N GLY B 163 -3.03 43.16 -21.15
CA GLY B 163 -1.82 43.96 -21.08
C GLY B 163 -0.73 43.29 -20.27
N GLY B 164 0.26 44.09 -19.91
CA GLY B 164 1.38 43.61 -19.12
C GLY B 164 2.44 42.94 -19.98
N SER B 165 3.62 42.76 -19.38
CA SER B 165 4.71 42.09 -20.04
C SER B 165 4.43 40.59 -20.13
N ASP B 166 5.20 39.92 -20.99
CA ASP B 166 4.98 38.49 -21.21
C ASP B 166 5.44 37.67 -20.02
N GLU B 167 6.42 38.15 -19.26
CA GLU B 167 6.85 37.48 -18.04
C GLU B 167 5.76 37.53 -16.98
N GLN B 168 4.96 38.60 -16.95
CA GLN B 168 3.80 38.63 -16.07
C GLN B 168 2.65 37.79 -16.61
N ARG B 169 2.61 37.57 -17.93
CA ARG B 169 1.58 36.72 -18.51
C ARG B 169 1.82 35.26 -18.15
N ARG B 170 3.03 34.77 -18.41
CA ARG B 170 3.35 33.39 -18.05
C ARG B 170 3.51 33.25 -16.54
N LYS B 171 3.88 34.33 -15.86
CA LYS B 171 4.01 34.32 -14.41
C LYS B 171 2.66 34.15 -13.73
N ASN B 172 1.70 35.05 -14.04
CA ASN B 172 0.36 34.93 -13.47
C ASN B 172 -0.39 33.73 -14.03
N GLN B 173 -0.03 33.28 -15.22
CA GLN B 173 -0.62 32.06 -15.75
C GLN B 173 -0.18 30.85 -14.94
N ARG B 174 1.11 30.78 -14.59
CA ARG B 174 1.55 29.67 -13.74
C ARG B 174 1.12 29.88 -12.30
N ARG B 175 0.77 31.11 -11.90
CA ARG B 175 0.09 31.27 -10.62
C ARG B 175 -1.32 30.70 -10.68
N LEU B 176 -1.96 30.84 -11.83
CA LEU B 176 -3.36 30.39 -11.98
C LEU B 176 -3.43 28.87 -12.03
N THR B 177 -2.54 28.23 -12.80
CA THR B 177 -2.61 26.79 -13.00
C THR B 177 -2.05 25.99 -11.85
N ARG B 178 -1.61 26.62 -10.78
CA ARG B 178 -1.22 25.90 -9.57
C ARG B 178 -2.27 25.98 -8.47
N ARG B 179 -3.42 26.56 -8.76
CA ARG B 179 -4.59 26.42 -7.91
C ARG B 179 -5.69 25.59 -8.57
N LEU B 180 -5.55 25.28 -9.84
CA LEU B 180 -6.34 24.27 -10.55
C LEU B 180 -5.56 22.98 -10.66
N LEU B 181 -4.76 22.67 -9.67
CA LEU B 181 -3.65 21.75 -9.86
C LEU B 181 -4.04 20.26 -9.85
N PRO B 182 -4.93 19.76 -8.99
CA PRO B 182 -5.40 18.37 -9.18
C PRO B 182 -6.59 18.19 -10.09
N GLY B 183 -7.01 19.21 -10.84
CA GLY B 183 -8.20 19.12 -11.66
C GLY B 183 -7.90 18.69 -13.09
N PHE B 184 -8.98 18.41 -13.82
CA PHE B 184 -8.93 17.86 -15.17
C PHE B 184 -9.81 18.71 -16.08
N ALA B 185 -9.20 19.40 -17.05
CA ALA B 185 -9.94 20.31 -17.91
C ALA B 185 -10.83 19.53 -18.90
N LEU B 186 -11.59 20.26 -19.71
CA LEU B 186 -12.50 19.63 -20.67
C LEU B 186 -12.66 20.48 -21.91
N VAL B 187 -12.54 19.86 -23.08
CA VAL B 187 -12.48 20.54 -24.38
C VAL B 187 -13.51 19.98 -25.35
N SER B 188 -13.45 20.41 -26.61
CA SER B 188 -14.24 19.82 -27.68
C SER B 188 -13.36 19.61 -28.90
N ARG B 189 -13.49 18.45 -29.54
CA ARG B 189 -12.56 17.95 -30.55
C ARG B 189 -13.29 17.46 -31.79
N GLU B 190 -14.13 18.33 -32.36
CA GLU B 190 -14.90 18.03 -33.57
C GLU B 190 -14.00 17.68 -34.75
N ALA B 191 -12.87 18.37 -34.88
CA ALA B 191 -11.94 18.09 -35.98
C ALA B 191 -11.30 16.72 -35.84
N LEU B 192 -11.14 16.24 -34.62
CA LEU B 192 -10.65 14.87 -34.40
C LEU B 192 -11.68 13.84 -34.84
N LEU B 193 -12.97 14.15 -34.69
CA LEU B 193 -14.02 13.30 -35.23
C LEU B 193 -14.04 13.29 -36.74
N GLN B 194 -13.77 14.44 -37.37
CA GLN B 194 -13.70 14.46 -38.83
C GLN B 194 -12.50 13.66 -39.33
N GLN B 195 -11.38 13.76 -38.61
CA GLN B 195 -10.17 13.01 -38.99
C GLN B 195 -10.38 11.52 -38.85
N HIS B 196 -10.98 11.08 -37.73
CA HIS B 196 -11.20 9.65 -37.58
C HIS B 196 -12.40 9.14 -38.37
N LEU B 197 -13.22 10.03 -38.94
CA LEU B 197 -14.13 9.57 -39.98
C LEU B 197 -13.43 9.42 -41.32
N GLU B 198 -12.40 10.23 -41.59
CA GLU B 198 -11.71 10.11 -42.86
C GLU B 198 -10.68 8.98 -42.88
N THR B 199 -10.31 8.42 -41.74
CA THR B 199 -9.40 7.29 -41.68
C THR B 199 -10.12 5.96 -41.53
N LEU B 200 -11.45 5.97 -41.55
CA LEU B 200 -12.23 4.75 -41.43
C LEU B 200 -13.30 4.67 -42.50
N ARG B 201 -13.10 5.37 -43.62
CA ARG B 201 -14.06 5.36 -44.72
C ARG B 201 -14.01 4.00 -45.41
N THR B 202 -15.06 3.21 -45.20
CA THR B 202 -15.16 1.85 -45.71
C THR B 202 -16.44 1.68 -46.50
N THR B 203 -16.65 2.61 -47.45
CA THR B 203 -17.91 2.82 -48.17
C THR B 203 -19.07 2.97 -47.18
N LEU B 204 -18.96 4.06 -46.40
CA LEU B 204 -19.74 4.21 -45.17
C LEU B 204 -21.22 4.38 -45.46
N PRO B 205 -22.08 3.49 -44.95
CA PRO B 205 -23.52 3.65 -45.14
C PRO B 205 -24.10 4.69 -44.20
N GLU B 206 -25.43 4.78 -44.15
CA GLU B 206 -26.07 5.65 -43.18
C GLU B 206 -25.85 5.13 -41.75
N ALA B 207 -26.12 6.01 -40.79
CA ALA B 207 -25.69 5.89 -39.40
C ALA B 207 -24.18 5.68 -39.32
N THR B 208 -23.46 6.72 -39.76
CA THR B 208 -22.00 6.78 -39.59
C THR B 208 -21.66 7.43 -38.25
N THR B 209 -22.19 6.82 -37.18
CA THR B 209 -21.87 7.21 -35.82
C THR B 209 -20.53 6.60 -35.45
N LEU B 210 -19.58 7.45 -35.07
CA LEU B 210 -18.23 7.00 -34.79
C LEU B 210 -18.01 6.72 -33.31
N ASP B 211 -18.75 7.41 -32.44
CA ASP B 211 -18.53 7.33 -31.00
C ASP B 211 -18.77 5.94 -30.45
N ALA B 212 -19.65 5.17 -31.08
CA ALA B 212 -19.86 3.78 -30.67
C ALA B 212 -18.66 2.90 -31.02
N LEU B 213 -17.81 3.34 -31.94
CA LEU B 213 -16.60 2.61 -32.31
C LEU B 213 -15.36 3.47 -32.15
N LEU B 214 -15.40 4.41 -31.21
CA LEU B 214 -14.22 5.22 -30.90
C LEU B 214 -13.84 5.13 -29.43
N ASP B 215 -14.79 5.27 -28.52
CA ASP B 215 -14.52 5.24 -27.08
C ASP B 215 -14.95 3.88 -26.54
N LEU B 216 -14.04 2.92 -26.60
CA LEU B 216 -14.29 1.53 -26.24
C LEU B 216 -12.95 0.78 -26.32
N CYS B 217 -12.91 -0.39 -25.70
CA CYS B 217 -11.71 -1.23 -25.75
C CYS B 217 -11.85 -2.20 -26.92
N ARG B 218 -10.89 -2.14 -27.85
CA ARG B 218 -10.94 -2.93 -29.07
C ARG B 218 -9.86 -3.99 -29.06
N ILE B 219 -10.27 -5.25 -28.93
CA ILE B 219 -9.34 -6.38 -28.95
C ILE B 219 -9.09 -6.74 -30.40
N ASN B 220 -7.87 -6.45 -30.88
CA ASN B 220 -7.53 -6.65 -32.28
C ASN B 220 -6.91 -8.02 -32.52
N PHE B 221 -7.03 -8.50 -33.75
CA PHE B 221 -6.78 -9.89 -34.07
C PHE B 221 -5.31 -10.24 -34.04
N GLU B 222 -5.00 -11.40 -33.47
CA GLU B 222 -3.65 -11.95 -33.53
C GLU B 222 -3.42 -12.55 -34.91
N PRO B 223 -2.47 -12.03 -35.70
CA PRO B 223 -2.23 -12.51 -37.07
C PRO B 223 -1.56 -13.88 -37.10
N TRP B 239 -3.86 -11.63 -29.42
CA TRP B 239 -4.87 -10.57 -29.34
C TRP B 239 -4.29 -9.35 -28.64
N GLN B 240 -4.37 -8.19 -29.30
CA GLN B 240 -3.82 -6.95 -28.76
C GLN B 240 -4.88 -5.87 -28.71
N VAL B 241 -4.74 -4.98 -27.74
CA VAL B 241 -5.69 -3.89 -27.53
C VAL B 241 -5.29 -2.74 -28.44
N ARG B 242 -6.26 -2.17 -29.15
CA ARG B 242 -6.00 -0.97 -29.92
C ARG B 242 -5.76 0.20 -28.98
N ASP B 243 -4.72 0.97 -29.27
CA ASP B 243 -4.33 2.05 -28.36
C ASP B 243 -5.28 3.23 -28.50
N LYS B 244 -5.62 3.84 -27.35
CA LYS B 244 -6.50 4.99 -27.32
C LYS B 244 -5.67 6.24 -27.09
N PRO B 245 -5.49 7.09 -28.10
CA PRO B 245 -4.61 8.27 -27.94
C PRO B 245 -5.24 9.42 -27.16
N GLY B 246 -5.32 9.24 -25.84
CA GLY B 246 -5.83 10.27 -24.96
C GLY B 246 -6.86 9.69 -24.01
N TRP B 247 -7.70 10.57 -23.47
CA TRP B 247 -8.80 10.18 -22.58
C TRP B 247 -10.06 10.85 -23.11
N LEU B 248 -10.72 10.20 -24.05
CA LEU B 248 -11.86 10.79 -24.76
C LEU B 248 -13.17 10.31 -24.16
N VAL B 249 -14.14 11.20 -24.11
CA VAL B 249 -15.51 10.87 -23.69
C VAL B 249 -16.46 11.40 -24.75
N PRO B 250 -17.66 10.81 -24.84
CA PRO B 250 -18.70 11.45 -25.65
C PRO B 250 -19.55 12.38 -24.81
N ILE B 251 -19.84 13.57 -25.33
CA ILE B 251 -20.66 14.55 -24.62
C ILE B 251 -21.74 15.04 -25.57
N PRO B 252 -22.81 15.62 -25.04
CA PRO B 252 -23.72 16.38 -25.91
C PRO B 252 -23.07 17.68 -26.34
N ALA B 253 -23.29 18.06 -27.60
CA ALA B 253 -22.64 19.24 -28.14
C ALA B 253 -23.60 20.35 -28.54
N GLY B 254 -24.89 20.05 -28.67
CA GLY B 254 -25.84 21.07 -29.04
C GLY B 254 -27.20 20.45 -29.35
N TYR B 255 -28.06 21.27 -29.94
CA TYR B 255 -29.43 20.92 -30.27
C TYR B 255 -29.65 21.07 -31.76
N ASN B 256 -30.62 20.31 -32.28
CA ASN B 256 -30.90 20.26 -33.70
C ASN B 256 -32.41 20.34 -33.88
N ALA B 257 -32.86 21.16 -34.81
CA ALA B 257 -34.28 21.47 -34.91
C ALA B 257 -35.07 20.31 -35.51
N LEU B 258 -36.33 20.23 -35.14
CA LEU B 258 -37.27 19.27 -35.70
C LEU B 258 -38.47 19.93 -36.36
N SER B 259 -39.04 20.94 -35.74
CA SER B 259 -40.13 21.73 -36.27
C SER B 259 -39.64 23.13 -36.60
N PRO B 260 -40.33 23.85 -37.49
CA PRO B 260 -40.00 25.26 -37.68
C PRO B 260 -40.37 26.08 -36.45
N LEU B 261 -39.79 27.27 -36.38
CA LEU B 261 -39.98 28.13 -35.23
C LEU B 261 -41.40 28.64 -35.16
N TYR B 262 -42.01 28.52 -33.99
CA TYR B 262 -43.41 28.88 -33.82
C TYR B 262 -43.54 30.34 -33.42
N LEU B 263 -44.78 30.76 -33.23
CA LEU B 263 -45.51 31.94 -32.84
C LEU B 263 -45.68 31.96 -31.31
N PRO B 264 -45.59 33.12 -30.68
CA PRO B 264 -45.79 33.19 -29.22
C PRO B 264 -47.17 32.76 -28.73
N GLY B 265 -48.21 32.81 -29.58
CA GLY B 265 -49.55 32.47 -29.13
C GLY B 265 -49.75 30.99 -28.85
N GLU B 266 -48.89 30.14 -29.43
CA GLU B 266 -48.86 28.72 -29.11
C GLU B 266 -48.11 28.43 -27.82
N VAL B 267 -47.37 29.41 -27.31
CA VAL B 267 -46.35 29.18 -26.28
C VAL B 267 -46.93 29.06 -24.87
N ARG B 268 -48.15 29.58 -24.63
CA ARG B 268 -48.76 29.62 -23.29
C ARG B 268 -48.97 28.23 -22.68
N ASN B 269 -49.00 27.18 -23.50
CA ASN B 269 -48.97 25.82 -22.98
C ASN B 269 -47.65 25.48 -22.28
N ALA B 270 -46.56 26.17 -22.64
CA ALA B 270 -45.25 25.75 -22.16
C ALA B 270 -44.66 26.58 -21.03
N ARG B 271 -44.28 27.83 -21.29
CA ARG B 271 -43.54 28.67 -20.35
C ARG B 271 -43.87 30.13 -20.63
N ASP B 272 -42.93 31.01 -20.30
CA ASP B 272 -42.88 32.42 -20.72
C ASP B 272 -43.36 32.58 -22.16
N ARG B 273 -44.42 33.39 -22.32
CA ARG B 273 -45.17 33.42 -23.57
C ARG B 273 -44.49 34.22 -24.67
N GLU B 274 -43.79 35.29 -24.33
CA GLU B 274 -43.27 36.21 -25.34
C GLU B 274 -42.06 35.67 -26.10
N THR B 275 -41.53 34.51 -25.71
CA THR B 275 -40.44 34.00 -26.54
C THR B 275 -40.94 32.85 -27.40
N PRO B 276 -40.46 32.73 -28.64
CA PRO B 276 -40.94 31.64 -29.51
C PRO B 276 -40.34 30.31 -29.10
N LEU B 277 -40.88 29.23 -29.67
CA LEU B 277 -40.38 27.91 -29.35
C LEU B 277 -40.41 27.01 -30.58
N ARG B 278 -39.70 25.89 -30.43
CA ARG B 278 -39.76 24.74 -31.34
C ARG B 278 -39.16 23.56 -30.60
N PHE B 279 -39.18 22.40 -31.26
CA PHE B 279 -38.83 21.14 -30.64
C PHE B 279 -37.49 20.67 -31.19
N VAL B 280 -36.66 20.06 -30.36
CA VAL B 280 -35.27 19.83 -30.69
C VAL B 280 -34.87 18.39 -30.37
N GLU B 281 -33.58 18.09 -30.59
CA GLU B 281 -32.95 16.82 -30.34
C GLU B 281 -31.46 17.09 -30.16
N ASN B 282 -30.80 16.35 -29.28
CA ASN B 282 -29.38 16.48 -29.02
C ASN B 282 -28.54 16.15 -30.26
N LEU B 283 -27.33 16.69 -30.28
CA LEU B 283 -26.26 16.25 -31.16
C LEU B 283 -25.09 15.82 -30.28
N PHE B 284 -24.26 14.90 -30.78
CA PHE B 284 -23.25 14.25 -29.97
C PHE B 284 -21.86 14.56 -30.50
N GLY B 285 -20.89 14.69 -29.59
CA GLY B 285 -19.51 14.96 -29.95
C GLY B 285 -18.50 14.38 -28.98
N LEU B 286 -17.23 14.73 -29.15
CA LEU B 286 -16.16 14.26 -28.26
C LEU B 286 -15.78 15.33 -27.25
N GLY B 287 -14.71 15.06 -26.52
CA GLY B 287 -14.13 15.95 -25.55
C GLY B 287 -13.12 15.19 -24.73
N GLU B 288 -11.97 15.78 -24.43
CA GLU B 288 -10.89 15.08 -23.75
C GLU B 288 -10.68 15.70 -22.38
N TRP B 289 -10.56 14.84 -21.37
CA TRP B 289 -10.22 15.29 -20.03
C TRP B 289 -8.71 15.48 -19.96
N LEU B 290 -8.28 16.73 -20.10
CA LEU B 290 -6.88 17.09 -20.12
C LEU B 290 -6.37 17.42 -18.72
N SER B 291 -5.22 18.05 -18.67
CA SER B 291 -4.65 18.75 -17.54
C SER B 291 -4.55 20.23 -17.88
N PRO B 292 -4.57 21.12 -16.87
CA PRO B 292 -4.44 22.55 -17.18
C PRO B 292 -3.06 22.99 -17.66
N HIS B 293 -2.04 22.12 -17.61
CA HIS B 293 -0.67 22.48 -17.97
C HIS B 293 -0.36 22.22 -19.43
N ARG B 294 -1.34 22.29 -20.32
CA ARG B 294 -1.10 22.10 -21.75
C ARG B 294 -1.64 23.22 -22.62
N VAL B 295 -2.58 24.02 -22.14
CA VAL B 295 -3.10 25.13 -22.93
C VAL B 295 -2.04 26.24 -22.97
N ALA B 296 -1.88 26.85 -24.16
CA ALA B 296 -0.94 27.94 -24.32
C ALA B 296 -1.32 29.13 -23.45
N ALA B 297 -2.50 29.69 -23.66
CA ALA B 297 -3.04 30.75 -22.81
C ALA B 297 -4.49 30.43 -22.51
N LEU B 298 -4.90 30.67 -21.27
CA LEU B 298 -6.21 30.26 -20.80
C LEU B 298 -7.34 31.20 -21.21
N SER B 299 -7.11 32.09 -22.18
CA SER B 299 -8.23 32.67 -22.91
C SER B 299 -8.93 31.61 -23.73
N ASP B 300 -8.19 30.60 -24.16
CA ASP B 300 -8.67 29.33 -24.66
C ASP B 300 -9.30 28.55 -23.50
N LEU B 301 -9.90 27.39 -23.82
CA LEU B 301 -10.53 26.48 -22.86
C LEU B 301 -11.70 27.17 -22.14
N LEU B 302 -12.65 27.67 -22.95
CA LEU B 302 -13.85 28.30 -22.45
C LEU B 302 -15.01 27.98 -23.38
N TRP B 303 -16.14 27.60 -22.81
CA TRP B 303 -17.30 27.18 -23.60
C TRP B 303 -18.17 28.38 -23.92
N TYR B 304 -18.55 28.51 -25.20
CA TYR B 304 -19.31 29.66 -25.67
C TYR B 304 -20.62 29.21 -26.29
N HIS B 305 -21.59 30.13 -26.33
CA HIS B 305 -22.83 29.93 -27.07
C HIS B 305 -22.71 30.55 -28.46
N HIS B 306 -23.11 29.81 -29.49
CA HIS B 306 -23.21 30.34 -30.84
C HIS B 306 -24.19 29.48 -31.62
N ALA B 307 -24.91 30.10 -32.56
CA ALA B 307 -26.06 29.44 -33.14
C ALA B 307 -26.27 29.88 -34.58
N GLU B 308 -27.06 29.07 -35.30
CA GLU B 308 -27.61 29.44 -36.60
C GLU B 308 -29.12 29.24 -36.53
N PRO B 309 -29.86 30.23 -36.04
CA PRO B 309 -31.31 30.04 -35.86
C PRO B 309 -32.11 30.10 -37.14
N ASP B 310 -31.50 30.45 -38.28
CA ASP B 310 -32.22 30.41 -39.54
C ASP B 310 -32.42 28.97 -39.99
N LYS B 311 -31.32 28.26 -40.23
CA LYS B 311 -31.39 26.85 -40.56
C LYS B 311 -31.76 25.99 -39.37
N GLY B 312 -31.47 26.47 -38.15
CA GLY B 312 -31.94 25.79 -36.97
C GLY B 312 -30.94 24.88 -36.28
N LEU B 313 -29.71 25.37 -36.09
CA LEU B 313 -28.64 24.55 -35.54
C LEU B 313 -28.06 25.24 -34.32
N TYR B 314 -28.11 24.56 -33.17
CA TYR B 314 -27.63 25.11 -31.91
C TYR B 314 -26.46 24.28 -31.41
N ARG B 315 -25.47 24.94 -30.81
CA ARG B 315 -24.24 24.25 -30.47
C ARG B 315 -23.48 25.08 -29.45
N TRP B 316 -22.70 24.41 -28.59
CA TRP B 316 -21.70 25.08 -27.79
C TRP B 316 -20.37 24.38 -27.96
N SER B 317 -19.28 25.14 -27.87
CA SER B 317 -17.96 24.59 -28.12
C SER B 317 -16.91 25.46 -27.45
N THR B 318 -15.66 25.02 -27.57
CA THR B 318 -14.48 25.80 -27.21
C THR B 318 -13.70 26.06 -28.50
N PRO B 319 -14.00 27.14 -29.21
CA PRO B 319 -13.35 27.36 -30.51
C PRO B 319 -11.91 27.81 -30.34
N ARG B 320 -11.13 27.59 -31.41
CA ARG B 320 -9.71 27.91 -31.49
C ARG B 320 -8.90 27.22 -30.40
N PHE B 321 -9.23 25.96 -30.09
CA PHE B 321 -8.42 25.26 -29.11
C PHE B 321 -7.15 24.69 -29.74
N VAL B 322 -7.32 23.71 -30.63
CA VAL B 322 -6.26 22.88 -31.23
C VAL B 322 -5.27 22.32 -30.21
N LEU C 5 42.87 19.82 -29.35
CA LEU C 5 43.47 19.64 -28.02
C LEU C 5 42.54 20.21 -26.95
N SER C 6 41.58 19.39 -26.53
CA SER C 6 40.64 19.79 -25.50
C SER C 6 41.21 19.50 -24.12
N THR C 7 40.58 20.10 -23.10
CA THR C 7 40.99 19.87 -21.73
C THR C 7 40.60 18.47 -21.28
N ALA C 8 41.38 17.92 -20.36
CA ALA C 8 41.04 16.65 -19.75
C ALA C 8 39.85 16.84 -18.81
N SER C 9 38.97 15.85 -18.77
CA SER C 9 37.80 15.94 -17.92
C SER C 9 38.13 15.67 -16.46
N VAL C 10 39.27 15.06 -16.17
CA VAL C 10 39.71 14.76 -14.81
C VAL C 10 41.13 15.28 -14.66
N LEU C 11 41.36 16.16 -13.69
CA LEU C 11 42.73 16.63 -13.41
C LEU C 11 43.22 16.24 -12.02
N ALA C 12 42.53 16.66 -10.96
CA ALA C 12 42.69 16.16 -9.59
C ALA C 12 44.12 16.29 -9.07
N PHE C 13 44.54 17.54 -8.89
CA PHE C 13 45.85 17.79 -8.29
C PHE C 13 45.84 17.50 -6.79
N GLU C 14 47.03 17.53 -6.21
CA GLU C 14 47.27 17.12 -4.83
C GLU C 14 48.13 18.17 -4.14
N ARG C 15 47.81 18.48 -2.89
CA ARG C 15 48.45 19.61 -2.23
C ARG C 15 49.88 19.29 -1.83
N LYS C 16 50.69 20.34 -1.71
CA LYS C 16 52.11 20.19 -1.47
C LYS C 16 52.61 20.85 -0.21
N LEU C 17 51.79 21.65 0.46
CA LEU C 17 52.11 22.18 1.79
C LEU C 17 51.18 21.50 2.78
N ASP C 18 51.74 20.71 3.69
CA ASP C 18 50.95 19.84 4.54
C ASP C 18 51.15 20.23 6.00
N PRO C 19 50.21 20.97 6.61
CA PRO C 19 50.29 21.27 8.03
C PRO C 19 49.66 20.19 8.90
N SER C 20 49.56 20.43 10.20
CA SER C 20 48.90 19.54 11.13
C SER C 20 48.10 20.37 12.11
N ASP C 21 47.65 19.75 13.20
CA ASP C 21 46.83 20.44 14.18
C ASP C 21 47.69 21.30 15.10
N ALA C 22 47.05 22.16 15.88
CA ALA C 22 47.77 23.26 16.50
C ALA C 22 48.20 23.02 17.95
N LEU C 23 47.37 22.34 18.75
CA LEU C 23 47.73 21.85 20.09
C LEU C 23 48.12 22.98 21.04
N MET C 24 47.12 23.79 21.40
CA MET C 24 47.32 24.90 22.33
C MET C 24 47.77 24.41 23.70
N SER C 25 48.69 25.15 24.30
CA SER C 25 49.12 24.90 25.67
C SER C 25 49.55 26.21 26.29
N ALA C 26 49.47 26.28 27.61
CA ALA C 26 49.61 27.53 28.33
C ALA C 26 50.94 27.59 29.08
N GLY C 27 51.12 28.64 29.85
CA GLY C 27 52.30 28.80 30.68
C GLY C 27 52.63 30.27 30.86
N ALA C 28 53.76 30.51 31.53
CA ALA C 28 54.18 31.85 31.89
C ALA C 28 55.39 32.29 31.08
N TRP C 29 55.35 33.54 30.63
CA TRP C 29 56.46 34.16 29.91
C TRP C 29 57.67 34.26 30.83
N ALA C 30 58.86 34.32 30.21
CA ALA C 30 60.22 34.20 30.75
C ALA C 30 60.54 32.80 31.26
N GLN C 31 59.58 31.89 31.27
CA GLN C 31 59.83 30.45 31.19
C GLN C 31 59.71 29.98 29.75
N ARG C 32 60.04 30.87 28.82
CA ARG C 32 59.74 30.69 27.41
C ARG C 32 60.65 29.65 26.79
N ASP C 33 61.96 29.78 27.00
CA ASP C 33 62.86 28.66 26.81
C ASP C 33 62.53 27.59 27.84
N ALA C 34 62.80 26.32 27.47
CA ALA C 34 62.28 25.14 28.17
C ALA C 34 60.76 25.24 28.32
N SER C 35 60.12 25.08 27.15
CA SER C 35 58.84 25.65 26.73
C SER C 35 57.72 25.66 27.76
N GLN C 36 56.80 26.64 27.61
CA GLN C 36 56.12 27.42 28.65
C GLN C 36 55.77 26.62 29.89
N GLU C 37 54.87 25.68 29.69
CA GLU C 37 54.51 24.68 30.67
C GLU C 37 54.07 23.46 29.88
N TRP C 38 53.90 22.35 30.57
CA TRP C 38 53.28 21.25 29.87
C TRP C 38 51.98 20.73 30.49
N PRO C 39 51.03 21.59 30.92
CA PRO C 39 49.63 21.23 30.70
C PRO C 39 49.09 21.99 29.51
N ALA C 40 47.98 21.52 28.95
CA ALA C 40 47.37 22.16 27.80
C ALA C 40 46.10 22.88 28.23
N VAL C 41 45.65 23.78 27.37
CA VAL C 41 44.40 24.49 27.61
C VAL C 41 43.25 23.52 27.36
N THR C 42 42.42 23.30 28.38
CA THR C 42 41.31 22.37 28.29
C THR C 42 40.03 23.12 27.98
N VAL C 43 39.22 22.55 27.10
CA VAL C 43 37.92 23.10 26.75
C VAL C 43 36.93 22.66 27.82
N ARG C 44 36.26 23.62 28.45
CA ARG C 44 35.30 23.30 29.48
C ARG C 44 33.99 24.00 29.17
N GLU C 45 32.98 23.71 29.99
CA GLU C 45 31.60 24.09 29.70
C GLU C 45 31.09 25.04 30.77
N LYS C 46 30.28 26.02 30.37
CA LYS C 46 29.59 26.86 31.33
C LYS C 46 28.27 27.32 30.75
N SER C 47 27.37 27.73 31.64
CA SER C 47 26.05 28.21 31.24
C SER C 47 26.08 29.71 31.01
N GLN C 76 21.59 29.14 27.42
CA GLN C 76 22.64 28.46 26.67
C GLN C 76 23.56 27.71 27.61
N THR C 77 24.26 26.71 27.06
CA THR C 77 25.40 26.06 27.72
C THR C 77 26.53 26.02 26.70
N VAL C 78 27.40 27.00 26.73
CA VAL C 78 28.45 27.13 25.75
C VAL C 78 29.73 26.51 26.28
N ASP C 79 30.70 26.29 25.40
CA ASP C 79 32.02 25.82 25.75
C ASP C 79 33.02 26.95 25.60
N VAL C 80 33.81 27.19 26.64
CA VAL C 80 34.88 28.18 26.59
C VAL C 80 36.20 27.50 26.92
N ALA C 81 37.27 28.19 26.56
CA ALA C 81 38.63 27.77 26.86
C ALA C 81 39.38 28.99 27.35
N ASN C 82 39.71 29.02 28.64
CA ASN C 82 40.46 30.10 29.24
C ASN C 82 41.86 29.64 29.58
N LEU C 83 42.80 30.59 29.61
CA LEU C 83 44.09 30.33 30.21
C LEU C 83 43.91 30.13 31.72
N PRO C 84 44.81 29.39 32.37
CA PRO C 84 44.75 29.28 33.83
C PRO C 84 45.10 30.59 34.50
N SER C 85 44.80 30.66 35.80
CA SER C 85 44.81 31.92 36.53
C SER C 85 46.21 32.47 36.79
N ASP C 86 47.24 31.65 36.62
CA ASP C 86 48.62 32.07 36.86
C ASP C 86 49.49 31.82 35.64
N ALA C 87 48.97 32.17 34.46
CA ALA C 87 49.72 32.00 33.22
C ALA C 87 49.24 33.07 32.23
N ASP C 88 50.18 33.62 31.47
CA ASP C 88 49.82 34.70 30.56
C ASP C 88 50.44 34.54 29.18
N THR C 89 50.68 33.31 28.74
CA THR C 89 51.30 33.09 27.44
C THR C 89 50.69 31.88 26.78
N LEU C 90 50.26 32.04 25.54
CA LEU C 90 49.74 30.96 24.73
C LEU C 90 50.83 30.40 23.85
N LYS C 91 50.89 29.07 23.75
CA LYS C 91 51.84 28.35 22.92
C LYS C 91 51.08 27.54 21.90
N VAL C 92 51.45 27.67 20.63
CA VAL C 92 50.82 26.91 19.54
C VAL C 92 51.91 26.24 18.73
N ARG C 93 51.89 24.91 18.68
CA ARG C 93 52.95 24.14 18.05
C ARG C 93 52.39 23.22 16.98
N PHE C 94 52.83 23.41 15.75
CA PHE C 94 52.43 22.50 14.68
C PHE C 94 53.64 22.19 13.82
N THR C 95 53.50 21.20 12.94
CA THR C 95 54.55 20.82 12.01
C THR C 95 54.10 21.12 10.59
N LEU C 96 55.05 21.00 9.66
CA LEU C 96 54.76 21.36 8.27
C LEU C 96 55.69 20.59 7.35
N ARG C 97 55.11 19.80 6.44
CA ARG C 97 55.89 19.19 5.38
C ARG C 97 55.79 20.00 4.10
N VAL C 98 56.91 20.12 3.41
CA VAL C 98 56.95 20.76 2.10
C VAL C 98 57.30 19.67 1.09
N LEU C 99 56.40 19.42 0.15
CA LEU C 99 56.54 18.31 -0.78
C LEU C 99 56.88 18.82 -2.17
N GLY C 100 57.75 18.10 -2.86
CA GLY C 100 58.19 18.51 -4.18
C GLY C 100 57.33 17.94 -5.29
N GLY C 101 57.65 18.35 -6.51
CA GLY C 101 56.93 17.89 -7.68
C GLY C 101 55.54 18.49 -7.76
N ALA C 102 55.47 19.82 -7.88
CA ALA C 102 54.21 20.56 -7.75
C ALA C 102 53.57 20.88 -9.09
N GLY C 103 53.77 20.04 -10.09
CA GLY C 103 53.14 20.28 -11.38
C GLY C 103 52.60 19.01 -12.01
N THR C 104 52.79 17.88 -11.33
CA THR C 104 52.38 16.59 -11.84
C THR C 104 51.00 16.25 -11.30
N PRO C 105 50.02 15.97 -12.16
CA PRO C 105 48.69 15.59 -11.66
C PRO C 105 48.71 14.20 -11.05
N SER C 106 47.58 13.84 -10.45
CA SER C 106 47.40 12.50 -9.92
C SER C 106 46.41 11.67 -10.71
N ALA C 107 45.56 12.28 -11.53
CA ALA C 107 44.58 11.54 -12.32
C ALA C 107 44.23 12.38 -13.55
N CYS C 108 44.81 12.04 -14.69
CA CYS C 108 44.54 12.77 -15.92
C CYS C 108 44.13 11.81 -17.01
N ASN C 109 43.12 12.20 -17.79
CA ASN C 109 42.65 11.37 -18.90
C ASN C 109 43.62 11.42 -20.08
N ASP C 110 43.81 12.60 -20.64
CA ASP C 110 44.62 12.76 -21.84
C ASP C 110 46.10 12.61 -21.50
N ALA C 111 46.86 12.10 -22.47
CA ALA C 111 48.31 12.05 -22.35
C ALA C 111 48.99 13.24 -22.99
N ALA C 112 48.37 13.82 -24.03
CA ALA C 112 48.96 14.99 -24.66
C ALA C 112 48.76 16.24 -23.81
N TYR C 113 47.60 16.35 -23.17
CA TYR C 113 47.33 17.50 -22.30
C TYR C 113 48.24 17.48 -21.07
N ARG C 114 48.55 16.27 -20.57
CA ARG C 114 49.44 16.14 -19.44
C ARG C 114 50.88 16.54 -19.82
N ASP C 115 51.33 16.14 -21.01
CA ASP C 115 52.68 16.47 -21.43
C ASP C 115 52.81 17.96 -21.75
N LYS C 116 51.76 18.55 -22.33
CA LYS C 116 51.76 20.00 -22.55
C LYS C 116 51.76 20.76 -21.23
N LEU C 117 51.05 20.24 -20.24
CA LEU C 117 51.04 20.85 -18.91
C LEU C 117 52.41 20.78 -18.25
N LEU C 118 53.08 19.63 -18.36
CA LEU C 118 54.42 19.51 -17.76
C LEU C 118 55.45 20.35 -18.50
N GLN C 119 55.28 20.54 -19.81
CA GLN C 119 56.15 21.49 -20.51
C GLN C 119 55.90 22.92 -20.08
N THR C 120 54.65 23.25 -19.76
CA THR C 120 54.34 24.60 -19.29
C THR C 120 54.95 24.86 -17.92
N VAL C 121 54.79 23.92 -16.98
CA VAL C 121 55.32 24.12 -15.64
C VAL C 121 56.85 24.07 -15.64
N ALA C 122 57.44 23.20 -16.45
CA ALA C 122 58.89 23.16 -16.58
C ALA C 122 59.42 24.45 -17.20
N THR C 123 58.67 25.03 -18.14
CA THR C 123 59.02 26.33 -18.71
C THR C 123 58.95 27.41 -17.64
N TYR C 124 57.96 27.34 -16.76
CA TYR C 124 57.84 28.31 -15.67
C TYR C 124 59.04 28.23 -14.72
N VAL C 125 59.34 27.04 -14.21
CA VAL C 125 60.43 26.92 -13.26
C VAL C 125 61.80 27.07 -13.89
N ASN C 126 61.91 26.99 -15.22
CA ASN C 126 63.17 27.35 -15.86
C ASN C 126 63.30 28.84 -16.11
N ASP C 127 62.20 29.53 -16.38
CA ASP C 127 62.27 30.98 -16.54
C ASP C 127 62.54 31.67 -15.22
N GLN C 128 61.92 31.19 -14.14
CA GLN C 128 62.09 31.79 -12.83
C GLN C 128 61.76 30.74 -11.78
N GLY C 129 62.49 30.79 -10.67
CA GLY C 129 62.36 29.77 -9.66
C GLY C 129 61.12 29.92 -8.80
N PHE C 130 61.14 29.22 -7.68
CA PHE C 130 60.09 29.32 -6.66
C PHE C 130 60.43 30.35 -5.59
N ALA C 131 61.18 31.39 -5.95
CA ALA C 131 61.65 32.34 -4.94
C ALA C 131 60.55 33.27 -4.45
N GLU C 132 59.63 33.66 -5.34
CA GLU C 132 58.56 34.58 -4.96
C GLU C 132 57.58 33.92 -4.01
N LEU C 133 57.10 32.72 -4.39
CA LEU C 133 56.08 32.05 -3.59
C LEU C 133 56.64 31.58 -2.26
N ALA C 134 57.90 31.11 -2.24
CA ALA C 134 58.50 30.73 -0.98
C ALA C 134 58.84 31.95 -0.13
N ARG C 135 59.07 33.10 -0.78
CA ARG C 135 59.28 34.33 -0.03
C ARG C 135 58.01 34.77 0.67
N ARG C 136 56.86 34.65 0.01
CA ARG C 136 55.62 35.05 0.65
C ARG C 136 55.13 34.02 1.67
N TYR C 137 55.35 32.73 1.40
CA TYR C 137 55.05 31.71 2.42
C TYR C 137 55.95 31.89 3.64
N ALA C 138 57.21 32.30 3.43
CA ALA C 138 58.07 32.61 4.55
C ALA C 138 57.62 33.86 5.29
N HIS C 139 56.95 34.79 4.59
CA HIS C 139 56.37 35.91 5.31
C HIS C 139 55.15 35.51 6.11
N ASN C 140 54.38 34.52 5.65
CA ASN C 140 53.25 34.11 6.47
C ASN C 140 53.65 33.19 7.63
N LEU C 141 54.79 32.49 7.51
CA LEU C 141 55.34 31.85 8.69
C LEU C 141 56.12 32.81 9.57
N ALA C 142 56.51 33.96 9.03
CA ALA C 142 57.34 34.91 9.78
C ALA C 142 56.53 35.58 10.88
N ASN C 143 55.42 36.21 10.51
CA ASN C 143 54.50 36.73 11.50
C ASN C 143 53.59 35.59 11.99
N ALA C 144 52.53 35.92 12.69
CA ALA C 144 51.72 34.89 13.30
C ALA C 144 50.30 34.93 12.77
N ARG C 145 50.16 34.97 11.44
CA ARG C 145 48.84 35.01 10.81
C ARG C 145 48.03 33.76 11.12
N PHE C 146 48.70 32.62 11.37
CA PHE C 146 48.01 31.41 11.77
C PHE C 146 47.44 31.47 13.18
N LEU C 147 47.79 32.47 13.98
CA LEU C 147 47.03 32.83 15.17
C LEU C 147 45.97 33.80 14.71
N TRP C 148 44.75 33.30 14.49
CA TRP C 148 43.72 34.10 13.84
C TRP C 148 43.20 35.25 14.70
N ARG C 149 42.55 34.93 15.81
CA ARG C 149 42.04 35.97 16.69
C ARG C 149 42.89 36.10 17.95
N ASN C 150 43.72 35.09 18.23
CA ASN C 150 44.65 35.15 19.34
C ASN C 150 45.73 36.20 19.16
N ARG C 151 46.03 36.58 17.92
CA ARG C 151 47.04 37.59 17.66
C ARG C 151 46.54 38.99 17.97
N VAL C 152 45.23 39.18 17.91
CA VAL C 152 44.63 40.51 18.05
C VAL C 152 44.74 40.98 19.49
N GLY C 153 45.49 42.06 19.70
CA GLY C 153 45.65 42.61 21.04
C GLY C 153 46.57 41.79 21.92
N ALA C 154 47.84 41.73 21.56
CA ALA C 154 48.84 41.02 22.35
C ALA C 154 50.04 41.92 22.58
N GLU C 155 50.74 41.68 23.68
CA GLU C 155 51.89 42.50 24.02
C GLU C 155 53.09 42.16 23.13
N ALA C 156 53.42 40.88 23.04
CA ALA C 156 54.57 40.45 22.25
C ALA C 156 54.32 39.04 21.75
N VAL C 157 54.57 38.82 20.46
CA VAL C 157 54.39 37.52 19.81
C VAL C 157 55.73 37.09 19.26
N GLU C 158 56.17 35.89 19.61
CA GLU C 158 57.45 35.38 19.14
C GLU C 158 57.25 34.04 18.45
N VAL C 159 57.84 33.89 17.27
CA VAL C 159 57.72 32.70 16.45
C VAL C 159 59.08 32.03 16.34
N ARG C 160 59.14 30.73 16.62
CA ARG C 160 60.37 29.95 16.52
C ARG C 160 60.15 28.82 15.52
N ILE C 161 61.05 28.72 14.54
CA ILE C 161 60.93 27.78 13.44
C ILE C 161 62.17 26.90 13.43
N ASN C 162 61.99 25.60 13.35
CA ASN C 162 63.11 24.67 13.33
C ASN C 162 63.06 23.83 12.07
N HIS C 163 64.20 23.64 11.43
CA HIS C 163 64.33 22.69 10.34
C HIS C 163 64.83 21.37 10.88
N ILE C 164 64.13 20.29 10.55
CA ILE C 164 64.43 18.97 11.10
C ILE C 164 64.80 18.06 9.94
N ARG C 165 66.04 17.61 9.92
CA ARG C 165 66.57 16.81 8.81
C ARG C 165 66.82 15.37 9.21
N GLN C 166 67.64 15.14 10.23
CA GLN C 166 67.72 13.86 10.92
C GLN C 166 66.70 13.89 12.05
N GLY C 167 66.84 13.00 13.03
CA GLY C 167 66.03 13.12 14.24
C GLY C 167 66.28 14.40 15.04
N GLU C 168 67.42 15.05 14.84
CA GLU C 168 67.80 16.26 15.55
C GLU C 168 67.44 17.51 14.76
N VAL C 169 67.92 18.65 15.22
CA VAL C 169 67.60 19.95 14.64
C VAL C 169 68.76 20.40 13.77
N ALA C 170 68.45 20.83 12.54
CA ALA C 170 69.49 21.28 11.63
C ALA C 170 69.77 22.78 11.76
N ARG C 171 68.72 23.60 11.78
CA ARG C 171 68.89 25.06 11.81
C ARG C 171 67.64 25.68 12.41
N ALA C 172 67.84 26.67 13.28
CA ALA C 172 66.77 27.28 14.05
C ALA C 172 66.69 28.78 13.76
N TRP C 173 65.45 29.27 13.61
CA TRP C 173 65.16 30.68 13.43
C TRP C 173 64.26 31.16 14.57
N ARG C 174 64.49 32.40 15.00
CA ARG C 174 63.68 33.03 16.05
C ARG C 174 63.30 34.42 15.57
N PHE C 175 62.01 34.63 15.33
CA PHE C 175 61.50 35.85 14.75
C PHE C 175 60.77 36.69 15.78
N ASP C 176 60.24 37.81 15.32
CA ASP C 176 59.40 38.70 16.13
C ASP C 176 58.24 39.12 15.26
N ALA C 177 57.04 38.68 15.62
CA ALA C 177 55.91 38.77 14.69
C ALA C 177 55.31 40.17 14.62
N LEU C 178 55.41 40.97 15.67
CA LEU C 178 54.79 42.28 15.64
C LEU C 178 55.63 43.29 14.88
N ALA C 179 56.95 43.11 14.84
CA ALA C 179 57.79 43.99 14.05
C ALA C 179 57.60 43.73 12.56
N ILE C 180 57.46 42.47 12.18
CA ILE C 180 57.17 42.13 10.80
C ILE C 180 55.73 42.50 10.49
N GLY C 181 55.52 43.28 9.43
CA GLY C 181 54.19 43.73 9.11
C GLY C 181 53.29 42.62 8.60
N LEU C 182 51.99 42.91 8.59
CA LEU C 182 51.01 41.96 8.11
C LEU C 182 50.54 42.24 6.70
N ARG C 183 50.73 43.47 6.20
CA ARG C 183 50.35 43.82 4.85
C ARG C 183 51.52 44.11 3.93
N ASP C 184 52.73 44.16 4.46
CA ASP C 184 53.91 44.49 3.67
C ASP C 184 54.81 43.28 3.53
N PHE C 185 55.48 43.19 2.39
CA PHE C 185 56.40 42.10 2.09
C PHE C 185 57.79 42.70 1.91
N LYS C 186 58.50 42.85 3.03
CA LYS C 186 59.82 43.46 3.06
C LYS C 186 60.88 42.38 3.19
N ALA C 187 62.00 42.57 2.48
CA ALA C 187 63.06 41.59 2.46
C ALA C 187 63.84 41.58 3.78
N ASP C 188 64.51 40.46 4.02
CA ASP C 188 65.36 40.28 5.19
C ASP C 188 66.28 39.11 4.87
N ALA C 189 67.40 39.04 5.60
CA ALA C 189 68.35 37.95 5.37
C ALA C 189 67.79 36.62 5.84
N GLU C 190 67.13 36.60 7.00
CA GLU C 190 66.60 35.36 7.54
C GLU C 190 65.41 34.87 6.73
N LEU C 191 64.58 35.81 6.25
CA LEU C 191 63.51 35.43 5.35
C LEU C 191 64.02 34.99 3.99
N ASP C 192 65.22 35.42 3.59
CA ASP C 192 65.83 34.84 2.41
C ASP C 192 66.37 33.44 2.70
N ALA C 193 66.74 33.17 3.96
CA ALA C 193 67.12 31.80 4.30
C ALA C 193 65.93 30.86 4.26
N LEU C 194 64.78 31.29 4.80
CA LEU C 194 63.59 30.46 4.68
C LEU C 194 63.08 30.39 3.25
N ALA C 195 63.30 31.43 2.46
CA ALA C 195 62.90 31.38 1.05
C ALA C 195 63.75 30.40 0.28
N GLU C 196 65.05 30.32 0.59
CA GLU C 196 65.88 29.32 -0.04
C GLU C 196 65.55 27.91 0.44
N LEU C 197 65.13 27.77 1.70
CA LEU C 197 64.78 26.45 2.21
C LEU C 197 63.48 25.93 1.63
N ILE C 198 62.42 26.75 1.69
CA ILE C 198 61.12 26.34 1.16
C ILE C 198 61.16 26.24 -0.36
N ALA C 199 61.88 27.16 -1.01
CA ALA C 199 62.04 27.07 -2.46
C ALA C 199 62.87 25.86 -2.86
N SER C 200 63.81 25.45 -2.01
CA SER C 200 64.52 24.20 -2.25
C SER C 200 63.64 22.99 -1.96
N GLY C 201 62.59 23.16 -1.18
CA GLY C 201 61.70 22.06 -0.89
C GLY C 201 60.66 21.81 -1.95
N LEU C 202 60.06 22.90 -2.46
CA LEU C 202 59.03 22.77 -3.48
C LEU C 202 59.58 22.34 -4.83
N SER C 203 60.87 22.57 -5.10
CA SER C 203 61.45 22.16 -6.36
C SER C 203 61.83 20.68 -6.38
N GLY C 204 61.69 19.97 -5.27
CA GLY C 204 62.03 18.57 -5.22
C GLY C 204 63.49 18.28 -5.00
N SER C 205 64.26 19.28 -4.57
CA SER C 205 65.69 19.12 -4.36
C SER C 205 66.04 18.60 -2.98
N GLY C 206 65.05 18.25 -2.17
CA GLY C 206 65.32 17.75 -0.84
C GLY C 206 64.03 17.53 -0.08
N HIS C 207 64.19 17.14 1.17
CA HIS C 207 63.07 16.90 2.08
C HIS C 207 63.05 17.98 3.14
N VAL C 208 61.89 18.63 3.32
CA VAL C 208 61.77 19.76 4.22
C VAL C 208 60.65 19.48 5.22
N LEU C 209 61.03 19.33 6.49
CA LEU C 209 60.10 19.22 7.61
C LEU C 209 60.41 20.32 8.61
N LEU C 210 59.42 21.15 8.90
CA LEU C 210 59.57 22.30 9.77
C LEU C 210 58.71 22.14 11.01
N GLU C 211 59.22 22.62 12.14
CA GLU C 211 58.47 22.68 13.39
C GLU C 211 58.26 24.14 13.75
N VAL C 212 57.01 24.55 13.89
CA VAL C 212 56.65 25.94 14.13
C VAL C 212 56.03 26.05 15.50
N VAL C 213 56.56 26.95 16.33
CA VAL C 213 56.08 27.19 17.68
C VAL C 213 55.83 28.68 17.85
N ALA C 214 54.65 29.05 18.30
CA ALA C 214 54.28 30.45 18.47
C ALA C 214 53.92 30.77 19.91
N PHE C 215 54.30 31.96 20.34
CA PHE C 215 54.21 32.43 21.71
C PHE C 215 53.51 33.77 21.75
N ALA C 216 52.52 33.92 22.63
CA ALA C 216 51.78 35.18 22.69
C ALA C 216 51.47 35.55 24.13
N ARG C 217 51.71 36.83 24.48
CA ARG C 217 51.25 37.38 25.75
C ARG C 217 49.87 38.00 25.53
N ILE C 218 48.82 37.32 25.99
CA ILE C 218 47.47 37.84 25.84
C ILE C 218 46.84 38.19 27.16
N GLY C 219 47.56 38.05 28.27
CA GLY C 219 47.00 38.41 29.56
C GLY C 219 46.81 37.22 30.46
N ASP C 220 46.57 37.48 31.75
CA ASP C 220 46.61 36.43 32.77
C ASP C 220 45.22 35.81 32.93
N GLY C 221 44.95 34.80 32.11
CA GLY C 221 43.77 33.98 32.31
C GLY C 221 42.53 34.41 31.54
N GLN C 222 42.63 34.60 30.22
CA GLN C 222 41.47 35.11 29.49
C GLN C 222 41.42 34.59 28.04
N GLU C 223 40.68 33.51 27.86
CA GLU C 223 39.87 33.21 26.67
C GLU C 223 40.68 33.16 25.38
N VAL C 224 41.46 32.09 25.26
CA VAL C 224 42.05 31.69 23.99
C VAL C 224 40.95 31.22 23.05
N PHE C 225 41.29 31.06 21.77
CA PHE C 225 40.29 30.91 20.71
C PHE C 225 40.61 29.72 19.81
N PRO C 226 40.14 28.53 20.18
CA PRO C 226 40.26 27.39 19.25
C PRO C 226 39.17 27.44 18.19
N SER C 227 39.10 26.42 17.37
CA SER C 227 38.16 26.37 16.27
C SER C 227 36.91 25.60 16.66
N GLN C 228 35.77 26.00 16.10
CA GLN C 228 34.49 25.45 16.49
C GLN C 228 34.15 24.22 15.66
N GLU C 229 33.02 23.59 15.99
CA GLU C 229 32.56 22.36 15.37
C GLU C 229 31.14 22.53 14.87
N LEU C 230 30.70 21.57 14.07
CA LEU C 230 29.35 21.59 13.51
C LEU C 230 28.42 20.77 14.38
N LYS C 243 27.40 25.70 21.09
CA LYS C 243 28.79 26.06 20.82
C LYS C 243 29.70 25.01 21.44
N THR C 244 30.30 24.19 20.59
CA THR C 244 31.32 23.26 21.02
C THR C 244 32.62 23.52 20.27
N LEU C 245 33.73 23.13 20.86
CA LEU C 245 35.04 23.48 20.35
C LEU C 245 35.82 22.23 19.99
N TYR C 246 36.63 22.35 18.96
CA TYR C 246 37.46 21.22 18.51
C TYR C 246 38.53 20.89 19.53
N SER C 247 38.76 19.60 19.72
CA SER C 247 39.77 19.16 20.66
C SER C 247 40.42 17.89 20.14
N VAL C 248 41.45 17.48 20.85
CA VAL C 248 42.19 16.25 20.66
C VAL C 248 42.12 15.60 22.02
N ARG C 249 43.00 14.65 22.32
CA ARG C 249 42.92 13.94 23.60
C ARG C 249 43.20 14.90 24.75
N ASP C 250 42.12 15.59 25.17
CA ASP C 250 42.10 16.53 26.30
C ASP C 250 43.05 17.71 26.10
N ALA C 251 42.88 18.42 24.99
CA ALA C 251 43.63 19.63 24.69
C ALA C 251 42.88 20.40 23.62
N ALA C 252 42.84 21.72 23.77
CA ALA C 252 42.24 22.56 22.74
C ALA C 252 43.19 22.70 21.56
N ALA C 253 42.64 22.62 20.36
CA ALA C 253 43.44 22.77 19.15
C ALA C 253 42.57 23.40 18.08
N ILE C 254 43.22 23.85 17.01
CA ILE C 254 42.48 24.35 15.85
C ILE C 254 42.74 23.38 14.71
N HIS C 255 41.88 23.45 13.70
CA HIS C 255 41.94 22.55 12.57
C HIS C 255 43.18 22.81 11.74
N SER C 256 43.46 21.91 10.80
CA SER C 256 44.56 22.12 9.88
C SER C 256 44.14 22.95 8.67
N GLN C 257 42.84 23.08 8.41
CA GLN C 257 42.41 23.93 7.31
C GLN C 257 42.61 25.40 7.62
N LYS C 258 42.56 25.78 8.89
CA LYS C 258 42.74 27.19 9.22
C LYS C 258 44.21 27.59 9.11
N ILE C 259 45.11 26.71 9.53
CA ILE C 259 46.54 26.98 9.38
C ILE C 259 46.92 26.95 7.91
N GLY C 260 46.39 25.98 7.16
CA GLY C 260 46.61 25.95 5.72
C GLY C 260 45.99 27.11 4.98
N ASN C 261 44.92 27.68 5.54
CA ASN C 261 44.35 28.90 4.96
C ASN C 261 45.24 30.09 5.25
N ALA C 262 45.81 30.16 6.45
CA ALA C 262 46.66 31.29 6.77
C ALA C 262 48.00 31.24 6.05
N LEU C 263 48.46 30.07 5.64
CA LEU C 263 49.68 30.01 4.85
C LEU C 263 49.46 30.38 3.39
N ARG C 264 48.21 30.46 2.92
CA ARG C 264 47.92 30.74 1.52
C ARG C 264 47.43 32.16 1.30
N THR C 265 47.59 33.04 2.28
CA THR C 265 47.15 34.42 2.15
C THR C 265 48.29 35.21 1.54
N ILE C 266 48.46 35.04 0.23
CA ILE C 266 49.54 35.69 -0.51
C ILE C 266 49.03 36.46 -1.72
N ASP C 267 47.75 36.40 -2.03
CA ASP C 267 47.22 36.97 -3.26
C ASP C 267 46.98 38.46 -3.03
N THR C 268 47.88 39.28 -3.56
CA THR C 268 47.73 40.74 -3.57
C THR C 268 47.53 41.26 -4.98
N TRP C 269 46.81 40.51 -5.81
CA TRP C 269 46.88 40.65 -7.25
C TRP C 269 45.52 40.78 -7.93
N TYR C 270 44.45 40.97 -7.16
CA TYR C 270 43.18 41.42 -7.75
C TYR C 270 43.36 42.85 -8.24
N PRO C 271 42.78 43.20 -9.39
CA PRO C 271 43.05 44.54 -9.99
C PRO C 271 42.49 45.73 -9.23
N ASP C 272 41.59 45.53 -8.27
CA ASP C 272 41.11 46.62 -7.43
C ASP C 272 41.35 46.29 -5.96
N GLU C 273 42.52 45.76 -5.66
CA GLU C 273 42.87 45.31 -4.31
C GLU C 273 43.87 46.28 -3.71
N ASP C 274 43.35 47.35 -3.12
CA ASP C 274 44.12 48.26 -2.30
C ASP C 274 43.44 48.34 -0.94
N GLY C 275 44.23 48.48 0.12
CA GLY C 275 43.62 48.38 1.42
C GLY C 275 43.72 46.99 2.00
N LEU C 276 42.69 46.17 1.73
CA LEU C 276 42.56 44.83 2.29
C LEU C 276 43.77 43.95 1.99
N GLY C 277 44.33 44.07 0.79
CA GLY C 277 45.60 43.46 0.49
C GLY C 277 45.54 41.96 0.26
N PRO C 278 46.24 41.20 1.10
CA PRO C 278 46.43 39.77 0.82
C PRO C 278 45.16 38.97 1.01
N ILE C 279 44.84 38.16 0.01
CA ILE C 279 43.66 37.30 -0.03
C ILE C 279 44.15 35.86 -0.08
N ALA C 280 43.34 34.93 0.37
CA ALA C 280 43.67 33.51 0.22
C ALA C 280 43.54 33.10 -1.25
N VAL C 281 44.39 32.17 -1.66
CA VAL C 281 44.44 31.75 -3.06
C VAL C 281 43.34 30.73 -3.30
N GLU C 282 42.36 31.10 -4.11
CA GLU C 282 41.25 30.23 -4.48
C GLU C 282 40.95 30.41 -5.96
N PRO C 283 40.49 29.37 -6.63
CA PRO C 283 39.81 29.59 -7.92
C PRO C 283 38.52 30.31 -7.65
N TYR C 284 38.16 31.22 -8.56
CA TYR C 284 37.08 32.21 -8.37
C TYR C 284 37.27 32.96 -7.05
N GLY C 285 38.40 33.69 -6.97
CA GLY C 285 39.00 34.13 -5.72
C GLY C 285 38.09 34.82 -4.72
N SER C 286 37.81 34.12 -3.63
CA SER C 286 36.63 34.36 -2.83
C SER C 286 36.98 34.54 -1.36
N VAL C 287 36.17 35.34 -0.68
CA VAL C 287 36.22 35.49 0.77
C VAL C 287 34.83 35.22 1.30
N THR C 288 34.73 34.28 2.23
CA THR C 288 33.42 33.92 2.76
C THR C 288 32.90 34.95 3.75
N SER C 289 33.80 35.55 4.54
CA SER C 289 33.36 36.52 5.54
C SER C 289 32.93 37.83 4.89
N GLN C 290 33.66 38.30 3.87
CA GLN C 290 33.25 39.49 3.15
C GLN C 290 32.07 39.23 2.22
N GLY C 291 31.75 37.97 1.94
CA GLY C 291 30.66 37.64 1.06
C GLY C 291 30.88 37.96 -0.40
N LYS C 292 32.12 38.27 -0.78
CA LYS C 292 32.43 38.70 -2.14
C LYS C 292 33.37 37.72 -2.80
N ALA C 293 33.06 37.35 -4.04
CA ALA C 293 33.98 36.62 -4.90
C ALA C 293 34.66 37.63 -5.81
N TYR C 294 35.96 37.85 -5.57
CA TYR C 294 36.67 38.90 -6.28
C TYR C 294 36.89 38.56 -7.74
N ARG C 295 37.62 37.49 -8.02
CA ARG C 295 37.92 37.12 -9.38
C ARG C 295 36.74 36.38 -9.99
N GLN C 296 35.90 37.11 -10.72
CA GLN C 296 34.76 36.48 -11.37
C GLN C 296 35.05 36.25 -12.84
N PRO C 297 34.40 35.28 -13.48
CA PRO C 297 34.63 35.06 -14.92
C PRO C 297 33.94 36.06 -15.84
N LYS C 298 33.34 37.14 -15.32
CA LYS C 298 33.04 38.28 -16.19
C LYS C 298 34.33 38.89 -16.71
N GLN C 299 35.30 39.11 -15.82
CA GLN C 299 36.66 39.42 -16.20
C GLN C 299 37.36 38.15 -16.66
N LYS C 300 38.61 38.27 -17.06
CA LYS C 300 39.37 37.11 -17.52
C LYS C 300 40.56 36.85 -16.61
N LEU C 301 40.35 36.95 -15.31
CA LEU C 301 41.38 36.70 -14.32
C LEU C 301 41.06 35.52 -13.42
N ASP C 302 40.14 34.65 -13.86
CA ASP C 302 39.86 33.40 -13.19
C ASP C 302 41.05 32.45 -13.33
N PHE C 303 41.09 31.45 -12.44
CA PHE C 303 42.11 30.41 -12.57
C PHE C 303 41.88 29.54 -13.80
N TYR C 304 40.62 29.20 -14.07
CA TYR C 304 40.30 28.30 -15.17
C TYR C 304 40.55 28.96 -16.51
N THR C 305 40.27 30.26 -16.61
CA THR C 305 40.47 30.99 -17.85
C THR C 305 41.95 31.17 -18.16
N LEU C 306 42.75 31.51 -17.15
CA LEU C 306 44.18 31.66 -17.36
C LEU C 306 44.86 30.33 -17.62
N LEU C 307 44.39 29.25 -16.99
CA LEU C 307 44.99 27.94 -17.23
C LEU C 307 44.65 27.43 -18.62
N ASP C 308 43.42 27.67 -19.08
CA ASP C 308 43.06 27.28 -20.43
C ASP C 308 43.78 28.11 -21.47
N ASN C 309 43.92 29.41 -21.23
CA ASN C 309 44.60 30.26 -22.20
C ASN C 309 46.11 30.08 -22.18
N TRP C 310 46.67 29.49 -21.13
CA TRP C 310 48.12 29.37 -21.04
C TRP C 310 48.62 27.95 -21.33
N VAL C 311 47.76 26.95 -21.19
CA VAL C 311 48.16 25.59 -21.60
C VAL C 311 47.80 25.32 -23.05
N LEU C 312 46.55 25.57 -23.43
CA LEU C 312 46.10 25.19 -24.76
C LEU C 312 46.55 26.19 -25.82
N ARG C 313 46.13 27.44 -25.70
CA ARG C 313 46.31 28.44 -26.75
C ARG C 313 47.67 29.11 -26.72
N ASP C 314 48.53 28.76 -25.76
CA ASP C 314 49.87 29.32 -25.57
C ASP C 314 49.88 30.83 -25.35
N GLU C 315 48.76 31.39 -24.89
CA GLU C 315 48.68 32.83 -24.60
C GLU C 315 49.15 33.01 -23.16
N ALA C 316 50.43 33.32 -23.00
CA ALA C 316 51.01 33.43 -21.67
C ALA C 316 50.56 34.72 -21.01
N PRO C 317 50.02 34.68 -19.79
CA PRO C 317 49.65 35.92 -19.10
C PRO C 317 50.85 36.67 -18.56
N ALA C 318 50.59 37.71 -17.78
CA ALA C 318 51.67 38.43 -17.10
C ALA C 318 52.34 37.52 -16.06
N VAL C 319 53.52 37.96 -15.62
CA VAL C 319 54.30 37.18 -14.66
C VAL C 319 53.56 37.06 -13.33
N GLU C 320 52.88 38.13 -12.95
CA GLU C 320 52.01 38.19 -11.77
C GLU C 320 50.95 37.08 -11.78
N GLN C 321 50.20 36.97 -12.87
CA GLN C 321 49.18 35.94 -12.95
C GLN C 321 49.77 34.54 -13.08
N GLN C 322 51.00 34.44 -13.57
CA GLN C 322 51.67 33.14 -13.57
C GLN C 322 52.00 32.70 -12.15
N HIS C 323 52.40 33.64 -11.30
CA HIS C 323 52.57 33.34 -9.88
C HIS C 323 51.25 32.92 -9.25
N TYR C 324 50.15 33.54 -9.68
CA TYR C 324 48.83 33.11 -9.21
C TYR C 324 48.53 31.66 -9.59
N VAL C 325 48.74 31.31 -10.86
CA VAL C 325 48.34 29.99 -11.33
C VAL C 325 49.21 28.89 -10.72
N ILE C 326 50.52 29.12 -10.64
CA ILE C 326 51.39 28.10 -10.06
C ILE C 326 51.15 27.97 -8.56
N ALA C 327 50.85 29.09 -7.88
CA ALA C 327 50.45 29.01 -6.48
C ALA C 327 49.15 28.23 -6.31
N ASN C 328 48.24 28.34 -7.27
CA ASN C 328 46.99 27.61 -7.20
C ASN C 328 47.16 26.16 -7.60
N LEU C 329 48.27 25.78 -8.23
CA LEU C 329 48.58 24.36 -8.38
C LEU C 329 49.25 23.79 -7.13
N ILE C 330 49.99 24.63 -6.39
CA ILE C 330 50.51 24.18 -5.10
C ILE C 330 49.37 24.00 -4.11
N ARG C 331 48.29 24.79 -4.25
CA ARG C 331 47.13 24.65 -3.40
C ARG C 331 46.41 23.31 -3.61
N GLY C 332 46.49 22.74 -4.80
CA GLY C 332 45.80 21.49 -5.08
C GLY C 332 44.35 21.72 -5.40
N GLY C 333 43.62 20.64 -5.61
CA GLY C 333 42.20 20.74 -5.82
C GLY C 333 41.69 19.66 -6.76
N VAL C 334 40.41 19.77 -7.07
CA VAL C 334 39.74 18.90 -8.03
C VAL C 334 39.31 19.77 -9.20
N PHE C 335 39.96 19.58 -10.33
CA PHE C 335 39.76 20.43 -11.50
C PHE C 335 39.10 19.60 -12.59
N GLY C 336 38.95 20.20 -13.76
CA GLY C 336 38.29 19.52 -14.86
C GLY C 336 36.79 19.48 -14.66
N GLU C 337 36.13 18.84 -15.62
CA GLU C 337 34.67 18.79 -15.66
C GLU C 337 34.09 17.98 -14.51
N LEU D 5 38.03 -28.73 -30.56
CA LEU D 5 38.47 -28.43 -29.19
C LEU D 5 38.18 -26.98 -28.86
N SER D 6 36.95 -26.73 -28.41
CA SER D 6 36.53 -25.40 -28.03
C SER D 6 36.89 -25.12 -26.57
N THR D 7 36.83 -23.84 -26.20
CA THR D 7 37.10 -23.44 -24.84
C THR D 7 35.96 -23.86 -23.92
N ALA D 8 36.30 -24.12 -22.66
CA ALA D 8 35.28 -24.39 -21.66
C ALA D 8 34.53 -23.11 -21.34
N SER D 9 33.24 -23.23 -21.10
CA SER D 9 32.43 -22.06 -20.78
C SER D 9 32.63 -21.59 -19.35
N VAL D 10 33.15 -22.44 -18.47
CA VAL D 10 33.40 -22.11 -17.08
C VAL D 10 34.86 -22.48 -16.77
N LEU D 11 35.65 -21.50 -16.31
CA LEU D 11 37.01 -21.81 -15.89
C LEU D 11 37.25 -21.55 -14.41
N ALA D 12 37.05 -20.31 -13.93
CA ALA D 12 36.95 -19.96 -12.51
C ALA D 12 38.20 -20.36 -11.71
N PHE D 13 39.31 -19.71 -12.02
CA PHE D 13 40.53 -19.94 -11.25
C PHE D 13 40.44 -19.27 -9.87
N GLU D 14 41.43 -19.58 -9.04
CA GLU D 14 41.46 -19.21 -7.64
C GLU D 14 42.82 -18.64 -7.30
N ARG D 15 42.85 -17.56 -6.51
CA ARG D 15 44.10 -16.84 -6.30
C ARG D 15 45.04 -17.60 -5.39
N LYS D 16 46.33 -17.31 -5.54
CA LYS D 16 47.37 -18.06 -4.84
C LYS D 16 48.26 -17.21 -3.96
N LEU D 17 48.17 -15.89 -4.02
CA LEU D 17 48.81 -15.00 -3.08
C LEU D 17 47.74 -14.37 -2.22
N ASP D 18 47.76 -14.66 -0.92
CA ASP D 18 46.65 -14.30 -0.04
C ASP D 18 47.15 -13.36 1.06
N PRO D 19 46.92 -12.04 0.91
CA PRO D 19 47.26 -11.10 1.98
C PRO D 19 46.15 -10.95 3.02
N SER D 20 46.32 -10.03 3.95
CA SER D 20 45.31 -9.72 4.96
C SER D 20 45.26 -8.21 5.13
N ASP D 21 44.60 -7.75 6.19
CA ASP D 21 44.46 -6.32 6.42
C ASP D 21 45.73 -5.75 7.04
N ALA D 22 45.81 -4.41 7.10
CA ALA D 22 47.10 -3.77 7.30
C ALA D 22 47.38 -3.36 8.74
N LEU D 23 46.36 -2.89 9.48
CA LEU D 23 46.43 -2.65 10.93
C LEU D 23 47.50 -1.62 11.31
N MET D 24 47.25 -0.38 10.91
CA MET D 24 48.15 0.73 11.23
C MET D 24 48.29 0.94 12.72
N SER D 25 49.51 1.25 13.16
CA SER D 25 49.78 1.61 14.54
C SER D 25 50.98 2.55 14.56
N ALA D 26 51.05 3.36 15.60
CA ALA D 26 51.99 4.47 15.64
C ALA D 26 53.10 4.20 16.64
N GLY D 27 53.95 5.19 16.83
CA GLY D 27 55.03 5.10 17.80
C GLY D 27 56.20 5.94 17.37
N ALA D 28 57.29 5.85 18.15
CA ALA D 28 58.47 6.66 17.95
C ALA D 28 59.63 5.83 17.43
N TRP D 29 60.35 6.38 16.45
CA TRP D 29 61.55 5.78 15.91
C TRP D 29 62.63 5.69 16.98
N ALA D 30 63.54 4.73 16.79
CA ALA D 30 64.57 4.21 17.70
C ALA D 30 63.99 3.45 18.89
N GLN D 31 62.67 3.40 19.04
CA GLN D 31 61.97 2.32 19.72
C GLN D 31 61.48 1.29 18.72
N ARG D 32 62.24 1.14 17.62
CA ARG D 32 61.79 0.42 16.46
C ARG D 32 61.82 -1.08 16.70
N ASP D 33 62.94 -1.59 17.21
CA ASP D 33 62.93 -2.89 17.86
C ASP D 33 62.09 -2.82 19.11
N ALA D 34 61.48 -3.96 19.48
CA ALA D 34 60.40 -4.04 20.47
C ALA D 34 59.28 -3.06 20.08
N SER D 35 58.60 -3.45 19.00
CA SER D 35 57.92 -2.63 17.99
C SER D 35 57.12 -1.44 18.50
N GLN D 36 57.01 -0.41 17.64
CA GLN D 36 57.03 1.02 17.94
C GLN D 36 56.34 1.40 19.23
N GLU D 37 55.04 1.19 19.24
CA GLU D 37 54.20 1.30 20.42
C GLU D 37 53.04 0.35 20.20
N TRP D 38 52.28 0.12 21.24
CA TRP D 38 51.07 -0.63 20.98
C TRP D 38 49.77 0.10 21.37
N PRO D 39 49.59 1.40 21.02
CA PRO D 39 48.25 1.81 20.58
C PRO D 39 48.22 1.93 19.07
N ALA D 40 47.02 1.92 18.50
CA ALA D 40 46.87 2.02 17.06
C ALA D 40 46.35 3.41 16.70
N VAL D 41 46.49 3.74 15.42
CA VAL D 41 45.96 5.00 14.91
C VAL D 41 44.46 4.88 14.81
N THR D 42 43.75 5.77 15.52
CA THR D 42 42.29 5.73 15.54
C THR D 42 41.73 6.73 14.55
N VAL D 43 40.69 6.32 13.85
CA VAL D 43 39.99 7.19 12.91
C VAL D 43 39.01 8.04 13.70
N ARG D 44 39.12 9.35 13.56
CA ARG D 44 38.24 10.26 14.28
C ARG D 44 37.64 11.24 13.30
N GLU D 45 36.73 12.06 13.80
CA GLU D 45 35.86 12.89 12.97
C GLU D 45 36.11 14.36 13.26
N LYS D 46 36.07 15.20 12.22
CA LYS D 46 36.11 16.63 12.42
C LYS D 46 35.32 17.32 11.31
N SER D 47 34.94 18.56 11.59
CA SER D 47 34.18 19.36 10.63
C SER D 47 35.11 20.16 9.74
N VAL D 48 34.60 20.55 8.58
CA VAL D 48 35.31 21.44 7.67
C VAL D 48 34.31 22.11 6.74
N ARG D 49 34.41 23.42 6.61
CA ARG D 49 33.56 24.16 5.67
C ARG D 49 34.39 24.56 4.45
N GLY D 50 33.90 24.20 3.28
CA GLY D 50 34.65 24.38 2.04
C GLY D 50 33.83 25.09 0.99
N THR D 51 34.49 25.94 0.21
CA THR D 51 33.84 26.85 -0.72
C THR D 51 33.57 26.15 -2.06
N ILE D 52 33.19 26.92 -3.06
CA ILE D 52 32.84 26.41 -4.37
C ILE D 52 34.01 26.65 -5.32
N SER D 53 34.40 25.61 -6.05
CA SER D 53 35.43 25.76 -7.07
C SER D 53 35.10 25.00 -8.36
N ASN D 54 33.82 24.76 -8.63
CA ASN D 54 33.42 23.94 -9.77
C ASN D 54 33.49 24.75 -11.06
N ARG D 55 33.88 24.09 -12.14
CA ARG D 55 33.93 24.73 -13.45
C ARG D 55 32.50 24.98 -13.93
N LEU D 56 32.06 26.23 -13.82
CA LEU D 56 30.76 26.59 -14.36
C LEU D 56 30.80 26.61 -15.88
N LYS D 57 29.68 26.26 -16.49
CA LYS D 57 29.59 26.18 -17.94
C LYS D 57 29.50 27.60 -18.53
N THR D 58 29.45 27.66 -19.86
CA THR D 58 29.45 28.95 -20.57
C THR D 58 28.16 29.73 -20.32
N LYS D 59 27.08 29.04 -20.01
CA LYS D 59 25.86 29.72 -19.56
C LYS D 59 25.83 29.78 -18.04
N ASP D 60 24.86 30.54 -17.53
CA ASP D 60 24.58 30.71 -16.10
C ASP D 60 25.78 31.27 -15.35
N ARG D 61 26.33 32.37 -15.86
CA ARG D 61 27.45 33.08 -15.26
C ARG D 61 27.03 34.54 -15.06
N ASP D 62 26.36 34.81 -13.95
CA ASP D 62 26.00 36.15 -13.52
C ASP D 62 26.39 36.29 -12.06
N PRO D 63 26.50 37.53 -11.54
CA PRO D 63 26.71 37.71 -10.10
C PRO D 63 25.56 37.19 -9.22
N ALA D 64 24.39 36.91 -9.79
CA ALA D 64 23.34 36.22 -9.05
C ALA D 64 23.65 34.75 -8.80
N LYS D 65 24.60 34.18 -9.53
CA LYS D 65 25.13 32.85 -9.23
C LYS D 65 26.60 32.90 -8.81
N LEU D 66 27.14 34.09 -8.58
CA LEU D 66 28.51 34.24 -8.09
C LEU D 66 28.54 34.86 -6.70
N ASP D 67 27.97 36.05 -6.53
CA ASP D 67 27.97 36.68 -5.21
C ASP D 67 26.76 36.24 -4.39
N ALA D 68 25.63 35.99 -5.04
CA ALA D 68 24.45 35.46 -4.40
C ALA D 68 24.46 33.94 -4.28
N SER D 69 25.59 33.30 -4.59
CA SER D 69 25.77 31.87 -4.40
C SER D 69 26.93 31.55 -3.46
N ILE D 70 27.44 32.56 -2.74
CA ILE D 70 28.36 32.32 -1.64
C ILE D 70 27.63 31.92 -0.37
N GLN D 71 26.30 32.14 -0.35
CA GLN D 71 25.40 32.29 0.80
C GLN D 71 25.77 31.49 2.04
N SER D 72 25.96 30.19 1.86
CA SER D 72 26.64 29.35 2.82
C SER D 72 27.39 28.30 2.02
N PRO D 73 28.66 28.05 2.35
CA PRO D 73 29.43 27.04 1.61
C PRO D 73 29.02 25.61 1.93
N ASN D 74 29.81 24.64 1.46
CA ASN D 74 29.59 23.26 1.85
C ASN D 74 30.03 23.06 3.30
N LEU D 75 29.19 22.41 4.10
CA LEU D 75 29.49 22.15 5.51
C LEU D 75 29.73 20.64 5.64
N GLN D 76 31.00 20.26 5.69
CA GLN D 76 31.36 18.84 5.70
C GLN D 76 31.67 18.38 7.11
N THR D 77 31.55 17.07 7.34
CA THR D 77 32.09 16.41 8.54
C THR D 77 32.88 15.20 8.05
N VAL D 78 34.18 15.36 7.87
CA VAL D 78 35.01 14.32 7.31
C VAL D 78 35.67 13.53 8.44
N ASP D 79 36.23 12.38 8.09
CA ASP D 79 36.99 11.56 9.02
C ASP D 79 38.46 11.64 8.65
N VAL D 80 39.29 11.93 9.65
CA VAL D 80 40.73 11.94 9.45
C VAL D 80 41.37 10.98 10.44
N ALA D 81 42.62 10.63 10.15
CA ALA D 81 43.44 9.80 11.01
C ALA D 81 44.82 10.43 11.07
N ASN D 82 45.17 10.97 12.22
CA ASN D 82 46.48 11.58 12.43
C ASN D 82 47.32 10.71 13.35
N LEU D 83 48.63 10.81 13.22
CA LEU D 83 49.52 10.28 14.23
C LEU D 83 49.37 11.09 15.52
N PRO D 84 49.65 10.50 16.67
CA PRO D 84 49.63 11.27 17.91
C PRO D 84 50.77 12.28 17.96
N SER D 85 50.66 13.20 18.92
CA SER D 85 51.50 14.39 18.92
C SER D 85 52.94 14.11 19.31
N ASP D 86 53.25 12.94 19.86
CA ASP D 86 54.59 12.59 20.28
C ASP D 86 55.05 11.28 19.64
N ALA D 87 54.78 11.13 18.35
CA ALA D 87 55.16 9.93 17.62
C ALA D 87 55.38 10.31 16.17
N ASP D 88 56.41 9.73 15.55
CA ASP D 88 56.73 10.10 14.19
C ASP D 88 57.03 8.89 13.30
N THR D 89 56.42 7.74 13.59
CA THR D 89 56.69 6.54 12.80
C THR D 89 55.41 5.75 12.65
N LEU D 90 55.09 5.40 11.40
CA LEU D 90 53.96 4.56 11.09
C LEU D 90 54.42 3.11 10.95
N LYS D 91 53.63 2.20 11.51
CA LYS D 91 53.87 0.76 11.45
C LYS D 91 52.70 0.09 10.76
N VAL D 92 52.98 -0.73 9.75
CA VAL D 92 51.95 -1.45 9.02
C VAL D 92 52.32 -2.93 9.00
N ARG D 93 51.48 -3.78 9.57
CA ARG D 93 51.80 -5.19 9.74
C ARG D 93 50.72 -6.05 9.11
N PHE D 94 51.09 -6.87 8.12
CA PHE D 94 50.14 -7.81 7.55
C PHE D 94 50.85 -9.15 7.35
N THR D 95 50.06 -10.18 7.05
CA THR D 95 50.58 -11.50 6.78
C THR D 95 50.32 -11.86 5.33
N LEU D 96 50.92 -12.97 4.89
CA LEU D 96 50.82 -13.35 3.48
C LEU D 96 51.01 -14.86 3.37
N ARG D 97 50.02 -15.54 2.81
CA ARG D 97 50.18 -16.94 2.46
C ARG D 97 50.51 -17.08 0.99
N VAL D 98 51.42 -18.00 0.68
CA VAL D 98 51.74 -18.36 -0.69
C VAL D 98 51.28 -19.78 -0.90
N LEU D 99 50.36 -19.98 -1.85
CA LEU D 99 49.71 -21.26 -2.04
C LEU D 99 50.20 -21.91 -3.34
N GLY D 100 50.39 -23.22 -3.30
CA GLY D 100 50.90 -23.93 -4.46
C GLY D 100 49.80 -24.44 -5.37
N GLY D 101 50.22 -25.02 -6.48
CA GLY D 101 49.30 -25.56 -7.45
C GLY D 101 48.57 -24.47 -8.23
N ALA D 102 49.33 -23.68 -8.97
CA ALA D 102 48.82 -22.45 -9.59
C ALA D 102 48.42 -22.65 -11.04
N GLY D 103 47.99 -23.85 -11.42
CA GLY D 103 47.56 -24.06 -12.78
C GLY D 103 46.31 -24.91 -12.87
N THR D 104 45.81 -25.34 -11.72
CA THR D 104 44.65 -26.21 -11.66
C THR D 104 43.39 -25.38 -11.47
N PRO D 105 42.39 -25.50 -12.34
CA PRO D 105 41.16 -24.74 -12.14
C PRO D 105 40.35 -25.28 -10.98
N SER D 106 39.28 -24.56 -10.66
CA SER D 106 38.35 -25.01 -9.64
C SER D 106 37.00 -25.43 -10.20
N ALA D 107 36.67 -25.03 -11.42
CA ALA D 107 35.39 -25.41 -12.03
C ALA D 107 35.54 -25.37 -13.54
N CYS D 108 35.71 -26.53 -14.16
CA CYS D 108 35.88 -26.61 -15.59
C CYS D 108 34.89 -27.60 -16.19
N ASN D 109 34.29 -27.23 -17.32
CA ASN D 109 33.34 -28.11 -17.98
C ASN D 109 34.04 -29.26 -18.69
N ASP D 110 34.89 -28.94 -19.66
CA ASP D 110 35.53 -29.95 -20.48
C ASP D 110 36.62 -30.67 -19.69
N ALA D 111 36.84 -31.93 -20.02
CA ALA D 111 37.94 -32.69 -19.46
C ALA D 111 39.17 -32.67 -20.34
N ALA D 112 38.98 -32.54 -21.66
CA ALA D 112 40.12 -32.48 -22.57
C ALA D 112 40.80 -31.12 -22.51
N TYR D 113 40.01 -30.06 -22.38
CA TYR D 113 40.55 -28.70 -22.28
C TYR D 113 41.33 -28.53 -20.98
N ARG D 114 40.87 -29.18 -19.91
CA ARG D 114 41.56 -29.12 -18.64
C ARG D 114 42.90 -29.86 -18.70
N ASP D 115 42.93 -31.02 -19.36
CA ASP D 115 44.16 -31.78 -19.47
C ASP D 115 45.16 -31.10 -20.39
N LYS D 116 44.68 -30.48 -21.46
CA LYS D 116 45.54 -29.69 -22.33
C LYS D 116 46.11 -28.49 -21.60
N LEU D 117 45.30 -27.87 -20.74
CA LEU D 117 45.76 -26.75 -19.93
C LEU D 117 46.84 -27.17 -18.93
N LEU D 118 46.65 -28.31 -18.27
CA LEU D 118 47.65 -28.78 -17.33
C LEU D 118 48.93 -29.23 -18.02
N GLN D 119 48.83 -29.75 -19.25
CA GLN D 119 50.04 -30.03 -20.01
C GLN D 119 50.76 -28.74 -20.40
N THR D 120 50.02 -27.67 -20.68
CA THR D 120 50.63 -26.40 -21.01
C THR D 120 51.37 -25.80 -19.82
N VAL D 121 50.73 -25.79 -18.65
CA VAL D 121 51.36 -25.21 -17.46
C VAL D 121 52.52 -26.07 -16.99
N ALA D 122 52.39 -27.39 -17.08
CA ALA D 122 53.49 -28.27 -16.72
C ALA D 122 54.67 -28.11 -17.68
N THR D 123 54.37 -27.86 -18.96
CA THR D 123 55.41 -27.54 -19.93
C THR D 123 56.10 -26.23 -19.58
N TYR D 124 55.34 -25.25 -19.11
CA TYR D 124 55.93 -23.97 -18.71
C TYR D 124 56.87 -24.14 -17.52
N VAL D 125 56.41 -24.78 -16.45
CA VAL D 125 57.25 -24.91 -15.27
C VAL D 125 58.37 -25.92 -15.46
N ASN D 126 58.31 -26.77 -16.49
CA ASN D 126 59.48 -27.59 -16.81
C ASN D 126 60.48 -26.86 -17.67
N ASP D 127 60.03 -25.96 -18.56
CA ASP D 127 60.98 -25.20 -19.35
C ASP D 127 61.71 -24.16 -18.51
N GLN D 128 61.01 -23.54 -17.57
CA GLN D 128 61.59 -22.52 -16.71
C GLN D 128 60.76 -22.41 -15.44
N GLY D 129 61.43 -22.17 -14.33
CA GLY D 129 60.77 -22.18 -13.04
C GLY D 129 59.95 -20.93 -12.79
N PHE D 130 59.59 -20.75 -11.52
CA PHE D 130 58.92 -19.56 -11.04
C PHE D 130 59.89 -18.50 -10.54
N ALA D 131 61.11 -18.45 -11.09
CA ALA D 131 62.13 -17.55 -10.56
C ALA D 131 61.87 -16.10 -10.92
N GLU D 132 61.34 -15.85 -12.13
CA GLU D 132 61.10 -14.48 -12.56
C GLU D 132 59.98 -13.83 -11.77
N LEU D 133 58.85 -14.52 -11.65
CA LEU D 133 57.68 -13.95 -10.99
C LEU D 133 57.91 -13.82 -9.49
N ALA D 134 58.61 -14.78 -8.89
CA ALA D 134 58.93 -14.64 -7.47
C ALA D 134 60.00 -13.59 -7.25
N ARG D 135 60.85 -13.36 -8.25
CA ARG D 135 61.84 -12.29 -8.14
C ARG D 135 61.17 -10.92 -8.15
N ARG D 136 60.14 -10.75 -9.00
CA ARG D 136 59.47 -9.46 -9.02
C ARG D 136 58.51 -9.27 -7.85
N TYR D 137 57.87 -10.35 -7.38
CA TYR D 137 57.08 -10.26 -6.16
C TYR D 137 57.97 -9.97 -4.95
N ALA D 138 59.19 -10.51 -4.95
CA ALA D 138 60.13 -10.16 -3.90
C ALA D 138 60.60 -8.73 -4.02
N HIS D 139 60.61 -8.16 -5.23
CA HIS D 139 60.90 -6.74 -5.34
C HIS D 139 59.75 -5.88 -4.86
N ASN D 140 58.50 -6.34 -5.00
CA ASN D 140 57.42 -5.53 -4.47
C ASN D 140 57.24 -5.69 -2.97
N LEU D 141 57.70 -6.80 -2.38
CA LEU D 141 57.81 -6.85 -0.93
C LEU D 141 59.06 -6.18 -0.43
N ALA D 142 60.06 -5.97 -1.30
CA ALA D 142 61.34 -5.42 -0.87
C ALA D 142 61.20 -3.95 -0.52
N ASN D 143 60.70 -3.15 -1.46
CA ASN D 143 60.36 -1.77 -1.16
C ASN D 143 58.98 -1.72 -0.49
N ALA D 144 58.41 -0.53 -0.39
CA ALA D 144 57.17 -0.41 0.37
C ALA D 144 56.05 0.10 -0.53
N ARG D 145 55.89 -0.55 -1.69
CA ARG D 145 54.83 -0.15 -2.63
C ARG D 145 53.44 -0.31 -2.03
N PHE D 146 53.27 -1.25 -1.08
CA PHE D 146 52.01 -1.42 -0.38
C PHE D 146 51.69 -0.28 0.59
N LEU D 147 52.65 0.59 0.88
CA LEU D 147 52.36 1.89 1.47
C LEU D 147 52.09 2.83 0.30
N TRP D 148 50.82 3.06 0.00
CA TRP D 148 50.46 3.75 -1.23
C TRP D 148 50.82 5.23 -1.22
N ARG D 149 50.19 6.02 -0.35
CA ARG D 149 50.49 7.43 -0.25
C ARG D 149 51.32 7.74 0.98
N ASN D 150 51.38 6.81 1.94
CA ASN D 150 52.20 6.97 3.12
C ASN D 150 53.70 6.93 2.80
N ARG D 151 54.07 6.33 1.67
CA ARG D 151 55.48 6.25 1.30
C ARG D 151 55.97 7.58 0.74
N VAL D 152 55.07 8.39 0.19
CA VAL D 152 55.43 9.63 -0.50
C VAL D 152 55.91 10.66 0.52
N GLY D 153 57.17 11.05 0.41
CA GLY D 153 57.73 12.04 1.30
C GLY D 153 58.00 11.52 2.70
N ALA D 154 58.94 10.59 2.81
CA ALA D 154 59.32 10.04 4.10
C ALA D 154 60.84 10.07 4.23
N GLU D 155 61.31 10.15 5.47
CA GLU D 155 62.75 10.22 5.70
C GLU D 155 63.41 8.87 5.49
N ALA D 156 62.87 7.83 6.13
CA ALA D 156 63.45 6.50 6.01
C ALA D 156 62.35 5.47 6.19
N VAL D 157 62.32 4.48 5.31
CA VAL D 157 61.33 3.42 5.32
C VAL D 157 62.08 2.09 5.47
N GLU D 158 61.69 1.30 6.46
CA GLU D 158 62.35 0.01 6.71
C GLU D 158 61.32 -1.10 6.71
N VAL D 159 61.61 -2.17 5.97
CA VAL D 159 60.72 -3.31 5.81
C VAL D 159 61.37 -4.53 6.46
N ARG D 160 60.62 -5.23 7.30
CA ARG D 160 61.09 -6.44 7.96
C ARG D 160 60.16 -7.58 7.60
N ILE D 161 60.73 -8.68 7.10
CA ILE D 161 59.97 -9.82 6.60
C ILE D 161 60.40 -11.05 7.39
N ASN D 162 59.45 -11.82 7.88
CA ASN D 162 59.75 -13.02 8.63
C ASN D 162 59.10 -14.23 7.97
N HIS D 163 59.84 -15.32 7.88
CA HIS D 163 59.28 -16.59 7.44
C HIS D 163 58.89 -17.39 8.67
N ILE D 164 57.65 -17.86 8.70
CA ILE D 164 57.10 -18.56 9.87
C ILE D 164 56.75 -19.97 9.45
N ARG D 165 57.44 -20.96 10.03
CA ARG D 165 57.29 -22.35 9.64
C ARG D 165 56.60 -23.17 10.73
N GLN D 166 57.18 -23.19 11.92
CA GLN D 166 56.50 -23.66 13.12
C GLN D 166 55.79 -22.46 13.74
N GLY D 167 55.41 -22.55 15.01
CA GLY D 167 54.94 -21.36 15.71
C GLY D 167 55.97 -20.25 15.84
N GLU D 168 57.26 -20.58 15.71
CA GLU D 168 58.36 -19.63 15.87
C GLU D 168 58.79 -19.09 14.49
N VAL D 169 59.91 -18.37 14.48
CA VAL D 169 60.42 -17.70 13.30
C VAL D 169 61.56 -18.54 12.71
N ALA D 170 61.50 -18.79 11.41
CA ALA D 170 62.53 -19.58 10.75
C ALA D 170 63.68 -18.71 10.24
N ARG D 171 63.38 -17.61 9.54
CA ARG D 171 64.41 -16.77 8.94
C ARG D 171 63.86 -15.37 8.77
N ALA D 172 64.69 -14.38 9.08
CA ALA D 172 64.28 -12.98 9.10
C ALA D 172 65.12 -12.15 8.13
N TRP D 173 64.46 -11.26 7.40
CA TRP D 173 65.08 -10.31 6.51
C TRP D 173 64.75 -8.89 6.95
N ARG D 174 65.73 -8.00 6.80
CA ARG D 174 65.56 -6.58 7.12
C ARG D 174 66.08 -5.76 5.96
N PHE D 175 65.19 -5.06 5.27
CA PHE D 175 65.51 -4.34 4.05
C PHE D 175 65.53 -2.84 4.30
N ASP D 176 65.78 -2.10 3.22
CA ASP D 176 65.73 -0.64 3.23
C ASP D 176 65.02 -0.23 1.95
N ALA D 177 63.83 0.36 2.10
CA ALA D 177 62.95 0.51 0.95
C ALA D 177 63.34 1.68 0.05
N LEU D 178 63.98 2.71 0.58
CA LEU D 178 64.31 3.85 -0.26
C LEU D 178 65.54 3.61 -1.12
N ALA D 179 66.46 2.76 -0.66
CA ALA D 179 67.61 2.40 -1.48
C ALA D 179 67.20 1.52 -2.65
N ILE D 180 66.28 0.59 -2.41
CA ILE D 180 65.75 -0.23 -3.49
C ILE D 180 64.83 0.62 -4.34
N GLY D 181 65.07 0.63 -5.65
CA GLY D 181 64.30 1.47 -6.54
C GLY D 181 62.88 0.98 -6.70
N LEU D 182 62.04 1.86 -7.24
CA LEU D 182 60.65 1.53 -7.48
C LEU D 182 60.37 1.18 -8.94
N ARG D 183 61.23 1.58 -9.86
CA ARG D 183 61.06 1.26 -11.27
C ARG D 183 62.09 0.28 -11.81
N ASP D 184 63.11 -0.05 -11.04
CA ASP D 184 64.18 -0.92 -11.49
C ASP D 184 64.13 -2.26 -10.76
N PHE D 185 64.50 -3.31 -11.47
CA PHE D 185 64.53 -4.66 -10.93
C PHE D 185 65.98 -5.14 -10.93
N LYS D 186 66.71 -4.81 -9.86
CA LYS D 186 68.11 -5.14 -9.73
C LYS D 186 68.29 -6.32 -8.79
N ALA D 187 69.24 -7.19 -9.13
CA ALA D 187 69.45 -8.41 -8.36
C ALA D 187 70.15 -8.10 -7.04
N ASP D 188 70.00 -9.04 -6.11
CA ASP D 188 70.62 -8.97 -4.79
C ASP D 188 70.60 -10.39 -4.22
N ALA D 189 71.48 -10.63 -3.26
CA ALA D 189 71.54 -11.96 -2.63
C ALA D 189 70.31 -12.24 -1.79
N GLU D 190 69.86 -11.24 -1.02
CA GLU D 190 68.71 -11.43 -0.15
C GLU D 190 67.42 -11.54 -0.95
N LEU D 191 67.32 -10.77 -2.04
CA LEU D 191 66.19 -10.92 -2.93
C LEU D 191 66.22 -12.23 -3.69
N ASP D 192 67.40 -12.83 -3.86
CA ASP D 192 67.43 -14.19 -4.38
C ASP D 192 67.01 -15.19 -3.32
N ALA D 193 67.20 -14.87 -2.05
CA ALA D 193 66.69 -15.74 -0.99
C ALA D 193 65.17 -15.71 -0.95
N LEU D 194 64.58 -14.52 -1.05
CA LEU D 194 63.12 -14.45 -1.12
C LEU D 194 62.59 -15.01 -2.43
N ALA D 195 63.36 -14.92 -3.51
CA ALA D 195 62.92 -15.50 -4.76
C ALA D 195 62.92 -17.02 -4.70
N GLU D 196 63.90 -17.61 -4.00
CA GLU D 196 63.89 -19.04 -3.80
C GLU D 196 62.79 -19.47 -2.84
N LEU D 197 62.46 -18.64 -1.86
CA LEU D 197 61.41 -18.99 -0.91
C LEU D 197 60.02 -18.93 -1.55
N ILE D 198 59.71 -17.82 -2.20
CA ILE D 198 58.40 -17.65 -2.84
C ILE D 198 58.28 -18.58 -4.04
N ALA D 199 59.36 -18.75 -4.80
CA ALA D 199 59.33 -19.70 -5.91
C ALA D 199 59.21 -21.14 -5.42
N SER D 200 59.74 -21.43 -4.23
CA SER D 200 59.50 -22.73 -3.63
C SER D 200 58.09 -22.86 -3.09
N GLY D 201 57.42 -21.75 -2.84
CA GLY D 201 56.06 -21.79 -2.35
C GLY D 201 55.02 -21.96 -3.43
N LEU D 202 55.20 -21.25 -4.55
CA LEU D 202 54.24 -21.33 -5.64
C LEU D 202 54.32 -22.65 -6.39
N SER D 203 55.44 -23.35 -6.33
CA SER D 203 55.57 -24.63 -7.00
C SER D 203 54.95 -25.77 -6.21
N GLY D 204 54.47 -25.52 -5.00
CA GLY D 204 53.87 -26.56 -4.20
C GLY D 204 54.85 -27.41 -3.44
N SER D 205 56.10 -26.97 -3.32
CA SER D 205 57.13 -27.75 -2.64
C SER D 205 57.18 -27.49 -1.14
N GLY D 206 56.24 -26.72 -0.60
CA GLY D 206 56.23 -26.44 0.82
C GLY D 206 55.14 -25.46 1.17
N HIS D 207 55.10 -25.09 2.43
CA HIS D 207 54.14 -24.13 2.96
C HIS D 207 54.87 -22.85 3.32
N VAL D 208 54.38 -21.72 2.82
CA VAL D 208 55.04 -20.42 3.00
C VAL D 208 54.06 -19.44 3.62
N LEU D 209 54.36 -19.04 4.86
CA LEU D 209 53.64 -17.99 5.56
C LEU D 209 54.63 -16.90 5.96
N LEU D 210 54.38 -15.68 5.51
CA LEU D 210 55.27 -14.56 5.73
C LEU D 210 54.58 -13.49 6.58
N GLU D 211 55.35 -12.84 7.43
CA GLU D 211 54.90 -11.71 8.22
C GLU D 211 55.66 -10.48 7.77
N VAL D 212 54.94 -9.46 7.31
CA VAL D 212 55.54 -8.26 6.75
C VAL D 212 55.21 -7.09 7.65
N VAL D 213 56.24 -6.35 8.07
CA VAL D 213 56.10 -5.19 8.94
C VAL D 213 56.85 -4.02 8.30
N ALA D 214 56.19 -2.89 8.14
CA ALA D 214 56.76 -1.73 7.50
C ALA D 214 56.78 -0.52 8.44
N PHE D 215 57.85 0.25 8.35
CA PHE D 215 58.16 1.36 9.24
C PHE D 215 58.44 2.60 8.43
N ALA D 216 57.83 3.72 8.79
CA ALA D 216 58.02 4.95 8.02
C ALA D 216 58.13 6.16 8.94
N ARG D 217 59.12 7.02 8.71
CA ARG D 217 59.18 8.33 9.35
C ARG D 217 58.48 9.34 8.47
N ILE D 218 57.27 9.74 8.85
CA ILE D 218 56.53 10.72 8.08
C ILE D 218 56.35 12.03 8.82
N GLY D 219 56.89 12.16 10.02
CA GLY D 219 56.76 13.40 10.74
C GLY D 219 55.94 13.26 12.01
N ASP D 220 55.99 14.27 12.88
CA ASP D 220 55.45 14.15 14.23
C ASP D 220 53.99 14.61 14.22
N GLY D 221 53.09 13.68 13.95
CA GLY D 221 51.68 13.91 14.14
C GLY D 221 50.92 14.43 12.94
N GLN D 222 51.04 13.76 11.78
CA GLN D 222 50.39 14.31 10.57
C GLN D 222 49.94 13.21 9.61
N GLU D 223 48.66 12.83 9.75
CA GLU D 223 47.77 12.43 8.67
C GLU D 223 48.29 11.23 7.85
N VAL D 224 48.23 10.07 8.50
CA VAL D 224 48.35 8.80 7.80
C VAL D 224 47.13 8.57 6.92
N PHE D 225 47.21 7.59 6.03
CA PHE D 225 46.27 7.44 4.93
C PHE D 225 45.72 6.02 4.84
N PRO D 226 44.64 5.73 5.56
CA PRO D 226 43.97 4.44 5.36
C PRO D 226 43.08 4.47 4.14
N SER D 227 42.32 3.40 3.92
CA SER D 227 41.49 3.29 2.74
C SER D 227 40.06 3.71 3.06
N GLN D 228 39.39 4.26 2.05
CA GLN D 228 38.07 4.83 2.25
C GLN D 228 36.98 3.78 2.05
N GLU D 229 35.73 4.19 2.28
CA GLU D 229 34.57 3.32 2.20
C GLU D 229 33.53 3.93 1.27
N LEU D 230 32.53 3.12 0.93
CA LEU D 230 31.46 3.55 0.05
C LEU D 230 30.27 4.03 0.89
N ILE D 231 29.87 5.33 0.68
CA ILE D 231 28.99 6.08 1.58
C ILE D 231 27.57 6.10 1.02
N LEU D 232 26.58 6.08 1.92
CA LEU D 232 25.18 6.26 1.56
C LEU D 232 24.87 7.74 1.33
N ASP D 233 23.82 8.02 0.56
CA ASP D 233 23.62 9.32 -0.09
C ASP D 233 22.63 10.23 0.63
N LYS D 234 21.85 9.73 1.59
CA LYS D 234 20.75 10.52 2.18
C LYS D 234 21.26 11.67 3.03
N GLY D 235 22.00 11.36 4.10
CA GLY D 235 22.66 12.35 4.92
C GLY D 235 21.75 13.28 5.70
N ASP D 236 21.03 12.74 6.68
CA ASP D 236 20.05 13.51 7.44
C ASP D 236 20.52 13.82 8.86
N LYS D 237 21.83 13.70 9.12
CA LYS D 237 22.37 13.92 10.45
C LYS D 237 23.79 14.45 10.30
N LYS D 238 24.57 14.38 11.38
CA LYS D 238 25.97 14.78 11.37
C LYS D 238 26.89 13.59 11.63
N GLY D 239 26.46 12.40 11.18
CA GLY D 239 27.20 11.16 11.39
C GLY D 239 28.20 10.76 10.31
N GLN D 240 29.35 11.44 10.26
CA GLN D 240 30.48 11.11 9.37
C GLN D 240 30.10 11.16 7.89
N LYS D 241 29.79 12.36 7.43
CA LYS D 241 29.28 12.54 6.08
C LYS D 241 30.39 12.67 5.05
N SER D 242 30.26 11.88 3.97
CA SER D 242 30.89 12.06 2.65
C SER D 242 32.37 11.67 2.67
N LYS D 243 32.98 11.41 3.81
CA LYS D 243 34.28 10.73 3.84
C LYS D 243 34.37 9.92 5.12
N THR D 244 34.29 8.60 4.98
CA THR D 244 34.53 7.69 6.09
C THR D 244 35.66 6.75 5.73
N LEU D 245 36.32 6.22 6.74
CA LEU D 245 37.54 5.45 6.55
C LEU D 245 37.34 4.03 7.08
N TYR D 246 37.99 3.07 6.42
CA TYR D 246 37.90 1.68 6.81
C TYR D 246 38.60 1.45 8.13
N SER D 247 38.00 0.63 8.97
CA SER D 247 38.57 0.31 10.26
C SER D 247 38.26 -1.12 10.62
N VAL D 248 38.86 -1.55 11.72
CA VAL D 248 38.66 -2.84 12.36
C VAL D 248 38.30 -2.44 13.79
N ARG D 249 38.42 -3.35 14.75
CA ARG D 249 38.01 -3.04 16.10
C ARG D 249 38.89 -1.95 16.71
N ASP D 250 38.51 -0.70 16.41
CA ASP D 250 39.15 0.53 16.88
C ASP D 250 40.61 0.63 16.45
N ALA D 251 40.84 0.56 15.14
CA ALA D 251 42.16 0.75 14.55
C ALA D 251 41.98 1.06 13.08
N ALA D 252 42.78 1.98 12.57
CA ALA D 252 42.76 2.26 11.14
C ALA D 252 43.51 1.19 10.38
N ALA D 253 42.95 0.76 9.26
CA ALA D 253 43.58 -0.25 8.43
C ALA D 253 43.23 0.02 6.98
N ILE D 254 43.93 -0.63 6.07
CA ILE D 254 43.59 -0.57 4.66
C ILE D 254 43.11 -1.95 4.24
N HIS D 255 42.41 -2.00 3.11
CA HIS D 255 41.82 -3.23 2.63
C HIS D 255 42.91 -4.21 2.18
N SER D 256 42.50 -5.45 1.93
CA SER D 256 43.44 -6.41 1.38
C SER D 256 43.54 -6.34 -0.13
N GLN D 257 42.58 -5.70 -0.80
CA GLN D 257 42.69 -5.54 -2.24
C GLN D 257 43.79 -4.56 -2.62
N LYS D 258 44.07 -3.58 -1.76
CA LYS D 258 45.11 -2.61 -2.10
C LYS D 258 46.50 -3.22 -1.94
N ILE D 259 46.68 -4.03 -0.90
CA ILE D 259 47.95 -4.73 -0.73
C ILE D 259 48.14 -5.78 -1.82
N GLY D 260 47.07 -6.50 -2.14
CA GLY D 260 47.13 -7.45 -3.25
C GLY D 260 47.31 -6.78 -4.59
N ASN D 261 46.86 -5.54 -4.73
CA ASN D 261 47.12 -4.78 -5.95
C ASN D 261 48.59 -4.36 -6.01
N ALA D 262 49.15 -3.96 -4.88
CA ALA D 262 50.54 -3.53 -4.87
C ALA D 262 51.50 -4.69 -5.06
N LEU D 263 51.11 -5.92 -4.70
CA LEU D 263 51.98 -7.05 -4.97
C LEU D 263 51.95 -7.51 -6.42
N ARG D 264 50.98 -7.05 -7.21
CA ARG D 264 50.84 -7.49 -8.59
C ARG D 264 51.31 -6.44 -9.59
N THR D 265 52.05 -5.43 -9.14
CA THR D 265 52.55 -4.40 -10.04
C THR D 265 53.90 -4.86 -10.57
N ILE D 266 53.83 -5.80 -11.53
CA ILE D 266 55.03 -6.39 -12.12
C ILE D 266 55.03 -6.30 -13.64
N ASP D 267 53.96 -5.82 -14.25
CA ASP D 267 53.82 -5.84 -15.70
C ASP D 267 54.57 -4.66 -16.30
N THR D 268 55.75 -4.92 -16.85
CA THR D 268 56.52 -3.93 -17.58
C THR D 268 56.61 -4.28 -19.06
N TRP D 269 55.52 -4.82 -19.61
CA TRP D 269 55.57 -5.57 -20.86
C TRP D 269 54.53 -5.12 -21.89
N TYR D 270 53.87 -3.99 -21.66
CA TYR D 270 53.13 -3.34 -22.73
C TYR D 270 54.11 -2.80 -23.77
N PRO D 271 53.79 -2.91 -25.07
CA PRO D 271 54.79 -2.56 -26.10
C PRO D 271 55.14 -1.08 -26.21
N ASP D 272 54.39 -0.18 -25.58
CA ASP D 272 54.74 1.23 -25.55
C ASP D 272 54.81 1.71 -24.10
N GLU D 273 55.43 0.89 -23.25
CA GLU D 273 55.51 1.18 -21.82
C GLU D 273 56.94 1.58 -21.48
N ASP D 274 57.23 2.86 -21.65
CA ASP D 274 58.45 3.47 -21.16
C ASP D 274 58.06 4.64 -20.27
N GLY D 275 58.84 4.88 -19.23
CA GLY D 275 58.40 5.88 -18.28
C GLY D 275 57.65 5.28 -17.12
N LEU D 276 56.32 5.17 -17.28
CA LEU D 276 55.42 4.70 -16.21
C LEU D 276 55.81 3.34 -15.69
N GLY D 277 56.24 2.43 -16.57
CA GLY D 277 56.83 1.19 -16.14
C GLY D 277 55.83 0.16 -15.64
N PRO D 278 55.97 -0.24 -14.38
CA PRO D 278 55.21 -1.40 -13.89
C PRO D 278 53.73 -1.10 -13.73
N ILE D 279 52.91 -1.99 -14.27
CA ILE D 279 51.46 -1.90 -14.26
C ILE D 279 50.95 -3.11 -13.48
N ALA D 280 49.76 -3.00 -12.89
CA ALA D 280 49.14 -4.15 -12.26
C ALA D 280 48.68 -5.15 -13.32
N VAL D 281 48.74 -6.43 -12.98
CA VAL D 281 48.43 -7.49 -13.93
C VAL D 281 46.92 -7.68 -13.97
N GLU D 282 46.32 -7.35 -15.11
CA GLU D 282 44.89 -7.50 -15.34
C GLU D 282 44.67 -8.04 -16.74
N PRO D 283 43.62 -8.83 -16.96
CA PRO D 283 43.15 -9.03 -18.32
C PRO D 283 42.59 -7.72 -18.83
N TYR D 284 42.82 -7.45 -20.12
CA TYR D 284 42.60 -6.15 -20.75
C TYR D 284 43.30 -5.05 -19.96
N GLY D 285 44.64 -5.15 -19.90
CA GLY D 285 45.47 -4.52 -18.89
C GLY D 285 45.25 -3.03 -18.66
N SER D 286 44.67 -2.71 -17.51
CA SER D 286 43.94 -1.47 -17.31
C SER D 286 44.43 -0.73 -16.07
N VAL D 287 44.34 0.60 -16.14
CA VAL D 287 44.58 1.47 -14.99
C VAL D 287 43.36 2.35 -14.84
N THR D 288 42.75 2.32 -13.66
CA THR D 288 41.53 3.10 -13.43
C THR D 288 41.84 4.59 -13.27
N SER D 289 42.97 4.91 -12.62
CA SER D 289 43.31 6.31 -12.38
C SER D 289 43.73 7.02 -13.67
N GLN D 290 44.52 6.35 -14.51
CA GLN D 290 44.89 6.92 -15.80
C GLN D 290 43.75 6.88 -16.79
N GLY D 291 42.69 6.11 -16.53
CA GLY D 291 41.57 6.00 -17.43
C GLY D 291 41.85 5.27 -18.72
N LYS D 292 42.98 4.59 -18.83
CA LYS D 292 43.40 3.93 -20.05
C LYS D 292 43.48 2.43 -19.85
N ALA D 293 42.94 1.69 -20.80
CA ALA D 293 43.13 0.24 -20.89
C ALA D 293 44.24 0.01 -21.91
N TYR D 294 45.39 -0.44 -21.43
CA TYR D 294 46.56 -0.56 -22.31
C TYR D 294 46.41 -1.70 -23.29
N ARG D 295 46.31 -2.92 -22.79
CA ARG D 295 46.23 -4.09 -23.66
C ARG D 295 44.80 -4.23 -24.16
N GLN D 296 44.54 -3.73 -25.37
CA GLN D 296 43.23 -3.85 -25.96
C GLN D 296 43.21 -4.98 -26.98
N PRO D 297 42.05 -5.59 -27.25
CA PRO D 297 42.00 -6.65 -28.27
C PRO D 297 42.02 -6.16 -29.70
N LYS D 298 42.26 -4.87 -29.97
CA LYS D 298 42.67 -4.47 -31.31
C LYS D 298 44.02 -5.07 -31.65
N GLN D 299 44.97 -4.97 -30.72
CA GLN D 299 46.20 -5.74 -30.78
C GLN D 299 45.93 -7.17 -30.34
N LYS D 300 46.96 -8.00 -30.35
CA LYS D 300 46.81 -9.40 -29.95
C LYS D 300 47.63 -9.71 -28.72
N LEU D 301 47.61 -8.79 -27.75
CA LEU D 301 48.34 -8.97 -26.51
C LEU D 301 47.40 -9.04 -25.30
N ASP D 302 46.14 -9.33 -25.54
CA ASP D 302 45.18 -9.59 -24.47
C ASP D 302 45.51 -10.90 -23.78
N PHE D 303 44.98 -11.08 -22.56
CA PHE D 303 45.13 -12.36 -21.88
C PHE D 303 44.32 -13.45 -22.56
N TYR D 304 43.11 -13.13 -22.99
CA TYR D 304 42.23 -14.13 -23.58
C TYR D 304 42.75 -14.60 -24.93
N THR D 305 43.33 -13.68 -25.71
CA THR D 305 43.85 -14.02 -27.02
C THR D 305 45.09 -14.89 -26.91
N LEU D 306 46.00 -14.55 -25.99
CA LEU D 306 47.20 -15.35 -25.80
C LEU D 306 46.88 -16.71 -25.19
N LEU D 307 45.90 -16.78 -24.30
CA LEU D 307 45.54 -18.05 -23.70
C LEU D 307 44.87 -18.97 -24.72
N ASP D 308 44.01 -18.40 -25.58
CA ASP D 308 43.40 -19.20 -26.63
C ASP D 308 44.41 -19.65 -27.66
N ASN D 309 45.34 -18.77 -28.03
CA ASN D 309 46.33 -19.15 -29.03
C ASN D 309 47.40 -20.07 -28.48
N TRP D 310 47.55 -20.17 -27.16
CA TRP D 310 48.60 -20.99 -26.59
C TRP D 310 48.11 -22.29 -26.01
N VAL D 311 46.82 -22.40 -25.69
CA VAL D 311 46.27 -23.68 -25.26
C VAL D 311 45.72 -24.47 -26.45
N LEU D 312 44.87 -23.84 -27.26
CA LEU D 312 44.18 -24.56 -28.32
C LEU D 312 45.09 -24.78 -29.53
N ARG D 313 45.55 -23.69 -30.14
CA ARG D 313 46.23 -23.75 -31.43
C ARG D 313 47.71 -24.05 -31.32
N ASP D 314 48.24 -24.21 -30.09
CA ASP D 314 49.65 -24.49 -29.79
C ASP D 314 50.59 -23.42 -30.32
N GLU D 315 50.12 -22.20 -30.54
CA GLU D 315 50.95 -21.10 -30.99
C GLU D 315 51.53 -20.44 -29.75
N ALA D 316 52.74 -20.86 -29.38
CA ALA D 316 53.34 -20.36 -28.16
C ALA D 316 53.84 -18.93 -28.36
N PRO D 317 53.47 -18.00 -27.48
CA PRO D 317 53.99 -16.62 -27.61
C PRO D 317 55.43 -16.51 -27.16
N ALA D 318 55.94 -15.28 -27.07
CA ALA D 318 57.26 -15.04 -26.52
C ALA D 318 57.31 -15.40 -25.04
N VAL D 319 58.52 -15.52 -24.51
CA VAL D 319 58.72 -15.90 -23.12
C VAL D 319 58.15 -14.85 -22.18
N GLU D 320 58.31 -13.57 -22.58
CA GLU D 320 57.74 -12.42 -21.89
C GLU D 320 56.23 -12.54 -21.69
N GLN D 321 55.50 -12.81 -22.77
CA GLN D 321 54.05 -12.93 -22.65
C GLN D 321 53.65 -14.21 -21.93
N GLN D 322 54.51 -15.23 -21.91
CA GLN D 322 54.23 -16.41 -21.10
C GLN D 322 54.31 -16.08 -19.63
N HIS D 323 55.27 -15.22 -19.24
CA HIS D 323 55.30 -14.72 -17.87
C HIS D 323 54.06 -13.92 -17.54
N TYR D 324 53.54 -13.17 -18.52
CA TYR D 324 52.28 -12.45 -18.34
C TYR D 324 51.12 -13.40 -18.06
N VAL D 325 50.99 -14.45 -18.88
CA VAL D 325 49.82 -15.33 -18.77
C VAL D 325 49.86 -16.14 -17.48
N ILE D 326 51.04 -16.67 -17.13
CA ILE D 326 51.13 -17.47 -15.90
C ILE D 326 50.96 -16.59 -14.66
N ALA D 327 51.46 -15.34 -14.72
CA ALA D 327 51.19 -14.39 -13.65
C ALA D 327 49.70 -14.08 -13.53
N ASN D 328 49.00 -14.05 -14.66
CA ASN D 328 47.59 -13.78 -14.63
C ASN D 328 46.78 -15.01 -14.22
N LEU D 329 47.38 -16.21 -14.24
CA LEU D 329 46.72 -17.35 -13.60
C LEU D 329 46.99 -17.38 -12.10
N ILE D 330 48.13 -16.85 -11.64
CA ILE D 330 48.34 -16.69 -10.21
C ILE D 330 47.40 -15.63 -9.65
N ARG D 331 47.05 -14.63 -10.46
CA ARG D 331 46.10 -13.60 -10.04
C ARG D 331 44.71 -14.16 -9.80
N GLY D 332 44.33 -15.24 -10.49
CA GLY D 332 43.01 -15.80 -10.35
C GLY D 332 41.99 -15.04 -11.16
N GLY D 333 40.73 -15.44 -11.04
CA GLY D 333 39.66 -14.72 -11.69
C GLY D 333 38.54 -15.63 -12.11
N VAL D 334 37.57 -15.05 -12.81
CA VAL D 334 36.45 -15.76 -13.40
C VAL D 334 36.58 -15.63 -14.91
N PHE D 335 36.89 -16.73 -15.57
CA PHE D 335 37.19 -16.75 -16.99
C PHE D 335 36.09 -17.51 -17.70
N GLY D 336 36.26 -17.70 -19.00
CA GLY D 336 35.25 -18.37 -19.79
C GLY D 336 34.05 -17.48 -20.05
N GLU D 337 33.08 -18.05 -20.76
CA GLU D 337 31.90 -17.31 -21.21
C GLU D 337 31.03 -16.85 -20.04
N ILE E 4 1.55 -59.56 -10.58
CA ILE E 4 2.00 -58.28 -11.10
C ILE E 4 2.40 -57.39 -9.94
N LEU E 5 3.61 -56.87 -10.01
CA LEU E 5 4.27 -56.20 -8.89
C LEU E 5 4.94 -54.92 -9.38
N SER E 6 4.16 -53.86 -9.44
CA SER E 6 4.67 -52.57 -9.88
C SER E 6 5.26 -51.80 -8.69
N THR E 7 6.02 -50.76 -9.00
CA THR E 7 6.61 -49.92 -7.97
C THR E 7 5.53 -49.06 -7.31
N ALA E 8 5.76 -48.74 -6.05
CA ALA E 8 4.89 -47.81 -5.35
C ALA E 8 5.10 -46.40 -5.88
N SER E 9 4.02 -45.63 -5.99
CA SER E 9 4.13 -44.28 -6.49
C SER E 9 4.69 -43.31 -5.46
N VAL E 10 4.68 -43.68 -4.17
CA VAL E 10 5.21 -42.86 -3.09
C VAL E 10 6.15 -43.72 -2.28
N LEU E 11 7.41 -43.30 -2.14
CA LEU E 11 8.35 -44.01 -1.28
C LEU E 11 8.82 -43.19 -0.09
N ALA E 12 9.46 -42.03 -0.34
CA ALA E 12 9.73 -40.99 0.66
C ALA E 12 10.54 -41.50 1.85
N PHE E 13 11.79 -41.86 1.58
CA PHE E 13 12.68 -42.27 2.67
C PHE E 13 13.14 -41.06 3.48
N GLU E 14 13.81 -41.36 4.59
CA GLU E 14 14.19 -40.38 5.60
C GLU E 14 15.64 -40.59 5.97
N ARG E 15 16.39 -39.49 6.13
CA ARG E 15 17.83 -39.60 6.29
C ARG E 15 18.19 -40.12 7.68
N LYS E 16 19.38 -40.74 7.76
CA LYS E 16 19.80 -41.40 8.98
C LYS E 16 21.11 -40.87 9.55
N LEU E 17 21.82 -40.01 8.84
CA LEU E 17 22.97 -39.30 9.38
C LEU E 17 22.58 -37.84 9.51
N ASP E 18 22.54 -37.34 10.75
CA ASP E 18 21.96 -36.03 11.02
C ASP E 18 23.03 -35.11 11.62
N PRO E 19 23.63 -34.22 10.82
CA PRO E 19 24.57 -33.23 11.35
C PRO E 19 23.88 -31.98 11.86
N SER E 20 24.66 -30.98 12.25
CA SER E 20 24.14 -29.68 12.67
C SER E 20 25.04 -28.60 12.08
N ASP E 21 24.89 -27.38 12.58
CA ASP E 21 25.66 -26.26 12.05
C ASP E 21 27.07 -26.26 12.64
N ALA E 22 27.95 -25.42 12.06
CA ALA E 22 29.37 -25.62 12.30
C ALA E 22 29.98 -24.73 13.38
N LEU E 23 29.53 -23.47 13.50
CA LEU E 23 29.85 -22.58 14.62
C LEU E 23 31.36 -22.31 14.73
N MET E 24 31.88 -21.59 13.74
CA MET E 24 33.29 -21.22 13.72
C MET E 24 33.67 -20.35 14.92
N SER E 25 34.86 -20.60 15.45
CA SER E 25 35.42 -19.77 16.51
C SER E 25 36.93 -19.82 16.40
N ALA E 26 37.58 -18.79 16.91
CA ALA E 26 38.99 -18.57 16.67
C ALA E 26 39.80 -18.83 17.94
N GLY E 27 41.09 -18.55 17.85
CA GLY E 27 41.97 -18.69 19.00
C GLY E 27 43.38 -19.03 18.54
N ALA E 28 44.24 -19.27 19.53
CA ALA E 28 45.65 -19.51 19.29
C ALA E 28 46.02 -20.96 19.56
N TRP E 29 46.84 -21.52 18.67
CA TRP E 29 47.37 -22.87 18.82
C TRP E 29 48.26 -22.94 20.06
N ALA E 30 48.38 -24.16 20.60
CA ALA E 30 48.97 -24.57 21.89
C ALA E 30 48.15 -24.11 23.09
N GLN E 31 47.09 -23.32 22.88
CA GLN E 31 45.95 -23.26 23.78
C GLN E 31 44.85 -24.18 23.30
N ARG E 32 45.26 -25.27 22.66
CA ARG E 32 44.35 -26.13 21.90
C ARG E 32 43.49 -26.96 22.82
N ASP E 33 44.12 -27.63 23.79
CA ASP E 33 43.38 -28.12 24.95
C ASP E 33 42.86 -26.92 25.74
N ALA E 34 41.74 -27.11 26.43
CA ALA E 34 40.93 -26.03 27.00
C ALA E 34 40.59 -25.01 25.92
N SER E 35 39.72 -25.46 25.01
CA SER E 35 39.59 -25.11 23.60
C SER E 35 39.73 -23.63 23.25
N GLN E 36 40.18 -23.38 22.01
CA GLN E 36 41.10 -22.32 21.58
C GLN E 36 40.90 -21.00 22.29
N GLU E 37 39.74 -20.41 22.06
CA GLU E 37 39.26 -19.25 22.77
C GLU E 37 37.74 -19.33 22.73
N TRP E 38 37.10 -18.50 23.50
CA TRP E 38 35.66 -18.43 23.32
C TRP E 38 35.12 -17.05 22.94
N PRO E 39 35.73 -16.31 21.99
CA PRO E 39 34.88 -15.54 21.07
C PRO E 39 34.79 -16.26 19.74
N ALA E 40 33.80 -15.92 18.94
CA ALA E 40 33.60 -16.54 17.65
C ALA E 40 33.99 -15.58 16.55
N VAL E 41 34.20 -16.13 15.36
CA VAL E 41 34.50 -15.30 14.19
C VAL E 41 33.22 -14.59 13.76
N THR E 42 33.26 -13.27 13.74
CA THR E 42 32.10 -12.47 13.39
C THR E 42 32.16 -12.05 11.93
N VAL E 43 31.03 -12.12 11.26
CA VAL E 43 30.91 -11.69 9.88
C VAL E 43 30.73 -10.18 9.87
N ARG E 44 31.60 -9.48 9.16
CA ARG E 44 31.52 -8.04 9.09
C ARG E 44 31.55 -7.59 7.64
N GLU E 45 31.38 -6.30 7.43
CA GLU E 45 31.12 -5.74 6.11
C GLU E 45 32.24 -4.79 5.72
N LYS E 46 32.61 -4.79 4.44
CA LYS E 46 33.54 -3.80 3.93
C LYS E 46 33.23 -3.51 2.47
N SER E 47 33.70 -2.36 2.01
CA SER E 47 33.50 -1.95 0.63
C SER E 47 34.64 -2.43 -0.25
N VAL E 48 34.37 -2.53 -1.55
CA VAL E 48 35.43 -2.80 -2.52
C VAL E 48 35.03 -2.21 -3.87
N ARG E 49 35.97 -1.51 -4.52
CA ARG E 49 35.76 -0.99 -5.86
C ARG E 49 36.40 -1.92 -6.87
N GLY E 50 35.58 -2.56 -7.69
CA GLY E 50 36.05 -3.54 -8.65
C GLY E 50 36.04 -2.98 -10.06
N THR E 51 37.11 -3.24 -10.79
CA THR E 51 37.24 -2.83 -12.17
C THR E 51 36.52 -3.81 -13.09
N ILE E 52 36.71 -3.68 -14.40
CA ILE E 52 36.07 -4.56 -15.37
C ILE E 52 37.10 -5.59 -15.82
N SER E 53 36.75 -6.86 -15.64
CA SER E 53 37.63 -7.95 -16.02
C SER E 53 36.91 -9.09 -16.73
N ASN E 54 35.60 -9.00 -16.92
CA ASN E 54 34.84 -10.08 -17.52
C ASN E 54 35.11 -10.16 -19.01
N ARG E 55 34.79 -11.31 -19.58
CA ARG E 55 35.01 -11.54 -21.00
C ARG E 55 34.05 -10.69 -21.82
N LEU E 56 34.56 -10.05 -22.86
CA LEU E 56 33.74 -9.16 -23.66
C LEU E 56 32.91 -9.94 -24.67
N LYS E 57 31.77 -9.36 -25.02
CA LYS E 57 31.00 -9.83 -26.16
C LYS E 57 31.74 -9.46 -27.44
N THR E 58 31.56 -10.27 -28.49
CA THR E 58 32.12 -9.95 -29.79
C THR E 58 31.49 -8.68 -30.34
N LYS E 59 32.26 -7.59 -30.32
CA LYS E 59 31.79 -6.28 -30.72
C LYS E 59 32.97 -5.47 -31.20
N ASP E 60 32.73 -4.62 -32.20
CA ASP E 60 33.74 -3.76 -32.77
C ASP E 60 33.80 -2.40 -32.08
N ARG E 61 33.06 -2.21 -31.00
CA ARG E 61 33.07 -0.98 -30.22
C ARG E 61 33.94 -1.11 -28.98
N ASP E 62 35.06 -1.83 -29.12
CA ASP E 62 35.89 -2.16 -27.96
C ASP E 62 36.58 -0.96 -27.32
N PRO E 63 37.30 -0.07 -28.04
CA PRO E 63 38.10 0.93 -27.30
C PRO E 63 37.29 2.04 -26.67
N ALA E 64 36.25 2.53 -27.38
CA ALA E 64 35.47 3.64 -26.87
C ALA E 64 34.60 3.21 -25.69
N LYS E 65 33.88 2.10 -25.84
CA LYS E 65 33.08 1.58 -24.74
C LYS E 65 33.94 0.98 -23.63
N LEU E 66 35.16 0.55 -23.96
CA LEU E 66 36.03 -0.01 -22.93
C LEU E 66 36.63 1.08 -22.06
N ASP E 67 37.17 2.13 -22.67
CA ASP E 67 37.70 3.24 -21.89
C ASP E 67 36.59 4.03 -21.22
N ALA E 68 35.42 4.10 -21.87
CA ALA E 68 34.28 4.76 -21.24
C ALA E 68 33.70 3.92 -20.11
N SER E 69 33.86 2.60 -20.18
CA SER E 69 33.28 1.72 -19.17
C SER E 69 34.07 1.78 -17.87
N ILE E 70 35.40 1.90 -17.97
CA ILE E 70 36.24 1.96 -16.77
C ILE E 70 36.23 3.35 -16.14
N GLN E 71 35.54 4.31 -16.74
CA GLN E 71 35.27 5.57 -16.06
C GLN E 71 34.31 5.38 -14.90
N SER E 72 33.38 4.43 -15.02
CA SER E 72 32.37 4.15 -14.00
C SER E 72 32.50 2.71 -13.55
N PRO E 73 33.38 2.42 -12.58
CA PRO E 73 33.62 1.04 -12.16
C PRO E 73 32.55 0.57 -11.18
N ASN E 74 32.71 -0.66 -10.71
CA ASN E 74 31.75 -1.26 -9.81
C ASN E 74 32.06 -0.92 -8.36
N LEU E 75 31.01 -0.71 -7.57
CA LEU E 75 31.15 -0.30 -6.18
C LEU E 75 30.38 -1.28 -5.29
N GLN E 76 31.08 -2.28 -4.80
CA GLN E 76 30.50 -3.38 -4.03
C GLN E 76 30.61 -3.07 -2.54
N THR E 77 29.73 -3.73 -1.75
CA THR E 77 29.87 -3.80 -0.30
C THR E 77 29.71 -5.27 0.08
N VAL E 78 30.81 -5.98 0.21
CA VAL E 78 30.80 -7.40 0.46
C VAL E 78 30.94 -7.66 1.95
N ASP E 79 30.64 -8.89 2.36
CA ASP E 79 30.84 -9.34 3.73
C ASP E 79 32.02 -10.30 3.78
N VAL E 80 32.94 -10.03 4.69
CA VAL E 80 34.07 -10.92 4.92
C VAL E 80 34.08 -11.36 6.37
N ALA E 81 34.83 -12.43 6.62
CA ALA E 81 35.05 -12.96 7.96
C ALA E 81 36.52 -13.28 8.09
N ASN E 82 37.25 -12.51 8.89
CA ASN E 82 38.67 -12.73 9.11
C ASN E 82 38.88 -13.24 10.53
N LEU E 83 39.97 -13.97 10.72
CA LEU E 83 40.44 -14.27 12.06
C LEU E 83 40.93 -12.97 12.72
N PRO E 84 40.90 -12.88 14.04
CA PRO E 84 41.47 -11.71 14.71
C PRO E 84 42.98 -11.68 14.57
N SER E 85 43.54 -10.51 14.91
CA SER E 85 44.93 -10.22 14.57
C SER E 85 45.93 -10.98 15.41
N ASP E 86 45.52 -11.59 16.50
CA ASP E 86 46.41 -12.33 17.38
C ASP E 86 45.91 -13.76 17.60
N ALA E 87 45.49 -14.40 16.51
CA ALA E 87 45.00 -15.78 16.58
C ALA E 87 45.27 -16.44 15.24
N ASP E 88 45.67 -17.70 15.27
CA ASP E 88 46.03 -18.39 14.04
C ASP E 88 45.44 -19.79 13.95
N THR E 89 44.29 -20.04 14.58
CA THR E 89 43.71 -21.37 14.56
C THR E 89 42.20 -21.26 14.46
N LEU E 90 41.63 -21.97 13.51
CA LEU E 90 40.19 -22.05 13.34
C LEU E 90 39.66 -23.30 14.03
N LYS E 91 38.54 -23.15 14.73
CA LYS E 91 37.84 -24.23 15.42
C LYS E 91 36.45 -24.38 14.85
N VAL E 92 36.08 -25.61 14.47
CA VAL E 92 34.76 -25.89 13.93
C VAL E 92 34.17 -27.04 14.71
N ARG E 93 33.03 -26.81 15.37
CA ARG E 93 32.45 -27.79 16.26
C ARG E 93 31.01 -28.09 15.86
N PHE E 94 30.72 -29.34 15.51
CA PHE E 94 29.35 -29.73 15.23
C PHE E 94 29.07 -31.08 15.88
N THR E 95 27.81 -31.47 15.91
CA THR E 95 27.39 -32.74 16.45
C THR E 95 26.83 -33.62 15.33
N LEU E 96 26.59 -34.88 15.65
CA LEU E 96 26.15 -35.84 14.63
C LEU E 96 25.38 -36.96 15.30
N ARG E 97 24.12 -37.14 14.90
CA ARG E 97 23.37 -38.32 15.31
C ARG E 97 23.42 -39.37 14.23
N VAL E 98 23.55 -40.62 14.66
CA VAL E 98 23.47 -41.77 13.77
C VAL E 98 22.21 -42.54 14.13
N LEU E 99 21.28 -42.65 13.20
CA LEU E 99 19.97 -43.23 13.46
C LEU E 99 19.86 -44.61 12.82
N GLY E 100 19.21 -45.53 13.53
CA GLY E 100 19.07 -46.88 13.03
C GLY E 100 17.81 -47.09 12.22
N GLY E 101 17.69 -48.30 11.67
CA GLY E 101 16.54 -48.65 10.86
C GLY E 101 16.56 -47.97 9.51
N ALA E 102 17.57 -48.29 8.70
CA ALA E 102 17.85 -47.55 7.48
C ALA E 102 17.29 -48.24 6.24
N GLY E 103 16.19 -48.96 6.37
CA GLY E 103 15.59 -49.60 5.22
C GLY E 103 14.08 -49.49 5.22
N THR E 104 13.53 -48.88 6.25
CA THR E 104 12.09 -48.77 6.40
C THR E 104 11.62 -47.45 5.83
N PRO E 105 10.68 -47.42 4.90
CA PRO E 105 10.18 -46.16 4.36
C PRO E 105 9.33 -45.43 5.38
N SER E 106 8.95 -44.21 5.03
CA SER E 106 8.03 -43.43 5.84
C SER E 106 6.66 -43.26 5.21
N ALA E 107 6.53 -43.48 3.90
CA ALA E 107 5.23 -43.34 3.24
C ALA E 107 5.24 -44.21 1.99
N CYS E 108 4.61 -45.38 2.07
CA CYS E 108 4.57 -46.30 0.94
C CYS E 108 3.12 -46.69 0.66
N ASN E 109 2.77 -46.74 -0.63
CA ASN E 109 1.42 -47.13 -1.02
C ASN E 109 1.23 -48.64 -0.88
N ASP E 110 2.00 -49.41 -1.62
CA ASP E 110 1.82 -50.86 -1.65
C ASP E 110 2.31 -51.49 -0.36
N ALA E 111 1.68 -52.59 0.03
CA ALA E 111 2.15 -53.38 1.15
C ALA E 111 3.05 -54.52 0.72
N ALA E 112 2.86 -55.05 -0.48
CA ALA E 112 3.71 -56.12 -0.97
C ALA E 112 5.08 -55.60 -1.38
N TYR E 113 5.11 -54.41 -1.99
CA TYR E 113 6.38 -53.80 -2.40
C TYR E 113 7.21 -53.42 -1.19
N ARG E 114 6.55 -53.00 -0.11
CA ARG E 114 7.26 -52.66 1.12
C ARG E 114 7.85 -53.91 1.77
N ASP E 115 7.11 -55.02 1.77
CA ASP E 115 7.61 -56.25 2.38
C ASP E 115 8.73 -56.85 1.56
N LYS E 116 8.63 -56.76 0.23
CA LYS E 116 9.72 -57.22 -0.64
C LYS E 116 10.96 -56.37 -0.45
N LEU E 117 10.77 -55.06 -0.24
CA LEU E 117 11.89 -54.17 0.03
C LEU E 117 12.57 -54.49 1.35
N LEU E 118 11.79 -54.76 2.39
CA LEU E 118 12.39 -55.10 3.68
C LEU E 118 13.06 -56.47 3.66
N GLN E 119 12.56 -57.41 2.85
CA GLN E 119 13.28 -58.66 2.66
C GLN E 119 14.58 -58.46 1.92
N THR E 120 14.62 -57.50 0.97
CA THR E 120 15.86 -57.22 0.25
C THR E 120 16.91 -56.60 1.17
N VAL E 121 16.51 -55.61 1.97
CA VAL E 121 17.46 -54.94 2.86
C VAL E 121 17.92 -55.88 3.98
N ALA E 122 16.99 -56.70 4.50
CA ALA E 122 17.37 -57.68 5.51
C ALA E 122 18.31 -58.74 4.94
N THR E 123 18.10 -59.10 3.67
CA THR E 123 19.03 -60.00 2.98
C THR E 123 20.40 -59.36 2.84
N TYR E 124 20.44 -58.04 2.56
CA TYR E 124 21.72 -57.34 2.46
C TYR E 124 22.46 -57.34 3.77
N VAL E 125 21.82 -56.90 4.86
CA VAL E 125 22.50 -56.83 6.14
C VAL E 125 22.77 -58.19 6.76
N ASN E 126 22.11 -59.25 6.28
CA ASN E 126 22.50 -60.59 6.72
C ASN E 126 23.67 -61.14 5.91
N ASP E 127 23.76 -60.80 4.63
CA ASP E 127 24.90 -61.26 3.85
C ASP E 127 26.19 -60.55 4.27
N GLN E 128 26.10 -59.26 4.56
CA GLN E 128 27.26 -58.47 4.95
C GLN E 128 26.77 -57.26 5.74
N GLY E 129 27.56 -56.87 6.74
CA GLY E 129 27.15 -55.83 7.65
C GLY E 129 27.28 -54.45 7.04
N PHE E 130 27.23 -53.46 7.93
CA PHE E 130 27.46 -52.06 7.58
C PHE E 130 28.91 -51.65 7.76
N ALA E 131 29.85 -52.59 7.60
CA ALA E 131 31.25 -52.30 7.89
C ALA E 131 31.89 -51.42 6.82
N GLU E 132 31.52 -51.62 5.56
CA GLU E 132 32.12 -50.84 4.47
C GLU E 132 31.70 -49.39 4.53
N LEU E 133 30.40 -49.14 4.65
CA LEU E 133 29.88 -47.78 4.63
C LEU E 133 30.28 -47.01 5.89
N ALA E 134 30.31 -47.69 7.04
CA ALA E 134 30.77 -47.01 8.24
C ALA E 134 32.28 -46.82 8.22
N ARG E 135 33.00 -47.68 7.50
CA ARG E 135 34.43 -47.48 7.34
C ARG E 135 34.73 -46.24 6.50
N ARG E 136 33.95 -46.03 5.44
CA ARG E 136 34.19 -44.84 4.62
C ARG E 136 33.66 -43.56 5.26
N TYR E 137 32.55 -43.64 5.99
CA TYR E 137 32.09 -42.50 6.77
C TYR E 137 33.07 -42.15 7.87
N ALA E 138 33.71 -43.16 8.46
CA ALA E 138 34.77 -42.90 9.42
C ALA E 138 35.99 -42.31 8.77
N HIS E 139 36.23 -42.62 7.49
CA HIS E 139 37.31 -41.92 6.80
C HIS E 139 36.97 -40.48 6.49
N ASN E 140 35.70 -40.16 6.25
CA ASN E 140 35.38 -38.76 6.02
C ASN E 140 35.29 -37.95 7.31
N LEU E 141 35.02 -38.59 8.44
CA LEU E 141 35.20 -37.91 9.71
C LEU E 141 36.66 -37.91 10.16
N ALA E 142 37.48 -38.79 9.59
CA ALA E 142 38.87 -38.91 10.03
C ALA E 142 39.68 -37.71 9.58
N ASN E 143 39.68 -37.43 8.29
CA ASN E 143 40.28 -36.20 7.79
C ASN E 143 39.28 -35.06 7.96
N ALA E 144 39.56 -33.92 7.34
CA ALA E 144 38.73 -32.75 7.57
C ALA E 144 38.07 -32.30 6.28
N ARG E 145 37.44 -33.23 5.56
CA ARG E 145 36.77 -32.91 4.32
C ARG E 145 35.63 -31.92 4.53
N PHE E 146 35.01 -31.92 5.72
CA PHE E 146 33.97 -30.95 6.04
C PHE E 146 34.50 -29.54 6.23
N LEU E 147 35.81 -29.35 6.32
CA LEU E 147 36.43 -28.04 6.12
C LEU E 147 36.67 -27.93 4.62
N TRP E 148 35.78 -27.24 3.91
CA TRP E 148 35.81 -27.25 2.45
C TRP E 148 37.00 -26.50 1.87
N ARG E 149 37.05 -25.20 2.05
CA ARG E 149 38.16 -24.41 1.54
C ARG E 149 39.11 -24.00 2.65
N ASN E 150 38.69 -24.11 3.90
CA ASN E 150 39.54 -23.83 5.05
C ASN E 150 40.66 -24.85 5.19
N ARG E 151 40.48 -26.06 4.64
CA ARG E 151 41.52 -27.08 4.73
C ARG E 151 42.67 -26.80 3.77
N VAL E 152 42.39 -26.08 2.69
CA VAL E 152 43.37 -25.86 1.62
C VAL E 152 44.46 -24.92 2.10
N GLY E 153 45.69 -25.44 2.16
CA GLY E 153 46.81 -24.62 2.59
C GLY E 153 46.83 -24.35 4.08
N ALA E 154 47.02 -25.41 4.87
CA ALA E 154 47.11 -25.27 6.32
C ALA E 154 48.34 -26.02 6.81
N GLU E 155 48.87 -25.56 7.94
CA GLU E 155 50.07 -26.18 8.49
C GLU E 155 49.76 -27.53 9.13
N ALA E 156 48.76 -27.55 10.00
CA ALA E 156 48.40 -28.78 10.70
C ALA E 156 46.91 -28.73 11.04
N VAL E 157 46.21 -29.83 10.76
CA VAL E 157 44.80 -29.95 11.03
C VAL E 157 44.59 -31.12 11.98
N GLU E 158 43.89 -30.89 13.08
CA GLU E 158 43.66 -31.94 14.07
C GLU E 158 42.17 -32.08 14.33
N VAL E 159 41.68 -33.32 14.30
CA VAL E 159 40.26 -33.63 14.47
C VAL E 159 40.10 -34.42 15.76
N ARG E 160 39.17 -34.00 16.60
CA ARG E 160 38.87 -34.68 17.85
C ARG E 160 37.39 -35.08 17.84
N ILE E 161 37.14 -36.36 18.11
CA ILE E 161 35.82 -36.95 18.02
C ILE E 161 35.48 -37.55 19.37
N ASN E 162 34.30 -37.25 19.90
CA ASN E 162 33.88 -37.78 21.18
C ASN E 162 32.58 -38.54 21.03
N HIS E 163 32.49 -39.69 21.66
CA HIS E 163 31.23 -40.42 21.76
C HIS E 163 30.56 -40.06 23.06
N ILE E 164 29.28 -39.67 22.98
CA ILE E 164 28.54 -39.18 24.14
C ILE E 164 27.36 -40.10 24.37
N ARG E 165 27.38 -40.81 25.50
CA ARG E 165 26.37 -41.83 25.80
C ARG E 165 25.43 -41.38 26.92
N GLN E 166 25.98 -41.07 28.09
CA GLN E 166 25.26 -40.35 29.13
C GLN E 166 25.50 -38.86 28.89
N GLY E 167 25.26 -38.02 29.90
CA GLY E 167 25.67 -36.62 29.80
C GLY E 167 27.17 -36.43 29.65
N GLU E 168 27.98 -37.41 30.04
CA GLU E 168 29.43 -37.33 30.01
C GLU E 168 29.97 -37.96 28.73
N VAL E 169 31.29 -38.13 28.68
CA VAL E 169 32.00 -38.62 27.50
C VAL E 169 32.34 -40.09 27.71
N ALA E 170 32.02 -40.92 26.72
CA ALA E 170 32.30 -42.35 26.81
C ALA E 170 33.68 -42.71 26.29
N ARG E 171 34.04 -42.21 25.10
CA ARG E 171 35.30 -42.57 24.47
C ARG E 171 35.71 -41.47 23.51
N ALA E 172 37.00 -41.11 23.53
CA ALA E 172 37.52 -39.99 22.77
C ALA E 172 38.60 -40.44 21.79
N TRP E 173 38.55 -39.91 20.58
CA TRP E 173 39.55 -40.13 19.54
C TRP E 173 40.19 -38.81 19.16
N ARG E 174 41.48 -38.86 18.85
CA ARG E 174 42.24 -37.68 18.41
C ARG E 174 43.04 -38.08 17.19
N PHE E 175 42.70 -37.51 16.03
CA PHE E 175 43.27 -37.88 14.76
C PHE E 175 44.22 -36.81 14.26
N ASP E 176 44.77 -37.05 13.07
CA ASP E 176 45.62 -36.09 12.37
C ASP E 176 45.19 -36.11 10.91
N ALA E 177 44.61 -35.01 10.44
CA ALA E 177 43.91 -35.04 9.17
C ALA E 177 44.83 -35.00 7.96
N LEU E 178 46.02 -34.41 8.09
CA LEU E 178 46.90 -34.31 6.93
C LEU E 178 47.64 -35.61 6.66
N ALA E 179 47.89 -36.41 7.69
CA ALA E 179 48.52 -37.71 7.48
C ALA E 179 47.55 -38.68 6.82
N ILE E 180 46.28 -38.64 7.20
CA ILE E 180 45.26 -39.45 6.55
C ILE E 180 44.97 -38.85 5.18
N GLY E 181 45.06 -39.69 4.14
CA GLY E 181 44.87 -39.20 2.81
C GLY E 181 43.43 -38.82 2.52
N LEU E 182 43.26 -38.10 1.42
CA LEU E 182 41.94 -37.65 1.00
C LEU E 182 41.36 -38.50 -0.13
N ARG E 183 42.21 -39.23 -0.86
CA ARG E 183 41.74 -40.10 -1.94
C ARG E 183 41.92 -41.58 -1.64
N ASP E 184 42.60 -41.94 -0.57
CA ASP E 184 42.88 -43.33 -0.25
C ASP E 184 42.09 -43.76 0.99
N PHE E 185 41.69 -45.02 1.00
CA PHE E 185 40.93 -45.61 2.10
C PHE E 185 41.80 -46.71 2.71
N LYS E 186 42.66 -46.32 3.64
CA LYS E 186 43.59 -47.23 4.29
C LYS E 186 43.10 -47.59 5.69
N ALA E 187 43.28 -48.84 6.07
CA ALA E 187 42.78 -49.33 7.35
C ALA E 187 43.64 -48.80 8.50
N ASP E 188 43.03 -48.82 9.69
CA ASP E 188 43.69 -48.41 10.93
C ASP E 188 42.87 -48.99 12.07
N ALA E 189 43.50 -49.11 13.23
CA ALA E 189 42.81 -49.66 14.39
C ALA E 189 41.73 -48.70 14.90
N GLU E 190 42.06 -47.41 14.96
CA GLU E 190 41.12 -46.42 15.47
C GLU E 190 39.96 -46.22 14.50
N LEU E 191 40.25 -46.25 13.20
CA LEU E 191 39.18 -46.20 12.21
C LEU E 191 38.34 -47.47 12.22
N ASP E 192 38.89 -48.60 12.67
CA ASP E 192 38.05 -49.75 12.89
C ASP E 192 37.20 -49.60 14.13
N ALA E 193 37.67 -48.81 15.12
CA ALA E 193 36.83 -48.52 16.27
C ALA E 193 35.65 -47.63 15.89
N LEU E 194 35.90 -46.59 15.07
CA LEU E 194 34.78 -45.78 14.58
C LEU E 194 33.90 -46.55 13.62
N ALA E 195 34.47 -47.50 12.87
CA ALA E 195 33.64 -48.31 11.99
C ALA E 195 32.73 -49.24 12.77
N GLU E 196 33.22 -49.78 13.89
CA GLU E 196 32.35 -50.59 14.73
C GLU E 196 31.31 -49.74 15.45
N LEU E 197 31.66 -48.49 15.79
CA LEU E 197 30.69 -47.63 16.47
C LEU E 197 29.58 -47.17 15.54
N ILE E 198 29.95 -46.63 14.37
CA ILE E 198 28.96 -46.15 13.41
C ILE E 198 28.18 -47.31 12.81
N ALA E 199 28.87 -48.43 12.55
CA ALA E 199 28.17 -49.62 12.06
C ALA E 199 27.25 -50.21 13.12
N SER E 200 27.59 -50.05 14.40
CA SER E 200 26.67 -50.43 15.45
C SER E 200 25.53 -49.44 15.60
N GLY E 201 25.71 -48.21 15.10
CA GLY E 201 24.64 -47.23 15.17
C GLY E 201 23.62 -47.36 14.06
N LEU E 202 24.09 -47.59 12.83
CA LEU E 202 23.19 -47.70 11.69
C LEU E 202 22.37 -48.98 11.71
N SER E 203 22.84 -50.03 12.40
CA SER E 203 22.10 -51.27 12.48
C SER E 203 20.99 -51.24 13.52
N GLY E 204 20.88 -50.16 14.29
CA GLY E 204 19.84 -50.07 15.29
C GLY E 204 20.18 -50.74 16.60
N SER E 205 21.43 -51.08 16.83
CA SER E 205 21.85 -51.78 18.04
C SER E 205 22.18 -50.84 19.19
N GLY E 206 21.96 -49.54 19.02
CA GLY E 206 22.24 -48.59 20.07
C GLY E 206 22.01 -47.17 19.60
N HIS E 207 22.33 -46.24 20.48
CA HIS E 207 22.20 -44.81 20.21
C HIS E 207 23.59 -44.20 20.09
N VAL E 208 23.83 -43.47 19.01
CA VAL E 208 25.15 -42.92 18.72
C VAL E 208 25.04 -41.43 18.51
N LEU E 209 25.62 -40.66 19.43
CA LEU E 209 25.76 -39.21 19.33
C LEU E 209 27.23 -38.86 19.42
N LEU E 210 27.74 -38.19 18.39
CA LEU E 210 29.14 -37.84 18.29
C LEU E 210 29.32 -36.33 18.30
N GLU E 211 30.41 -35.88 18.92
CA GLU E 211 30.80 -34.48 18.92
C GLU E 211 32.11 -34.36 18.16
N VAL E 212 32.11 -33.56 17.10
CA VAL E 212 33.27 -33.42 16.23
C VAL E 212 33.80 -32.01 16.33
N VAL E 213 35.10 -31.88 16.61
CA VAL E 213 35.78 -30.60 16.74
C VAL E 213 37.01 -30.62 15.85
N ALA E 214 37.16 -29.61 15.00
CA ALA E 214 38.27 -29.53 14.07
C ALA E 214 39.09 -28.27 14.29
N PHE E 215 40.41 -28.42 14.14
CA PHE E 215 41.40 -27.40 14.44
C PHE E 215 42.30 -27.21 13.23
N ALA E 216 42.53 -25.96 12.84
CA ALA E 216 43.36 -25.70 11.67
C ALA E 216 44.25 -24.49 11.90
N ARG E 217 45.54 -24.60 11.55
CA ARG E 217 46.45 -23.46 11.49
C ARG E 217 46.42 -22.90 10.08
N ILE E 218 45.74 -21.78 9.89
CA ILE E 218 45.68 -21.15 8.58
C ILE E 218 46.39 -19.83 8.52
N GLY E 219 47.02 -19.40 9.61
CA GLY E 219 47.73 -18.14 9.60
C GLY E 219 47.11 -17.10 10.50
N ASP E 220 47.84 -16.02 10.76
CA ASP E 220 47.47 -15.07 11.81
C ASP E 220 46.60 -13.98 11.20
N GLY E 221 45.30 -14.23 11.16
CA GLY E 221 44.34 -13.19 10.83
C GLY E 221 43.94 -13.09 9.38
N GLN E 222 43.52 -14.19 8.76
CA GLN E 222 43.24 -14.14 7.31
C GLN E 222 42.11 -15.11 6.91
N GLU E 223 40.90 -14.58 6.88
CA GLU E 223 39.84 -14.93 5.90
C GLU E 223 39.46 -16.41 5.94
N VAL E 224 38.76 -16.77 7.01
CA VAL E 224 38.03 -18.02 7.07
C VAL E 224 36.85 -17.96 6.11
N PHE E 225 36.24 -19.12 5.86
CA PHE E 225 35.31 -19.29 4.75
C PHE E 225 34.00 -19.93 5.20
N PRO E 226 33.04 -19.14 5.66
CA PRO E 226 31.70 -19.69 5.92
C PRO E 226 30.91 -19.84 4.64
N SER E 227 29.65 -20.23 4.76
CA SER E 227 28.80 -20.48 3.60
C SER E 227 27.95 -19.25 3.29
N GLN E 228 27.66 -19.06 2.00
CA GLN E 228 26.99 -17.86 1.54
C GLN E 228 25.48 -18.04 1.59
N GLU E 229 24.76 -16.97 1.25
CA GLU E 229 23.31 -16.92 1.30
C GLU E 229 22.77 -16.46 -0.05
N LEU E 230 21.47 -16.60 -0.23
CA LEU E 230 20.79 -16.21 -1.46
C LEU E 230 20.23 -14.81 -1.31
N ILE E 231 20.67 -13.88 -2.17
CA ILE E 231 20.03 -12.59 -2.33
C ILE E 231 19.52 -12.51 -3.76
N LEU E 232 18.26 -12.18 -3.91
CA LEU E 232 17.68 -11.90 -5.23
C LEU E 232 17.94 -10.43 -5.54
N ASP E 233 19.00 -10.17 -6.29
CA ASP E 233 19.31 -8.82 -6.75
C ASP E 233 18.36 -8.50 -7.88
N LYS E 234 17.17 -8.01 -7.53
CA LYS E 234 16.20 -7.55 -8.50
C LYS E 234 16.54 -6.13 -8.92
N GLY E 235 15.60 -5.47 -9.58
CA GLY E 235 15.87 -4.12 -10.05
C GLY E 235 15.83 -3.08 -8.95
N ASP E 236 14.87 -3.18 -8.05
CA ASP E 236 14.65 -2.15 -7.05
C ASP E 236 15.63 -2.30 -5.90
N LYS E 237 15.42 -1.51 -4.84
CA LYS E 237 16.15 -1.55 -3.57
C LYS E 237 17.65 -1.33 -3.79
N LYS E 238 17.96 -0.11 -4.24
CA LYS E 238 19.30 0.26 -4.66
C LYS E 238 20.29 0.16 -3.51
N GLY E 239 21.45 -0.44 -3.79
CA GLY E 239 22.46 -0.66 -2.77
C GLY E 239 22.32 -1.97 -2.02
N GLN E 240 22.39 -3.09 -2.72
CA GLN E 240 22.42 -4.40 -2.10
C GLN E 240 23.82 -4.69 -1.55
N LYS E 241 24.05 -5.92 -1.12
CA LYS E 241 25.38 -6.34 -0.71
C LYS E 241 26.12 -7.13 -1.77
N SER E 242 25.40 -8.03 -2.47
CA SER E 242 25.87 -8.98 -3.48
C SER E 242 26.78 -10.08 -2.92
N LYS E 243 27.11 -10.02 -1.63
CA LYS E 243 27.72 -11.16 -0.94
C LYS E 243 27.42 -11.04 0.54
N THR E 244 26.54 -11.91 1.03
CA THR E 244 26.29 -12.02 2.45
C THR E 244 26.57 -13.45 2.90
N LEU E 245 26.87 -13.60 4.18
CA LEU E 245 27.34 -14.87 4.72
C LEU E 245 26.38 -15.37 5.78
N TYR E 246 26.25 -16.70 5.84
CA TYR E 246 25.37 -17.32 6.83
C TYR E 246 25.90 -17.15 8.23
N SER E 247 25.00 -16.89 9.16
CA SER E 247 25.39 -16.71 10.54
C SER E 247 24.30 -17.26 11.45
N VAL E 248 24.63 -17.27 12.73
CA VAL E 248 23.75 -17.64 13.83
C VAL E 248 23.82 -16.42 14.73
N ARG E 249 23.45 -16.56 16.01
CA ARG E 249 23.44 -15.40 16.88
C ARG E 249 24.85 -14.87 17.10
N ASP E 250 25.28 -14.02 16.15
CA ASP E 250 26.58 -13.33 16.14
C ASP E 250 27.77 -14.30 16.13
N ALA E 251 27.78 -15.18 15.12
CA ALA E 251 28.88 -16.10 14.90
C ALA E 251 28.79 -16.61 13.46
N ALA E 252 29.93 -16.73 12.80
CA ALA E 252 29.96 -17.31 11.47
C ALA E 252 29.82 -18.82 11.55
N ALA E 253 29.02 -19.38 10.66
CA ALA E 253 28.83 -20.82 10.61
C ALA E 253 28.59 -21.24 9.18
N ILE E 254 28.66 -22.53 8.92
CA ILE E 254 28.30 -23.05 7.61
C ILE E 254 27.04 -23.90 7.78
N HIS E 255 26.36 -24.16 6.68
CA HIS E 255 25.11 -24.87 6.69
C HIS E 255 25.33 -26.34 7.08
N SER E 256 24.23 -27.03 7.34
CA SER E 256 24.33 -28.45 7.61
C SER E 256 24.33 -29.28 6.33
N GLN E 257 23.89 -28.70 5.20
CA GLN E 257 23.95 -29.44 3.94
C GLN E 257 25.37 -29.62 3.45
N LYS E 258 26.27 -28.70 3.79
CA LYS E 258 27.64 -28.84 3.33
C LYS E 258 28.39 -29.89 4.12
N ILE E 259 28.14 -29.96 5.42
CA ILE E 259 28.73 -31.02 6.23
C ILE E 259 28.14 -32.37 5.87
N GLY E 260 26.83 -32.41 5.66
CA GLY E 260 26.20 -33.64 5.20
C GLY E 260 26.62 -34.05 3.81
N ASN E 261 27.01 -33.08 2.98
CA ASN E 261 27.57 -33.40 1.67
C ASN E 261 28.97 -33.97 1.81
N ALA E 262 29.77 -33.42 2.72
CA ALA E 262 31.12 -33.91 2.89
C ALA E 262 31.17 -35.28 3.55
N LEU E 263 30.14 -35.65 4.32
CA LEU E 263 30.12 -37.00 4.87
C LEU E 263 29.67 -38.05 3.86
N ARG E 264 29.13 -37.65 2.72
CA ARG E 264 28.61 -38.59 1.73
C ARG E 264 29.53 -38.72 0.52
N THR E 265 30.77 -38.25 0.62
CA THR E 265 31.71 -38.34 -0.49
C THR E 265 32.44 -39.68 -0.35
N ILE E 266 31.74 -40.75 -0.73
CA ILE E 266 32.26 -42.10 -0.62
C ILE E 266 32.18 -42.86 -1.94
N ASP E 267 31.57 -42.29 -2.97
CA ASP E 267 31.31 -43.01 -4.21
C ASP E 267 32.57 -42.99 -5.07
N THR E 268 33.29 -44.11 -5.10
CA THR E 268 34.45 -44.29 -5.97
C THR E 268 34.16 -45.36 -7.02
N TRP E 269 32.93 -45.40 -7.52
CA TRP E 269 32.40 -46.57 -8.19
C TRP E 269 31.76 -46.26 -9.55
N TYR E 270 31.93 -45.07 -10.07
CA TYR E 270 31.63 -44.82 -11.47
C TYR E 270 32.64 -45.57 -12.34
N PRO E 271 32.22 -46.17 -13.47
CA PRO E 271 33.12 -47.05 -14.23
C PRO E 271 34.28 -46.36 -14.92
N ASP E 272 34.29 -45.03 -15.03
CA ASP E 272 35.44 -44.30 -15.58
C ASP E 272 35.91 -43.27 -14.58
N GLU E 273 35.99 -43.66 -13.31
CA GLU E 273 36.35 -42.75 -12.23
C GLU E 273 37.75 -43.12 -11.75
N ASP E 274 38.74 -42.55 -12.42
CA ASP E 274 40.13 -42.57 -11.97
C ASP E 274 40.61 -41.12 -11.89
N GLY E 275 41.46 -40.84 -10.92
CA GLY E 275 41.81 -39.44 -10.72
C GLY E 275 40.95 -38.80 -9.65
N LEU E 276 39.82 -38.21 -10.09
CA LEU E 276 38.93 -37.44 -9.23
C LEU E 276 38.45 -38.25 -8.03
N GLY E 277 38.16 -39.52 -8.22
CA GLY E 277 37.92 -40.42 -7.12
C GLY E 277 36.56 -40.27 -6.47
N PRO E 278 36.54 -39.91 -5.19
CA PRO E 278 35.28 -39.97 -4.43
C PRO E 278 34.30 -38.87 -4.84
N ILE E 279 33.07 -39.29 -5.08
CA ILE E 279 31.97 -38.41 -5.51
C ILE E 279 30.92 -38.49 -4.41
N ALA E 280 30.09 -37.44 -4.30
CA ALA E 280 28.97 -37.50 -3.39
C ALA E 280 27.90 -38.45 -3.93
N VAL E 281 27.20 -39.12 -3.01
CA VAL E 281 26.22 -40.13 -3.38
C VAL E 281 24.91 -39.44 -3.74
N GLU E 282 24.53 -39.52 -5.01
CA GLU E 282 23.29 -38.95 -5.51
C GLU E 282 22.66 -39.92 -6.48
N PRO E 283 21.34 -39.95 -6.56
CA PRO E 283 20.71 -40.56 -7.75
C PRO E 283 21.03 -39.69 -8.94
N TYR E 284 21.24 -40.34 -10.09
CA TYR E 284 21.80 -39.72 -11.30
C TYR E 284 23.10 -38.99 -10.96
N GLY E 285 24.10 -39.76 -10.52
CA GLY E 285 25.23 -39.27 -9.74
C GLY E 285 25.98 -38.09 -10.31
N SER E 286 25.83 -36.94 -9.66
CA SER E 286 26.03 -35.64 -10.28
C SER E 286 26.97 -34.77 -9.46
N VAL E 287 27.70 -33.92 -10.16
CA VAL E 287 28.52 -32.88 -9.57
C VAL E 287 28.11 -31.55 -10.18
N THR E 288 27.72 -30.60 -9.34
CA THR E 288 27.25 -29.30 -9.85
C THR E 288 28.41 -28.45 -10.33
N SER E 289 29.55 -28.51 -9.64
CA SER E 289 30.68 -27.67 -10.02
C SER E 289 31.33 -28.15 -11.31
N GLN E 290 31.46 -29.47 -11.49
CA GLN E 290 31.99 -30.00 -12.74
C GLN E 290 30.98 -29.93 -13.87
N GLY E 291 29.70 -29.70 -13.57
CA GLY E 291 28.67 -29.63 -14.57
C GLY E 291 28.32 -30.95 -15.23
N LYS E 292 28.79 -32.06 -14.68
CA LYS E 292 28.62 -33.37 -15.29
C LYS E 292 27.79 -34.27 -14.38
N ALA E 293 26.81 -34.95 -14.97
CA ALA E 293 26.09 -36.03 -14.31
C ALA E 293 26.72 -37.34 -14.75
N TYR E 294 27.41 -38.00 -13.84
CA TYR E 294 28.19 -39.18 -14.20
C TYR E 294 27.29 -40.37 -14.52
N ARG E 295 26.51 -40.82 -13.55
CA ARG E 295 25.67 -41.98 -13.75
C ARG E 295 24.40 -41.56 -14.48
N GLN E 296 24.39 -41.75 -15.79
CA GLN E 296 23.21 -41.41 -16.58
C GLN E 296 22.43 -42.67 -16.91
N PRO E 297 21.11 -42.56 -17.15
CA PRO E 297 20.34 -43.77 -17.52
C PRO E 297 20.52 -44.23 -18.95
N LYS E 298 21.47 -43.69 -19.72
CA LYS E 298 21.92 -44.38 -20.93
C LYS E 298 22.59 -45.69 -20.56
N GLN E 299 23.47 -45.65 -19.58
CA GLN E 299 23.98 -46.85 -18.93
C GLN E 299 22.94 -47.38 -17.96
N LYS E 300 23.24 -48.48 -17.30
CA LYS E 300 22.31 -49.07 -16.35
C LYS E 300 22.90 -49.06 -14.95
N LEU E 301 23.53 -47.95 -14.57
CA LEU E 301 24.11 -47.79 -13.24
C LEU E 301 23.44 -46.68 -12.45
N ASP E 302 22.24 -46.28 -12.85
CA ASP E 302 21.42 -45.35 -12.09
C ASP E 302 20.94 -46.00 -10.79
N PHE E 303 20.54 -45.16 -9.84
CA PHE E 303 19.94 -45.69 -8.61
C PHE E 303 18.58 -46.31 -8.87
N TYR E 304 17.77 -45.67 -9.73
CA TYR E 304 16.41 -46.13 -9.97
C TYR E 304 16.42 -47.45 -10.74
N THR E 305 17.36 -47.59 -11.67
CA THR E 305 17.45 -48.81 -12.48
C THR E 305 17.91 -49.99 -11.64
N LEU E 306 18.92 -49.78 -10.79
CA LEU E 306 19.40 -50.85 -9.92
C LEU E 306 18.38 -51.21 -8.85
N LEU E 307 17.64 -50.23 -8.34
CA LEU E 307 16.64 -50.53 -7.32
C LEU E 307 15.46 -51.28 -7.92
N ASP E 308 15.06 -50.92 -9.14
CA ASP E 308 13.99 -51.65 -9.81
C ASP E 308 14.42 -53.05 -10.19
N ASN E 309 15.65 -53.21 -10.66
CA ASN E 309 16.12 -54.53 -11.06
C ASN E 309 16.45 -55.41 -9.86
N TRP E 310 16.63 -54.85 -8.68
CA TRP E 310 17.02 -55.65 -7.53
C TRP E 310 15.88 -55.89 -6.55
N VAL E 311 14.84 -55.07 -6.58
CA VAL E 311 13.66 -55.36 -5.77
C VAL E 311 12.65 -56.19 -6.53
N LEU E 312 12.27 -55.76 -7.73
CA LEU E 312 11.20 -56.42 -8.47
C LEU E 312 11.67 -57.71 -9.14
N ARG E 313 12.64 -57.59 -10.04
CA ARG E 313 13.02 -58.69 -10.91
C ARG E 313 14.02 -59.64 -10.27
N ASP E 314 14.46 -59.37 -9.03
CA ASP E 314 15.43 -60.17 -8.27
C ASP E 314 16.78 -60.30 -8.97
N GLU E 315 17.11 -59.38 -9.87
CA GLU E 315 18.40 -59.38 -10.54
C GLU E 315 19.38 -58.61 -9.65
N ALA E 316 20.11 -59.34 -8.83
CA ALA E 316 20.99 -58.70 -7.88
C ALA E 316 22.24 -58.18 -8.59
N PRO E 317 22.59 -56.91 -8.40
CA PRO E 317 23.82 -56.38 -9.02
C PRO E 317 25.07 -56.86 -8.30
N ALA E 318 26.22 -56.31 -8.68
CA ALA E 318 27.47 -56.60 -7.99
C ALA E 318 27.41 -56.05 -6.56
N VAL E 319 28.36 -56.52 -5.74
CA VAL E 319 28.42 -56.12 -4.32
C VAL E 319 28.69 -54.63 -4.20
N GLU E 320 29.55 -54.12 -5.09
CA GLU E 320 29.86 -52.70 -5.22
C GLU E 320 28.62 -51.83 -5.40
N GLN E 321 27.77 -52.18 -6.37
CA GLN E 321 26.56 -51.41 -6.60
C GLN E 321 25.54 -51.60 -5.50
N GLN E 322 25.60 -52.72 -4.77
CA GLN E 322 24.75 -52.88 -3.61
C GLN E 322 25.15 -51.91 -2.50
N HIS E 323 26.45 -51.69 -2.33
CA HIS E 323 26.91 -50.65 -1.42
C HIS E 323 26.43 -49.28 -1.85
N TYR E 324 26.40 -49.05 -3.17
CA TYR E 324 25.86 -47.79 -3.69
C TYR E 324 24.38 -47.61 -3.31
N VAL E 325 23.57 -48.64 -3.54
CA VAL E 325 22.12 -48.50 -3.35
C VAL E 325 21.78 -48.35 -1.87
N ILE E 326 22.42 -49.15 -1.00
CA ILE E 326 22.13 -49.05 0.42
C ILE E 326 22.64 -47.72 0.99
N ALA E 327 23.78 -47.24 0.49
CA ALA E 327 24.25 -45.90 0.87
C ALA E 327 23.28 -44.83 0.43
N ASN E 328 22.64 -45.02 -0.72
CA ASN E 328 21.67 -44.06 -1.21
C ASN E 328 20.33 -44.18 -0.50
N LEU E 329 20.08 -45.27 0.22
CA LEU E 329 18.94 -45.29 1.13
C LEU E 329 19.25 -44.66 2.47
N ILE E 330 20.52 -44.71 2.90
CA ILE E 330 20.92 -43.95 4.09
C ILE E 330 20.87 -42.45 3.79
N ARG E 331 21.12 -42.06 2.54
CA ARG E 331 21.04 -40.65 2.16
C ARG E 331 19.61 -40.11 2.25
N GLY E 332 18.60 -40.97 2.09
CA GLY E 332 17.22 -40.51 2.12
C GLY E 332 16.81 -39.90 0.80
N GLY E 333 15.59 -39.40 0.75
CA GLY E 333 15.12 -38.70 -0.42
C GLY E 333 13.64 -38.90 -0.63
N VAL E 334 13.17 -38.37 -1.77
CA VAL E 334 11.80 -38.52 -2.21
C VAL E 334 11.84 -39.31 -3.51
N PHE E 335 11.35 -40.54 -3.45
CA PHE E 335 11.45 -41.47 -4.56
C PHE E 335 10.05 -41.74 -5.08
N GLY E 336 9.95 -42.65 -6.04
CA GLY E 336 8.68 -42.94 -6.65
C GLY E 336 8.24 -41.86 -7.62
N GLU E 337 7.07 -42.07 -8.20
CA GLU E 337 6.55 -41.18 -9.24
C GLU E 337 6.25 -39.79 -8.71
N ILE F 4 -39.84 -45.73 9.23
CA ILE F 4 -39.82 -46.04 10.65
C ILE F 4 -38.41 -45.98 11.22
N LEU F 5 -38.20 -45.02 12.11
CA LEU F 5 -36.91 -44.80 12.77
C LEU F 5 -35.75 -44.65 11.79
N SER F 6 -35.98 -43.88 10.73
CA SER F 6 -34.96 -43.63 9.73
C SER F 6 -33.84 -42.78 10.33
N THR F 7 -32.62 -42.97 9.85
CA THR F 7 -31.48 -42.22 10.37
C THR F 7 -31.65 -40.73 10.12
N ALA F 8 -31.29 -39.93 11.11
CA ALA F 8 -31.42 -38.48 11.02
C ALA F 8 -30.49 -37.93 9.94
N SER F 9 -30.94 -36.90 9.25
CA SER F 9 -30.13 -36.28 8.21
C SER F 9 -29.06 -35.37 8.79
N VAL F 10 -29.25 -34.93 10.03
CA VAL F 10 -28.25 -34.09 10.67
C VAL F 10 -27.95 -34.68 12.04
N LEU F 11 -26.68 -35.00 12.31
CA LEU F 11 -26.29 -35.47 13.63
C LEU F 11 -25.33 -34.54 14.34
N ALA F 12 -24.14 -34.27 13.76
CA ALA F 12 -23.23 -33.20 14.15
C ALA F 12 -22.80 -33.28 15.62
N PHE F 13 -22.04 -34.33 15.93
CA PHE F 13 -21.48 -34.44 17.26
C PHE F 13 -20.33 -33.46 17.48
N GLU F 14 -19.88 -33.38 18.73
CA GLU F 14 -18.92 -32.40 19.19
C GLU F 14 -17.86 -33.10 20.02
N ARG F 15 -16.60 -32.70 19.84
CA ARG F 15 -15.50 -33.45 20.43
C ARG F 15 -15.40 -33.19 21.92
N LYS F 16 -14.82 -34.16 22.64
CA LYS F 16 -14.79 -34.13 24.09
C LYS F 16 -13.39 -34.16 24.67
N LEU F 17 -12.36 -34.40 23.87
CA LEU F 17 -10.98 -34.25 24.30
C LEU F 17 -10.39 -33.04 23.58
N ASP F 18 -10.04 -32.01 24.34
CA ASP F 18 -9.70 -30.72 23.76
C ASP F 18 -8.25 -30.36 24.11
N PRO F 19 -7.30 -30.57 23.18
CA PRO F 19 -5.92 -30.13 23.41
C PRO F 19 -5.68 -28.69 23.01
N SER F 20 -4.43 -28.26 23.06
CA SER F 20 -4.04 -26.93 22.63
C SER F 20 -2.72 -27.04 21.87
N ASP F 21 -2.06 -25.91 21.63
CA ASP F 21 -0.82 -25.90 20.88
C ASP F 21 0.35 -26.32 21.77
N ALA F 22 1.50 -26.58 21.14
CA ALA F 22 2.55 -27.34 21.83
C ALA F 22 3.64 -26.48 22.46
N LEU F 23 4.04 -25.38 21.82
CA LEU F 23 4.92 -24.35 22.39
C LEU F 23 6.29 -24.92 22.79
N MET F 24 7.06 -25.29 21.77
CA MET F 24 8.41 -25.81 21.97
C MET F 24 9.31 -24.80 22.64
N SER F 25 10.16 -25.28 23.55
CA SER F 25 11.19 -24.46 24.17
C SER F 25 12.35 -25.36 24.55
N ALA F 26 13.53 -24.76 24.63
CA ALA F 26 14.77 -25.50 24.74
C ALA F 26 15.36 -25.38 26.14
N GLY F 27 16.55 -25.95 26.31
CA GLY F 27 17.26 -25.85 27.57
C GLY F 27 18.14 -27.08 27.76
N ALA F 28 18.76 -27.13 28.94
CA ALA F 28 19.73 -28.17 29.27
C ALA F 28 19.17 -29.13 30.31
N TRP F 29 19.41 -30.42 30.09
CA TRP F 29 19.05 -31.47 31.02
C TRP F 29 19.81 -31.29 32.33
N ALA F 30 19.22 -31.82 33.41
CA ALA F 30 19.55 -31.67 34.84
C ALA F 30 19.26 -30.27 35.36
N GLN F 31 18.87 -29.33 34.50
CA GLN F 31 18.06 -28.18 34.89
C GLN F 31 16.59 -28.45 34.62
N ARG F 32 16.23 -29.72 34.75
CA ARG F 32 14.93 -30.21 34.28
C ARG F 32 13.82 -29.76 35.22
N ASP F 33 13.99 -29.96 36.51
CA ASP F 33 13.21 -29.24 37.49
C ASP F 33 13.57 -27.76 37.42
N ALA F 34 12.61 -26.90 37.75
CA ALA F 34 12.66 -25.46 37.46
C ALA F 34 12.91 -25.24 35.97
N SER F 35 11.88 -25.58 35.19
CA SER F 35 11.88 -26.07 33.82
C SER F 35 12.84 -25.41 32.85
N GLN F 36 13.26 -26.18 31.83
CA GLN F 36 14.59 -26.25 31.22
C GLN F 36 15.27 -24.90 31.12
N GLU F 37 14.69 -24.05 30.29
CA GLU F 37 15.05 -22.66 30.17
C GLU F 37 13.79 -21.93 29.75
N TRP F 38 13.84 -20.61 29.79
CA TRP F 38 12.71 -19.91 29.19
C TRP F 38 13.08 -18.96 28.06
N PRO F 39 13.94 -19.35 27.08
CA PRO F 39 13.66 -18.93 25.71
C PRO F 39 13.04 -20.08 24.93
N ALA F 40 12.39 -19.79 23.82
CA ALA F 40 11.76 -20.81 23.01
C ALA F 40 12.57 -21.01 21.74
N VAL F 41 12.30 -22.15 21.08
CA VAL F 41 12.94 -22.44 19.81
C VAL F 41 12.32 -21.56 18.75
N THR F 42 13.14 -20.75 18.09
CA THR F 42 12.66 -19.82 17.07
C THR F 42 12.85 -20.42 15.70
N VAL F 43 11.85 -20.23 14.85
CA VAL F 43 11.91 -20.68 13.46
C VAL F 43 12.66 -19.63 12.66
N ARG F 44 13.73 -20.04 11.99
CA ARG F 44 14.53 -19.11 11.20
C ARG F 44 14.69 -19.67 9.79
N GLU F 45 15.32 -18.87 8.94
CA GLU F 45 15.35 -19.12 7.51
C GLU F 45 16.78 -19.33 7.04
N LYS F 46 16.96 -20.26 6.10
CA LYS F 46 18.27 -20.40 5.46
C LYS F 46 18.07 -20.87 4.02
N SER F 47 19.09 -20.66 3.21
CA SER F 47 19.07 -21.06 1.82
C SER F 47 19.63 -22.47 1.66
N VAL F 48 19.27 -23.11 0.55
CA VAL F 48 19.84 -24.42 0.26
C VAL F 48 19.85 -24.63 -1.24
N ARG F 49 21.01 -25.06 -1.74
CA ARG F 49 21.22 -25.37 -3.16
C ARG F 49 21.16 -26.88 -3.30
N GLY F 50 19.99 -27.39 -3.65
CA GLY F 50 19.82 -28.81 -3.85
C GLY F 50 20.31 -29.26 -5.21
N THR F 51 19.65 -30.29 -5.73
CA THR F 51 19.87 -30.77 -7.08
C THR F 51 18.61 -31.50 -7.55
N ILE F 52 18.54 -31.74 -8.87
CA ILE F 52 17.35 -32.37 -9.44
C ILE F 52 17.52 -33.87 -9.31
N SER F 53 16.88 -34.44 -8.29
CA SER F 53 16.90 -35.88 -8.05
C SER F 53 15.46 -36.33 -7.84
N ASN F 54 14.77 -36.58 -8.96
CA ASN F 54 13.42 -37.11 -8.95
C ASN F 54 13.28 -38.01 -10.17
N ARG F 55 12.28 -38.91 -10.13
CA ARG F 55 11.97 -39.68 -11.33
C ARG F 55 11.40 -38.74 -12.38
N LEU F 56 11.89 -38.88 -13.62
CA LEU F 56 11.61 -37.92 -14.66
C LEU F 56 10.74 -38.55 -15.74
N LYS F 57 9.60 -37.92 -16.01
CA LYS F 57 8.77 -38.20 -17.18
C LYS F 57 8.76 -36.90 -17.98
N THR F 58 9.80 -36.70 -18.78
CA THR F 58 10.01 -35.46 -19.50
C THR F 58 9.49 -35.58 -20.93
N LYS F 59 9.86 -34.61 -21.76
CA LYS F 59 9.64 -34.71 -23.20
C LYS F 59 10.33 -35.95 -23.75
N ASP F 60 9.55 -36.81 -24.40
CA ASP F 60 9.99 -38.15 -24.73
C ASP F 60 11.07 -38.12 -25.80
N ARG F 61 12.19 -38.80 -25.50
CA ARG F 61 13.40 -38.83 -26.33
C ARG F 61 13.93 -37.43 -26.62
N ASP F 62 14.04 -36.62 -25.56
CA ASP F 62 14.67 -35.31 -25.64
C ASP F 62 15.95 -35.38 -24.82
N PRO F 63 17.09 -35.72 -25.43
CA PRO F 63 18.31 -35.89 -24.64
C PRO F 63 18.94 -34.59 -24.20
N ALA F 64 18.75 -33.51 -24.95
CA ALA F 64 19.39 -32.25 -24.59
C ALA F 64 18.74 -31.62 -23.37
N LYS F 65 17.40 -31.59 -23.34
CA LYS F 65 16.69 -31.07 -22.18
C LYS F 65 16.91 -31.94 -20.95
N LEU F 66 16.98 -33.26 -21.15
CA LEU F 66 17.23 -34.19 -20.04
C LEU F 66 18.63 -34.01 -19.48
N ASP F 67 19.62 -33.78 -20.35
CA ASP F 67 20.97 -33.55 -19.88
C ASP F 67 21.10 -32.20 -19.16
N ALA F 68 20.45 -31.16 -19.69
CA ALA F 68 20.56 -29.86 -19.07
C ALA F 68 19.74 -29.76 -17.79
N SER F 69 18.79 -30.65 -17.58
CA SER F 69 17.95 -30.57 -16.39
C SER F 69 18.58 -31.24 -15.18
N ILE F 70 19.48 -32.20 -15.37
CA ILE F 70 20.00 -32.96 -14.23
C ILE F 70 21.41 -32.53 -13.88
N GLN F 71 21.84 -31.38 -14.40
CA GLN F 71 23.18 -30.87 -14.10
C GLN F 71 23.17 -29.51 -13.44
N SER F 72 22.12 -28.74 -13.62
CA SER F 72 22.02 -27.40 -13.07
C SER F 72 21.54 -27.46 -11.62
N PRO F 73 21.91 -26.49 -10.80
CA PRO F 73 21.48 -26.49 -9.39
C PRO F 73 20.06 -26.00 -9.15
N ASN F 74 19.68 -25.86 -7.89
CA ASN F 74 18.31 -25.56 -7.50
C ASN F 74 18.35 -24.77 -6.19
N LEU F 75 17.65 -23.65 -6.11
CA LEU F 75 17.94 -22.63 -5.09
C LEU F 75 16.71 -22.27 -4.24
N GLN F 76 16.52 -23.04 -3.17
CA GLN F 76 15.47 -22.99 -2.18
C GLN F 76 15.85 -22.02 -1.07
N THR F 77 14.83 -21.53 -0.36
CA THR F 77 15.00 -20.83 0.93
C THR F 77 14.03 -21.46 1.92
N VAL F 78 14.50 -22.43 2.68
CA VAL F 78 13.65 -23.18 3.57
C VAL F 78 13.73 -22.59 4.97
N ASP F 79 12.79 -22.98 5.83
CA ASP F 79 12.78 -22.60 7.23
C ASP F 79 13.16 -23.80 8.08
N VAL F 80 14.11 -23.61 8.97
CA VAL F 80 14.51 -24.64 9.91
C VAL F 80 14.36 -24.12 11.32
N ALA F 81 14.34 -25.04 12.27
CA ALA F 81 14.30 -24.75 13.69
C ALA F 81 15.30 -25.66 14.37
N ASN F 82 16.40 -25.11 14.86
CA ASN F 82 17.41 -25.87 15.57
C ASN F 82 17.39 -25.52 17.04
N LEU F 83 17.83 -26.46 17.87
CA LEU F 83 18.13 -26.13 19.25
C LEU F 83 19.36 -25.21 19.29
N PRO F 84 19.49 -24.39 20.34
CA PRO F 84 20.69 -23.57 20.48
C PRO F 84 21.92 -24.42 20.78
N SER F 85 23.08 -23.80 20.65
CA SER F 85 24.34 -24.53 20.63
C SER F 85 24.75 -25.08 21.98
N ASP F 86 24.13 -24.63 23.06
CA ASP F 86 24.46 -25.08 24.40
C ASP F 86 23.24 -25.60 25.14
N ALA F 87 22.43 -26.39 24.44
CA ALA F 87 21.22 -26.97 25.02
C ALA F 87 20.94 -28.29 24.32
N ASP F 88 20.50 -29.28 25.08
CA ASP F 88 20.28 -30.60 24.51
C ASP F 88 18.97 -31.23 24.95
N THR F 89 17.96 -30.43 25.25
CA THR F 89 16.69 -30.97 25.72
C THR F 89 15.55 -30.15 25.16
N LEU F 90 14.59 -30.84 24.56
CA LEU F 90 13.38 -30.22 24.04
C LEU F 90 12.26 -30.35 25.08
N LYS F 91 11.52 -29.26 25.25
CA LYS F 91 10.38 -29.19 26.15
C LYS F 91 9.13 -28.87 25.35
N VAL F 92 8.08 -29.66 25.53
CA VAL F 92 6.80 -29.45 24.86
C VAL F 92 5.69 -29.43 25.90
N ARG F 93 4.98 -28.31 25.99
CA ARG F 93 4.00 -28.11 27.04
C ARG F 93 2.65 -27.77 26.45
N PHE F 94 1.64 -28.60 26.70
CA PHE F 94 0.29 -28.28 26.26
C PHE F 94 -0.69 -28.62 27.37
N THR F 95 -1.93 -28.17 27.22
CA THR F 95 -2.99 -28.46 28.18
C THR F 95 -4.04 -29.34 27.53
N LEU F 96 -4.96 -29.85 28.34
CA LEU F 96 -5.95 -30.79 27.84
C LEU F 96 -7.19 -30.71 28.71
N ARG F 97 -8.33 -30.39 28.11
CA ARG F 97 -9.61 -30.51 28.81
C ARG F 97 -10.29 -31.81 28.45
N VAL F 98 -10.90 -32.43 29.46
CA VAL F 98 -11.72 -33.62 29.26
C VAL F 98 -13.15 -33.23 29.59
N LEU F 99 -14.03 -33.33 28.60
CA LEU F 99 -15.40 -32.86 28.72
C LEU F 99 -16.36 -34.03 28.83
N GLY F 100 -17.38 -33.89 29.69
CA GLY F 100 -18.33 -34.94 29.90
C GLY F 100 -19.53 -34.86 28.96
N GLY F 101 -20.40 -35.86 29.07
CA GLY F 101 -21.58 -35.93 28.25
C GLY F 101 -21.27 -36.28 26.81
N ALA F 102 -20.70 -37.47 26.59
CA ALA F 102 -20.14 -37.84 25.30
C ALA F 102 -21.10 -38.67 24.46
N GLY F 103 -22.40 -38.47 24.61
CA GLY F 103 -23.35 -39.20 23.80
C GLY F 103 -24.50 -38.34 23.32
N THR F 104 -24.49 -37.07 23.70
CA THR F 104 -25.55 -36.16 23.36
C THR F 104 -25.17 -35.39 22.11
N PRO F 105 -25.98 -35.41 21.06
CA PRO F 105 -25.67 -34.64 19.86
C PRO F 105 -25.84 -33.15 20.09
N SER F 106 -25.44 -32.37 19.09
CA SER F 106 -25.63 -30.93 19.12
C SER F 106 -26.67 -30.44 18.12
N ALA F 107 -27.02 -31.25 17.12
CA ALA F 107 -28.02 -30.84 16.13
C ALA F 107 -28.63 -32.12 15.54
N CYS F 108 -29.83 -32.47 15.99
CA CYS F 108 -30.50 -33.66 15.50
C CYS F 108 -31.91 -33.31 15.05
N ASN F 109 -32.31 -33.87 13.90
CA ASN F 109 -33.65 -33.63 13.39
C ASN F 109 -34.71 -34.39 14.18
N ASP F 110 -34.62 -35.72 14.17
CA ASP F 110 -35.62 -36.56 14.81
C ASP F 110 -35.49 -36.49 16.32
N ALA F 111 -36.63 -36.64 17.00
CA ALA F 111 -36.65 -36.75 18.45
C ALA F 111 -36.65 -38.20 18.91
N ALA F 112 -37.21 -39.11 18.12
CA ALA F 112 -37.21 -40.52 18.49
C ALA F 112 -35.83 -41.15 18.28
N TYR F 113 -35.15 -40.75 17.21
CA TYR F 113 -33.81 -41.26 16.94
C TYR F 113 -32.82 -40.78 17.98
N ARG F 114 -33.01 -39.56 18.48
CA ARG F 114 -32.15 -39.03 19.53
C ARG F 114 -32.37 -39.77 20.85
N ASP F 115 -33.62 -40.08 21.18
CA ASP F 115 -33.91 -40.78 22.42
C ASP F 115 -33.44 -42.23 22.37
N LYS F 116 -33.57 -42.86 21.20
CA LYS F 116 -33.05 -44.21 21.01
C LYS F 116 -31.53 -44.22 21.12
N LEU F 117 -30.89 -43.18 20.59
CA LEU F 117 -29.44 -43.06 20.70
C LEU F 117 -28.98 -42.89 22.14
N LEU F 118 -29.69 -42.05 22.91
CA LEU F 118 -29.32 -41.86 24.31
C LEU F 118 -29.59 -43.10 25.15
N GLN F 119 -30.63 -43.88 24.80
CA GLN F 119 -30.82 -45.17 25.46
C GLN F 119 -29.70 -46.15 25.13
N THR F 120 -29.18 -46.08 23.89
CA THR F 120 -28.09 -46.96 23.51
C THR F 120 -26.81 -46.61 24.27
N VAL F 121 -26.47 -45.32 24.33
CA VAL F 121 -25.24 -44.91 25.00
C VAL F 121 -25.34 -45.11 26.52
N ALA F 122 -26.53 -44.86 27.09
CA ALA F 122 -26.74 -45.11 28.51
C ALA F 122 -26.67 -46.60 28.82
N THR F 123 -27.15 -47.44 27.90
CA THR F 123 -27.00 -48.88 28.04
C THR F 123 -25.54 -49.28 28.00
N TYR F 124 -24.74 -48.63 27.14
CA TYR F 124 -23.31 -48.92 27.07
C TYR F 124 -22.61 -48.58 28.37
N VAL F 125 -22.79 -47.35 28.86
CA VAL F 125 -22.08 -46.94 30.07
C VAL F 125 -22.65 -47.59 31.33
N ASN F 126 -23.84 -48.20 31.27
CA ASN F 126 -24.30 -49.00 32.39
C ASN F 126 -23.77 -50.42 32.34
N ASP F 127 -23.58 -50.99 31.14
CA ASP F 127 -23.00 -52.32 31.04
C ASP F 127 -21.53 -52.31 31.42
N GLN F 128 -20.80 -51.28 30.99
CA GLN F 128 -19.37 -51.17 31.27
C GLN F 128 -18.98 -49.71 31.19
N GLY F 129 -18.04 -49.32 32.04
CA GLY F 129 -17.67 -47.93 32.16
C GLY F 129 -16.79 -47.45 31.03
N PHE F 130 -16.16 -46.30 31.26
CA PHE F 130 -15.18 -45.74 30.35
C PHE F 130 -13.76 -46.15 30.72
N ALA F 131 -13.58 -47.33 31.32
CA ALA F 131 -12.26 -47.73 31.81
C ALA F 131 -11.32 -48.11 30.69
N GLU F 132 -11.83 -48.75 29.62
CA GLU F 132 -10.97 -49.18 28.54
C GLU F 132 -10.43 -48.00 27.75
N LEU F 133 -11.31 -47.09 27.35
CA LEU F 133 -10.91 -45.97 26.52
C LEU F 133 -10.03 -45.00 27.30
N ALA F 134 -10.33 -44.78 28.58
CA ALA F 134 -9.46 -43.93 29.37
C ALA F 134 -8.14 -44.61 29.70
N ARG F 135 -8.14 -45.94 29.72
CA ARG F 135 -6.89 -46.67 29.91
C ARG F 135 -5.98 -46.51 28.69
N ARG F 136 -6.54 -46.56 27.49
CA ARG F 136 -5.71 -46.40 26.31
C ARG F 136 -5.33 -44.94 26.05
N TYR F 137 -6.21 -44.00 26.38
CA TYR F 137 -5.83 -42.58 26.32
C TYR F 137 -4.74 -42.27 27.34
N ALA F 138 -4.79 -42.92 28.51
CA ALA F 138 -3.73 -42.77 29.49
C ALA F 138 -2.44 -43.41 29.00
N HIS F 139 -2.52 -44.45 28.16
CA HIS F 139 -1.30 -44.97 27.58
C HIS F 139 -0.74 -44.05 26.50
N ASN F 140 -1.58 -43.30 25.79
CA ASN F 140 -1.02 -42.37 24.81
C ASN F 140 -0.51 -41.09 25.46
N LEU F 141 -1.03 -40.72 26.64
CA LEU F 141 -0.36 -39.67 27.40
C LEU F 141 0.83 -40.20 28.19
N ALA F 142 0.92 -41.51 28.39
CA ALA F 142 1.98 -42.08 29.20
C ALA F 142 3.32 -41.99 28.48
N ASN F 143 3.39 -42.55 27.28
CA ASN F 143 4.56 -42.36 26.43
C ASN F 143 4.47 -41.02 25.73
N ALA F 144 5.31 -40.79 24.73
CA ALA F 144 5.36 -39.48 24.12
C ALA F 144 5.01 -39.56 22.65
N ARG F 145 3.89 -40.23 22.34
CA ARG F 145 3.45 -40.37 20.96
C ARG F 145 3.15 -39.02 20.31
N PHE F 146 2.76 -38.02 21.11
CA PHE F 146 2.53 -36.67 20.61
C PHE F 146 3.81 -35.94 20.23
N LEU F 147 4.98 -36.47 20.58
CA LEU F 147 6.24 -36.08 19.95
C LEU F 147 6.38 -36.99 18.74
N TRP F 148 6.02 -36.48 17.57
CA TRP F 148 5.93 -37.32 16.38
C TRP F 148 7.27 -37.80 15.87
N ARG F 149 8.12 -36.89 15.38
CA ARG F 149 9.44 -37.27 14.90
C ARG F 149 10.52 -36.90 15.89
N ASN F 150 10.21 -36.03 16.85
CA ASN F 150 11.15 -35.67 17.91
C ASN F 150 11.45 -36.83 18.84
N ARG F 151 10.55 -37.81 18.93
CA ARG F 151 10.76 -38.95 19.80
C ARG F 151 11.77 -39.92 19.20
N VAL F 152 11.90 -39.93 17.87
CA VAL F 152 12.71 -40.91 17.17
C VAL F 152 14.19 -40.63 17.42
N GLY F 153 14.87 -41.57 18.07
CA GLY F 153 16.28 -41.41 18.35
C GLY F 153 16.58 -40.42 19.45
N ALA F 154 16.16 -40.73 20.67
CA ALA F 154 16.42 -39.89 21.82
C ALA F 154 16.99 -40.74 22.95
N GLU F 155 17.79 -40.09 23.81
CA GLU F 155 18.41 -40.82 24.91
C GLU F 155 17.41 -41.14 26.00
N ALA F 156 16.66 -40.14 26.45
CA ALA F 156 15.70 -40.32 27.53
C ALA F 156 14.57 -39.32 27.36
N VAL F 157 13.34 -39.80 27.46
CA VAL F 157 12.14 -38.98 27.33
C VAL F 157 11.37 -39.08 28.63
N GLU F 158 11.03 -37.94 29.23
CA GLU F 158 10.29 -37.92 30.48
C GLU F 158 9.04 -37.08 30.33
N VAL F 159 7.91 -37.62 30.78
CA VAL F 159 6.61 -36.97 30.67
C VAL F 159 6.10 -36.67 32.07
N ARG F 160 5.68 -35.42 32.30
CA ARG F 160 5.13 -34.99 33.56
C ARG F 160 3.72 -34.47 33.34
N ILE F 161 2.76 -35.01 34.11
CA ILE F 161 1.35 -34.72 33.94
C ILE F 161 0.83 -34.16 35.26
N ASN F 162 0.10 -33.05 35.20
CA ASN F 162 -0.44 -32.44 36.40
C ASN F 162 -1.95 -32.32 36.26
N HIS F 163 -2.67 -32.64 37.34
CA HIS F 163 -4.10 -32.39 37.41
C HIS F 163 -4.32 -31.07 38.11
N ILE F 164 -5.10 -30.19 37.49
CA ILE F 164 -5.31 -28.84 37.99
C ILE F 164 -6.79 -28.67 38.29
N ARG F 165 -7.11 -28.49 39.57
CA ARG F 165 -8.49 -28.43 40.03
C ARG F 165 -8.89 -27.02 40.46
N GLN F 166 -8.19 -26.46 41.43
CA GLN F 166 -8.24 -25.03 41.73
C GLN F 166 -7.17 -24.34 40.87
N GLY F 167 -6.78 -23.12 41.22
CA GLY F 167 -5.63 -22.52 40.58
C GLY F 167 -4.32 -23.26 40.78
N GLU F 168 -4.23 -24.10 41.82
CA GLU F 168 -3.03 -24.84 42.17
C GLU F 168 -3.08 -26.24 41.58
N VAL F 169 -2.13 -27.08 42.00
CA VAL F 169 -1.95 -28.43 41.47
C VAL F 169 -2.55 -29.43 42.46
N ALA F 170 -3.38 -30.33 41.96
CA ALA F 170 -4.00 -31.33 42.81
C ALA F 170 -3.15 -32.60 42.96
N ARG F 171 -2.66 -33.13 41.85
CA ARG F 171 -1.92 -34.39 41.86
C ARG F 171 -1.01 -34.44 40.65
N ALA F 172 0.23 -34.89 40.86
CA ALA F 172 1.27 -34.89 39.83
C ALA F 172 1.77 -36.29 39.56
N TRP F 173 1.95 -36.60 38.28
CA TRP F 173 2.53 -37.86 37.82
C TRP F 173 3.81 -37.57 37.04
N ARG F 174 4.79 -38.46 37.18
CA ARG F 174 6.06 -38.37 36.46
C ARG F 174 6.37 -39.74 35.88
N PHE F 175 6.34 -39.84 34.56
CA PHE F 175 6.49 -41.10 33.85
C PHE F 175 7.85 -41.20 33.18
N ASP F 176 8.05 -42.31 32.48
CA ASP F 176 9.24 -42.56 31.68
C ASP F 176 8.77 -43.16 30.36
N ALA F 177 8.93 -42.42 29.27
CA ALA F 177 8.25 -42.78 28.04
C ALA F 177 8.93 -43.92 27.29
N LEU F 178 10.23 -44.11 27.45
CA LEU F 178 10.90 -45.16 26.70
C LEU F 178 10.69 -46.53 27.32
N ALA F 179 10.49 -46.59 28.64
CA ALA F 179 10.20 -47.87 29.28
C ALA F 179 8.80 -48.34 28.92
N ILE F 180 7.84 -47.42 28.87
CA ILE F 180 6.49 -47.76 28.44
C ILE F 180 6.50 -48.00 26.93
N GLY F 181 5.99 -49.16 26.51
CA GLY F 181 6.03 -49.51 25.11
C GLY F 181 5.09 -48.66 24.28
N LEU F 182 5.30 -48.73 22.97
CA LEU F 182 4.47 -47.98 22.03
C LEU F 182 3.43 -48.86 21.35
N ARG F 183 3.61 -50.17 21.35
CA ARG F 183 2.64 -51.08 20.75
C ARG F 183 1.92 -51.95 21.77
N ASP F 184 2.32 -51.93 23.03
CA ASP F 184 1.74 -52.77 24.05
C ASP F 184 0.95 -51.94 25.04
N PHE F 185 -0.13 -52.52 25.56
CA PHE F 185 -0.99 -51.87 26.54
C PHE F 185 -0.92 -52.68 27.83
N LYS F 186 0.07 -52.38 28.65
CA LYS F 186 0.32 -53.09 29.90
C LYS F 186 -0.17 -52.26 31.08
N ALA F 187 -0.75 -52.94 32.06
CA ALA F 187 -1.33 -52.27 33.22
C ALA F 187 -0.25 -51.74 34.15
N ASP F 188 -0.64 -50.76 34.96
CA ASP F 188 0.22 -50.16 35.97
C ASP F 188 -0.69 -49.45 36.96
N ALA F 189 -0.17 -49.21 38.16
CA ALA F 189 -0.97 -48.53 39.18
C ALA F 189 -1.21 -47.06 38.82
N GLU F 190 -0.17 -46.39 38.33
CA GLU F 190 -0.29 -44.97 38.01
C GLU F 190 -1.16 -44.78 36.77
N LEU F 191 -1.05 -45.69 35.80
CA LEU F 191 -1.96 -45.65 34.66
C LEU F 191 -3.38 -45.99 35.04
N ASP F 192 -3.59 -46.75 36.12
CA ASP F 192 -4.93 -46.91 36.63
C ASP F 192 -5.41 -45.65 37.34
N ALA F 193 -4.50 -44.86 37.89
CA ALA F 193 -4.90 -43.58 38.45
C ALA F 193 -5.34 -42.60 37.37
N LEU F 194 -4.59 -42.54 36.27
CA LEU F 194 -5.03 -41.70 35.15
C LEU F 194 -6.27 -42.27 34.47
N ALA F 195 -6.44 -43.59 34.49
CA ALA F 195 -7.65 -44.17 33.91
C ALA F 195 -8.88 -43.83 34.75
N GLU F 196 -8.72 -43.81 36.08
CA GLU F 196 -9.82 -43.39 36.93
C GLU F 196 -10.10 -41.88 36.80
N LEU F 197 -9.05 -41.08 36.56
CA LEU F 197 -9.25 -39.65 36.42
C LEU F 197 -9.93 -39.29 35.11
N ILE F 198 -9.41 -39.81 34.00
CA ILE F 198 -9.99 -39.51 32.69
C ILE F 198 -11.35 -40.18 32.54
N ALA F 199 -11.49 -41.38 33.06
CA ALA F 199 -12.80 -42.05 33.05
C ALA F 199 -13.80 -41.33 33.94
N SER F 200 -13.33 -40.70 35.02
CA SER F 200 -14.21 -39.86 35.81
C SER F 200 -14.51 -38.54 35.11
N GLY F 201 -13.69 -38.14 34.15
CA GLY F 201 -13.94 -36.91 33.42
C GLY F 201 -14.91 -37.08 32.28
N LEU F 202 -14.77 -38.16 31.52
CA LEU F 202 -15.66 -38.39 30.38
C LEU F 202 -17.07 -38.76 30.79
N SER F 203 -17.26 -39.28 31.99
CA SER F 203 -18.58 -39.64 32.46
C SER F 203 -19.37 -38.45 32.98
N GLY F 204 -18.76 -37.27 33.06
CA GLY F 204 -19.44 -36.09 33.54
C GLY F 204 -19.48 -35.96 35.04
N SER F 205 -18.66 -36.72 35.76
CA SER F 205 -18.65 -36.71 37.21
C SER F 205 -17.74 -35.64 37.79
N GLY F 206 -17.16 -34.78 36.95
CA GLY F 206 -16.28 -33.74 37.44
C GLY F 206 -15.65 -32.99 36.29
N HIS F 207 -14.77 -32.07 36.65
CA HIS F 207 -14.05 -31.25 35.69
C HIS F 207 -12.58 -31.66 35.69
N VAL F 208 -12.04 -31.94 34.51
CA VAL F 208 -10.68 -32.46 34.39
C VAL F 208 -9.89 -31.56 33.44
N LEU F 209 -8.90 -30.87 34.00
CA LEU F 209 -7.93 -30.08 33.25
C LEU F 209 -6.53 -30.60 33.56
N LEU F 210 -5.81 -31.02 32.54
CA LEU F 210 -4.48 -31.60 32.69
C LEU F 210 -3.44 -30.72 32.00
N GLU F 211 -2.25 -30.66 32.61
CA GLU F 211 -1.11 -29.99 32.03
C GLU F 211 -0.05 -31.03 31.73
N VAL F 212 0.36 -31.13 30.47
CA VAL F 212 1.28 -32.14 30.00
C VAL F 212 2.57 -31.47 29.55
N VAL F 213 3.69 -31.92 30.09
CA VAL F 213 5.02 -31.40 29.77
C VAL F 213 5.92 -32.56 29.40
N ALA F 214 6.58 -32.48 28.25
CA ALA F 214 7.43 -33.54 27.76
C ALA F 214 8.86 -33.05 27.57
N PHE F 215 9.81 -33.92 27.88
CA PHE F 215 11.23 -33.64 27.92
C PHE F 215 11.97 -34.68 27.10
N ALA F 216 12.87 -34.21 26.22
CA ALA F 216 13.61 -35.16 25.36
C ALA F 216 15.06 -34.73 25.21
N ARG F 217 15.98 -35.68 25.37
CA ARG F 217 17.39 -35.47 25.01
C ARG F 217 17.59 -35.90 23.57
N ILE F 218 17.71 -34.94 22.66
CA ILE F 218 17.92 -35.24 21.26
C ILE F 218 19.29 -34.81 20.77
N GLY F 219 20.12 -34.26 21.63
CA GLY F 219 21.44 -33.85 21.21
C GLY F 219 21.65 -32.35 21.27
N ASP F 220 22.89 -31.90 21.17
CA ASP F 220 23.25 -30.52 21.45
C ASP F 220 23.16 -29.70 20.17
N GLY F 221 21.97 -29.19 19.89
CA GLY F 221 21.80 -28.21 18.84
C GLY F 221 21.42 -28.76 17.47
N GLN F 222 20.38 -29.58 17.38
CA GLN F 222 20.07 -30.20 16.09
C GLN F 222 18.58 -30.46 15.91
N GLU F 223 17.91 -29.49 15.26
CA GLU F 223 16.79 -29.69 14.34
C GLU F 223 15.60 -30.42 14.99
N VAL F 224 14.91 -29.67 15.84
CA VAL F 224 13.58 -30.04 16.30
C VAL F 224 12.60 -29.92 15.14
N PHE F 225 11.39 -30.47 15.32
CA PHE F 225 10.47 -30.70 14.22
C PHE F 225 9.08 -30.16 14.53
N PRO F 226 8.82 -28.90 14.24
CA PRO F 226 7.45 -28.39 14.34
C PRO F 226 6.63 -28.78 13.14
N SER F 227 5.40 -28.29 13.06
CA SER F 227 4.49 -28.64 11.99
C SER F 227 4.52 -27.60 10.89
N GLN F 228 4.29 -28.05 9.66
CA GLN F 228 4.44 -27.18 8.50
C GLN F 228 3.13 -26.47 8.18
N GLU F 229 3.17 -25.60 7.18
CA GLU F 229 2.06 -24.78 6.77
C GLU F 229 1.79 -24.96 5.29
N LEU F 230 0.65 -24.45 4.84
CA LEU F 230 0.25 -24.54 3.44
C LEU F 230 0.65 -23.26 2.71
N ILE F 231 1.48 -23.39 1.69
CA ILE F 231 1.89 -22.19 0.98
C ILE F 231 0.79 -21.79 0.00
N LEU F 232 0.59 -20.49 -0.16
CA LEU F 232 -0.27 -19.99 -1.23
C LEU F 232 0.34 -20.40 -2.56
N ASP F 233 -0.51 -20.79 -3.51
CA ASP F 233 0.00 -21.32 -4.77
C ASP F 233 0.54 -20.19 -5.66
N LYS F 234 0.97 -20.55 -6.85
CA LYS F 234 1.61 -19.58 -7.72
C LYS F 234 0.56 -18.66 -8.32
N GLY F 235 0.79 -17.35 -8.14
CA GLY F 235 -0.26 -16.36 -8.22
C GLY F 235 0.06 -15.28 -7.21
N ASP F 236 0.88 -15.64 -6.22
CA ASP F 236 1.51 -14.73 -5.26
C ASP F 236 2.99 -15.06 -5.31
N LYS F 237 3.71 -14.40 -6.23
CA LYS F 237 4.99 -14.88 -6.72
C LYS F 237 6.18 -14.45 -5.88
N LYS F 238 5.99 -14.15 -4.60
CA LYS F 238 7.14 -13.98 -3.71
C LYS F 238 7.65 -15.32 -3.18
N GLY F 239 7.00 -16.42 -3.53
CA GLY F 239 7.31 -17.73 -3.04
C GLY F 239 8.39 -18.50 -3.77
N GLN F 240 9.66 -18.15 -3.56
CA GLN F 240 10.72 -19.13 -3.73
C GLN F 240 10.84 -20.04 -2.52
N LYS F 241 10.27 -19.62 -1.39
CA LYS F 241 10.19 -20.43 -0.20
C LYS F 241 9.26 -21.61 -0.44
N SER F 242 9.76 -22.82 -0.22
CA SER F 242 8.95 -24.02 -0.36
C SER F 242 8.64 -24.69 0.96
N LYS F 243 8.98 -24.06 2.08
CA LYS F 243 8.84 -24.72 3.38
C LYS F 243 8.79 -23.66 4.46
N THR F 244 7.60 -23.46 5.03
CA THR F 244 7.45 -22.59 6.18
C THR F 244 6.86 -23.40 7.33
N LEU F 245 7.10 -22.94 8.55
CA LEU F 245 6.76 -23.69 9.74
C LEU F 245 5.77 -22.90 10.60
N TYR F 246 4.88 -23.63 11.26
CA TYR F 246 3.88 -23.02 12.12
C TYR F 246 4.52 -22.41 13.34
N SER F 247 4.03 -21.24 13.73
CA SER F 247 4.55 -20.55 14.88
C SER F 247 3.43 -19.81 15.58
N VAL F 248 3.78 -19.27 16.74
CA VAL F 248 2.95 -18.42 17.57
C VAL F 248 3.81 -17.18 17.74
N ARG F 249 3.53 -16.35 18.76
CA ARG F 249 4.28 -15.11 18.91
C ARG F 249 5.74 -15.41 19.23
N ASP F 250 6.52 -15.64 18.16
CA ASP F 250 7.96 -15.89 18.18
C ASP F 250 8.32 -17.14 18.98
N ALA F 251 7.73 -18.26 18.59
CA ALA F 251 8.03 -19.57 19.17
C ALA F 251 7.56 -20.64 18.22
N ALA F 252 8.34 -21.70 18.06
CA ALA F 252 7.92 -22.83 17.25
C ALA F 252 6.91 -23.67 18.02
N ALA F 253 5.86 -24.11 17.33
CA ALA F 253 4.84 -24.94 17.95
C ALA F 253 4.29 -25.88 16.89
N ILE F 254 3.55 -26.89 17.33
CA ILE F 254 2.85 -27.76 16.40
C ILE F 254 1.36 -27.54 16.61
N HIS F 255 0.58 -27.96 15.63
CA HIS F 255 -0.85 -27.74 15.63
C HIS F 255 -1.52 -28.57 16.73
N SER F 256 -2.79 -28.29 16.98
CA SER F 256 -3.54 -29.10 17.91
C SER F 256 -4.15 -30.33 17.26
N GLN F 257 -4.23 -30.37 15.93
CA GLN F 257 -4.72 -31.57 15.27
C GLN F 257 -3.74 -32.71 15.36
N LYS F 258 -2.44 -32.41 15.44
CA LYS F 258 -1.46 -33.49 15.52
C LYS F 258 -1.44 -34.11 16.91
N ILE F 259 -1.58 -33.29 17.95
CA ILE F 259 -1.67 -33.82 19.30
C ILE F 259 -2.97 -34.57 19.49
N GLY F 260 -4.07 -34.02 18.97
CA GLY F 260 -5.35 -34.72 19.01
C GLY F 260 -5.36 -35.99 18.18
N ASN F 261 -4.53 -36.05 17.13
CA ASN F 261 -4.39 -37.28 16.37
C ASN F 261 -3.59 -38.31 17.17
N ALA F 262 -2.56 -37.87 17.88
CA ALA F 262 -1.76 -38.80 18.65
C ALA F 262 -2.50 -39.33 19.88
N LEU F 263 -3.46 -38.59 20.40
CA LEU F 263 -4.25 -39.12 21.50
C LEU F 263 -5.31 -40.12 21.06
N ARG F 264 -5.60 -40.21 19.76
CA ARG F 264 -6.65 -41.10 19.27
C ARG F 264 -6.09 -42.34 18.60
N THR F 265 -4.82 -42.65 18.81
CA THR F 265 -4.21 -43.83 18.20
C THR F 265 -4.41 -44.98 19.18
N ILE F 266 -5.64 -45.50 19.20
CA ILE F 266 -6.01 -46.59 20.09
C ILE F 266 -6.64 -47.76 19.36
N ASP F 267 -6.86 -47.66 18.05
CA ASP F 267 -7.60 -48.67 17.32
C ASP F 267 -6.65 -49.80 16.96
N THR F 268 -6.74 -50.92 17.70
CA THR F 268 -6.00 -52.14 17.40
C THR F 268 -6.96 -53.25 16.97
N TRP F 269 -8.00 -52.90 16.21
CA TRP F 269 -9.18 -53.74 16.10
C TRP F 269 -9.62 -53.96 14.64
N TYR F 270 -8.80 -53.59 13.67
CA TYR F 270 -8.99 -54.07 12.30
C TYR F 270 -8.71 -55.57 12.26
N PRO F 271 -9.49 -56.35 11.50
CA PRO F 271 -9.36 -57.82 11.56
C PRO F 271 -8.07 -58.39 10.98
N ASP F 272 -7.28 -57.61 10.25
CA ASP F 272 -5.98 -58.07 9.78
C ASP F 272 -4.90 -57.10 10.23
N GLU F 273 -4.98 -56.67 11.48
CA GLU F 273 -4.06 -55.68 12.04
C GLU F 273 -3.12 -56.39 13.01
N ASP F 274 -2.04 -56.93 12.46
CA ASP F 274 -0.92 -57.43 13.24
C ASP F 274 0.34 -56.72 12.73
N GLY F 275 1.27 -56.45 13.64
CA GLY F 275 2.39 -55.64 13.22
C GLY F 275 2.18 -54.18 13.54
N LEU F 276 1.60 -53.45 12.56
CA LEU F 276 1.41 -52.00 12.64
C LEU F 276 0.64 -51.58 13.89
N GLY F 277 -0.37 -52.36 14.27
CA GLY F 277 -1.01 -52.17 15.55
C GLY F 277 -1.95 -50.99 15.61
N PRO F 278 -1.66 -50.03 16.49
CA PRO F 278 -2.63 -48.96 16.78
C PRO F 278 -2.79 -47.99 15.63
N ILE F 279 -4.05 -47.73 15.26
CA ILE F 279 -4.43 -46.83 14.19
C ILE F 279 -5.23 -45.70 14.82
N ALA F 280 -5.25 -44.54 14.17
CA ALA F 280 -6.12 -43.47 14.62
C ALA F 280 -7.57 -43.81 14.34
N VAL F 281 -8.46 -43.34 15.22
CA VAL F 281 -9.88 -43.67 15.13
C VAL F 281 -10.54 -42.74 14.12
N GLU F 282 -10.98 -43.30 13.01
CA GLU F 282 -11.66 -42.56 11.96
C GLU F 282 -12.83 -43.40 11.45
N PRO F 283 -13.92 -42.77 11.01
CA PRO F 283 -14.87 -43.48 10.16
C PRO F 283 -14.19 -43.76 8.84
N TYR F 284 -14.50 -44.94 8.28
CA TYR F 284 -13.78 -45.53 7.14
C TYR F 284 -12.28 -45.55 7.43
N GLY F 285 -11.91 -46.33 8.46
CA GLY F 285 -10.64 -46.18 9.18
C GLY F 285 -9.38 -46.15 8.35
N SER F 286 -8.78 -44.97 8.29
CA SER F 286 -7.88 -44.61 7.19
C SER F 286 -6.55 -44.09 7.71
N VAL F 287 -5.51 -44.33 6.92
CA VAL F 287 -4.19 -43.76 7.15
C VAL F 287 -3.78 -43.05 5.86
N THR F 288 -3.44 -41.76 5.98
CA THR F 288 -3.09 -40.99 4.79
C THR F 288 -1.68 -41.33 4.31
N SER F 289 -0.75 -41.59 5.24
CA SER F 289 0.61 -41.87 4.84
C SER F 289 0.75 -43.25 4.20
N GLN F 290 0.06 -44.25 4.73
CA GLN F 290 0.05 -45.57 4.11
C GLN F 290 -0.80 -45.62 2.85
N GLY F 291 -1.65 -44.63 2.63
CA GLY F 291 -2.52 -44.60 1.48
C GLY F 291 -3.63 -45.62 1.48
N LYS F 292 -3.89 -46.28 2.61
CA LYS F 292 -4.85 -47.35 2.69
C LYS F 292 -5.98 -46.97 3.65
N ALA F 293 -7.21 -47.22 3.22
CA ALA F 293 -8.38 -47.15 4.08
C ALA F 293 -8.69 -48.56 4.53
N TYR F 294 -8.47 -48.84 5.81
CA TYR F 294 -8.59 -50.19 6.32
C TYR F 294 -10.04 -50.65 6.38
N ARG F 295 -10.85 -49.98 7.18
CA ARG F 295 -12.24 -50.38 7.34
C ARG F 295 -13.05 -49.85 6.16
N GLN F 296 -13.28 -50.70 5.17
CA GLN F 296 -14.07 -50.32 4.02
C GLN F 296 -15.48 -50.88 4.14
N PRO F 297 -16.48 -50.25 3.52
CA PRO F 297 -17.85 -50.80 3.58
C PRO F 297 -18.09 -52.00 2.68
N LYS F 298 -17.07 -52.60 2.05
CA LYS F 298 -17.22 -53.95 1.52
C LYS F 298 -17.45 -54.93 2.66
N GLN F 299 -16.63 -54.82 3.71
CA GLN F 299 -16.90 -55.48 4.97
C GLN F 299 -17.97 -54.72 5.73
N LYS F 300 -18.33 -55.21 6.91
CA LYS F 300 -19.35 -54.56 7.71
C LYS F 300 -18.77 -54.08 9.03
N LEU F 301 -17.58 -53.49 8.97
CA LEU F 301 -16.92 -52.95 10.15
C LEU F 301 -16.72 -51.45 10.07
N ASP F 302 -17.47 -50.78 9.20
CA ASP F 302 -17.50 -49.33 9.13
C ASP F 302 -18.17 -48.76 10.38
N PHE F 303 -17.92 -47.48 10.64
CA PHE F 303 -18.62 -46.80 11.74
C PHE F 303 -20.10 -46.62 11.43
N TYR F 304 -20.42 -46.26 10.20
CA TYR F 304 -21.81 -45.98 9.83
C TYR F 304 -22.65 -47.25 9.84
N THR F 305 -22.05 -48.37 9.41
CA THR F 305 -22.77 -49.64 9.38
C THR F 305 -23.05 -50.16 10.77
N LEU F 306 -22.05 -50.09 11.66
CA LEU F 306 -22.24 -50.53 13.03
C LEU F 306 -23.19 -49.63 13.80
N LEU F 307 -23.14 -48.32 13.53
CA LEU F 307 -24.05 -47.40 14.23
C LEU F 307 -25.48 -47.59 13.76
N ASP F 308 -25.68 -47.83 12.47
CA ASP F 308 -27.03 -48.09 11.97
C ASP F 308 -27.55 -49.44 12.47
N ASN F 309 -26.69 -50.46 12.50
CA ASN F 309 -27.15 -51.77 12.95
C ASN F 309 -27.31 -51.83 14.47
N TRP F 310 -26.74 -50.90 15.22
CA TRP F 310 -26.82 -50.97 16.67
C TRP F 310 -27.80 -49.97 17.26
N VAL F 311 -28.15 -48.90 16.54
CA VAL F 311 -29.20 -48.01 17.02
C VAL F 311 -30.56 -48.42 16.51
N LEU F 312 -30.69 -48.64 15.20
CA LEU F 312 -32.00 -48.89 14.61
C LEU F 312 -32.44 -50.34 14.83
N ARG F 313 -31.67 -51.28 14.30
CA ARG F 313 -32.10 -52.68 14.23
C ARG F 313 -31.82 -53.45 15.51
N ASP F 314 -31.22 -52.82 16.53
CA ASP F 314 -30.85 -53.40 17.82
C ASP F 314 -29.91 -54.59 17.69
N GLU F 315 -29.16 -54.69 16.60
CA GLU F 315 -28.19 -55.76 16.42
C GLU F 315 -26.88 -55.29 17.05
N ALA F 316 -26.67 -55.68 18.30
CA ALA F 316 -25.50 -55.20 19.02
C ALA F 316 -24.25 -55.93 18.54
N PRO F 317 -23.19 -55.21 18.17
CA PRO F 317 -21.96 -55.87 17.76
C PRO F 317 -21.19 -56.44 18.94
N ALA F 318 -19.96 -56.92 18.68
CA ALA F 318 -19.10 -57.37 19.76
C ALA F 318 -18.70 -56.19 20.64
N VAL F 319 -18.16 -56.52 21.82
CA VAL F 319 -17.77 -55.51 22.81
C VAL F 319 -16.65 -54.64 22.25
N GLU F 320 -15.73 -55.28 21.52
CA GLU F 320 -14.63 -54.62 20.80
C GLU F 320 -15.12 -53.51 19.88
N GLN F 321 -16.09 -53.82 19.01
CA GLN F 321 -16.59 -52.82 18.09
C GLN F 321 -17.45 -51.78 18.80
N GLN F 322 -18.01 -52.11 19.98
CA GLN F 322 -18.70 -51.10 20.76
C GLN F 322 -17.72 -50.08 21.31
N HIS F 323 -16.52 -50.54 21.72
CA HIS F 323 -15.47 -49.61 22.10
C HIS F 323 -15.06 -48.73 20.92
N TYR F 324 -15.05 -49.31 19.72
CA TYR F 324 -14.78 -48.51 18.53
C TYR F 324 -15.81 -47.41 18.32
N VAL F 325 -17.09 -47.76 18.41
CA VAL F 325 -18.14 -46.80 18.08
C VAL F 325 -18.21 -45.69 19.13
N ILE F 326 -18.12 -46.04 20.41
CA ILE F 326 -18.17 -45.02 21.46
C ILE F 326 -16.93 -44.13 21.42
N ALA F 327 -15.77 -44.71 21.10
CA ALA F 327 -14.57 -43.90 20.89
C ALA F 327 -14.74 -42.95 19.72
N ASN F 328 -15.45 -43.39 18.69
CA ASN F 328 -15.68 -42.53 17.54
C ASN F 328 -16.77 -41.49 17.80
N LEU F 329 -17.57 -41.65 18.85
CA LEU F 329 -18.43 -40.55 19.28
C LEU F 329 -17.68 -39.56 20.16
N ILE F 330 -16.68 -40.02 20.91
CA ILE F 330 -15.81 -39.08 21.62
C ILE F 330 -14.98 -38.27 20.64
N ARG F 331 -14.63 -38.87 19.49
CA ARG F 331 -13.90 -38.15 18.45
C ARG F 331 -14.70 -36.98 17.86
N GLY F 332 -16.02 -37.09 17.86
CA GLY F 332 -16.85 -36.05 17.27
C GLY F 332 -16.92 -36.18 15.75
N GLY F 333 -17.60 -35.25 15.13
CA GLY F 333 -17.64 -35.21 13.69
C GLY F 333 -18.96 -34.67 13.18
N VAL F 334 -19.10 -34.71 11.86
CA VAL F 334 -20.32 -34.34 11.16
C VAL F 334 -20.86 -35.59 10.50
N PHE F 335 -21.98 -36.08 11.01
CA PHE F 335 -22.55 -37.34 10.58
C PHE F 335 -23.87 -37.07 9.87
N GLY F 336 -24.57 -38.14 9.50
CA GLY F 336 -25.81 -37.99 8.79
C GLY F 336 -25.58 -37.62 7.33
N GLU F 337 -26.69 -37.45 6.61
CA GLU F 337 -26.65 -37.20 5.18
C GLU F 337 -26.02 -35.85 4.84
N ALA F 338 -24.98 -35.88 4.02
CA ALA F 338 -24.24 -34.68 3.65
C ALA F 338 -24.02 -34.59 2.14
N LEU G 5 -63.74 -5.10 11.19
CA LEU G 5 -62.45 -4.75 11.79
C LEU G 5 -61.39 -5.76 11.37
N SER G 6 -60.80 -5.52 10.20
CA SER G 6 -59.76 -6.39 9.69
C SER G 6 -58.39 -5.96 10.22
N THR G 7 -57.41 -6.85 10.08
CA THR G 7 -56.05 -6.55 10.49
C THR G 7 -55.42 -5.54 9.56
N ALA G 8 -54.50 -4.74 10.11
CA ALA G 8 -53.72 -3.84 9.29
C ALA G 8 -52.73 -4.62 8.45
N SER G 9 -52.51 -4.17 7.22
CA SER G 9 -51.58 -4.87 6.34
C SER G 9 -50.13 -4.58 6.68
N VAL G 10 -49.86 -3.51 7.44
CA VAL G 10 -48.51 -3.13 7.85
C VAL G 10 -48.53 -2.93 9.36
N LEU G 11 -47.69 -3.66 10.09
CA LEU G 11 -47.57 -3.45 11.53
C LEU G 11 -46.19 -2.96 11.95
N ALA G 12 -45.14 -3.73 11.68
CA ALA G 12 -43.74 -3.31 11.75
C ALA G 12 -43.34 -2.78 13.14
N PHE G 13 -43.34 -3.69 14.11
CA PHE G 13 -42.87 -3.32 15.44
C PHE G 13 -41.36 -3.18 15.49
N GLU G 14 -40.87 -2.68 16.61
CA GLU G 14 -39.49 -2.30 16.81
C GLU G 14 -39.00 -2.85 18.13
N ARG G 15 -37.77 -3.37 18.14
CA ARG G 15 -37.29 -4.10 19.31
C ARG G 15 -36.97 -3.17 20.46
N LYS G 16 -37.03 -3.71 21.68
CA LYS G 16 -36.89 -2.92 22.88
C LYS G 16 -35.75 -3.35 23.78
N LEU G 17 -35.12 -4.48 23.53
CA LEU G 17 -33.90 -4.89 24.20
C LEU G 17 -32.76 -4.81 23.20
N ASP G 18 -31.81 -3.91 23.44
CA ASP G 18 -30.80 -3.57 22.44
C ASP G 18 -29.42 -3.91 22.98
N PRO G 19 -28.84 -5.05 22.57
CA PRO G 19 -27.46 -5.38 22.95
C PRO G 19 -26.43 -4.78 22.01
N SER G 20 -25.16 -5.14 22.20
CA SER G 20 -24.08 -4.72 21.32
C SER G 20 -23.15 -5.90 21.11
N ASP G 21 -21.97 -5.64 20.57
CA ASP G 21 -21.02 -6.71 20.30
C ASP G 21 -20.27 -7.11 21.57
N ALA G 22 -19.54 -8.23 21.49
CA ALA G 22 -19.12 -8.89 22.71
C ALA G 22 -17.70 -8.58 23.15
N LEU G 23 -16.76 -8.42 22.21
CA LEU G 23 -15.40 -7.92 22.45
C LEU G 23 -14.61 -8.79 23.44
N MET G 24 -14.29 -9.99 22.99
CA MET G 24 -13.51 -10.93 23.79
C MET G 24 -12.13 -10.38 24.12
N SER G 25 -11.68 -10.64 25.35
CA SER G 25 -10.33 -10.31 25.77
C SER G 25 -9.91 -11.31 26.83
N ALA G 26 -8.61 -11.48 26.97
CA ALA G 26 -8.05 -12.57 27.76
C ALA G 26 -7.41 -12.04 29.04
N GLY G 27 -6.80 -12.94 29.79
CA GLY G 27 -6.09 -12.56 30.99
C GLY G 27 -6.10 -13.71 31.98
N ALA G 28 -5.55 -13.43 33.17
CA ALA G 28 -5.38 -14.43 34.21
C ALA G 28 -6.33 -14.18 35.37
N TRP G 29 -6.92 -15.27 35.86
CA TRP G 29 -7.78 -15.24 37.04
C TRP G 29 -6.98 -14.82 38.26
N ALA G 30 -7.69 -14.27 39.25
CA ALA G 30 -7.25 -13.55 40.45
C ALA G 30 -6.60 -12.21 40.16
N GLN G 31 -6.41 -11.85 38.88
CA GLN G 31 -6.35 -10.47 38.43
C GLN G 31 -7.70 -10.02 37.92
N ARG G 32 -8.75 -10.57 38.52
CA ARG G 32 -10.10 -10.47 37.99
C ARG G 32 -10.67 -9.08 38.24
N ASP G 33 -10.57 -8.59 39.47
CA ASP G 33 -10.69 -7.16 39.71
C ASP G 33 -9.52 -6.45 39.05
N ALA G 34 -9.76 -5.19 38.65
CA ALA G 34 -8.89 -4.44 37.74
C ALA G 34 -8.64 -5.26 36.47
N SER G 35 -9.73 -5.35 35.69
CA SER G 35 -10.11 -6.43 34.78
C SER G 35 -9.01 -7.05 33.93
N GLN G 36 -9.21 -8.32 33.56
CA GLN G 36 -8.21 -9.40 33.46
C GLN G 36 -6.87 -8.95 32.94
N GLU G 37 -6.89 -8.54 31.68
CA GLU G 37 -5.78 -7.88 31.03
C GLU G 37 -6.38 -6.98 29.97
N TRP G 38 -5.55 -6.13 29.39
CA TRP G 38 -6.08 -5.41 28.25
C TRP G 38 -5.29 -5.61 26.94
N PRO G 39 -4.90 -6.85 26.56
CA PRO G 39 -4.97 -7.18 25.13
C PRO G 39 -6.19 -8.04 24.87
N ALA G 40 -6.61 -8.10 23.62
CA ALA G 40 -7.77 -8.88 23.24
C ALA G 40 -7.33 -10.14 22.50
N VAL G 41 -8.26 -11.09 22.43
CA VAL G 41 -8.01 -12.32 21.69
C VAL G 41 -8.05 -12.00 20.20
N THR G 42 -6.96 -12.27 19.50
CA THR G 42 -6.85 -11.97 18.09
C THR G 42 -7.14 -13.21 17.26
N VAL G 43 -7.88 -13.04 16.18
CA VAL G 43 -8.20 -14.11 15.25
C VAL G 43 -7.03 -14.26 14.31
N ARG G 44 -6.46 -15.47 14.25
CA ARG G 44 -5.33 -15.72 13.38
C ARG G 44 -5.61 -16.94 12.52
N GLU G 45 -4.69 -17.21 11.60
CA GLU G 45 -4.92 -18.18 10.54
C GLU G 45 -3.92 -19.33 10.66
N LYS G 46 -4.38 -20.55 10.35
CA LYS G 46 -3.47 -21.67 10.27
C LYS G 46 -4.00 -22.67 9.24
N SER G 47 -3.11 -23.51 8.75
CA SER G 47 -3.45 -24.54 7.78
C SER G 47 -3.85 -25.82 8.47
N VAL G 48 -4.72 -26.59 7.79
CA VAL G 48 -5.37 -27.79 8.33
C VAL G 48 -5.57 -28.79 7.20
N ARG G 49 -5.06 -30.00 7.38
CA ARG G 49 -5.24 -31.07 6.41
C ARG G 49 -6.38 -31.97 6.83
N GLY G 50 -7.26 -32.30 5.88
CA GLY G 50 -8.51 -32.94 6.18
C GLY G 50 -8.56 -34.42 5.87
N THR G 51 -9.71 -35.00 6.20
CA THR G 51 -9.98 -36.43 6.08
C THR G 51 -11.14 -36.66 5.11
N ILE G 52 -11.62 -37.89 5.07
CA ILE G 52 -12.81 -38.27 4.33
C ILE G 52 -13.78 -38.95 5.29
N SER G 53 -14.93 -38.33 5.52
CA SER G 53 -15.98 -38.94 6.33
C SER G 53 -17.36 -38.64 5.73
N ASN G 54 -17.48 -38.74 4.40
CA ASN G 54 -18.75 -38.53 3.72
C ASN G 54 -19.55 -39.83 3.70
N ARG G 55 -20.56 -39.90 2.84
CA ARG G 55 -21.41 -41.08 2.75
C ARG G 55 -21.42 -41.73 1.37
N LEU G 56 -21.65 -40.95 0.30
CA LEU G 56 -22.26 -41.47 -0.91
C LEU G 56 -21.26 -42.15 -1.85
N LYS G 57 -20.05 -41.59 -1.99
CA LYS G 57 -19.07 -42.11 -2.94
C LYS G 57 -18.27 -43.29 -2.40
N THR G 58 -18.80 -43.99 -1.40
CA THR G 58 -18.16 -45.12 -0.75
C THR G 58 -18.85 -46.42 -1.09
N LYS G 59 -20.16 -46.51 -0.84
CA LYS G 59 -20.93 -47.70 -1.15
C LYS G 59 -21.40 -47.68 -2.60
N ASP G 60 -21.54 -46.50 -3.19
CA ASP G 60 -21.91 -46.35 -4.60
C ASP G 60 -20.68 -46.13 -5.49
N ARG G 61 -19.54 -46.72 -5.11
CA ARG G 61 -18.33 -46.63 -5.91
C ARG G 61 -17.46 -47.86 -5.63
N ASP G 62 -16.29 -47.86 -6.25
CA ASP G 62 -15.33 -48.96 -6.25
C ASP G 62 -14.38 -48.83 -5.05
N PRO G 63 -13.41 -49.77 -4.86
CA PRO G 63 -12.29 -49.47 -3.95
C PRO G 63 -11.24 -48.49 -4.49
N ALA G 64 -11.54 -47.80 -5.60
CA ALA G 64 -10.83 -46.58 -5.99
C ALA G 64 -11.03 -45.43 -5.00
N LYS G 65 -11.96 -45.58 -4.05
CA LYS G 65 -11.94 -44.87 -2.78
C LYS G 65 -10.55 -44.77 -2.16
N LEU G 66 -9.76 -45.85 -2.24
CA LEU G 66 -8.35 -45.82 -1.84
C LEU G 66 -7.60 -44.69 -2.53
N ASP G 67 -7.77 -44.57 -3.85
CA ASP G 67 -7.13 -43.47 -4.56
C ASP G 67 -7.78 -42.13 -4.26
N ALA G 68 -8.98 -42.13 -3.66
CA ALA G 68 -9.54 -40.87 -3.15
C ALA G 68 -8.87 -40.43 -1.86
N SER G 69 -8.23 -41.35 -1.13
CA SER G 69 -7.53 -40.98 0.10
C SER G 69 -6.03 -40.84 -0.10
N ILE G 70 -5.48 -41.44 -1.15
CA ILE G 70 -4.10 -41.16 -1.52
C ILE G 70 -4.00 -39.76 -2.10
N GLN G 71 -4.85 -39.47 -3.10
CA GLN G 71 -4.81 -38.23 -3.85
C GLN G 71 -5.65 -37.13 -3.20
N SER G 72 -5.82 -37.20 -1.89
CA SER G 72 -6.40 -36.10 -1.14
C SER G 72 -5.51 -34.88 -1.27
N PRO G 73 -6.03 -33.76 -1.76
CA PRO G 73 -5.26 -32.52 -1.73
C PRO G 73 -5.13 -32.01 -0.31
N ASN G 74 -4.19 -31.09 -0.13
CA ASN G 74 -3.81 -30.59 1.20
C ASN G 74 -4.64 -29.35 1.45
N LEU G 75 -5.68 -29.51 2.26
CA LEU G 75 -6.94 -28.83 1.99
C LEU G 75 -7.00 -27.39 2.51
N GLN G 76 -7.00 -27.20 3.82
CA GLN G 76 -7.75 -26.06 4.33
C GLN G 76 -6.80 -25.03 4.91
N THR G 77 -7.27 -23.78 4.98
CA THR G 77 -6.63 -22.72 5.76
C THR G 77 -7.73 -22.07 6.61
N VAL G 78 -7.88 -22.53 7.84
CA VAL G 78 -8.95 -22.08 8.69
C VAL G 78 -8.43 -20.96 9.60
N ASP G 79 -9.37 -20.26 10.24
CA ASP G 79 -9.06 -19.23 11.22
C ASP G 79 -9.42 -19.74 12.60
N VAL G 80 -8.48 -19.64 13.53
CA VAL G 80 -8.73 -20.01 14.92
C VAL G 80 -8.43 -18.81 15.81
N ALA G 81 -8.94 -18.88 17.03
CA ALA G 81 -8.70 -17.89 18.06
C ALA G 81 -8.40 -18.63 19.35
N ASN G 82 -7.16 -18.59 19.81
CA ASN G 82 -6.76 -19.23 21.04
C ASN G 82 -6.47 -18.18 22.10
N LEU G 83 -6.61 -18.56 23.36
CA LEU G 83 -6.09 -17.76 24.44
C LEU G 83 -4.57 -17.77 24.39
N PRO G 84 -3.90 -16.74 24.91
CA PRO G 84 -2.44 -16.77 24.98
C PRO G 84 -1.95 -17.80 25.98
N SER G 85 -0.65 -18.09 25.91
CA SER G 85 -0.08 -19.24 26.59
C SER G 85 0.00 -19.08 28.10
N ASP G 86 -0.14 -17.86 28.61
CA ASP G 86 -0.07 -17.60 30.04
C ASP G 86 -1.32 -16.88 30.55
N ALA G 87 -2.48 -17.35 30.11
CA ALA G 87 -3.75 -16.77 30.52
C ALA G 87 -4.80 -17.86 30.48
N ASP G 88 -5.70 -17.86 31.47
CA ASP G 88 -6.70 -18.91 31.54
C ASP G 88 -8.09 -18.39 31.84
N THR G 89 -8.40 -17.16 31.43
CA THR G 89 -9.71 -16.59 31.72
C THR G 89 -10.18 -15.77 30.53
N LEU G 90 -11.39 -16.03 30.08
CA LEU G 90 -12.03 -15.27 29.01
C LEU G 90 -12.92 -14.20 29.62
N LYS G 91 -12.86 -13.01 29.04
CA LYS G 91 -13.67 -11.87 29.44
C LYS G 91 -14.54 -11.43 28.26
N VAL G 92 -15.84 -11.29 28.49
CA VAL G 92 -16.77 -10.86 27.46
C VAL G 92 -17.58 -9.69 28.00
N ARG G 93 -17.46 -8.53 27.35
CA ARG G 93 -18.08 -7.31 27.86
C ARG G 93 -18.99 -6.69 26.80
N PHE G 94 -20.28 -6.57 27.12
CA PHE G 94 -21.20 -5.89 26.22
C PHE G 94 -22.11 -4.99 27.03
N THR G 95 -22.83 -4.12 26.34
CA THR G 95 -23.79 -3.23 26.97
C THR G 95 -25.20 -3.60 26.55
N LEU G 96 -26.19 -2.99 27.20
CA LEU G 96 -27.58 -3.36 26.95
C LEU G 96 -28.47 -2.17 27.28
N ARG G 97 -29.23 -1.69 26.31
CA ARG G 97 -30.27 -0.71 26.58
C ARG G 97 -31.63 -1.38 26.71
N VAL G 98 -32.41 -0.92 27.67
CA VAL G 98 -33.79 -1.37 27.83
C VAL G 98 -34.68 -0.18 27.50
N LEU G 99 -35.52 -0.32 26.48
CA LEU G 99 -36.32 0.77 25.98
C LEU G 99 -37.78 0.59 26.35
N GLY G 100 -38.44 1.68 26.69
CA GLY G 100 -39.83 1.62 27.10
C GLY G 100 -40.80 1.80 25.94
N GLY G 101 -42.08 1.65 26.27
CA GLY G 101 -43.13 1.79 25.27
C GLY G 101 -43.17 0.61 24.33
N ALA G 102 -43.45 -0.58 24.86
CA ALA G 102 -43.31 -1.82 24.13
C ALA G 102 -44.62 -2.32 23.54
N GLY G 103 -45.54 -1.42 23.21
CA GLY G 103 -46.78 -1.84 22.61
C GLY G 103 -47.22 -0.94 21.47
N THR G 104 -46.43 0.09 21.19
CA THR G 104 -46.76 1.05 20.17
C THR G 104 -46.08 0.68 18.88
N PRO G 105 -46.81 0.51 17.78
CA PRO G 105 -46.17 0.18 16.50
C PRO G 105 -45.41 1.37 15.94
N SER G 106 -44.68 1.11 14.85
CA SER G 106 -43.99 2.16 14.14
C SER G 106 -44.60 2.48 12.79
N ALA G 107 -45.42 1.59 12.23
CA ALA G 107 -46.04 1.84 10.94
C ALA G 107 -47.32 1.02 10.86
N CYS G 108 -48.46 1.66 11.07
CA CYS G 108 -49.75 0.98 11.03
C CYS G 108 -50.69 1.69 10.09
N ASN G 109 -51.42 0.92 9.29
CA ASN G 109 -52.39 1.50 8.36
C ASN G 109 -53.63 2.01 9.08
N ASP G 110 -54.35 1.09 9.73
CA ASP G 110 -55.61 1.42 10.37
C ASP G 110 -55.37 2.24 11.64
N ALA G 111 -56.33 3.10 11.95
CA ALA G 111 -56.31 3.83 13.21
C ALA G 111 -57.14 3.15 14.27
N ALA G 112 -58.18 2.42 13.89
CA ALA G 112 -59.00 1.71 14.86
C ALA G 112 -58.29 0.47 15.37
N TYR G 113 -57.58 -0.23 14.49
CA TYR G 113 -56.83 -1.42 14.88
C TYR G 113 -55.68 -1.05 15.82
N ARG G 114 -55.07 0.11 15.60
CA ARG G 114 -54.00 0.58 16.47
C ARG G 114 -54.53 0.93 17.85
N ASP G 115 -55.69 1.58 17.92
CA ASP G 115 -56.26 1.95 19.20
C ASP G 115 -56.76 0.74 19.97
N LYS G 116 -57.32 -0.24 19.26
CA LYS G 116 -57.72 -1.50 19.90
C LYS G 116 -56.50 -2.25 20.42
N LEU G 117 -55.40 -2.21 19.67
CA LEU G 117 -54.15 -2.84 20.11
C LEU G 117 -53.60 -2.16 21.36
N LEU G 118 -53.61 -0.83 21.42
CA LEU G 118 -53.11 -0.13 22.60
C LEU G 118 -54.02 -0.33 23.80
N GLN G 119 -55.33 -0.48 23.58
CA GLN G 119 -56.20 -0.86 24.70
C GLN G 119 -55.91 -2.26 25.19
N THR G 120 -55.55 -3.17 24.29
CA THR G 120 -55.22 -4.53 24.70
C THR G 120 -53.94 -4.57 25.52
N VAL G 121 -52.89 -3.87 25.06
CA VAL G 121 -51.62 -3.89 25.78
C VAL G 121 -51.73 -3.13 27.10
N ALA G 122 -52.49 -2.03 27.11
CA ALA G 122 -52.72 -1.30 28.36
C ALA G 122 -53.53 -2.12 29.35
N THR G 123 -54.46 -2.93 28.83
CA THR G 123 -55.20 -3.87 29.67
C THR G 123 -54.27 -4.93 30.26
N TYR G 124 -53.30 -5.39 29.46
CA TYR G 124 -52.34 -6.37 29.94
C TYR G 124 -51.48 -5.80 31.07
N VAL G 125 -50.86 -4.64 30.85
CA VAL G 125 -49.99 -4.08 31.86
C VAL G 125 -50.73 -3.52 33.05
N ASN G 126 -52.05 -3.32 32.95
CA ASN G 126 -52.82 -2.98 34.14
C ASN G 126 -53.25 -4.21 34.92
N ASP G 127 -53.51 -5.33 34.24
CA ASP G 127 -53.86 -6.55 34.95
C ASP G 127 -52.64 -7.12 35.68
N GLN G 128 -51.47 -7.07 35.05
CA GLN G 128 -50.25 -7.60 35.63
C GLN G 128 -49.06 -6.92 34.99
N GLY G 129 -48.03 -6.68 35.78
CA GLY G 129 -46.90 -5.92 35.33
C GLY G 129 -45.98 -6.70 34.41
N PHE G 130 -44.78 -6.15 34.23
CA PHE G 130 -43.71 -6.80 33.49
C PHE G 130 -42.80 -7.61 34.40
N ALA G 131 -43.32 -8.15 35.50
CA ALA G 131 -42.48 -8.83 36.48
C ALA G 131 -42.01 -10.19 35.99
N GLU G 132 -42.87 -10.92 35.26
CA GLU G 132 -42.52 -12.25 34.80
C GLU G 132 -41.44 -12.20 33.74
N LEU G 133 -41.62 -11.36 32.72
CA LEU G 133 -40.69 -11.31 31.62
C LEU G 133 -39.35 -10.71 32.05
N ALA G 134 -39.38 -9.71 32.94
CA ALA G 134 -38.12 -9.18 33.44
C ALA G 134 -37.46 -10.14 34.41
N ARG G 135 -38.24 -11.00 35.06
CA ARG G 135 -37.66 -12.03 35.92
C ARG G 135 -36.92 -13.07 35.09
N ARG G 136 -37.49 -13.46 33.95
CA ARG G 136 -36.80 -14.44 33.13
C ARG G 136 -35.64 -13.84 32.34
N TYR G 137 -35.76 -12.59 31.90
CA TYR G 137 -34.61 -11.90 31.30
C TYR G 137 -33.50 -11.71 32.31
N ALA G 138 -33.85 -11.47 33.57
CA ALA G 138 -32.84 -11.40 34.62
C ALA G 138 -32.23 -12.76 34.89
N HIS G 139 -32.96 -13.84 34.66
CA HIS G 139 -32.34 -15.16 34.76
C HIS G 139 -31.40 -15.44 33.59
N ASN G 140 -31.68 -14.91 32.40
CA ASN G 140 -30.74 -15.13 31.32
C ASN G 140 -29.53 -14.21 31.39
N LEU G 141 -29.64 -13.06 32.04
CA LEU G 141 -28.43 -12.31 32.38
C LEU G 141 -27.74 -12.84 33.61
N ALA G 142 -28.44 -13.64 34.43
CA ALA G 142 -27.88 -14.12 35.68
C ALA G 142 -26.80 -15.16 35.42
N ASN G 143 -27.15 -16.22 34.70
CA ASN G 143 -26.16 -17.18 34.24
C ASN G 143 -25.48 -16.64 32.99
N ALA G 144 -24.74 -17.49 32.30
CA ALA G 144 -23.95 -17.01 31.18
C ALA G 144 -24.38 -17.69 29.89
N ARG G 145 -25.69 -17.70 29.63
CA ARG G 145 -26.21 -18.31 28.41
C ARG G 145 -25.69 -17.62 27.16
N PHE G 146 -25.36 -16.32 27.24
CA PHE G 146 -24.77 -15.60 26.12
C PHE G 146 -23.34 -16.02 25.82
N LEU G 147 -22.70 -16.79 26.70
CA LEU G 147 -21.50 -17.55 26.35
C LEU G 147 -22.00 -18.87 25.80
N TRP G 148 -22.06 -18.99 24.48
CA TRP G 148 -22.72 -20.14 23.87
C TRP G 148 -21.96 -21.45 24.05
N ARG G 149 -20.78 -21.56 23.47
CA ARG G 149 -19.98 -22.77 23.61
C ARG G 149 -18.83 -22.57 24.57
N ASN G 150 -18.49 -21.31 24.87
CA ASN G 150 -17.46 -20.99 25.84
C ASN G 150 -17.84 -21.39 27.26
N ARG G 151 -19.14 -21.51 27.54
CA ARG G 151 -19.60 -21.88 28.87
C ARG G 151 -19.41 -23.37 29.12
N VAL G 152 -19.40 -24.18 28.05
CA VAL G 152 -19.38 -25.63 28.16
C VAL G 152 -18.00 -26.08 28.65
N GLY G 153 -17.98 -26.69 29.83
CA GLY G 153 -16.75 -27.18 30.40
C GLY G 153 -15.85 -26.09 30.92
N ALA G 154 -16.28 -25.40 31.97
CA ALA G 154 -15.49 -24.36 32.60
C ALA G 154 -15.47 -24.60 34.11
N GLU G 155 -14.40 -24.13 34.75
CA GLU G 155 -14.26 -24.33 36.19
C GLU G 155 -15.18 -23.41 36.97
N ALA G 156 -15.15 -22.12 36.65
CA ALA G 156 -15.96 -21.14 37.36
C ALA G 156 -16.28 -19.99 36.43
N VAL G 157 -17.54 -19.59 36.39
CA VAL G 157 -18.02 -18.49 35.54
C VAL G 157 -18.62 -17.44 36.46
N GLU G 158 -18.17 -16.19 36.32
CA GLU G 158 -18.67 -15.11 37.16
C GLU G 158 -19.18 -13.98 36.28
N VAL G 159 -20.37 -13.49 36.58
CA VAL G 159 -21.04 -12.44 35.81
C VAL G 159 -21.17 -11.21 36.68
N ARG G 160 -20.74 -10.06 36.16
CA ARG G 160 -20.85 -8.79 36.86
C ARG G 160 -21.69 -7.83 36.03
N ILE G 161 -22.71 -7.26 36.64
CA ILE G 161 -23.69 -6.41 35.97
C ILE G 161 -23.68 -5.05 36.66
N ASN G 162 -23.61 -3.98 35.88
CA ASN G 162 -23.60 -2.63 36.43
C ASN G 162 -24.75 -1.83 35.83
N HIS G 163 -25.44 -1.09 36.68
CA HIS G 163 -26.43 -0.12 36.22
C HIS G 163 -25.77 1.24 36.11
N ILE G 164 -25.91 1.88 34.95
CA ILE G 164 -25.24 3.14 34.67
C ILE G 164 -26.31 4.19 34.42
N ARG G 165 -26.37 5.19 35.31
CA ARG G 165 -27.41 6.20 35.26
C ARG G 165 -26.86 7.57 34.86
N GLN G 166 -25.90 8.09 35.59
CA GLN G 166 -25.07 9.20 35.15
C GLN G 166 -23.87 8.62 34.42
N GLY G 167 -22.80 9.39 34.24
CA GLY G 167 -21.57 8.82 33.74
C GLY G 167 -20.95 7.76 34.65
N GLU G 168 -21.31 7.75 35.93
CA GLU G 168 -20.77 6.83 36.91
C GLU G 168 -21.67 5.61 37.07
N VAL G 169 -21.39 4.80 38.08
CA VAL G 169 -22.09 3.54 38.33
C VAL G 169 -23.09 3.76 39.46
N ALA G 170 -24.33 3.33 39.24
CA ALA G 170 -25.37 3.48 40.24
C ALA G 170 -25.43 2.29 41.20
N ARG G 171 -25.44 1.07 40.67
CA ARG G 171 -25.59 -0.13 41.48
C ARG G 171 -24.97 -1.31 40.76
N ALA G 172 -24.24 -2.14 41.50
CA ALA G 172 -23.48 -3.24 40.94
C ALA G 172 -23.92 -4.58 41.52
N TRP G 173 -24.04 -5.58 40.65
CA TRP G 173 -24.36 -6.94 41.03
C TRP G 173 -23.22 -7.86 40.61
N ARG G 174 -22.96 -8.87 41.43
CA ARG G 174 -21.93 -9.88 41.14
C ARG G 174 -22.53 -11.25 41.39
N PHE G 175 -22.70 -12.03 40.33
CA PHE G 175 -23.39 -13.31 40.38
C PHE G 175 -22.40 -14.46 40.26
N ASP G 176 -22.95 -15.67 40.25
CA ASP G 176 -22.19 -16.90 40.05
C ASP G 176 -23.01 -17.76 39.10
N ALA G 177 -22.51 -17.97 37.89
CA ALA G 177 -23.35 -18.52 36.84
C ALA G 177 -23.54 -20.02 36.94
N LEU G 178 -22.60 -20.75 37.53
CA LEU G 178 -22.74 -22.19 37.60
C LEU G 178 -23.68 -22.64 38.70
N ALA G 179 -23.80 -21.84 39.78
CA ALA G 179 -24.75 -22.16 40.83
C ALA G 179 -26.18 -21.93 40.36
N ILE G 180 -26.39 -20.86 39.60
CA ILE G 180 -27.71 -20.61 39.02
C ILE G 180 -27.94 -21.59 37.88
N GLY G 181 -29.06 -22.30 37.94
CA GLY G 181 -29.34 -23.32 36.94
C GLY G 181 -29.64 -22.73 35.58
N LEU G 182 -29.59 -23.60 34.57
CA LEU G 182 -29.87 -23.20 33.22
C LEU G 182 -31.27 -23.58 32.76
N ARG G 183 -31.91 -24.54 33.43
CA ARG G 183 -33.27 -24.93 33.08
C ARG G 183 -34.30 -24.56 34.14
N ASP G 184 -33.88 -24.07 35.30
CA ASP G 184 -34.78 -23.75 36.38
C ASP G 184 -34.85 -22.24 36.60
N PHE G 185 -36.03 -21.77 36.99
CA PHE G 185 -36.27 -20.35 37.26
C PHE G 185 -36.61 -20.22 38.73
N LYS G 186 -35.58 -20.09 39.56
CA LYS G 186 -35.72 -19.99 41.00
C LYS G 186 -35.55 -18.55 41.46
N ALA G 187 -36.35 -18.15 42.44
CA ALA G 187 -36.34 -16.77 42.91
C ALA G 187 -35.10 -16.50 43.75
N ASP G 188 -34.78 -15.21 43.85
CA ASP G 188 -33.66 -14.72 44.65
C ASP G 188 -33.91 -13.23 44.88
N ALA G 189 -33.27 -12.69 45.92
CA ALA G 189 -33.43 -11.27 46.22
C ALA G 189 -32.77 -10.39 45.16
N GLU G 190 -31.57 -10.77 44.72
CA GLU G 190 -30.84 -9.97 43.74
C GLU G 190 -31.50 -10.05 42.37
N LEU G 191 -32.03 -11.23 42.03
CA LEU G 191 -32.80 -11.35 40.80
C LEU G 191 -34.13 -10.62 40.88
N ASP G 192 -34.66 -10.41 42.08
CA ASP G 192 -35.81 -9.53 42.19
C ASP G 192 -35.39 -8.07 42.05
N ALA G 193 -34.15 -7.74 42.41
CA ALA G 193 -33.67 -6.38 42.15
C ALA G 193 -33.51 -6.11 40.66
N LEU G 194 -32.94 -7.07 39.92
CA LEU G 194 -32.87 -6.91 38.47
C LEU G 194 -34.25 -7.00 37.82
N ALA G 195 -35.17 -7.75 38.41
CA ALA G 195 -36.52 -7.80 37.85
C ALA G 195 -37.24 -6.48 38.05
N GLU G 196 -37.02 -5.81 39.18
CA GLU G 196 -37.60 -4.49 39.38
C GLU G 196 -36.93 -3.45 38.49
N LEU G 197 -35.64 -3.61 38.21
CA LEU G 197 -34.94 -2.65 37.36
C LEU G 197 -35.37 -2.77 35.90
N ILE G 198 -35.32 -4.00 35.36
CA ILE G 198 -35.69 -4.22 33.97
C ILE G 198 -37.19 -4.02 33.76
N ALA G 199 -38.00 -4.43 34.75
CA ALA G 199 -39.43 -4.19 34.67
C ALA G 199 -39.75 -2.71 34.79
N SER G 200 -38.93 -1.95 35.53
CA SER G 200 -39.07 -0.50 35.53
C SER G 200 -38.58 0.12 34.25
N GLY G 201 -37.74 -0.58 33.49
CA GLY G 201 -37.25 -0.05 32.23
C GLY G 201 -38.21 -0.27 31.07
N LEU G 202 -38.80 -1.45 30.99
CA LEU G 202 -39.71 -1.77 29.90
C LEU G 202 -41.04 -1.04 30.02
N SER G 203 -41.42 -0.61 31.22
CA SER G 203 -42.67 0.11 31.40
C SER G 203 -42.55 1.59 31.04
N GLY G 204 -41.35 2.06 30.72
CA GLY G 204 -41.17 3.45 30.37
C GLY G 204 -41.02 4.39 31.54
N SER G 205 -40.77 3.85 32.74
CA SER G 205 -40.66 4.65 33.95
C SER G 205 -39.26 5.18 34.18
N GLY G 206 -38.34 4.97 33.25
CA GLY G 206 -36.98 5.45 33.41
C GLY G 206 -36.11 4.98 32.27
N HIS G 207 -34.83 5.31 32.38
CA HIS G 207 -33.82 4.93 31.41
C HIS G 207 -32.89 3.89 32.02
N VAL G 208 -32.71 2.77 31.33
CA VAL G 208 -31.93 1.66 31.85
C VAL G 208 -30.83 1.30 30.86
N LEU G 209 -29.58 1.53 31.28
CA LEU G 209 -28.38 1.11 30.56
C LEU G 209 -27.56 0.22 31.47
N LEU G 210 -27.29 -0.99 31.01
CA LEU G 210 -26.57 -1.99 31.78
C LEU G 210 -25.26 -2.35 31.10
N GLU G 211 -24.25 -2.61 31.91
CA GLU G 211 -22.95 -3.10 31.45
C GLU G 211 -22.75 -4.50 31.98
N VAL G 212 -22.57 -5.46 31.09
CA VAL G 212 -22.46 -6.87 31.45
C VAL G 212 -21.06 -7.35 31.12
N VAL G 213 -20.40 -7.94 32.11
CA VAL G 213 -19.04 -8.48 31.96
C VAL G 213 -19.04 -9.91 32.47
N ALA G 214 -18.53 -10.83 31.65
CA ALA G 214 -18.52 -12.25 32.00
C ALA G 214 -17.10 -12.79 32.00
N PHE G 215 -16.84 -13.68 32.96
CA PHE G 215 -15.53 -14.23 33.25
C PHE G 215 -15.60 -15.75 33.26
N ALA G 216 -14.67 -16.41 32.58
CA ALA G 216 -14.70 -17.87 32.51
C ALA G 216 -13.29 -18.44 32.61
N ARG G 217 -13.11 -19.46 33.45
CA ARG G 217 -11.89 -20.26 33.45
C ARG G 217 -12.07 -21.44 32.51
N ILE G 218 -11.46 -21.37 31.33
CA ILE G 218 -11.57 -22.45 30.37
C ILE G 218 -10.25 -23.17 30.14
N GLY G 219 -9.19 -22.78 30.84
CA GLY G 219 -7.92 -23.44 30.67
C GLY G 219 -6.86 -22.54 30.06
N ASP G 220 -5.60 -22.96 30.13
CA ASP G 220 -4.47 -22.09 29.80
C ASP G 220 -4.15 -22.22 28.32
N GLY G 221 -4.80 -21.41 27.51
CA GLY G 221 -4.43 -21.27 26.11
C GLY G 221 -5.13 -22.17 25.14
N GLN G 222 -6.48 -22.21 25.15
CA GLN G 222 -7.17 -23.16 24.29
C GLN G 222 -8.54 -22.63 23.82
N GLU G 223 -8.54 -22.01 22.64
CA GLU G 223 -9.61 -22.05 21.65
C GLU G 223 -10.96 -21.54 22.18
N VAL G 224 -11.00 -20.22 22.35
CA VAL G 224 -12.26 -19.51 22.53
C VAL G 224 -13.05 -19.55 21.23
N PHE G 225 -14.32 -19.18 21.30
CA PHE G 225 -15.28 -19.44 20.22
C PHE G 225 -16.05 -18.18 19.84
N PRO G 226 -15.52 -17.38 18.92
CA PRO G 226 -16.30 -16.27 18.38
C PRO G 226 -17.28 -16.75 17.32
N SER G 227 -17.97 -15.83 16.67
CA SER G 227 -18.99 -16.17 15.69
C SER G 227 -18.41 -16.11 14.29
N GLN G 228 -18.93 -16.96 13.41
CA GLN G 228 -18.37 -17.10 12.08
C GLN G 228 -19.02 -16.13 11.11
N GLU G 229 -18.54 -16.14 9.87
CA GLU G 229 -18.97 -15.23 8.82
C GLU G 229 -19.38 -16.04 7.59
N LEU G 230 -20.02 -15.34 6.66
CA LEU G 230 -20.49 -15.96 5.42
C LEU G 230 -19.45 -15.74 4.32
N ILE G 231 -18.98 -16.82 3.72
CA ILE G 231 -18.25 -16.75 2.46
C ILE G 231 -18.87 -17.76 1.51
N LEU G 232 -18.75 -17.49 0.22
CA LEU G 232 -19.44 -18.26 -0.79
C LEU G 232 -18.41 -18.75 -1.81
N ASP G 233 -18.13 -20.05 -1.78
CA ASP G 233 -17.19 -20.66 -2.70
C ASP G 233 -17.83 -20.75 -4.08
N LYS G 234 -17.59 -19.75 -4.92
CA LYS G 234 -18.03 -19.81 -6.30
C LYS G 234 -17.01 -20.45 -7.22
N GLY G 235 -15.84 -20.81 -6.70
CA GLY G 235 -14.86 -21.53 -7.47
C GLY G 235 -14.08 -20.71 -8.48
N ASP G 236 -14.19 -19.38 -8.43
CA ASP G 236 -13.43 -18.52 -9.32
C ASP G 236 -12.09 -18.08 -8.74
N LYS G 237 -11.55 -18.83 -7.78
CA LYS G 237 -10.31 -18.43 -7.12
C LYS G 237 -9.29 -19.57 -7.11
N LYS G 238 -8.21 -19.38 -6.36
CA LYS G 238 -7.19 -20.40 -6.17
C LYS G 238 -7.13 -20.89 -4.72
N GLY G 239 -8.19 -20.68 -3.95
CA GLY G 239 -8.23 -21.15 -2.59
C GLY G 239 -8.70 -20.10 -1.62
N GLN G 240 -9.75 -20.42 -0.87
CA GLN G 240 -10.30 -19.52 0.13
C GLN G 240 -10.14 -20.15 1.50
N LYS G 241 -10.64 -19.44 2.52
CA LYS G 241 -10.39 -19.88 3.88
C LYS G 241 -11.27 -21.06 4.28
N SER G 242 -12.55 -21.02 3.88
CA SER G 242 -13.62 -21.93 4.28
C SER G 242 -13.98 -21.86 5.76
N LYS G 243 -13.30 -20.99 6.54
CA LYS G 243 -13.72 -20.64 7.89
C LYS G 243 -13.06 -19.33 8.27
N THR G 244 -13.85 -18.27 8.32
CA THR G 244 -13.39 -16.99 8.84
C THR G 244 -14.27 -16.57 9.99
N LEU G 245 -13.71 -15.74 10.86
CA LEU G 245 -14.36 -15.38 12.12
C LEU G 245 -14.63 -13.89 12.17
N TYR G 246 -15.73 -13.53 12.82
CA TYR G 246 -16.11 -12.14 12.96
C TYR G 246 -15.15 -11.40 13.87
N SER G 247 -14.82 -10.18 13.50
CA SER G 247 -13.91 -9.36 14.29
C SER G 247 -14.33 -7.91 14.21
N VAL G 248 -13.65 -7.11 15.01
CA VAL G 248 -13.76 -5.66 15.07
C VAL G 248 -12.32 -5.22 14.86
N ARG G 249 -11.98 -3.98 15.24
CA ARG G 249 -10.63 -3.49 14.99
C ARG G 249 -9.61 -4.27 15.82
N ASP G 250 -9.20 -5.42 15.26
CA ASP G 250 -8.19 -6.33 15.80
C ASP G 250 -8.60 -6.90 17.17
N ALA G 251 -9.78 -7.53 17.21
CA ALA G 251 -10.26 -8.22 18.39
C ALA G 251 -11.35 -9.18 17.96
N ALA G 252 -11.37 -10.37 18.56
CA ALA G 252 -12.43 -11.32 18.30
C ALA G 252 -13.68 -10.92 19.06
N ALA G 253 -14.84 -11.03 18.39
CA ALA G 253 -16.11 -10.69 19.00
C ALA G 253 -17.17 -11.58 18.41
N ILE G 254 -18.33 -11.61 19.05
CA ILE G 254 -19.48 -12.31 18.49
C ILE G 254 -20.53 -11.27 18.13
N HIS G 255 -21.47 -11.67 17.29
CA HIS G 255 -22.49 -10.76 16.78
C HIS G 255 -23.44 -10.35 17.89
N SER G 256 -24.27 -9.36 17.60
CA SER G 256 -25.30 -8.97 18.55
C SER G 256 -26.55 -9.80 18.42
N GLN G 257 -26.73 -10.52 17.31
CA GLN G 257 -27.89 -11.40 17.19
C GLN G 257 -27.77 -12.61 18.08
N LYS G 258 -26.55 -13.06 18.38
CA LYS G 258 -26.41 -14.23 19.24
C LYS G 258 -26.67 -13.89 20.70
N ILE G 259 -26.22 -12.71 21.12
CA ILE G 259 -26.52 -12.26 22.48
C ILE G 259 -28.01 -11.95 22.62
N GLY G 260 -28.59 -11.31 21.62
CA GLY G 260 -30.02 -11.07 21.63
C GLY G 260 -30.84 -12.33 21.53
N ASN G 261 -30.28 -13.38 20.91
CA ASN G 261 -30.94 -14.68 20.91
C ASN G 261 -30.87 -15.33 22.28
N ALA G 262 -29.74 -15.20 22.96
CA ALA G 262 -29.61 -15.81 24.27
C ALA G 262 -30.43 -15.08 25.33
N LEU G 263 -30.72 -13.81 25.14
CA LEU G 263 -31.60 -13.13 26.09
C LEU G 263 -33.07 -13.46 25.89
N ARG G 264 -33.45 -14.07 24.77
CA ARG G 264 -34.85 -14.37 24.48
C ARG G 264 -35.18 -15.84 24.67
N THR G 265 -34.33 -16.60 25.35
CA THR G 265 -34.59 -18.01 25.59
C THR G 265 -35.38 -18.12 26.89
N ILE G 266 -36.67 -17.80 26.79
CA ILE G 266 -37.56 -17.81 27.94
C ILE G 266 -38.80 -18.65 27.71
N ASP G 267 -39.00 -19.18 26.52
CA ASP G 267 -40.25 -19.85 26.17
C ASP G 267 -40.19 -21.28 26.68
N THR G 268 -40.88 -21.55 27.78
CA THR G 268 -41.03 -22.89 28.33
C THR G 268 -42.49 -23.35 28.23
N TRP G 269 -43.16 -22.98 27.15
CA TRP G 269 -44.61 -22.98 27.09
C TRP G 269 -45.19 -23.69 25.87
N TYR G 270 -44.38 -24.41 25.11
CA TYR G 270 -44.91 -25.36 24.15
C TYR G 270 -45.59 -26.51 24.90
N PRO G 271 -46.72 -27.02 24.42
CA PRO G 271 -47.48 -28.01 25.20
C PRO G 271 -46.83 -29.38 25.35
N ASP G 272 -45.79 -29.69 24.60
CA ASP G 272 -45.05 -30.94 24.79
C ASP G 272 -43.57 -30.63 25.01
N GLU G 273 -43.31 -29.62 25.84
CA GLU G 273 -41.94 -29.16 26.09
C GLU G 273 -41.55 -29.59 27.50
N ASP G 274 -41.04 -30.81 27.62
CA ASP G 274 -40.39 -31.30 28.81
C ASP G 274 -39.00 -31.78 28.42
N GLY G 275 -38.03 -31.60 29.31
CA GLY G 275 -36.68 -31.88 28.90
C GLY G 275 -35.95 -30.65 28.40
N LEU G 276 -36.06 -30.41 27.08
CA LEU G 276 -35.33 -29.33 26.42
C LEU G 276 -35.61 -27.97 27.04
N GLY G 277 -36.85 -27.72 27.43
CA GLY G 277 -37.18 -26.56 28.23
C GLY G 277 -37.23 -25.27 27.45
N PRO G 278 -36.36 -24.32 27.81
CA PRO G 278 -36.49 -22.96 27.28
C PRO G 278 -36.10 -22.87 25.80
N ILE G 279 -36.98 -22.24 25.04
CA ILE G 279 -36.82 -22.05 23.60
C ILE G 279 -36.75 -20.54 23.35
N ALA G 280 -36.12 -20.14 22.26
CA ALA G 280 -36.13 -18.74 21.88
C ALA G 280 -37.52 -18.34 21.39
N VAL G 281 -37.89 -17.09 21.65
CA VAL G 281 -39.24 -16.60 21.33
C VAL G 281 -39.27 -16.21 19.87
N GLU G 282 -40.03 -16.94 19.07
CA GLU G 282 -40.21 -16.68 17.65
C GLU G 282 -41.67 -16.89 17.29
N PRO G 283 -42.19 -16.14 16.32
CA PRO G 283 -43.44 -16.57 15.67
C PRO G 283 -43.15 -17.84 14.90
N TYR G 284 -44.13 -18.75 14.90
CA TYR G 284 -43.98 -20.13 14.44
C TYR G 284 -42.78 -20.79 15.12
N GLY G 285 -42.88 -20.92 16.45
CA GLY G 285 -41.74 -21.09 17.34
C GLY G 285 -40.75 -22.19 16.99
N SER G 286 -39.57 -21.78 16.55
CA SER G 286 -38.72 -22.62 15.72
C SER G 286 -37.31 -22.70 16.29
N VAL G 287 -36.67 -23.84 16.04
CA VAL G 287 -35.25 -24.05 16.34
C VAL G 287 -34.59 -24.50 15.05
N THR G 288 -33.55 -23.78 14.64
CA THR G 288 -32.88 -24.12 13.38
C THR G 288 -31.99 -25.35 13.53
N SER G 289 -31.34 -25.50 14.69
CA SER G 289 -30.44 -26.62 14.89
C SER G 289 -31.20 -27.94 15.04
N GLN G 290 -32.31 -27.92 15.77
CA GLN G 290 -33.14 -29.12 15.88
C GLN G 290 -33.94 -29.39 14.61
N GLY G 291 -34.04 -28.42 13.71
CA GLY G 291 -34.79 -28.58 12.48
C GLY G 291 -36.29 -28.65 12.66
N LYS G 292 -36.81 -28.32 13.83
CA LYS G 292 -38.21 -28.46 14.14
C LYS G 292 -38.83 -27.10 14.43
N ALA G 293 -39.99 -26.85 13.84
CA ALA G 293 -40.82 -25.70 14.19
C ALA G 293 -41.89 -26.21 15.15
N TYR G 294 -41.79 -25.80 16.41
CA TYR G 294 -42.67 -26.35 17.44
C TYR G 294 -44.10 -25.85 17.29
N ARG G 295 -44.29 -24.54 17.41
CA ARG G 295 -45.63 -23.98 17.34
C ARG G 295 -46.05 -23.86 15.89
N GLN G 296 -46.80 -24.83 15.39
CA GLN G 296 -47.27 -24.79 14.02
C GLN G 296 -48.73 -24.34 13.98
N PRO G 297 -49.19 -23.76 12.88
CA PRO G 297 -50.61 -23.36 12.81
C PRO G 297 -51.59 -24.50 12.55
N LYS G 298 -51.16 -25.77 12.60
CA LYS G 298 -52.12 -26.85 12.76
C LYS G 298 -52.81 -26.74 14.11
N GLN G 299 -52.03 -26.53 15.16
CA GLN G 299 -52.55 -26.14 16.46
C GLN G 299 -52.91 -24.65 16.43
N LYS G 300 -53.42 -24.14 17.53
CA LYS G 300 -53.79 -22.73 17.60
C LYS G 300 -52.95 -22.01 18.64
N LEU G 301 -51.65 -22.28 18.66
CA LEU G 301 -50.72 -21.64 19.57
C LEU G 301 -49.68 -20.81 18.85
N ASP G 302 -49.94 -20.46 17.59
CA ASP G 302 -49.11 -19.54 16.84
C ASP G 302 -49.22 -18.13 17.42
N PHE G 303 -48.23 -17.28 17.10
CA PHE G 303 -48.32 -15.88 17.51
C PHE G 303 -49.41 -15.15 16.74
N TYR G 304 -49.54 -15.42 15.45
CA TYR G 304 -50.50 -14.71 14.61
C TYR G 304 -51.93 -15.08 14.98
N THR G 305 -52.15 -16.36 15.32
CA THR G 305 -53.48 -16.82 15.69
C THR G 305 -53.92 -16.25 17.02
N LEU G 306 -53.02 -16.24 18.01
CA LEU G 306 -53.35 -15.68 19.31
C LEU G 306 -53.51 -14.17 19.25
N LEU G 307 -52.72 -13.49 18.42
CA LEU G 307 -52.86 -12.04 18.31
C LEU G 307 -54.15 -11.66 17.61
N ASP G 308 -54.53 -12.42 16.59
CA ASP G 308 -55.79 -12.15 15.91
C ASP G 308 -56.98 -12.47 16.81
N ASN G 309 -56.91 -13.57 17.57
CA ASN G 309 -58.02 -13.92 18.44
C ASN G 309 -58.10 -13.05 19.68
N TRP G 310 -57.03 -12.34 20.03
CA TRP G 310 -57.04 -11.55 21.24
C TRP G 310 -57.19 -10.06 20.99
N VAL G 311 -56.88 -9.58 19.78
CA VAL G 311 -57.15 -8.18 19.46
C VAL G 311 -58.53 -8.02 18.84
N LEU G 312 -58.83 -8.80 17.81
CA LEU G 312 -60.08 -8.59 17.07
C LEU G 312 -61.28 -9.18 17.80
N ARG G 313 -61.27 -10.49 18.04
CA ARG G 313 -62.44 -11.20 18.52
C ARG G 313 -62.59 -11.15 20.03
N ASP G 314 -61.67 -10.50 20.74
CA ASP G 314 -61.65 -10.37 22.21
C ASP G 314 -61.60 -11.71 22.94
N GLU G 315 -61.13 -12.77 22.28
CA GLU G 315 -61.00 -14.07 22.91
C GLU G 315 -59.64 -14.11 23.59
N ALA G 316 -59.62 -13.79 24.87
CA ALA G 316 -58.36 -13.70 25.59
C ALA G 316 -57.83 -15.10 25.88
N PRO G 317 -56.57 -15.40 25.53
CA PRO G 317 -56.01 -16.70 25.86
C PRO G 317 -55.65 -16.84 27.33
N ALA G 318 -54.97 -17.92 27.69
CA ALA G 318 -54.47 -18.09 29.05
C ALA G 318 -53.39 -17.05 29.35
N VAL G 319 -53.08 -16.89 30.64
CA VAL G 319 -52.10 -15.91 31.08
C VAL G 319 -50.73 -16.24 30.53
N GLU G 320 -50.42 -17.54 30.48
CA GLU G 320 -49.20 -18.08 29.89
C GLU G 320 -48.98 -17.60 28.45
N GLN G 321 -50.00 -17.78 27.60
CA GLN G 321 -49.87 -17.37 26.22
C GLN G 321 -49.89 -15.85 26.08
N GLN G 322 -50.45 -15.13 27.04
CA GLN G 322 -50.35 -13.68 27.03
C GLN G 322 -48.92 -13.23 27.29
N HIS G 323 -48.22 -13.93 28.18
CA HIS G 323 -46.79 -13.69 28.37
C HIS G 323 -46.02 -13.97 27.09
N TYR G 324 -46.43 -15.01 26.35
CA TYR G 324 -45.82 -15.30 25.06
C TYR G 324 -46.00 -14.15 24.07
N VAL G 325 -47.23 -13.65 23.93
CA VAL G 325 -47.51 -12.64 22.91
C VAL G 325 -46.84 -11.32 23.24
N ILE G 326 -46.89 -10.89 24.51
CA ILE G 326 -46.26 -9.63 24.88
C ILE G 326 -44.74 -9.73 24.78
N ALA G 327 -44.18 -10.90 25.12
CA ALA G 327 -42.75 -11.12 24.91
C ALA G 327 -42.39 -11.06 23.43
N ASN G 328 -43.29 -11.53 22.57
CA ASN G 328 -43.04 -11.48 21.14
C ASN G 328 -43.27 -10.10 20.56
N LEU G 329 -43.94 -9.20 21.28
CA LEU G 329 -43.95 -7.80 20.88
C LEU G 329 -42.70 -7.06 21.35
N ILE G 330 -42.12 -7.48 22.48
CA ILE G 330 -40.82 -6.94 22.88
C ILE G 330 -39.74 -7.39 21.92
N ARG G 331 -39.89 -8.59 21.34
CA ARG G 331 -38.94 -9.07 20.34
C ARG G 331 -38.92 -8.23 19.07
N GLY G 332 -40.05 -7.60 18.73
CA GLY G 332 -40.13 -6.81 17.52
C GLY G 332 -40.36 -7.69 16.31
N GLY G 333 -40.39 -7.06 15.15
CA GLY G 333 -40.49 -7.81 13.91
C GLY G 333 -41.26 -7.04 12.86
N VAL G 334 -41.49 -7.72 11.73
CA VAL G 334 -42.29 -7.21 10.63
C VAL G 334 -43.51 -8.11 10.52
N PHE G 335 -44.66 -7.55 10.86
CA PHE G 335 -45.90 -8.31 10.94
C PHE G 335 -46.84 -7.83 9.85
N GLY G 336 -48.05 -8.34 9.85
CA GLY G 336 -49.01 -7.98 8.81
C GLY G 336 -48.70 -8.67 7.49
N GLU G 337 -49.53 -8.36 6.50
CA GLU G 337 -49.44 -9.01 5.19
C GLU G 337 -48.16 -8.65 4.46
N LEU H 5 -60.05 34.51 -15.52
CA LEU H 5 -58.76 34.39 -14.84
C LEU H 5 -58.54 32.95 -14.39
N SER H 6 -58.03 32.13 -15.30
CA SER H 6 -57.76 30.74 -15.01
C SER H 6 -56.36 30.58 -14.40
N THR H 7 -56.12 29.42 -13.81
CA THR H 7 -54.82 29.13 -13.24
C THR H 7 -53.78 28.91 -14.32
N ALA H 8 -52.54 29.23 -14.01
CA ALA H 8 -51.44 28.93 -14.91
C ALA H 8 -51.19 27.43 -14.93
N SER H 9 -50.85 26.91 -16.11
CA SER H 9 -50.58 25.48 -16.22
C SER H 9 -49.22 25.10 -15.68
N VAL H 10 -48.32 26.05 -15.51
CA VAL H 10 -46.97 25.80 -14.98
C VAL H 10 -46.74 26.80 -13.85
N LEU H 11 -46.45 26.30 -12.64
CA LEU H 11 -46.10 27.18 -11.53
C LEU H 11 -44.67 26.99 -11.05
N ALA H 12 -44.31 25.79 -10.59
CA ALA H 12 -42.92 25.36 -10.35
C ALA H 12 -42.18 26.26 -9.35
N PHE H 13 -42.64 26.23 -8.11
CA PHE H 13 -41.94 26.96 -7.07
C PHE H 13 -40.63 26.27 -6.67
N GLU H 14 -39.86 26.97 -5.85
CA GLU H 14 -38.51 26.58 -5.49
C GLU H 14 -38.33 26.71 -3.99
N ARG H 15 -37.66 25.74 -3.38
CA ARG H 15 -37.62 25.67 -1.93
C ARG H 15 -36.70 26.74 -1.35
N LYS H 16 -36.98 27.12 -0.10
CA LYS H 16 -36.29 28.22 0.54
C LYS H 16 -35.56 27.85 1.82
N LEU H 17 -35.76 26.65 2.34
CA LEU H 17 -34.95 26.12 3.44
C LEU H 17 -34.08 25.01 2.89
N ASP H 18 -32.76 25.22 2.91
CA ASP H 18 -31.84 24.33 2.21
C ASP H 18 -30.89 23.67 3.21
N PRO H 19 -31.15 22.42 3.60
CA PRO H 19 -30.20 21.70 4.46
C PRO H 19 -29.10 21.00 3.67
N SER H 20 -28.27 20.21 4.36
CA SER H 20 -27.24 19.42 3.73
C SER H 20 -27.22 18.05 4.42
N ASP H 21 -26.16 17.28 4.17
CA ASP H 21 -26.06 15.94 4.73
C ASP H 21 -25.59 16.01 6.19
N ALA H 22 -25.68 14.87 6.88
CA ALA H 22 -25.63 14.91 8.33
C ALA H 22 -24.27 14.60 8.94
N LEU H 23 -23.50 13.67 8.35
CA LEU H 23 -22.09 13.42 8.67
C LEU H 23 -21.90 13.00 10.14
N MET H 24 -22.39 11.80 10.45
CA MET H 24 -22.26 11.25 11.79
C MET H 24 -20.80 11.05 12.18
N SER H 25 -20.50 11.33 13.45
CA SER H 25 -19.19 11.06 14.01
C SER H 25 -19.34 10.81 15.50
N ALA H 26 -18.40 10.08 16.07
CA ALA H 26 -18.54 9.54 17.41
C ALA H 26 -17.60 10.26 18.37
N GLY H 27 -17.58 9.77 19.61
CA GLY H 27 -16.69 10.31 20.62
C GLY H 27 -17.29 10.15 22.00
N ALA H 28 -16.59 10.71 22.97
CA ALA H 28 -16.96 10.55 24.38
C ALA H 28 -17.48 11.87 24.95
N TRP H 29 -18.55 11.77 25.72
CA TRP H 29 -19.13 12.89 26.43
C TRP H 29 -18.13 13.44 27.46
N ALA H 30 -18.29 14.72 27.80
CA ALA H 30 -17.41 15.62 28.57
C ALA H 30 -16.12 15.95 27.83
N GLN H 31 -15.87 15.37 26.67
CA GLN H 31 -15.04 15.95 25.62
C GLN H 31 -15.89 16.67 24.61
N ARG H 32 -17.01 17.21 25.08
CA ARG H 32 -18.07 17.70 24.22
C ARG H 32 -17.68 19.02 23.58
N ASP H 33 -17.21 19.96 24.38
CA ASP H 33 -16.44 21.08 23.84
C ASP H 33 -15.14 20.55 23.27
N ALA H 34 -14.61 21.24 22.25
CA ALA H 34 -13.54 20.75 21.37
C ALA H 34 -13.94 19.38 20.80
N SER H 35 -14.92 19.46 19.90
CA SER H 35 -15.96 18.47 19.58
C SER H 35 -15.50 17.02 19.49
N GLN H 36 -16.46 16.11 19.76
CA GLN H 36 -16.30 14.84 20.48
C GLN H 36 -15.01 14.12 20.21
N GLU H 37 -14.87 13.68 18.97
CA GLU H 37 -13.66 13.13 18.42
C GLU H 37 -13.69 13.44 16.93
N TRP H 38 -12.58 13.21 16.28
CA TRP H 38 -12.66 13.31 14.83
C TRP H 38 -12.27 12.03 14.07
N PRO H 39 -12.71 10.82 14.48
CA PRO H 39 -13.09 9.85 13.45
C PRO H 39 -14.60 9.81 13.30
N ALA H 40 -15.08 9.29 12.19
CA ALA H 40 -16.50 9.20 11.93
C ALA H 40 -16.95 7.75 12.08
N VAL H 41 -18.27 7.59 12.22
CA VAL H 41 -18.86 6.26 12.28
C VAL H 41 -18.83 5.65 10.90
N THR H 42 -18.17 4.52 10.76
CA THR H 42 -18.03 3.85 9.48
C THR H 42 -19.07 2.76 9.33
N VAL H 43 -19.65 2.66 8.15
CA VAL H 43 -20.62 1.61 7.82
C VAL H 43 -19.84 0.36 7.46
N ARG H 44 -20.11 -0.73 8.16
CA ARG H 44 -19.42 -1.98 7.88
C ARG H 44 -20.45 -3.09 7.70
N GLU H 45 -19.96 -4.27 7.34
CA GLU H 45 -20.80 -5.36 6.87
C GLU H 45 -20.68 -6.55 7.81
N LYS H 46 -21.79 -7.25 8.04
CA LYS H 46 -21.74 -8.50 8.77
C LYS H 46 -22.84 -9.42 8.27
N SER H 47 -22.66 -10.71 8.54
CA SER H 47 -23.63 -11.72 8.14
C SER H 47 -24.67 -11.94 9.23
N VAL H 48 -25.83 -12.42 8.81
CA VAL H 48 -27.02 -12.61 9.63
C VAL H 48 -27.65 -13.93 9.23
N ARG H 49 -27.77 -14.85 10.19
CA ARG H 49 -28.58 -16.06 10.02
C ARG H 49 -29.85 -15.89 10.82
N GLY H 50 -30.99 -16.02 10.16
CA GLY H 50 -32.25 -15.86 10.86
C GLY H 50 -33.27 -16.87 10.44
N THR H 51 -34.54 -16.61 10.72
CA THR H 51 -35.61 -17.53 10.38
C THR H 51 -36.72 -16.78 9.66
N ILE H 52 -37.86 -17.45 9.43
CA ILE H 52 -38.95 -16.90 8.64
C ILE H 52 -40.00 -16.29 9.55
N SER H 53 -40.53 -15.13 9.15
CA SER H 53 -41.44 -14.34 9.98
C SER H 53 -42.90 -14.55 9.62
N ASN H 54 -43.30 -14.24 8.39
CA ASN H 54 -44.67 -14.43 7.96
C ASN H 54 -44.69 -15.39 6.79
N ARG H 55 -45.80 -16.12 6.67
CA ARG H 55 -45.94 -17.17 5.66
C ARG H 55 -47.33 -17.11 5.06
N LEU H 56 -47.38 -17.16 3.73
CA LEU H 56 -48.65 -17.15 3.01
C LEU H 56 -49.31 -18.51 3.11
N LYS H 57 -50.55 -18.54 3.62
CA LYS H 57 -51.30 -19.77 3.79
C LYS H 57 -52.21 -20.07 2.61
N THR H 58 -51.83 -19.66 1.40
CA THR H 58 -52.56 -20.10 0.21
C THR H 58 -52.38 -21.59 0.04
N LYS H 59 -53.46 -22.33 0.15
CA LYS H 59 -53.39 -23.78 0.18
C LYS H 59 -53.07 -24.33 -1.21
N ASP H 60 -52.41 -25.48 -1.21
CA ASP H 60 -51.97 -26.11 -2.44
C ASP H 60 -51.98 -27.62 -2.24
N ARG H 61 -51.28 -28.34 -3.12
CA ARG H 61 -51.16 -29.79 -2.95
C ARG H 61 -50.22 -30.17 -1.82
N ASP H 62 -49.38 -29.25 -1.37
CA ASP H 62 -48.33 -29.56 -0.40
C ASP H 62 -48.27 -28.48 0.67
N PRO H 63 -48.99 -28.67 1.79
CA PRO H 63 -48.72 -27.84 2.96
C PRO H 63 -47.45 -28.22 3.69
N ALA H 64 -46.95 -29.45 3.50
CA ALA H 64 -45.69 -29.83 4.10
C ALA H 64 -44.51 -29.16 3.44
N LYS H 65 -44.69 -28.65 2.22
CA LYS H 65 -43.74 -27.70 1.65
C LYS H 65 -43.65 -26.44 2.49
N LEU H 66 -44.81 -25.89 2.86
CA LEU H 66 -44.82 -24.73 3.74
C LEU H 66 -44.41 -25.06 5.16
N ASP H 67 -44.39 -26.35 5.51
CA ASP H 67 -43.72 -26.78 6.73
C ASP H 67 -42.23 -26.96 6.54
N ALA H 68 -41.78 -27.13 5.30
CA ALA H 68 -40.36 -27.31 5.02
C ALA H 68 -39.61 -26.00 4.89
N SER H 69 -40.33 -24.87 4.87
CA SER H 69 -39.71 -23.59 4.69
C SER H 69 -39.70 -22.75 5.95
N ILE H 70 -40.29 -23.24 7.05
CA ILE H 70 -40.19 -22.58 8.34
C ILE H 70 -39.30 -23.37 9.29
N GLN H 71 -38.63 -24.40 8.78
CA GLN H 71 -37.69 -25.19 9.56
C GLN H 71 -36.27 -25.11 9.02
N SER H 72 -36.03 -24.32 8.03
CA SER H 72 -34.72 -24.12 7.47
C SER H 72 -34.20 -22.73 7.83
N PRO H 73 -32.90 -22.56 8.02
CA PRO H 73 -32.36 -21.24 8.34
C PRO H 73 -32.25 -20.36 7.10
N ASN H 74 -32.26 -19.05 7.35
CA ASN H 74 -32.17 -18.03 6.32
C ASN H 74 -30.86 -17.27 6.45
N LEU H 75 -30.33 -16.80 5.32
CA LEU H 75 -29.07 -16.07 5.35
C LEU H 75 -29.22 -14.69 4.72
N GLN H 76 -28.39 -13.76 5.20
CA GLN H 76 -28.27 -12.35 4.86
C GLN H 76 -26.84 -11.87 5.09
N THR H 77 -26.48 -10.79 4.40
CA THR H 77 -25.26 -10.01 4.70
C THR H 77 -25.69 -8.55 4.77
N VAL H 78 -25.98 -8.07 5.97
CA VAL H 78 -26.49 -6.73 6.14
C VAL H 78 -25.35 -5.79 6.48
N ASP H 79 -25.62 -4.48 6.40
CA ASP H 79 -24.68 -3.45 6.79
C ASP H 79 -25.15 -2.81 8.08
N VAL H 80 -24.26 -2.71 9.06
CA VAL H 80 -24.56 -2.04 10.31
C VAL H 80 -23.54 -0.94 10.53
N ALA H 81 -23.89 -0.02 11.42
CA ALA H 81 -23.02 1.05 11.86
C ALA H 81 -23.12 1.14 13.37
N ASN H 82 -22.06 0.78 14.07
CA ASN H 82 -22.02 0.84 15.52
C ASN H 82 -21.07 1.95 15.96
N LEU H 83 -21.31 2.49 17.14
CA LEU H 83 -20.33 3.34 17.79
C LEU H 83 -19.11 2.48 18.18
N PRO H 84 -17.93 3.08 18.27
CA PRO H 84 -16.77 2.33 18.76
C PRO H 84 -16.91 1.98 20.23
N SER H 85 -16.04 1.07 20.68
CA SER H 85 -16.22 0.42 21.97
C SER H 85 -15.93 1.33 23.16
N ASP H 86 -15.28 2.46 22.93
CA ASP H 86 -14.94 3.38 24.00
C ASP H 86 -15.47 4.79 23.71
N ALA H 87 -16.72 4.86 23.27
CA ALA H 87 -17.36 6.13 22.96
C ALA H 87 -18.85 5.98 23.16
N ASP H 88 -19.48 7.01 23.73
CA ASP H 88 -20.90 6.92 24.03
C ASP H 88 -21.68 8.16 23.62
N THR H 89 -21.23 8.86 22.59
CA THR H 89 -21.92 10.09 22.18
C THR H 89 -21.90 10.19 20.66
N LEU H 90 -23.07 10.41 20.09
CA LEU H 90 -23.22 10.63 18.66
C LEU H 90 -23.24 12.13 18.37
N LYS H 91 -22.54 12.53 17.33
CA LYS H 91 -22.48 13.90 16.86
C LYS H 91 -23.01 13.98 15.43
N VAL H 92 -23.95 14.89 15.19
CA VAL H 92 -24.53 15.08 13.86
C VAL H 92 -24.43 16.56 13.51
N ARG H 93 -23.71 16.87 12.44
CA ARG H 93 -23.43 18.25 12.07
C ARG H 93 -23.88 18.53 10.65
N PHE H 94 -24.81 19.47 10.49
CA PHE H 94 -25.22 19.89 9.16
C PHE H 94 -25.34 21.40 9.13
N THR H 95 -25.47 21.95 7.92
CA THR H 95 -25.65 23.38 7.73
C THR H 95 -27.04 23.65 7.17
N LEU H 96 -27.41 24.93 7.13
CA LEU H 96 -28.76 25.29 6.71
C LEU H 96 -28.74 26.71 6.16
N ARG H 97 -29.14 26.87 4.90
CA ARG H 97 -29.37 28.20 4.35
C ARG H 97 -30.84 28.54 4.41
N VAL H 98 -31.12 29.81 4.75
CA VAL H 98 -32.47 30.34 4.72
C VAL H 98 -32.51 31.38 3.62
N LEU H 99 -33.35 31.16 2.61
CA LEU H 99 -33.38 32.01 1.42
C LEU H 99 -34.63 32.86 1.42
N GLY H 100 -34.49 34.11 0.98
CA GLY H 100 -35.60 35.03 0.95
C GLY H 100 -36.36 35.01 -0.35
N GLY H 101 -37.45 35.78 -0.38
CA GLY H 101 -38.29 35.86 -1.56
C GLY H 101 -39.10 34.61 -1.77
N ALA H 102 -39.99 34.30 -0.82
CA ALA H 102 -40.67 33.02 -0.76
C ALA H 102 -42.07 33.07 -1.37
N GLY H 103 -42.29 33.94 -2.35
CA GLY H 103 -43.59 34.00 -2.98
C GLY H 103 -43.50 34.16 -4.49
N THR H 104 -42.28 34.25 -5.00
CA THR H 104 -42.06 34.46 -6.42
C THR H 104 -41.84 33.13 -7.11
N PRO H 105 -42.62 32.79 -8.13
CA PRO H 105 -42.41 31.53 -8.84
C PRO H 105 -41.14 31.57 -9.68
N SER H 106 -40.81 30.41 -10.24
CA SER H 106 -39.68 30.31 -11.15
C SER H 106 -40.09 30.07 -12.59
N ALA H 107 -41.32 29.63 -12.84
CA ALA H 107 -41.78 29.38 -14.20
C ALA H 107 -43.31 29.51 -14.22
N CYS H 108 -43.82 30.64 -14.68
CA CYS H 108 -45.25 30.86 -14.74
C CYS H 108 -45.66 31.28 -16.14
N ASN H 109 -46.77 30.74 -16.62
CA ASN H 109 -47.28 31.10 -17.94
C ASN H 109 -47.91 32.48 -17.94
N ASP H 110 -48.98 32.65 -17.15
CA ASP H 110 -49.74 33.89 -17.15
C ASP H 110 -48.96 34.99 -16.44
N ALA H 111 -49.18 36.22 -16.88
CA ALA H 111 -48.63 37.37 -16.19
C ALA H 111 -49.62 37.98 -15.21
N ALA H 112 -50.91 37.86 -15.46
CA ALA H 112 -51.91 38.39 -14.54
C ALA H 112 -52.03 37.51 -13.30
N TYR H 113 -51.94 36.19 -13.49
CA TYR H 113 -52.02 35.26 -12.37
C TYR H 113 -50.80 35.41 -11.46
N ARG H 114 -49.65 35.70 -12.05
CA ARG H 114 -48.44 35.92 -11.26
C ARG H 114 -48.54 37.19 -10.44
N ASP H 115 -49.08 38.26 -11.03
CA ASP H 115 -49.21 39.53 -10.32
C ASP H 115 -50.26 39.45 -9.22
N LYS H 116 -51.35 38.72 -9.49
CA LYS H 116 -52.36 38.49 -8.44
C LYS H 116 -51.79 37.66 -7.30
N LEU H 117 -50.94 36.68 -7.64
CA LEU H 117 -50.28 35.88 -6.62
C LEU H 117 -49.33 36.71 -5.75
N LEU H 118 -48.56 37.60 -6.38
CA LEU H 118 -47.64 38.43 -5.61
C LEU H 118 -48.38 39.47 -4.77
N GLN H 119 -49.54 39.94 -5.24
CA GLN H 119 -50.36 40.79 -4.39
C GLN H 119 -50.93 40.02 -3.21
N THR H 120 -51.25 38.74 -3.40
CA THR H 120 -51.76 37.93 -2.29
C THR H 120 -50.69 37.70 -1.24
N VAL H 121 -49.48 37.32 -1.67
CA VAL H 121 -48.41 37.05 -0.72
C VAL H 121 -47.93 38.32 -0.03
N ALA H 122 -47.88 39.44 -0.78
CA ALA H 122 -47.53 40.72 -0.18
C ALA H 122 -48.59 41.17 0.82
N THR H 123 -49.87 40.88 0.53
CA THR H 123 -50.94 41.14 1.48
C THR H 123 -50.77 40.31 2.75
N TYR H 124 -50.34 39.05 2.58
CA TYR H 124 -50.11 38.18 3.73
C TYR H 124 -49.00 38.72 4.62
N VAL H 125 -47.83 39.00 4.03
CA VAL H 125 -46.71 39.46 4.85
C VAL H 125 -46.87 40.89 5.34
N ASN H 126 -47.82 41.66 4.78
CA ASN H 126 -48.13 42.95 5.38
C ASN H 126 -49.14 42.83 6.51
N ASP H 127 -50.07 41.87 6.43
CA ASP H 127 -51.02 41.68 7.53
C ASP H 127 -50.33 41.08 8.74
N GLN H 128 -49.41 40.15 8.52
CA GLN H 128 -48.70 39.48 9.61
C GLN H 128 -47.39 38.93 9.07
N GLY H 129 -46.36 38.97 9.90
CA GLY H 129 -45.03 38.61 9.46
C GLY H 129 -44.84 37.11 9.35
N PHE H 130 -43.57 36.72 9.27
CA PHE H 130 -43.16 35.33 9.29
C PHE H 130 -42.84 34.83 10.69
N ALA H 131 -43.49 35.39 11.71
CA ALA H 131 -43.13 35.06 13.09
C ALA H 131 -43.62 33.68 13.49
N GLU H 132 -44.79 33.26 13.01
CA GLU H 132 -45.34 31.97 13.39
C GLU H 132 -44.53 30.83 12.80
N LEU H 133 -44.27 30.89 11.50
CA LEU H 133 -43.57 29.81 10.81
C LEU H 133 -42.12 29.72 11.25
N ALA H 134 -41.48 30.86 11.48
CA ALA H 134 -40.11 30.83 11.98
C ALA H 134 -40.07 30.40 13.45
N ARG H 135 -41.16 30.65 14.18
CA ARG H 135 -41.22 30.16 15.56
C ARG H 135 -41.32 28.64 15.60
N ARG H 136 -42.10 28.05 14.69
CA ARG H 136 -42.20 26.60 14.69
C ARG H 136 -40.98 25.93 14.08
N TYR H 137 -40.37 26.54 13.06
CA TYR H 137 -39.10 26.03 12.54
C TYR H 137 -38.00 26.12 13.59
N ALA H 138 -38.03 27.18 14.42
CA ALA H 138 -37.10 27.28 15.53
C ALA H 138 -37.40 26.24 16.60
N HIS H 139 -38.65 25.81 16.73
CA HIS H 139 -38.91 24.70 17.64
C HIS H 139 -38.44 23.37 17.08
N ASN H 140 -38.44 23.19 15.76
CA ASN H 140 -37.92 21.94 15.24
C ASN H 140 -36.40 21.91 15.19
N LEU H 141 -35.74 23.08 15.13
CA LEU H 141 -34.31 23.10 15.37
C LEU H 141 -33.97 23.09 16.85
N ALA H 142 -34.93 23.42 17.71
CA ALA H 142 -34.66 23.50 19.14
C ALA H 142 -34.44 22.13 19.74
N ASN H 143 -35.40 21.24 19.56
CA ASN H 143 -35.22 19.85 19.95
C ASN H 143 -34.46 19.13 18.84
N ALA H 144 -34.43 17.80 18.90
CA ALA H 144 -33.61 17.07 17.96
C ALA H 144 -34.46 16.14 17.11
N ARG H 145 -35.53 16.69 16.52
CA ARG H 145 -36.42 15.89 15.69
C ARG H 145 -35.70 15.35 14.46
N PHE H 146 -34.67 16.04 13.99
CA PHE H 146 -33.85 15.55 12.87
C PHE H 146 -32.99 14.36 13.23
N LEU H 147 -32.85 14.02 14.51
CA LEU H 147 -32.37 12.71 14.93
C LEU H 147 -33.61 11.83 15.00
N TRP H 148 -33.83 11.03 13.95
CA TRP H 148 -35.10 10.31 13.83
C TRP H 148 -35.25 9.18 14.83
N ARG H 149 -34.42 8.15 14.73
CA ARG H 149 -34.49 7.04 15.67
C ARG H 149 -33.36 7.10 16.70
N ASN H 150 -32.33 7.89 16.41
CA ASN H 150 -31.22 8.10 17.35
C ASN H 150 -31.65 8.85 18.60
N ARG H 151 -32.74 9.61 18.53
CA ARG H 151 -33.22 10.37 19.68
C ARG H 151 -33.93 9.45 20.67
N VAL H 152 -34.48 8.35 20.19
CA VAL H 152 -35.31 7.47 21.01
C VAL H 152 -34.45 6.74 22.01
N GLY H 153 -34.69 7.00 23.29
CA GLY H 153 -33.95 6.34 24.34
C GLY H 153 -32.53 6.85 24.50
N ALA H 154 -32.40 8.10 24.90
CA ALA H 154 -31.09 8.70 25.13
C ALA H 154 -31.08 9.38 26.49
N GLU H 155 -29.89 9.48 27.09
CA GLU H 155 -29.78 10.08 28.41
C GLU H 155 -29.90 11.60 28.33
N ALA H 156 -29.14 12.22 27.45
CA ALA H 156 -29.15 13.67 27.32
C ALA H 156 -28.79 14.05 25.90
N VAL H 157 -29.57 14.95 25.31
CA VAL H 157 -29.38 15.42 23.95
C VAL H 157 -29.15 16.93 24.01
N GLU H 158 -28.06 17.40 23.41
CA GLU H 158 -27.75 18.82 23.42
C GLU H 158 -27.56 19.31 21.99
N VAL H 159 -28.21 20.44 21.67
CA VAL H 159 -28.18 21.02 20.33
C VAL H 159 -27.47 22.36 20.41
N ARG H 160 -26.51 22.58 19.53
CA ARG H 160 -25.76 23.84 19.45
C ARG H 160 -25.95 24.42 18.05
N ILE H 161 -26.37 25.68 17.99
CA ILE H 161 -26.70 26.35 16.74
C ILE H 161 -25.84 27.59 16.64
N ASN H 162 -25.20 27.79 15.49
CA ASN H 162 -24.36 28.96 15.28
C ASN H 162 -24.84 29.74 14.08
N HIS H 163 -24.89 31.05 14.20
CA HIS H 163 -25.14 31.93 13.07
C HIS H 163 -23.81 32.38 12.49
N ILE H 164 -23.64 32.22 11.19
CA ILE H 164 -22.38 32.50 10.52
C ILE H 164 -22.63 33.60 9.50
N ARG H 165 -22.02 34.77 9.72
CA ARG H 165 -22.25 35.94 8.90
C ARG H 165 -21.04 36.28 8.04
N GLN H 166 -19.90 36.52 8.66
CA GLN H 166 -18.61 36.54 7.97
C GLN H 166 -18.05 35.12 8.00
N GLY H 167 -16.76 34.95 7.76
CA GLY H 167 -16.14 33.65 7.98
C GLY H 167 -16.20 33.16 9.42
N GLU H 168 -16.39 34.06 10.39
CA GLU H 168 -16.43 33.74 11.80
C GLU H 168 -17.86 33.54 12.28
N VAL H 169 -18.03 33.44 13.60
CA VAL H 169 -19.31 33.15 14.23
C VAL H 169 -19.89 34.45 14.76
N ALA H 170 -21.17 34.71 14.44
CA ALA H 170 -21.82 35.92 14.91
C ALA H 170 -22.50 35.74 16.27
N ARG H 171 -23.27 34.67 16.43
CA ARG H 171 -24.03 34.45 17.65
C ARG H 171 -24.30 32.96 17.81
N ALA H 172 -24.15 32.46 19.03
CA ALA H 172 -24.23 31.04 19.33
C ALA H 172 -25.33 30.75 20.34
N TRP H 173 -26.10 29.70 20.09
CA TRP H 173 -27.13 29.21 20.98
C TRP H 173 -26.80 27.78 21.41
N ARG H 174 -27.13 27.46 22.67
CA ARG H 174 -26.92 26.11 23.21
C ARG H 174 -28.20 25.70 23.92
N PHE H 175 -28.89 24.70 23.38
CA PHE H 175 -30.19 24.29 23.86
C PHE H 175 -30.10 22.96 24.61
N ASP H 176 -31.25 22.48 25.04
CA ASP H 176 -31.39 21.18 25.69
C ASP H 176 -32.65 20.54 25.11
N ALA H 177 -32.46 19.46 24.36
CA ALA H 177 -33.55 18.96 23.53
C ALA H 177 -34.59 18.16 24.30
N LEU H 178 -34.22 17.54 25.41
CA LEU H 178 -35.18 16.73 26.13
C LEU H 178 -36.11 17.58 27.00
N ALA H 179 -35.63 18.73 27.46
CA ALA H 179 -36.50 19.62 28.22
C ALA H 179 -37.54 20.27 27.32
N ILE H 180 -37.15 20.65 26.11
CA ILE H 180 -38.09 21.17 25.13
C ILE H 180 -38.96 20.03 24.62
N GLY H 181 -40.28 20.21 24.70
CA GLY H 181 -41.18 19.15 24.30
C GLY H 181 -41.18 18.91 22.81
N LEU H 182 -41.75 17.77 22.43
CA LEU H 182 -41.85 17.41 21.02
C LEU H 182 -43.24 17.66 20.45
N ARG H 183 -44.26 17.77 21.29
CA ARG H 183 -45.61 18.04 20.82
C ARG H 183 -46.13 19.42 21.22
N ASP H 184 -45.40 20.16 22.05
CA ASP H 184 -45.85 21.45 22.53
C ASP H 184 -44.98 22.56 21.94
N PHE H 185 -45.61 23.70 21.71
CA PHE H 185 -44.95 24.88 21.16
C PHE H 185 -45.02 25.98 22.21
N LYS H 186 -44.04 25.98 23.12
CA LYS H 186 -43.98 26.93 24.22
C LYS H 186 -42.95 28.00 23.93
N ALA H 187 -43.26 29.23 24.32
CA ALA H 187 -42.41 30.36 24.02
C ALA H 187 -41.17 30.36 24.93
N ASP H 188 -40.14 31.06 24.47
CA ASP H 188 -38.89 31.23 25.19
C ASP H 188 -38.18 32.43 24.58
N ALA H 189 -37.27 33.03 25.35
CA ALA H 189 -36.53 34.18 24.85
C ALA H 189 -35.57 33.79 23.74
N GLU H 190 -34.87 32.67 23.89
CA GLU H 190 -33.90 32.25 22.89
C GLU H 190 -34.59 31.77 21.63
N LEU H 191 -35.74 31.10 21.77
CA LEU H 191 -36.52 30.74 20.60
C LEU H 191 -37.15 31.96 19.94
N ASP H 192 -37.34 33.05 20.67
CA ASP H 192 -37.73 34.29 20.01
C ASP H 192 -36.55 34.92 19.30
N ALA H 193 -35.33 34.67 19.76
CA ALA H 193 -34.16 35.13 19.02
C ALA H 193 -34.00 34.38 17.71
N LEU H 194 -34.17 33.05 17.72
CA LEU H 194 -34.15 32.30 16.47
C LEU H 194 -35.34 32.61 15.59
N ALA H 195 -36.49 32.95 16.19
CA ALA H 195 -37.64 33.33 15.38
C ALA H 195 -37.42 34.66 14.69
N GLU H 196 -36.76 35.60 15.36
CA GLU H 196 -36.41 36.85 14.70
C GLU H 196 -35.34 36.67 13.65
N LEU H 197 -34.42 35.72 13.86
CA LEU H 197 -33.36 35.49 12.88
C LEU H 197 -33.89 34.81 11.62
N ILE H 198 -34.63 33.71 11.79
CA ILE H 198 -35.17 32.98 10.65
C ILE H 198 -36.27 33.79 9.97
N ALA H 199 -37.09 34.50 10.75
CA ALA H 199 -38.09 35.39 10.17
C ALA H 199 -37.45 36.56 9.44
N SER H 200 -36.28 37.02 9.91
CA SER H 200 -35.54 38.02 9.16
C SER H 200 -34.88 37.43 7.92
N GLY H 201 -34.69 36.12 7.88
CA GLY H 201 -34.10 35.48 6.72
C GLY H 201 -35.08 35.20 5.61
N LEU H 202 -36.28 34.72 5.97
CA LEU H 202 -37.28 34.39 4.97
C LEU H 202 -37.90 35.62 4.33
N SER H 203 -37.85 36.77 5.01
CA SER H 203 -38.40 38.00 4.44
C SER H 203 -37.46 38.67 3.45
N GLY H 204 -36.24 38.15 3.29
CA GLY H 204 -35.30 38.75 2.37
C GLY H 204 -34.54 39.92 2.92
N SER H 205 -34.55 40.12 4.22
CA SER H 205 -33.88 41.24 4.86
C SER H 205 -32.43 40.97 5.18
N GLY H 206 -31.89 39.82 4.78
CA GLY H 206 -30.51 39.50 5.05
C GLY H 206 -30.19 38.09 4.60
N HIS H 207 -28.96 37.70 4.88
CA HIS H 207 -28.47 36.37 4.55
C HIS H 207 -28.28 35.56 5.83
N VAL H 208 -28.85 34.36 5.86
CA VAL H 208 -28.86 33.53 7.07
C VAL H 208 -28.27 32.17 6.74
N LEU H 209 -27.10 31.89 7.31
CA LEU H 209 -26.45 30.58 7.25
C LEU H 209 -26.24 30.09 8.68
N LEU H 210 -26.79 28.91 8.98
CA LEU H 210 -26.74 28.34 10.31
C LEU H 210 -25.96 27.03 10.29
N GLU H 211 -25.23 26.78 11.37
CA GLU H 211 -24.52 25.53 11.59
C GLU H 211 -25.16 24.82 12.77
N VAL H 212 -25.65 23.62 12.57
CA VAL H 212 -26.37 22.88 13.59
C VAL H 212 -25.57 21.63 13.95
N VAL H 213 -25.30 21.46 15.25
CA VAL H 213 -24.54 20.33 15.76
C VAL H 213 -25.36 19.69 16.88
N ALA H 214 -25.57 18.38 16.82
CA ALA H 214 -26.37 17.67 17.80
C ALA H 214 -25.55 16.58 18.47
N PHE H 215 -25.79 16.40 19.76
CA PHE H 215 -25.04 15.53 20.65
C PHE H 215 -26.01 14.61 21.39
N ALA H 216 -25.71 13.31 21.41
CA ALA H 216 -26.60 12.36 22.07
C ALA H 216 -25.81 11.30 22.82
N ARG H 217 -26.20 11.03 24.06
CA ARG H 217 -25.69 9.88 24.81
C ARG H 217 -26.63 8.70 24.56
N ILE H 218 -26.20 7.75 23.74
CA ILE H 218 -27.00 6.58 23.45
C ILE H 218 -26.38 5.31 23.98
N GLY H 219 -25.25 5.38 24.66
CA GLY H 219 -24.64 4.19 25.20
C GLY H 219 -23.31 3.86 24.55
N ASP H 220 -22.55 2.96 25.16
CA ASP H 220 -21.15 2.74 24.79
C ASP H 220 -21.10 1.64 23.73
N GLY H 221 -21.21 2.06 22.47
CA GLY H 221 -20.94 1.16 21.36
C GLY H 221 -22.13 0.42 20.80
N GLN H 222 -23.21 1.12 20.46
CA GLN H 222 -24.42 0.40 20.01
C GLN H 222 -25.23 1.19 18.99
N GLU H 223 -24.96 0.92 17.71
CA GLU H 223 -25.93 0.91 16.61
C GLU H 223 -26.65 2.25 16.43
N VAL H 224 -25.89 3.20 15.90
CA VAL H 224 -26.46 4.42 15.34
C VAL H 224 -27.23 4.09 14.07
N PHE H 225 -28.02 5.04 13.58
CA PHE H 225 -29.03 4.78 12.56
C PHE H 225 -28.93 5.77 11.40
N PRO H 226 -28.11 5.48 10.41
CA PRO H 226 -28.12 6.30 9.19
C PRO H 226 -29.28 5.90 8.29
N SER H 227 -29.34 6.50 7.10
CA SER H 227 -30.43 6.28 6.18
C SER H 227 -30.05 5.22 5.15
N GLN H 228 -31.05 4.46 4.71
CA GLN H 228 -30.81 3.33 3.84
C GLN H 228 -30.82 3.74 2.37
N GLU H 229 -30.54 2.79 1.49
CA GLU H 229 -30.44 3.00 0.06
C GLU H 229 -31.35 2.02 -0.67
N LEU H 230 -31.53 2.27 -1.96
CA LEU H 230 -32.36 1.43 -2.81
C LEU H 230 -31.50 0.40 -3.52
N ILE H 231 -31.82 -0.86 -3.31
CA ILE H 231 -31.64 -1.91 -4.29
C ILE H 231 -32.93 -1.94 -5.12
N LEU H 232 -32.80 -1.75 -6.44
CA LEU H 232 -33.84 -1.19 -7.31
C LEU H 232 -35.17 -1.95 -7.29
N ASP H 233 -35.14 -3.26 -6.94
CA ASP H 233 -36.31 -4.15 -6.94
C ASP H 233 -36.95 -4.21 -8.34
N LYS H 234 -36.17 -4.74 -9.28
CA LYS H 234 -36.62 -4.94 -10.66
C LYS H 234 -36.45 -6.42 -11.01
N GLY H 235 -37.43 -7.22 -10.64
CA GLY H 235 -37.54 -8.59 -11.09
C GLY H 235 -36.48 -9.56 -10.60
N ASP H 236 -35.62 -10.01 -11.52
CA ASP H 236 -34.67 -11.07 -11.27
C ASP H 236 -33.56 -10.58 -10.34
N LYS H 237 -32.78 -11.57 -9.84
CA LYS H 237 -31.63 -11.37 -8.97
C LYS H 237 -32.02 -10.59 -7.70
N LYS H 238 -32.83 -11.27 -6.88
CA LYS H 238 -33.43 -10.64 -5.70
C LYS H 238 -32.41 -10.24 -4.64
N GLY H 239 -31.19 -10.74 -4.72
CA GLY H 239 -30.07 -10.17 -3.99
C GLY H 239 -29.56 -11.10 -2.90
N GLN H 240 -28.45 -10.66 -2.29
CA GLN H 240 -27.91 -11.33 -1.12
C GLN H 240 -27.47 -10.36 -0.04
N LYS H 241 -27.42 -9.06 -0.29
CA LYS H 241 -27.09 -8.09 0.74
C LYS H 241 -28.34 -7.56 1.43
N SER H 242 -29.24 -6.96 0.67
CA SER H 242 -30.59 -6.55 1.07
C SER H 242 -30.65 -5.49 2.17
N LYS H 243 -29.53 -4.95 2.62
CA LYS H 243 -29.53 -3.74 3.44
C LYS H 243 -28.18 -3.04 3.29
N THR H 244 -28.18 -1.92 2.59
CA THR H 244 -27.01 -1.07 2.51
C THR H 244 -27.37 0.32 3.01
N LEU H 245 -26.35 1.04 3.46
CA LEU H 245 -26.57 2.32 4.15
C LEU H 245 -25.89 3.44 3.38
N TYR H 246 -26.50 4.61 3.43
CA TYR H 246 -25.96 5.78 2.74
C TYR H 246 -24.68 6.24 3.41
N SER H 247 -23.72 6.64 2.58
CA SER H 247 -22.45 7.13 3.09
C SER H 247 -21.93 8.22 2.19
N VAL H 248 -20.84 8.83 2.64
CA VAL H 248 -20.06 9.83 1.94
C VAL H 248 -18.67 9.24 1.96
N ARG H 249 -17.63 10.05 1.75
CA ARG H 249 -16.28 9.51 1.69
C ARG H 249 -15.86 8.93 3.04
N ASP H 250 -16.26 7.67 3.26
CA ASP H 250 -15.95 6.86 4.44
C ASP H 250 -16.49 7.49 5.72
N ALA H 251 -17.80 7.73 5.75
CA ALA H 251 -18.50 8.22 6.92
C ALA H 251 -19.99 7.94 6.74
N ALA H 252 -20.65 7.53 7.82
CA ALA H 252 -22.10 7.34 7.77
C ALA H 252 -22.79 8.69 7.84
N ALA H 253 -23.83 8.85 7.02
CA ALA H 253 -24.60 10.08 7.01
C ALA H 253 -26.04 9.76 6.66
N ILE H 254 -26.93 10.72 6.88
CA ILE H 254 -28.31 10.56 6.44
C ILE H 254 -28.55 11.57 5.34
N HIS H 255 -29.61 11.35 4.57
CA HIS H 255 -29.93 12.18 3.43
C HIS H 255 -30.36 13.57 3.87
N SER H 256 -30.46 14.48 2.91
CA SER H 256 -30.96 15.80 3.21
C SER H 256 -32.48 15.86 3.18
N GLN H 257 -33.14 14.88 2.56
CA GLN H 257 -34.59 14.87 2.56
C GLN H 257 -35.15 14.53 3.94
N LYS H 258 -34.41 13.77 4.74
CA LYS H 258 -34.92 13.43 6.06
C LYS H 258 -34.81 14.60 7.02
N ILE H 259 -33.71 15.36 6.92
CA ILE H 259 -33.57 16.56 7.73
C ILE H 259 -34.56 17.62 7.28
N GLY H 260 -34.73 17.78 5.97
CA GLY H 260 -35.74 18.70 5.45
C GLY H 260 -37.16 18.27 5.77
N ASN H 261 -37.38 16.97 5.94
CA ASN H 261 -38.68 16.49 6.39
C ASN H 261 -38.89 16.81 7.86
N ALA H 262 -37.85 16.67 8.67
CA ALA H 262 -38.00 16.95 10.09
C ALA H 262 -38.14 18.44 10.37
N LEU H 263 -37.63 19.30 9.49
CA LEU H 263 -37.85 20.73 9.71
C LEU H 263 -39.25 21.19 9.29
N ARG H 264 -40.00 20.37 8.58
CA ARG H 264 -41.32 20.76 8.09
C ARG H 264 -42.45 20.12 8.88
N THR H 265 -42.15 19.55 10.05
CA THR H 265 -43.18 18.92 10.87
C THR H 265 -43.77 20.01 11.77
N ILE H 266 -44.62 20.84 11.17
CA ILE H 266 -45.24 21.96 11.87
C ILE H 266 -46.76 21.96 11.74
N ASP H 267 -47.33 21.05 10.97
CA ASP H 267 -48.76 21.09 10.66
C ASP H 267 -49.53 20.43 11.81
N THR H 268 -50.13 21.25 12.65
CA THR H 268 -51.01 20.79 13.73
C THR H 268 -52.46 21.21 13.46
N TRP H 269 -52.87 21.19 12.20
CA TRP H 269 -54.03 21.94 11.74
C TRP H 269 -55.02 21.11 10.93
N TYR H 270 -54.86 19.79 10.89
CA TYR H 270 -55.92 18.92 10.42
C TYR H 270 -57.09 18.97 11.42
N PRO H 271 -58.34 18.98 10.95
CA PRO H 271 -59.48 19.19 11.87
C PRO H 271 -59.75 18.07 12.85
N ASP H 272 -59.17 16.89 12.68
CA ASP H 272 -59.29 15.81 13.66
C ASP H 272 -57.92 15.36 14.11
N GLU H 273 -57.04 16.31 14.37
CA GLU H 273 -55.65 16.02 14.73
C GLU H 273 -55.46 16.34 16.20
N ASP H 274 -55.77 15.36 17.04
CA ASP H 274 -55.44 15.37 18.46
C ASP H 274 -54.65 14.11 18.76
N GLY H 275 -53.70 14.22 19.67
CA GLY H 275 -52.82 13.08 19.85
C GLY H 275 -51.55 13.20 19.04
N LEU H 276 -51.59 12.67 17.81
CA LEU H 276 -50.43 12.59 16.93
C LEU H 276 -49.80 13.96 16.69
N GLY H 277 -50.61 15.00 16.54
CA GLY H 277 -50.11 16.35 16.53
C GLY H 277 -49.44 16.76 15.24
N PRO H 278 -48.16 17.11 15.31
CA PRO H 278 -47.50 17.74 14.16
C PRO H 278 -47.26 16.77 13.02
N ILE H 279 -47.65 17.20 11.82
CA ILE H 279 -47.54 16.43 10.59
C ILE H 279 -46.60 17.21 9.68
N ALA H 280 -45.95 16.53 8.75
CA ALA H 280 -45.16 17.21 7.73
C ALA H 280 -46.08 17.92 6.74
N VAL H 281 -45.61 19.06 6.24
CA VAL H 281 -46.42 19.90 5.37
C VAL H 281 -46.34 19.35 3.95
N GLU H 282 -47.45 18.84 3.44
CA GLU H 282 -47.55 18.30 2.10
C GLU H 282 -48.88 18.75 1.50
N PRO H 283 -48.93 18.95 0.18
CA PRO H 283 -50.23 18.98 -0.48
C PRO H 283 -50.83 17.58 -0.42
N TYR H 284 -52.15 17.53 -0.24
CA TYR H 284 -52.89 16.31 0.10
C TYR H 284 -52.26 15.64 1.32
N GLY H 285 -52.30 16.35 2.46
CA GLY H 285 -51.42 16.13 3.59
C GLY H 285 -51.32 14.72 4.12
N SER H 286 -50.17 14.10 3.89
CA SER H 286 -50.05 12.66 3.86
C SER H 286 -48.93 12.17 4.76
N VAL H 287 -49.11 10.97 5.30
CA VAL H 287 -48.08 10.26 6.04
C VAL H 287 -47.92 8.89 5.40
N THR H 288 -46.70 8.56 4.99
CA THR H 288 -46.46 7.29 4.31
C THR H 288 -46.46 6.13 5.29
N SER H 289 -45.95 6.34 6.50
CA SER H 289 -45.87 5.26 7.48
C SER H 289 -47.24 4.91 8.03
N GLN H 290 -48.07 5.91 8.31
CA GLN H 290 -49.44 5.65 8.75
C GLN H 290 -50.34 5.19 7.63
N GLY H 291 -49.92 5.36 6.38
CA GLY H 291 -50.72 4.97 5.24
C GLY H 291 -51.94 5.82 4.99
N LYS H 292 -52.07 6.96 5.66
CA LYS H 292 -53.25 7.78 5.58
C LYS H 292 -52.91 9.14 4.99
N ALA H 293 -53.74 9.59 4.04
CA ALA H 293 -53.70 10.95 3.53
C ALA H 293 -54.77 11.73 4.27
N TYR H 294 -54.34 12.65 5.14
CA TYR H 294 -55.28 13.35 6.01
C TYR H 294 -56.14 14.34 5.24
N ARG H 295 -55.51 15.33 4.64
CA ARG H 295 -56.25 16.36 3.92
C ARG H 295 -56.64 15.84 2.55
N GLN H 296 -57.86 15.35 2.42
CA GLN H 296 -58.33 14.85 1.13
C GLN H 296 -59.24 15.89 0.48
N PRO H 297 -59.35 15.89 -0.86
CA PRO H 297 -60.25 16.86 -1.50
C PRO H 297 -61.73 16.51 -1.42
N LYS H 298 -62.13 15.50 -0.64
CA LYS H 298 -63.54 15.41 -0.24
C LYS H 298 -63.92 16.60 0.62
N GLN H 299 -63.08 16.91 1.61
CA GLN H 299 -63.14 18.17 2.32
C GLN H 299 -62.56 19.28 1.47
N LYS H 300 -62.56 20.50 1.98
CA LYS H 300 -62.03 21.63 1.24
C LYS H 300 -60.83 22.23 1.97
N LEU H 301 -59.96 21.37 2.48
CA LEU H 301 -58.75 21.80 3.18
C LEU H 301 -57.49 21.36 2.47
N ASP H 302 -57.59 21.02 1.19
CA ASP H 302 -56.43 20.74 0.35
C ASP H 302 -55.65 22.03 0.10
N PHE H 303 -54.38 21.86 -0.30
CA PHE H 303 -53.59 23.02 -0.69
C PHE H 303 -54.09 23.64 -1.99
N TYR H 304 -54.47 22.81 -2.95
CA TYR H 304 -54.88 23.30 -4.26
C TYR H 304 -56.22 24.02 -4.17
N THR H 305 -57.12 23.53 -3.32
CA THR H 305 -58.43 24.15 -3.17
C THR H 305 -58.33 25.49 -2.48
N LEU H 306 -57.52 25.57 -1.41
CA LEU H 306 -57.34 26.84 -0.71
C LEU H 306 -56.58 27.85 -1.55
N LEU H 307 -55.61 27.40 -2.34
CA LEU H 307 -54.86 28.32 -3.18
C LEU H 307 -55.73 28.86 -4.32
N ASP H 308 -56.58 28.01 -4.90
CA ASP H 308 -57.49 28.46 -5.93
C ASP H 308 -58.56 29.40 -5.37
N ASN H 309 -59.08 29.08 -4.19
CA ASN H 309 -60.10 29.93 -3.61
C ASN H 309 -59.54 31.23 -3.04
N TRP H 310 -58.24 31.30 -2.80
CA TRP H 310 -57.68 32.50 -2.20
C TRP H 310 -56.93 33.39 -3.18
N VAL H 311 -56.50 32.84 -4.31
CA VAL H 311 -55.91 33.69 -5.35
C VAL H 311 -56.97 34.19 -6.33
N LEU H 312 -57.77 33.27 -6.88
CA LEU H 312 -58.71 33.65 -7.93
C LEU H 312 -59.95 34.33 -7.38
N ARG H 313 -60.70 33.61 -6.54
CA ARG H 313 -62.02 34.05 -6.11
C ARG H 313 -61.99 35.02 -4.94
N ASP H 314 -60.80 35.34 -4.41
CA ASP H 314 -60.59 36.23 -3.27
C ASP H 314 -61.29 35.77 -2.00
N GLU H 315 -61.59 34.48 -1.88
CA GLU H 315 -62.20 33.93 -0.68
C GLU H 315 -61.08 33.57 0.27
N ALA H 316 -60.77 34.48 1.18
CA ALA H 316 -59.65 34.27 2.08
C ALA H 316 -60.03 33.27 3.16
N PRO H 317 -59.22 32.22 3.37
CA PRO H 317 -59.52 31.26 4.45
C PRO H 317 -59.19 31.83 5.82
N ALA H 318 -59.27 30.97 6.85
CA ALA H 318 -58.85 31.36 8.18
C ALA H 318 -57.34 31.62 8.21
N VAL H 319 -56.91 32.28 9.29
CA VAL H 319 -55.49 32.64 9.45
C VAL H 319 -54.63 31.39 9.54
N GLU H 320 -55.16 30.37 10.23
CA GLU H 320 -54.55 29.05 10.34
C GLU H 320 -54.22 28.42 8.98
N GLN H 321 -55.21 28.38 8.10
CA GLN H 321 -54.98 27.80 6.78
C GLN H 321 -54.10 28.69 5.92
N GLN H 322 -54.05 30.00 6.20
CA GLN H 322 -53.11 30.85 5.50
C GLN H 322 -51.68 30.52 5.89
N HIS H 323 -51.45 30.20 7.17
CA HIS H 323 -50.15 29.71 7.60
C HIS H 323 -49.81 28.40 6.91
N TYR H 324 -50.82 27.55 6.69
CA TYR H 324 -50.60 26.31 5.95
C TYR H 324 -50.15 26.58 4.51
N VAL H 325 -50.85 27.48 3.81
CA VAL H 325 -50.56 27.69 2.40
C VAL H 325 -49.21 28.37 2.20
N ILE H 326 -48.89 29.37 3.01
CA ILE H 326 -47.61 30.05 2.87
C ILE H 326 -46.45 29.13 3.27
N ALA H 327 -46.67 28.27 4.28
CA ALA H 327 -45.68 27.26 4.62
C ALA H 327 -45.48 26.28 3.47
N ASN H 328 -46.55 25.98 2.75
CA ASN H 328 -46.44 25.06 1.62
C ASN H 328 -45.85 25.74 0.38
N LEU H 329 -45.80 27.08 0.35
CA LEU H 329 -45.00 27.74 -0.67
C LEU H 329 -43.53 27.81 -0.29
N ILE H 330 -43.22 27.87 1.00
CA ILE H 330 -41.83 27.76 1.43
C ILE H 330 -41.31 26.35 1.17
N ARG H 331 -42.19 25.35 1.23
CA ARG H 331 -41.80 23.97 0.92
C ARG H 331 -41.39 23.79 -0.54
N GLY H 332 -41.94 24.60 -1.44
CA GLY H 332 -41.64 24.46 -2.85
C GLY H 332 -42.46 23.35 -3.49
N GLY H 333 -42.20 23.10 -4.76
CA GLY H 333 -42.83 21.99 -5.43
C GLY H 333 -43.08 22.29 -6.90
N VAL H 334 -43.75 21.35 -7.55
CA VAL H 334 -44.18 21.47 -8.93
C VAL H 334 -45.70 21.49 -8.93
N PHE H 335 -46.27 22.65 -9.25
CA PHE H 335 -47.70 22.87 -9.16
C PHE H 335 -48.25 23.06 -10.56
N GLY H 336 -49.54 23.37 -10.64
CA GLY H 336 -50.17 23.53 -11.93
C GLY H 336 -50.45 22.19 -12.59
N GLU H 337 -51.01 22.27 -13.80
CA GLU H 337 -51.43 21.08 -14.53
C GLU H 337 -50.26 20.21 -14.96
N LYS I 1 14.32 -28.92 -31.86
CA LYS I 1 13.39 -27.85 -31.52
C LYS I 1 13.85 -27.07 -30.29
N PHE I 2 14.26 -27.79 -29.25
CA PHE I 2 14.74 -27.16 -28.03
C PHE I 2 16.14 -26.59 -28.23
N ILE I 3 16.39 -25.42 -27.67
CA ILE I 3 17.66 -24.72 -27.82
C ILE I 3 18.49 -24.78 -26.55
N LYS I 4 18.00 -24.16 -25.46
CA LYS I 4 18.73 -24.07 -24.21
C LYS I 4 17.78 -23.61 -23.11
N TYR I 5 18.22 -23.79 -21.87
CA TYR I 5 17.62 -23.13 -20.73
C TYR I 5 18.12 -21.70 -20.66
N LEU I 6 17.25 -20.80 -20.22
CA LEU I 6 17.64 -19.40 -20.20
C LEU I 6 18.48 -19.07 -18.98
N SER I 7 18.26 -19.76 -17.87
CA SER I 7 19.05 -19.58 -16.66
C SER I 7 19.84 -20.84 -16.35
N THR I 8 21.01 -20.66 -15.76
CA THR I 8 21.89 -21.78 -15.45
C THR I 8 21.59 -22.43 -14.10
N ALA I 9 20.57 -21.97 -13.39
CA ALA I 9 20.22 -22.51 -12.09
C ALA I 9 18.71 -22.40 -11.90
N HIS I 10 18.08 -23.49 -11.50
CA HIS I 10 16.64 -23.51 -11.35
C HIS I 10 16.24 -22.74 -10.10
N LEU I 11 15.21 -21.90 -10.23
CA LEU I 11 14.86 -21.03 -9.12
C LEU I 11 14.16 -21.80 -8.01
N ASN I 12 13.03 -22.43 -8.32
CA ASN I 12 12.41 -23.43 -7.44
C ASN I 12 11.67 -24.38 -8.37
N TYR I 13 12.37 -25.41 -8.86
CA TYR I 13 11.91 -26.33 -9.90
C TYR I 13 11.40 -25.62 -11.16
N MET I 14 11.78 -24.37 -11.42
CA MET I 14 11.20 -23.59 -12.50
C MET I 14 12.32 -23.00 -13.33
N ASN I 15 12.14 -22.99 -14.64
CA ASN I 15 13.16 -22.41 -15.51
C ASN I 15 12.51 -22.05 -16.84
N ILE I 16 13.08 -21.09 -17.53
CA ILE I 16 12.55 -20.62 -18.81
C ILE I 16 13.26 -21.35 -19.94
N ALA I 17 12.49 -22.06 -20.75
CA ALA I 17 13.04 -22.83 -21.86
C ALA I 17 12.85 -22.06 -23.17
N VAL I 18 13.79 -22.23 -24.09
CA VAL I 18 13.81 -21.51 -25.36
C VAL I 18 13.67 -22.53 -26.50
N TYR I 19 12.65 -22.35 -27.34
CA TYR I 19 12.30 -23.27 -28.40
C TYR I 19 12.39 -22.59 -29.76
N GLU I 20 12.33 -23.40 -30.82
CA GLU I 20 12.47 -22.94 -32.19
C GLU I 20 11.30 -23.47 -33.01
N ASN I 21 10.59 -22.57 -33.70
CA ASN I 21 9.44 -22.97 -34.51
C ASN I 21 9.62 -22.69 -35.99
N GLY I 22 10.76 -22.14 -36.41
CA GLY I 22 10.90 -21.71 -37.77
C GLY I 22 10.63 -20.23 -37.89
N SER I 23 11.69 -19.44 -38.07
CA SER I 23 11.67 -17.98 -38.21
C SER I 23 11.11 -17.26 -36.99
N LYS I 24 11.06 -17.94 -35.84
CA LYS I 24 10.57 -17.41 -34.58
C LYS I 24 11.00 -18.34 -33.46
N ILE I 25 11.11 -17.79 -32.25
CA ILE I 25 11.49 -18.56 -31.09
C ILE I 25 10.42 -18.43 -30.01
N LYS I 26 10.32 -19.47 -29.20
CA LYS I 26 9.23 -19.68 -28.24
C LYS I 26 9.82 -19.82 -26.84
N ALA I 27 9.73 -18.76 -26.04
CA ALA I 27 10.15 -18.81 -24.65
C ALA I 27 8.97 -19.24 -23.80
N ARG I 28 9.19 -20.25 -22.95
CA ARG I 28 8.10 -20.82 -22.18
C ARG I 28 8.56 -21.11 -20.77
N VAL I 29 7.80 -20.65 -19.78
CA VAL I 29 8.11 -20.89 -18.38
C VAL I 29 7.69 -22.31 -18.02
N GLU I 30 8.62 -23.10 -17.49
CA GLU I 30 8.38 -24.52 -17.29
C GLU I 30 8.74 -24.97 -15.88
N ASN I 31 7.93 -25.89 -15.38
CA ASN I 31 8.36 -26.78 -14.32
C ASN I 31 9.27 -27.85 -14.93
N VAL I 32 10.20 -28.34 -14.13
CA VAL I 32 11.29 -29.13 -14.69
C VAL I 32 11.04 -30.63 -14.53
N VAL I 33 10.57 -31.06 -13.35
CA VAL I 33 10.48 -32.49 -13.07
C VAL I 33 9.33 -33.18 -13.79
N ASN I 34 8.37 -32.43 -14.31
CA ASN I 34 7.33 -33.03 -15.15
C ASN I 34 7.34 -32.47 -16.57
N GLY I 35 7.46 -31.16 -16.73
CA GLY I 35 7.53 -30.55 -18.02
C GLY I 35 6.32 -29.73 -18.44
N LYS I 36 5.49 -29.31 -17.49
CA LYS I 36 4.30 -28.53 -17.81
C LYS I 36 4.67 -27.08 -18.11
N SER I 37 3.66 -26.27 -18.42
CA SER I 37 3.86 -24.90 -18.82
C SER I 37 2.99 -23.99 -17.96
N VAL I 38 3.35 -22.71 -17.94
CA VAL I 38 2.56 -21.70 -17.26
C VAL I 38 2.23 -20.57 -18.25
N GLY I 39 3.27 -19.98 -18.84
CA GLY I 39 3.08 -18.93 -19.82
C GLY I 39 4.08 -19.07 -20.95
N ALA I 40 3.89 -18.25 -21.98
CA ALA I 40 4.76 -18.31 -23.14
C ALA I 40 4.74 -16.97 -23.87
N ARG I 41 5.87 -16.61 -24.46
CA ARG I 41 5.98 -15.48 -25.36
C ARG I 41 6.37 -15.96 -26.74
N ASP I 42 6.21 -15.07 -27.71
CA ASP I 42 6.54 -15.36 -29.10
C ASP I 42 7.49 -14.26 -29.57
N PHE I 43 8.74 -14.65 -29.81
CA PHE I 43 9.76 -13.68 -30.22
C PHE I 43 10.20 -14.01 -31.65
N ASP I 44 10.74 -13.00 -32.33
CA ASP I 44 11.06 -13.16 -33.74
C ASP I 44 12.43 -13.80 -33.94
N SER I 45 13.44 -13.33 -33.22
CA SER I 45 14.79 -13.85 -33.35
C SER I 45 15.42 -13.94 -31.98
N THR I 46 16.60 -14.58 -31.93
CA THR I 46 17.33 -14.74 -30.68
C THR I 46 17.83 -13.39 -30.17
N GLU I 47 18.15 -12.47 -31.09
CA GLU I 47 18.61 -11.13 -30.70
C GLU I 47 17.53 -10.33 -29.99
N GLN I 48 16.27 -10.55 -30.35
CA GLN I 48 15.17 -9.90 -29.63
C GLN I 48 15.03 -10.47 -28.23
N LEU I 49 15.29 -11.78 -28.07
CA LEU I 49 15.27 -12.38 -26.75
C LEU I 49 16.40 -11.87 -25.87
N GLU I 50 17.60 -11.72 -26.45
CA GLU I 50 18.74 -11.25 -25.67
C GLU I 50 18.60 -9.78 -25.31
N SER I 51 18.08 -8.98 -26.25
CA SER I 51 17.93 -7.55 -26.01
C SER I 51 16.78 -7.26 -25.05
N TRP I 52 15.72 -8.07 -25.13
CA TRP I 52 14.62 -7.90 -24.17
C TRP I 52 15.02 -8.41 -22.79
N PHE I 53 15.76 -9.50 -22.74
CA PHE I 53 16.11 -10.12 -21.46
C PHE I 53 17.15 -9.31 -20.72
N TYR I 54 18.17 -8.83 -21.42
CA TYR I 54 19.23 -8.06 -20.76
C TYR I 54 18.78 -6.64 -20.40
N GLY I 55 17.64 -6.20 -20.88
CA GLY I 55 17.07 -4.93 -20.47
C GLY I 55 16.21 -5.01 -19.23
N LEU I 56 16.04 -6.19 -18.65
CA LEU I 56 15.21 -6.35 -17.47
C LEU I 56 15.94 -5.82 -16.23
N PRO I 57 15.19 -5.25 -15.28
CA PRO I 57 15.82 -4.72 -14.06
C PRO I 57 16.20 -5.86 -13.13
N GLY I 58 17.49 -6.01 -12.88
CA GLY I 58 17.99 -7.01 -11.97
C GLY I 58 19.31 -7.55 -12.45
N SER I 59 19.80 -8.57 -11.75
CA SER I 59 21.06 -9.22 -12.10
C SER I 59 21.05 -10.62 -11.54
N GLY I 60 21.42 -11.61 -12.36
CA GLY I 60 21.47 -12.98 -11.89
C GLY I 60 20.11 -13.63 -11.82
N LEU I 61 19.63 -13.91 -10.60
CA LEU I 61 18.36 -14.60 -10.43
C LEU I 61 17.18 -13.65 -10.26
N GLY I 62 17.42 -12.41 -9.84
CA GLY I 62 16.35 -11.43 -9.85
C GLY I 62 15.90 -11.12 -11.26
N ARG I 63 16.81 -11.19 -12.22
CA ARG I 63 16.46 -11.04 -13.62
C ARG I 63 15.61 -12.20 -14.11
N ILE I 64 15.90 -13.42 -13.65
CA ILE I 64 15.12 -14.55 -14.14
C ILE I 64 13.79 -14.66 -13.42
N GLU I 65 13.68 -14.15 -12.18
CA GLU I 65 12.38 -14.14 -11.54
C GLU I 65 11.51 -13.02 -12.08
N ASN I 66 12.11 -11.88 -12.42
CA ASN I 66 11.36 -10.83 -13.11
C ASN I 66 10.92 -11.31 -14.49
N ALA I 67 11.76 -12.10 -15.17
CA ALA I 67 11.39 -12.64 -16.47
C ALA I 67 10.24 -13.63 -16.35
N MET I 68 10.24 -14.46 -15.31
CA MET I 68 9.11 -15.35 -15.06
C MET I 68 7.85 -14.57 -14.74
N ASN I 69 7.99 -13.43 -14.06
CA ASN I 69 6.81 -12.63 -13.78
C ASN I 69 6.35 -11.81 -14.98
N GLU I 70 7.19 -11.69 -16.02
CA GLU I 70 6.72 -11.06 -17.25
C GLU I 70 6.03 -12.05 -18.17
N ILE I 71 6.61 -13.25 -18.33
CA ILE I 71 6.07 -14.20 -19.29
C ILE I 71 4.78 -14.82 -18.77
N SER I 72 4.70 -15.06 -17.47
CA SER I 72 3.51 -15.64 -16.85
C SER I 72 2.54 -14.58 -16.36
N ARG I 73 2.47 -13.45 -17.05
CA ARG I 73 1.59 -12.36 -16.67
C ARG I 73 0.12 -12.76 -16.79
N ARG I 74 -0.67 -12.34 -15.82
CA ARG I 74 -2.12 -12.37 -15.94
C ARG I 74 -2.49 -11.42 -17.08
N GLU I 75 -2.89 -12.00 -18.21
CA GLU I 75 -3.02 -11.24 -19.46
C GLU I 75 -4.21 -10.30 -19.47
N ASN I 76 -5.16 -10.44 -18.55
CA ASN I 76 -6.37 -9.65 -18.58
C ASN I 76 -6.61 -8.94 -17.26
N LYS J 1 -47.03 -33.08 -6.61
CA LYS J 1 -46.30 -32.40 -7.68
C LYS J 1 -44.93 -31.92 -7.19
N PHE J 2 -44.91 -31.29 -6.02
CA PHE J 2 -43.66 -30.80 -5.45
C PHE J 2 -42.83 -31.96 -4.90
N ILE J 3 -41.51 -31.89 -5.10
CA ILE J 3 -40.59 -32.95 -4.69
C ILE J 3 -39.77 -32.53 -3.48
N LYS J 4 -38.92 -31.51 -3.64
CA LYS J 4 -38.02 -31.07 -2.57
C LYS J 4 -37.44 -29.71 -2.96
N TYR J 5 -36.88 -29.04 -1.95
CA TYR J 5 -36.00 -27.91 -2.19
C TYR J 5 -34.62 -28.40 -2.59
N LEU J 6 -33.97 -27.66 -3.46
CA LEU J 6 -32.68 -28.12 -3.96
C LEU J 6 -31.55 -27.81 -2.98
N SER J 7 -31.68 -26.74 -2.20
CA SER J 7 -30.71 -26.39 -1.19
C SER J 7 -31.34 -26.48 0.20
N THR J 8 -30.53 -26.82 1.18
CA THR J 8 -31.01 -26.98 2.54
C THR J 8 -31.00 -25.69 3.34
N ALA J 9 -30.64 -24.57 2.73
CA ALA J 9 -30.60 -23.29 3.42
C ALA J 9 -30.91 -22.20 2.43
N HIS J 10 -31.83 -21.31 2.80
CA HIS J 10 -32.26 -20.26 1.89
C HIS J 10 -31.18 -19.19 1.80
N LEU J 11 -30.88 -18.75 0.57
CA LEU J 11 -29.77 -17.82 0.40
C LEU J 11 -30.12 -16.43 0.87
N ASN J 12 -31.15 -15.82 0.30
CA ASN J 12 -31.77 -14.61 0.85
C ASN J 12 -33.23 -14.67 0.42
N TYR J 13 -34.07 -15.33 1.22
CA TYR J 13 -35.46 -15.64 0.92
C TYR J 13 -35.64 -16.37 -0.43
N MET J 14 -34.60 -17.00 -0.97
CA MET J 14 -34.67 -17.55 -2.33
C MET J 14 -34.19 -18.98 -2.30
N ASN J 15 -34.86 -19.85 -3.05
CA ASN J 15 -34.44 -21.24 -3.09
C ASN J 15 -35.00 -21.86 -4.38
N ILE J 16 -34.33 -22.90 -4.85
CA ILE J 16 -34.71 -23.57 -6.08
C ILE J 16 -35.60 -24.76 -5.74
N ALA J 17 -36.83 -24.75 -6.27
CA ALA J 17 -37.79 -25.81 -6.01
C ALA J 17 -37.83 -26.77 -7.19
N VAL J 18 -38.08 -28.04 -6.90
CA VAL J 18 -38.09 -29.11 -7.90
C VAL J 18 -39.50 -29.70 -7.98
N TYR J 19 -40.08 -29.69 -9.18
CA TYR J 19 -41.44 -30.10 -9.42
C TYR J 19 -41.50 -31.28 -10.40
N GLU J 20 -42.67 -31.90 -10.49
CA GLU J 20 -42.89 -33.08 -11.33
C GLU J 20 -44.08 -32.83 -12.23
N ASN J 21 -43.91 -33.02 -13.53
CA ASN J 21 -45.00 -32.81 -14.50
C ASN J 21 -45.41 -34.07 -15.24
N GLY J 22 -44.77 -35.21 -14.97
CA GLY J 22 -45.01 -36.40 -15.76
C GLY J 22 -43.94 -36.53 -16.82
N SER J 23 -43.02 -37.48 -16.62
CA SER J 23 -41.89 -37.81 -17.49
C SER J 23 -40.92 -36.64 -17.69
N LYS J 24 -40.95 -35.65 -16.79
CA LYS J 24 -40.09 -34.48 -16.81
C LYS J 24 -40.19 -33.78 -15.47
N ILE J 25 -39.15 -33.05 -15.11
CA ILE J 25 -39.11 -32.31 -13.86
C ILE J 25 -38.85 -30.84 -14.15
N LYS J 26 -39.36 -30.00 -13.24
CA LYS J 26 -39.44 -28.56 -13.41
C LYS J 26 -38.71 -27.87 -12.27
N ALA J 27 -37.50 -27.39 -12.52
CA ALA J 27 -36.75 -26.62 -11.53
C ALA J 27 -37.10 -25.15 -11.68
N ARG J 28 -37.45 -24.51 -10.58
CA ARG J 28 -37.93 -23.14 -10.64
C ARG J 28 -37.36 -22.34 -9.48
N VAL J 29 -36.77 -21.19 -9.78
CA VAL J 29 -36.21 -20.31 -8.76
C VAL J 29 -37.35 -19.55 -8.09
N GLU J 30 -37.44 -19.64 -6.77
CA GLU J 30 -38.59 -19.12 -6.05
C GLU J 30 -38.18 -18.22 -4.89
N ASN J 31 -38.97 -17.18 -4.68
CA ASN J 31 -39.07 -16.54 -3.39
C ASN J 31 -39.92 -17.42 -2.49
N VAL J 32 -39.64 -17.35 -1.18
CA VAL J 32 -40.21 -18.35 -0.27
C VAL J 32 -41.43 -17.83 0.46
N VAL J 33 -41.40 -16.58 0.94
CA VAL J 33 -42.46 -16.09 1.81
C VAL J 33 -43.75 -15.77 1.05
N ASN J 34 -43.69 -15.64 -0.27
CA ASN J 34 -44.92 -15.49 -1.06
C ASN J 34 -45.12 -16.65 -2.05
N GLY J 35 -44.09 -17.04 -2.76
CA GLY J 35 -44.16 -18.14 -3.67
C GLY J 35 -44.08 -17.80 -5.14
N LYS J 36 -43.57 -16.62 -5.49
CA LYS J 36 -43.47 -16.20 -6.88
C LYS J 36 -42.30 -16.89 -7.58
N SER J 37 -42.12 -16.59 -8.85
CA SER J 37 -41.10 -17.23 -9.66
C SER J 37 -40.25 -16.18 -10.34
N VAL J 38 -39.07 -16.61 -10.78
CA VAL J 38 -38.19 -15.74 -11.56
C VAL J 38 -37.83 -16.44 -12.88
N GLY J 39 -37.28 -17.64 -12.79
CA GLY J 39 -36.93 -18.41 -13.96
C GLY J 39 -37.25 -19.88 -13.75
N ALA J 40 -37.12 -20.65 -14.82
CA ALA J 40 -37.42 -22.08 -14.76
C ALA J 40 -36.68 -22.81 -15.86
N ARG J 41 -36.29 -24.04 -15.57
CA ARG J 41 -35.74 -24.96 -16.55
C ARG J 41 -36.64 -26.16 -16.68
N ASP J 42 -36.42 -26.92 -17.76
CA ASP J 42 -37.19 -28.11 -18.05
C ASP J 42 -36.20 -29.26 -18.21
N PHE J 43 -36.21 -30.19 -17.27
CA PHE J 43 -35.28 -31.31 -17.31
C PHE J 43 -36.06 -32.60 -17.51
N ASP J 44 -35.37 -33.62 -18.04
CA ASP J 44 -36.07 -34.85 -18.41
C ASP J 44 -36.23 -35.79 -17.22
N SER J 45 -35.17 -35.99 -16.45
CA SER J 45 -35.21 -36.88 -15.29
C SER J 45 -34.43 -36.27 -14.16
N THR J 46 -34.55 -36.89 -12.97
CA THR J 46 -33.84 -36.42 -11.79
C THR J 46 -32.34 -36.58 -11.95
N GLU J 47 -31.90 -37.62 -12.67
CA GLU J 47 -30.48 -37.86 -12.91
C GLU J 47 -29.85 -36.74 -13.74
N GLN J 48 -30.60 -36.15 -14.66
CA GLN J 48 -30.10 -35.01 -15.42
C GLN J 48 -29.97 -33.78 -14.51
N LEU J 49 -30.87 -33.62 -13.55
CA LEU J 49 -30.77 -32.53 -12.59
C LEU J 49 -29.56 -32.70 -11.68
N GLU J 50 -29.31 -33.93 -11.22
CA GLU J 50 -28.18 -34.17 -10.32
C GLU J 50 -26.86 -34.05 -11.07
N SER J 51 -26.80 -34.54 -12.31
CA SER J 51 -25.57 -34.49 -13.08
C SER J 51 -25.27 -33.08 -13.56
N TRP J 52 -26.32 -32.30 -13.87
CA TRP J 52 -26.10 -30.91 -14.25
C TRP J 52 -25.74 -30.07 -13.04
N PHE J 53 -26.37 -30.34 -11.90
CA PHE J 53 -26.16 -29.52 -10.71
C PHE J 53 -24.81 -29.78 -10.09
N TYR J 54 -24.40 -31.04 -9.99
CA TYR J 54 -23.11 -31.36 -9.38
C TYR J 54 -21.93 -31.02 -10.28
N GLY J 55 -22.17 -30.71 -11.55
CA GLY J 55 -21.13 -30.23 -12.42
C GLY J 55 -20.90 -28.74 -12.38
N LEU J 56 -21.66 -28.01 -11.56
CA LEU J 56 -21.51 -26.57 -11.46
C LEU J 56 -20.26 -26.21 -10.68
N PRO J 57 -19.59 -25.12 -11.03
CA PRO J 57 -18.38 -24.70 -10.30
C PRO J 57 -18.75 -24.08 -8.97
N GLY J 58 -18.34 -24.71 -7.89
CA GLY J 58 -18.56 -24.20 -6.56
C GLY J 58 -18.79 -25.34 -5.59
N SER J 59 -19.14 -24.98 -4.36
CA SER J 59 -19.42 -25.95 -3.31
C SER J 59 -20.31 -25.31 -2.27
N GLY J 60 -21.38 -26.00 -1.88
CA GLY J 60 -22.28 -25.47 -0.87
C GLY J 60 -23.23 -24.43 -1.39
N LEU J 61 -23.04 -23.17 -0.99
CA LEU J 61 -23.95 -22.11 -1.40
C LEU J 61 -23.48 -21.36 -2.63
N GLY J 62 -22.19 -21.39 -2.95
CA GLY J 62 -21.75 -20.87 -4.23
C GLY J 62 -22.30 -21.66 -5.39
N ARG J 63 -22.50 -22.96 -5.18
CA ARG J 63 -23.15 -23.79 -6.17
C ARG J 63 -24.61 -23.40 -6.36
N ILE J 64 -25.31 -23.07 -5.26
CA ILE J 64 -26.72 -22.75 -5.42
C ILE J 64 -26.90 -21.32 -5.92
N GLU J 65 -25.94 -20.43 -5.68
CA GLU J 65 -26.07 -19.09 -6.25
C GLU J 65 -25.70 -19.11 -7.74
N ASN J 66 -24.72 -19.93 -8.11
CA ASN J 66 -24.43 -20.12 -9.53
C ASN J 66 -25.61 -20.78 -10.24
N ALA J 67 -26.29 -21.71 -9.56
CA ALA J 67 -27.47 -22.34 -10.14
C ALA J 67 -28.61 -21.35 -10.32
N MET J 68 -28.80 -20.45 -9.36
CA MET J 68 -29.80 -19.39 -9.52
C MET J 68 -29.41 -18.44 -10.65
N ASN J 69 -28.12 -18.21 -10.86
CA ASN J 69 -27.72 -17.36 -11.97
C ASN J 69 -27.76 -18.08 -13.30
N GLU J 70 -27.87 -19.42 -13.30
CA GLU J 70 -28.08 -20.13 -14.56
C GLU J 70 -29.55 -20.20 -14.93
N ILE J 71 -30.42 -20.51 -13.96
CA ILE J 71 -31.82 -20.72 -14.27
C ILE J 71 -32.52 -19.39 -14.56
N SER J 72 -32.13 -18.34 -13.85
CA SER J 72 -32.72 -17.02 -14.04
C SER J 72 -31.94 -16.19 -15.05
N ARG J 73 -31.36 -16.83 -16.05
CA ARG J 73 -30.57 -16.14 -17.07
C ARG J 73 -31.45 -15.22 -17.91
N ARG J 74 -30.91 -14.04 -18.21
CA ARG J 74 -31.47 -13.18 -19.24
C ARG J 74 -31.36 -13.93 -20.56
N GLU J 75 -32.48 -14.43 -21.07
CA GLU J 75 -32.49 -15.38 -22.17
C GLU J 75 -32.11 -14.77 -23.51
N ASN J 76 -32.12 -13.44 -23.62
CA ASN J 76 -31.88 -12.80 -24.91
C ASN J 76 -30.76 -11.78 -24.83
N HIS K 6 -68.83 -3.66 -17.29
CA HIS K 6 -69.08 -4.91 -18.01
C HIS K 6 -70.24 -4.79 -18.99
N HIS K 7 -71.28 -4.06 -18.59
CA HIS K 7 -72.45 -3.84 -19.42
C HIS K 7 -72.22 -2.85 -20.55
N ILE K 8 -71.05 -2.21 -20.60
CA ILE K 8 -70.68 -1.35 -21.71
C ILE K 8 -70.64 -2.13 -23.02
N ALA K 9 -70.12 -3.36 -22.97
CA ALA K 9 -70.20 -4.30 -24.07
C ALA K 9 -71.45 -5.16 -24.03
N GLN K 10 -72.52 -4.67 -23.40
CA GLN K 10 -73.86 -5.25 -23.51
C GLN K 10 -74.84 -4.29 -24.14
N GLN K 11 -74.96 -3.08 -23.59
CA GLN K 11 -75.85 -2.08 -24.16
C GLN K 11 -75.27 -1.47 -25.43
N HIS K 12 -73.93 -1.36 -25.50
CA HIS K 12 -73.25 -0.81 -26.66
C HIS K 12 -72.32 -1.88 -27.21
N LYS K 13 -72.86 -3.08 -27.39
CA LYS K 13 -72.04 -4.29 -27.60
C LYS K 13 -71.33 -4.26 -28.94
N ASP K 14 -72.08 -4.23 -30.04
CA ASP K 14 -71.48 -4.30 -31.37
C ASP K 14 -70.81 -3.00 -31.78
N THR K 15 -71.15 -1.89 -31.14
CA THR K 15 -70.58 -0.59 -31.47
C THR K 15 -69.16 -0.51 -30.95
N VAL K 16 -68.20 -0.43 -31.87
CA VAL K 16 -66.79 -0.42 -31.49
C VAL K 16 -66.39 0.93 -30.94
N ALA K 17 -66.70 2.00 -31.67
CA ALA K 17 -66.31 3.34 -31.28
C ALA K 17 -67.28 3.99 -30.30
N ALA K 18 -68.13 3.21 -29.63
CA ALA K 18 -68.95 3.73 -28.55
C ALA K 18 -68.54 3.16 -27.20
N CYS K 19 -67.62 2.20 -27.17
CA CYS K 19 -67.02 1.76 -25.92
C CYS K 19 -66.06 2.79 -25.34
N GLU K 20 -65.60 3.74 -26.16
CA GLU K 20 -64.82 4.88 -25.71
C GLU K 20 -65.64 5.91 -24.93
N ALA K 21 -66.95 5.69 -24.79
CA ALA K 21 -67.71 6.40 -23.77
C ALA K 21 -67.35 5.94 -22.37
N ALA K 22 -66.78 4.74 -22.25
CA ALA K 22 -66.27 4.23 -20.97
C ALA K 22 -64.83 4.66 -20.71
N GLU K 23 -64.23 5.44 -21.61
CA GLU K 23 -62.86 5.89 -21.43
C GLU K 23 -62.74 6.90 -20.29
N ALA K 24 -63.77 7.72 -20.10
CA ALA K 24 -63.72 8.79 -19.09
C ALA K 24 -64.06 8.31 -17.69
N ILE K 25 -64.60 7.10 -17.55
CA ILE K 25 -65.06 6.62 -16.25
C ILE K 25 -64.05 5.61 -15.70
N ALA K 26 -63.41 4.87 -16.58
CA ALA K 26 -62.63 3.71 -16.21
C ALA K 26 -61.33 4.07 -15.49
N ILE K 27 -60.85 3.12 -14.69
CA ILE K 27 -59.46 3.07 -14.28
C ILE K 27 -58.59 2.73 -15.49
N ALA K 28 -57.30 3.07 -15.43
CA ALA K 28 -56.39 3.06 -16.56
C ALA K 28 -56.20 1.66 -17.15
N LYS K 29 -55.57 1.65 -18.32
CA LYS K 29 -55.58 0.54 -19.26
C LYS K 29 -54.24 -0.18 -19.28
N ASP K 30 -54.12 -1.14 -20.18
CA ASP K 30 -52.88 -1.85 -20.48
C ASP K 30 -52.66 -1.82 -21.98
N GLN K 31 -51.46 -2.19 -22.41
CA GLN K 31 -51.12 -2.22 -23.85
C GLN K 31 -50.36 -3.52 -24.11
N VAL K 32 -51.09 -4.58 -24.41
CA VAL K 32 -50.45 -5.85 -24.73
C VAL K 32 -50.07 -5.82 -26.21
N TRP K 33 -48.82 -6.14 -26.51
CA TRP K 33 -48.35 -6.18 -27.89
C TRP K 33 -48.13 -7.63 -28.31
N ASP K 34 -48.30 -7.86 -29.61
CA ASP K 34 -48.51 -9.18 -30.19
C ASP K 34 -48.31 -9.01 -31.70
N GLY K 35 -48.60 -10.06 -32.48
CA GLY K 35 -48.89 -9.87 -33.88
C GLY K 35 -50.15 -9.07 -34.09
N GLU K 36 -51.12 -9.21 -33.19
CA GLU K 36 -52.29 -8.34 -33.12
C GLU K 36 -52.42 -7.86 -31.68
N GLY K 37 -52.03 -6.61 -31.45
CA GLY K 37 -52.00 -6.08 -30.11
C GLY K 37 -53.40 -5.81 -29.56
N TYR K 38 -53.47 -5.74 -28.24
CA TYR K 38 -54.72 -5.65 -27.50
C TYR K 38 -54.72 -4.37 -26.69
N THR K 39 -55.88 -4.03 -26.13
CA THR K 39 -55.99 -2.93 -25.18
C THR K 39 -57.02 -3.34 -24.13
N LYS K 40 -56.65 -3.22 -22.86
CA LYS K 40 -57.40 -3.80 -21.76
C LYS K 40 -57.97 -2.68 -20.90
N TYR K 41 -59.17 -2.22 -21.23
CA TYR K 41 -59.86 -1.20 -20.44
C TYR K 41 -60.31 -1.82 -19.12
N THR K 42 -59.67 -1.44 -18.02
CA THR K 42 -59.99 -2.02 -16.72
C THR K 42 -61.01 -1.15 -15.99
N PHE K 43 -61.94 -1.80 -15.31
CA PHE K 43 -63.00 -1.14 -14.56
C PHE K 43 -62.75 -1.37 -13.07
N ASP K 44 -63.69 -0.93 -12.23
CA ASP K 44 -63.54 -1.08 -10.79
C ASP K 44 -64.45 -2.15 -10.19
N ASP K 45 -65.27 -2.82 -10.99
CA ASP K 45 -66.07 -3.94 -10.51
C ASP K 45 -65.44 -5.29 -10.84
N ASN K 46 -64.12 -5.32 -10.96
CA ASN K 46 -63.32 -6.46 -11.40
C ASN K 46 -63.81 -6.96 -12.76
N SER K 47 -63.69 -6.09 -13.76
CA SER K 47 -64.08 -6.41 -15.12
C SER K 47 -63.15 -5.68 -16.08
N VAL K 48 -62.57 -6.40 -17.02
CA VAL K 48 -61.59 -5.86 -17.96
C VAL K 48 -62.09 -6.11 -19.37
N LEU K 49 -62.46 -5.04 -20.06
CA LEU K 49 -62.88 -5.12 -21.46
C LEU K 49 -61.64 -5.19 -22.35
N ILE K 50 -61.44 -6.35 -22.97
CA ILE K 50 -60.35 -6.55 -23.92
C ILE K 50 -60.88 -6.21 -25.30
N GLN K 51 -60.31 -5.17 -25.92
CA GLN K 51 -60.78 -4.69 -27.21
C GLN K 51 -59.75 -5.00 -28.29
N SER K 52 -60.21 -5.61 -29.39
CA SER K 52 -59.32 -5.92 -30.51
C SER K 52 -60.14 -6.06 -31.78
N GLY K 53 -59.92 -5.15 -32.74
CA GLY K 53 -60.61 -5.22 -34.01
C GLY K 53 -62.11 -5.08 -33.89
N THR K 54 -62.82 -6.18 -34.08
CA THR K 54 -64.25 -6.21 -33.84
C THR K 54 -64.65 -7.10 -32.66
N THR K 55 -63.70 -7.80 -32.04
CA THR K 55 -64.03 -8.67 -30.92
C THR K 55 -63.61 -8.04 -29.60
N GLN K 56 -64.42 -8.28 -28.57
CA GLN K 56 -64.25 -7.71 -27.24
C GLN K 56 -64.59 -8.79 -26.23
N TYR K 57 -63.75 -8.96 -25.22
CA TYR K 57 -63.99 -9.99 -24.20
C TYR K 57 -64.31 -9.28 -22.89
N ALA K 58 -65.58 -8.97 -22.68
CA ALA K 58 -66.02 -8.38 -21.42
C ALA K 58 -65.98 -9.44 -20.34
N MET K 59 -65.03 -9.30 -19.42
CA MET K 59 -64.66 -10.36 -18.49
C MET K 59 -65.37 -10.20 -17.16
N ASP K 60 -66.00 -11.29 -16.70
CA ASP K 60 -66.49 -11.39 -15.33
C ASP K 60 -65.42 -12.14 -14.55
N ALA K 61 -64.63 -11.41 -13.77
CA ALA K 61 -63.48 -11.98 -13.10
C ALA K 61 -63.78 -12.35 -11.65
N ASP K 62 -65.03 -12.27 -11.21
CA ASP K 62 -65.40 -12.91 -9.96
C ASP K 62 -65.40 -14.42 -10.10
N ASP K 63 -65.68 -14.91 -11.30
CA ASP K 63 -65.53 -16.32 -11.65
C ASP K 63 -64.27 -16.49 -12.47
N ALA K 64 -63.62 -17.63 -12.30
CA ALA K 64 -62.44 -17.96 -13.08
C ALA K 64 -62.77 -18.70 -14.36
N ASP K 65 -64.05 -18.90 -14.66
CA ASP K 65 -64.43 -19.60 -15.88
C ASP K 65 -64.33 -18.69 -17.09
N SER K 66 -64.68 -17.41 -16.94
CA SER K 66 -64.53 -16.46 -18.03
C SER K 66 -63.07 -16.11 -18.25
N ILE K 67 -62.25 -16.18 -17.20
CA ILE K 67 -60.84 -15.90 -17.31
C ILE K 67 -60.15 -16.98 -18.13
N LYS K 68 -60.47 -18.24 -17.86
CA LYS K 68 -59.88 -19.34 -18.62
C LYS K 68 -60.48 -19.47 -20.00
N GLY K 69 -61.79 -19.20 -20.13
CA GLY K 69 -62.44 -19.30 -21.42
C GLY K 69 -61.99 -18.22 -22.39
N TYR K 70 -61.89 -16.99 -21.90
CA TYR K 70 -61.31 -15.92 -22.72
C TYR K 70 -59.81 -16.13 -22.92
N ALA K 71 -59.14 -16.66 -21.90
CA ALA K 71 -57.69 -16.85 -21.94
C ALA K 71 -57.26 -17.94 -22.91
N ASP K 72 -58.16 -18.87 -23.24
CA ASP K 72 -57.84 -19.85 -24.27
C ASP K 72 -57.91 -19.23 -25.66
N TRP K 73 -58.72 -18.18 -25.83
CA TRP K 73 -59.07 -17.64 -27.14
C TRP K 73 -58.07 -16.62 -27.65
N LEU K 74 -56.85 -16.60 -27.13
CA LEU K 74 -55.85 -15.62 -27.52
C LEU K 74 -54.65 -16.34 -28.11
N ASP K 75 -53.66 -15.56 -28.54
CA ASP K 75 -52.43 -16.13 -29.04
C ASP K 75 -51.61 -16.72 -27.90
N ASP K 76 -50.98 -17.85 -28.15
CA ASP K 76 -50.13 -18.44 -27.13
C ASP K 76 -48.80 -17.70 -26.99
N GLU K 77 -48.38 -16.96 -28.01
CA GLU K 77 -47.30 -16.01 -27.84
C GLU K 77 -47.77 -14.82 -27.02
N ALA K 78 -49.03 -14.41 -27.21
CA ALA K 78 -49.61 -13.42 -26.30
C ALA K 78 -49.80 -14.00 -24.91
N ARG K 79 -50.11 -15.30 -24.82
CA ARG K 79 -50.22 -15.97 -23.52
C ARG K 79 -48.86 -16.07 -22.83
N SER K 80 -47.77 -16.08 -23.61
CA SER K 80 -46.44 -16.05 -23.03
C SER K 80 -46.14 -14.72 -22.36
N ALA K 81 -46.78 -13.63 -22.80
CA ALA K 81 -46.73 -12.36 -22.11
C ALA K 81 -47.91 -12.17 -21.17
N GLU K 82 -48.61 -13.25 -20.85
CA GLU K 82 -49.84 -13.22 -20.07
C GLU K 82 -49.83 -14.35 -19.04
N ALA K 83 -48.77 -15.15 -18.99
CA ALA K 83 -48.74 -16.36 -18.16
C ALA K 83 -48.79 -16.02 -16.67
N SER K 84 -47.80 -15.22 -16.20
CA SER K 84 -47.85 -14.74 -14.83
C SER K 84 -48.94 -13.71 -14.60
N GLU K 85 -49.50 -13.14 -15.67
CA GLU K 85 -50.67 -12.28 -15.54
C GLU K 85 -51.91 -13.09 -15.20
N ILE K 86 -52.14 -14.20 -15.91
CA ILE K 86 -53.26 -15.08 -15.60
C ILE K 86 -53.06 -15.75 -14.25
N GLU K 87 -51.84 -16.22 -13.96
CA GLU K 87 -51.52 -16.80 -12.66
C GLU K 87 -51.59 -15.77 -11.54
N ARG K 88 -51.46 -14.47 -11.87
CA ARG K 88 -51.83 -13.44 -10.91
C ARG K 88 -53.34 -13.38 -10.75
N LEU K 89 -54.08 -13.59 -11.83
CA LEU K 89 -55.55 -13.50 -11.80
C LEU K 89 -56.22 -14.74 -11.24
N LEU K 90 -55.48 -15.81 -10.93
CA LEU K 90 -56.12 -17.06 -10.52
C LEU K 90 -56.67 -16.97 -9.10
N GLU K 91 -55.78 -16.73 -8.12
CA GLU K 91 -56.11 -16.94 -6.72
C GLU K 91 -56.82 -15.75 -6.08
N SER K 92 -57.44 -14.86 -6.86
CA SER K 92 -58.20 -13.74 -6.30
C SER K 92 -59.63 -14.23 -6.04
N VAL K 93 -59.87 -14.69 -4.82
CA VAL K 93 -61.20 -15.12 -4.42
C VAL K 93 -61.68 -14.21 -3.28
N PHE L 1 31.85 73.92 22.37
CA PHE L 1 32.17 74.95 21.40
C PHE L 1 33.63 75.37 21.51
N THR L 2 34.39 74.65 22.34
CA THR L 2 35.79 74.93 22.57
C THR L 2 36.71 73.75 22.31
N MET L 3 36.21 72.52 22.41
CA MET L 3 37.01 71.32 22.14
C MET L 3 37.10 71.16 20.62
N ASP L 4 38.21 71.60 20.04
CA ASP L 4 38.42 71.58 18.61
C ASP L 4 39.60 70.70 18.20
N HIS L 5 39.85 69.63 18.98
CA HIS L 5 40.91 68.67 18.69
C HIS L 5 40.27 67.32 18.45
N TYR L 6 40.31 66.85 17.21
CA TYR L 6 39.75 65.57 16.82
C TYR L 6 40.86 64.54 16.63
N LEU L 7 40.49 63.27 16.81
CA LEU L 7 41.42 62.15 16.62
C LEU L 7 40.67 61.08 15.85
N ASP L 8 40.85 61.07 14.54
CA ASP L 8 40.10 60.17 13.67
C ASP L 8 40.72 58.77 13.66
N ILE L 9 39.90 57.79 13.28
CA ILE L 9 40.34 56.40 13.17
C ILE L 9 39.73 55.78 11.93
N ARG L 10 40.53 55.65 10.87
CA ARG L 10 40.06 55.09 9.61
C ARG L 10 40.06 53.56 9.69
N LEU L 11 38.98 52.95 9.20
CA LEU L 11 38.79 51.50 9.30
C LEU L 11 39.12 50.87 7.95
N ARG L 12 40.25 50.17 7.89
CA ARG L 12 40.64 49.45 6.69
C ARG L 12 40.16 48.00 6.79
N PRO L 13 39.88 47.35 5.66
CA PRO L 13 39.37 45.98 5.71
C PRO L 13 40.48 44.97 6.00
N ASP L 14 40.05 43.82 6.50
CA ASP L 14 40.95 42.71 6.82
C ASP L 14 40.28 41.42 6.40
N PRO L 15 41.05 40.39 6.08
CA PRO L 15 40.43 39.15 5.56
C PRO L 15 39.93 38.21 6.65
N GLU L 16 40.48 38.28 7.86
CA GLU L 16 40.14 37.34 8.92
C GLU L 16 39.06 37.86 9.87
N PHE L 17 38.46 39.00 9.57
CA PHE L 17 37.41 39.55 10.42
C PHE L 17 36.62 40.56 9.63
N PRO L 18 35.32 40.72 9.90
CA PRO L 18 34.55 41.77 9.26
C PRO L 18 34.64 43.06 10.06
N PRO L 19 33.92 44.10 9.65
CA PRO L 19 33.95 45.34 10.42
C PRO L 19 33.23 45.26 11.76
N ALA L 20 32.34 44.28 11.95
CA ALA L 20 31.61 44.16 13.21
C ALA L 20 32.52 43.64 14.31
N GLN L 21 33.37 42.66 14.01
CA GLN L 21 34.31 42.15 15.01
C GLN L 21 35.39 43.18 15.33
N LEU L 22 35.82 43.96 14.34
CA LEU L 22 36.76 45.04 14.60
C LEU L 22 36.11 46.16 15.40
N MET L 23 34.80 46.36 15.21
CA MET L 23 34.08 47.34 16.03
C MET L 23 33.89 46.85 17.45
N CYS L 24 33.76 45.53 17.64
CA CYS L 24 33.66 44.99 18.99
C CYS L 24 35.00 45.04 19.72
N VAL L 25 36.08 44.65 19.04
CA VAL L 25 37.40 44.67 19.66
C VAL L 25 37.87 46.09 19.90
N LEU L 26 37.55 47.00 18.98
CA LEU L 26 37.85 48.41 19.21
C LEU L 26 36.95 48.99 20.29
N PHE L 27 35.75 48.43 20.46
CA PHE L 27 34.89 48.83 21.58
C PHE L 27 35.51 48.40 22.91
N GLY L 28 36.18 47.24 22.92
CA GLY L 28 36.96 46.87 24.10
C GLY L 28 38.18 47.75 24.29
N LYS L 29 38.81 48.18 23.18
CA LYS L 29 39.94 49.09 23.27
C LYS L 29 39.53 50.50 23.69
N LEU L 30 38.25 50.84 23.56
CA LEU L 30 37.74 52.11 24.05
C LEU L 30 37.27 52.00 25.50
N HIS L 31 36.67 50.87 25.87
CA HIS L 31 36.25 50.68 27.25
C HIS L 31 37.43 50.47 28.18
N GLN L 32 38.54 49.93 27.67
CA GLN L 32 39.76 49.79 28.44
C GLN L 32 40.79 50.88 28.13
N ALA L 33 40.64 51.58 27.00
CA ALA L 33 41.53 52.68 26.67
C ALA L 33 41.08 54.01 27.25
N LEU L 34 39.78 54.16 27.51
CA LEU L 34 39.25 55.36 28.17
C LEU L 34 38.87 55.10 29.61
N VAL L 35 38.20 53.99 29.89
CA VAL L 35 37.84 53.66 31.26
C VAL L 35 39.06 53.24 32.07
N ALA L 36 40.02 52.58 31.42
CA ALA L 36 41.29 52.24 32.05
C ALA L 36 42.39 53.23 31.71
N GLN L 37 42.05 54.39 31.14
CA GLN L 37 43.02 55.39 30.74
C GLN L 37 42.92 56.68 31.55
N GLY L 38 41.76 57.29 31.59
CA GLY L 38 41.59 58.54 32.30
C GLY L 38 41.32 59.70 31.36
N GLY L 39 40.55 60.67 31.84
CA GLY L 39 40.16 61.81 31.03
C GLY L 39 38.66 61.83 30.77
N ASP L 40 37.95 62.72 31.47
CA ASP L 40 36.50 62.78 31.34
C ASP L 40 36.07 63.49 30.07
N ARG L 41 36.80 64.52 29.67
CA ARG L 41 36.44 65.31 28.49
C ARG L 41 37.08 64.72 27.22
N ILE L 42 36.74 63.47 26.96
CA ILE L 42 37.22 62.74 25.78
C ILE L 42 36.06 61.86 25.30
N GLY L 43 35.50 62.21 24.14
CA GLY L 43 34.39 61.46 23.58
C GLY L 43 34.72 60.95 22.19
N VAL L 44 33.80 60.13 21.66
CA VAL L 44 33.95 59.53 20.34
C VAL L 44 32.68 59.79 19.54
N SER L 45 32.81 59.70 18.22
CA SER L 45 31.71 59.96 17.31
C SER L 45 31.72 58.94 16.18
N PHE L 46 30.57 58.30 15.95
CA PHE L 46 30.41 57.31 14.91
C PHE L 46 29.75 57.96 13.70
N PRO L 47 30.44 58.12 12.58
CA PRO L 47 29.86 58.86 11.44
C PRO L 47 29.12 57.99 10.43
N ASP L 48 29.18 56.67 10.55
CA ASP L 48 28.50 55.77 9.64
C ASP L 48 27.30 55.08 10.29
N LEU L 49 26.72 55.73 11.31
CA LEU L 49 25.59 55.15 12.02
C LEU L 49 24.32 55.29 11.20
N ASP L 50 23.49 54.25 11.23
CA ASP L 50 22.24 54.24 10.48
C ASP L 50 21.26 53.32 11.21
N GLU L 51 20.18 53.91 11.73
CA GLU L 51 19.17 53.15 12.44
C GLU L 51 18.30 52.29 11.53
N SER L 52 18.32 52.55 10.22
CA SER L 52 17.61 51.72 9.26
C SER L 52 18.45 50.57 8.70
N ARG L 53 19.74 50.53 9.04
CA ARG L 53 20.62 49.49 8.56
C ARG L 53 21.30 48.68 9.66
N SER L 54 21.18 49.10 10.92
CA SER L 54 21.78 48.41 12.06
C SER L 54 23.30 48.50 12.08
N ARG L 55 23.87 49.51 11.44
CA ARG L 55 25.31 49.67 11.36
C ARG L 55 25.83 50.39 12.59
N LEU L 56 27.15 50.47 12.70
CA LEU L 56 27.83 51.11 13.81
C LEU L 56 28.72 52.26 13.40
N GLY L 57 29.44 52.13 12.29
CA GLY L 57 30.29 53.20 11.80
C GLY L 57 31.32 52.74 10.79
N GLU L 58 31.61 53.59 9.81
CA GLU L 58 32.62 53.32 8.80
C GLU L 58 33.90 54.12 8.99
N ARG L 59 33.91 55.04 9.96
CA ARG L 59 35.11 55.81 10.26
C ARG L 59 34.91 56.46 11.63
N LEU L 60 35.84 56.22 12.55
CA LEU L 60 35.77 56.80 13.88
C LEU L 60 36.18 58.25 13.83
N ARG L 61 35.48 59.09 14.60
CA ARG L 61 35.79 60.51 14.70
C ARG L 61 35.89 60.86 16.18
N ILE L 62 37.10 60.78 16.72
CA ILE L 62 37.33 61.03 18.13
C ILE L 62 37.37 62.53 18.39
N HIS L 63 37.05 62.94 19.63
CA HIS L 63 37.07 64.34 20.02
C HIS L 63 37.64 64.42 21.43
N ALA L 64 38.79 65.06 21.58
CA ALA L 64 39.44 65.21 22.87
C ALA L 64 39.99 66.64 22.98
N SER L 65 40.82 66.87 23.98
CA SER L 65 41.47 68.16 24.17
C SER L 65 42.75 68.21 23.35
N ALA L 66 43.58 69.22 23.60
CA ALA L 66 44.87 69.32 22.90
C ALA L 66 45.83 68.23 23.38
N ASP L 67 46.06 68.17 24.69
CA ASP L 67 46.88 67.11 25.27
C ASP L 67 46.11 65.81 25.46
N ASP L 68 44.76 65.87 25.44
CA ASP L 68 43.96 64.64 25.53
C ASP L 68 44.04 63.82 24.25
N LEU L 69 44.34 64.44 23.12
CA LEU L 69 44.61 63.73 21.88
C LEU L 69 46.07 63.74 21.46
N ARG L 70 46.87 64.66 22.01
CA ARG L 70 48.28 64.74 21.66
C ARG L 70 49.15 63.72 22.39
N ALA L 71 48.62 63.03 23.39
CA ALA L 71 49.36 62.02 24.13
C ALA L 71 48.83 60.61 23.92
N LEU L 72 47.79 60.45 23.10
CA LEU L 72 47.23 59.14 22.81
C LEU L 72 47.62 58.61 21.44
N LEU L 73 48.36 59.40 20.66
CA LEU L 73 48.80 58.94 19.34
C LEU L 73 49.96 57.97 19.43
N ALA L 74 50.85 58.14 20.42
CA ALA L 74 52.00 57.26 20.61
C ALA L 74 51.72 56.13 21.58
N ARG L 75 50.49 55.63 21.63
CA ARG L 75 50.11 54.63 22.61
C ARG L 75 50.65 53.26 22.20
N PRO L 76 51.50 52.64 23.01
CA PRO L 76 51.87 51.24 22.74
C PRO L 76 50.74 50.27 23.01
N TRP L 77 49.75 50.66 23.83
CA TRP L 77 48.50 49.91 23.95
C TRP L 77 47.58 50.13 22.78
N LEU L 78 47.84 51.14 21.95
CA LEU L 78 47.13 51.34 20.69
C LEU L 78 47.77 50.62 19.52
N GLU L 79 48.79 49.80 19.78
CA GLU L 79 49.39 48.97 18.74
C GLU L 79 48.51 47.77 18.45
N GLY L 80 48.89 47.03 17.43
CA GLY L 80 48.08 45.91 16.96
C GLY L 80 47.02 46.33 15.96
N LEU L 81 46.22 47.32 16.33
CA LEU L 81 45.27 47.92 15.38
C LEU L 81 45.97 48.78 14.34
N ARG L 82 47.23 49.15 14.57
CA ARG L 82 48.00 49.83 13.54
C ARG L 82 48.31 48.89 12.37
N ASP L 83 48.36 47.59 12.62
CA ASP L 83 48.50 46.60 11.56
C ASP L 83 47.16 46.21 10.95
N HIS L 84 46.05 46.51 11.61
CA HIS L 84 44.72 46.15 11.13
C HIS L 84 43.96 47.32 10.52
N LEU L 85 43.97 48.48 11.18
CA LEU L 85 43.26 49.67 10.70
C LEU L 85 44.29 50.76 10.39
N GLN L 86 43.78 51.96 10.08
CA GLN L 86 44.62 53.08 9.70
C GLN L 86 44.41 54.24 10.68
N PHE L 87 45.35 55.18 10.67
CA PHE L 87 45.29 56.33 11.56
C PHE L 87 45.36 57.62 10.77
N GLY L 88 45.46 58.75 11.48
CA GLY L 88 45.53 60.05 10.84
C GLY L 88 46.43 61.04 11.56
N GLU L 89 45.92 62.24 11.80
CA GLU L 89 46.67 63.28 12.49
C GLU L 89 45.68 64.27 13.07
N PRO L 90 46.15 65.27 13.81
CA PRO L 90 45.24 66.27 14.38
C PRO L 90 44.84 67.30 13.35
N ALA L 91 43.59 67.78 13.49
CA ALA L 91 43.04 68.75 12.57
C ALA L 91 42.03 69.61 13.31
N VAL L 92 41.77 70.80 12.77
CA VAL L 92 40.91 71.78 13.43
C VAL L 92 39.45 71.37 13.28
N VAL L 93 38.61 72.00 14.08
CA VAL L 93 37.16 71.76 14.07
C VAL L 93 36.47 73.02 13.59
N PRO L 94 35.34 72.91 12.87
CA PRO L 94 34.65 74.12 12.40
C PRO L 94 33.91 74.79 13.55
N HIS L 95 33.78 76.11 13.45
CA HIS L 95 33.13 76.90 14.49
C HIS L 95 31.63 76.68 14.47
N PRO L 96 31.00 76.62 13.30
CA PRO L 96 29.54 76.38 13.21
C PRO L 96 29.18 74.90 13.14
N THR L 97 29.71 74.11 14.10
CA THR L 97 29.44 72.69 14.16
C THR L 97 28.18 72.44 14.96
N PRO L 98 27.20 71.72 14.42
CA PRO L 98 25.96 71.49 15.15
C PRO L 98 26.11 70.42 16.22
N TYR L 99 25.20 70.44 17.18
CA TYR L 99 25.26 69.55 18.33
C TYR L 99 24.44 68.29 18.02
N ARG L 100 25.09 67.13 18.07
CA ARG L 100 24.46 65.83 17.88
C ARG L 100 24.43 65.08 19.19
N GLN L 101 23.96 63.84 19.14
CA GLN L 101 23.78 63.01 20.33
C GLN L 101 24.36 61.62 20.08
N VAL L 102 25.34 61.25 20.88
CA VAL L 102 25.94 59.91 20.83
C VAL L 102 26.36 59.50 22.24
N SER L 103 25.78 58.42 22.75
CA SER L 103 26.11 57.95 24.09
C SER L 103 25.60 56.51 24.23
N ARG L 104 25.78 55.95 25.42
CA ARG L 104 25.37 54.60 25.73
C ARG L 104 24.15 54.63 26.65
N VAL L 105 23.14 53.83 26.33
CA VAL L 105 21.95 53.72 27.16
C VAL L 105 21.40 52.30 27.04
N GLN L 106 21.30 51.59 28.16
CA GLN L 106 20.87 50.21 28.17
C GLN L 106 19.35 50.12 28.37
N ALA L 107 18.71 49.28 27.58
CA ALA L 107 17.28 49.02 27.68
C ALA L 107 17.06 47.64 28.28
N LYS L 108 15.88 47.45 28.88
CA LYS L 108 15.51 46.21 29.54
C LYS L 108 14.40 45.57 28.72
N SER L 109 14.79 44.72 27.77
CA SER L 109 13.88 44.03 26.88
C SER L 109 13.76 42.55 27.21
N ASN L 110 13.79 42.22 28.51
CA ASN L 110 13.69 40.85 28.95
C ASN L 110 13.09 40.78 30.36
N PRO L 111 11.95 40.11 30.54
CA PRO L 111 11.39 39.93 31.88
C PRO L 111 11.83 38.65 32.58
N GLU L 112 12.82 37.94 32.05
CA GLU L 112 13.29 36.71 32.68
C GLU L 112 14.29 36.98 33.79
N ARG L 113 15.10 38.04 33.67
CA ARG L 113 16.01 38.40 34.75
C ARG L 113 15.25 39.02 35.92
N LEU L 114 14.32 39.94 35.63
CA LEU L 114 13.43 40.47 36.66
C LEU L 114 12.40 39.45 37.10
N ARG L 115 12.22 38.37 36.35
CA ARG L 115 11.47 37.22 36.83
C ARG L 115 12.32 36.31 37.70
N ARG L 116 13.64 36.38 37.58
CA ARG L 116 14.53 35.65 38.48
C ARG L 116 14.66 36.36 39.81
N ARG L 117 14.95 37.67 39.78
CA ARG L 117 14.96 38.46 41.01
C ARG L 117 13.56 38.64 41.58
N LEU L 118 12.55 38.64 40.71
CA LEU L 118 11.15 38.67 41.16
C LEU L 118 10.67 37.32 41.64
N MET L 119 11.34 36.23 41.25
CA MET L 119 11.09 34.93 41.84
C MET L 119 11.83 34.75 43.15
N ARG L 120 12.94 35.47 43.35
CA ARG L 120 13.68 35.41 44.60
C ARG L 120 13.23 36.46 45.61
N ARG L 121 12.44 37.44 45.20
CA ARG L 121 11.96 38.50 46.09
C ARG L 121 10.44 38.52 46.21
N HIS L 122 9.72 38.45 45.09
CA HIS L 122 8.26 38.48 45.13
C HIS L 122 7.65 37.12 45.40
N ASP L 123 8.40 36.03 45.17
CA ASP L 123 7.92 34.67 45.35
C ASP L 123 6.77 34.35 44.37
N LEU L 124 7.08 34.46 43.09
CA LEU L 124 6.12 34.20 42.04
C LEU L 124 6.10 32.71 41.68
N SER L 125 4.97 32.27 41.13
CA SER L 125 4.77 30.89 40.71
C SER L 125 5.05 30.77 39.21
N GLU L 126 4.68 29.63 38.64
CA GLU L 126 4.79 29.47 37.20
C GLU L 126 3.71 30.26 36.46
N GLU L 127 2.45 30.05 36.83
CA GLU L 127 1.36 30.77 36.19
C GLU L 127 1.14 32.16 36.80
N GLU L 128 1.51 32.35 38.06
CA GLU L 128 1.32 33.65 38.71
C GLU L 128 2.47 34.60 38.41
N ALA L 129 3.69 34.07 38.34
CA ALA L 129 4.82 34.88 37.89
C ALA L 129 4.87 34.99 36.37
N ARG L 130 4.43 33.96 35.66
CA ARG L 130 4.38 34.03 34.21
C ARG L 130 3.19 34.87 33.72
N LYS L 131 2.12 34.94 34.51
CA LYS L 131 0.98 35.77 34.17
C LYS L 131 1.05 37.16 34.77
N ARG L 132 1.83 37.35 35.85
CA ARG L 132 2.03 38.68 36.41
C ARG L 132 2.92 39.54 35.55
N ILE L 133 3.71 38.94 34.67
CA ILE L 133 4.53 39.65 33.69
C ILE L 133 3.87 39.48 32.33
N PRO L 134 3.39 40.55 31.70
CA PRO L 134 2.76 40.41 30.38
C PRO L 134 3.81 40.24 29.29
N ASP L 135 3.33 39.84 28.11
CA ASP L 135 4.22 39.64 26.97
C ASP L 135 4.64 40.95 26.32
N THR L 136 3.93 42.05 26.58
CA THR L 136 4.23 43.34 25.96
C THR L 136 5.28 44.14 26.73
N VAL L 137 5.76 43.63 27.86
CA VAL L 137 6.77 44.35 28.64
C VAL L 137 8.18 44.21 28.07
N ALA L 138 8.39 43.31 27.11
CA ALA L 138 9.69 43.12 26.49
C ALA L 138 9.67 43.66 25.07
N ARG L 139 10.79 44.20 24.64
CA ARG L 139 10.91 44.75 23.29
C ARG L 139 12.38 44.78 22.91
N ALA L 140 12.66 44.49 21.63
CA ALA L 140 14.02 44.50 21.11
C ALA L 140 14.31 45.86 20.47
N LEU L 141 15.40 46.49 20.90
CA LEU L 141 15.79 47.81 20.41
C LEU L 141 16.65 47.63 19.16
N ASP L 142 16.16 48.12 18.03
CA ASP L 142 16.85 47.98 16.75
C ASP L 142 17.77 49.16 16.46
N LEU L 143 18.64 49.46 17.42
CA LEU L 143 19.65 50.50 17.27
C LEU L 143 20.93 49.86 16.75
N PRO L 144 21.99 50.63 16.53
CA PRO L 144 23.26 50.03 16.11
C PRO L 144 23.93 49.26 17.22
N PHE L 145 23.91 47.93 17.13
CA PHE L 145 24.46 47.06 18.14
C PHE L 145 25.86 46.60 17.76
N VAL L 146 26.56 46.04 18.75
CA VAL L 146 27.91 45.53 18.57
C VAL L 146 27.97 44.13 19.16
N THR L 147 28.38 43.15 18.35
CA THR L 147 28.44 41.76 18.78
C THR L 147 29.67 41.57 19.67
N LEU L 148 29.49 41.89 20.95
CA LEU L 148 30.55 41.74 21.94
C LEU L 148 30.47 40.35 22.58
N ARG L 149 30.85 39.36 21.79
CA ARG L 149 30.79 37.94 22.20
C ARG L 149 31.98 37.68 23.13
N SER L 150 31.83 38.13 24.37
CA SER L 150 32.86 38.01 25.39
C SER L 150 32.64 36.74 26.20
N GLN L 151 33.28 36.65 27.36
CA GLN L 151 33.25 35.46 28.22
C GLN L 151 32.05 35.41 29.15
N SER L 152 30.93 36.06 28.84
CA SER L 152 29.70 35.83 29.58
C SER L 152 28.82 34.80 28.88
N THR L 153 28.67 34.94 27.56
CA THR L 153 27.97 33.96 26.72
C THR L 153 28.82 33.75 25.48
N GLY L 154 28.99 32.48 25.11
CA GLY L 154 29.90 32.14 24.03
C GLY L 154 29.40 32.51 22.66
N GLN L 155 28.08 32.51 22.48
CA GLN L 155 27.51 32.86 21.19
C GLN L 155 27.55 34.37 20.98
N HIS L 156 27.21 34.79 19.76
CA HIS L 156 27.17 36.21 19.44
C HIS L 156 25.99 36.87 20.13
N PHE L 157 26.18 38.11 20.56
CA PHE L 157 25.16 38.89 21.24
C PHE L 157 24.93 40.21 20.50
N ARG L 158 24.13 41.08 21.11
CA ARG L 158 23.82 42.39 20.55
C ARG L 158 24.51 43.47 21.37
N LEU L 159 24.23 44.72 21.02
CA LEU L 159 24.76 45.88 21.73
C LEU L 159 23.64 46.89 21.91
N PHE L 160 23.66 47.59 23.04
CA PHE L 160 22.63 48.57 23.39
C PHE L 160 23.29 49.93 23.61
N ILE L 161 22.73 50.95 22.95
CA ILE L 161 23.22 52.32 23.09
C ILE L 161 22.15 53.25 22.57
N ARG L 162 21.96 54.37 23.25
CA ARG L 162 20.92 55.35 22.91
C ARG L 162 21.58 56.66 22.48
N HIS L 163 21.17 57.16 21.32
CA HIS L 163 21.65 58.42 20.79
C HIS L 163 20.67 59.55 21.09
N GLY L 164 21.12 60.78 20.88
CA GLY L 164 20.31 61.94 21.14
C GLY L 164 19.89 62.65 19.88
N PRO L 165 19.19 63.78 20.02
CA PRO L 165 18.66 64.48 18.86
C PRO L 165 19.72 65.35 18.20
N LEU L 166 19.32 66.01 17.12
CA LEU L 166 20.19 66.91 16.38
C LEU L 166 19.84 68.35 16.72
N GLN L 167 20.86 69.20 16.80
CA GLN L 167 20.68 70.61 17.13
C GLN L 167 21.85 71.40 16.56
N VAL L 168 21.77 72.72 16.71
CA VAL L 168 22.79 73.62 16.20
C VAL L 168 23.59 74.31 17.32
N THR L 169 22.96 74.61 18.45
CA THR L 169 23.65 75.30 19.53
C THR L 169 24.58 74.34 20.26
N ALA L 170 25.54 74.92 20.97
CA ALA L 170 26.57 74.16 21.68
C ALA L 170 26.17 74.00 23.14
N GLU L 171 26.21 72.76 23.63
CA GLU L 171 25.96 72.44 25.03
C GLU L 171 26.96 71.37 25.43
N GLU L 172 28.11 71.80 25.93
CA GLU L 172 29.18 70.88 26.28
C GLU L 172 28.93 70.27 27.66
N GLY L 173 29.63 69.18 27.93
CA GLY L 173 29.49 68.49 29.21
C GLY L 173 30.53 67.41 29.36
N GLY L 174 30.49 66.76 30.53
CA GLY L 174 31.44 65.70 30.81
C GLY L 174 31.04 64.41 30.10
N PHE L 175 32.06 63.71 29.60
CA PHE L 175 31.83 62.47 28.87
C PHE L 175 31.51 61.34 29.83
N THR L 176 30.98 60.25 29.28
CA THR L 176 30.61 59.08 30.05
C THR L 176 31.81 58.16 30.23
N CYS L 177 31.56 56.93 30.70
CA CYS L 177 32.64 55.97 30.91
CA CYS L 177 32.64 55.97 30.91
C CYS L 177 33.18 55.42 29.60
N TYR L 178 32.44 55.54 28.50
CA TYR L 178 32.87 55.06 27.19
C TYR L 178 33.05 56.18 26.18
N GLY L 179 33.16 57.43 26.65
CA GLY L 179 33.32 58.56 25.76
C GLY L 179 32.09 58.89 24.97
N LEU L 180 30.95 59.00 25.66
CA LEU L 180 29.68 59.28 25.00
C LEU L 180 28.99 60.47 25.66
N SER L 181 27.74 60.71 25.30
CA SER L 181 26.94 61.77 25.89
C SER L 181 26.08 61.22 27.01
N LYS L 182 26.02 61.95 28.12
CA LYS L 182 25.14 61.60 29.24
C LYS L 182 24.48 62.84 29.84
N GLY L 183 24.34 63.91 29.08
CA GLY L 183 23.91 65.20 29.60
C GLY L 183 24.70 66.31 28.95
N GLY L 184 25.63 65.94 28.08
CA GLY L 184 26.39 66.90 27.29
C GLY L 184 26.47 66.48 25.83
N PHE L 185 26.23 67.43 24.93
CA PHE L 185 26.18 67.13 23.51
C PHE L 185 27.58 66.98 22.93
N VAL L 186 27.64 66.62 21.65
CA VAL L 186 28.91 66.47 20.93
C VAL L 186 28.70 66.89 19.48
N PRO L 187 29.72 67.42 18.82
CA PRO L 187 29.55 67.80 17.41
C PRO L 187 29.58 66.59 16.50
N TRP L 188 28.91 66.73 15.35
CA TRP L 188 28.78 65.64 14.39
C TRP L 188 28.86 66.23 12.98
N PHE L 189 29.98 65.99 12.30
CA PHE L 189 30.16 66.47 10.94
C PHE L 189 31.02 65.52 10.13
N GLN A 11 -53.34 -2.12 -61.05
CA GLN A 11 -54.63 -2.65 -60.60
C GLN A 11 -54.45 -3.95 -59.84
N GLU A 12 -53.21 -4.38 -59.73
CA GLU A 12 -52.87 -5.67 -59.12
C GLU A 12 -52.79 -5.61 -57.60
N LEU A 13 -53.05 -4.46 -56.99
CA LEU A 13 -52.95 -4.30 -55.55
C LEU A 13 -54.04 -5.06 -54.81
N ARG A 14 -55.16 -5.33 -55.47
CA ARG A 14 -56.18 -6.22 -54.89
C ARG A 14 -55.75 -7.68 -54.88
N GLN A 15 -54.62 -8.02 -55.51
CA GLN A 15 -53.97 -9.30 -55.31
C GLN A 15 -53.20 -9.36 -54.00
N PHE A 16 -53.07 -8.24 -53.28
CA PHE A 16 -52.40 -8.20 -52.00
C PHE A 16 -53.36 -8.12 -50.83
N ILE A 17 -54.41 -7.33 -50.96
CA ILE A 17 -55.38 -7.17 -49.87
C ILE A 17 -56.27 -8.40 -49.76
N GLU A 18 -56.86 -8.82 -50.89
CA GLU A 18 -57.78 -9.94 -50.89
C GLU A 18 -57.06 -11.27 -50.71
N SER A 19 -55.77 -11.34 -51.04
CA SER A 19 -54.96 -12.46 -50.57
C SER A 19 -54.24 -12.10 -49.27
N PHE A 20 -54.96 -11.49 -48.34
CA PHE A 20 -54.45 -11.31 -46.99
C PHE A 20 -55.46 -11.73 -45.93
N ILE A 21 -56.74 -11.42 -46.11
CA ILE A 21 -57.75 -11.68 -45.09
C ILE A 21 -58.06 -13.18 -45.03
N GLN A 22 -57.85 -13.88 -46.15
CA GLN A 22 -57.89 -15.34 -46.13
C GLN A 22 -56.82 -15.90 -45.22
N GLU A 23 -55.67 -15.24 -45.13
CA GLU A 23 -54.62 -15.61 -44.18
C GLU A 23 -54.85 -14.99 -42.80
N ARG A 24 -55.94 -14.26 -42.60
CA ARG A 24 -56.29 -13.69 -41.31
C ARG A 24 -57.55 -14.31 -40.71
N LEU A 25 -58.57 -14.57 -41.52
CA LEU A 25 -59.73 -15.32 -41.08
C LEU A 25 -59.49 -16.83 -41.03
N GLN A 26 -58.29 -17.27 -41.41
CA GLN A 26 -57.92 -18.67 -41.25
C GLN A 26 -57.79 -19.06 -39.79
N GLY A 27 -57.34 -18.14 -38.94
CA GLY A 27 -57.13 -18.47 -37.54
C GLY A 27 -58.42 -18.69 -36.77
N LYS A 28 -59.42 -17.84 -37.01
CA LYS A 28 -60.70 -18.00 -36.32
C LYS A 28 -61.50 -19.15 -36.92
N LEU A 29 -61.46 -19.31 -38.23
CA LEU A 29 -62.23 -20.34 -38.93
C LEU A 29 -61.38 -21.57 -39.23
N ASP A 30 -60.48 -21.93 -38.31
CA ASP A 30 -59.62 -23.08 -38.48
C ASP A 30 -60.37 -24.37 -38.11
N LYS A 31 -59.63 -25.46 -38.00
CA LYS A 31 -60.20 -26.74 -37.59
C LYS A 31 -60.26 -26.84 -36.07
N LEU A 32 -61.21 -27.64 -35.59
CA LEU A 32 -61.45 -27.92 -34.17
C LEU A 32 -61.74 -26.64 -33.37
N GLN A 33 -62.41 -25.69 -34.00
CA GLN A 33 -62.83 -24.46 -33.33
C GLN A 33 -64.21 -24.65 -32.73
N PRO A 34 -64.79 -23.61 -32.10
CA PRO A 34 -66.12 -23.76 -31.51
C PRO A 34 -67.24 -23.78 -32.53
N ASP A 35 -68.49 -23.78 -32.04
CA ASP A 35 -69.66 -23.86 -32.91
C ASP A 35 -69.93 -22.49 -33.53
N GLU A 36 -71.09 -22.35 -34.18
CA GLU A 36 -71.44 -21.13 -34.91
C GLU A 36 -71.84 -20.05 -33.91
N ASP A 37 -70.81 -19.43 -33.32
CA ASP A 37 -71.01 -18.29 -32.43
C ASP A 37 -70.98 -16.97 -33.20
N ASP A 38 -70.07 -16.85 -34.17
CA ASP A 38 -70.05 -15.69 -35.06
C ASP A 38 -70.90 -16.02 -36.29
N LYS A 39 -72.21 -15.81 -36.12
CA LYS A 39 -73.18 -16.21 -37.14
C LYS A 39 -73.16 -15.31 -38.38
N ARG A 40 -72.51 -14.15 -38.31
CA ARG A 40 -72.41 -13.25 -39.46
C ARG A 40 -71.17 -13.53 -40.29
N GLN A 41 -71.00 -14.80 -40.70
CA GLN A 41 -69.86 -15.17 -41.52
C GLN A 41 -70.01 -14.65 -42.95
N THR A 42 -71.25 -14.56 -43.44
CA THR A 42 -71.48 -13.92 -44.73
C THR A 42 -71.22 -12.43 -44.65
N LEU A 43 -71.56 -11.81 -43.51
CA LEU A 43 -71.15 -10.44 -43.26
C LEU A 43 -69.67 -10.34 -42.91
N LEU A 44 -69.04 -11.44 -42.50
CA LEU A 44 -67.60 -11.43 -42.31
C LEU A 44 -66.87 -11.49 -43.65
N ALA A 45 -67.49 -12.08 -44.67
CA ALA A 45 -66.91 -12.13 -46.00
C ALA A 45 -67.20 -10.87 -46.80
N THR A 46 -68.46 -10.43 -46.80
CA THR A 46 -68.81 -9.17 -47.47
C THR A 46 -68.21 -7.98 -46.75
N HIS A 47 -68.05 -8.07 -45.43
CA HIS A 47 -67.30 -7.05 -44.70
C HIS A 47 -65.81 -7.20 -44.94
N ARG A 48 -65.34 -8.44 -45.08
CA ARG A 48 -63.93 -8.70 -45.30
C ARG A 48 -63.47 -8.37 -46.71
N ARG A 49 -64.39 -8.06 -47.63
CA ARG A 49 -64.00 -7.64 -48.97
C ARG A 49 -63.63 -6.16 -49.02
N GLU A 50 -64.55 -5.29 -48.59
CA GLU A 50 -64.34 -3.86 -48.69
C GLU A 50 -64.50 -3.14 -47.35
N ALA A 51 -65.43 -3.61 -46.51
CA ALA A 51 -65.71 -2.94 -45.25
C ALA A 51 -64.65 -3.20 -44.18
N TRP A 52 -63.71 -4.11 -44.43
CA TRP A 52 -62.54 -4.22 -43.57
C TRP A 52 -61.69 -2.96 -43.65
N LEU A 53 -61.56 -2.39 -44.85
CA LEU A 53 -60.89 -1.11 -45.01
C LEU A 53 -61.75 0.05 -44.53
N ALA A 54 -63.08 -0.13 -44.48
CA ALA A 54 -63.92 0.87 -43.85
C ALA A 54 -63.90 0.78 -42.34
N ASP A 55 -63.42 -0.34 -41.80
CA ASP A 55 -63.15 -0.45 -40.36
C ASP A 55 -61.76 0.08 -40.02
N ALA A 56 -60.80 -0.14 -40.90
CA ALA A 56 -59.43 0.30 -40.64
C ALA A 56 -59.31 1.82 -40.75
N ALA A 57 -60.06 2.43 -41.66
CA ALA A 57 -59.96 3.87 -41.87
C ALA A 57 -60.60 4.67 -40.74
N ARG A 58 -61.53 4.08 -40.00
CA ARG A 58 -62.19 4.80 -38.92
C ARG A 58 -61.43 4.71 -37.60
N ARG A 59 -60.65 3.65 -37.40
CA ARG A 59 -59.89 3.46 -36.18
C ARG A 59 -58.39 3.54 -36.41
N VAL A 60 -57.98 4.28 -37.44
CA VAL A 60 -56.56 4.52 -37.64
C VAL A 60 -56.07 5.69 -36.79
N GLY A 61 -56.98 6.53 -36.30
CA GLY A 61 -56.64 7.58 -35.38
C GLY A 61 -56.46 7.16 -33.94
N GLN A 62 -56.65 5.87 -33.65
CA GLN A 62 -56.35 5.36 -32.32
C GLN A 62 -54.84 5.30 -32.08
N LEU A 63 -54.07 5.06 -33.12
CA LEU A 63 -52.63 4.96 -33.02
C LEU A 63 -51.97 6.29 -33.40
N GLN A 64 -50.64 6.29 -33.39
CA GLN A 64 -49.85 7.39 -33.91
C GLN A 64 -48.46 6.84 -34.21
N LEU A 65 -48.03 6.97 -35.46
CA LEU A 65 -46.71 6.50 -35.87
C LEU A 65 -45.73 7.65 -35.76
N VAL A 66 -44.83 7.57 -34.77
CA VAL A 66 -43.86 8.63 -34.52
C VAL A 66 -42.51 8.06 -34.16
N THR A 67 -41.50 8.90 -34.34
CA THR A 67 -40.29 8.91 -33.54
C THR A 67 -40.37 10.11 -32.60
N HIS A 68 -39.41 10.19 -31.67
CA HIS A 68 -39.28 11.25 -30.67
C HIS A 68 -40.51 11.31 -29.75
N THR A 69 -40.68 10.24 -28.97
CA THR A 69 -41.74 10.21 -27.96
C THR A 69 -41.46 11.21 -26.83
N LEU A 70 -42.55 11.81 -26.33
CA LEU A 70 -42.49 12.72 -25.19
C LEU A 70 -42.58 11.97 -23.87
N LYS A 71 -43.22 10.81 -23.88
CA LYS A 71 -43.61 10.14 -22.64
C LYS A 71 -42.48 9.59 -21.76
N PRO A 72 -41.30 9.16 -22.25
CA PRO A 72 -40.23 8.81 -21.31
C PRO A 72 -39.67 9.96 -20.48
N ILE A 73 -40.01 11.21 -20.77
CA ILE A 73 -39.59 12.30 -19.90
C ILE A 73 -40.36 12.23 -18.59
N HIS A 74 -41.68 12.10 -18.66
CA HIS A 74 -42.49 11.86 -17.50
C HIS A 74 -43.75 11.17 -17.99
N PRO A 75 -44.23 10.13 -17.29
CA PRO A 75 -45.36 9.35 -17.80
C PRO A 75 -46.69 10.09 -17.80
N ASP A 76 -46.85 11.11 -16.96
CA ASP A 76 -48.10 11.86 -16.93
C ASP A 76 -48.18 12.93 -18.01
N ALA A 77 -47.11 13.13 -18.78
CA ALA A 77 -47.10 14.15 -19.81
C ALA A 77 -48.00 13.77 -20.97
N ARG A 78 -48.50 14.78 -21.67
CA ARG A 78 -49.40 14.57 -22.80
C ARG A 78 -49.27 15.76 -23.75
N GLY A 79 -48.58 15.55 -24.87
CA GLY A 79 -48.37 16.63 -25.81
C GLY A 79 -48.09 16.16 -27.22
N SER A 80 -47.24 16.88 -27.93
CA SER A 80 -46.93 16.54 -29.31
C SER A 80 -45.89 15.42 -29.35
N ASN A 81 -46.03 14.54 -30.34
CA ASN A 81 -45.16 13.38 -30.47
C ASN A 81 -44.25 13.42 -31.69
N LEU A 82 -44.65 14.11 -32.76
CA LEU A 82 -43.73 14.67 -33.77
C LEU A 82 -42.91 13.61 -34.51
N HIS A 83 -43.61 12.85 -35.36
CA HIS A 83 -42.91 12.06 -36.37
C HIS A 83 -42.15 12.98 -37.32
N SER A 84 -40.83 12.96 -37.28
CA SER A 84 -40.06 13.90 -38.06
C SER A 84 -38.67 13.33 -38.35
N LEU A 85 -37.96 14.02 -39.25
CA LEU A 85 -36.60 13.69 -39.61
C LEU A 85 -35.82 15.00 -39.66
N PRO A 86 -34.70 15.10 -38.95
CA PRO A 86 -33.96 16.37 -38.94
C PRO A 86 -33.25 16.62 -40.26
N GLN A 87 -33.22 17.89 -40.65
CA GLN A 87 -32.36 18.29 -41.76
C GLN A 87 -30.90 18.15 -41.34
N ALA A 88 -30.10 17.55 -42.21
CA ALA A 88 -28.72 17.22 -41.85
C ALA A 88 -27.89 18.48 -41.75
N PRO A 89 -27.19 18.70 -40.64
CA PRO A 89 -26.37 19.90 -40.51
C PRO A 89 -25.07 19.79 -41.30
N GLY A 90 -24.65 20.93 -41.84
CA GLY A 90 -23.40 20.99 -42.57
C GLY A 90 -22.23 21.21 -41.63
N GLN A 91 -21.89 20.20 -40.86
CA GLN A 91 -20.87 20.30 -39.83
C GLN A 91 -19.90 19.13 -39.95
N PRO A 92 -18.65 19.29 -39.48
CA PRO A 92 -17.71 18.17 -39.50
C PRO A 92 -18.08 16.95 -38.67
N GLY A 93 -18.34 17.12 -37.37
CA GLY A 93 -18.42 15.97 -36.49
C GLY A 93 -19.62 15.84 -35.59
N LEU A 94 -20.70 16.57 -35.86
CA LEU A 94 -21.89 16.47 -35.02
C LEU A 94 -22.74 15.29 -35.48
N ALA A 95 -23.00 14.37 -34.56
CA ALA A 95 -23.75 13.15 -34.85
C ALA A 95 -25.10 13.18 -34.15
N GLY A 96 -26.12 12.69 -34.83
CA GLY A 96 -27.46 12.66 -34.28
C GLY A 96 -28.31 11.67 -35.05
N SER A 97 -29.62 11.95 -35.11
CA SER A 97 -30.52 11.11 -35.89
C SER A 97 -30.64 11.56 -37.33
N HIS A 98 -29.90 12.57 -37.75
CA HIS A 98 -29.85 12.90 -39.17
C HIS A 98 -29.05 11.88 -39.95
N GLU A 99 -28.09 11.23 -39.29
CA GLU A 99 -27.31 10.18 -39.91
C GLU A 99 -28.11 8.91 -40.12
N LEU A 100 -29.22 8.76 -39.41
CA LEU A 100 -30.04 7.54 -39.40
C LEU A 100 -30.59 7.24 -40.78
N GLY A 101 -31.47 8.11 -41.29
CA GLY A 101 -31.97 7.98 -42.65
C GLY A 101 -32.81 6.74 -42.90
N ASP A 102 -32.25 5.79 -43.64
CA ASP A 102 -32.92 4.50 -43.83
C ASP A 102 -32.78 3.65 -42.58
N ARG A 103 -33.36 2.44 -42.66
CA ARG A 103 -33.53 1.51 -41.53
C ARG A 103 -34.24 2.20 -40.38
N LEU A 104 -35.23 3.02 -40.71
CA LEU A 104 -35.94 3.84 -39.74
C LEU A 104 -36.92 2.95 -38.98
N VAL A 105 -36.49 2.47 -37.82
CA VAL A 105 -37.40 1.76 -36.93
C VAL A 105 -38.34 2.79 -36.32
N SER A 106 -39.58 2.82 -36.79
CA SER A 106 -40.55 3.80 -36.35
C SER A 106 -41.41 3.22 -35.23
N ASP A 107 -41.78 4.09 -34.30
CA ASP A 107 -42.46 3.69 -33.08
C ASP A 107 -43.96 3.88 -33.22
N VAL A 108 -44.72 2.91 -32.74
CA VAL A 108 -46.17 2.97 -32.75
C VAL A 108 -46.64 3.26 -31.32
N VAL A 109 -47.30 4.40 -31.14
CA VAL A 109 -47.75 4.83 -29.82
C VAL A 109 -49.26 4.99 -29.85
N GLY A 110 -49.94 4.31 -28.95
CA GLY A 110 -51.37 4.44 -28.82
C GLY A 110 -51.99 3.15 -28.35
N ASN A 111 -53.32 3.09 -28.46
CA ASN A 111 -54.06 1.88 -28.12
C ASN A 111 -53.75 0.78 -29.14
N ALA A 112 -53.10 -0.30 -28.69
CA ALA A 112 -52.53 -1.30 -29.58
C ALA A 112 -53.56 -2.13 -30.33
N ALA A 113 -54.86 -1.97 -30.02
CA ALA A 113 -55.92 -2.77 -30.63
C ALA A 113 -56.04 -2.55 -32.14
N ALA A 114 -55.56 -1.43 -32.66
CA ALA A 114 -55.58 -1.16 -34.08
C ALA A 114 -54.25 -1.52 -34.76
N LEU A 115 -53.43 -2.38 -34.13
CA LEU A 115 -52.14 -2.76 -34.71
C LEU A 115 -52.29 -3.47 -36.05
N ASP A 116 -53.39 -4.23 -36.22
CA ASP A 116 -53.70 -4.87 -37.49
C ASP A 116 -53.87 -3.88 -38.63
N VAL A 117 -54.25 -2.64 -38.31
CA VAL A 117 -54.25 -1.59 -39.33
C VAL A 117 -52.82 -1.30 -39.78
N PHE A 118 -51.92 -1.05 -38.83
CA PHE A 118 -50.61 -0.52 -39.17
C PHE A 118 -49.74 -1.55 -39.88
N LYS A 119 -49.82 -2.82 -39.45
CA LYS A 119 -49.11 -3.87 -40.15
C LYS A 119 -49.65 -4.05 -41.57
N PHE A 120 -50.93 -3.72 -41.78
CA PHE A 120 -51.48 -3.63 -43.12
C PHE A 120 -50.69 -2.63 -43.96
N LEU A 121 -50.42 -1.45 -43.40
CA LEU A 121 -49.59 -0.48 -44.09
C LEU A 121 -48.13 -0.90 -44.11
N SER A 122 -47.73 -1.84 -43.24
CA SER A 122 -46.41 -2.44 -43.37
C SER A 122 -46.31 -3.27 -44.62
N LEU A 123 -47.42 -3.86 -45.06
CA LEU A 123 -47.47 -4.50 -46.38
C LEU A 123 -47.28 -3.47 -47.49
N GLN A 124 -47.65 -2.21 -47.22
CA GLN A 124 -47.31 -1.12 -48.12
C GLN A 124 -45.81 -0.84 -48.12
N TYR A 125 -45.15 -1.06 -46.97
CA TYR A 125 -43.73 -0.75 -46.84
C TYR A 125 -42.83 -1.68 -47.63
N GLN A 126 -43.33 -2.82 -48.08
CA GLN A 126 -42.58 -3.73 -48.93
C GLN A 126 -42.51 -3.15 -50.33
N GLY A 127 -41.40 -2.50 -50.65
CA GLY A 127 -41.24 -1.87 -51.95
C GLY A 127 -41.53 -0.39 -51.93
N LYS A 128 -40.67 0.40 -52.58
CA LYS A 128 -40.80 1.85 -52.59
C LYS A 128 -41.92 2.36 -53.50
N ASN A 129 -42.46 1.50 -54.37
CA ASN A 129 -43.53 1.94 -55.25
C ASN A 129 -44.84 2.15 -54.49
N LEU A 130 -45.03 1.44 -53.38
CA LEU A 130 -46.25 1.58 -52.60
C LEU A 130 -46.14 2.66 -51.52
N LEU A 131 -44.93 2.93 -51.02
CA LEU A 131 -44.74 4.17 -50.28
C LEU A 131 -44.88 5.37 -51.21
N ASN A 132 -44.48 5.21 -52.47
CA ASN A 132 -44.84 6.17 -53.50
C ASN A 132 -46.34 6.17 -53.79
N TRP A 133 -47.04 5.08 -53.47
CA TRP A 133 -48.50 5.10 -53.50
C TRP A 133 -49.09 5.74 -52.25
N LEU A 134 -48.29 5.93 -51.19
CA LEU A 134 -48.65 6.92 -50.18
C LEU A 134 -48.29 8.32 -50.64
N THR A 135 -47.42 8.45 -51.64
CA THR A 135 -47.11 9.75 -52.24
C THR A 135 -48.01 10.09 -53.42
N GLU A 136 -48.24 9.15 -54.34
CA GLU A 136 -49.07 9.41 -55.51
C GLU A 136 -50.55 9.47 -55.14
N ASP A 137 -51.36 10.04 -56.03
CA ASP A 137 -52.75 10.34 -55.73
C ASP A 137 -53.74 9.56 -56.59
N SER A 138 -53.66 9.66 -57.92
CA SER A 138 -54.75 9.18 -58.76
C SER A 138 -54.66 7.67 -59.01
N ALA A 139 -53.57 7.22 -59.63
CA ALA A 139 -53.43 5.80 -59.97
C ALA A 139 -53.15 4.93 -58.75
N GLU A 140 -52.75 5.54 -57.64
CA GLU A 140 -52.52 4.78 -56.42
C GLU A 140 -53.85 4.37 -55.77
N ALA A 141 -54.74 5.34 -55.58
CA ALA A 141 -56.06 5.03 -55.01
C ALA A 141 -56.93 4.31 -56.01
N LEU A 142 -56.83 4.66 -57.30
CA LEU A 142 -57.62 4.00 -58.34
C LEU A 142 -57.16 2.57 -58.56
N GLN A 143 -55.86 2.33 -58.45
CA GLN A 143 -55.35 0.97 -58.44
C GLN A 143 -55.52 0.28 -57.09
N ALA A 144 -55.90 1.03 -56.05
CA ALA A 144 -55.99 0.49 -54.70
C ALA A 144 -57.38 -0.02 -54.36
N LEU A 145 -58.42 0.74 -54.66
CA LEU A 145 -59.78 0.34 -54.33
C LEU A 145 -60.57 -0.16 -55.54
N SER A 146 -59.95 -0.15 -56.74
CA SER A 146 -60.61 -0.39 -58.03
C SER A 146 -61.80 0.54 -58.24
N ASP A 147 -61.68 1.77 -57.72
CA ASP A 147 -62.70 2.79 -57.81
C ASP A 147 -62.06 4.12 -57.45
N ASN A 148 -62.29 5.14 -58.27
CA ASN A 148 -61.77 6.47 -58.04
C ASN A 148 -62.82 7.39 -57.42
N ALA A 149 -63.70 6.83 -56.58
CA ALA A 149 -64.75 7.61 -55.93
C ALA A 149 -64.19 8.25 -54.66
N GLU A 150 -65.09 8.79 -53.82
CA GLU A 150 -64.69 9.40 -52.57
C GLU A 150 -64.32 8.38 -51.50
N GLN A 151 -64.53 7.08 -51.77
CA GLN A 151 -64.18 6.04 -50.81
C GLN A 151 -62.68 5.92 -50.66
N ALA A 152 -61.96 5.78 -51.80
CA ALA A 152 -60.51 5.65 -51.75
C ALA A 152 -59.82 6.97 -51.41
N ARG A 153 -60.43 8.10 -51.77
CA ARG A 153 -59.85 9.39 -51.42
C ARG A 153 -60.05 9.70 -49.93
N GLU A 154 -61.20 9.29 -49.37
CA GLU A 154 -61.39 9.37 -47.93
C GLU A 154 -60.46 8.41 -47.20
N TRP A 155 -60.15 7.26 -47.81
CA TRP A 155 -59.12 6.38 -47.27
C TRP A 155 -57.76 7.04 -47.31
N ARG A 156 -57.49 7.82 -48.36
CA ARG A 156 -56.23 8.56 -48.44
C ARG A 156 -56.16 9.62 -47.35
N GLN A 157 -57.27 10.30 -47.08
CA GLN A 157 -57.31 11.26 -45.99
C GLN A 157 -57.22 10.59 -44.63
N ALA A 158 -57.57 9.29 -44.54
CA ALA A 158 -57.44 8.59 -43.28
C ALA A 158 -56.08 7.91 -43.11
N PHE A 159 -55.51 7.37 -44.18
CA PHE A 159 -54.32 6.53 -44.07
C PHE A 159 -53.02 7.31 -44.05
N ILE A 160 -53.08 8.63 -43.91
CA ILE A 160 -51.89 9.42 -43.60
C ILE A 160 -51.98 10.11 -42.24
N GLY A 161 -53.12 10.01 -41.56
CA GLY A 161 -53.32 10.57 -40.23
C GLY A 161 -52.75 9.77 -39.09
N ILE A 162 -52.11 8.63 -39.40
CA ILE A 162 -51.43 7.87 -38.37
C ILE A 162 -49.97 8.28 -38.26
N THR A 163 -49.39 8.81 -39.34
CA THR A 163 -48.00 9.20 -39.38
C THR A 163 -47.79 10.68 -39.12
N THR A 164 -48.85 11.44 -38.92
CA THR A 164 -48.74 12.88 -38.74
C THR A 164 -49.32 13.30 -37.40
N VAL A 165 -48.93 14.50 -36.98
CA VAL A 165 -49.44 15.10 -35.75
C VAL A 165 -50.92 15.45 -35.93
N LYS A 166 -51.64 15.51 -34.82
CA LYS A 166 -53.07 15.82 -34.83
C LYS A 166 -53.28 17.32 -35.04
N GLY A 167 -54.51 17.79 -34.79
CA GLY A 167 -54.96 19.08 -35.28
C GLY A 167 -54.29 20.31 -34.68
N ALA A 168 -53.60 20.17 -33.55
CA ALA A 168 -52.96 21.33 -32.94
C ALA A 168 -51.73 20.89 -32.16
N PRO A 169 -50.68 21.71 -32.11
CA PRO A 169 -49.53 21.41 -31.26
C PRO A 169 -49.87 21.57 -29.79
N ALA A 170 -49.00 21.04 -28.94
CA ALA A 170 -49.20 21.09 -27.50
C ALA A 170 -47.86 20.89 -26.80
N SER A 171 -47.81 21.29 -25.53
CA SER A 171 -46.62 21.10 -24.71
C SER A 171 -47.04 21.15 -23.25
N HIS A 172 -46.40 20.32 -22.43
CA HIS A 172 -46.83 20.10 -21.06
C HIS A 172 -45.82 20.71 -20.08
N SER A 173 -46.25 20.85 -18.82
CA SER A 173 -45.41 21.38 -17.76
C SER A 173 -44.18 20.53 -17.50
N LEU A 174 -44.30 19.22 -17.67
CA LEU A 174 -43.23 18.28 -17.37
C LEU A 174 -42.48 17.86 -18.63
N ALA A 175 -42.31 18.79 -19.58
CA ALA A 175 -41.72 18.47 -20.87
C ALA A 175 -40.37 19.14 -21.08
N LYS A 176 -39.81 19.77 -20.04
CA LYS A 176 -38.42 20.25 -19.99
C LYS A 176 -38.13 21.32 -21.03
N GLN A 177 -38.96 22.36 -21.08
CA GLN A 177 -38.69 23.48 -21.98
C GLN A 177 -37.53 24.31 -21.46
N LEU A 178 -36.58 24.62 -22.33
CA LEU A 178 -35.36 25.32 -21.94
C LEU A 178 -35.19 26.60 -22.74
N TYR A 179 -34.60 27.60 -22.10
CA TYR A 179 -34.18 28.83 -22.76
C TYR A 179 -32.91 28.58 -23.55
N PHE A 180 -32.60 29.52 -24.44
CA PHE A 180 -31.36 29.47 -25.19
C PHE A 180 -30.97 30.88 -25.60
N PRO A 181 -29.86 31.40 -25.11
CA PRO A 181 -29.51 32.80 -25.38
C PRO A 181 -28.90 32.99 -26.76
N LEU A 182 -29.23 34.12 -27.37
CA LEU A 182 -28.61 34.59 -28.59
C LEU A 182 -27.92 35.91 -28.29
N PRO A 183 -26.94 36.32 -29.12
CA PRO A 183 -26.35 37.65 -28.92
C PRO A 183 -27.33 38.75 -29.32
N GLY A 184 -27.90 39.41 -28.32
CA GLY A 184 -28.76 40.55 -28.55
C GLY A 184 -30.18 40.25 -29.00
N SER A 185 -30.34 39.35 -29.98
CA SER A 185 -31.61 39.17 -30.66
C SER A 185 -32.67 38.43 -29.84
N GLY A 186 -32.31 37.90 -28.67
CA GLY A 186 -33.33 37.34 -27.79
C GLY A 186 -33.13 35.88 -27.44
N TYR A 187 -34.23 35.22 -27.07
CA TYR A 187 -34.22 33.85 -26.59
C TYR A 187 -35.04 32.96 -27.52
N HIS A 188 -34.98 31.65 -27.26
CA HIS A 188 -35.86 30.68 -27.88
C HIS A 188 -36.14 29.59 -26.87
N LEU A 189 -37.42 29.32 -26.61
CA LEU A 189 -37.74 28.14 -25.83
C LEU A 189 -37.50 26.89 -26.66
N LEU A 190 -37.04 25.85 -25.98
CA LEU A 190 -36.64 24.61 -26.65
C LEU A 190 -37.16 23.45 -25.82
N ALA A 191 -38.04 22.64 -26.39
CA ALA A 191 -38.56 21.47 -25.70
C ALA A 191 -37.99 20.21 -26.34
N PRO A 192 -37.01 19.57 -25.71
CA PRO A 192 -36.44 18.35 -26.31
C PRO A 192 -37.39 17.17 -26.20
N LEU A 193 -37.13 16.18 -27.04
CA LEU A 193 -37.89 14.95 -27.08
C LEU A 193 -36.92 13.78 -26.97
N PHE A 194 -37.47 12.58 -26.71
CA PHE A 194 -36.63 11.42 -26.48
C PHE A 194 -36.47 10.63 -27.79
N PRO A 195 -35.27 10.55 -28.34
CA PRO A 195 -35.10 9.93 -29.66
C PRO A 195 -35.22 8.42 -29.67
N THR A 196 -36.46 7.94 -29.83
CA THR A 196 -36.76 6.50 -29.73
C THR A 196 -36.05 5.69 -30.80
N SER A 197 -36.05 6.17 -32.04
CA SER A 197 -35.45 5.42 -33.13
C SER A 197 -33.94 5.36 -32.99
N LEU A 198 -33.32 6.43 -32.51
CA LEU A 198 -31.88 6.45 -32.31
C LEU A 198 -31.46 5.51 -31.19
N VAL A 199 -32.16 5.55 -30.06
CA VAL A 199 -31.76 4.68 -28.96
C VAL A 199 -32.13 3.23 -29.22
N HIS A 200 -33.09 2.98 -30.13
CA HIS A 200 -33.35 1.60 -30.51
C HIS A 200 -32.30 1.08 -31.48
N HIS A 201 -31.84 1.93 -32.39
CA HIS A 201 -30.77 1.54 -33.31
C HIS A 201 -29.47 1.27 -32.56
N VAL A 202 -29.08 2.20 -31.69
CA VAL A 202 -27.87 2.04 -30.90
C VAL A 202 -28.03 0.88 -29.91
N HIS A 203 -29.24 0.67 -29.41
CA HIS A 203 -29.51 -0.48 -28.53
C HIS A 203 -29.31 -1.80 -29.26
N ALA A 204 -29.72 -1.87 -30.54
CA ALA A 204 -29.45 -3.06 -31.33
C ALA A 204 -27.97 -3.23 -31.63
N LEU A 205 -27.23 -2.12 -31.80
CA LEU A 205 -25.80 -2.22 -32.02
C LEU A 205 -25.08 -2.71 -30.76
N LEU A 206 -25.54 -2.28 -29.58
CA LEU A 206 -24.91 -2.74 -28.35
C LEU A 206 -25.24 -4.21 -28.09
N ARG A 207 -26.47 -4.62 -28.37
CA ARG A 207 -26.80 -6.05 -28.20
C ARG A 207 -26.09 -6.92 -29.23
N GLU A 208 -25.77 -6.38 -30.40
CA GLU A 208 -24.90 -7.11 -31.31
C GLU A 208 -23.47 -7.17 -30.78
N ALA A 209 -23.02 -6.13 -30.08
CA ALA A 209 -21.66 -6.12 -29.58
C ALA A 209 -21.47 -7.02 -28.36
N ARG A 210 -22.50 -7.19 -27.53
CA ARG A 210 -22.33 -7.97 -26.31
C ARG A 210 -22.31 -9.47 -26.61
N PHE A 211 -23.39 -9.99 -27.15
CA PHE A 211 -23.51 -11.41 -27.47
C PHE A 211 -23.81 -11.55 -28.95
N GLY A 212 -24.07 -12.78 -29.38
CA GLY A 212 -24.34 -13.04 -30.78
C GLY A 212 -23.44 -14.12 -31.34
N ASP A 213 -23.08 -14.00 -32.61
CA ASP A 213 -22.25 -15.01 -33.25
C ASP A 213 -20.77 -14.71 -33.10
N ALA A 214 -20.38 -13.47 -33.39
CA ALA A 214 -18.95 -13.13 -33.43
C ALA A 214 -18.35 -13.01 -32.04
N ALA A 215 -19.16 -12.65 -31.04
CA ALA A 215 -18.63 -12.50 -29.69
C ALA A 215 -18.41 -13.86 -29.03
N LYS A 216 -19.35 -14.78 -29.22
CA LYS A 216 -19.20 -16.12 -28.64
C LYS A 216 -18.07 -16.89 -29.32
N ALA A 217 -17.91 -16.72 -30.63
CA ALA A 217 -16.86 -17.43 -31.33
C ALA A 217 -15.50 -16.77 -31.14
N ALA A 218 -15.47 -15.45 -31.04
CA ALA A 218 -14.20 -14.74 -30.86
C ALA A 218 -13.68 -14.93 -29.44
N ARG A 219 -14.56 -14.78 -28.44
CA ARG A 219 -14.14 -15.02 -27.06
C ARG A 219 -13.96 -16.50 -26.78
N GLU A 220 -14.69 -17.36 -27.51
CA GLU A 220 -14.48 -18.80 -27.40
C GLU A 220 -13.12 -19.19 -27.94
N ALA A 221 -12.67 -18.53 -29.02
CA ALA A 221 -11.31 -18.74 -29.50
C ALA A 221 -10.30 -18.11 -28.55
N ARG A 222 -10.69 -17.04 -27.87
CA ARG A 222 -9.83 -16.41 -26.88
C ARG A 222 -9.60 -17.30 -25.67
N SER A 223 -10.59 -18.12 -25.31
CA SER A 223 -10.38 -19.14 -24.29
C SER A 223 -9.45 -20.23 -24.81
N ARG A 224 -9.55 -20.58 -26.09
CA ARG A 224 -8.70 -21.57 -26.72
C ARG A 224 -7.40 -20.97 -27.27
N GLN A 225 -7.21 -19.66 -27.09
CA GLN A 225 -6.00 -18.91 -27.52
C GLN A 225 -5.72 -19.06 -29.01
N GLU A 226 -6.76 -19.18 -29.81
CA GLU A 226 -6.64 -19.43 -31.23
C GLU A 226 -6.47 -18.11 -32.00
N SER A 227 -6.59 -18.20 -33.31
CA SER A 227 -6.64 -17.03 -34.19
C SER A 227 -8.05 -16.88 -34.77
N TRP A 228 -8.29 -15.73 -35.39
CA TRP A 228 -9.62 -15.35 -35.84
C TRP A 228 -9.48 -14.21 -36.85
N PRO A 229 -10.38 -14.10 -37.84
CA PRO A 229 -10.20 -13.04 -38.85
C PRO A 229 -10.34 -11.62 -38.33
N HIS A 230 -11.35 -11.31 -37.53
CA HIS A 230 -11.57 -9.94 -37.09
C HIS A 230 -11.41 -9.84 -35.57
N GLY A 231 -11.80 -8.71 -35.02
CA GLY A 231 -11.68 -8.47 -33.60
C GLY A 231 -12.97 -8.00 -32.98
N PHE A 232 -13.24 -8.45 -31.76
CA PHE A 232 -14.43 -8.06 -31.02
C PHE A 232 -14.17 -6.77 -30.25
N SER A 233 -15.11 -6.40 -29.39
CA SER A 233 -15.04 -5.12 -28.68
C SER A 233 -15.60 -5.30 -27.27
N GLU A 234 -15.22 -4.39 -26.39
CA GLU A 234 -15.58 -4.48 -24.99
C GLU A 234 -15.63 -3.09 -24.37
N TYR A 235 -16.63 -2.85 -23.53
CA TYR A 235 -17.08 -1.64 -22.85
C TYR A 235 -16.70 -1.67 -21.38
N PRO A 236 -16.29 -0.54 -20.80
CA PRO A 236 -15.93 -0.53 -19.38
C PRO A 236 -17.11 -0.81 -18.48
N ASN A 237 -18.18 -0.02 -18.64
CA ASN A 237 -19.45 -0.22 -17.95
C ASN A 237 -20.52 0.62 -18.63
N LEU A 238 -21.76 0.26 -18.42
CA LEU A 238 -22.90 1.02 -18.88
C LEU A 238 -23.71 1.47 -17.67
N ALA A 239 -24.88 2.04 -17.92
CA ALA A 239 -25.84 2.27 -16.84
C ALA A 239 -27.21 1.85 -17.33
N ILE A 240 -28.05 1.47 -16.38
CA ILE A 240 -29.41 1.00 -16.67
C ILE A 240 -30.38 2.10 -16.28
N GLN A 241 -31.17 2.55 -17.24
CA GLN A 241 -32.20 3.56 -17.01
C GLN A 241 -33.54 2.94 -17.40
N LYS A 242 -34.33 2.53 -16.42
CA LYS A 242 -35.55 1.78 -16.66
C LYS A 242 -36.74 2.72 -16.75
N PHE A 243 -37.52 2.58 -17.82
CA PHE A 243 -38.70 3.40 -18.07
C PHE A 243 -39.96 2.64 -17.72
N GLY A 244 -41.01 3.39 -17.41
CA GLY A 244 -42.31 2.79 -17.11
C GLY A 244 -42.53 2.29 -15.71
N GLY A 245 -41.55 1.62 -15.13
CA GLY A 245 -41.69 1.05 -13.80
C GLY A 245 -42.01 -0.43 -13.86
N THR A 246 -43.09 -0.83 -13.19
CA THR A 246 -43.50 -2.23 -13.22
C THR A 246 -44.23 -2.60 -14.50
N LYS A 247 -44.72 -1.63 -15.25
CA LYS A 247 -45.42 -1.86 -16.51
C LYS A 247 -44.70 -1.10 -17.61
N PRO A 248 -43.67 -1.69 -18.20
CA PRO A 248 -42.89 -0.99 -19.23
C PRO A 248 -43.52 -1.01 -20.62
N GLN A 249 -44.72 -1.54 -20.76
CA GLN A 249 -45.38 -1.63 -22.06
C GLN A 249 -46.33 -0.47 -22.33
N ASN A 250 -46.73 0.28 -21.31
CA ASN A 250 -47.65 1.38 -21.48
C ASN A 250 -46.99 2.62 -22.07
N ILE A 251 -45.66 2.66 -22.13
CA ILE A 251 -44.99 3.82 -22.71
C ILE A 251 -45.09 3.81 -24.23
N SER A 252 -44.59 2.75 -24.86
CA SER A 252 -44.57 2.66 -26.30
C SER A 252 -44.48 1.20 -26.71
N GLN A 253 -44.36 0.95 -28.01
CA GLN A 253 -44.21 -0.42 -28.49
C GLN A 253 -42.76 -0.89 -28.41
N LEU A 254 -41.82 -0.04 -28.80
CA LEU A 254 -40.42 -0.44 -28.86
C LEU A 254 -39.78 -0.64 -27.49
N ASN A 255 -40.42 -0.19 -26.41
CA ASN A 255 -39.93 -0.53 -25.08
C ASN A 255 -40.21 -1.99 -24.74
N ASN A 256 -41.25 -2.58 -25.34
CA ASN A 256 -41.50 -4.00 -25.14
C ASN A 256 -40.38 -4.84 -25.73
N GLU A 257 -39.83 -4.41 -26.86
CA GLU A 257 -38.68 -5.10 -27.44
C GLU A 257 -37.42 -4.81 -26.64
N ARG A 258 -37.28 -3.59 -26.12
CA ARG A 258 -36.14 -3.23 -25.30
C ARG A 258 -36.30 -3.68 -23.85
N ARG A 259 -37.41 -4.34 -23.51
CA ARG A 259 -37.74 -4.84 -22.17
C ARG A 259 -37.83 -3.72 -21.13
N GLY A 260 -38.00 -2.48 -21.58
CA GLY A 260 -38.23 -1.37 -20.68
C GLY A 260 -37.00 -0.82 -19.99
N GLU A 261 -35.88 -0.74 -20.68
CA GLU A 261 -34.67 -0.21 -20.07
C GLU A 261 -33.81 0.44 -21.14
N ASN A 262 -32.79 1.16 -20.68
CA ASN A 262 -31.92 1.93 -21.56
C ASN A 262 -30.49 1.77 -21.08
N TRP A 263 -29.55 1.72 -22.02
CA TRP A 263 -28.15 1.50 -21.72
C TRP A 263 -27.40 2.81 -21.96
N LEU A 264 -26.75 3.31 -20.92
CA LEU A 264 -26.11 4.62 -20.95
C LEU A 264 -24.59 4.50 -20.93
N LEU A 265 -23.93 5.29 -21.79
CA LEU A 265 -22.48 5.34 -21.93
C LEU A 265 -21.88 6.27 -20.88
N PRO A 266 -20.61 6.05 -20.48
CA PRO A 266 -20.03 6.88 -19.43
C PRO A 266 -19.35 8.14 -19.94
N SER A 267 -19.70 9.30 -19.39
CA SER A 267 -18.86 10.48 -19.51
C SER A 267 -18.09 10.70 -18.22
N LEU A 268 -17.22 9.77 -17.86
CA LEU A 268 -16.65 9.95 -16.52
C LEU A 268 -15.36 10.74 -16.57
N PRO A 269 -15.14 11.64 -15.62
CA PRO A 269 -13.81 12.22 -15.44
C PRO A 269 -12.90 11.22 -14.77
N PRO A 270 -11.63 11.15 -15.15
CA PRO A 270 -10.78 10.02 -14.73
C PRO A 270 -10.30 10.08 -13.29
N ASN A 271 -10.81 10.98 -12.46
CA ASN A 271 -10.58 10.93 -11.02
C ASN A 271 -11.86 10.56 -10.27
N TRP A 272 -12.69 9.72 -10.89
CA TRP A 272 -13.95 9.35 -10.27
C TRP A 272 -13.79 8.29 -9.19
N GLN A 273 -12.60 7.71 -9.05
CA GLN A 273 -12.36 6.66 -8.06
C GLN A 273 -11.73 7.26 -6.81
N ARG A 274 -11.71 6.45 -5.75
CA ARG A 274 -11.17 6.88 -4.48
C ARG A 274 -9.64 6.96 -4.54
N GLN A 275 -9.09 8.03 -3.96
CA GLN A 275 -7.65 8.22 -3.88
C GLN A 275 -7.22 7.99 -2.43
N ASN A 276 -6.70 6.79 -2.17
CA ASN A 276 -6.07 6.48 -0.89
C ASN A 276 -4.56 6.70 -1.02
N VAL A 277 -4.20 7.98 -1.12
CA VAL A 277 -2.80 8.38 -1.28
C VAL A 277 -2.08 8.14 0.04
N ASN A 278 -1.15 7.20 0.04
CA ASN A 278 -0.53 6.72 1.27
C ASN A 278 0.98 6.86 1.16
N ALA A 279 1.61 7.28 2.26
CA ALA A 279 3.07 7.36 2.34
C ALA A 279 3.52 7.19 3.78
N PRO A 280 3.77 5.96 4.23
CA PRO A 280 4.42 5.77 5.53
C PRO A 280 5.91 6.07 5.45
N MET A 281 6.50 6.28 6.62
CA MET A 281 7.89 6.72 6.71
C MET A 281 8.86 5.61 7.12
N ARG A 282 8.53 4.36 6.81
CA ARG A 282 9.52 3.30 6.90
C ARG A 282 10.49 3.40 5.74
N HIS A 283 11.62 2.70 5.85
CA HIS A 283 12.67 2.80 4.83
C HIS A 283 12.23 2.16 3.52
N SER A 284 11.67 0.95 3.57
CA SER A 284 11.07 0.34 2.40
C SER A 284 9.85 1.12 1.93
N SER A 285 9.14 1.76 2.87
CA SER A 285 8.08 2.70 2.53
C SER A 285 8.63 4.04 2.07
N VAL A 286 9.90 4.34 2.30
CA VAL A 286 10.49 5.54 1.73
C VAL A 286 10.92 5.30 0.30
N PHE A 287 11.46 4.11 0.01
CA PHE A 287 11.78 3.79 -1.37
C PHE A 287 10.51 3.55 -2.18
N GLU A 288 9.51 2.91 -1.57
CA GLU A 288 8.26 2.66 -2.29
C GLU A 288 7.42 3.93 -2.39
N HIS A 289 7.46 4.77 -1.36
CA HIS A 289 6.65 5.99 -1.34
C HIS A 289 7.28 7.08 -2.21
N ASP A 290 8.60 7.26 -2.13
CA ASP A 290 9.27 8.17 -3.05
C ASP A 290 9.26 7.62 -4.47
N PHE A 291 9.33 6.30 -4.62
CA PHE A 291 9.18 5.64 -5.91
C PHE A 291 7.78 5.87 -6.47
N GLY A 292 6.76 5.38 -5.76
CA GLY A 292 5.37 5.77 -5.95
C GLY A 292 4.73 5.51 -7.30
N ARG A 293 4.50 4.24 -7.65
CA ARG A 293 3.83 3.91 -8.90
C ARG A 293 2.37 3.53 -8.66
N THR A 294 1.50 4.04 -9.51
CA THR A 294 0.09 3.73 -9.58
C THR A 294 -0.17 2.91 -10.85
N PRO A 295 -1.35 2.29 -10.98
CA PRO A 295 -1.66 1.61 -12.25
C PRO A 295 -1.72 2.51 -13.47
N GLU A 296 -2.02 3.80 -13.29
CA GLU A 296 -2.04 4.70 -14.44
C GLU A 296 -0.63 5.06 -14.91
N VAL A 297 0.34 5.07 -14.00
CA VAL A 297 1.71 5.33 -14.40
C VAL A 297 2.34 4.09 -15.04
N SER A 298 2.03 2.91 -14.51
CA SER A 298 2.58 1.67 -15.08
C SER A 298 1.97 1.37 -16.43
N ARG A 299 0.64 1.40 -16.53
CA ARG A 299 -0.05 1.29 -17.81
C ARG A 299 0.33 2.43 -18.75
N LEU A 300 0.66 3.59 -18.17
CA LEU A 300 1.16 4.72 -18.95
C LEU A 300 2.57 4.45 -19.52
N THR A 301 3.33 3.56 -18.87
CA THR A 301 4.70 3.23 -19.28
C THR A 301 4.73 2.08 -20.28
N ARG A 302 3.75 1.17 -20.21
CA ARG A 302 3.75 -0.05 -21.03
C ARG A 302 3.59 0.21 -22.52
N THR A 303 3.20 1.41 -22.94
CA THR A 303 3.23 1.76 -24.35
C THR A 303 4.58 2.35 -24.76
N LEU A 304 5.24 3.08 -23.84
CA LEU A 304 6.61 3.54 -24.09
C LEU A 304 7.57 2.37 -24.23
N GLN A 305 7.37 1.31 -23.45
CA GLN A 305 8.23 0.14 -23.60
C GLN A 305 7.90 -0.65 -24.86
N ARG A 306 6.63 -0.69 -25.25
CA ARG A 306 6.18 -1.44 -26.42
C ARG A 306 6.16 -0.60 -27.68
N PHE A 307 7.01 0.43 -27.76
CA PHE A 307 7.17 1.22 -28.97
C PHE A 307 8.64 1.22 -29.37
N LEU A 308 9.24 0.03 -29.39
CA LEU A 308 10.63 -0.14 -29.78
C LEU A 308 10.81 -0.50 -31.25
N ALA A 309 9.74 -0.88 -31.94
CA ALA A 309 9.77 -1.11 -33.37
C ALA A 309 9.42 0.18 -34.10
N LYS A 310 10.28 0.58 -35.04
CA LYS A 310 10.15 1.89 -35.67
C LYS A 310 10.49 1.81 -37.15
N THR A 311 9.53 2.19 -37.98
CA THR A 311 9.76 2.60 -39.37
C THR A 311 9.54 4.10 -39.43
N VAL A 312 10.39 4.80 -40.19
CA VAL A 312 10.59 6.24 -40.00
C VAL A 312 9.35 7.05 -40.38
N HIS A 313 8.68 6.66 -41.47
CA HIS A 313 7.44 7.33 -41.87
C HIS A 313 6.33 7.09 -40.86
N ASN A 314 6.33 5.93 -40.21
CA ASN A 314 5.44 5.71 -39.08
C ASN A 314 6.04 6.25 -37.79
N ASN A 315 7.35 6.48 -37.74
CA ASN A 315 7.98 7.06 -36.55
C ASN A 315 7.86 8.57 -36.48
N LEU A 316 7.34 9.22 -37.54
CA LEU A 316 6.98 10.63 -37.42
C LEU A 316 5.78 10.80 -36.50
N ALA A 317 4.64 10.20 -36.89
CA ALA A 317 3.44 10.27 -36.06
C ALA A 317 3.59 9.46 -34.78
N ILE A 318 4.32 8.35 -34.85
CA ILE A 318 4.58 7.54 -33.67
C ILE A 318 5.50 8.27 -32.70
N ARG A 319 6.46 9.05 -33.22
CA ARG A 319 7.31 9.85 -32.36
C ARG A 319 6.54 11.01 -31.75
N GLN A 320 5.59 11.58 -32.50
CA GLN A 320 4.66 12.55 -31.94
C GLN A 320 3.85 11.95 -30.79
N ARG A 321 3.44 10.69 -30.94
CA ARG A 321 2.72 10.03 -29.86
C ARG A 321 3.62 9.70 -28.69
N ARG A 322 4.92 9.48 -28.94
CA ARG A 322 5.86 9.33 -27.82
C ARG A 322 6.01 10.62 -27.04
N ALA A 323 6.01 11.76 -27.75
CA ALA A 323 6.02 13.06 -27.05
C ALA A 323 4.74 13.27 -26.26
N GLN A 324 3.61 12.80 -26.79
CA GLN A 324 2.36 12.82 -26.02
C GLN A 324 2.47 11.99 -24.75
N LEU A 325 3.07 10.80 -24.84
CA LEU A 325 3.15 9.90 -23.69
C LEU A 325 4.07 10.46 -22.60
N VAL A 326 5.22 11.03 -23.00
CA VAL A 326 6.11 11.56 -21.98
C VAL A 326 5.54 12.84 -21.37
N ALA A 327 4.72 13.58 -22.14
CA ALA A 327 3.96 14.68 -21.55
C ALA A 327 2.97 14.18 -20.50
N GLN A 328 2.31 13.04 -20.78
CA GLN A 328 1.36 12.46 -19.84
C GLN A 328 2.03 11.99 -18.56
N ILE A 329 3.23 11.43 -18.65
CA ILE A 329 3.85 10.92 -17.42
C ILE A 329 4.48 12.07 -16.62
N CYS A 330 4.95 13.13 -17.29
CA CYS A 330 5.45 14.29 -16.55
C CYS A 330 4.32 15.00 -15.80
N ASP A 331 3.19 15.20 -16.48
CA ASP A 331 2.04 15.82 -15.81
C ASP A 331 1.47 14.94 -14.72
N GLU A 332 1.48 13.62 -14.92
CA GLU A 332 0.95 12.71 -13.90
C GLU A 332 1.81 12.72 -12.65
N ALA A 333 3.14 12.82 -12.81
CA ALA A 333 3.99 12.99 -11.64
C ALA A 333 3.77 14.34 -10.97
N LEU A 334 3.46 15.38 -11.76
CA LEU A 334 3.15 16.69 -11.18
C LEU A 334 1.88 16.65 -10.34
N GLN A 335 0.85 15.96 -10.82
CA GLN A 335 -0.38 15.84 -10.06
C GLN A 335 -0.22 14.97 -8.83
N TYR A 336 0.60 13.91 -8.92
CA TYR A 336 0.90 13.11 -7.74
C TYR A 336 1.62 13.93 -6.69
N ALA A 337 2.48 14.86 -7.12
CA ALA A 337 3.04 15.84 -6.18
C ALA A 337 1.95 16.73 -5.60
N ALA A 338 0.90 17.02 -6.37
CA ALA A 338 -0.17 17.88 -5.86
C ALA A 338 -0.97 17.22 -4.75
N ARG A 339 -1.65 16.10 -5.04
CA ARG A 339 -2.49 15.54 -3.99
C ARG A 339 -1.68 14.77 -2.96
N LEU A 340 -0.44 14.38 -3.26
CA LEU A 340 0.45 13.93 -2.18
C LEU A 340 0.82 15.09 -1.27
N ARG A 341 0.97 16.29 -1.83
CA ARG A 341 1.32 17.45 -1.01
C ARG A 341 0.15 17.88 -0.12
N GLU A 342 -1.02 18.11 -0.70
CA GLU A 342 -2.12 18.74 0.03
C GLU A 342 -3.23 17.78 0.42
N LEU A 343 -3.07 16.48 0.17
CA LEU A 343 -4.15 15.54 0.44
C LEU A 343 -3.79 14.42 1.41
N GLU A 344 -2.51 14.11 1.59
CA GLU A 344 -2.13 12.95 2.39
C GLU A 344 -1.30 13.34 3.60
N PRO A 345 -1.06 12.42 4.53
CA PRO A 345 -0.25 12.73 5.72
C PRO A 345 1.22 12.35 5.62
N GLY A 346 1.70 11.92 4.45
CA GLY A 346 3.07 11.48 4.29
C GLY A 346 4.12 12.57 4.20
N TRP A 347 3.74 13.84 4.36
CA TRP A 347 4.75 14.90 4.31
C TRP A 347 5.55 14.97 5.61
N SER A 348 4.88 14.89 6.75
CA SER A 348 5.52 14.92 8.07
C SER A 348 4.93 13.84 8.96
N ALA A 349 4.88 12.61 8.45
CA ALA A 349 4.21 11.53 9.17
C ALA A 349 5.02 11.06 10.38
N THR A 350 6.25 10.58 10.14
CA THR A 350 7.10 10.10 11.21
C THR A 350 8.54 10.50 10.91
N PRO A 351 9.26 11.08 11.88
CA PRO A 351 10.66 11.43 11.64
C PRO A 351 11.55 10.20 11.66
N GLY A 352 12.59 10.23 10.84
CA GLY A 352 13.46 9.09 10.73
C GLY A 352 14.75 9.44 10.03
N CYS A 353 15.43 8.41 9.54
CA CYS A 353 16.72 8.56 8.87
C CYS A 353 16.66 8.20 7.39
N GLN A 354 16.21 6.99 7.04
CA GLN A 354 16.08 6.59 5.65
C GLN A 354 14.72 7.06 5.15
N LEU A 355 14.67 8.33 4.73
CA LEU A 355 13.45 8.94 4.26
C LEU A 355 13.61 9.79 3.00
N HIS A 356 14.84 10.11 2.59
CA HIS A 356 15.17 10.91 1.41
C HIS A 356 14.51 12.30 1.48
N ASP A 357 14.98 13.08 2.45
CA ASP A 357 14.51 14.44 2.66
C ASP A 357 15.21 15.47 1.77
N ALA A 358 15.87 15.02 0.70
CA ALA A 358 16.43 15.91 -0.31
C ALA A 358 15.42 16.29 -1.39
N GLU A 359 14.19 15.79 -1.29
CA GLU A 359 13.15 16.20 -2.24
C GLU A 359 12.68 17.61 -1.96
N GLN A 360 12.11 17.83 -0.77
CA GLN A 360 11.66 19.15 -0.26
C GLN A 360 10.62 19.80 -1.17
N LEU A 361 9.86 18.99 -1.90
CA LEU A 361 8.77 19.46 -2.75
C LEU A 361 7.43 18.87 -2.33
N TRP A 362 7.43 17.62 -1.86
CA TRP A 362 6.26 16.97 -1.31
C TRP A 362 6.04 17.30 0.17
N LEU A 363 6.78 18.27 0.70
CA LEU A 363 6.67 18.68 2.10
C LEU A 363 6.73 20.20 2.19
N ASP A 364 6.00 20.87 1.31
CA ASP A 364 5.97 22.33 1.29
C ASP A 364 5.21 22.84 2.51
N PRO A 365 4.16 22.15 2.94
CA PRO A 365 3.48 22.53 4.19
C PRO A 365 4.06 21.85 5.42
N LEU A 366 4.92 20.85 5.26
CA LEU A 366 5.54 20.18 6.39
C LEU A 366 6.80 20.89 6.86
N ARG A 367 7.29 21.88 6.11
CA ARG A 367 8.50 22.62 6.48
C ARG A 367 8.31 24.12 6.50
N ALA A 368 7.29 24.67 5.84
CA ALA A 368 7.04 26.10 5.85
C ALA A 368 5.81 26.50 6.65
N GLN A 369 4.75 25.69 6.62
CA GLN A 369 3.52 26.00 7.35
C GLN A 369 3.61 25.69 8.83
N THR A 370 4.65 24.96 9.27
CA THR A 370 4.87 24.70 10.68
C THR A 370 6.10 25.44 11.19
N ASP A 371 7.25 25.23 10.57
CA ASP A 371 8.46 25.94 10.91
C ASP A 371 8.63 27.12 9.96
N GLU A 372 9.12 28.24 10.49
CA GLU A 372 9.24 29.46 9.70
C GLU A 372 10.67 29.96 9.58
N THR A 373 11.39 30.09 10.69
CA THR A 373 12.68 30.77 10.68
C THR A 373 13.84 29.83 10.39
N PHE A 374 13.81 28.62 10.94
CA PHE A 374 14.94 27.71 10.78
C PHE A 374 14.85 26.86 9.52
N LEU A 375 13.63 26.61 9.02
CA LEU A 375 13.45 25.71 7.89
C LEU A 375 13.22 26.44 6.57
N GLN A 376 12.33 27.45 6.56
CA GLN A 376 12.03 28.15 5.32
C GLN A 376 13.18 29.03 4.85
N ARG A 377 14.02 29.49 5.79
CA ARG A 377 15.25 30.17 5.43
C ARG A 377 16.36 29.20 5.05
N ARG A 378 16.12 27.89 5.21
CA ARG A 378 17.01 26.86 4.70
C ARG A 378 16.36 26.08 3.56
N LEU A 379 15.30 26.62 2.97
CA LEU A 379 14.58 25.94 1.89
C LEU A 379 14.28 26.82 0.69
N ARG A 380 14.29 28.14 0.82
CA ARG A 380 14.05 29.05 -0.29
C ARG A 380 15.34 29.51 -0.96
N GLY A 381 16.45 28.83 -0.71
CA GLY A 381 17.72 29.23 -1.28
C GLY A 381 18.17 28.35 -2.43
N ASP A 382 17.92 27.05 -2.33
CA ASP A 382 18.25 26.10 -3.39
C ASP A 382 17.05 25.73 -4.23
N TRP A 383 15.97 25.23 -3.59
CA TRP A 383 14.73 24.75 -4.21
C TRP A 383 15.05 23.72 -5.28
N PRO A 384 15.43 22.49 -4.89
CA PRO A 384 16.14 21.59 -5.82
C PRO A 384 15.33 21.13 -7.02
N ALA A 385 15.75 21.58 -8.19
CA ALA A 385 15.20 21.10 -9.45
C ALA A 385 15.82 19.77 -9.88
N GLU A 386 16.82 19.29 -9.15
CA GLU A 386 17.46 18.01 -9.47
C GLU A 386 16.58 16.80 -9.18
N VAL A 387 15.43 17.00 -8.52
CA VAL A 387 14.41 15.96 -8.46
C VAL A 387 13.83 15.68 -9.83
N GLY A 388 13.92 16.63 -10.76
CA GLY A 388 13.67 16.30 -12.16
C GLY A 388 14.73 15.38 -12.73
N ASN A 389 15.99 15.59 -12.32
CA ASN A 389 17.08 14.73 -12.76
C ASN A 389 16.87 13.29 -12.32
N ARG A 390 16.53 13.10 -11.03
CA ARG A 390 16.10 11.80 -10.54
C ARG A 390 14.88 11.28 -11.28
N PHE A 391 14.00 12.19 -11.72
CA PHE A 391 12.84 11.79 -12.50
C PHE A 391 13.26 11.21 -13.85
N ALA A 392 14.38 11.68 -14.41
CA ALA A 392 14.93 11.06 -15.61
C ALA A 392 15.36 9.62 -15.31
N ASN A 393 15.88 9.39 -14.11
CA ASN A 393 16.21 8.04 -13.67
C ASN A 393 14.98 7.16 -13.51
N TRP A 394 13.79 7.76 -13.37
CA TRP A 394 12.58 6.94 -13.38
C TRP A 394 12.18 6.57 -14.79
N LEU A 395 12.57 7.37 -15.79
CA LEU A 395 12.12 7.15 -17.15
C LEU A 395 13.04 6.25 -17.96
N ASN A 396 14.29 6.09 -17.53
CA ASN A 396 15.27 5.30 -18.27
C ASN A 396 14.98 3.81 -18.23
N ARG A 397 14.08 3.36 -17.35
CA ARG A 397 13.54 2.00 -17.39
C ARG A 397 12.32 1.87 -18.30
N ALA A 398 12.15 2.81 -19.23
CA ALA A 398 11.20 2.65 -20.32
C ALA A 398 11.87 2.24 -21.62
N VAL A 399 13.17 2.47 -21.76
CA VAL A 399 13.92 2.13 -22.96
C VAL A 399 14.53 0.74 -22.77
N SER A 400 14.37 -0.11 -23.78
CA SER A 400 14.96 -1.44 -23.77
C SER A 400 16.42 -1.38 -24.18
N SER A 401 17.01 -2.54 -24.47
CA SER A 401 18.41 -2.64 -24.88
C SER A 401 18.54 -2.74 -26.40
N ASP A 402 17.69 -2.04 -27.14
CA ASP A 402 17.72 -2.08 -28.60
C ASP A 402 18.96 -1.39 -29.13
N SER A 403 19.70 -2.09 -29.99
CA SER A 403 20.92 -1.55 -30.58
C SER A 403 20.68 -0.74 -31.84
N GLN A 404 19.53 -0.94 -32.50
CA GLN A 404 19.23 -0.20 -33.72
C GLN A 404 18.89 1.26 -33.45
N ILE A 405 18.58 1.61 -32.20
CA ILE A 405 18.41 3.00 -31.80
C ILE A 405 19.53 3.50 -30.91
N LEU A 406 20.42 2.62 -30.44
CA LEU A 406 21.53 3.04 -29.60
C LEU A 406 22.68 3.63 -30.41
N GLY A 407 22.81 3.26 -31.67
CA GLY A 407 23.85 3.81 -32.53
C GLY A 407 23.27 4.52 -33.73
N SER A 408 22.14 5.20 -33.54
CA SER A 408 21.43 5.82 -34.65
C SER A 408 20.95 7.21 -34.25
N PRO A 409 20.28 7.92 -35.16
CA PRO A 409 19.71 9.23 -34.81
C PRO A 409 18.37 9.14 -34.07
N GLU A 410 17.90 7.93 -33.77
CA GLU A 410 16.67 7.79 -32.99
C GLU A 410 16.88 8.24 -31.55
N ALA A 411 18.04 7.93 -30.97
CA ALA A 411 18.33 8.36 -29.60
C ALA A 411 18.62 9.85 -29.53
N ALA A 412 18.99 10.48 -30.64
CA ALA A 412 19.11 11.93 -30.66
C ALA A 412 17.75 12.59 -30.58
N GLN A 413 16.77 12.08 -31.34
CA GLN A 413 15.41 12.60 -31.27
C GLN A 413 14.76 12.28 -29.92
N TRP A 414 15.05 11.10 -29.38
CA TRP A 414 14.56 10.75 -28.04
C TRP A 414 15.17 11.65 -26.97
N SER A 415 16.46 11.95 -27.11
CA SER A 415 17.11 12.87 -26.18
C SER A 415 16.63 14.30 -26.34
N GLN A 416 16.10 14.66 -27.51
CA GLN A 416 15.45 15.96 -27.64
C GLN A 416 14.04 15.95 -27.07
N GLU A 417 13.36 14.79 -27.10
CA GLU A 417 12.07 14.66 -26.43
C GLU A 417 12.23 14.85 -24.92
N LEU A 418 13.18 14.13 -24.33
CA LEU A 418 13.43 14.28 -22.90
C LEU A 418 14.09 15.62 -22.58
N SER A 419 14.81 16.21 -23.54
CA SER A 419 15.35 17.55 -23.34
C SER A 419 14.24 18.57 -23.21
N LYS A 420 13.27 18.54 -24.12
CA LYS A 420 12.19 19.52 -24.08
C LYS A 420 11.26 19.27 -22.91
N GLU A 421 10.84 18.03 -22.70
CA GLU A 421 9.84 17.74 -21.68
C GLU A 421 10.42 17.84 -20.28
N LEU A 422 11.63 17.29 -20.07
CA LEU A 422 12.27 17.42 -18.76
C LEU A 422 12.71 18.86 -18.51
N THR A 423 13.07 19.60 -19.56
CA THR A 423 13.45 21.00 -19.40
C THR A 423 12.26 21.86 -19.00
N MET A 424 11.12 21.69 -19.67
CA MET A 424 9.93 22.47 -19.31
C MET A 424 9.35 22.04 -17.97
N PHE A 425 9.50 20.76 -17.61
CA PHE A 425 9.17 20.30 -16.27
C PHE A 425 10.04 21.01 -15.23
N LYS A 426 11.33 21.19 -15.53
CA LYS A 426 12.18 22.00 -14.68
C LYS A 426 11.75 23.46 -14.68
N GLU A 427 11.18 23.94 -15.79
CA GLU A 427 10.69 25.33 -15.84
C GLU A 427 9.50 25.52 -14.92
N ILE A 428 8.68 24.49 -14.73
CA ILE A 428 7.69 24.56 -13.66
C ILE A 428 8.38 24.46 -12.30
N LEU A 429 9.42 23.61 -12.19
CA LEU A 429 10.09 23.40 -10.91
C LEU A 429 10.85 24.60 -10.40
N GLU A 430 11.20 25.56 -11.27
CA GLU A 430 11.94 26.73 -10.80
C GLU A 430 11.04 27.73 -10.08
N ASP A 431 9.72 27.54 -10.13
CA ASP A 431 8.77 28.43 -9.50
C ASP A 431 7.90 27.68 -8.49
N GLU A 432 8.51 26.78 -7.71
CA GLU A 432 7.77 26.09 -6.67
C GLU A 432 7.45 26.99 -5.49
N ARG A 433 8.24 28.04 -5.30
CA ARG A 433 7.95 29.04 -4.26
C ARG A 433 6.84 29.99 -4.67
N ASP A 434 6.44 29.99 -5.93
CA ASP A 434 5.37 30.86 -6.42
C ASP A 434 4.01 30.36 -5.91
N VAL B 3 -18.14 34.53 -29.32
CA VAL B 3 -16.69 34.49 -29.45
C VAL B 3 -16.11 35.90 -29.39
N THR B 4 -15.52 36.23 -28.26
CA THR B 4 -14.79 37.49 -28.07
C THR B 4 -13.77 37.24 -26.99
N ASP B 5 -12.52 37.64 -27.23
CA ASP B 5 -11.44 37.31 -26.31
C ASP B 5 -11.56 38.14 -25.03
N PRO B 6 -11.51 37.52 -23.85
CA PRO B 6 -11.76 38.24 -22.61
C PRO B 6 -10.51 38.97 -22.11
N GLU B 7 -10.76 40.09 -21.44
CA GLU B 7 -9.66 40.84 -20.85
C GLU B 7 -9.19 40.18 -19.56
N ALA B 8 -10.12 39.76 -18.70
CA ALA B 8 -9.79 39.11 -17.44
C ALA B 8 -10.21 37.64 -17.48
N LEU B 9 -9.76 36.90 -16.47
CA LEU B 9 -10.14 35.50 -16.28
C LEU B 9 -10.50 35.33 -14.81
N LEU B 10 -11.78 35.47 -14.50
CA LEU B 10 -12.24 35.36 -13.12
C LEU B 10 -12.26 33.89 -12.71
N LEU B 11 -11.23 33.49 -11.97
CA LEU B 11 -11.18 32.14 -11.43
C LEU B 11 -12.17 31.99 -10.28
N LEU B 12 -13.03 30.98 -10.37
CA LEU B 12 -13.96 30.66 -9.32
C LEU B 12 -13.49 29.38 -8.64
N PRO B 13 -13.30 29.38 -7.32
CA PRO B 13 -12.62 28.25 -6.67
C PRO B 13 -13.50 27.01 -6.52
N ARG B 14 -13.00 26.05 -5.74
CA ARG B 14 -13.67 24.78 -5.49
C ARG B 14 -15.05 24.97 -4.89
N LEU B 15 -16.08 24.57 -5.65
CA LEU B 15 -17.48 24.66 -5.24
C LEU B 15 -18.02 23.24 -5.12
N SER B 16 -18.28 22.80 -3.89
CA SER B 16 -18.81 21.47 -3.67
C SER B 16 -20.31 21.46 -3.98
N ILE B 17 -20.74 20.56 -4.86
CA ILE B 17 -22.11 20.51 -5.35
C ILE B 17 -22.78 19.27 -4.79
N GLN B 18 -23.97 19.45 -4.23
CA GLN B 18 -24.80 18.34 -3.76
C GLN B 18 -25.93 18.09 -4.74
N ASN B 19 -26.15 16.82 -5.06
CA ASN B 19 -27.33 16.33 -5.79
C ASN B 19 -27.44 16.92 -7.20
N ALA B 20 -26.44 16.62 -8.02
CA ALA B 20 -26.44 17.06 -9.41
C ALA B 20 -27.32 16.17 -10.28
N ASN B 21 -27.19 16.27 -11.60
CA ASN B 21 -28.06 15.55 -12.53
C ASN B 21 -27.20 14.73 -13.48
N ALA B 22 -26.80 13.53 -13.06
CA ALA B 22 -25.79 12.75 -13.75
C ALA B 22 -26.23 12.25 -15.12
N ILE B 23 -27.52 12.14 -15.38
CA ILE B 23 -27.98 11.73 -16.71
C ILE B 23 -27.89 12.95 -17.62
N SER B 24 -26.90 12.94 -18.51
CA SER B 24 -26.65 14.09 -19.38
C SER B 24 -27.56 14.10 -20.59
N SER B 25 -27.81 12.92 -21.17
CA SER B 25 -28.45 12.82 -22.47
C SER B 25 -29.14 11.45 -22.52
N PRO B 26 -29.95 11.19 -23.55
CA PRO B 26 -30.48 9.84 -23.71
C PRO B 26 -29.44 8.75 -23.97
N LEU B 27 -28.23 9.09 -24.43
CA LEU B 27 -27.25 8.06 -24.71
C LEU B 27 -25.93 8.19 -23.97
N THR B 28 -25.66 9.31 -23.33
CA THR B 28 -24.50 9.44 -22.47
C THR B 28 -24.94 9.71 -21.05
N TRP B 29 -23.98 9.64 -20.14
CA TRP B 29 -24.23 9.63 -18.71
C TRP B 29 -22.90 9.84 -18.01
N GLY B 30 -22.92 10.47 -16.85
CA GLY B 30 -21.68 10.67 -16.13
C GLY B 30 -21.51 12.06 -15.59
N PHE B 31 -20.51 12.79 -16.09
CA PHE B 31 -20.26 14.16 -15.64
C PHE B 31 -21.43 15.05 -16.04
N PRO B 32 -22.10 15.66 -15.08
CA PRO B 32 -23.49 16.08 -15.27
C PRO B 32 -23.64 17.43 -15.92
N SER B 33 -22.86 17.72 -16.95
CA SER B 33 -22.92 19.08 -17.48
C SER B 33 -22.41 19.14 -18.91
N PRO B 34 -23.25 18.93 -19.87
CA PRO B 34 -22.87 19.28 -21.24
C PRO B 34 -22.78 20.78 -21.44
N GLY B 35 -23.84 21.50 -21.06
CA GLY B 35 -23.93 22.93 -21.24
C GLY B 35 -24.69 23.60 -20.12
N ALA B 36 -24.79 22.91 -18.98
CA ALA B 36 -25.44 23.50 -17.81
C ALA B 36 -24.60 24.61 -17.22
N PHE B 37 -23.28 24.48 -17.34
CA PHE B 37 -22.37 25.47 -16.80
C PHE B 37 -22.49 26.80 -17.52
N THR B 38 -22.63 26.76 -18.84
CA THR B 38 -22.77 27.98 -19.62
C THR B 38 -24.10 28.68 -19.33
N GLY B 39 -25.17 27.91 -19.11
CA GLY B 39 -26.41 28.51 -18.67
C GLY B 39 -26.31 29.10 -17.27
N PHE B 40 -25.48 28.50 -16.41
CA PHE B 40 -25.23 29.07 -15.10
C PHE B 40 -24.52 30.41 -15.21
N VAL B 41 -23.56 30.50 -16.11
CA VAL B 41 -22.81 31.74 -16.27
C VAL B 41 -23.68 32.83 -16.90
N HIS B 42 -24.54 32.46 -17.86
CA HIS B 42 -25.48 33.43 -18.39
C HIS B 42 -26.53 33.84 -17.37
N ALA B 43 -26.84 32.97 -16.41
CA ALA B 43 -27.70 33.37 -15.30
C ALA B 43 -27.01 34.36 -14.37
N LEU B 44 -25.69 34.20 -14.17
CA LEU B 44 -24.93 35.26 -13.50
C LEU B 44 -24.92 36.55 -14.29
N GLN B 45 -24.90 36.45 -15.62
CA GLN B 45 -24.99 37.63 -16.47
C GLN B 45 -26.33 38.33 -16.32
N ARG B 46 -27.39 37.58 -16.06
CA ARG B 46 -28.69 38.21 -15.84
C ARG B 46 -28.91 38.67 -14.41
N ARG B 47 -28.13 38.19 -13.45
CA ARG B 47 -28.34 38.61 -12.07
C ARG B 47 -27.37 39.67 -11.59
N VAL B 48 -26.14 39.70 -12.10
CA VAL B 48 -25.07 40.53 -11.57
C VAL B 48 -24.51 41.48 -12.62
N GLY B 49 -24.19 40.95 -13.80
CA GLY B 49 -23.39 41.66 -14.80
C GLY B 49 -24.03 42.90 -15.37
N ILE B 50 -25.36 43.03 -15.29
CA ILE B 50 -26.01 44.26 -15.71
C ILE B 50 -25.98 45.32 -14.62
N SER B 51 -25.64 44.95 -13.38
CA SER B 51 -25.59 45.89 -12.28
C SER B 51 -24.17 46.32 -11.92
N LEU B 52 -23.15 45.57 -12.35
CA LEU B 52 -21.77 45.98 -12.21
C LEU B 52 -21.15 46.41 -13.53
N ASP B 53 -21.94 46.42 -14.62
CA ASP B 53 -21.51 46.84 -15.96
C ASP B 53 -20.34 46.01 -16.46
N ILE B 54 -20.43 44.70 -16.29
CA ILE B 54 -19.43 43.77 -16.80
C ILE B 54 -20.15 42.80 -17.73
N GLU B 55 -19.41 41.84 -18.28
CA GLU B 55 -19.97 40.93 -19.28
C GLU B 55 -19.34 39.56 -19.06
N LEU B 56 -20.07 38.67 -18.39
CA LEU B 56 -19.53 37.37 -18.04
C LEU B 56 -19.66 36.39 -19.20
N ASP B 57 -18.57 35.67 -19.48
CA ASP B 57 -18.52 34.76 -20.60
C ASP B 57 -17.55 33.63 -20.29
N GLY B 58 -17.74 32.50 -20.98
CA GLY B 58 -16.80 31.39 -20.93
C GLY B 58 -16.90 30.53 -19.69
N VAL B 59 -16.57 29.25 -19.84
CA VAL B 59 -16.60 28.29 -18.73
C VAL B 59 -15.32 27.46 -18.79
N GLY B 60 -14.52 27.52 -17.75
CA GLY B 60 -13.41 26.59 -17.64
C GLY B 60 -13.73 25.46 -16.68
N ILE B 61 -14.07 24.29 -17.19
CA ILE B 61 -14.41 23.16 -16.33
C ILE B 61 -13.12 22.54 -15.80
N VAL B 62 -13.08 22.24 -14.50
CA VAL B 62 -11.89 21.75 -13.84
C VAL B 62 -12.11 20.39 -13.19
N CYS B 63 -13.23 20.21 -12.46
CA CYS B 63 -13.73 18.91 -12.00
C CYS B 63 -12.74 18.20 -11.08
N HIS B 64 -12.61 18.74 -9.87
CA HIS B 64 -11.67 18.19 -8.89
C HIS B 64 -12.03 16.78 -8.46
N ARG B 65 -13.31 16.49 -8.25
CA ARG B 65 -13.73 15.13 -7.92
C ARG B 65 -15.17 14.89 -8.37
N PHE B 66 -15.58 13.63 -8.32
CA PHE B 66 -16.87 13.20 -8.85
C PHE B 66 -17.20 11.85 -8.25
N GLU B 67 -18.29 11.76 -7.48
CA GLU B 67 -18.70 10.52 -6.83
C GLU B 67 -20.20 10.35 -7.02
N ALA B 68 -20.59 9.53 -7.98
CA ALA B 68 -22.00 9.32 -8.29
C ALA B 68 -22.61 8.28 -7.37
N GLN B 69 -23.88 8.47 -7.06
CA GLN B 69 -24.61 7.55 -6.18
C GLN B 69 -25.14 6.40 -7.04
N ILE B 70 -24.25 5.47 -7.35
CA ILE B 70 -24.60 4.27 -8.10
C ILE B 70 -24.43 3.05 -7.19
N SER B 71 -24.95 1.93 -7.65
CA SER B 71 -24.98 0.71 -6.85
C SER B 71 -24.27 -0.42 -7.56
N GLN B 72 -23.70 -1.33 -6.77
CA GLN B 72 -23.00 -2.51 -7.30
C GLN B 72 -23.50 -3.79 -6.65
N PRO B 73 -24.64 -4.35 -7.11
CA PRO B 73 -25.08 -5.66 -6.58
C PRO B 73 -24.25 -6.82 -7.11
N ALA B 74 -24.68 -8.04 -6.77
CA ALA B 74 -23.90 -9.23 -7.09
C ALA B 74 -24.01 -9.57 -8.58
N GLY B 75 -22.86 -9.84 -9.20
CA GLY B 75 -22.80 -10.18 -10.60
C GLY B 75 -22.31 -9.02 -11.45
N LYS B 76 -22.63 -9.09 -12.74
CA LYS B 76 -22.39 -8.00 -13.67
C LYS B 76 -23.50 -6.98 -13.67
N ARG B 77 -24.36 -6.98 -12.65
CA ARG B 77 -25.47 -6.06 -12.52
C ARG B 77 -25.12 -4.87 -11.65
N THR B 78 -23.87 -4.41 -11.72
CA THR B 78 -23.34 -3.30 -10.93
C THR B 78 -23.58 -1.94 -11.58
N LYS B 79 -24.62 -1.82 -12.40
CA LYS B 79 -24.78 -0.73 -13.34
C LYS B 79 -26.12 -0.04 -13.17
N VAL B 80 -26.53 0.21 -11.92
CA VAL B 80 -27.83 0.79 -11.65
C VAL B 80 -27.65 2.06 -10.81
N PHE B 81 -28.76 2.69 -10.46
CA PHE B 81 -28.79 3.96 -9.75
C PHE B 81 -29.25 3.76 -8.31
N ASN B 82 -29.21 4.85 -7.56
CA ASN B 82 -29.73 4.89 -6.19
C ASN B 82 -30.77 6.00 -6.14
N LEU B 83 -32.03 5.61 -6.10
CA LEU B 83 -33.11 6.57 -6.22
C LEU B 83 -33.46 7.14 -4.85
N THR B 84 -34.56 7.88 -4.80
CA THR B 84 -35.12 8.43 -3.58
C THR B 84 -36.60 8.10 -3.56
N ARG B 85 -37.31 8.58 -2.55
CA ARG B 85 -38.75 8.39 -2.51
C ARG B 85 -39.48 9.63 -2.99
N ASN B 86 -40.76 9.46 -3.20
CA ASN B 86 -41.70 10.52 -3.56
C ASN B 86 -42.87 10.38 -2.60
N PRO B 87 -43.64 11.46 -2.38
CA PRO B 87 -44.82 11.33 -1.52
C PRO B 87 -45.90 10.48 -2.17
N LEU B 88 -46.88 10.10 -1.34
CA LEU B 88 -47.93 9.20 -1.78
C LEU B 88 -48.89 9.91 -2.74
N ASN B 89 -49.82 9.14 -3.28
CA ASN B 89 -50.89 9.70 -4.09
C ASN B 89 -51.97 10.27 -3.18
N ARG B 90 -53.11 10.64 -3.75
CA ARG B 90 -54.16 11.29 -2.98
C ARG B 90 -55.01 10.31 -2.15
N ASP B 91 -54.67 9.02 -2.14
CA ASP B 91 -55.36 8.05 -1.29
C ASP B 91 -54.44 7.19 -0.44
N GLY B 92 -53.17 7.05 -0.79
CA GLY B 92 -52.28 6.18 -0.04
C GLY B 92 -51.61 5.13 -0.90
N SER B 93 -51.48 5.41 -2.19
CA SER B 93 -50.84 4.49 -3.13
C SER B 93 -49.54 5.09 -3.64
N THR B 94 -48.56 4.23 -3.87
CA THR B 94 -47.26 4.66 -4.35
C THR B 94 -47.31 4.86 -5.87
N ALA B 95 -46.89 6.04 -6.31
CA ALA B 95 -46.94 6.39 -7.72
C ALA B 95 -45.82 5.71 -8.49
N ALA B 96 -45.84 5.89 -9.82
CA ALA B 96 -44.85 5.28 -10.69
C ALA B 96 -43.51 5.97 -10.53
N ILE B 97 -42.47 5.18 -10.23
CA ILE B 97 -41.18 5.72 -9.85
C ILE B 97 -40.42 6.12 -11.11
N VAL B 98 -40.21 7.43 -11.29
CA VAL B 98 -39.29 7.90 -12.31
C VAL B 98 -37.87 7.79 -11.79
N GLU B 99 -36.91 7.82 -12.71
CA GLU B 99 -35.51 7.61 -12.36
C GLU B 99 -34.71 8.88 -12.64
N GLU B 100 -33.71 9.12 -11.79
CA GLU B 100 -32.98 10.38 -11.82
C GLU B 100 -31.53 10.14 -11.45
N GLY B 101 -30.61 10.73 -12.21
CA GLY B 101 -29.20 10.65 -11.91
C GLY B 101 -28.83 11.48 -10.70
N ARG B 102 -27.57 11.33 -10.27
CA ARG B 102 -27.16 11.89 -9.00
C ARG B 102 -25.64 11.96 -8.94
N ALA B 103 -25.13 13.01 -8.30
CA ALA B 103 -23.69 13.21 -8.19
C ALA B 103 -23.36 14.10 -7.01
N HIS B 104 -22.09 14.06 -6.59
CA HIS B 104 -21.51 14.99 -5.62
C HIS B 104 -20.30 15.63 -6.29
N LEU B 105 -20.51 16.70 -7.05
CA LEU B 105 -19.42 17.33 -7.76
C LEU B 105 -18.54 18.15 -6.82
N GLU B 106 -17.38 18.55 -7.36
CA GLU B 106 -16.58 19.62 -6.77
C GLU B 106 -15.79 20.24 -7.92
N VAL B 107 -16.25 21.37 -8.44
CA VAL B 107 -15.70 21.95 -9.65
C VAL B 107 -15.11 23.32 -9.33
N SER B 108 -14.34 23.83 -10.29
CA SER B 108 -13.83 25.20 -10.29
C SER B 108 -14.04 25.76 -11.68
N LEU B 109 -14.33 27.05 -11.77
CA LEU B 109 -14.77 27.63 -13.03
C LEU B 109 -13.90 28.81 -13.43
N LEU B 110 -13.55 28.87 -14.71
CA LEU B 110 -12.90 30.04 -15.31
C LEU B 110 -13.95 30.85 -16.05
N LEU B 111 -13.99 32.15 -15.78
CA LEU B 111 -14.95 33.05 -16.40
C LEU B 111 -14.21 33.96 -17.37
N GLY B 112 -14.95 34.94 -17.91
CA GLY B 112 -14.35 35.95 -18.77
C GLY B 112 -15.13 37.24 -18.68
N VAL B 113 -14.43 38.35 -18.53
CA VAL B 113 -15.06 39.65 -18.30
C VAL B 113 -14.69 40.58 -19.45
N HIS B 114 -15.68 41.32 -19.96
CA HIS B 114 -15.47 42.28 -21.04
C HIS B 114 -15.81 43.72 -20.67
N GLY B 115 -16.43 43.96 -19.54
CA GLY B 115 -17.08 45.24 -19.29
C GLY B 115 -16.14 46.38 -18.99
N ASP B 116 -16.74 47.57 -18.87
CA ASP B 116 -15.97 48.78 -18.64
C ASP B 116 -15.64 49.02 -17.18
N GLY B 117 -16.44 48.48 -16.25
CA GLY B 117 -16.25 48.78 -14.85
C GLY B 117 -15.05 48.08 -14.24
N LEU B 118 -13.85 48.47 -14.67
CA LEU B 118 -12.61 47.85 -14.24
C LEU B 118 -11.67 48.93 -13.75
N ASP B 119 -11.07 48.70 -12.58
CA ASP B 119 -10.24 49.66 -11.88
C ASP B 119 -9.50 48.88 -10.79
N ASP B 120 -8.54 49.53 -10.13
CA ASP B 120 -7.67 48.85 -9.19
C ASP B 120 -8.40 48.42 -7.93
N HIS B 121 -9.26 49.27 -7.38
CA HIS B 121 -10.03 48.93 -6.20
C HIS B 121 -11.16 47.91 -6.44
N PRO B 122 -11.85 47.89 -7.61
CA PRO B 122 -12.74 46.74 -7.88
C PRO B 122 -12.05 45.39 -8.09
N ALA B 123 -10.72 45.30 -8.12
CA ALA B 123 -10.06 44.02 -8.41
C ALA B 123 -10.27 43.00 -7.29
N GLN B 124 -10.52 43.45 -6.07
CA GLN B 124 -11.02 42.58 -5.01
C GLN B 124 -12.54 42.64 -4.92
N GLU B 125 -13.16 43.73 -5.36
CA GLU B 125 -14.58 43.95 -5.11
C GLU B 125 -15.44 43.14 -6.06
N ILE B 126 -15.13 43.19 -7.37
CA ILE B 126 -15.95 42.54 -8.40
C ILE B 126 -16.05 41.04 -8.14
N ALA B 127 -14.90 40.40 -7.93
CA ALA B 127 -14.86 39.00 -7.57
C ALA B 127 -15.62 38.70 -6.29
N ARG B 128 -15.61 39.61 -5.31
CA ARG B 128 -16.39 39.40 -4.10
C ARG B 128 -17.89 39.42 -4.41
N GLN B 129 -18.30 40.29 -5.35
CA GLN B 129 -19.71 40.29 -5.75
C GLN B 129 -20.08 39.11 -6.62
N VAL B 130 -19.12 38.26 -6.99
CA VAL B 130 -19.45 37.01 -7.65
C VAL B 130 -19.60 35.90 -6.63
N GLN B 131 -19.09 36.08 -5.41
CA GLN B 131 -19.39 35.11 -4.35
C GLN B 131 -20.84 35.19 -3.93
N GLU B 132 -21.27 36.35 -3.44
CA GLU B 132 -22.52 36.53 -2.71
C GLU B 132 -23.77 36.37 -3.56
N GLN B 133 -23.64 36.18 -4.87
CA GLN B 133 -24.78 35.83 -5.70
C GLN B 133 -24.65 34.46 -6.34
N ALA B 134 -23.48 33.83 -6.28
CA ALA B 134 -23.35 32.43 -6.69
C ALA B 134 -23.35 31.49 -5.51
N GLY B 135 -23.54 31.99 -4.31
CA GLY B 135 -23.76 31.15 -3.17
C GLY B 135 -25.20 30.87 -2.88
N ALA B 136 -26.12 31.32 -3.75
CA ALA B 136 -27.54 31.13 -3.57
C ALA B 136 -28.19 30.64 -4.86
N MET B 137 -27.49 29.82 -5.62
CA MET B 137 -27.96 29.35 -6.92
C MET B 137 -27.84 27.84 -6.99
N ARG B 138 -28.39 27.28 -8.06
CA ARG B 138 -28.28 25.86 -8.36
C ARG B 138 -27.32 25.70 -9.53
N LEU B 139 -26.39 24.76 -9.40
CA LEU B 139 -25.44 24.45 -10.46
C LEU B 139 -25.75 23.07 -11.01
N ALA B 140 -26.04 23.01 -12.32
CA ALA B 140 -26.38 21.79 -13.06
C ALA B 140 -27.56 21.05 -12.42
N GLY B 141 -28.52 21.80 -11.87
CA GLY B 141 -29.61 21.18 -11.17
C GLY B 141 -29.25 20.67 -9.79
N GLY B 142 -28.16 21.15 -9.21
CA GLY B 142 -27.74 20.73 -7.89
C GLY B 142 -27.35 21.91 -7.04
N SER B 143 -27.49 21.74 -5.73
CA SER B 143 -27.25 22.81 -4.79
C SER B 143 -25.76 23.09 -4.64
N ILE B 144 -25.44 24.23 -4.05
CA ILE B 144 -24.06 24.66 -3.86
C ILE B 144 -23.78 24.75 -2.38
N LEU B 145 -22.84 23.94 -1.90
CA LEU B 145 -22.41 24.04 -0.52
C LEU B 145 -21.61 25.31 -0.32
N PRO B 146 -22.02 26.20 0.58
CA PRO B 146 -21.29 27.45 0.80
C PRO B 146 -20.20 27.34 1.86
N TRP B 147 -19.98 26.15 2.41
CA TRP B 147 -19.23 26.08 3.65
C TRP B 147 -17.75 25.82 3.48
N CYS B 148 -17.38 24.94 2.53
CA CYS B 148 -16.01 24.46 2.42
C CYS B 148 -15.01 25.52 2.00
N ASN B 149 -15.47 26.70 1.58
CA ASN B 149 -14.61 27.84 1.30
C ASN B 149 -14.34 28.69 2.54
N GLU B 150 -14.79 28.25 3.72
CA GLU B 150 -14.49 28.95 4.96
C GLU B 150 -13.95 27.99 5.99
N ARG B 151 -14.38 26.72 5.94
CA ARG B 151 -13.68 25.69 6.70
C ARG B 151 -12.30 25.46 6.13
N PHE B 152 -12.20 25.40 4.80
CA PHE B 152 -10.93 25.53 4.08
C PHE B 152 -11.00 26.89 3.40
N PRO B 153 -10.44 27.96 4.01
CA PRO B 153 -10.67 29.32 3.52
C PRO B 153 -10.13 29.60 2.13
N ALA B 154 -11.02 29.85 1.17
CA ALA B 154 -10.65 29.96 -0.24
C ALA B 154 -11.37 31.14 -0.89
N PRO B 155 -10.70 32.28 -1.05
CA PRO B 155 -11.30 33.39 -1.80
C PRO B 155 -11.00 33.34 -3.27
N ASN B 156 -11.46 34.33 -4.02
CA ASN B 156 -11.39 34.35 -5.47
C ASN B 156 -10.01 34.79 -5.95
N ALA B 157 -9.93 35.08 -7.24
CA ALA B 157 -8.77 35.68 -7.89
C ALA B 157 -9.23 36.31 -9.18
N GLU B 158 -8.50 37.35 -9.62
CA GLU B 158 -8.73 37.97 -10.91
C GLU B 158 -7.40 38.16 -11.62
N LEU B 159 -7.48 38.46 -12.91
CA LEU B 159 -6.30 38.71 -13.73
C LEU B 159 -6.58 39.86 -14.66
N LEU B 160 -5.63 40.11 -15.56
CA LEU B 160 -5.85 40.91 -16.76
C LEU B 160 -4.88 40.37 -17.80
N MET B 161 -5.36 39.46 -18.65
CA MET B 161 -4.52 38.78 -19.61
C MET B 161 -4.26 39.60 -20.87
N LEU B 162 -4.80 40.81 -20.96
CA LEU B 162 -4.63 41.63 -22.15
C LEU B 162 -3.27 42.34 -22.14
N GLY B 163 -3.04 43.20 -21.16
CA GLY B 163 -1.83 43.98 -21.08
C GLY B 163 -0.74 43.30 -20.28
N GLY B 164 0.24 44.09 -19.90
CA GLY B 164 1.35 43.60 -19.12
C GLY B 164 2.43 42.95 -19.97
N SER B 165 3.61 42.78 -19.37
CA SER B 165 4.70 42.13 -20.06
C SER B 165 4.44 40.62 -20.15
N ASP B 166 5.20 39.98 -21.03
CA ASP B 166 5.01 38.55 -21.26
C ASP B 166 5.49 37.72 -20.07
N GLU B 167 6.49 38.21 -19.34
CA GLU B 167 6.92 37.55 -18.11
C GLU B 167 5.85 37.60 -17.04
N GLN B 168 5.05 38.67 -17.01
CA GLN B 168 3.89 38.69 -16.15
C GLN B 168 2.74 37.85 -16.68
N ARG B 169 2.67 37.64 -17.99
CA ARG B 169 1.64 36.79 -18.56
C ARG B 169 1.88 35.33 -18.20
N ARG B 170 3.10 34.84 -18.46
CA ARG B 170 3.42 33.46 -18.08
C ARG B 170 3.61 33.33 -16.58
N LYS B 171 3.96 34.43 -15.90
CA LYS B 171 4.10 34.42 -14.45
C LYS B 171 2.75 34.22 -13.78
N ASN B 172 1.78 35.10 -14.08
CA ASN B 172 0.45 34.96 -13.51
C ASN B 172 -0.28 33.75 -14.06
N GLN B 173 0.07 33.31 -15.28
CA GLN B 173 -0.51 32.09 -15.81
C GLN B 173 -0.04 30.87 -15.02
N ARG B 174 1.24 30.83 -14.66
CA ARG B 174 1.68 29.74 -13.78
C ARG B 174 1.28 29.95 -12.33
N ARG B 175 0.88 31.17 -11.95
CA ARG B 175 0.21 31.33 -10.66
C ARG B 175 -1.18 30.74 -10.69
N LEU B 176 -1.85 30.83 -11.84
CA LEU B 176 -3.25 30.45 -11.93
C LEU B 176 -3.41 28.93 -11.93
N THR B 177 -2.54 28.23 -12.67
CA THR B 177 -2.66 26.78 -12.84
C THR B 177 -2.02 25.99 -11.72
N ARG B 178 -1.78 26.61 -10.57
CA ARG B 178 -1.36 25.89 -9.37
C ARG B 178 -2.43 25.90 -8.29
N ARG B 179 -3.57 26.55 -8.55
CA ARG B 179 -4.77 26.37 -7.75
C ARG B 179 -5.81 25.52 -8.44
N LEU B 180 -5.61 25.21 -9.72
CA LEU B 180 -6.37 24.21 -10.46
C LEU B 180 -5.55 22.94 -10.62
N LEU B 181 -4.74 22.62 -9.63
CA LEU B 181 -3.63 21.71 -9.83
C LEU B 181 -4.02 20.22 -9.83
N PRO B 182 -4.93 19.71 -8.99
CA PRO B 182 -5.40 18.33 -9.19
C PRO B 182 -6.60 18.17 -10.12
N GLY B 183 -7.00 19.20 -10.86
CA GLY B 183 -8.18 19.13 -11.68
C GLY B 183 -7.90 18.71 -13.11
N PHE B 184 -8.98 18.42 -13.82
CA PHE B 184 -8.94 17.87 -15.18
C PHE B 184 -9.82 18.70 -16.09
N ALA B 185 -9.21 19.40 -17.05
CA ALA B 185 -9.94 20.30 -17.93
C ALA B 185 -10.82 19.52 -18.92
N LEU B 186 -11.58 20.25 -19.73
CA LEU B 186 -12.50 19.62 -20.68
C LEU B 186 -12.65 20.47 -21.92
N VAL B 187 -12.54 19.85 -23.10
CA VAL B 187 -12.48 20.54 -24.39
C VAL B 187 -13.50 19.96 -25.36
N SER B 188 -13.45 20.40 -26.61
CA SER B 188 -14.24 19.82 -27.69
C SER B 188 -13.37 19.61 -28.92
N ARG B 189 -13.51 18.46 -29.57
CA ARG B 189 -12.57 17.96 -30.57
C ARG B 189 -13.29 17.48 -31.81
N GLU B 190 -14.13 18.35 -32.39
CA GLU B 190 -14.91 18.02 -33.58
C GLU B 190 -14.02 17.71 -34.78
N ALA B 191 -12.90 18.43 -34.93
CA ALA B 191 -11.97 18.15 -36.02
C ALA B 191 -11.31 16.79 -35.88
N LEU B 192 -11.14 16.32 -34.64
CA LEU B 192 -10.62 14.96 -34.42
C LEU B 192 -11.64 13.92 -34.85
N LEU B 193 -12.94 14.22 -34.69
CA LEU B 193 -13.99 13.34 -35.21
C LEU B 193 -13.99 13.31 -36.73
N GLN B 194 -13.77 14.46 -37.38
CA GLN B 194 -13.71 14.43 -38.84
C GLN B 194 -12.47 13.67 -39.32
N GLN B 195 -11.35 13.81 -38.60
CA GLN B 195 -10.13 13.08 -38.96
C GLN B 195 -10.32 11.57 -38.79
N HIS B 196 -10.94 11.14 -37.71
CA HIS B 196 -11.15 9.70 -37.55
C HIS B 196 -12.34 9.19 -38.33
N LEU B 197 -13.14 10.06 -38.94
CA LEU B 197 -14.05 9.59 -39.97
C LEU B 197 -13.37 9.43 -41.32
N GLU B 198 -12.35 10.24 -41.60
CA GLU B 198 -11.65 10.11 -42.87
C GLU B 198 -10.64 8.97 -42.90
N THR B 199 -10.31 8.38 -41.76
CA THR B 199 -9.40 7.24 -41.71
C THR B 199 -10.13 5.92 -41.55
N LEU B 200 -11.46 5.94 -41.56
CA LEU B 200 -12.25 4.73 -41.45
C LEU B 200 -13.32 4.65 -42.53
N ARG B 201 -13.09 5.32 -43.66
CA ARG B 201 -14.04 5.29 -44.77
C ARG B 201 -14.01 3.92 -45.41
N THR B 202 -15.06 3.14 -45.19
CA THR B 202 -15.16 1.75 -45.64
C THR B 202 -16.45 1.56 -46.43
N THR B 203 -16.65 2.45 -47.42
CA THR B 203 -17.91 2.64 -48.15
C THR B 203 -19.05 2.86 -47.18
N LEU B 204 -18.94 4.00 -46.47
CA LEU B 204 -19.72 4.24 -45.26
C LEU B 204 -21.20 4.39 -45.54
N PRO B 205 -22.05 3.50 -45.03
CA PRO B 205 -23.49 3.66 -45.19
C PRO B 205 -24.07 4.70 -44.24
N GLU B 206 -25.39 4.79 -44.18
CA GLU B 206 -26.03 5.66 -43.21
C GLU B 206 -25.79 5.16 -41.79
N ALA B 207 -26.08 6.05 -40.83
CA ALA B 207 -25.67 5.93 -39.42
C ALA B 207 -24.15 5.72 -39.33
N THR B 208 -23.43 6.76 -39.76
CA THR B 208 -21.98 6.83 -39.60
C THR B 208 -21.63 7.47 -38.25
N THR B 209 -22.16 6.85 -37.19
CA THR B 209 -21.84 7.24 -35.82
C THR B 209 -20.50 6.63 -35.45
N LEU B 210 -19.56 7.47 -35.06
CA LEU B 210 -18.20 7.03 -34.78
C LEU B 210 -17.99 6.73 -33.30
N ASP B 211 -18.75 7.40 -32.43
CA ASP B 211 -18.52 7.33 -30.99
C ASP B 211 -18.76 5.94 -30.44
N ALA B 212 -19.64 5.16 -31.08
CA ALA B 212 -19.84 3.78 -30.67
C ALA B 212 -18.64 2.90 -31.03
N LEU B 213 -17.79 3.34 -31.95
CA LEU B 213 -16.59 2.61 -32.32
C LEU B 213 -15.35 3.47 -32.16
N LEU B 214 -15.37 4.42 -31.23
CA LEU B 214 -14.20 5.21 -30.91
C LEU B 214 -13.81 5.13 -29.44
N ASP B 215 -14.77 5.29 -28.53
CA ASP B 215 -14.50 5.24 -27.09
C ASP B 215 -14.95 3.90 -26.55
N LEU B 216 -14.04 2.93 -26.59
CA LEU B 216 -14.27 1.53 -26.23
C LEU B 216 -12.94 0.80 -26.31
N CYS B 217 -12.89 -0.37 -25.68
CA CYS B 217 -11.70 -1.22 -25.73
C CYS B 217 -11.84 -2.19 -26.90
N ARG B 218 -10.88 -2.14 -27.83
CA ARG B 218 -10.93 -2.92 -29.06
C ARG B 218 -9.84 -3.99 -29.03
N ILE B 219 -10.26 -5.25 -28.93
CA ILE B 219 -9.34 -6.38 -28.95
C ILE B 219 -9.07 -6.74 -30.40
N ASN B 220 -7.85 -6.44 -30.87
CA ASN B 220 -7.50 -6.60 -32.29
C ASN B 220 -6.88 -7.97 -32.53
N PHE B 221 -6.99 -8.42 -33.78
CA PHE B 221 -6.76 -9.81 -34.13
C PHE B 221 -5.28 -10.17 -34.09
N GLU B 222 -4.99 -11.34 -33.52
CA GLU B 222 -3.64 -11.89 -33.58
C GLU B 222 -3.39 -12.50 -34.96
N PRO B 223 -2.43 -11.98 -35.73
CA PRO B 223 -2.18 -12.47 -37.09
C PRO B 223 -1.53 -13.86 -37.12
N TRP B 239 -3.84 -11.59 -29.44
CA TRP B 239 -4.84 -10.54 -29.36
C TRP B 239 -4.26 -9.32 -28.65
N GLN B 240 -4.35 -8.16 -29.30
CA GLN B 240 -3.79 -6.93 -28.75
C GLN B 240 -4.87 -5.84 -28.70
N VAL B 241 -4.72 -4.96 -27.73
CA VAL B 241 -5.67 -3.87 -27.53
C VAL B 241 -5.29 -2.71 -28.44
N ARG B 242 -6.27 -2.16 -29.16
CA ARG B 242 -6.02 -0.95 -29.92
C ARG B 242 -5.79 0.22 -28.97
N ASP B 243 -4.74 0.99 -29.24
CA ASP B 243 -4.35 2.07 -28.34
C ASP B 243 -5.31 3.25 -28.48
N LYS B 244 -5.64 3.86 -27.34
CA LYS B 244 -6.51 5.01 -27.30
C LYS B 244 -5.67 6.26 -27.09
N PRO B 245 -5.48 7.11 -28.09
CA PRO B 245 -4.59 8.28 -27.93
C PRO B 245 -5.24 9.42 -27.16
N GLY B 246 -5.31 9.25 -25.83
CA GLY B 246 -5.83 10.27 -24.95
C GLY B 246 -6.86 9.69 -24.01
N TRP B 247 -7.69 10.57 -23.46
CA TRP B 247 -8.80 10.18 -22.58
C TRP B 247 -10.06 10.86 -23.10
N LEU B 248 -10.72 10.21 -24.06
CA LEU B 248 -11.85 10.81 -24.76
C LEU B 248 -13.16 10.33 -24.16
N VAL B 249 -14.14 11.22 -24.11
CA VAL B 249 -15.50 10.87 -23.70
C VAL B 249 -16.46 11.41 -24.75
N PRO B 250 -17.64 10.82 -24.86
CA PRO B 250 -18.70 11.45 -25.65
C PRO B 250 -19.57 12.36 -24.79
N ILE B 251 -19.84 13.55 -25.32
CA ILE B 251 -20.67 14.54 -24.62
C ILE B 251 -21.72 15.04 -25.59
N PRO B 252 -22.79 15.64 -25.09
CA PRO B 252 -23.66 16.43 -25.97
C PRO B 252 -22.96 17.71 -26.40
N ALA B 253 -23.29 18.18 -27.60
CA ALA B 253 -22.65 19.37 -28.13
C ALA B 253 -23.62 20.48 -28.52
N GLY B 254 -24.89 20.15 -28.77
CA GLY B 254 -25.84 21.17 -29.14
C GLY B 254 -27.19 20.55 -29.44
N TYR B 255 -28.06 21.37 -30.00
CA TYR B 255 -29.43 20.99 -30.32
C TYR B 255 -29.68 21.14 -31.81
N ASN B 256 -30.57 20.30 -32.33
CA ASN B 256 -30.90 20.26 -33.75
C ASN B 256 -32.40 20.34 -33.90
N ALA B 257 -32.86 21.17 -34.83
CA ALA B 257 -34.28 21.48 -34.94
C ALA B 257 -35.06 20.32 -35.52
N LEU B 258 -36.32 20.24 -35.14
CA LEU B 258 -37.26 19.27 -35.69
C LEU B 258 -38.46 19.93 -36.35
N SER B 259 -39.03 20.94 -35.74
CA SER B 259 -40.13 21.72 -36.27
C SER B 259 -39.65 23.12 -36.61
N PRO B 260 -40.34 23.84 -37.50
CA PRO B 260 -40.03 25.25 -37.69
C PRO B 260 -40.39 26.08 -36.46
N LEU B 261 -39.81 27.27 -36.39
CA LEU B 261 -39.98 28.14 -35.23
C LEU B 261 -41.41 28.65 -35.17
N TYR B 262 -42.02 28.55 -34.00
CA TYR B 262 -43.41 28.90 -33.84
C TYR B 262 -43.55 30.36 -33.44
N LEU B 263 -44.79 30.77 -33.23
CA LEU B 263 -45.56 31.94 -32.83
C LEU B 263 -45.72 31.96 -31.32
N PRO B 264 -45.64 33.12 -30.68
CA PRO B 264 -45.83 33.19 -29.22
C PRO B 264 -47.20 32.75 -28.72
N GLY B 265 -48.24 32.82 -29.55
CA GLY B 265 -49.58 32.45 -29.12
C GLY B 265 -49.76 30.97 -28.86
N GLU B 266 -48.90 30.12 -29.42
CA GLU B 266 -48.86 28.70 -29.11
C GLU B 266 -48.11 28.42 -27.82
N VAL B 267 -47.37 29.40 -27.31
CA VAL B 267 -46.36 29.17 -26.29
C VAL B 267 -46.93 29.06 -24.87
N ARG B 268 -48.14 29.58 -24.62
CA ARG B 268 -48.74 29.63 -23.28
C ARG B 268 -48.95 28.25 -22.67
N ASN B 269 -49.02 27.19 -23.49
CA ASN B 269 -48.99 25.83 -22.97
C ASN B 269 -47.68 25.48 -22.28
N ALA B 270 -46.57 26.15 -22.63
CA ALA B 270 -45.28 25.72 -22.12
C ALA B 270 -44.69 26.57 -20.99
N ARG B 271 -44.31 27.82 -21.27
CA ARG B 271 -43.58 28.67 -20.33
C ARG B 271 -43.90 30.13 -20.62
N ASP B 272 -42.95 31.01 -20.28
CA ASP B 272 -42.91 32.40 -20.70
C ASP B 272 -43.38 32.58 -22.15
N ARG B 273 -44.42 33.40 -22.32
CA ARG B 273 -45.18 33.42 -23.56
C ARG B 273 -44.49 34.20 -24.67
N GLU B 274 -43.78 35.27 -24.34
CA GLU B 274 -43.27 36.18 -25.37
C GLU B 274 -42.07 35.63 -26.14
N THR B 275 -41.52 34.52 -25.72
CA THR B 275 -40.44 33.99 -26.54
C THR B 275 -40.96 32.83 -27.40
N PRO B 276 -40.48 32.70 -28.64
CA PRO B 276 -40.95 31.62 -29.50
C PRO B 276 -40.37 30.28 -29.09
N LEU B 277 -40.92 29.20 -29.66
CA LEU B 277 -40.42 27.88 -29.34
C LEU B 277 -40.43 26.99 -30.57
N ARG B 278 -39.73 25.86 -30.43
CA ARG B 278 -39.78 24.72 -31.33
C ARG B 278 -39.18 23.54 -30.59
N PHE B 279 -39.19 22.38 -31.25
CA PHE B 279 -38.82 21.12 -30.63
C PHE B 279 -37.49 20.66 -31.19
N VAL B 280 -36.65 20.05 -30.35
CA VAL B 280 -35.25 19.82 -30.69
C VAL B 280 -34.85 18.38 -30.36
N GLU B 281 -33.57 18.10 -30.59
CA GLU B 281 -32.93 16.83 -30.32
C GLU B 281 -31.43 17.11 -30.16
N ASN B 282 -30.78 16.35 -29.28
CA ASN B 282 -29.35 16.49 -29.02
C ASN B 282 -28.51 16.16 -30.26
N LEU B 283 -27.30 16.69 -30.25
CA LEU B 283 -26.23 16.26 -31.14
C LEU B 283 -25.05 15.83 -30.28
N PHE B 284 -24.25 14.89 -30.78
CA PHE B 284 -23.22 14.25 -29.98
C PHE B 284 -21.83 14.55 -30.52
N GLY B 285 -20.87 14.67 -29.60
CA GLY B 285 -19.49 14.95 -29.97
C GLY B 285 -18.48 14.39 -28.98
N LEU B 286 -17.21 14.73 -29.15
CA LEU B 286 -16.16 14.25 -28.26
C LEU B 286 -15.76 15.32 -27.24
N GLY B 287 -14.69 15.04 -26.52
CA GLY B 287 -14.11 15.94 -25.54
C GLY B 287 -13.11 15.18 -24.72
N GLU B 288 -11.96 15.76 -24.43
CA GLU B 288 -10.89 15.07 -23.74
C GLU B 288 -10.67 15.69 -22.38
N TRP B 289 -10.54 14.84 -21.36
CA TRP B 289 -10.21 15.29 -20.02
C TRP B 289 -8.70 15.49 -19.94
N LEU B 290 -8.28 16.73 -20.08
CA LEU B 290 -6.87 17.09 -20.13
C LEU B 290 -6.37 17.43 -18.73
N SER B 291 -5.21 18.07 -18.67
CA SER B 291 -4.64 18.76 -17.54
C SER B 291 -4.53 20.24 -17.87
N PRO B 292 -4.57 21.13 -16.87
CA PRO B 292 -4.43 22.56 -17.18
C PRO B 292 -3.05 23.00 -17.64
N HIS B 293 -2.04 22.13 -17.60
CA HIS B 293 -0.67 22.50 -17.95
C HIS B 293 -0.34 22.25 -19.41
N ARG B 294 -1.33 22.31 -20.30
CA ARG B 294 -1.09 22.13 -21.73
C ARG B 294 -1.63 23.25 -22.60
N VAL B 295 -2.58 24.04 -22.12
CA VAL B 295 -3.09 25.15 -22.90
C VAL B 295 -2.04 26.25 -22.95
N ALA B 296 -1.88 26.87 -24.13
CA ALA B 296 -0.93 27.96 -24.30
C ALA B 296 -1.31 29.16 -23.43
N ALA B 297 -2.50 29.69 -23.65
CA ALA B 297 -3.03 30.77 -22.80
C ALA B 297 -4.49 30.46 -22.52
N LEU B 298 -4.91 30.71 -21.28
CA LEU B 298 -6.22 30.30 -20.82
C LEU B 298 -7.35 31.25 -21.22
N SER B 299 -7.12 32.12 -22.20
CA SER B 299 -8.24 32.69 -22.95
C SER B 299 -8.94 31.61 -23.76
N ASP B 300 -8.19 30.60 -24.17
CA ASP B 300 -8.66 29.33 -24.65
C ASP B 300 -9.28 28.55 -23.49
N LEU B 301 -9.90 27.40 -23.82
CA LEU B 301 -10.54 26.50 -22.84
C LEU B 301 -11.70 27.20 -22.12
N LEU B 302 -12.63 27.72 -22.92
CA LEU B 302 -13.84 28.36 -22.41
C LEU B 302 -14.99 28.02 -23.34
N TRP B 303 -16.13 27.64 -22.75
CA TRP B 303 -17.27 27.17 -23.51
C TRP B 303 -18.17 28.34 -23.88
N TYR B 304 -18.56 28.42 -25.15
CA TYR B 304 -19.35 29.51 -25.69
C TYR B 304 -20.61 28.96 -26.37
N HIS B 305 -21.69 29.74 -26.27
CA HIS B 305 -22.91 29.52 -27.07
C HIS B 305 -22.75 30.17 -28.43
N HIS B 306 -23.21 29.49 -29.48
CA HIS B 306 -23.45 30.13 -30.76
C HIS B 306 -24.46 29.32 -31.56
N ALA B 307 -25.07 29.98 -32.54
CA ALA B 307 -26.25 29.43 -33.18
C ALA B 307 -26.36 29.87 -34.63
N GLU B 308 -27.13 29.08 -35.39
CA GLU B 308 -27.67 29.48 -36.68
C GLU B 308 -29.18 29.27 -36.60
N PRO B 309 -29.92 30.25 -36.08
CA PRO B 309 -31.36 30.06 -35.89
C PRO B 309 -32.18 30.13 -37.18
N ASP B 310 -31.57 30.50 -38.31
CA ASP B 310 -32.27 30.44 -39.57
C ASP B 310 -32.44 28.99 -40.03
N LYS B 311 -31.31 28.30 -40.22
CA LYS B 311 -31.37 26.88 -40.56
C LYS B 311 -31.73 26.04 -39.35
N GLY B 312 -31.41 26.53 -38.15
CA GLY B 312 -31.88 25.87 -36.95
C GLY B 312 -30.90 24.96 -36.24
N LEU B 313 -29.68 25.44 -36.01
CA LEU B 313 -28.62 24.60 -35.46
C LEU B 313 -27.98 25.29 -34.28
N TYR B 314 -27.99 24.64 -33.11
CA TYR B 314 -27.54 25.26 -31.87
C TYR B 314 -26.32 24.52 -31.33
N ARG B 315 -25.31 25.25 -30.87
CA ARG B 315 -24.09 24.54 -30.50
C ARG B 315 -23.34 25.32 -29.43
N TRP B 316 -22.71 24.59 -28.52
CA TRP B 316 -21.75 25.20 -27.61
C TRP B 316 -20.41 24.48 -27.76
N SER B 317 -19.33 25.26 -27.72
CA SER B 317 -18.03 24.68 -28.04
C SER B 317 -16.93 25.54 -27.44
N THR B 318 -15.70 25.03 -27.55
CA THR B 318 -14.48 25.79 -27.22
C THR B 318 -13.73 26.04 -28.52
N PRO B 319 -14.01 27.12 -29.24
CA PRO B 319 -13.37 27.35 -30.52
C PRO B 319 -11.93 27.80 -30.34
N ARG B 320 -11.14 27.58 -31.41
CA ARG B 320 -9.71 27.90 -31.48
C ARG B 320 -8.91 27.22 -30.38
N PHE B 321 -9.23 25.95 -30.09
CA PHE B 321 -8.42 25.24 -29.10
C PHE B 321 -7.14 24.69 -29.74
N VAL B 322 -7.31 23.71 -30.63
CA VAL B 322 -6.24 22.89 -31.25
C VAL B 322 -5.25 22.32 -30.22
N LEU C 5 43.01 19.34 -29.36
CA LEU C 5 43.57 19.21 -28.02
C LEU C 5 42.61 19.80 -26.98
N SER C 6 41.65 19.00 -26.57
CA SER C 6 40.70 19.43 -25.55
C SER C 6 41.25 19.15 -24.15
N THR C 7 40.60 19.73 -23.15
CA THR C 7 41.00 19.52 -21.76
C THR C 7 40.64 18.11 -21.31
N ALA C 8 41.44 17.58 -20.40
CA ALA C 8 41.12 16.30 -19.78
C ALA C 8 39.96 16.47 -18.82
N SER C 9 39.11 15.46 -18.76
CA SER C 9 37.95 15.53 -17.88
C SER C 9 38.29 15.29 -16.42
N VAL C 10 39.43 14.67 -16.13
CA VAL C 10 39.88 14.39 -14.78
C VAL C 10 41.30 14.93 -14.63
N LEU C 11 41.52 15.82 -13.68
CA LEU C 11 42.87 16.32 -13.39
C LEU C 11 43.37 15.93 -12.01
N ALA C 12 42.66 16.34 -10.94
CA ALA C 12 42.83 15.84 -9.57
C ALA C 12 44.26 16.01 -9.05
N PHE C 13 44.64 17.28 -8.86
CA PHE C 13 45.94 17.55 -8.26
C PHE C 13 45.94 17.28 -6.77
N GLU C 14 47.14 17.35 -6.18
CA GLU C 14 47.38 16.94 -4.81
C GLU C 14 48.23 18.01 -4.12
N ARG C 15 47.89 18.35 -2.88
CA ARG C 15 48.51 19.49 -2.22
C ARG C 15 49.94 19.18 -1.81
N LYS C 16 50.74 20.24 -1.68
CA LYS C 16 52.16 20.09 -1.44
C LYS C 16 52.65 20.76 -0.16
N LEU C 17 51.84 21.61 0.46
CA LEU C 17 52.13 22.14 1.79
C LEU C 17 51.21 21.43 2.78
N ASP C 18 51.80 20.66 3.69
CA ASP C 18 51.01 19.78 4.55
C ASP C 18 51.19 20.18 6.02
N PRO C 19 50.24 20.91 6.61
CA PRO C 19 50.31 21.23 8.04
C PRO C 19 49.70 20.14 8.91
N SER C 20 49.60 20.39 10.21
CA SER C 20 48.96 19.48 11.16
C SER C 20 48.14 20.31 12.13
N ASP C 21 47.72 19.70 13.23
CA ASP C 21 46.87 20.37 14.20
C ASP C 21 47.71 21.26 15.12
N ALA C 22 47.03 22.12 15.88
CA ALA C 22 47.70 23.24 16.54
C ALA C 22 48.16 22.96 17.96
N LEU C 23 47.37 22.26 18.76
CA LEU C 23 47.74 21.77 20.10
C LEU C 23 48.11 22.92 21.04
N MET C 24 47.09 23.71 21.40
CA MET C 24 47.28 24.83 22.32
C MET C 24 47.72 24.36 23.70
N SER C 25 48.62 25.13 24.30
CA SER C 25 49.05 24.89 25.67
C SER C 25 49.45 26.22 26.27
N ALA C 26 49.37 26.31 27.59
CA ALA C 26 49.50 27.58 28.31
C ALA C 26 50.81 27.64 29.05
N GLY C 27 50.97 28.70 29.82
CA GLY C 27 52.16 28.88 30.64
C GLY C 27 52.44 30.36 30.82
N ALA C 28 53.52 30.65 31.55
CA ALA C 28 53.89 32.01 31.89
C ALA C 28 55.11 32.45 31.08
N TRP C 29 55.09 33.73 30.69
CA TRP C 29 56.18 34.33 29.95
C TRP C 29 57.43 34.43 30.82
N ALA C 30 58.60 34.52 30.17
CA ALA C 30 59.96 34.46 30.69
C ALA C 30 60.34 33.07 31.23
N GLN C 31 59.40 32.13 31.20
CA GLN C 31 59.66 30.71 31.12
C GLN C 31 59.57 30.22 29.69
N ARG C 32 59.89 31.12 28.76
CA ARG C 32 59.60 30.93 27.34
C ARG C 32 60.54 29.90 26.73
N ASP C 33 61.84 30.06 26.93
CA ASP C 33 62.77 28.96 26.74
C ASP C 33 62.47 27.89 27.78
N ALA C 34 62.74 26.63 27.41
CA ALA C 34 62.26 25.44 28.13
C ALA C 34 60.74 25.51 28.30
N SER C 35 60.09 25.34 27.15
CA SER C 35 58.80 25.91 26.75
C SER C 35 57.68 25.88 27.78
N GLN C 36 56.72 26.83 27.61
CA GLN C 36 56.02 27.58 28.64
C GLN C 36 55.68 26.78 29.88
N GLU C 37 54.79 25.80 29.68
CA GLU C 37 54.46 24.80 30.66
C GLU C 37 54.03 23.56 29.87
N TRP C 38 53.90 22.46 30.56
CA TRP C 38 53.31 21.33 29.87
C TRP C 38 52.03 20.77 30.50
N PRO C 39 51.05 21.62 30.93
CA PRO C 39 49.66 21.23 30.70
C PRO C 39 49.10 22.00 29.53
N ALA C 40 48.00 21.52 28.97
CA ALA C 40 47.38 22.15 27.82
C ALA C 40 46.09 22.84 28.25
N VAL C 41 45.61 23.73 27.38
CA VAL C 41 44.34 24.41 27.61
C VAL C 41 43.22 23.41 27.37
N THR C 42 42.38 23.20 28.37
CA THR C 42 41.29 22.24 28.27
C THR C 42 39.98 22.96 27.97
N VAL C 43 39.21 22.39 27.06
CA VAL C 43 37.90 22.90 26.72
C VAL C 43 36.92 22.44 27.79
N ARG C 44 36.23 23.40 28.41
CA ARG C 44 35.27 23.06 29.46
C ARG C 44 33.94 23.72 29.14
N GLU C 45 32.94 23.43 29.96
CA GLU C 45 31.55 23.77 29.67
C GLU C 45 31.01 24.70 30.74
N LYS C 46 30.18 25.67 30.33
CA LYS C 46 29.48 26.50 31.30
C LYS C 46 28.15 26.92 30.71
N SER C 47 27.23 27.29 31.60
CA SER C 47 25.91 27.74 31.19
C SER C 47 25.90 29.24 30.97
N GLN C 76 21.49 28.52 27.42
CA GLN C 76 22.53 27.87 26.64
C GLN C 76 23.49 27.14 27.58
N THR C 77 24.20 26.16 27.03
CA THR C 77 25.37 25.56 27.66
C THR C 77 26.50 25.56 26.65
N VAL C 78 27.34 26.58 26.68
CA VAL C 78 28.38 26.73 25.70
C VAL C 78 29.68 26.15 26.25
N ASP C 79 30.65 25.95 25.36
CA ASP C 79 31.98 25.49 25.72
C ASP C 79 32.95 26.64 25.57
N VAL C 80 33.75 26.90 26.61
CA VAL C 80 34.77 27.91 26.57
C VAL C 80 36.12 27.27 26.88
N ALA C 81 37.17 28.00 26.53
CA ALA C 81 38.54 27.59 26.83
C ALA C 81 39.28 28.82 27.32
N ASN C 82 39.55 28.88 28.61
CA ASN C 82 40.29 29.98 29.21
C ASN C 82 41.71 29.53 29.55
N LEU C 83 42.61 30.51 29.59
CA LEU C 83 43.92 30.27 30.19
C LEU C 83 43.75 30.09 31.69
N PRO C 84 44.66 29.37 32.34
CA PRO C 84 44.59 29.27 33.81
C PRO C 84 44.92 30.58 34.50
N SER C 85 44.64 30.62 35.79
CA SER C 85 44.65 31.87 36.56
C SER C 85 46.03 32.45 36.77
N ASP C 86 47.09 31.68 36.58
CA ASP C 86 48.46 32.14 36.78
C ASP C 86 49.31 31.90 35.54
N ALA C 87 48.77 32.23 34.38
CA ALA C 87 49.48 32.07 33.11
C ALA C 87 48.98 33.12 32.15
N ASP C 88 49.91 33.70 31.37
CA ASP C 88 49.54 34.77 30.46
C ASP C 88 50.20 34.61 29.09
N THR C 89 50.45 33.38 28.65
CA THR C 89 51.10 33.16 27.37
C THR C 89 50.51 31.92 26.72
N LEU C 90 50.06 32.07 25.48
CA LEU C 90 49.57 30.97 24.68
C LEU C 90 50.67 30.42 23.79
N LYS C 91 50.75 29.10 23.71
CA LYS C 91 51.71 28.39 22.88
C LYS C 91 50.97 27.55 21.86
N VAL C 92 51.33 27.68 20.59
CA VAL C 92 50.73 26.91 19.51
C VAL C 92 51.85 26.25 18.71
N ARG C 93 51.86 24.92 18.68
CA ARG C 93 52.94 24.17 18.05
C ARG C 93 52.39 23.24 16.99
N PHE C 94 52.82 23.43 15.74
CA PHE C 94 52.45 22.50 14.68
C PHE C 94 53.66 22.22 13.81
N THR C 95 53.53 21.22 12.95
CA THR C 95 54.59 20.85 12.02
C THR C 95 54.13 21.14 10.59
N LEU C 96 55.07 21.05 9.66
CA LEU C 96 54.78 21.40 8.28
C LEU C 96 55.72 20.64 7.36
N ARG C 97 55.17 19.83 6.46
CA ARG C 97 55.97 19.22 5.41
C ARG C 97 55.84 20.03 4.12
N VAL C 98 56.97 20.18 3.44
CA VAL C 98 57.01 20.79 2.12
C VAL C 98 57.37 19.70 1.12
N LEU C 99 56.48 19.45 0.17
CA LEU C 99 56.63 18.34 -0.76
C LEU C 99 56.97 18.85 -2.16
N GLY C 100 57.83 18.12 -2.86
CA GLY C 100 58.27 18.52 -4.19
C GLY C 100 57.42 17.93 -5.29
N GLY C 101 57.72 18.35 -6.52
CA GLY C 101 57.00 17.90 -7.68
C GLY C 101 55.60 18.48 -7.76
N ALA C 102 55.50 19.80 -7.86
CA ALA C 102 54.24 20.51 -7.74
C ALA C 102 53.59 20.80 -9.09
N GLY C 103 53.83 19.96 -10.08
CA GLY C 103 53.20 20.17 -11.38
C GLY C 103 52.68 18.89 -11.99
N THR C 104 52.90 17.77 -11.30
CA THR C 104 52.51 16.47 -11.81
C THR C 104 51.14 16.11 -11.28
N PRO C 105 50.16 15.81 -12.13
CA PRO C 105 48.83 15.40 -11.64
C PRO C 105 48.84 14.02 -11.00
N SER C 106 47.71 13.63 -10.43
CA SER C 106 47.57 12.29 -9.88
C SER C 106 46.61 11.42 -10.66
N ALA C 107 45.75 12.01 -11.50
CA ALA C 107 44.79 11.24 -12.29
C ALA C 107 44.42 12.07 -13.51
N CYS C 108 45.01 11.73 -14.66
CA CYS C 108 44.75 12.47 -15.88
C CYS C 108 44.35 11.51 -16.99
N ASN C 109 43.32 11.88 -17.77
CA ASN C 109 42.87 11.05 -18.86
C ASN C 109 43.84 11.11 -20.04
N ASP C 110 44.00 12.30 -20.62
CA ASP C 110 44.80 12.46 -21.82
C ASP C 110 46.29 12.37 -21.49
N ALA C 111 47.05 11.86 -22.45
CA ALA C 111 48.49 11.82 -22.34
C ALA C 111 49.17 13.01 -23.01
N ALA C 112 48.56 13.60 -24.03
CA ALA C 112 49.13 14.77 -24.66
C ALA C 112 48.91 16.02 -23.81
N TYR C 113 47.74 16.11 -23.15
CA TYR C 113 47.45 17.24 -22.29
C TYR C 113 48.36 17.24 -21.06
N ARG C 114 48.69 16.04 -20.56
CA ARG C 114 49.60 15.93 -19.42
C ARG C 114 51.02 16.35 -19.80
N ASP C 115 51.47 15.96 -20.99
CA ASP C 115 52.82 16.32 -21.43
C ASP C 115 52.93 17.80 -21.74
N LYS C 116 51.87 18.38 -22.32
CA LYS C 116 51.84 19.82 -22.55
C LYS C 116 51.83 20.58 -21.24
N LEU C 117 51.12 20.05 -20.24
CA LEU C 117 51.09 20.66 -18.92
C LEU C 117 52.47 20.62 -18.26
N LEU C 118 53.18 19.49 -18.36
CA LEU C 118 54.50 19.41 -17.77
C LEU C 118 55.52 20.26 -18.51
N GLN C 119 55.35 20.45 -19.82
CA GLN C 119 56.20 21.40 -20.53
C GLN C 119 55.91 22.83 -20.10
N THR C 120 54.65 23.13 -19.77
CA THR C 120 54.30 24.48 -19.30
C THR C 120 54.91 24.77 -17.94
N VAL C 121 54.78 23.82 -17.00
CA VAL C 121 55.30 24.03 -15.65
C VAL C 121 56.82 24.02 -15.65
N ALA C 122 57.43 23.16 -16.47
CA ALA C 122 58.88 23.17 -16.62
C ALA C 122 59.38 24.47 -17.25
N THR C 123 58.60 25.02 -18.19
CA THR C 123 58.92 26.33 -18.75
C THR C 123 58.83 27.42 -17.69
N TYR C 124 57.85 27.30 -16.77
CA TYR C 124 57.73 28.28 -15.68
C TYR C 124 58.93 28.23 -14.76
N VAL C 125 59.26 27.04 -14.25
CA VAL C 125 60.37 26.95 -13.30
C VAL C 125 61.74 27.12 -13.96
N ASN C 126 61.82 27.06 -15.29
CA ASN C 126 63.05 27.46 -15.96
C ASN C 126 63.13 28.95 -16.23
N ASP C 127 62.00 29.62 -16.44
CA ASP C 127 62.03 31.07 -16.60
C ASP C 127 62.34 31.76 -15.28
N GLN C 128 61.75 31.27 -14.19
CA GLN C 128 61.95 31.86 -12.87
C GLN C 128 61.67 30.82 -11.82
N GLY C 129 62.36 30.90 -10.70
CA GLY C 129 62.27 29.88 -9.67
C GLY C 129 61.01 30.00 -8.84
N PHE C 130 61.04 29.30 -7.70
CA PHE C 130 60.00 29.39 -6.69
C PHE C 130 60.31 30.44 -5.62
N ALA C 131 61.04 31.49 -5.97
CA ALA C 131 61.49 32.46 -4.97
C ALA C 131 60.36 33.35 -4.48
N GLU C 132 59.44 33.72 -5.38
CA GLU C 132 58.35 34.61 -5.00
C GLU C 132 57.37 33.94 -4.05
N LEU C 133 56.92 32.73 -4.42
CA LEU C 133 55.90 32.04 -3.64
C LEU C 133 56.47 31.57 -2.30
N ALA C 134 57.73 31.13 -2.28
CA ALA C 134 58.32 30.77 -1.00
C ALA C 134 58.65 31.99 -0.17
N ARG C 135 58.85 33.15 -0.82
CA ARG C 135 59.06 34.38 -0.08
C ARG C 135 57.79 34.81 0.64
N ARG C 136 56.64 34.68 -0.03
CA ARG C 136 55.40 35.07 0.61
C ARG C 136 54.90 34.03 1.62
N TYR C 137 55.15 32.73 1.36
CA TYR C 137 54.88 31.71 2.37
C TYR C 137 55.76 31.90 3.59
N ALA C 138 57.00 32.35 3.38
CA ALA C 138 57.87 32.68 4.50
C ALA C 138 57.39 33.93 5.22
N HIS C 139 56.72 34.85 4.52
CA HIS C 139 56.12 35.97 5.24
C HIS C 139 54.90 35.56 6.04
N ASN C 140 54.16 34.55 5.59
CA ASN C 140 53.04 34.10 6.41
C ASN C 140 53.46 33.19 7.56
N LEU C 141 54.60 32.52 7.45
CA LEU C 141 55.17 31.89 8.64
C LEU C 141 55.92 32.87 9.51
N ALA C 142 56.29 34.03 8.97
CA ALA C 142 57.09 35.00 9.71
C ALA C 142 56.27 35.65 10.81
N ASN C 143 55.14 36.26 10.44
CA ASN C 143 54.20 36.76 11.42
C ASN C 143 53.33 35.61 11.90
N ALA C 144 52.26 35.93 12.61
CA ALA C 144 51.46 34.88 13.23
C ALA C 144 50.03 34.89 12.68
N ARG C 145 49.91 34.93 11.35
CA ARG C 145 48.59 34.94 10.72
C ARG C 145 47.79 33.68 11.05
N PHE C 146 48.48 32.56 11.29
CA PHE C 146 47.81 31.32 11.70
C PHE C 146 47.21 31.39 13.10
N LEU C 147 47.57 32.39 13.90
CA LEU C 147 46.78 32.75 15.08
C LEU C 147 45.69 33.70 14.60
N TRP C 148 44.46 33.22 14.51
CA TRP C 148 43.43 34.00 13.84
C TRP C 148 42.89 35.13 14.71
N ARG C 149 42.21 34.78 15.80
CA ARG C 149 41.70 35.80 16.71
C ARG C 149 42.59 35.96 17.92
N ASN C 150 43.44 34.97 18.19
CA ASN C 150 44.37 35.04 19.31
C ASN C 150 45.45 36.08 19.11
N ARG C 151 45.74 36.45 17.86
CA ARG C 151 46.73 37.47 17.57
C ARG C 151 46.20 38.87 17.88
N VAL C 152 44.87 39.05 17.79
CA VAL C 152 44.26 40.37 17.93
C VAL C 152 44.36 40.84 19.37
N GLY C 153 45.08 41.94 19.58
CA GLY C 153 45.22 42.50 20.91
C GLY C 153 46.16 41.71 21.80
N ALA C 154 47.43 41.68 21.45
CA ALA C 154 48.45 41.01 22.24
C ALA C 154 49.63 41.94 22.45
N GLU C 155 50.34 41.72 23.55
CA GLU C 155 51.47 42.57 23.87
C GLU C 155 52.68 42.25 23.00
N ALA C 156 53.02 40.96 22.91
CA ALA C 156 54.19 40.54 22.14
C ALA C 156 53.96 39.12 21.65
N VAL C 157 54.20 38.90 20.36
CA VAL C 157 54.05 37.60 19.72
C VAL C 157 55.40 37.20 19.16
N GLU C 158 55.87 36.01 19.51
CA GLU C 158 57.16 35.52 19.04
C GLU C 158 57.00 34.17 18.37
N VAL C 159 57.60 34.02 17.19
CA VAL C 159 57.49 32.82 16.38
C VAL C 159 58.87 32.18 16.28
N ARG C 160 58.95 30.88 16.55
CA ARG C 160 60.20 30.12 16.46
C ARG C 160 60.01 28.97 15.47
N ILE C 161 60.92 28.88 14.50
CA ILE C 161 60.83 27.93 13.41
C ILE C 161 62.09 27.08 13.41
N ASN C 162 61.94 25.77 13.30
CA ASN C 162 63.07 24.86 13.31
C ASN C 162 63.04 23.99 12.06
N HIS C 163 64.16 23.91 11.36
CA HIS C 163 64.31 22.95 10.28
C HIS C 163 64.86 21.66 10.85
N ILE C 164 64.18 20.56 10.54
CA ILE C 164 64.53 19.25 11.10
C ILE C 164 64.88 18.31 9.95
N ARG C 165 66.14 17.87 9.91
CA ARG C 165 66.66 17.08 8.81
C ARG C 165 66.93 15.64 9.24
N GLN C 166 67.76 15.44 10.24
CA GLN C 166 67.88 14.17 10.93
C GLN C 166 66.88 14.17 12.08
N GLY C 167 67.05 13.29 13.07
CA GLY C 167 66.25 13.39 14.28
C GLY C 167 66.47 14.67 15.06
N GLU C 168 67.60 15.35 14.85
CA GLU C 168 67.97 16.56 15.57
C GLU C 168 67.55 17.80 14.79
N VAL C 169 68.02 18.96 15.23
CA VAL C 169 67.65 20.25 14.66
C VAL C 169 68.80 20.74 13.78
N ALA C 170 68.49 21.14 12.56
CA ALA C 170 69.50 21.62 11.63
C ALA C 170 69.76 23.12 11.76
N ARG C 171 68.70 23.93 11.76
CA ARG C 171 68.83 25.37 11.79
C ARG C 171 67.57 25.98 12.39
N ALA C 172 67.75 26.98 13.25
CA ALA C 172 66.67 27.58 14.00
C ALA C 172 66.54 29.07 13.70
N TRP C 173 65.30 29.53 13.57
CA TRP C 173 64.98 30.94 13.39
C TRP C 173 64.08 31.40 14.52
N ARG C 174 64.27 32.65 14.95
CA ARG C 174 63.46 33.28 15.99
C ARG C 174 63.05 34.66 15.49
N PHE C 175 61.76 34.84 15.24
CA PHE C 175 61.22 36.05 14.64
C PHE C 175 60.47 36.87 15.67
N ASP C 176 59.88 37.97 15.19
CA ASP C 176 59.04 38.85 15.99
C ASP C 176 57.86 39.23 15.12
N ALA C 177 56.67 38.77 15.51
CA ALA C 177 55.53 38.85 14.60
C ALA C 177 54.91 40.23 14.52
N LEU C 178 55.03 41.04 15.56
CA LEU C 178 54.39 42.35 15.53
C LEU C 178 55.22 43.37 14.75
N ALA C 179 56.54 43.20 14.73
CA ALA C 179 57.38 44.10 13.93
C ALA C 179 57.19 43.82 12.45
N ILE C 180 57.07 42.56 12.07
CA ILE C 180 56.79 42.21 10.69
C ILE C 180 55.33 42.53 10.37
N GLY C 181 55.12 43.30 9.31
CA GLY C 181 53.78 43.75 8.99
C GLY C 181 52.91 42.62 8.48
N LEU C 182 51.61 42.88 8.46
CA LEU C 182 50.63 41.91 7.99
C LEU C 182 50.16 42.19 6.56
N ARG C 183 50.32 43.42 6.08
CA ARG C 183 49.93 43.76 4.71
C ARG C 183 51.12 44.05 3.80
N ASP C 184 52.32 44.21 4.34
CA ASP C 184 53.50 44.55 3.55
C ASP C 184 54.42 43.35 3.43
N PHE C 185 55.07 43.23 2.27
CA PHE C 185 56.00 42.15 1.99
C PHE C 185 57.38 42.77 1.81
N LYS C 186 58.09 42.96 2.91
CA LYS C 186 59.41 43.57 2.92
C LYS C 186 60.48 42.50 3.04
N ALA C 187 61.59 42.71 2.33
CA ALA C 187 62.66 41.73 2.31
C ALA C 187 63.45 41.75 3.62
N ASP C 188 64.14 40.65 3.88
CA ASP C 188 65.00 40.48 5.04
C ASP C 188 65.95 39.33 4.74
N ALA C 189 67.07 39.30 5.47
CA ALA C 189 68.04 38.23 5.26
C ALA C 189 67.50 36.88 5.73
N GLU C 190 66.85 36.87 6.89
CA GLU C 190 66.33 35.62 7.44
C GLU C 190 65.16 35.10 6.63
N LEU C 191 64.31 36.02 6.15
CA LEU C 191 63.25 35.62 5.25
C LEU C 191 63.77 35.18 3.89
N ASP C 192 64.96 35.63 3.49
CA ASP C 192 65.59 35.03 2.32
C ASP C 192 66.16 33.66 2.62
N ALA C 193 66.53 33.39 3.88
CA ALA C 193 66.94 32.04 4.24
C ALA C 193 65.76 31.07 4.20
N LEU C 194 64.60 31.48 4.74
CA LEU C 194 63.43 30.64 4.62
C LEU C 194 62.92 30.55 3.19
N ALA C 195 63.14 31.61 2.38
CA ALA C 195 62.74 31.54 0.99
C ALA C 195 63.61 30.56 0.21
N GLU C 196 64.90 30.50 0.52
CA GLU C 196 65.76 29.50 -0.11
C GLU C 196 65.46 28.10 0.39
N LEU C 197 65.03 27.97 1.65
CA LEU C 197 64.72 26.64 2.18
C LEU C 197 63.42 26.10 1.60
N ILE C 198 62.35 26.89 1.65
CA ILE C 198 61.06 26.45 1.14
C ILE C 198 61.10 26.36 -0.38
N ALA C 199 61.80 27.27 -1.04
CA ALA C 199 61.97 27.19 -2.49
C ALA C 199 62.82 25.99 -2.88
N SER C 200 63.77 25.59 -2.02
CA SER C 200 64.49 24.36 -2.26
C SER C 200 63.65 23.13 -1.95
N GLY C 201 62.58 23.29 -1.18
CA GLY C 201 61.70 22.17 -0.88
C GLY C 201 60.67 21.91 -1.94
N LEU C 202 60.05 22.97 -2.46
CA LEU C 202 59.01 22.82 -3.48
C LEU C 202 59.57 22.38 -4.82
N SER C 203 60.85 22.64 -5.09
CA SER C 203 61.45 22.24 -6.35
C SER C 203 61.87 20.78 -6.38
N GLY C 204 61.72 20.06 -5.26
CA GLY C 204 62.10 18.67 -5.21
C GLY C 204 63.56 18.41 -4.97
N SER C 205 64.32 19.43 -4.56
CA SER C 205 65.75 19.30 -4.36
C SER C 205 66.12 18.82 -2.96
N GLY C 206 65.13 18.43 -2.16
CA GLY C 206 65.43 17.95 -0.82
C GLY C 206 64.14 17.70 -0.06
N HIS C 207 64.30 17.33 1.20
CA HIS C 207 63.19 17.07 2.10
C HIS C 207 63.14 18.14 3.18
N VAL C 208 61.98 18.78 3.34
CA VAL C 208 61.83 19.91 4.24
C VAL C 208 60.72 19.62 5.24
N LEU C 209 61.10 19.46 6.51
CA LEU C 209 60.17 19.35 7.63
C LEU C 209 60.46 20.46 8.61
N LEU C 210 59.45 21.28 8.89
CA LEU C 210 59.57 22.43 9.76
C LEU C 210 58.71 22.27 11.00
N GLU C 211 59.21 22.78 12.12
CA GLU C 211 58.46 22.82 13.37
C GLU C 211 58.22 24.28 13.73
N VAL C 212 56.96 24.66 13.89
CA VAL C 212 56.58 26.04 14.13
C VAL C 212 55.95 26.13 15.51
N VAL C 213 56.47 27.05 16.33
CA VAL C 213 55.97 27.30 17.69
C VAL C 213 55.70 28.78 17.82
N ALA C 214 54.49 29.13 18.29
CA ALA C 214 54.08 30.52 18.42
C ALA C 214 53.72 30.84 19.86
N PHE C 215 54.10 32.05 20.29
CA PHE C 215 53.99 32.51 21.67
C PHE C 215 53.26 33.84 21.68
N ALA C 216 52.26 33.98 22.55
CA ALA C 216 51.49 35.21 22.61
C ALA C 216 51.18 35.61 24.06
N ARG C 217 51.24 36.90 24.34
CA ARG C 217 50.81 37.46 25.62
C ARG C 217 49.41 38.04 25.43
N ILE C 218 48.40 37.34 25.93
CA ILE C 218 47.02 37.80 25.80
C ILE C 218 46.39 38.07 27.15
N GLY C 219 47.19 38.21 28.20
CA GLY C 219 46.68 38.50 29.53
C GLY C 219 46.50 37.25 30.37
N ASP C 220 46.24 37.48 31.65
CA ASP C 220 46.29 36.43 32.67
C ASP C 220 44.90 35.81 32.81
N GLY C 221 44.64 34.78 32.01
CA GLY C 221 43.49 33.93 32.20
C GLY C 221 42.25 34.33 31.44
N GLN C 222 42.34 34.52 30.11
CA GLN C 222 41.17 35.01 29.37
C GLN C 222 41.13 34.49 27.93
N GLU C 223 40.42 33.38 27.75
CA GLU C 223 39.64 33.05 26.55
C GLU C 223 40.50 32.99 25.28
N VAL C 224 41.31 31.93 25.21
CA VAL C 224 41.88 31.54 23.92
C VAL C 224 40.77 31.04 23.00
N PHE C 225 41.06 31.03 21.70
CA PHE C 225 40.04 30.73 20.69
C PHE C 225 40.44 29.54 19.83
N PRO C 226 40.00 28.33 20.15
CA PRO C 226 40.15 27.21 19.22
C PRO C 226 39.04 27.24 18.17
N SER C 227 39.02 26.21 17.35
CA SER C 227 38.08 26.13 16.25
C SER C 227 36.85 25.33 16.66
N GLN C 228 35.71 25.67 16.05
CA GLN C 228 34.43 25.09 16.44
C GLN C 228 34.10 23.87 15.61
N GLU C 229 33.01 23.21 15.96
CA GLU C 229 32.55 21.99 15.34
C GLU C 229 31.14 22.16 14.80
N LEU C 230 30.69 21.15 14.08
CA LEU C 230 29.35 21.14 13.51
C LEU C 230 28.43 20.28 14.38
N LYS C 243 27.29 25.22 21.01
CA LYS C 243 28.68 25.60 20.74
C LYS C 243 29.59 24.57 21.38
N THR C 244 30.28 23.79 20.54
CA THR C 244 31.33 22.91 21.02
C THR C 244 32.61 23.19 20.25
N LEU C 245 33.73 22.82 20.85
CA LEU C 245 35.03 23.19 20.34
C LEU C 245 35.83 21.96 19.98
N TYR C 246 36.65 22.08 18.93
CA TYR C 246 37.49 20.97 18.50
C TYR C 246 38.56 20.67 19.53
N SER C 247 38.83 19.39 19.72
CA SER C 247 39.82 18.96 20.67
C SER C 247 40.51 17.70 20.17
N VAL C 248 41.54 17.32 20.89
CA VAL C 248 42.32 16.09 20.71
C VAL C 248 42.25 15.45 22.09
N ARG C 249 43.15 14.52 22.38
CA ARG C 249 43.09 13.78 23.64
C ARG C 249 43.36 14.74 24.81
N ASP C 250 42.27 15.41 25.21
CA ASP C 250 42.21 16.36 26.33
C ASP C 250 43.16 17.54 26.15
N ALA C 251 42.94 18.27 25.04
CA ALA C 251 43.66 19.49 24.74
C ALA C 251 42.89 20.25 23.67
N ALA C 252 42.87 21.58 23.78
CA ALA C 252 42.26 22.40 22.75
C ALA C 252 43.20 22.56 21.58
N ALA C 253 42.65 22.49 20.37
CA ALA C 253 43.44 22.65 19.15
C ALA C 253 42.54 23.26 18.09
N ILE C 254 43.17 23.71 17.00
CA ILE C 254 42.41 24.18 15.84
C ILE C 254 42.68 23.21 14.70
N HIS C 255 41.83 23.26 13.69
CA HIS C 255 41.92 22.34 12.56
C HIS C 255 43.16 22.64 11.73
N SER C 256 43.46 21.74 10.81
CA SER C 256 44.56 21.97 9.89
C SER C 256 44.14 22.79 8.67
N GLN C 257 42.83 22.89 8.41
CA GLN C 257 42.38 23.72 7.30
C GLN C 257 42.55 25.20 7.60
N LYS C 258 42.52 25.58 8.88
CA LYS C 258 42.68 27.00 9.20
C LYS C 258 44.13 27.43 9.09
N ILE C 259 45.05 26.56 9.50
CA ILE C 259 46.46 26.85 9.35
C ILE C 259 46.86 26.82 7.89
N GLY C 260 46.36 25.83 7.15
CA GLY C 260 46.60 25.80 5.71
C GLY C 260 45.93 26.93 4.97
N ASN C 261 44.83 27.46 5.52
CA ASN C 261 44.21 28.64 4.95
C ASN C 261 45.07 29.87 5.20
N ALA C 262 45.67 29.98 6.39
CA ALA C 262 46.46 31.17 6.69
C ALA C 262 47.80 31.14 5.97
N LEU C 263 48.29 29.96 5.59
CA LEU C 263 49.52 29.92 4.81
C LEU C 263 49.32 30.28 3.35
N ARG C 264 48.08 30.31 2.86
CA ARG C 264 47.81 30.57 1.45
C ARG C 264 47.33 31.98 1.19
N THR C 265 47.38 32.86 2.20
CA THR C 265 46.91 34.23 2.05
C THR C 265 48.04 35.05 1.45
N ILE C 266 48.22 34.90 0.13
CA ILE C 266 49.30 35.56 -0.58
C ILE C 266 48.78 36.31 -1.80
N ASP C 267 47.52 36.12 -2.16
CA ASP C 267 46.99 36.69 -3.40
C ASP C 267 46.73 38.17 -3.18
N THR C 268 47.66 39.00 -3.63
CA THR C 268 47.49 40.45 -3.65
C THR C 268 47.19 40.96 -5.05
N TRP C 269 46.92 40.07 -6.01
CA TRP C 269 46.84 40.43 -7.41
C TRP C 269 45.42 40.44 -7.96
N TYR C 270 44.42 40.27 -7.10
CA TYR C 270 43.03 40.33 -7.50
C TYR C 270 42.72 41.76 -7.97
N PRO C 271 41.95 41.90 -9.06
CA PRO C 271 42.04 43.15 -9.85
C PRO C 271 41.46 44.40 -9.20
N ASP C 272 40.21 44.37 -8.74
CA ASP C 272 39.41 45.58 -8.63
C ASP C 272 39.38 46.18 -7.22
N GLU C 273 40.32 45.81 -6.36
CA GLU C 273 40.36 46.40 -5.02
C GLU C 273 41.79 46.56 -4.52
N ASP C 274 41.96 47.45 -3.56
CA ASP C 274 43.23 47.68 -2.88
C ASP C 274 42.96 47.92 -1.40
N GLY C 275 44.00 47.84 -0.60
CA GLY C 275 43.85 48.12 0.83
C GLY C 275 43.44 46.94 1.67
N LEU C 276 42.62 46.03 1.10
CA LEU C 276 42.18 44.85 1.86
C LEU C 276 43.33 43.88 2.09
N GLY C 277 44.36 43.93 1.24
CA GLY C 277 45.53 43.10 1.42
C GLY C 277 45.36 41.74 0.78
N PRO C 278 46.10 40.75 1.27
CA PRO C 278 46.13 39.44 0.61
C PRO C 278 44.85 38.66 0.87
N ILE C 279 44.51 37.81 -0.08
CA ILE C 279 43.39 36.87 0.01
C ILE C 279 43.98 35.47 -0.13
N ALA C 280 43.32 34.48 0.47
CA ALA C 280 43.67 33.10 0.23
C ALA C 280 43.46 32.72 -1.23
N VAL C 281 44.32 31.84 -1.73
CA VAL C 281 44.30 31.48 -3.15
C VAL C 281 43.21 30.43 -3.38
N GLU C 282 42.20 30.80 -4.16
CA GLU C 282 41.11 29.91 -4.51
C GLU C 282 40.79 30.11 -5.99
N PRO C 283 40.36 29.07 -6.69
CA PRO C 283 39.69 29.28 -7.96
C PRO C 283 38.37 29.97 -7.71
N TYR C 284 38.01 30.90 -8.59
CA TYR C 284 36.93 31.87 -8.38
C TYR C 284 37.15 32.59 -7.06
N GLY C 285 38.20 33.43 -7.02
CA GLY C 285 38.79 33.91 -5.77
C GLY C 285 37.83 34.55 -4.79
N SER C 286 37.58 33.84 -3.71
CA SER C 286 36.38 34.04 -2.89
C SER C 286 36.75 34.21 -1.43
N VAL C 287 35.91 34.99 -0.74
CA VAL C 287 35.97 35.13 0.71
C VAL C 287 34.59 34.83 1.26
N THR C 288 34.51 33.86 2.18
CA THR C 288 33.22 33.47 2.72
C THR C 288 32.66 34.50 3.69
N SER C 289 33.53 35.16 4.45
CA SER C 289 33.06 36.15 5.42
C SER C 289 32.59 37.42 4.73
N GLN C 290 33.33 37.88 3.72
CA GLN C 290 32.88 39.03 2.95
C GLN C 290 31.73 38.70 2.01
N GLY C 291 31.53 37.42 1.71
CA GLY C 291 30.45 37.03 0.82
C GLY C 291 30.63 37.44 -0.62
N LYS C 292 31.87 37.66 -1.05
CA LYS C 292 32.17 38.18 -2.37
C LYS C 292 33.17 37.27 -3.07
N ALA C 293 32.91 36.99 -4.35
CA ALA C 293 33.86 36.29 -5.20
C ALA C 293 34.55 37.34 -6.05
N TYR C 294 35.85 37.53 -5.80
CA TYR C 294 36.58 38.62 -6.45
C TYR C 294 36.87 38.31 -7.90
N ARG C 295 37.31 37.09 -8.19
CA ARG C 295 37.68 36.70 -9.54
C ARG C 295 36.53 35.95 -10.20
N GLN C 296 35.47 36.68 -10.50
CA GLN C 296 34.37 36.09 -11.24
C GLN C 296 34.77 35.85 -12.70
N PRO C 297 34.17 34.87 -13.37
CA PRO C 297 34.48 34.64 -14.78
C PRO C 297 33.79 35.58 -15.76
N LYS C 298 33.16 36.67 -15.30
CA LYS C 298 32.80 37.74 -16.22
C LYS C 298 34.05 38.40 -16.78
N GLN C 299 35.05 38.61 -15.93
CA GLN C 299 36.39 38.97 -16.37
C GLN C 299 37.11 37.72 -16.84
N LYS C 300 38.40 37.87 -17.16
CA LYS C 300 39.19 36.74 -17.62
C LYS C 300 40.38 36.51 -16.69
N LEU C 301 40.13 36.57 -15.38
CA LEU C 301 41.17 36.34 -14.39
C LEU C 301 40.84 35.14 -13.50
N ASP C 302 39.94 34.28 -13.95
CA ASP C 302 39.67 33.02 -13.28
C ASP C 302 40.86 32.08 -13.42
N PHE C 303 40.95 31.10 -12.53
CA PHE C 303 41.98 30.07 -12.64
C PHE C 303 41.77 29.19 -13.86
N TYR C 304 40.51 28.82 -14.13
CA TYR C 304 40.21 27.91 -15.23
C TYR C 304 40.45 28.57 -16.57
N THR C 305 40.15 29.87 -16.66
CA THR C 305 40.33 30.59 -17.91
C THR C 305 41.80 30.81 -18.22
N LEU C 306 42.60 31.17 -17.21
CA LEU C 306 44.03 31.36 -17.42
C LEU C 306 44.73 30.04 -17.69
N LEU C 307 44.28 28.96 -17.05
CA LEU C 307 44.90 27.67 -17.27
C LEU C 307 44.59 27.13 -18.65
N ASP C 308 43.34 27.33 -19.12
CA ASP C 308 42.98 26.91 -20.46
C ASP C 308 43.69 27.76 -21.52
N ASN C 309 43.78 29.07 -21.29
CA ASN C 309 44.44 29.93 -22.26
C ASN C 309 45.96 29.79 -22.24
N TRP C 310 46.54 29.21 -21.19
CA TRP C 310 47.98 29.12 -21.10
C TRP C 310 48.52 27.71 -21.37
N VAL C 311 47.70 26.67 -21.22
CA VAL C 311 48.14 25.34 -21.62
C VAL C 311 47.79 25.05 -23.07
N LEU C 312 46.53 25.26 -23.46
CA LEU C 312 46.09 24.86 -24.79
C LEU C 312 46.53 25.86 -25.85
N ARG C 313 46.06 27.11 -25.74
CA ARG C 313 46.21 28.09 -26.80
C ARG C 313 47.56 28.80 -26.78
N ASP C 314 48.41 28.50 -25.80
CA ASP C 314 49.73 29.10 -25.60
C ASP C 314 49.69 30.61 -25.39
N GLU C 315 48.56 31.16 -24.97
CA GLU C 315 48.44 32.59 -24.69
C GLU C 315 48.90 32.78 -23.25
N ALA C 316 50.18 33.11 -23.10
CA ALA C 316 50.76 33.21 -21.77
C ALA C 316 50.33 34.51 -21.10
N PRO C 317 49.80 34.45 -19.88
CA PRO C 317 49.43 35.69 -19.18
C PRO C 317 50.64 36.44 -18.64
N ALA C 318 50.39 37.48 -17.86
CA ALA C 318 51.46 38.20 -17.20
C ALA C 318 52.13 37.32 -16.15
N VAL C 319 53.31 37.77 -15.70
CA VAL C 319 54.09 37.04 -14.70
C VAL C 319 53.30 36.93 -13.40
N GLU C 320 52.63 38.03 -13.03
CA GLU C 320 51.61 38.10 -11.98
C GLU C 320 50.66 36.92 -11.96
N GLN C 321 49.92 36.72 -13.06
CA GLN C 321 48.92 35.67 -13.09
C GLN C 321 49.54 34.29 -13.20
N GLN C 322 50.79 34.20 -13.68
CA GLN C 322 51.50 32.93 -13.63
C GLN C 322 51.83 32.54 -12.20
N HIS C 323 52.19 33.53 -11.36
CA HIS C 323 52.33 33.26 -9.93
C HIS C 323 51.01 32.84 -9.32
N TYR C 324 49.90 33.38 -9.81
CA TYR C 324 48.59 32.93 -9.35
C TYR C 324 48.34 31.48 -9.70
N VAL C 325 48.60 31.10 -10.95
CA VAL C 325 48.23 29.75 -11.42
C VAL C 325 49.11 28.69 -10.78
N ILE C 326 50.42 28.93 -10.70
CA ILE C 326 51.30 27.96 -10.05
C ILE C 326 51.03 27.92 -8.56
N ALA C 327 50.75 29.07 -7.95
CA ALA C 327 50.34 29.11 -6.54
C ALA C 327 49.01 28.43 -6.30
N ASN C 328 48.22 28.21 -7.34
CA ASN C 328 46.99 27.44 -7.20
C ASN C 328 47.20 25.97 -7.53
N LEU C 329 48.26 25.61 -8.24
CA LEU C 329 48.59 24.18 -8.39
C LEU C 329 49.28 23.63 -7.17
N ILE C 330 49.95 24.47 -6.38
CA ILE C 330 50.48 24.00 -5.09
C ILE C 330 49.34 23.73 -4.12
N ARG C 331 48.24 24.48 -4.25
CA ARG C 331 47.08 24.30 -3.38
C ARG C 331 46.38 22.97 -3.62
N GLY C 332 46.48 22.42 -4.82
CA GLY C 332 45.81 21.17 -5.14
C GLY C 332 44.35 21.39 -5.43
N GLY C 333 43.64 20.30 -5.63
CA GLY C 333 42.21 20.38 -5.84
C GLY C 333 41.72 19.29 -6.78
N VAL C 334 40.43 19.39 -7.09
CA VAL C 334 39.77 18.51 -8.04
C VAL C 334 39.33 19.38 -9.21
N PHE C 335 39.99 19.21 -10.33
CA PHE C 335 39.79 20.06 -11.50
C PHE C 335 39.15 19.22 -12.60
N GLY C 336 38.97 19.83 -13.77
CA GLY C 336 38.34 19.15 -14.87
C GLY C 336 36.84 19.05 -14.69
N GLU C 337 36.20 18.38 -15.65
CA GLU C 337 34.75 18.29 -15.70
C GLU C 337 34.18 17.47 -14.55
N LEU D 5 38.00 -28.78 -30.54
CA LEU D 5 38.44 -28.44 -29.19
C LEU D 5 38.15 -26.97 -28.90
N SER D 6 36.92 -26.69 -28.48
CA SER D 6 36.53 -25.35 -28.12
C SER D 6 36.87 -25.06 -26.66
N THR D 7 36.81 -23.78 -26.29
CA THR D 7 37.07 -23.37 -24.93
C THR D 7 35.93 -23.80 -24.01
N ALA D 8 36.27 -24.07 -22.75
CA ALA D 8 35.25 -24.35 -21.76
C ALA D 8 34.52 -23.06 -21.40
N SER D 9 33.22 -23.17 -21.14
CA SER D 9 32.43 -22.00 -20.80
C SER D 9 32.64 -21.53 -19.37
N VAL D 10 33.14 -22.41 -18.49
CA VAL D 10 33.40 -22.08 -17.09
C VAL D 10 34.84 -22.45 -16.79
N LEU D 11 35.64 -21.49 -16.33
CA LEU D 11 37.01 -21.79 -15.91
C LEU D 11 37.24 -21.55 -14.43
N ALA D 12 37.03 -20.31 -13.94
CA ALA D 12 36.93 -19.96 -12.52
C ALA D 12 38.18 -20.36 -11.72
N PHE D 13 39.29 -19.69 -12.02
CA PHE D 13 40.50 -19.91 -11.26
C PHE D 13 40.42 -19.26 -9.89
N GLU D 14 41.42 -19.55 -9.06
CA GLU D 14 41.45 -19.19 -7.65
C GLU D 14 42.82 -18.63 -7.31
N ARG D 15 42.85 -17.54 -6.54
CA ARG D 15 44.09 -16.82 -6.32
C ARG D 15 45.03 -17.59 -5.40
N LYS D 16 46.33 -17.31 -5.53
CA LYS D 16 47.34 -18.05 -4.82
C LYS D 16 48.22 -17.21 -3.92
N LEU D 17 48.18 -15.88 -4.03
CA LEU D 17 48.82 -14.99 -3.08
C LEU D 17 47.73 -14.37 -2.23
N ASP D 18 47.76 -14.68 -0.93
CA ASP D 18 46.65 -14.30 -0.04
C ASP D 18 47.14 -13.35 1.04
N PRO D 19 46.91 -12.04 0.90
CA PRO D 19 47.25 -11.10 1.97
C PRO D 19 46.15 -10.95 3.01
N SER D 20 46.33 -10.02 3.94
CA SER D 20 45.33 -9.70 4.95
C SER D 20 45.28 -8.19 5.12
N ASP D 21 44.63 -7.74 6.19
CA ASP D 21 44.47 -6.31 6.42
C ASP D 21 45.74 -5.72 7.04
N ALA D 22 45.82 -4.39 7.06
CA ALA D 22 47.08 -3.71 7.31
C ALA D 22 47.35 -3.36 8.75
N LEU D 23 46.35 -2.91 9.50
CA LEU D 23 46.41 -2.67 10.96
C LEU D 23 47.49 -1.65 11.33
N MET D 24 47.23 -0.40 10.95
CA MET D 24 48.14 0.69 11.26
C MET D 24 48.28 0.91 12.75
N SER D 25 49.50 1.22 13.18
CA SER D 25 49.78 1.59 14.56
C SER D 25 50.97 2.53 14.57
N ALA D 26 51.04 3.36 15.61
CA ALA D 26 51.98 4.45 15.66
C ALA D 26 53.09 4.18 16.67
N GLY D 27 53.94 5.16 16.86
CA GLY D 27 55.02 5.07 17.82
C GLY D 27 56.19 5.94 17.39
N ALA D 28 57.24 5.90 18.18
CA ALA D 28 58.42 6.72 17.96
C ALA D 28 59.59 5.88 17.46
N TRP D 29 60.36 6.46 16.55
CA TRP D 29 61.54 5.81 15.98
C TRP D 29 62.61 5.66 17.06
N ALA D 30 63.52 4.70 16.83
CA ALA D 30 64.58 4.18 17.72
C ALA D 30 64.01 3.40 18.91
N GLN D 31 62.69 3.35 19.03
CA GLN D 31 61.98 2.28 19.71
C GLN D 31 61.51 1.23 18.71
N ARG D 32 62.25 1.10 17.62
CA ARG D 32 61.84 0.36 16.44
C ARG D 32 61.86 -1.14 16.70
N ASP D 33 62.98 -1.66 17.19
CA ASP D 33 62.97 -2.96 17.84
C ASP D 33 62.13 -2.89 19.09
N ALA D 34 61.51 -4.02 19.45
CA ALA D 34 60.44 -4.09 20.45
C ALA D 34 59.33 -3.11 20.08
N SER D 35 58.64 -3.48 19.01
CA SER D 35 57.98 -2.63 18.00
C SER D 35 57.17 -1.46 18.53
N GLN D 36 57.03 -0.44 17.66
CA GLN D 36 57.03 1.00 17.96
C GLN D 36 56.33 1.38 19.25
N GLU D 37 55.03 1.16 19.25
CA GLU D 37 54.19 1.26 20.42
C GLU D 37 53.03 0.31 20.21
N TRP D 38 52.27 0.07 21.25
CA TRP D 38 51.05 -0.68 21.01
C TRP D 38 49.75 0.04 21.39
N PRO D 39 49.57 1.34 21.06
CA PRO D 39 48.24 1.76 20.62
C PRO D 39 48.21 1.90 19.12
N ALA D 40 47.02 1.90 18.54
CA ALA D 40 46.88 2.02 17.10
C ALA D 40 46.35 3.39 16.73
N VAL D 41 46.49 3.74 15.46
CA VAL D 41 45.96 5.00 14.94
C VAL D 41 44.46 4.87 14.84
N THR D 42 43.74 5.77 15.52
CA THR D 42 42.28 5.73 15.55
C THR D 42 41.72 6.73 14.56
N VAL D 43 40.70 6.30 13.81
CA VAL D 43 39.99 7.18 12.89
C VAL D 43 39.02 8.03 13.70
N ARG D 44 39.13 9.34 13.57
CA ARG D 44 38.25 10.25 14.29
C ARG D 44 37.62 11.23 13.31
N GLU D 45 36.72 12.05 13.81
CA GLU D 45 35.85 12.88 12.99
C GLU D 45 36.10 14.35 13.29
N LYS D 46 36.05 15.18 12.24
CA LYS D 46 36.10 16.62 12.44
C LYS D 46 35.31 17.31 11.34
N SER D 47 34.89 18.54 11.63
CA SER D 47 34.14 19.34 10.68
C SER D 47 35.08 20.15 9.80
N VAL D 48 34.56 20.53 8.63
CA VAL D 48 35.28 21.43 7.73
C VAL D 48 34.30 22.11 6.77
N ARG D 49 34.40 23.44 6.64
CA ARG D 49 33.58 24.16 5.69
C ARG D 49 34.41 24.53 4.46
N GLY D 50 33.89 24.21 3.28
CA GLY D 50 34.62 24.40 2.05
C GLY D 50 33.83 25.17 1.02
N THR D 51 34.56 25.92 0.20
CA THR D 51 33.98 26.83 -0.78
C THR D 51 33.62 26.08 -2.06
N ILE D 52 33.34 26.83 -3.12
CA ILE D 52 32.93 26.28 -4.41
C ILE D 52 34.01 26.59 -5.43
N SER D 53 34.45 25.57 -6.17
CA SER D 53 35.44 25.74 -7.22
C SER D 53 35.10 24.93 -8.47
N ASN D 54 33.83 24.69 -8.73
CA ASN D 54 33.41 23.84 -9.84
C ASN D 54 33.46 24.60 -11.15
N ARG D 55 33.79 23.91 -12.24
CA ARG D 55 33.84 24.53 -13.56
C ARG D 55 32.43 24.87 -14.01
N LEU D 56 32.06 26.13 -13.87
CA LEU D 56 30.77 26.60 -14.38
C LEU D 56 30.79 26.63 -15.89
N LYS D 57 29.67 26.26 -16.50
CA LYS D 57 29.58 26.23 -17.95
C LYS D 57 29.46 27.64 -18.51
N THR D 58 29.43 27.74 -19.84
CA THR D 58 29.40 29.03 -20.52
C THR D 58 28.11 29.79 -20.28
N LYS D 59 27.03 29.11 -19.95
CA LYS D 59 25.82 29.78 -19.50
C LYS D 59 25.78 29.83 -17.97
N ASP D 60 24.83 30.63 -17.47
CA ASP D 60 24.57 30.82 -16.03
C ASP D 60 25.80 31.35 -15.29
N ARG D 61 26.27 32.52 -15.73
CA ARG D 61 27.42 33.20 -15.14
C ARG D 61 27.01 34.65 -14.87
N ASP D 62 26.41 34.87 -13.71
CA ASP D 62 25.98 36.19 -13.25
C ASP D 62 26.30 36.31 -11.77
N PRO D 63 26.35 37.52 -11.23
CA PRO D 63 26.48 37.68 -9.77
C PRO D 63 25.31 37.11 -8.96
N ALA D 64 24.17 36.82 -9.59
CA ALA D 64 23.09 36.11 -8.90
C ALA D 64 23.40 34.64 -8.66
N LYS D 65 24.45 34.10 -9.27
CA LYS D 65 24.92 32.75 -8.95
C LYS D 65 26.37 32.74 -8.52
N LEU D 66 26.98 33.91 -8.29
CA LEU D 66 28.35 33.98 -7.80
C LEU D 66 28.43 34.67 -6.44
N ASP D 67 27.95 35.92 -6.32
CA ASP D 67 27.94 36.57 -5.03
C ASP D 67 26.78 36.10 -4.17
N ALA D 68 25.70 35.63 -4.81
CA ALA D 68 24.58 35.00 -4.13
C ALA D 68 24.77 33.51 -3.98
N SER D 69 25.97 33.00 -4.22
CA SER D 69 26.30 31.60 -4.00
C SER D 69 27.18 31.41 -2.79
N ILE D 70 27.63 32.50 -2.15
CA ILE D 70 28.42 32.42 -0.93
C ILE D 70 27.52 32.64 0.29
N GLN D 71 26.21 32.45 0.14
CA GLN D 71 25.30 32.52 1.26
C GLN D 71 25.50 31.35 2.22
N SER D 72 25.75 30.17 1.66
CA SER D 72 26.08 29.01 2.48
C SER D 72 26.99 28.07 1.71
N PRO D 73 28.25 27.93 2.13
CA PRO D 73 29.16 26.98 1.48
C PRO D 73 28.87 25.53 1.85
N ASN D 74 29.75 24.62 1.44
CA ASN D 74 29.62 23.23 1.85
C ASN D 74 30.05 23.06 3.30
N LEU D 75 29.21 22.40 4.09
CA LEU D 75 29.51 22.11 5.49
C LEU D 75 29.73 20.61 5.62
N GLN D 76 30.99 20.21 5.81
CA GLN D 76 31.32 18.80 5.79
C GLN D 76 31.66 18.32 7.20
N THR D 77 31.55 17.01 7.41
CA THR D 77 32.10 16.35 8.58
C THR D 77 32.91 15.15 8.09
N VAL D 78 34.20 15.32 7.90
CA VAL D 78 35.05 14.30 7.33
C VAL D 78 35.70 13.52 8.47
N ASP D 79 36.26 12.35 8.12
CA ASP D 79 37.02 11.53 9.04
C ASP D 79 38.49 11.61 8.69
N VAL D 80 39.32 11.90 9.68
CA VAL D 80 40.77 11.93 9.50
C VAL D 80 41.41 10.96 10.47
N ALA D 81 42.66 10.63 10.17
CA ALA D 81 43.47 9.78 11.03
C ALA D 81 44.86 10.40 11.10
N ASN D 82 45.19 11.00 12.23
CA ASN D 82 46.50 11.59 12.45
C ASN D 82 47.33 10.72 13.38
N LEU D 83 48.64 10.83 13.25
CA LEU D 83 49.53 10.28 14.25
C LEU D 83 49.39 11.10 15.54
N PRO D 84 49.67 10.51 16.71
CA PRO D 84 49.64 11.28 17.94
C PRO D 84 50.79 12.29 18.01
N SER D 85 50.68 13.19 18.98
CA SER D 85 51.52 14.37 19.05
C SER D 85 52.98 14.08 19.37
N ASP D 86 53.28 12.90 19.90
CA ASP D 86 54.64 12.53 20.28
C ASP D 86 55.06 11.23 19.64
N ALA D 87 54.79 11.10 18.34
CA ALA D 87 55.15 9.91 17.59
C ALA D 87 55.37 10.30 16.14
N ASP D 88 56.39 9.71 15.52
CA ASP D 88 56.74 10.07 14.16
C ASP D 88 57.05 8.86 13.29
N THR D 89 56.44 7.72 13.58
CA THR D 89 56.72 6.51 12.81
C THR D 89 55.43 5.71 12.65
N LEU D 90 55.10 5.37 11.41
CA LEU D 90 53.97 4.53 11.09
C LEU D 90 54.42 3.08 10.96
N LYS D 91 53.63 2.17 11.52
CA LYS D 91 53.86 0.73 11.45
C LYS D 91 52.68 0.06 10.77
N VAL D 92 52.97 -0.75 9.75
CA VAL D 92 51.94 -1.50 9.02
C VAL D 92 52.32 -2.97 9.01
N ARG D 93 51.49 -3.81 9.60
CA ARG D 93 51.81 -5.23 9.76
C ARG D 93 50.73 -6.09 9.13
N PHE D 94 51.10 -6.90 8.15
CA PHE D 94 50.14 -7.84 7.57
C PHE D 94 50.84 -9.17 7.35
N THR D 95 50.06 -10.20 7.06
CA THR D 95 50.57 -11.53 6.77
C THR D 95 50.30 -11.88 5.32
N LEU D 96 50.91 -12.97 4.88
CA LEU D 96 50.82 -13.36 3.47
C LEU D 96 51.00 -14.86 3.36
N ARG D 97 50.01 -15.55 2.81
CA ARG D 97 50.16 -16.95 2.45
C ARG D 97 50.49 -17.09 0.98
N VAL D 98 51.42 -18.00 0.68
CA VAL D 98 51.74 -18.37 -0.69
C VAL D 98 51.26 -19.79 -0.90
N LEU D 99 50.36 -19.99 -1.85
CA LEU D 99 49.71 -21.27 -2.07
C LEU D 99 50.20 -21.90 -3.36
N GLY D 100 50.36 -23.23 -3.34
CA GLY D 100 50.86 -23.95 -4.49
C GLY D 100 49.76 -24.45 -5.40
N GLY D 101 50.18 -25.04 -6.52
CA GLY D 101 49.26 -25.55 -7.51
C GLY D 101 48.54 -24.46 -8.27
N ALA D 102 49.31 -23.64 -8.99
CA ALA D 102 48.80 -22.43 -9.61
C ALA D 102 48.39 -22.62 -11.07
N GLY D 103 47.98 -23.83 -11.44
CA GLY D 103 47.54 -24.06 -12.80
C GLY D 103 46.30 -24.91 -12.88
N THR D 104 45.79 -25.34 -11.73
CA THR D 104 44.64 -26.21 -11.68
C THR D 104 43.37 -25.38 -11.49
N PRO D 105 42.38 -25.49 -12.36
CA PRO D 105 41.14 -24.72 -12.18
C PRO D 105 40.31 -25.23 -11.02
N SER D 106 39.23 -24.53 -10.70
CA SER D 106 38.30 -24.98 -9.67
C SER D 106 36.96 -25.40 -10.23
N ALA D 107 36.62 -25.02 -11.46
CA ALA D 107 35.34 -25.40 -12.05
C ALA D 107 35.50 -25.36 -13.57
N CYS D 108 35.66 -26.53 -14.20
CA CYS D 108 35.85 -26.60 -15.63
C CYS D 108 34.85 -27.57 -16.23
N ASN D 109 34.27 -27.20 -17.36
CA ASN D 109 33.31 -28.07 -18.04
C ASN D 109 34.02 -29.22 -18.75
N ASP D 110 34.87 -28.88 -19.72
CA ASP D 110 35.51 -29.89 -20.55
C ASP D 110 36.61 -30.61 -19.77
N ALA D 111 36.81 -31.88 -20.10
CA ALA D 111 37.90 -32.65 -19.54
C ALA D 111 39.13 -32.66 -20.43
N ALA D 112 38.96 -32.51 -21.74
CA ALA D 112 40.12 -32.45 -22.64
C ALA D 112 40.79 -31.09 -22.56
N TYR D 113 39.99 -30.02 -22.43
CA TYR D 113 40.55 -28.68 -22.31
C TYR D 113 41.32 -28.51 -21.01
N ARG D 114 40.86 -29.16 -19.94
CA ARG D 114 41.56 -29.11 -18.66
C ARG D 114 42.89 -29.84 -18.73
N ASP D 115 42.91 -31.00 -19.40
CA ASP D 115 44.15 -31.77 -19.51
C ASP D 115 45.15 -31.09 -20.42
N LYS D 116 44.66 -30.46 -21.50
CA LYS D 116 45.54 -29.68 -22.37
C LYS D 116 46.10 -28.46 -21.62
N LEU D 117 45.28 -27.86 -20.77
CA LEU D 117 45.74 -26.74 -19.95
C LEU D 117 46.82 -27.16 -18.96
N LEU D 118 46.64 -28.32 -18.32
CA LEU D 118 47.64 -28.78 -17.36
C LEU D 118 48.92 -29.23 -18.06
N GLN D 119 48.83 -29.74 -19.29
CA GLN D 119 50.04 -30.01 -20.06
C GLN D 119 50.74 -28.72 -20.45
N THR D 120 49.99 -27.65 -20.70
CA THR D 120 50.61 -26.38 -21.04
C THR D 120 51.34 -25.78 -19.84
N VAL D 121 50.70 -25.78 -18.67
CA VAL D 121 51.33 -25.20 -17.48
C VAL D 121 52.50 -26.05 -17.01
N ALA D 122 52.36 -27.39 -17.11
CA ALA D 122 53.48 -28.27 -16.78
C ALA D 122 54.64 -28.08 -17.76
N THR D 123 54.34 -27.82 -19.03
CA THR D 123 55.38 -27.49 -20.00
C THR D 123 56.07 -26.19 -19.64
N TYR D 124 55.31 -25.21 -19.14
CA TYR D 124 55.89 -23.94 -18.72
C TYR D 124 56.85 -24.12 -17.54
N VAL D 125 56.39 -24.77 -16.47
CA VAL D 125 57.25 -24.94 -15.30
C VAL D 125 58.36 -25.95 -15.52
N ASN D 126 58.30 -26.76 -16.57
CA ASN D 126 59.45 -27.58 -16.92
C ASN D 126 60.44 -26.84 -17.80
N ASP D 127 59.98 -25.91 -18.64
CA ASP D 127 60.93 -25.12 -19.43
C ASP D 127 61.69 -24.14 -18.56
N GLN D 128 61.00 -23.51 -17.61
CA GLN D 128 61.61 -22.53 -16.72
C GLN D 128 60.79 -22.43 -15.45
N GLY D 129 61.45 -22.17 -14.34
CA GLY D 129 60.80 -22.18 -13.04
C GLY D 129 59.97 -20.94 -12.79
N PHE D 130 59.62 -20.76 -11.52
CA PHE D 130 58.93 -19.56 -11.05
C PHE D 130 59.91 -18.51 -10.53
N ALA D 131 61.12 -18.45 -11.09
CA ALA D 131 62.15 -17.55 -10.56
C ALA D 131 61.88 -16.09 -10.91
N GLU D 132 61.34 -15.84 -12.12
CA GLU D 132 61.11 -14.47 -12.55
C GLU D 132 59.97 -13.82 -11.75
N LEU D 133 58.84 -14.53 -11.64
CA LEU D 133 57.68 -13.95 -10.99
C LEU D 133 57.89 -13.82 -9.49
N ALA D 134 58.58 -14.79 -8.87
CA ALA D 134 58.90 -14.64 -7.46
C ALA D 134 59.98 -13.60 -7.23
N ARG D 135 60.83 -13.36 -8.24
CA ARG D 135 61.82 -12.31 -8.12
C ARG D 135 61.16 -10.93 -8.12
N ARG D 136 60.15 -10.74 -8.98
CA ARG D 136 59.49 -9.46 -9.00
C ARG D 136 58.51 -9.27 -7.84
N TYR D 137 57.87 -10.35 -7.38
CA TYR D 137 57.07 -10.28 -6.16
C TYR D 137 57.95 -9.98 -4.95
N ALA D 138 59.17 -10.51 -4.96
CA ALA D 138 60.12 -10.16 -3.91
C ALA D 138 60.60 -8.74 -4.03
N HIS D 139 60.62 -8.17 -5.24
CA HIS D 139 60.93 -6.75 -5.35
C HIS D 139 59.77 -5.88 -4.87
N ASN D 140 58.52 -6.33 -5.00
CA ASN D 140 57.42 -5.54 -4.46
C ASN D 140 57.25 -5.70 -2.96
N LEU D 141 57.69 -6.82 -2.38
CA LEU D 141 57.80 -6.87 -0.93
C LEU D 141 59.07 -6.21 -0.43
N ALA D 142 60.06 -5.99 -1.30
CA ALA D 142 61.34 -5.43 -0.87
C ALA D 142 61.19 -3.96 -0.52
N ASN D 143 60.69 -3.16 -1.45
CA ASN D 143 60.35 -1.78 -1.16
C ASN D 143 58.97 -1.74 -0.50
N ALA D 144 58.39 -0.55 -0.39
CA ALA D 144 57.16 -0.42 0.36
C ALA D 144 56.05 0.09 -0.54
N ARG D 145 55.87 -0.56 -1.70
CA ARG D 145 54.83 -0.15 -2.64
C ARG D 145 53.43 -0.31 -2.04
N PHE D 146 53.26 -1.25 -1.11
CA PHE D 146 51.99 -1.42 -0.41
C PHE D 146 51.67 -0.28 0.54
N LEU D 147 52.63 0.59 0.85
CA LEU D 147 52.33 1.90 1.43
C LEU D 147 52.06 2.83 0.27
N TRP D 148 50.80 3.17 0.02
CA TRP D 148 50.45 3.86 -1.21
C TRP D 148 50.81 5.34 -1.17
N ARG D 149 50.15 6.11 -0.32
CA ARG D 149 50.46 7.53 -0.19
C ARG D 149 51.33 7.79 1.02
N ASN D 150 51.37 6.86 1.97
CA ASN D 150 52.20 6.99 3.16
C ASN D 150 53.68 6.92 2.84
N ARG D 151 54.06 6.30 1.72
CA ARG D 151 55.45 6.23 1.32
C ARG D 151 55.95 7.56 0.76
N VAL D 152 55.04 8.36 0.21
CA VAL D 152 55.42 9.59 -0.49
C VAL D 152 55.88 10.63 0.53
N GLY D 153 57.15 11.03 0.42
CA GLY D 153 57.70 12.02 1.31
C GLY D 153 57.98 11.50 2.70
N ALA D 154 58.92 10.57 2.82
CA ALA D 154 59.31 10.03 4.10
C ALA D 154 60.83 10.06 4.22
N GLU D 155 61.31 10.12 5.46
CA GLU D 155 62.76 10.20 5.68
C GLU D 155 63.42 8.85 5.48
N ALA D 156 62.86 7.81 6.10
CA ALA D 156 63.43 6.48 6.01
C ALA D 156 62.33 5.45 6.19
N VAL D 157 62.29 4.47 5.29
CA VAL D 157 61.30 3.39 5.32
C VAL D 157 62.05 2.09 5.45
N GLU D 158 61.68 1.28 6.44
CA GLU D 158 62.33 0.00 6.67
C GLU D 158 61.30 -1.12 6.68
N VAL D 159 61.60 -2.20 5.95
CA VAL D 159 60.70 -3.33 5.80
C VAL D 159 61.35 -4.56 6.44
N ARG D 160 60.60 -5.25 7.29
CA ARG D 160 61.06 -6.47 7.94
C ARG D 160 60.13 -7.62 7.59
N ILE D 161 60.71 -8.72 7.10
CA ILE D 161 59.96 -9.86 6.60
C ILE D 161 60.39 -11.09 7.39
N ASN D 162 59.43 -11.88 7.86
CA ASN D 162 59.73 -13.07 8.63
C ASN D 162 59.07 -14.28 7.99
N HIS D 163 59.84 -15.34 7.78
CA HIS D 163 59.28 -16.62 7.38
C HIS D 163 58.91 -17.41 8.61
N ILE D 164 57.67 -17.89 8.65
CA ILE D 164 57.13 -18.58 9.83
C ILE D 164 56.74 -19.99 9.41
N ARG D 165 57.43 -20.99 9.97
CA ARG D 165 57.25 -22.38 9.59
C ARG D 165 56.56 -23.19 10.68
N GLN D 166 57.15 -23.22 11.87
CA GLN D 166 56.48 -23.70 13.07
C GLN D 166 55.78 -22.51 13.71
N GLY D 167 55.42 -22.60 14.99
CA GLY D 167 54.95 -21.43 15.71
C GLY D 167 55.98 -20.33 15.84
N GLU D 168 57.27 -20.65 15.70
CA GLU D 168 58.37 -19.70 15.85
C GLU D 168 58.77 -19.14 14.50
N VAL D 169 59.91 -18.43 14.48
CA VAL D 169 60.41 -17.74 13.30
C VAL D 169 61.54 -18.57 12.70
N ALA D 170 61.48 -18.82 11.39
CA ALA D 170 62.51 -19.61 10.73
C ALA D 170 63.66 -18.74 10.22
N ARG D 171 63.36 -17.65 9.52
CA ARG D 171 64.39 -16.81 8.92
C ARG D 171 63.84 -15.40 8.74
N ALA D 172 64.68 -14.40 9.06
CA ALA D 172 64.27 -13.01 9.07
C ALA D 172 65.10 -12.19 8.10
N TRP D 173 64.44 -11.28 7.39
CA TRP D 173 65.06 -10.33 6.49
C TRP D 173 64.74 -8.91 6.94
N ARG D 174 65.71 -8.02 6.78
CA ARG D 174 65.55 -6.60 7.10
C ARG D 174 66.08 -5.79 5.94
N PHE D 175 65.18 -5.09 5.24
CA PHE D 175 65.50 -4.37 4.02
C PHE D 175 65.52 -2.87 4.26
N ASP D 176 65.73 -2.13 3.18
CA ASP D 176 65.70 -0.67 3.18
C ASP D 176 64.97 -0.25 1.91
N ALA D 177 63.79 0.34 2.07
CA ALA D 177 62.90 0.52 0.93
C ALA D 177 63.29 1.68 0.03
N LEU D 178 63.97 2.69 0.57
CA LEU D 178 64.31 3.84 -0.26
C LEU D 178 65.55 3.59 -1.11
N ALA D 179 66.46 2.73 -0.65
CA ALA D 179 67.62 2.38 -1.46
C ALA D 179 67.21 1.49 -2.63
N ILE D 180 66.28 0.57 -2.40
CA ILE D 180 65.75 -0.26 -3.48
C ILE D 180 64.82 0.59 -4.33
N GLY D 181 65.07 0.61 -5.64
CA GLY D 181 64.30 1.45 -6.52
C GLY D 181 62.88 0.95 -6.71
N LEU D 182 62.04 1.83 -7.25
CA LEU D 182 60.65 1.51 -7.49
C LEU D 182 60.37 1.16 -8.95
N ARG D 183 61.24 1.56 -9.88
CA ARG D 183 61.08 1.24 -11.29
C ARG D 183 62.11 0.26 -11.82
N ASP D 184 63.17 -0.01 -11.06
CA ASP D 184 64.24 -0.89 -11.51
C ASP D 184 64.18 -2.22 -10.78
N PHE D 185 64.53 -3.28 -11.48
CA PHE D 185 64.54 -4.64 -10.93
C PHE D 185 65.98 -5.13 -10.95
N LYS D 186 66.72 -4.80 -9.89
CA LYS D 186 68.12 -5.15 -9.75
C LYS D 186 68.28 -6.35 -8.84
N ALA D 187 69.23 -7.22 -9.17
CA ALA D 187 69.43 -8.44 -8.40
C ALA D 187 70.12 -8.15 -7.08
N ASP D 188 69.97 -9.08 -6.15
CA ASP D 188 70.59 -9.02 -4.84
C ASP D 188 70.58 -10.43 -4.26
N ALA D 189 71.46 -10.68 -3.30
CA ALA D 189 71.52 -12.01 -2.67
C ALA D 189 70.28 -12.27 -1.83
N GLU D 190 69.84 -11.28 -1.06
CA GLU D 190 68.69 -11.47 -0.18
C GLU D 190 67.41 -11.56 -0.99
N LEU D 191 67.31 -10.80 -2.07
CA LEU D 191 66.17 -10.94 -2.98
C LEU D 191 66.21 -12.26 -3.73
N ASP D 192 67.38 -12.87 -3.90
CA ASP D 192 67.42 -14.22 -4.41
C ASP D 192 66.99 -15.23 -3.35
N ALA D 193 67.19 -14.91 -2.07
CA ALA D 193 66.68 -15.78 -1.02
C ALA D 193 65.16 -15.75 -0.97
N LEU D 194 64.56 -14.55 -1.07
CA LEU D 194 63.11 -14.47 -1.14
C LEU D 194 62.57 -15.03 -2.46
N ALA D 195 63.35 -14.95 -3.54
CA ALA D 195 62.91 -15.53 -4.79
C ALA D 195 62.90 -17.05 -4.72
N GLU D 196 63.89 -17.64 -4.02
CA GLU D 196 63.87 -19.08 -3.84
C GLU D 196 62.77 -19.51 -2.87
N LEU D 197 62.44 -18.66 -1.89
CA LEU D 197 61.40 -19.02 -0.94
C LEU D 197 60.01 -18.95 -1.57
N ILE D 198 59.70 -17.83 -2.22
CA ILE D 198 58.39 -17.67 -2.84
C ILE D 198 58.26 -18.59 -4.05
N ALA D 199 59.35 -18.77 -4.80
CA ALA D 199 59.34 -19.71 -5.92
C ALA D 199 59.21 -21.15 -5.43
N SER D 200 59.72 -21.45 -4.25
CA SER D 200 59.48 -22.76 -3.65
C SER D 200 58.08 -22.88 -3.09
N GLY D 201 57.40 -21.76 -2.85
CA GLY D 201 56.04 -21.79 -2.36
C GLY D 201 55.00 -21.96 -3.44
N LEU D 202 55.17 -21.25 -4.55
CA LEU D 202 54.22 -21.32 -5.64
C LEU D 202 54.28 -22.64 -6.40
N SER D 203 55.41 -23.35 -6.34
CA SER D 203 55.54 -24.62 -7.02
C SER D 203 54.92 -25.77 -6.23
N GLY D 204 54.43 -25.52 -5.02
CA GLY D 204 53.83 -26.57 -4.23
C GLY D 204 54.81 -27.41 -3.46
N SER D 205 56.07 -26.99 -3.35
CA SER D 205 57.10 -27.76 -2.67
C SER D 205 57.17 -27.48 -1.17
N GLY D 206 56.22 -26.73 -0.63
CA GLY D 206 56.22 -26.45 0.79
C GLY D 206 55.13 -25.47 1.13
N HIS D 207 55.10 -25.10 2.41
CA HIS D 207 54.13 -24.14 2.93
C HIS D 207 54.86 -22.86 3.31
N VAL D 208 54.38 -21.73 2.80
CA VAL D 208 55.04 -20.44 2.99
C VAL D 208 54.06 -19.46 3.60
N LEU D 209 54.34 -19.06 4.84
CA LEU D 209 53.62 -18.01 5.56
C LEU D 209 54.63 -16.92 5.95
N LEU D 210 54.37 -15.70 5.50
CA LEU D 210 55.27 -14.58 5.71
C LEU D 210 54.57 -13.51 6.56
N GLU D 211 55.35 -12.86 7.41
CA GLU D 211 54.89 -11.72 8.20
C GLU D 211 55.66 -10.50 7.74
N VAL D 212 54.94 -9.46 7.32
CA VAL D 212 55.54 -8.26 6.76
C VAL D 212 55.20 -7.08 7.68
N VAL D 213 56.24 -6.35 8.09
CA VAL D 213 56.10 -5.18 8.96
C VAL D 213 56.84 -4.02 8.30
N ALA D 214 56.17 -2.88 8.16
CA ALA D 214 56.74 -1.73 7.49
C ALA D 214 56.77 -0.53 8.44
N PHE D 215 57.85 0.24 8.35
CA PHE D 215 58.16 1.34 9.26
C PHE D 215 58.44 2.59 8.43
N ALA D 216 57.80 3.71 8.78
CA ALA D 216 58.00 4.94 8.02
C ALA D 216 58.11 6.15 8.95
N ARG D 217 59.01 7.08 8.61
CA ARG D 217 59.10 8.37 9.28
C ARG D 217 58.39 9.42 8.43
N ILE D 218 57.19 9.82 8.85
CA ILE D 218 56.42 10.80 8.10
C ILE D 218 56.20 12.07 8.91
N GLY D 219 56.97 12.27 9.96
CA GLY D 219 56.85 13.47 10.77
C GLY D 219 55.97 13.27 12.00
N ASP D 220 56.00 14.27 12.87
CA ASP D 220 55.43 14.15 14.21
C ASP D 220 53.98 14.61 14.19
N GLY D 221 53.08 13.68 13.92
CA GLY D 221 51.66 13.91 14.12
C GLY D 221 50.90 14.42 12.91
N GLN D 222 51.02 13.76 11.75
CA GLN D 222 50.38 14.30 10.56
C GLN D 222 49.93 13.21 9.58
N GLU D 223 48.66 12.82 9.72
CA GLU D 223 47.77 12.39 8.63
C GLU D 223 48.30 11.17 7.86
N VAL D 224 48.26 10.02 8.54
CA VAL D 224 48.36 8.77 7.82
C VAL D 224 47.13 8.56 6.95
N PHE D 225 47.26 7.68 5.96
CA PHE D 225 46.22 7.50 4.95
C PHE D 225 45.73 6.07 4.89
N PRO D 226 44.64 5.73 5.58
CA PRO D 226 43.98 4.45 5.38
C PRO D 226 43.08 4.51 4.15
N SER D 227 42.35 3.43 3.93
CA SER D 227 41.49 3.30 2.76
C SER D 227 40.07 3.72 3.09
N GLN D 228 39.38 4.23 2.07
CA GLN D 228 38.06 4.80 2.27
C GLN D 228 36.96 3.76 2.03
N GLU D 229 35.72 4.17 2.29
CA GLU D 229 34.55 3.32 2.20
C GLU D 229 33.56 3.92 1.23
N LEU D 230 32.50 3.15 0.96
CA LEU D 230 31.42 3.58 0.07
C LEU D 230 30.24 4.04 0.91
N ILE D 231 29.88 5.34 0.77
CA ILE D 231 28.97 6.04 1.68
C ILE D 231 27.58 6.11 1.06
N LEU D 232 26.54 5.98 1.90
CA LEU D 232 25.16 6.21 1.50
C LEU D 232 24.96 7.67 1.07
N ASP D 233 23.92 7.89 0.26
CA ASP D 233 23.75 9.13 -0.49
C ASP D 233 22.92 10.20 0.23
N LYS D 234 21.99 9.81 1.12
CA LYS D 234 21.02 10.76 1.65
C LYS D 234 21.65 11.73 2.64
N GLY D 235 22.19 11.21 3.75
CA GLY D 235 22.91 12.03 4.71
C GLY D 235 22.07 13.01 5.50
N ASP D 236 21.22 12.49 6.39
CA ASP D 236 20.28 13.31 7.14
C ASP D 236 20.69 13.48 8.61
N LYS D 237 21.98 13.40 8.91
CA LYS D 237 22.46 13.53 10.29
C LYS D 237 23.85 14.15 10.24
N LYS D 238 24.60 14.01 11.34
CA LYS D 238 25.99 14.44 11.40
C LYS D 238 26.92 13.25 11.62
N GLY D 239 26.52 12.08 11.11
CA GLY D 239 27.27 10.86 11.30
C GLY D 239 28.29 10.52 10.22
N GLN D 240 29.40 11.26 10.19
CA GLN D 240 30.56 11.02 9.33
C GLN D 240 30.19 11.08 7.85
N LYS D 241 29.77 12.27 7.43
CA LYS D 241 29.26 12.48 6.09
C LYS D 241 30.38 12.68 5.06
N SER D 242 30.22 12.02 3.92
CA SER D 242 30.93 12.23 2.65
C SER D 242 32.39 11.77 2.65
N LYS D 243 32.94 11.39 3.80
CA LYS D 243 34.22 10.70 3.82
C LYS D 243 34.32 9.90 5.11
N THR D 244 34.30 8.58 4.99
CA THR D 244 34.57 7.71 6.12
C THR D 244 35.68 6.75 5.75
N LEU D 245 36.35 6.22 6.76
CA LEU D 245 37.55 5.43 6.57
C LEU D 245 37.35 4.02 7.09
N TYR D 246 38.00 3.07 6.42
CA TYR D 246 37.91 1.68 6.82
C TYR D 246 38.61 1.45 8.14
N SER D 247 38.02 0.61 8.98
CA SER D 247 38.58 0.31 10.28
C SER D 247 38.26 -1.12 10.64
N VAL D 248 38.87 -1.54 11.74
CA VAL D 248 38.67 -2.82 12.40
C VAL D 248 38.31 -2.44 13.82
N ARG D 249 38.42 -3.35 14.78
CA ARG D 249 37.99 -3.09 16.14
C ARG D 249 38.88 -2.00 16.75
N ASP D 250 38.51 -0.75 16.44
CA ASP D 250 39.12 0.49 16.92
C ASP D 250 40.60 0.59 16.51
N ALA D 251 40.82 0.55 15.19
CA ALA D 251 42.13 0.75 14.61
C ALA D 251 41.95 1.06 13.13
N ALA D 252 42.79 1.95 12.61
CA ALA D 252 42.76 2.24 11.18
C ALA D 252 43.52 1.16 10.42
N ALA D 253 42.97 0.76 9.28
CA ALA D 253 43.60 -0.24 8.43
C ALA D 253 43.23 0.03 6.99
N ILE D 254 43.93 -0.62 6.06
CA ILE D 254 43.57 -0.56 4.66
C ILE D 254 43.09 -1.94 4.25
N HIS D 255 42.40 -1.99 3.11
CA HIS D 255 41.81 -3.22 2.62
C HIS D 255 42.90 -4.19 2.16
N SER D 256 42.50 -5.43 1.93
CA SER D 256 43.43 -6.40 1.38
C SER D 256 43.55 -6.33 -0.13
N GLN D 257 42.59 -5.69 -0.80
CA GLN D 257 42.70 -5.53 -2.25
C GLN D 257 43.78 -4.54 -2.63
N LYS D 258 44.09 -3.58 -1.76
CA LYS D 258 45.13 -2.61 -2.09
C LYS D 258 46.51 -3.22 -1.92
N ILE D 259 46.70 -4.04 -0.89
CA ILE D 259 47.97 -4.73 -0.72
C ILE D 259 48.15 -5.78 -1.81
N GLY D 260 47.09 -6.53 -2.11
CA GLY D 260 47.16 -7.47 -3.22
C GLY D 260 47.31 -6.81 -4.57
N ASN D 261 46.85 -5.56 -4.69
CA ASN D 261 47.09 -4.78 -5.90
C ASN D 261 48.54 -4.37 -5.99
N ALA D 262 49.14 -3.98 -4.87
CA ALA D 262 50.52 -3.53 -4.92
C ALA D 262 51.49 -4.69 -5.09
N LEU D 263 51.09 -5.91 -4.71
CA LEU D 263 51.97 -7.04 -4.96
C LEU D 263 51.94 -7.51 -6.41
N ARG D 264 50.98 -7.07 -7.21
CA ARG D 264 50.85 -7.54 -8.58
C ARG D 264 51.36 -6.53 -9.60
N THR D 265 52.01 -5.46 -9.15
CA THR D 265 52.51 -4.43 -10.05
C THR D 265 53.87 -4.88 -10.58
N ILE D 266 53.82 -5.80 -11.55
CA ILE D 266 55.03 -6.40 -12.11
C ILE D 266 55.04 -6.32 -13.63
N ASP D 267 53.91 -5.93 -14.23
CA ASP D 267 53.78 -5.97 -15.69
C ASP D 267 54.54 -4.77 -16.27
N THR D 268 55.75 -5.03 -16.74
CA THR D 268 56.54 -4.04 -17.48
C THR D 268 56.55 -4.33 -18.98
N TRP D 269 55.71 -5.26 -19.44
CA TRP D 269 55.79 -5.76 -20.80
C TRP D 269 54.66 -5.27 -21.69
N TYR D 270 53.84 -4.35 -21.21
CA TYR D 270 52.79 -3.74 -22.01
C TYR D 270 53.41 -2.94 -23.15
N PRO D 271 52.86 -3.03 -24.37
CA PRO D 271 53.65 -2.73 -25.57
C PRO D 271 54.05 -1.28 -25.78
N ASP D 272 53.10 -0.35 -25.77
CA ASP D 272 53.27 0.91 -26.49
C ASP D 272 53.72 2.07 -25.60
N GLU D 273 54.26 1.79 -24.42
CA GLU D 273 54.74 2.87 -23.56
C GLU D 273 55.98 2.44 -22.78
N ASP D 274 56.75 3.43 -22.33
CA ASP D 274 57.91 3.24 -21.48
C ASP D 274 57.95 4.36 -20.45
N GLY D 275 58.76 4.17 -19.41
CA GLY D 275 58.92 5.20 -18.41
C GLY D 275 57.89 5.17 -17.29
N LEU D 276 56.66 4.75 -17.59
CA LEU D 276 55.62 4.68 -16.56
C LEU D 276 55.90 3.56 -15.57
N GLY D 277 56.67 2.56 -15.97
CA GLY D 277 57.06 1.49 -15.09
C GLY D 277 56.02 0.38 -15.04
N PRO D 278 56.00 -0.37 -13.95
CA PRO D 278 55.14 -1.56 -13.89
C PRO D 278 53.67 -1.18 -13.71
N ILE D 279 52.80 -2.06 -14.22
CA ILE D 279 51.36 -1.96 -14.06
C ILE D 279 50.91 -3.23 -13.34
N ALA D 280 49.82 -3.14 -12.60
CA ALA D 280 49.18 -4.34 -12.05
C ALA D 280 48.69 -5.25 -13.16
N VAL D 281 48.75 -6.55 -12.91
CA VAL D 281 48.42 -7.55 -13.91
C VAL D 281 46.91 -7.72 -13.97
N GLU D 282 46.31 -7.36 -15.10
CA GLU D 282 44.88 -7.48 -15.33
C GLU D 282 44.66 -8.00 -16.74
N PRO D 283 43.63 -8.79 -16.97
CA PRO D 283 43.16 -8.99 -18.34
C PRO D 283 42.61 -7.68 -18.85
N TYR D 284 42.86 -7.39 -20.13
CA TYR D 284 42.66 -6.07 -20.74
C TYR D 284 43.38 -5.02 -19.90
N GLY D 285 44.72 -5.06 -19.93
CA GLY D 285 45.56 -4.41 -18.93
C GLY D 285 45.30 -2.93 -18.70
N SER D 286 44.71 -2.64 -17.55
CA SER D 286 43.97 -1.40 -17.34
C SER D 286 44.46 -0.68 -16.08
N VAL D 287 44.35 0.65 -16.13
CA VAL D 287 44.59 1.50 -14.97
C VAL D 287 43.36 2.38 -14.80
N THR D 288 42.75 2.34 -13.62
CA THR D 288 41.54 3.12 -13.39
C THR D 288 41.84 4.60 -13.22
N SER D 289 42.98 4.94 -12.62
CA SER D 289 43.31 6.35 -12.41
C SER D 289 43.69 7.02 -13.72
N GLN D 290 44.50 6.34 -14.54
CA GLN D 290 44.84 6.87 -15.86
C GLN D 290 43.68 6.80 -16.84
N GLY D 291 42.68 5.95 -16.57
CA GLY D 291 41.55 5.82 -17.46
C GLY D 291 41.86 5.18 -18.79
N LYS D 292 42.93 4.39 -18.86
CA LYS D 292 43.40 3.82 -20.11
C LYS D 292 43.54 2.31 -19.97
N ALA D 293 43.08 1.58 -20.97
CA ALA D 293 43.30 0.15 -21.08
C ALA D 293 44.47 -0.07 -22.05
N TYR D 294 45.60 -0.53 -21.54
CA TYR D 294 46.81 -0.62 -22.35
C TYR D 294 46.74 -1.78 -23.32
N ARG D 295 46.28 -2.94 -22.86
CA ARG D 295 46.23 -4.13 -23.69
C ARG D 295 44.82 -4.32 -24.26
N GLN D 296 44.45 -3.44 -25.16
CA GLN D 296 43.18 -3.60 -25.85
C GLN D 296 43.24 -4.76 -26.84
N PRO D 297 42.12 -5.41 -27.12
CA PRO D 297 42.11 -6.51 -28.10
C PRO D 297 42.12 -6.08 -29.56
N LYS D 298 42.35 -4.79 -29.87
CA LYS D 298 42.70 -4.43 -31.24
C LYS D 298 44.04 -5.03 -31.62
N GLN D 299 45.00 -4.99 -30.70
CA GLN D 299 46.23 -5.76 -30.81
C GLN D 299 45.97 -7.20 -30.41
N LYS D 300 47.02 -8.00 -30.34
CA LYS D 300 46.89 -9.40 -29.97
C LYS D 300 47.72 -9.70 -28.71
N LEU D 301 47.66 -8.79 -27.74
CA LEU D 301 48.36 -8.98 -26.47
C LEU D 301 47.41 -9.05 -25.29
N ASP D 302 46.13 -9.33 -25.54
CA ASP D 302 45.18 -9.58 -24.49
C ASP D 302 45.49 -10.91 -23.80
N PHE D 303 44.99 -11.08 -22.58
CA PHE D 303 45.13 -12.36 -21.88
C PHE D 303 44.32 -13.45 -22.56
N TYR D 304 43.10 -13.13 -23.00
CA TYR D 304 42.22 -14.13 -23.58
C TYR D 304 42.74 -14.59 -24.94
N THR D 305 43.32 -13.67 -25.70
CA THR D 305 43.85 -14.01 -27.02
C THR D 305 45.10 -14.87 -26.92
N LEU D 306 45.99 -14.53 -26.00
CA LEU D 306 47.20 -15.32 -25.82
C LEU D 306 46.89 -16.69 -25.22
N LEU D 307 45.90 -16.75 -24.33
CA LEU D 307 45.54 -18.03 -23.72
C LEU D 307 44.86 -18.95 -24.73
N ASP D 308 44.00 -18.38 -25.59
CA ASP D 308 43.38 -19.18 -26.63
C ASP D 308 44.38 -19.63 -27.68
N ASN D 309 45.31 -18.75 -28.07
CA ASN D 309 46.30 -19.13 -29.06
C ASN D 309 47.38 -20.04 -28.52
N TRP D 310 47.53 -20.13 -27.20
CA TRP D 310 48.58 -20.96 -26.62
C TRP D 310 48.08 -22.27 -26.04
N VAL D 311 46.81 -22.38 -25.69
CA VAL D 311 46.26 -23.66 -25.27
C VAL D 311 45.73 -24.45 -26.46
N LEU D 312 44.86 -23.83 -27.26
CA LEU D 312 44.18 -24.56 -28.32
C LEU D 312 45.08 -24.77 -29.53
N ARG D 313 45.52 -23.69 -30.15
CA ARG D 313 46.19 -23.74 -31.45
C ARG D 313 47.68 -24.03 -31.34
N ASP D 314 48.22 -24.17 -30.12
CA ASP D 314 49.63 -24.42 -29.81
C ASP D 314 50.57 -23.35 -30.36
N GLU D 315 50.07 -22.15 -30.61
CA GLU D 315 50.91 -21.04 -31.07
C GLU D 315 51.48 -20.38 -29.82
N ALA D 316 52.68 -20.81 -29.44
CA ALA D 316 53.28 -20.34 -28.21
C ALA D 316 53.82 -18.93 -28.38
N PRO D 317 53.45 -17.99 -27.51
CA PRO D 317 54.00 -16.63 -27.61
C PRO D 317 55.44 -16.55 -27.13
N ALA D 318 55.96 -15.32 -27.04
CA ALA D 318 57.29 -15.12 -26.48
C ALA D 318 57.31 -15.46 -25.00
N VAL D 319 58.54 -15.60 -24.46
CA VAL D 319 58.73 -15.93 -23.05
C VAL D 319 58.15 -14.84 -22.17
N GLU D 320 58.34 -13.59 -22.58
CA GLU D 320 57.69 -12.39 -22.04
C GLU D 320 56.19 -12.59 -21.78
N GLN D 321 55.44 -12.90 -22.83
CA GLN D 321 54.00 -13.01 -22.70
C GLN D 321 53.59 -14.27 -21.96
N GLN D 322 54.46 -15.28 -21.92
CA GLN D 322 54.20 -16.44 -21.08
C GLN D 322 54.30 -16.08 -19.61
N HIS D 323 55.26 -15.21 -19.25
CA HIS D 323 55.29 -14.67 -17.90
C HIS D 323 54.05 -13.86 -17.59
N TYR D 324 53.51 -13.16 -18.61
CA TYR D 324 52.24 -12.46 -18.42
C TYR D 324 51.09 -13.41 -18.12
N VAL D 325 50.98 -14.49 -18.90
CA VAL D 325 49.80 -15.37 -18.79
C VAL D 325 49.85 -16.16 -17.50
N ILE D 326 51.02 -16.70 -17.14
CA ILE D 326 51.12 -17.44 -15.87
C ILE D 326 50.98 -16.50 -14.68
N ALA D 327 51.54 -15.28 -14.81
CA ALA D 327 51.34 -14.27 -13.79
C ALA D 327 49.90 -13.80 -13.68
N ASN D 328 49.08 -14.08 -14.69
CA ASN D 328 47.67 -13.79 -14.60
C ASN D 328 46.86 -14.99 -14.13
N LEU D 329 47.41 -16.21 -14.22
CA LEU D 329 46.75 -17.35 -13.60
C LEU D 329 46.99 -17.40 -12.11
N ILE D 330 48.11 -16.83 -11.63
CA ILE D 330 48.30 -16.71 -10.19
C ILE D 330 47.32 -15.71 -9.60
N ARG D 331 46.94 -14.70 -10.39
CA ARG D 331 45.99 -13.68 -9.95
C ARG D 331 44.58 -14.24 -9.75
N GLY D 332 44.23 -15.31 -10.46
CA GLY D 332 42.91 -15.88 -10.36
C GLY D 332 41.89 -15.08 -11.16
N GLY D 333 40.64 -15.47 -11.04
CA GLY D 333 39.58 -14.73 -11.69
C GLY D 333 38.46 -15.65 -12.13
N VAL D 334 37.50 -15.05 -12.83
CA VAL D 334 36.38 -15.75 -13.42
C VAL D 334 36.51 -15.61 -14.93
N PHE D 335 36.84 -16.71 -15.59
CA PHE D 335 37.15 -16.71 -17.01
C PHE D 335 36.05 -17.48 -17.73
N GLY D 336 36.23 -17.63 -19.04
CA GLY D 336 35.23 -18.33 -19.84
C GLY D 336 34.03 -17.43 -20.11
N GLU D 337 33.06 -18.02 -20.81
CA GLU D 337 31.87 -17.29 -21.25
C GLU D 337 31.00 -16.85 -20.08
N ILE E 4 1.49 -59.58 -10.82
CA ILE E 4 1.97 -58.28 -11.26
C ILE E 4 2.41 -57.48 -10.04
N LEU E 5 3.66 -57.01 -10.09
CA LEU E 5 4.32 -56.31 -9.00
C LEU E 5 5.01 -55.05 -9.53
N SER E 6 4.24 -53.97 -9.65
CA SER E 6 4.78 -52.69 -10.08
C SER E 6 5.36 -51.92 -8.90
N THR E 7 6.11 -50.87 -9.22
CA THR E 7 6.68 -50.02 -8.19
C THR E 7 5.61 -49.18 -7.53
N ALA E 8 5.83 -48.86 -6.25
CA ALA E 8 4.94 -47.94 -5.56
C ALA E 8 5.17 -46.52 -6.05
N SER E 9 4.10 -45.75 -6.14
CA SER E 9 4.22 -44.38 -6.62
C SER E 9 4.79 -43.43 -5.58
N VAL E 10 4.74 -43.79 -4.30
CA VAL E 10 5.26 -42.97 -3.21
C VAL E 10 6.21 -43.85 -2.39
N LEU E 11 7.46 -43.43 -2.26
CA LEU E 11 8.40 -44.14 -1.39
C LEU E 11 8.86 -43.32 -0.20
N ALA E 12 9.49 -42.15 -0.43
CA ALA E 12 9.74 -41.11 0.57
C ALA E 12 10.57 -41.62 1.76
N PHE E 13 11.82 -41.97 1.49
CA PHE E 13 12.71 -42.37 2.56
C PHE E 13 13.18 -41.16 3.38
N GLU E 14 13.86 -41.46 4.48
CA GLU E 14 14.23 -40.49 5.50
C GLU E 14 15.68 -40.71 5.88
N ARG E 15 16.43 -39.61 6.02
CA ARG E 15 17.87 -39.72 6.19
C ARG E 15 18.23 -40.23 7.58
N LYS E 16 19.42 -40.83 7.69
CA LYS E 16 19.83 -41.49 8.90
C LYS E 16 21.12 -40.95 9.50
N LEU E 17 21.88 -40.14 8.76
CA LEU E 17 23.02 -39.40 9.31
C LEU E 17 22.60 -37.95 9.46
N ASP E 18 22.55 -37.46 10.69
CA ASP E 18 21.98 -36.15 10.96
C ASP E 18 23.04 -35.22 11.55
N PRO E 19 23.64 -34.33 10.75
CA PRO E 19 24.58 -33.34 11.30
C PRO E 19 23.88 -32.08 11.80
N SER E 20 24.68 -31.08 12.19
CA SER E 20 24.15 -29.80 12.61
C SER E 20 25.05 -28.70 12.03
N ASP E 21 24.91 -27.48 12.54
CA ASP E 21 25.67 -26.36 12.01
C ASP E 21 27.08 -26.35 12.59
N ALA E 22 27.95 -25.52 12.00
CA ALA E 22 29.39 -25.66 12.22
C ALA E 22 29.95 -24.80 13.35
N LEU E 23 29.48 -23.55 13.50
CA LEU E 23 29.81 -22.67 14.62
C LEU E 23 31.30 -22.40 14.73
N MET E 24 31.82 -21.66 13.75
CA MET E 24 33.24 -21.30 13.74
C MET E 24 33.61 -20.43 14.92
N SER E 25 34.81 -20.68 15.47
CA SER E 25 35.37 -19.85 16.52
C SER E 25 36.88 -19.90 16.41
N ALA E 26 37.53 -18.87 16.90
CA ALA E 26 38.96 -18.65 16.67
C ALA E 26 39.74 -18.90 17.95
N GLY E 27 41.03 -18.63 17.87
CA GLY E 27 41.92 -18.77 19.01
C GLY E 27 43.32 -19.09 18.54
N ALA E 28 44.22 -19.25 19.52
CA ALA E 28 45.62 -19.50 19.26
C ALA E 28 45.99 -20.95 19.54
N TRP E 29 46.87 -21.49 18.71
CA TRP E 29 47.36 -22.85 18.86
C TRP E 29 48.22 -22.97 20.11
N ALA E 30 48.34 -24.21 20.62
CA ALA E 30 48.94 -24.63 21.90
C ALA E 30 48.13 -24.19 23.11
N GLN E 31 47.05 -23.43 22.89
CA GLN E 31 45.90 -23.37 23.78
C GLN E 31 44.81 -24.31 23.30
N ARG E 32 45.23 -25.40 22.66
CA ARG E 32 44.35 -26.27 21.90
C ARG E 32 43.48 -27.10 22.83
N ASP E 33 44.10 -27.78 23.79
CA ASP E 33 43.36 -28.28 24.94
C ASP E 33 42.85 -27.09 25.75
N ALA E 34 41.70 -27.28 26.43
CA ALA E 34 40.90 -26.21 27.01
C ALA E 34 40.58 -25.15 25.94
N SER E 35 39.72 -25.59 25.02
CA SER E 35 39.62 -25.23 23.61
C SER E 35 39.74 -23.75 23.27
N GLN E 36 40.16 -23.48 22.02
CA GLN E 36 41.06 -22.40 21.58
C GLN E 36 40.86 -21.09 22.30
N GLU E 37 39.69 -20.50 22.07
CA GLU E 37 39.18 -19.34 22.78
C GLU E 37 37.68 -19.45 22.74
N TRP E 38 37.03 -18.61 23.52
CA TRP E 38 35.59 -18.56 23.36
C TRP E 38 35.03 -17.18 22.99
N PRO E 39 35.64 -16.42 22.05
CA PRO E 39 34.80 -15.65 21.12
C PRO E 39 34.74 -16.35 19.79
N ALA E 40 33.75 -16.01 18.98
CA ALA E 40 33.56 -16.63 17.68
C ALA E 40 33.94 -15.65 16.58
N VAL E 41 34.15 -16.19 15.38
CA VAL E 41 34.45 -15.38 14.23
C VAL E 41 33.17 -14.68 13.79
N THR E 42 33.20 -13.35 13.74
CA THR E 42 32.03 -12.56 13.39
C THR E 42 32.09 -12.13 11.94
N VAL E 43 30.96 -12.25 11.25
CA VAL E 43 30.85 -11.79 9.87
C VAL E 43 30.67 -10.28 9.87
N ARG E 44 31.54 -9.57 9.18
CA ARG E 44 31.46 -8.12 9.13
C ARG E 44 31.47 -7.68 7.67
N GLU E 45 31.31 -6.38 7.46
CA GLU E 45 31.04 -5.81 6.15
C GLU E 45 32.14 -4.84 5.76
N LYS E 46 32.52 -4.85 4.48
CA LYS E 46 33.44 -3.84 3.98
C LYS E 46 33.13 -3.56 2.52
N SER E 47 33.57 -2.38 2.07
CA SER E 47 33.37 -1.97 0.69
C SER E 47 34.53 -2.43 -0.18
N VAL E 48 34.27 -2.54 -1.49
CA VAL E 48 35.34 -2.81 -2.46
C VAL E 48 34.97 -2.19 -3.80
N ARG E 49 35.93 -1.53 -4.46
CA ARG E 49 35.73 -1.01 -5.80
C ARG E 49 36.38 -1.97 -6.78
N GLY E 50 35.57 -2.55 -7.65
CA GLY E 50 36.04 -3.53 -8.61
C GLY E 50 36.03 -2.98 -10.01
N THR E 51 37.09 -3.28 -10.76
CA THR E 51 37.22 -2.85 -12.13
C THR E 51 36.50 -3.83 -13.05
N ILE E 52 36.71 -3.69 -14.35
CA ILE E 52 36.09 -4.56 -15.35
C ILE E 52 37.10 -5.60 -15.78
N SER E 53 36.75 -6.87 -15.63
CA SER E 53 37.63 -7.97 -16.01
C SER E 53 36.91 -9.09 -16.72
N ASN E 54 35.60 -9.00 -16.91
CA ASN E 54 34.84 -10.09 -17.51
C ASN E 54 35.11 -10.17 -19.01
N ARG E 55 34.78 -11.31 -19.58
CA ARG E 55 35.00 -11.54 -20.99
C ARG E 55 34.05 -10.70 -21.82
N LEU E 56 34.58 -10.05 -22.85
CA LEU E 56 33.76 -9.17 -23.67
C LEU E 56 32.93 -9.95 -24.67
N LYS E 57 31.77 -9.39 -25.00
CA LYS E 57 31.00 -9.87 -26.14
C LYS E 57 31.73 -9.45 -27.42
N THR E 58 31.56 -10.25 -28.47
CA THR E 58 32.12 -9.91 -29.77
C THR E 58 31.47 -8.63 -30.31
N LYS E 59 32.23 -7.53 -30.29
CA LYS E 59 31.72 -6.23 -30.66
C LYS E 59 32.87 -5.40 -31.20
N ASP E 60 32.58 -4.56 -32.19
CA ASP E 60 33.57 -3.68 -32.79
C ASP E 60 33.69 -2.35 -32.08
N ARG E 61 32.97 -2.16 -30.98
CA ARG E 61 33.02 -0.93 -30.18
C ARG E 61 33.91 -1.09 -28.97
N ASP E 62 35.02 -1.83 -29.13
CA ASP E 62 35.86 -2.19 -27.99
C ASP E 62 36.58 -1.00 -27.33
N PRO E 63 37.32 -0.09 -28.07
CA PRO E 63 38.15 0.89 -27.34
C PRO E 63 37.35 1.99 -26.65
N ALA E 64 36.34 2.52 -27.34
CA ALA E 64 35.57 3.65 -26.82
C ALA E 64 34.71 3.22 -25.64
N LYS E 65 33.98 2.11 -25.79
CA LYS E 65 33.16 1.61 -24.70
C LYS E 65 34.01 0.98 -23.61
N LEU E 66 35.21 0.54 -23.93
CA LEU E 66 36.09 -0.06 -22.93
C LEU E 66 36.71 1.00 -22.04
N ASP E 67 37.26 2.05 -22.64
CA ASP E 67 37.81 3.15 -21.83
C ASP E 67 36.71 3.96 -21.18
N ALA E 68 35.54 4.02 -21.81
CA ALA E 68 34.40 4.70 -21.19
C ALA E 68 33.81 3.88 -20.06
N SER E 69 33.96 2.55 -20.12
CA SER E 69 33.36 1.69 -19.11
C SER E 69 34.14 1.77 -17.80
N ILE E 70 35.47 1.88 -17.88
CA ILE E 70 36.28 1.96 -16.67
C ILE E 70 36.26 3.34 -16.04
N GLN E 71 35.58 4.30 -16.65
CA GLN E 71 35.31 5.57 -15.99
C GLN E 71 34.31 5.39 -14.85
N SER E 72 33.40 4.42 -14.98
CA SER E 72 32.37 4.15 -13.98
C SER E 72 32.52 2.70 -13.51
N PRO E 73 33.38 2.44 -12.54
CA PRO E 73 33.64 1.07 -12.09
C PRO E 73 32.55 0.59 -11.15
N ASN E 74 32.72 -0.64 -10.67
CA ASN E 74 31.73 -1.29 -9.81
C ASN E 74 32.03 -0.98 -8.35
N LEU E 75 30.96 -0.82 -7.56
CA LEU E 75 31.05 -0.39 -6.16
C LEU E 75 30.26 -1.38 -5.29
N GLN E 76 30.98 -2.29 -4.65
CA GLN E 76 30.38 -3.38 -3.91
C GLN E 76 30.49 -3.12 -2.41
N THR E 77 29.63 -3.78 -1.65
CA THR E 77 29.77 -3.89 -0.19
C THR E 77 29.64 -5.37 0.16
N VAL E 78 30.76 -6.06 0.28
CA VAL E 78 30.74 -7.48 0.51
C VAL E 78 30.89 -7.74 2.00
N ASP E 79 30.61 -8.98 2.40
CA ASP E 79 30.79 -9.43 3.77
C ASP E 79 31.98 -10.37 3.83
N VAL E 80 32.89 -10.11 4.75
CA VAL E 80 34.04 -10.99 4.97
C VAL E 80 34.05 -11.44 6.42
N ALA E 81 34.82 -12.51 6.66
CA ALA E 81 35.01 -13.03 8.00
C ALA E 81 36.49 -13.37 8.14
N ASN E 82 37.22 -12.56 8.89
CA ASN E 82 38.63 -12.78 9.14
C ASN E 82 38.84 -13.30 10.56
N LEU E 83 39.94 -14.02 10.74
CA LEU E 83 40.40 -14.31 12.08
C LEU E 83 40.90 -13.03 12.74
N PRO E 84 40.86 -12.95 14.07
CA PRO E 84 41.43 -11.76 14.73
C PRO E 84 42.95 -11.71 14.63
N SER E 85 43.49 -10.55 14.98
CA SER E 85 44.89 -10.22 14.71
C SER E 85 45.89 -11.03 15.51
N ASP E 86 45.46 -11.67 16.59
CA ASP E 86 46.35 -12.45 17.45
C ASP E 86 45.84 -13.87 17.62
N ALA E 87 45.42 -14.50 16.52
CA ALA E 87 44.92 -15.87 16.56
C ALA E 87 45.20 -16.51 15.22
N ASP E 88 45.61 -17.78 15.25
CA ASP E 88 45.97 -18.47 14.02
C ASP E 88 45.41 -19.88 13.96
N THR E 89 44.26 -20.13 14.57
CA THR E 89 43.68 -21.45 14.57
C THR E 89 42.16 -21.35 14.47
N LEU E 90 41.59 -22.05 13.51
CA LEU E 90 40.15 -22.13 13.34
C LEU E 90 39.61 -23.39 14.03
N LYS E 91 38.49 -23.23 14.72
CA LYS E 91 37.80 -24.31 15.41
C LYS E 91 36.41 -24.47 14.84
N VAL E 92 36.04 -25.69 14.45
CA VAL E 92 34.72 -25.98 13.91
C VAL E 92 34.13 -27.15 14.70
N ARG E 93 33.02 -26.91 15.38
CA ARG E 93 32.42 -27.91 16.26
C ARG E 93 30.99 -28.20 15.85
N PHE E 94 30.71 -29.45 15.51
CA PHE E 94 29.34 -29.84 15.21
C PHE E 94 29.06 -31.20 15.85
N THR E 95 27.79 -31.57 15.88
CA THR E 95 27.36 -32.86 16.41
C THR E 95 26.82 -33.73 15.29
N LEU E 96 26.60 -35.00 15.60
CA LEU E 96 26.17 -35.95 14.57
C LEU E 96 25.39 -37.08 15.23
N ARG E 97 24.14 -37.26 14.83
CA ARG E 97 23.38 -38.44 15.24
C ARG E 97 23.43 -39.49 14.16
N VAL E 98 23.58 -40.74 14.59
CA VAL E 98 23.50 -41.89 13.70
C VAL E 98 22.23 -42.67 14.07
N LEU E 99 21.31 -42.79 13.11
CA LEU E 99 20.00 -43.37 13.38
C LEU E 99 19.90 -44.75 12.72
N GLY E 100 19.22 -45.67 13.40
CA GLY E 100 19.08 -47.02 12.91
C GLY E 100 17.83 -47.22 12.09
N GLY E 101 17.71 -48.43 11.54
CA GLY E 101 16.57 -48.78 10.72
C GLY E 101 16.60 -48.10 9.37
N ALA E 102 17.63 -48.38 8.58
CA ALA E 102 17.91 -47.66 7.34
C ALA E 102 17.34 -48.34 6.12
N GLY E 103 16.24 -49.07 6.25
CA GLY E 103 15.64 -49.72 5.10
C GLY E 103 14.14 -49.62 5.11
N THR E 104 13.58 -49.01 6.15
CA THR E 104 12.14 -48.90 6.29
C THR E 104 11.67 -47.57 5.71
N PRO E 105 10.73 -47.57 4.77
CA PRO E 105 10.23 -46.29 4.23
C PRO E 105 9.37 -45.54 5.23
N SER E 106 8.97 -44.32 4.87
CA SER E 106 8.05 -43.56 5.70
C SER E 106 6.67 -43.38 5.08
N ALA E 107 6.54 -43.61 3.77
CA ALA E 107 5.24 -43.47 3.11
C ALA E 107 5.26 -44.35 1.86
N CYS E 108 4.63 -45.51 1.93
CA CYS E 108 4.60 -46.43 0.81
C CYS E 108 3.17 -46.83 0.50
N ASN E 109 2.83 -46.87 -0.78
CA ASN E 109 1.48 -47.27 -1.19
C ASN E 109 1.29 -48.77 -1.06
N ASP E 110 2.07 -49.55 -1.80
CA ASP E 110 1.90 -50.99 -1.84
C ASP E 110 2.40 -51.64 -0.57
N ALA E 111 1.76 -52.74 -0.19
CA ALA E 111 2.22 -53.53 0.94
C ALA E 111 3.11 -54.69 0.53
N ALA E 112 2.94 -55.21 -0.69
CA ALA E 112 3.82 -56.28 -1.16
C ALA E 112 5.18 -55.75 -1.57
N TYR E 113 5.20 -54.55 -2.17
CA TYR E 113 6.46 -53.93 -2.55
C TYR E 113 7.30 -53.55 -1.34
N ARG E 114 6.64 -53.13 -0.26
CA ARG E 114 7.33 -52.81 0.98
C ARG E 114 7.93 -54.05 1.63
N ASP E 115 7.19 -55.16 1.62
CA ASP E 115 7.69 -56.39 2.22
C ASP E 115 8.82 -56.99 1.40
N LYS E 116 8.72 -56.90 0.07
CA LYS E 116 9.80 -57.34 -0.80
C LYS E 116 11.05 -56.49 -0.60
N LEU E 117 10.84 -55.18 -0.38
CA LEU E 117 11.97 -54.28 -0.11
C LEU E 117 12.65 -54.62 1.21
N LEU E 118 11.87 -54.91 2.25
CA LEU E 118 12.46 -55.24 3.54
C LEU E 118 13.14 -56.61 3.50
N GLN E 119 12.64 -57.54 2.69
CA GLN E 119 13.37 -58.80 2.50
C GLN E 119 14.68 -58.57 1.75
N THR E 120 14.70 -57.61 0.82
CA THR E 120 15.93 -57.31 0.11
C THR E 120 16.98 -56.69 1.03
N VAL E 121 16.58 -55.71 1.84
CA VAL E 121 17.53 -55.04 2.72
C VAL E 121 17.98 -55.99 3.84
N ALA E 122 17.07 -56.81 4.35
CA ALA E 122 17.44 -57.82 5.33
C ALA E 122 18.39 -58.86 4.75
N THR E 123 18.18 -59.20 3.47
CA THR E 123 19.12 -60.09 2.78
C THR E 123 20.49 -59.44 2.64
N TYR E 124 20.53 -58.12 2.41
CA TYR E 124 21.79 -57.42 2.31
C TYR E 124 22.54 -57.43 3.64
N VAL E 125 21.89 -57.02 4.72
CA VAL E 125 22.56 -56.96 6.01
C VAL E 125 22.82 -58.34 6.61
N ASN E 126 22.18 -59.39 6.09
CA ASN E 126 22.57 -60.74 6.49
C ASN E 126 23.73 -61.28 5.67
N ASP E 127 23.85 -60.88 4.40
CA ASP E 127 25.01 -61.32 3.61
C ASP E 127 26.28 -60.63 4.08
N GLN E 128 26.20 -59.35 4.41
CA GLN E 128 27.35 -58.58 4.84
C GLN E 128 26.87 -57.38 5.65
N GLY E 129 27.66 -56.98 6.63
CA GLY E 129 27.25 -55.93 7.54
C GLY E 129 27.36 -54.55 6.95
N PHE E 130 27.31 -53.56 7.83
CA PHE E 130 27.54 -52.17 7.49
C PHE E 130 28.99 -51.75 7.68
N ALA E 131 29.94 -52.68 7.51
CA ALA E 131 31.34 -52.38 7.80
C ALA E 131 31.97 -51.49 6.74
N GLU E 132 31.60 -51.67 5.47
CA GLU E 132 32.19 -50.90 4.39
C GLU E 132 31.76 -49.45 4.46
N LEU E 133 30.46 -49.21 4.58
CA LEU E 133 29.94 -47.85 4.55
C LEU E 133 30.33 -47.08 5.80
N ALA E 134 30.34 -47.75 6.95
CA ALA E 134 30.80 -47.08 8.15
C ALA E 134 32.30 -46.88 8.14
N ARG E 135 33.04 -47.73 7.42
CA ARG E 135 34.47 -47.53 7.28
C ARG E 135 34.78 -46.29 6.45
N ARG E 136 34.02 -46.08 5.37
CA ARG E 136 34.27 -44.89 4.57
C ARG E 136 33.71 -43.62 5.19
N TYR E 137 32.59 -43.71 5.91
CA TYR E 137 32.11 -42.57 6.69
C TYR E 137 33.09 -42.22 7.80
N ALA E 138 33.75 -43.23 8.37
CA ALA E 138 34.80 -42.97 9.35
C ALA E 138 36.02 -42.38 8.69
N HIS E 139 36.27 -42.69 7.42
CA HIS E 139 37.36 -42.00 6.73
C HIS E 139 37.03 -40.55 6.42
N ASN E 140 35.75 -40.23 6.18
CA ASN E 140 35.41 -38.83 5.97
C ASN E 140 35.31 -38.03 7.26
N LEU E 141 35.03 -38.68 8.40
CA LEU E 141 35.22 -37.99 9.67
C LEU E 141 36.67 -37.99 10.12
N ALA E 142 37.50 -38.87 9.55
CA ALA E 142 38.88 -38.98 9.97
C ALA E 142 39.69 -37.76 9.53
N ASN E 143 39.70 -37.48 8.24
CA ASN E 143 40.29 -36.25 7.74
C ASN E 143 39.29 -35.11 7.91
N ALA E 144 39.56 -33.98 7.28
CA ALA E 144 38.73 -32.81 7.52
C ALA E 144 38.06 -32.35 6.23
N ARG E 145 37.44 -33.30 5.51
CA ARG E 145 36.77 -32.98 4.26
C ARG E 145 35.63 -31.98 4.47
N PHE E 146 35.01 -31.99 5.65
CA PHE E 146 33.96 -31.02 5.98
C PHE E 146 34.48 -29.60 6.15
N LEU E 147 35.80 -29.41 6.25
CA LEU E 147 36.40 -28.11 6.03
C LEU E 147 36.65 -27.99 4.54
N TRP E 148 35.84 -27.19 3.84
CA TRP E 148 35.86 -27.23 2.38
C TRP E 148 37.05 -26.46 1.81
N ARG E 149 37.07 -25.14 1.99
CA ARG E 149 38.18 -24.33 1.51
C ARG E 149 39.14 -24.00 2.64
N ASN E 150 38.69 -24.11 3.89
CA ASN E 150 39.53 -23.84 5.04
C ASN E 150 40.64 -24.87 5.21
N ARG E 151 40.46 -26.07 4.65
CA ARG E 151 41.48 -27.10 4.72
C ARG E 151 42.63 -26.82 3.76
N VAL E 152 42.35 -26.12 2.67
CA VAL E 152 43.33 -25.90 1.61
C VAL E 152 44.42 -24.96 2.10
N GLY E 153 45.64 -25.45 2.16
CA GLY E 153 46.76 -24.63 2.57
C GLY E 153 46.79 -24.37 4.07
N ALA E 154 46.99 -25.42 4.85
CA ALA E 154 47.08 -25.31 6.29
C ALA E 154 48.31 -26.06 6.79
N GLU E 155 48.85 -25.62 7.92
CA GLU E 155 50.06 -26.24 8.45
C GLU E 155 49.74 -27.58 9.10
N ALA E 156 48.73 -27.60 9.96
CA ALA E 156 48.37 -28.82 10.68
C ALA E 156 46.89 -28.78 11.02
N VAL E 157 46.19 -29.86 10.72
CA VAL E 157 44.76 -29.99 10.98
C VAL E 157 44.57 -31.17 11.91
N GLU E 158 43.87 -30.96 13.03
CA GLU E 158 43.64 -32.01 14.01
C GLU E 158 42.15 -32.16 14.27
N VAL E 159 41.66 -33.40 14.25
CA VAL E 159 40.25 -33.71 14.42
C VAL E 159 40.09 -34.51 15.71
N ARG E 160 39.15 -34.08 16.55
CA ARG E 160 38.84 -34.77 17.79
C ARG E 160 37.37 -35.19 17.80
N ILE E 161 37.12 -36.46 18.07
CA ILE E 161 35.79 -37.06 17.98
C ILE E 161 35.46 -37.65 19.34
N ASN E 162 34.27 -37.39 19.85
CA ASN E 162 33.85 -37.90 21.14
C ASN E 162 32.54 -38.65 21.01
N HIS E 163 32.50 -39.86 21.54
CA HIS E 163 31.24 -40.59 21.65
C HIS E 163 30.57 -40.23 22.97
N ILE E 164 29.31 -39.84 22.90
CA ILE E 164 28.57 -39.36 24.06
C ILE E 164 27.37 -40.27 24.27
N ARG E 165 27.37 -40.99 25.41
CA ARG E 165 26.35 -41.98 25.69
C ARG E 165 25.41 -41.53 26.81
N GLN E 166 25.96 -41.25 27.98
CA GLN E 166 25.26 -40.54 29.03
C GLN E 166 25.48 -39.04 28.82
N GLY E 167 25.25 -38.22 29.84
CA GLY E 167 25.65 -36.83 29.76
C GLY E 167 27.14 -36.62 29.63
N GLU E 168 27.96 -37.60 30.01
CA GLU E 168 29.41 -37.52 29.99
C GLU E 168 29.95 -38.11 28.69
N VAL E 169 31.27 -38.30 28.64
CA VAL E 169 31.99 -38.77 27.45
C VAL E 169 32.33 -40.23 27.65
N ALA E 170 32.01 -41.05 26.65
CA ALA E 170 32.28 -42.49 26.73
C ALA E 170 33.68 -42.84 26.21
N ARG E 171 34.04 -42.35 25.02
CA ARG E 171 35.30 -42.70 24.40
C ARG E 171 35.71 -41.59 23.44
N ALA E 172 36.99 -41.25 23.45
CA ALA E 172 37.52 -40.12 22.70
C ALA E 172 38.58 -40.57 21.71
N TRP E 173 38.55 -40.00 20.51
CA TRP E 173 39.54 -40.22 19.47
C TRP E 173 40.18 -38.89 19.09
N ARG E 174 41.48 -38.94 18.80
CA ARG E 174 42.24 -37.77 18.35
C ARG E 174 43.04 -38.17 17.13
N PHE E 175 42.69 -37.60 15.98
CA PHE E 175 43.27 -37.97 14.69
C PHE E 175 44.21 -36.89 14.19
N ASP E 176 44.73 -37.12 12.98
CA ASP E 176 45.59 -36.16 12.29
C ASP E 176 45.15 -36.17 10.83
N ALA E 177 44.58 -35.06 10.37
CA ALA E 177 43.88 -35.06 9.10
C ALA E 177 44.83 -35.01 7.90
N LEU E 178 46.01 -34.45 8.04
CA LEU E 178 46.91 -34.35 6.89
C LEU E 178 47.65 -35.65 6.63
N ALA E 179 47.90 -36.45 7.67
CA ALA E 179 48.53 -37.75 7.47
C ALA E 179 47.56 -38.72 6.79
N ILE E 180 46.29 -38.67 7.17
CA ILE E 180 45.28 -39.49 6.52
C ILE E 180 44.98 -38.90 5.15
N GLY E 181 45.07 -39.73 4.12
CA GLY E 181 44.88 -39.24 2.77
C GLY E 181 43.45 -38.87 2.48
N LEU E 182 43.27 -38.14 1.37
CA LEU E 182 41.96 -37.71 0.95
C LEU E 182 41.40 -38.56 -0.18
N ARG E 183 42.25 -39.27 -0.92
CA ARG E 183 41.79 -40.15 -1.99
C ARG E 183 41.97 -41.63 -1.70
N ASP E 184 42.70 -41.98 -0.65
CA ASP E 184 42.98 -43.38 -0.34
C ASP E 184 42.20 -43.79 0.90
N PHE E 185 41.76 -45.05 0.90
CA PHE E 185 41.01 -45.62 2.01
C PHE E 185 41.85 -46.75 2.62
N LYS E 186 42.72 -46.37 3.55
CA LYS E 186 43.64 -47.29 4.20
C LYS E 186 43.12 -47.66 5.58
N ALA E 187 43.31 -48.91 5.96
CA ALA E 187 42.80 -49.39 7.23
C ALA E 187 43.65 -48.88 8.40
N ASP E 188 43.05 -48.89 9.59
CA ASP E 188 43.70 -48.50 10.82
C ASP E 188 42.88 -49.08 11.97
N ALA E 189 43.51 -49.21 13.13
CA ALA E 189 42.82 -49.76 14.29
C ALA E 189 41.75 -48.80 14.80
N GLU E 190 42.08 -47.51 14.86
CA GLU E 190 41.13 -46.53 15.37
C GLU E 190 39.98 -46.31 14.40
N LEU E 191 40.27 -46.35 13.10
CA LEU E 191 39.20 -46.30 12.11
C LEU E 191 38.36 -47.56 12.11
N ASP E 192 38.91 -48.69 12.56
CA ASP E 192 38.07 -49.85 12.79
C ASP E 192 37.23 -49.70 14.05
N ALA E 193 37.69 -48.92 15.03
CA ALA E 193 36.85 -48.63 16.18
C ALA E 193 35.67 -47.74 15.79
N LEU E 194 35.91 -46.70 14.99
CA LEU E 194 34.79 -45.89 14.50
C LEU E 194 33.93 -46.66 13.52
N ALA E 195 34.49 -47.61 12.78
CA ALA E 195 33.69 -48.42 11.89
C ALA E 195 32.76 -49.34 12.66
N GLU E 196 33.25 -49.89 13.78
CA GLU E 196 32.38 -50.71 14.63
C GLU E 196 31.35 -49.87 15.35
N LEU E 197 31.68 -48.62 15.69
CA LEU E 197 30.72 -47.75 16.37
C LEU E 197 29.61 -47.29 15.44
N ILE E 198 29.98 -46.74 14.28
CA ILE E 198 28.99 -46.26 13.33
C ILE E 198 28.22 -47.42 12.72
N ALA E 199 28.90 -48.54 12.46
CA ALA E 199 28.22 -49.74 11.97
C ALA E 199 27.29 -50.32 13.02
N SER E 200 27.62 -50.16 14.31
CA SER E 200 26.70 -50.55 15.36
C SER E 200 25.57 -49.55 15.50
N GLY E 201 25.73 -48.33 14.99
CA GLY E 201 24.68 -47.34 15.07
C GLY E 201 23.66 -47.47 13.95
N LEU E 202 24.13 -47.70 12.73
CA LEU E 202 23.22 -47.80 11.59
C LEU E 202 22.41 -49.08 11.60
N SER E 203 22.88 -50.12 12.29
CA SER E 203 22.15 -51.38 12.35
C SER E 203 21.05 -51.36 13.40
N GLY E 204 20.91 -50.28 14.16
CA GLY E 204 19.87 -50.19 15.17
C GLY E 204 20.21 -50.86 16.48
N SER E 205 21.47 -51.22 16.70
CA SER E 205 21.88 -51.91 17.91
C SER E 205 22.23 -50.98 19.05
N GLY E 206 21.99 -49.69 18.90
CA GLY E 206 22.29 -48.74 19.96
C GLY E 206 22.04 -47.33 19.49
N HIS E 207 22.35 -46.38 20.38
CA HIS E 207 22.22 -44.96 20.11
C HIS E 207 23.59 -44.33 20.01
N VAL E 208 23.86 -43.62 18.92
CA VAL E 208 25.18 -43.06 18.64
C VAL E 208 25.05 -41.56 18.44
N LEU E 209 25.62 -40.79 19.37
CA LEU E 209 25.77 -39.34 19.27
C LEU E 209 27.24 -39.00 19.35
N LEU E 210 27.74 -38.32 18.32
CA LEU E 210 29.15 -37.97 18.22
C LEU E 210 29.31 -36.46 18.23
N GLU E 211 30.40 -36.00 18.85
CA GLU E 211 30.79 -34.60 18.85
C GLU E 211 32.11 -34.47 18.10
N VAL E 212 32.13 -33.66 17.05
CA VAL E 212 33.28 -33.51 16.18
C VAL E 212 33.80 -32.09 16.30
N VAL E 213 35.10 -31.96 16.58
CA VAL E 213 35.78 -30.68 16.72
C VAL E 213 37.01 -30.70 15.82
N ALA E 214 37.14 -29.67 14.97
CA ALA E 214 38.25 -29.60 14.01
C ALA E 214 39.07 -28.35 14.25
N PHE E 215 40.39 -28.49 14.12
CA PHE E 215 41.38 -27.46 14.42
C PHE E 215 42.28 -27.26 13.22
N ALA E 216 42.48 -26.01 12.81
CA ALA E 216 43.33 -25.74 11.65
C ALA E 216 44.22 -24.52 11.88
N ARG E 217 45.46 -24.60 11.39
CA ARG E 217 46.38 -23.47 11.37
C ARG E 217 46.36 -22.87 9.97
N ILE E 218 45.70 -21.73 9.82
CA ILE E 218 45.62 -21.08 8.52
C ILE E 218 46.28 -19.70 8.53
N GLY E 219 47.11 -19.43 9.52
CA GLY E 219 47.81 -18.16 9.61
C GLY E 219 47.10 -17.16 10.50
N ASP E 220 47.81 -16.07 10.77
CA ASP E 220 47.41 -15.11 11.80
C ASP E 220 46.54 -14.03 11.17
N GLY E 221 45.24 -14.28 11.14
CA GLY E 221 44.27 -13.24 10.82
C GLY E 221 43.88 -13.14 9.36
N GLN E 222 43.46 -14.25 8.73
CA GLN E 222 43.18 -14.19 7.30
C GLN E 222 42.07 -15.17 6.87
N GLU E 223 40.84 -14.65 6.83
CA GLU E 223 39.78 -15.02 5.89
C GLU E 223 39.40 -16.50 5.97
N VAL E 224 38.73 -16.85 7.07
CA VAL E 224 37.98 -18.10 7.10
C VAL E 224 36.81 -18.02 6.12
N PHE E 225 36.30 -19.18 5.75
CA PHE E 225 35.27 -19.27 4.70
C PHE E 225 34.00 -19.94 5.21
N PRO E 226 33.01 -19.18 5.65
CA PRO E 226 31.69 -19.75 5.91
C PRO E 226 30.90 -19.88 4.61
N SER E 227 29.65 -20.29 4.74
CA SER E 227 28.80 -20.54 3.60
C SER E 227 27.95 -19.30 3.29
N GLN E 228 27.61 -19.14 2.01
CA GLN E 228 26.93 -17.94 1.55
C GLN E 228 25.42 -18.13 1.56
N GLU E 229 24.71 -17.05 1.26
CA GLU E 229 23.26 -17.01 1.27
C GLU E 229 22.75 -16.59 -0.10
N LEU E 230 21.43 -16.64 -0.25
CA LEU E 230 20.75 -16.26 -1.47
C LEU E 230 20.17 -14.86 -1.31
N ILE E 231 20.65 -13.92 -2.11
CA ILE E 231 20.03 -12.61 -2.28
C ILE E 231 19.55 -12.51 -3.72
N LEU E 232 18.31 -12.10 -3.89
CA LEU E 232 17.76 -11.85 -5.21
C LEU E 232 18.02 -10.38 -5.57
N ASP E 233 19.05 -10.15 -6.38
CA ASP E 233 19.36 -8.81 -6.87
C ASP E 233 18.37 -8.49 -7.98
N LYS E 234 17.20 -8.00 -7.57
CA LYS E 234 16.20 -7.53 -8.53
C LYS E 234 16.50 -6.10 -8.95
N GLY E 235 15.56 -5.45 -9.60
CA GLY E 235 15.80 -4.10 -10.05
C GLY E 235 15.75 -3.05 -8.95
N ASP E 236 14.79 -3.18 -8.03
CA ASP E 236 14.56 -2.16 -7.03
C ASP E 236 15.55 -2.30 -5.88
N LYS E 237 15.35 -1.49 -4.83
CA LYS E 237 16.10 -1.54 -3.57
C LYS E 237 17.59 -1.31 -3.80
N LYS E 238 17.91 -0.09 -4.24
CA LYS E 238 19.26 0.27 -4.67
C LYS E 238 20.26 0.16 -3.51
N GLY E 239 21.42 -0.43 -3.80
CA GLY E 239 22.42 -0.64 -2.78
C GLY E 239 22.31 -1.95 -2.03
N GLN E 240 22.38 -3.06 -2.74
CA GLN E 240 22.41 -4.38 -2.11
C GLN E 240 23.81 -4.68 -1.59
N LYS E 241 24.05 -5.93 -1.19
CA LYS E 241 25.37 -6.35 -0.78
C LYS E 241 26.11 -7.15 -1.84
N SER E 242 25.39 -8.02 -2.55
CA SER E 242 25.86 -9.01 -3.54
C SER E 242 26.69 -10.13 -2.94
N LYS E 243 27.00 -10.09 -1.64
CA LYS E 243 27.62 -11.22 -0.95
C LYS E 243 27.32 -11.10 0.54
N THR E 244 26.49 -11.99 1.05
CA THR E 244 26.28 -12.09 2.48
C THR E 244 26.54 -13.53 2.92
N LEU E 245 26.85 -13.68 4.20
CA LEU E 245 27.31 -14.96 4.74
C LEU E 245 26.34 -15.48 5.78
N TYR E 246 26.21 -16.80 5.84
CA TYR E 246 25.34 -17.43 6.82
C TYR E 246 25.88 -17.24 8.22
N SER E 247 24.97 -17.01 9.16
CA SER E 247 25.35 -16.81 10.55
C SER E 247 24.26 -17.36 11.46
N VAL E 248 24.59 -17.36 12.73
CA VAL E 248 23.72 -17.73 13.84
C VAL E 248 23.79 -16.52 14.74
N ARG E 249 23.42 -16.66 16.02
CA ARG E 249 23.35 -15.52 16.93
C ARG E 249 24.77 -14.99 17.16
N ASP E 250 25.20 -14.14 16.21
CA ASP E 250 26.49 -13.43 16.19
C ASP E 250 27.68 -14.40 16.18
N ALA E 251 27.71 -15.25 15.16
CA ALA E 251 28.81 -16.17 14.92
C ALA E 251 28.73 -16.66 13.49
N ALA E 252 29.88 -16.83 12.85
CA ALA E 252 29.91 -17.40 11.51
C ALA E 252 29.79 -18.91 11.59
N ALA E 253 29.01 -19.48 10.67
CA ALA E 253 28.82 -20.92 10.60
C ALA E 253 28.57 -21.31 9.16
N ILE E 254 28.64 -22.61 8.89
CA ILE E 254 28.27 -23.12 7.57
C ILE E 254 27.01 -23.96 7.75
N HIS E 255 26.34 -24.22 6.64
CA HIS E 255 25.08 -24.95 6.66
C HIS E 255 25.33 -26.41 7.02
N SER E 256 24.24 -27.13 7.30
CA SER E 256 24.34 -28.55 7.56
C SER E 256 24.34 -29.38 6.28
N GLN E 257 23.90 -28.80 5.15
CA GLN E 257 23.96 -29.53 3.89
C GLN E 257 25.38 -29.70 3.40
N LYS E 258 26.28 -28.78 3.76
CA LYS E 258 27.66 -28.91 3.30
C LYS E 258 28.40 -29.97 4.10
N ILE E 259 28.14 -30.05 5.40
CA ILE E 259 28.74 -31.09 6.21
C ILE E 259 28.16 -32.45 5.85
N GLY E 260 26.84 -32.52 5.66
CA GLY E 260 26.23 -33.75 5.19
C GLY E 260 26.63 -34.13 3.78
N ASN E 261 27.00 -33.14 2.97
CA ASN E 261 27.55 -33.43 1.66
C ASN E 261 28.95 -34.01 1.77
N ALA E 262 29.76 -33.49 2.68
CA ALA E 262 31.13 -33.99 2.80
C ALA E 262 31.17 -35.35 3.46
N LEU E 263 30.16 -35.71 4.24
CA LEU E 263 30.14 -37.05 4.80
C LEU E 263 29.69 -38.12 3.81
N ARG E 264 29.14 -37.74 2.67
CA ARG E 264 28.63 -38.69 1.71
C ARG E 264 29.54 -38.88 0.51
N THR E 265 30.75 -38.31 0.56
CA THR E 265 31.69 -38.41 -0.55
C THR E 265 32.44 -39.73 -0.42
N ILE E 266 31.76 -40.81 -0.81
CA ILE E 266 32.32 -42.15 -0.68
C ILE E 266 32.23 -42.92 -1.99
N ASP E 267 31.53 -42.38 -2.99
CA ASP E 267 31.27 -43.11 -4.22
C ASP E 267 32.53 -43.08 -5.08
N THR E 268 33.30 -44.17 -5.03
CA THR E 268 34.45 -44.35 -5.89
C THR E 268 34.15 -45.35 -7.01
N TRP E 269 32.88 -45.72 -7.19
CA TRP E 269 32.52 -46.83 -8.07
C TRP E 269 31.84 -46.38 -9.36
N TYR E 270 31.79 -45.07 -9.60
CA TYR E 270 31.26 -44.53 -10.85
C TYR E 270 32.13 -44.98 -12.01
N PRO E 271 31.53 -45.38 -13.14
CA PRO E 271 32.23 -46.27 -14.08
C PRO E 271 33.40 -45.66 -14.84
N ASP E 272 33.22 -44.55 -15.52
CA ASP E 272 34.05 -44.22 -16.67
C ASP E 272 35.18 -43.24 -16.36
N GLU E 273 35.55 -43.09 -15.09
CA GLU E 273 36.67 -42.21 -14.76
C GLU E 273 37.45 -42.74 -13.57
N ASP E 274 38.69 -42.28 -13.47
CA ASP E 274 39.57 -42.59 -12.35
C ASP E 274 40.37 -41.35 -11.99
N GLY E 275 40.99 -41.36 -10.82
CA GLY E 275 41.84 -40.24 -10.43
C GLY E 275 41.10 -39.10 -9.75
N LEU E 276 39.84 -38.85 -10.13
CA LEU E 276 39.08 -37.77 -9.50
C LEU E 276 38.70 -38.11 -8.06
N GLY E 277 38.67 -39.39 -7.73
CA GLY E 277 38.41 -39.81 -6.38
C GLY E 277 36.93 -39.93 -6.09
N PRO E 278 36.55 -39.82 -4.81
CA PRO E 278 35.16 -40.07 -4.44
C PRO E 278 34.24 -38.93 -4.85
N ILE E 279 32.98 -39.28 -5.10
CA ILE E 279 31.92 -38.33 -5.40
C ILE E 279 30.85 -38.53 -4.31
N ALA E 280 30.10 -37.47 -4.02
CA ALA E 280 28.94 -37.58 -3.16
C ALA E 280 27.90 -38.50 -3.79
N VAL E 281 27.17 -39.23 -2.95
CA VAL E 281 26.22 -40.23 -3.42
C VAL E 281 24.92 -39.53 -3.79
N GLU E 282 24.56 -39.57 -5.06
CA GLU E 282 23.34 -39.00 -5.58
C GLU E 282 22.73 -39.97 -6.58
N PRO E 283 21.41 -40.02 -6.67
CA PRO E 283 20.79 -40.63 -7.86
C PRO E 283 21.10 -39.75 -9.04
N TYR E 284 21.35 -40.40 -10.19
CA TYR E 284 21.95 -39.77 -11.38
C TYR E 284 23.22 -39.04 -10.98
N GLY E 285 24.25 -39.82 -10.63
CA GLY E 285 25.41 -39.33 -9.87
C GLY E 285 26.11 -38.12 -10.45
N SER E 286 25.94 -36.99 -9.79
CA SER E 286 26.12 -35.68 -10.39
C SER E 286 27.03 -34.81 -9.55
N VAL E 287 27.76 -33.93 -10.23
CA VAL E 287 28.57 -32.89 -9.60
C VAL E 287 28.15 -31.56 -10.21
N THR E 288 27.75 -30.61 -9.36
CA THR E 288 27.27 -29.32 -9.85
C THR E 288 28.42 -28.45 -10.34
N SER E 289 29.58 -28.54 -9.70
CA SER E 289 30.71 -27.71 -10.10
C SER E 289 31.30 -28.20 -11.41
N GLN E 290 31.45 -29.51 -11.57
CA GLN E 290 31.93 -30.07 -12.83
C GLN E 290 30.87 -30.00 -13.93
N GLY E 291 29.60 -29.85 -13.56
CA GLY E 291 28.55 -29.79 -14.55
C GLY E 291 28.29 -31.08 -15.28
N LYS E 292 28.65 -32.22 -14.68
CA LYS E 292 28.56 -33.51 -15.34
C LYS E 292 27.78 -34.47 -14.46
N ALA E 293 26.88 -35.24 -15.08
CA ALA E 293 26.19 -36.33 -14.44
C ALA E 293 26.88 -37.61 -14.85
N TYR E 294 27.54 -38.26 -13.88
CA TYR E 294 28.38 -39.42 -14.20
C TYR E 294 27.54 -40.65 -14.49
N ARG E 295 26.52 -40.89 -13.67
CA ARG E 295 25.68 -42.07 -13.83
C ARG E 295 24.40 -41.72 -14.58
N GLN E 296 24.56 -41.44 -15.86
CA GLN E 296 23.39 -41.21 -16.70
C GLN E 296 22.65 -42.52 -16.95
N PRO E 297 21.34 -42.47 -17.19
CA PRO E 297 20.60 -43.69 -17.49
C PRO E 297 20.73 -44.21 -18.92
N LYS E 298 21.66 -43.68 -19.73
CA LYS E 298 22.03 -44.37 -20.96
C LYS E 298 22.70 -45.70 -20.63
N GLN E 299 23.56 -45.71 -19.63
CA GLN E 299 24.05 -46.93 -19.03
C GLN E 299 23.01 -47.50 -18.08
N LYS E 300 23.36 -48.56 -17.37
CA LYS E 300 22.46 -49.17 -16.42
C LYS E 300 23.04 -49.15 -15.01
N LEU E 301 23.62 -48.01 -14.63
CA LEU E 301 24.19 -47.84 -13.29
C LEU E 301 23.49 -46.73 -12.53
N ASP E 302 22.30 -46.34 -12.95
CA ASP E 302 21.47 -45.42 -12.19
C ASP E 302 20.98 -46.07 -10.91
N PHE E 303 20.60 -45.25 -9.94
CA PHE E 303 19.99 -45.77 -8.71
C PHE E 303 18.63 -46.39 -8.96
N TYR E 304 17.83 -45.74 -9.82
CA TYR E 304 16.46 -46.21 -10.07
C TYR E 304 16.48 -47.53 -10.85
N THR E 305 17.43 -47.67 -11.77
CA THR E 305 17.52 -48.87 -12.58
C THR E 305 18.00 -50.06 -11.76
N LEU E 306 19.00 -49.84 -10.90
CA LEU E 306 19.49 -50.93 -10.05
C LEU E 306 18.47 -51.30 -8.98
N LEU E 307 17.73 -50.31 -8.47
CA LEU E 307 16.73 -50.61 -7.46
C LEU E 307 15.55 -51.36 -8.05
N ASP E 308 15.13 -50.99 -9.26
CA ASP E 308 14.06 -51.72 -9.93
C ASP E 308 14.49 -53.12 -10.32
N ASN E 309 15.71 -53.27 -10.82
CA ASN E 309 16.19 -54.59 -11.22
C ASN E 309 16.54 -55.48 -10.03
N TRP E 310 16.72 -54.92 -8.84
CA TRP E 310 17.10 -55.71 -7.69
C TRP E 310 15.97 -55.98 -6.71
N VAL E 311 14.93 -55.16 -6.71
CA VAL E 311 13.76 -55.45 -5.89
C VAL E 311 12.74 -56.30 -6.65
N LEU E 312 12.37 -55.85 -7.86
CA LEU E 312 11.29 -56.52 -8.59
C LEU E 312 11.76 -57.80 -9.26
N ARG E 313 12.71 -57.67 -10.18
CA ARG E 313 13.09 -58.77 -11.05
C ARG E 313 14.11 -59.72 -10.44
N ASP E 314 14.55 -59.44 -9.20
CA ASP E 314 15.55 -60.22 -8.45
C ASP E 314 16.89 -60.35 -9.16
N GLU E 315 17.21 -59.43 -10.08
CA GLU E 315 18.49 -59.42 -10.76
C GLU E 315 19.46 -58.66 -9.88
N ALA E 316 20.18 -59.39 -9.04
CA ALA E 316 21.04 -58.75 -8.06
C ALA E 316 22.32 -58.24 -8.73
N PRO E 317 22.67 -56.97 -8.54
CA PRO E 317 23.92 -56.45 -9.12
C PRO E 317 25.15 -56.93 -8.38
N ALA E 318 26.31 -56.39 -8.74
CA ALA E 318 27.54 -56.69 -8.02
C ALA E 318 27.48 -56.12 -6.59
N VAL E 319 28.42 -56.60 -5.76
CA VAL E 319 28.50 -56.16 -4.37
C VAL E 319 28.77 -54.67 -4.29
N GLU E 320 29.65 -54.20 -5.18
CA GLU E 320 29.90 -52.79 -5.47
C GLU E 320 28.62 -51.94 -5.56
N GLN E 321 27.74 -52.29 -6.49
CA GLN E 321 26.55 -51.50 -6.71
C GLN E 321 25.53 -51.69 -5.60
N GLN E 322 25.61 -52.80 -4.87
CA GLN E 322 24.78 -52.95 -3.67
C GLN E 322 25.21 -51.97 -2.58
N HIS E 323 26.52 -51.76 -2.44
CA HIS E 323 26.99 -50.71 -1.55
C HIS E 323 26.53 -49.33 -2.01
N TYR E 324 26.43 -49.14 -3.34
CA TYR E 324 25.88 -47.89 -3.85
C TYR E 324 24.41 -47.71 -3.45
N VAL E 325 23.60 -48.75 -3.63
CA VAL E 325 22.16 -48.61 -3.43
C VAL E 325 21.83 -48.46 -1.96
N ILE E 326 22.46 -49.24 -1.09
CA ILE E 326 22.20 -49.10 0.34
C ILE E 326 22.77 -47.79 0.86
N ALA E 327 23.93 -47.38 0.33
CA ALA E 327 24.49 -46.06 0.65
C ALA E 327 23.63 -44.92 0.14
N ASN E 328 22.73 -45.19 -0.79
CA ASN E 328 21.79 -44.18 -1.24
C ASN E 328 20.46 -44.25 -0.49
N LEU E 329 20.16 -45.38 0.16
CA LEU E 329 18.99 -45.41 1.05
C LEU E 329 19.30 -44.79 2.39
N ILE E 330 20.56 -44.78 2.82
CA ILE E 330 20.93 -44.03 4.02
C ILE E 330 20.80 -42.53 3.77
N ARG E 331 21.04 -42.10 2.54
CA ARG E 331 20.94 -40.69 2.17
C ARG E 331 19.50 -40.17 2.22
N GLY E 332 18.52 -41.04 2.04
CA GLY E 332 17.14 -40.62 2.04
C GLY E 332 16.75 -39.99 0.73
N GLY E 333 15.53 -39.49 0.67
CA GLY E 333 15.08 -38.78 -0.50
C GLY E 333 13.60 -38.99 -0.73
N VAL E 334 13.14 -38.45 -1.86
CA VAL E 334 11.78 -38.59 -2.33
C VAL E 334 11.83 -39.38 -3.62
N PHE E 335 11.37 -40.62 -3.57
CA PHE E 335 11.48 -41.55 -4.68
C PHE E 335 10.09 -41.83 -5.22
N GLY E 336 10.02 -42.73 -6.19
CA GLY E 336 8.74 -43.05 -6.80
C GLY E 336 8.30 -41.97 -7.77
N GLU E 337 7.11 -42.18 -8.34
CA GLU E 337 6.58 -41.29 -9.38
C GLU E 337 6.25 -39.91 -8.85
N ILE F 4 -39.78 -48.98 10.29
CA ILE F 4 -39.80 -47.53 10.45
C ILE F 4 -38.48 -47.00 10.98
N LEU F 5 -38.55 -45.75 11.44
CA LEU F 5 -37.50 -45.05 12.18
C LEU F 5 -36.24 -44.93 11.32
N SER F 6 -36.20 -43.90 10.48
CA SER F 6 -35.05 -43.65 9.64
C SER F 6 -34.02 -42.80 10.39
N THR F 7 -32.82 -42.73 9.83
CA THR F 7 -31.76 -41.93 10.42
C THR F 7 -32.04 -40.44 10.24
N ALA F 8 -31.57 -39.64 11.19
CA ALA F 8 -31.66 -38.21 11.06
C ALA F 8 -30.66 -37.72 10.01
N SER F 9 -31.05 -36.71 9.26
CA SER F 9 -30.18 -36.18 8.21
C SER F 9 -29.05 -35.32 8.77
N VAL F 10 -29.21 -34.79 9.97
CA VAL F 10 -28.20 -33.94 10.62
C VAL F 10 -27.91 -34.53 11.99
N LEU F 11 -26.65 -34.85 12.27
CA LEU F 11 -26.27 -35.32 13.60
C LEU F 11 -25.30 -34.38 14.30
N ALA F 12 -24.12 -34.12 13.72
CA ALA F 12 -23.20 -33.05 14.09
C ALA F 12 -22.76 -33.13 15.56
N PHE F 13 -22.00 -34.18 15.87
CA PHE F 13 -21.44 -34.30 17.20
C PHE F 13 -20.29 -33.33 17.42
N GLU F 14 -19.83 -33.27 18.67
CA GLU F 14 -18.86 -32.29 19.12
C GLU F 14 -17.80 -32.98 19.96
N ARG F 15 -16.54 -32.62 19.76
CA ARG F 15 -15.44 -33.36 20.36
C ARG F 15 -15.35 -33.08 21.86
N LYS F 16 -14.77 -34.04 22.58
CA LYS F 16 -14.73 -33.99 24.03
C LYS F 16 -13.33 -34.01 24.62
N LEU F 17 -12.31 -34.32 23.83
CA LEU F 17 -10.92 -34.18 24.25
C LEU F 17 -10.36 -32.95 23.53
N ASP F 18 -10.00 -31.93 24.28
CA ASP F 18 -9.63 -30.64 23.69
C ASP F 18 -8.18 -30.30 24.03
N PRO F 19 -7.23 -30.51 23.10
CA PRO F 19 -5.85 -30.09 23.33
C PRO F 19 -5.60 -28.65 22.93
N SER F 20 -4.33 -28.23 22.98
CA SER F 20 -3.93 -26.90 22.54
C SER F 20 -2.61 -27.03 21.78
N ASP F 21 -1.94 -25.90 21.56
CA ASP F 21 -0.71 -25.91 20.79
C ASP F 21 0.47 -26.33 21.67
N ALA F 22 1.60 -26.62 21.03
CA ALA F 22 2.68 -27.34 21.69
C ALA F 22 3.74 -26.47 22.36
N LEU F 23 4.14 -25.37 21.73
CA LEU F 23 5.02 -24.35 22.30
C LEU F 23 6.39 -24.93 22.70
N MET F 24 7.16 -25.30 21.68
CA MET F 24 8.50 -25.84 21.88
C MET F 24 9.43 -24.82 22.55
N SER F 25 10.26 -25.31 23.46
CA SER F 25 11.29 -24.50 24.08
C SER F 25 12.46 -25.40 24.44
N ALA F 26 13.64 -24.83 24.53
CA ALA F 26 14.87 -25.59 24.64
C ALA F 26 15.46 -25.45 26.04
N GLY F 27 16.64 -26.01 26.21
CA GLY F 27 17.35 -25.93 27.47
C GLY F 27 18.24 -27.15 27.65
N ALA F 28 18.91 -27.19 28.79
CA ALA F 28 19.87 -28.25 29.11
C ALA F 28 19.31 -29.18 30.16
N TRP F 29 19.61 -30.47 30.00
CA TRP F 29 19.19 -31.51 30.94
C TRP F 29 19.90 -31.32 32.27
N ALA F 30 19.29 -31.87 33.33
CA ALA F 30 19.61 -31.74 34.76
C ALA F 30 19.34 -30.34 35.31
N GLN F 31 18.93 -29.42 34.44
CA GLN F 31 18.14 -28.26 34.81
C GLN F 31 16.66 -28.52 34.56
N ARG F 32 16.27 -29.80 34.69
CA ARG F 32 14.99 -30.29 34.25
C ARG F 32 13.87 -29.83 35.17
N ASP F 33 14.04 -30.04 36.47
CA ASP F 33 13.25 -29.30 37.45
C ASP F 33 13.63 -27.83 37.38
N ALA F 34 12.66 -26.96 37.69
CA ALA F 34 12.73 -25.52 37.41
C ALA F 34 13.02 -25.30 35.92
N SER F 35 11.99 -25.62 35.13
CA SER F 35 12.02 -26.14 33.77
C SER F 35 12.98 -25.47 32.79
N GLN F 36 13.37 -26.23 31.76
CA GLN F 36 14.70 -26.29 31.13
C GLN F 36 15.39 -24.95 31.01
N GLU F 37 14.79 -24.10 30.19
CA GLU F 37 15.16 -22.70 30.07
C GLU F 37 13.90 -21.96 29.64
N TRP F 38 13.95 -20.66 29.69
CA TRP F 38 12.84 -19.94 29.11
C TRP F 38 13.20 -18.99 27.96
N PRO F 39 14.06 -19.37 26.99
CA PRO F 39 13.78 -18.96 25.61
C PRO F 39 13.18 -20.12 24.85
N ALA F 40 12.53 -19.84 23.73
CA ALA F 40 11.91 -20.85 22.91
C ALA F 40 12.71 -21.08 21.64
N VAL F 41 12.45 -22.20 20.99
CA VAL F 41 13.07 -22.50 19.71
C VAL F 41 12.45 -21.62 18.64
N THR F 42 13.27 -20.84 17.96
CA THR F 42 12.79 -19.92 16.95
C THR F 42 12.97 -20.51 15.55
N VAL F 43 11.96 -20.36 14.72
CA VAL F 43 12.02 -20.80 13.34
C VAL F 43 12.79 -19.74 12.55
N ARG F 44 13.86 -20.17 11.87
CA ARG F 44 14.66 -19.24 11.08
C ARG F 44 14.81 -19.80 9.68
N GLU F 45 15.45 -19.01 8.81
CA GLU F 45 15.47 -19.26 7.38
C GLU F 45 16.89 -19.46 6.91
N LYS F 46 17.08 -20.39 5.97
CA LYS F 46 18.38 -20.55 5.33
C LYS F 46 18.19 -21.03 3.90
N SER F 47 19.20 -20.78 3.07
CA SER F 47 19.18 -21.19 1.68
C SER F 47 19.74 -22.60 1.53
N VAL F 48 19.33 -23.26 0.46
CA VAL F 48 19.89 -24.57 0.19
C VAL F 48 19.91 -24.79 -1.31
N ARG F 49 21.07 -25.19 -1.81
CA ARG F 49 21.29 -25.46 -3.21
C ARG F 49 21.20 -26.96 -3.40
N GLY F 50 20.02 -27.46 -3.70
CA GLY F 50 19.81 -28.88 -3.93
C GLY F 50 20.27 -29.33 -5.29
N THR F 51 19.63 -30.38 -5.79
CA THR F 51 19.83 -30.85 -7.15
C THR F 51 18.56 -31.55 -7.60
N ILE F 52 18.46 -31.79 -8.90
CA ILE F 52 17.28 -32.41 -9.48
C ILE F 52 17.46 -33.93 -9.36
N SER F 53 16.85 -34.50 -8.34
CA SER F 53 16.89 -35.94 -8.10
C SER F 53 15.45 -36.42 -7.90
N ASN F 54 14.76 -36.67 -9.01
CA ASN F 54 13.41 -37.21 -9.01
C ASN F 54 13.28 -38.11 -10.22
N ARG F 55 12.29 -38.99 -10.19
CA ARG F 55 11.97 -39.75 -11.40
C ARG F 55 11.40 -38.81 -12.45
N LEU F 56 11.89 -38.94 -13.67
CA LEU F 56 11.62 -37.97 -14.73
C LEU F 56 10.75 -38.59 -15.80
N LYS F 57 9.57 -38.02 -15.99
CA LYS F 57 8.73 -38.27 -17.16
C LYS F 57 8.76 -36.95 -17.95
N THR F 58 9.79 -36.79 -18.76
CA THR F 58 10.04 -35.55 -19.47
C THR F 58 9.48 -35.61 -20.88
N LYS F 59 9.89 -34.65 -21.71
CA LYS F 59 9.64 -34.71 -23.14
C LYS F 59 10.28 -35.97 -23.71
N ASP F 60 9.46 -36.81 -24.34
CA ASP F 60 9.85 -38.18 -24.68
C ASP F 60 10.94 -38.18 -25.74
N ARG F 61 12.06 -38.83 -25.40
CA ARG F 61 13.27 -38.90 -26.22
C ARG F 61 13.79 -37.50 -26.58
N ASP F 62 13.89 -36.65 -25.56
CA ASP F 62 14.53 -35.35 -25.68
C ASP F 62 15.82 -35.39 -24.88
N PRO F 63 16.95 -35.72 -25.51
CA PRO F 63 18.18 -35.95 -24.73
C PRO F 63 18.83 -34.67 -24.23
N ALA F 64 18.72 -33.56 -24.97
CA ALA F 64 19.42 -32.35 -24.56
C ALA F 64 18.78 -31.70 -23.35
N LYS F 65 17.43 -31.63 -23.33
CA LYS F 65 16.73 -31.10 -22.17
C LYS F 65 16.91 -32.01 -20.96
N LEU F 66 16.96 -33.32 -21.20
CA LEU F 66 17.20 -34.28 -20.12
C LEU F 66 18.61 -34.13 -19.55
N ASP F 67 19.58 -33.80 -20.40
CA ASP F 67 20.94 -33.56 -19.91
C ASP F 67 21.04 -32.27 -19.13
N ALA F 68 20.45 -31.19 -19.64
CA ALA F 68 20.57 -29.90 -18.97
C ALA F 68 19.71 -29.80 -17.73
N SER F 69 18.71 -30.68 -17.57
CA SER F 69 17.86 -30.61 -16.40
C SER F 69 18.50 -31.24 -15.17
N ILE F 70 19.44 -32.17 -15.33
CA ILE F 70 20.01 -32.91 -14.21
C ILE F 70 21.43 -32.46 -13.89
N GLN F 71 21.88 -31.34 -14.45
CA GLN F 71 23.22 -30.84 -14.18
C GLN F 71 23.23 -29.46 -13.54
N SER F 72 22.20 -28.75 -13.62
CA SER F 72 22.04 -27.41 -13.10
C SER F 72 21.56 -27.46 -11.66
N PRO F 73 21.94 -26.48 -10.83
CA PRO F 73 21.52 -26.52 -9.42
C PRO F 73 20.11 -26.03 -9.17
N ASN F 74 19.73 -25.92 -7.90
CA ASN F 74 18.36 -25.59 -7.50
C ASN F 74 18.43 -24.79 -6.21
N LEU F 75 17.76 -23.64 -6.16
CA LEU F 75 18.03 -22.63 -5.12
C LEU F 75 16.80 -22.32 -4.26
N GLN F 76 16.63 -23.13 -3.23
CA GLN F 76 15.56 -23.07 -2.25
C GLN F 76 15.94 -22.13 -1.13
N THR F 77 14.91 -21.65 -0.42
CA THR F 77 15.08 -20.96 0.86
C THR F 77 14.11 -21.62 1.86
N VAL F 78 14.59 -22.58 2.61
CA VAL F 78 13.75 -23.34 3.50
C VAL F 78 13.83 -22.74 4.90
N ASP F 79 12.89 -23.12 5.75
CA ASP F 79 12.88 -22.73 7.16
C ASP F 79 13.26 -23.93 8.01
N VAL F 80 14.22 -23.74 8.90
CA VAL F 80 14.61 -24.77 9.84
C VAL F 80 14.47 -24.25 11.26
N ALA F 81 14.45 -25.18 12.19
CA ALA F 81 14.41 -24.87 13.62
C ALA F 81 15.39 -25.80 14.32
N ASN F 82 16.52 -25.25 14.75
CA ASN F 82 17.53 -26.01 15.47
C ASN F 82 17.50 -25.64 16.95
N LEU F 83 17.95 -26.57 17.78
CA LEU F 83 18.25 -26.26 19.16
C LEU F 83 19.48 -25.34 19.21
N PRO F 84 19.62 -24.52 20.25
CA PRO F 84 20.83 -23.71 20.37
C PRO F 84 22.05 -24.55 20.68
N SER F 85 23.22 -23.92 20.57
CA SER F 85 24.50 -24.62 20.58
C SER F 85 24.87 -25.21 21.93
N ASP F 86 24.24 -24.77 23.01
CA ASP F 86 24.55 -25.25 24.35
C ASP F 86 23.30 -25.76 25.05
N ALA F 87 22.50 -26.55 24.34
CA ALA F 87 21.28 -27.11 24.89
C ALA F 87 21.00 -28.43 24.20
N ASP F 88 20.55 -29.43 24.96
CA ASP F 88 20.32 -30.75 24.40
C ASP F 88 19.01 -31.36 24.89
N THR F 89 18.00 -30.55 25.17
CA THR F 89 16.74 -31.07 25.66
C THR F 89 15.60 -30.25 25.10
N LEU F 90 14.64 -30.93 24.48
CA LEU F 90 13.44 -30.29 23.97
C LEU F 90 12.32 -30.41 25.01
N LYS F 91 11.58 -29.31 25.17
CA LYS F 91 10.44 -29.23 26.07
C LYS F 91 9.18 -28.90 25.27
N VAL F 92 8.13 -29.69 25.45
CA VAL F 92 6.86 -29.47 24.78
C VAL F 92 5.76 -29.44 25.83
N ARG F 93 5.07 -28.30 25.95
CA ARG F 93 4.07 -28.10 26.99
C ARG F 93 2.73 -27.75 26.38
N PHE F 94 1.72 -28.57 26.64
CA PHE F 94 0.37 -28.25 26.19
C PHE F 94 -0.61 -28.58 27.31
N THR F 95 -1.85 -28.12 27.15
CA THR F 95 -2.92 -28.40 28.10
C THR F 95 -3.97 -29.28 27.45
N LEU F 96 -4.89 -29.79 28.26
CA LEU F 96 -5.89 -30.73 27.78
C LEU F 96 -7.13 -30.64 28.65
N ARG F 97 -8.27 -30.31 28.05
CA ARG F 97 -9.54 -30.41 28.75
C ARG F 97 -10.23 -31.70 28.40
N VAL F 98 -10.83 -32.32 29.41
CA VAL F 98 -11.67 -33.50 29.22
C VAL F 98 -13.10 -33.09 29.53
N LEU F 99 -13.99 -33.22 28.56
CA LEU F 99 -15.35 -32.73 28.68
C LEU F 99 -16.32 -33.90 28.79
N GLY F 100 -17.36 -33.73 29.61
CA GLY F 100 -18.33 -34.77 29.83
C GLY F 100 -19.51 -34.70 28.90
N GLY F 101 -20.38 -35.70 29.01
CA GLY F 101 -21.57 -35.78 28.17
C GLY F 101 -21.25 -36.13 26.74
N ALA F 102 -20.67 -37.30 26.53
CA ALA F 102 -20.11 -37.70 25.24
C ALA F 102 -21.08 -38.51 24.40
N GLY F 103 -22.39 -38.30 24.57
CA GLY F 103 -23.34 -39.03 23.77
C GLY F 103 -24.49 -38.16 23.28
N THR F 104 -24.47 -36.89 23.67
CA THR F 104 -25.52 -35.97 23.32
C THR F 104 -25.14 -35.21 22.06
N PRO F 105 -25.96 -35.23 21.01
CA PRO F 105 -25.64 -34.48 19.80
C PRO F 105 -25.78 -32.98 19.99
N SER F 106 -25.40 -32.20 18.98
CA SER F 106 -25.59 -30.76 19.02
C SER F 106 -26.62 -30.27 18.03
N ALA F 107 -26.98 -31.07 17.02
CA ALA F 107 -27.98 -30.66 16.05
C ALA F 107 -28.60 -31.92 15.45
N CYS F 108 -29.80 -32.27 15.91
CA CYS F 108 -30.48 -33.47 15.44
C CYS F 108 -31.88 -33.13 14.97
N ASN F 109 -32.28 -33.70 13.84
CA ASN F 109 -33.62 -33.45 13.31
C ASN F 109 -34.67 -34.21 14.10
N ASP F 110 -34.59 -35.54 14.10
CA ASP F 110 -35.60 -36.37 14.73
C ASP F 110 -35.47 -36.32 16.24
N ALA F 111 -36.61 -36.45 16.91
CA ALA F 111 -36.64 -36.56 18.37
C ALA F 111 -36.67 -37.99 18.86
N ALA F 112 -37.22 -38.92 18.06
CA ALA F 112 -37.21 -40.32 18.45
C ALA F 112 -35.85 -40.95 18.25
N TYR F 113 -35.15 -40.56 17.18
CA TYR F 113 -33.81 -41.07 16.91
C TYR F 113 -32.82 -40.58 17.96
N ARG F 114 -33.01 -39.35 18.45
CA ARG F 114 -32.15 -38.83 19.50
C ARG F 114 -32.37 -39.56 20.83
N ASP F 115 -33.63 -39.87 21.16
CA ASP F 115 -33.93 -40.56 22.39
C ASP F 115 -33.46 -42.02 22.35
N LYS F 116 -33.60 -42.65 21.18
CA LYS F 116 -33.08 -44.01 21.01
C LYS F 116 -31.55 -44.02 21.10
N LEU F 117 -30.91 -42.97 20.58
CA LEU F 117 -29.46 -42.86 20.67
C LEU F 117 -29.01 -42.69 22.12
N LEU F 118 -29.72 -41.86 22.89
CA LEU F 118 -29.34 -41.67 24.29
C LEU F 118 -29.63 -42.90 25.14
N GLN F 119 -30.66 -43.68 24.77
CA GLN F 119 -30.86 -44.96 25.45
C GLN F 119 -29.75 -45.94 25.10
N THR F 120 -29.22 -45.88 23.88
CA THR F 120 -28.13 -46.76 23.50
C THR F 120 -26.85 -46.42 24.25
N VAL F 121 -26.50 -45.13 24.31
CA VAL F 121 -25.27 -44.73 24.98
C VAL F 121 -25.38 -44.93 26.49
N ALA F 122 -26.56 -44.67 27.06
CA ALA F 122 -26.79 -44.94 28.48
C ALA F 122 -26.73 -46.43 28.78
N THR F 123 -27.20 -47.26 27.85
CA THR F 123 -27.05 -48.70 27.98
C THR F 123 -25.59 -49.12 27.95
N TYR F 124 -24.78 -48.44 27.12
CA TYR F 124 -23.36 -48.74 27.04
C TYR F 124 -22.67 -48.39 28.36
N VAL F 125 -22.84 -47.17 28.86
CA VAL F 125 -22.16 -46.78 30.08
C VAL F 125 -22.74 -47.43 31.32
N ASN F 126 -23.92 -48.03 31.24
CA ASN F 126 -24.39 -48.87 32.34
C ASN F 126 -23.88 -50.30 32.27
N ASP F 127 -23.64 -50.83 31.07
CA ASP F 127 -23.07 -52.16 30.97
C ASP F 127 -21.60 -52.16 31.39
N GLN F 128 -20.86 -51.12 30.99
CA GLN F 128 -19.44 -51.02 31.31
C GLN F 128 -19.03 -49.55 31.23
N GLY F 129 -18.08 -49.17 32.07
CA GLY F 129 -17.70 -47.78 32.19
C GLY F 129 -16.83 -47.32 31.05
N PHE F 130 -16.20 -46.16 31.27
CA PHE F 130 -15.19 -45.61 30.37
C PHE F 130 -13.78 -46.02 30.73
N ALA F 131 -13.60 -47.21 31.32
CA ALA F 131 -12.29 -47.61 31.82
C ALA F 131 -11.34 -47.99 30.69
N GLU F 132 -11.86 -48.63 29.64
CA GLU F 132 -11.01 -49.08 28.54
C GLU F 132 -10.46 -47.89 27.75
N LEU F 133 -11.35 -46.98 27.35
CA LEU F 133 -10.94 -45.87 26.51
C LEU F 133 -10.06 -44.88 27.27
N ALA F 134 -10.36 -44.66 28.56
CA ALA F 134 -9.48 -43.81 29.35
C ALA F 134 -8.17 -44.50 29.67
N ARG F 135 -8.17 -45.83 29.69
CA ARG F 135 -6.93 -46.56 29.91
C ARG F 135 -6.00 -46.42 28.70
N ARG F 136 -6.57 -46.48 27.49
CA ARG F 136 -5.71 -46.34 26.32
C ARG F 136 -5.34 -44.88 26.04
N TYR F 137 -6.23 -43.93 26.35
CA TYR F 137 -5.85 -42.52 26.30
C TYR F 137 -4.76 -42.20 27.31
N ALA F 138 -4.81 -42.85 28.47
CA ALA F 138 -3.73 -42.72 29.45
C ALA F 138 -2.46 -43.37 28.98
N HIS F 139 -2.55 -44.42 28.14
CA HIS F 139 -1.33 -44.96 27.56
C HIS F 139 -0.75 -44.05 26.49
N ASN F 140 -1.59 -43.30 25.76
CA ASN F 140 -1.03 -42.35 24.80
C ASN F 140 -0.52 -41.08 25.44
N LEU F 141 -1.03 -40.69 26.61
CA LEU F 141 -0.36 -39.64 27.37
C LEU F 141 0.82 -40.17 28.16
N ALA F 142 0.91 -41.49 28.36
CA ALA F 142 1.97 -42.06 29.16
C ALA F 142 3.30 -41.98 28.44
N ASN F 143 3.38 -42.54 27.24
CA ASN F 143 4.55 -42.37 26.39
C ASN F 143 4.45 -41.02 25.68
N ALA F 144 5.29 -40.82 24.68
CA ALA F 144 5.36 -39.51 24.06
C ALA F 144 5.01 -39.60 22.59
N ARG F 145 3.88 -40.25 22.28
CA ARG F 145 3.44 -40.39 20.90
C ARG F 145 3.15 -39.05 20.25
N PHE F 146 2.75 -38.05 21.04
CA PHE F 146 2.53 -36.70 20.53
C PHE F 146 3.82 -35.99 20.13
N LEU F 147 4.98 -36.51 20.49
CA LEU F 147 6.24 -36.15 19.85
C LEU F 147 6.38 -37.05 18.64
N TRP F 148 6.15 -36.52 17.44
CA TRP F 148 6.04 -37.38 16.27
C TRP F 148 7.39 -37.86 15.76
N ARG F 149 8.21 -36.94 15.26
CA ARG F 149 9.54 -37.30 14.80
C ARG F 149 10.60 -36.97 15.82
N ASN F 150 10.29 -36.10 16.77
CA ASN F 150 11.21 -35.73 17.83
C ASN F 150 11.48 -36.87 18.79
N ARG F 151 10.56 -37.83 18.88
CA ARG F 151 10.75 -39.00 19.74
C ARG F 151 11.75 -39.98 19.15
N VAL F 152 11.87 -40.00 17.82
CA VAL F 152 12.68 -40.99 17.13
C VAL F 152 14.16 -40.71 17.37
N GLY F 153 14.83 -41.65 18.02
CA GLY F 153 16.25 -41.51 18.29
C GLY F 153 16.56 -40.51 19.39
N ALA F 154 16.15 -40.83 20.61
CA ALA F 154 16.42 -39.99 21.77
C ALA F 154 16.98 -40.84 22.89
N GLU F 155 17.76 -40.22 23.76
CA GLU F 155 18.39 -40.95 24.85
C GLU F 155 17.39 -41.24 25.95
N ALA F 156 16.64 -40.24 26.38
CA ALA F 156 15.69 -40.40 27.46
C ALA F 156 14.57 -39.39 27.30
N VAL F 157 13.33 -39.86 27.37
CA VAL F 157 12.14 -39.02 27.25
C VAL F 157 11.36 -39.13 28.55
N GLU F 158 11.03 -37.99 29.15
CA GLU F 158 10.29 -37.98 30.40
C GLU F 158 9.05 -37.11 30.26
N VAL F 159 7.91 -37.64 30.72
CA VAL F 159 6.61 -36.98 30.61
C VAL F 159 6.11 -36.67 32.00
N ARG F 160 5.69 -35.42 32.22
CA ARG F 160 5.14 -34.97 33.49
C ARG F 160 3.72 -34.44 33.27
N ILE F 161 2.78 -34.96 34.05
CA ILE F 161 1.36 -34.66 33.89
C ILE F 161 0.86 -34.09 35.21
N ASN F 162 0.12 -32.99 35.14
CA ASN F 162 -0.42 -32.36 36.34
C ASN F 162 -1.92 -32.20 36.22
N HIS F 163 -2.65 -32.63 37.24
CA HIS F 163 -4.07 -32.35 37.33
C HIS F 163 -4.27 -31.03 38.04
N ILE F 164 -5.03 -30.13 37.43
CA ILE F 164 -5.23 -28.78 37.93
C ILE F 164 -6.71 -28.58 38.21
N ARG F 165 -7.06 -28.39 39.49
CA ARG F 165 -8.44 -28.30 39.92
C ARG F 165 -8.82 -26.89 40.35
N GLN F 166 -8.10 -26.34 41.32
CA GLN F 166 -8.16 -24.92 41.63
C GLN F 166 -7.09 -24.23 40.78
N GLY F 167 -6.69 -23.02 41.15
CA GLY F 167 -5.54 -22.40 40.51
C GLY F 167 -4.24 -23.15 40.73
N GLU F 168 -4.16 -23.99 41.77
CA GLU F 168 -2.96 -24.74 42.12
C GLU F 168 -2.99 -26.13 41.51
N VAL F 169 -2.06 -26.98 41.94
CA VAL F 169 -1.88 -28.33 41.41
C VAL F 169 -2.49 -29.32 42.39
N ALA F 170 -3.32 -30.23 41.89
CA ALA F 170 -3.95 -31.23 42.74
C ALA F 170 -3.11 -32.49 42.89
N ARG F 171 -2.63 -33.04 41.77
CA ARG F 171 -1.89 -34.30 41.80
C ARG F 171 -0.98 -34.36 40.59
N ALA F 172 0.25 -34.83 40.79
CA ALA F 172 1.28 -34.84 39.77
C ALA F 172 1.78 -36.26 39.49
N TRP F 173 1.98 -36.56 38.22
CA TRP F 173 2.55 -37.81 37.75
C TRP F 173 3.83 -37.54 36.97
N ARG F 174 4.80 -38.44 37.13
CA ARG F 174 6.07 -38.36 36.40
C ARG F 174 6.36 -39.74 35.83
N PHE F 175 6.33 -39.85 34.51
CA PHE F 175 6.45 -41.12 33.80
C PHE F 175 7.81 -41.23 33.12
N ASP F 176 7.98 -42.32 32.40
CA ASP F 176 9.18 -42.59 31.61
C ASP F 176 8.70 -43.18 30.29
N ALA F 177 8.89 -42.45 29.20
CA ALA F 177 8.23 -42.79 27.95
C ALA F 177 8.90 -43.94 27.21
N LEU F 178 10.19 -44.16 27.41
CA LEU F 178 10.86 -45.22 26.67
C LEU F 178 10.64 -46.58 27.31
N ALA F 179 10.45 -46.63 28.63
CA ALA F 179 10.14 -47.89 29.28
C ALA F 179 8.73 -48.35 28.93
N ILE F 180 7.79 -47.43 28.85
CA ILE F 180 6.44 -47.76 28.42
C ILE F 180 6.44 -48.01 26.93
N GLY F 181 5.92 -49.16 26.51
CA GLY F 181 5.95 -49.52 25.11
C GLY F 181 5.02 -48.69 24.27
N LEU F 182 5.23 -48.75 22.96
CA LEU F 182 4.40 -48.02 22.02
C LEU F 182 3.35 -48.89 21.35
N ARG F 183 3.53 -50.21 21.35
CA ARG F 183 2.55 -51.11 20.76
C ARG F 183 1.83 -51.97 21.79
N ASP F 184 2.28 -52.00 23.03
CA ASP F 184 1.68 -52.84 24.06
C ASP F 184 0.92 -51.98 25.06
N PHE F 185 -0.19 -52.53 25.55
CA PHE F 185 -1.05 -51.86 26.53
C PHE F 185 -1.00 -52.68 27.82
N LYS F 186 0.00 -52.38 28.65
CA LYS F 186 0.22 -53.07 29.90
C LYS F 186 -0.30 -52.25 31.07
N ALA F 187 -0.87 -52.92 32.05
CA ALA F 187 -1.45 -52.23 33.19
C ALA F 187 -0.37 -51.71 34.14
N ASP F 188 -0.76 -50.72 34.95
CA ASP F 188 0.11 -50.12 35.95
C ASP F 188 -0.80 -49.40 36.94
N ALA F 189 -0.28 -49.16 38.14
CA ALA F 189 -1.06 -48.47 39.16
C ALA F 189 -1.28 -47.01 38.80
N GLU F 190 -0.23 -46.34 38.31
CA GLU F 190 -0.36 -44.93 37.97
C GLU F 190 -1.22 -44.73 36.74
N LEU F 191 -1.12 -45.64 35.77
CA LEU F 191 -2.02 -45.59 34.62
C LEU F 191 -3.45 -45.94 35.01
N ASP F 192 -3.66 -46.68 36.10
CA ASP F 192 -5.01 -46.82 36.61
C ASP F 192 -5.47 -45.56 37.32
N ALA F 193 -4.55 -44.77 37.87
CA ALA F 193 -4.95 -43.48 38.43
C ALA F 193 -5.37 -42.51 37.34
N LEU F 194 -4.62 -42.45 36.24
CA LEU F 194 -5.06 -41.62 35.11
C LEU F 194 -6.30 -42.18 34.44
N ALA F 195 -6.48 -43.50 34.47
CA ALA F 195 -7.69 -44.08 33.90
C ALA F 195 -8.92 -43.72 34.73
N GLU F 196 -8.77 -43.69 36.05
CA GLU F 196 -9.88 -43.26 36.90
C GLU F 196 -10.13 -41.76 36.77
N LEU F 197 -9.07 -40.98 36.53
CA LEU F 197 -9.26 -39.54 36.39
C LEU F 197 -9.94 -39.18 35.08
N ILE F 198 -9.41 -39.69 33.96
CA ILE F 198 -9.99 -39.39 32.65
C ILE F 198 -11.35 -40.05 32.50
N ALA F 199 -11.50 -41.26 33.05
CA ALA F 199 -12.81 -41.92 33.03
C ALA F 199 -13.81 -41.20 33.92
N SER F 200 -13.34 -40.55 34.99
CA SER F 200 -14.22 -39.69 35.78
C SER F 200 -14.49 -38.37 35.08
N GLY F 201 -13.68 -37.99 34.11
CA GLY F 201 -13.90 -36.77 33.37
C GLY F 201 -14.88 -36.92 32.22
N LEU F 202 -14.76 -38.01 31.47
CA LEU F 202 -15.64 -38.24 30.33
C LEU F 202 -17.05 -38.59 30.74
N SER F 203 -17.25 -39.11 31.95
CA SER F 203 -18.58 -39.47 32.42
C SER F 203 -19.36 -38.27 32.94
N GLY F 204 -18.75 -37.09 32.99
CA GLY F 204 -19.42 -35.91 33.47
C GLY F 204 -19.45 -35.76 34.98
N SER F 205 -18.65 -36.54 35.70
CA SER F 205 -18.65 -36.52 37.16
C SER F 205 -17.71 -35.47 37.74
N GLY F 206 -17.13 -34.61 36.90
CA GLY F 206 -16.23 -33.59 37.39
C GLY F 206 -15.61 -32.84 36.24
N HIS F 207 -14.72 -31.91 36.58
CA HIS F 207 -13.99 -31.11 35.62
C HIS F 207 -12.52 -31.51 35.63
N VAL F 208 -11.98 -31.82 34.46
CA VAL F 208 -10.62 -32.35 34.33
C VAL F 208 -9.82 -31.45 33.39
N LEU F 209 -8.84 -30.75 33.94
CA LEU F 209 -7.86 -29.98 33.18
C LEU F 209 -6.47 -30.51 33.51
N LEU F 210 -5.75 -30.93 32.47
CA LEU F 210 -4.43 -31.52 32.62
C LEU F 210 -3.39 -30.66 31.94
N GLU F 211 -2.20 -30.62 32.53
CA GLU F 211 -1.04 -29.96 31.95
C GLU F 211 0.00 -31.01 31.65
N VAL F 212 0.43 -31.09 30.40
CA VAL F 212 1.36 -32.11 29.94
C VAL F 212 2.64 -31.44 29.49
N VAL F 213 3.77 -31.89 30.03
CA VAL F 213 5.10 -31.39 29.70
C VAL F 213 5.98 -32.57 29.32
N ALA F 214 6.64 -32.48 28.17
CA ALA F 214 7.47 -33.56 27.66
C ALA F 214 8.91 -33.08 27.48
N PHE F 215 9.85 -33.96 27.81
CA PHE F 215 11.28 -33.68 27.85
C PHE F 215 12.01 -34.72 27.02
N ALA F 216 12.90 -34.28 26.13
CA ALA F 216 13.63 -35.21 25.27
C ALA F 216 15.10 -34.81 25.14
N ARG F 217 15.99 -35.80 25.13
CA ARG F 217 17.40 -35.60 24.81
C ARG F 217 17.63 -36.01 23.36
N ILE F 218 17.78 -35.03 22.49
CA ILE F 218 18.00 -35.31 21.08
C ILE F 218 19.35 -34.79 20.60
N GLY F 219 20.27 -34.50 21.52
CA GLY F 219 21.59 -34.05 21.16
C GLY F 219 21.71 -32.54 21.19
N ASP F 220 22.95 -32.07 21.08
CA ASP F 220 23.29 -30.68 21.33
C ASP F 220 23.21 -29.89 20.04
N GLY F 221 22.02 -29.36 19.76
CA GLY F 221 21.86 -28.38 18.70
C GLY F 221 21.48 -28.92 17.35
N GLN F 222 20.43 -29.74 17.26
CA GLN F 222 20.11 -30.38 15.97
C GLN F 222 18.62 -30.63 15.79
N GLU F 223 17.95 -29.66 15.14
CA GLU F 223 16.81 -29.86 14.24
C GLU F 223 15.62 -30.54 14.93
N VAL F 224 14.98 -29.77 15.81
CA VAL F 224 13.63 -30.14 16.23
C VAL F 224 12.67 -30.01 15.05
N PHE F 225 11.51 -30.67 15.17
CA PHE F 225 10.57 -30.78 14.07
C PHE F 225 9.19 -30.22 14.44
N PRO F 226 8.91 -28.96 14.15
CA PRO F 226 7.54 -28.47 14.26
C PRO F 226 6.73 -28.86 13.04
N SER F 227 5.50 -28.37 12.98
CA SER F 227 4.58 -28.70 11.91
C SER F 227 4.63 -27.66 10.81
N GLN F 228 4.36 -28.10 9.58
CA GLN F 228 4.50 -27.23 8.42
C GLN F 228 3.18 -26.54 8.09
N GLU F 229 3.25 -25.66 7.10
CA GLU F 229 2.13 -24.84 6.67
C GLU F 229 1.85 -25.07 5.18
N LEU F 230 0.76 -24.49 4.72
CA LEU F 230 0.36 -24.58 3.33
C LEU F 230 0.76 -23.29 2.60
N ILE F 231 1.61 -23.40 1.62
CA ILE F 231 2.02 -22.20 0.91
C ILE F 231 0.91 -21.80 -0.05
N LEU F 232 0.65 -20.50 -0.16
CA LEU F 232 -0.25 -20.01 -1.19
C LEU F 232 0.35 -20.33 -2.55
N ASP F 233 -0.50 -20.78 -3.48
CA ASP F 233 0.00 -21.30 -4.74
C ASP F 233 0.49 -20.18 -5.66
N LYS F 234 0.90 -20.56 -6.85
CA LYS F 234 1.49 -19.60 -7.78
C LYS F 234 0.39 -18.69 -8.33
N GLY F 235 0.58 -17.40 -8.14
CA GLY F 235 -0.50 -16.43 -8.17
C GLY F 235 -0.20 -15.37 -7.13
N ASP F 236 0.67 -15.72 -6.18
CA ASP F 236 1.30 -14.81 -5.22
C ASP F 236 2.79 -15.10 -5.35
N LYS F 237 3.46 -14.33 -6.20
CA LYS F 237 4.75 -14.73 -6.79
C LYS F 237 5.96 -14.32 -5.95
N LYS F 238 5.82 -14.18 -4.64
CA LYS F 238 7.00 -14.03 -3.79
C LYS F 238 7.54 -15.36 -3.32
N GLY F 239 7.01 -16.47 -3.82
CA GLY F 239 7.31 -17.80 -3.34
C GLY F 239 8.46 -18.53 -3.99
N GLN F 240 9.69 -18.16 -3.67
CA GLN F 240 10.80 -19.09 -3.78
C GLN F 240 10.91 -20.01 -2.58
N LYS F 241 10.27 -19.64 -1.47
CA LYS F 241 10.21 -20.47 -0.29
C LYS F 241 9.28 -21.64 -0.53
N SER F 242 9.79 -22.86 -0.31
CA SER F 242 8.99 -24.07 -0.49
C SER F 242 8.71 -24.79 0.81
N LYS F 243 9.03 -24.16 1.94
CA LYS F 243 8.88 -24.81 3.24
C LYS F 243 8.84 -23.74 4.31
N THR F 244 7.69 -23.56 4.95
CA THR F 244 7.58 -22.70 6.11
C THR F 244 6.97 -23.50 7.25
N LEU F 245 7.22 -23.04 8.47
CA LEU F 245 6.87 -23.78 9.66
C LEU F 245 5.88 -22.98 10.50
N TYR F 246 4.98 -23.71 11.17
CA TYR F 246 3.99 -23.09 12.02
C TYR F 246 4.65 -22.47 13.25
N SER F 247 4.16 -21.30 13.64
CA SER F 247 4.69 -20.59 14.77
C SER F 247 3.57 -19.85 15.48
N VAL F 248 3.93 -19.30 16.63
CA VAL F 248 3.12 -18.43 17.47
C VAL F 248 3.99 -17.20 17.63
N ARG F 249 3.71 -16.36 18.63
CA ARG F 249 4.43 -15.11 18.81
C ARG F 249 5.90 -15.40 19.14
N ASP F 250 6.66 -15.64 18.06
CA ASP F 250 8.10 -15.90 18.07
C ASP F 250 8.47 -17.14 18.88
N ALA F 251 7.89 -18.28 18.47
CA ALA F 251 8.19 -19.58 19.05
C ALA F 251 7.71 -20.65 18.10
N ALA F 252 8.46 -21.74 17.98
CA ALA F 252 8.03 -22.87 17.17
C ALA F 252 7.02 -23.71 17.95
N ALA F 253 5.98 -24.16 17.25
CA ALA F 253 4.97 -25.00 17.86
C ALA F 253 4.40 -25.93 16.79
N ILE F 254 3.66 -26.93 17.23
CA ILE F 254 2.94 -27.79 16.30
C ILE F 254 1.45 -27.55 16.50
N HIS F 255 0.66 -27.98 15.52
CA HIS F 255 -0.77 -27.75 15.54
C HIS F 255 -1.44 -28.58 16.63
N SER F 256 -2.70 -28.28 16.89
CA SER F 256 -3.46 -29.09 17.84
C SER F 256 -4.07 -30.32 17.20
N GLN F 257 -4.15 -30.36 15.86
CA GLN F 257 -4.67 -31.56 15.21
C GLN F 257 -3.68 -32.72 15.29
N LYS F 258 -2.38 -32.42 15.39
CA LYS F 258 -1.42 -33.50 15.48
C LYS F 258 -1.40 -34.12 16.87
N ILE F 259 -1.55 -33.29 17.90
CA ILE F 259 -1.63 -33.80 19.26
C ILE F 259 -2.94 -34.55 19.46
N GLY F 260 -4.04 -33.99 18.96
CA GLY F 260 -5.31 -34.68 19.01
C GLY F 260 -5.33 -35.94 18.15
N ASN F 261 -4.52 -35.98 17.11
CA ASN F 261 -4.36 -37.20 16.33
C ASN F 261 -3.61 -38.25 17.11
N ALA F 262 -2.56 -37.84 17.84
CA ALA F 262 -1.77 -38.82 18.57
C ALA F 262 -2.51 -39.33 19.81
N LEU F 263 -3.46 -38.56 20.33
CA LEU F 263 -4.23 -39.07 21.46
C LEU F 263 -5.30 -40.07 21.04
N ARG F 264 -5.62 -40.16 19.74
CA ARG F 264 -6.69 -41.04 19.28
C ARG F 264 -6.17 -42.32 18.66
N THR F 265 -4.87 -42.59 18.77
CA THR F 265 -4.27 -43.79 18.17
C THR F 265 -4.47 -44.94 19.15
N ILE F 266 -5.69 -45.48 19.17
CA ILE F 266 -6.07 -46.54 20.10
C ILE F 266 -6.70 -47.72 19.37
N ASP F 267 -7.01 -47.55 18.09
CA ASP F 267 -7.77 -48.57 17.36
C ASP F 267 -6.82 -49.71 17.01
N THR F 268 -6.86 -50.78 17.82
CA THR F 268 -6.14 -52.01 17.52
C THR F 268 -7.07 -53.11 17.00
N TRP F 269 -8.32 -52.76 16.69
CA TRP F 269 -9.35 -53.74 16.40
C TRP F 269 -9.72 -53.83 14.93
N TYR F 270 -8.98 -53.13 14.07
CA TYR F 270 -9.19 -53.21 12.63
C TYR F 270 -8.87 -54.61 12.14
N PRO F 271 -9.69 -55.18 11.24
CA PRO F 271 -9.75 -56.64 11.12
C PRO F 271 -8.52 -57.34 10.53
N ASP F 272 -8.05 -56.92 9.36
CA ASP F 272 -7.29 -57.81 8.50
C ASP F 272 -5.77 -57.62 8.60
N GLU F 273 -5.29 -57.01 9.67
CA GLU F 273 -3.84 -56.87 9.83
C GLU F 273 -3.44 -56.95 11.29
N ASP F 274 -2.16 -57.28 11.52
CA ASP F 274 -1.56 -57.31 12.84
C ASP F 274 -0.15 -56.77 12.75
N GLY F 275 0.44 -56.44 13.89
CA GLY F 275 1.81 -55.96 13.90
C GLY F 275 1.98 -54.48 13.69
N LEU F 276 1.10 -53.86 12.89
CA LEU F 276 1.21 -52.43 12.65
C LEU F 276 0.82 -51.62 13.89
N GLY F 277 0.06 -52.22 14.79
CA GLY F 277 -0.30 -51.57 16.02
C GLY F 277 -1.52 -50.69 15.89
N PRO F 278 -1.64 -49.69 16.77
CA PRO F 278 -2.86 -48.89 16.80
C PRO F 278 -2.94 -47.92 15.63
N ILE F 279 -4.17 -47.59 15.24
CA ILE F 279 -4.47 -46.60 14.23
C ILE F 279 -5.34 -45.54 14.90
N ALA F 280 -5.26 -44.31 14.41
CA ALA F 280 -6.19 -43.27 14.84
C ALA F 280 -7.61 -43.63 14.46
N VAL F 281 -8.55 -43.22 15.30
CA VAL F 281 -9.96 -43.60 15.15
C VAL F 281 -10.60 -42.68 14.13
N GLU F 282 -11.02 -43.23 12.99
CA GLU F 282 -11.68 -42.50 11.93
C GLU F 282 -12.83 -43.35 11.41
N PRO F 283 -13.92 -42.72 10.98
CA PRO F 283 -14.88 -43.45 10.13
C PRO F 283 -14.21 -43.74 8.82
N TYR F 284 -14.48 -44.93 8.27
CA TYR F 284 -13.74 -45.53 7.15
C TYR F 284 -12.26 -45.53 7.48
N GLY F 285 -11.87 -46.37 8.46
CA GLY F 285 -10.61 -46.26 9.17
C GLY F 285 -9.37 -46.20 8.29
N SER F 286 -8.77 -45.02 8.24
CA SER F 286 -7.88 -44.64 7.15
C SER F 286 -6.56 -44.12 7.67
N VAL F 287 -5.51 -44.35 6.88
CA VAL F 287 -4.18 -43.78 7.12
C VAL F 287 -3.78 -43.06 5.85
N THR F 288 -3.44 -41.77 5.96
CA THR F 288 -3.09 -40.99 4.78
C THR F 288 -1.69 -41.34 4.28
N SER F 289 -0.77 -41.65 5.19
CA SER F 289 0.60 -41.97 4.77
C SER F 289 0.67 -43.34 4.11
N GLN F 290 -0.02 -44.33 4.67
CA GLN F 290 -0.09 -45.64 4.05
C GLN F 290 -0.98 -45.65 2.82
N GLY F 291 -1.86 -44.67 2.67
CA GLY F 291 -2.75 -44.62 1.52
C GLY F 291 -3.80 -45.70 1.49
N LYS F 292 -4.15 -46.27 2.65
CA LYS F 292 -5.05 -47.41 2.73
C LYS F 292 -6.18 -47.09 3.69
N ALA F 293 -7.40 -47.44 3.30
CA ALA F 293 -8.56 -47.37 4.17
C ALA F 293 -8.82 -48.79 4.67
N TYR F 294 -8.61 -49.01 5.98
CA TYR F 294 -8.68 -50.36 6.51
C TYR F 294 -10.11 -50.84 6.65
N ARG F 295 -11.00 -49.98 7.14
CA ARG F 295 -12.38 -50.36 7.36
C ARG F 295 -13.25 -49.87 6.20
N GLN F 296 -13.06 -50.50 5.06
CA GLN F 296 -13.92 -50.21 3.91
C GLN F 296 -15.32 -50.78 4.14
N PRO F 297 -16.35 -50.17 3.53
CA PRO F 297 -17.71 -50.71 3.68
C PRO F 297 -18.03 -51.91 2.81
N LYS F 298 -17.04 -52.54 2.15
CA LYS F 298 -17.27 -53.86 1.60
C LYS F 298 -17.52 -54.87 2.70
N GLN F 299 -16.76 -54.77 3.78
CA GLN F 299 -17.05 -55.46 5.02
C GLN F 299 -18.14 -54.72 5.78
N LYS F 300 -18.43 -55.17 6.99
CA LYS F 300 -19.45 -54.53 7.81
C LYS F 300 -18.85 -54.03 9.12
N LEU F 301 -17.67 -53.42 9.04
CA LEU F 301 -17.00 -52.86 10.22
C LEU F 301 -16.82 -51.36 10.09
N ASP F 302 -17.57 -50.71 9.22
CA ASP F 302 -17.59 -49.26 9.13
C ASP F 302 -18.27 -48.68 10.38
N PHE F 303 -17.99 -47.41 10.65
CA PHE F 303 -18.68 -46.72 11.74
C PHE F 303 -20.17 -46.51 11.43
N TYR F 304 -20.48 -46.15 10.19
CA TYR F 304 -21.86 -45.87 9.83
C TYR F 304 -22.71 -47.13 9.84
N THR F 305 -22.12 -48.26 9.42
CA THR F 305 -22.84 -49.52 9.38
C THR F 305 -23.12 -50.05 10.79
N LEU F 306 -22.12 -49.97 11.67
CA LEU F 306 -22.31 -50.43 13.04
C LEU F 306 -23.25 -49.52 13.81
N LEU F 307 -23.21 -48.21 13.53
CA LEU F 307 -24.09 -47.28 14.22
C LEU F 307 -25.53 -47.45 13.76
N ASP F 308 -25.74 -47.69 12.46
CA ASP F 308 -27.09 -47.93 11.97
C ASP F 308 -27.62 -49.27 12.46
N ASN F 309 -26.79 -50.30 12.49
CA ASN F 309 -27.25 -51.61 12.95
C ASN F 309 -27.40 -51.68 14.45
N TRP F 310 -26.82 -50.75 15.21
CA TRP F 310 -26.90 -50.80 16.65
C TRP F 310 -27.87 -49.80 17.26
N VAL F 311 -28.20 -48.72 16.55
CA VAL F 311 -29.24 -47.82 17.03
C VAL F 311 -30.61 -48.24 16.53
N LEU F 312 -30.75 -48.44 15.21
CA LEU F 312 -32.07 -48.68 14.64
C LEU F 312 -32.52 -50.12 14.85
N ARG F 313 -31.77 -51.08 14.31
CA ARG F 313 -32.21 -52.47 14.25
C ARG F 313 -31.92 -53.25 15.51
N ASP F 314 -31.30 -52.63 16.51
CA ASP F 314 -30.92 -53.21 17.81
C ASP F 314 -29.98 -54.42 17.67
N GLU F 315 -29.27 -54.54 16.56
CA GLU F 315 -28.30 -55.61 16.37
C GLU F 315 -26.99 -55.15 17.00
N ALA F 316 -26.79 -55.52 18.25
CA ALA F 316 -25.64 -55.04 18.99
C ALA F 316 -24.38 -55.77 18.55
N PRO F 317 -23.32 -55.06 18.19
CA PRO F 317 -22.07 -55.74 17.81
C PRO F 317 -21.31 -56.28 19.02
N ALA F 318 -20.11 -56.77 18.78
CA ALA F 318 -19.25 -57.21 19.88
C ALA F 318 -18.83 -56.02 20.75
N VAL F 319 -18.31 -56.35 21.93
CA VAL F 319 -17.86 -55.34 22.89
C VAL F 319 -16.73 -54.50 22.29
N GLU F 320 -15.83 -55.18 21.59
CA GLU F 320 -14.80 -54.60 20.72
C GLU F 320 -15.31 -53.44 19.86
N GLN F 321 -16.30 -53.71 19.01
CA GLN F 321 -16.78 -52.69 18.10
C GLN F 321 -17.61 -51.63 18.81
N GLN F 322 -18.15 -51.95 19.98
CA GLN F 322 -18.81 -50.93 20.80
C GLN F 322 -17.78 -49.93 21.33
N HIS F 323 -16.59 -50.42 21.72
CA HIS F 323 -15.51 -49.51 22.07
C HIS F 323 -15.09 -48.68 20.88
N TYR F 324 -15.16 -49.25 19.67
CA TYR F 324 -14.89 -48.45 18.47
C TYR F 324 -15.91 -47.33 18.29
N VAL F 325 -17.20 -47.65 18.41
CA VAL F 325 -18.24 -46.67 18.09
C VAL F 325 -18.29 -45.56 19.13
N ILE F 326 -18.19 -45.91 20.42
CA ILE F 326 -18.18 -44.87 21.44
C ILE F 326 -16.89 -44.06 21.39
N ALA F 327 -15.77 -44.72 21.08
CA ALA F 327 -14.51 -44.03 20.87
C ALA F 327 -14.54 -43.14 19.64
N ASN F 328 -15.50 -43.34 18.74
CA ASN F 328 -15.67 -42.46 17.60
C ASN F 328 -16.70 -41.37 17.87
N LEU F 329 -17.58 -41.55 18.87
CA LEU F 329 -18.43 -40.44 19.28
C LEU F 329 -17.70 -39.44 20.16
N ILE F 330 -16.65 -39.89 20.87
CA ILE F 330 -15.81 -38.93 21.59
C ILE F 330 -15.03 -38.07 20.61
N ARG F 331 -14.69 -38.62 19.45
CA ARG F 331 -13.94 -37.89 18.43
C ARG F 331 -14.76 -36.77 17.80
N GLY F 332 -16.09 -36.89 17.80
CA GLY F 332 -16.93 -35.89 17.19
C GLY F 332 -16.96 -36.01 15.69
N GLY F 333 -17.64 -35.07 15.05
CA GLY F 333 -17.66 -35.06 13.60
C GLY F 333 -18.98 -34.52 13.09
N VAL F 334 -19.11 -34.58 11.76
CA VAL F 334 -20.32 -34.20 11.06
C VAL F 334 -20.86 -35.46 10.41
N PHE F 335 -21.98 -35.95 10.92
CA PHE F 335 -22.54 -37.22 10.50
C PHE F 335 -23.86 -36.96 9.79
N GLY F 336 -24.55 -38.03 9.43
CA GLY F 336 -25.80 -37.89 8.71
C GLY F 336 -25.58 -37.52 7.26
N GLU F 337 -26.69 -37.33 6.55
CA GLU F 337 -26.67 -37.08 5.12
C GLU F 337 -26.04 -35.74 4.77
N ALA F 338 -24.99 -35.79 3.96
CA ALA F 338 -24.24 -34.59 3.57
C ALA F 338 -23.99 -34.54 2.06
N LEU G 5 -63.85 -5.23 11.32
CA LEU G 5 -62.55 -4.91 11.90
C LEU G 5 -61.51 -5.95 11.49
N SER G 6 -60.94 -5.77 10.31
CA SER G 6 -59.90 -6.66 9.82
C SER G 6 -58.53 -6.21 10.32
N THR G 7 -57.55 -7.11 10.16
CA THR G 7 -56.18 -6.80 10.57
C THR G 7 -55.56 -5.78 9.63
N ALA G 8 -54.65 -4.98 10.17
CA ALA G 8 -53.88 -4.07 9.33
C ALA G 8 -52.86 -4.84 8.52
N SER G 9 -52.63 -4.39 7.30
CA SER G 9 -51.69 -5.07 6.43
C SER G 9 -50.23 -4.78 6.79
N VAL G 10 -49.96 -3.68 7.51
CA VAL G 10 -48.62 -3.31 7.91
C VAL G 10 -48.65 -3.08 9.42
N LEU G 11 -47.80 -3.80 10.16
CA LEU G 11 -47.68 -3.57 11.60
C LEU G 11 -46.30 -3.07 12.01
N ALA G 12 -45.23 -3.84 11.72
CA ALA G 12 -43.84 -3.39 11.78
C ALA G 12 -43.44 -2.87 13.18
N PHE G 13 -43.42 -3.79 14.14
CA PHE G 13 -42.96 -3.42 15.48
C PHE G 13 -41.44 -3.26 15.51
N GLU G 14 -40.95 -2.78 16.65
CA GLU G 14 -39.57 -2.38 16.83
C GLU G 14 -39.07 -2.92 18.16
N ARG G 15 -37.85 -3.45 18.18
CA ARG G 15 -37.36 -4.17 19.34
C ARG G 15 -37.03 -3.22 20.47
N LYS G 16 -37.07 -3.75 21.70
CA LYS G 16 -36.93 -2.94 22.89
C LYS G 16 -35.76 -3.34 23.78
N LEU G 17 -35.18 -4.51 23.57
CA LEU G 17 -33.93 -4.91 24.24
C LEU G 17 -32.82 -4.80 23.21
N ASP G 18 -31.87 -3.90 23.45
CA ASP G 18 -30.86 -3.57 22.44
C ASP G 18 -29.46 -3.91 22.97
N PRO G 19 -28.89 -5.06 22.57
CA PRO G 19 -27.50 -5.37 22.95
C PRO G 19 -26.48 -4.77 21.99
N SER G 20 -25.21 -5.13 22.19
CA SER G 20 -24.14 -4.70 21.31
C SER G 20 -23.19 -5.89 21.10
N ASP G 21 -22.00 -5.62 20.58
CA ASP G 21 -21.06 -6.68 20.28
C ASP G 21 -20.31 -7.09 21.54
N ALA G 22 -19.59 -8.21 21.47
CA ALA G 22 -19.11 -8.89 22.67
C ALA G 22 -17.70 -8.50 23.10
N LEU G 23 -16.77 -8.33 22.16
CA LEU G 23 -15.42 -7.80 22.41
C LEU G 23 -14.63 -8.67 23.40
N MET G 24 -14.28 -9.87 22.94
CA MET G 24 -13.52 -10.80 23.75
C MET G 24 -12.12 -10.25 24.07
N SER G 25 -11.68 -10.51 25.30
CA SER G 25 -10.33 -10.17 25.72
C SER G 25 -9.90 -11.17 26.78
N ALA G 26 -8.60 -11.35 26.90
CA ALA G 26 -8.04 -12.43 27.71
C ALA G 26 -7.40 -11.87 28.97
N GLY G 27 -6.77 -12.76 29.72
CA GLY G 27 -6.06 -12.39 30.93
C GLY G 27 -6.05 -13.53 31.91
N ALA G 28 -5.45 -13.28 33.07
CA ALA G 28 -5.28 -14.30 34.10
C ALA G 28 -6.22 -14.05 35.27
N TRP G 29 -6.74 -15.13 35.83
CA TRP G 29 -7.63 -15.07 36.99
C TRP G 29 -6.85 -14.59 38.21
N ALA G 30 -7.61 -14.06 39.19
CA ALA G 30 -7.18 -13.35 40.41
C ALA G 30 -6.55 -12.00 40.11
N GLN G 31 -6.39 -11.65 38.84
CA GLN G 31 -6.33 -10.27 38.36
C GLN G 31 -7.69 -9.82 37.88
N ARG G 32 -8.74 -10.39 38.48
CA ARG G 32 -10.10 -10.29 37.99
C ARG G 32 -10.67 -8.89 38.22
N ASP G 33 -10.58 -8.40 39.45
CA ASP G 33 -10.72 -6.98 39.69
C ASP G 33 -9.56 -6.25 39.03
N ALA G 34 -9.80 -5.00 38.62
CA ALA G 34 -8.92 -4.25 37.71
C ALA G 34 -8.65 -5.07 36.45
N SER G 35 -9.72 -5.19 35.66
CA SER G 35 -10.10 -6.29 34.77
C SER G 35 -8.99 -6.88 33.92
N GLN G 36 -9.18 -8.16 33.53
CA GLN G 36 -8.18 -9.23 33.40
C GLN G 36 -6.85 -8.77 32.85
N GLU G 37 -6.88 -8.36 31.60
CA GLU G 37 -5.78 -7.70 30.93
C GLU G 37 -6.39 -6.80 29.87
N TRP G 38 -5.57 -5.94 29.31
CA TRP G 38 -6.10 -5.22 28.16
C TRP G 38 -5.32 -5.41 26.85
N PRO G 39 -4.91 -6.64 26.48
CA PRO G 39 -4.99 -6.99 25.06
C PRO G 39 -6.20 -7.87 24.79
N ALA G 40 -6.61 -7.95 23.55
CA ALA G 40 -7.77 -8.74 23.19
C ALA G 40 -7.34 -10.00 22.45
N VAL G 41 -8.25 -10.96 22.38
CA VAL G 41 -7.99 -12.18 21.63
C VAL G 41 -8.06 -11.87 20.14
N THR G 42 -6.98 -12.16 19.43
CA THR G 42 -6.88 -11.87 18.01
C THR G 42 -7.16 -13.11 17.19
N VAL G 43 -7.96 -12.94 16.14
CA VAL G 43 -8.25 -14.03 15.21
C VAL G 43 -7.06 -14.18 14.27
N ARG G 44 -6.49 -15.38 14.20
CA ARG G 44 -5.36 -15.61 13.34
C ARG G 44 -5.64 -16.83 12.46
N GLU G 45 -4.72 -17.12 11.56
CA GLU G 45 -4.94 -18.08 10.49
C GLU G 45 -3.94 -19.22 10.59
N LYS G 46 -4.39 -20.44 10.30
CA LYS G 46 -3.47 -21.57 10.21
C LYS G 46 -4.00 -22.56 9.19
N SER G 47 -3.09 -23.38 8.68
CA SER G 47 -3.44 -24.41 7.71
C SER G 47 -3.82 -25.71 8.41
N VAL G 48 -4.69 -26.47 7.75
CA VAL G 48 -5.30 -27.69 8.30
C VAL G 48 -5.51 -28.71 7.17
N ARG G 49 -5.00 -29.93 7.35
CA ARG G 49 -5.20 -31.00 6.40
C ARG G 49 -6.33 -31.91 6.88
N GLY G 50 -7.20 -32.31 5.95
CA GLY G 50 -8.46 -32.95 6.30
C GLY G 50 -8.53 -34.43 5.94
N THR G 51 -9.68 -35.01 6.25
CA THR G 51 -9.97 -36.43 6.11
C THR G 51 -11.14 -36.64 5.14
N ILE G 52 -11.62 -37.89 5.10
CA ILE G 52 -12.82 -38.26 4.34
C ILE G 52 -13.79 -38.95 5.30
N SER G 53 -14.94 -38.33 5.52
CA SER G 53 -16.01 -38.93 6.33
C SER G 53 -17.38 -38.64 5.72
N ASN G 54 -17.51 -38.76 4.41
CA ASN G 54 -18.77 -38.53 3.72
C ASN G 54 -19.58 -39.84 3.67
N ARG G 55 -20.59 -39.90 2.81
CA ARG G 55 -21.45 -41.07 2.71
C ARG G 55 -21.47 -41.72 1.34
N LEU G 56 -21.68 -40.94 0.28
CA LEU G 56 -22.28 -41.47 -0.95
C LEU G 56 -21.27 -42.15 -1.87
N LYS G 57 -20.06 -41.60 -2.02
CA LYS G 57 -19.08 -42.12 -2.96
C LYS G 57 -18.30 -43.31 -2.40
N THR G 58 -18.82 -43.98 -1.39
CA THR G 58 -18.17 -45.11 -0.73
C THR G 58 -18.88 -46.43 -1.07
N LYS G 59 -20.18 -46.50 -0.81
CA LYS G 59 -20.95 -47.69 -1.13
C LYS G 59 -21.44 -47.69 -2.57
N ASP G 60 -21.59 -46.51 -3.16
CA ASP G 60 -21.97 -46.37 -4.56
C ASP G 60 -20.76 -46.20 -5.47
N ARG G 61 -19.62 -46.76 -5.09
CA ARG G 61 -18.41 -46.70 -5.89
C ARG G 61 -17.54 -47.92 -5.58
N ASP G 62 -16.38 -47.96 -6.22
CA ASP G 62 -15.43 -49.06 -6.18
C ASP G 62 -14.45 -48.85 -5.02
N PRO G 63 -13.47 -49.76 -4.80
CA PRO G 63 -12.33 -49.39 -3.93
C PRO G 63 -11.31 -48.45 -4.54
N ALA G 64 -11.64 -47.81 -5.67
CA ALA G 64 -10.94 -46.62 -6.13
C ALA G 64 -11.08 -45.44 -5.17
N LYS G 65 -11.99 -45.53 -4.20
CA LYS G 65 -11.99 -44.82 -2.92
C LYS G 65 -10.61 -44.69 -2.29
N LEU G 66 -9.79 -45.74 -2.38
CA LEU G 66 -8.39 -45.67 -1.94
C LEU G 66 -7.65 -44.53 -2.62
N ASP G 67 -7.82 -44.37 -3.93
CA ASP G 67 -7.22 -43.25 -4.64
C ASP G 67 -7.85 -41.92 -4.28
N ALA G 68 -9.01 -41.91 -3.63
CA ALA G 68 -9.55 -40.68 -3.08
C ALA G 68 -8.81 -40.26 -1.81
N SER G 69 -8.11 -41.19 -1.14
CA SER G 69 -7.35 -40.85 0.05
C SER G 69 -5.84 -40.82 -0.19
N ILE G 70 -5.35 -41.50 -1.22
CA ILE G 70 -3.96 -41.37 -1.61
C ILE G 70 -3.78 -40.01 -2.27
N GLN G 71 -4.48 -39.81 -3.37
CA GLN G 71 -4.32 -38.63 -4.21
C GLN G 71 -5.33 -37.57 -3.79
N SER G 72 -4.84 -36.35 -3.60
CA SER G 72 -5.60 -35.14 -3.32
C SER G 72 -6.56 -35.22 -2.15
N PRO G 73 -6.09 -35.22 -0.90
CA PRO G 73 -6.96 -34.78 0.19
C PRO G 73 -7.04 -33.26 0.19
N ASN G 74 -8.07 -32.74 0.84
CA ASN G 74 -8.28 -31.31 0.84
C ASN G 74 -7.32 -30.62 1.79
N LEU G 75 -6.95 -29.39 1.44
CA LEU G 75 -6.01 -28.59 2.20
C LEU G 75 -6.69 -27.28 2.54
N GLN G 76 -6.93 -27.06 3.82
CA GLN G 76 -7.71 -25.93 4.30
C GLN G 76 -6.78 -24.88 4.90
N THR G 77 -7.28 -23.64 4.97
CA THR G 77 -6.65 -22.58 5.77
C THR G 77 -7.76 -21.96 6.62
N VAL G 78 -7.90 -22.43 7.85
CA VAL G 78 -8.97 -21.99 8.72
C VAL G 78 -8.46 -20.88 9.62
N ASP G 79 -9.38 -20.18 10.25
CA ASP G 79 -9.08 -19.14 11.23
C ASP G 79 -9.42 -19.65 12.61
N VAL G 80 -8.48 -19.54 13.53
CA VAL G 80 -8.70 -19.91 14.92
C VAL G 80 -8.42 -18.71 15.81
N ALA G 81 -8.92 -18.79 17.03
CA ALA G 81 -8.68 -17.78 18.06
C ALA G 81 -8.40 -18.51 19.35
N ASN G 82 -7.14 -18.50 19.77
CA ASN G 82 -6.72 -19.12 21.03
C ASN G 82 -6.42 -18.06 22.07
N LEU G 83 -6.56 -18.45 23.33
CA LEU G 83 -6.05 -17.63 24.41
C LEU G 83 -4.52 -17.65 24.36
N PRO G 84 -3.86 -16.61 24.87
CA PRO G 84 -2.39 -16.64 24.92
C PRO G 84 -1.89 -17.65 25.94
N SER G 85 -0.58 -17.90 25.87
CA SER G 85 0.05 -19.02 26.57
C SER G 85 0.09 -18.85 28.07
N ASP G 86 -0.09 -17.64 28.59
CA ASP G 86 -0.04 -17.38 30.02
C ASP G 86 -1.31 -16.69 30.50
N ALA G 87 -2.46 -17.18 30.06
CA ALA G 87 -3.74 -16.60 30.45
C ALA G 87 -4.79 -17.70 30.42
N ASP G 88 -5.68 -17.71 31.40
CA ASP G 88 -6.68 -18.76 31.50
C ASP G 88 -8.06 -18.22 31.84
N THR G 89 -8.39 -17.01 31.41
CA THR G 89 -9.68 -16.42 31.70
C THR G 89 -10.15 -15.61 30.52
N LEU G 90 -11.36 -15.89 30.06
CA LEU G 90 -12.00 -15.14 29.00
C LEU G 90 -12.90 -14.06 29.58
N LYS G 91 -12.84 -12.87 29.00
CA LYS G 91 -13.66 -11.73 29.38
C LYS G 91 -14.54 -11.30 28.21
N VAL G 92 -15.84 -11.17 28.45
CA VAL G 92 -16.78 -10.74 27.43
C VAL G 92 -17.58 -9.58 27.98
N ARG G 93 -17.47 -8.41 27.34
CA ARG G 93 -18.10 -7.19 27.83
C ARG G 93 -19.01 -6.59 26.78
N PHE G 94 -20.30 -6.47 27.10
CA PHE G 94 -21.22 -5.80 26.20
C PHE G 94 -22.14 -4.90 27.01
N THR G 95 -22.87 -4.05 26.32
CA THR G 95 -23.84 -3.15 26.94
C THR G 95 -25.25 -3.55 26.51
N LEU G 96 -26.24 -2.95 27.18
CA LEU G 96 -27.62 -3.32 26.93
C LEU G 96 -28.52 -2.14 27.27
N ARG G 97 -29.28 -1.66 26.30
CA ARG G 97 -30.33 -0.68 26.57
C ARG G 97 -31.67 -1.37 26.70
N VAL G 98 -32.46 -0.91 27.67
CA VAL G 98 -33.83 -1.35 27.84
C VAL G 98 -34.73 -0.16 27.51
N LEU G 99 -35.58 -0.33 26.50
CA LEU G 99 -36.39 0.76 25.99
C LEU G 99 -37.85 0.57 26.36
N GLY G 100 -38.54 1.66 26.67
CA GLY G 100 -39.92 1.60 27.09
C GLY G 100 -40.90 1.75 25.94
N GLY G 101 -42.18 1.61 26.26
CA GLY G 101 -43.23 1.72 25.27
C GLY G 101 -43.27 0.53 24.34
N ALA G 102 -43.50 -0.66 24.89
CA ALA G 102 -43.36 -1.91 24.15
C ALA G 102 -44.68 -2.40 23.58
N GLY G 103 -45.60 -1.51 23.24
CA GLY G 103 -46.85 -1.92 22.66
C GLY G 103 -47.29 -1.02 21.52
N THR G 104 -46.50 0.00 21.25
CA THR G 104 -46.84 0.97 20.21
C THR G 104 -46.17 0.58 18.91
N PRO G 105 -46.92 0.40 17.82
CA PRO G 105 -46.28 0.07 16.53
C PRO G 105 -45.51 1.23 15.94
N SER G 106 -44.81 0.99 14.84
CA SER G 106 -44.11 2.04 14.14
C SER G 106 -44.73 2.37 12.78
N ALA G 107 -45.56 1.47 12.23
CA ALA G 107 -46.18 1.71 10.93
C ALA G 107 -47.46 0.88 10.87
N CYS G 108 -48.60 1.53 11.08
CA CYS G 108 -49.87 0.83 11.07
C CYS G 108 -50.84 1.53 10.12
N ASN G 109 -51.57 0.74 9.34
CA ASN G 109 -52.54 1.30 8.41
C ASN G 109 -53.79 1.80 9.13
N ASP G 110 -54.50 0.87 9.78
CA ASP G 110 -55.76 1.19 10.42
C ASP G 110 -55.54 2.00 11.69
N ALA G 111 -56.49 2.87 12.00
CA ALA G 111 -56.48 3.61 13.25
C ALA G 111 -57.31 2.95 14.33
N ALA G 112 -58.35 2.20 13.96
CA ALA G 112 -59.14 1.50 14.96
C ALA G 112 -58.42 0.27 15.47
N TYR G 113 -57.70 -0.42 14.58
CA TYR G 113 -56.93 -1.60 14.98
C TYR G 113 -55.79 -1.22 15.91
N ARG G 114 -55.18 -0.05 15.68
CA ARG G 114 -54.11 0.42 16.54
C ARG G 114 -54.63 0.78 17.92
N ASP G 115 -55.81 1.42 17.99
CA ASP G 115 -56.39 1.80 19.28
C ASP G 115 -56.86 0.58 20.06
N LYS G 116 -57.42 -0.40 19.35
CA LYS G 116 -57.80 -1.65 20.00
C LYS G 116 -56.57 -2.40 20.52
N LEU G 117 -55.48 -2.34 19.76
CA LEU G 117 -54.23 -2.96 20.19
C LEU G 117 -53.67 -2.28 21.45
N LEU G 118 -53.71 -0.95 21.50
CA LEU G 118 -53.20 -0.26 22.67
C LEU G 118 -54.11 -0.45 23.88
N GLN G 119 -55.42 -0.63 23.66
CA GLN G 119 -56.29 -0.99 24.78
C GLN G 119 -55.99 -2.41 25.28
N THR G 120 -55.60 -3.30 24.37
CA THR G 120 -55.26 -4.66 24.78
C THR G 120 -53.98 -4.68 25.60
N VAL G 121 -52.94 -3.99 25.14
CA VAL G 121 -51.66 -3.99 25.85
C VAL G 121 -51.78 -3.23 27.17
N ALA G 122 -52.55 -2.13 27.18
CA ALA G 122 -52.80 -1.42 28.43
C ALA G 122 -53.60 -2.25 29.41
N THR G 123 -54.53 -3.07 28.90
CA THR G 123 -55.26 -4.02 29.75
C THR G 123 -54.31 -5.07 30.32
N TYR G 124 -53.32 -5.50 29.53
CA TYR G 124 -52.34 -6.46 30.02
C TYR G 124 -51.50 -5.88 31.14
N VAL G 125 -50.89 -4.71 30.92
CA VAL G 125 -50.03 -4.13 31.95
C VAL G 125 -50.80 -3.58 33.13
N ASN G 126 -52.12 -3.41 33.01
CA ASN G 126 -52.92 -3.10 34.19
C ASN G 126 -53.34 -4.35 34.96
N ASP G 127 -53.54 -5.48 34.28
CA ASP G 127 -53.86 -6.71 35.00
C ASP G 127 -52.65 -7.23 35.76
N GLN G 128 -51.47 -7.16 35.14
CA GLN G 128 -50.25 -7.65 35.76
C GLN G 128 -49.06 -6.94 35.11
N GLY G 129 -48.02 -6.73 35.89
CA GLY G 129 -46.88 -5.95 35.44
C GLY G 129 -45.97 -6.73 34.50
N PHE G 130 -44.77 -6.17 34.32
CA PHE G 130 -43.70 -6.83 33.58
C PHE G 130 -42.78 -7.62 34.48
N ALA G 131 -43.29 -8.17 35.59
CA ALA G 131 -42.44 -8.84 36.56
C ALA G 131 -41.97 -10.20 36.08
N GLU G 132 -42.82 -10.93 35.36
CA GLU G 132 -42.46 -12.26 34.90
C GLU G 132 -41.38 -12.21 33.82
N LEU G 133 -41.58 -11.37 32.81
CA LEU G 133 -40.66 -11.33 31.69
C LEU G 133 -39.33 -10.71 32.10
N ALA G 134 -39.35 -9.71 32.98
CA ALA G 134 -38.09 -9.16 33.48
C ALA G 134 -37.42 -10.11 34.45
N ARG G 135 -38.20 -10.98 35.11
CA ARG G 135 -37.61 -11.98 35.97
C ARG G 135 -36.86 -13.03 35.16
N ARG G 136 -37.42 -13.45 34.03
CA ARG G 136 -36.73 -14.43 33.22
C ARG G 136 -35.59 -13.84 32.40
N TYR G 137 -35.72 -12.57 31.96
CA TYR G 137 -34.60 -11.87 31.34
C TYR G 137 -33.47 -11.68 32.34
N ALA G 138 -33.82 -11.44 33.60
CA ALA G 138 -32.81 -11.36 34.65
C ALA G 138 -32.19 -12.72 34.93
N HIS G 139 -32.93 -13.81 34.71
CA HIS G 139 -32.30 -15.12 34.83
C HIS G 139 -31.37 -15.42 33.67
N ASN G 140 -31.65 -14.88 32.47
CA ASN G 140 -30.71 -15.09 31.37
C ASN G 140 -29.50 -14.17 31.44
N LEU G 141 -29.62 -13.00 32.08
CA LEU G 141 -28.41 -12.24 32.41
C LEU G 141 -27.71 -12.77 33.65
N ALA G 142 -28.41 -13.57 34.46
CA ALA G 142 -27.83 -14.05 35.71
C ALA G 142 -26.75 -15.09 35.44
N ASN G 143 -27.10 -16.15 34.73
CA ASN G 143 -26.10 -17.11 34.27
C ASN G 143 -25.44 -16.57 33.01
N ALA G 144 -24.70 -17.42 32.32
CA ALA G 144 -23.91 -16.94 31.19
C ALA G 144 -24.35 -17.63 29.91
N ARG G 145 -25.66 -17.64 29.65
CA ARG G 145 -26.19 -18.27 28.45
C ARG G 145 -25.68 -17.58 27.18
N PHE G 146 -25.36 -16.28 27.26
CA PHE G 146 -24.78 -15.58 26.13
C PHE G 146 -23.35 -16.00 25.81
N LEU G 147 -22.70 -16.75 26.70
CA LEU G 147 -21.50 -17.51 26.33
C LEU G 147 -22.00 -18.84 25.80
N TRP G 148 -21.95 -19.03 24.48
CA TRP G 148 -22.61 -20.18 23.87
C TRP G 148 -21.83 -21.47 24.07
N ARG G 149 -20.66 -21.58 23.44
CA ARG G 149 -19.83 -22.76 23.59
C ARG G 149 -18.72 -22.53 24.59
N ASN G 150 -18.40 -21.27 24.88
CA ASN G 150 -17.37 -20.92 25.85
C ASN G 150 -17.77 -21.28 27.26
N ARG G 151 -19.07 -21.39 27.55
CA ARG G 151 -19.54 -21.77 28.87
C ARG G 151 -19.34 -23.26 29.12
N VAL G 152 -19.34 -24.06 28.05
CA VAL G 152 -19.31 -25.52 28.18
C VAL G 152 -17.93 -25.96 28.67
N GLY G 153 -17.90 -26.58 29.84
CA GLY G 153 -16.65 -27.06 30.40
C GLY G 153 -15.75 -25.98 30.93
N ALA G 154 -16.20 -25.29 31.98
CA ALA G 154 -15.41 -24.25 32.62
C ALA G 154 -15.39 -24.48 34.12
N GLU G 155 -14.32 -24.00 34.76
CA GLU G 155 -14.19 -24.20 36.21
C GLU G 155 -15.10 -23.27 36.98
N ALA G 156 -15.08 -21.98 36.64
CA ALA G 156 -15.88 -21.00 37.36
C ALA G 156 -16.21 -19.85 36.41
N VAL G 157 -17.48 -19.48 36.36
CA VAL G 157 -17.96 -18.38 35.53
C VAL G 157 -18.57 -17.34 36.44
N GLU G 158 -18.13 -16.08 36.30
CA GLU G 158 -18.63 -15.01 37.13
C GLU G 158 -19.15 -13.87 36.26
N VAL G 159 -20.35 -13.37 36.56
CA VAL G 159 -21.02 -12.34 35.79
C VAL G 159 -21.14 -11.10 36.66
N ARG G 160 -20.75 -9.94 36.13
CA ARG G 160 -20.85 -8.67 36.82
C ARG G 160 -21.69 -7.71 35.99
N ILE G 161 -22.71 -7.13 36.62
CA ILE G 161 -23.69 -6.29 35.94
C ILE G 161 -23.68 -4.93 36.63
N ASN G 162 -23.64 -3.86 35.84
CA ASN G 162 -23.63 -2.51 36.39
C ASN G 162 -24.75 -1.70 35.79
N HIS G 163 -25.53 -1.04 36.65
CA HIS G 163 -26.51 -0.07 36.18
C HIS G 163 -25.84 1.29 36.09
N ILE G 164 -25.99 1.94 34.93
CA ILE G 164 -25.32 3.20 34.66
C ILE G 164 -26.38 4.25 34.38
N ARG G 165 -26.47 5.26 35.25
CA ARG G 165 -27.51 6.27 35.18
C ARG G 165 -26.96 7.63 34.76
N GLN G 166 -26.00 8.16 35.51
CA GLN G 166 -25.19 9.28 35.08
C GLN G 166 -23.97 8.72 34.34
N GLY G 167 -22.92 9.51 34.18
CA GLY G 167 -21.66 8.97 33.69
C GLY G 167 -21.04 7.91 34.59
N GLU G 168 -21.40 7.89 35.86
CA GLU G 168 -20.85 6.98 36.86
C GLU G 168 -21.73 5.75 37.00
N VAL G 169 -21.45 4.94 38.02
CA VAL G 169 -22.13 3.67 38.28
C VAL G 169 -23.13 3.87 39.40
N ALA G 170 -24.37 3.44 39.18
CA ALA G 170 -25.41 3.58 40.19
C ALA G 170 -25.46 2.40 41.15
N ARG G 171 -25.47 1.17 40.62
CA ARG G 171 -25.61 -0.01 41.45
C ARG G 171 -24.98 -1.20 40.72
N ALA G 172 -24.26 -2.03 41.46
CA ALA G 172 -23.49 -3.13 40.90
C ALA G 172 -23.93 -4.46 41.49
N TRP G 173 -24.02 -5.48 40.63
CA TRP G 173 -24.33 -6.84 41.01
C TRP G 173 -23.19 -7.76 40.58
N ARG G 174 -22.92 -8.76 41.41
CA ARG G 174 -21.90 -9.77 41.13
C ARG G 174 -22.50 -11.14 41.39
N PHE G 175 -22.68 -11.93 40.33
CA PHE G 175 -23.36 -13.20 40.38
C PHE G 175 -22.38 -14.35 40.25
N ASP G 176 -22.92 -15.56 40.22
CA ASP G 176 -22.16 -16.78 40.02
C ASP G 176 -22.98 -17.65 39.07
N ALA G 177 -22.46 -17.87 37.87
CA ALA G 177 -23.28 -18.44 36.81
C ALA G 177 -23.46 -19.94 36.93
N LEU G 178 -22.52 -20.65 37.56
CA LEU G 178 -22.65 -22.09 37.64
C LEU G 178 -23.58 -22.53 38.76
N ALA G 179 -23.69 -21.73 39.83
CA ALA G 179 -24.64 -22.04 40.88
C ALA G 179 -26.07 -21.81 40.43
N ILE G 180 -26.29 -20.75 39.64
CA ILE G 180 -27.61 -20.51 39.07
C ILE G 180 -27.84 -21.50 37.94
N GLY G 181 -28.97 -22.21 38.00
CA GLY G 181 -29.24 -23.23 37.02
C GLY G 181 -29.56 -22.66 35.65
N LEU G 182 -29.51 -23.53 34.65
CA LEU G 182 -29.80 -23.14 33.29
C LEU G 182 -31.21 -23.54 32.85
N ARG G 183 -31.84 -24.50 33.53
CA ARG G 183 -33.19 -24.90 33.19
C ARG G 183 -34.22 -24.52 34.25
N ASP G 184 -33.79 -24.09 35.43
CA ASP G 184 -34.70 -23.77 36.52
C ASP G 184 -34.76 -22.27 36.73
N PHE G 185 -35.93 -21.78 37.10
CA PHE G 185 -36.17 -20.36 37.34
C PHE G 185 -36.53 -20.20 38.82
N LYS G 186 -35.50 -20.08 39.65
CA LYS G 186 -35.65 -19.96 41.09
C LYS G 186 -35.51 -18.51 41.51
N ALA G 187 -36.30 -18.10 42.50
CA ALA G 187 -36.30 -16.72 42.95
C ALA G 187 -35.06 -16.42 43.79
N ASP G 188 -34.74 -15.13 43.89
CA ASP G 188 -33.64 -14.63 44.68
C ASP G 188 -33.87 -13.15 44.91
N ALA G 189 -33.24 -12.60 45.94
CA ALA G 189 -33.41 -11.18 46.25
C ALA G 189 -32.75 -10.30 45.19
N GLU G 190 -31.54 -10.68 44.74
CA GLU G 190 -30.83 -9.89 43.76
C GLU G 190 -31.50 -9.99 42.39
N LEU G 191 -32.01 -11.17 42.05
CA LEU G 191 -32.79 -11.29 40.82
C LEU G 191 -34.11 -10.57 40.91
N ASP G 192 -34.64 -10.35 42.10
CA ASP G 192 -35.79 -9.46 42.23
C ASP G 192 -35.38 -8.01 42.08
N ALA G 193 -34.14 -7.66 42.42
CA ALA G 193 -33.67 -6.30 42.17
C ALA G 193 -33.51 -6.04 40.67
N LEU G 194 -32.94 -7.01 39.94
CA LEU G 194 -32.88 -6.85 38.48
C LEU G 194 -34.25 -6.95 37.84
N ALA G 195 -35.18 -7.70 38.44
CA ALA G 195 -36.53 -7.77 37.90
C ALA G 195 -37.25 -6.44 38.08
N GLU G 196 -37.03 -5.77 39.21
CA GLU G 196 -37.61 -4.45 39.40
C GLU G 196 -36.96 -3.41 38.51
N LEU G 197 -35.65 -3.57 38.22
CA LEU G 197 -34.97 -2.60 37.37
C LEU G 197 -35.39 -2.75 35.91
N ILE G 198 -35.34 -3.96 35.37
CA ILE G 198 -35.71 -4.19 33.98
C ILE G 198 -37.21 -4.00 33.79
N ALA G 199 -38.00 -4.41 34.78
CA ALA G 199 -39.45 -4.17 34.72
C ALA G 199 -39.77 -2.69 34.82
N SER G 200 -38.94 -1.93 35.54
CA SER G 200 -39.10 -0.48 35.54
C SER G 200 -38.61 0.14 34.26
N GLY G 201 -37.78 -0.57 33.49
CA GLY G 201 -37.29 -0.05 32.23
C GLY G 201 -38.24 -0.27 31.08
N LEU G 202 -38.83 -1.47 31.00
CA LEU G 202 -39.75 -1.80 29.91
C LEU G 202 -41.07 -1.06 30.02
N SER G 203 -41.46 -0.63 31.22
CA SER G 203 -42.71 0.08 31.40
C SER G 203 -42.60 1.56 31.05
N GLY G 204 -41.42 2.04 30.71
CA GLY G 204 -41.24 3.43 30.35
C GLY G 204 -41.09 4.37 31.53
N SER G 205 -40.85 3.84 32.73
CA SER G 205 -40.74 4.65 33.94
C SER G 205 -39.33 5.16 34.18
N GLY G 206 -38.41 4.97 33.24
CA GLY G 206 -37.06 5.45 33.41
C GLY G 206 -36.18 4.99 32.26
N HIS G 207 -34.90 5.32 32.37
CA HIS G 207 -33.90 4.94 31.38
C HIS G 207 -32.95 3.92 31.99
N VAL G 208 -32.77 2.79 31.32
CA VAL G 208 -31.99 1.69 31.85
C VAL G 208 -30.88 1.33 30.86
N LEU G 209 -29.64 1.59 31.26
CA LEU G 209 -28.44 1.16 30.53
C LEU G 209 -27.61 0.27 31.45
N LEU G 210 -27.34 -0.94 30.99
CA LEU G 210 -26.62 -1.94 31.76
C LEU G 210 -25.30 -2.28 31.08
N GLU G 211 -24.29 -2.54 31.89
CA GLU G 211 -22.99 -3.02 31.41
C GLU G 211 -22.78 -4.43 31.96
N VAL G 212 -22.57 -5.39 31.06
CA VAL G 212 -22.44 -6.79 31.44
C VAL G 212 -21.04 -7.26 31.11
N VAL G 213 -20.36 -7.85 32.09
CA VAL G 213 -19.01 -8.38 31.94
C VAL G 213 -19.02 -9.81 32.44
N ALA G 214 -18.51 -10.74 31.63
CA ALA G 214 -18.50 -12.16 31.95
C ALA G 214 -17.07 -12.69 31.97
N PHE G 215 -16.80 -13.57 32.93
CA PHE G 215 -15.48 -14.11 33.23
C PHE G 215 -15.56 -15.62 33.24
N ALA G 216 -14.63 -16.28 32.54
CA ALA G 216 -14.64 -17.74 32.48
C ALA G 216 -13.24 -18.32 32.58
N ARG G 217 -13.10 -19.43 33.29
CA ARG G 217 -11.86 -20.20 33.34
C ARG G 217 -11.99 -21.38 32.39
N ILE G 218 -11.35 -21.31 31.23
CA ILE G 218 -11.43 -22.38 30.26
C ILE G 218 -10.06 -23.00 29.99
N GLY G 219 -9.10 -22.78 30.88
CA GLY G 219 -7.79 -23.36 30.73
C GLY G 219 -6.81 -22.42 30.08
N ASP G 220 -5.54 -22.82 30.10
CA ASP G 220 -4.43 -21.94 29.75
C ASP G 220 -4.11 -22.09 28.27
N GLY G 221 -4.78 -21.28 27.45
CA GLY G 221 -4.41 -21.14 26.06
C GLY G 221 -5.12 -22.05 25.08
N GLN G 222 -6.45 -22.09 25.11
CA GLN G 222 -7.16 -23.05 24.25
C GLN G 222 -8.53 -22.54 23.80
N GLU G 223 -8.53 -21.93 22.61
CA GLU G 223 -9.63 -21.95 21.63
C GLU G 223 -10.95 -21.40 22.19
N VAL G 224 -10.97 -20.08 22.38
CA VAL G 224 -12.24 -19.39 22.53
C VAL G 224 -13.02 -19.46 21.22
N PHE G 225 -14.33 -19.23 21.31
CA PHE G 225 -15.22 -19.41 20.16
C PHE G 225 -15.98 -18.13 19.83
N PRO G 226 -15.50 -17.32 18.91
CA PRO G 226 -16.31 -16.22 18.39
C PRO G 226 -17.27 -16.73 17.32
N SER G 227 -17.98 -15.80 16.69
CA SER G 227 -18.99 -16.14 15.71
C SER G 227 -18.40 -16.08 14.30
N GLN G 228 -18.95 -16.90 13.41
CA GLN G 228 -18.41 -17.05 12.07
C GLN G 228 -19.09 -16.10 11.09
N GLU G 229 -18.58 -16.10 9.87
CA GLU G 229 -19.03 -15.22 8.80
C GLU G 229 -19.48 -16.04 7.61
N LEU G 230 -20.05 -15.35 6.63
CA LEU G 230 -20.52 -15.97 5.39
C LEU G 230 -19.49 -15.73 4.29
N ILE G 231 -18.97 -16.81 3.72
CA ILE G 231 -18.24 -16.74 2.47
C ILE G 231 -18.84 -17.76 1.53
N LEU G 232 -18.70 -17.50 0.23
CA LEU G 232 -19.39 -18.30 -0.77
C LEU G 232 -18.37 -18.79 -1.79
N ASP G 233 -18.09 -20.09 -1.77
CA ASP G 233 -17.16 -20.68 -2.72
C ASP G 233 -17.81 -20.76 -4.09
N LYS G 234 -17.58 -19.77 -4.93
CA LYS G 234 -18.03 -19.82 -6.31
C LYS G 234 -17.01 -20.47 -7.24
N GLY G 235 -15.84 -20.85 -6.72
CA GLY G 235 -14.87 -21.58 -7.50
C GLY G 235 -14.09 -20.77 -8.51
N ASP G 236 -14.17 -19.44 -8.46
CA ASP G 236 -13.40 -18.59 -9.37
C ASP G 236 -12.07 -18.15 -8.79
N LYS G 237 -11.53 -18.90 -7.83
CA LYS G 237 -10.28 -18.50 -7.17
C LYS G 237 -9.27 -19.62 -7.17
N LYS G 238 -8.17 -19.42 -6.42
CA LYS G 238 -7.14 -20.44 -6.23
C LYS G 238 -7.10 -20.94 -4.79
N GLY G 239 -8.17 -20.71 -4.02
CA GLY G 239 -8.21 -21.18 -2.66
C GLY G 239 -8.67 -20.13 -1.68
N GLN G 240 -9.71 -20.44 -0.92
CA GLN G 240 -10.25 -19.53 0.09
C GLN G 240 -10.12 -20.16 1.46
N LYS G 241 -10.66 -19.48 2.45
CA LYS G 241 -10.43 -19.90 3.83
C LYS G 241 -11.28 -21.10 4.22
N SER G 242 -12.56 -21.08 3.84
CA SER G 242 -13.66 -21.97 4.25
C SER G 242 -14.03 -21.82 5.73
N LYS G 243 -13.37 -20.95 6.49
CA LYS G 243 -13.78 -20.58 7.84
C LYS G 243 -13.11 -19.27 8.20
N THR G 244 -13.89 -18.22 8.32
CA THR G 244 -13.41 -16.96 8.85
C THR G 244 -14.29 -16.52 10.02
N LEU G 245 -13.75 -15.69 10.87
CA LEU G 245 -14.40 -15.34 12.12
C LEU G 245 -14.68 -13.85 12.16
N TYR G 246 -15.78 -13.49 12.82
CA TYR G 246 -16.16 -12.09 12.95
C TYR G 246 -15.19 -11.36 13.86
N SER G 247 -14.88 -10.11 13.49
CA SER G 247 -13.96 -9.30 14.25
C SER G 247 -14.38 -7.85 14.17
N VAL G 248 -13.70 -7.04 14.97
CA VAL G 248 -13.80 -5.59 15.02
C VAL G 248 -12.36 -5.15 14.82
N ARG G 249 -12.04 -3.91 15.18
CA ARG G 249 -10.70 -3.36 14.91
C ARG G 249 -9.68 -4.14 15.75
N ASP G 250 -9.27 -5.28 15.19
CA ASP G 250 -8.24 -6.19 15.71
C ASP G 250 -8.63 -6.75 17.09
N ALA G 251 -9.78 -7.41 17.13
CA ALA G 251 -10.27 -8.11 18.31
C ALA G 251 -11.35 -9.08 17.89
N ALA G 252 -11.39 -10.25 18.53
CA ALA G 252 -12.45 -11.20 18.28
C ALA G 252 -13.70 -10.80 19.03
N ALA G 253 -14.85 -10.95 18.38
CA ALA G 253 -16.13 -10.64 19.00
C ALA G 253 -17.18 -11.54 18.39
N ILE G 254 -18.36 -11.57 19.02
CA ILE G 254 -19.50 -12.27 18.47
C ILE G 254 -20.54 -11.23 18.10
N HIS G 255 -21.50 -11.65 17.26
CA HIS G 255 -22.52 -10.75 16.77
C HIS G 255 -23.47 -10.35 17.88
N SER G 256 -24.31 -9.35 17.61
CA SER G 256 -25.33 -8.97 18.55
C SER G 256 -26.59 -9.82 18.45
N GLN G 257 -26.77 -10.53 17.33
CA GLN G 257 -27.93 -11.41 17.22
C GLN G 257 -27.80 -12.63 18.11
N LYS G 258 -26.58 -13.05 18.42
CA LYS G 258 -26.41 -14.22 19.28
C LYS G 258 -26.67 -13.86 20.74
N ILE G 259 -26.24 -12.68 21.16
CA ILE G 259 -26.53 -12.23 22.51
C ILE G 259 -28.00 -11.93 22.67
N GLY G 260 -28.60 -11.27 21.66
CA GLY G 260 -30.03 -11.03 21.69
C GLY G 260 -30.84 -12.31 21.57
N ASN G 261 -30.27 -13.34 20.94
CA ASN G 261 -30.90 -14.65 20.92
C ASN G 261 -30.86 -15.30 22.29
N ALA G 262 -29.74 -15.17 22.99
CA ALA G 262 -29.62 -15.81 24.29
C ALA G 262 -30.43 -15.09 25.36
N LEU G 263 -30.72 -13.80 25.16
CA LEU G 263 -31.58 -13.12 26.12
C LEU G 263 -33.05 -13.44 25.94
N ARG G 264 -33.45 -14.06 24.84
CA ARG G 264 -34.85 -14.33 24.56
C ARG G 264 -35.23 -15.78 24.80
N THR G 265 -34.32 -16.58 25.38
CA THR G 265 -34.59 -18.00 25.62
C THR G 265 -35.35 -18.11 26.93
N ILE G 266 -36.66 -17.82 26.86
CA ILE G 266 -37.51 -17.81 28.03
C ILE G 266 -38.77 -18.65 27.81
N ASP G 267 -39.01 -19.09 26.59
CA ASP G 267 -40.25 -19.77 26.25
C ASP G 267 -40.18 -21.19 26.77
N THR G 268 -40.79 -21.44 27.94
CA THR G 268 -40.95 -22.77 28.48
C THR G 268 -42.37 -23.29 28.31
N TRP G 269 -43.20 -22.59 27.53
CA TRP G 269 -44.62 -22.87 27.48
C TRP G 269 -45.07 -23.54 26.19
N TYR G 270 -44.12 -23.93 25.34
CA TYR G 270 -44.42 -24.66 24.12
C TYR G 270 -45.02 -26.03 24.48
N PRO G 271 -46.06 -26.46 23.77
CA PRO G 271 -46.98 -27.46 24.34
C PRO G 271 -46.43 -28.87 24.53
N ASP G 272 -45.87 -29.49 23.49
CA ASP G 272 -45.84 -30.94 23.41
C ASP G 272 -44.51 -31.54 23.83
N GLU G 273 -43.68 -30.81 24.57
CA GLU G 273 -42.42 -31.38 25.03
C GLU G 273 -42.05 -30.83 26.41
N ASP G 274 -41.20 -31.58 27.11
CA ASP G 274 -40.65 -31.20 28.39
C ASP G 274 -39.19 -31.62 28.45
N GLY G 275 -38.45 -31.08 29.42
CA GLY G 275 -37.07 -31.48 29.59
C GLY G 275 -36.07 -30.70 28.75
N LEU G 276 -36.47 -30.28 27.55
CA LEU G 276 -35.56 -29.52 26.68
C LEU G 276 -35.32 -28.12 27.22
N GLY G 277 -36.24 -27.61 28.04
CA GLY G 277 -36.06 -26.34 28.67
C GLY G 277 -36.54 -25.19 27.80
N PRO G 278 -36.01 -24.00 28.01
CA PRO G 278 -36.52 -22.82 27.32
C PRO G 278 -36.09 -22.78 25.86
N ILE G 279 -36.91 -22.16 25.03
CA ILE G 279 -36.63 -21.90 23.63
C ILE G 279 -36.67 -20.39 23.44
N ALA G 280 -35.92 -19.90 22.46
CA ALA G 280 -36.03 -18.50 22.06
C ALA G 280 -37.42 -18.20 21.52
N VAL G 281 -37.89 -16.99 21.77
CA VAL G 281 -39.25 -16.59 21.42
C VAL G 281 -39.30 -16.21 19.94
N GLU G 282 -40.03 -16.99 19.16
CA GLU G 282 -40.20 -16.74 17.73
C GLU G 282 -41.66 -16.99 17.38
N PRO G 283 -42.21 -16.25 16.42
CA PRO G 283 -43.45 -16.70 15.79
C PRO G 283 -43.17 -17.96 15.02
N TYR G 284 -44.12 -18.90 15.05
CA TYR G 284 -43.94 -20.29 14.62
C TYR G 284 -42.72 -20.88 15.32
N GLY G 285 -42.85 -21.09 16.63
CA GLY G 285 -41.71 -21.28 17.53
C GLY G 285 -40.74 -22.38 17.13
N SER G 286 -39.56 -21.94 16.68
CA SER G 286 -38.70 -22.75 15.84
C SER G 286 -37.28 -22.81 16.41
N VAL G 287 -36.62 -23.93 16.15
CA VAL G 287 -35.20 -24.11 16.44
C VAL G 287 -34.52 -24.56 15.15
N THR G 288 -33.50 -23.82 14.73
CA THR G 288 -32.83 -24.14 13.47
C THR G 288 -31.93 -25.37 13.62
N SER G 289 -31.31 -25.55 14.78
CA SER G 289 -30.43 -26.70 14.97
C SER G 289 -31.21 -27.99 15.08
N GLN G 290 -32.32 -27.97 15.84
CA GLN G 290 -33.17 -29.14 15.92
C GLN G 290 -33.98 -29.37 14.65
N GLY G 291 -34.13 -28.34 13.81
CA GLY G 291 -34.88 -28.49 12.59
C GLY G 291 -36.37 -28.67 12.78
N LYS G 292 -36.91 -28.22 13.91
CA LYS G 292 -38.30 -28.46 14.26
C LYS G 292 -38.96 -27.14 14.60
N ALA G 293 -40.19 -26.95 14.10
CA ALA G 293 -41.04 -25.82 14.47
C ALA G 293 -42.04 -26.34 15.49
N TYR G 294 -41.91 -25.88 16.74
CA TYR G 294 -42.72 -26.43 17.81
C TYR G 294 -44.15 -25.93 17.75
N ARG G 295 -44.33 -24.63 17.51
CA ARG G 295 -45.67 -24.05 17.48
C ARG G 295 -46.16 -23.92 16.04
N GLN G 296 -46.44 -25.06 15.43
CA GLN G 296 -47.03 -25.04 14.11
C GLN G 296 -48.48 -24.57 14.17
N PRO G 297 -49.00 -23.97 13.09
CA PRO G 297 -50.40 -23.54 13.09
C PRO G 297 -51.42 -24.64 12.84
N LYS G 298 -51.02 -25.93 12.87
CA LYS G 298 -52.03 -26.98 12.97
C LYS G 298 -52.75 -26.91 14.31
N GLN G 299 -52.01 -26.64 15.38
CA GLN G 299 -52.58 -26.27 16.66
C GLN G 299 -52.97 -24.79 16.62
N LYS G 300 -53.40 -24.27 17.76
CA LYS G 300 -53.78 -22.87 17.86
C LYS G 300 -52.94 -22.14 18.88
N LEU G 301 -51.63 -22.39 18.86
CA LEU G 301 -50.69 -21.72 19.75
C LEU G 301 -49.65 -20.90 18.99
N ASP G 302 -49.94 -20.57 17.74
CA ASP G 302 -49.12 -19.66 16.97
C ASP G 302 -49.26 -18.24 17.53
N PHE G 303 -48.26 -17.39 17.24
CA PHE G 303 -48.34 -15.99 17.62
C PHE G 303 -49.44 -15.26 16.86
N TYR G 304 -49.57 -15.54 15.56
CA TYR G 304 -50.53 -14.84 14.73
C TYR G 304 -51.96 -15.22 15.10
N THR G 305 -52.17 -16.49 15.46
CA THR G 305 -53.50 -16.96 15.82
C THR G 305 -53.94 -16.39 17.16
N LEU G 306 -53.04 -16.38 18.14
CA LEU G 306 -53.37 -15.83 19.45
C LEU G 306 -53.54 -14.31 19.39
N LEU G 307 -52.76 -13.64 18.55
CA LEU G 307 -52.89 -12.19 18.43
C LEU G 307 -54.19 -11.81 17.73
N ASP G 308 -54.57 -12.57 16.70
CA ASP G 308 -55.84 -12.31 16.03
C ASP G 308 -57.02 -12.63 16.92
N ASN G 309 -56.95 -13.73 17.67
CA ASN G 309 -58.05 -14.09 18.55
C ASN G 309 -58.13 -13.23 19.80
N TRP G 310 -57.06 -12.51 20.15
CA TRP G 310 -57.07 -11.70 21.35
C TRP G 310 -57.23 -10.21 21.10
N VAL G 311 -56.91 -9.72 19.91
CA VAL G 311 -57.19 -8.33 19.59
C VAL G 311 -58.58 -8.17 18.98
N LEU G 312 -58.89 -8.95 17.94
CA LEU G 312 -60.13 -8.75 17.21
C LEU G 312 -61.33 -9.34 17.96
N ARG G 313 -61.31 -10.65 18.17
CA ARG G 313 -62.48 -11.37 18.65
C ARG G 313 -62.63 -11.33 20.16
N ASP G 314 -61.70 -10.69 20.87
CA ASP G 314 -61.65 -10.57 22.34
C ASP G 314 -61.62 -11.92 23.06
N GLU G 315 -61.17 -12.97 22.39
CA GLU G 315 -61.03 -14.29 23.01
C GLU G 315 -59.67 -14.32 23.68
N ALA G 316 -59.65 -13.97 24.96
CA ALA G 316 -58.38 -13.84 25.67
C ALA G 316 -57.82 -15.22 26.01
N PRO G 317 -56.57 -15.51 25.67
CA PRO G 317 -55.98 -16.80 26.03
C PRO G 317 -55.62 -16.89 27.50
N ALA G 318 -54.93 -17.96 27.88
CA ALA G 318 -54.43 -18.09 29.25
C ALA G 318 -53.34 -17.06 29.52
N VAL G 319 -53.04 -16.89 30.81
CA VAL G 319 -52.03 -15.93 31.25
C VAL G 319 -50.67 -16.30 30.67
N GLU G 320 -50.37 -17.60 30.65
CA GLU G 320 -49.25 -18.22 29.94
C GLU G 320 -49.04 -17.66 28.53
N GLN G 321 -50.06 -17.80 27.68
CA GLN G 321 -49.91 -17.39 26.30
C GLN G 321 -49.92 -15.87 26.16
N GLN G 322 -50.46 -15.16 27.13
CA GLN G 322 -50.33 -13.70 27.14
C GLN G 322 -48.90 -13.29 27.39
N HIS G 323 -48.20 -14.00 28.29
CA HIS G 323 -46.77 -13.79 28.45
C HIS G 323 -46.02 -14.10 27.17
N TYR G 324 -46.47 -15.11 26.41
CA TYR G 324 -45.87 -15.39 25.12
C TYR G 324 -46.05 -14.23 24.15
N VAL G 325 -47.27 -13.69 24.04
CA VAL G 325 -47.56 -12.70 23.01
C VAL G 325 -46.88 -11.37 23.33
N ILE G 326 -46.92 -10.93 24.60
CA ILE G 326 -46.24 -9.69 24.96
C ILE G 326 -44.73 -9.87 24.89
N ALA G 327 -44.24 -11.05 25.27
CA ALA G 327 -42.82 -11.37 25.10
C ALA G 327 -42.41 -11.45 23.64
N ASN G 328 -43.36 -11.58 22.73
CA ASN G 328 -43.04 -11.54 21.32
C ASN G 328 -43.22 -10.14 20.74
N LEU G 329 -43.98 -9.25 21.40
CA LEU G 329 -43.99 -7.86 20.97
C LEU G 329 -42.76 -7.10 21.44
N ILE G 330 -42.13 -7.54 22.53
CA ILE G 330 -40.85 -6.95 22.91
C ILE G 330 -39.76 -7.33 21.91
N ARG G 331 -39.88 -8.51 21.31
CA ARG G 331 -38.92 -8.98 20.31
C ARG G 331 -38.97 -8.16 19.02
N GLY G 332 -40.10 -7.56 18.71
CA GLY G 332 -40.23 -6.79 17.48
C GLY G 332 -40.44 -7.70 16.28
N GLY G 333 -40.47 -7.08 15.12
CA GLY G 333 -40.57 -7.86 13.90
C GLY G 333 -41.35 -7.11 12.84
N VAL G 334 -41.58 -7.81 11.73
CA VAL G 334 -42.38 -7.32 10.62
C VAL G 334 -43.59 -8.21 10.52
N PHE G 335 -44.74 -7.68 10.88
CA PHE G 335 -45.97 -8.45 10.98
C PHE G 335 -46.94 -7.97 9.89
N GLY G 336 -48.14 -8.53 9.90
CA GLY G 336 -49.11 -8.19 8.89
C GLY G 336 -48.81 -8.86 7.56
N GLU G 337 -49.65 -8.55 6.57
CA GLU G 337 -49.57 -9.18 5.26
C GLU G 337 -48.30 -8.81 4.51
N LEU H 5 -59.99 34.59 -15.51
CA LEU H 5 -58.71 34.43 -14.82
C LEU H 5 -58.55 32.98 -14.35
N SER H 6 -58.08 32.13 -15.26
CA SER H 6 -57.82 30.74 -14.93
C SER H 6 -56.42 30.57 -14.33
N THR H 7 -56.19 29.40 -13.76
CA THR H 7 -54.89 29.10 -13.18
C THR H 7 -53.86 28.88 -14.28
N ALA H 8 -52.61 29.21 -13.96
CA ALA H 8 -51.51 28.92 -14.87
C ALA H 8 -51.23 27.43 -14.87
N SER H 9 -50.87 26.89 -16.04
CA SER H 9 -50.59 25.47 -16.14
C SER H 9 -49.23 25.09 -15.57
N VAL H 10 -48.31 26.05 -15.45
CA VAL H 10 -46.98 25.80 -14.91
C VAL H 10 -46.74 26.81 -13.79
N LEU H 11 -46.44 26.31 -12.58
CA LEU H 11 -46.10 27.20 -11.47
C LEU H 11 -44.66 27.02 -10.99
N ALA H 12 -44.29 25.81 -10.54
CA ALA H 12 -42.91 25.37 -10.31
C ALA H 12 -42.17 26.28 -9.31
N PHE H 13 -42.62 26.23 -8.05
CA PHE H 13 -41.93 26.96 -7.01
C PHE H 13 -40.62 26.27 -6.62
N GLU H 14 -39.86 26.96 -5.78
CA GLU H 14 -38.49 26.58 -5.44
C GLU H 14 -38.32 26.72 -3.93
N ARG H 15 -37.66 25.74 -3.32
CA ARG H 15 -37.62 25.69 -1.85
C ARG H 15 -36.68 26.75 -1.28
N LYS H 16 -36.95 27.12 -0.03
CA LYS H 16 -36.25 28.23 0.59
C LYS H 16 -35.49 27.85 1.85
N LEU H 17 -35.74 26.68 2.43
CA LEU H 17 -34.94 26.14 3.51
C LEU H 17 -34.06 25.04 2.94
N ASP H 18 -32.74 25.25 2.96
CA ASP H 18 -31.82 24.35 2.27
C ASP H 18 -30.87 23.69 3.26
N PRO H 19 -31.13 22.43 3.66
CA PRO H 19 -30.18 21.71 4.52
C PRO H 19 -29.08 21.00 3.74
N SER H 20 -28.27 20.22 4.44
CA SER H 20 -27.23 19.42 3.81
C SER H 20 -27.21 18.05 4.48
N ASP H 21 -26.14 17.29 4.25
CA ASP H 21 -26.04 15.95 4.81
C ASP H 21 -25.59 16.00 6.27
N ALA H 22 -25.70 14.86 6.96
CA ALA H 22 -25.62 14.85 8.42
C ALA H 22 -24.24 14.59 8.98
N LEU H 23 -23.46 13.68 8.39
CA LEU H 23 -22.05 13.44 8.72
C LEU H 23 -21.86 13.02 10.19
N MET H 24 -22.35 11.82 10.49
CA MET H 24 -22.22 11.28 11.84
C MET H 24 -20.77 11.07 12.24
N SER H 25 -20.46 11.36 13.49
CA SER H 25 -19.15 11.09 14.06
C SER H 25 -19.32 10.83 15.55
N ALA H 26 -18.39 10.08 16.12
CA ALA H 26 -18.52 9.56 17.47
C ALA H 26 -17.57 10.28 18.42
N GLY H 27 -17.54 9.80 19.65
CA GLY H 27 -16.65 10.34 20.66
C GLY H 27 -17.26 10.16 22.04
N ALA H 28 -16.54 10.65 23.03
CA ALA H 28 -16.93 10.50 24.43
C ALA H 28 -17.43 11.81 25.01
N TRP H 29 -18.46 11.71 25.84
CA TRP H 29 -19.03 12.87 26.52
C TRP H 29 -18.03 13.45 27.51
N ALA H 30 -18.24 14.75 27.84
CA ALA H 30 -17.38 15.65 28.62
C ALA H 30 -16.08 16.00 27.90
N GLN H 31 -15.85 15.42 26.72
CA GLN H 31 -15.02 16.00 25.68
C GLN H 31 -15.88 16.73 24.66
N ARG H 32 -17.00 17.27 25.14
CA ARG H 32 -18.07 17.78 24.29
C ARG H 32 -17.66 19.09 23.65
N ASP H 33 -17.20 20.06 24.44
CA ASP H 33 -16.44 21.17 23.90
C ASP H 33 -15.13 20.64 23.33
N ALA H 34 -14.61 21.32 22.31
CA ALA H 34 -13.53 20.83 21.44
C ALA H 34 -13.91 19.45 20.88
N SER H 35 -14.90 19.51 19.98
CA SER H 35 -15.92 18.50 19.69
C SER H 35 -15.47 17.05 19.59
N GLN H 36 -16.41 16.14 19.83
CA GLN H 36 -16.27 14.86 20.54
C GLN H 36 -14.97 14.13 20.25
N GLU H 37 -14.84 13.70 19.01
CA GLU H 37 -13.62 13.16 18.44
C GLU H 37 -13.66 13.47 16.96
N TRP H 38 -12.54 13.25 16.30
CA TRP H 38 -12.62 13.35 14.86
C TRP H 38 -12.21 12.08 14.10
N PRO H 39 -12.66 10.86 14.51
CA PRO H 39 -13.04 9.89 13.48
C PRO H 39 -14.54 9.84 13.35
N ALA H 40 -15.04 9.30 12.25
CA ALA H 40 -16.46 9.20 12.00
C ALA H 40 -16.92 7.76 12.15
N VAL H 41 -18.23 7.60 12.29
CA VAL H 41 -18.82 6.27 12.35
C VAL H 41 -18.80 5.67 10.95
N THR H 42 -18.16 4.51 10.82
CA THR H 42 -18.03 3.86 9.53
C THR H 42 -19.07 2.75 9.39
N VAL H 43 -19.68 2.69 8.21
CA VAL H 43 -20.64 1.62 7.90
C VAL H 43 -19.85 0.38 7.53
N ARG H 44 -20.12 -0.72 8.23
CA ARG H 44 -19.42 -1.96 7.96
C ARG H 44 -20.45 -3.07 7.75
N GLU H 45 -19.96 -4.26 7.41
CA GLU H 45 -20.80 -5.35 6.93
C GLU H 45 -20.67 -6.55 7.86
N LYS H 46 -21.79 -7.24 8.10
CA LYS H 46 -21.73 -8.49 8.83
C LYS H 46 -22.83 -9.41 8.34
N SER H 47 -22.64 -10.71 8.57
CA SER H 47 -23.61 -11.71 8.18
C SER H 47 -24.63 -11.94 9.28
N VAL H 48 -25.80 -12.41 8.86
CA VAL H 48 -26.98 -12.60 9.69
C VAL H 48 -27.63 -13.90 9.28
N ARG H 49 -27.77 -14.83 10.23
CA ARG H 49 -28.58 -16.03 10.04
C ARG H 49 -29.85 -15.88 10.86
N GLY H 50 -30.98 -16.03 10.21
CA GLY H 50 -32.24 -15.87 10.89
C GLY H 50 -33.28 -16.87 10.45
N THR H 51 -34.54 -16.59 10.72
CA THR H 51 -35.62 -17.51 10.38
C THR H 51 -36.74 -16.76 9.66
N ILE H 52 -37.87 -17.42 9.44
CA ILE H 52 -38.96 -16.88 8.63
C ILE H 52 -40.01 -16.24 9.54
N SER H 53 -40.51 -15.08 9.13
CA SER H 53 -41.44 -14.28 9.93
C SER H 53 -42.90 -14.55 9.59
N ASN H 54 -43.31 -14.27 8.36
CA ASN H 54 -44.69 -14.49 7.94
C ASN H 54 -44.71 -15.45 6.77
N ARG H 55 -45.81 -16.19 6.67
CA ARG H 55 -45.97 -17.24 5.68
C ARG H 55 -47.36 -17.17 5.06
N LEU H 56 -47.41 -17.19 3.74
CA LEU H 56 -48.68 -17.18 3.01
C LEU H 56 -49.34 -18.54 3.11
N LYS H 57 -50.58 -18.57 3.63
CA LYS H 57 -51.32 -19.81 3.80
C LYS H 57 -52.24 -20.11 2.62
N THR H 58 -51.86 -19.71 1.41
CA THR H 58 -52.59 -20.14 0.21
C THR H 58 -52.38 -21.63 0.04
N LYS H 59 -53.46 -22.39 0.17
CA LYS H 59 -53.36 -23.84 0.19
C LYS H 59 -53.04 -24.39 -1.19
N ASP H 60 -52.39 -25.54 -1.22
CA ASP H 60 -51.96 -26.17 -2.44
C ASP H 60 -51.96 -27.68 -2.23
N ARG H 61 -51.27 -28.41 -3.11
CA ARG H 61 -51.15 -29.85 -2.94
C ARG H 61 -50.19 -30.24 -1.83
N ASP H 62 -49.37 -29.30 -1.35
CA ASP H 62 -48.33 -29.60 -0.38
C ASP H 62 -48.25 -28.51 0.68
N PRO H 63 -48.97 -28.68 1.79
CA PRO H 63 -48.71 -27.84 2.96
C PRO H 63 -47.43 -28.21 3.68
N ALA H 64 -46.94 -29.44 3.50
CA ALA H 64 -45.67 -29.82 4.11
C ALA H 64 -44.49 -29.16 3.42
N LYS H 65 -44.68 -28.65 2.21
CA LYS H 65 -43.73 -27.70 1.64
C LYS H 65 -43.65 -26.44 2.47
N LEU H 66 -44.80 -25.88 2.84
CA LEU H 66 -44.82 -24.72 3.71
C LEU H 66 -44.41 -25.05 5.13
N ASP H 67 -44.37 -26.34 5.51
CA ASP H 67 -43.71 -26.76 6.72
C ASP H 67 -42.21 -26.98 6.53
N ALA H 68 -41.77 -27.14 5.28
CA ALA H 68 -40.36 -27.35 4.99
C ALA H 68 -39.58 -26.05 4.85
N SER H 69 -40.26 -24.91 4.93
CA SER H 69 -39.61 -23.63 4.77
C SER H 69 -39.68 -22.77 6.01
N ILE H 70 -40.30 -23.25 7.09
CA ILE H 70 -40.22 -22.59 8.38
C ILE H 70 -39.33 -23.36 9.35
N GLN H 71 -38.66 -24.40 8.86
CA GLN H 71 -37.72 -25.18 9.65
C GLN H 71 -36.32 -25.14 9.06
N SER H 72 -36.05 -24.22 8.15
CA SER H 72 -34.75 -24.05 7.54
C SER H 72 -34.20 -22.66 7.86
N PRO H 73 -32.90 -22.52 8.06
CA PRO H 73 -32.33 -21.22 8.36
C PRO H 73 -32.24 -20.33 7.12
N ASN H 74 -32.11 -19.03 7.37
CA ASN H 74 -32.05 -18.01 6.34
C ASN H 74 -30.76 -17.22 6.48
N LEU H 75 -30.22 -16.76 5.36
CA LEU H 75 -28.95 -16.04 5.38
C LEU H 75 -29.08 -14.66 4.75
N GLN H 76 -28.29 -13.72 5.27
CA GLN H 76 -28.19 -12.32 4.91
C GLN H 76 -26.77 -11.81 5.13
N THR H 77 -26.43 -10.73 4.45
CA THR H 77 -25.23 -9.93 4.76
C THR H 77 -25.68 -8.49 4.85
N VAL H 78 -25.97 -8.02 6.05
CA VAL H 78 -26.49 -6.68 6.24
C VAL H 78 -25.34 -5.74 6.58
N ASP H 79 -25.62 -4.44 6.50
CA ASP H 79 -24.67 -3.40 6.88
C ASP H 79 -25.14 -2.76 8.18
N VAL H 80 -24.24 -2.67 9.15
CA VAL H 80 -24.53 -2.01 10.41
C VAL H 80 -23.52 -0.90 10.63
N ALA H 81 -23.88 0.00 11.54
CA ALA H 81 -23.00 1.09 11.95
C ALA H 81 -23.10 1.20 13.47
N ASN H 82 -22.07 0.77 14.16
CA ASN H 82 -22.00 0.85 15.61
C ASN H 82 -21.06 1.97 16.03
N LEU H 83 -21.29 2.50 17.23
CA LEU H 83 -20.30 3.35 17.86
C LEU H 83 -19.10 2.50 18.28
N PRO H 84 -17.91 3.09 18.37
CA PRO H 84 -16.76 2.33 18.85
C PRO H 84 -16.87 1.99 20.33
N SER H 85 -15.99 1.09 20.76
CA SER H 85 -16.10 0.44 22.06
C SER H 85 -15.85 1.38 23.24
N ASP H 86 -15.24 2.53 23.02
CA ASP H 86 -14.93 3.46 24.09
C ASP H 86 -15.48 4.85 23.78
N ALA H 87 -16.72 4.91 23.32
CA ALA H 87 -17.37 6.17 23.00
C ALA H 87 -18.87 6.00 23.21
N ASP H 88 -19.50 7.04 23.77
CA ASP H 88 -20.93 6.95 24.08
C ASP H 88 -21.68 8.21 23.70
N THR H 89 -21.24 8.91 22.66
CA THR H 89 -21.90 10.14 22.25
C THR H 89 -21.88 10.24 20.73
N LEU H 90 -23.06 10.45 20.15
CA LEU H 90 -23.19 10.67 18.72
C LEU H 90 -23.22 12.17 18.42
N LYS H 91 -22.51 12.56 17.37
CA LYS H 91 -22.45 13.94 16.89
C LYS H 91 -22.98 14.01 15.48
N VAL H 92 -23.92 14.91 15.23
CA VAL H 92 -24.50 15.11 13.91
C VAL H 92 -24.40 16.59 13.56
N ARG H 93 -23.66 16.91 12.49
CA ARG H 93 -23.38 18.30 12.12
C ARG H 93 -23.85 18.57 10.71
N PHE H 94 -24.77 19.51 10.54
CA PHE H 94 -25.18 19.92 9.20
C PHE H 94 -25.31 21.43 9.16
N THR H 95 -25.45 21.98 7.97
CA THR H 95 -25.63 23.41 7.77
C THR H 95 -27.01 23.67 7.21
N LEU H 96 -27.39 24.94 7.18
CA LEU H 96 -28.74 25.31 6.76
C LEU H 96 -28.72 26.72 6.21
N ARG H 97 -29.12 26.89 4.95
CA ARG H 97 -29.34 28.21 4.39
C ARG H 97 -30.82 28.57 4.46
N VAL H 98 -31.09 29.82 4.81
CA VAL H 98 -32.43 30.37 4.77
C VAL H 98 -32.47 31.41 3.66
N LEU H 99 -33.32 31.20 2.67
CA LEU H 99 -33.36 32.03 1.47
C LEU H 99 -34.61 32.89 1.47
N GLY H 100 -34.48 34.13 0.99
CA GLY H 100 -35.58 35.06 0.96
C GLY H 100 -36.36 35.02 -0.34
N GLY H 101 -37.44 35.80 -0.37
CA GLY H 101 -38.30 35.87 -1.54
C GLY H 101 -39.11 34.61 -1.73
N ALA H 102 -39.96 34.29 -0.76
CA ALA H 102 -40.67 33.02 -0.72
C ALA H 102 -42.06 33.08 -1.33
N GLY H 103 -42.28 33.95 -2.30
CA GLY H 103 -43.57 34.02 -2.95
C GLY H 103 -43.48 34.19 -4.44
N THR H 104 -42.25 34.26 -4.94
CA THR H 104 -42.02 34.47 -6.36
C THR H 104 -41.83 33.13 -7.05
N PRO H 105 -42.61 32.81 -8.09
CA PRO H 105 -42.40 31.54 -8.79
C PRO H 105 -41.14 31.53 -9.63
N SER H 106 -40.82 30.39 -10.22
CA SER H 106 -39.69 30.28 -11.13
C SER H 106 -40.09 30.06 -12.57
N ALA H 107 -41.33 29.62 -12.82
CA ALA H 107 -41.79 29.38 -14.19
C ALA H 107 -43.31 29.50 -14.19
N CYS H 108 -43.82 30.63 -14.67
CA CYS H 108 -45.25 30.86 -14.70
C CYS H 108 -45.68 31.29 -16.10
N ASN H 109 -46.80 30.73 -16.56
CA ASN H 109 -47.30 31.08 -17.88
C ASN H 109 -47.94 32.46 -17.88
N ASP H 110 -49.01 32.63 -17.10
CA ASP H 110 -49.77 33.86 -17.10
C ASP H 110 -49.01 34.97 -16.38
N ALA H 111 -49.23 36.20 -16.83
CA ALA H 111 -48.68 37.37 -16.16
C ALA H 111 -49.65 38.00 -15.18
N ALA H 112 -50.96 37.86 -15.41
CA ALA H 112 -51.94 38.40 -14.47
C ALA H 112 -52.06 37.51 -13.25
N TYR H 113 -51.96 36.20 -13.43
CA TYR H 113 -52.02 35.27 -12.30
C TYR H 113 -50.80 35.42 -11.40
N ARG H 114 -49.65 35.72 -11.99
CA ARG H 114 -48.44 35.93 -11.21
C ARG H 114 -48.53 37.22 -10.39
N ASP H 115 -49.08 38.28 -10.98
CA ASP H 115 -49.20 39.55 -10.27
C ASP H 115 -50.25 39.46 -9.17
N LYS H 116 -51.35 38.74 -9.42
CA LYS H 116 -52.35 38.52 -8.39
C LYS H 116 -51.78 37.68 -7.25
N LEU H 117 -50.92 36.72 -7.59
CA LEU H 117 -50.27 35.90 -6.57
C LEU H 117 -49.32 36.73 -5.71
N LEU H 118 -48.55 37.63 -6.33
CA LEU H 118 -47.63 38.46 -5.56
C LEU H 118 -48.38 39.49 -4.73
N GLN H 119 -49.54 39.96 -5.19
CA GLN H 119 -50.36 40.82 -4.35
C GLN H 119 -50.94 40.05 -3.17
N THR H 120 -51.24 38.76 -3.36
CA THR H 120 -51.74 37.95 -2.26
C THR H 120 -50.67 37.72 -1.20
N VAL H 121 -49.46 37.34 -1.62
CA VAL H 121 -48.38 37.06 -0.67
C VAL H 121 -47.92 38.35 0.01
N ALA H 122 -47.88 39.45 -0.74
CA ALA H 122 -47.55 40.74 -0.13
C ALA H 122 -48.62 41.19 0.85
N THR H 123 -49.88 40.88 0.57
CA THR H 123 -50.96 41.14 1.52
C THR H 123 -50.78 40.30 2.78
N TYR H 124 -50.32 39.05 2.62
CA TYR H 124 -50.08 38.19 3.77
C TYR H 124 -48.97 38.74 4.67
N VAL H 125 -47.80 39.04 4.07
CA VAL H 125 -46.69 39.53 4.88
C VAL H 125 -46.88 40.95 5.37
N ASN H 126 -47.84 41.69 4.81
CA ASN H 126 -48.19 42.97 5.40
C ASN H 126 -49.22 42.85 6.53
N ASP H 127 -50.11 41.86 6.46
CA ASP H 127 -51.04 41.65 7.56
C ASP H 127 -50.32 41.10 8.79
N GLN H 128 -49.40 40.17 8.58
CA GLN H 128 -48.66 39.55 9.68
C GLN H 128 -47.35 39.01 9.15
N GLY H 129 -46.32 39.02 9.98
CA GLY H 129 -44.99 38.66 9.54
C GLY H 129 -44.80 37.17 9.42
N PHE H 130 -43.54 36.77 9.34
CA PHE H 130 -43.13 35.37 9.36
C PHE H 130 -42.80 34.88 10.76
N ALA H 131 -43.45 35.43 11.79
CA ALA H 131 -43.10 35.10 13.16
C ALA H 131 -43.57 33.71 13.57
N GLU H 132 -44.74 33.29 13.09
CA GLU H 132 -45.29 32.00 13.46
C GLU H 132 -44.48 30.86 12.86
N LEU H 133 -44.22 30.94 11.55
CA LEU H 133 -43.54 29.84 10.87
C LEU H 133 -42.08 29.75 11.30
N ALA H 134 -41.43 30.89 11.51
CA ALA H 134 -40.06 30.84 12.02
C ALA H 134 -40.02 30.43 13.48
N ARG H 135 -41.10 30.67 14.22
CA ARG H 135 -41.16 30.21 15.60
C ARG H 135 -41.26 28.69 15.66
N ARG H 136 -42.05 28.09 14.77
CA ARG H 136 -42.15 26.64 14.78
C ARG H 136 -40.94 25.95 14.14
N TYR H 137 -40.34 26.58 13.12
CA TYR H 137 -39.07 26.07 12.59
C TYR H 137 -37.98 26.16 13.64
N ALA H 138 -38.01 27.20 14.46
CA ALA H 138 -37.07 27.30 15.58
C ALA H 138 -37.37 26.27 16.66
N HIS H 139 -38.63 25.85 16.79
CA HIS H 139 -38.90 24.75 17.71
C HIS H 139 -38.43 23.41 17.16
N ASN H 140 -38.43 23.23 15.84
CA ASN H 140 -37.89 21.98 15.31
C ASN H 140 -36.36 21.97 15.25
N LEU H 141 -35.71 23.12 15.18
CA LEU H 141 -34.27 23.15 15.42
C LEU H 141 -33.94 23.13 16.90
N ALA H 142 -34.89 23.46 17.76
CA ALA H 142 -34.63 23.55 19.19
C ALA H 142 -34.41 22.17 19.78
N ASN H 143 -35.38 21.28 19.62
CA ASN H 143 -35.20 19.88 20.00
C ASN H 143 -34.44 19.16 18.89
N ALA H 144 -34.42 17.84 18.94
CA ALA H 144 -33.60 17.10 18.01
C ALA H 144 -34.45 16.17 17.17
N ARG H 145 -35.52 16.72 16.58
CA ARG H 145 -36.42 15.93 15.73
C ARG H 145 -35.71 15.37 14.51
N PHE H 146 -34.68 16.07 14.03
CA PHE H 146 -33.87 15.58 12.92
C PHE H 146 -33.02 14.36 13.27
N LEU H 147 -32.87 14.04 14.55
CA LEU H 147 -32.40 12.73 14.98
C LEU H 147 -33.63 11.84 15.04
N TRP H 148 -33.81 10.95 14.06
CA TRP H 148 -35.08 10.25 13.94
C TRP H 148 -35.21 9.11 14.95
N ARG H 149 -34.40 8.08 14.82
CA ARG H 149 -34.43 6.97 15.76
C ARG H 149 -33.33 7.08 16.79
N ASN H 150 -32.29 7.88 16.50
CA ASN H 150 -31.19 8.09 17.42
C ASN H 150 -31.60 8.88 18.65
N ARG H 151 -32.69 9.65 18.57
CA ARG H 151 -33.18 10.39 19.71
C ARG H 151 -33.90 9.50 20.70
N VAL H 152 -34.47 8.39 20.22
CA VAL H 152 -35.30 7.52 21.05
C VAL H 152 -34.43 6.78 22.06
N GLY H 153 -34.68 7.03 23.34
CA GLY H 153 -33.94 6.38 24.39
C GLY H 153 -32.52 6.89 24.54
N ALA H 154 -32.38 8.14 24.95
CA ALA H 154 -31.08 8.75 25.19
C ALA H 154 -31.08 9.42 26.55
N GLU H 155 -29.90 9.53 27.14
CA GLU H 155 -29.80 10.14 28.47
C GLU H 155 -29.90 11.64 28.39
N ALA H 156 -29.15 12.27 27.49
CA ALA H 156 -29.14 13.72 27.36
C ALA H 156 -28.78 14.08 25.94
N VAL H 157 -29.57 14.97 25.34
CA VAL H 157 -29.36 15.44 23.98
C VAL H 157 -29.16 16.95 24.04
N GLU H 158 -28.07 17.43 23.44
CA GLU H 158 -27.76 18.85 23.45
C GLU H 158 -27.56 19.35 22.03
N VAL H 159 -28.19 20.47 21.70
CA VAL H 159 -28.16 21.05 20.36
C VAL H 159 -27.46 22.40 20.44
N ARG H 160 -26.49 22.62 19.56
CA ARG H 160 -25.75 23.87 19.47
C ARG H 160 -25.92 24.46 18.07
N ILE H 161 -26.34 25.72 18.02
CA ILE H 161 -26.66 26.40 16.77
C ILE H 161 -25.79 27.64 16.67
N ASN H 162 -25.18 27.85 15.51
CA ASN H 162 -24.32 29.01 15.30
C ASN H 162 -24.78 29.78 14.08
N HIS H 163 -24.94 31.10 14.24
CA HIS H 163 -25.17 31.97 13.11
C HIS H 163 -23.84 32.44 12.55
N ILE H 164 -23.65 32.26 11.24
CA ILE H 164 -22.39 32.56 10.59
C ILE H 164 -22.62 33.63 9.53
N ARG H 165 -22.02 34.80 9.73
CA ARG H 165 -22.25 35.97 8.88
C ARG H 165 -21.03 36.29 8.04
N GLN H 166 -19.89 36.54 8.67
CA GLN H 166 -18.60 36.57 8.00
C GLN H 166 -18.04 35.15 8.01
N GLY H 167 -16.73 35.00 7.79
CA GLY H 167 -16.10 33.71 8.01
C GLY H 167 -16.15 33.22 9.44
N GLU H 168 -16.35 34.12 10.40
CA GLU H 168 -16.39 33.81 11.82
C GLU H 168 -17.82 33.58 12.30
N VAL H 169 -17.99 33.49 13.61
CA VAL H 169 -19.27 33.19 14.25
C VAL H 169 -19.86 34.48 14.79
N ALA H 170 -21.13 34.74 14.47
CA ALA H 170 -21.80 35.95 14.93
C ALA H 170 -22.46 35.77 16.29
N ARG H 171 -23.25 34.71 16.45
CA ARG H 171 -24.00 34.49 17.68
C ARG H 171 -24.27 33.00 17.84
N ALA H 172 -24.13 32.50 19.06
CA ALA H 172 -24.22 31.08 19.36
C ALA H 172 -25.33 30.80 20.36
N TRP H 173 -26.07 29.72 20.12
CA TRP H 173 -27.11 29.23 21.02
C TRP H 173 -26.78 27.81 21.44
N ARG H 174 -27.10 27.48 22.70
CA ARG H 174 -26.91 26.15 23.25
C ARG H 174 -28.19 25.75 23.96
N PHE H 175 -28.88 24.75 23.42
CA PHE H 175 -30.19 24.33 23.90
C PHE H 175 -30.10 23.01 24.64
N ASP H 176 -31.27 22.52 25.05
CA ASP H 176 -31.41 21.23 25.69
C ASP H 176 -32.65 20.57 25.11
N ALA H 177 -32.47 19.49 24.37
CA ALA H 177 -33.54 18.96 23.54
C ALA H 177 -34.58 18.18 24.33
N LEU H 178 -34.21 17.58 25.46
CA LEU H 178 -35.17 16.77 26.20
C LEU H 178 -36.08 17.63 27.06
N ALA H 179 -35.60 18.79 27.52
CA ALA H 179 -36.46 19.69 28.27
C ALA H 179 -37.50 20.34 27.38
N ILE H 180 -37.11 20.69 26.15
CA ILE H 180 -38.05 21.23 25.19
C ILE H 180 -38.92 20.09 24.67
N GLY H 181 -40.24 20.26 24.75
CA GLY H 181 -41.15 19.21 24.36
C GLY H 181 -41.16 18.98 22.86
N LEU H 182 -41.73 17.84 22.48
CA LEU H 182 -41.84 17.47 21.08
C LEU H 182 -43.23 17.73 20.52
N ARG H 183 -44.25 17.83 21.36
CA ARG H 183 -45.60 18.11 20.91
C ARG H 183 -46.11 19.49 21.29
N ASP H 184 -45.42 20.20 22.17
CA ASP H 184 -45.85 21.49 22.66
C ASP H 184 -44.98 22.59 22.07
N PHE H 185 -45.61 23.74 21.79
CA PHE H 185 -44.92 24.91 21.24
C PHE H 185 -45.00 26.02 22.28
N LYS H 186 -44.04 26.02 23.19
CA LYS H 186 -43.98 26.99 24.28
C LYS H 186 -42.95 28.07 23.96
N ALA H 187 -43.27 29.30 24.34
CA ALA H 187 -42.41 30.43 24.04
C ALA H 187 -41.17 30.43 24.94
N ASP H 188 -40.14 31.13 24.48
CA ASP H 188 -38.89 31.30 25.20
C ASP H 188 -38.18 32.50 24.59
N ALA H 189 -37.27 33.09 25.36
CA ALA H 189 -36.51 34.25 24.87
C ALA H 189 -35.56 33.85 23.75
N GLU H 190 -34.86 32.73 23.91
CA GLU H 190 -33.89 32.30 22.91
C GLU H 190 -34.58 31.83 21.65
N LEU H 191 -35.73 31.16 21.80
CA LEU H 191 -36.52 30.80 20.63
C LEU H 191 -37.14 32.02 19.96
N ASP H 192 -37.34 33.11 20.69
CA ASP H 192 -37.71 34.35 20.03
C ASP H 192 -36.53 34.97 19.31
N ALA H 193 -35.30 34.72 19.78
CA ALA H 193 -34.13 35.19 19.04
C ALA H 193 -33.97 34.43 17.73
N LEU H 194 -34.15 33.10 17.75
CA LEU H 194 -34.12 32.35 16.50
C LEU H 194 -35.33 32.66 15.63
N ALA H 195 -36.47 33.01 16.23
CA ALA H 195 -37.62 33.38 15.42
C ALA H 195 -37.40 34.71 14.72
N GLU H 196 -36.73 35.65 15.39
CA GLU H 196 -36.40 36.91 14.72
C GLU H 196 -35.30 36.72 13.67
N LEU H 197 -34.40 35.76 13.89
CA LEU H 197 -33.34 35.53 12.91
C LEU H 197 -33.87 34.84 11.66
N ILE H 198 -34.60 33.75 11.82
CA ILE H 198 -35.14 33.02 10.68
C ILE H 198 -36.25 33.83 10.00
N ALA H 199 -37.05 34.54 10.79
CA ALA H 199 -38.06 35.42 10.21
C ALA H 199 -37.42 36.60 9.48
N SER H 200 -36.25 37.05 9.93
CA SER H 200 -35.51 38.05 9.17
C SER H 200 -34.84 37.46 7.96
N GLY H 201 -34.66 36.14 7.91
CA GLY H 201 -34.07 35.50 6.75
C GLY H 201 -35.05 35.22 5.65
N LEU H 202 -36.24 34.73 6.01
CA LEU H 202 -37.24 34.40 5.00
C LEU H 202 -37.86 35.63 4.36
N SER H 203 -37.81 36.78 5.03
CA SER H 203 -38.37 38.00 4.47
C SER H 203 -37.43 38.68 3.49
N GLY H 204 -36.22 38.16 3.30
CA GLY H 204 -35.28 38.76 2.38
C GLY H 204 -34.50 39.93 2.94
N SER H 205 -34.54 40.13 4.24
CA SER H 205 -33.87 41.26 4.87
C SER H 205 -32.41 40.98 5.22
N GLY H 206 -31.88 39.84 4.81
CA GLY H 206 -30.49 39.51 5.10
C GLY H 206 -30.17 38.12 4.64
N HIS H 207 -28.94 37.71 4.93
CA HIS H 207 -28.45 36.39 4.58
C HIS H 207 -28.25 35.58 5.86
N VAL H 208 -28.83 34.39 5.91
CA VAL H 208 -28.83 33.56 7.11
C VAL H 208 -28.24 32.20 6.78
N LEU H 209 -27.07 31.91 7.35
CA LEU H 209 -26.42 30.61 7.29
C LEU H 209 -26.22 30.11 8.71
N LEU H 210 -26.77 28.94 9.01
CA LEU H 210 -26.72 28.36 10.35
C LEU H 210 -25.95 27.05 10.33
N GLU H 211 -25.22 26.81 11.41
CA GLU H 211 -24.52 25.55 11.63
C GLU H 211 -25.14 24.85 12.82
N VAL H 212 -25.63 23.63 12.62
CA VAL H 212 -26.33 22.88 13.65
C VAL H 212 -25.52 21.66 14.01
N VAL H 213 -25.26 21.47 15.30
CA VAL H 213 -24.51 20.34 15.82
C VAL H 213 -25.33 19.71 16.94
N ALA H 214 -25.54 18.39 16.87
CA ALA H 214 -26.36 17.67 17.84
C ALA H 214 -25.54 16.59 18.52
N PHE H 215 -25.77 16.43 19.82
CA PHE H 215 -25.02 15.56 20.70
C PHE H 215 -25.97 14.63 21.44
N ALA H 216 -25.69 13.33 21.45
CA ALA H 216 -26.58 12.38 22.11
C ALA H 216 -25.80 11.32 22.87
N ARG H 217 -26.30 10.95 24.05
CA ARG H 217 -25.77 9.82 24.82
C ARG H 217 -26.66 8.61 24.57
N ILE H 218 -26.19 7.68 23.76
CA ILE H 218 -26.98 6.48 23.47
C ILE H 218 -26.28 5.21 23.95
N GLY H 219 -25.31 5.35 24.84
CA GLY H 219 -24.63 4.19 25.38
C GLY H 219 -23.33 3.90 24.66
N ASP H 220 -22.55 2.99 25.25
CA ASP H 220 -21.17 2.75 24.84
C ASP H 220 -21.13 1.65 23.79
N GLY H 221 -21.24 2.06 22.52
CA GLY H 221 -20.97 1.18 21.41
C GLY H 221 -22.16 0.43 20.86
N GLN H 222 -23.24 1.13 20.51
CA GLN H 222 -24.45 0.41 20.07
C GLN H 222 -25.27 1.21 19.06
N GLU H 223 -25.00 0.94 17.77
CA GLU H 223 -25.97 0.96 16.67
C GLU H 223 -26.65 2.32 16.48
N VAL H 224 -25.85 3.27 15.99
CA VAL H 224 -26.45 4.47 15.40
C VAL H 224 -27.20 4.10 14.13
N PHE H 225 -28.11 5.00 13.73
CA PHE H 225 -29.02 4.72 12.62
C PHE H 225 -28.89 5.75 11.50
N PRO H 226 -28.09 5.48 10.48
CA PRO H 226 -28.11 6.32 9.27
C PRO H 226 -29.27 5.89 8.38
N SER H 227 -29.33 6.51 7.21
CA SER H 227 -30.42 6.28 6.26
C SER H 227 -30.03 5.22 5.25
N GLN H 228 -31.03 4.50 4.76
CA GLN H 228 -30.80 3.36 3.89
C GLN H 228 -30.84 3.76 2.42
N GLU H 229 -30.53 2.81 1.56
CA GLU H 229 -30.45 3.01 0.12
C GLU H 229 -31.40 2.06 -0.59
N LEU H 230 -31.51 2.25 -1.90
CA LEU H 230 -32.35 1.41 -2.74
C LEU H 230 -31.48 0.40 -3.47
N ILE H 231 -31.78 -0.88 -3.25
CA ILE H 231 -31.59 -1.92 -4.25
C ILE H 231 -32.87 -1.93 -5.07
N LEU H 232 -32.71 -1.79 -6.40
CA LEU H 232 -33.73 -1.18 -7.27
C LEU H 232 -35.07 -1.92 -7.28
N ASP H 233 -35.06 -3.22 -6.96
CA ASP H 233 -36.24 -4.11 -6.93
C ASP H 233 -36.92 -4.14 -8.30
N LYS H 234 -36.17 -4.68 -9.26
CA LYS H 234 -36.65 -4.85 -10.63
C LYS H 234 -36.59 -6.34 -10.97
N GLY H 235 -37.63 -7.07 -10.57
CA GLY H 235 -37.81 -8.45 -10.96
C GLY H 235 -36.78 -9.44 -10.48
N ASP H 236 -35.93 -9.89 -11.41
CA ASP H 236 -34.95 -10.92 -11.15
C ASP H 236 -33.84 -10.41 -10.24
N LYS H 237 -33.00 -11.36 -9.80
CA LYS H 237 -31.80 -11.12 -8.99
C LYS H 237 -32.15 -10.42 -7.68
N LYS H 238 -32.87 -11.14 -6.81
CA LYS H 238 -33.36 -10.59 -5.55
C LYS H 238 -32.24 -10.22 -4.59
N GLY H 239 -31.03 -10.73 -4.79
CA GLY H 239 -29.86 -10.22 -4.12
C GLY H 239 -29.45 -11.07 -2.93
N GLN H 240 -28.35 -10.64 -2.30
CA GLN H 240 -27.88 -11.28 -1.08
C GLN H 240 -27.46 -10.30 0.00
N LYS H 241 -27.42 -9.00 -0.27
CA LYS H 241 -27.09 -8.03 0.77
C LYS H 241 -28.35 -7.55 1.49
N SER H 242 -29.28 -6.94 0.73
CA SER H 242 -30.62 -6.56 1.13
C SER H 242 -30.69 -5.46 2.18
N LYS H 243 -29.55 -4.93 2.64
CA LYS H 243 -29.56 -3.72 3.46
C LYS H 243 -28.21 -3.04 3.31
N THR H 244 -28.18 -1.89 2.66
CA THR H 244 -27.00 -1.04 2.61
C THR H 244 -27.36 0.35 3.10
N LEU H 245 -26.35 1.07 3.56
CA LEU H 245 -26.55 2.33 4.24
C LEU H 245 -25.88 3.46 3.46
N TYR H 246 -26.50 4.63 3.50
CA TYR H 246 -25.96 5.80 2.83
C TYR H 246 -24.67 6.26 3.48
N SER H 247 -23.72 6.67 2.66
CA SER H 247 -22.44 7.13 3.16
C SER H 247 -21.91 8.23 2.26
N VAL H 248 -20.82 8.82 2.72
CA VAL H 248 -20.03 9.82 2.02
C VAL H 248 -18.63 9.23 2.04
N ARG H 249 -17.59 10.04 1.82
CA ARG H 249 -16.23 9.53 1.72
C ARG H 249 -15.81 8.97 3.08
N ASP H 250 -16.20 7.70 3.30
CA ASP H 250 -15.90 6.89 4.48
C ASP H 250 -16.43 7.51 5.77
N ALA H 251 -17.75 7.73 5.79
CA ALA H 251 -18.45 8.21 6.97
C ALA H 251 -19.94 7.92 6.79
N ALA H 252 -20.61 7.57 7.88
CA ALA H 252 -22.04 7.37 7.83
C ALA H 252 -22.75 8.72 7.90
N ALA H 253 -23.80 8.87 7.12
CA ALA H 253 -24.59 10.10 7.10
C ALA H 253 -26.02 9.76 6.74
N ILE H 254 -26.92 10.71 6.94
CA ILE H 254 -28.29 10.56 6.49
C ILE H 254 -28.53 11.57 5.39
N HIS H 255 -29.61 11.34 4.63
CA HIS H 255 -29.92 12.18 3.48
C HIS H 255 -30.35 13.57 3.94
N SER H 256 -30.45 14.48 2.99
CA SER H 256 -30.95 15.81 3.29
C SER H 256 -32.47 15.88 3.25
N GLN H 257 -33.13 14.90 2.63
CA GLN H 257 -34.59 14.88 2.64
C GLN H 257 -35.15 14.55 4.01
N LYS H 258 -34.41 13.80 4.82
CA LYS H 258 -34.91 13.47 6.15
C LYS H 258 -34.78 14.64 7.10
N ILE H 259 -33.69 15.40 6.99
CA ILE H 259 -33.54 16.59 7.80
C ILE H 259 -34.52 17.66 7.36
N GLY H 260 -34.69 17.83 6.04
CA GLY H 260 -35.69 18.76 5.54
C GLY H 260 -37.11 18.31 5.83
N ASN H 261 -37.31 17.01 5.99
CA ASN H 261 -38.61 16.50 6.42
C ASN H 261 -38.86 16.83 7.88
N ALA H 262 -37.83 16.71 8.72
CA ALA H 262 -38.03 16.98 10.13
C ALA H 262 -38.15 18.46 10.43
N LEU H 263 -37.62 19.32 9.55
CA LEU H 263 -37.82 20.75 9.76
C LEU H 263 -39.21 21.23 9.36
N ARG H 264 -39.97 20.42 8.63
CA ARG H 264 -41.28 20.84 8.14
C ARG H 264 -42.43 20.26 8.94
N THR H 265 -42.14 19.60 10.06
CA THR H 265 -43.18 18.97 10.88
C THR H 265 -43.75 20.05 11.80
N ILE H 266 -44.62 20.88 11.22
CA ILE H 266 -45.21 22.00 11.94
C ILE H 266 -46.72 22.02 11.81
N ASP H 267 -47.27 21.18 10.94
CA ASP H 267 -48.71 21.22 10.65
C ASP H 267 -49.47 20.56 11.79
N THR H 268 -49.99 21.40 12.69
CA THR H 268 -50.88 20.94 13.76
C THR H 268 -52.34 21.27 13.46
N TRP H 269 -52.64 21.72 12.24
CA TRP H 269 -53.94 22.27 11.93
C TRP H 269 -54.81 21.35 11.07
N TYR H 270 -54.35 20.13 10.82
CA TYR H 270 -55.14 19.13 10.10
C TYR H 270 -56.39 18.79 10.89
N PRO H 271 -57.54 18.66 10.22
CA PRO H 271 -58.83 18.85 10.93
C PRO H 271 -59.21 17.76 11.93
N ASP H 272 -59.22 16.50 11.53
CA ASP H 272 -60.07 15.51 12.18
C ASP H 272 -59.34 14.66 13.21
N GLU H 273 -58.18 15.10 13.70
CA GLU H 273 -57.48 14.32 14.72
C GLU H 273 -56.75 15.25 15.69
N ASP H 274 -56.46 14.72 16.87
CA ASP H 274 -55.69 15.39 17.90
C ASP H 274 -54.78 14.38 18.58
N GLY H 275 -53.79 14.87 19.32
CA GLY H 275 -52.91 13.98 20.04
C GLY H 275 -51.72 13.46 19.26
N LEU H 276 -51.88 13.27 17.94
CA LEU H 276 -50.78 12.78 17.13
C LEU H 276 -49.70 13.85 16.95
N GLY H 277 -50.06 15.11 17.12
CA GLY H 277 -49.10 16.19 17.05
C GLY H 277 -48.87 16.67 15.64
N PRO H 278 -47.71 17.27 15.40
CA PRO H 278 -47.47 17.90 14.09
C PRO H 278 -47.21 16.86 12.99
N ILE H 279 -47.56 17.24 11.76
CA ILE H 279 -47.30 16.47 10.57
C ILE H 279 -46.45 17.34 9.66
N ALA H 280 -45.63 16.71 8.83
CA ALA H 280 -44.91 17.42 7.78
C ALA H 280 -45.89 18.05 6.80
N VAL H 281 -45.51 19.20 6.26
CA VAL H 281 -46.39 19.99 5.41
C VAL H 281 -46.31 19.42 3.99
N GLU H 282 -47.42 18.87 3.51
CA GLU H 282 -47.53 18.32 2.16
C GLU H 282 -48.87 18.75 1.58
N PRO H 283 -48.94 18.97 0.27
CA PRO H 283 -50.25 18.98 -0.38
C PRO H 283 -50.84 17.60 -0.32
N TYR H 284 -52.16 17.54 -0.11
CA TYR H 284 -52.88 16.32 0.27
C TYR H 284 -52.21 15.68 1.48
N GLY H 285 -52.33 16.36 2.63
CA GLY H 285 -51.46 16.14 3.79
C GLY H 285 -51.37 14.70 4.27
N SER H 286 -50.21 14.09 4.03
CA SER H 286 -50.06 12.65 3.98
C SER H 286 -48.94 12.18 4.88
N VAL H 287 -49.09 10.97 5.40
CA VAL H 287 -48.06 10.27 6.14
C VAL H 287 -47.88 8.91 5.50
N THR H 288 -46.66 8.59 5.07
CA THR H 288 -46.42 7.32 4.39
C THR H 288 -46.43 6.15 5.36
N SER H 289 -45.95 6.35 6.60
CA SER H 289 -45.91 5.26 7.56
C SER H 289 -47.31 4.93 8.07
N GLN H 290 -48.11 5.95 8.36
CA GLN H 290 -49.49 5.71 8.76
C GLN H 290 -50.37 5.28 7.59
N GLY H 291 -49.94 5.54 6.36
CA GLY H 291 -50.72 5.16 5.20
C GLY H 291 -52.00 5.94 5.03
N LYS H 292 -52.08 7.15 5.58
CA LYS H 292 -53.30 7.94 5.60
C LYS H 292 -53.02 9.32 5.04
N ALA H 293 -53.91 9.81 4.17
CA ALA H 293 -53.88 11.18 3.69
C ALA H 293 -54.92 11.96 4.49
N TYR H 294 -54.44 12.88 5.34
CA TYR H 294 -55.33 13.56 6.26
C TYR H 294 -56.18 14.61 5.55
N ARG H 295 -55.56 15.39 4.67
CA ARG H 295 -56.28 16.46 3.97
C ARG H 295 -56.70 15.99 2.58
N GLN H 296 -57.66 15.08 2.56
CA GLN H 296 -58.23 14.65 1.30
C GLN H 296 -59.10 15.76 0.70
N PRO H 297 -59.23 15.82 -0.63
CA PRO H 297 -60.10 16.83 -1.24
C PRO H 297 -61.59 16.53 -1.20
N LYS H 298 -62.04 15.53 -0.44
CA LYS H 298 -63.46 15.45 -0.12
C LYS H 298 -63.89 16.64 0.74
N GLN H 299 -63.04 17.00 1.69
CA GLN H 299 -63.17 18.26 2.40
C GLN H 299 -62.61 19.39 1.55
N LYS H 300 -62.55 20.58 2.10
CA LYS H 300 -62.02 21.73 1.39
C LYS H 300 -60.81 22.32 2.11
N LEU H 301 -59.92 21.45 2.59
CA LEU H 301 -58.71 21.88 3.27
C LEU H 301 -57.46 21.43 2.53
N ASP H 302 -57.59 21.08 1.25
CA ASP H 302 -56.44 20.80 0.41
C ASP H 302 -55.65 22.08 0.15
N PHE H 303 -54.38 21.92 -0.23
CA PHE H 303 -53.57 23.06 -0.63
C PHE H 303 -54.07 23.69 -1.93
N TYR H 304 -54.45 22.84 -2.90
CA TYR H 304 -54.87 23.35 -4.20
C TYR H 304 -56.20 24.07 -4.11
N THR H 305 -57.10 23.57 -3.25
CA THR H 305 -58.41 24.18 -3.11
C THR H 305 -58.32 25.53 -2.41
N LEU H 306 -57.51 25.61 -1.34
CA LEU H 306 -57.34 26.87 -0.63
C LEU H 306 -56.58 27.89 -1.48
N LEU H 307 -55.62 27.42 -2.28
CA LEU H 307 -54.87 28.34 -3.12
C LEU H 307 -55.72 28.88 -4.25
N ASP H 308 -56.56 28.03 -4.84
CA ASP H 308 -57.47 28.49 -5.88
C ASP H 308 -58.54 29.42 -5.33
N ASN H 309 -59.08 29.10 -4.15
CA ASN H 309 -60.11 29.95 -3.56
C ASN H 309 -59.55 31.24 -2.98
N TRP H 310 -58.25 31.33 -2.75
CA TRP H 310 -57.67 32.52 -2.14
C TRP H 310 -56.92 33.41 -3.12
N VAL H 311 -56.48 32.88 -4.25
CA VAL H 311 -55.89 33.73 -5.28
C VAL H 311 -56.94 34.22 -6.26
N LEU H 312 -57.74 33.32 -6.82
CA LEU H 312 -58.68 33.70 -7.88
C LEU H 312 -59.92 34.37 -7.32
N ARG H 313 -60.68 33.66 -6.50
CA ARG H 313 -62.00 34.09 -6.08
C ARG H 313 -61.97 35.05 -4.89
N ASP H 314 -60.80 35.35 -4.35
CA ASP H 314 -60.56 36.23 -3.20
C ASP H 314 -61.29 35.77 -1.94
N GLU H 315 -61.63 34.47 -1.85
CA GLU H 315 -62.24 33.93 -0.64
C GLU H 315 -61.12 33.55 0.32
N ALA H 316 -60.80 34.48 1.20
CA ALA H 316 -59.66 34.29 2.09
C ALA H 316 -60.01 33.30 3.20
N PRO H 317 -59.21 32.27 3.42
CA PRO H 317 -59.49 31.34 4.52
C PRO H 317 -59.13 31.91 5.88
N ALA H 318 -59.20 31.09 6.91
CA ALA H 318 -58.77 31.50 8.24
C ALA H 318 -57.27 31.73 8.27
N VAL H 319 -56.82 32.41 9.34
CA VAL H 319 -55.40 32.71 9.52
C VAL H 319 -54.58 31.43 9.60
N GLU H 320 -55.12 30.44 10.31
CA GLU H 320 -54.67 29.06 10.35
C GLU H 320 -54.28 28.50 8.98
N GLN H 321 -55.23 28.48 8.06
CA GLN H 321 -54.97 27.89 6.76
C GLN H 321 -54.09 28.77 5.90
N GLN H 322 -54.02 30.07 6.19
CA GLN H 322 -53.04 30.92 5.52
C GLN H 322 -51.62 30.56 5.95
N HIS H 323 -51.43 30.24 7.23
CA HIS H 323 -50.14 29.71 7.66
C HIS H 323 -49.83 28.38 6.98
N TYR H 324 -50.86 27.57 6.72
CA TYR H 324 -50.65 26.34 5.96
C TYR H 324 -50.18 26.63 4.54
N VAL H 325 -50.83 27.56 3.84
CA VAL H 325 -50.55 27.77 2.43
C VAL H 325 -49.19 28.42 2.24
N ILE H 326 -48.87 29.43 3.05
CA ILE H 326 -47.55 30.06 2.94
C ILE H 326 -46.45 29.10 3.39
N ALA H 327 -46.73 28.31 4.43
CA ALA H 327 -45.81 27.27 4.85
C ALA H 327 -45.64 26.17 3.81
N ASN H 328 -46.56 26.07 2.85
CA ASN H 328 -46.40 25.15 1.75
C ASN H 328 -45.74 25.80 0.53
N LEU H 329 -45.75 27.14 0.44
CA LEU H 329 -44.98 27.79 -0.60
C LEU H 329 -43.50 27.88 -0.24
N ILE H 330 -43.17 27.88 1.05
CA ILE H 330 -41.77 27.78 1.45
C ILE H 330 -41.22 26.40 1.11
N ARG H 331 -42.08 25.38 1.17
CA ARG H 331 -41.66 24.01 0.86
C ARG H 331 -41.31 23.83 -0.62
N GLY H 332 -41.88 24.64 -1.51
CA GLY H 332 -41.62 24.51 -2.92
C GLY H 332 -42.42 23.37 -3.52
N GLY H 333 -42.17 23.11 -4.79
CA GLY H 333 -42.81 22.00 -5.46
C GLY H 333 -43.07 22.30 -6.91
N VAL H 334 -43.75 21.34 -7.55
CA VAL H 334 -44.18 21.46 -8.93
C VAL H 334 -45.70 21.48 -8.92
N PHE H 335 -46.27 22.63 -9.21
CA PHE H 335 -47.70 22.86 -9.11
C PHE H 335 -48.27 23.06 -10.51
N GLY H 336 -49.55 23.35 -10.58
CA GLY H 336 -50.21 23.52 -11.86
C GLY H 336 -50.48 22.18 -12.54
N GLU H 337 -51.03 22.28 -13.74
CA GLU H 337 -51.47 21.09 -14.48
C GLU H 337 -50.29 20.23 -14.92
N LYS I 1 14.28 -28.94 -31.87
CA LYS I 1 13.35 -27.88 -31.53
C LYS I 1 13.82 -27.09 -30.31
N PHE I 2 14.20 -27.81 -29.25
CA PHE I 2 14.69 -27.17 -28.03
C PHE I 2 16.08 -26.59 -28.24
N ILE I 3 16.33 -25.40 -27.71
CA ILE I 3 17.60 -24.71 -27.86
C ILE I 3 18.42 -24.74 -26.58
N LYS I 4 17.93 -24.10 -25.52
CA LYS I 4 18.65 -24.02 -24.25
C LYS I 4 17.70 -23.55 -23.16
N TYR I 5 18.12 -23.77 -21.92
CA TYR I 5 17.54 -23.10 -20.76
C TYR I 5 18.06 -21.66 -20.71
N LEU I 6 17.21 -20.76 -20.23
CA LEU I 6 17.62 -19.36 -20.21
C LEU I 6 18.47 -19.04 -18.98
N SER I 7 18.27 -19.75 -17.89
CA SER I 7 19.06 -19.57 -16.68
C SER I 7 19.84 -20.83 -16.37
N THR I 8 21.02 -20.65 -15.76
CA THR I 8 21.90 -21.77 -15.46
C THR I 8 21.60 -22.41 -14.10
N ALA I 9 20.58 -21.93 -13.40
CA ALA I 9 20.23 -22.49 -12.10
C ALA I 9 18.73 -22.38 -11.91
N HIS I 10 18.10 -23.47 -11.50
CA HIS I 10 16.66 -23.50 -11.36
C HIS I 10 16.25 -22.71 -10.12
N LEU I 11 15.22 -21.88 -10.25
CA LEU I 11 14.85 -21.01 -9.14
C LEU I 11 14.16 -21.78 -8.03
N ASN I 12 13.03 -22.40 -8.33
CA ASN I 12 12.42 -23.40 -7.44
C ASN I 12 11.66 -24.36 -8.37
N TYR I 13 12.37 -25.39 -8.84
CA TYR I 13 11.89 -26.32 -9.88
C TYR I 13 11.40 -25.62 -11.15
N MET I 14 11.78 -24.37 -11.41
CA MET I 14 11.22 -23.60 -12.50
C MET I 14 12.33 -23.01 -13.33
N ASN I 15 12.16 -23.00 -14.65
CA ASN I 15 13.17 -22.42 -15.52
C ASN I 15 12.51 -22.08 -16.84
N ILE I 16 13.08 -21.09 -17.53
CA ILE I 16 12.56 -20.62 -18.80
C ILE I 16 13.27 -21.34 -19.92
N ALA I 17 12.51 -22.06 -20.75
CA ALA I 17 13.08 -22.82 -21.85
C ALA I 17 12.88 -22.06 -23.17
N VAL I 18 13.86 -22.20 -24.06
CA VAL I 18 13.87 -21.49 -25.34
C VAL I 18 13.71 -22.53 -26.45
N TYR I 19 12.72 -22.33 -27.32
CA TYR I 19 12.36 -23.26 -28.38
C TYR I 19 12.43 -22.58 -29.74
N GLU I 20 12.46 -23.40 -30.79
CA GLU I 20 12.56 -22.96 -32.17
C GLU I 20 11.38 -23.50 -32.97
N ASN I 21 10.68 -22.61 -33.68
CA ASN I 21 9.54 -23.01 -34.50
C ASN I 21 9.71 -22.74 -35.99
N GLY I 22 10.83 -22.15 -36.40
CA GLY I 22 10.98 -21.72 -37.77
C GLY I 22 10.66 -20.25 -37.90
N SER I 23 11.71 -19.43 -38.08
CA SER I 23 11.65 -17.97 -38.24
C SER I 23 11.05 -17.26 -37.01
N LYS I 24 11.03 -17.93 -35.86
CA LYS I 24 10.51 -17.40 -34.61
C LYS I 24 10.96 -18.34 -33.50
N ILE I 25 11.04 -17.80 -32.28
CA ILE I 25 11.43 -18.58 -31.12
C ILE I 25 10.34 -18.48 -30.06
N LYS I 26 10.22 -19.55 -29.27
CA LYS I 26 9.14 -19.75 -28.29
C LYS I 26 9.75 -19.83 -26.90
N ALA I 27 9.57 -18.80 -26.09
CA ALA I 27 10.02 -18.81 -24.72
C ALA I 27 8.90 -19.28 -23.82
N ARG I 28 9.18 -20.28 -22.99
CA ARG I 28 8.11 -20.88 -22.19
C ARG I 28 8.59 -21.15 -20.78
N VAL I 29 7.84 -20.66 -19.79
CA VAL I 29 8.14 -20.91 -18.40
C VAL I 29 7.71 -22.33 -18.04
N GLU I 30 8.63 -23.11 -17.48
CA GLU I 30 8.40 -24.53 -17.30
C GLU I 30 8.75 -24.98 -15.88
N ASN I 31 7.93 -25.88 -15.36
CA ASN I 31 8.37 -26.80 -14.32
C ASN I 31 9.28 -27.83 -14.94
N VAL I 32 10.22 -28.35 -14.16
CA VAL I 32 11.31 -29.16 -14.68
C VAL I 32 11.07 -30.64 -14.51
N VAL I 33 10.58 -31.07 -13.33
CA VAL I 33 10.50 -32.50 -13.02
C VAL I 33 9.36 -33.20 -13.75
N ASN I 34 8.39 -32.46 -14.28
CA ASN I 34 7.36 -33.05 -15.14
C ASN I 34 7.36 -32.50 -16.55
N GLY I 35 7.50 -31.20 -16.71
CA GLY I 35 7.56 -30.58 -18.01
C GLY I 35 6.35 -29.77 -18.43
N LYS I 36 5.54 -29.32 -17.48
CA LYS I 36 4.34 -28.56 -17.81
C LYS I 36 4.71 -27.11 -18.13
N SER I 37 3.68 -26.30 -18.38
CA SER I 37 3.87 -24.92 -18.80
C SER I 37 3.00 -24.01 -17.96
N VAL I 38 3.37 -22.72 -17.94
CA VAL I 38 2.56 -21.70 -17.28
C VAL I 38 2.24 -20.58 -18.26
N GLY I 39 3.28 -19.98 -18.85
CA GLY I 39 3.10 -18.91 -19.82
C GLY I 39 4.04 -19.10 -20.98
N ALA I 40 3.89 -18.24 -21.99
CA ALA I 40 4.72 -18.32 -23.19
C ALA I 40 4.74 -16.97 -23.90
N ARG I 41 5.91 -16.62 -24.43
CA ARG I 41 6.06 -15.47 -25.30
C ARG I 41 6.64 -15.91 -26.63
N ASP I 42 6.23 -15.23 -27.69
CA ASP I 42 6.65 -15.52 -29.04
C ASP I 42 7.54 -14.37 -29.50
N PHE I 43 8.80 -14.68 -29.79
CA PHE I 43 9.74 -13.68 -30.25
C PHE I 43 10.16 -14.01 -31.68
N ASP I 44 10.70 -13.01 -32.37
CA ASP I 44 11.04 -13.17 -33.79
C ASP I 44 12.40 -13.81 -33.99
N SER I 45 13.41 -13.38 -33.23
CA SER I 45 14.75 -13.89 -33.37
C SER I 45 15.39 -13.98 -31.99
N THR I 46 16.57 -14.61 -31.94
CA THR I 46 17.30 -14.75 -30.69
C THR I 46 17.80 -13.39 -30.19
N GLU I 47 18.11 -12.48 -31.11
CA GLU I 47 18.56 -11.14 -30.74
C GLU I 47 17.49 -10.34 -30.02
N GLN I 48 16.22 -10.56 -30.38
CA GLN I 48 15.13 -9.92 -29.65
C GLN I 48 15.00 -10.49 -28.24
N LEU I 49 15.27 -11.79 -28.08
CA LEU I 49 15.25 -12.40 -26.76
C LEU I 49 16.38 -11.88 -25.89
N GLU I 50 17.58 -11.74 -26.46
CA GLU I 50 18.71 -11.26 -25.69
C GLU I 50 18.57 -9.78 -25.35
N SER I 51 18.08 -8.98 -26.29
CA SER I 51 17.93 -7.55 -26.06
C SER I 51 16.76 -7.27 -25.12
N TRP I 52 15.71 -8.06 -25.17
CA TRP I 52 14.61 -7.90 -24.22
C TRP I 52 15.00 -8.39 -22.84
N PHE I 53 15.76 -9.48 -22.78
CA PHE I 53 16.10 -10.09 -21.49
C PHE I 53 17.14 -9.29 -20.75
N TYR I 54 18.16 -8.80 -21.45
CA TYR I 54 19.20 -8.04 -20.77
C TYR I 54 18.77 -6.63 -20.41
N GLY I 55 17.61 -6.18 -20.87
CA GLY I 55 17.05 -4.92 -20.46
C GLY I 55 16.17 -4.99 -19.24
N LEU I 56 16.01 -6.18 -18.65
CA LEU I 56 15.19 -6.33 -17.47
C LEU I 56 15.90 -5.79 -16.23
N PRO I 57 15.15 -5.22 -15.29
CA PRO I 57 15.77 -4.69 -14.06
C PRO I 57 16.17 -5.82 -13.13
N GLY I 58 17.46 -5.96 -12.90
CA GLY I 58 17.99 -6.95 -11.99
C GLY I 58 19.27 -7.53 -12.52
N SER I 59 19.80 -8.51 -11.78
CA SER I 59 21.02 -9.19 -12.18
C SER I 59 21.06 -10.56 -11.52
N GLY I 60 21.45 -11.57 -12.30
CA GLY I 60 21.55 -12.91 -11.77
C GLY I 60 20.22 -13.65 -11.77
N LEU I 61 19.63 -13.81 -10.59
CA LEU I 61 18.35 -14.51 -10.46
C LEU I 61 17.16 -13.59 -10.27
N GLY I 62 17.36 -12.35 -9.85
CA GLY I 62 16.28 -11.39 -9.88
C GLY I 62 15.84 -11.09 -11.30
N ARG I 63 16.77 -11.16 -12.25
CA ARG I 63 16.43 -11.02 -13.66
C ARG I 63 15.58 -12.18 -14.14
N ILE I 64 15.88 -13.40 -13.68
CA ILE I 64 15.10 -14.54 -14.17
C ILE I 64 13.77 -14.65 -13.43
N GLU I 65 13.67 -14.13 -12.21
CA GLU I 65 12.38 -14.14 -11.54
C GLU I 65 11.48 -13.03 -12.10
N ASN I 66 12.08 -11.89 -12.44
CA ASN I 66 11.32 -10.85 -13.14
C ASN I 66 10.89 -11.31 -14.52
N ALA I 67 11.73 -12.11 -15.19
CA ALA I 67 11.36 -12.65 -16.50
C ALA I 67 10.22 -13.65 -16.37
N MET I 68 10.24 -14.48 -15.33
CA MET I 68 9.12 -15.37 -15.08
C MET I 68 7.85 -14.60 -14.75
N ASN I 69 7.97 -13.45 -14.09
CA ASN I 69 6.79 -12.64 -13.81
C ASN I 69 6.34 -11.83 -15.02
N GLU I 70 7.17 -11.71 -16.06
CA GLU I 70 6.71 -11.07 -17.29
C GLU I 70 6.01 -12.08 -18.20
N ILE I 71 6.61 -13.27 -18.37
CA ILE I 71 6.07 -14.22 -19.33
C ILE I 71 4.78 -14.85 -18.79
N SER I 72 4.71 -15.09 -17.49
CA SER I 72 3.52 -15.67 -16.88
C SER I 72 2.56 -14.62 -16.37
N ARG I 73 2.48 -13.49 -17.06
CA ARG I 73 1.59 -12.40 -16.68
C ARG I 73 0.13 -12.81 -16.80
N ARG I 74 -0.67 -12.38 -15.82
CA ARG I 74 -2.12 -12.40 -15.95
C ARG I 74 -2.47 -11.47 -17.09
N GLU I 75 -2.89 -12.05 -18.22
CA GLU I 75 -3.00 -11.32 -19.48
C GLU I 75 -4.18 -10.35 -19.51
N ASN I 76 -5.11 -10.44 -18.57
CA ASN I 76 -6.30 -9.60 -18.61
C ASN I 76 -6.53 -8.88 -17.29
N LYS J 1 -47.06 -33.07 -6.69
CA LYS J 1 -46.33 -32.38 -7.74
C LYS J 1 -44.96 -31.90 -7.25
N PHE J 2 -44.93 -31.26 -6.10
CA PHE J 2 -43.69 -30.77 -5.52
C PHE J 2 -42.85 -31.94 -4.98
N ILE J 3 -41.55 -31.88 -5.21
CA ILE J 3 -40.63 -32.93 -4.79
C ILE J 3 -39.79 -32.51 -3.60
N LYS J 4 -38.94 -31.50 -3.76
CA LYS J 4 -38.04 -31.05 -2.71
C LYS J 4 -37.47 -29.69 -3.07
N TYR J 5 -36.92 -29.02 -2.07
CA TYR J 5 -36.02 -27.89 -2.27
C TYR J 5 -34.66 -28.40 -2.68
N LEU J 6 -33.96 -27.64 -3.52
CA LEU J 6 -32.66 -28.12 -3.99
C LEU J 6 -31.55 -27.81 -2.99
N SER J 7 -31.70 -26.75 -2.21
CA SER J 7 -30.73 -26.40 -1.18
C SER J 7 -31.36 -26.49 0.20
N THR J 8 -30.55 -26.83 1.19
CA THR J 8 -31.04 -26.99 2.55
C THR J 8 -31.02 -25.70 3.35
N ALA J 9 -30.65 -24.59 2.73
CA ALA J 9 -30.61 -23.30 3.43
C ALA J 9 -30.93 -22.21 2.43
N HIS J 10 -31.85 -21.32 2.80
CA HIS J 10 -32.27 -20.27 1.89
C HIS J 10 -31.18 -19.21 1.79
N LEU J 11 -30.91 -18.77 0.56
CA LEU J 11 -29.79 -17.84 0.37
C LEU J 11 -30.13 -16.44 0.85
N ASN J 12 -31.16 -15.84 0.28
CA ASN J 12 -31.77 -14.62 0.83
C ASN J 12 -33.23 -14.65 0.40
N TYR J 13 -34.07 -15.31 1.20
CA TYR J 13 -35.48 -15.63 0.89
C TYR J 13 -35.65 -16.35 -0.44
N MET J 14 -34.61 -16.99 -0.99
CA MET J 14 -34.68 -17.55 -2.33
C MET J 14 -34.20 -18.99 -2.29
N ASN J 15 -34.87 -19.85 -3.04
CA ASN J 15 -34.47 -21.25 -3.09
C ASN J 15 -35.02 -21.86 -4.37
N ILE J 16 -34.34 -22.90 -4.85
CA ILE J 16 -34.71 -23.57 -6.10
C ILE J 16 -35.59 -24.76 -5.75
N ALA J 17 -36.81 -24.76 -6.27
CA ALA J 17 -37.77 -25.83 -6.01
C ALA J 17 -37.81 -26.80 -7.19
N VAL J 18 -38.02 -28.07 -6.88
CA VAL J 18 -38.05 -29.14 -7.87
C VAL J 18 -39.45 -29.70 -7.95
N TYR J 19 -40.01 -29.72 -9.17
CA TYR J 19 -41.39 -30.14 -9.41
C TYR J 19 -41.45 -31.30 -10.40
N GLU J 20 -42.61 -31.96 -10.43
CA GLU J 20 -42.85 -33.13 -11.28
C GLU J 20 -44.04 -32.86 -12.17
N ASN J 21 -43.88 -33.08 -13.48
CA ASN J 21 -44.95 -32.87 -14.44
C ASN J 21 -45.37 -34.13 -15.19
N GLY J 22 -44.70 -35.26 -14.94
CA GLY J 22 -44.94 -36.44 -15.74
C GLY J 22 -43.90 -36.56 -16.83
N SER J 23 -42.97 -37.50 -16.65
CA SER J 23 -41.86 -37.82 -17.55
C SER J 23 -40.91 -36.64 -17.76
N LYS J 24 -40.93 -35.66 -16.86
CA LYS J 24 -40.08 -34.48 -16.88
C LYS J 24 -40.18 -33.79 -15.54
N ILE J 25 -39.15 -33.03 -15.19
CA ILE J 25 -39.12 -32.29 -13.94
C ILE J 25 -38.91 -30.81 -14.23
N LYS J 26 -39.45 -29.99 -13.34
CA LYS J 26 -39.53 -28.54 -13.49
C LYS J 26 -38.75 -27.87 -12.35
N ALA J 27 -37.58 -27.32 -12.67
CA ALA J 27 -36.80 -26.60 -11.67
C ALA J 27 -37.14 -25.13 -11.75
N ARG J 28 -37.49 -24.53 -10.61
CA ARG J 28 -37.96 -23.16 -10.63
C ARG J 28 -37.37 -22.37 -9.46
N VAL J 29 -36.76 -21.23 -9.78
CA VAL J 29 -36.21 -20.34 -8.76
C VAL J 29 -37.35 -19.58 -8.10
N GLU J 30 -37.43 -19.64 -6.78
CA GLU J 30 -38.59 -19.13 -6.06
C GLU J 30 -38.19 -18.23 -4.90
N ASN J 31 -38.96 -17.17 -4.71
CA ASN J 31 -39.08 -16.54 -3.41
C ASN J 31 -39.93 -17.43 -2.52
N VAL J 32 -39.68 -17.38 -1.21
CA VAL J 32 -40.23 -18.35 -0.29
C VAL J 32 -41.46 -17.82 0.45
N VAL J 33 -41.41 -16.58 0.91
CA VAL J 33 -42.47 -16.07 1.79
C VAL J 33 -43.77 -15.76 1.04
N ASN J 34 -43.73 -15.63 -0.28
CA ASN J 34 -44.94 -15.49 -1.07
C ASN J 34 -45.15 -16.63 -2.06
N GLY J 35 -44.10 -17.04 -2.76
CA GLY J 35 -44.18 -18.15 -3.68
C GLY J 35 -44.10 -17.80 -5.15
N LYS J 36 -43.56 -16.64 -5.50
CA LYS J 36 -43.47 -16.23 -6.89
C LYS J 36 -42.32 -16.93 -7.59
N SER J 37 -42.10 -16.58 -8.85
CA SER J 37 -41.10 -17.23 -9.68
C SER J 37 -40.24 -16.18 -10.36
N VAL J 38 -39.06 -16.61 -10.81
CA VAL J 38 -38.18 -15.76 -11.59
C VAL J 38 -37.82 -16.46 -12.90
N GLY J 39 -37.25 -17.67 -12.81
CA GLY J 39 -36.89 -18.44 -13.97
C GLY J 39 -37.27 -19.90 -13.79
N ALA J 40 -37.09 -20.66 -14.86
CA ALA J 40 -37.44 -22.08 -14.82
C ALA J 40 -36.64 -22.83 -15.88
N ARG J 41 -36.22 -24.05 -15.54
CA ARG J 41 -35.63 -24.97 -16.48
C ARG J 41 -36.41 -26.27 -16.49
N ASP J 42 -36.48 -26.89 -17.66
CA ASP J 42 -37.22 -28.13 -17.86
C ASP J 42 -36.20 -29.24 -18.11
N PHE J 43 -36.16 -30.22 -17.22
CA PHE J 43 -35.25 -31.35 -17.35
C PHE J 43 -36.05 -32.62 -17.57
N ASP J 44 -35.36 -33.64 -18.08
CA ASP J 44 -36.04 -34.88 -18.45
C ASP J 44 -36.22 -35.82 -17.26
N SER J 45 -35.18 -35.98 -16.45
CA SER J 45 -35.22 -36.87 -15.31
C SER J 45 -34.44 -36.26 -14.16
N THR J 46 -34.55 -36.89 -12.98
CA THR J 46 -33.83 -36.42 -11.80
C THR J 46 -32.34 -36.58 -11.96
N GLU J 47 -31.91 -37.62 -12.69
CA GLU J 47 -30.48 -37.85 -12.94
C GLU J 47 -29.85 -36.74 -13.76
N GLN J 48 -30.61 -36.15 -14.68
CA GLN J 48 -30.11 -35.00 -15.42
C GLN J 48 -29.97 -33.77 -14.51
N LEU J 49 -30.87 -33.62 -13.55
CA LEU J 49 -30.76 -32.53 -12.58
C LEU J 49 -29.55 -32.71 -11.67
N GLU J 50 -29.31 -33.94 -11.22
CA GLU J 50 -28.19 -34.18 -10.32
C GLU J 50 -26.86 -34.07 -11.06
N SER J 51 -26.81 -34.58 -12.28
CA SER J 51 -25.56 -34.52 -13.06
C SER J 51 -25.28 -33.12 -13.55
N TRP J 52 -26.31 -32.34 -13.87
CA TRP J 52 -26.09 -30.96 -14.26
C TRP J 52 -25.72 -30.10 -13.04
N PHE J 53 -26.34 -30.38 -11.91
CA PHE J 53 -26.15 -29.54 -10.72
C PHE J 53 -24.79 -29.80 -10.08
N TYR J 54 -24.38 -31.06 -9.99
CA TYR J 54 -23.10 -31.37 -9.37
C TYR J 54 -21.91 -31.03 -10.26
N GLY J 55 -22.14 -30.69 -11.52
CA GLY J 55 -21.08 -30.23 -12.39
C GLY J 55 -20.87 -28.73 -12.35
N LEU J 56 -21.62 -28.01 -11.54
CA LEU J 56 -21.48 -26.56 -11.44
C LEU J 56 -20.23 -26.20 -10.65
N PRO J 57 -19.57 -25.11 -11.02
CA PRO J 57 -18.36 -24.68 -10.31
C PRO J 57 -18.72 -24.06 -8.96
N GLY J 58 -18.31 -24.72 -7.88
CA GLY J 58 -18.53 -24.23 -6.55
C GLY J 58 -18.82 -25.37 -5.61
N SER J 59 -19.12 -25.01 -4.35
CA SER J 59 -19.45 -25.99 -3.33
C SER J 59 -20.27 -25.31 -2.25
N GLY J 60 -21.33 -25.98 -1.80
CA GLY J 60 -22.16 -25.44 -0.75
C GLY J 60 -23.19 -24.46 -1.25
N LEU J 61 -22.98 -23.16 -1.00
CA LEU J 61 -23.92 -22.13 -1.43
C LEU J 61 -23.46 -21.37 -2.66
N GLY J 62 -22.17 -21.38 -2.99
CA GLY J 62 -21.76 -20.85 -4.27
C GLY J 62 -22.31 -21.66 -5.42
N ARG J 63 -22.50 -22.96 -5.20
CA ARG J 63 -23.15 -23.81 -6.19
C ARG J 63 -24.61 -23.42 -6.37
N ILE J 64 -25.30 -23.09 -5.28
CA ILE J 64 -26.72 -22.77 -5.43
C ILE J 64 -26.91 -21.34 -5.91
N GLU J 65 -25.95 -20.44 -5.67
CA GLU J 65 -26.07 -19.10 -6.25
C GLU J 65 -25.71 -19.11 -7.73
N ASN J 66 -24.73 -19.92 -8.11
CA ASN J 66 -24.44 -20.11 -9.53
C ASN J 66 -25.62 -20.79 -10.23
N ALA J 67 -26.30 -21.71 -9.55
CA ALA J 67 -27.47 -22.35 -10.14
C ALA J 67 -28.62 -21.36 -10.32
N MET J 68 -28.81 -20.46 -9.34
CA MET J 68 -29.80 -19.40 -9.51
C MET J 68 -29.43 -18.45 -10.64
N ASN J 69 -28.13 -18.23 -10.85
CA ASN J 69 -27.73 -17.38 -11.97
C ASN J 69 -27.76 -18.11 -13.31
N GLU J 70 -27.88 -19.45 -13.31
CA GLU J 70 -28.08 -20.16 -14.56
C GLU J 70 -29.56 -20.22 -14.93
N ILE J 71 -30.42 -20.54 -13.96
CA ILE J 71 -31.82 -20.75 -14.26
C ILE J 71 -32.51 -19.42 -14.55
N SER J 72 -32.13 -18.36 -13.83
CA SER J 72 -32.72 -17.04 -14.04
C SER J 72 -31.93 -16.20 -15.02
N ARG J 73 -31.35 -16.85 -16.04
CA ARG J 73 -30.56 -16.16 -17.04
C ARG J 73 -31.44 -15.23 -17.88
N ARG J 74 -30.90 -14.05 -18.19
CA ARG J 74 -31.45 -13.20 -19.23
C ARG J 74 -31.33 -13.97 -20.53
N GLU J 75 -32.46 -14.45 -21.05
CA GLU J 75 -32.49 -15.41 -22.13
C GLU J 75 -32.09 -14.82 -23.48
N ASN J 76 -32.03 -13.50 -23.61
CA ASN J 76 -31.76 -12.89 -24.91
C ASN J 76 -30.62 -11.88 -24.82
N HIS K 6 -68.79 -3.62 -17.29
CA HIS K 6 -69.04 -4.88 -17.96
C HIS K 6 -70.19 -4.80 -18.95
N HIS K 7 -71.23 -4.06 -18.56
CA HIS K 7 -72.41 -3.88 -19.39
C HIS K 7 -72.20 -2.88 -20.52
N ILE K 8 -71.03 -2.24 -20.59
CA ILE K 8 -70.68 -1.37 -21.70
C ILE K 8 -70.64 -2.16 -23.01
N ALA K 9 -70.14 -3.40 -22.95
CA ALA K 9 -70.23 -4.33 -24.07
C ALA K 9 -71.49 -5.18 -24.01
N GLN K 10 -72.56 -4.68 -23.38
CA GLN K 10 -73.88 -5.28 -23.48
C GLN K 10 -74.87 -4.31 -24.11
N GLN K 11 -74.98 -3.09 -23.58
CA GLN K 11 -75.87 -2.08 -24.15
C GLN K 11 -75.27 -1.49 -25.42
N HIS K 12 -73.95 -1.38 -25.49
CA HIS K 12 -73.25 -0.84 -26.65
C HIS K 12 -72.32 -1.90 -27.20
N LYS K 13 -72.86 -3.12 -27.37
CA LYS K 13 -72.05 -4.32 -27.59
C LYS K 13 -71.34 -4.29 -28.94
N ASP K 14 -72.10 -4.26 -30.03
CA ASP K 14 -71.49 -4.32 -31.36
C ASP K 14 -70.83 -3.01 -31.77
N THR K 15 -71.20 -1.91 -31.13
CA THR K 15 -70.63 -0.61 -31.45
C THR K 15 -69.21 -0.52 -30.92
N VAL K 16 -68.23 -0.43 -31.82
CA VAL K 16 -66.84 -0.41 -31.41
C VAL K 16 -66.45 0.96 -30.87
N ALA K 17 -66.78 2.01 -31.60
CA ALA K 17 -66.42 3.37 -31.22
C ALA K 17 -67.40 4.00 -30.24
N ALA K 18 -68.22 3.21 -29.56
CA ALA K 18 -69.03 3.70 -28.46
C ALA K 18 -68.59 3.14 -27.12
N CYS K 19 -67.66 2.18 -27.11
CA CYS K 19 -67.05 1.75 -25.85
C CYS K 19 -66.09 2.78 -25.29
N GLU K 20 -65.63 3.72 -26.13
CA GLU K 20 -64.83 4.86 -25.71
C GLU K 20 -65.64 5.91 -24.94
N ALA K 21 -66.95 5.71 -24.79
CA ALA K 21 -67.69 6.45 -23.78
C ALA K 21 -67.34 5.99 -22.37
N ALA K 22 -66.79 4.78 -22.24
CA ALA K 22 -66.29 4.28 -20.96
C ALA K 22 -64.84 4.67 -20.72
N GLU K 23 -64.24 5.46 -21.60
CA GLU K 23 -62.85 5.88 -21.42
C GLU K 23 -62.72 6.88 -20.29
N ALA K 24 -63.73 7.72 -20.07
CA ALA K 24 -63.66 8.76 -19.06
C ALA K 24 -64.04 8.30 -17.66
N ILE K 25 -64.58 7.09 -17.53
CA ILE K 25 -65.05 6.60 -16.24
C ILE K 25 -64.04 5.59 -15.68
N ALA K 26 -63.39 4.86 -16.59
CA ALA K 26 -62.61 3.70 -16.21
C ALA K 26 -61.30 4.07 -15.51
N ILE K 27 -60.82 3.11 -14.70
CA ILE K 27 -59.43 3.07 -14.29
C ILE K 27 -58.57 2.73 -15.51
N ALA K 28 -57.28 3.08 -15.43
CA ALA K 28 -56.36 3.07 -16.57
C ALA K 28 -56.17 1.67 -17.15
N LYS K 29 -55.53 1.65 -18.31
CA LYS K 29 -55.54 0.54 -19.25
C LYS K 29 -54.21 -0.19 -19.27
N ASP K 30 -54.10 -1.16 -20.17
CA ASP K 30 -52.87 -1.87 -20.47
C ASP K 30 -52.66 -1.83 -21.98
N GLN K 31 -51.46 -2.22 -22.42
CA GLN K 31 -51.12 -2.26 -23.84
C GLN K 31 -50.35 -3.55 -24.12
N VAL K 32 -51.08 -4.60 -24.45
CA VAL K 32 -50.45 -5.87 -24.78
C VAL K 32 -50.06 -5.86 -26.24
N TRP K 33 -48.80 -6.15 -26.54
CA TRP K 33 -48.31 -6.17 -27.90
C TRP K 33 -48.10 -7.61 -28.36
N ASP K 34 -48.24 -7.82 -29.66
CA ASP K 34 -48.47 -9.13 -30.25
C ASP K 34 -48.30 -8.95 -31.76
N GLY K 35 -48.55 -10.02 -32.52
CA GLY K 35 -48.85 -9.85 -33.93
C GLY K 35 -50.14 -9.08 -34.15
N GLU K 36 -51.09 -9.22 -33.22
CA GLU K 36 -52.28 -8.37 -33.17
C GLU K 36 -52.42 -7.86 -31.74
N GLY K 37 -52.07 -6.60 -31.52
CA GLY K 37 -52.07 -6.06 -30.17
C GLY K 37 -53.46 -5.84 -29.63
N TYR K 38 -53.56 -5.78 -28.31
CA TYR K 38 -54.80 -5.71 -27.58
C TYR K 38 -54.84 -4.41 -26.79
N THR K 39 -56.00 -4.06 -26.24
CA THR K 39 -56.07 -2.95 -25.29
C THR K 39 -57.07 -3.30 -24.20
N LYS K 40 -56.62 -3.29 -22.96
CA LYS K 40 -57.37 -3.83 -21.82
C LYS K 40 -57.92 -2.70 -20.97
N TYR K 41 -59.16 -2.28 -21.26
CA TYR K 41 -59.82 -1.27 -20.44
C TYR K 41 -60.26 -1.89 -19.13
N THR K 42 -59.65 -1.47 -18.03
CA THR K 42 -59.95 -2.02 -16.72
C THR K 42 -60.98 -1.16 -16.01
N PHE K 43 -61.91 -1.81 -15.32
CA PHE K 43 -62.97 -1.15 -14.56
C PHE K 43 -62.73 -1.38 -13.08
N ASP K 44 -63.66 -0.95 -12.24
CA ASP K 44 -63.51 -1.09 -10.80
C ASP K 44 -64.41 -2.16 -10.18
N ASP K 45 -65.23 -2.86 -10.97
CA ASP K 45 -66.03 -3.97 -10.48
C ASP K 45 -65.42 -5.32 -10.83
N ASN K 46 -64.09 -5.35 -10.94
CA ASN K 46 -63.31 -6.51 -11.39
C ASN K 46 -63.80 -6.99 -12.76
N SER K 47 -63.66 -6.11 -13.74
CA SER K 47 -64.04 -6.42 -15.11
C SER K 47 -63.11 -5.68 -16.06
N VAL K 48 -62.52 -6.41 -16.99
CA VAL K 48 -61.55 -5.86 -17.94
C VAL K 48 -62.06 -6.12 -19.34
N LEU K 49 -62.54 -5.07 -20.01
CA LEU K 49 -62.95 -5.17 -21.41
C LEU K 49 -61.71 -5.25 -22.30
N ILE K 50 -61.51 -6.39 -22.95
CA ILE K 50 -60.40 -6.59 -23.85
C ILE K 50 -60.85 -6.22 -25.27
N GLN K 51 -60.27 -5.17 -25.82
CA GLN K 51 -60.66 -4.66 -27.13
C GLN K 51 -59.59 -5.01 -28.16
N SER K 52 -60.03 -5.55 -29.30
CA SER K 52 -59.13 -5.88 -30.40
C SER K 52 -59.93 -5.94 -31.69
N GLY K 53 -59.73 -4.98 -32.58
CA GLY K 53 -60.37 -4.98 -33.88
C GLY K 53 -61.89 -4.90 -33.81
N THR K 54 -62.55 -6.02 -34.07
CA THR K 54 -63.99 -6.11 -33.90
C THR K 54 -64.41 -6.98 -32.72
N THR K 55 -63.48 -7.72 -32.11
CA THR K 55 -63.83 -8.60 -31.00
C THR K 55 -63.44 -7.98 -29.67
N GLN K 56 -64.28 -8.22 -28.67
CA GLN K 56 -64.16 -7.64 -27.34
C GLN K 56 -64.56 -8.69 -26.32
N TYR K 57 -63.74 -8.88 -25.29
CA TYR K 57 -64.03 -9.85 -24.24
C TYR K 57 -64.32 -9.06 -22.96
N ALA K 58 -65.61 -8.96 -22.61
CA ALA K 58 -66.01 -8.36 -21.35
C ALA K 58 -65.92 -9.44 -20.26
N MET K 59 -64.98 -9.29 -19.35
CA MET K 59 -64.60 -10.36 -18.45
C MET K 59 -65.33 -10.23 -17.11
N ASP K 60 -65.94 -11.32 -16.67
CA ASP K 60 -66.45 -11.44 -15.30
C ASP K 60 -65.38 -12.22 -14.53
N ALA K 61 -64.60 -11.50 -13.74
CA ALA K 61 -63.47 -12.08 -13.05
C ALA K 61 -63.77 -12.43 -11.60
N ASP K 62 -65.03 -12.30 -11.17
CA ASP K 62 -65.43 -12.91 -9.92
C ASP K 62 -65.48 -14.43 -10.05
N ASP K 63 -65.77 -14.92 -11.25
CA ASP K 63 -65.63 -16.32 -11.60
C ASP K 63 -64.34 -16.50 -12.38
N ALA K 64 -63.71 -17.65 -12.20
CA ALA K 64 -62.49 -18.00 -12.92
C ALA K 64 -62.77 -18.75 -14.21
N ASP K 65 -64.05 -18.85 -14.61
CA ASP K 65 -64.38 -19.57 -15.84
C ASP K 65 -64.26 -18.68 -17.07
N SER K 66 -64.62 -17.40 -16.94
CA SER K 66 -64.47 -16.47 -18.05
C SER K 66 -63.00 -16.11 -18.28
N ILE K 67 -62.19 -16.20 -17.22
CA ILE K 67 -60.76 -15.91 -17.35
C ILE K 67 -60.08 -17.00 -18.18
N LYS K 68 -60.42 -18.26 -17.92
CA LYS K 68 -59.84 -19.36 -18.67
C LYS K 68 -60.47 -19.48 -20.05
N GLY K 69 -61.77 -19.21 -20.17
CA GLY K 69 -62.43 -19.29 -21.45
C GLY K 69 -61.99 -18.22 -22.42
N TYR K 70 -61.84 -16.98 -21.92
CA TYR K 70 -61.26 -15.93 -22.75
C TYR K 70 -59.78 -16.16 -22.97
N ALA K 71 -59.09 -16.70 -21.95
CA ALA K 71 -57.66 -16.88 -22.00
C ALA K 71 -57.23 -17.98 -22.97
N ASP K 72 -58.12 -18.92 -23.28
CA ASP K 72 -57.80 -19.90 -24.30
C ASP K 72 -57.90 -19.31 -25.70
N TRP K 73 -58.68 -18.24 -25.87
CA TRP K 73 -59.05 -17.72 -27.18
C TRP K 73 -58.06 -16.70 -27.72
N LEU K 74 -56.85 -16.64 -27.18
CA LEU K 74 -55.86 -15.65 -27.59
C LEU K 74 -54.63 -16.37 -28.13
N ASP K 75 -53.64 -15.59 -28.57
CA ASP K 75 -52.41 -16.16 -29.07
C ASP K 75 -51.59 -16.71 -27.92
N ASP K 76 -50.94 -17.85 -28.17
CA ASP K 76 -50.10 -18.44 -27.13
C ASP K 76 -48.80 -17.67 -26.96
N GLU K 77 -48.34 -17.00 -28.02
CA GLU K 77 -47.26 -16.03 -27.85
C GLU K 77 -47.73 -14.82 -27.07
N ALA K 78 -48.99 -14.42 -27.26
CA ALA K 78 -49.57 -13.41 -26.37
C ALA K 78 -49.78 -13.96 -24.98
N ARG K 79 -50.02 -15.27 -24.86
CA ARG K 79 -50.11 -15.92 -23.55
C ARG K 79 -48.76 -15.97 -22.85
N SER K 80 -47.66 -15.93 -23.60
CA SER K 80 -46.34 -15.88 -22.99
C SER K 80 -46.08 -14.56 -22.27
N ALA K 81 -46.73 -13.48 -22.71
CA ALA K 81 -46.75 -12.23 -21.98
C ALA K 81 -47.95 -12.13 -21.04
N GLU K 82 -48.61 -13.24 -20.79
CA GLU K 82 -49.86 -13.29 -20.04
C GLU K 82 -49.86 -14.44 -19.04
N ALA K 83 -48.80 -15.26 -19.02
CA ALA K 83 -48.78 -16.46 -18.19
C ALA K 83 -48.78 -16.12 -16.71
N SER K 84 -47.80 -15.33 -16.26
CA SER K 84 -47.81 -14.82 -14.90
C SER K 84 -48.90 -13.78 -14.66
N GLU K 85 -49.48 -13.23 -15.72
CA GLU K 85 -50.64 -12.36 -15.58
C GLU K 85 -51.88 -13.17 -15.24
N ILE K 86 -52.10 -14.30 -15.93
CA ILE K 86 -53.23 -15.17 -15.60
C ILE K 86 -53.01 -15.80 -14.23
N GLU K 87 -51.79 -16.26 -13.95
CA GLU K 87 -51.46 -16.78 -12.62
C GLU K 87 -51.55 -15.72 -11.54
N ARG K 88 -51.40 -14.44 -11.90
CA ARG K 88 -51.77 -13.37 -10.97
C ARG K 88 -53.29 -13.32 -10.80
N LEU K 89 -54.03 -13.61 -11.87
CA LEU K 89 -55.49 -13.52 -11.81
C LEU K 89 -56.16 -14.76 -11.24
N LEU K 90 -55.40 -15.81 -10.90
CA LEU K 90 -56.04 -17.06 -10.48
C LEU K 90 -56.60 -16.97 -9.06
N GLU K 91 -55.72 -16.73 -8.09
CA GLU K 91 -56.06 -16.91 -6.67
C GLU K 91 -56.76 -15.71 -6.04
N SER K 92 -57.38 -14.83 -6.84
CA SER K 92 -58.12 -13.70 -6.30
C SER K 92 -59.56 -14.15 -6.03
N VAL K 93 -59.78 -14.69 -4.84
CA VAL K 93 -61.11 -15.12 -4.43
C VAL K 93 -61.58 -14.20 -3.29
N PHE L 1 31.78 73.74 22.45
CA PHE L 1 32.07 74.80 21.50
C PHE L 1 33.53 75.23 21.60
N THR L 2 34.33 74.48 22.37
CA THR L 2 35.73 74.78 22.56
C THR L 2 36.67 73.61 22.31
N MET L 3 36.20 72.37 22.40
CA MET L 3 37.03 71.19 22.12
C MET L 3 37.14 71.06 20.61
N ASP L 4 38.28 71.48 20.06
CA ASP L 4 38.51 71.49 18.62
C ASP L 4 39.69 70.62 18.22
N HIS L 5 39.97 69.57 19.00
CA HIS L 5 41.04 68.62 18.72
C HIS L 5 40.42 67.25 18.55
N TYR L 6 40.28 66.82 17.30
CA TYR L 6 39.70 65.52 16.97
C TYR L 6 40.78 64.50 16.66
N LEU L 7 40.45 63.23 16.86
CA LEU L 7 41.37 62.11 16.58
C LEU L 7 40.55 61.03 15.90
N ASP L 8 40.64 60.96 14.57
CA ASP L 8 39.85 60.03 13.78
C ASP L 8 40.54 58.67 13.72
N ILE L 9 39.77 57.68 13.26
CA ILE L 9 40.27 56.32 13.12
C ILE L 9 39.68 55.68 11.87
N ARG L 10 40.51 55.52 10.83
CA ARG L 10 40.07 54.92 9.59
C ARG L 10 40.00 53.41 9.73
N LEU L 11 38.99 52.81 9.11
CA LEU L 11 38.72 51.37 9.21
C LEU L 11 39.08 50.72 7.88
N ARG L 12 40.25 50.09 7.82
CA ARG L 12 40.68 49.36 6.63
C ARG L 12 40.10 47.96 6.65
N PRO L 13 39.92 47.35 5.48
CA PRO L 13 39.34 46.01 5.44
C PRO L 13 40.37 44.95 5.78
N ASP L 14 39.94 43.96 6.57
CA ASP L 14 40.81 42.87 6.98
C ASP L 14 40.24 41.55 6.48
N PRO L 15 41.09 40.58 6.17
CA PRO L 15 40.58 39.32 5.61
C PRO L 15 40.06 38.36 6.66
N GLU L 16 40.64 38.38 7.86
CA GLU L 16 40.31 37.46 8.92
C GLU L 16 39.31 38.02 9.91
N PHE L 17 38.53 39.02 9.51
CA PHE L 17 37.52 39.59 10.39
C PHE L 17 36.66 40.57 9.61
N PRO L 18 35.37 40.67 9.93
CA PRO L 18 34.53 41.69 9.29
C PRO L 18 34.60 42.98 10.09
N PRO L 19 33.83 44.00 9.70
CA PRO L 19 33.83 45.24 10.47
C PRO L 19 33.14 45.13 11.82
N ALA L 20 32.29 44.12 12.02
CA ALA L 20 31.60 43.97 13.30
C ALA L 20 32.55 43.49 14.39
N GLN L 21 33.45 42.55 14.06
CA GLN L 21 34.44 42.09 15.02
C GLN L 21 35.46 43.17 15.34
N LEU L 22 35.82 43.99 14.35
CA LEU L 22 36.70 45.12 14.61
C LEU L 22 35.99 46.20 15.42
N MET L 23 34.67 46.30 15.28
CA MET L 23 33.90 47.24 16.09
C MET L 23 33.78 46.76 17.53
N CYS L 24 33.65 45.45 17.75
CA CYS L 24 33.59 44.93 19.11
C CYS L 24 34.96 44.99 19.78
N VAL L 25 36.03 44.66 19.04
CA VAL L 25 37.36 44.71 19.60
C VAL L 25 37.79 46.15 19.85
N LEU L 26 37.36 47.08 18.98
CA LEU L 26 37.61 48.49 19.23
C LEU L 26 36.77 49.02 20.38
N PHE L 27 35.59 48.42 20.60
CA PHE L 27 34.79 48.77 21.77
C PHE L 27 35.48 48.32 23.05
N GLY L 28 36.13 47.16 23.01
CA GLY L 28 36.97 46.74 24.12
C GLY L 28 38.21 47.60 24.27
N LYS L 29 38.74 48.12 23.16
CA LYS L 29 39.86 49.04 23.22
C LYS L 29 39.45 50.44 23.69
N LEU L 30 38.16 50.74 23.68
CA LEU L 30 37.67 52.01 24.18
C LEU L 30 37.23 51.93 25.64
N HIS L 31 36.63 50.81 26.04
CA HIS L 31 36.20 50.66 27.43
C HIS L 31 37.37 50.46 28.38
N GLN L 32 38.53 50.02 27.88
CA GLN L 32 39.72 49.87 28.69
C GLN L 32 40.82 50.87 28.36
N ALA L 33 40.76 51.52 27.19
CA ALA L 33 41.71 52.55 26.84
C ALA L 33 41.27 53.93 27.31
N LEU L 34 39.96 54.15 27.44
CA LEU L 34 39.41 55.37 27.98
C LEU L 34 38.87 55.19 29.40
N VAL L 35 38.15 54.11 29.66
CA VAL L 35 37.65 53.84 31.00
C VAL L 35 38.80 53.44 31.93
N ALA L 36 39.80 52.74 31.40
CA ALA L 36 41.00 52.39 32.16
C ALA L 36 42.17 53.30 31.80
N GLN L 37 41.91 54.45 31.21
CA GLN L 37 42.98 55.37 30.80
C GLN L 37 42.94 56.68 31.56
N GLY L 38 41.81 57.37 31.56
CA GLY L 38 41.72 58.64 32.23
C GLY L 38 41.41 59.77 31.27
N GLY L 39 40.67 60.76 31.76
CA GLY L 39 40.24 61.87 30.93
C GLY L 39 38.74 61.87 30.70
N ASP L 40 38.03 62.73 31.44
CA ASP L 40 36.58 62.78 31.35
C ASP L 40 36.11 63.48 30.07
N ARG L 41 36.83 64.52 29.65
CA ARG L 41 36.45 65.29 28.47
C ARG L 41 37.08 64.71 27.20
N ILE L 42 36.75 63.44 26.95
CA ILE L 42 37.22 62.72 25.77
C ILE L 42 36.08 61.82 25.31
N GLY L 43 35.49 62.13 24.15
CA GLY L 43 34.40 61.36 23.59
C GLY L 43 34.72 60.88 22.19
N VAL L 44 33.81 60.07 21.64
CA VAL L 44 33.95 59.51 20.32
C VAL L 44 32.67 59.76 19.52
N SER L 45 32.78 59.67 18.20
CA SER L 45 31.66 59.93 17.31
C SER L 45 31.66 58.92 16.18
N PHE L 46 30.53 58.22 15.99
CA PHE L 46 30.39 57.24 14.93
C PHE L 46 29.70 57.91 13.75
N PRO L 47 30.38 58.05 12.60
CA PRO L 47 29.77 58.80 11.49
C PRO L 47 29.06 57.93 10.48
N ASP L 48 29.18 56.60 10.63
CA ASP L 48 28.55 55.65 9.71
C ASP L 48 27.35 54.95 10.35
N LEU L 49 26.77 55.53 11.41
CA LEU L 49 25.64 54.93 12.08
C LEU L 49 24.38 55.11 11.25
N ASP L 50 23.52 54.09 11.27
CA ASP L 50 22.27 54.13 10.51
C ASP L 50 21.25 53.28 11.25
N GLU L 51 20.21 53.92 11.77
CA GLU L 51 19.16 53.22 12.50
C GLU L 51 18.24 52.42 11.59
N SER L 52 18.25 52.68 10.28
CA SER L 52 17.49 51.89 9.32
C SER L 52 18.30 50.76 8.71
N ARG L 53 19.58 50.65 9.02
CA ARG L 53 20.43 49.60 8.49
C ARG L 53 21.16 48.80 9.55
N SER L 54 21.09 49.20 10.82
CA SER L 54 21.73 48.49 11.93
C SER L 54 23.24 48.59 11.91
N ARG L 55 23.79 49.62 11.27
CA ARG L 55 25.24 49.78 11.18
C ARG L 55 25.78 50.39 12.47
N LEU L 56 27.11 50.46 12.54
CA LEU L 56 27.80 50.99 13.71
C LEU L 56 28.74 52.14 13.39
N GLY L 57 29.45 52.08 12.27
CA GLY L 57 30.36 53.14 11.88
C GLY L 57 31.36 52.74 10.83
N GLU L 58 31.63 53.64 9.88
CA GLU L 58 32.61 53.41 8.85
C GLU L 58 33.89 54.23 9.02
N ARG L 59 33.91 55.17 9.96
CA ARG L 59 35.10 55.96 10.24
C ARG L 59 34.92 56.63 11.59
N LEU L 60 35.87 56.41 12.50
CA LEU L 60 35.79 56.97 13.83
C LEU L 60 36.15 58.45 13.80
N ARG L 61 35.37 59.26 14.52
CA ARG L 61 35.60 60.69 14.65
C ARG L 61 35.79 60.97 16.15
N ILE L 62 37.03 60.89 16.60
CA ILE L 62 37.34 61.08 18.01
C ILE L 62 37.36 62.57 18.34
N HIS L 63 37.07 62.88 19.61
CA HIS L 63 37.08 64.26 20.10
C HIS L 63 37.73 64.28 21.47
N ALA L 64 38.83 65.00 21.61
CA ALA L 64 39.53 65.12 22.89
C ALA L 64 40.03 66.56 23.02
N SER L 65 40.91 66.77 24.00
CA SER L 65 41.54 68.06 24.22
C SER L 65 42.81 68.16 23.37
N ALA L 66 43.64 69.18 23.64
CA ALA L 66 44.91 69.29 22.94
C ALA L 66 45.88 68.21 23.38
N ASP L 67 46.10 68.09 24.69
CA ASP L 67 46.93 67.01 25.22
C ASP L 67 46.15 65.72 25.44
N ASP L 68 44.80 65.80 25.43
CA ASP L 68 44.00 64.58 25.55
C ASP L 68 44.05 63.74 24.28
N LEU L 69 44.32 64.38 23.14
CA LEU L 69 44.55 63.67 21.89
C LEU L 69 46.00 63.71 21.43
N ARG L 70 46.80 64.66 21.94
CA ARG L 70 48.20 64.77 21.54
C ARG L 70 49.11 63.81 22.28
N ALA L 71 48.62 63.13 23.31
CA ALA L 71 49.41 62.17 24.07
C ALA L 71 48.90 60.74 23.91
N LEU L 72 47.81 60.53 23.18
CA LEU L 72 47.26 59.20 22.95
C LEU L 72 47.55 58.69 21.56
N LEU L 73 48.25 59.46 20.72
CA LEU L 73 48.59 59.02 19.37
C LEU L 73 49.75 58.04 19.37
N ALA L 74 50.71 58.19 20.29
CA ALA L 74 51.86 57.31 20.38
C ALA L 74 51.66 56.18 21.39
N ARG L 75 50.43 55.71 21.55
CA ARG L 75 50.13 54.71 22.56
C ARG L 75 50.60 53.33 22.12
N PRO L 76 51.50 52.67 22.86
CA PRO L 76 51.79 51.26 22.55
C PRO L 76 50.65 50.32 22.88
N TRP L 77 49.75 50.71 23.78
CA TRP L 77 48.49 50.00 23.97
C TRP L 77 47.51 50.27 22.85
N LEU L 78 47.71 51.33 22.07
CA LEU L 78 46.95 51.59 20.86
C LEU L 78 47.55 50.93 19.63
N GLU L 79 48.61 50.14 19.80
CA GLU L 79 49.20 49.37 18.71
C GLU L 79 48.37 48.11 18.47
N GLY L 80 48.76 47.36 17.46
CA GLY L 80 48.00 46.19 17.04
C GLY L 80 46.91 46.51 16.06
N LEU L 81 46.05 47.49 16.40
CA LEU L 81 45.05 47.99 15.47
C LEU L 81 45.65 48.83 14.34
N ARG L 82 46.92 49.23 14.46
CA ARG L 82 47.58 49.90 13.34
C ARG L 82 47.83 48.95 12.19
N ASP L 83 47.93 47.65 12.47
CA ASP L 83 48.04 46.66 11.41
C ASP L 83 46.70 46.33 10.78
N HIS L 84 45.59 46.61 11.46
CA HIS L 84 44.26 46.29 10.96
C HIS L 84 43.52 47.54 10.47
N LEU L 85 43.36 48.55 11.32
CA LEU L 85 42.68 49.77 10.95
C LEU L 85 43.69 50.77 10.40
N GLN L 86 43.26 52.02 10.21
CA GLN L 86 44.10 53.08 9.69
C GLN L 86 44.19 54.23 10.69
N PHE L 87 45.26 54.98 10.60
CA PHE L 87 45.53 56.11 11.48
C PHE L 87 45.33 57.43 10.73
N GLY L 88 45.50 58.53 11.45
CA GLY L 88 45.34 59.84 10.86
C GLY L 88 46.29 60.89 11.40
N GLU L 89 45.77 62.06 11.77
CA GLU L 89 46.58 63.14 12.30
C GLU L 89 45.68 64.20 12.93
N PRO L 90 46.24 65.24 13.52
CA PRO L 90 45.41 66.28 14.14
C PRO L 90 44.85 67.24 13.11
N ALA L 91 43.63 67.70 13.38
CA ALA L 91 42.93 68.60 12.47
C ALA L 91 41.99 69.48 13.30
N VAL L 92 41.72 70.67 12.76
CA VAL L 92 40.94 71.68 13.46
C VAL L 92 39.47 71.33 13.46
N VAL L 93 38.69 71.99 14.32
CA VAL L 93 37.25 71.77 14.40
C VAL L 93 36.55 73.00 13.82
N PRO L 94 35.36 72.86 13.26
CA PRO L 94 34.67 74.01 12.68
C PRO L 94 34.01 74.87 13.74
N HIS L 95 33.67 76.09 13.34
CA HIS L 95 33.02 77.04 14.24
C HIS L 95 31.54 76.69 14.38
N PRO L 96 30.80 76.58 13.28
CA PRO L 96 29.36 76.27 13.34
C PRO L 96 29.06 74.77 13.34
N THR L 97 29.75 74.02 14.20
CA THR L 97 29.50 72.59 14.32
C THR L 97 28.22 72.37 15.11
N PRO L 98 27.23 71.68 14.56
CA PRO L 98 25.97 71.49 15.27
C PRO L 98 26.08 70.41 16.35
N TYR L 99 25.09 70.38 17.22
CA TYR L 99 25.07 69.47 18.36
C TYR L 99 24.38 68.17 17.95
N ARG L 100 25.13 67.07 17.97
CA ARG L 100 24.63 65.74 17.68
C ARG L 100 24.41 64.98 18.99
N GLN L 101 24.07 63.69 18.87
CA GLN L 101 23.78 62.86 20.03
C GLN L 101 24.42 61.50 19.86
N VAL L 102 25.38 61.19 20.72
CA VAL L 102 26.04 59.88 20.73
C VAL L 102 26.41 59.52 22.17
N SER L 103 25.88 58.42 22.66
CA SER L 103 26.15 57.96 24.03
C SER L 103 25.65 56.53 24.16
N ARG L 104 25.82 55.97 25.36
CA ARG L 104 25.40 54.61 25.65
C ARG L 104 24.21 54.64 26.60
N VAL L 105 23.18 53.87 26.27
CA VAL L 105 21.99 53.74 27.10
C VAL L 105 21.42 52.35 26.96
N GLN L 106 21.34 51.61 28.07
CA GLN L 106 20.88 50.23 28.04
C GLN L 106 19.39 50.15 28.30
N ALA L 107 18.71 49.31 27.53
CA ALA L 107 17.28 49.06 27.67
C ALA L 107 17.07 47.68 28.28
N LYS L 108 15.94 47.51 28.95
CA LYS L 108 15.58 46.25 29.62
C LYS L 108 14.41 45.65 28.85
N SER L 109 14.74 44.77 27.90
CA SER L 109 13.76 44.11 27.05
C SER L 109 13.65 42.62 27.35
N ASN L 110 13.70 42.26 28.63
CA ASN L 110 13.63 40.87 29.03
C ASN L 110 13.05 40.75 30.44
N PRO L 111 11.91 40.06 30.59
CA PRO L 111 11.35 39.83 31.93
C PRO L 111 11.86 38.58 32.63
N GLU L 112 12.94 37.97 32.15
CA GLU L 112 13.49 36.76 32.74
C GLU L 112 14.47 37.06 33.87
N ARG L 113 15.28 38.11 33.73
CA ARG L 113 16.17 38.51 34.81
C ARG L 113 15.39 39.15 35.95
N LEU L 114 14.49 40.08 35.62
CA LEU L 114 13.58 40.65 36.62
C LEU L 114 12.55 39.63 37.11
N ARG L 115 12.34 38.54 36.36
CA ARG L 115 11.57 37.42 36.87
C ARG L 115 12.42 36.48 37.70
N ARG L 116 13.75 36.54 37.57
CA ARG L 116 14.62 35.77 38.44
C ARG L 116 14.76 36.44 39.80
N ARG L 117 15.11 37.74 39.80
CA ARG L 117 15.14 38.49 41.04
C ARG L 117 13.73 38.71 41.59
N LEU L 118 12.74 38.81 40.71
CA LEU L 118 11.34 38.93 41.14
C LEU L 118 10.76 37.59 41.57
N MET L 119 11.40 36.48 41.20
CA MET L 119 11.05 35.18 41.74
C MET L 119 11.80 34.86 43.03
N ARG L 120 12.95 35.51 43.26
CA ARG L 120 13.68 35.35 44.50
C ARG L 120 13.30 36.38 45.56
N ARG L 121 12.56 37.42 45.19
CA ARG L 121 12.12 38.46 46.12
C ARG L 121 10.61 38.58 46.24
N HIS L 122 9.88 38.47 45.12
CA HIS L 122 8.43 38.57 45.14
C HIS L 122 7.75 37.22 45.36
N ASP L 123 8.47 36.11 45.20
CA ASP L 123 7.91 34.77 45.31
C ASP L 123 6.86 34.50 44.24
N LEU L 124 7.30 34.60 42.99
CA LEU L 124 6.41 34.37 41.86
C LEU L 124 6.26 32.88 41.59
N SER L 125 5.10 32.50 41.09
CA SER L 125 4.78 31.12 40.75
C SER L 125 5.01 30.89 39.27
N GLU L 126 4.55 29.74 38.77
CA GLU L 126 4.63 29.46 37.34
C GLU L 126 3.61 30.30 36.57
N GLU L 127 2.32 30.11 36.87
CA GLU L 127 1.28 30.86 36.20
C GLU L 127 1.06 32.24 36.82
N GLU L 128 1.42 32.41 38.09
CA GLU L 128 1.25 33.70 38.77
C GLU L 128 2.42 34.64 38.52
N ALA L 129 3.65 34.14 38.58
CA ALA L 129 4.80 34.95 38.18
C ALA L 129 4.94 35.01 36.66
N ARG L 130 4.49 33.97 35.95
CA ARG L 130 4.51 34.00 34.49
C ARG L 130 3.38 34.84 33.92
N LYS L 131 2.28 34.97 34.64
CA LYS L 131 1.16 35.80 34.22
C LYS L 131 1.21 37.21 34.78
N ARG L 132 1.97 37.41 35.86
CA ARG L 132 2.13 38.76 36.41
C ARG L 132 3.04 39.63 35.54
N ILE L 133 3.86 39.02 34.70
CA ILE L 133 4.69 39.73 33.72
C ILE L 133 4.03 39.54 32.34
N PRO L 134 3.53 40.59 31.72
CA PRO L 134 2.91 40.43 30.40
C PRO L 134 3.96 40.28 29.31
N ASP L 135 3.49 39.83 28.15
CA ASP L 135 4.38 39.63 27.02
C ASP L 135 4.79 40.94 26.34
N THR L 136 4.07 42.02 26.59
CA THR L 136 4.36 43.31 25.97
C THR L 136 5.36 44.14 26.76
N VAL L 137 5.81 43.66 27.92
CA VAL L 137 6.76 44.43 28.73
C VAL L 137 8.19 44.37 28.22
N ALA L 138 8.48 43.48 27.28
CA ALA L 138 9.80 43.35 26.70
C ALA L 138 9.78 43.80 25.24
N ARG L 139 10.92 44.33 24.78
CA ARG L 139 11.04 44.80 23.40
C ARG L 139 12.51 44.79 23.02
N ALA L 140 12.77 44.49 21.74
CA ALA L 140 14.12 44.47 21.19
C ALA L 140 14.39 45.81 20.53
N LEU L 141 15.43 46.51 21.00
CA LEU L 141 15.78 47.82 20.48
C LEU L 141 16.62 47.64 19.21
N ASP L 142 16.09 48.08 18.08
CA ASP L 142 16.76 47.91 16.79
C ASP L 142 17.64 49.11 16.45
N LEU L 143 18.50 49.49 17.40
CA LEU L 143 19.48 50.55 17.19
C LEU L 143 20.77 49.92 16.69
N PRO L 144 21.81 50.72 16.43
CA PRO L 144 23.09 50.13 16.01
C PRO L 144 23.80 49.44 17.16
N PHE L 145 23.80 48.11 17.14
CA PHE L 145 24.40 47.30 18.18
C PHE L 145 25.75 46.77 17.74
N VAL L 146 26.51 46.25 18.71
CA VAL L 146 27.83 45.68 18.46
C VAL L 146 27.88 44.34 19.16
N THR L 147 28.21 43.29 18.41
CA THR L 147 28.24 41.93 18.96
C THR L 147 29.47 41.71 19.82
N LEU L 148 29.39 42.12 21.09
CA LEU L 148 30.50 41.95 22.03
C LEU L 148 30.43 40.57 22.67
N ARG L 149 30.82 39.57 21.88
CA ARG L 149 30.78 38.16 22.30
C ARG L 149 31.97 37.90 23.21
N SER L 150 31.81 38.30 24.47
CA SER L 150 32.84 38.15 25.49
C SER L 150 32.63 36.83 26.23
N GLN L 151 33.29 36.68 27.38
CA GLN L 151 33.27 35.43 28.15
C GLN L 151 32.04 35.28 29.04
N SER L 152 30.97 36.04 28.80
CA SER L 152 29.70 35.82 29.49
C SER L 152 28.78 34.90 28.71
N THR L 153 28.83 34.95 27.38
CA THR L 153 28.07 34.06 26.51
C THR L 153 28.93 33.77 25.30
N GLY L 154 29.07 32.49 24.96
CA GLY L 154 30.00 32.09 23.92
C GLY L 154 29.57 32.49 22.52
N GLN L 155 28.27 32.48 22.26
CA GLN L 155 27.76 32.84 20.94
C GLN L 155 27.77 34.36 20.77
N HIS L 156 27.41 34.80 19.57
CA HIS L 156 27.33 36.23 19.29
C HIS L 156 26.14 36.85 20.01
N PHE L 157 26.29 38.13 20.36
CA PHE L 157 25.25 38.85 21.08
C PHE L 157 24.91 40.15 20.35
N ARG L 158 24.14 41.02 21.00
CA ARG L 158 23.78 42.32 20.47
C ARG L 158 24.52 43.41 21.25
N LEU L 159 24.18 44.67 20.96
CA LEU L 159 24.76 45.80 21.64
C LEU L 159 23.67 46.83 21.91
N PHE L 160 23.80 47.56 23.01
CA PHE L 160 22.81 48.53 23.45
C PHE L 160 23.48 49.90 23.55
N ILE L 161 22.80 50.92 23.04
CA ILE L 161 23.28 52.30 23.09
C ILE L 161 22.13 53.24 22.76
N ARG L 162 22.19 54.47 23.25
CA ARG L 162 21.12 55.46 23.05
C ARG L 162 21.74 56.76 22.58
N HIS L 163 21.31 57.24 21.42
CA HIS L 163 21.76 58.50 20.85
C HIS L 163 20.73 59.60 21.13
N GLY L 164 21.18 60.83 21.01
CA GLY L 164 20.34 61.98 21.26
C GLY L 164 19.90 62.66 19.98
N PRO L 165 19.21 63.79 20.11
CA PRO L 165 18.67 64.47 18.94
C PRO L 165 19.73 65.33 18.25
N LEU L 166 19.32 65.98 17.17
CA LEU L 166 20.18 66.87 16.41
C LEU L 166 19.84 68.32 16.73
N GLN L 167 20.86 69.16 16.78
CA GLN L 167 20.67 70.57 17.11
C GLN L 167 21.84 71.36 16.55
N VAL L 168 21.76 72.68 16.70
CA VAL L 168 22.79 73.58 16.20
C VAL L 168 23.58 74.25 17.32
N THR L 169 22.95 74.57 18.45
CA THR L 169 23.63 75.25 19.54
C THR L 169 24.55 74.29 20.28
N ALA L 170 25.50 74.88 21.02
CA ALA L 170 26.52 74.12 21.74
C ALA L 170 26.10 73.93 23.18
N GLU L 171 26.18 72.68 23.66
CA GLU L 171 25.91 72.34 25.05
C GLU L 171 26.97 71.32 25.47
N GLU L 172 28.08 71.81 26.02
CA GLU L 172 29.18 70.96 26.40
C GLU L 172 28.90 70.28 27.74
N GLY L 173 29.62 69.19 27.98
CA GLY L 173 29.44 68.45 29.22
C GLY L 173 30.49 67.38 29.35
N GLY L 174 30.45 66.70 30.50
CA GLY L 174 31.41 65.63 30.77
C GLY L 174 31.05 64.35 30.02
N PHE L 175 32.08 63.61 29.65
CA PHE L 175 31.88 62.38 28.93
C PHE L 175 31.43 61.26 29.87
N THR L 176 30.92 60.19 29.29
CA THR L 176 30.46 59.03 30.04
C THR L 176 31.64 58.09 30.32
N CYS L 177 31.34 56.88 30.78
CA CYS L 177 32.38 55.91 31.08
CA CYS L 177 32.38 55.91 31.08
C CYS L 177 33.03 55.34 29.83
N TYR L 178 32.42 55.51 28.66
CA TYR L 178 32.97 55.02 27.39
C TYR L 178 33.15 56.14 26.38
N GLY L 179 33.17 57.40 26.83
CA GLY L 179 33.36 58.52 25.93
C GLY L 179 32.13 58.83 25.08
N LEU L 180 30.99 59.01 25.74
CA LEU L 180 29.75 59.29 25.04
C LEU L 180 29.01 60.45 25.71
N SER L 181 27.77 60.68 25.28
CA SER L 181 26.95 61.72 25.88
C SER L 181 26.10 61.15 27.00
N LYS L 182 26.07 61.86 28.13
CA LYS L 182 25.21 61.50 29.25
C LYS L 182 24.56 62.73 29.89
N GLY L 183 24.40 63.81 29.13
CA GLY L 183 23.98 65.08 29.66
C GLY L 183 24.74 66.21 28.99
N GLY L 184 25.66 65.85 28.12
CA GLY L 184 26.40 66.82 27.34
C GLY L 184 26.47 66.40 25.88
N PHE L 185 26.24 67.36 25.00
CA PHE L 185 26.19 67.08 23.57
C PHE L 185 27.60 66.96 22.99
N VAL L 186 27.66 66.60 21.71
CA VAL L 186 28.93 66.47 20.99
C VAL L 186 28.71 66.86 19.53
N PRO L 187 29.73 67.35 18.83
CA PRO L 187 29.56 67.71 17.42
C PRO L 187 29.52 66.48 16.54
N TRP L 188 28.79 66.61 15.42
CA TRP L 188 28.61 65.50 14.48
C TRP L 188 28.62 66.08 13.07
N PHE L 189 29.77 66.00 12.41
CA PHE L 189 29.91 66.50 11.04
C PHE L 189 30.94 65.67 10.26
N GLN A 11 -51.36 -2.26 -61.12
CA GLN A 11 -52.82 -2.23 -61.07
C GLN A 11 -53.37 -3.57 -60.61
N GLU A 12 -52.53 -4.35 -59.93
CA GLU A 12 -52.89 -5.65 -59.39
C GLU A 12 -52.96 -5.61 -57.86
N LEU A 13 -53.29 -4.43 -57.30
CA LEU A 13 -53.20 -4.23 -55.86
C LEU A 13 -54.21 -5.04 -55.09
N ARG A 14 -55.33 -5.42 -55.72
CA ARG A 14 -56.26 -6.32 -55.05
C ARG A 14 -55.70 -7.73 -54.95
N GLN A 15 -54.77 -8.11 -55.83
CA GLN A 15 -54.00 -9.33 -55.60
C GLN A 15 -52.92 -9.12 -54.54
N PHE A 16 -52.52 -7.88 -54.29
CA PHE A 16 -51.56 -7.60 -53.24
C PHE A 16 -52.22 -7.50 -51.87
N ILE A 17 -53.56 -7.54 -51.79
CA ILE A 17 -54.27 -7.29 -50.55
C ILE A 17 -55.17 -8.47 -50.18
N GLU A 18 -56.00 -8.92 -51.13
CA GLU A 18 -57.03 -9.92 -50.82
C GLU A 18 -56.45 -11.29 -50.52
N SER A 19 -55.21 -11.56 -50.94
CA SER A 19 -54.53 -12.76 -50.46
C SER A 19 -54.32 -12.70 -48.95
N PHE A 20 -53.90 -11.55 -48.45
CA PHE A 20 -53.73 -11.38 -47.02
C PHE A 20 -55.07 -11.35 -46.30
N ILE A 21 -56.12 -10.85 -46.96
CA ILE A 21 -57.47 -10.89 -46.38
C ILE A 21 -57.93 -12.33 -46.22
N GLN A 22 -57.68 -13.14 -47.25
CA GLN A 22 -58.02 -14.56 -47.16
C GLN A 22 -57.15 -15.28 -46.14
N GLU A 23 -55.93 -14.81 -45.88
CA GLU A 23 -55.12 -15.40 -44.83
C GLU A 23 -55.62 -14.99 -43.44
N ARG A 24 -56.20 -13.79 -43.32
CA ARG A 24 -56.79 -13.36 -42.04
C ARG A 24 -58.04 -14.17 -41.73
N LEU A 25 -58.95 -14.25 -42.70
CA LEU A 25 -60.17 -15.03 -42.52
C LEU A 25 -59.89 -16.53 -42.45
N GLN A 26 -58.77 -16.97 -43.02
CA GLN A 26 -58.35 -18.36 -42.88
C GLN A 26 -57.81 -18.63 -41.48
N GLY A 27 -57.08 -17.67 -40.91
CA GLY A 27 -56.59 -17.83 -39.56
C GLY A 27 -57.68 -17.79 -38.52
N LYS A 28 -58.63 -16.85 -38.67
CA LYS A 28 -59.73 -16.74 -37.72
C LYS A 28 -60.72 -17.88 -37.89
N LEU A 29 -61.19 -18.10 -39.12
CA LEU A 29 -62.20 -19.12 -39.37
C LEU A 29 -61.65 -20.54 -39.39
N ASP A 30 -60.34 -20.70 -39.46
CA ASP A 30 -59.72 -22.02 -39.30
C ASP A 30 -59.26 -22.27 -37.87
N LYS A 31 -58.94 -21.23 -37.12
CA LYS A 31 -58.58 -21.42 -35.71
C LYS A 31 -59.82 -21.55 -34.84
N LEU A 32 -60.73 -20.56 -34.92
CA LEU A 32 -61.91 -20.57 -34.06
C LEU A 32 -62.94 -21.59 -34.55
N GLN A 33 -63.12 -21.67 -35.88
CA GLN A 33 -64.04 -22.55 -36.60
C GLN A 33 -65.48 -22.37 -36.12
N PRO A 34 -66.08 -21.19 -36.33
CA PRO A 34 -67.43 -20.96 -35.82
C PRO A 34 -68.49 -21.68 -36.65
N ASP A 35 -68.75 -22.95 -36.32
CA ASP A 35 -69.74 -23.75 -37.02
C ASP A 35 -71.16 -23.24 -36.80
N GLU A 36 -71.40 -22.49 -35.73
CA GLU A 36 -72.66 -21.77 -35.53
C GLU A 36 -72.55 -20.40 -36.21
N ASP A 37 -72.43 -20.45 -37.54
CA ASP A 37 -72.15 -19.25 -38.35
C ASP A 37 -73.43 -18.50 -38.72
N ASP A 38 -74.25 -18.21 -37.72
CA ASP A 38 -75.35 -17.27 -37.91
C ASP A 38 -74.87 -15.83 -37.80
N LYS A 39 -73.76 -15.61 -37.11
CA LYS A 39 -73.09 -14.31 -37.08
C LYS A 39 -71.86 -14.26 -37.96
N ARG A 40 -71.19 -15.40 -38.18
CA ARG A 40 -70.01 -15.43 -39.04
C ARG A 40 -70.37 -15.30 -40.51
N GLN A 41 -71.61 -15.62 -40.88
CA GLN A 41 -72.05 -15.40 -42.26
C GLN A 41 -72.25 -13.91 -42.56
N THR A 42 -72.43 -13.09 -41.52
CA THR A 42 -72.60 -11.66 -41.69
C THR A 42 -71.39 -10.86 -41.23
N LEU A 43 -70.38 -11.52 -40.67
CA LEU A 43 -69.18 -10.83 -40.21
C LEU A 43 -67.94 -11.22 -41.01
N LEU A 44 -67.60 -12.51 -41.04
CA LEU A 44 -66.36 -12.97 -41.65
C LEU A 44 -66.58 -13.55 -43.05
N ALA A 45 -67.57 -13.04 -43.77
CA ALA A 45 -67.85 -13.47 -45.12
C ALA A 45 -67.03 -12.63 -46.11
N THR A 46 -67.37 -12.68 -47.40
CA THR A 46 -66.67 -11.92 -48.42
C THR A 46 -66.89 -10.42 -48.33
N HIS A 47 -67.89 -9.96 -47.56
CA HIS A 47 -68.11 -8.53 -47.35
C HIS A 47 -66.99 -7.88 -46.56
N ARG A 48 -66.15 -8.66 -45.88
CA ARG A 48 -64.92 -8.19 -45.27
C ARG A 48 -63.76 -8.09 -46.27
N ARG A 49 -64.04 -8.10 -47.56
CA ARG A 49 -63.03 -7.87 -48.59
C ARG A 49 -63.08 -6.46 -49.16
N GLU A 50 -64.28 -5.94 -49.42
CA GLU A 50 -64.47 -4.58 -49.88
C GLU A 50 -64.82 -3.64 -48.74
N ALA A 51 -65.87 -3.97 -47.97
CA ALA A 51 -66.35 -3.12 -46.89
C ALA A 51 -65.67 -3.49 -45.57
N TRP A 52 -64.35 -3.44 -45.60
CA TRP A 52 -63.53 -3.66 -44.42
C TRP A 52 -62.65 -2.49 -44.05
N LEU A 53 -62.15 -1.77 -45.05
CA LEU A 53 -61.20 -0.69 -44.81
C LEU A 53 -61.86 0.60 -44.35
N ALA A 54 -63.19 0.69 -44.35
CA ALA A 54 -63.84 1.96 -44.03
C ALA A 54 -63.85 2.21 -42.52
N ASP A 55 -64.37 1.27 -41.74
CA ASP A 55 -64.45 1.48 -40.31
C ASP A 55 -63.10 1.28 -39.62
N ALA A 56 -62.25 0.42 -40.16
CA ALA A 56 -60.87 0.35 -39.70
C ALA A 56 -60.11 1.62 -40.07
N ALA A 57 -60.44 2.20 -41.23
CA ALA A 57 -59.91 3.52 -41.59
C ALA A 57 -60.41 4.58 -40.63
N ARG A 58 -61.60 4.40 -40.06
CA ARG A 58 -61.99 5.24 -38.92
C ARG A 58 -61.17 4.89 -37.68
N ARG A 59 -60.73 3.65 -37.56
CA ARG A 59 -59.94 3.21 -36.40
C ARG A 59 -58.43 3.40 -36.60
N VAL A 60 -58.00 4.14 -37.61
CA VAL A 60 -56.57 4.44 -37.73
C VAL A 60 -56.17 5.47 -36.68
N GLY A 61 -57.04 6.43 -36.39
CA GLY A 61 -56.72 7.56 -35.53
C GLY A 61 -56.49 7.25 -34.06
N GLN A 62 -56.56 5.99 -33.65
CA GLN A 62 -56.18 5.60 -32.30
C GLN A 62 -54.69 5.38 -32.15
N LEU A 63 -53.94 5.37 -33.25
CA LEU A 63 -52.50 5.17 -33.22
C LEU A 63 -51.79 6.49 -33.46
N GLN A 64 -50.46 6.41 -33.46
CA GLN A 64 -49.60 7.54 -33.80
C GLN A 64 -48.24 6.96 -34.13
N LEU A 65 -47.73 7.26 -35.32
CA LEU A 65 -46.46 6.70 -35.79
C LEU A 65 -45.40 7.78 -35.68
N VAL A 66 -44.43 7.59 -34.78
CA VAL A 66 -43.50 8.64 -34.38
C VAL A 66 -42.07 8.16 -34.51
N THR A 67 -41.15 9.12 -34.39
CA THR A 67 -39.73 8.86 -34.17
C THR A 67 -39.18 9.52 -32.93
N HIS A 68 -39.92 10.42 -32.29
CA HIS A 68 -39.47 11.11 -31.08
C HIS A 68 -40.68 11.30 -30.18
N THR A 69 -40.69 10.61 -29.05
CA THR A 69 -41.83 10.66 -28.15
C THR A 69 -41.53 11.44 -26.89
N LEU A 70 -42.61 11.89 -26.24
CA LEU A 70 -42.55 12.75 -25.09
C LEU A 70 -42.54 11.98 -23.78
N LYS A 71 -43.26 10.87 -23.72
CA LYS A 71 -43.62 10.16 -22.49
C LYS A 71 -42.49 9.58 -21.64
N PRO A 72 -41.30 9.19 -22.15
CA PRO A 72 -40.22 8.82 -21.23
C PRO A 72 -39.64 9.95 -20.39
N ILE A 73 -39.99 11.20 -20.65
CA ILE A 73 -39.56 12.26 -19.77
C ILE A 73 -40.33 12.20 -18.46
N HIS A 74 -41.66 12.06 -18.57
CA HIS A 74 -42.49 11.83 -17.41
C HIS A 74 -43.72 11.11 -17.92
N PRO A 75 -44.20 10.08 -17.21
CA PRO A 75 -45.32 9.29 -17.72
C PRO A 75 -46.65 10.03 -17.73
N ASP A 76 -46.81 11.06 -16.90
CA ASP A 76 -48.04 11.83 -16.89
C ASP A 76 -48.07 12.94 -17.93
N ALA A 77 -47.04 13.02 -18.79
CA ALA A 77 -47.02 14.04 -19.83
C ALA A 77 -48.05 13.74 -20.89
N ARG A 78 -48.59 14.81 -21.47
CA ARG A 78 -49.69 14.68 -22.42
C ARG A 78 -49.52 15.82 -23.42
N GLY A 79 -48.86 15.52 -24.54
CA GLY A 79 -48.50 16.58 -25.45
C GLY A 79 -48.20 16.15 -26.87
N SER A 80 -47.20 16.77 -27.47
CA SER A 80 -46.92 16.62 -28.89
C SER A 80 -45.80 15.61 -29.11
N ASN A 81 -46.10 14.56 -29.85
CA ASN A 81 -45.10 13.64 -30.37
C ASN A 81 -44.89 13.93 -31.85
N LEU A 82 -43.72 13.57 -32.36
CA LEU A 82 -43.36 13.96 -33.71
C LEU A 82 -42.83 12.78 -34.52
N HIS A 83 -43.03 12.86 -35.83
CA HIS A 83 -42.45 11.95 -36.80
C HIS A 83 -41.66 12.82 -37.78
N SER A 84 -40.40 13.09 -37.46
CA SER A 84 -39.65 14.08 -38.21
C SER A 84 -38.23 13.60 -38.47
N LEU A 85 -37.75 13.91 -39.66
CA LEU A 85 -36.35 13.73 -40.02
C LEU A 85 -35.67 15.09 -40.02
N PRO A 86 -34.70 15.34 -39.15
CA PRO A 86 -34.05 16.64 -39.13
C PRO A 86 -33.13 16.83 -40.32
N GLN A 87 -33.02 18.09 -40.75
CA GLN A 87 -32.10 18.44 -41.82
C GLN A 87 -30.67 18.29 -41.33
N ALA A 88 -29.82 17.68 -42.15
CA ALA A 88 -28.48 17.33 -41.72
C ALA A 88 -27.60 18.56 -41.60
N PRO A 89 -26.72 18.61 -40.61
CA PRO A 89 -25.80 19.75 -40.49
C PRO A 89 -24.68 19.69 -41.52
N GLY A 90 -23.84 20.71 -41.49
CA GLY A 90 -22.67 20.76 -42.33
C GLY A 90 -21.41 20.73 -41.51
N GLN A 91 -21.56 20.58 -40.20
CA GLN A 91 -20.43 20.59 -39.30
C GLN A 91 -19.63 19.28 -39.43
N PRO A 92 -18.31 19.33 -39.35
CA PRO A 92 -17.54 18.11 -39.12
C PRO A 92 -17.87 17.49 -37.77
N GLY A 93 -18.40 16.28 -37.79
CA GLY A 93 -18.49 15.46 -36.60
C GLY A 93 -19.61 15.76 -35.61
N LEU A 94 -20.86 15.58 -36.02
CA LEU A 94 -22.00 15.66 -35.12
C LEU A 94 -22.99 14.56 -35.49
N ALA A 95 -23.41 13.77 -34.50
CA ALA A 95 -24.31 12.65 -34.72
C ALA A 95 -25.69 12.94 -34.18
N GLY A 96 -26.70 12.34 -34.80
CA GLY A 96 -28.08 12.52 -34.39
C GLY A 96 -29.06 11.70 -35.19
N SER A 97 -30.32 12.15 -35.26
CA SER A 97 -31.32 11.45 -36.03
C SER A 97 -31.25 11.75 -37.52
N HIS A 98 -30.53 12.80 -37.92
CA HIS A 98 -30.34 13.09 -39.33
C HIS A 98 -29.51 12.01 -40.02
N GLU A 99 -28.60 11.39 -39.27
CA GLU A 99 -27.69 10.40 -39.80
C GLU A 99 -28.38 9.08 -40.05
N LEU A 100 -29.47 8.82 -39.32
CA LEU A 100 -30.19 7.56 -39.33
C LEU A 100 -30.74 7.24 -40.70
N GLY A 101 -31.70 8.05 -41.17
CA GLY A 101 -32.18 7.94 -42.53
C GLY A 101 -32.87 6.64 -42.87
N ASP A 102 -32.19 5.79 -43.63
CA ASP A 102 -32.67 4.46 -43.90
C ASP A 102 -32.61 3.60 -42.64
N ARG A 103 -33.26 2.42 -42.73
CA ARG A 103 -33.48 1.51 -41.60
C ARG A 103 -34.17 2.22 -40.45
N LEU A 104 -35.15 3.05 -40.80
CA LEU A 104 -35.87 3.87 -39.83
C LEU A 104 -36.82 2.97 -39.05
N VAL A 105 -36.38 2.55 -37.87
CA VAL A 105 -37.24 1.79 -36.97
C VAL A 105 -38.21 2.77 -36.34
N SER A 106 -39.42 2.83 -36.88
CA SER A 106 -40.41 3.80 -36.42
C SER A 106 -41.21 3.22 -35.27
N ASP A 107 -41.63 4.10 -34.37
CA ASP A 107 -42.31 3.71 -33.14
C ASP A 107 -43.80 3.88 -33.31
N VAL A 108 -44.55 2.90 -32.81
CA VAL A 108 -46.01 2.95 -32.82
C VAL A 108 -46.47 3.19 -31.39
N VAL A 109 -47.14 4.32 -31.16
CA VAL A 109 -47.66 4.62 -29.84
C VAL A 109 -49.18 4.77 -29.94
N GLY A 110 -49.84 4.57 -28.82
CA GLY A 110 -51.27 4.60 -28.73
C GLY A 110 -51.82 3.26 -28.28
N ASN A 111 -53.13 3.10 -28.46
CA ASN A 111 -53.76 1.83 -28.14
C ASN A 111 -53.34 0.77 -29.16
N ALA A 112 -52.84 -0.35 -28.68
CA ALA A 112 -52.27 -1.38 -29.55
C ALA A 112 -53.32 -2.15 -30.34
N ALA A 113 -54.61 -1.95 -30.04
CA ALA A 113 -55.69 -2.73 -30.63
C ALA A 113 -55.82 -2.57 -32.13
N ALA A 114 -55.32 -1.47 -32.69
CA ALA A 114 -55.32 -1.27 -34.13
C ALA A 114 -53.98 -1.61 -34.77
N LEU A 115 -53.22 -2.52 -34.15
CA LEU A 115 -51.93 -2.95 -34.70
C LEU A 115 -52.06 -3.56 -36.08
N ASP A 116 -53.18 -4.27 -36.33
CA ASP A 116 -53.46 -4.84 -37.64
C ASP A 116 -53.56 -3.79 -38.74
N VAL A 117 -53.90 -2.54 -38.37
CA VAL A 117 -53.87 -1.47 -39.36
C VAL A 117 -52.43 -1.17 -39.77
N PHE A 118 -51.53 -1.07 -38.80
CA PHE A 118 -50.16 -0.70 -39.12
C PHE A 118 -49.43 -1.81 -39.88
N LYS A 119 -49.69 -3.07 -39.51
CA LYS A 119 -49.27 -4.21 -40.31
C LYS A 119 -49.80 -4.09 -41.73
N PHE A 120 -51.05 -3.64 -41.88
CA PHE A 120 -51.65 -3.45 -43.18
C PHE A 120 -50.92 -2.37 -43.97
N LEU A 121 -50.35 -1.39 -43.28
CA LEU A 121 -49.58 -0.39 -44.00
C LEU A 121 -48.10 -0.72 -44.06
N SER A 122 -47.71 -1.90 -43.57
CA SER A 122 -46.34 -2.35 -43.70
C SER A 122 -46.20 -3.64 -44.51
N LEU A 123 -47.30 -4.13 -45.09
CA LEU A 123 -47.25 -5.26 -46.02
C LEU A 123 -46.53 -4.90 -47.31
N GLN A 124 -46.45 -3.62 -47.64
CA GLN A 124 -45.93 -3.12 -48.91
C GLN A 124 -44.47 -2.68 -48.76
N TYR A 125 -43.70 -3.41 -47.96
CA TYR A 125 -42.36 -2.98 -47.54
C TYR A 125 -41.34 -2.96 -48.68
N GLN A 126 -41.65 -3.56 -49.84
CA GLN A 126 -40.74 -3.44 -50.97
C GLN A 126 -40.80 -2.05 -51.58
N GLY A 127 -42.00 -1.50 -51.73
CA GLY A 127 -42.17 -0.19 -52.33
C GLY A 127 -43.00 0.75 -51.50
N LYS A 128 -42.78 0.73 -50.17
CA LYS A 128 -43.59 1.52 -49.24
C LYS A 128 -43.41 3.03 -49.42
N ASN A 129 -42.29 3.47 -50.01
CA ASN A 129 -42.20 4.88 -50.40
C ASN A 129 -43.10 5.15 -51.60
N LEU A 130 -43.10 4.25 -52.58
CA LEU A 130 -43.90 4.43 -53.79
C LEU A 130 -45.36 4.06 -53.57
N LEU A 131 -45.64 3.04 -52.76
CA LEU A 131 -47.01 2.62 -52.53
C LEU A 131 -47.64 3.29 -51.32
N ASN A 132 -46.84 3.82 -50.38
CA ASN A 132 -47.37 4.63 -49.30
C ASN A 132 -47.44 6.10 -49.68
N TRP A 133 -46.46 6.57 -50.47
CA TRP A 133 -46.60 7.87 -51.10
C TRP A 133 -47.65 7.83 -52.21
N LEU A 134 -47.90 6.64 -52.77
CA LEU A 134 -49.04 6.46 -53.66
C LEU A 134 -50.33 6.27 -52.87
N THR A 135 -50.23 5.79 -51.62
CA THR A 135 -51.40 5.77 -50.75
C THR A 135 -51.78 7.17 -50.31
N GLU A 136 -50.80 8.08 -50.24
CA GLU A 136 -51.11 9.49 -50.07
C GLU A 136 -51.70 10.10 -51.33
N ASP A 137 -51.31 9.58 -52.50
CA ASP A 137 -51.86 10.01 -53.78
C ASP A 137 -53.07 9.16 -54.12
N SER A 138 -53.52 9.22 -55.38
CA SER A 138 -54.65 8.45 -55.84
C SER A 138 -54.25 7.25 -56.71
N ALA A 139 -52.94 7.03 -56.90
CA ALA A 139 -52.50 5.92 -57.74
C ALA A 139 -52.73 4.58 -57.09
N GLU A 140 -52.67 4.51 -55.76
CA GLU A 140 -53.05 3.31 -55.05
C GLU A 140 -54.57 3.15 -55.02
N ALA A 141 -55.30 4.27 -55.03
CA ALA A 141 -56.75 4.23 -55.13
C ALA A 141 -57.24 4.06 -56.56
N LEU A 142 -56.34 4.06 -57.54
CA LEU A 142 -56.76 3.79 -58.91
C LEU A 142 -57.05 2.31 -59.12
N GLN A 143 -56.26 1.44 -58.50
CA GLN A 143 -56.45 0.00 -58.60
C GLN A 143 -57.32 -0.56 -57.49
N ALA A 144 -57.92 0.29 -56.66
CA ALA A 144 -58.66 -0.19 -55.50
C ALA A 144 -60.00 0.50 -55.27
N LEU A 145 -60.33 1.59 -55.99
CA LEU A 145 -61.64 2.21 -55.89
C LEU A 145 -62.58 1.76 -57.01
N SER A 146 -62.36 0.56 -57.56
CA SER A 146 -63.22 0.05 -58.61
C SER A 146 -64.59 -0.35 -58.08
N ASP A 147 -64.72 -0.59 -56.78
CA ASP A 147 -66.01 -0.94 -56.18
C ASP A 147 -66.78 0.28 -55.71
N ASN A 148 -66.11 1.24 -55.06
CA ASN A 148 -66.74 2.45 -54.57
C ASN A 148 -65.75 3.59 -54.61
N ALA A 149 -66.28 4.81 -54.73
CA ALA A 149 -65.47 6.02 -54.88
C ALA A 149 -65.33 6.83 -53.59
N GLU A 150 -66.40 6.93 -52.79
CA GLU A 150 -66.32 7.60 -51.48
C GLU A 150 -65.47 6.80 -50.51
N GLN A 151 -65.38 5.49 -50.73
CA GLN A 151 -64.55 4.62 -49.92
C GLN A 151 -63.08 5.03 -49.98
N ALA A 152 -62.55 5.26 -51.20
CA ALA A 152 -61.16 5.69 -51.32
C ALA A 152 -60.98 7.14 -50.89
N ARG A 153 -62.03 7.96 -51.00
CA ARG A 153 -61.99 9.33 -50.49
C ARG A 153 -61.84 9.34 -48.97
N GLU A 154 -62.42 8.35 -48.28
CA GLU A 154 -62.10 8.18 -46.87
C GLU A 154 -60.73 7.54 -46.66
N TRP A 155 -60.30 6.69 -47.61
CA TRP A 155 -59.06 5.93 -47.45
C TRP A 155 -57.82 6.83 -47.38
N ARG A 156 -57.61 7.66 -48.41
CA ARG A 156 -56.34 8.38 -48.49
C ARG A 156 -56.18 9.41 -47.39
N GLN A 157 -57.29 10.04 -46.98
CA GLN A 157 -57.24 10.99 -45.88
C GLN A 157 -57.06 10.28 -44.54
N ALA A 158 -57.73 9.13 -44.37
CA ALA A 158 -57.59 8.40 -43.12
C ALA A 158 -56.27 7.65 -43.02
N PHE A 159 -55.53 7.51 -44.11
CA PHE A 159 -54.30 6.73 -44.12
C PHE A 159 -53.05 7.60 -44.23
N ILE A 160 -53.17 8.86 -44.67
CA ILE A 160 -52.09 9.80 -44.39
C ILE A 160 -52.03 10.11 -42.89
N GLY A 161 -53.20 10.20 -42.25
CA GLY A 161 -53.32 10.72 -40.91
C GLY A 161 -52.89 9.84 -39.75
N ILE A 162 -51.97 8.91 -40.00
CA ILE A 162 -51.38 8.14 -38.91
C ILE A 162 -50.03 8.74 -38.47
N THR A 163 -49.39 9.52 -39.33
CA THR A 163 -48.11 10.15 -39.03
C THR A 163 -48.25 11.66 -38.87
N THR A 164 -49.30 12.11 -38.21
CA THR A 164 -49.50 13.53 -38.02
C THR A 164 -50.11 13.80 -36.65
N VAL A 165 -49.80 15.00 -36.12
CA VAL A 165 -50.47 15.50 -34.93
C VAL A 165 -51.91 15.81 -35.28
N LYS A 166 -52.81 15.65 -34.30
CA LYS A 166 -54.24 15.82 -34.50
C LYS A 166 -54.68 17.22 -34.92
N GLY A 167 -53.81 18.23 -34.82
CA GLY A 167 -54.16 19.53 -35.35
C GLY A 167 -53.69 20.74 -34.59
N ALA A 168 -53.03 20.57 -33.45
CA ALA A 168 -52.55 21.72 -32.69
C ALA A 168 -51.28 21.36 -31.93
N PRO A 169 -50.22 22.17 -32.05
CA PRO A 169 -49.02 21.93 -31.24
C PRO A 169 -49.30 22.16 -29.76
N ALA A 170 -48.75 21.28 -28.93
CA ALA A 170 -49.03 21.34 -27.49
C ALA A 170 -47.87 20.72 -26.73
N SER A 171 -47.09 21.56 -26.05
CA SER A 171 -46.10 21.09 -25.09
C SER A 171 -46.76 20.92 -23.74
N HIS A 172 -46.01 20.32 -22.80
CA HIS A 172 -46.59 20.13 -21.47
C HIS A 172 -45.47 20.18 -20.43
N SER A 173 -45.19 21.39 -19.93
CA SER A 173 -44.52 21.63 -18.65
C SER A 173 -43.12 21.01 -18.55
N LEU A 174 -42.30 21.14 -19.63
CA LEU A 174 -40.98 20.50 -19.66
C LEU A 174 -39.86 21.35 -20.27
N ALA A 175 -39.99 22.68 -20.31
CA ALA A 175 -38.99 23.59 -20.87
C ALA A 175 -39.24 24.99 -20.33
N LYS A 176 -38.21 25.63 -19.77
CA LYS A 176 -38.48 26.78 -18.90
C LYS A 176 -38.64 28.14 -19.57
N GLN A 177 -37.51 28.78 -19.92
CA GLN A 177 -37.50 30.19 -20.33
C GLN A 177 -36.48 30.58 -21.40
N LEU A 178 -35.34 29.88 -21.54
CA LEU A 178 -34.35 30.34 -22.51
C LEU A 178 -33.61 29.25 -23.26
N TYR A 179 -33.11 29.66 -24.41
CA TYR A 179 -31.79 29.39 -24.95
C TYR A 179 -31.32 30.72 -25.50
N PHE A 180 -30.02 31.03 -25.36
CA PHE A 180 -29.55 32.37 -25.67
C PHE A 180 -28.91 32.43 -27.04
N PRO A 181 -29.52 33.09 -28.02
CA PRO A 181 -28.90 33.25 -29.34
C PRO A 181 -27.96 34.43 -29.38
N LEU A 182 -27.57 34.83 -30.60
CA LEU A 182 -26.86 36.07 -30.86
C LEU A 182 -27.55 37.23 -30.14
N PRO A 183 -26.79 38.13 -29.50
CA PRO A 183 -27.28 38.85 -28.31
C PRO A 183 -28.42 39.84 -28.55
N GLY A 184 -28.89 40.03 -29.78
CA GLY A 184 -29.94 40.99 -29.99
C GLY A 184 -31.30 40.36 -30.21
N SER A 185 -31.31 39.15 -30.77
CA SER A 185 -32.57 38.56 -31.20
C SER A 185 -33.36 37.95 -30.04
N GLY A 186 -32.69 37.57 -28.96
CA GLY A 186 -33.38 37.13 -27.77
C GLY A 186 -33.90 35.71 -27.85
N TYR A 187 -34.37 35.24 -26.71
CA TYR A 187 -34.46 33.82 -26.36
C TYR A 187 -35.35 33.02 -27.29
N HIS A 188 -34.86 31.87 -27.73
CA HIS A 188 -35.68 30.85 -28.36
C HIS A 188 -35.90 29.74 -27.36
N LEU A 189 -37.13 29.54 -26.95
CA LEU A 189 -37.46 28.46 -26.05
C LEU A 189 -37.33 27.13 -26.79
N LEU A 190 -36.99 26.07 -26.07
CA LEU A 190 -36.68 24.79 -26.70
C LEU A 190 -37.25 23.66 -25.86
N ALA A 191 -38.15 22.88 -26.44
CA ALA A 191 -38.72 21.72 -25.76
C ALA A 191 -38.14 20.45 -26.39
N PRO A 192 -37.18 19.79 -25.76
CA PRO A 192 -36.60 18.59 -26.36
C PRO A 192 -37.46 17.36 -26.12
N LEU A 193 -37.26 16.37 -27.00
CA LEU A 193 -37.98 15.11 -26.95
C LEU A 193 -36.98 13.97 -26.80
N PHE A 194 -37.47 12.74 -26.89
CA PHE A 194 -36.64 11.56 -26.64
C PHE A 194 -36.44 10.79 -27.94
N PRO A 195 -35.21 10.60 -28.37
CA PRO A 195 -34.96 9.92 -29.66
C PRO A 195 -35.15 8.42 -29.63
N THR A 196 -36.39 7.95 -29.85
CA THR A 196 -36.71 6.53 -29.75
C THR A 196 -36.00 5.70 -30.80
N SER A 197 -36.02 6.16 -32.06
CA SER A 197 -35.42 5.39 -33.14
C SER A 197 -33.90 5.34 -33.02
N LEU A 198 -33.30 6.42 -32.52
CA LEU A 198 -31.86 6.46 -32.32
C LEU A 198 -31.44 5.49 -31.22
N VAL A 199 -32.12 5.52 -30.07
CA VAL A 199 -31.71 4.65 -28.98
C VAL A 199 -32.11 3.21 -29.24
N HIS A 200 -33.06 2.97 -30.14
CA HIS A 200 -33.33 1.59 -30.51
C HIS A 200 -32.30 1.06 -31.51
N HIS A 201 -31.81 1.93 -32.39
CA HIS A 201 -30.73 1.54 -33.30
C HIS A 201 -29.45 1.24 -32.52
N VAL A 202 -29.08 2.16 -31.62
CA VAL A 202 -27.86 1.98 -30.83
C VAL A 202 -28.04 0.83 -29.84
N HIS A 203 -29.26 0.61 -29.35
CA HIS A 203 -29.53 -0.55 -28.50
C HIS A 203 -29.37 -1.85 -29.26
N ALA A 204 -29.72 -1.86 -30.56
CA ALA A 204 -29.46 -3.05 -31.37
C ALA A 204 -27.98 -3.24 -31.61
N LEU A 205 -27.22 -2.14 -31.76
CA LEU A 205 -25.78 -2.26 -31.94
C LEU A 205 -25.08 -2.74 -30.66
N LEU A 206 -25.60 -2.37 -29.50
CA LEU A 206 -25.01 -2.85 -28.27
C LEU A 206 -25.38 -4.30 -28.01
N ARG A 207 -26.60 -4.69 -28.36
CA ARG A 207 -27.00 -6.09 -28.23
C ARG A 207 -26.19 -6.98 -29.17
N GLU A 208 -25.90 -6.50 -30.38
CA GLU A 208 -25.03 -7.25 -31.27
C GLU A 208 -23.59 -7.26 -30.78
N ALA A 209 -23.15 -6.17 -30.16
CA ALA A 209 -21.74 -6.07 -29.78
C ALA A 209 -21.41 -6.90 -28.55
N ARG A 210 -22.29 -6.93 -27.56
CA ARG A 210 -21.96 -7.60 -26.30
C ARG A 210 -22.05 -9.11 -26.43
N PHE A 211 -23.06 -9.61 -27.13
CA PHE A 211 -23.14 -11.04 -27.38
C PHE A 211 -23.78 -11.26 -28.74
N GLY A 212 -23.85 -12.54 -29.14
CA GLY A 212 -24.34 -12.87 -30.46
C GLY A 212 -23.54 -13.99 -31.10
N ASP A 213 -23.04 -13.77 -32.31
CA ASP A 213 -22.29 -14.79 -33.04
C ASP A 213 -20.80 -14.58 -32.92
N ALA A 214 -20.30 -13.42 -33.34
CA ALA A 214 -18.88 -13.17 -33.34
C ALA A 214 -18.31 -12.95 -31.94
N ALA A 215 -19.15 -12.58 -30.98
CA ALA A 215 -18.66 -12.42 -29.61
C ALA A 215 -18.43 -13.77 -28.94
N LYS A 216 -19.35 -14.72 -29.16
CA LYS A 216 -19.17 -16.07 -28.60
C LYS A 216 -17.99 -16.77 -29.24
N ALA A 217 -17.83 -16.63 -30.55
CA ALA A 217 -16.72 -17.28 -31.24
C ALA A 217 -15.40 -16.60 -30.91
N ALA A 218 -15.39 -15.27 -30.89
CA ALA A 218 -14.13 -14.56 -30.71
C ALA A 218 -13.66 -14.62 -29.26
N ARG A 219 -14.57 -14.59 -28.29
CA ARG A 219 -14.16 -14.71 -26.89
C ARG A 219 -13.92 -16.16 -26.51
N GLU A 220 -14.78 -17.07 -26.99
CA GLU A 220 -14.65 -18.49 -26.70
C GLU A 220 -13.35 -19.05 -27.28
N ALA A 221 -13.00 -18.61 -28.48
CA ALA A 221 -11.72 -19.00 -29.05
C ALA A 221 -10.59 -18.10 -28.56
N ARG A 222 -10.90 -16.94 -27.99
CA ARG A 222 -9.89 -16.15 -27.31
C ARG A 222 -9.38 -16.87 -26.06
N SER A 223 -10.27 -17.59 -25.38
CA SER A 223 -9.84 -18.47 -24.30
C SER A 223 -8.97 -19.63 -24.81
N ARG A 224 -9.09 -19.98 -26.09
CA ARG A 224 -8.20 -20.94 -26.74
C ARG A 224 -6.98 -20.28 -27.37
N GLN A 225 -6.84 -18.95 -27.23
CA GLN A 225 -5.63 -18.18 -27.48
C GLN A 225 -5.18 -18.19 -28.94
N GLU A 226 -6.10 -18.45 -29.88
CA GLU A 226 -5.74 -18.61 -31.28
C GLU A 226 -6.75 -18.02 -32.25
N SER A 227 -7.60 -17.10 -31.79
CA SER A 227 -9.02 -17.12 -32.14
C SER A 227 -9.41 -17.00 -33.62
N TRP A 228 -9.27 -15.82 -34.22
CA TRP A 228 -10.00 -15.52 -35.45
C TRP A 228 -9.28 -14.38 -36.17
N PRO A 229 -9.58 -14.17 -37.47
CA PRO A 229 -9.11 -12.96 -38.17
C PRO A 229 -10.11 -11.80 -38.08
N HIS A 230 -10.50 -11.44 -36.86
CA HIS A 230 -11.50 -10.41 -36.64
C HIS A 230 -11.13 -9.67 -35.35
N GLY A 231 -12.08 -8.94 -34.78
CA GLY A 231 -11.84 -8.27 -33.52
C GLY A 231 -13.12 -7.76 -32.89
N PHE A 232 -13.31 -8.04 -31.60
CA PHE A 232 -14.51 -7.64 -30.90
C PHE A 232 -14.25 -6.41 -30.03
N SER A 233 -15.26 -5.98 -29.29
CA SER A 233 -15.23 -4.76 -28.51
C SER A 233 -15.58 -5.06 -27.06
N GLU A 234 -15.38 -4.06 -26.21
CA GLU A 234 -15.63 -4.21 -24.77
C GLU A 234 -15.97 -2.86 -24.18
N TYR A 235 -17.24 -2.67 -23.81
CA TYR A 235 -17.74 -1.42 -23.28
C TYR A 235 -17.82 -1.51 -21.77
N PRO A 236 -16.97 -0.78 -21.03
CA PRO A 236 -16.78 -1.09 -19.60
C PRO A 236 -17.95 -0.78 -18.68
N ASN A 237 -18.46 0.46 -18.72
CA ASN A 237 -19.37 0.93 -17.68
C ASN A 237 -20.66 1.42 -18.33
N LEU A 238 -21.57 0.50 -18.61
CA LEU A 238 -22.89 0.86 -19.09
C LEU A 238 -23.84 0.98 -17.91
N ALA A 239 -24.67 2.00 -17.90
CA ALA A 239 -25.67 2.11 -16.85
C ALA A 239 -27.05 1.76 -17.37
N ILE A 240 -27.95 1.47 -16.44
CA ILE A 240 -29.30 1.03 -16.75
C ILE A 240 -30.26 2.16 -16.41
N GLN A 241 -31.07 2.56 -17.37
CA GLN A 241 -32.10 3.57 -17.18
C GLN A 241 -33.44 2.92 -17.50
N LYS A 242 -34.24 2.63 -16.48
CA LYS A 242 -35.46 1.86 -16.64
C LYS A 242 -36.67 2.80 -16.76
N PHE A 243 -37.45 2.61 -17.82
CA PHE A 243 -38.64 3.40 -18.08
C PHE A 243 -39.89 2.64 -17.71
N GLY A 244 -40.97 3.38 -17.47
CA GLY A 244 -42.24 2.76 -17.17
C GLY A 244 -42.49 2.30 -15.75
N GLY A 245 -41.53 1.60 -15.16
CA GLY A 245 -41.70 1.06 -13.83
C GLY A 245 -42.01 -0.43 -13.88
N THR A 246 -43.09 -0.84 -13.21
CA THR A 246 -43.49 -2.24 -13.25
C THR A 246 -44.25 -2.60 -14.51
N LYS A 247 -44.73 -1.62 -15.27
CA LYS A 247 -45.44 -1.85 -16.52
C LYS A 247 -44.74 -1.09 -17.63
N PRO A 248 -43.70 -1.67 -18.24
CA PRO A 248 -42.93 -0.96 -19.26
C PRO A 248 -43.54 -1.02 -20.65
N GLN A 249 -44.75 -1.51 -20.80
CA GLN A 249 -45.40 -1.62 -22.09
C GLN A 249 -46.34 -0.47 -22.39
N ASN A 250 -46.73 0.30 -21.38
CA ASN A 250 -47.63 1.44 -21.58
C ASN A 250 -46.94 2.64 -22.20
N ILE A 251 -45.62 2.63 -22.33
CA ILE A 251 -44.93 3.73 -22.97
C ILE A 251 -45.08 3.64 -24.49
N SER A 252 -44.55 2.56 -25.08
CA SER A 252 -44.51 2.42 -26.53
C SER A 252 -44.31 0.96 -26.87
N GLN A 253 -44.15 0.69 -28.17
CA GLN A 253 -43.90 -0.65 -28.66
C GLN A 253 -42.42 -1.00 -28.68
N LEU A 254 -41.58 -0.06 -29.13
CA LEU A 254 -40.14 -0.28 -29.10
C LEU A 254 -39.59 -0.31 -27.68
N ASN A 255 -40.33 0.21 -26.71
CA ASN A 255 -39.99 -0.05 -25.31
C ASN A 255 -40.20 -1.53 -24.99
N ASN A 256 -41.29 -2.11 -25.49
CA ASN A 256 -41.56 -3.52 -25.24
C ASN A 256 -40.54 -4.40 -25.94
N GLU A 257 -40.00 -3.96 -27.07
CA GLU A 257 -38.91 -4.73 -27.67
C GLU A 257 -37.63 -4.62 -26.87
N ARG A 258 -37.42 -3.50 -26.19
CA ARG A 258 -36.23 -3.30 -25.38
C ARG A 258 -36.39 -3.81 -23.96
N ARG A 259 -37.53 -4.43 -23.65
CA ARG A 259 -37.86 -5.04 -22.34
C ARG A 259 -37.81 -4.04 -21.19
N GLY A 260 -37.91 -2.75 -21.48
CA GLY A 260 -38.15 -1.75 -20.46
C GLY A 260 -36.95 -1.03 -19.91
N GLU A 261 -35.86 -0.93 -20.65
CA GLU A 261 -34.65 -0.34 -20.09
C GLU A 261 -33.87 0.36 -21.19
N ASN A 262 -32.76 0.98 -20.79
CA ASN A 262 -31.93 1.76 -21.67
C ASN A 262 -30.49 1.66 -21.19
N TRP A 263 -29.55 1.56 -22.12
CA TRP A 263 -28.15 1.38 -21.79
C TRP A 263 -27.41 2.68 -22.08
N LEU A 264 -26.82 3.27 -21.05
CA LEU A 264 -26.21 4.58 -21.14
C LEU A 264 -24.69 4.45 -21.10
N LEU A 265 -24.02 5.15 -22.02
CA LEU A 265 -22.56 5.18 -22.09
C LEU A 265 -21.98 6.05 -20.98
N PRO A 266 -20.78 5.74 -20.50
CA PRO A 266 -20.23 6.51 -19.38
C PRO A 266 -19.62 7.82 -19.85
N SER A 267 -19.56 8.78 -18.93
CA SER A 267 -18.86 10.04 -19.15
C SER A 267 -18.10 10.45 -17.90
N LEU A 268 -17.38 9.52 -17.30
CA LEU A 268 -16.68 9.80 -16.07
C LEU A 268 -15.46 10.69 -16.34
N PRO A 269 -15.13 11.58 -15.40
CA PRO A 269 -13.82 12.21 -15.41
C PRO A 269 -12.76 11.21 -14.96
N PRO A 270 -11.48 11.46 -15.23
CA PRO A 270 -10.46 10.46 -14.89
C PRO A 270 -10.23 10.28 -13.40
N ASN A 271 -10.63 11.24 -12.58
CA ASN A 271 -10.43 11.16 -11.13
C ASN A 271 -11.66 10.65 -10.41
N TRP A 272 -12.39 9.71 -11.01
CA TRP A 272 -13.57 9.18 -10.33
C TRP A 272 -13.17 8.28 -9.17
N GLN A 273 -12.23 7.37 -9.40
CA GLN A 273 -11.75 6.46 -8.36
C GLN A 273 -10.67 7.19 -7.57
N ARG A 274 -11.11 7.99 -6.61
CA ARG A 274 -10.17 8.73 -5.76
C ARG A 274 -9.58 7.77 -4.73
N GLN A 275 -8.26 7.64 -4.75
CA GLN A 275 -7.57 6.56 -4.06
C GLN A 275 -7.13 6.97 -2.66
N ASN A 276 -6.27 6.15 -2.07
CA ASN A 276 -5.77 6.34 -0.71
C ASN A 276 -4.43 7.07 -0.77
N VAL A 277 -4.51 8.41 -0.80
CA VAL A 277 -3.34 9.26 -0.63
C VAL A 277 -3.27 9.80 0.80
N ASN A 278 -4.11 9.26 1.68
CA ASN A 278 -4.06 9.60 3.10
C ASN A 278 -2.77 9.13 3.73
N ALA A 279 -2.25 7.98 3.29
CA ALA A 279 -0.94 7.52 3.73
C ALA A 279 0.15 8.26 2.95
N PRO A 280 0.96 9.08 3.61
CA PRO A 280 1.97 9.86 2.88
C PRO A 280 3.21 9.05 2.54
N MET A 281 4.24 9.72 2.04
CA MET A 281 5.53 9.08 1.86
C MET A 281 6.19 8.79 3.20
N ARG A 282 6.99 7.73 3.23
CA ARG A 282 7.80 7.34 4.37
C ARG A 282 9.23 7.20 3.89
N HIS A 283 10.08 6.59 4.71
CA HIS A 283 11.46 6.37 4.30
C HIS A 283 11.54 5.31 3.20
N SER A 284 11.16 4.07 3.51
CA SER A 284 11.26 2.99 2.55
C SER A 284 9.93 2.68 1.87
N SER A 285 8.82 3.19 2.39
CA SER A 285 7.54 3.02 1.71
C SER A 285 7.48 3.88 0.44
N VAL A 286 8.18 5.01 0.44
CA VAL A 286 8.31 5.79 -0.78
C VAL A 286 9.38 5.20 -1.68
N PHE A 287 10.28 4.39 -1.12
CA PHE A 287 11.32 3.77 -1.94
C PHE A 287 10.79 2.58 -2.72
N GLU A 288 9.68 1.99 -2.26
CA GLU A 288 8.94 1.02 -3.05
C GLU A 288 7.84 1.67 -3.87
N HIS A 289 7.71 2.99 -3.80
CA HIS A 289 6.73 3.77 -4.56
C HIS A 289 7.41 4.98 -5.21
N ASP A 290 8.53 4.72 -5.88
CA ASP A 290 9.35 5.77 -6.50
C ASP A 290 8.64 6.48 -7.64
N PHE A 291 7.57 5.90 -8.19
CA PHE A 291 6.83 6.51 -9.28
C PHE A 291 5.47 7.06 -8.88
N GLY A 292 4.96 6.69 -7.70
CA GLY A 292 3.53 6.72 -7.54
C GLY A 292 2.97 5.59 -8.37
N ARG A 293 3.22 4.35 -7.92
CA ARG A 293 3.19 3.17 -8.76
C ARG A 293 1.81 2.57 -8.93
N THR A 294 0.76 3.39 -8.88
CA THR A 294 -0.56 3.04 -9.37
C THR A 294 -0.48 2.62 -10.84
N PRO A 295 -1.39 1.74 -11.30
CA PRO A 295 -1.29 1.22 -12.68
C PRO A 295 -1.59 2.25 -13.77
N GLU A 296 -1.92 3.49 -13.42
CA GLU A 296 -1.98 4.56 -14.41
C GLU A 296 -0.60 4.83 -15.00
N VAL A 297 0.38 5.09 -14.12
CA VAL A 297 1.74 5.39 -14.54
C VAL A 297 2.38 4.18 -15.21
N SER A 298 2.22 3.00 -14.60
CA SER A 298 2.78 1.78 -15.18
C SER A 298 2.11 1.42 -16.50
N ARG A 299 0.82 1.75 -16.64
CA ARG A 299 0.15 1.58 -17.92
C ARG A 299 0.76 2.50 -18.97
N LEU A 300 1.13 3.72 -18.57
CA LEU A 300 1.76 4.65 -19.51
C LEU A 300 3.15 4.17 -19.92
N THR A 301 3.93 3.61 -18.98
CA THR A 301 5.27 3.17 -19.32
C THR A 301 5.25 1.90 -20.16
N ARG A 302 4.33 0.98 -19.88
CA ARG A 302 4.22 -0.22 -20.70
C ARG A 302 3.73 0.10 -22.10
N THR A 303 2.85 1.12 -22.24
CA THR A 303 2.50 1.59 -23.57
C THR A 303 3.69 2.25 -24.26
N LEU A 304 4.52 2.94 -23.49
CA LEU A 304 5.69 3.61 -24.05
C LEU A 304 6.72 2.62 -24.57
N GLN A 305 6.92 1.51 -23.86
CA GLN A 305 7.80 0.47 -24.36
C GLN A 305 7.18 -0.27 -25.53
N ARG A 306 5.85 -0.49 -25.48
CA ARG A 306 5.19 -1.22 -26.55
C ARG A 306 5.10 -0.44 -27.86
N PHE A 307 5.19 0.90 -27.80
CA PHE A 307 5.22 1.71 -29.02
C PHE A 307 6.60 2.17 -29.42
N LEU A 308 7.52 2.30 -28.47
CA LEU A 308 8.89 2.72 -28.76
C LEU A 308 9.81 1.55 -29.07
N ALA A 309 9.29 0.32 -29.11
CA ALA A 309 10.13 -0.83 -29.46
C ALA A 309 10.36 -0.90 -30.95
N LYS A 310 9.29 -0.90 -31.74
CA LYS A 310 9.39 -0.90 -33.19
C LYS A 310 9.89 0.46 -33.67
N THR A 311 11.05 0.48 -34.31
CA THR A 311 11.70 1.72 -34.68
C THR A 311 10.97 2.39 -35.83
N VAL A 312 10.44 3.58 -35.59
CA VAL A 312 9.76 4.36 -36.61
C VAL A 312 10.80 5.14 -37.40
N HIS A 313 10.85 4.89 -38.71
CA HIS A 313 11.85 5.54 -39.55
C HIS A 313 11.47 7.00 -39.83
N ASN A 314 10.31 7.21 -40.45
CA ASN A 314 9.87 8.55 -40.81
C ASN A 314 8.44 8.86 -40.39
N ASN A 315 7.78 7.96 -39.68
CA ASN A 315 6.43 8.19 -39.19
C ASN A 315 6.47 9.22 -38.07
N LEU A 316 5.96 10.42 -38.33
CA LEU A 316 5.97 11.48 -37.33
C LEU A 316 4.91 11.25 -36.25
N ALA A 317 3.90 10.42 -36.53
CA ALA A 317 2.83 10.19 -35.57
C ALA A 317 3.30 9.32 -34.40
N ILE A 318 4.29 8.45 -34.64
CA ILE A 318 4.81 7.62 -33.56
C ILE A 318 5.71 8.45 -32.64
N ARG A 319 6.52 9.35 -33.21
CA ARG A 319 7.37 10.20 -32.39
C ARG A 319 6.56 11.24 -31.63
N GLN A 320 5.55 11.81 -32.30
CA GLN A 320 4.58 12.68 -31.64
C GLN A 320 3.84 11.93 -30.54
N ARG A 321 3.55 10.64 -30.78
CA ARG A 321 2.91 9.82 -29.76
C ARG A 321 3.82 9.62 -28.56
N ARG A 322 5.12 9.42 -28.79
CA ARG A 322 6.06 9.26 -27.68
C ARG A 322 6.19 10.55 -26.87
N ALA A 323 6.16 11.71 -27.54
CA ALA A 323 6.17 12.97 -26.81
C ALA A 323 4.90 13.15 -25.99
N GLN A 324 3.76 12.71 -26.53
CA GLN A 324 2.52 12.70 -25.75
C GLN A 324 2.63 11.83 -24.51
N LEU A 325 3.25 10.64 -24.66
CA LEU A 325 3.33 9.70 -23.55
C LEU A 325 4.23 10.22 -22.44
N VAL A 326 5.41 10.74 -22.79
CA VAL A 326 6.32 11.22 -21.75
C VAL A 326 5.77 12.49 -21.12
N ALA A 327 5.00 13.27 -21.87
CA ALA A 327 4.35 14.44 -21.29
C ALA A 327 3.26 14.04 -20.29
N GLN A 328 2.52 12.97 -20.59
CA GLN A 328 1.51 12.47 -19.65
C GLN A 328 2.15 11.89 -18.40
N ILE A 329 3.33 11.29 -18.51
CA ILE A 329 3.99 10.75 -17.32
C ILE A 329 4.48 11.88 -16.42
N CYS A 330 5.09 12.91 -17.03
CA CYS A 330 5.57 14.05 -16.24
C CYS A 330 4.42 14.81 -15.57
N ASP A 331 3.33 15.03 -16.31
CA ASP A 331 2.16 15.67 -15.73
C ASP A 331 1.50 14.82 -14.65
N GLU A 332 1.52 13.49 -14.82
CA GLU A 332 0.93 12.62 -13.81
C GLU A 332 1.74 12.64 -12.51
N ALA A 333 3.06 12.75 -12.62
CA ALA A 333 3.87 12.94 -11.41
C ALA A 333 3.60 14.30 -10.77
N LEU A 334 3.37 15.31 -11.62
CA LEU A 334 3.02 16.64 -11.11
C LEU A 334 1.70 16.62 -10.34
N GLN A 335 0.72 15.87 -10.85
CA GLN A 335 -0.53 15.72 -10.12
C GLN A 335 -0.41 14.81 -8.91
N TYR A 336 0.60 13.93 -8.87
CA TYR A 336 0.87 13.20 -7.64
C TYR A 336 1.34 14.15 -6.54
N ALA A 337 2.24 15.08 -6.90
CA ALA A 337 2.61 16.12 -5.95
C ALA A 337 1.42 17.01 -5.59
N ALA A 338 0.49 17.19 -6.52
CA ALA A 338 -0.72 17.95 -6.22
C ALA A 338 -1.61 17.24 -5.22
N ARG A 339 -1.79 15.93 -5.37
CA ARG A 339 -2.58 15.15 -4.41
C ARG A 339 -1.93 15.14 -3.05
N LEU A 340 -0.61 14.99 -3.01
CA LEU A 340 0.11 14.98 -1.75
C LEU A 340 0.14 16.35 -1.09
N ARG A 341 -0.07 17.42 -1.87
CA ARG A 341 0.02 18.78 -1.33
C ARG A 341 -1.09 19.09 -0.34
N GLU A 342 -2.26 18.46 -0.48
CA GLU A 342 -3.36 18.74 0.43
C GLU A 342 -4.10 17.51 0.93
N LEU A 343 -3.83 16.33 0.40
CA LEU A 343 -4.57 15.14 0.85
C LEU A 343 -4.04 14.63 2.18
N GLU A 344 -2.72 14.64 2.36
CA GLU A 344 -2.07 14.34 3.64
C GLU A 344 -1.41 15.61 4.11
N PRO A 345 -2.10 16.44 4.89
CA PRO A 345 -1.61 17.80 5.17
C PRO A 345 -0.48 17.82 6.19
N GLY A 346 0.07 19.01 6.37
CA GLY A 346 1.17 19.22 7.30
C GLY A 346 2.51 18.82 6.74
N TRP A 347 3.58 19.50 7.17
CA TRP A 347 4.93 19.17 6.75
C TRP A 347 5.58 18.12 7.62
N SER A 348 4.83 17.52 8.55
CA SER A 348 5.37 16.46 9.41
C SER A 348 5.54 15.18 8.59
N ALA A 349 6.77 14.67 8.54
CA ALA A 349 7.09 13.57 7.64
C ALA A 349 8.15 12.70 8.30
N THR A 350 8.81 11.86 7.50
CA THR A 350 9.75 10.87 8.01
C THR A 350 11.12 11.51 8.21
N PRO A 351 12.10 10.72 8.65
CA PRO A 351 13.36 11.29 9.16
C PRO A 351 14.31 11.72 8.04
N GLY A 352 15.42 12.33 8.46
CA GLY A 352 16.30 13.05 7.57
C GLY A 352 17.31 12.21 6.79
N CYS A 353 17.21 12.29 5.46
CA CYS A 353 18.11 11.63 4.53
C CYS A 353 18.01 12.38 3.20
N GLN A 354 18.49 11.75 2.13
CA GLN A 354 18.29 12.31 0.79
C GLN A 354 16.83 12.27 0.38
N LEU A 355 16.06 11.32 0.92
CA LEU A 355 14.62 11.29 0.70
C LEU A 355 13.95 12.49 1.35
N HIS A 356 14.39 12.87 2.55
CA HIS A 356 13.87 14.09 3.16
C HIS A 356 14.47 15.33 2.50
N ASP A 357 15.67 15.21 1.95
CA ASP A 357 16.34 16.36 1.33
C ASP A 357 15.64 16.78 0.05
N ALA A 358 15.48 15.85 -0.89
CA ALA A 358 14.84 16.20 -2.16
C ALA A 358 13.32 16.10 -2.08
N GLU A 359 12.79 15.17 -1.28
CA GLU A 359 11.34 15.06 -1.16
C GLU A 359 10.77 16.14 -0.28
N GLN A 360 11.43 16.45 0.84
CA GLN A 360 10.85 17.43 1.75
C GLN A 360 10.97 18.85 1.25
N LEU A 361 11.85 19.11 0.28
CA LEU A 361 11.97 20.46 -0.25
C LEU A 361 10.89 20.80 -1.26
N TRP A 362 10.22 19.79 -1.82
CA TRP A 362 9.18 20.01 -2.82
C TRP A 362 7.82 19.48 -2.39
N LEU A 363 7.76 18.26 -1.86
CA LEU A 363 6.47 17.63 -1.54
C LEU A 363 5.88 18.14 -0.24
N ASP A 364 6.65 18.82 0.60
CA ASP A 364 6.15 19.28 1.88
C ASP A 364 5.91 20.77 1.88
N PRO A 365 5.02 21.26 2.75
CA PRO A 365 4.77 22.70 2.83
C PRO A 365 5.90 23.42 3.57
N LEU A 366 5.76 24.73 3.74
CA LEU A 366 6.82 25.51 4.35
C LEU A 366 6.84 25.32 5.87
N ARG A 367 7.76 26.02 6.53
CA ARG A 367 7.74 26.09 7.98
C ARG A 367 6.58 26.98 8.42
N ALA A 368 5.76 26.47 9.32
CA ALA A 368 4.58 27.21 9.77
C ALA A 368 4.99 28.37 10.67
N GLN A 369 4.02 29.23 10.97
CA GLN A 369 4.28 30.40 11.80
C GLN A 369 4.51 30.03 13.26
N THR A 370 4.04 28.86 13.70
CA THR A 370 4.34 28.35 15.02
C THR A 370 5.55 27.43 15.04
N ASP A 371 6.02 27.00 13.87
CA ASP A 371 7.16 26.09 13.76
C ASP A 371 8.12 26.59 12.67
N GLU A 372 8.45 27.87 12.73
CA GLU A 372 9.40 28.45 11.79
C GLU A 372 10.83 28.24 12.27
N THR A 373 11.74 28.00 11.33
CA THR A 373 13.12 27.71 11.68
C THR A 373 14.09 28.59 10.89
N PHE A 374 15.39 28.28 11.00
CA PHE A 374 16.42 28.99 10.26
C PHE A 374 16.97 28.18 9.08
N LEU A 375 17.04 26.86 9.21
CA LEU A 375 17.38 26.03 8.05
C LEU A 375 16.24 26.02 7.04
N GLN A 376 15.00 26.12 7.51
CA GLN A 376 13.85 26.28 6.64
C GLN A 376 13.71 27.69 6.09
N ARG A 377 14.52 28.63 6.57
CA ARG A 377 14.61 29.98 6.03
C ARG A 377 15.76 30.13 5.05
N ARG A 378 16.81 29.34 5.21
CA ARG A 378 17.85 29.28 4.18
C ARG A 378 17.40 28.41 3.01
N LEU A 379 16.68 27.32 3.26
CA LEU A 379 16.12 26.51 2.19
C LEU A 379 14.87 27.12 1.59
N ARG A 380 14.30 28.14 2.23
CA ARG A 380 13.25 28.93 1.60
C ARG A 380 13.86 29.76 0.48
N GLY A 381 13.37 29.56 -0.74
CA GLY A 381 13.97 30.17 -1.90
C GLY A 381 15.18 29.44 -2.43
N ASP A 382 15.58 28.35 -1.79
CA ASP A 382 16.69 27.52 -2.25
C ASP A 382 16.28 26.05 -2.24
N TRP A 383 15.06 25.77 -2.68
CA TRP A 383 14.55 24.42 -2.72
C TRP A 383 15.22 23.62 -3.83
N PRO A 384 15.10 22.29 -3.80
CA PRO A 384 15.85 21.46 -4.76
C PRO A 384 15.16 21.44 -6.11
N ALA A 385 15.88 21.88 -7.14
CA ALA A 385 15.49 21.63 -8.52
C ALA A 385 16.12 20.34 -9.05
N GLU A 386 16.82 19.61 -8.19
CA GLU A 386 17.43 18.32 -8.51
C GLU A 386 16.43 17.18 -8.44
N VAL A 387 15.17 17.48 -8.10
CA VAL A 387 14.10 16.49 -8.16
C VAL A 387 13.84 16.09 -9.60
N GLY A 388 14.06 17.01 -10.55
CA GLY A 388 14.01 16.65 -11.96
C GLY A 388 15.15 15.76 -12.40
N ASN A 389 16.26 15.76 -11.65
CA ASN A 389 17.39 14.90 -11.96
C ASN A 389 17.16 13.48 -11.45
N ARG A 390 16.72 13.35 -10.20
CA ARG A 390 16.35 12.04 -9.70
C ARG A 390 15.13 11.50 -10.42
N PHE A 391 14.21 12.36 -10.83
CA PHE A 391 13.08 11.95 -11.65
C PHE A 391 13.54 11.55 -13.05
N ALA A 392 14.61 12.18 -13.54
CA ALA A 392 15.19 11.75 -14.81
C ALA A 392 15.76 10.35 -14.71
N ASN A 393 16.40 10.04 -13.57
CA ASN A 393 16.85 8.67 -13.33
C ASN A 393 15.68 7.71 -13.14
N TRP A 394 14.59 8.20 -12.54
CA TRP A 394 13.37 7.40 -12.40
C TRP A 394 12.81 7.02 -13.75
N LEU A 395 12.82 7.96 -14.70
CA LEU A 395 12.46 7.61 -16.06
C LEU A 395 13.51 6.70 -16.70
N ASN A 396 14.78 6.85 -16.30
CA ASN A 396 15.85 6.07 -16.92
C ASN A 396 15.80 4.59 -16.54
N ARG A 397 15.30 4.25 -15.35
CA ARG A 397 15.06 2.85 -15.06
C ARG A 397 13.90 2.32 -15.91
N ALA A 398 12.89 3.16 -16.16
CA ALA A 398 11.80 2.83 -17.06
C ALA A 398 12.13 3.10 -18.52
N VAL A 399 13.26 3.75 -18.81
CA VAL A 399 13.84 3.70 -20.15
C VAL A 399 14.23 2.25 -20.37
N SER A 400 13.53 1.58 -21.28
CA SER A 400 13.53 0.12 -21.32
C SER A 400 14.82 -0.43 -21.91
N SER A 401 15.09 -0.13 -23.18
CA SER A 401 16.21 -0.71 -23.90
C SER A 401 17.37 0.28 -23.92
N ASP A 402 18.54 -0.19 -23.49
CA ASP A 402 19.76 0.59 -23.56
C ASP A 402 20.68 0.14 -24.67
N SER A 403 20.30 -0.88 -25.43
CA SER A 403 21.11 -1.39 -26.54
C SER A 403 20.23 -1.67 -27.75
N GLN A 404 19.31 -0.75 -28.06
CA GLN A 404 18.46 -0.86 -29.24
C GLN A 404 18.74 0.24 -30.26
N ILE A 405 18.64 1.50 -29.86
CA ILE A 405 18.84 2.63 -30.76
C ILE A 405 20.07 3.40 -30.30
N LEU A 406 21.05 2.69 -29.74
CA LEU A 406 22.25 3.33 -29.21
C LEU A 406 23.17 3.83 -30.30
N GLY A 407 23.02 3.35 -31.54
CA GLY A 407 23.86 3.81 -32.63
C GLY A 407 23.08 4.42 -33.76
N SER A 408 22.01 5.14 -33.44
CA SER A 408 21.15 5.71 -34.47
C SER A 408 20.75 7.13 -34.11
N PRO A 409 20.00 7.80 -34.99
CA PRO A 409 19.50 9.15 -34.68
C PRO A 409 18.20 9.17 -33.90
N GLU A 410 17.62 8.00 -33.60
CA GLU A 410 16.41 7.96 -32.78
C GLU A 410 16.71 8.34 -31.34
N ALA A 411 17.93 8.08 -30.86
CA ALA A 411 18.30 8.46 -29.51
C ALA A 411 18.66 9.93 -29.39
N ALA A 412 18.94 10.61 -30.50
CA ALA A 412 19.22 12.04 -30.48
C ALA A 412 17.95 12.87 -30.55
N GLN A 413 17.01 12.49 -31.43
CA GLN A 413 15.72 13.17 -31.46
C GLN A 413 14.87 12.78 -30.25
N TRP A 414 14.92 11.51 -29.85
CA TRP A 414 14.26 11.09 -28.63
C TRP A 414 14.93 11.68 -27.39
N SER A 415 16.26 11.84 -27.45
CA SER A 415 16.96 12.55 -26.38
C SER A 415 16.56 14.02 -26.33
N GLN A 416 16.20 14.60 -27.49
CA GLN A 416 15.62 15.94 -27.48
C GLN A 416 14.22 15.93 -26.90
N GLU A 417 13.46 14.85 -27.11
CA GLU A 417 12.11 14.77 -26.53
C GLU A 417 12.18 14.73 -25.01
N LEU A 418 12.97 13.81 -24.47
CA LEU A 418 13.10 13.68 -23.02
C LEU A 418 13.77 14.89 -22.41
N SER A 419 14.76 15.46 -23.12
CA SER A 419 15.46 16.63 -22.64
C SER A 419 14.54 17.86 -22.59
N LYS A 420 13.70 18.03 -23.61
CA LYS A 420 12.83 19.20 -23.66
C LYS A 420 11.70 19.08 -22.66
N GLU A 421 11.12 17.88 -22.52
CA GLU A 421 10.02 17.71 -21.58
C GLU A 421 10.49 17.83 -20.14
N LEU A 422 11.65 17.26 -19.82
CA LEU A 422 12.23 17.49 -18.49
C LEU A 422 12.71 18.92 -18.32
N THR A 423 12.98 19.64 -19.41
CA THR A 423 13.39 21.03 -19.29
C THR A 423 12.22 21.94 -18.94
N MET A 424 11.10 21.81 -19.67
CA MET A 424 9.94 22.64 -19.38
C MET A 424 9.29 22.25 -18.05
N PHE A 425 9.24 20.94 -17.78
CA PHE A 425 8.79 20.45 -16.48
C PHE A 425 9.71 20.94 -15.37
N LYS A 426 11.02 21.01 -15.66
CA LYS A 426 11.97 21.56 -14.72
C LYS A 426 11.72 23.05 -14.49
N GLU A 427 11.27 23.78 -15.51
CA GLU A 427 10.97 25.20 -15.33
C GLU A 427 9.71 25.39 -14.49
N ILE A 428 8.73 24.50 -14.62
CA ILE A 428 7.56 24.54 -13.73
C ILE A 428 7.99 24.29 -12.29
N LEU A 429 8.91 23.33 -12.08
CA LEU A 429 9.43 23.11 -10.73
C LEU A 429 10.27 24.27 -10.24
N GLU A 430 10.90 25.02 -11.14
CA GLU A 430 11.65 26.20 -10.69
C GLU A 430 10.71 27.33 -10.33
N ASP A 431 9.53 27.39 -10.95
CA ASP A 431 8.54 28.36 -10.52
C ASP A 431 7.75 27.90 -9.30
N GLU A 432 7.85 26.61 -8.93
CA GLU A 432 7.31 26.17 -7.65
C GLU A 432 8.07 26.81 -6.50
N ARG A 433 9.39 26.86 -6.61
CA ARG A 433 10.21 27.63 -5.68
C ARG A 433 9.89 29.10 -5.87
N ASP A 434 9.34 29.71 -4.80
CA ASP A 434 8.65 31.01 -4.84
C ASP A 434 7.57 31.03 -5.92
N VAL B 3 -18.21 34.23 -29.43
CA VAL B 3 -16.76 34.27 -29.57
C VAL B 3 -16.25 35.69 -29.49
N THR B 4 -15.60 36.00 -28.37
CA THR B 4 -14.94 37.28 -28.18
C THR B 4 -13.84 37.05 -27.14
N ASP B 5 -12.64 37.53 -27.42
CA ASP B 5 -11.51 37.27 -26.54
C ASP B 5 -11.66 38.05 -25.24
N PRO B 6 -11.51 37.41 -24.07
CA PRO B 6 -11.80 38.10 -22.81
C PRO B 6 -10.68 38.99 -22.36
N GLU B 7 -10.82 39.56 -21.19
CA GLU B 7 -9.76 40.36 -20.59
C GLU B 7 -9.35 39.84 -19.22
N ALA B 8 -10.30 39.34 -18.43
CA ALA B 8 -10.02 38.82 -17.11
C ALA B 8 -10.46 37.37 -17.03
N LEU B 9 -9.99 36.69 -15.98
CA LEU B 9 -10.38 35.33 -15.66
C LEU B 9 -10.69 35.28 -14.18
N LEU B 10 -11.82 34.69 -13.81
CA LEU B 10 -12.38 34.94 -12.50
C LEU B 10 -11.98 33.92 -11.43
N LEU B 11 -11.95 32.63 -11.75
CA LEU B 11 -11.51 31.55 -10.87
C LEU B 11 -12.37 31.48 -9.60
N LEU B 12 -13.58 31.01 -9.77
CA LEU B 12 -14.32 30.46 -8.64
C LEU B 12 -13.58 29.25 -8.10
N PRO B 13 -13.09 29.27 -6.85
CA PRO B 13 -12.02 28.34 -6.44
C PRO B 13 -12.44 26.89 -6.29
N ARG B 14 -13.45 26.66 -5.45
CA ARG B 14 -13.96 25.32 -5.17
C ARG B 14 -15.45 25.47 -4.96
N LEU B 15 -16.24 24.61 -5.57
CA LEU B 15 -17.70 24.62 -5.39
C LEU B 15 -18.14 23.19 -5.13
N SER B 16 -18.26 22.82 -3.86
CA SER B 16 -18.79 21.51 -3.50
C SER B 16 -20.27 21.46 -3.83
N ILE B 17 -20.66 20.55 -4.72
CA ILE B 17 -22.02 20.48 -5.23
C ILE B 17 -22.69 19.24 -4.70
N GLN B 18 -23.90 19.41 -4.18
CA GLN B 18 -24.68 18.33 -3.61
C GLN B 18 -25.88 18.05 -4.48
N ASN B 19 -26.10 16.78 -4.80
CA ASN B 19 -27.28 16.28 -5.51
C ASN B 19 -27.42 16.88 -6.91
N ALA B 20 -26.35 16.80 -7.68
CA ALA B 20 -26.35 17.33 -9.04
C ALA B 20 -27.03 16.37 -10.00
N ASN B 21 -26.87 16.59 -11.29
CA ASN B 21 -27.44 15.71 -12.29
C ASN B 21 -26.36 14.76 -12.79
N ALA B 22 -26.76 13.57 -13.22
CA ALA B 22 -25.84 12.61 -13.78
C ALA B 22 -26.34 11.98 -15.06
N ILE B 23 -27.39 12.51 -15.66
CA ILE B 23 -27.89 12.05 -16.95
C ILE B 23 -27.80 13.23 -17.89
N SER B 24 -26.77 13.23 -18.73
CA SER B 24 -26.58 14.34 -19.66
C SER B 24 -27.54 14.26 -20.83
N SER B 25 -27.45 13.20 -21.59
CA SER B 25 -28.13 13.03 -22.86
C SER B 25 -29.01 11.80 -22.73
N PRO B 26 -29.80 11.41 -23.74
CA PRO B 26 -30.41 10.08 -23.70
C PRO B 26 -29.44 8.93 -23.91
N LEU B 27 -28.15 9.17 -24.10
CA LEU B 27 -27.21 8.07 -24.29
C LEU B 27 -25.97 8.13 -23.41
N THR B 28 -25.76 9.18 -22.62
CA THR B 28 -24.56 9.31 -21.81
C THR B 28 -24.90 9.65 -20.37
N TRP B 29 -24.19 9.04 -19.43
CA TRP B 29 -24.31 9.37 -18.02
C TRP B 29 -22.95 9.74 -17.45
N GLY B 30 -22.97 10.55 -16.40
CA GLY B 30 -21.74 10.88 -15.71
C GLY B 30 -21.64 12.33 -15.30
N PHE B 31 -20.60 13.00 -15.78
CA PHE B 31 -20.44 14.43 -15.60
C PHE B 31 -21.64 15.15 -16.21
N PRO B 32 -22.23 16.15 -15.52
CA PRO B 32 -23.64 16.49 -15.74
C PRO B 32 -24.05 16.93 -17.13
N SER B 33 -23.36 17.91 -17.73
CA SER B 33 -23.46 18.33 -19.14
C SER B 33 -22.41 19.40 -19.35
N PRO B 34 -22.12 19.80 -20.60
CA PRO B 34 -21.56 21.13 -20.82
C PRO B 34 -22.62 22.22 -20.93
N GLY B 35 -23.87 21.88 -20.71
CA GLY B 35 -24.97 22.80 -20.95
C GLY B 35 -25.27 23.71 -19.79
N ALA B 36 -25.22 23.14 -18.60
CA ALA B 36 -25.48 23.92 -17.40
C ALA B 36 -24.42 24.98 -17.21
N PHE B 37 -23.17 24.63 -17.49
CA PHE B 37 -22.04 25.51 -17.22
C PHE B 37 -22.06 26.76 -18.07
N THR B 38 -22.53 26.69 -19.32
CA THR B 38 -22.82 27.92 -20.04
C THR B 38 -24.09 28.56 -19.51
N GLY B 39 -25.08 27.74 -19.15
CA GLY B 39 -26.38 28.20 -18.67
C GLY B 39 -26.40 29.15 -17.50
N PHE B 40 -25.92 28.72 -16.34
CA PHE B 40 -26.04 29.59 -15.18
C PHE B 40 -25.03 30.74 -15.21
N VAL B 41 -23.99 30.63 -16.01
CA VAL B 41 -23.11 31.77 -16.18
C VAL B 41 -23.80 32.85 -16.97
N HIS B 42 -24.63 32.47 -17.95
CA HIS B 42 -25.53 33.47 -18.52
C HIS B 42 -26.58 33.93 -17.51
N ALA B 43 -26.93 33.11 -16.52
CA ALA B 43 -27.80 33.62 -15.45
C ALA B 43 -27.07 34.61 -14.54
N LEU B 44 -25.75 34.47 -14.37
CA LEU B 44 -24.98 35.49 -13.68
C LEU B 44 -24.94 36.77 -14.49
N GLN B 45 -24.89 36.64 -15.82
CA GLN B 45 -25.06 37.81 -16.68
C GLN B 45 -26.44 38.43 -16.51
N ARG B 46 -27.45 37.62 -16.15
CA ARG B 46 -28.77 38.16 -15.92
C ARG B 46 -28.99 38.70 -14.51
N ARG B 47 -28.11 38.39 -13.56
CA ARG B 47 -28.34 38.80 -12.18
C ARG B 47 -27.35 39.81 -11.66
N VAL B 48 -26.10 39.79 -12.13
CA VAL B 48 -25.03 40.60 -11.56
C VAL B 48 -24.41 41.52 -12.60
N GLY B 49 -24.11 40.99 -13.78
CA GLY B 49 -23.32 41.71 -14.78
C GLY B 49 -23.98 42.94 -15.36
N ILE B 50 -25.31 43.04 -15.29
CA ILE B 50 -25.97 44.27 -15.70
C ILE B 50 -25.96 45.33 -14.60
N SER B 51 -25.62 44.95 -13.37
CA SER B 51 -25.56 45.89 -12.27
C SER B 51 -24.14 46.29 -11.89
N LEU B 52 -23.14 45.54 -12.33
CA LEU B 52 -21.75 45.94 -12.21
C LEU B 52 -21.14 46.35 -13.54
N ASP B 53 -21.95 46.36 -14.61
CA ASP B 53 -21.55 46.78 -15.95
C ASP B 53 -20.38 45.97 -16.50
N ILE B 54 -20.40 44.67 -16.23
CA ILE B 54 -19.40 43.76 -16.76
C ILE B 54 -20.10 42.78 -17.68
N GLU B 55 -19.36 41.84 -18.26
CA GLU B 55 -19.93 40.95 -19.25
C GLU B 55 -19.31 39.57 -19.10
N LEU B 56 -20.03 38.65 -18.48
CA LEU B 56 -19.50 37.33 -18.16
C LEU B 56 -19.75 36.38 -19.33
N ASP B 57 -18.68 35.78 -19.84
CA ASP B 57 -18.78 34.86 -20.96
C ASP B 57 -17.58 33.93 -20.97
N GLY B 58 -17.81 32.68 -21.36
CA GLY B 58 -16.75 31.69 -21.42
C GLY B 58 -16.54 31.01 -20.10
N VAL B 59 -16.59 29.67 -20.07
CA VAL B 59 -16.57 28.90 -18.83
C VAL B 59 -15.54 27.78 -18.96
N GLY B 60 -14.65 27.66 -17.98
CA GLY B 60 -13.66 26.61 -17.99
C GLY B 60 -13.77 25.69 -16.80
N ILE B 61 -13.89 24.38 -17.05
CA ILE B 61 -14.21 23.40 -16.01
C ILE B 61 -12.92 22.70 -15.58
N VAL B 62 -12.79 22.42 -14.28
CA VAL B 62 -11.62 21.73 -13.75
C VAL B 62 -11.98 20.35 -13.19
N CYS B 63 -13.11 20.24 -12.49
CA CYS B 63 -13.68 18.96 -12.01
C CYS B 63 -12.72 18.22 -11.06
N HIS B 64 -12.56 18.81 -9.88
CA HIS B 64 -11.68 18.23 -8.87
C HIS B 64 -12.18 16.88 -8.33
N ARG B 65 -13.47 16.58 -8.43
CA ARG B 65 -14.03 15.44 -7.72
C ARG B 65 -15.34 15.03 -8.36
N PHE B 66 -15.66 13.73 -8.28
CA PHE B 66 -16.92 13.21 -8.77
C PHE B 66 -17.22 11.93 -8.01
N GLU B 67 -18.41 11.84 -7.42
CA GLU B 67 -18.81 10.67 -6.62
C GLU B 67 -20.25 10.38 -7.00
N ALA B 68 -20.44 9.52 -7.99
CA ALA B 68 -21.79 9.19 -8.41
C ALA B 68 -22.45 8.28 -7.38
N GLN B 69 -23.76 8.38 -7.28
CA GLN B 69 -24.54 7.56 -6.38
C GLN B 69 -25.04 6.29 -7.04
N ILE B 70 -24.25 5.75 -7.97
CA ILE B 70 -24.46 4.46 -8.62
C ILE B 70 -24.26 3.32 -7.63
N SER B 71 -24.64 2.12 -8.04
CA SER B 71 -24.41 0.95 -7.20
C SER B 71 -24.36 -0.28 -8.10
N GLN B 72 -23.19 -0.88 -8.23
CA GLN B 72 -23.09 -2.11 -8.99
C GLN B 72 -23.65 -3.26 -8.16
N PRO B 73 -24.62 -4.01 -8.66
CA PRO B 73 -25.26 -5.04 -7.83
C PRO B 73 -24.40 -6.29 -7.71
N ALA B 74 -24.94 -7.33 -7.10
CA ALA B 74 -24.22 -8.59 -6.96
C ALA B 74 -24.41 -9.45 -8.22
N GLY B 75 -23.29 -9.86 -8.81
CA GLY B 75 -23.33 -10.80 -9.90
C GLY B 75 -23.59 -10.23 -11.27
N LYS B 76 -23.40 -8.92 -11.45
CA LYS B 76 -23.60 -8.28 -12.74
C LYS B 76 -22.37 -7.46 -13.10
N ARG B 77 -22.41 -6.86 -14.28
CA ARG B 77 -21.31 -6.02 -14.75
C ARG B 77 -21.75 -4.62 -15.15
N THR B 78 -23.04 -4.36 -15.35
CA THR B 78 -23.56 -3.02 -15.57
C THR B 78 -23.80 -2.37 -14.22
N LYS B 79 -24.38 -1.17 -14.21
CA LYS B 79 -24.62 -0.44 -12.99
C LYS B 79 -26.03 0.11 -12.98
N VAL B 80 -26.56 0.36 -11.79
CA VAL B 80 -27.85 0.98 -11.61
C VAL B 80 -27.69 2.19 -10.71
N PHE B 81 -28.79 2.89 -10.45
CA PHE B 81 -28.79 4.17 -9.74
C PHE B 81 -29.38 4.02 -8.36
N ASN B 82 -29.42 5.14 -7.62
CA ASN B 82 -30.06 5.20 -6.32
C ASN B 82 -31.08 6.33 -6.31
N LEU B 83 -32.23 6.06 -5.71
CA LEU B 83 -33.38 6.93 -5.84
C LEU B 83 -33.79 7.49 -4.48
N THR B 84 -34.88 8.25 -4.49
CA THR B 84 -35.49 8.83 -3.31
C THR B 84 -36.90 8.26 -3.17
N ARG B 85 -37.49 8.37 -1.98
CA ARG B 85 -38.56 7.43 -1.69
C ARG B 85 -39.93 7.80 -2.23
N ASN B 86 -40.58 8.78 -1.60
CA ASN B 86 -42.03 8.86 -1.77
C ASN B 86 -42.65 10.22 -1.45
N PRO B 87 -43.27 10.83 -2.41
CA PRO B 87 -44.51 11.54 -2.10
C PRO B 87 -45.68 10.66 -2.52
N LEU B 88 -46.64 10.41 -1.62
CA LEU B 88 -47.72 9.48 -1.93
C LEU B 88 -48.70 10.10 -2.92
N ASN B 89 -49.60 9.25 -3.42
CA ASN B 89 -50.75 9.73 -4.15
C ASN B 89 -51.80 10.24 -3.16
N ARG B 90 -52.92 10.74 -3.68
CA ARG B 90 -53.91 11.39 -2.85
C ARG B 90 -54.91 10.42 -2.23
N ASP B 91 -54.59 9.13 -2.18
CA ASP B 91 -55.37 8.14 -1.46
C ASP B 91 -54.55 7.23 -0.56
N GLY B 92 -53.26 7.06 -0.81
CA GLY B 92 -52.45 6.15 -0.03
C GLY B 92 -51.75 5.11 -0.86
N SER B 93 -51.51 5.41 -2.13
CA SER B 93 -50.86 4.49 -3.04
C SER B 93 -49.54 5.08 -3.52
N THR B 94 -48.58 4.21 -3.76
CA THR B 94 -47.27 4.62 -4.25
C THR B 94 -47.34 4.89 -5.75
N ALA B 95 -46.87 6.06 -6.17
CA ALA B 95 -46.92 6.46 -7.55
C ALA B 95 -45.85 5.73 -8.37
N ALA B 96 -45.88 5.95 -9.68
CA ALA B 96 -44.93 5.30 -10.57
C ALA B 96 -43.55 5.91 -10.41
N ILE B 97 -42.55 5.06 -10.19
CA ILE B 97 -41.21 5.49 -9.85
C ILE B 97 -40.53 6.02 -11.11
N VAL B 98 -40.34 7.33 -11.17
CA VAL B 98 -39.51 7.92 -12.21
C VAL B 98 -38.05 7.79 -11.78
N GLU B 99 -37.14 8.06 -12.70
CA GLU B 99 -35.72 7.78 -12.48
C GLU B 99 -34.92 9.08 -12.60
N GLU B 100 -34.00 9.29 -11.67
CA GLU B 100 -33.19 10.50 -11.66
C GLU B 100 -31.76 10.15 -11.30
N GLY B 101 -30.81 10.70 -12.06
CA GLY B 101 -29.42 10.54 -11.76
C GLY B 101 -28.98 11.42 -10.60
N ARG B 102 -27.74 11.22 -10.17
CA ARG B 102 -27.31 11.85 -8.94
C ARG B 102 -25.79 11.88 -8.88
N ALA B 103 -25.24 12.95 -8.31
CA ALA B 103 -23.80 13.09 -8.19
C ALA B 103 -23.47 14.05 -7.06
N HIS B 104 -22.19 14.05 -6.66
CA HIS B 104 -21.64 14.99 -5.68
C HIS B 104 -20.38 15.60 -6.28
N LEU B 105 -20.55 16.66 -7.09
CA LEU B 105 -19.45 17.28 -7.80
C LEU B 105 -18.58 18.11 -6.87
N GLU B 106 -17.43 18.53 -7.40
CA GLU B 106 -16.63 19.60 -6.81
C GLU B 106 -15.81 20.22 -7.94
N VAL B 107 -16.26 21.36 -8.45
CA VAL B 107 -15.65 21.91 -9.66
C VAL B 107 -14.97 23.24 -9.37
N SER B 108 -14.33 23.81 -10.39
CA SER B 108 -13.69 25.11 -10.32
C SER B 108 -13.84 25.76 -11.68
N LEU B 109 -14.31 27.00 -11.71
CA LEU B 109 -14.73 27.60 -12.97
C LEU B 109 -13.97 28.89 -13.25
N LEU B 110 -13.53 29.02 -14.49
CA LEU B 110 -12.91 30.24 -14.99
C LEU B 110 -13.91 30.99 -15.85
N LEU B 111 -14.07 32.27 -15.60
CA LEU B 111 -15.10 33.06 -16.28
C LEU B 111 -14.47 34.24 -17.00
N GLY B 112 -14.88 34.45 -18.24
CA GLY B 112 -14.43 35.61 -18.98
C GLY B 112 -15.22 36.85 -18.61
N VAL B 113 -14.51 37.98 -18.56
CA VAL B 113 -15.08 39.26 -18.16
C VAL B 113 -14.80 40.29 -19.25
N HIS B 114 -15.83 41.04 -19.64
CA HIS B 114 -15.67 42.21 -20.49
C HIS B 114 -16.32 43.42 -19.85
N GLY B 115 -16.25 44.56 -20.52
CA GLY B 115 -17.08 45.70 -20.15
C GLY B 115 -16.40 46.76 -19.32
N ASP B 116 -17.18 47.37 -18.43
CA ASP B 116 -16.73 48.56 -17.72
C ASP B 116 -15.89 48.16 -16.52
N GLY B 117 -14.70 48.76 -16.42
CA GLY B 117 -13.75 48.49 -15.36
C GLY B 117 -13.47 49.72 -14.52
N LEU B 118 -14.54 50.45 -14.14
CA LEU B 118 -14.39 51.61 -13.27
C LEU B 118 -13.73 51.23 -11.95
N ASP B 119 -14.14 50.10 -11.37
CA ASP B 119 -13.57 49.61 -10.13
C ASP B 119 -12.18 49.05 -10.42
N ASP B 120 -11.19 49.94 -10.35
CA ASP B 120 -9.80 49.54 -10.57
C ASP B 120 -9.20 48.92 -9.31
N HIS B 121 -9.20 49.67 -8.22
CA HIS B 121 -8.87 49.14 -6.90
C HIS B 121 -10.00 48.30 -6.31
N PRO B 122 -11.32 48.62 -6.53
CA PRO B 122 -12.34 47.63 -6.18
C PRO B 122 -12.56 46.54 -7.24
N ALA B 123 -11.58 46.30 -8.11
CA ALA B 123 -11.62 45.12 -8.98
C ALA B 123 -11.73 43.83 -8.20
N GLN B 124 -11.08 43.74 -7.03
CA GLN B 124 -11.31 42.61 -6.13
C GLN B 124 -12.75 42.57 -5.65
N GLU B 125 -13.39 43.74 -5.51
CA GLU B 125 -14.83 43.81 -5.28
C GLU B 125 -15.63 43.16 -6.40
N ILE B 126 -15.14 43.26 -7.64
CA ILE B 126 -15.73 42.53 -8.76
C ILE B 126 -15.62 41.03 -8.53
N ALA B 127 -14.55 40.59 -7.89
CA ALA B 127 -14.42 39.20 -7.48
C ALA B 127 -14.93 38.96 -6.06
N ARG B 128 -15.46 39.98 -5.39
CA ARG B 128 -16.16 39.76 -4.13
C ARG B 128 -17.66 39.70 -4.29
N GLN B 129 -18.23 40.37 -5.29
CA GLN B 129 -19.67 40.34 -5.48
C GLN B 129 -20.15 38.99 -5.99
N VAL B 130 -19.33 38.31 -6.79
CA VAL B 130 -19.78 37.13 -7.52
C VAL B 130 -20.06 35.98 -6.57
N GLN B 131 -19.25 35.84 -5.51
CA GLN B 131 -19.55 34.84 -4.50
C GLN B 131 -20.85 35.14 -3.75
N GLU B 132 -21.20 36.43 -3.63
CA GLU B 132 -22.36 36.80 -2.83
C GLU B 132 -23.66 36.43 -3.55
N GLN B 133 -23.65 36.46 -4.87
CA GLN B 133 -24.82 36.12 -5.67
C GLN B 133 -24.60 34.87 -6.50
N ALA B 134 -23.67 34.01 -6.09
CA ALA B 134 -23.60 32.66 -6.59
C ALA B 134 -23.44 31.64 -5.49
N GLY B 135 -23.47 32.05 -4.23
CA GLY B 135 -23.57 31.13 -3.13
C GLY B 135 -25.00 30.74 -2.81
N ALA B 136 -25.96 31.29 -3.55
CA ALA B 136 -27.38 31.01 -3.35
C ALA B 136 -28.04 30.54 -4.62
N MET B 137 -27.25 30.13 -5.62
CA MET B 137 -27.73 29.60 -6.88
C MET B 137 -27.58 28.10 -6.89
N ARG B 138 -27.92 27.48 -8.03
CA ARG B 138 -27.89 26.03 -8.17
C ARG B 138 -27.12 25.67 -9.42
N LEU B 139 -26.10 24.85 -9.26
CA LEU B 139 -25.23 24.43 -10.35
C LEU B 139 -25.67 23.05 -10.83
N ALA B 140 -26.26 23.00 -12.03
CA ALA B 140 -26.73 21.77 -12.70
C ALA B 140 -27.73 21.01 -11.84
N GLY B 141 -28.61 21.73 -11.15
CA GLY B 141 -29.49 21.11 -10.20
C GLY B 141 -28.84 20.94 -8.84
N GLY B 142 -29.66 20.67 -7.84
CA GLY B 142 -29.11 20.44 -6.53
C GLY B 142 -28.77 21.72 -5.79
N SER B 143 -27.54 21.87 -5.34
CA SER B 143 -27.21 22.98 -4.47
C SER B 143 -25.73 23.28 -4.60
N ILE B 144 -25.32 24.36 -3.92
CA ILE B 144 -23.92 24.75 -3.81
C ILE B 144 -23.62 24.82 -2.33
N LEU B 145 -22.75 23.94 -1.86
CA LEU B 145 -22.39 23.94 -0.45
C LEU B 145 -21.58 25.19 -0.12
N PRO B 146 -21.92 25.89 0.95
CA PRO B 146 -21.51 27.30 1.06
C PRO B 146 -20.03 27.57 1.33
N TRP B 147 -19.40 26.87 2.27
CA TRP B 147 -18.06 27.25 2.68
C TRP B 147 -17.24 25.98 2.91
N CYS B 148 -16.05 26.16 3.48
CA CYS B 148 -15.06 25.10 3.57
C CYS B 148 -15.40 24.15 4.72
N ASN B 149 -14.47 23.28 5.10
CA ASN B 149 -14.74 22.39 6.22
C ASN B 149 -14.45 23.09 7.56
N GLU B 150 -13.19 23.32 7.87
CA GLU B 150 -12.87 23.99 9.12
C GLU B 150 -11.59 24.82 9.09
N ARG B 151 -10.91 24.95 7.96
CA ARG B 151 -9.54 25.47 7.92
C ARG B 151 -9.49 26.93 7.51
N PHE B 152 -9.99 27.26 6.32
CA PHE B 152 -9.95 28.59 5.73
C PHE B 152 -10.88 28.62 4.52
N PRO B 153 -11.66 29.67 4.32
CA PRO B 153 -12.41 29.81 3.07
C PRO B 153 -11.50 30.34 1.97
N ALA B 154 -11.87 30.03 0.74
CA ALA B 154 -11.06 30.40 -0.42
C ALA B 154 -11.73 31.52 -1.20
N PRO B 155 -11.14 32.70 -1.28
CA PRO B 155 -11.71 33.77 -2.10
C PRO B 155 -11.23 33.68 -3.56
N ASN B 156 -11.83 34.52 -4.39
CA ASN B 156 -11.61 34.51 -5.82
C ASN B 156 -10.28 35.16 -6.17
N ALA B 157 -10.03 35.26 -7.49
CA ALA B 157 -8.84 35.94 -7.99
C ALA B 157 -9.13 36.41 -9.42
N GLU B 158 -9.45 37.69 -9.58
CA GLU B 158 -9.58 38.27 -10.90
C GLU B 158 -8.20 38.68 -11.42
N LEU B 159 -7.98 38.53 -12.72
CA LEU B 159 -6.64 38.67 -13.27
C LEU B 159 -6.72 39.15 -14.71
N LEU B 160 -6.26 40.37 -14.96
CA LEU B 160 -6.26 40.91 -16.31
C LEU B 160 -5.19 40.24 -17.16
N MET B 161 -5.54 39.91 -18.40
CA MET B 161 -4.67 39.13 -19.26
C MET B 161 -4.10 39.91 -20.44
N LEU B 162 -4.54 41.15 -20.68
CA LEU B 162 -4.05 41.89 -21.83
C LEU B 162 -2.68 42.50 -21.55
N GLY B 163 -2.61 43.41 -20.58
CA GLY B 163 -1.43 44.20 -20.36
C GLY B 163 -0.31 43.45 -19.67
N GLY B 164 0.77 44.18 -19.39
CA GLY B 164 1.94 43.60 -18.77
C GLY B 164 2.84 42.91 -19.78
N SER B 165 4.07 42.65 -19.34
CA SER B 165 5.02 41.94 -20.16
C SER B 165 4.65 40.46 -20.23
N ASP B 166 5.24 39.77 -21.20
CA ASP B 166 4.89 38.36 -21.43
C ASP B 166 5.42 37.46 -20.32
N GLU B 167 6.53 37.84 -19.69
CA GLU B 167 7.02 37.09 -18.53
C GLU B 167 6.07 37.24 -17.35
N GLN B 168 5.48 38.43 -17.18
CA GLN B 168 4.45 38.59 -16.17
C GLN B 168 3.18 37.85 -16.55
N ARG B 169 2.91 37.69 -17.85
CA ARG B 169 1.79 36.85 -18.26
C ARG B 169 2.03 35.39 -17.90
N ARG B 170 3.27 34.93 -18.02
CA ARG B 170 3.55 33.55 -17.64
C ARG B 170 3.58 33.35 -16.14
N LYS B 171 4.01 34.37 -15.39
CA LYS B 171 3.87 34.36 -13.93
C LYS B 171 2.40 34.26 -13.53
N ASN B 172 1.54 35.01 -14.22
CA ASN B 172 0.11 35.00 -13.93
C ASN B 172 -0.51 33.66 -14.25
N GLN B 173 -0.16 33.07 -15.40
CA GLN B 173 -0.77 31.82 -15.81
C GLN B 173 -0.32 30.65 -14.94
N ARG B 174 0.97 30.60 -14.60
CA ARG B 174 1.40 29.53 -13.70
C ARG B 174 0.94 29.77 -12.28
N ARG B 175 0.71 31.02 -11.89
CA ARG B 175 0.09 31.28 -10.60
C ARG B 175 -1.36 30.81 -10.58
N LEU B 176 -2.06 30.91 -11.71
CA LEU B 176 -3.41 30.34 -11.80
C LEU B 176 -3.38 28.83 -11.72
N THR B 177 -2.56 28.19 -12.56
CA THR B 177 -2.55 26.74 -12.61
C THR B 177 -1.86 26.09 -11.43
N ARG B 178 -1.30 26.88 -10.50
CA ARG B 178 -0.93 26.30 -9.22
C ARG B 178 -2.16 26.04 -8.36
N ARG B 179 -3.23 26.83 -8.52
CA ARG B 179 -4.37 26.79 -7.61
C ARG B 179 -5.52 25.94 -8.10
N LEU B 180 -5.35 25.18 -9.18
CA LEU B 180 -6.37 24.25 -9.61
C LEU B 180 -5.75 22.95 -10.09
N LEU B 181 -4.58 22.60 -9.56
CA LEU B 181 -3.75 21.56 -10.17
C LEU B 181 -4.26 20.13 -9.99
N PRO B 182 -4.81 19.69 -8.82
CA PRO B 182 -5.50 18.39 -8.86
C PRO B 182 -6.85 18.54 -9.55
N GLY B 183 -6.91 18.09 -10.80
CA GLY B 183 -8.10 18.27 -11.61
C GLY B 183 -7.83 17.83 -13.02
N PHE B 184 -8.89 17.87 -13.82
CA PHE B 184 -8.78 17.48 -15.23
C PHE B 184 -9.71 18.36 -16.04
N ALA B 185 -9.14 19.25 -16.86
CA ALA B 185 -9.96 20.18 -17.63
C ALA B 185 -10.66 19.47 -18.78
N LEU B 186 -11.72 20.10 -19.27
CA LEU B 186 -12.58 19.51 -20.31
C LEU B 186 -12.71 20.47 -21.48
N VAL B 187 -12.34 20.00 -22.67
CA VAL B 187 -12.47 20.77 -23.91
C VAL B 187 -13.15 19.88 -24.95
N SER B 188 -13.26 20.40 -26.17
CA SER B 188 -13.91 19.67 -27.25
C SER B 188 -13.01 19.62 -28.47
N ARG B 189 -12.77 18.41 -28.96
CA ARG B 189 -12.01 18.24 -30.20
C ARG B 189 -12.83 17.40 -31.17
N GLU B 190 -14.02 17.89 -31.53
CA GLU B 190 -14.87 17.30 -32.55
C GLU B 190 -14.17 17.11 -33.90
N ALA B 191 -13.11 17.87 -34.20
CA ALA B 191 -12.38 17.76 -35.45
C ALA B 191 -11.75 16.38 -35.67
N LEU B 192 -11.50 15.62 -34.60
CA LEU B 192 -11.03 14.24 -34.77
C LEU B 192 -12.07 13.36 -35.44
N LEU B 193 -13.36 13.66 -35.30
CA LEU B 193 -14.36 12.94 -36.09
C LEU B 193 -14.26 13.29 -37.56
N GLN B 194 -13.72 14.46 -37.89
CA GLN B 194 -13.37 14.73 -39.27
C GLN B 194 -12.13 13.94 -39.68
N GLN B 195 -11.26 13.63 -38.72
CA GLN B 195 -10.04 12.86 -38.97
C GLN B 195 -10.33 11.44 -39.43
N HIS B 196 -11.51 10.91 -39.11
CA HIS B 196 -11.93 9.61 -39.61
C HIS B 196 -12.55 9.70 -41.01
N LEU B 197 -12.34 10.80 -41.73
CA LEU B 197 -12.60 10.83 -43.16
C LEU B 197 -11.63 9.92 -43.91
N GLU B 198 -10.40 9.78 -43.40
CA GLU B 198 -9.45 8.86 -44.00
C GLU B 198 -9.91 7.41 -43.84
N THR B 199 -10.40 7.07 -42.66
CA THR B 199 -10.93 5.74 -42.37
C THR B 199 -12.36 5.57 -42.90
N LEU B 200 -12.97 6.65 -43.42
CA LEU B 200 -14.34 6.58 -43.89
C LEU B 200 -14.49 5.74 -45.14
N ARG B 201 -13.45 5.70 -45.99
CA ARG B 201 -13.51 5.08 -47.32
C ARG B 201 -13.64 3.56 -47.29
N THR B 202 -13.72 2.92 -46.12
CA THR B 202 -13.91 1.48 -46.07
C THR B 202 -15.34 1.08 -46.38
N THR B 203 -16.31 1.50 -45.57
CA THR B 203 -17.65 0.95 -45.68
C THR B 203 -18.71 1.94 -46.13
N LEU B 204 -18.96 3.01 -45.38
CA LEU B 204 -20.13 3.86 -45.59
C LEU B 204 -19.98 5.11 -44.73
N PRO B 205 -20.72 6.18 -45.07
CA PRO B 205 -20.65 7.48 -44.37
C PRO B 205 -21.49 7.63 -43.11
N GLU B 206 -20.96 7.17 -41.98
CA GLU B 206 -21.62 7.32 -40.69
C GLU B 206 -20.66 7.93 -39.68
N ALA B 207 -21.20 8.71 -38.75
CA ALA B 207 -20.43 9.30 -37.67
C ALA B 207 -20.88 8.86 -36.29
N THR B 208 -22.13 8.42 -36.14
CA THR B 208 -22.59 7.87 -34.86
C THR B 208 -21.93 6.54 -34.57
N THR B 209 -21.69 5.74 -35.60
CA THR B 209 -20.95 4.51 -35.43
C THR B 209 -19.45 4.76 -35.35
N LEU B 210 -19.00 5.98 -35.61
CA LEU B 210 -17.66 6.37 -35.21
C LEU B 210 -17.61 6.68 -33.73
N ASP B 211 -18.63 7.37 -33.21
CA ASP B 211 -18.70 7.65 -31.78
C ASP B 211 -18.82 6.37 -30.97
N ALA B 212 -19.58 5.40 -31.48
CA ALA B 212 -19.72 4.14 -30.76
C ALA B 212 -18.47 3.29 -30.86
N LEU B 213 -17.55 3.62 -31.76
CA LEU B 213 -16.31 2.87 -31.96
C LEU B 213 -15.09 3.77 -31.85
N LEU B 214 -15.10 4.71 -30.91
CA LEU B 214 -13.87 5.35 -30.47
C LEU B 214 -13.60 5.12 -29.00
N ASP B 215 -14.52 4.48 -28.28
CA ASP B 215 -14.32 4.16 -26.87
C ASP B 215 -14.46 2.68 -26.60
N LEU B 216 -14.48 1.87 -27.65
CA LEU B 216 -14.38 0.43 -27.49
C LEU B 216 -13.00 0.06 -26.98
N CYS B 217 -12.94 -0.97 -26.16
CA CYS B 217 -11.66 -1.63 -25.89
C CYS B 217 -11.48 -2.63 -27.01
N ARG B 218 -10.92 -2.16 -28.12
CA ARG B 218 -10.83 -2.95 -29.34
C ARG B 218 -9.78 -4.04 -29.16
N ILE B 219 -10.24 -5.24 -28.86
CA ILE B 219 -9.35 -6.39 -28.75
C ILE B 219 -9.24 -6.95 -30.16
N ASN B 220 -8.21 -6.49 -30.87
CA ASN B 220 -7.91 -6.98 -32.21
C ASN B 220 -7.13 -8.27 -32.11
N PHE B 221 -7.63 -9.31 -32.77
CA PHE B 221 -7.11 -10.64 -32.57
C PHE B 221 -5.77 -10.83 -33.29
N GLU B 222 -5.07 -11.92 -32.93
CA GLU B 222 -3.75 -12.22 -33.44
C GLU B 222 -3.82 -12.69 -34.89
N PRO B 223 -2.91 -12.21 -35.76
CA PRO B 223 -2.88 -12.64 -37.16
C PRO B 223 -2.35 -14.06 -37.35
N TRP B 239 -2.66 -10.68 -26.58
CA TRP B 239 -3.47 -10.16 -27.68
C TRP B 239 -3.06 -8.74 -28.03
N GLN B 240 -3.88 -8.08 -28.85
CA GLN B 240 -3.54 -6.76 -29.38
C GLN B 240 -4.72 -5.83 -29.14
N VAL B 241 -4.56 -4.91 -28.20
CA VAL B 241 -5.59 -3.93 -27.87
C VAL B 241 -5.19 -2.59 -28.48
N ARG B 242 -6.10 -2.00 -29.24
CA ARG B 242 -5.86 -0.68 -29.81
C ARG B 242 -5.84 0.37 -28.71
N ASP B 243 -4.90 1.30 -28.79
CA ASP B 243 -4.72 2.32 -27.76
C ASP B 243 -5.73 3.44 -27.94
N LYS B 244 -5.53 4.55 -27.23
CA LYS B 244 -6.29 5.74 -27.49
C LYS B 244 -5.37 6.95 -27.25
N PRO B 245 -5.46 7.98 -28.08
CA PRO B 245 -4.63 9.17 -27.89
C PRO B 245 -5.10 10.12 -26.81
N GLY B 246 -6.02 9.73 -25.95
CA GLY B 246 -6.47 10.60 -24.88
C GLY B 246 -7.82 10.16 -24.37
N TRP B 247 -8.26 10.83 -23.32
CA TRP B 247 -9.52 10.50 -22.63
C TRP B 247 -10.69 11.06 -23.43
N LEU B 248 -11.08 10.33 -24.46
CA LEU B 248 -12.20 10.72 -25.28
C LEU B 248 -13.50 10.23 -24.65
N VAL B 249 -14.56 11.03 -24.81
CA VAL B 249 -15.78 10.83 -24.06
C VAL B 249 -17.00 11.46 -24.74
N PRO B 250 -18.06 10.69 -25.01
CA PRO B 250 -19.25 11.26 -25.68
C PRO B 250 -19.97 12.24 -24.78
N ILE B 251 -20.09 13.47 -25.24
CA ILE B 251 -20.77 14.54 -24.52
C ILE B 251 -21.90 15.03 -25.42
N PRO B 252 -22.95 15.63 -24.84
CA PRO B 252 -23.92 16.30 -25.68
C PRO B 252 -23.36 17.59 -26.27
N ALA B 253 -23.13 17.60 -27.58
CA ALA B 253 -22.51 18.76 -28.20
C ALA B 253 -23.48 19.91 -28.35
N GLY B 254 -24.68 19.66 -28.83
CA GLY B 254 -25.63 20.73 -28.99
C GLY B 254 -27.05 20.29 -29.28
N TYR B 255 -27.83 21.15 -29.94
CA TYR B 255 -29.23 20.92 -30.21
C TYR B 255 -29.50 21.02 -31.70
N ASN B 256 -30.61 20.44 -32.14
CA ASN B 256 -30.95 20.38 -33.56
C ASN B 256 -32.46 20.35 -33.73
N ALA B 257 -32.98 21.21 -34.59
CA ALA B 257 -34.41 21.45 -34.65
C ALA B 257 -35.14 20.32 -35.37
N LEU B 258 -36.45 20.23 -35.09
CA LEU B 258 -37.35 19.38 -35.86
C LEU B 258 -38.44 20.18 -36.56
N SER B 259 -39.14 21.01 -35.84
CA SER B 259 -40.21 21.91 -36.22
C SER B 259 -39.67 23.33 -36.39
N PRO B 260 -40.24 24.15 -37.26
CA PRO B 260 -39.78 25.54 -37.39
C PRO B 260 -40.29 26.39 -36.22
N LEU B 261 -40.04 27.69 -36.31
CA LEU B 261 -40.48 28.62 -35.29
C LEU B 261 -42.00 28.68 -35.21
N TYR B 262 -42.52 28.36 -34.04
CA TYR B 262 -43.92 28.59 -33.73
C TYR B 262 -44.04 29.98 -33.14
N LEU B 263 -45.12 30.68 -33.48
CA LEU B 263 -45.37 32.00 -32.94
C LEU B 263 -45.60 31.91 -31.44
N PRO B 264 -45.19 32.93 -30.67
CA PRO B 264 -45.09 32.78 -29.20
C PRO B 264 -46.43 32.61 -28.48
N GLY B 265 -47.56 32.78 -29.14
CA GLY B 265 -48.83 32.52 -28.51
C GLY B 265 -49.58 31.37 -29.13
N GLU B 266 -48.88 30.31 -29.47
CA GLU B 266 -49.49 29.17 -30.15
C GLU B 266 -49.48 27.90 -29.33
N VAL B 267 -48.39 27.62 -28.63
CA VAL B 267 -48.19 26.33 -27.99
C VAL B 267 -48.64 26.43 -26.54
N ARG B 268 -49.48 25.49 -26.11
CA ARG B 268 -49.85 25.42 -24.71
C ARG B 268 -48.65 24.95 -23.90
N ASN B 269 -48.54 25.49 -22.67
CA ASN B 269 -47.47 25.20 -21.70
C ASN B 269 -46.11 25.73 -22.17
N ALA B 270 -46.11 26.96 -22.66
CA ALA B 270 -44.93 27.69 -23.05
C ALA B 270 -44.45 28.59 -21.91
N ARG B 271 -43.60 29.57 -22.21
CA ARG B 271 -43.21 30.60 -21.25
C ARG B 271 -44.28 31.69 -21.17
N ASP B 272 -44.44 32.41 -22.27
CA ASP B 272 -45.31 33.57 -22.40
C ASP B 272 -45.28 33.91 -23.89
N ARG B 273 -45.97 34.98 -24.27
CA ARG B 273 -46.23 35.26 -25.68
C ARG B 273 -45.27 36.26 -26.28
N GLU B 274 -43.98 36.25 -25.89
CA GLU B 274 -43.01 36.95 -26.71
C GLU B 274 -41.67 36.23 -26.80
N THR B 275 -41.67 34.91 -26.60
CA THR B 275 -40.53 34.09 -26.98
C THR B 275 -41.03 32.94 -27.85
N PRO B 276 -40.50 32.78 -29.05
CA PRO B 276 -40.91 31.64 -29.89
C PRO B 276 -40.30 30.36 -29.36
N LEU B 277 -40.80 29.23 -29.86
CA LEU B 277 -40.25 27.96 -29.44
C LEU B 277 -40.34 26.95 -30.58
N ARG B 278 -39.39 26.01 -30.56
CA ARG B 278 -39.33 24.93 -31.53
C ARG B 278 -38.86 23.67 -30.84
N PHE B 279 -39.24 22.52 -31.39
CA PHE B 279 -38.91 21.23 -30.80
C PHE B 279 -37.56 20.78 -31.35
N VAL B 280 -36.76 20.10 -30.51
CA VAL B 280 -35.33 20.07 -30.73
C VAL B 280 -34.72 18.76 -30.26
N GLU B 281 -33.53 18.42 -30.79
CA GLU B 281 -32.94 17.08 -30.64
C GLU B 281 -31.41 17.11 -30.59
N ASN B 282 -30.84 17.11 -29.39
CA ASN B 282 -29.67 16.28 -29.02
C ASN B 282 -28.51 15.98 -30.00
N LEU B 283 -27.72 16.96 -30.42
CA LEU B 283 -26.52 16.60 -31.16
C LEU B 283 -25.45 16.06 -30.20
N PHE B 284 -24.55 15.24 -30.73
CA PHE B 284 -23.57 14.50 -29.94
C PHE B 284 -22.15 14.89 -30.31
N GLY B 285 -21.25 14.82 -29.32
CA GLY B 285 -19.89 15.30 -29.51
C GLY B 285 -18.81 14.29 -29.19
N LEU B 286 -17.58 14.76 -28.98
CA LEU B 286 -16.47 13.82 -28.84
C LEU B 286 -15.66 14.02 -27.56
N GLY B 287 -15.52 15.26 -27.11
CA GLY B 287 -14.98 15.54 -25.78
C GLY B 287 -13.50 15.26 -25.57
N GLU B 288 -12.93 15.79 -24.48
CA GLU B 288 -11.52 15.59 -24.16
C GLU B 288 -11.21 15.96 -22.72
N TRP B 289 -10.70 15.03 -21.93
CA TRP B 289 -10.23 15.34 -20.58
C TRP B 289 -8.74 15.56 -20.61
N LEU B 290 -8.30 16.65 -19.99
CA LEU B 290 -6.90 17.08 -20.10
C LEU B 290 -6.26 17.30 -18.75
N SER B 291 -5.11 17.92 -18.78
CA SER B 291 -4.52 18.62 -17.65
C SER B 291 -4.51 20.10 -17.95
N PRO B 292 -4.49 20.96 -16.93
CA PRO B 292 -4.40 22.39 -17.21
C PRO B 292 -3.02 22.85 -17.70
N HIS B 293 -2.00 22.00 -17.69
CA HIS B 293 -0.69 22.33 -18.24
C HIS B 293 -0.54 21.89 -19.68
N ARG B 294 -1.62 21.93 -20.45
CA ARG B 294 -1.62 21.56 -21.85
C ARG B 294 -1.89 22.75 -22.76
N VAL B 295 -2.20 23.90 -22.20
CA VAL B 295 -2.79 25.00 -22.94
C VAL B 295 -1.77 26.14 -23.01
N ALA B 296 -1.69 26.80 -24.16
CA ALA B 296 -0.85 27.97 -24.31
C ALA B 296 -1.31 29.10 -23.38
N ALA B 297 -2.54 29.58 -23.59
CA ALA B 297 -3.14 30.58 -22.72
C ALA B 297 -4.52 30.10 -22.33
N LEU B 298 -4.84 30.21 -21.04
CA LEU B 298 -6.04 29.62 -20.44
C LEU B 298 -7.34 30.22 -20.93
N SER B 299 -7.31 31.25 -21.78
CA SER B 299 -8.52 31.78 -22.38
C SER B 299 -8.96 31.02 -23.61
N ASP B 300 -8.41 29.83 -23.86
CA ASP B 300 -8.77 29.05 -25.03
C ASP B 300 -9.51 27.77 -24.70
N LEU B 301 -9.76 27.51 -23.42
CA LEU B 301 -10.58 26.37 -23.02
C LEU B 301 -11.95 26.78 -22.50
N LEU B 302 -12.33 28.04 -22.67
CA LEU B 302 -13.59 28.52 -22.14
C LEU B 302 -14.73 28.15 -23.08
N TRP B 303 -15.76 27.50 -22.55
CA TRP B 303 -16.89 27.08 -23.36
C TRP B 303 -17.73 28.29 -23.76
N TYR B 304 -17.80 28.55 -25.06
CA TYR B 304 -18.59 29.67 -25.56
C TYR B 304 -19.99 29.16 -25.90
N HIS B 305 -20.79 30.00 -26.57
CA HIS B 305 -22.22 29.75 -26.67
C HIS B 305 -22.72 30.35 -27.99
N HIS B 306 -22.74 29.54 -29.05
CA HIS B 306 -22.86 30.05 -30.42
C HIS B 306 -24.07 29.44 -31.12
N ALA B 307 -25.18 30.16 -31.15
CA ALA B 307 -26.38 29.69 -31.85
C ALA B 307 -26.31 30.11 -33.32
N GLU B 308 -27.40 29.89 -34.05
CA GLU B 308 -27.46 30.11 -35.48
C GLU B 308 -28.81 30.71 -35.84
N PRO B 309 -28.92 31.32 -37.04
CA PRO B 309 -30.24 31.64 -37.60
C PRO B 309 -31.01 30.42 -38.08
N ASP B 310 -32.06 30.66 -38.88
CA ASP B 310 -33.09 29.68 -39.17
C ASP B 310 -32.55 28.52 -40.01
N LYS B 311 -31.76 27.68 -39.38
CA LYS B 311 -31.34 26.35 -39.81
C LYS B 311 -31.61 25.32 -38.71
N GLY B 312 -31.43 25.69 -37.45
CA GLY B 312 -31.74 24.85 -36.32
C GLY B 312 -30.53 24.44 -35.48
N LEU B 313 -29.32 24.58 -36.01
CA LEU B 313 -28.14 24.11 -35.29
C LEU B 313 -27.79 25.03 -34.15
N TYR B 314 -27.66 24.47 -32.94
CA TYR B 314 -27.11 25.20 -31.80
C TYR B 314 -25.83 24.48 -31.40
N ARG B 315 -24.75 24.76 -32.13
CA ARG B 315 -23.51 24.01 -32.02
C ARG B 315 -22.58 24.69 -31.03
N TRP B 316 -21.70 23.90 -30.42
CA TRP B 316 -20.67 24.44 -29.53
C TRP B 316 -19.29 24.01 -29.97
N SER B 317 -18.33 24.59 -29.26
CA SER B 317 -16.92 24.21 -29.26
C SER B 317 -16.25 25.00 -28.14
N THR B 318 -14.95 24.84 -28.04
CA THR B 318 -14.05 25.81 -27.46
C THR B 318 -13.16 26.29 -28.60
N PRO B 319 -13.48 27.41 -29.24
CA PRO B 319 -12.82 27.77 -30.50
C PRO B 319 -11.37 28.18 -30.30
N ARG B 320 -10.60 28.01 -31.38
CA ARG B 320 -9.16 28.29 -31.46
C ARG B 320 -8.37 27.51 -30.43
N PHE B 321 -8.85 26.34 -30.00
CA PHE B 321 -8.12 25.60 -28.98
C PHE B 321 -6.96 24.81 -29.58
N VAL B 322 -7.30 23.80 -30.39
CA VAL B 322 -6.38 22.82 -30.98
C VAL B 322 -5.39 22.20 -29.98
N LEU C 5 43.65 19.82 -29.08
CA LEU C 5 44.03 20.02 -27.68
C LEU C 5 42.84 20.47 -26.85
N SER C 6 41.96 19.53 -26.53
CA SER C 6 40.88 19.82 -25.59
C SER C 6 41.38 19.64 -24.16
N THR C 7 40.66 20.26 -23.23
CA THR C 7 41.01 20.12 -21.81
C THR C 7 40.71 18.70 -21.33
N ALA C 8 41.51 18.25 -20.37
CA ALA C 8 41.23 16.97 -19.73
C ALA C 8 39.99 17.11 -18.85
N SER C 9 39.08 16.16 -18.98
CA SER C 9 37.85 16.21 -18.20
C SER C 9 38.05 15.81 -16.75
N VAL C 10 39.16 15.17 -16.42
CA VAL C 10 39.46 14.76 -15.05
C VAL C 10 40.85 15.29 -14.72
N LEU C 11 40.92 16.26 -13.81
CA LEU C 11 42.19 16.72 -13.27
C LEU C 11 42.12 16.74 -11.75
N ALA C 12 43.25 16.46 -11.12
CA ALA C 12 43.29 16.38 -9.66
C ALA C 12 44.71 16.61 -9.22
N PHE C 13 44.93 17.62 -8.40
CA PHE C 13 46.24 17.94 -7.86
C PHE C 13 46.21 17.77 -6.37
N GLU C 14 47.00 16.83 -5.86
CA GLU C 14 47.12 16.70 -4.42
C GLU C 14 47.97 17.84 -3.86
N ARG C 15 47.72 18.18 -2.61
CA ARG C 15 48.26 19.41 -2.07
C ARG C 15 49.72 19.24 -1.66
N LYS C 16 50.43 20.35 -1.69
CA LYS C 16 51.72 20.51 -1.05
C LYS C 16 51.53 21.43 0.14
N LEU C 17 52.58 21.55 0.96
CA LEU C 17 52.55 22.32 2.22
C LEU C 17 51.46 21.80 3.15
N ASP C 18 51.66 20.59 3.65
CA ASP C 18 50.66 19.90 4.44
C ASP C 18 50.88 20.18 5.93
N PRO C 19 50.00 20.94 6.60
CA PRO C 19 50.20 21.21 8.02
C PRO C 19 49.54 20.17 8.91
N SER C 20 49.60 20.36 10.23
CA SER C 20 48.88 19.50 11.17
C SER C 20 48.08 20.34 12.14
N ASP C 21 47.55 19.73 13.19
CA ASP C 21 46.74 20.46 14.16
C ASP C 21 47.63 21.27 15.09
N ALA C 22 47.01 22.15 15.87
CA ALA C 22 47.75 23.25 16.48
C ALA C 22 48.12 23.06 17.95
N LEU C 23 47.28 22.40 18.74
CA LEU C 23 47.64 21.89 20.08
C LEU C 23 48.04 23.00 21.06
N MET C 24 47.07 23.83 21.41
CA MET C 24 47.34 24.94 22.31
C MET C 24 47.65 24.46 23.73
N SER C 25 48.61 25.13 24.38
CA SER C 25 48.94 24.86 25.77
C SER C 25 49.53 26.12 26.37
N ALA C 26 49.22 26.37 27.65
CA ALA C 26 49.45 27.66 28.26
C ALA C 26 50.57 27.59 29.29
N GLY C 27 51.14 28.76 29.59
CA GLY C 27 52.20 28.82 30.58
C GLY C 27 52.58 30.26 30.88
N ALA C 28 53.80 30.43 31.39
CA ALA C 28 54.28 31.73 31.83
C ALA C 28 55.44 32.21 30.97
N TRP C 29 55.46 33.51 30.68
CA TRP C 29 56.54 34.14 29.94
C TRP C 29 57.82 34.14 30.77
N ALA C 30 58.95 34.32 30.07
CA ALA C 30 60.32 34.24 30.60
C ALA C 30 60.66 32.85 31.14
N GLN C 31 59.85 31.85 30.82
CA GLN C 31 60.17 30.45 31.02
C GLN C 31 59.92 29.68 29.74
N ARG C 32 59.78 30.38 28.62
CA ARG C 32 59.50 29.79 27.33
C ARG C 32 60.69 29.05 26.73
N ASP C 33 61.88 29.20 27.31
CA ASP C 33 63.02 28.42 26.86
C ASP C 33 62.91 26.96 27.30
N ALA C 34 62.14 26.68 28.35
CA ALA C 34 61.87 25.32 28.81
C ALA C 34 60.43 24.93 28.54
N SER C 35 59.91 25.33 27.38
CA SER C 35 58.49 25.14 27.07
C SER C 35 58.26 23.75 26.49
N GLN C 36 58.42 22.76 27.35
CA GLN C 36 58.19 21.37 26.94
C GLN C 36 57.18 20.67 27.83
N GLU C 37 57.18 20.94 29.13
CA GLU C 37 56.25 20.33 30.06
C GLU C 37 55.27 21.42 30.49
N TRP C 38 54.24 21.64 29.68
CA TRP C 38 53.21 22.57 30.08
C TRP C 38 51.85 21.91 29.97
N PRO C 39 50.93 22.24 30.87
CA PRO C 39 49.57 21.68 30.76
C PRO C 39 48.83 22.27 29.58
N ALA C 40 47.90 21.50 29.05
CA ALA C 40 47.17 21.93 27.89
C ALA C 40 45.97 22.77 28.29
N VAL C 41 45.52 23.60 27.37
CA VAL C 41 44.31 24.39 27.57
C VAL C 41 43.12 23.49 27.32
N THR C 42 42.31 23.29 28.35
CA THR C 42 41.16 22.40 28.24
C THR C 42 39.90 23.20 27.90
N VAL C 43 38.90 22.49 27.40
CA VAL C 43 37.64 23.08 26.97
C VAL C 43 36.59 22.71 28.02
N ARG C 44 35.89 23.72 28.52
CA ARG C 44 34.90 23.47 29.56
C ARG C 44 33.56 24.07 29.16
N GLU C 45 32.56 23.83 29.99
CA GLU C 45 31.20 24.31 29.75
C GLU C 45 30.86 25.43 30.71
N LYS C 46 29.98 26.33 30.27
CA LYS C 46 29.39 27.31 31.16
C LYS C 46 28.06 27.76 30.58
N SER C 47 27.09 27.96 31.45
CA SER C 47 25.78 28.40 31.02
C SER C 47 25.80 29.90 30.75
N GLN C 76 21.38 29.06 27.50
CA GLN C 76 22.25 28.27 26.65
C GLN C 76 23.37 27.67 27.48
N THR C 77 24.08 26.71 26.89
CA THR C 77 25.34 26.20 27.44
C THR C 77 26.39 26.32 26.35
N VAL C 78 27.45 27.08 26.61
CA VAL C 78 28.51 27.24 25.66
C VAL C 78 29.76 26.56 26.17
N ASP C 79 30.73 26.37 25.28
CA ASP C 79 32.04 25.86 25.63
C ASP C 79 33.04 26.99 25.53
N VAL C 80 33.89 27.13 26.54
CA VAL C 80 34.93 28.14 26.54
C VAL C 80 36.27 27.47 26.80
N ALA C 81 37.33 28.23 26.52
CA ALA C 81 38.69 27.81 26.81
C ALA C 81 39.41 29.02 27.37
N ASN C 82 39.79 28.96 28.64
CA ASN C 82 40.53 30.03 29.27
C ASN C 82 41.90 29.51 29.69
N LEU C 83 42.84 30.43 29.86
CA LEU C 83 44.12 30.08 30.43
C LEU C 83 43.95 29.79 31.91
N PRO C 84 44.91 29.09 32.53
CA PRO C 84 44.96 29.07 34.00
C PRO C 84 45.20 30.46 34.55
N SER C 85 44.78 30.67 35.79
CA SER C 85 44.79 32.00 36.38
C SER C 85 46.19 32.51 36.68
N ASP C 86 47.18 31.63 36.71
CA ASP C 86 48.56 32.02 36.97
C ASP C 86 49.44 31.77 35.75
N ALA C 87 48.91 32.05 34.56
CA ALA C 87 49.64 31.85 33.33
C ALA C 87 49.17 32.89 32.32
N ASP C 88 50.11 33.45 31.55
CA ASP C 88 49.76 34.54 30.65
C ASP C 88 50.20 34.35 29.21
N THR C 89 50.78 33.20 28.86
CA THR C 89 51.20 32.97 27.49
C THR C 89 50.52 31.75 26.90
N LEU C 90 50.18 31.89 25.62
CA LEU C 90 49.63 30.83 24.80
C LEU C 90 50.73 30.27 23.92
N LYS C 91 50.78 28.94 23.83
CA LYS C 91 51.74 28.22 23.00
C LYS C 91 50.99 27.40 21.98
N VAL C 92 51.32 27.61 20.71
CA VAL C 92 50.70 26.89 19.59
C VAL C 92 51.81 26.21 18.81
N ARG C 93 51.79 24.89 18.76
CA ARG C 93 52.86 24.12 18.14
C ARG C 93 52.29 23.21 17.06
N PHE C 94 52.72 23.40 15.82
CA PHE C 94 52.34 22.49 14.75
C PHE C 94 53.57 22.18 13.92
N THR C 95 53.43 21.21 13.02
CA THR C 95 54.50 20.84 12.10
C THR C 95 54.04 21.08 10.67
N LEU C 96 55.02 21.14 9.77
CA LEU C 96 54.73 21.46 8.38
C LEU C 96 55.68 20.66 7.49
N ARG C 97 55.13 19.81 6.65
CA ARG C 97 55.92 19.00 5.73
C ARG C 97 55.79 19.63 4.34
N VAL C 98 56.91 20.08 3.78
CA VAL C 98 56.89 20.76 2.50
C VAL C 98 57.19 19.71 1.42
N LEU C 99 56.16 19.29 0.69
CA LEU C 99 56.37 18.28 -0.32
C LEU C 99 56.92 18.91 -1.58
N GLY C 100 57.40 18.07 -2.49
CA GLY C 100 57.97 18.56 -3.72
C GLY C 100 57.36 17.92 -4.94
N GLY C 101 57.59 18.52 -6.11
CA GLY C 101 57.08 17.97 -7.34
C GLY C 101 55.71 18.51 -7.71
N ALA C 102 55.57 19.84 -7.64
CA ALA C 102 54.31 20.47 -8.00
C ALA C 102 54.13 20.45 -9.51
N GLY C 103 52.88 20.58 -9.93
CA GLY C 103 52.54 20.60 -11.33
C GLY C 103 52.18 19.24 -11.92
N THR C 104 52.74 18.17 -11.39
CA THR C 104 52.39 16.84 -11.85
C THR C 104 51.04 16.43 -11.28
N PRO C 105 50.03 16.17 -12.10
CA PRO C 105 48.71 15.88 -11.56
C PRO C 105 48.62 14.49 -10.98
N SER C 106 47.74 14.33 -10.00
CA SER C 106 47.56 13.03 -9.38
C SER C 106 46.77 12.10 -10.28
N ALA C 107 45.84 12.62 -11.05
CA ALA C 107 45.01 11.80 -11.93
C ALA C 107 44.57 12.66 -13.10
N CYS C 108 45.11 12.39 -14.28
CA CYS C 108 44.75 13.12 -15.48
C CYS C 108 43.77 12.31 -16.30
N ASN C 109 43.47 12.80 -17.51
CA ASN C 109 42.56 12.11 -18.41
C ASN C 109 43.08 12.07 -19.84
N ASP C 110 44.16 12.79 -20.14
CA ASP C 110 44.69 12.86 -21.49
C ASP C 110 46.20 12.67 -21.40
N ALA C 111 46.79 12.19 -22.49
CA ALA C 111 48.23 12.02 -22.54
C ALA C 111 48.94 13.26 -23.08
N ALA C 112 48.35 13.91 -24.10
CA ALA C 112 48.98 15.08 -24.68
C ALA C 112 48.84 16.30 -23.79
N TYR C 113 47.68 16.42 -23.13
CA TYR C 113 47.43 17.56 -22.26
C TYR C 113 48.32 17.53 -21.03
N ARG C 114 48.62 16.34 -20.53
CA ARG C 114 49.51 16.20 -19.39
C ARG C 114 50.94 16.58 -19.75
N ASP C 115 51.38 16.22 -20.96
CA ASP C 115 52.73 16.55 -21.39
C ASP C 115 52.87 18.03 -21.68
N LYS C 116 51.83 18.64 -22.26
CA LYS C 116 51.82 20.09 -22.46
C LYS C 116 51.85 20.82 -21.13
N LEU C 117 51.13 20.30 -20.13
CA LEU C 117 51.12 20.91 -18.81
C LEU C 117 52.48 20.82 -18.13
N LEU C 118 53.13 19.65 -18.21
CA LEU C 118 54.44 19.50 -17.58
C LEU C 118 55.51 20.32 -18.29
N GLN C 119 55.41 20.48 -19.62
CA GLN C 119 56.34 21.38 -20.30
C GLN C 119 56.09 22.83 -19.94
N THR C 120 54.84 23.19 -19.65
CA THR C 120 54.54 24.57 -19.26
C THR C 120 55.08 24.87 -17.86
N VAL C 121 54.85 23.96 -16.91
CA VAL C 121 55.32 24.17 -15.54
C VAL C 121 56.83 24.12 -15.48
N ALA C 122 57.45 23.17 -16.19
CA ALA C 122 58.90 23.10 -16.21
C ALA C 122 59.51 24.29 -16.94
N THR C 123 58.80 24.84 -17.93
CA THR C 123 59.22 26.10 -18.54
C THR C 123 59.18 27.24 -17.53
N TYR C 124 58.14 27.28 -16.69
CA TYR C 124 58.04 28.31 -15.65
C TYR C 124 59.19 28.21 -14.66
N VAL C 125 59.45 27.01 -14.15
CA VAL C 125 60.47 26.83 -13.12
C VAL C 125 61.86 27.08 -13.70
N ASN C 126 62.08 26.70 -14.95
CA ASN C 126 63.38 26.96 -15.57
C ASN C 126 63.57 28.44 -15.90
N ASP C 127 62.48 29.16 -16.19
CA ASP C 127 62.62 30.60 -16.42
C ASP C 127 62.87 31.35 -15.12
N GLN C 128 62.11 31.03 -14.08
CA GLN C 128 62.30 31.66 -12.78
C GLN C 128 61.91 30.67 -11.69
N GLY C 129 62.61 30.71 -10.58
CA GLY C 129 62.47 29.69 -9.56
C GLY C 129 61.20 29.84 -8.74
N PHE C 130 61.20 29.12 -7.62
CA PHE C 130 60.14 29.23 -6.62
C PHE C 130 60.46 30.27 -5.56
N ALA C 131 61.21 31.32 -5.92
CA ALA C 131 61.72 32.26 -4.92
C ALA C 131 60.63 33.17 -4.37
N GLU C 132 59.76 33.68 -5.24
CA GLU C 132 58.75 34.65 -4.81
C GLU C 132 57.73 34.01 -3.88
N LEU C 133 57.24 32.83 -4.26
CA LEU C 133 56.24 32.15 -3.44
C LEU C 133 56.82 31.68 -2.13
N ALA C 134 58.09 31.26 -2.12
CA ALA C 134 58.72 30.89 -0.86
C ALA C 134 58.98 32.10 0.01
N ARG C 135 59.20 33.27 -0.58
CA ARG C 135 59.31 34.49 0.20
C ARG C 135 58.00 34.83 0.88
N ARG C 136 56.90 34.76 0.15
CA ARG C 136 55.61 35.13 0.74
C ARG C 136 55.14 34.09 1.76
N TYR C 137 55.39 32.81 1.50
CA TYR C 137 55.11 31.76 2.49
C TYR C 137 55.98 31.92 3.73
N ALA C 138 57.23 32.32 3.55
CA ALA C 138 58.10 32.59 4.68
C ALA C 138 57.66 33.81 5.46
N HIS C 139 56.99 34.76 4.80
CA HIS C 139 56.39 35.85 5.56
C HIS C 139 55.21 35.38 6.37
N ASN C 140 54.35 34.53 5.79
CA ASN C 140 53.21 34.07 6.60
C ASN C 140 53.60 33.07 7.67
N LEU C 141 54.80 32.49 7.63
CA LEU C 141 55.33 31.83 8.82
C LEU C 141 56.07 32.77 9.73
N ALA C 142 56.52 33.93 9.22
CA ALA C 142 57.30 34.84 10.04
C ALA C 142 56.43 35.55 11.06
N ASN C 143 55.47 36.35 10.60
CA ASN C 143 54.46 36.81 11.53
C ASN C 143 53.46 35.70 11.80
N ALA C 144 52.88 35.71 12.98
CA ALA C 144 52.07 34.57 13.41
C ALA C 144 50.62 34.74 12.96
N ARG C 145 50.43 34.81 11.64
CA ARG C 145 49.09 34.98 11.09
C ARG C 145 48.23 33.73 11.33
N PHE C 146 48.86 32.56 11.39
CA PHE C 146 48.16 31.34 11.80
C PHE C 146 47.66 31.43 13.22
N LEU C 147 48.38 32.15 14.06
CA LEU C 147 47.94 32.41 15.42
C LEU C 147 47.12 33.68 15.53
N TRP C 148 47.24 34.62 14.58
CA TRP C 148 46.66 35.97 14.72
C TRP C 148 45.17 36.04 14.51
N ARG C 149 44.48 34.92 14.68
CA ARG C 149 43.10 34.95 15.10
C ARG C 149 43.02 35.28 16.59
N ASN C 150 44.12 35.02 17.32
CA ASN C 150 44.43 35.55 18.64
C ASN C 150 45.38 36.74 18.57
N ARG C 151 45.26 37.58 17.54
CA ARG C 151 46.14 38.74 17.41
C ARG C 151 45.85 39.78 18.47
N VAL C 152 44.58 40.13 18.61
CA VAL C 152 44.13 41.46 19.02
C VAL C 152 44.52 41.67 20.48
N GLY C 153 45.49 42.56 20.71
CA GLY C 153 45.93 42.83 22.05
C GLY C 153 46.89 41.79 22.58
N ALA C 154 48.04 41.67 21.95
CA ALA C 154 49.13 40.85 22.46
C ALA C 154 50.35 41.74 22.66
N GLU C 155 50.99 41.60 23.81
CA GLU C 155 52.14 42.44 24.11
C GLU C 155 53.36 42.01 23.29
N ALA C 156 53.57 40.71 23.15
CA ALA C 156 54.72 40.20 22.43
C ALA C 156 54.38 38.83 21.87
N VAL C 157 54.67 38.64 20.58
CA VAL C 157 54.44 37.37 19.90
C VAL C 157 55.78 36.90 19.37
N GLU C 158 56.23 35.75 19.82
CA GLU C 158 57.53 35.21 19.41
C GLU C 158 57.33 33.90 18.68
N VAL C 159 57.95 33.78 17.50
CA VAL C 159 57.81 32.60 16.65
C VAL C 159 59.16 31.92 16.54
N ARG C 160 59.20 30.63 16.83
CA ARG C 160 60.41 29.82 16.74
C ARG C 160 60.18 28.71 15.72
N ILE C 161 61.04 28.65 14.71
CA ILE C 161 60.91 27.72 13.60
C ILE C 161 62.14 26.83 13.58
N ASN C 162 61.93 25.52 13.62
CA ASN C 162 63.04 24.59 13.59
C ASN C 162 63.00 23.77 12.31
N HIS C 163 64.17 23.49 11.76
CA HIS C 163 64.32 22.54 10.67
C HIS C 163 64.71 21.20 11.25
N ILE C 164 63.97 20.16 10.90
CA ILE C 164 64.20 18.82 11.44
C ILE C 164 64.67 17.93 10.31
N ARG C 165 65.91 17.46 10.42
CA ARG C 165 66.55 16.59 9.44
C ARG C 165 66.69 15.16 9.92
N GLN C 166 66.97 15.00 11.20
CA GLN C 166 67.02 13.72 11.90
C GLN C 166 66.32 13.96 13.22
N GLY C 167 66.59 13.12 14.22
CA GLY C 167 66.21 13.46 15.57
C GLY C 167 66.81 14.78 16.06
N GLU C 168 67.97 15.14 15.54
CA GLU C 168 68.61 16.41 15.88
C GLU C 168 68.06 17.54 15.02
N VAL C 169 67.93 18.72 15.63
CA VAL C 169 67.52 19.92 14.92
C VAL C 169 68.67 20.39 14.03
N ALA C 170 68.37 20.66 12.77
CA ALA C 170 69.39 21.12 11.83
C ALA C 170 69.69 22.61 12.03
N ARG C 171 68.68 23.46 11.88
CA ARG C 171 68.86 24.91 11.96
C ARG C 171 67.64 25.54 12.58
N ALA C 172 67.85 26.47 13.51
CA ALA C 172 66.77 27.10 14.27
C ALA C 172 66.70 28.59 13.97
N TRP C 173 65.47 29.09 13.86
CA TRP C 173 65.18 30.50 13.69
C TRP C 173 64.31 30.99 14.83
N ARG C 174 64.53 32.23 15.25
CA ARG C 174 63.65 32.89 16.20
C ARG C 174 63.30 34.27 15.66
N PHE C 175 62.02 34.57 15.60
CA PHE C 175 61.52 35.79 14.97
C PHE C 175 60.80 36.66 16.00
N ASP C 176 60.20 37.73 15.50
CA ASP C 176 59.41 38.64 16.33
C ASP C 176 58.25 39.11 15.45
N ALA C 177 57.07 38.59 15.71
CA ALA C 177 55.95 38.73 14.79
C ALA C 177 55.35 40.12 14.78
N LEU C 178 55.51 40.91 15.84
CA LEU C 178 54.89 42.23 15.84
C LEU C 178 55.72 43.24 15.05
N ALA C 179 57.03 43.05 15.00
CA ALA C 179 57.86 43.94 14.18
C ALA C 179 57.66 43.65 12.71
N ILE C 180 57.54 42.38 12.34
CA ILE C 180 57.26 42.01 10.96
C ILE C 180 55.81 42.37 10.63
N GLY C 181 55.62 43.13 9.56
CA GLY C 181 54.31 43.65 9.26
C GLY C 181 53.32 42.61 8.82
N LEU C 182 52.06 43.00 8.82
CA LEU C 182 50.97 42.15 8.34
C LEU C 182 50.71 42.34 6.85
N ARG C 183 50.95 43.53 6.31
CA ARG C 183 50.63 43.83 4.93
C ARG C 183 51.84 44.11 4.06
N ASP C 184 53.05 44.21 4.62
CA ASP C 184 54.22 44.62 3.89
C ASP C 184 55.20 43.46 3.80
N PHE C 185 55.51 43.03 2.57
CA PHE C 185 56.44 41.94 2.34
C PHE C 185 57.81 42.52 2.04
N LYS C 186 58.47 42.97 3.10
CA LYS C 186 59.81 43.55 3.00
C LYS C 186 60.86 42.51 3.36
N ALA C 187 61.95 42.51 2.60
CA ALA C 187 62.92 41.44 2.66
C ALA C 187 63.75 41.51 3.95
N ASP C 188 64.47 40.42 4.21
CA ASP C 188 65.33 40.25 5.38
C ASP C 188 66.25 39.08 5.09
N ALA C 189 67.39 39.05 5.81
CA ALA C 189 68.38 38.00 5.58
C ALA C 189 67.88 36.64 6.05
N GLU C 190 67.28 36.60 7.24
CA GLU C 190 66.80 35.35 7.80
C GLU C 190 65.61 34.81 7.01
N LEU C 191 64.73 35.72 6.55
CA LEU C 191 63.66 35.29 5.67
C LEU C 191 64.15 34.87 4.31
N ASP C 192 65.31 35.36 3.88
CA ASP C 192 65.90 34.82 2.66
C ASP C 192 66.47 33.43 2.89
N ALA C 193 66.97 33.14 4.10
CA ALA C 193 67.44 31.80 4.40
C ALA C 193 66.28 30.81 4.46
N LEU C 194 65.19 31.20 5.13
CA LEU C 194 64.02 30.34 5.23
C LEU C 194 63.33 30.19 3.86
N ALA C 195 63.37 31.25 3.04
CA ALA C 195 62.82 31.14 1.70
C ALA C 195 63.68 30.28 0.80
N GLU C 196 64.99 30.23 1.05
CA GLU C 196 65.82 29.27 0.33
C GLU C 196 65.53 27.85 0.77
N LEU C 197 65.18 27.64 2.04
CA LEU C 197 64.85 26.29 2.49
C LEU C 197 63.52 25.82 1.89
N ILE C 198 62.51 26.68 1.92
CA ILE C 198 61.20 26.31 1.38
C ILE C 198 61.26 26.17 -0.14
N ALA C 199 61.97 27.08 -0.80
CA ALA C 199 62.12 26.98 -2.25
C ALA C 199 62.95 25.77 -2.65
N SER C 200 63.89 25.36 -1.81
CA SER C 200 64.59 24.10 -2.04
C SER C 200 63.69 22.90 -1.77
N GLY C 201 62.65 23.08 -0.97
CA GLY C 201 61.72 22.00 -0.73
C GLY C 201 60.71 21.79 -1.82
N LEU C 202 60.15 22.88 -2.36
CA LEU C 202 59.11 22.77 -3.37
C LEU C 202 59.66 22.31 -4.72
N SER C 203 60.94 22.52 -4.98
CA SER C 203 61.53 22.09 -6.23
C SER C 203 61.97 20.64 -6.24
N GLY C 204 61.71 19.91 -5.15
CA GLY C 204 62.06 18.51 -5.11
C GLY C 204 63.52 18.23 -4.86
N SER C 205 64.28 19.23 -4.41
CA SER C 205 65.72 19.05 -4.18
C SER C 205 66.04 18.47 -2.82
N GLY C 206 65.04 18.11 -2.02
CA GLY C 206 65.32 17.54 -0.71
C GLY C 206 64.03 17.38 0.06
N HIS C 207 64.18 16.95 1.31
CA HIS C 207 63.06 16.75 2.22
C HIS C 207 63.06 17.86 3.26
N VAL C 208 61.91 18.49 3.47
CA VAL C 208 61.78 19.62 4.36
C VAL C 208 60.67 19.35 5.35
N LEU C 209 61.04 19.26 6.64
CA LEU C 209 60.10 19.13 7.74
C LEU C 209 60.40 20.21 8.75
N LEU C 210 59.42 21.06 9.01
CA LEU C 210 59.58 22.20 9.90
C LEU C 210 58.71 22.03 11.13
N GLU C 211 59.19 22.53 12.26
CA GLU C 211 58.45 22.55 13.51
C GLU C 211 58.24 24.00 13.91
N VAL C 212 56.99 24.44 13.93
CA VAL C 212 56.65 25.83 14.19
C VAL C 212 56.01 25.94 15.57
N VAL C 213 56.58 26.79 16.42
CA VAL C 213 56.10 27.04 17.78
C VAL C 213 55.87 28.53 17.92
N ALA C 214 54.71 28.92 18.43
CA ALA C 214 54.38 30.34 18.55
C ALA C 214 53.92 30.66 19.96
N PHE C 215 54.36 31.81 20.46
CA PHE C 215 54.17 32.27 21.82
C PHE C 215 53.46 33.61 21.82
N ALA C 216 52.45 33.76 22.67
CA ALA C 216 51.72 35.03 22.73
C ALA C 216 51.44 35.38 24.19
N ARG C 217 51.57 36.67 24.53
CA ARG C 217 51.15 37.16 25.85
C ARG C 217 49.80 37.83 25.73
N ILE C 218 48.79 37.26 26.37
CA ILE C 218 47.47 37.86 26.28
C ILE C 218 46.93 38.17 27.66
N GLY C 219 47.58 37.67 28.71
CA GLY C 219 47.23 38.02 30.06
C GLY C 219 46.80 36.83 30.89
N ASP C 220 46.69 37.07 32.19
CA ASP C 220 46.34 36.02 33.12
C ASP C 220 44.85 35.69 33.02
N GLY C 221 44.55 34.42 32.83
CA GLY C 221 43.17 33.97 32.86
C GLY C 221 42.29 34.42 31.72
N GLN C 222 42.87 34.92 30.64
CA GLN C 222 42.09 35.41 29.51
C GLN C 222 41.56 34.25 28.67
N GLU C 223 40.94 34.58 27.55
CA GLU C 223 40.26 33.60 26.74
C GLU C 223 41.03 33.34 25.45
N VAL C 224 41.21 32.07 25.12
CA VAL C 224 41.81 31.67 23.87
C VAL C 224 40.73 31.15 22.94
N PHE C 225 41.06 31.01 21.66
CA PHE C 225 40.09 30.78 20.60
C PHE C 225 40.44 29.53 19.80
N PRO C 226 39.93 28.36 20.19
CA PRO C 226 40.01 27.18 19.32
C PRO C 226 38.94 27.24 18.23
N SER C 227 38.80 26.19 17.44
CA SER C 227 38.12 26.32 16.15
C SER C 227 37.06 25.25 15.87
N GLN C 228 35.81 25.53 16.27
CA GLN C 228 34.60 24.86 15.78
C GLN C 228 33.42 25.64 16.32
N GLU C 229 32.29 25.59 15.58
CA GLU C 229 30.99 26.05 16.09
C GLU C 229 29.84 25.15 15.61
N LEU C 230 30.09 23.86 15.31
CA LEU C 230 29.30 23.15 14.30
C LEU C 230 27.91 22.73 14.77
N LYS C 243 27.24 25.85 21.17
CA LYS C 243 28.62 26.14 20.78
C LYS C 243 29.53 25.02 21.28
N THR C 244 30.06 24.24 20.35
CA THR C 244 31.12 23.29 20.67
C THR C 244 32.47 23.87 20.28
N LEU C 245 33.53 23.19 20.69
CA LEU C 245 34.88 23.59 20.33
C LEU C 245 35.67 22.35 19.97
N TYR C 246 36.51 22.48 18.96
CA TYR C 246 37.31 21.35 18.49
C TYR C 246 38.37 20.99 19.51
N SER C 247 38.60 19.70 19.67
CA SER C 247 39.60 19.22 20.58
C SER C 247 40.23 17.96 20.04
N VAL C 248 41.33 17.59 20.67
CA VAL C 248 42.07 16.36 20.45
C VAL C 248 41.98 15.69 21.82
N ARG C 249 42.82 14.69 22.08
CA ARG C 249 42.73 14.01 23.36
C ARG C 249 43.08 14.95 24.51
N ASP C 250 42.04 15.60 25.03
CA ASP C 250 42.06 16.48 26.20
C ASP C 250 42.97 17.69 26.01
N ALA C 251 42.78 18.39 24.88
CA ALA C 251 43.48 19.62 24.59
C ALA C 251 42.71 20.37 23.52
N ALA C 252 42.64 21.69 23.66
CA ALA C 252 42.01 22.51 22.63
C ALA C 252 42.97 22.70 21.47
N ALA C 253 42.44 22.66 20.25
CA ALA C 253 43.29 22.72 19.07
C ALA C 253 42.56 23.46 17.95
N ILE C 254 43.31 23.77 16.90
CA ILE C 254 42.79 24.43 15.71
C ILE C 254 42.84 23.41 14.58
N HIS C 255 41.85 23.47 13.69
CA HIS C 255 41.84 22.64 12.49
C HIS C 255 43.05 22.93 11.62
N SER C 256 43.42 21.94 10.81
CA SER C 256 44.61 22.09 9.99
C SER C 256 44.38 23.01 8.80
N GLN C 257 43.16 23.06 8.29
CA GLN C 257 42.91 23.90 7.12
C GLN C 257 42.77 25.37 7.45
N LYS C 258 42.60 25.74 8.73
CA LYS C 258 42.74 27.16 9.07
C LYS C 258 44.20 27.58 9.02
N ILE C 259 45.10 26.70 9.46
CA ILE C 259 46.51 27.01 9.38
C ILE C 259 46.98 27.04 7.94
N GLY C 260 46.46 26.12 7.11
CA GLY C 260 46.76 26.18 5.69
C GLY C 260 46.18 27.40 5.01
N ASN C 261 44.99 27.82 5.44
CA ASN C 261 44.40 29.04 4.93
C ASN C 261 45.24 30.25 5.28
N ALA C 262 45.80 30.27 6.49
CA ALA C 262 46.68 31.37 6.86
C ALA C 262 48.00 31.32 6.13
N LEU C 263 48.45 30.15 5.72
CA LEU C 263 49.66 30.11 4.90
C LEU C 263 49.40 30.46 3.44
N ARG C 264 48.16 30.43 2.98
CA ARG C 264 47.89 30.73 1.58
C ARG C 264 47.42 32.15 1.32
N THR C 265 47.56 33.07 2.28
CA THR C 265 47.17 34.46 2.03
C THR C 265 48.38 35.20 1.51
N ILE C 266 48.64 35.04 0.21
CA ILE C 266 49.75 35.68 -0.46
C ILE C 266 49.31 36.49 -1.67
N ASP C 267 48.02 36.55 -1.96
CA ASP C 267 47.52 37.12 -3.20
C ASP C 267 47.30 38.63 -3.03
N THR C 268 48.10 39.43 -3.72
CA THR C 268 48.05 40.88 -3.60
C THR C 268 47.74 41.58 -4.91
N TRP C 269 47.13 40.90 -5.88
CA TRP C 269 46.95 41.49 -7.20
C TRP C 269 45.49 41.60 -7.59
N TYR C 270 44.76 40.52 -7.46
CA TYR C 270 43.35 40.44 -7.79
C TYR C 270 42.33 41.23 -6.96
N PRO C 271 42.57 41.59 -5.68
CA PRO C 271 41.67 42.56 -5.04
C PRO C 271 41.59 43.91 -5.75
N ASP C 272 42.60 44.30 -6.55
CA ASP C 272 42.57 45.41 -7.48
C ASP C 272 42.33 46.75 -6.81
N GLU C 273 42.61 46.84 -5.51
CA GLU C 273 42.35 48.02 -4.71
C GLU C 273 43.50 48.19 -3.74
N ASP C 274 44.14 49.35 -3.78
CA ASP C 274 45.21 49.65 -2.84
C ASP C 274 44.63 49.92 -1.46
N GLY C 275 45.16 49.23 -0.45
CA GLY C 275 44.72 49.41 0.90
C GLY C 275 44.21 48.14 1.54
N LEU C 276 43.47 47.34 0.78
CA LEU C 276 43.08 46.02 1.24
C LEU C 276 44.25 45.07 1.09
N GLY C 277 44.49 44.27 2.13
CA GLY C 277 45.67 43.45 2.19
C GLY C 277 45.60 42.21 1.33
N PRO C 278 46.48 41.25 1.60
CA PRO C 278 46.46 40.01 0.83
C PRO C 278 45.26 39.16 1.19
N ILE C 279 44.78 38.40 0.20
CA ILE C 279 43.70 37.44 0.40
C ILE C 279 44.24 36.05 0.12
N ALA C 280 43.43 35.05 0.45
CA ALA C 280 43.81 33.68 0.23
C ALA C 280 43.72 33.32 -1.25
N VAL C 281 44.46 32.29 -1.65
CA VAL C 281 44.54 31.89 -3.04
C VAL C 281 43.46 30.86 -3.31
N GLU C 282 42.40 31.28 -3.97
CA GLU C 282 41.33 30.39 -4.39
C GLU C 282 41.27 30.45 -5.92
N PRO C 283 40.55 29.53 -6.60
CA PRO C 283 40.40 29.69 -8.06
C PRO C 283 39.65 30.95 -8.44
N TYR C 284 38.52 31.22 -7.81
CA TYR C 284 37.90 32.53 -7.92
C TYR C 284 38.46 33.39 -6.82
N GLY C 285 37.93 34.58 -6.63
CA GLY C 285 38.49 35.47 -5.64
C GLY C 285 37.69 35.50 -4.37
N SER C 286 37.18 34.33 -3.98
CA SER C 286 36.13 34.27 -2.98
C SER C 286 36.69 34.49 -1.58
N VAL C 287 36.06 35.39 -0.84
CA VAL C 287 36.31 35.59 0.57
C VAL C 287 34.99 35.39 1.29
N THR C 288 34.94 34.44 2.22
CA THR C 288 33.69 34.07 2.85
C THR C 288 33.22 35.13 3.84
N SER C 289 34.13 35.65 4.65
CA SER C 289 33.82 36.65 5.65
C SER C 289 33.74 38.06 5.09
N GLN C 290 33.71 38.20 3.77
CA GLN C 290 33.40 39.47 3.12
C GLN C 290 32.30 39.33 2.07
N GLY C 291 31.97 38.11 1.66
CA GLY C 291 30.90 37.87 0.71
C GLY C 291 31.14 38.43 -0.67
N LYS C 292 32.37 38.37 -1.16
CA LYS C 292 32.68 38.98 -2.44
C LYS C 292 33.77 38.19 -3.12
N ALA C 293 33.59 37.90 -4.40
CA ALA C 293 34.58 37.21 -5.21
C ALA C 293 35.35 38.25 -6.00
N TYR C 294 36.65 38.34 -5.75
CA TYR C 294 37.48 39.33 -6.41
C TYR C 294 37.96 38.89 -7.79
N ARG C 295 37.61 37.69 -8.21
CA ARG C 295 38.03 37.13 -9.50
C ARG C 295 36.78 36.54 -10.15
N GLN C 296 36.09 37.31 -10.86
CA GLN C 296 34.93 36.74 -11.49
C GLN C 296 35.22 36.40 -12.94
N PRO C 297 34.56 35.39 -13.52
CA PRO C 297 34.82 35.06 -14.93
C PRO C 297 34.24 36.05 -15.93
N LYS C 298 33.54 37.10 -15.49
CA LYS C 298 33.26 38.23 -16.37
C LYS C 298 34.55 38.91 -16.79
N GLN C 299 35.45 39.13 -15.83
CA GLN C 299 36.81 39.49 -16.16
C GLN C 299 37.56 38.26 -16.66
N LYS C 300 38.76 38.50 -17.17
CA LYS C 300 39.63 37.40 -17.58
C LYS C 300 40.65 37.06 -16.50
N LEU C 301 40.42 37.51 -15.27
CA LEU C 301 41.30 37.24 -14.14
C LEU C 301 40.67 36.08 -13.36
N ASP C 302 41.13 34.87 -13.64
CA ASP C 302 40.55 33.67 -13.07
C ASP C 302 41.58 32.57 -13.23
N PHE C 303 41.48 31.54 -12.39
CA PHE C 303 42.42 30.43 -12.53
C PHE C 303 42.12 29.60 -13.77
N TYR C 304 40.85 29.33 -14.02
CA TYR C 304 40.47 28.46 -15.13
C TYR C 304 40.74 29.14 -16.48
N THR C 305 40.50 30.45 -16.53
CA THR C 305 40.69 31.18 -17.78
C THR C 305 42.17 31.32 -18.11
N LEU C 306 43.00 31.66 -17.12
CA LEU C 306 44.43 31.79 -17.37
C LEU C 306 45.08 30.45 -17.62
N LEU C 307 44.60 29.38 -16.96
CA LEU C 307 45.16 28.06 -17.20
C LEU C 307 44.82 27.55 -18.59
N ASP C 308 43.59 27.82 -19.04
CA ASP C 308 43.20 27.45 -20.40
C ASP C 308 43.96 28.26 -21.43
N ASN C 309 44.09 29.57 -21.21
CA ASN C 309 44.77 30.42 -22.16
C ASN C 309 46.29 30.28 -22.12
N TRP C 310 46.85 29.61 -21.13
CA TRP C 310 48.29 29.47 -21.05
C TRP C 310 48.78 28.05 -21.30
N VAL C 311 47.93 27.05 -21.16
CA VAL C 311 48.32 25.69 -21.54
C VAL C 311 47.96 25.40 -22.99
N LEU C 312 46.71 25.68 -23.37
CA LEU C 312 46.25 25.29 -24.69
C LEU C 312 46.74 26.25 -25.77
N ARG C 313 46.48 27.54 -25.59
CA ARG C 313 46.67 28.53 -26.64
C ARG C 313 48.01 29.23 -26.58
N ASP C 314 48.87 28.86 -25.63
CA ASP C 314 50.24 29.36 -25.44
C ASP C 314 50.30 30.87 -25.22
N GLU C 315 49.21 31.48 -24.76
CA GLU C 315 49.19 32.92 -24.50
C GLU C 315 49.64 33.11 -23.06
N ALA C 316 50.89 33.49 -22.88
CA ALA C 316 51.43 33.66 -21.54
C ALA C 316 50.87 34.93 -20.90
N PRO C 317 50.35 34.85 -19.68
CA PRO C 317 49.88 36.06 -19.00
C PRO C 317 51.01 36.87 -18.42
N ALA C 318 50.71 37.86 -17.59
CA ALA C 318 51.75 38.61 -16.89
C ALA C 318 52.46 37.72 -15.88
N VAL C 319 53.53 38.26 -15.29
CA VAL C 319 54.41 37.45 -14.44
C VAL C 319 53.71 37.07 -13.14
N GLU C 320 53.08 38.04 -12.50
CA GLU C 320 52.46 37.76 -11.21
C GLU C 320 51.19 36.95 -11.36
N GLN C 321 50.57 36.99 -12.54
CA GLN C 321 49.49 36.07 -12.85
C GLN C 321 50.00 34.63 -12.93
N GLN C 322 51.21 34.45 -13.46
CA GLN C 322 51.80 33.12 -13.45
C GLN C 322 52.13 32.67 -12.03
N HIS C 323 52.51 33.62 -11.17
CA HIS C 323 52.67 33.31 -9.75
C HIS C 323 51.34 32.88 -9.12
N TYR C 324 50.23 33.47 -9.57
CA TYR C 324 48.92 33.04 -9.09
C TYR C 324 48.58 31.62 -9.53
N VAL C 325 48.83 31.29 -10.80
CA VAL C 325 48.46 29.98 -11.32
C VAL C 325 49.30 28.89 -10.66
N ILE C 326 50.61 29.13 -10.52
CA ILE C 326 51.45 28.16 -9.84
C ILE C 326 51.11 28.07 -8.35
N ALA C 327 50.62 29.18 -7.76
CA ALA C 327 50.13 29.12 -6.39
C ALA C 327 48.91 28.22 -6.26
N ASN C 328 48.03 28.22 -7.26
CA ASN C 328 46.92 27.27 -7.23
C ASN C 328 47.36 25.85 -7.51
N LEU C 329 48.46 25.64 -8.24
CA LEU C 329 48.92 24.27 -8.39
C LEU C 329 49.59 23.75 -7.13
N ILE C 330 50.18 24.64 -6.33
CA ILE C 330 50.69 24.23 -5.02
C ILE C 330 49.54 24.01 -4.05
N ARG C 331 48.45 24.76 -4.20
CA ARG C 331 47.26 24.53 -3.39
C ARG C 331 46.65 23.15 -3.67
N GLY C 332 46.54 22.77 -4.92
CA GLY C 332 45.88 21.54 -5.27
C GLY C 332 44.36 21.70 -5.34
N GLY C 333 43.72 20.78 -6.04
CA GLY C 333 42.28 20.88 -6.17
C GLY C 333 41.73 19.78 -7.06
N VAL C 334 40.45 19.95 -7.38
CA VAL C 334 39.70 19.04 -8.25
C VAL C 334 39.27 19.84 -9.46
N PHE C 335 39.96 19.64 -10.58
CA PHE C 335 39.78 20.48 -11.75
C PHE C 335 39.14 19.62 -12.86
N GLY C 336 38.55 20.27 -13.84
CA GLY C 336 37.78 19.54 -14.80
C GLY C 336 36.33 19.48 -14.38
N GLU C 337 35.53 18.76 -15.18
CA GLU C 337 34.09 18.69 -14.94
C GLU C 337 33.73 17.89 -13.66
N LEU D 5 38.25 -29.04 -29.89
CA LEU D 5 38.78 -28.35 -28.71
C LEU D 5 38.18 -26.95 -28.58
N SER D 6 36.94 -26.89 -28.14
CA SER D 6 36.35 -25.60 -27.81
C SER D 6 36.73 -25.18 -26.40
N THR D 7 36.62 -23.89 -26.12
CA THR D 7 36.91 -23.38 -24.80
C THR D 7 35.86 -23.83 -23.80
N ALA D 8 36.28 -24.02 -22.56
CA ALA D 8 35.32 -24.31 -21.50
C ALA D 8 34.52 -23.06 -21.20
N SER D 9 33.20 -23.24 -21.11
CA SER D 9 32.33 -22.10 -20.86
C SER D 9 32.34 -21.65 -19.40
N VAL D 10 32.85 -22.47 -18.49
CA VAL D 10 32.96 -22.13 -17.08
C VAL D 10 34.40 -22.37 -16.66
N LEU D 11 35.12 -21.29 -16.35
CA LEU D 11 36.44 -21.39 -15.75
C LEU D 11 36.51 -20.50 -14.53
N ALA D 12 37.28 -20.93 -13.53
CA ALA D 12 37.37 -20.19 -12.29
C ALA D 12 38.67 -20.57 -11.61
N PHE D 13 39.52 -19.59 -11.36
CA PHE D 13 40.79 -19.82 -10.69
C PHE D 13 40.79 -19.06 -9.37
N GLU D 14 40.87 -19.79 -8.27
CA GLU D 14 41.00 -19.15 -6.98
C GLU D 14 42.40 -18.58 -6.84
N ARG D 15 42.52 -17.53 -6.03
CA ARG D 15 43.74 -16.75 -6.03
C ARG D 15 44.81 -17.42 -5.17
N LYS D 16 46.06 -17.12 -5.52
CA LYS D 16 47.21 -17.38 -4.70
C LYS D 16 47.72 -16.03 -4.21
N LEU D 17 48.68 -16.06 -3.29
CA LEU D 17 49.23 -14.87 -2.62
C LEU D 17 48.12 -14.08 -1.91
N ASP D 18 47.58 -14.68 -0.87
CA ASP D 18 46.43 -14.12 -0.16
C ASP D 18 46.90 -13.24 0.99
N PRO D 19 46.72 -11.91 0.92
CA PRO D 19 47.15 -11.06 2.03
C PRO D 19 46.07 -10.85 3.08
N SER D 20 46.34 -10.03 4.08
CA SER D 20 45.32 -9.67 5.05
C SER D 20 45.27 -8.15 5.23
N ASP D 21 44.55 -7.66 6.23
CA ASP D 21 44.44 -6.23 6.45
C ASP D 21 45.72 -5.68 7.08
N ALA D 22 45.83 -4.36 7.12
CA ALA D 22 47.14 -3.73 7.31
C ALA D 22 47.42 -3.24 8.72
N LEU D 23 46.42 -2.75 9.47
CA LEU D 23 46.49 -2.51 10.92
C LEU D 23 47.57 -1.50 11.30
N MET D 24 47.34 -0.25 10.92
CA MET D 24 48.31 0.81 11.20
C MET D 24 48.37 1.12 12.69
N SER D 25 49.57 1.38 13.19
CA SER D 25 49.78 1.81 14.57
C SER D 25 51.06 2.62 14.63
N ALA D 26 51.06 3.66 15.47
CA ALA D 26 52.09 4.69 15.42
C ALA D 26 53.00 4.61 16.64
N GLY D 27 54.19 5.20 16.50
CA GLY D 27 55.14 5.21 17.59
C GLY D 27 56.34 6.07 17.26
N ALA D 28 57.45 5.81 17.96
CA ALA D 28 58.66 6.61 17.83
C ALA D 28 59.81 5.80 17.23
N TRP D 29 60.59 6.45 16.37
CA TRP D 29 61.77 5.84 15.76
C TRP D 29 62.84 5.60 16.83
N ALA D 30 63.79 4.72 16.49
CA ALA D 30 64.85 4.20 17.36
C ALA D 30 64.32 3.46 18.59
N GLN D 31 63.03 3.10 18.57
CA GLN D 31 62.45 2.15 19.50
C GLN D 31 61.67 1.09 18.73
N ARG D 32 61.91 0.98 17.44
CA ARG D 32 61.23 0.04 16.56
C ARG D 32 61.67 -1.40 16.78
N ASP D 33 62.74 -1.63 17.53
CA ASP D 33 63.12 -2.99 17.88
C ASP D 33 62.19 -3.60 18.90
N ALA D 34 61.49 -2.77 19.67
CA ALA D 34 60.48 -3.22 20.63
C ALA D 34 59.09 -2.83 20.17
N SER D 35 58.83 -2.95 18.87
CA SER D 35 57.57 -2.48 18.30
C SER D 35 56.49 -3.55 18.41
N GLN D 36 56.08 -3.77 19.65
CA GLN D 36 55.02 -4.74 19.92
C GLN D 36 53.85 -4.14 20.69
N GLU D 37 54.13 -3.25 21.64
CA GLU D 37 53.10 -2.61 22.43
C GLU D 37 53.02 -1.15 21.97
N TRP D 38 52.28 -0.91 20.90
CA TRP D 38 52.07 0.46 20.48
C TRP D 38 50.60 0.73 20.31
N PRO D 39 50.14 1.94 20.62
CA PRO D 39 48.72 2.25 20.41
C PRO D 39 48.40 2.37 18.93
N ALA D 40 47.15 2.10 18.60
CA ALA D 40 46.76 2.11 17.21
C ALA D 40 46.36 3.53 16.79
N VAL D 41 46.44 3.77 15.49
CA VAL D 41 46.00 5.04 14.93
C VAL D 41 44.48 4.99 14.80
N THR D 42 43.80 5.86 15.52
CA THR D 42 42.35 5.88 15.52
C THR D 42 41.82 6.86 14.49
N VAL D 43 40.55 6.70 14.12
CA VAL D 43 39.89 7.50 13.12
C VAL D 43 38.92 8.42 13.85
N ARG D 44 39.02 9.72 13.59
CA ARG D 44 38.17 10.69 14.27
C ARG D 44 37.46 11.56 13.26
N GLU D 45 36.59 12.43 13.77
CA GLU D 45 35.79 13.33 12.94
C GLU D 45 36.28 14.75 13.11
N LYS D 46 36.10 15.54 12.05
CA LYS D 46 36.30 16.98 12.14
C LYS D 46 35.49 17.66 11.05
N SER D 47 34.92 18.80 11.39
CA SER D 47 34.12 19.55 10.44
C SER D 47 35.03 20.33 9.51
N VAL D 48 34.48 20.68 8.35
CA VAL D 48 35.18 21.30 7.23
C VAL D 48 34.20 22.23 6.53
N ARG D 49 34.49 23.50 6.42
CA ARG D 49 33.63 24.38 5.64
C ARG D 49 34.32 24.67 4.33
N GLY D 50 33.83 24.05 3.26
CA GLY D 50 34.41 24.18 1.95
C GLY D 50 33.55 25.04 1.04
N THR D 51 34.21 25.81 0.19
CA THR D 51 33.56 26.78 -0.68
C THR D 51 33.44 26.22 -2.09
N ILE D 52 32.80 27.00 -2.96
CA ILE D 52 32.57 26.58 -4.33
C ILE D 52 33.82 26.83 -5.14
N SER D 53 34.30 25.77 -5.81
CA SER D 53 35.40 25.90 -6.75
C SER D 53 35.15 25.08 -8.02
N ASN D 54 33.89 24.79 -8.32
CA ASN D 54 33.56 23.93 -9.44
C ASN D 54 33.75 24.66 -10.77
N ARG D 55 34.31 23.95 -11.75
CA ARG D 55 34.49 24.50 -13.08
C ARG D 55 33.15 24.59 -13.78
N LEU D 56 32.49 25.74 -13.67
CA LEU D 56 31.11 25.86 -14.10
C LEU D 56 31.02 26.11 -15.61
N LYS D 57 29.80 26.02 -16.13
CA LYS D 57 29.56 25.91 -17.56
C LYS D 57 29.75 27.26 -18.27
N THR D 58 29.81 27.19 -19.61
CA THR D 58 29.83 28.38 -20.44
C THR D 58 28.46 29.02 -20.55
N LYS D 59 27.39 28.26 -20.30
CA LYS D 59 26.09 28.85 -20.04
C LYS D 59 26.17 29.67 -18.77
N ASP D 60 25.40 30.75 -18.72
CA ASP D 60 25.55 31.73 -17.66
C ASP D 60 25.12 31.19 -16.30
N ARG D 61 25.87 31.59 -15.28
CA ARG D 61 25.51 31.30 -13.90
C ARG D 61 25.87 32.49 -13.01
N ASP D 62 26.10 33.65 -13.63
CA ASP D 62 26.49 34.86 -12.91
C ASP D 62 25.54 35.33 -11.80
N PRO D 63 24.20 35.24 -11.92
CA PRO D 63 23.38 35.53 -10.72
C PRO D 63 23.58 34.54 -9.57
N ALA D 64 23.98 33.30 -9.87
CA ALA D 64 24.30 32.38 -8.79
C ALA D 64 25.67 32.69 -8.18
N LYS D 65 26.64 33.07 -9.02
CA LYS D 65 28.00 33.31 -8.55
C LYS D 65 28.11 34.61 -7.75
N LEU D 66 27.35 35.63 -8.14
CA LEU D 66 27.33 36.88 -7.38
C LEU D 66 26.76 36.67 -5.98
N ASP D 67 25.92 35.66 -5.81
CA ASP D 67 25.17 35.40 -4.58
C ASP D 67 25.37 33.96 -4.15
N ALA D 68 26.62 33.52 -4.07
CA ALA D 68 26.95 32.19 -3.56
C ALA D 68 27.74 32.25 -2.25
N SER D 69 28.74 33.13 -2.16
CA SER D 69 29.51 33.26 -0.93
C SER D 69 28.68 33.87 0.18
N ILE D 70 27.75 34.76 -0.14
CA ILE D 70 26.86 35.32 0.87
C ILE D 70 25.81 34.30 1.29
N GLN D 71 25.62 33.25 0.50
CA GLN D 71 24.85 32.09 0.91
C GLN D 71 25.78 31.14 1.67
N SER D 72 25.34 29.91 1.89
CA SER D 72 26.14 28.95 2.65
C SER D 72 26.68 27.87 1.74
N PRO D 73 27.99 27.82 1.50
CA PRO D 73 28.60 26.66 0.83
C PRO D 73 28.69 25.44 1.74
N ASN D 74 29.47 24.43 1.30
CA ASN D 74 29.50 23.12 1.93
C ASN D 74 29.96 23.17 3.38
N LEU D 75 29.17 22.53 4.25
CA LEU D 75 29.43 22.39 5.68
C LEU D 75 29.57 20.90 5.95
N GLN D 76 30.79 20.39 5.92
CA GLN D 76 30.92 18.94 5.86
C GLN D 76 31.51 18.42 7.17
N THR D 77 31.43 17.11 7.35
CA THR D 77 32.15 16.41 8.41
C THR D 77 32.96 15.31 7.76
N VAL D 78 34.28 15.35 7.92
CA VAL D 78 35.14 14.35 7.36
C VAL D 78 35.75 13.53 8.48
N ASP D 79 36.33 12.39 8.12
CA ASP D 79 37.08 11.54 9.04
C ASP D 79 38.55 11.65 8.70
N VAL D 80 39.38 11.85 9.72
CA VAL D 80 40.82 11.91 9.54
C VAL D 80 41.48 10.91 10.46
N ALA D 81 42.76 10.66 10.18
CA ALA D 81 43.59 9.82 11.01
C ALA D 81 44.95 10.49 11.11
N ASN D 82 45.30 10.96 12.29
CA ASN D 82 46.59 11.57 12.52
C ASN D 82 47.39 10.74 13.51
N LEU D 83 48.70 10.91 13.48
CA LEU D 83 49.54 10.30 14.50
C LEU D 83 49.34 11.04 15.82
N PRO D 84 49.72 10.44 16.95
CA PRO D 84 49.86 11.21 18.18
C PRO D 84 50.96 12.26 18.03
N SER D 85 50.84 13.30 18.84
CA SER D 85 51.70 14.47 18.70
C SER D 85 53.14 14.19 19.11
N ASP D 86 53.40 13.12 19.84
CA ASP D 86 54.74 12.76 20.27
C ASP D 86 55.19 11.45 19.64
N ALA D 87 54.85 11.25 18.36
CA ALA D 87 55.20 10.03 17.64
C ALA D 87 55.38 10.38 16.18
N ASP D 88 56.40 9.80 15.54
CA ASP D 88 56.72 10.17 14.18
C ASP D 88 56.84 8.99 13.21
N THR D 89 56.58 7.77 13.65
CA THR D 89 56.65 6.64 12.74
C THR D 89 55.32 5.91 12.64
N LEU D 90 55.04 5.47 11.43
CA LEU D 90 53.89 4.65 11.10
C LEU D 90 54.35 3.21 10.96
N LYS D 91 53.57 2.30 11.54
CA LYS D 91 53.82 0.87 11.48
C LYS D 91 52.65 0.18 10.81
N VAL D 92 52.94 -0.57 9.75
CA VAL D 92 51.93 -1.30 9.00
C VAL D 92 52.32 -2.77 9.00
N ARG D 93 51.49 -3.62 9.59
CA ARG D 93 51.81 -5.04 9.76
C ARG D 93 50.73 -5.90 9.15
N PHE D 94 51.08 -6.70 8.14
CA PHE D 94 50.14 -7.66 7.60
C PHE D 94 50.85 -8.99 7.41
N THR D 95 50.09 -10.02 7.09
CA THR D 95 50.63 -11.35 6.83
C THR D 95 50.32 -11.75 5.40
N LEU D 96 51.04 -12.75 4.91
CA LEU D 96 50.90 -13.17 3.52
C LEU D 96 51.09 -14.66 3.45
N ARG D 97 50.07 -15.38 3.00
CA ARG D 97 50.12 -16.82 2.85
C ARG D 97 50.30 -17.14 1.38
N VAL D 98 51.42 -17.77 1.02
CA VAL D 98 51.71 -18.05 -0.38
C VAL D 98 51.23 -19.47 -0.66
N LEU D 99 50.10 -19.58 -1.37
CA LEU D 99 49.56 -20.89 -1.66
C LEU D 99 50.29 -21.50 -2.84
N GLY D 100 50.07 -22.79 -3.05
CA GLY D 100 50.73 -23.49 -4.14
C GLY D 100 49.76 -24.24 -5.02
N GLY D 101 50.22 -24.63 -6.21
CA GLY D 101 49.38 -25.39 -7.11
C GLY D 101 48.62 -24.50 -8.07
N ALA D 102 49.31 -23.56 -8.69
CA ALA D 102 48.69 -22.69 -9.66
C ALA D 102 48.42 -23.44 -10.95
N GLY D 103 47.47 -22.92 -11.73
CA GLY D 103 47.11 -23.50 -13.00
C GLY D 103 45.95 -24.48 -12.93
N THR D 104 45.77 -25.16 -11.81
CA THR D 104 44.65 -26.07 -11.66
C THR D 104 43.39 -25.27 -11.38
N PRO D 105 42.37 -25.34 -12.24
CA PRO D 105 41.20 -24.51 -12.04
C PRO D 105 40.31 -25.01 -10.91
N SER D 106 39.61 -24.08 -10.27
CA SER D 106 38.71 -24.46 -9.20
C SER D 106 37.45 -25.11 -9.72
N ALA D 107 36.98 -24.71 -10.89
CA ALA D 107 35.76 -25.26 -11.46
C ALA D 107 35.85 -25.13 -12.97
N CYS D 108 36.01 -26.26 -13.66
CA CYS D 108 36.08 -26.27 -15.10
C CYS D 108 34.75 -26.71 -15.68
N ASN D 109 34.71 -26.91 -16.99
CA ASN D 109 33.51 -27.35 -17.67
C ASN D 109 33.79 -28.45 -18.68
N ASP D 110 35.05 -28.75 -18.98
CA ASP D 110 35.41 -29.76 -19.97
C ASP D 110 36.48 -30.64 -19.35
N ALA D 111 36.57 -31.87 -19.86
CA ALA D 111 37.60 -32.79 -19.39
C ALA D 111 38.87 -32.71 -20.24
N ALA D 112 38.72 -32.54 -21.54
CA ALA D 112 39.89 -32.47 -22.41
C ALA D 112 40.59 -31.13 -22.30
N TYR D 113 39.81 -30.06 -22.15
CA TYR D 113 40.38 -28.71 -22.06
C TYR D 113 41.16 -28.53 -20.78
N ARG D 114 40.70 -29.17 -19.70
CA ARG D 114 41.40 -29.10 -18.42
C ARG D 114 42.74 -29.84 -18.50
N ASP D 115 42.77 -30.99 -19.18
CA ASP D 115 44.01 -31.75 -19.30
C ASP D 115 44.99 -31.06 -20.22
N LYS D 116 44.50 -30.43 -21.30
CA LYS D 116 45.36 -29.64 -22.16
C LYS D 116 45.94 -28.44 -21.40
N LEU D 117 45.13 -27.83 -20.54
CA LEU D 117 45.59 -26.70 -19.74
C LEU D 117 46.66 -27.12 -18.74
N LEU D 118 46.46 -28.25 -18.06
CA LEU D 118 47.44 -28.70 -17.08
C LEU D 118 48.74 -29.16 -17.75
N GLN D 119 48.65 -29.75 -18.94
CA GLN D 119 49.88 -30.07 -19.67
C GLN D 119 50.59 -28.82 -20.15
N THR D 120 49.85 -27.75 -20.45
CA THR D 120 50.48 -26.51 -20.87
C THR D 120 51.21 -25.83 -19.70
N VAL D 121 50.55 -25.75 -18.55
CA VAL D 121 51.15 -25.10 -17.39
C VAL D 121 52.32 -25.93 -16.86
N ALA D 122 52.16 -27.26 -16.81
CA ALA D 122 53.26 -28.11 -16.38
C ALA D 122 54.42 -28.09 -17.37
N THR D 123 54.11 -27.91 -18.66
CA THR D 123 55.16 -27.68 -19.65
C THR D 123 55.91 -26.39 -19.38
N TYR D 124 55.19 -25.34 -19.00
CA TYR D 124 55.82 -24.05 -18.67
C TYR D 124 56.73 -24.19 -17.47
N VAL D 125 56.25 -24.80 -16.39
CA VAL D 125 57.03 -24.90 -15.16
C VAL D 125 58.23 -25.80 -15.36
N ASN D 126 58.08 -26.88 -16.15
CA ASN D 126 59.21 -27.76 -16.40
C ASN D 126 60.23 -27.12 -17.33
N ASP D 127 59.80 -26.23 -18.23
CA ASP D 127 60.76 -25.54 -19.07
C ASP D 127 61.52 -24.48 -18.28
N GLN D 128 60.81 -23.68 -17.50
CA GLN D 128 61.44 -22.67 -16.66
C GLN D 128 60.61 -22.47 -15.40
N GLY D 129 61.28 -22.20 -14.29
CA GLY D 129 60.63 -22.19 -13.01
C GLY D 129 59.79 -20.96 -12.77
N PHE D 130 59.43 -20.78 -11.51
CA PHE D 130 58.75 -19.58 -11.03
C PHE D 130 59.71 -18.51 -10.57
N ALA D 131 60.91 -18.46 -11.14
CA ALA D 131 61.97 -17.60 -10.63
C ALA D 131 61.71 -16.13 -10.93
N GLU D 132 61.27 -15.80 -12.15
CA GLU D 132 61.10 -14.42 -12.55
C GLU D 132 59.98 -13.74 -11.79
N LEU D 133 58.84 -14.42 -11.66
CA LEU D 133 57.71 -13.86 -10.96
C LEU D 133 57.98 -13.74 -9.47
N ALA D 134 58.72 -14.68 -8.90
CA ALA D 134 59.09 -14.55 -7.49
C ALA D 134 60.11 -13.46 -7.27
N ARG D 135 60.95 -13.17 -8.26
CA ARG D 135 61.84 -12.02 -8.17
C ARG D 135 61.07 -10.72 -8.15
N ARG D 136 60.09 -10.56 -9.05
CA ARG D 136 59.36 -9.31 -9.12
C ARG D 136 58.45 -9.13 -7.91
N TYR D 137 57.83 -10.23 -7.43
CA TYR D 137 57.04 -10.18 -6.20
C TYR D 137 57.92 -9.86 -4.99
N ALA D 138 59.14 -10.39 -4.97
CA ALA D 138 60.07 -10.07 -3.90
C ALA D 138 60.53 -8.62 -3.97
N HIS D 139 60.54 -8.03 -5.17
CA HIS D 139 60.79 -6.59 -5.25
C HIS D 139 59.64 -5.79 -4.70
N ASN D 140 58.39 -6.19 -5.01
CA ASN D 140 57.28 -5.42 -4.47
C ASN D 140 57.06 -5.65 -2.98
N LEU D 141 57.65 -6.69 -2.39
CA LEU D 141 57.74 -6.73 -0.94
C LEU D 141 58.98 -6.03 -0.42
N ALA D 142 60.00 -5.84 -1.25
CA ALA D 142 61.24 -5.23 -0.80
C ALA D 142 61.06 -3.75 -0.54
N ASN D 143 60.76 -2.97 -1.59
CA ASN D 143 60.32 -1.61 -1.35
C ASN D 143 58.88 -1.63 -0.87
N ALA D 144 58.52 -0.64 -0.08
CA ALA D 144 57.21 -0.69 0.58
C ALA D 144 56.15 -0.03 -0.28
N ARG D 145 55.94 -0.61 -1.46
CA ARG D 145 54.93 -0.09 -2.39
C ARG D 145 53.52 -0.28 -1.84
N PHE D 146 53.30 -1.33 -1.05
CA PHE D 146 52.04 -1.49 -0.33
C PHE D 146 51.81 -0.36 0.66
N LEU D 147 52.89 0.17 1.22
CA LEU D 147 52.80 1.33 2.08
C LEU D 147 52.95 2.64 1.33
N TRP D 148 53.53 2.63 0.13
CA TRP D 148 53.92 3.86 -0.58
C TRP D 148 52.77 4.61 -1.22
N ARG D 149 51.56 4.38 -0.74
CA ARG D 149 50.52 5.38 -0.81
C ARG D 149 50.78 6.45 0.24
N ASN D 150 51.54 6.10 1.28
CA ASN D 150 52.21 7.00 2.21
C ASN D 150 53.68 7.19 1.86
N ARG D 151 54.02 7.21 0.57
CA ARG D 151 55.41 7.39 0.15
C ARG D 151 55.90 8.79 0.46
N VAL D 152 55.13 9.78 0.02
CA VAL D 152 55.62 11.08 -0.40
C VAL D 152 56.17 11.82 0.83
N GLY D 153 57.49 11.99 0.87
CA GLY D 153 58.11 12.66 1.97
C GLY D 153 58.27 11.79 3.20
N ALA D 154 59.06 10.73 3.06
CA ALA D 154 59.45 9.90 4.19
C ALA D 154 60.97 9.92 4.28
N GLU D 155 61.48 10.12 5.49
CA GLU D 155 62.93 10.19 5.67
C GLU D 155 63.55 8.80 5.56
N ALA D 156 62.91 7.79 6.14
CA ALA D 156 63.45 6.44 6.12
C ALA D 156 62.30 5.46 6.20
N VAL D 157 62.31 4.47 5.32
CA VAL D 157 61.30 3.42 5.31
C VAL D 157 62.03 2.09 5.48
N GLU D 158 61.72 1.37 6.54
CA GLU D 158 62.37 0.11 6.85
C GLU D 158 61.37 -1.02 6.81
N VAL D 159 61.67 -2.08 6.07
CA VAL D 159 60.79 -3.22 5.90
C VAL D 159 61.42 -4.44 6.53
N ARG D 160 60.67 -5.12 7.40
CA ARG D 160 61.13 -6.34 8.06
C ARG D 160 60.20 -7.47 7.69
N ILE D 161 60.76 -8.54 7.13
CA ILE D 161 60.00 -9.67 6.63
C ILE D 161 60.42 -10.92 7.39
N ASN D 162 59.47 -11.60 7.99
CA ASN D 162 59.77 -12.81 8.74
C ASN D 162 59.13 -14.01 8.08
N HIS D 163 59.84 -15.13 8.09
CA HIS D 163 59.29 -16.42 7.69
C HIS D 163 58.82 -17.14 8.94
N ILE D 164 57.57 -17.58 8.93
CA ILE D 164 56.98 -18.25 10.08
C ILE D 164 56.72 -19.71 9.72
N ARG D 165 57.42 -20.61 10.39
CA ARG D 165 57.31 -22.05 10.19
C ARG D 165 56.59 -22.75 11.31
N GLN D 166 56.81 -22.28 12.54
CA GLN D 166 56.12 -22.74 13.74
C GLN D 166 55.82 -21.46 14.51
N GLY D 167 55.59 -21.59 15.82
CA GLY D 167 55.60 -20.40 16.66
C GLY D 167 56.92 -19.63 16.62
N GLU D 168 58.02 -20.33 16.35
CA GLU D 168 59.32 -19.70 16.19
C GLU D 168 59.51 -19.16 14.78
N VAL D 169 60.18 -18.01 14.70
CA VAL D 169 60.54 -17.43 13.40
C VAL D 169 61.66 -18.25 12.78
N ALA D 170 61.48 -18.63 11.51
CA ALA D 170 62.51 -19.41 10.82
C ALA D 170 63.66 -18.53 10.35
N ARG D 171 63.38 -17.53 9.52
CA ARG D 171 64.41 -16.67 8.94
C ARG D 171 63.88 -15.26 8.80
N ALA D 172 64.69 -14.28 9.18
CA ALA D 172 64.30 -12.88 9.19
C ALA D 172 65.12 -12.07 8.20
N TRP D 173 64.46 -11.15 7.51
CA TRP D 173 65.07 -10.20 6.61
C TRP D 173 64.77 -8.78 7.06
N ARG D 174 65.75 -7.89 6.88
CA ARG D 174 65.52 -6.47 7.09
C ARG D 174 66.06 -5.71 5.88
N PHE D 175 65.22 -4.86 5.30
CA PHE D 175 65.52 -4.17 4.06
C PHE D 175 65.57 -2.67 4.28
N ASP D 176 65.71 -1.94 3.17
CA ASP D 176 65.71 -0.48 3.19
C ASP D 176 65.02 -0.05 1.90
N ALA D 177 63.79 0.42 2.03
CA ALA D 177 62.93 0.59 0.86
C ALA D 177 63.30 1.79 0.01
N LEU D 178 63.99 2.79 0.55
CA LEU D 178 64.31 3.95 -0.26
C LEU D 178 65.51 3.70 -1.16
N ALA D 179 66.44 2.84 -0.73
CA ALA D 179 67.57 2.48 -1.58
C ALA D 179 67.13 1.60 -2.73
N ILE D 180 66.22 0.66 -2.46
CA ILE D 180 65.67 -0.19 -3.51
C ILE D 180 64.72 0.64 -4.36
N GLY D 181 64.94 0.62 -5.67
CA GLY D 181 64.21 1.50 -6.55
C GLY D 181 62.75 1.12 -6.72
N LEU D 182 62.01 2.06 -7.26
CA LEU D 182 60.59 1.85 -7.56
C LEU D 182 60.38 1.29 -8.95
N ARG D 183 61.27 1.60 -9.91
CA ARG D 183 61.10 1.19 -11.29
C ARG D 183 62.14 0.22 -11.80
N ASP D 184 63.19 -0.05 -11.02
CA ASP D 184 64.32 -0.85 -11.49
C ASP D 184 64.37 -2.15 -10.71
N PHE D 185 64.25 -3.27 -11.44
CA PHE D 185 64.30 -4.60 -10.83
C PHE D 185 65.71 -5.14 -10.96
N LYS D 186 66.60 -4.63 -10.10
CA LYS D 186 67.99 -5.04 -10.07
C LYS D 186 68.21 -6.08 -8.97
N ALA D 187 69.01 -7.09 -9.27
CA ALA D 187 69.13 -8.26 -8.42
C ALA D 187 69.92 -7.95 -7.16
N ASP D 188 69.83 -8.88 -6.20
CA ASP D 188 70.50 -8.79 -4.90
C ASP D 188 70.50 -10.19 -4.31
N ALA D 189 71.43 -10.43 -3.38
CA ALA D 189 71.54 -11.75 -2.77
C ALA D 189 70.36 -12.06 -1.87
N GLU D 190 69.95 -11.10 -1.04
CA GLU D 190 68.85 -11.32 -0.13
C GLU D 190 67.53 -11.44 -0.87
N LEU D 191 67.36 -10.67 -1.93
CA LEU D 191 66.18 -10.83 -2.77
C LEU D 191 66.20 -12.13 -3.55
N ASP D 192 67.38 -12.69 -3.80
CA ASP D 192 67.42 -14.03 -4.37
C ASP D 192 67.04 -15.08 -3.34
N ALA D 193 67.34 -14.86 -2.07
CA ALA D 193 66.92 -15.79 -1.04
C ALA D 193 65.40 -15.74 -0.86
N LEU D 194 64.84 -14.54 -0.79
CA LEU D 194 63.39 -14.39 -0.65
C LEU D 194 62.66 -14.87 -1.90
N ALA D 195 63.27 -14.67 -3.08
CA ALA D 195 62.67 -15.19 -4.29
C ALA D 195 62.75 -16.71 -4.36
N GLU D 196 63.77 -17.32 -3.77
CA GLU D 196 63.78 -18.77 -3.65
C GLU D 196 62.71 -19.26 -2.69
N LEU D 197 62.41 -18.49 -1.64
CA LEU D 197 61.36 -18.91 -0.72
C LEU D 197 59.98 -18.82 -1.37
N ILE D 198 59.71 -17.70 -2.06
CA ILE D 198 58.41 -17.52 -2.71
C ILE D 198 58.26 -18.49 -3.88
N ALA D 199 59.31 -18.68 -4.66
CA ALA D 199 59.26 -19.63 -5.77
C ALA D 199 59.15 -21.07 -5.27
N SER D 200 59.70 -21.36 -4.10
CA SER D 200 59.46 -22.66 -3.49
C SER D 200 58.04 -22.78 -2.95
N GLY D 201 57.39 -21.66 -2.67
CA GLY D 201 56.02 -21.69 -2.22
C GLY D 201 55.01 -21.89 -3.33
N LEU D 202 55.19 -21.20 -4.45
CA LEU D 202 54.23 -21.27 -5.54
C LEU D 202 54.28 -22.60 -6.28
N SER D 203 55.39 -23.31 -6.21
CA SER D 203 55.51 -24.60 -6.88
C SER D 203 54.96 -25.75 -6.05
N GLY D 204 54.39 -25.47 -4.88
CA GLY D 204 53.81 -26.51 -4.06
C GLY D 204 54.81 -27.34 -3.30
N SER D 205 56.06 -26.88 -3.18
CA SER D 205 57.09 -27.63 -2.50
C SER D 205 57.10 -27.43 -1.00
N GLY D 206 56.16 -26.66 -0.45
CA GLY D 206 56.12 -26.44 0.98
C GLY D 206 55.08 -25.41 1.32
N HIS D 207 55.03 -25.06 2.61
CA HIS D 207 54.10 -24.07 3.12
C HIS D 207 54.85 -22.81 3.46
N VAL D 208 54.34 -21.67 2.98
CA VAL D 208 55.02 -20.38 3.14
C VAL D 208 54.05 -19.40 3.77
N LEU D 209 54.38 -18.94 4.98
CA LEU D 209 53.65 -17.90 5.68
C LEU D 209 54.62 -16.81 6.08
N LEU D 210 54.40 -15.60 5.60
CA LEU D 210 55.28 -14.47 5.84
C LEU D 210 54.59 -13.43 6.69
N GLU D 211 55.36 -12.74 7.52
CA GLU D 211 54.89 -11.63 8.33
C GLU D 211 55.65 -10.38 7.89
N VAL D 212 54.94 -9.42 7.34
CA VAL D 212 55.54 -8.21 6.78
C VAL D 212 55.21 -7.03 7.69
N VAL D 213 56.24 -6.34 8.14
CA VAL D 213 56.11 -5.17 9.00
C VAL D 213 56.87 -4.02 8.35
N ALA D 214 56.24 -2.86 8.22
CA ALA D 214 56.85 -1.72 7.56
C ALA D 214 56.79 -0.48 8.43
N PHE D 215 57.89 0.27 8.41
CA PHE D 215 58.12 1.43 9.27
C PHE D 215 58.39 2.65 8.41
N ALA D 216 57.75 3.77 8.75
CA ALA D 216 57.95 5.00 7.98
C ALA D 216 58.07 6.18 8.92
N ARG D 217 58.97 7.12 8.63
CA ARG D 217 59.05 8.37 9.36
C ARG D 217 58.39 9.46 8.54
N ILE D 218 57.30 10.02 9.06
CA ILE D 218 56.61 11.06 8.31
C ILE D 218 56.48 12.32 9.14
N GLY D 219 56.77 12.23 10.43
CA GLY D 219 56.83 13.41 11.28
C GLY D 219 55.82 13.34 12.41
N ASP D 220 55.98 14.28 13.35
CA ASP D 220 55.13 14.33 14.52
C ASP D 220 53.76 14.88 14.16
N GLY D 221 52.71 14.14 14.53
CA GLY D 221 51.36 14.63 14.36
C GLY D 221 50.85 14.75 12.95
N GLN D 222 51.54 14.14 11.97
CA GLN D 222 51.13 14.25 10.58
C GLN D 222 49.95 13.35 10.30
N GLU D 223 49.57 13.26 9.03
CA GLU D 223 48.36 12.56 8.63
C GLU D 223 48.72 11.26 7.91
N VAL D 224 48.05 10.18 8.31
CA VAL D 224 48.18 8.90 7.64
C VAL D 224 46.94 8.64 6.81
N PHE D 225 47.04 7.69 5.88
CA PHE D 225 45.88 7.41 5.05
C PHE D 225 45.34 5.99 5.13
N PRO D 226 44.08 5.88 5.56
CA PRO D 226 43.21 4.70 5.69
C PRO D 226 42.58 4.42 4.31
N SER D 227 41.89 3.30 4.14
CA SER D 227 41.35 3.06 2.80
C SER D 227 39.87 2.74 2.63
N GLN D 228 39.00 3.72 2.87
CA GLN D 228 37.57 3.53 2.63
C GLN D 228 36.94 4.74 1.92
N GLU D 229 36.27 4.49 0.81
CA GLU D 229 35.61 5.57 0.06
C GLU D 229 34.18 5.23 -0.38
N LEU D 230 33.49 4.36 0.36
CA LEU D 230 32.15 3.91 -0.02
C LEU D 230 30.95 4.21 0.89
N ILE D 231 30.95 5.33 1.60
CA ILE D 231 29.82 5.64 2.49
C ILE D 231 28.48 5.75 1.74
N LEU D 232 28.51 6.37 0.57
CA LEU D 232 27.35 6.55 -0.32
C LEU D 232 26.19 7.38 0.26
N ASP D 233 26.51 8.26 1.19
CA ASP D 233 25.51 9.13 1.80
C ASP D 233 26.04 10.56 1.67
N LYS D 234 25.21 11.49 1.20
CA LYS D 234 25.68 12.85 1.05
C LYS D 234 24.54 13.76 0.61
N GLY D 235 24.65 15.03 0.99
CA GLY D 235 23.66 16.01 0.62
C GLY D 235 23.79 17.25 1.48
N ASP D 236 22.83 18.16 1.29
CA ASP D 236 22.77 19.40 2.06
C ASP D 236 22.05 19.11 3.37
N LYS D 237 22.83 18.61 4.34
CA LYS D 237 22.32 18.35 5.68
C LYS D 237 23.51 18.40 6.62
N LYS D 238 23.58 19.47 7.42
CA LYS D 238 24.69 19.67 8.35
C LYS D 238 24.59 18.64 9.48
N GLY D 239 25.48 17.65 9.45
CA GLY D 239 25.42 16.56 10.39
C GLY D 239 25.71 15.24 9.71
N GLN D 240 25.65 15.24 8.38
CA GLN D 240 25.99 14.07 7.57
C GLN D 240 27.49 13.99 7.37
N LYS D 241 27.93 13.06 6.54
CA LYS D 241 29.34 12.75 6.40
C LYS D 241 29.68 12.58 4.93
N SER D 242 30.77 13.20 4.49
CA SER D 242 31.21 13.15 3.10
C SER D 242 32.40 12.23 2.89
N LYS D 243 32.94 11.65 3.95
CA LYS D 243 34.17 10.87 3.89
C LYS D 243 34.25 9.96 5.10
N THR D 244 34.13 8.66 4.88
CA THR D 244 34.39 7.66 5.90
C THR D 244 35.78 7.09 5.69
N LEU D 245 36.23 6.30 6.68
CA LEU D 245 37.51 5.62 6.58
C LEU D 245 37.35 4.22 7.11
N TYR D 246 38.01 3.27 6.46
CA TYR D 246 37.91 1.88 6.84
C TYR D 246 38.60 1.63 8.17
N SER D 247 37.99 0.79 8.99
CA SER D 247 38.58 0.46 10.27
C SER D 247 38.25 -0.98 10.62
N VAL D 248 38.95 -1.46 11.63
CA VAL D 248 38.75 -2.76 12.27
C VAL D 248 38.39 -2.37 13.69
N ARG D 249 38.46 -3.30 14.62
CA ARG D 249 38.07 -2.96 15.98
C ARG D 249 39.01 -1.92 16.58
N ASP D 250 38.62 -0.66 16.40
CA ASP D 250 39.27 0.53 16.95
C ASP D 250 40.72 0.69 16.47
N ALA D 251 40.90 0.60 15.16
CA ALA D 251 42.18 0.83 14.52
C ALA D 251 41.96 1.12 13.05
N ALA D 252 42.71 2.06 12.50
CA ALA D 252 42.65 2.35 11.08
C ALA D 252 43.42 1.31 10.30
N ALA D 253 42.89 0.89 9.16
CA ALA D 253 43.49 -0.19 8.40
C ALA D 253 43.29 0.04 6.92
N ILE D 254 43.99 -0.76 6.12
CA ILE D 254 43.89 -0.72 4.67
C ILE D 254 43.21 -2.02 4.24
N HIS D 255 42.40 -1.95 3.19
CA HIS D 255 41.79 -3.12 2.59
C HIS D 255 42.85 -4.09 2.09
N SER D 256 42.48 -5.36 2.00
CA SER D 256 43.44 -6.37 1.59
C SER D 256 43.73 -6.33 0.10
N GLN D 257 42.77 -5.92 -0.70
CA GLN D 257 42.98 -5.91 -2.14
C GLN D 257 43.80 -4.72 -2.62
N LYS D 258 44.00 -3.69 -1.80
CA LYS D 258 45.00 -2.69 -2.15
C LYS D 258 46.40 -3.23 -1.97
N ILE D 259 46.61 -4.03 -0.93
CA ILE D 259 47.91 -4.65 -0.72
C ILE D 259 48.17 -5.70 -1.79
N GLY D 260 47.14 -6.44 -2.19
CA GLY D 260 47.30 -7.37 -3.30
C GLY D 260 47.54 -6.66 -4.61
N ASN D 261 46.89 -5.52 -4.81
CA ASN D 261 47.13 -4.71 -6.00
C ASN D 261 48.56 -4.20 -6.04
N ALA D 262 49.12 -3.83 -4.89
CA ALA D 262 50.51 -3.40 -4.86
C ALA D 262 51.46 -4.56 -5.05
N LEU D 263 51.06 -5.79 -4.69
CA LEU D 263 51.92 -6.92 -5.00
C LEU D 263 51.83 -7.37 -6.45
N ARG D 264 50.80 -6.97 -7.18
CA ARG D 264 50.65 -7.41 -8.56
C ARG D 264 51.13 -6.41 -9.59
N THR D 265 51.88 -5.38 -9.20
CA THR D 265 52.40 -4.43 -10.19
C THR D 265 53.78 -4.91 -10.63
N ILE D 266 53.77 -5.88 -11.54
CA ILE D 266 54.99 -6.46 -12.08
C ILE D 266 55.05 -6.39 -13.59
N ASP D 267 54.05 -5.80 -14.24
CA ASP D 267 53.90 -5.86 -15.70
C ASP D 267 54.66 -4.71 -16.34
N THR D 268 55.73 -5.03 -17.07
CA THR D 268 56.59 -4.01 -17.68
C THR D 268 56.67 -4.14 -19.20
N TRP D 269 55.70 -4.78 -19.83
CA TRP D 269 55.81 -5.03 -21.27
C TRP D 269 54.69 -4.39 -22.07
N TYR D 270 53.47 -4.60 -21.65
CA TYR D 270 52.28 -4.07 -22.30
C TYR D 270 52.04 -2.57 -22.29
N PRO D 271 52.54 -1.76 -21.33
CA PRO D 271 52.48 -0.29 -21.54
C PRO D 271 53.19 0.20 -22.81
N ASP D 272 54.15 -0.56 -23.34
CA ASP D 272 54.75 -0.36 -24.68
C ASP D 272 55.42 1.00 -24.82
N GLU D 273 55.79 1.61 -23.71
CA GLU D 273 56.38 2.95 -23.70
C GLU D 273 57.46 2.98 -22.64
N ASP D 274 58.68 3.33 -23.04
CA ASP D 274 59.78 3.45 -22.09
C ASP D 274 59.58 4.70 -21.26
N GLY D 275 59.66 4.55 -19.94
CA GLY D 275 59.54 5.66 -19.03
C GLY D 275 58.41 5.49 -18.04
N LEU D 276 57.28 4.97 -18.51
CA LEU D 276 56.19 4.62 -17.60
C LEU D 276 56.52 3.30 -16.92
N GLY D 277 56.30 3.25 -15.61
CA GLY D 277 56.73 2.13 -14.82
C GLY D 277 55.85 0.90 -14.96
N PRO D 278 55.98 -0.03 -14.01
CA PRO D 278 55.15 -1.23 -14.05
C PRO D 278 53.71 -0.91 -13.71
N ILE D 279 52.79 -1.68 -14.29
CA ILE D 279 51.38 -1.58 -13.98
C ILE D 279 50.92 -2.90 -13.39
N ALA D 280 49.70 -2.90 -12.88
CA ALA D 280 49.13 -4.11 -12.28
C ALA D 280 48.73 -5.10 -13.36
N VAL D 281 48.66 -6.36 -12.97
CA VAL D 281 48.37 -7.44 -13.92
C VAL D 281 46.87 -7.65 -13.95
N GLU D 282 46.24 -7.18 -15.01
CA GLU D 282 44.82 -7.39 -15.25
C GLU D 282 44.68 -8.16 -16.55
N PRO D 283 43.52 -8.74 -16.88
CA PRO D 283 43.38 -9.36 -18.21
C PRO D 283 43.52 -8.39 -19.36
N TYR D 284 42.85 -7.25 -19.29
CA TYR D 284 43.14 -6.16 -20.20
C TYR D 284 44.21 -5.29 -19.54
N GLY D 285 44.52 -4.16 -20.10
CA GLY D 285 45.60 -3.35 -19.55
C GLY D 285 45.07 -2.20 -18.75
N SER D 286 43.99 -2.44 -18.01
CA SER D 286 43.20 -1.34 -17.46
C SER D 286 43.88 -0.73 -16.26
N VAL D 287 43.99 0.59 -16.26
CA VAL D 287 44.43 1.37 -15.11
C VAL D 287 43.32 2.36 -14.81
N THR D 288 42.79 2.31 -13.59
CA THR D 288 41.62 3.10 -13.27
C THR D 288 41.97 4.57 -13.09
N SER D 289 43.07 4.86 -12.40
CA SER D 289 43.52 6.23 -12.15
C SER D 289 44.28 6.83 -13.32
N GLN D 290 44.24 6.20 -14.49
CA GLN D 290 44.71 6.80 -15.72
C GLN D 290 43.68 6.73 -16.83
N GLY D 291 42.65 5.92 -16.69
CA GLY D 291 41.58 5.82 -17.67
C GLY D 291 42.00 5.27 -19.01
N LYS D 292 42.90 4.29 -19.03
CA LYS D 292 43.41 3.79 -20.29
C LYS D 292 43.74 2.32 -20.15
N ALA D 293 43.31 1.52 -21.12
CA ALA D 293 43.61 0.11 -21.17
C ALA D 293 44.79 -0.11 -22.11
N TYR D 294 45.89 -0.61 -21.57
CA TYR D 294 47.11 -0.81 -22.34
C TYR D 294 47.09 -2.11 -23.13
N ARG D 295 46.06 -2.92 -23.00
CA ARG D 295 45.94 -4.21 -23.68
C ARG D 295 44.55 -4.27 -24.29
N GLN D 296 44.42 -3.81 -25.45
CA GLN D 296 43.10 -3.89 -26.04
C GLN D 296 43.01 -5.06 -26.99
N PRO D 297 41.83 -5.66 -27.17
CA PRO D 297 41.73 -6.80 -28.11
C PRO D 297 41.80 -6.41 -29.58
N LYS D 298 41.92 -5.13 -29.91
CA LYS D 298 42.32 -4.76 -31.26
C LYS D 298 43.72 -5.27 -31.57
N GLN D 299 44.64 -5.09 -30.62
CA GLN D 299 45.92 -5.78 -30.67
C GLN D 299 45.71 -7.24 -30.28
N LYS D 300 46.76 -8.03 -30.46
CA LYS D 300 46.74 -9.42 -30.01
C LYS D 300 47.41 -9.59 -28.66
N LEU D 301 47.61 -8.50 -27.94
CA LEU D 301 48.21 -8.51 -26.61
C LEU D 301 47.09 -8.46 -25.59
N ASP D 302 46.68 -9.63 -25.11
CA ASP D 302 45.53 -9.75 -24.23
C ASP D 302 45.66 -11.08 -23.52
N PHE D 303 45.01 -11.21 -22.37
CA PHE D 303 45.06 -12.50 -21.68
C PHE D 303 44.22 -13.55 -22.39
N TYR D 304 43.03 -13.17 -22.83
CA TYR D 304 42.11 -14.12 -23.45
C TYR D 304 42.64 -14.59 -24.80
N THR D 305 43.24 -13.67 -25.55
CA THR D 305 43.75 -14.01 -26.87
C THR D 305 44.98 -14.91 -26.78
N LEU D 306 45.91 -14.59 -25.89
CA LEU D 306 47.09 -15.43 -25.74
C LEU D 306 46.77 -16.77 -25.10
N LEU D 307 45.79 -16.81 -24.20
CA LEU D 307 45.41 -18.08 -23.59
C LEU D 307 44.71 -18.98 -24.60
N ASP D 308 43.88 -18.40 -25.46
CA ASP D 308 43.24 -19.18 -26.51
C ASP D 308 44.26 -19.65 -27.54
N ASN D 309 45.17 -18.78 -27.94
CA ASN D 309 46.15 -19.16 -28.95
C ASN D 309 47.26 -20.03 -28.40
N TRP D 310 47.37 -20.21 -27.09
CA TRP D 310 48.44 -21.03 -26.54
C TRP D 310 47.93 -22.33 -25.92
N VAL D 311 46.65 -22.42 -25.56
CA VAL D 311 46.10 -23.70 -25.11
C VAL D 311 45.53 -24.49 -26.28
N LEU D 312 44.69 -23.86 -27.09
CA LEU D 312 43.98 -24.58 -28.14
C LEU D 312 44.88 -24.85 -29.34
N ARG D 313 45.47 -23.80 -29.89
CA ARG D 313 46.14 -23.86 -31.18
C ARG D 313 47.63 -24.12 -31.08
N ASP D 314 48.15 -24.28 -29.86
CA ASP D 314 49.55 -24.61 -29.54
C ASP D 314 50.54 -23.57 -30.08
N GLU D 315 50.09 -22.34 -30.31
CA GLU D 315 50.98 -21.28 -30.78
C GLU D 315 51.56 -20.60 -29.56
N ALA D 316 52.80 -20.94 -29.23
CA ALA D 316 53.44 -20.38 -28.04
C ALA D 316 53.82 -18.93 -28.29
N PRO D 317 53.45 -18.01 -27.40
CA PRO D 317 53.87 -16.61 -27.56
C PRO D 317 55.32 -16.41 -27.13
N ALA D 318 55.74 -15.15 -27.00
CA ALA D 318 57.06 -14.86 -26.49
C ALA D 318 57.16 -15.23 -25.01
N VAL D 319 58.38 -15.15 -24.48
CA VAL D 319 58.65 -15.66 -23.14
C VAL D 319 57.97 -14.80 -22.08
N GLU D 320 58.11 -13.48 -22.20
CA GLU D 320 57.56 -12.61 -21.17
C GLU D 320 56.04 -12.51 -21.28
N GLN D 321 55.49 -12.81 -22.46
CA GLN D 321 54.05 -12.97 -22.59
C GLN D 321 53.57 -14.19 -21.81
N GLN D 322 54.36 -15.26 -21.80
CA GLN D 322 54.03 -16.43 -20.99
C GLN D 322 54.12 -16.09 -19.51
N HIS D 323 55.06 -15.22 -19.14
CA HIS D 323 55.10 -14.71 -17.77
C HIS D 323 53.85 -13.90 -17.43
N TYR D 324 53.29 -13.19 -18.41
CA TYR D 324 52.05 -12.47 -18.19
C TYR D 324 50.87 -13.42 -17.96
N VAL D 325 50.77 -14.47 -18.79
CA VAL D 325 49.64 -15.38 -18.69
C VAL D 325 49.69 -16.16 -17.38
N ILE D 326 50.87 -16.63 -16.99
CA ILE D 326 50.99 -17.32 -15.71
C ILE D 326 50.78 -16.35 -14.54
N ALA D 327 51.12 -15.08 -14.73
CA ALA D 327 50.82 -14.08 -13.71
C ALA D 327 49.31 -13.91 -13.53
N ASN D 328 48.55 -13.99 -14.62
CA ASN D 328 47.09 -13.97 -14.46
C ASN D 328 46.54 -15.25 -13.87
N LEU D 329 47.22 -16.38 -14.06
CA LEU D 329 46.73 -17.59 -13.39
C LEU D 329 47.04 -17.57 -11.90
N ILE D 330 48.11 -16.88 -11.49
CA ILE D 330 48.37 -16.70 -10.07
C ILE D 330 47.41 -15.67 -9.49
N ARG D 331 46.99 -14.69 -10.30
CA ARG D 331 45.97 -13.74 -9.87
C ARG D 331 44.63 -14.41 -9.61
N GLY D 332 44.21 -15.30 -10.50
CA GLY D 332 42.91 -15.91 -10.39
C GLY D 332 41.82 -15.03 -10.96
N GLY D 333 40.69 -15.64 -11.28
CA GLY D 333 39.61 -14.87 -11.85
C GLY D 333 38.44 -15.75 -12.23
N VAL D 334 37.51 -15.13 -12.96
CA VAL D 334 36.29 -15.79 -13.45
C VAL D 334 36.36 -15.73 -14.96
N PHE D 335 36.68 -16.84 -15.59
CA PHE D 335 36.95 -16.88 -17.02
C PHE D 335 35.85 -17.68 -17.70
N GLY D 336 35.71 -17.50 -18.99
CA GLY D 336 34.57 -18.08 -19.66
C GLY D 336 33.42 -17.09 -19.70
N GLU D 337 32.30 -17.55 -20.25
CA GLU D 337 31.13 -16.69 -20.44
C GLU D 337 30.46 -16.28 -19.11
N ILE E 4 1.03 -58.87 -9.17
CA ILE E 4 1.96 -58.23 -10.09
C ILE E 4 2.70 -57.13 -9.33
N LEU E 5 4.03 -57.12 -9.51
CA LEU E 5 4.97 -56.33 -8.70
C LEU E 5 5.34 -55.04 -9.42
N SER E 6 4.42 -54.07 -9.39
CA SER E 6 4.76 -52.75 -9.88
C SER E 6 5.44 -51.93 -8.79
N THR E 7 6.15 -50.88 -9.20
CA THR E 7 6.80 -50.01 -8.23
C THR E 7 5.76 -49.20 -7.46
N ALA E 8 6.09 -48.89 -6.22
CA ALA E 8 5.24 -47.99 -5.45
C ALA E 8 5.38 -46.58 -5.99
N SER E 9 4.23 -45.92 -6.19
CA SER E 9 4.25 -44.59 -6.74
C SER E 9 4.65 -43.53 -5.72
N VAL E 10 4.63 -43.85 -4.43
CA VAL E 10 5.04 -42.94 -3.37
C VAL E 10 6.08 -43.65 -2.52
N LEU E 11 7.32 -43.18 -2.57
CA LEU E 11 8.36 -43.64 -1.66
C LEU E 11 9.06 -42.45 -1.04
N ALA E 12 9.48 -42.63 0.21
CA ALA E 12 10.11 -41.53 0.93
C ALA E 12 10.97 -42.13 2.03
N PHE E 13 12.25 -41.82 2.01
CA PHE E 13 13.19 -42.31 3.01
C PHE E 13 13.74 -41.12 3.77
N GLU E 14 13.46 -41.04 5.06
CA GLU E 14 14.05 -40.01 5.89
C GLU E 14 15.52 -40.33 6.11
N ARG E 15 16.31 -39.28 6.33
CA ARG E 15 17.75 -39.45 6.30
C ARG E 15 18.27 -40.01 7.61
N LYS E 16 19.42 -40.68 7.51
CA LYS E 16 20.25 -41.03 8.64
C LYS E 16 21.50 -40.18 8.55
N LEU E 17 22.33 -40.23 9.61
CA LEU E 17 23.53 -39.41 9.75
C LEU E 17 23.19 -37.91 9.68
N ASP E 18 22.48 -37.44 10.70
CA ASP E 18 21.96 -36.09 10.72
C ASP E 18 22.95 -35.16 11.40
N PRO E 19 23.61 -34.23 10.67
CA PRO E 19 24.56 -33.33 11.32
C PRO E 19 23.91 -32.04 11.82
N SER E 20 24.70 -31.12 12.35
CA SER E 20 24.19 -29.81 12.73
C SER E 20 25.08 -28.72 12.15
N ASP E 21 24.88 -27.48 12.58
CA ASP E 21 25.67 -26.38 12.06
C ASP E 21 27.07 -26.38 12.67
N ALA E 22 27.96 -25.56 12.13
CA ALA E 22 29.39 -25.76 12.34
C ALA E 22 30.04 -24.85 13.37
N LEU E 23 29.58 -23.59 13.50
CA LEU E 23 29.90 -22.71 14.63
C LEU E 23 31.41 -22.42 14.77
N MET E 24 31.94 -21.70 13.80
CA MET E 24 33.36 -21.39 13.80
C MET E 24 33.73 -20.42 14.92
N SER E 25 34.88 -20.65 15.55
CA SER E 25 35.42 -19.75 16.55
C SER E 25 36.93 -19.89 16.58
N ALA E 26 37.63 -18.77 16.80
CA ALA E 26 39.06 -18.69 16.55
C ALA E 26 39.84 -18.59 17.85
N GLY E 27 41.12 -18.93 17.78
CA GLY E 27 41.98 -18.87 18.94
C GLY E 27 43.42 -19.14 18.59
N ALA E 28 44.20 -19.55 19.59
CA ALA E 28 45.63 -19.75 19.43
C ALA E 28 46.00 -21.22 19.61
N TRP E 29 46.95 -21.69 18.80
CA TRP E 29 47.47 -23.05 18.88
C TRP E 29 48.27 -23.22 20.16
N ALA E 30 48.45 -24.48 20.56
CA ALA E 30 49.07 -24.92 21.82
C ALA E 30 48.30 -24.46 23.05
N GLN E 31 47.06 -24.01 22.86
CA GLN E 31 46.10 -23.81 23.93
C GLN E 31 44.78 -24.48 23.58
N ARG E 32 44.80 -25.38 22.60
CA ARG E 32 43.62 -26.09 22.13
C ARG E 32 43.12 -27.14 23.09
N ASP E 33 43.89 -27.47 24.13
CA ASP E 33 43.41 -28.37 25.15
C ASP E 33 42.39 -27.71 26.06
N ALA E 34 42.38 -26.38 26.13
CA ALA E 34 41.40 -25.61 26.88
C ALA E 34 40.48 -24.85 25.94
N SER E 35 40.10 -25.47 24.84
CA SER E 35 39.34 -24.79 23.79
C SER E 35 37.85 -24.82 24.11
N GLN E 36 37.48 -24.09 25.13
CA GLN E 36 36.09 -24.00 25.54
C GLN E 36 35.58 -22.57 25.60
N GLU E 37 36.42 -21.63 26.05
CA GLU E 37 36.05 -20.23 26.14
C GLU E 37 36.83 -19.49 25.05
N TRP E 38 36.29 -19.51 23.83
CA TRP E 38 36.92 -18.73 22.78
C TRP E 38 35.88 -17.84 22.11
N PRO E 39 36.27 -16.64 21.70
CA PRO E 39 35.33 -15.78 21.00
C PRO E 39 35.02 -16.31 19.61
N ALA E 40 33.84 -15.99 19.12
CA ALA E 40 33.42 -16.50 17.84
C ALA E 40 33.92 -15.60 16.72
N VAL E 41 34.03 -16.17 15.52
CA VAL E 41 34.38 -15.41 14.34
C VAL E 41 33.13 -14.68 13.86
N THR E 42 33.18 -13.36 13.87
CA THR E 42 32.03 -12.55 13.47
C THR E 42 32.12 -12.18 12.00
N VAL E 43 30.98 -11.80 11.44
CA VAL E 43 30.86 -11.44 10.04
C VAL E 43 30.70 -9.93 9.96
N ARG E 44 31.55 -9.28 9.16
CA ARG E 44 31.51 -7.84 9.06
C ARG E 44 31.38 -7.42 7.60
N GLU E 45 31.25 -6.11 7.40
CA GLU E 45 31.09 -5.54 6.07
C GLU E 45 32.35 -4.80 5.66
N LYS E 46 32.59 -4.74 4.36
CA LYS E 46 33.63 -3.89 3.81
C LYS E 46 33.30 -3.58 2.37
N SER E 47 33.56 -2.34 1.97
CA SER E 47 33.31 -1.93 0.59
C SER E 47 34.42 -2.42 -0.31
N VAL E 48 34.13 -2.47 -1.60
CA VAL E 48 35.12 -2.93 -2.58
C VAL E 48 34.84 -2.24 -3.91
N ARG E 49 35.91 -1.83 -4.59
CA ARG E 49 35.83 -1.24 -5.93
C ARG E 49 36.53 -2.14 -6.92
N GLY E 50 35.80 -2.59 -7.93
CA GLY E 50 36.39 -3.50 -8.87
C GLY E 50 36.04 -3.23 -10.31
N THR E 51 37.05 -3.24 -11.18
CA THR E 51 36.87 -3.11 -12.61
C THR E 51 37.09 -4.49 -13.21
N ILE E 52 36.00 -5.26 -13.31
CA ILE E 52 36.07 -6.65 -13.72
C ILE E 52 36.35 -6.74 -15.21
N SER E 53 36.67 -7.93 -15.68
CA SER E 53 37.08 -8.12 -17.06
C SER E 53 36.62 -9.51 -17.49
N ASN E 54 35.51 -9.57 -18.21
CA ASN E 54 34.92 -10.81 -18.67
C ASN E 54 35.10 -10.93 -20.18
N ARG E 55 34.81 -12.12 -20.70
CA ARG E 55 35.05 -12.40 -22.12
C ARG E 55 34.02 -11.67 -22.97
N LEU E 56 34.34 -10.41 -23.25
CA LEU E 56 33.40 -9.52 -23.91
C LEU E 56 33.42 -9.73 -25.41
N LYS E 57 32.24 -9.89 -26.02
CA LYS E 57 32.16 -10.13 -27.45
C LYS E 57 32.23 -8.84 -28.26
N THR E 58 31.76 -7.72 -27.72
CA THR E 58 31.80 -6.45 -28.44
C THR E 58 33.23 -5.93 -28.38
N LYS E 59 34.03 -6.33 -29.36
CA LYS E 59 35.36 -5.77 -29.56
C LYS E 59 35.35 -4.68 -30.62
N ASP E 60 34.18 -4.40 -31.21
CA ASP E 60 34.08 -3.29 -32.16
C ASP E 60 34.07 -1.95 -31.46
N ARG E 61 33.62 -1.92 -30.20
CA ARG E 61 33.63 -0.70 -29.39
C ARG E 61 34.82 -0.67 -28.44
N ASP E 62 35.94 -1.22 -28.89
CA ASP E 62 37.13 -1.47 -28.08
C ASP E 62 37.76 -0.23 -27.41
N PRO E 63 37.73 0.99 -27.99
CA PRO E 63 38.01 2.15 -27.13
C PRO E 63 36.78 2.65 -26.40
N ALA E 64 35.61 2.51 -27.01
CA ALA E 64 34.41 3.14 -26.47
C ALA E 64 33.81 2.34 -25.33
N LYS E 65 33.85 1.01 -25.42
CA LYS E 65 33.39 0.22 -24.29
C LYS E 65 34.38 0.30 -23.13
N LEU E 66 35.67 0.41 -23.43
CA LEU E 66 36.63 0.61 -22.36
C LEU E 66 36.58 2.04 -21.82
N ASP E 67 36.11 3.00 -22.63
CA ASP E 67 35.64 4.25 -22.05
C ASP E 67 34.49 3.99 -21.09
N ALA E 68 33.53 3.15 -21.48
CA ALA E 68 32.41 2.84 -20.60
C ALA E 68 32.82 2.01 -19.37
N SER E 69 34.02 1.44 -19.37
CA SER E 69 34.54 0.78 -18.19
C SER E 69 35.28 1.75 -17.28
N ILE E 70 36.06 2.67 -17.84
CA ILE E 70 36.77 3.61 -16.99
C ILE E 70 35.85 4.69 -16.43
N GLN E 71 34.71 4.96 -17.08
CA GLN E 71 33.83 6.01 -16.60
C GLN E 71 33.15 5.63 -15.29
N SER E 72 32.36 4.56 -15.32
CA SER E 72 31.54 4.16 -14.18
C SER E 72 31.89 2.74 -13.75
N PRO E 73 32.91 2.55 -12.93
CA PRO E 73 33.08 1.24 -12.28
C PRO E 73 32.21 1.17 -11.04
N ASN E 74 31.21 0.28 -11.10
CA ASN E 74 30.30 0.17 -9.97
C ASN E 74 30.97 -0.57 -8.83
N LEU E 75 30.57 -0.23 -7.61
CA LEU E 75 31.29 -0.68 -6.44
C LEU E 75 30.32 -1.08 -5.35
N GLN E 76 30.79 -1.97 -4.49
CA GLN E 76 30.01 -3.02 -3.83
C GLN E 76 30.28 -2.98 -2.33
N THR E 77 29.43 -3.69 -1.58
CA THR E 77 29.67 -3.97 -0.17
C THR E 77 29.61 -5.47 0.02
N VAL E 78 30.70 -6.07 0.49
CA VAL E 78 30.73 -7.50 0.72
C VAL E 78 30.81 -7.76 2.21
N ASP E 79 30.56 -9.01 2.59
CA ASP E 79 30.71 -9.47 3.96
C ASP E 79 31.93 -10.38 4.01
N VAL E 80 32.79 -10.17 5.00
CA VAL E 80 33.96 -11.01 5.20
C VAL E 80 33.96 -11.52 6.63
N ALA E 81 34.79 -12.53 6.85
CA ALA E 81 35.02 -13.09 8.17
C ALA E 81 36.51 -13.34 8.30
N ASN E 82 37.17 -12.60 9.16
CA ASN E 82 38.60 -12.79 9.41
C ASN E 82 38.80 -13.23 10.85
N LEU E 83 39.94 -13.85 11.10
CA LEU E 83 40.32 -14.15 12.46
C LEU E 83 40.73 -12.87 13.17
N PRO E 84 40.75 -12.87 14.51
CA PRO E 84 41.43 -11.78 15.22
C PRO E 84 42.92 -11.78 14.89
N SER E 85 43.53 -10.61 15.06
CA SER E 85 44.89 -10.41 14.62
C SER E 85 45.91 -11.15 15.48
N ASP E 86 45.53 -11.59 16.67
CA ASP E 86 46.42 -12.33 17.56
C ASP E 86 45.93 -13.76 17.75
N ALA E 87 45.43 -14.38 16.69
CA ALA E 87 44.92 -15.74 16.75
C ALA E 87 45.16 -16.39 15.40
N ASP E 88 45.56 -17.66 15.41
CA ASP E 88 45.94 -18.33 14.17
C ASP E 88 45.23 -19.66 13.93
N THR E 89 44.33 -20.09 14.80
CA THR E 89 43.63 -21.35 14.60
C THR E 89 42.13 -21.14 14.49
N LEU E 90 41.54 -21.92 13.60
CA LEU E 90 40.11 -22.01 13.41
C LEU E 90 39.59 -23.26 14.08
N LYS E 91 38.47 -23.12 14.79
CA LYS E 91 37.82 -24.21 15.49
C LYS E 91 36.41 -24.37 14.92
N VAL E 92 36.10 -25.58 14.46
CA VAL E 92 34.79 -25.91 13.90
C VAL E 92 34.23 -27.07 14.70
N ARG E 93 33.10 -26.85 15.37
CA ARG E 93 32.53 -27.85 16.26
C ARG E 93 31.09 -28.14 15.86
N PHE E 94 30.80 -29.39 15.48
CA PHE E 94 29.44 -29.79 15.22
C PHE E 94 29.19 -31.14 15.88
N THR E 95 27.92 -31.56 15.89
CA THR E 95 27.55 -32.85 16.43
C THR E 95 26.93 -33.70 15.33
N LEU E 96 26.86 -35.01 15.57
CA LEU E 96 26.40 -35.94 14.57
C LEU E 96 25.64 -37.05 15.26
N ARG E 97 24.35 -37.20 14.94
CA ARG E 97 23.52 -38.25 15.51
C ARG E 97 23.35 -39.32 14.45
N VAL E 98 23.83 -40.54 14.75
CA VAL E 98 23.77 -41.63 13.79
C VAL E 98 22.52 -42.43 14.08
N LEU E 99 21.50 -42.26 13.24
CA LEU E 99 20.25 -42.97 13.47
C LEU E 99 20.37 -44.40 12.94
N GLY E 100 19.40 -45.23 13.32
CA GLY E 100 19.42 -46.61 12.91
C GLY E 100 18.12 -47.04 12.25
N GLY E 101 18.15 -48.17 11.56
CA GLY E 101 16.95 -48.68 10.93
C GLY E 101 16.80 -48.20 9.51
N ALA E 102 17.87 -48.30 8.73
CA ALA E 102 17.82 -47.92 7.33
C ALA E 102 17.04 -48.95 6.52
N GLY E 103 16.54 -48.50 5.38
CA GLY E 103 15.79 -49.36 4.48
C GLY E 103 14.29 -49.33 4.69
N THR E 104 13.84 -49.08 5.90
CA THR E 104 12.41 -48.98 6.16
C THR E 104 11.91 -47.62 5.68
N PRO E 105 10.99 -47.57 4.73
CA PRO E 105 10.57 -46.27 4.18
C PRO E 105 9.67 -45.52 5.14
N SER E 106 9.71 -44.20 5.04
CA SER E 106 8.86 -43.38 5.89
C SER E 106 7.41 -43.39 5.43
N ALA E 107 7.20 -43.50 4.11
CA ALA E 107 5.84 -43.50 3.58
C ALA E 107 5.87 -44.26 2.27
N CYS E 108 5.26 -45.45 2.26
CA CYS E 108 5.20 -46.27 1.06
C CYS E 108 3.82 -46.13 0.42
N ASN E 109 3.57 -46.94 -0.59
CA ASN E 109 2.30 -46.93 -1.29
C ASN E 109 1.76 -48.33 -1.54
N ASP E 110 2.56 -49.36 -1.31
CA ASP E 110 2.17 -50.74 -1.58
C ASP E 110 2.53 -51.58 -0.36
N ALA E 111 1.83 -52.69 -0.19
CA ALA E 111 2.14 -53.59 0.91
C ALA E 111 3.12 -54.68 0.50
N ALA E 112 2.99 -55.19 -0.72
CA ALA E 112 3.89 -56.25 -1.17
C ALA E 112 5.27 -55.70 -1.52
N TYR E 113 5.30 -54.50 -2.10
CA TYR E 113 6.57 -53.89 -2.51
C TYR E 113 7.40 -53.52 -1.30
N ARG E 114 6.74 -53.11 -0.22
CA ARG E 114 7.45 -52.78 1.01
C ARG E 114 8.05 -54.01 1.65
N ASP E 115 7.34 -55.13 1.61
CA ASP E 115 7.85 -56.36 2.21
C ASP E 115 8.98 -56.96 1.37
N LYS E 116 8.88 -56.85 0.05
CA LYS E 116 9.97 -57.26 -0.83
C LYS E 116 11.20 -56.40 -0.60
N LEU E 117 11.00 -55.10 -0.37
CA LEU E 117 12.12 -54.20 -0.11
C LEU E 117 12.79 -54.52 1.22
N LEU E 118 12.01 -54.77 2.27
CA LEU E 118 12.59 -55.09 3.57
C LEU E 118 13.29 -56.45 3.57
N GLN E 119 12.77 -57.41 2.81
CA GLN E 119 13.50 -58.68 2.67
C GLN E 119 14.78 -58.51 1.89
N THR E 120 14.81 -57.58 0.93
CA THR E 120 16.03 -57.34 0.16
C THR E 120 17.10 -56.69 1.02
N VAL E 121 16.73 -55.65 1.77
CA VAL E 121 17.69 -54.95 2.61
C VAL E 121 18.16 -55.83 3.75
N ALA E 122 17.24 -56.58 4.37
CA ALA E 122 17.64 -57.51 5.44
C ALA E 122 18.49 -58.65 4.90
N THR E 123 18.26 -59.05 3.65
CA THR E 123 19.13 -60.01 2.99
C THR E 123 20.53 -59.43 2.81
N TYR E 124 20.62 -58.15 2.43
CA TYR E 124 21.92 -57.49 2.29
C TYR E 124 22.68 -57.43 3.60
N VAL E 125 22.00 -56.99 4.67
CA VAL E 125 22.66 -56.82 5.97
C VAL E 125 23.06 -58.17 6.55
N ASN E 126 22.23 -59.20 6.34
CA ASN E 126 22.58 -60.52 6.84
C ASN E 126 23.70 -61.17 6.02
N ASP E 127 23.81 -60.83 4.74
CA ASP E 127 24.92 -61.36 3.97
C ASP E 127 26.23 -60.67 4.33
N GLN E 128 26.21 -59.34 4.43
CA GLN E 128 27.39 -58.59 4.83
C GLN E 128 26.96 -57.34 5.57
N GLY E 129 27.74 -56.94 6.56
CA GLY E 129 27.33 -55.89 7.47
C GLY E 129 27.42 -54.51 6.86
N PHE E 130 27.36 -53.52 7.75
CA PHE E 130 27.56 -52.13 7.41
C PHE E 130 29.03 -51.71 7.56
N ALA E 131 29.96 -52.64 7.36
CA ALA E 131 31.36 -52.38 7.68
C ALA E 131 32.02 -51.45 6.67
N GLU E 132 31.75 -51.65 5.38
CA GLU E 132 32.42 -50.88 4.34
C GLU E 132 31.99 -49.41 4.37
N LEU E 133 30.69 -49.18 4.49
CA LEU E 133 30.18 -47.81 4.52
C LEU E 133 30.60 -47.09 5.78
N ALA E 134 30.68 -47.79 6.91
CA ALA E 134 31.15 -47.17 8.12
C ALA E 134 32.64 -46.89 8.07
N ARG E 135 33.40 -47.70 7.32
CA ARG E 135 34.81 -47.39 7.11
C ARG E 135 34.98 -46.12 6.31
N ARG E 136 34.23 -45.97 5.21
CA ARG E 136 34.38 -44.79 4.38
C ARG E 136 33.87 -43.52 5.07
N TYR E 137 32.76 -43.64 5.82
CA TYR E 137 32.27 -42.53 6.62
C TYR E 137 33.25 -42.17 7.72
N ALA E 138 33.91 -43.16 8.32
CA ALA E 138 34.93 -42.89 9.31
C ALA E 138 36.16 -42.24 8.69
N HIS E 139 36.42 -42.50 7.41
CA HIS E 139 37.48 -41.76 6.74
C HIS E 139 37.08 -40.31 6.52
N ASN E 140 35.85 -40.05 6.11
CA ASN E 140 35.46 -38.66 5.92
C ASN E 140 35.27 -37.90 7.22
N LEU E 141 35.16 -38.57 8.35
CA LEU E 141 35.33 -37.88 9.63
C LEU E 141 36.78 -37.83 10.06
N ALA E 142 37.63 -38.70 9.54
CA ALA E 142 39.03 -38.74 9.97
C ALA E 142 39.80 -37.55 9.44
N ASN E 143 39.93 -37.44 8.12
CA ASN E 143 40.43 -36.19 7.57
C ASN E 143 39.30 -35.16 7.59
N ALA E 144 39.67 -33.91 7.70
CA ALA E 144 38.68 -32.86 7.93
C ALA E 144 38.14 -32.33 6.62
N ARG E 145 37.53 -33.22 5.83
CA ARG E 145 36.97 -32.83 4.54
C ARG E 145 35.78 -31.88 4.71
N PHE E 146 35.04 -32.02 5.82
CA PHE E 146 34.00 -31.06 6.16
C PHE E 146 34.58 -29.67 6.41
N LEU E 147 35.80 -29.61 6.91
CA LEU E 147 36.50 -28.35 7.07
C LEU E 147 37.34 -27.99 5.86
N TRP E 148 37.70 -28.96 5.02
CA TRP E 148 38.70 -28.75 3.94
C TRP E 148 38.16 -27.98 2.75
N ARG E 149 37.11 -27.22 2.94
CA ARG E 149 36.89 -26.04 2.14
C ARG E 149 37.83 -24.92 2.59
N ASN E 150 38.30 -25.01 3.83
CA ASN E 150 39.45 -24.29 4.37
C ASN E 150 40.71 -25.16 4.38
N ARG E 151 40.88 -26.03 3.38
CA ARG E 151 42.06 -26.89 3.31
C ARG E 151 43.32 -26.09 3.04
N VAL E 152 43.26 -25.25 2.01
CA VAL E 152 44.41 -24.90 1.18
C VAL E 152 45.38 -24.08 2.00
N GLY E 153 46.53 -24.67 2.30
CA GLY E 153 47.52 -23.98 3.09
C GLY E 153 47.22 -23.98 4.58
N ALA E 154 47.21 -25.17 5.17
CA ALA E 154 47.11 -25.32 6.60
C ALA E 154 48.33 -26.08 7.09
N GLU E 155 48.96 -25.58 8.14
CA GLU E 155 50.16 -26.23 8.65
C GLU E 155 49.82 -27.53 9.38
N ALA E 156 48.75 -27.53 10.16
CA ALA E 156 48.38 -28.71 10.92
C ALA E 156 46.87 -28.67 11.15
N VAL E 157 46.21 -29.78 10.87
CA VAL E 157 44.78 -29.92 11.08
C VAL E 157 44.57 -31.09 12.04
N GLU E 158 43.97 -30.81 13.19
CA GLU E 158 43.77 -31.83 14.22
C GLU E 158 42.27 -32.04 14.44
N VAL E 159 41.83 -33.29 14.40
CA VAL E 159 40.42 -33.63 14.54
C VAL E 159 40.25 -34.43 15.83
N ARG E 160 39.32 -33.99 16.68
CA ARG E 160 39.01 -34.67 17.92
C ARG E 160 37.55 -35.11 17.89
N ILE E 161 37.31 -36.40 18.08
CA ILE E 161 35.98 -36.98 17.98
C ILE E 161 35.63 -37.61 19.32
N ASN E 162 34.51 -37.22 19.89
CA ASN E 162 34.08 -37.76 21.16
C ASN E 162 32.80 -38.55 21.00
N HIS E 163 32.69 -39.65 21.72
CA HIS E 163 31.45 -40.40 21.83
C HIS E 163 30.75 -39.95 23.10
N ILE E 164 29.49 -39.56 22.98
CA ILE E 164 28.71 -39.06 24.10
C ILE E 164 27.59 -40.05 24.40
N ARG E 165 27.66 -40.65 25.58
CA ARG E 165 26.70 -41.64 26.05
C ARG E 165 25.79 -41.09 27.14
N GLN E 166 26.34 -40.27 28.01
CA GLN E 166 25.62 -39.54 29.05
C GLN E 166 26.22 -38.14 29.03
N GLY E 167 26.08 -37.40 30.13
CA GLY E 167 26.86 -36.19 30.28
C GLY E 167 28.37 -36.43 30.23
N GLU E 168 28.81 -37.63 30.62
CA GLU E 168 30.21 -38.01 30.56
C GLU E 168 30.56 -38.52 29.16
N VAL E 169 31.78 -38.18 28.72
CA VAL E 169 32.30 -38.70 27.46
C VAL E 169 32.65 -40.17 27.62
N ALA E 170 32.18 -40.99 26.68
CA ALA E 170 32.47 -42.42 26.73
C ALA E 170 33.87 -42.73 26.25
N ARG E 171 34.18 -42.38 25.00
CA ARG E 171 35.46 -42.69 24.39
C ARG E 171 35.88 -41.57 23.47
N ALA E 172 37.15 -41.16 23.54
CA ALA E 172 37.68 -40.04 22.79
C ALA E 172 38.74 -40.49 21.79
N TRP E 173 38.71 -39.90 20.60
CA TRP E 173 39.70 -40.11 19.56
C TRP E 173 40.34 -38.78 19.20
N ARG E 174 41.64 -38.83 18.88
CA ARG E 174 42.34 -37.67 18.34
C ARG E 174 43.11 -38.13 17.11
N PHE E 175 42.91 -37.42 15.99
CA PHE E 175 43.46 -37.81 14.71
C PHE E 175 44.42 -36.74 14.20
N ASP E 176 44.88 -36.93 12.97
CA ASP E 176 45.76 -35.99 12.30
C ASP E 176 45.37 -36.02 10.82
N ALA E 177 44.68 -34.97 10.38
CA ALA E 177 44.01 -35.00 9.09
C ALA E 177 44.95 -34.89 7.91
N LEU E 178 46.14 -34.33 8.08
CA LEU E 178 47.03 -34.19 6.94
C LEU E 178 47.76 -35.48 6.63
N ALA E 179 48.02 -36.32 7.64
CA ALA E 179 48.63 -37.61 7.39
C ALA E 179 47.65 -38.56 6.71
N ILE E 180 46.39 -38.53 7.14
CA ILE E 180 45.36 -39.33 6.51
C ILE E 180 45.03 -38.74 5.15
N GLY E 181 45.08 -39.56 4.12
CA GLY E 181 44.96 -39.08 2.76
C GLY E 181 43.56 -38.60 2.42
N LEU E 182 43.48 -37.88 1.32
CA LEU E 182 42.22 -37.41 0.79
C LEU E 182 41.59 -38.40 -0.18
N ARG E 183 42.40 -39.18 -0.89
CA ARG E 183 41.90 -40.09 -1.91
C ARG E 183 42.11 -41.56 -1.60
N ASP E 184 42.84 -41.90 -0.55
CA ASP E 184 43.22 -43.28 -0.26
C ASP E 184 42.53 -43.74 1.01
N PHE E 185 41.72 -44.78 0.90
CA PHE E 185 41.01 -45.34 2.04
C PHE E 185 41.80 -46.54 2.56
N LYS E 186 42.87 -46.23 3.29
CA LYS E 186 43.74 -47.24 3.87
C LYS E 186 43.38 -47.44 5.34
N ALA E 187 43.37 -48.69 5.77
CA ALA E 187 42.84 -49.06 7.07
C ALA E 187 43.76 -48.61 8.21
N ASP E 188 43.21 -48.66 9.42
CA ASP E 188 43.90 -48.28 10.65
C ASP E 188 43.11 -48.87 11.81
N ALA E 189 43.78 -49.03 12.95
CA ALA E 189 43.13 -49.64 14.11
C ALA E 189 42.07 -48.71 14.70
N GLU E 190 42.40 -47.43 14.83
CA GLU E 190 41.46 -46.47 15.42
C GLU E 190 40.28 -46.23 14.50
N LEU E 191 40.52 -46.19 13.20
CA LEU E 191 39.42 -46.10 12.24
C LEU E 191 38.59 -47.38 12.20
N ASP E 192 39.17 -48.52 12.57
CA ASP E 192 38.35 -49.71 12.73
C ASP E 192 37.50 -49.63 13.99
N ALA E 193 37.99 -48.97 15.04
CA ALA E 193 37.16 -48.80 16.23
C ALA E 193 36.00 -47.85 15.96
N LEU E 194 36.29 -46.73 15.30
CA LEU E 194 35.25 -45.77 14.96
C LEU E 194 34.27 -46.34 13.94
N ALA E 195 34.76 -47.17 13.02
CA ALA E 195 33.88 -47.83 12.07
C ALA E 195 33.02 -48.89 12.74
N GLU E 196 33.53 -49.53 13.81
CA GLU E 196 32.67 -50.41 14.58
C GLU E 196 31.61 -49.64 15.34
N LEU E 197 31.92 -48.41 15.79
CA LEU E 197 30.90 -47.62 16.47
C LEU E 197 29.81 -47.15 15.52
N ILE E 198 30.20 -46.65 14.34
CA ILE E 198 29.22 -46.18 13.37
C ILE E 198 28.42 -47.33 12.80
N ALA E 199 29.08 -48.46 12.50
CA ALA E 199 28.38 -49.64 12.01
C ALA E 199 27.47 -50.23 13.07
N SER E 200 27.83 -50.10 14.34
CA SER E 200 26.91 -50.49 15.40
C SER E 200 25.76 -49.50 15.52
N GLY E 201 25.93 -48.27 15.06
CA GLY E 201 24.86 -47.31 15.10
C GLY E 201 23.85 -47.48 13.98
N LEU E 202 24.32 -47.72 12.75
CA LEU E 202 23.42 -47.83 11.62
C LEU E 202 22.60 -49.11 11.63
N SER E 203 23.05 -50.14 12.32
CA SER E 203 22.31 -51.40 12.38
C SER E 203 21.26 -51.40 13.47
N GLY E 204 21.07 -50.28 14.18
CA GLY E 204 20.05 -50.21 15.20
C GLY E 204 20.41 -50.88 16.51
N SER E 205 21.69 -51.20 16.72
CA SER E 205 22.12 -51.89 17.93
C SER E 205 22.37 -50.96 19.10
N GLY E 206 22.13 -49.66 18.95
CA GLY E 206 22.35 -48.73 20.04
C GLY E 206 22.16 -47.32 19.57
N HIS E 207 22.44 -46.38 20.47
CA HIS E 207 22.34 -44.96 20.20
C HIS E 207 23.73 -44.37 20.09
N VAL E 208 23.97 -43.61 19.02
CA VAL E 208 25.29 -43.06 18.72
C VAL E 208 25.17 -41.56 18.54
N LEU E 209 25.81 -40.81 19.43
CA LEU E 209 25.91 -39.35 19.34
C LEU E 209 27.37 -38.97 19.43
N LEU E 210 27.88 -38.32 18.39
CA LEU E 210 29.28 -37.95 18.30
C LEU E 210 29.43 -36.44 18.34
N GLU E 211 30.52 -35.98 18.93
CA GLU E 211 30.89 -34.56 18.96
C GLU E 211 32.20 -34.41 18.22
N VAL E 212 32.16 -33.68 17.10
CA VAL E 212 33.33 -33.52 16.23
C VAL E 212 33.85 -32.11 16.35
N VAL E 213 35.13 -31.97 16.69
CA VAL E 213 35.80 -30.68 16.83
C VAL E 213 37.03 -30.71 15.93
N ALA E 214 37.22 -29.67 15.14
CA ALA E 214 38.34 -29.64 14.19
C ALA E 214 39.10 -28.33 14.33
N PHE E 215 40.43 -28.44 14.26
CA PHE E 215 41.38 -27.37 14.50
C PHE E 215 42.26 -27.18 13.28
N ALA E 216 42.45 -25.92 12.87
CA ALA E 216 43.29 -25.65 11.69
C ALA E 216 44.16 -24.45 11.96
N ARG E 217 45.42 -24.49 11.52
CA ARG E 217 46.30 -23.33 11.58
C ARG E 217 46.37 -22.70 10.20
N ILE E 218 45.87 -21.48 10.08
CA ILE E 218 45.88 -20.82 8.78
C ILE E 218 46.62 -19.49 8.86
N GLY E 219 46.90 -19.02 10.05
CA GLY E 219 47.72 -17.83 10.24
C GLY E 219 46.97 -16.72 10.95
N ASP E 220 47.75 -15.71 11.35
CA ASP E 220 47.20 -14.59 12.08
C ASP E 220 46.40 -13.67 11.16
N GLY E 221 45.16 -13.39 11.53
CA GLY E 221 44.36 -12.42 10.81
C GLY E 221 43.92 -12.83 9.42
N GLN E 222 44.02 -14.10 9.07
CA GLN E 222 43.65 -14.57 7.74
C GLN E 222 42.13 -14.65 7.60
N GLU E 223 41.67 -15.18 6.47
CA GLU E 223 40.26 -15.18 6.15
C GLU E 223 39.70 -16.60 6.25
N VAL E 224 38.56 -16.73 6.91
CA VAL E 224 37.85 -17.98 6.97
C VAL E 224 36.63 -17.91 6.06
N PHE E 225 36.03 -19.06 5.79
CA PHE E 225 35.03 -19.22 4.74
C PHE E 225 33.75 -19.82 5.30
N PRO E 226 32.81 -18.99 5.74
CA PRO E 226 31.45 -19.48 6.02
C PRO E 226 30.64 -19.65 4.74
N SER E 227 29.36 -19.96 4.84
CA SER E 227 28.64 -20.55 3.70
C SER E 227 27.30 -19.89 3.40
N GLN E 228 27.31 -18.87 2.54
CA GLN E 228 26.14 -18.36 1.82
C GLN E 228 26.64 -17.35 0.80
N GLU E 229 25.90 -17.19 -0.30
CA GLU E 229 26.10 -16.08 -1.24
C GLU E 229 24.76 -15.55 -1.79
N LEU E 230 23.64 -15.71 -1.07
CA LEU E 230 22.33 -15.85 -1.72
C LEU E 230 21.74 -14.55 -2.26
N ILE E 231 21.45 -13.59 -1.37
CA ILE E 231 20.18 -12.83 -1.42
C ILE E 231 19.97 -12.08 -2.73
N LEU E 232 18.77 -12.22 -3.30
CA LEU E 232 18.45 -11.86 -4.67
C LEU E 232 18.55 -10.36 -4.94
N ASP E 233 18.83 -10.03 -6.20
CA ASP E 233 18.97 -8.67 -6.69
C ASP E 233 17.96 -8.49 -7.82
N LYS E 234 16.72 -8.13 -7.46
CA LYS E 234 15.66 -8.04 -8.46
C LYS E 234 15.78 -6.80 -9.33
N GLY E 235 16.52 -5.79 -8.91
CA GLY E 235 16.63 -4.59 -9.71
C GLY E 235 16.31 -3.32 -8.97
N ASP E 236 15.33 -3.37 -8.06
CA ASP E 236 15.03 -2.23 -7.21
C ASP E 236 15.88 -2.31 -5.94
N LYS E 237 15.52 -1.48 -4.94
CA LYS E 237 16.13 -1.44 -3.61
C LYS E 237 17.63 -1.18 -3.71
N LYS E 238 17.96 0.02 -4.20
CA LYS E 238 19.29 0.37 -4.64
C LYS E 238 20.30 0.34 -3.49
N GLY E 239 21.38 -0.42 -3.68
CA GLY E 239 22.40 -0.54 -2.67
C GLY E 239 22.35 -1.84 -1.89
N GLN E 240 22.18 -2.97 -2.57
CA GLN E 240 22.25 -4.26 -1.91
C GLN E 240 23.71 -4.61 -1.62
N LYS E 241 23.91 -5.77 -0.98
CA LYS E 241 25.29 -6.19 -0.70
C LYS E 241 25.96 -6.74 -1.95
N SER E 242 25.41 -7.84 -2.48
CA SER E 242 25.90 -8.85 -3.44
C SER E 242 26.79 -9.89 -2.80
N LYS E 243 27.08 -9.86 -1.49
CA LYS E 243 27.59 -11.06 -0.84
C LYS E 243 27.19 -11.05 0.63
N THR E 244 26.29 -11.94 1.01
CA THR E 244 26.00 -12.18 2.41
C THR E 244 26.73 -13.43 2.88
N LEU E 245 26.70 -13.66 4.19
CA LEU E 245 27.30 -14.84 4.77
C LEU E 245 26.37 -15.38 5.84
N TYR E 246 26.28 -16.70 5.90
CA TYR E 246 25.38 -17.35 6.86
C TYR E 246 25.90 -17.19 8.27
N SER E 247 24.98 -16.96 9.20
CA SER E 247 25.35 -16.81 10.59
C SER E 247 24.26 -17.37 11.46
N VAL E 248 24.61 -17.52 12.73
CA VAL E 248 23.72 -17.92 13.81
C VAL E 248 23.78 -16.71 14.73
N ARG E 249 23.36 -16.86 15.98
CA ARG E 249 23.36 -15.70 16.87
C ARG E 249 24.78 -15.23 17.14
N ASP E 250 25.22 -14.29 16.28
CA ASP E 250 26.49 -13.58 16.36
C ASP E 250 27.69 -14.52 16.27
N ALA E 251 27.68 -15.38 15.25
CA ALA E 251 28.79 -16.27 14.95
C ALA E 251 28.67 -16.74 13.51
N ALA E 252 29.79 -16.84 12.81
CA ALA E 252 29.79 -17.37 11.47
C ALA E 252 29.71 -18.89 11.51
N ALA E 253 28.94 -19.47 10.60
CA ALA E 253 28.71 -20.90 10.62
C ALA E 253 28.57 -21.43 9.21
N ILE E 254 28.57 -22.76 9.10
CA ILE E 254 28.39 -23.45 7.84
C ILE E 254 27.04 -24.15 7.90
N HIS E 255 26.35 -24.23 6.76
CA HIS E 255 25.11 -24.96 6.65
C HIS E 255 25.33 -26.43 6.96
N SER E 256 24.27 -27.11 7.38
CA SER E 256 24.40 -28.50 7.77
C SER E 256 24.52 -29.42 6.57
N GLN E 257 23.93 -29.06 5.44
CA GLN E 257 24.00 -29.95 4.29
C GLN E 257 25.32 -29.87 3.54
N LYS E 258 26.17 -28.87 3.81
CA LYS E 258 27.54 -28.96 3.31
C LYS E 258 28.33 -29.98 4.09
N ILE E 259 28.11 -30.06 5.40
CA ILE E 259 28.79 -31.05 6.21
C ILE E 259 28.28 -32.45 5.86
N GLY E 260 26.97 -32.58 5.61
CA GLY E 260 26.45 -33.86 5.15
C GLY E 260 26.96 -34.23 3.78
N ASN E 261 27.12 -33.24 2.90
CA ASN E 261 27.70 -33.48 1.58
C ASN E 261 29.14 -33.96 1.70
N ALA E 262 29.89 -33.40 2.64
CA ALA E 262 31.24 -33.87 2.83
C ALA E 262 31.30 -35.24 3.47
N LEU E 263 30.27 -35.63 4.23
CA LEU E 263 30.26 -36.99 4.74
C LEU E 263 29.79 -38.00 3.71
N ARG E 264 29.14 -37.57 2.63
CA ARG E 264 28.65 -38.51 1.64
C ARG E 264 29.55 -38.68 0.42
N THR E 265 30.80 -38.21 0.46
CA THR E 265 31.71 -38.41 -0.67
C THR E 265 32.48 -39.70 -0.45
N ILE E 266 31.81 -40.81 -0.76
CA ILE E 266 32.38 -42.14 -0.62
C ILE E 266 32.35 -42.92 -1.92
N ASP E 267 31.86 -42.35 -3.00
CA ASP E 267 31.59 -43.08 -4.23
C ASP E 267 32.83 -43.09 -5.11
N THR E 268 33.42 -44.27 -5.29
CA THR E 268 34.67 -44.41 -6.06
C THR E 268 34.53 -45.33 -7.26
N TRP E 269 33.32 -45.57 -7.76
CA TRP E 269 33.14 -46.55 -8.81
C TRP E 269 32.56 -45.96 -10.08
N TYR E 270 31.50 -45.20 -9.96
CA TYR E 270 30.82 -44.56 -11.07
C TYR E 270 31.54 -43.44 -11.84
N PRO E 271 32.50 -42.68 -11.28
CA PRO E 271 33.32 -41.82 -12.15
C PRO E 271 34.07 -42.56 -13.26
N ASP E 272 34.34 -43.86 -13.10
CA ASP E 272 34.82 -44.77 -14.15
C ASP E 272 36.15 -44.33 -14.73
N GLU E 273 36.92 -43.55 -13.98
CA GLU E 273 38.18 -42.99 -14.45
C GLU E 273 39.15 -43.00 -13.28
N ASP E 274 40.30 -43.65 -13.46
CA ASP E 274 41.33 -43.67 -12.43
C ASP E 274 41.99 -42.30 -12.35
N GLY E 275 42.07 -41.74 -11.15
CA GLY E 275 42.71 -40.46 -10.94
C GLY E 275 41.80 -39.43 -10.32
N LEU E 276 40.54 -39.41 -10.78
CA LEU E 276 39.54 -38.56 -10.15
C LEU E 276 39.07 -39.23 -8.86
N GLY E 277 38.97 -38.45 -7.80
CA GLY E 277 38.71 -38.99 -6.48
C GLY E 277 37.26 -39.38 -6.26
N PRO E 278 36.88 -39.54 -5.00
CA PRO E 278 35.49 -39.89 -4.69
C PRO E 278 34.57 -38.71 -4.93
N ILE E 279 33.33 -39.02 -5.31
CA ILE E 279 32.29 -38.03 -5.48
C ILE E 279 31.18 -38.31 -4.48
N ALA E 280 30.25 -37.38 -4.38
CA ALA E 280 29.13 -37.53 -3.46
C ALA E 280 28.13 -38.53 -4.02
N VAL E 281 27.33 -39.10 -3.11
CA VAL E 281 26.38 -40.15 -3.47
C VAL E 281 25.06 -39.48 -3.80
N GLU E 282 24.75 -39.40 -5.08
CA GLU E 282 23.48 -38.88 -5.57
C GLU E 282 22.80 -40.00 -6.34
N PRO E 283 21.50 -39.92 -6.66
CA PRO E 283 20.90 -40.95 -7.52
C PRO E 283 21.51 -41.01 -8.91
N TYR E 284 21.67 -39.87 -9.57
CA TYR E 284 22.48 -39.80 -10.76
C TYR E 284 23.90 -39.48 -10.32
N GLY E 285 24.80 -39.22 -11.25
CA GLY E 285 26.17 -38.99 -10.88
C GLY E 285 26.52 -37.52 -10.88
N SER E 286 25.57 -36.69 -10.44
CA SER E 286 25.65 -35.27 -10.69
C SER E 286 26.66 -34.60 -9.78
N VAL E 287 27.54 -33.81 -10.37
CA VAL E 287 28.45 -32.93 -9.66
C VAL E 287 28.19 -31.52 -10.17
N THR E 288 27.84 -30.61 -9.26
CA THR E 288 27.42 -29.28 -9.67
C THR E 288 28.59 -28.43 -10.12
N SER E 289 29.70 -28.49 -9.37
CA SER E 289 30.89 -27.71 -9.68
C SER E 289 31.76 -28.35 -10.74
N GLN E 290 31.25 -29.37 -11.45
CA GLN E 290 31.89 -29.89 -12.65
C GLN E 290 30.94 -29.97 -13.82
N GLY E 291 29.63 -29.86 -13.59
CA GLY E 291 28.65 -29.86 -14.65
C GLY E 291 28.54 -31.16 -15.42
N LYS E 292 28.67 -32.29 -14.73
CA LYS E 292 28.68 -33.56 -15.43
C LYS E 292 28.06 -34.62 -14.54
N ALA E 293 27.15 -35.42 -15.10
CA ALA E 293 26.54 -36.53 -14.39
C ALA E 293 27.26 -37.81 -14.76
N TYR E 294 27.88 -38.45 -13.78
CA TYR E 294 28.67 -39.65 -14.02
C TYR E 294 27.81 -40.91 -14.07
N ARG E 295 26.51 -40.79 -13.86
CA ARG E 295 25.59 -41.92 -13.86
C ARG E 295 24.40 -41.53 -14.72
N GLN E 296 24.48 -41.78 -15.95
CA GLN E 296 23.34 -41.43 -16.76
C GLN E 296 22.48 -42.65 -17.03
N PRO E 297 21.16 -42.49 -17.22
CA PRO E 297 20.31 -43.66 -17.50
C PRO E 297 20.48 -44.24 -18.90
N LYS E 298 21.32 -43.65 -19.75
CA LYS E 298 21.76 -44.35 -20.96
C LYS E 298 22.53 -45.60 -20.61
N GLN E 299 23.44 -45.49 -19.65
CA GLN E 299 24.04 -46.65 -19.02
C GLN E 299 23.04 -47.28 -18.06
N LYS E 300 23.38 -48.46 -17.56
CA LYS E 300 22.57 -49.11 -16.54
C LYS E 300 23.11 -48.86 -15.15
N LEU E 301 23.98 -47.87 -14.99
CA LEU E 301 24.56 -47.51 -13.71
C LEU E 301 23.79 -46.32 -13.17
N ASP E 302 22.80 -46.60 -12.33
CA ASP E 302 21.89 -45.58 -11.84
C ASP E 302 21.24 -46.14 -10.58
N PHE E 303 20.75 -45.26 -9.72
CA PHE E 303 20.07 -45.75 -8.53
C PHE E 303 18.72 -46.35 -8.86
N TYR E 304 17.95 -45.69 -9.73
CA TYR E 304 16.60 -46.14 -10.05
C TYR E 304 16.62 -47.44 -10.82
N THR E 305 17.59 -47.58 -11.73
CA THR E 305 17.69 -48.78 -12.54
C THR E 305 18.13 -49.98 -11.72
N LEU E 306 19.14 -49.80 -10.87
CA LEU E 306 19.59 -50.92 -10.03
C LEU E 306 18.58 -51.27 -8.95
N LEU E 307 17.85 -50.28 -8.43
CA LEU E 307 16.84 -50.56 -7.43
C LEU E 307 15.66 -51.31 -8.04
N ASP E 308 15.27 -50.93 -9.27
CA ASP E 308 14.20 -51.66 -9.95
C ASP E 308 14.64 -53.06 -10.33
N ASN E 309 15.86 -53.21 -10.83
CA ASN E 309 16.33 -54.53 -11.25
C ASN E 309 16.73 -55.41 -10.08
N TRP E 310 16.82 -54.88 -8.86
CA TRP E 310 17.21 -55.70 -7.73
C TRP E 310 16.09 -55.93 -6.73
N VAL E 311 15.05 -55.11 -6.73
CA VAL E 311 13.89 -55.39 -5.90
C VAL E 311 12.85 -56.21 -6.66
N LEU E 312 12.50 -55.78 -7.87
CA LEU E 312 11.42 -56.42 -8.59
C LEU E 312 11.87 -57.73 -9.25
N ARG E 313 12.93 -57.66 -10.04
CA ARG E 313 13.31 -58.76 -10.92
C ARG E 313 14.36 -59.68 -10.31
N ASP E 314 14.76 -59.41 -9.06
CA ASP E 314 15.70 -60.22 -8.29
C ASP E 314 17.07 -60.38 -8.96
N GLU E 315 17.44 -59.46 -9.84
CA GLU E 315 18.74 -59.51 -10.51
C GLU E 315 19.72 -58.73 -9.63
N ALA E 316 20.52 -59.45 -8.87
CA ALA E 316 21.46 -58.81 -7.96
C ALA E 316 22.62 -58.21 -8.75
N PRO E 317 22.94 -56.94 -8.52
CA PRO E 317 24.11 -56.35 -9.20
C PRO E 317 25.41 -56.77 -8.55
N ALA E 318 26.52 -56.12 -8.93
CA ALA E 318 27.79 -56.38 -8.28
C ALA E 318 27.77 -55.90 -6.82
N VAL E 319 28.83 -56.21 -6.09
CA VAL E 319 28.85 -55.98 -4.65
C VAL E 319 28.91 -54.48 -4.35
N GLU E 320 29.81 -53.77 -5.02
CA GLU E 320 29.98 -52.36 -4.71
C GLU E 320 28.82 -51.53 -5.26
N GLN E 321 28.10 -52.06 -6.25
CA GLN E 321 26.85 -51.44 -6.68
C GLN E 321 25.80 -51.55 -5.58
N GLN E 322 25.79 -52.67 -4.85
CA GLN E 322 24.89 -52.81 -3.72
C GLN E 322 25.28 -51.85 -2.61
N HIS E 323 26.59 -51.61 -2.44
CA HIS E 323 27.05 -50.57 -1.52
C HIS E 323 26.56 -49.19 -1.95
N TYR E 324 26.47 -48.94 -3.25
CA TYR E 324 25.92 -47.68 -3.74
C TYR E 324 24.44 -47.53 -3.42
N VAL E 325 23.67 -48.59 -3.65
CA VAL E 325 22.22 -48.51 -3.44
C VAL E 325 21.90 -48.35 -1.96
N ILE E 326 22.59 -49.10 -1.09
CA ILE E 326 22.37 -48.93 0.34
C ILE E 326 22.89 -47.57 0.82
N ALA E 327 23.91 -47.02 0.14
CA ALA E 327 24.35 -45.67 0.46
C ALA E 327 23.28 -44.64 0.13
N ASN E 328 22.52 -44.85 -0.95
CA ASN E 328 21.40 -43.96 -1.22
C ASN E 328 20.24 -44.18 -0.27
N LEU E 329 20.08 -45.38 0.29
CA LEU E 329 19.02 -45.53 1.29
C LEU E 329 19.41 -44.90 2.61
N ILE E 330 20.70 -44.83 2.92
CA ILE E 330 21.13 -44.09 4.10
C ILE E 330 21.04 -42.59 3.84
N ARG E 331 21.23 -42.16 2.59
CA ARG E 331 21.03 -40.75 2.25
C ARG E 331 19.58 -40.33 2.42
N GLY E 332 18.63 -41.14 1.97
CA GLY E 332 17.24 -40.77 2.01
C GLY E 332 16.86 -39.91 0.82
N GLY E 333 15.56 -39.86 0.54
CA GLY E 333 15.12 -39.08 -0.59
C GLY E 333 13.63 -39.21 -0.82
N VAL E 334 13.20 -38.68 -1.96
CA VAL E 334 11.81 -38.71 -2.39
C VAL E 334 11.76 -39.50 -3.68
N PHE E 335 11.30 -40.75 -3.60
CA PHE E 335 11.38 -41.67 -4.71
C PHE E 335 9.96 -41.96 -5.21
N GLY E 336 9.86 -42.46 -6.42
CA GLY E 336 8.55 -42.57 -7.02
C GLY E 336 8.22 -41.33 -7.82
N GLU E 337 7.01 -41.30 -8.37
CA GLU E 337 6.59 -40.20 -9.24
C GLU E 337 6.41 -38.87 -8.49
N ILE F 4 -40.54 -48.34 10.87
CA ILE F 4 -39.82 -47.29 10.17
C ILE F 4 -38.43 -47.19 10.81
N LEU F 5 -38.27 -46.23 11.74
CA LEU F 5 -36.99 -45.77 12.29
C LEU F 5 -35.97 -45.56 11.18
N SER F 6 -36.11 -44.46 10.45
CA SER F 6 -35.08 -44.08 9.50
C SER F 6 -33.98 -43.31 10.20
N THR F 7 -32.81 -43.25 9.56
CA THR F 7 -31.70 -42.51 10.11
C THR F 7 -31.97 -41.01 10.03
N ALA F 8 -31.43 -40.27 10.99
CA ALA F 8 -31.50 -38.82 10.94
C ALA F 8 -30.60 -38.32 9.83
N SER F 9 -31.12 -37.42 9.02
CA SER F 9 -30.34 -36.89 7.91
C SER F 9 -29.32 -35.85 8.34
N VAL F 10 -29.43 -35.32 9.56
CA VAL F 10 -28.47 -34.35 10.09
C VAL F 10 -28.01 -34.87 11.45
N LEU F 11 -26.75 -35.26 11.54
CA LEU F 11 -26.13 -35.60 12.82
C LEU F 11 -24.81 -34.85 12.94
N ALA F 12 -24.49 -34.47 14.17
CA ALA F 12 -23.28 -33.71 14.42
C ALA F 12 -22.88 -33.92 15.87
N PHE F 13 -21.66 -34.42 16.08
CA PHE F 13 -21.14 -34.64 17.42
C PHE F 13 -19.93 -33.76 17.61
N GLU F 14 -20.02 -32.82 18.56
CA GLU F 14 -18.86 -32.03 18.90
C GLU F 14 -17.86 -32.86 19.68
N ARG F 15 -16.59 -32.51 19.57
CA ARG F 15 -15.55 -33.39 20.06
C ARG F 15 -15.37 -33.27 21.56
N LYS F 16 -14.88 -34.36 22.14
CA LYS F 16 -14.34 -34.38 23.49
C LYS F 16 -12.84 -34.56 23.37
N LEU F 17 -12.14 -34.42 24.49
CA LEU F 17 -10.67 -34.46 24.57
C LEU F 17 -10.06 -33.39 23.67
N ASP F 18 -10.25 -32.13 24.07
CA ASP F 18 -9.85 -30.99 23.26
C ASP F 18 -8.45 -30.54 23.66
N PRO F 19 -7.43 -30.72 22.81
CA PRO F 19 -6.08 -30.28 23.18
C PRO F 19 -5.79 -28.85 22.75
N SER F 20 -4.57 -28.38 22.98
CA SER F 20 -4.15 -27.07 22.49
C SER F 20 -2.83 -27.19 21.74
N ASP F 21 -2.20 -26.06 21.42
CA ASP F 21 -0.95 -26.08 20.68
C ASP F 21 0.21 -26.47 21.60
N ALA F 22 1.36 -26.74 21.01
CA ALA F 22 2.39 -27.51 21.71
C ALA F 22 3.53 -26.68 22.30
N LEU F 23 3.95 -25.59 21.66
CA LEU F 23 4.81 -24.55 22.25
C LEU F 23 6.18 -25.10 22.66
N MET F 24 6.98 -25.47 21.67
CA MET F 24 8.30 -26.02 21.94
C MET F 24 9.26 -24.98 22.49
N SER F 25 10.08 -25.38 23.45
CA SER F 25 11.12 -24.53 24.00
C SER F 25 12.24 -25.40 24.54
N ALA F 26 13.48 -24.94 24.37
CA ALA F 26 14.64 -25.79 24.55
C ALA F 26 15.43 -25.40 25.80
N GLY F 27 16.23 -26.34 26.28
CA GLY F 27 17.04 -26.08 27.46
C GLY F 27 18.00 -27.22 27.72
N ALA F 28 18.44 -27.32 28.98
CA ALA F 28 19.45 -28.29 29.38
C ALA F 28 18.87 -29.32 30.36
N TRP F 29 19.29 -30.57 30.19
CA TRP F 29 18.88 -31.65 31.08
C TRP F 29 19.51 -31.45 32.47
N ALA F 30 18.93 -32.12 33.46
CA ALA F 30 19.24 -32.01 34.89
C ALA F 30 19.00 -30.61 35.44
N GLN F 31 18.27 -29.78 34.70
CA GLN F 31 17.71 -28.53 35.20
C GLN F 31 16.24 -28.46 34.85
N ARG F 32 15.63 -29.59 34.49
CA ARG F 32 14.24 -29.68 34.10
C ARG F 32 13.28 -29.52 35.27
N ASP F 33 13.78 -29.55 36.50
CA ASP F 33 12.92 -29.28 37.64
C ASP F 33 12.57 -27.80 37.76
N ALA F 34 13.38 -26.93 37.16
CA ALA F 34 13.10 -25.50 37.11
C ALA F 34 12.78 -25.06 35.69
N SER F 35 12.01 -25.89 34.97
CA SER F 35 11.75 -25.65 33.56
C SER F 35 10.55 -24.71 33.39
N GLN F 36 10.78 -23.46 33.77
CA GLN F 36 9.76 -22.43 33.63
C GLN F 36 10.23 -21.23 32.83
N GLU F 37 11.48 -20.83 32.99
CA GLU F 37 12.04 -19.71 32.27
C GLU F 37 13.03 -20.27 31.25
N TRP F 38 12.51 -20.68 30.10
CA TRP F 38 13.39 -21.12 29.04
C TRP F 38 13.05 -20.41 27.75
N PRO F 39 14.05 -20.09 26.93
CA PRO F 39 13.77 -19.44 25.65
C PRO F 39 13.10 -20.41 24.69
N ALA F 40 12.32 -19.85 23.79
CA ALA F 40 11.59 -20.68 22.85
C ALA F 40 12.44 -21.02 21.64
N VAL F 41 12.10 -22.11 20.98
CA VAL F 41 12.74 -22.51 19.74
C VAL F 41 12.15 -21.65 18.62
N THR F 42 12.99 -20.85 17.99
CA THR F 42 12.54 -19.96 16.93
C THR F 42 12.73 -20.61 15.57
N VAL F 43 12.01 -20.09 14.58
CA VAL F 43 12.02 -20.59 13.22
C VAL F 43 12.80 -19.60 12.38
N ARG F 44 13.79 -20.10 11.64
CA ARG F 44 14.64 -19.22 10.84
C ARG F 44 14.68 -19.73 9.40
N GLU F 45 15.34 -18.95 8.55
CA GLU F 45 15.45 -19.27 7.14
C GLU F 45 16.88 -19.68 6.82
N LYS F 46 17.01 -20.53 5.79
CA LYS F 46 18.31 -20.85 5.23
C LYS F 46 18.13 -21.30 3.80
N SER F 47 19.05 -20.89 2.94
CA SER F 47 18.98 -21.27 1.54
C SER F 47 19.51 -22.69 1.37
N VAL F 48 19.13 -23.34 0.28
CA VAL F 48 19.76 -24.60 -0.04
C VAL F 48 20.19 -24.54 -1.50
N ARG F 49 21.05 -25.46 -1.88
CA ARG F 49 21.44 -25.63 -3.26
C ARG F 49 21.29 -27.11 -3.55
N GLY F 50 20.09 -27.53 -3.88
CA GLY F 50 19.80 -28.93 -4.08
C GLY F 50 20.26 -29.41 -5.44
N THR F 51 19.59 -30.46 -5.91
CA THR F 51 19.80 -30.97 -7.25
C THR F 51 18.54 -31.72 -7.66
N ILE F 52 18.49 -32.14 -8.91
CA ILE F 52 17.32 -32.81 -9.46
C ILE F 52 17.47 -34.30 -9.25
N SER F 53 16.65 -34.86 -8.37
CA SER F 53 16.74 -36.26 -8.00
C SER F 53 15.34 -36.87 -7.98
N ASN F 54 14.59 -36.65 -9.05
CA ASN F 54 13.24 -37.19 -9.17
C ASN F 54 13.14 -37.95 -10.48
N ARG F 55 12.19 -38.88 -10.55
CA ARG F 55 11.97 -39.61 -11.79
C ARG F 55 11.36 -38.68 -12.83
N LEU F 56 11.93 -38.68 -14.04
CA LEU F 56 11.75 -37.56 -14.95
C LEU F 56 10.76 -37.82 -16.08
N LYS F 57 10.26 -39.04 -16.23
CA LYS F 57 9.35 -39.45 -17.31
C LYS F 57 9.97 -39.20 -18.69
N THR F 58 11.01 -39.99 -18.96
CA THR F 58 11.81 -39.94 -20.18
C THR F 58 11.01 -40.32 -21.43
N LYS F 59 9.82 -40.93 -21.27
CA LYS F 59 9.08 -41.55 -22.36
C LYS F 59 8.61 -40.57 -23.44
N ASP F 60 8.59 -39.27 -23.16
CA ASP F 60 8.36 -38.28 -24.21
C ASP F 60 9.10 -37.00 -23.81
N ARG F 61 10.36 -36.89 -24.27
CA ARG F 61 11.23 -35.76 -23.97
C ARG F 61 12.47 -35.87 -24.84
N ASP F 62 13.12 -34.73 -25.04
CA ASP F 62 14.36 -34.68 -25.80
C ASP F 62 15.52 -35.16 -24.94
N PRO F 63 16.58 -35.70 -25.55
CA PRO F 63 17.74 -36.12 -24.75
C PRO F 63 18.54 -34.96 -24.20
N ALA F 64 18.72 -33.89 -24.98
CA ALA F 64 19.54 -32.77 -24.53
C ALA F 64 18.87 -31.99 -23.42
N LYS F 65 17.54 -31.90 -23.45
CA LYS F 65 16.81 -31.25 -22.36
C LYS F 65 16.96 -32.03 -21.07
N LEU F 66 16.88 -33.35 -21.14
CA LEU F 66 17.09 -34.18 -19.96
C LEU F 66 18.54 -34.14 -19.50
N ASP F 67 19.47 -33.86 -20.42
CA ASP F 67 20.86 -33.67 -20.02
C ASP F 67 21.03 -32.39 -19.22
N ALA F 68 20.50 -31.28 -19.73
CA ALA F 68 20.68 -30.01 -19.07
C ALA F 68 19.82 -29.85 -17.83
N SER F 69 18.80 -30.69 -17.66
CA SER F 69 17.96 -30.57 -16.48
C SER F 69 18.57 -31.20 -15.24
N ILE F 70 19.52 -32.12 -15.38
CA ILE F 70 20.07 -32.84 -14.24
C ILE F 70 21.48 -32.39 -13.91
N GLN F 71 21.95 -31.30 -14.48
CA GLN F 71 23.27 -30.79 -14.13
C GLN F 71 23.23 -29.44 -13.45
N SER F 72 22.22 -28.63 -13.76
CA SER F 72 22.10 -27.32 -13.15
C SER F 72 21.60 -27.45 -11.72
N PRO F 73 21.95 -26.50 -10.85
CA PRO F 73 21.52 -26.60 -9.45
C PRO F 73 20.21 -25.89 -9.14
N ASN F 74 19.43 -26.50 -8.27
CA ASN F 74 18.19 -25.94 -7.78
C ASN F 74 18.49 -25.04 -6.58
N LEU F 75 17.68 -24.01 -6.40
CA LEU F 75 17.91 -23.02 -5.35
C LEU F 75 16.61 -22.68 -4.65
N GLN F 76 16.58 -22.86 -3.35
CA GLN F 76 15.39 -22.74 -2.52
C GLN F 76 15.73 -22.00 -1.24
N THR F 77 14.69 -21.58 -0.52
CA THR F 77 14.82 -21.07 0.85
C THR F 77 13.87 -21.88 1.72
N VAL F 78 14.40 -22.56 2.71
CA VAL F 78 13.59 -23.35 3.61
C VAL F 78 13.61 -22.70 4.99
N ASP F 79 12.69 -23.14 5.84
CA ASP F 79 12.64 -22.75 7.23
C ASP F 79 13.06 -23.92 8.08
N VAL F 80 13.94 -23.68 9.05
CA VAL F 80 14.38 -24.72 9.97
C VAL F 80 14.18 -24.22 11.39
N ALA F 81 14.24 -25.17 12.31
CA ALA F 81 14.19 -24.90 13.74
C ALA F 81 15.24 -25.78 14.40
N ASN F 82 16.27 -25.17 14.95
CA ASN F 82 17.30 -25.88 15.67
C ASN F 82 17.31 -25.46 17.12
N LEU F 83 17.87 -26.32 17.97
CA LEU F 83 18.09 -25.93 19.34
C LEU F 83 19.23 -24.93 19.42
N PRO F 84 19.34 -24.19 20.52
CA PRO F 84 20.59 -23.46 20.77
C PRO F 84 21.75 -24.42 20.94
N SER F 85 22.96 -23.92 20.68
CA SER F 85 24.14 -24.77 20.63
C SER F 85 24.56 -25.28 22.00
N ASP F 86 24.08 -24.68 23.07
CA ASP F 86 24.40 -25.11 24.43
C ASP F 86 23.16 -25.64 25.15
N ALA F 87 22.33 -26.38 24.44
CA ALA F 87 21.10 -26.92 25.00
C ALA F 87 20.80 -28.23 24.29
N ASP F 88 20.36 -29.23 25.04
CA ASP F 88 20.15 -30.56 24.46
C ASP F 88 18.78 -31.17 24.72
N THR F 89 17.86 -30.45 25.36
CA THR F 89 16.54 -30.99 25.61
C THR F 89 15.46 -30.12 24.98
N LEU F 90 14.46 -30.81 24.47
CA LEU F 90 13.25 -30.22 23.91
C LEU F 90 12.14 -30.34 24.94
N LYS F 91 11.39 -29.26 25.11
CA LYS F 91 10.26 -29.21 26.02
C LYS F 91 9.00 -28.89 25.23
N VAL F 92 8.00 -29.74 25.35
CA VAL F 92 6.72 -29.57 24.67
C VAL F 92 5.63 -29.56 25.72
N ARG F 93 4.91 -28.44 25.83
CA ARG F 93 3.91 -28.25 26.88
C ARG F 93 2.58 -27.90 26.28
N PHE F 94 1.57 -28.75 26.50
CA PHE F 94 0.22 -28.43 26.07
C PHE F 94 -0.74 -28.77 27.20
N THR F 95 -2.00 -28.36 27.03
CA THR F 95 -3.04 -28.66 28.01
C THR F 95 -4.12 -29.50 27.34
N LEU F 96 -4.94 -30.14 28.16
CA LEU F 96 -5.95 -31.06 27.66
C LEU F 96 -7.18 -30.96 28.55
N ARG F 97 -8.30 -30.55 27.99
CA ARG F 97 -9.55 -30.45 28.71
C ARG F 97 -10.42 -31.64 28.34
N VAL F 98 -10.75 -32.47 29.31
CA VAL F 98 -11.52 -33.69 29.04
C VAL F 98 -12.98 -33.35 29.30
N LEU F 99 -13.75 -33.19 28.24
CA LEU F 99 -15.15 -32.85 28.40
C LEU F 99 -15.95 -34.10 28.71
N GLY F 100 -17.19 -33.89 29.14
CA GLY F 100 -18.05 -35.02 29.48
C GLY F 100 -19.38 -34.97 28.78
N GLY F 101 -20.10 -36.09 28.78
CA GLY F 101 -21.39 -36.13 28.16
C GLY F 101 -21.34 -36.57 26.71
N ALA F 102 -20.60 -37.65 26.44
CA ALA F 102 -20.52 -38.16 25.09
C ALA F 102 -21.82 -38.86 24.70
N GLY F 103 -22.03 -38.98 23.39
CA GLY F 103 -23.21 -39.63 22.87
C GLY F 103 -24.37 -38.69 22.57
N THR F 104 -24.49 -37.59 23.31
CA THR F 104 -25.54 -36.63 23.05
C THR F 104 -25.16 -35.79 21.84
N PRO F 105 -25.93 -35.81 20.76
CA PRO F 105 -25.52 -35.09 19.55
C PRO F 105 -25.73 -33.59 19.70
N SER F 106 -24.89 -32.83 18.98
CA SER F 106 -25.01 -31.38 19.02
C SER F 106 -26.20 -30.90 18.22
N ALA F 107 -26.53 -31.59 17.14
CA ALA F 107 -27.66 -31.18 16.29
C ALA F 107 -28.20 -32.43 15.61
N CYS F 108 -29.38 -32.85 16.00
CA CYS F 108 -30.02 -34.01 15.40
C CYS F 108 -31.08 -33.56 14.40
N ASN F 109 -31.84 -34.51 13.90
CA ASN F 109 -32.91 -34.23 12.94
C ASN F 109 -34.19 -34.97 13.27
N ASP F 110 -34.16 -35.91 14.21
CA ASP F 110 -35.32 -36.72 14.55
C ASP F 110 -35.44 -36.75 16.07
N ALA F 111 -36.66 -36.98 16.54
CA ALA F 111 -36.88 -37.08 17.98
C ALA F 111 -36.79 -38.52 18.46
N ALA F 112 -37.28 -39.48 17.68
CA ALA F 112 -37.25 -40.87 18.10
C ALA F 112 -35.85 -41.45 17.94
N TYR F 113 -35.14 -41.05 16.89
CA TYR F 113 -33.80 -41.57 16.64
C TYR F 113 -32.81 -41.08 17.69
N ARG F 114 -33.01 -39.85 18.18
CA ARG F 114 -32.15 -39.32 19.23
C ARG F 114 -32.37 -40.06 20.54
N ASP F 115 -33.63 -40.40 20.85
CA ASP F 115 -33.91 -41.11 22.09
C ASP F 115 -33.43 -42.55 22.04
N LYS F 116 -33.55 -43.19 20.87
CA LYS F 116 -32.99 -44.53 20.68
C LYS F 116 -31.47 -44.51 20.81
N LEU F 117 -30.83 -43.46 20.29
CA LEU F 117 -29.38 -43.32 20.40
C LEU F 117 -28.94 -43.13 21.84
N LEU F 118 -29.64 -42.28 22.59
CA LEU F 118 -29.27 -42.05 23.98
C LEU F 118 -29.53 -43.27 24.86
N GLN F 119 -30.59 -44.03 24.57
CA GLN F 119 -30.78 -45.29 25.28
C GLN F 119 -29.72 -46.32 24.93
N THR F 120 -29.20 -46.29 23.70
CA THR F 120 -28.16 -47.23 23.33
C THR F 120 -26.84 -46.89 24.01
N VAL F 121 -26.46 -45.61 24.01
CA VAL F 121 -25.21 -45.20 24.64
C VAL F 121 -25.28 -45.36 26.16
N ALA F 122 -26.41 -44.99 26.76
CA ALA F 122 -26.58 -45.18 28.20
C ALA F 122 -26.63 -46.65 28.57
N THR F 123 -27.15 -47.49 27.67
CA THR F 123 -27.07 -48.93 27.86
C THR F 123 -25.64 -49.42 27.85
N TYR F 124 -24.82 -48.87 26.94
CA TYR F 124 -23.40 -49.22 26.87
C TYR F 124 -22.67 -48.85 28.16
N VAL F 125 -22.85 -47.60 28.61
CA VAL F 125 -22.13 -47.11 29.78
C VAL F 125 -22.58 -47.83 31.04
N ASN F 126 -23.88 -48.16 31.13
CA ASN F 126 -24.36 -48.89 32.29
C ASN F 126 -23.93 -50.35 32.27
N ASP F 127 -23.73 -50.93 31.09
CA ASP F 127 -23.21 -52.29 31.04
C ASP F 127 -21.74 -52.35 31.39
N GLN F 128 -20.94 -51.44 30.82
CA GLN F 128 -19.52 -51.37 31.12
C GLN F 128 -19.07 -49.93 30.98
N GLY F 129 -18.12 -49.53 31.83
CA GLY F 129 -17.75 -48.14 31.93
C GLY F 129 -16.89 -47.66 30.79
N PHE F 130 -16.28 -46.50 31.00
CA PHE F 130 -15.30 -45.93 30.10
C PHE F 130 -13.88 -46.35 30.45
N ALA F 131 -13.71 -47.54 31.03
CA ALA F 131 -12.41 -47.95 31.57
C ALA F 131 -11.41 -48.28 30.48
N GLU F 132 -11.84 -49.01 29.44
CA GLU F 132 -10.91 -49.46 28.41
C GLU F 132 -10.37 -48.30 27.59
N LEU F 133 -11.25 -47.39 27.18
CA LEU F 133 -10.83 -46.25 26.39
C LEU F 133 -9.97 -45.29 27.19
N ALA F 134 -10.26 -45.14 28.48
CA ALA F 134 -9.41 -44.30 29.32
C ALA F 134 -8.06 -44.95 29.58
N ARG F 135 -8.00 -46.29 29.59
CA ARG F 135 -6.72 -46.96 29.67
C ARG F 135 -5.87 -46.71 28.44
N ARG F 136 -6.46 -46.83 27.25
CA ARG F 136 -5.68 -46.65 26.03
C ARG F 136 -5.28 -45.19 25.83
N TYR F 137 -6.18 -44.25 26.18
CA TYR F 137 -5.84 -42.84 26.13
C TYR F 137 -4.75 -42.49 27.14
N ALA F 138 -4.79 -43.13 28.31
CA ALA F 138 -3.74 -42.93 29.30
C ALA F 138 -2.42 -43.53 28.84
N HIS F 139 -2.47 -44.57 27.99
CA HIS F 139 -1.22 -45.04 27.39
C HIS F 139 -0.69 -44.04 26.38
N ASN F 140 -1.55 -43.46 25.56
CA ASN F 140 -1.02 -42.49 24.60
C ASN F 140 -0.62 -41.16 25.23
N LEU F 141 -1.03 -40.88 26.46
CA LEU F 141 -0.39 -39.82 27.21
C LEU F 141 0.83 -40.30 27.98
N ALA F 142 0.95 -41.61 28.22
CA ALA F 142 2.06 -42.12 29.01
C ALA F 142 3.35 -42.08 28.21
N ASN F 143 3.43 -42.84 27.12
CA ASN F 143 4.53 -42.63 26.21
C ASN F 143 4.25 -41.37 25.39
N ALA F 144 5.32 -40.71 24.97
CA ALA F 144 5.17 -39.40 24.35
C ALA F 144 4.97 -39.53 22.84
N ARG F 145 3.89 -40.21 22.46
CA ARG F 145 3.59 -40.40 21.05
C ARG F 145 3.22 -39.08 20.38
N PHE F 146 2.63 -38.15 21.12
CA PHE F 146 2.42 -36.80 20.63
C PHE F 146 3.73 -36.09 20.32
N LEU F 147 4.77 -36.42 21.06
CA LEU F 147 6.09 -35.91 20.78
C LEU F 147 6.89 -36.80 19.86
N TRP F 148 6.53 -38.10 19.75
CA TRP F 148 7.37 -39.09 19.07
C TRP F 148 7.33 -39.01 17.55
N ARG F 149 6.95 -37.87 17.02
CA ARG F 149 7.42 -37.46 15.71
C ARG F 149 8.88 -37.00 15.81
N ASN F 150 9.30 -36.60 17.02
CA ASN F 150 10.68 -36.44 17.45
C ASN F 150 11.16 -37.65 18.25
N ARG F 151 10.71 -38.86 17.92
CA ARG F 151 11.12 -40.07 18.62
C ARG F 151 12.58 -40.38 18.38
N VAL F 152 12.96 -40.42 17.11
CA VAL F 152 14.01 -41.27 16.60
C VAL F 152 15.35 -40.81 17.16
N GLY F 153 15.93 -41.61 18.04
CA GLY F 153 17.19 -41.26 18.64
C GLY F 153 17.06 -40.26 19.76
N ALA F 154 16.38 -40.65 20.82
CA ALA F 154 16.32 -39.88 22.05
C ALA F 154 16.86 -40.73 23.18
N GLU F 155 17.74 -40.15 23.99
CA GLU F 155 18.35 -40.91 25.08
C GLU F 155 17.35 -41.13 26.20
N ALA F 156 16.55 -40.12 26.53
CA ALA F 156 15.61 -40.23 27.62
C ALA F 156 14.45 -39.27 27.35
N VAL F 157 13.23 -39.78 27.47
CA VAL F 157 12.02 -39.00 27.29
C VAL F 157 11.23 -39.08 28.58
N GLU F 158 11.01 -37.93 29.22
CA GLU F 158 10.30 -37.88 30.50
C GLU F 158 9.02 -37.08 30.33
N VAL F 159 7.90 -37.66 30.78
CA VAL F 159 6.59 -37.04 30.66
C VAL F 159 6.06 -36.72 32.04
N ARG F 160 5.65 -35.48 32.26
CA ARG F 160 5.09 -35.03 33.53
C ARG F 160 3.66 -34.55 33.27
N ILE F 161 2.71 -35.12 33.99
CA ILE F 161 1.30 -34.84 33.81
C ILE F 161 0.74 -34.29 35.11
N ASN F 162 0.13 -33.12 35.05
CA ASN F 162 -0.45 -32.51 36.24
C ASN F 162 -1.95 -32.43 36.10
N HIS F 163 -2.64 -32.66 37.21
CA HIS F 163 -4.08 -32.39 37.30
C HIS F 163 -4.28 -31.02 37.91
N ILE F 164 -5.05 -30.18 37.24
CA ILE F 164 -5.28 -28.81 37.68
C ILE F 164 -6.74 -28.67 38.08
N ARG F 165 -6.96 -28.42 39.37
CA ARG F 165 -8.28 -28.26 39.95
C ARG F 165 -8.60 -26.82 40.31
N GLN F 166 -7.59 -26.10 40.78
CA GLN F 166 -7.66 -24.66 41.07
C GLN F 166 -6.35 -24.11 40.53
N GLY F 167 -5.93 -22.94 41.02
CA GLY F 167 -4.56 -22.51 40.79
C GLY F 167 -3.52 -23.49 41.31
N GLU F 168 -3.86 -24.25 42.35
CA GLU F 168 -2.98 -25.28 42.90
C GLU F 168 -3.11 -26.57 42.11
N VAL F 169 -1.98 -27.26 41.95
CA VAL F 169 -1.95 -28.58 41.32
C VAL F 169 -2.56 -29.60 42.27
N ALA F 170 -3.50 -30.40 41.77
CA ALA F 170 -4.13 -31.42 42.61
C ALA F 170 -3.23 -32.65 42.78
N ARG F 171 -2.86 -33.29 41.67
CA ARG F 171 -2.07 -34.52 41.71
C ARG F 171 -1.13 -34.55 40.51
N ALA F 172 0.12 -34.93 40.76
CA ALA F 172 1.16 -34.93 39.74
C ALA F 172 1.65 -36.35 39.47
N TRP F 173 1.90 -36.63 38.19
CA TRP F 173 2.48 -37.88 37.73
C TRP F 173 3.77 -37.60 36.97
N ARG F 174 4.75 -38.49 37.12
CA ARG F 174 5.96 -38.45 36.32
C ARG F 174 6.21 -39.83 35.76
N PHE F 175 6.40 -39.92 34.45
CA PHE F 175 6.50 -41.19 33.75
C PHE F 175 7.87 -41.31 33.09
N ASP F 176 8.02 -42.38 32.31
CA ASP F 176 9.25 -42.63 31.55
C ASP F 176 8.81 -43.29 30.25
N ALA F 177 8.85 -42.52 29.17
CA ALA F 177 8.20 -42.91 27.93
C ALA F 177 8.93 -44.01 27.18
N LEU F 178 10.23 -44.19 27.41
CA LEU F 178 10.94 -45.22 26.66
C LEU F 178 10.72 -46.60 27.26
N ALA F 179 10.49 -46.68 28.58
CA ALA F 179 10.18 -47.97 29.19
C ALA F 179 8.78 -48.43 28.81
N ILE F 180 7.83 -47.50 28.77
CA ILE F 180 6.48 -47.81 28.35
C ILE F 180 6.47 -48.04 26.84
N GLY F 181 5.94 -49.18 26.41
CA GLY F 181 6.04 -49.58 25.04
C GLY F 181 5.19 -48.73 24.11
N LEU F 182 5.48 -48.87 22.82
CA LEU F 182 4.72 -48.20 21.78
C LEU F 182 3.54 -49.05 21.29
N ARG F 183 3.67 -50.37 21.33
CA ARG F 183 2.65 -51.26 20.80
C ARG F 183 1.96 -52.12 21.84
N ASP F 184 2.41 -52.12 23.09
CA ASP F 184 1.90 -53.03 24.11
C ASP F 184 1.18 -52.22 25.17
N PHE F 185 -0.11 -52.51 25.36
CA PHE F 185 -0.93 -51.84 26.35
C PHE F 185 -0.98 -52.71 27.60
N LYS F 186 0.12 -52.67 28.36
CA LYS F 186 0.23 -53.43 29.60
C LYS F 186 -0.05 -52.54 30.79
N ALA F 187 -0.79 -53.08 31.76
CA ALA F 187 -1.34 -52.28 32.84
C ALA F 187 -0.25 -51.85 33.82
N ASP F 188 -0.63 -50.90 34.68
CA ASP F 188 0.24 -50.32 35.71
C ASP F 188 -0.66 -49.61 36.70
N ALA F 189 -0.13 -49.41 37.92
CA ALA F 189 -0.93 -48.79 38.98
C ALA F 189 -1.18 -47.31 38.69
N GLU F 190 -0.12 -46.59 38.26
CA GLU F 190 -0.25 -45.17 38.00
C GLU F 190 -1.12 -44.91 36.78
N LEU F 191 -1.00 -45.76 35.77
CA LEU F 191 -1.90 -45.67 34.61
C LEU F 191 -3.32 -46.04 34.96
N ASP F 192 -3.52 -46.86 36.00
CA ASP F 192 -4.88 -47.08 36.47
C ASP F 192 -5.42 -45.88 37.21
N ALA F 193 -4.55 -45.13 37.89
CA ALA F 193 -5.00 -43.90 38.54
C ALA F 193 -5.38 -42.84 37.50
N LEU F 194 -4.53 -42.66 36.49
CA LEU F 194 -4.80 -41.70 35.43
C LEU F 194 -6.00 -42.12 34.59
N ALA F 195 -6.18 -43.43 34.40
CA ALA F 195 -7.35 -43.92 33.68
C ALA F 195 -8.62 -43.75 34.51
N GLU F 196 -8.52 -43.81 35.83
CA GLU F 196 -9.68 -43.47 36.65
C GLU F 196 -9.99 -41.99 36.57
N LEU F 197 -8.99 -41.13 36.43
CA LEU F 197 -9.25 -39.70 36.30
C LEU F 197 -9.92 -39.37 34.97
N ILE F 198 -9.39 -39.93 33.86
CA ILE F 198 -9.95 -39.67 32.55
C ILE F 198 -11.33 -40.30 32.41
N ALA F 199 -11.50 -41.53 32.92
CA ALA F 199 -12.81 -42.17 32.89
C ALA F 199 -13.81 -41.47 33.77
N SER F 200 -13.35 -40.85 34.86
CA SER F 200 -14.24 -40.00 35.64
C SER F 200 -14.55 -38.70 34.92
N GLY F 201 -13.71 -38.28 33.99
CA GLY F 201 -13.98 -37.09 33.22
C GLY F 201 -14.97 -37.29 32.10
N LEU F 202 -14.83 -38.39 31.35
CA LEU F 202 -15.70 -38.64 30.21
C LEU F 202 -17.12 -38.99 30.61
N SER F 203 -17.33 -39.50 31.81
CA SER F 203 -18.67 -39.85 32.27
C SER F 203 -19.42 -38.67 32.85
N GLY F 204 -18.85 -37.48 32.82
CA GLY F 204 -19.54 -36.31 33.33
C GLY F 204 -19.56 -36.18 34.83
N SER F 205 -18.71 -36.93 35.53
CA SER F 205 -18.72 -36.90 36.99
C SER F 205 -17.86 -35.78 37.56
N GLY F 206 -17.28 -34.93 36.73
CA GLY F 206 -16.46 -33.84 37.24
C GLY F 206 -15.79 -33.12 36.09
N HIS F 207 -14.94 -32.17 36.46
CA HIS F 207 -14.19 -31.37 35.50
C HIS F 207 -12.74 -31.80 35.53
N VAL F 208 -12.17 -32.07 34.36
CA VAL F 208 -10.81 -32.58 34.24
C VAL F 208 -10.01 -31.68 33.31
N LEU F 209 -8.99 -31.04 33.86
CA LEU F 209 -8.04 -30.23 33.10
C LEU F 209 -6.64 -30.71 33.42
N LEU F 210 -5.92 -31.16 32.40
CA LEU F 210 -4.59 -31.71 32.56
C LEU F 210 -3.56 -30.83 31.89
N GLU F 211 -2.37 -30.78 32.47
CA GLU F 211 -1.23 -30.07 31.91
C GLU F 211 -0.15 -31.09 31.61
N VAL F 212 0.18 -31.24 30.33
CA VAL F 212 1.13 -32.26 29.89
C VAL F 212 2.41 -31.57 29.44
N VAL F 213 3.54 -31.98 30.03
CA VAL F 213 4.85 -31.44 29.72
C VAL F 213 5.76 -32.62 29.36
N ALA F 214 6.47 -32.53 28.24
CA ALA F 214 7.32 -33.62 27.79
C ALA F 214 8.72 -33.14 27.48
N PHE F 215 9.70 -33.95 27.88
CA PHE F 215 11.12 -33.64 27.83
C PHE F 215 11.84 -34.68 26.99
N ALA F 216 12.72 -34.23 26.10
CA ALA F 216 13.45 -35.17 25.25
C ALA F 216 14.90 -34.72 25.15
N ARG F 217 15.83 -35.66 25.17
CA ARG F 217 17.25 -35.37 24.91
C ARG F 217 17.58 -35.79 23.48
N ILE F 218 17.91 -34.83 22.64
CA ILE F 218 18.22 -35.17 21.26
C ILE F 218 19.60 -34.67 20.88
N GLY F 219 20.21 -33.84 21.72
CA GLY F 219 21.58 -33.42 21.53
C GLY F 219 21.71 -31.92 21.34
N ASP F 220 22.96 -31.48 21.40
CA ASP F 220 23.26 -30.05 21.29
C ASP F 220 23.11 -29.59 19.84
N GLY F 221 22.32 -28.54 19.63
CA GLY F 221 22.21 -27.92 18.34
C GLY F 221 21.52 -28.73 17.27
N GLN F 222 20.80 -29.78 17.64
CA GLN F 222 20.13 -30.64 16.67
C GLN F 222 18.86 -29.97 16.15
N GLU F 223 18.10 -30.69 15.34
CA GLU F 223 16.95 -30.14 14.66
C GLU F 223 15.66 -30.68 15.27
N VAL F 224 14.72 -29.77 15.54
CA VAL F 224 13.41 -30.15 16.00
C VAL F 224 12.41 -29.98 14.86
N PHE F 225 11.22 -30.54 15.02
CA PHE F 225 10.25 -30.71 13.94
C PHE F 225 8.91 -30.08 14.32
N PRO F 226 8.70 -28.82 13.99
CA PRO F 226 7.34 -28.25 14.07
C PRO F 226 6.51 -28.65 12.87
N SER F 227 5.30 -28.12 12.72
CA SER F 227 4.30 -28.75 11.86
C SER F 227 3.61 -27.80 10.89
N GLN F 228 4.16 -27.65 9.69
CA GLN F 228 3.48 -27.12 8.50
C GLN F 228 4.41 -27.33 7.33
N GLU F 229 3.84 -27.47 6.11
CA GLU F 229 4.59 -27.40 4.86
C GLU F 229 3.82 -26.69 3.75
N LEU F 230 2.88 -25.78 4.09
CA LEU F 230 1.70 -25.54 3.24
C LEU F 230 1.99 -24.72 1.99
N ILE F 231 2.63 -23.56 2.15
CA ILE F 231 2.53 -22.35 1.31
C ILE F 231 3.21 -22.54 -0.06
N LEU F 232 3.68 -23.76 -0.36
CA LEU F 232 3.89 -24.13 -1.75
C LEU F 232 2.59 -24.05 -2.55
N ASP F 233 1.44 -24.23 -1.89
CA ASP F 233 0.14 -23.99 -2.51
C ASP F 233 -0.32 -22.53 -2.40
N LYS F 234 0.56 -21.61 -1.98
CA LYS F 234 0.28 -20.18 -2.07
C LYS F 234 1.44 -19.33 -2.60
N GLY F 235 2.65 -19.87 -2.72
CA GLY F 235 3.83 -19.04 -2.83
C GLY F 235 4.55 -19.02 -4.17
N ASP F 236 3.80 -18.91 -5.26
CA ASP F 236 4.44 -18.73 -6.56
C ASP F 236 5.05 -17.33 -6.69
N LYS F 237 4.45 -16.34 -6.06
CA LYS F 237 4.95 -14.97 -6.05
C LYS F 237 5.08 -14.46 -4.62
N LYS F 238 5.67 -15.28 -3.74
CA LYS F 238 5.87 -14.88 -2.35
C LYS F 238 7.31 -15.05 -1.88
N GLY F 239 8.27 -15.19 -2.79
CA GLY F 239 9.67 -15.11 -2.38
C GLY F 239 10.34 -16.42 -2.08
N GLN F 240 10.31 -17.35 -3.04
CA GLN F 240 11.15 -18.54 -3.10
C GLN F 240 10.89 -19.62 -2.05
N LYS F 241 9.96 -19.37 -1.14
CA LYS F 241 9.80 -20.23 0.03
C LYS F 241 9.16 -21.55 -0.37
N SER F 242 9.90 -22.63 -0.21
CA SER F 242 9.42 -23.97 -0.52
C SER F 242 8.99 -24.75 0.71
N LYS F 243 9.11 -24.15 1.89
CA LYS F 243 8.83 -24.80 3.16
C LYS F 243 8.64 -23.76 4.24
N THR F 244 7.42 -23.62 4.73
CA THR F 244 7.13 -22.82 5.91
C THR F 244 7.00 -23.73 7.12
N LEU F 245 6.94 -23.11 8.30
CA LEU F 245 6.74 -23.85 9.53
C LEU F 245 5.76 -23.09 10.39
N TYR F 246 4.90 -23.83 11.07
CA TYR F 246 3.86 -23.21 11.90
C TYR F 246 4.49 -22.59 13.13
N SER F 247 3.95 -21.43 13.51
CA SER F 247 4.45 -20.74 14.68
C SER F 247 3.29 -20.01 15.35
N VAL F 248 3.58 -19.57 16.57
CA VAL F 248 2.72 -18.73 17.39
C VAL F 248 3.56 -17.49 17.56
N ARG F 249 3.23 -16.64 18.53
CA ARG F 249 3.99 -15.41 18.69
C ARG F 249 5.43 -15.71 19.09
N ASP F 250 6.27 -15.84 18.06
CA ASP F 250 7.73 -16.02 18.16
C ASP F 250 8.10 -17.31 18.91
N ALA F 251 7.51 -18.42 18.49
CA ALA F 251 7.83 -19.74 19.02
C ALA F 251 7.34 -20.79 18.03
N ALA F 252 8.12 -21.83 17.84
CA ALA F 252 7.69 -22.93 16.99
C ALA F 252 6.73 -23.82 17.75
N ALA F 253 5.70 -24.30 17.06
CA ALA F 253 4.65 -25.07 17.72
C ALA F 253 4.11 -26.13 16.78
N ILE F 254 3.32 -27.03 17.34
CA ILE F 254 2.66 -28.09 16.60
C ILE F 254 1.17 -27.78 16.60
N HIS F 255 0.49 -28.11 15.49
CA HIS F 255 -0.95 -27.97 15.40
C HIS F 255 -1.64 -28.85 16.44
N SER F 256 -2.85 -28.46 16.81
CA SER F 256 -3.56 -29.18 17.85
C SER F 256 -4.11 -30.52 17.36
N GLN F 257 -4.44 -30.62 16.08
CA GLN F 257 -5.01 -31.87 15.59
C GLN F 257 -3.96 -32.94 15.33
N LYS F 258 -2.67 -32.61 15.31
CA LYS F 258 -1.68 -33.67 15.35
C LYS F 258 -1.59 -34.30 16.73
N ILE F 259 -1.74 -33.48 17.76
CA ILE F 259 -1.73 -34.00 19.12
C ILE F 259 -3.00 -34.81 19.38
N GLY F 260 -4.13 -34.35 18.85
CA GLY F 260 -5.35 -35.14 18.94
C GLY F 260 -5.28 -36.43 18.15
N ASN F 261 -4.62 -36.38 16.98
CA ASN F 261 -4.40 -37.59 16.20
C ASN F 261 -3.54 -38.59 16.96
N ALA F 262 -2.53 -38.10 17.68
CA ALA F 262 -1.72 -39.00 18.46
C ALA F 262 -2.46 -39.53 19.68
N LEU F 263 -3.44 -38.79 20.19
CA LEU F 263 -4.24 -39.35 21.27
C LEU F 263 -5.30 -40.34 20.78
N ARG F 264 -5.63 -40.34 19.49
CA ARG F 264 -6.67 -41.24 19.00
C ARG F 264 -6.14 -42.50 18.35
N THR F 265 -4.86 -42.84 18.53
CA THR F 265 -4.34 -44.09 17.96
C THR F 265 -4.50 -45.19 19.01
N ILE F 266 -5.71 -45.71 19.10
CA ILE F 266 -6.05 -46.77 20.04
C ILE F 266 -6.65 -47.99 19.36
N ASP F 267 -6.76 -47.98 18.04
CA ASP F 267 -7.53 -48.99 17.31
C ASP F 267 -6.61 -50.16 16.97
N THR F 268 -6.86 -51.33 17.57
CA THR F 268 -6.01 -52.49 17.39
C THR F 268 -6.77 -53.69 16.82
N TRP F 269 -7.90 -53.49 16.17
CA TRP F 269 -8.72 -54.61 15.73
C TRP F 269 -8.91 -54.65 14.23
N TYR F 270 -9.28 -53.55 13.64
CA TYR F 270 -9.53 -53.41 12.22
C TYR F 270 -8.34 -53.53 11.25
N PRO F 271 -7.08 -53.24 11.63
CA PRO F 271 -5.97 -53.63 10.73
C PRO F 271 -5.90 -55.12 10.40
N ASP F 272 -6.46 -55.99 11.25
CA ASP F 272 -6.70 -57.41 10.97
C ASP F 272 -5.42 -58.18 10.68
N GLU F 273 -4.28 -57.66 11.14
CA GLU F 273 -2.98 -58.26 10.86
C GLU F 273 -2.13 -58.10 12.11
N ASP F 274 -1.62 -59.22 12.62
CA ASP F 274 -0.75 -59.19 13.78
C ASP F 274 0.62 -58.64 13.36
N GLY F 275 1.10 -57.64 14.10
CA GLY F 275 2.40 -57.07 13.83
C GLY F 275 2.33 -55.58 13.56
N LEU F 276 1.33 -55.15 12.80
CA LEU F 276 1.08 -53.73 12.61
C LEU F 276 0.40 -53.18 13.85
N GLY F 277 0.87 -52.03 14.31
CA GLY F 277 0.43 -51.48 15.57
C GLY F 277 -0.93 -50.83 15.51
N PRO F 278 -1.24 -50.01 16.51
CA PRO F 278 -2.53 -49.32 16.52
C PRO F 278 -2.57 -48.23 15.48
N ILE F 279 -3.77 -47.98 14.95
CA ILE F 279 -4.01 -46.90 14.01
C ILE F 279 -5.00 -45.93 14.65
N ALA F 280 -5.16 -44.78 14.00
CA ALA F 280 -6.07 -43.77 14.50
C ALA F 280 -7.51 -44.17 14.23
N VAL F 281 -8.42 -43.60 15.02
CA VAL F 281 -9.84 -43.96 14.95
C VAL F 281 -10.51 -43.03 13.95
N GLU F 282 -10.80 -43.55 12.78
CA GLU F 282 -11.54 -42.82 11.76
C GLU F 282 -12.82 -43.60 11.48
N PRO F 283 -13.81 -43.05 10.78
CA PRO F 283 -14.97 -43.87 10.41
C PRO F 283 -14.63 -45.02 9.48
N TYR F 284 -13.87 -44.76 8.43
CA TYR F 284 -13.27 -45.83 7.66
C TYR F 284 -11.91 -46.12 8.28
N GLY F 285 -11.11 -46.96 7.66
CA GLY F 285 -9.86 -47.33 8.26
C GLY F 285 -8.70 -46.60 7.63
N SER F 286 -8.92 -45.33 7.31
CA SER F 286 -8.02 -44.62 6.42
C SER F 286 -6.74 -44.21 7.14
N VAL F 287 -5.61 -44.52 6.52
CA VAL F 287 -4.30 -44.03 6.96
C VAL F 287 -3.70 -43.31 5.77
N THR F 288 -3.37 -42.03 5.96
CA THR F 288 -2.94 -41.21 4.84
C THR F 288 -1.52 -41.55 4.40
N SER F 289 -0.61 -41.74 5.37
CA SER F 289 0.77 -42.06 5.09
C SER F 289 1.00 -43.54 4.79
N GLN F 290 -0.07 -44.30 4.56
CA GLN F 290 0.04 -45.65 4.03
C GLN F 290 -0.85 -45.86 2.82
N GLY F 291 -1.80 -44.97 2.57
CA GLY F 291 -2.66 -45.06 1.40
C GLY F 291 -3.60 -46.25 1.39
N LYS F 292 -4.12 -46.64 2.54
CA LYS F 292 -4.93 -47.84 2.60
C LYS F 292 -6.00 -47.67 3.67
N ALA F 293 -7.24 -48.01 3.34
CA ALA F 293 -8.34 -47.99 4.27
C ALA F 293 -8.56 -49.39 4.82
N TYR F 294 -8.39 -49.56 6.13
CA TYR F 294 -8.50 -50.86 6.75
C TYR F 294 -9.94 -51.24 7.07
N ARG F 295 -10.90 -50.35 6.80
CA ARG F 295 -12.31 -50.57 7.09
C ARG F 295 -13.08 -50.18 5.83
N GLN F 296 -13.25 -51.09 4.98
CA GLN F 296 -14.01 -50.71 3.80
C GLN F 296 -15.45 -51.19 3.93
N PRO F 297 -16.42 -50.50 3.30
CA PRO F 297 -17.81 -50.95 3.39
C PRO F 297 -18.14 -52.19 2.58
N LYS F 298 -17.17 -52.76 1.85
CA LYS F 298 -17.34 -54.11 1.33
C LYS F 298 -17.46 -55.11 2.47
N GLN F 299 -16.59 -54.98 3.46
CA GLN F 299 -16.77 -55.66 4.73
C GLN F 299 -17.87 -54.98 5.52
N LYS F 300 -18.28 -55.61 6.62
CA LYS F 300 -19.23 -55.01 7.52
C LYS F 300 -18.55 -54.36 8.72
N LEU F 301 -17.25 -54.11 8.61
CA LEU F 301 -16.47 -53.46 9.65
C LEU F 301 -16.33 -51.99 9.27
N ASP F 302 -17.22 -51.17 9.81
CA ASP F 302 -17.31 -49.76 9.44
C ASP F 302 -18.06 -49.06 10.56
N PHE F 303 -17.85 -47.75 10.68
CA PHE F 303 -18.60 -47.02 11.70
C PHE F 303 -20.06 -46.86 11.32
N TYR F 304 -20.33 -46.55 10.06
CA TYR F 304 -21.70 -46.30 9.62
C TYR F 304 -22.52 -47.57 9.63
N THR F 305 -21.91 -48.68 9.25
CA THR F 305 -22.61 -49.95 9.19
C THR F 305 -22.93 -50.47 10.59
N LEU F 306 -21.96 -50.41 11.50
CA LEU F 306 -22.21 -50.87 12.86
C LEU F 306 -23.14 -49.94 13.61
N LEU F 307 -23.08 -48.64 13.34
CA LEU F 307 -23.99 -47.72 14.01
C LEU F 307 -25.42 -47.90 13.52
N ASP F 308 -25.59 -48.16 12.22
CA ASP F 308 -26.92 -48.44 11.70
C ASP F 308 -27.45 -49.77 12.22
N ASN F 309 -26.61 -50.80 12.23
CA ASN F 309 -27.06 -52.10 12.68
C ASN F 309 -27.19 -52.21 14.19
N TRP F 310 -26.71 -51.23 14.96
CA TRP F 310 -26.81 -51.31 16.40
C TRP F 310 -27.76 -50.29 17.01
N VAL F 311 -28.10 -49.22 16.29
CA VAL F 311 -29.13 -48.32 16.77
C VAL F 311 -30.50 -48.71 16.24
N LEU F 312 -30.61 -48.94 14.93
CA LEU F 312 -31.91 -49.19 14.34
C LEU F 312 -32.39 -50.62 14.57
N ARG F 313 -31.57 -51.59 14.21
CA ARG F 313 -31.98 -52.98 14.13
C ARG F 313 -31.67 -53.77 15.39
N ASP F 314 -31.09 -53.11 16.40
CA ASP F 314 -30.77 -53.67 17.72
C ASP F 314 -29.82 -54.88 17.66
N GLU F 315 -29.05 -55.00 16.59
CA GLU F 315 -28.09 -56.09 16.45
C GLU F 315 -26.78 -55.63 17.08
N ALA F 316 -26.52 -56.07 18.29
CA ALA F 316 -25.32 -55.65 18.99
C ALA F 316 -24.10 -56.33 18.39
N PRO F 317 -23.05 -55.57 18.06
CA PRO F 317 -21.82 -56.21 17.55
C PRO F 317 -20.99 -56.80 18.68
N ALA F 318 -19.75 -57.19 18.39
CA ALA F 318 -18.85 -57.65 19.42
C ALA F 318 -18.47 -56.51 20.36
N VAL F 319 -17.76 -56.86 21.44
CA VAL F 319 -17.50 -55.90 22.51
C VAL F 319 -16.53 -54.82 22.04
N GLU F 320 -15.42 -55.22 21.40
CA GLU F 320 -14.43 -54.25 21.01
C GLU F 320 -14.89 -53.43 19.81
N GLN F 321 -15.85 -53.94 19.04
CA GLN F 321 -16.50 -53.14 18.02
C GLN F 321 -17.32 -52.03 18.67
N GLN F 322 -17.95 -52.32 19.81
CA GLN F 322 -18.66 -51.28 20.54
C GLN F 322 -17.69 -50.24 21.09
N HIS F 323 -16.49 -50.70 21.50
CA HIS F 323 -15.44 -49.76 21.87
C HIS F 323 -15.03 -48.88 20.70
N TYR F 324 -15.05 -49.42 19.48
CA TYR F 324 -14.75 -48.60 18.29
C TYR F 324 -15.83 -47.55 18.06
N VAL F 325 -17.10 -47.94 18.16
CA VAL F 325 -18.18 -47.00 17.87
C VAL F 325 -18.23 -45.88 18.90
N ILE F 326 -18.06 -46.23 20.18
CA ILE F 326 -18.03 -45.19 21.21
C ILE F 326 -16.77 -44.34 21.08
N ALA F 327 -15.67 -44.91 20.56
CA ALA F 327 -14.48 -44.11 20.29
C ALA F 327 -14.74 -43.09 19.19
N ASN F 328 -15.55 -43.45 18.19
CA ASN F 328 -15.93 -42.44 17.20
C ASN F 328 -16.91 -41.42 17.74
N LEU F 329 -17.71 -41.78 18.74
CA LEU F 329 -18.57 -40.75 19.32
C LEU F 329 -17.79 -39.79 20.21
N ILE F 330 -16.69 -40.25 20.81
CA ILE F 330 -15.82 -39.34 21.54
C ILE F 330 -15.01 -38.50 20.56
N ARG F 331 -14.69 -39.05 19.39
CA ARG F 331 -14.03 -38.26 18.35
C ARG F 331 -14.91 -37.12 17.85
N GLY F 332 -16.18 -37.38 17.60
CA GLY F 332 -17.07 -36.40 17.04
C GLY F 332 -16.94 -36.32 15.54
N GLY F 333 -17.96 -35.78 14.90
CA GLY F 333 -17.93 -35.69 13.45
C GLY F 333 -19.20 -35.10 12.90
N VAL F 334 -19.32 -35.20 11.57
CA VAL F 334 -20.48 -34.73 10.81
C VAL F 334 -21.09 -35.94 10.14
N PHE F 335 -22.19 -36.43 10.67
CA PHE F 335 -22.77 -37.68 10.25
C PHE F 335 -24.10 -37.40 9.56
N GLY F 336 -24.58 -38.34 8.79
CA GLY F 336 -25.74 -38.05 7.97
C GLY F 336 -25.31 -37.55 6.59
N GLU F 337 -26.30 -37.21 5.77
CA GLU F 337 -26.03 -36.79 4.40
C GLU F 337 -25.31 -35.43 4.31
N ALA F 338 -24.18 -35.52 3.62
CA ALA F 338 -23.31 -34.37 3.45
C ALA F 338 -23.16 -34.00 1.98
N LEU G 5 -62.79 -3.56 10.82
CA LEU G 5 -61.48 -3.69 11.45
C LEU G 5 -60.61 -4.70 10.72
N SER G 6 -60.07 -4.30 9.58
CA SER G 6 -59.09 -5.12 8.91
C SER G 6 -57.71 -4.87 9.48
N THR G 7 -56.81 -5.83 9.26
CA THR G 7 -55.43 -5.67 9.72
C THR G 7 -54.72 -4.59 8.92
N ALA G 8 -53.79 -3.91 9.58
CA ALA G 8 -52.93 -2.97 8.87
C ALA G 8 -51.97 -3.73 7.97
N SER G 9 -51.86 -3.28 6.73
CA SER G 9 -50.98 -3.96 5.79
C SER G 9 -49.51 -3.64 6.01
N VAL G 10 -49.20 -2.59 6.77
CA VAL G 10 -47.83 -2.21 7.07
C VAL G 10 -47.72 -2.09 8.58
N LEU G 11 -46.97 -3.00 9.22
CA LEU G 11 -46.63 -2.89 10.63
C LEU G 11 -45.13 -3.07 10.79
N ALA G 12 -44.58 -2.37 11.77
CA ALA G 12 -43.14 -2.42 12.00
C ALA G 12 -42.88 -2.01 13.43
N PHE G 13 -42.24 -2.90 14.19
CA PHE G 13 -41.90 -2.63 15.58
C PHE G 13 -40.39 -2.63 15.71
N GLU G 14 -39.82 -1.49 16.08
CA GLU G 14 -38.41 -1.44 16.35
C GLU G 14 -38.11 -2.13 17.69
N ARG G 15 -36.90 -2.65 17.81
CA ARG G 15 -36.62 -3.55 18.91
C ARG G 15 -36.32 -2.79 20.19
N LYS G 16 -36.59 -3.45 21.30
CA LYS G 16 -36.11 -3.06 22.62
C LYS G 16 -35.06 -4.07 23.03
N LEU G 17 -34.37 -3.78 24.13
CA LEU G 17 -33.25 -4.59 24.64
C LEU G 17 -32.14 -4.71 23.59
N ASP G 18 -31.49 -3.58 23.31
CA ASP G 18 -30.51 -3.48 22.25
C ASP G 18 -29.12 -3.77 22.80
N PRO G 19 -28.48 -4.91 22.45
CA PRO G 19 -27.13 -5.18 22.97
C PRO G 19 -26.04 -4.64 22.07
N SER G 20 -24.78 -4.90 22.41
CA SER G 20 -23.67 -4.54 21.55
C SER G 20 -22.75 -5.74 21.35
N ASP G 21 -21.58 -5.53 20.77
CA ASP G 21 -20.66 -6.63 20.52
C ASP G 21 -19.95 -7.03 21.81
N ALA G 22 -19.25 -8.17 21.77
CA ALA G 22 -18.89 -8.87 22.99
C ALA G 22 -17.45 -8.66 23.46
N LEU G 23 -16.48 -8.52 22.55
CA LEU G 23 -15.13 -8.03 22.85
C LEU G 23 -14.38 -8.92 23.85
N MET G 24 -14.05 -10.13 23.41
CA MET G 24 -13.36 -11.08 24.27
C MET G 24 -11.93 -10.64 24.55
N SER G 25 -11.49 -10.85 25.78
CA SER G 25 -10.11 -10.60 26.18
C SER G 25 -9.76 -11.50 27.35
N ALA G 26 -8.51 -11.97 27.38
CA ALA G 26 -8.12 -13.08 28.24
C ALA G 26 -7.21 -12.60 29.36
N GLY G 27 -7.15 -13.41 30.41
CA GLY G 27 -6.28 -13.08 31.53
C GLY G 27 -6.25 -14.20 32.54
N ALA G 28 -5.89 -13.85 33.78
CA ALA G 28 -5.70 -14.84 34.85
C ALA G 28 -6.73 -14.66 35.95
N TRP G 29 -7.21 -15.78 36.49
CA TRP G 29 -8.14 -15.79 37.60
C TRP G 29 -7.45 -15.28 38.86
N ALA G 30 -8.27 -14.87 39.84
CA ALA G 30 -7.88 -14.22 41.10
C ALA G 30 -7.17 -12.89 40.88
N GLN G 31 -7.25 -12.34 39.67
CA GLN G 31 -6.88 -10.97 39.39
C GLN G 31 -8.00 -10.29 38.63
N ARG G 32 -9.20 -10.86 38.64
CA ARG G 32 -10.36 -10.35 37.94
C ARG G 32 -10.93 -9.10 38.58
N ASP G 33 -10.51 -8.75 39.78
CA ASP G 33 -10.94 -7.50 40.38
C ASP G 33 -10.28 -6.30 39.73
N ALA G 34 -9.13 -6.49 39.08
CA ALA G 34 -8.46 -5.45 38.33
C ALA G 34 -8.53 -5.73 36.84
N SER G 35 -9.67 -6.21 36.37
CA SER G 35 -9.81 -6.65 34.98
C SER G 35 -10.14 -5.47 34.08
N GLN G 36 -9.17 -4.60 33.92
CA GLN G 36 -9.32 -3.44 33.06
C GLN G 36 -8.26 -3.34 31.98
N GLU G 37 -7.02 -3.70 32.31
CA GLU G 37 -5.92 -3.66 31.36
C GLU G 37 -5.57 -5.11 31.03
N TRP G 38 -6.30 -5.69 30.08
CA TRP G 38 -5.94 -7.02 29.64
C TRP G 38 -5.82 -7.04 28.13
N PRO G 39 -4.90 -7.83 27.59
CA PRO G 39 -4.78 -7.93 26.13
C PRO G 39 -5.95 -8.68 25.55
N ALA G 40 -6.27 -8.37 24.30
CA ALA G 40 -7.40 -8.98 23.66
C ALA G 40 -7.02 -10.31 23.04
N VAL G 41 -8.02 -11.17 22.85
CA VAL G 41 -7.82 -12.43 22.15
C VAL G 41 -7.81 -12.15 20.66
N THR G 42 -6.68 -12.41 20.01
CA THR G 42 -6.54 -12.15 18.59
C THR G 42 -6.88 -13.39 17.78
N VAL G 43 -7.16 -13.17 16.50
CA VAL G 43 -7.55 -14.21 15.56
C VAL G 43 -6.37 -14.46 14.64
N ARG G 44 -5.94 -15.70 14.53
CA ARG G 44 -4.79 -16.04 13.71
C ARG G 44 -5.14 -17.13 12.72
N GLU G 45 -4.19 -17.45 11.86
CA GLU G 45 -4.37 -18.46 10.83
C GLU G 45 -3.55 -19.70 11.15
N LYS G 46 -4.04 -20.84 10.69
CA LYS G 46 -3.26 -22.07 10.73
C LYS G 46 -3.76 -23.02 9.66
N SER G 47 -2.83 -23.71 9.01
CA SER G 47 -3.19 -24.66 7.98
C SER G 47 -3.68 -25.95 8.61
N VAL G 48 -4.52 -26.66 7.87
CA VAL G 48 -5.23 -27.86 8.35
C VAL G 48 -5.38 -28.83 7.18
N ARG G 49 -4.89 -30.05 7.32
CA ARG G 49 -5.12 -31.08 6.31
C ARG G 49 -6.22 -32.01 6.79
N GLY G 50 -7.25 -32.17 5.97
CA GLY G 50 -8.43 -32.91 6.35
C GLY G 50 -8.38 -34.36 5.89
N THR G 51 -9.52 -35.02 6.03
CA THR G 51 -9.64 -36.44 5.73
C THR G 51 -10.98 -36.68 5.05
N ILE G 52 -11.36 -37.94 4.91
CA ILE G 52 -12.66 -38.34 4.37
C ILE G 52 -13.44 -39.04 5.47
N SER G 53 -14.55 -38.42 5.88
CA SER G 53 -15.37 -39.02 6.93
C SER G 53 -16.86 -38.87 6.65
N ASN G 54 -17.24 -38.62 5.41
CA ASN G 54 -18.63 -38.44 5.05
C ASN G 54 -19.25 -39.76 4.59
N ARG G 55 -20.57 -39.80 4.58
CA ARG G 55 -21.25 -40.96 4.01
C ARG G 55 -21.09 -40.96 2.50
N LEU G 56 -21.22 -42.13 1.91
CA LEU G 56 -21.05 -42.29 0.48
C LEU G 56 -22.31 -42.89 -0.13
N LYS G 57 -22.50 -42.62 -1.41
CA LYS G 57 -23.64 -43.12 -2.15
C LYS G 57 -23.30 -44.46 -2.78
N THR G 58 -24.20 -44.98 -3.61
CA THR G 58 -24.11 -46.36 -4.09
C THR G 58 -22.98 -46.61 -5.07
N LYS G 59 -22.38 -45.55 -5.64
CA LYS G 59 -21.29 -45.67 -6.58
C LYS G 59 -19.97 -45.18 -6.00
N ASP G 60 -19.79 -45.33 -4.69
CA ASP G 60 -18.56 -44.88 -4.04
C ASP G 60 -18.04 -45.87 -3.03
N ARG G 61 -18.63 -47.05 -2.90
CA ARG G 61 -18.13 -48.09 -2.02
C ARG G 61 -17.03 -48.92 -2.68
N ASP G 62 -16.60 -48.56 -3.87
CA ASP G 62 -15.52 -49.23 -4.58
C ASP G 62 -14.18 -48.89 -3.93
N PRO G 63 -13.08 -49.55 -4.35
CA PRO G 63 -11.74 -49.08 -3.94
C PRO G 63 -11.23 -47.84 -4.69
N ALA G 64 -12.12 -47.10 -5.36
CA ALA G 64 -11.78 -45.77 -5.84
C ALA G 64 -11.55 -44.79 -4.69
N LYS G 65 -12.10 -45.07 -3.50
CA LYS G 65 -11.83 -44.23 -2.34
C LYS G 65 -10.41 -44.36 -1.83
N LEU G 66 -9.69 -45.41 -2.22
CA LEU G 66 -8.25 -45.43 -1.96
C LEU G 66 -7.54 -44.39 -2.82
N ASP G 67 -8.00 -44.20 -4.06
CA ASP G 67 -7.47 -43.11 -4.86
C ASP G 67 -7.96 -41.76 -4.34
N ALA G 68 -9.14 -41.73 -3.72
CA ALA G 68 -9.59 -40.49 -3.09
C ALA G 68 -8.84 -40.22 -1.79
N SER G 69 -8.18 -41.22 -1.22
CA SER G 69 -7.42 -41.06 0.02
C SER G 69 -5.95 -40.81 -0.20
N ILE G 70 -5.35 -41.36 -1.27
CA ILE G 70 -3.93 -41.09 -1.51
C ILE G 70 -3.77 -39.71 -2.14
N GLN G 71 -4.76 -39.23 -2.87
CA GLN G 71 -4.60 -38.08 -3.75
C GLN G 71 -5.40 -36.92 -3.19
N SER G 72 -4.68 -35.90 -2.72
CA SER G 72 -5.13 -34.55 -2.41
C SER G 72 -6.32 -34.48 -1.48
N PRO G 73 -6.16 -34.74 -0.18
CA PRO G 73 -7.19 -34.28 0.76
C PRO G 73 -7.21 -32.77 0.83
N ASN G 74 -8.30 -32.24 1.36
CA ASN G 74 -8.54 -30.81 1.30
C ASN G 74 -7.59 -30.06 2.22
N LEU G 75 -6.49 -29.59 1.65
CA LEU G 75 -5.58 -28.69 2.34
C LEU G 75 -6.27 -27.36 2.58
N GLN G 76 -6.33 -26.90 3.83
CA GLN G 76 -7.13 -25.73 4.12
C GLN G 76 -6.34 -24.77 4.99
N THR G 77 -6.84 -23.55 5.11
CA THR G 77 -6.35 -22.58 6.08
C THR G 77 -7.54 -22.11 6.90
N VAL G 78 -7.50 -22.33 8.21
CA VAL G 78 -8.57 -21.91 9.07
C VAL G 78 -8.08 -20.78 9.96
N ASP G 79 -9.02 -20.10 10.61
CA ASP G 79 -8.73 -19.09 11.60
C ASP G 79 -9.10 -19.63 12.97
N VAL G 80 -8.21 -19.47 13.94
CA VAL G 80 -8.47 -19.89 15.30
C VAL G 80 -8.24 -18.72 16.23
N ALA G 81 -8.73 -18.88 17.45
CA ALA G 81 -8.52 -17.93 18.53
C ALA G 81 -8.22 -18.72 19.78
N ASN G 82 -7.00 -18.62 20.28
CA ASN G 82 -6.60 -19.29 21.51
C ASN G 82 -6.25 -18.25 22.56
N LEU G 83 -6.31 -18.66 23.83
CA LEU G 83 -5.83 -17.82 24.89
C LEU G 83 -4.31 -17.77 24.85
N PRO G 84 -3.69 -16.78 25.49
CA PRO G 84 -2.25 -16.88 25.74
C PRO G 84 -1.95 -18.05 26.66
N SER G 85 -0.70 -18.53 26.57
CA SER G 85 -0.32 -19.76 27.25
C SER G 85 -0.24 -19.61 28.75
N ASP G 86 -0.18 -18.39 29.26
CA ASP G 86 -0.12 -18.13 30.69
C ASP G 86 -1.37 -17.41 31.17
N ALA G 87 -2.53 -17.79 30.65
CA ALA G 87 -3.80 -17.17 31.01
C ALA G 87 -4.89 -18.22 30.89
N ASP G 88 -5.82 -18.22 31.84
CA ASP G 88 -6.84 -19.27 31.87
C ASP G 88 -8.26 -18.76 31.95
N THR G 89 -8.50 -17.45 31.92
CA THR G 89 -9.85 -16.93 31.97
C THR G 89 -10.18 -16.10 30.74
N LEU G 90 -11.43 -16.25 30.31
CA LEU G 90 -12.02 -15.50 29.23
C LEU G 90 -12.91 -14.43 29.83
N LYS G 91 -12.81 -13.22 29.28
CA LYS G 91 -13.60 -12.07 29.70
C LYS G 91 -14.42 -11.58 28.52
N VAL G 92 -15.73 -11.51 28.70
CA VAL G 92 -16.66 -11.05 27.67
C VAL G 92 -17.44 -9.88 28.25
N ARG G 93 -17.29 -8.70 27.64
CA ARG G 93 -17.88 -7.48 28.15
C ARG G 93 -18.75 -6.82 27.09
N PHE G 94 -20.04 -6.70 27.36
CA PHE G 94 -20.92 -5.96 26.46
C PHE G 94 -21.82 -5.05 27.29
N THR G 95 -22.55 -4.18 26.61
CA THR G 95 -23.50 -3.28 27.25
C THR G 95 -24.89 -3.58 26.74
N LEU G 96 -25.89 -3.10 27.49
CA LEU G 96 -27.28 -3.40 27.15
C LEU G 96 -28.11 -2.18 27.51
N ARG G 97 -28.77 -1.59 26.52
CA ARG G 97 -29.64 -0.45 26.72
C ARG G 97 -31.08 -0.93 26.67
N VAL G 98 -31.81 -0.78 27.77
CA VAL G 98 -33.18 -1.27 27.85
C VAL G 98 -34.09 -0.10 27.50
N LEU G 99 -34.64 -0.13 26.29
CA LEU G 99 -35.52 0.95 25.87
C LEU G 99 -36.91 0.75 26.45
N GLY G 100 -37.72 1.80 26.37
CA GLY G 100 -39.06 1.73 26.89
C GLY G 100 -40.11 2.13 25.89
N GLY G 101 -41.37 1.80 26.16
CA GLY G 101 -42.45 2.18 25.28
C GLY G 101 -42.75 1.11 24.26
N ALA G 102 -42.86 -0.13 24.71
CA ALA G 102 -43.20 -1.23 23.82
C ALA G 102 -44.67 -1.15 23.41
N GLY G 103 -44.98 -1.80 22.29
CA GLY G 103 -46.33 -1.84 21.78
C GLY G 103 -46.66 -0.75 20.79
N THR G 104 -46.03 0.41 20.90
CA THR G 104 -46.26 1.48 19.94
C THR G 104 -45.50 1.18 18.65
N PRO G 105 -46.17 1.02 17.52
CA PRO G 105 -45.47 0.64 16.30
C PRO G 105 -44.69 1.79 15.71
N SER G 106 -43.60 1.44 15.01
CA SER G 106 -42.79 2.46 14.38
C SER G 106 -43.45 3.02 13.13
N ALA G 107 -44.20 2.19 12.41
CA ALA G 107 -44.86 2.62 11.20
C ALA G 107 -46.10 1.77 10.99
N CYS G 108 -47.27 2.36 11.16
CA CYS G 108 -48.51 1.66 10.99
C CYS G 108 -49.12 2.01 9.63
N ASN G 109 -50.34 1.56 9.40
CA ASN G 109 -51.04 1.83 8.15
C ASN G 109 -52.48 2.23 8.38
N ASP G 110 -53.01 2.10 9.59
CA ASP G 110 -54.39 2.40 9.90
C ASP G 110 -54.42 3.25 11.16
N ALA G 111 -55.48 4.03 11.31
CA ALA G 111 -55.64 4.84 12.51
C ALA G 111 -56.44 4.12 13.58
N ALA G 112 -57.47 3.36 13.19
CA ALA G 112 -58.29 2.66 14.17
C ALA G 112 -57.56 1.43 14.70
N TYR G 113 -56.83 0.74 13.83
CA TYR G 113 -56.12 -0.47 14.24
C TYR G 113 -54.99 -0.15 15.21
N ARG G 114 -54.35 1.00 15.03
CA ARG G 114 -53.30 1.42 15.95
C ARG G 114 -53.86 1.75 17.31
N ASP G 115 -55.03 2.39 17.37
CA ASP G 115 -55.63 2.74 18.65
C ASP G 115 -56.16 1.52 19.37
N LYS G 116 -56.72 0.56 18.62
CA LYS G 116 -57.13 -0.71 19.21
C LYS G 116 -55.93 -1.48 19.76
N LEU G 117 -54.80 -1.42 19.04
CA LEU G 117 -53.59 -2.09 19.50
C LEU G 117 -53.04 -1.45 20.78
N LEU G 118 -53.02 -0.11 20.83
CA LEU G 118 -52.50 0.55 22.02
C LEU G 118 -53.42 0.37 23.23
N GLN G 119 -54.73 0.31 23.00
CA GLN G 119 -55.64 -0.01 24.11
C GLN G 119 -55.47 -1.45 24.57
N THR G 120 -55.12 -2.36 23.66
CA THR G 120 -54.90 -3.75 24.06
C THR G 120 -53.64 -3.90 24.89
N VAL G 121 -52.54 -3.29 24.44
CA VAL G 121 -51.27 -3.39 25.15
C VAL G 121 -51.35 -2.66 26.49
N ALA G 122 -51.96 -1.48 26.51
CA ALA G 122 -52.13 -0.75 27.76
C ALA G 122 -53.07 -1.48 28.71
N THR G 123 -54.05 -2.20 28.16
CA THR G 123 -54.89 -3.07 28.98
C THR G 123 -54.08 -4.19 29.60
N TYR G 124 -53.15 -4.77 28.83
CA TYR G 124 -52.27 -5.82 29.34
C TYR G 124 -51.39 -5.31 30.48
N VAL G 125 -50.73 -4.16 30.27
CA VAL G 125 -49.79 -3.64 31.25
C VAL G 125 -50.54 -3.19 32.51
N ASN G 126 -51.74 -2.62 32.35
CA ASN G 126 -52.51 -2.22 33.52
C ASN G 126 -53.08 -3.42 34.27
N ASP G 127 -53.36 -4.53 33.58
CA ASP G 127 -53.82 -5.72 34.29
C ASP G 127 -52.68 -6.39 35.04
N GLN G 128 -51.53 -6.55 34.39
CA GLN G 128 -50.36 -7.13 35.03
C GLN G 128 -49.11 -6.52 34.42
N GLY G 129 -48.08 -6.35 35.23
CA GLY G 129 -46.92 -5.60 34.83
C GLY G 129 -46.01 -6.37 33.89
N PHE G 130 -44.80 -5.85 33.75
CA PHE G 130 -43.73 -6.51 33.01
C PHE G 130 -42.87 -7.38 33.91
N ALA G 131 -43.45 -7.94 34.98
CA ALA G 131 -42.67 -8.63 36.00
C ALA G 131 -42.15 -9.98 35.51
N GLU G 132 -42.99 -10.76 34.83
CA GLU G 132 -42.62 -12.11 34.41
C GLU G 132 -41.52 -12.09 33.37
N LEU G 133 -41.66 -11.23 32.36
CA LEU G 133 -40.66 -11.15 31.31
C LEU G 133 -39.34 -10.58 31.82
N ALA G 134 -39.40 -9.64 32.78
CA ALA G 134 -38.16 -9.14 33.36
C ALA G 134 -37.51 -10.17 34.26
N ARG G 135 -38.30 -11.06 34.88
CA ARG G 135 -37.72 -12.16 35.62
C ARG G 135 -36.97 -13.12 34.71
N ARG G 136 -37.58 -13.50 33.58
CA ARG G 136 -36.92 -14.45 32.69
C ARG G 136 -35.72 -13.84 31.99
N TYR G 137 -35.80 -12.55 31.62
CA TYR G 137 -34.65 -11.85 31.06
C TYR G 137 -33.54 -11.71 32.08
N ALA G 138 -33.90 -11.48 33.35
CA ALA G 138 -32.90 -11.42 34.40
C ALA G 138 -32.28 -12.78 34.67
N HIS G 139 -33.00 -13.87 34.39
CA HIS G 139 -32.37 -15.18 34.45
C HIS G 139 -31.38 -15.37 33.31
N ASN G 140 -31.74 -14.94 32.10
CA ASN G 140 -30.77 -15.11 31.01
C ASN G 140 -29.60 -14.16 31.09
N LEU G 141 -29.67 -13.10 31.89
CA LEU G 141 -28.46 -12.38 32.26
C LEU G 141 -27.77 -12.97 33.47
N ALA G 142 -28.48 -13.73 34.29
CA ALA G 142 -27.90 -14.27 35.51
C ALA G 142 -26.91 -15.39 35.19
N ASN G 143 -27.38 -16.49 34.62
CA ASN G 143 -26.45 -17.44 34.07
C ASN G 143 -25.92 -16.92 32.74
N ALA G 144 -24.70 -17.30 32.41
CA ALA G 144 -24.03 -16.69 31.27
C ALA G 144 -24.35 -17.46 29.98
N ARG G 145 -25.64 -17.50 29.64
CA ARG G 145 -26.07 -18.18 28.44
C ARG G 145 -25.57 -17.49 27.18
N PHE G 146 -25.40 -16.16 27.24
CA PHE G 146 -24.75 -15.44 26.15
C PHE G 146 -23.31 -15.87 25.96
N LEU G 147 -22.65 -16.27 27.04
CA LEU G 147 -21.32 -16.82 26.97
C LEU G 147 -21.32 -18.33 26.81
N TRP G 148 -22.40 -19.02 27.18
CA TRP G 148 -22.42 -20.49 27.28
C TRP G 148 -22.48 -21.20 25.95
N ARG G 149 -22.09 -20.54 24.89
CA ARG G 149 -21.54 -21.22 23.74
C ARG G 149 -20.12 -21.69 24.05
N ASN G 150 -19.48 -21.03 25.02
CA ASN G 150 -18.28 -21.48 25.72
C ASN G 150 -18.62 -22.10 27.08
N ARG G 151 -19.74 -22.80 27.18
CA ARG G 151 -20.14 -23.44 28.44
C ARG G 151 -19.22 -24.58 28.80
N VAL G 152 -19.01 -25.48 27.83
CA VAL G 152 -18.75 -26.89 28.09
C VAL G 152 -17.40 -27.04 28.75
N GLY G 153 -17.39 -27.42 30.03
CA GLY G 153 -16.15 -27.58 30.75
C GLY G 153 -15.57 -26.26 31.23
N ALA G 154 -16.30 -25.58 32.10
CA ALA G 154 -15.78 -24.41 32.78
C ALA G 154 -15.84 -24.67 34.28
N GLU G 155 -14.74 -24.36 34.97
CA GLU G 155 -14.69 -24.60 36.41
C GLU G 155 -15.54 -23.61 37.17
N ALA G 156 -15.50 -22.34 36.77
CA ALA G 156 -16.25 -21.31 37.46
C ALA G 156 -16.57 -20.20 36.48
N VAL G 157 -17.83 -19.79 36.44
CA VAL G 157 -18.29 -18.70 35.59
C VAL G 157 -18.88 -17.63 36.49
N GLU G 158 -18.30 -16.44 36.46
CA GLU G 158 -18.75 -15.34 37.32
C GLU G 158 -19.26 -14.19 36.46
N VAL G 159 -20.46 -13.72 36.77
CA VAL G 159 -21.11 -12.65 36.00
C VAL G 159 -21.24 -11.43 36.89
N ARG G 160 -20.76 -10.28 36.41
CA ARG G 160 -20.86 -9.02 37.12
C ARG G 160 -21.67 -8.04 36.27
N ILE G 161 -22.74 -7.51 36.85
CA ILE G 161 -23.67 -6.64 36.16
C ILE G 161 -23.69 -5.30 36.86
N ASN G 162 -23.44 -4.23 36.13
CA ASN G 162 -23.43 -2.89 36.69
C ASN G 162 -24.56 -2.07 36.10
N HIS G 163 -25.18 -1.24 36.93
CA HIS G 163 -26.13 -0.24 36.48
C HIS G 163 -25.39 1.07 36.34
N ILE G 164 -25.50 1.70 35.18
CA ILE G 164 -24.80 2.93 34.88
C ILE G 164 -25.82 4.05 34.74
N ARG G 165 -25.77 5.02 35.66
CA ARG G 165 -26.67 6.16 35.69
C ARG G 165 -25.99 7.45 35.27
N GLN G 166 -24.73 7.60 35.64
CA GLN G 166 -23.87 8.71 35.24
C GLN G 166 -22.53 8.05 34.93
N GLY G 167 -21.45 8.83 34.96
CA GLY G 167 -20.12 8.23 34.97
C GLY G 167 -19.90 7.29 36.15
N GLU G 168 -20.59 7.54 37.26
CA GLU G 168 -20.51 6.68 38.43
C GLU G 168 -21.46 5.49 38.30
N VAL G 169 -21.02 4.33 38.80
CA VAL G 169 -21.87 3.15 38.85
C VAL G 169 -22.92 3.33 39.93
N ALA G 170 -24.18 3.07 39.58
CA ALA G 170 -25.27 3.19 40.55
C ALA G 170 -25.32 2.00 41.49
N ARG G 171 -25.50 0.80 40.94
CA ARG G 171 -25.66 -0.41 41.74
C ARG G 171 -25.02 -1.58 41.02
N ALA G 172 -24.26 -2.40 41.76
CA ALA G 172 -23.51 -3.51 41.21
C ALA G 172 -24.02 -4.84 41.73
N TRP G 173 -24.08 -5.83 40.85
CA TRP G 173 -24.44 -7.20 41.18
C TRP G 173 -23.29 -8.13 40.78
N ARG G 174 -23.09 -9.16 41.59
CA ARG G 174 -22.17 -10.23 41.25
C ARG G 174 -22.86 -11.57 41.46
N PHE G 175 -22.85 -12.41 40.43
CA PHE G 175 -23.60 -13.65 40.42
C PHE G 175 -22.65 -14.84 40.31
N ASP G 176 -23.25 -16.02 40.17
CA ASP G 176 -22.48 -17.26 40.00
C ASP G 176 -23.31 -18.12 39.04
N ALA G 177 -22.85 -18.22 37.80
CA ALA G 177 -23.67 -18.76 36.74
C ALA G 177 -23.84 -20.28 36.80
N LEU G 178 -22.93 -20.99 37.45
CA LEU G 178 -23.07 -22.44 37.47
C LEU G 178 -24.07 -22.90 38.52
N ALA G 179 -24.22 -22.14 39.60
CA ALA G 179 -25.23 -22.47 40.60
C ALA G 179 -26.63 -22.18 40.08
N ILE G 180 -26.79 -21.07 39.35
CA ILE G 180 -28.07 -20.74 38.73
C ILE G 180 -28.29 -21.68 37.55
N GLY G 181 -29.44 -22.34 37.54
CA GLY G 181 -29.69 -23.38 36.56
C GLY G 181 -29.88 -22.85 35.16
N LEU G 182 -29.80 -23.77 34.21
CA LEU G 182 -30.04 -23.46 32.81
C LEU G 182 -31.51 -23.61 32.42
N ARG G 183 -32.24 -24.51 33.08
CA ARG G 183 -33.61 -24.80 32.71
C ARG G 183 -34.64 -24.43 33.77
N ASP G 184 -34.21 -24.03 34.96
CA ASP G 184 -35.11 -23.79 36.08
C ASP G 184 -35.12 -22.31 36.42
N PHE G 185 -36.29 -21.68 36.32
CA PHE G 185 -36.46 -20.27 36.63
C PHE G 185 -36.97 -20.15 38.06
N LYS G 186 -36.06 -20.34 39.01
CA LYS G 186 -36.36 -20.25 40.43
C LYS G 186 -35.97 -18.87 40.96
N ALA G 187 -36.82 -18.31 41.81
CA ALA G 187 -36.69 -16.92 42.22
C ALA G 187 -35.53 -16.73 43.19
N ASP G 188 -35.17 -15.46 43.38
CA ASP G 188 -34.08 -15.04 44.25
C ASP G 188 -34.27 -13.56 44.53
N ALA G 189 -33.69 -13.08 45.63
CA ALA G 189 -33.84 -11.69 46.02
C ALA G 189 -33.13 -10.74 45.06
N GLU G 190 -31.89 -11.09 44.70
CA GLU G 190 -31.11 -10.24 43.80
C GLU G 190 -31.69 -10.23 42.40
N LEU G 191 -32.19 -11.38 41.94
CA LEU G 191 -32.88 -11.42 40.66
C LEU G 191 -34.21 -10.69 40.71
N ASP G 192 -34.83 -10.56 41.88
CA ASP G 192 -35.99 -9.71 41.98
C ASP G 192 -35.62 -8.24 41.92
N ALA G 193 -34.44 -7.88 42.43
CA ALA G 193 -33.98 -6.49 42.30
C ALA G 193 -33.66 -6.14 40.86
N LEU G 194 -32.95 -7.03 40.16
CA LEU G 194 -32.63 -6.81 38.76
C LEU G 194 -33.86 -6.86 37.89
N ALA G 195 -34.84 -7.71 38.24
CA ALA G 195 -36.09 -7.75 37.50
C ALA G 195 -36.93 -6.50 37.76
N GLU G 196 -36.81 -5.90 38.94
CA GLU G 196 -37.45 -4.60 39.15
C GLU G 196 -36.78 -3.51 38.33
N LEU G 197 -35.46 -3.60 38.13
CA LEU G 197 -34.78 -2.59 37.32
C LEU G 197 -35.17 -2.72 35.84
N ILE G 198 -35.17 -3.95 35.32
CA ILE G 198 -35.51 -4.15 33.92
C ILE G 198 -36.99 -3.87 33.67
N ALA G 199 -37.86 -4.30 34.59
CA ALA G 199 -39.29 -4.01 34.46
C ALA G 199 -39.58 -2.53 34.61
N SER G 200 -38.77 -1.81 35.40
CA SER G 200 -38.89 -0.36 35.43
C SER G 200 -38.36 0.27 34.16
N GLY G 201 -37.48 -0.42 33.43
CA GLY G 201 -36.99 0.10 32.17
C GLY G 201 -37.95 -0.08 31.02
N LEU G 202 -38.58 -1.25 30.91
CA LEU G 202 -39.46 -1.52 29.78
C LEU G 202 -40.77 -0.76 29.87
N SER G 203 -41.18 -0.33 31.05
CA SER G 203 -42.42 0.41 31.20
C SER G 203 -42.24 1.91 30.96
N GLY G 204 -41.05 2.34 30.58
CA GLY G 204 -40.82 3.74 30.29
C GLY G 204 -40.67 4.63 31.50
N SER G 205 -40.46 4.05 32.68
CA SER G 205 -40.36 4.83 33.91
C SER G 205 -38.96 5.37 34.15
N GLY G 206 -38.02 5.17 33.25
CA GLY G 206 -36.67 5.67 33.44
C GLY G 206 -35.76 5.17 32.34
N HIS G 207 -34.48 5.51 32.48
CA HIS G 207 -33.45 5.09 31.54
C HIS G 207 -32.59 4.02 32.18
N VAL G 208 -32.38 2.92 31.47
CA VAL G 208 -31.65 1.78 31.99
C VAL G 208 -30.52 1.43 31.04
N LEU G 209 -29.28 1.56 31.53
CA LEU G 209 -28.09 1.16 30.80
C LEU G 209 -27.28 0.23 31.69
N LEU G 210 -27.06 -1.00 31.24
CA LEU G 210 -26.36 -2.00 32.00
C LEU G 210 -25.03 -2.36 31.35
N GLU G 211 -24.05 -2.68 32.17
CA GLU G 211 -22.75 -3.16 31.72
C GLU G 211 -22.56 -4.58 32.23
N VAL G 212 -22.47 -5.53 31.31
CA VAL G 212 -22.40 -6.94 31.66
C VAL G 212 -20.99 -7.44 31.35
N VAL G 213 -20.34 -8.02 32.36
CA VAL G 213 -19.00 -8.58 32.24
C VAL G 213 -19.06 -10.02 32.72
N ALA G 214 -18.51 -10.95 31.93
CA ALA G 214 -18.56 -12.35 32.28
C ALA G 214 -17.18 -12.98 32.22
N PHE G 215 -16.90 -13.85 33.19
CA PHE G 215 -15.61 -14.46 33.43
C PHE G 215 -15.75 -15.97 33.39
N ALA G 216 -14.83 -16.63 32.69
CA ALA G 216 -14.88 -18.10 32.60
C ALA G 216 -13.49 -18.67 32.73
N ARG G 217 -13.35 -19.79 33.45
CA ARG G 217 -12.09 -20.52 33.51
C ARG G 217 -12.17 -21.72 32.58
N ILE G 218 -11.36 -21.73 31.54
CA ILE G 218 -11.41 -22.84 30.60
C ILE G 218 -10.04 -23.50 30.47
N GLY G 219 -9.00 -22.85 30.99
CA GLY G 219 -7.68 -23.44 31.05
C GLY G 219 -6.66 -22.65 30.28
N ASP G 220 -5.39 -23.03 30.49
CA ASP G 220 -4.29 -22.34 29.86
C ASP G 220 -4.19 -22.71 28.39
N GLY G 221 -4.16 -21.70 27.52
CA GLY G 221 -3.92 -21.92 26.11
C GLY G 221 -5.02 -22.61 25.35
N GLN G 222 -6.23 -22.70 25.93
CA GLN G 222 -7.33 -23.40 25.27
C GLN G 222 -7.92 -22.53 24.17
N GLU G 223 -9.02 -23.00 23.58
CA GLU G 223 -9.61 -22.35 22.41
C GLU G 223 -10.91 -21.67 22.80
N VAL G 224 -11.06 -20.42 22.35
CA VAL G 224 -12.30 -19.69 22.52
C VAL G 224 -13.03 -19.62 21.19
N PHE G 225 -14.30 -19.24 21.24
CA PHE G 225 -15.21 -19.37 20.10
C PHE G 225 -15.84 -18.03 19.75
N PRO G 226 -15.23 -17.26 18.85
CA PRO G 226 -15.92 -16.11 18.27
C PRO G 226 -16.90 -16.53 17.19
N SER G 227 -17.51 -15.59 16.47
CA SER G 227 -18.74 -15.89 15.73
C SER G 227 -18.73 -15.41 14.28
N GLN G 228 -18.27 -16.25 13.36
CA GLN G 228 -18.52 -16.16 11.92
C GLN G 228 -18.00 -17.43 11.28
N GLU G 229 -18.60 -17.84 10.15
CA GLU G 229 -18.04 -18.86 9.28
C GLU G 229 -18.26 -18.54 7.78
N LEU G 230 -18.40 -17.27 7.41
CA LEU G 230 -19.21 -16.90 6.24
C LEU G 230 -18.55 -17.19 4.89
N ILE G 231 -17.44 -16.50 4.57
CA ILE G 231 -17.24 -15.96 3.21
C ILE G 231 -17.21 -17.05 2.13
N LEU G 232 -18.10 -16.89 1.13
CA LEU G 232 -18.56 -17.98 0.26
C LEU G 232 -17.47 -18.42 -0.73
N ASP G 233 -17.83 -19.45 -1.52
CA ASP G 233 -16.93 -20.06 -2.50
C ASP G 233 -17.68 -20.24 -3.80
N LYS G 234 -17.31 -19.48 -4.83
CA LYS G 234 -18.00 -19.51 -6.11
C LYS G 234 -17.15 -20.04 -7.25
N GLY G 235 -15.94 -19.51 -7.44
CA GLY G 235 -15.11 -19.91 -8.55
C GLY G 235 -14.06 -20.94 -8.15
N ASP G 236 -13.28 -21.35 -9.14
CA ASP G 236 -12.15 -22.25 -8.92
C ASP G 236 -10.85 -21.44 -8.81
N LYS G 237 -9.75 -22.18 -8.60
CA LYS G 237 -8.35 -21.73 -8.66
C LYS G 237 -7.96 -20.77 -7.54
N LYS G 238 -8.92 -20.31 -6.73
CA LYS G 238 -8.70 -19.30 -5.72
C LYS G 238 -8.41 -19.99 -4.40
N GLY G 239 -7.22 -19.75 -3.85
CA GLY G 239 -6.97 -20.23 -2.52
C GLY G 239 -7.68 -19.33 -1.53
N GLN G 240 -8.80 -19.81 -1.00
CA GLN G 240 -9.67 -19.01 -0.16
C GLN G 240 -9.85 -19.72 1.16
N LYS G 241 -10.06 -18.94 2.22
CA LYS G 241 -10.30 -19.52 3.54
C LYS G 241 -11.55 -20.38 3.54
N SER G 242 -11.49 -21.47 4.27
CA SER G 242 -12.71 -22.18 4.60
C SER G 242 -13.38 -21.59 5.83
N LYS G 243 -12.66 -20.84 6.64
CA LYS G 243 -13.21 -20.44 7.93
C LYS G 243 -12.65 -19.08 8.34
N THR G 244 -13.49 -18.07 8.33
CA THR G 244 -13.14 -16.78 8.90
C THR G 244 -13.74 -16.64 10.29
N LEU G 245 -13.34 -15.60 10.99
CA LEU G 245 -13.88 -15.32 12.31
C LEU G 245 -14.13 -13.82 12.42
N TYR G 246 -15.23 -13.47 13.08
CA TYR G 246 -15.59 -12.07 13.21
C TYR G 246 -14.65 -11.35 14.15
N SER G 247 -14.32 -10.12 13.81
CA SER G 247 -13.45 -9.34 14.65
C SER G 247 -13.84 -7.87 14.56
N VAL G 248 -13.29 -7.11 15.49
CA VAL G 248 -13.39 -5.66 15.56
C VAL G 248 -11.94 -5.23 15.42
N ARG G 249 -11.61 -3.99 15.76
CA ARG G 249 -10.24 -3.54 15.58
C ARG G 249 -9.29 -4.32 16.49
N ASP G 250 -8.76 -5.41 15.91
CA ASP G 250 -7.75 -6.29 16.50
C ASP G 250 -8.22 -6.95 17.81
N ALA G 251 -9.40 -7.55 17.76
CA ALA G 251 -9.95 -8.29 18.88
C ALA G 251 -11.04 -9.21 18.37
N ALA G 252 -11.09 -10.43 18.89
CA ALA G 252 -12.16 -11.35 18.53
C ALA G 252 -13.43 -10.98 19.28
N ALA G 253 -14.58 -11.08 18.60
CA ALA G 253 -15.82 -10.65 19.20
C ALA G 253 -16.96 -11.52 18.71
N ILE G 254 -18.12 -11.36 19.34
CA ILE G 254 -19.33 -12.07 18.98
C ILE G 254 -20.30 -11.04 18.40
N HIS G 255 -21.09 -11.46 17.41
CA HIS G 255 -22.13 -10.63 16.86
C HIS G 255 -23.15 -10.26 17.92
N SER G 256 -23.84 -9.14 17.70
CA SER G 256 -24.78 -8.66 18.70
C SER G 256 -26.07 -9.47 18.70
N GLN G 257 -26.47 -10.03 17.56
CA GLN G 257 -27.71 -10.78 17.53
C GLN G 257 -27.59 -12.18 18.09
N LYS G 258 -26.39 -12.70 18.31
CA LYS G 258 -26.27 -13.92 19.09
C LYS G 258 -26.52 -13.64 20.56
N ILE G 259 -26.06 -12.50 21.05
CA ILE G 259 -26.31 -12.12 22.43
C ILE G 259 -27.79 -11.81 22.63
N GLY G 260 -28.40 -11.16 21.64
CA GLY G 260 -29.84 -10.93 21.71
C GLY G 260 -30.64 -12.22 21.63
N ASN G 261 -30.17 -13.17 20.82
CA ASN G 261 -30.79 -14.48 20.74
C ASN G 261 -30.70 -15.21 22.07
N ALA G 262 -29.58 -15.08 22.77
CA ALA G 262 -29.47 -15.69 24.07
C ALA G 262 -30.31 -14.98 25.11
N LEU G 263 -30.59 -13.70 24.94
CA LEU G 263 -31.50 -13.05 25.87
C LEU G 263 -32.96 -13.34 25.57
N ARG G 264 -33.29 -13.84 24.38
CA ARG G 264 -34.68 -14.09 24.05
C ARG G 264 -35.11 -15.55 24.23
N THR G 265 -34.31 -16.39 24.89
CA THR G 265 -34.73 -17.78 25.11
C THR G 265 -35.47 -17.85 26.43
N ILE G 266 -36.75 -17.46 26.39
CA ILE G 266 -37.61 -17.47 27.55
C ILE G 266 -38.88 -18.28 27.33
N ASP G 267 -39.04 -18.90 26.17
CA ASP G 267 -40.30 -19.51 25.78
C ASP G 267 -40.34 -20.95 26.26
N THR G 268 -41.23 -21.25 27.21
CA THR G 268 -41.31 -22.57 27.81
C THR G 268 -42.67 -23.22 27.64
N TRP G 269 -43.47 -22.79 26.66
CA TRP G 269 -44.83 -23.30 26.55
C TRP G 269 -45.09 -24.01 25.23
N TYR G 270 -44.73 -23.40 24.14
CA TYR G 270 -44.90 -23.92 22.80
C TYR G 270 -44.10 -25.16 22.37
N PRO G 271 -42.93 -25.48 22.93
CA PRO G 271 -42.36 -26.82 22.67
C PRO G 271 -43.25 -27.99 23.07
N ASP G 272 -44.18 -27.80 24.01
CA ASP G 272 -45.28 -28.72 24.33
C ASP G 272 -44.78 -30.09 24.79
N GLU G 273 -43.54 -30.15 25.28
CA GLU G 273 -42.91 -31.39 25.69
C GLU G 273 -42.10 -31.11 26.93
N ASP G 274 -42.37 -31.85 28.00
CA ASP G 274 -41.60 -31.71 29.23
C ASP G 274 -40.22 -32.33 29.03
N GLY G 275 -39.18 -31.57 29.37
CA GLY G 275 -37.83 -32.06 29.27
C GLY G 275 -36.96 -31.21 28.36
N LEU G 276 -37.52 -30.77 27.24
CA LEU G 276 -36.83 -29.82 26.38
C LEU G 276 -36.95 -28.44 26.99
N GLY G 277 -35.83 -27.72 27.01
CA GLY G 277 -35.76 -26.45 27.71
C GLY G 277 -36.42 -25.31 26.97
N PRO G 278 -36.10 -24.09 27.39
CA PRO G 278 -36.66 -22.91 26.72
C PRO G 278 -36.06 -22.74 25.33
N ILE G 279 -36.88 -22.19 24.42
CA ILE G 279 -36.43 -21.85 23.09
C ILE G 279 -36.55 -20.34 22.90
N ALA G 280 -36.00 -19.85 21.80
CA ALA G 280 -36.05 -18.43 21.51
C ALA G 280 -37.45 -18.02 21.05
N VAL G 281 -37.75 -16.74 21.19
CA VAL G 281 -39.07 -16.22 20.88
C VAL G 281 -39.07 -15.77 19.43
N GLU G 282 -39.68 -16.56 18.58
CA GLU G 282 -39.87 -16.22 17.17
C GLU G 282 -41.36 -16.16 16.90
N PRO G 283 -41.83 -15.60 15.78
CA PRO G 283 -43.27 -15.68 15.48
C PRO G 283 -43.77 -17.10 15.29
N TYR G 284 -43.07 -17.91 14.51
CA TYR G 284 -43.32 -19.34 14.50
C TYR G 284 -42.41 -19.96 15.56
N GLY G 285 -42.35 -21.27 15.63
CA GLY G 285 -41.57 -21.90 16.67
C GLY G 285 -40.25 -22.40 16.16
N SER G 286 -39.64 -21.62 15.27
CA SER G 286 -38.54 -22.13 14.46
C SER G 286 -37.25 -22.20 15.26
N VAL G 287 -36.60 -23.35 15.20
CA VAL G 287 -35.26 -23.55 15.74
C VAL G 287 -34.40 -24.03 14.59
N THR G 288 -33.33 -23.30 14.30
CA THR G 288 -32.54 -23.59 13.10
C THR G 288 -31.68 -24.82 13.31
N SER G 289 -31.04 -24.94 14.47
CA SER G 289 -30.17 -26.07 14.78
C SER G 289 -30.94 -27.31 15.24
N GLN G 290 -32.26 -27.33 15.06
CA GLN G 290 -33.05 -28.53 15.23
C GLN G 290 -33.94 -28.81 14.04
N GLY G 291 -34.15 -27.84 13.16
CA GLY G 291 -34.92 -28.02 11.96
C GLY G 291 -36.39 -28.29 12.20
N LYS G 292 -36.99 -27.64 13.19
CA LYS G 292 -38.37 -27.93 13.53
C LYS G 292 -39.03 -26.67 14.06
N ALA G 293 -40.23 -26.38 13.55
CA ALA G 293 -41.02 -25.24 14.01
C ALA G 293 -42.04 -25.75 15.03
N TYR G 294 -41.93 -25.26 16.27
CA TYR G 294 -42.81 -25.71 17.33
C TYR G 294 -44.14 -24.98 17.35
N ARG G 295 -44.35 -24.03 16.46
CA ARG G 295 -45.57 -23.23 16.38
C ARG G 295 -45.99 -23.21 14.92
N GLN G 296 -46.75 -24.14 14.53
CA GLN G 296 -47.16 -24.10 13.15
C GLN G 296 -48.58 -23.54 13.04
N PRO G 297 -48.93 -22.88 11.93
CA PRO G 297 -50.28 -22.35 11.80
C PRO G 297 -51.36 -23.40 11.56
N LYS G 298 -51.01 -24.68 11.46
CA LYS G 298 -52.02 -25.74 11.56
C LYS G 298 -52.67 -25.73 12.94
N GLN G 299 -51.85 -25.59 13.98
CA GLN G 299 -52.36 -25.28 15.30
C GLN G 299 -52.74 -23.80 15.36
N LYS G 300 -53.40 -23.42 16.44
CA LYS G 300 -53.72 -22.02 16.68
C LYS G 300 -52.70 -21.36 17.59
N LEU G 301 -51.54 -21.97 17.77
CA LEU G 301 -50.47 -21.44 18.61
C LEU G 301 -49.48 -20.76 17.68
N ASP G 302 -49.62 -19.45 17.50
CA ASP G 302 -48.82 -18.70 16.56
C ASP G 302 -48.91 -17.24 16.97
N PHE G 303 -47.92 -16.45 16.57
CA PHE G 303 -47.99 -15.03 16.90
C PHE G 303 -49.04 -14.31 16.08
N TYR G 304 -49.13 -14.63 14.78
CA TYR G 304 -50.06 -13.93 13.91
C TYR G 304 -51.50 -14.28 14.23
N THR G 305 -51.73 -15.54 14.58
CA THR G 305 -53.08 -16.01 14.88
C THR G 305 -53.58 -15.43 16.20
N LEU G 306 -52.73 -15.44 17.23
CA LEU G 306 -53.13 -14.90 18.51
C LEU G 306 -53.24 -13.37 18.47
N LEU G 307 -52.40 -12.72 17.69
CA LEU G 307 -52.49 -11.27 17.58
C LEU G 307 -53.75 -10.85 16.84
N ASP G 308 -54.11 -11.60 15.79
CA ASP G 308 -55.35 -11.31 15.08
C ASP G 308 -56.56 -11.60 15.95
N ASN G 309 -56.56 -12.73 16.66
CA ASN G 309 -57.69 -13.08 17.48
C ASN G 309 -57.78 -12.29 18.78
N TRP G 310 -56.76 -11.52 19.13
CA TRP G 310 -56.79 -10.77 20.37
C TRP G 310 -56.87 -9.26 20.15
N VAL G 311 -56.50 -8.76 18.98
CA VAL G 311 -56.71 -7.35 18.68
C VAL G 311 -58.05 -7.13 18.00
N LEU G 312 -58.36 -7.89 16.96
CA LEU G 312 -59.55 -7.64 16.18
C LEU G 312 -60.81 -8.17 16.87
N ARG G 313 -60.80 -9.45 17.23
CA ARG G 313 -62.00 -10.16 17.66
C ARG G 313 -62.17 -10.18 19.16
N ASP G 314 -61.26 -9.54 19.90
CA ASP G 314 -61.29 -9.39 21.37
C ASP G 314 -61.31 -10.72 22.11
N GLU G 315 -60.84 -11.79 21.48
CA GLU G 315 -60.78 -13.10 22.13
C GLU G 315 -59.44 -13.21 22.83
N ALA G 316 -59.45 -13.00 24.15
CA ALA G 316 -58.21 -13.03 24.90
C ALA G 316 -57.72 -14.46 25.06
N PRO G 317 -56.46 -14.74 24.75
CA PRO G 317 -55.92 -16.08 24.95
C PRO G 317 -55.59 -16.34 26.41
N ALA G 318 -54.88 -17.43 26.70
CA ALA G 318 -54.41 -17.69 28.05
C ALA G 318 -53.35 -16.67 28.45
N VAL G 319 -52.95 -16.72 29.73
CA VAL G 319 -52.10 -15.69 30.29
C VAL G 319 -50.69 -15.79 29.70
N GLU G 320 -50.12 -16.99 29.66
CA GLU G 320 -48.76 -17.13 29.20
C GLU G 320 -48.66 -16.98 27.68
N GLN G 321 -49.77 -17.17 26.98
CA GLN G 321 -49.84 -16.82 25.56
C GLN G 321 -49.75 -15.32 25.38
N GLN G 322 -50.35 -14.55 26.30
CA GLN G 322 -50.22 -13.10 26.25
C GLN G 322 -48.78 -12.69 26.56
N HIS G 323 -48.11 -13.43 27.45
CA HIS G 323 -46.69 -13.21 27.66
C HIS G 323 -45.88 -13.49 26.40
N TYR G 324 -46.30 -14.47 25.59
CA TYR G 324 -45.62 -14.73 24.33
C TYR G 324 -45.81 -13.58 23.33
N VAL G 325 -47.04 -13.06 23.22
CA VAL G 325 -47.32 -12.01 22.25
C VAL G 325 -46.59 -10.73 22.62
N ILE G 326 -46.61 -10.37 23.91
CA ILE G 326 -45.87 -9.18 24.33
C ILE G 326 -44.36 -9.40 24.22
N ALA G 327 -43.91 -10.65 24.35
CA ALA G 327 -42.49 -10.94 24.12
C ALA G 327 -42.11 -10.71 22.67
N ASN G 328 -43.01 -11.01 21.73
CA ASN G 328 -42.74 -10.68 20.34
C ASN G 328 -42.84 -9.19 20.07
N LEU G 329 -43.63 -8.45 20.84
CA LEU G 329 -43.62 -7.00 20.62
C LEU G 329 -42.36 -6.35 21.19
N ILE G 330 -41.77 -6.95 22.23
CA ILE G 330 -40.48 -6.47 22.70
C ILE G 330 -39.37 -6.88 21.74
N ARG G 331 -39.54 -8.02 21.07
CA ARG G 331 -38.58 -8.43 20.03
C ARG G 331 -38.58 -7.47 18.86
N GLY G 332 -39.75 -7.06 18.40
CA GLY G 332 -39.85 -6.23 17.22
C GLY G 332 -39.79 -7.05 15.95
N GLY G 333 -40.28 -6.46 14.86
CA GLY G 333 -40.28 -7.18 13.60
C GLY G 333 -40.93 -6.38 12.50
N VAL G 334 -41.16 -7.08 11.39
CA VAL G 334 -41.80 -6.52 10.20
C VAL G 334 -43.07 -7.32 9.98
N PHE G 335 -44.21 -6.74 10.33
CA PHE G 335 -45.47 -7.45 10.34
C PHE G 335 -46.37 -6.88 9.24
N GLY G 336 -47.37 -7.64 8.86
CA GLY G 336 -48.13 -7.24 7.69
C GLY G 336 -47.56 -7.88 6.44
N GLU G 337 -48.16 -7.54 5.31
CA GLU G 337 -47.77 -8.13 4.02
C GLU G 337 -46.37 -7.71 3.57
N LEU H 5 -59.46 35.15 -15.39
CA LEU H 5 -58.39 34.72 -14.48
C LEU H 5 -58.37 33.20 -14.34
N SER H 6 -57.85 32.52 -15.35
CA SER H 6 -57.63 31.09 -15.24
C SER H 6 -56.29 30.83 -14.56
N THR H 7 -56.15 29.61 -14.02
CA THR H 7 -54.89 29.23 -13.38
C THR H 7 -53.79 29.07 -14.42
N ALA H 8 -52.57 29.36 -14.01
CA ALA H 8 -51.42 29.09 -14.87
C ALA H 8 -51.21 27.60 -14.97
N SER H 9 -51.01 27.12 -16.19
CA SER H 9 -50.82 25.70 -16.40
C SER H 9 -49.42 25.23 -16.04
N VAL H 10 -48.47 26.14 -15.87
CA VAL H 10 -47.11 25.80 -15.48
C VAL H 10 -46.75 26.67 -14.28
N LEU H 11 -46.60 26.04 -13.11
CA LEU H 11 -46.08 26.73 -11.94
C LEU H 11 -44.96 25.89 -11.33
N ALA H 12 -43.98 26.58 -10.77
CA ALA H 12 -42.82 25.91 -10.20
C ALA H 12 -42.19 26.82 -9.17
N PHE H 13 -42.10 26.35 -7.94
CA PHE H 13 -41.49 27.11 -6.86
C PHE H 13 -40.27 26.37 -6.38
N GLU H 14 -39.09 26.99 -6.53
CA GLU H 14 -37.89 26.40 -5.99
C GLU H 14 -37.89 26.56 -4.47
N ARG H 15 -37.20 25.65 -3.80
CA ARG H 15 -37.35 25.54 -2.36
C ARG H 15 -36.51 26.58 -1.64
N LYS H 16 -36.97 26.94 -0.45
CA LYS H 16 -36.18 27.66 0.54
C LYS H 16 -35.87 26.68 1.66
N LEU H 17 -35.01 27.11 2.58
CA LEU H 17 -34.50 26.29 3.70
C LEU H 17 -33.82 25.03 3.16
N ASP H 18 -32.68 25.24 2.51
CA ASP H 18 -31.96 24.16 1.84
C ASP H 18 -30.94 23.53 2.77
N PRO H 19 -31.13 22.28 3.23
CA PRO H 19 -30.14 21.68 4.13
C PRO H 19 -29.06 20.93 3.38
N SER H 20 -28.16 20.27 4.11
CA SER H 20 -27.15 19.41 3.49
C SER H 20 -27.15 18.04 4.17
N ASP H 21 -26.15 17.22 3.87
CA ASP H 21 -26.08 15.90 4.46
C ASP H 21 -25.59 15.98 5.90
N ALA H 22 -25.68 14.86 6.63
CA ALA H 22 -25.64 14.92 8.09
C ALA H 22 -24.30 14.55 8.71
N LEU H 23 -23.56 13.60 8.14
CA LEU H 23 -22.14 13.34 8.46
C LEU H 23 -21.93 12.93 9.92
N MET H 24 -22.42 11.75 10.26
CA MET H 24 -22.31 11.26 11.63
C MET H 24 -20.87 10.92 11.99
N SER H 25 -20.47 11.24 13.22
CA SER H 25 -19.16 10.88 13.75
C SER H 25 -19.26 10.77 15.26
N ALA H 26 -18.52 9.81 15.83
CA ALA H 26 -18.74 9.40 17.21
C ALA H 26 -17.59 9.84 18.10
N GLY H 27 -17.87 9.89 19.39
CA GLY H 27 -16.84 10.26 20.36
C GLY H 27 -17.32 10.10 21.78
N ALA H 28 -16.69 10.81 22.70
CA ALA H 28 -16.96 10.70 24.12
C ALA H 28 -17.55 11.98 24.68
N TRP H 29 -18.52 11.84 25.59
CA TRP H 29 -19.13 12.96 26.28
C TRP H 29 -18.12 13.62 27.21
N ALA H 30 -18.42 14.86 27.59
CA ALA H 30 -17.56 15.77 28.38
C ALA H 30 -16.25 16.09 27.70
N GLN H 31 -16.15 15.81 26.39
CA GLN H 31 -15.10 16.30 25.53
C GLN H 31 -15.69 16.92 24.28
N ARG H 32 -16.99 17.21 24.30
CA ARG H 32 -17.72 17.76 23.18
C ARG H 32 -17.39 19.21 22.91
N ASP H 33 -16.68 19.88 23.82
CA ASP H 33 -16.23 21.24 23.55
C ASP H 33 -15.09 21.27 22.56
N ALA H 34 -14.36 20.17 22.40
CA ALA H 34 -13.30 20.03 21.42
C ALA H 34 -13.70 19.05 20.32
N SER H 35 -14.97 19.10 19.90
CA SER H 35 -15.51 18.13 18.97
C SER H 35 -15.22 18.55 17.53
N GLN H 36 -13.95 18.47 17.18
CA GLN H 36 -13.51 18.80 15.83
C GLN H 36 -12.73 17.68 15.18
N GLU H 37 -11.90 16.97 15.93
CA GLU H 37 -11.11 15.87 15.41
C GLU H 37 -11.71 14.58 15.97
N TRP H 38 -12.76 14.08 15.32
CA TRP H 38 -13.30 12.81 15.74
C TRP H 38 -13.41 11.88 14.54
N PRO H 39 -13.18 10.59 14.74
CA PRO H 39 -13.34 9.65 13.62
C PRO H 39 -14.79 9.48 13.25
N ALA H 40 -15.02 9.15 12.00
CA ALA H 40 -16.37 9.02 11.51
C ALA H 40 -16.91 7.63 11.78
N VAL H 41 -18.23 7.53 11.83
CA VAL H 41 -18.90 6.23 11.97
C VAL H 41 -18.91 5.57 10.60
N THR H 42 -18.25 4.43 10.48
CA THR H 42 -18.16 3.72 9.22
C THR H 42 -19.25 2.67 9.12
N VAL H 43 -19.51 2.25 7.89
CA VAL H 43 -20.55 1.27 7.57
C VAL H 43 -19.86 -0.04 7.24
N ARG H 44 -20.25 -1.11 7.90
CA ARG H 44 -19.62 -2.40 7.68
C ARG H 44 -20.68 -3.46 7.36
N GLU H 45 -20.20 -4.66 7.05
CA GLU H 45 -21.06 -5.76 6.68
C GLU H 45 -21.07 -6.80 7.79
N LYS H 46 -22.19 -7.52 7.89
CA LYS H 46 -22.26 -8.68 8.76
C LYS H 46 -23.35 -9.61 8.25
N SER H 47 -23.10 -10.90 8.31
CA SER H 47 -24.07 -11.88 7.88
C SER H 47 -25.13 -12.07 8.93
N VAL H 48 -26.27 -12.57 8.51
CA VAL H 48 -27.43 -12.75 9.35
C VAL H 48 -28.02 -14.10 9.02
N ARG H 49 -28.04 -14.99 10.00
CA ARG H 49 -28.76 -16.25 9.93
C ARG H 49 -30.02 -16.07 10.76
N GLY H 50 -31.15 -15.97 10.10
CA GLY H 50 -32.40 -15.83 10.80
C GLY H 50 -33.39 -16.86 10.31
N THR H 51 -34.67 -16.63 10.50
CA THR H 51 -35.66 -17.56 10.01
C THR H 51 -36.78 -16.80 9.32
N ILE H 52 -37.37 -17.44 8.32
CA ILE H 52 -38.59 -16.99 7.67
C ILE H 52 -39.70 -16.92 8.69
N SER H 53 -40.15 -15.70 8.98
CA SER H 53 -41.27 -15.52 9.88
C SER H 53 -42.20 -14.40 9.43
N ASN H 54 -42.29 -14.13 8.14
CA ASN H 54 -42.91 -12.90 7.67
C ASN H 54 -44.42 -12.92 7.77
N ARG H 55 -45.10 -13.75 6.98
CA ARG H 55 -46.49 -14.21 7.04
C ARG H 55 -46.68 -15.27 5.98
N LEU H 56 -47.56 -16.24 6.23
CA LEU H 56 -47.75 -17.36 5.31
C LEU H 56 -49.23 -17.60 5.14
N LYS H 57 -49.85 -16.89 4.20
CA LYS H 57 -51.27 -17.04 3.89
C LYS H 57 -51.38 -17.01 2.37
N THR H 58 -51.26 -18.18 1.76
CA THR H 58 -51.21 -18.29 0.31
C THR H 58 -52.20 -19.34 -0.17
N LYS H 59 -52.34 -19.43 -1.50
CA LYS H 59 -53.28 -20.35 -2.12
C LYS H 59 -52.88 -21.80 -1.94
N ASP H 60 -51.59 -22.06 -1.68
CA ASP H 60 -51.13 -23.43 -1.55
C ASP H 60 -51.54 -23.99 -0.20
N ARG H 61 -51.88 -25.27 -0.20
CA ARG H 61 -52.11 -26.03 1.02
C ARG H 61 -51.24 -27.28 1.00
N ASP H 62 -49.98 -27.10 0.66
CA ASP H 62 -49.02 -28.21 0.65
C ASP H 62 -48.13 -28.04 1.86
N PRO H 63 -48.35 -28.82 2.93
CA PRO H 63 -47.52 -28.67 4.13
C PRO H 63 -46.10 -29.16 3.97
N ALA H 64 -45.82 -29.92 2.91
CA ALA H 64 -44.42 -30.22 2.60
C ALA H 64 -43.69 -28.97 2.16
N LYS H 65 -44.38 -28.05 1.47
CA LYS H 65 -43.72 -26.82 1.06
C LYS H 65 -43.64 -25.84 2.21
N LEU H 66 -44.70 -25.72 3.01
CA LEU H 66 -44.70 -24.75 4.09
C LEU H 66 -43.78 -25.19 5.21
N ASP H 67 -43.82 -26.47 5.57
CA ASP H 67 -43.04 -26.95 6.69
C ASP H 67 -41.58 -27.14 6.35
N ALA H 68 -41.20 -27.04 5.09
CA ALA H 68 -39.78 -27.01 4.74
C ALA H 68 -39.22 -25.61 4.76
N SER H 69 -40.06 -24.59 4.86
CA SER H 69 -39.61 -23.21 4.83
C SER H 69 -39.92 -22.48 6.12
N ILE H 70 -40.24 -23.20 7.19
CA ILE H 70 -40.22 -22.65 8.54
C ILE H 70 -39.34 -23.46 9.45
N GLN H 71 -38.65 -24.45 8.89
CA GLN H 71 -37.75 -25.32 9.64
C GLN H 71 -36.35 -25.28 9.07
N SER H 72 -36.02 -24.24 8.31
CA SER H 72 -34.74 -24.13 7.64
C SER H 72 -34.24 -22.71 7.86
N PRO H 73 -32.94 -22.54 8.09
CA PRO H 73 -32.41 -21.20 8.38
C PRO H 73 -32.35 -20.34 7.13
N ASN H 74 -32.01 -19.07 7.34
CA ASN H 74 -32.00 -18.08 6.28
C ASN H 74 -30.73 -17.24 6.36
N LEU H 75 -30.17 -16.91 5.20
CA LEU H 75 -28.86 -16.28 5.14
C LEU H 75 -28.87 -15.03 4.28
N GLN H 76 -28.42 -13.93 4.87
CA GLN H 76 -28.35 -12.60 4.31
C GLN H 76 -27.04 -11.94 4.71
N THR H 77 -26.72 -10.83 4.04
CA THR H 77 -25.64 -9.94 4.46
C THR H 77 -26.23 -8.55 4.60
N VAL H 78 -26.15 -7.97 5.79
CA VAL H 78 -26.67 -6.65 6.02
C VAL H 78 -25.50 -5.70 6.28
N ASP H 79 -25.79 -4.40 6.21
CA ASP H 79 -24.83 -3.37 6.57
C ASP H 79 -25.27 -2.74 7.89
N VAL H 80 -24.33 -2.57 8.81
CA VAL H 80 -24.61 -1.94 10.08
C VAL H 80 -23.63 -0.81 10.30
N ALA H 81 -23.97 0.04 11.26
CA ALA H 81 -23.10 1.13 11.70
C ALA H 81 -23.17 1.17 13.21
N ASN H 82 -22.06 0.86 13.86
CA ASN H 82 -21.98 0.92 15.31
C ASN H 82 -20.96 1.97 15.71
N LEU H 83 -21.09 2.44 16.94
CA LEU H 83 -20.07 3.32 17.50
C LEU H 83 -18.82 2.49 17.81
N PRO H 84 -17.66 3.15 17.97
CA PRO H 84 -16.53 2.46 18.58
C PRO H 84 -16.85 2.06 20.01
N SER H 85 -16.14 1.04 20.50
CA SER H 85 -16.46 0.44 21.79
C SER H 85 -16.12 1.34 22.96
N ASP H 86 -15.29 2.35 22.75
CA ASP H 86 -14.91 3.29 23.81
C ASP H 86 -15.44 4.69 23.52
N ALA H 87 -16.66 4.78 23.00
CA ALA H 87 -17.27 6.05 22.66
C ALA H 87 -18.77 5.92 22.84
N ASP H 88 -19.41 6.96 23.39
CA ASP H 88 -20.83 6.86 23.71
C ASP H 88 -21.67 8.01 23.16
N THR H 89 -21.11 8.93 22.40
CA THR H 89 -21.89 10.02 21.85
C THR H 89 -21.83 10.02 20.33
N LEU H 90 -22.98 10.36 19.75
CA LEU H 90 -23.15 10.55 18.32
C LEU H 90 -23.18 12.03 18.04
N LYS H 91 -22.46 12.43 16.99
CA LYS H 91 -22.38 13.81 16.54
C LYS H 91 -22.91 13.90 15.12
N VAL H 92 -23.90 14.76 14.91
CA VAL H 92 -24.51 14.97 13.60
C VAL H 92 -24.39 16.45 13.27
N ARG H 93 -23.66 16.76 12.20
CA ARG H 93 -23.37 18.14 11.83
C ARG H 93 -23.82 18.43 10.42
N PHE H 94 -24.76 19.35 10.25
CA PHE H 94 -25.15 19.79 8.92
C PHE H 94 -25.24 21.30 8.90
N THR H 95 -25.40 21.86 7.71
CA THR H 95 -25.56 23.30 7.54
C THR H 95 -26.93 23.59 6.93
N LEU H 96 -27.36 24.84 7.04
CA LEU H 96 -28.69 25.22 6.59
C LEU H 96 -28.61 26.63 6.05
N ARG H 97 -28.92 26.80 4.77
CA ARG H 97 -28.94 28.10 4.13
C ARG H 97 -30.38 28.55 3.98
N VAL H 98 -30.73 29.66 4.63
CA VAL H 98 -32.11 30.13 4.61
C VAL H 98 -32.23 31.16 3.50
N LEU H 99 -32.83 30.76 2.39
CA LEU H 99 -32.96 31.67 1.27
C LEU H 99 -34.12 32.63 1.50
N GLY H 100 -34.18 33.68 0.69
CA GLY H 100 -35.23 34.66 0.82
C GLY H 100 -35.97 34.92 -0.47
N GLY H 101 -37.14 35.54 -0.37
CA GLY H 101 -37.91 35.86 -1.55
C GLY H 101 -38.90 34.78 -1.91
N ALA H 102 -39.66 34.32 -0.92
CA ALA H 102 -40.67 33.32 -1.17
C ALA H 102 -41.86 33.92 -1.90
N GLY H 103 -42.63 33.07 -2.56
CA GLY H 103 -43.81 33.48 -3.28
C GLY H 103 -43.57 33.78 -4.75
N THR H 104 -42.38 34.24 -5.10
CA THR H 104 -42.06 34.49 -6.49
C THR H 104 -41.78 33.17 -7.21
N PRO H 105 -42.57 32.80 -8.22
CA PRO H 105 -42.38 31.49 -8.84
C PRO H 105 -41.15 31.46 -9.73
N SER H 106 -40.57 30.27 -9.85
CA SER H 106 -39.41 30.11 -10.70
C SER H 106 -39.77 30.11 -12.18
N ALA H 107 -40.96 29.61 -12.52
CA ALA H 107 -41.39 29.55 -13.91
C ALA H 107 -42.91 29.56 -13.92
N CYS H 108 -43.48 30.66 -14.38
CA CYS H 108 -44.92 30.80 -14.47
C CYS H 108 -45.37 30.58 -15.90
N ASN H 109 -46.65 30.83 -16.17
CA ASN H 109 -47.21 30.68 -17.49
C ASN H 109 -48.11 31.84 -17.87
N ASP H 110 -48.45 32.71 -16.94
CA ASP H 110 -49.35 33.83 -17.18
C ASP H 110 -48.73 35.08 -16.60
N ALA H 111 -49.11 36.23 -17.15
CA ALA H 111 -48.62 37.50 -16.62
C ALA H 111 -49.54 38.08 -15.57
N ALA H 112 -50.86 37.95 -15.75
CA ALA H 112 -51.79 38.49 -14.78
C ALA H 112 -51.86 37.64 -13.53
N TYR H 113 -51.78 36.31 -13.69
CA TYR H 113 -51.86 35.40 -12.56
C TYR H 113 -50.64 35.53 -11.66
N ARG H 114 -49.48 35.81 -12.25
CA ARG H 114 -48.27 36.02 -11.46
C ARG H 114 -48.35 37.30 -10.65
N ASP H 115 -48.92 38.35 -11.22
CA ASP H 115 -49.04 39.62 -10.51
C ASP H 115 -50.08 39.55 -9.40
N LYS H 116 -51.18 38.83 -9.66
CA LYS H 116 -52.17 38.58 -8.61
C LYS H 116 -51.58 37.76 -7.48
N LEU H 117 -50.73 36.78 -7.81
CA LEU H 117 -50.08 35.97 -6.79
C LEU H 117 -49.11 36.78 -5.95
N LEU H 118 -48.31 37.64 -6.58
CA LEU H 118 -47.35 38.45 -5.84
C LEU H 118 -48.05 39.51 -4.99
N GLN H 119 -49.17 40.06 -5.46
CA GLN H 119 -49.95 40.96 -4.61
C GLN H 119 -50.58 40.22 -3.44
N THR H 120 -50.95 38.96 -3.63
CA THR H 120 -51.54 38.19 -2.53
C THR H 120 -50.49 37.87 -1.46
N VAL H 121 -49.31 37.41 -1.88
CA VAL H 121 -48.26 37.07 -0.93
C VAL H 121 -47.73 38.31 -0.23
N ALA H 122 -47.53 39.40 -0.98
CA ALA H 122 -47.09 40.66 -0.37
C ALA H 122 -48.14 41.24 0.55
N THR H 123 -49.41 41.00 0.24
CA THR H 123 -50.50 41.37 1.15
C THR H 123 -50.40 40.57 2.45
N TYR H 124 -50.09 39.27 2.34
CA TYR H 124 -49.92 38.44 3.52
C TYR H 124 -48.78 38.92 4.40
N VAL H 125 -47.62 39.16 3.80
CA VAL H 125 -46.43 39.53 4.56
C VAL H 125 -46.61 40.92 5.17
N ASN H 126 -47.28 41.84 4.45
CA ASN H 126 -47.51 43.16 5.02
C ASN H 126 -48.57 43.14 6.10
N ASP H 127 -49.52 42.20 6.05
CA ASP H 127 -50.48 42.11 7.13
C ASP H 127 -49.87 41.49 8.38
N GLN H 128 -49.12 40.40 8.21
CA GLN H 128 -48.43 39.77 9.32
C GLN H 128 -47.15 39.13 8.82
N GLY H 129 -46.11 39.14 9.64
CA GLY H 129 -44.79 38.76 9.20
C GLY H 129 -44.63 37.25 9.07
N PHE H 130 -43.37 36.84 8.97
CA PHE H 130 -42.99 35.44 8.98
C PHE H 130 -42.68 34.93 10.37
N ALA H 131 -43.34 35.50 11.39
CA ALA H 131 -42.98 35.20 12.78
C ALA H 131 -43.41 33.82 13.21
N GLU H 132 -44.62 33.40 12.85
CA GLU H 132 -45.16 32.12 13.31
C GLU H 132 -44.39 30.95 12.71
N LEU H 133 -44.13 31.00 11.41
CA LEU H 133 -43.42 29.92 10.75
C LEU H 133 -41.97 29.85 11.20
N ALA H 134 -41.35 31.00 11.47
CA ALA H 134 -39.99 30.98 11.98
C ALA H 134 -39.95 30.48 13.42
N ARG H 135 -41.02 30.70 14.19
CA ARG H 135 -41.09 30.11 15.53
C ARG H 135 -41.16 28.59 15.46
N ARG H 136 -42.01 28.06 14.59
CA ARG H 136 -42.15 26.60 14.51
C ARG H 136 -40.91 25.94 13.91
N TYR H 137 -40.29 26.58 12.92
CA TYR H 137 -39.02 26.09 12.38
C TYR H 137 -37.92 26.16 13.42
N ALA H 138 -37.91 27.20 14.24
CA ALA H 138 -36.94 27.30 15.33
C ALA H 138 -37.19 26.25 16.40
N HIS H 139 -38.44 25.80 16.56
CA HIS H 139 -38.68 24.67 17.44
C HIS H 139 -38.14 23.39 16.85
N ASN H 140 -38.33 23.16 15.56
CA ASN H 140 -37.80 21.92 14.99
C ASN H 140 -36.28 21.93 14.84
N LEU H 141 -35.63 23.08 14.93
CA LEU H 141 -34.19 23.09 15.15
C LEU H 141 -33.83 23.03 16.62
N ALA H 142 -34.74 23.39 17.51
CA ALA H 142 -34.43 23.42 18.93
C ALA H 142 -34.32 22.01 19.50
N ASN H 143 -35.41 21.25 19.48
CA ASN H 143 -35.27 19.84 19.76
C ASN H 143 -34.71 19.14 18.54
N ALA H 144 -34.00 18.05 18.76
CA ALA H 144 -33.26 17.43 17.67
C ALA H 144 -34.12 16.41 16.94
N ARG H 145 -35.22 16.89 16.37
CA ARG H 145 -36.12 16.01 15.64
C ARG H 145 -35.47 15.47 14.37
N PHE H 146 -34.56 16.24 13.76
CA PHE H 146 -33.76 15.74 12.66
C PHE H 146 -32.88 14.58 13.08
N LEU H 147 -32.45 14.58 14.33
CA LEU H 147 -31.70 13.48 14.89
C LEU H 147 -32.58 12.44 15.55
N TRP H 148 -33.81 12.80 15.94
CA TRP H 148 -34.66 11.95 16.78
C TRP H 148 -35.31 10.78 16.05
N ARG H 149 -34.73 10.38 14.93
CA ARG H 149 -34.84 9.02 14.48
C ARG H 149 -33.92 8.13 15.32
N ASN H 150 -32.89 8.74 15.93
CA ASN H 150 -32.11 8.21 17.03
C ASN H 150 -32.56 8.76 18.38
N ARG H 151 -33.87 8.99 18.55
CA ARG H 151 -34.39 9.51 19.81
C ARG H 151 -34.26 8.50 20.93
N VAL H 152 -34.74 7.28 20.66
CA VAL H 152 -35.32 6.41 21.67
C VAL H 152 -34.22 5.94 22.62
N GLY H 153 -34.28 6.42 23.86
CA GLY H 153 -33.29 6.06 24.83
C GLY H 153 -31.99 6.83 24.69
N ALA H 154 -32.07 8.14 24.87
CA ALA H 154 -30.89 8.98 24.95
C ALA H 154 -30.89 9.69 26.30
N GLU H 155 -29.74 9.68 26.97
CA GLU H 155 -29.66 10.30 28.28
C GLU H 155 -29.67 11.82 28.18
N ALA H 156 -28.97 12.37 27.20
CA ALA H 156 -28.88 13.81 27.05
C ALA H 156 -28.61 14.12 25.59
N VAL H 157 -29.40 15.05 25.03
CA VAL H 157 -29.24 15.49 23.66
C VAL H 157 -28.99 16.99 23.69
N GLU H 158 -27.83 17.41 23.19
CA GLU H 158 -27.44 18.82 23.21
C GLU H 158 -27.30 19.33 21.79
N VAL H 159 -27.95 20.45 21.49
CA VAL H 159 -27.96 21.04 20.16
C VAL H 159 -27.24 22.38 20.22
N ARG H 160 -26.26 22.57 19.33
CA ARG H 160 -25.50 23.81 19.24
C ARG H 160 -25.70 24.39 17.85
N ILE H 161 -26.18 25.63 17.78
CA ILE H 161 -26.52 26.29 16.53
C ILE H 161 -25.66 27.54 16.40
N ASN H 162 -24.94 27.65 15.30
CA ASN H 162 -24.09 28.81 15.07
C ASN H 162 -24.59 29.60 13.88
N HIS H 163 -24.51 30.92 13.99
CA HIS H 163 -24.75 31.81 12.86
C HIS H 163 -23.40 32.15 12.24
N ILE H 164 -23.28 31.94 10.94
CA ILE H 164 -22.03 32.19 10.23
C ILE H 164 -22.23 33.36 9.28
N ARG H 165 -21.51 34.44 9.53
CA ARG H 165 -21.57 35.67 8.75
C ARG H 165 -20.33 35.87 7.90
N GLN H 166 -19.18 35.50 8.44
CA GLN H 166 -17.90 35.50 7.74
C GLN H 166 -17.23 34.20 8.16
N GLY H 167 -15.91 34.11 8.03
CA GLY H 167 -15.20 33.02 8.68
C GLY H 167 -15.40 32.98 10.19
N GLU H 168 -15.68 34.13 10.82
CA GLU H 168 -15.96 34.21 12.24
C GLU H 168 -17.44 33.90 12.50
N VAL H 169 -17.69 33.21 13.62
CA VAL H 169 -19.05 32.96 14.07
C VAL H 169 -19.66 34.25 14.62
N ALA H 170 -20.86 34.57 14.15
CA ALA H 170 -21.54 35.78 14.61
C ALA H 170 -22.16 35.59 15.99
N ARG H 171 -23.06 34.62 16.12
CA ARG H 171 -23.79 34.40 17.36
C ARG H 171 -24.05 32.92 17.55
N ALA H 172 -23.82 32.41 18.76
CA ALA H 172 -23.92 31.00 19.06
C ALA H 172 -25.04 30.74 20.06
N TRP H 173 -25.78 29.65 19.85
CA TRP H 173 -26.81 29.17 20.73
C TRP H 173 -26.48 27.75 21.19
N ARG H 174 -26.81 27.43 22.42
CA ARG H 174 -26.74 26.07 22.93
C ARG H 174 -28.05 25.73 23.62
N PHE H 175 -28.66 24.62 23.23
CA PHE H 175 -29.97 24.23 23.69
C PHE H 175 -29.91 22.92 24.45
N ASP H 176 -31.10 22.41 24.80
CA ASP H 176 -31.23 21.13 25.49
C ASP H 176 -32.51 20.50 24.95
N ALA H 177 -32.35 19.50 24.10
CA ALA H 177 -33.47 19.00 23.31
C ALA H 177 -34.47 18.18 24.11
N LEU H 178 -34.07 17.60 25.23
CA LEU H 178 -35.02 16.79 25.98
C LEU H 178 -35.95 17.63 26.83
N ALA H 179 -35.50 18.80 27.28
CA ALA H 179 -36.38 19.69 28.01
C ALA H 179 -37.40 20.34 27.09
N ILE H 180 -36.98 20.71 25.89
CA ILE H 180 -37.90 21.25 24.90
C ILE H 180 -38.77 20.13 24.37
N GLY H 181 -40.09 20.33 24.41
CA GLY H 181 -41.01 19.27 24.09
C GLY H 181 -41.03 18.92 22.62
N LEU H 182 -41.62 17.76 22.34
CA LEU H 182 -41.81 17.30 20.98
C LEU H 182 -43.14 17.78 20.39
N ARG H 183 -44.16 17.97 21.21
CA ARG H 183 -45.48 18.33 20.72
C ARG H 183 -45.95 19.71 21.14
N ASP H 184 -45.22 20.41 22.01
CA ASP H 184 -45.68 21.67 22.58
C ASP H 184 -44.78 22.79 22.08
N PHE H 185 -45.37 23.76 21.39
CA PHE H 185 -44.64 24.91 20.88
C PHE H 185 -44.80 26.07 21.86
N LYS H 186 -44.06 25.99 22.95
CA LYS H 186 -44.08 27.01 23.99
C LYS H 186 -42.89 27.95 23.82
N ALA H 187 -43.15 29.24 24.01
CA ALA H 187 -42.18 30.27 23.65
C ALA H 187 -41.00 30.30 24.63
N ASP H 188 -39.96 31.02 24.22
CA ASP H 188 -38.73 31.18 24.97
C ASP H 188 -37.99 32.37 24.37
N ALA H 189 -37.10 32.97 25.17
CA ALA H 189 -36.37 34.15 24.72
C ALA H 189 -35.38 33.81 23.63
N GLU H 190 -34.62 32.73 23.81
CA GLU H 190 -33.61 32.33 22.83
C GLU H 190 -34.25 31.87 21.53
N LEU H 191 -35.38 31.17 21.63
CA LEU H 191 -36.12 30.79 20.45
C LEU H 191 -36.77 32.00 19.78
N ASP H 192 -37.03 33.07 20.52
CA ASP H 192 -37.47 34.29 19.87
C ASP H 192 -36.32 34.97 19.16
N ALA H 193 -35.09 34.85 19.67
CA ALA H 193 -33.94 35.40 18.95
C ALA H 193 -33.67 34.64 17.66
N LEU H 194 -33.71 33.30 17.74
CA LEU H 194 -33.49 32.47 16.56
C LEU H 194 -34.64 32.63 15.56
N ALA H 195 -35.85 32.82 16.05
CA ALA H 195 -36.98 33.06 15.17
C ALA H 195 -36.90 34.43 14.52
N GLU H 196 -36.31 35.41 15.20
CA GLU H 196 -36.05 36.68 14.54
C GLU H 196 -34.97 36.56 13.47
N LEU H 197 -33.99 35.67 13.67
CA LEU H 197 -32.98 35.48 12.65
C LEU H 197 -33.54 34.78 11.41
N ILE H 198 -34.32 33.72 11.61
CA ILE H 198 -34.90 32.99 10.50
C ILE H 198 -35.95 33.82 9.79
N ALA H 199 -36.78 34.55 10.55
CA ALA H 199 -37.78 35.42 9.95
C ALA H 199 -37.13 36.60 9.23
N SER H 200 -35.97 37.05 9.70
CA SER H 200 -35.22 38.03 8.94
C SER H 200 -34.59 37.44 7.70
N GLY H 201 -34.38 36.12 7.68
CA GLY H 201 -33.84 35.48 6.50
C GLY H 201 -34.86 35.24 5.41
N LEU H 202 -36.06 34.78 5.78
CA LEU H 202 -37.07 34.46 4.78
C LEU H 202 -37.68 35.68 4.14
N SER H 203 -37.61 36.85 4.79
CA SER H 203 -38.15 38.06 4.21
C SER H 203 -37.18 38.77 3.27
N GLY H 204 -36.01 38.18 3.03
CA GLY H 204 -35.05 38.77 2.12
C GLY H 204 -34.27 39.93 2.69
N SER H 205 -34.27 40.11 4.01
CA SER H 205 -33.59 41.23 4.63
C SER H 205 -32.11 40.96 4.89
N GLY H 206 -31.59 39.81 4.49
CA GLY H 206 -30.19 39.51 4.70
C GLY H 206 -29.89 38.09 4.30
N HIS H 207 -28.65 37.68 4.56
CA HIS H 207 -28.18 36.34 4.25
C HIS H 207 -28.02 35.56 5.54
N VAL H 208 -28.58 34.35 5.58
CA VAL H 208 -28.59 33.54 6.79
C VAL H 208 -28.00 32.17 6.47
N LEU H 209 -26.87 31.86 7.09
CA LEU H 209 -26.24 30.55 7.01
C LEU H 209 -26.01 30.04 8.42
N LEU H 210 -26.59 28.90 8.73
CA LEU H 210 -26.53 28.31 10.06
C LEU H 210 -25.75 27.02 10.03
N GLU H 211 -25.03 26.74 11.12
CA GLU H 211 -24.32 25.48 11.31
C GLU H 211 -24.93 24.77 12.50
N VAL H 212 -25.53 23.62 12.28
CA VAL H 212 -26.24 22.89 13.32
C VAL H 212 -25.44 21.64 13.67
N VAL H 213 -25.12 21.49 14.95
CA VAL H 213 -24.38 20.35 15.47
C VAL H 213 -25.20 19.74 16.60
N ALA H 214 -25.39 18.43 16.58
CA ALA H 214 -26.21 17.77 17.58
C ALA H 214 -25.47 16.59 18.20
N PHE H 215 -25.62 16.44 19.51
CA PHE H 215 -24.90 15.49 20.35
C PHE H 215 -25.90 14.59 21.06
N ALA H 216 -25.63 13.29 21.06
CA ALA H 216 -26.53 12.36 21.73
C ALA H 216 -25.72 11.32 22.48
N ARG H 217 -26.17 10.94 23.68
CA ARG H 217 -25.57 9.83 24.42
C ARG H 217 -26.46 8.61 24.26
N ILE H 218 -25.93 7.57 23.61
CA ILE H 218 -26.74 6.37 23.43
C ILE H 218 -26.02 5.16 23.99
N GLY H 219 -24.77 5.29 24.33
CA GLY H 219 -24.04 4.25 25.01
C GLY H 219 -22.83 3.75 24.22
N ASP H 220 -22.02 2.95 24.90
CA ASP H 220 -20.81 2.43 24.30
C ASP H 220 -21.14 1.32 23.31
N GLY H 221 -20.63 1.45 22.09
CA GLY H 221 -20.75 0.39 21.11
C GLY H 221 -22.15 0.13 20.57
N GLN H 222 -23.09 1.04 20.79
CA GLN H 222 -24.46 0.85 20.35
C GLN H 222 -24.57 1.09 18.85
N GLU H 223 -25.80 1.05 18.35
CA GLU H 223 -26.05 1.12 16.91
C GLU H 223 -26.65 2.47 16.54
N VAL H 224 -26.11 3.09 15.50
CA VAL H 224 -26.65 4.31 14.95
C VAL H 224 -27.38 4.00 13.64
N PHE H 225 -28.17 4.95 13.17
CA PHE H 225 -29.13 4.72 12.09
C PHE H 225 -28.91 5.71 10.96
N PRO H 226 -28.09 5.35 9.97
CA PRO H 226 -28.04 6.12 8.72
C PRO H 226 -29.22 5.77 7.82
N SER H 227 -29.25 6.30 6.59
CA SER H 227 -30.51 6.35 5.84
C SER H 227 -30.41 5.85 4.41
N GLN H 228 -30.65 4.54 4.20
CA GLN H 228 -30.98 3.94 2.91
C GLN H 228 -31.38 2.51 3.18
N GLU H 229 -32.23 1.94 2.32
CA GLU H 229 -32.50 0.50 2.28
C GLU H 229 -32.68 -0.02 0.84
N LEU H 230 -32.10 0.65 -0.17
CA LEU H 230 -32.69 0.66 -1.51
C LEU H 230 -32.50 -0.64 -2.30
N ILE H 231 -31.24 -0.98 -2.58
CA ILE H 231 -30.79 -1.20 -3.97
C ILE H 231 -31.29 -2.44 -4.66
N LEU H 232 -31.28 -3.57 -3.96
CA LEU H 232 -31.67 -4.83 -4.59
C LEU H 232 -33.18 -5.00 -4.72
N ASP H 233 -33.97 -4.02 -4.28
CA ASP H 233 -35.34 -3.85 -4.74
C ASP H 233 -35.39 -3.02 -6.03
N LYS H 234 -34.52 -2.01 -6.14
CA LYS H 234 -34.50 -1.16 -7.33
C LYS H 234 -34.03 -1.92 -8.56
N GLY H 235 -33.15 -2.91 -8.37
CA GLY H 235 -32.86 -3.88 -9.40
C GLY H 235 -33.95 -4.93 -9.41
N ASP H 236 -35.11 -4.58 -9.97
CA ASP H 236 -36.33 -5.35 -9.78
C ASP H 236 -36.46 -6.44 -10.84
N LYS H 237 -35.42 -7.27 -10.94
CA LYS H 237 -35.46 -8.42 -11.83
C LYS H 237 -35.36 -9.73 -11.06
N LYS H 238 -34.29 -9.95 -10.30
CA LYS H 238 -34.01 -11.27 -9.76
C LYS H 238 -34.71 -11.51 -8.43
N GLY H 239 -34.53 -10.60 -7.48
CA GLY H 239 -35.19 -10.77 -6.20
C GLY H 239 -34.24 -10.96 -5.05
N GLN H 240 -33.00 -10.50 -5.22
CA GLN H 240 -32.09 -10.43 -4.08
C GLN H 240 -32.61 -9.38 -3.10
N LYS H 241 -32.47 -9.65 -1.79
CA LYS H 241 -33.14 -8.89 -0.74
C LYS H 241 -32.18 -8.66 0.43
N SER H 242 -31.51 -7.51 0.46
CA SER H 242 -30.59 -7.17 1.56
C SER H 242 -30.66 -5.66 1.79
N LYS H 243 -29.64 -5.12 2.47
CA LYS H 243 -29.69 -3.85 3.18
C LYS H 243 -28.41 -3.09 2.94
N THR H 244 -28.49 -1.99 2.21
CA THR H 244 -27.39 -1.05 2.09
C THR H 244 -27.63 0.13 3.01
N LEU H 245 -26.60 0.97 3.14
CA LEU H 245 -26.71 2.18 3.94
C LEU H 245 -26.02 3.30 3.19
N TYR H 246 -26.62 4.49 3.26
CA TYR H 246 -26.09 5.65 2.56
C TYR H 246 -24.80 6.12 3.18
N SER H 247 -23.85 6.52 2.35
CA SER H 247 -22.59 7.01 2.84
C SER H 247 -22.08 8.10 1.91
N VAL H 248 -21.07 8.79 2.40
CA VAL H 248 -20.30 9.79 1.69
C VAL H 248 -18.90 9.19 1.70
N ARG H 249 -17.87 9.99 1.42
CA ARG H 249 -16.54 9.43 1.37
C ARG H 249 -16.11 8.94 2.76
N ASP H 250 -16.39 7.65 2.98
CA ASP H 250 -16.00 6.87 4.16
C ASP H 250 -16.59 7.45 5.46
N ALA H 251 -17.90 7.69 5.45
CA ALA H 251 -18.64 8.14 6.62
C ALA H 251 -20.11 7.86 6.40
N ALA H 252 -20.79 7.43 7.46
CA ALA H 252 -22.23 7.22 7.37
C ALA H 252 -22.94 8.56 7.49
N ALA H 253 -24.01 8.74 6.71
CA ALA H 253 -24.68 10.02 6.66
C ALA H 253 -26.17 9.81 6.44
N ILE H 254 -26.92 10.89 6.59
CA ILE H 254 -28.36 10.90 6.37
C ILE H 254 -28.62 11.74 5.12
N HIS H 255 -29.62 11.36 4.34
CA HIS H 255 -30.05 12.13 3.19
C HIS H 255 -30.53 13.51 3.62
N SER H 256 -30.46 14.45 2.69
CA SER H 256 -30.81 15.82 3.03
C SER H 256 -32.32 16.01 3.14
N GLN H 257 -33.10 15.24 2.40
CA GLN H 257 -34.55 15.43 2.45
C GLN H 257 -35.19 14.80 3.68
N LYS H 258 -34.49 13.94 4.42
CA LYS H 258 -35.01 13.56 5.73
C LYS H 258 -34.86 14.69 6.72
N ILE H 259 -33.75 15.43 6.63
CA ILE H 259 -33.57 16.58 7.50
C ILE H 259 -34.55 17.68 7.15
N GLY H 260 -34.79 17.87 5.85
CA GLY H 260 -35.81 18.83 5.43
C GLY H 260 -37.21 18.40 5.85
N ASN H 261 -37.48 17.10 5.78
CA ASN H 261 -38.75 16.57 6.26
C ASN H 261 -38.93 16.82 7.74
N ALA H 262 -37.86 16.68 8.52
CA ALA H 262 -37.97 16.96 9.93
C ALA H 262 -38.10 18.45 10.21
N LEU H 263 -37.60 19.30 9.34
CA LEU H 263 -37.84 20.73 9.53
C LEU H 263 -39.22 21.16 9.09
N ARG H 264 -39.93 20.36 8.29
CA ARG H 264 -41.24 20.77 7.80
C ARG H 264 -42.40 20.18 8.60
N THR H 265 -42.17 19.60 9.78
CA THR H 265 -43.27 19.08 10.58
C THR H 265 -43.75 20.18 11.52
N ILE H 266 -44.56 21.08 10.97
CA ILE H 266 -45.11 22.21 11.70
C ILE H 266 -46.63 22.25 11.64
N ASP H 267 -47.26 21.30 10.97
CA ASP H 267 -48.69 21.37 10.65
C ASP H 267 -49.49 20.77 11.79
N THR H 268 -50.25 21.59 12.52
CA THR H 268 -51.01 21.14 13.67
C THR H 268 -52.51 21.38 13.53
N TRP H 269 -53.03 21.52 12.32
CA TRP H 269 -54.43 21.88 12.15
C TRP H 269 -55.21 20.83 11.38
N TYR H 270 -54.71 20.41 10.26
CA TYR H 270 -55.33 19.43 9.39
C TYR H 270 -55.45 17.98 9.89
N PRO H 271 -54.62 17.45 10.81
CA PRO H 271 -54.97 16.16 11.41
C PRO H 271 -56.32 16.13 12.13
N ASP H 272 -56.84 17.29 12.57
CA ASP H 272 -58.21 17.48 13.05
C ASP H 272 -58.55 16.61 14.26
N GLU H 273 -57.52 16.18 14.99
CA GLU H 273 -57.69 15.29 16.13
C GLU H 273 -56.70 15.72 17.20
N ASP H 274 -57.21 16.00 18.39
CA ASP H 274 -56.36 16.37 19.51
C ASP H 274 -55.63 15.12 20.02
N GLY H 275 -54.31 15.22 20.15
CA GLY H 275 -53.51 14.13 20.65
C GLY H 275 -52.45 13.68 19.68
N LEU H 276 -52.79 13.63 18.40
CA LEU H 276 -51.79 13.37 17.37
C LEU H 276 -51.00 14.64 17.11
N GLY H 277 -49.68 14.50 17.04
CA GLY H 277 -48.81 15.65 16.97
C GLY H 277 -48.77 16.32 15.61
N PRO H 278 -47.75 17.14 15.39
CA PRO H 278 -47.60 17.80 14.09
C PRO H 278 -47.20 16.81 13.00
N ILE H 279 -47.65 17.09 11.79
CA ILE H 279 -47.26 16.31 10.62
C ILE H 279 -46.52 17.22 9.66
N ALA H 280 -45.93 16.61 8.64
CA ALA H 280 -45.18 17.37 7.65
C ALA H 280 -46.13 18.11 6.71
N VAL H 281 -45.61 19.16 6.09
CA VAL H 281 -46.42 20.03 5.25
C VAL H 281 -46.33 19.50 3.83
N GLU H 282 -47.40 18.85 3.38
CA GLU H 282 -47.52 18.38 2.01
C GLU H 282 -48.73 19.07 1.40
N PRO H 283 -48.92 19.04 0.08
CA PRO H 283 -50.17 19.60 -0.48
C PRO H 283 -51.42 18.88 -0.02
N TYR H 284 -51.43 17.56 -0.07
CA TYR H 284 -52.45 16.79 0.61
C TYR H 284 -51.95 16.51 2.01
N GLY H 285 -52.66 15.69 2.77
CA GLY H 285 -52.26 15.46 4.14
C GLY H 285 -51.54 14.15 4.30
N SER H 286 -50.71 13.79 3.32
CA SER H 286 -50.23 12.44 3.20
C SER H 286 -49.13 12.15 4.20
N VAL H 287 -49.29 11.04 4.92
CA VAL H 287 -48.25 10.50 5.78
C VAL H 287 -47.98 9.08 5.31
N THR H 288 -46.73 8.79 4.94
CA THR H 288 -46.41 7.52 4.31
C THR H 288 -46.41 6.38 5.34
N SER H 289 -45.82 6.63 6.50
CA SER H 289 -45.74 5.62 7.56
C SER H 289 -47.01 5.52 8.39
N GLN H 290 -48.10 6.12 7.94
CA GLN H 290 -49.42 5.89 8.51
C GLN H 290 -50.46 5.54 7.46
N GLY H 291 -50.16 5.75 6.18
CA GLY H 291 -51.06 5.39 5.10
C GLY H 291 -52.36 6.15 5.08
N LYS H 292 -52.34 7.44 5.41
CA LYS H 292 -53.57 8.19 5.49
C LYS H 292 -53.30 9.63 5.11
N ALA H 293 -54.16 10.18 4.25
CA ALA H 293 -54.09 11.57 3.85
C ALA H 293 -55.06 12.38 4.69
N TYR H 294 -54.55 13.31 5.47
CA TYR H 294 -55.38 14.10 6.37
C TYR H 294 -56.03 15.29 5.67
N ARG H 295 -55.75 15.50 4.39
CA ARG H 295 -56.28 16.62 3.62
C ARG H 295 -56.80 16.05 2.31
N GLN H 296 -57.99 15.64 2.30
CA GLN H 296 -58.47 15.12 1.04
C GLN H 296 -59.31 16.18 0.31
N PRO H 297 -59.35 16.15 -1.03
CA PRO H 297 -60.15 17.15 -1.74
C PRO H 297 -61.66 16.94 -1.66
N LYS H 298 -62.13 15.89 -0.98
CA LYS H 298 -63.54 15.83 -0.60
C LYS H 298 -63.87 16.97 0.36
N GLN H 299 -63.01 17.19 1.35
CA GLN H 299 -63.06 18.40 2.14
C GLN H 299 -62.51 19.56 1.33
N LYS H 300 -62.68 20.77 1.85
CA LYS H 300 -62.10 21.95 1.24
C LYS H 300 -60.78 22.33 1.88
N LEU H 301 -60.18 21.42 2.64
CA LEU H 301 -58.91 21.65 3.30
C LEU H 301 -57.83 21.00 2.44
N ASP H 302 -57.21 21.81 1.58
CA ASP H 302 -56.25 21.32 0.62
C ASP H 302 -55.42 22.52 0.17
N PHE H 303 -54.22 22.25 -0.33
CA PHE H 303 -53.41 23.35 -0.82
C PHE H 303 -53.95 23.93 -2.13
N TYR H 304 -54.36 23.05 -3.04
CA TYR H 304 -54.82 23.50 -4.35
C TYR H 304 -56.14 24.24 -4.25
N THR H 305 -57.02 23.76 -3.37
CA THR H 305 -58.33 24.37 -3.21
C THR H 305 -58.23 25.74 -2.55
N LEU H 306 -57.43 25.85 -1.50
CA LEU H 306 -57.27 27.14 -0.82
C LEU H 306 -56.48 28.12 -1.67
N LEU H 307 -55.52 27.64 -2.45
CA LEU H 307 -54.76 28.54 -3.33
C LEU H 307 -55.63 29.05 -4.45
N ASP H 308 -56.49 28.20 -5.01
CA ASP H 308 -57.42 28.65 -6.05
C ASP H 308 -58.45 29.61 -5.48
N ASN H 309 -58.99 29.30 -4.31
CA ASN H 309 -60.01 30.15 -3.73
C ASN H 309 -59.47 31.42 -3.11
N TRP H 310 -58.15 31.55 -2.96
CA TRP H 310 -57.58 32.74 -2.36
C TRP H 310 -56.80 33.61 -3.33
N VAL H 311 -56.36 33.06 -4.46
CA VAL H 311 -55.75 33.90 -5.49
C VAL H 311 -56.79 34.39 -6.49
N LEU H 312 -57.61 33.47 -7.01
CA LEU H 312 -58.53 33.85 -8.08
C LEU H 312 -59.76 34.58 -7.56
N ARG H 313 -60.44 33.97 -6.59
CA ARG H 313 -61.76 34.41 -6.17
C ARG H 313 -61.72 35.34 -4.96
N ASP H 314 -60.53 35.66 -4.47
CA ASP H 314 -60.27 36.59 -3.36
C ASP H 314 -60.98 36.18 -2.06
N GLU H 315 -61.29 34.91 -1.89
CA GLU H 315 -61.93 34.42 -0.67
C GLU H 315 -60.82 34.03 0.29
N ALA H 316 -60.53 34.89 1.25
CA ALA H 316 -59.45 34.63 2.18
C ALA H 316 -59.87 33.55 3.17
N PRO H 317 -59.05 32.52 3.37
CA PRO H 317 -59.38 31.51 4.38
C PRO H 317 -59.07 31.99 5.79
N ALA H 318 -59.10 31.08 6.75
CA ALA H 318 -58.70 31.41 8.11
C ALA H 318 -57.20 31.71 8.18
N VAL H 319 -56.75 32.18 9.34
CA VAL H 319 -55.40 32.68 9.48
C VAL H 319 -54.38 31.54 9.39
N GLU H 320 -54.63 30.45 10.12
CA GLU H 320 -53.68 29.36 10.14
C GLU H 320 -53.70 28.56 8.85
N GLN H 321 -54.80 28.64 8.10
CA GLN H 321 -54.83 28.10 6.75
C GLN H 321 -53.91 28.89 5.84
N GLN H 322 -53.83 30.21 6.04
CA GLN H 322 -52.89 31.02 5.28
C GLN H 322 -51.46 30.68 5.67
N HIS H 323 -51.24 30.35 6.95
CA HIS H 323 -49.93 29.83 7.37
C HIS H 323 -49.60 28.52 6.67
N TYR H 324 -50.61 27.68 6.42
CA TYR H 324 -50.38 26.44 5.68
C TYR H 324 -49.98 26.70 4.23
N VAL H 325 -50.70 27.63 3.57
CA VAL H 325 -50.43 27.89 2.16
C VAL H 325 -49.06 28.52 1.96
N ILE H 326 -48.70 29.47 2.83
CA ILE H 326 -47.36 30.06 2.73
C ILE H 326 -46.29 29.04 3.13
N ALA H 327 -46.63 28.09 4.00
CA ALA H 327 -45.69 27.01 4.31
C ALA H 327 -45.44 26.13 3.09
N ASN H 328 -46.46 25.91 2.27
CA ASN H 328 -46.22 25.18 1.02
C ASN H 328 -45.47 26.02 0.00
N LEU H 329 -45.59 27.35 0.04
CA LEU H 329 -44.77 28.13 -0.88
C LEU H 329 -43.30 28.18 -0.44
N ILE H 330 -43.04 28.05 0.86
CA ILE H 330 -41.66 27.93 1.31
C ILE H 330 -41.13 26.53 1.01
N ARG H 331 -42.01 25.53 1.02
CA ARG H 331 -41.61 24.18 0.62
C ARG H 331 -41.20 24.12 -0.85
N GLY H 332 -41.97 24.75 -1.73
CA GLY H 332 -41.72 24.66 -3.15
C GLY H 332 -42.30 23.40 -3.75
N GLY H 333 -42.49 23.43 -5.06
CA GLY H 333 -43.07 22.28 -5.71
C GLY H 333 -43.28 22.51 -7.19
N VAL H 334 -44.00 21.58 -7.79
CA VAL H 334 -44.35 21.59 -9.21
C VAL H 334 -45.86 21.66 -9.28
N PHE H 335 -46.39 22.84 -9.58
CA PHE H 335 -47.83 23.07 -9.51
C PHE H 335 -48.35 23.30 -10.93
N GLY H 336 -49.65 23.15 -11.09
CA GLY H 336 -50.18 23.16 -12.44
C GLY H 336 -50.25 21.75 -12.98
N GLU H 337 -50.68 21.66 -14.24
CA GLU H 337 -50.88 20.35 -14.88
C GLU H 337 -49.56 19.60 -15.13
N LYS I 1 13.85 -28.97 -32.04
CA LYS I 1 12.98 -27.84 -31.70
C LYS I 1 13.52 -27.09 -30.48
N PHE I 2 13.95 -27.85 -29.47
CA PHE I 2 14.50 -27.25 -28.28
C PHE I 2 15.89 -26.68 -28.55
N ILE I 3 16.16 -25.50 -27.97
CA ILE I 3 17.42 -24.80 -28.18
C ILE I 3 18.31 -24.88 -26.94
N LYS I 4 17.87 -24.28 -25.83
CA LYS I 4 18.65 -24.23 -24.60
C LYS I 4 17.74 -23.77 -23.47
N TYR I 5 18.17 -24.07 -22.25
CA TYR I 5 17.68 -23.37 -21.08
C TYR I 5 18.25 -21.97 -21.04
N LEU I 6 17.50 -21.04 -20.48
CA LEU I 6 17.92 -19.64 -20.52
C LEU I 6 18.65 -19.21 -19.25
N SER I 7 18.54 -19.96 -18.17
CA SER I 7 19.30 -19.70 -16.96
C SER I 7 20.19 -20.89 -16.65
N THR I 8 21.37 -20.61 -16.10
CA THR I 8 22.33 -21.67 -15.81
C THR I 8 21.97 -22.49 -14.58
N ALA I 9 21.06 -22.00 -13.75
CA ALA I 9 20.65 -22.70 -12.53
C ALA I 9 19.16 -22.55 -12.36
N HIS I 10 18.53 -23.59 -11.83
CA HIS I 10 17.09 -23.59 -11.67
C HIS I 10 16.70 -22.75 -10.47
N LEU I 11 15.40 -22.64 -10.22
CA LEU I 11 14.93 -21.82 -9.10
C LEU I 11 13.55 -22.36 -8.72
N ASN I 12 13.51 -23.18 -7.65
CA ASN I 12 12.32 -23.93 -7.22
C ASN I 12 11.74 -24.76 -8.36
N TYR I 13 12.61 -25.57 -8.99
CA TYR I 13 12.28 -26.44 -10.11
C TYR I 13 11.79 -25.69 -11.35
N MET I 14 11.97 -24.37 -11.44
CA MET I 14 11.39 -23.60 -12.52
C MET I 14 12.50 -23.05 -13.40
N ASN I 15 12.27 -23.04 -14.71
CA ASN I 15 13.27 -22.48 -15.62
C ASN I 15 12.57 -22.07 -16.91
N ILE I 16 13.21 -21.18 -17.64
CA ILE I 16 12.68 -20.65 -18.90
C ILE I 16 13.34 -21.38 -20.05
N ALA I 17 12.55 -22.04 -20.88
CA ALA I 17 13.07 -22.78 -22.02
C ALA I 17 12.85 -21.99 -23.31
N VAL I 18 13.76 -22.20 -24.27
CA VAL I 18 13.74 -21.48 -25.53
C VAL I 18 13.50 -22.47 -26.65
N TYR I 19 12.44 -22.26 -27.42
CA TYR I 19 12.02 -23.18 -28.48
C TYR I 19 12.06 -22.47 -29.83
N GLU I 20 11.83 -23.26 -30.89
CA GLU I 20 11.97 -22.80 -32.26
C GLU I 20 10.74 -23.23 -33.05
N ASN I 21 10.15 -22.29 -33.79
CA ASN I 21 8.96 -22.59 -34.60
C ASN I 21 9.21 -22.33 -36.07
N GLY I 22 10.37 -22.76 -36.58
CA GLY I 22 10.72 -22.51 -37.95
C GLY I 22 11.33 -21.13 -38.15
N SER I 23 10.51 -20.09 -38.05
CA SER I 23 10.97 -18.72 -38.23
C SER I 23 10.77 -17.84 -37.00
N LYS I 24 10.20 -18.39 -35.93
CA LYS I 24 10.01 -17.64 -34.69
C LYS I 24 10.44 -18.50 -33.52
N ILE I 25 10.90 -17.84 -32.46
CA ILE I 25 11.32 -18.55 -31.26
C ILE I 25 10.27 -18.32 -30.18
N LYS I 26 10.21 -19.28 -29.25
CA LYS I 26 9.14 -19.32 -28.25
C LYS I 26 9.75 -19.55 -26.88
N ALA I 27 9.79 -18.52 -26.05
CA ALA I 27 10.22 -18.66 -24.67
C ALA I 27 9.04 -19.12 -23.84
N ARG I 28 9.30 -20.06 -22.92
CA ARG I 28 8.20 -20.72 -22.21
C ARG I 28 8.67 -20.99 -20.78
N VAL I 29 7.98 -20.41 -19.81
CA VAL I 29 8.28 -20.66 -18.40
C VAL I 29 7.73 -22.03 -18.03
N GLU I 30 8.57 -22.90 -17.47
CA GLU I 30 8.08 -24.24 -17.19
C GLU I 30 8.80 -24.88 -16.03
N ASN I 31 8.08 -25.77 -15.36
CA ASN I 31 8.67 -26.73 -14.43
C ASN I 31 9.53 -27.71 -15.20
N VAL I 32 10.60 -28.18 -14.57
CA VAL I 32 11.57 -29.03 -15.26
C VAL I 32 11.40 -30.50 -14.94
N VAL I 33 10.68 -30.85 -13.88
CA VAL I 33 10.43 -32.26 -13.61
C VAL I 33 9.24 -32.75 -14.40
N ASN I 34 8.15 -31.98 -14.41
CA ASN I 34 6.97 -32.35 -15.18
C ASN I 34 7.12 -31.94 -16.64
N GLY I 35 7.22 -30.65 -16.90
CA GLY I 35 7.19 -30.12 -18.24
C GLY I 35 6.00 -29.20 -18.43
N LYS I 36 5.31 -28.90 -17.33
CA LYS I 36 4.12 -28.08 -17.36
C LYS I 36 4.48 -26.63 -17.66
N SER I 37 3.96 -26.09 -18.75
CA SER I 37 4.14 -24.67 -19.02
C SER I 37 3.21 -23.86 -18.15
N VAL I 38 3.61 -22.61 -17.89
CA VAL I 38 2.78 -21.69 -17.13
C VAL I 38 2.48 -20.48 -18.00
N GLY I 39 3.51 -19.78 -18.45
CA GLY I 39 3.37 -18.71 -19.40
C GLY I 39 4.00 -19.07 -20.74
N ALA I 40 3.90 -18.12 -21.67
CA ALA I 40 4.44 -18.30 -23.01
C ALA I 40 4.60 -16.94 -23.65
N ARG I 41 5.75 -16.71 -24.29
CA ARG I 41 6.03 -15.45 -24.96
C ARG I 41 6.70 -15.76 -26.28
N ASP I 42 6.23 -15.11 -27.34
CA ASP I 42 6.68 -15.40 -28.70
C ASP I 42 7.54 -14.26 -29.21
N PHE I 43 8.72 -14.60 -29.71
CA PHE I 43 9.69 -13.65 -30.22
C PHE I 43 10.07 -14.01 -31.65
N ASP I 44 10.62 -13.03 -32.37
CA ASP I 44 10.93 -13.23 -33.77
C ASP I 44 12.26 -13.96 -33.95
N SER I 45 13.34 -13.37 -33.47
CA SER I 45 14.67 -13.96 -33.55
C SER I 45 15.32 -13.92 -32.18
N THR I 46 16.49 -14.57 -32.09
CA THR I 46 17.20 -14.64 -30.82
C THR I 46 17.82 -13.30 -30.43
N GLU I 47 17.98 -12.39 -31.39
CA GLU I 47 18.45 -11.05 -31.07
C GLU I 47 17.41 -10.27 -30.29
N GLN I 48 16.13 -10.52 -30.57
CA GLN I 48 15.07 -9.87 -29.80
C GLN I 48 14.96 -10.47 -28.40
N LEU I 49 15.20 -11.78 -28.26
CA LEU I 49 15.18 -12.42 -26.96
C LEU I 49 16.34 -11.94 -26.09
N GLU I 50 17.54 -11.92 -26.66
CA GLU I 50 18.72 -11.53 -25.90
C GLU I 50 18.71 -10.03 -25.60
N SER I 51 18.30 -9.22 -26.58
CA SER I 51 18.23 -7.78 -26.40
C SER I 51 17.12 -7.38 -25.45
N TRP I 52 16.02 -8.12 -25.43
CA TRP I 52 14.97 -7.85 -24.46
C TRP I 52 15.36 -8.32 -23.07
N PHE I 53 16.05 -9.46 -22.99
CA PHE I 53 16.36 -10.05 -21.69
C PHE I 53 17.45 -9.30 -20.97
N TYR I 54 18.46 -8.83 -21.69
CA TYR I 54 19.54 -8.13 -21.02
C TYR I 54 19.20 -6.69 -20.66
N GLY I 55 18.00 -6.23 -20.99
CA GLY I 55 17.50 -4.96 -20.54
C GLY I 55 16.65 -5.02 -19.29
N LEU I 56 16.43 -6.21 -18.75
CA LEU I 56 15.67 -6.35 -17.53
C LEU I 56 16.50 -5.88 -16.33
N PRO I 57 15.84 -5.30 -15.32
CA PRO I 57 16.59 -4.89 -14.13
C PRO I 57 17.00 -6.08 -13.29
N GLY I 58 18.20 -6.02 -12.75
CA GLY I 58 18.77 -7.06 -11.93
C GLY I 58 19.99 -7.69 -12.57
N SER I 59 20.48 -8.73 -11.93
CA SER I 59 21.63 -9.48 -12.45
C SER I 59 21.59 -10.89 -11.90
N GLY I 60 21.87 -11.86 -12.74
CA GLY I 60 21.88 -13.24 -12.30
C GLY I 60 20.49 -13.83 -12.12
N LEU I 61 20.08 -14.05 -10.87
CA LEU I 61 18.82 -14.72 -10.61
C LEU I 61 17.67 -13.76 -10.36
N GLY I 62 17.95 -12.51 -10.00
CA GLY I 62 16.89 -11.53 -9.96
C GLY I 62 16.36 -11.22 -11.34
N ARG I 63 17.22 -11.31 -12.34
CA ARG I 63 16.81 -11.12 -13.73
C ARG I 63 15.92 -12.28 -14.20
N ILE I 64 16.23 -13.50 -13.76
CA ILE I 64 15.38 -14.62 -14.17
C ILE I 64 14.10 -14.66 -13.34
N GLU I 65 14.11 -14.10 -12.12
CA GLU I 65 12.88 -13.98 -11.36
C GLU I 65 11.96 -12.94 -11.98
N ASN I 66 12.53 -11.81 -12.43
CA ASN I 66 11.73 -10.80 -13.12
C ASN I 66 11.26 -11.28 -14.47
N ALA I 67 12.04 -12.13 -15.14
CA ALA I 67 11.60 -12.66 -16.43
C ALA I 67 10.45 -13.65 -16.25
N MET I 68 10.52 -14.49 -15.21
CA MET I 68 9.41 -15.40 -14.94
C MET I 68 8.16 -14.64 -14.51
N ASN I 69 8.33 -13.59 -13.71
CA ASN I 69 7.19 -12.78 -13.30
C ASN I 69 6.73 -11.84 -14.39
N GLU I 70 7.46 -11.74 -15.50
CA GLU I 70 7.05 -10.93 -16.63
C GLU I 70 6.31 -11.73 -17.70
N ILE I 71 6.81 -12.93 -18.02
CA ILE I 71 6.16 -13.74 -19.04
C ILE I 71 4.82 -14.27 -18.54
N SER I 72 4.78 -14.78 -17.32
CA SER I 72 3.60 -15.43 -16.79
C SER I 72 2.65 -14.47 -16.08
N ARG I 73 2.76 -13.17 -16.32
CA ARG I 73 1.85 -12.20 -15.74
C ARG I 73 0.81 -11.82 -16.79
N ARG I 74 -0.44 -12.12 -16.51
CA ARG I 74 -1.52 -11.95 -17.47
C ARG I 74 -1.89 -10.46 -17.61
N GLU I 75 -2.69 -10.20 -18.64
CA GLU I 75 -3.22 -8.87 -18.89
C GLU I 75 -4.48 -8.57 -18.10
N ASN I 76 -4.91 -9.50 -17.25
CA ASN I 76 -6.10 -9.34 -16.44
C ASN I 76 -5.74 -9.20 -14.96
N LYS J 1 -47.08 -32.88 -6.15
CA LYS J 1 -46.35 -32.26 -7.25
C LYS J 1 -44.99 -31.77 -6.78
N PHE J 2 -44.96 -31.14 -5.61
CA PHE J 2 -43.71 -30.65 -5.04
C PHE J 2 -42.85 -31.80 -4.54
N ILE J 3 -41.54 -31.71 -4.78
CA ILE J 3 -40.60 -32.76 -4.40
C ILE J 3 -39.75 -32.33 -3.21
N LYS J 4 -38.92 -31.30 -3.38
CA LYS J 4 -38.02 -30.83 -2.34
C LYS J 4 -37.47 -29.48 -2.73
N TYR J 5 -36.97 -28.76 -1.74
CA TYR J 5 -36.07 -27.65 -1.98
C TYR J 5 -34.70 -28.20 -2.37
N LEU J 6 -33.98 -27.44 -3.18
CA LEU J 6 -32.73 -27.95 -3.72
C LEU J 6 -31.51 -27.49 -2.92
N SER J 7 -31.66 -26.47 -2.08
CA SER J 7 -30.60 -26.04 -1.19
C SER J 7 -31.07 -26.17 0.25
N THR J 8 -30.15 -26.51 1.15
CA THR J 8 -30.50 -26.72 2.55
C THR J 8 -30.71 -25.43 3.30
N ALA J 9 -30.29 -24.29 2.75
CA ALA J 9 -30.43 -23.00 3.41
C ALA J 9 -30.80 -21.96 2.36
N HIS J 10 -31.62 -21.00 2.75
CA HIS J 10 -32.09 -19.99 1.82
C HIS J 10 -31.01 -18.96 1.60
N LEU J 11 -31.29 -17.98 0.74
CA LEU J 11 -30.31 -16.95 0.43
C LEU J 11 -31.07 -15.72 -0.04
N ASN J 12 -31.25 -14.75 0.86
CA ASN J 12 -32.10 -13.57 0.66
C ASN J 12 -33.51 -13.97 0.24
N TYR J 13 -34.13 -14.85 1.04
CA TYR J 13 -35.47 -15.39 0.83
C TYR J 13 -35.62 -16.16 -0.48
N MET J 14 -34.55 -16.53 -1.16
CA MET J 14 -34.64 -17.13 -2.48
C MET J 14 -34.20 -18.58 -2.42
N ASN J 15 -34.88 -19.46 -3.15
CA ASN J 15 -34.49 -20.85 -3.17
C ASN J 15 -35.01 -21.48 -4.45
N ILE J 16 -34.39 -22.60 -4.84
CA ILE J 16 -34.77 -23.33 -6.05
C ILE J 16 -35.63 -24.51 -5.67
N ALA J 17 -36.85 -24.55 -6.20
CA ALA J 17 -37.77 -25.64 -5.91
C ALA J 17 -37.83 -26.62 -7.07
N VAL J 18 -38.08 -27.88 -6.75
CA VAL J 18 -38.10 -28.97 -7.73
C VAL J 18 -39.51 -29.53 -7.80
N TYR J 19 -40.10 -29.50 -8.99
CA TYR J 19 -41.47 -29.92 -9.21
C TYR J 19 -41.53 -31.10 -10.17
N GLU J 20 -42.73 -31.65 -10.34
CA GLU J 20 -42.96 -32.86 -11.11
C GLU J 20 -44.13 -32.64 -12.05
N ASN J 21 -43.94 -33.00 -13.32
CA ASN J 21 -45.02 -32.85 -14.31
C ASN J 21 -45.38 -34.18 -14.94
N GLY J 22 -45.53 -35.21 -14.11
CA GLY J 22 -45.83 -36.53 -14.61
C GLY J 22 -44.61 -37.28 -15.07
N SER J 23 -44.02 -36.85 -16.19
CA SER J 23 -42.84 -37.50 -16.74
C SER J 23 -41.65 -36.56 -16.85
N LYS J 24 -41.79 -35.30 -16.47
CA LYS J 24 -40.69 -34.34 -16.50
C LYS J 24 -40.67 -33.58 -15.19
N ILE J 25 -39.48 -33.14 -14.79
CA ILE J 25 -39.33 -32.35 -13.58
C ILE J 25 -39.05 -30.91 -13.96
N LYS J 26 -39.41 -30.00 -13.06
CA LYS J 26 -39.37 -28.57 -13.33
C LYS J 26 -38.69 -27.85 -12.17
N ALA J 27 -37.46 -27.40 -12.39
CA ALA J 27 -36.77 -26.57 -11.41
C ALA J 27 -37.21 -25.13 -11.59
N ARG J 28 -37.44 -24.43 -10.49
CA ARG J 28 -38.03 -23.11 -10.55
C ARG J 28 -37.43 -22.25 -9.44
N VAL J 29 -36.76 -21.17 -9.83
CA VAL J 29 -36.20 -20.23 -8.87
C VAL J 29 -37.33 -19.39 -8.31
N GLU J 30 -37.45 -19.34 -6.98
CA GLU J 30 -38.57 -18.61 -6.43
C GLU J 30 -38.28 -18.06 -5.04
N ASN J 31 -38.97 -16.95 -4.73
CA ASN J 31 -39.07 -16.45 -3.38
C ASN J 31 -39.90 -17.42 -2.55
N VAL J 32 -39.57 -17.51 -1.26
CA VAL J 32 -40.20 -18.51 -0.40
C VAL J 32 -41.30 -17.93 0.47
N VAL J 33 -41.35 -16.61 0.64
CA VAL J 33 -42.45 -16.03 1.40
C VAL J 33 -43.67 -15.83 0.51
N ASN J 34 -43.46 -15.29 -0.69
CA ASN J 34 -44.56 -15.10 -1.63
C ASN J 34 -44.86 -16.38 -2.40
N GLY J 35 -43.90 -16.84 -3.19
CA GLY J 35 -44.12 -17.95 -4.10
C GLY J 35 -43.91 -17.50 -5.53
N LYS J 36 -43.43 -16.28 -5.69
CA LYS J 36 -43.23 -15.70 -7.02
C LYS J 36 -42.07 -16.38 -7.73
N SER J 37 -42.34 -16.99 -8.87
CA SER J 37 -41.27 -17.52 -9.68
C SER J 37 -40.56 -16.40 -10.43
N VAL J 38 -39.30 -16.65 -10.75
CA VAL J 38 -38.51 -15.70 -11.53
C VAL J 38 -38.06 -16.37 -12.82
N GLY J 39 -37.33 -17.47 -12.70
CA GLY J 39 -36.96 -18.28 -13.83
C GLY J 39 -37.63 -19.64 -13.77
N ALA J 40 -37.34 -20.45 -14.79
CA ALA J 40 -37.91 -21.79 -14.89
C ALA J 40 -37.05 -22.60 -15.85
N ARG J 41 -36.74 -23.83 -15.46
CA ARG J 41 -35.92 -24.72 -16.29
C ARG J 41 -36.53 -26.11 -16.21
N ASP J 42 -36.68 -26.73 -17.37
CA ASP J 42 -37.37 -28.02 -17.50
C ASP J 42 -36.37 -29.11 -17.78
N PHE J 43 -36.43 -30.18 -16.97
CA PHE J 43 -35.54 -31.33 -17.09
C PHE J 43 -36.34 -32.60 -17.23
N ASP J 44 -35.69 -33.65 -17.73
CA ASP J 44 -36.39 -34.89 -18.00
C ASP J 44 -36.56 -35.73 -16.74
N SER J 45 -35.44 -36.12 -16.12
CA SER J 45 -35.46 -36.91 -14.91
C SER J 45 -34.55 -36.27 -13.88
N THR J 46 -34.57 -36.80 -12.66
CA THR J 46 -33.77 -36.25 -11.58
C THR J 46 -32.29 -36.54 -11.76
N GLU J 47 -31.94 -37.52 -12.59
CA GLU J 47 -30.54 -37.78 -12.89
C GLU J 47 -29.95 -36.65 -13.73
N GLN J 48 -30.75 -36.04 -14.59
CA GLN J 48 -30.29 -34.90 -15.36
C GLN J 48 -30.16 -33.66 -14.48
N LEU J 49 -31.06 -33.49 -13.50
CA LEU J 49 -30.96 -32.38 -12.58
C LEU J 49 -29.74 -32.50 -11.68
N GLU J 50 -29.54 -33.67 -11.11
CA GLU J 50 -28.42 -33.88 -10.19
C GLU J 50 -27.09 -33.87 -10.94
N SER J 51 -27.06 -34.51 -12.11
CA SER J 51 -25.84 -34.56 -12.91
C SER J 51 -25.50 -33.19 -13.50
N TRP J 52 -26.50 -32.38 -13.81
CA TRP J 52 -26.23 -31.04 -14.29
C TRP J 52 -25.81 -30.13 -13.14
N PHE J 53 -26.42 -30.31 -11.97
CA PHE J 53 -26.19 -29.41 -10.85
C PHE J 53 -24.83 -29.64 -10.22
N TYR J 54 -24.41 -30.90 -10.10
CA TYR J 54 -23.12 -31.15 -9.47
C TYR J 54 -21.93 -30.89 -10.38
N GLY J 55 -22.17 -30.48 -11.62
CA GLY J 55 -21.13 -30.02 -12.51
C GLY J 55 -20.92 -28.52 -12.51
N LEU J 56 -21.71 -27.78 -11.74
CA LEU J 56 -21.54 -26.35 -11.65
C LEU J 56 -20.30 -26.00 -10.85
N PRO J 57 -19.61 -24.92 -11.18
CA PRO J 57 -18.44 -24.52 -10.39
C PRO J 57 -18.86 -23.93 -9.06
N GLY J 58 -18.10 -24.27 -8.02
CA GLY J 58 -18.34 -23.81 -6.67
C GLY J 58 -18.67 -24.97 -5.75
N SER J 59 -19.03 -24.62 -4.52
CA SER J 59 -19.43 -25.61 -3.53
C SER J 59 -20.32 -24.92 -2.50
N GLY J 60 -21.39 -25.61 -2.11
CA GLY J 60 -22.28 -25.05 -1.11
C GLY J 60 -23.19 -23.97 -1.66
N LEU J 61 -22.95 -22.72 -1.27
CA LEU J 61 -23.85 -21.63 -1.64
C LEU J 61 -23.39 -20.88 -2.89
N GLY J 62 -22.11 -20.98 -3.26
CA GLY J 62 -21.72 -20.44 -4.54
C GLY J 62 -22.31 -21.23 -5.69
N ARG J 63 -22.53 -22.53 -5.47
CA ARG J 63 -23.18 -23.37 -6.46
C ARG J 63 -24.65 -23.00 -6.61
N ILE J 64 -25.31 -22.66 -5.51
CA ILE J 64 -26.71 -22.28 -5.62
C ILE J 64 -26.84 -20.85 -6.13
N GLU J 65 -25.83 -20.00 -5.91
CA GLU J 65 -25.83 -18.67 -6.50
C GLU J 65 -25.64 -18.75 -8.01
N ASN J 66 -24.74 -19.62 -8.46
CA ASN J 66 -24.55 -19.82 -9.89
C ASN J 66 -25.74 -20.49 -10.53
N ALA J 67 -26.44 -21.36 -9.79
CA ALA J 67 -27.62 -22.00 -10.34
C ALA J 67 -28.77 -21.00 -10.48
N MET J 68 -28.93 -20.11 -9.51
CA MET J 68 -29.95 -19.07 -9.63
C MET J 68 -29.61 -18.10 -10.75
N ASN J 69 -28.34 -17.74 -10.89
CA ASN J 69 -27.93 -16.85 -11.97
C ASN J 69 -27.86 -17.56 -13.31
N GLU J 70 -28.03 -18.87 -13.34
CA GLU J 70 -28.06 -19.64 -14.58
C GLU J 70 -29.47 -19.87 -15.09
N ILE J 71 -30.39 -20.24 -14.19
CA ILE J 71 -31.76 -20.50 -14.61
C ILE J 71 -32.46 -19.21 -15.01
N SER J 72 -32.30 -18.15 -14.22
CA SER J 72 -33.03 -16.92 -14.44
C SER J 72 -32.29 -15.94 -15.34
N ARG J 73 -31.33 -16.39 -16.11
CA ARG J 73 -30.63 -15.54 -17.06
C ARG J 73 -31.20 -15.78 -18.44
N ARG J 74 -31.78 -14.72 -19.01
CA ARG J 74 -32.49 -14.83 -20.28
C ARG J 74 -31.52 -14.96 -21.45
N GLU J 75 -32.08 -15.29 -22.61
CA GLU J 75 -31.33 -15.38 -23.86
C GLU J 75 -31.21 -14.03 -24.55
N ASN J 76 -31.71 -12.96 -23.93
CA ASN J 76 -31.65 -11.63 -24.50
C ASN J 76 -30.72 -10.74 -23.70
N HIS K 6 -68.69 -3.82 -17.64
CA HIS K 6 -69.28 -5.15 -17.75
C HIS K 6 -70.44 -5.19 -18.74
N HIS K 7 -71.46 -4.37 -18.46
CA HIS K 7 -72.66 -4.32 -19.28
C HIS K 7 -72.44 -3.59 -20.60
N ILE K 8 -71.34 -2.85 -20.75
CA ILE K 8 -70.95 -2.26 -22.03
C ILE K 8 -70.66 -3.35 -23.05
N ALA K 9 -70.10 -4.48 -22.59
CA ALA K 9 -69.93 -5.66 -23.42
C ALA K 9 -71.20 -6.51 -23.51
N GLN K 10 -72.33 -5.99 -23.04
CA GLN K 10 -73.64 -6.59 -23.25
C GLN K 10 -74.56 -5.70 -24.06
N GLN K 11 -74.60 -4.41 -23.75
CA GLN K 11 -75.48 -3.48 -24.46
C GLN K 11 -74.87 -3.03 -25.78
N HIS K 12 -73.72 -2.36 -25.72
CA HIS K 12 -73.07 -1.80 -26.89
C HIS K 12 -71.94 -2.67 -27.41
N LYS K 13 -72.10 -4.00 -27.32
CA LYS K 13 -71.01 -4.92 -27.61
C LYS K 13 -70.68 -5.02 -29.10
N ASP K 14 -71.54 -4.50 -29.98
CA ASP K 14 -71.24 -4.50 -31.41
C ASP K 14 -70.52 -3.24 -31.84
N THR K 15 -70.94 -2.08 -31.34
CA THR K 15 -70.31 -0.83 -31.72
C THR K 15 -69.07 -0.58 -30.87
N VAL K 16 -68.23 0.35 -31.35
CA VAL K 16 -67.01 0.72 -30.65
C VAL K 16 -66.99 2.18 -30.23
N ALA K 17 -67.94 2.99 -30.69
CA ALA K 17 -67.97 4.40 -30.30
C ALA K 17 -68.37 4.56 -28.84
N ALA K 18 -69.33 3.74 -28.38
CA ALA K 18 -69.67 3.74 -26.97
C ALA K 18 -68.57 3.11 -26.12
N CYS K 19 -67.75 2.24 -26.71
CA CYS K 19 -66.57 1.73 -26.01
C CYS K 19 -65.47 2.78 -25.95
N GLU K 20 -65.41 3.68 -26.94
CA GLU K 20 -64.59 4.88 -26.79
C GLU K 20 -65.17 5.79 -25.72
N ALA K 21 -66.49 5.80 -25.58
CA ALA K 21 -67.14 6.54 -24.51
C ALA K 21 -67.06 5.82 -23.16
N ALA K 22 -66.54 4.60 -23.13
CA ALA K 22 -66.37 3.86 -21.89
C ALA K 22 -65.08 4.19 -21.17
N GLU K 23 -64.25 5.08 -21.73
CA GLU K 23 -63.02 5.50 -21.09
C GLU K 23 -63.22 6.69 -20.16
N ALA K 24 -64.40 7.29 -20.14
CA ALA K 24 -64.69 8.37 -19.22
C ALA K 24 -65.18 7.89 -17.87
N ILE K 25 -65.46 6.60 -17.73
CA ILE K 25 -65.97 6.02 -16.51
C ILE K 25 -65.04 4.92 -15.98
N ALA K 26 -63.81 4.88 -16.47
CA ALA K 26 -62.91 3.79 -16.18
C ALA K 26 -61.72 4.27 -15.36
N ILE K 27 -60.89 3.32 -14.98
CA ILE K 27 -59.60 3.57 -14.34
C ILE K 27 -58.53 3.15 -15.34
N ALA K 28 -57.27 3.23 -14.92
CA ALA K 28 -56.12 3.10 -15.81
C ALA K 28 -56.12 1.79 -16.60
N LYS K 29 -55.76 1.91 -17.87
CA LYS K 29 -55.82 0.83 -18.83
C LYS K 29 -54.46 0.15 -18.97
N ASP K 30 -54.37 -0.80 -19.89
CA ASP K 30 -53.14 -1.52 -20.19
C ASP K 30 -52.91 -1.52 -21.69
N GLN K 31 -51.79 -2.13 -22.09
CA GLN K 31 -51.50 -2.42 -23.48
C GLN K 31 -50.87 -3.81 -23.53
N VAL K 32 -51.06 -4.49 -24.66
CA VAL K 32 -50.38 -5.75 -24.92
C VAL K 32 -49.83 -5.68 -26.32
N TRP K 33 -48.51 -5.77 -26.45
CA TRP K 33 -47.83 -5.74 -27.74
C TRP K 33 -47.27 -7.12 -28.01
N ASP K 34 -47.84 -7.80 -29.00
CA ASP K 34 -47.45 -9.15 -29.38
C ASP K 34 -47.91 -9.37 -30.83
N GLY K 35 -48.05 -10.63 -31.22
CA GLY K 35 -48.51 -10.99 -32.56
C GLY K 35 -49.87 -10.42 -32.96
N GLU K 36 -50.71 -10.09 -31.99
CA GLU K 36 -51.97 -9.40 -32.27
C GLU K 36 -52.24 -8.46 -31.10
N GLY K 37 -51.96 -7.17 -31.30
CA GLY K 37 -51.95 -6.22 -30.20
C GLY K 37 -53.34 -5.91 -29.68
N TYR K 38 -53.45 -5.87 -28.36
CA TYR K 38 -54.72 -5.71 -27.65
C TYR K 38 -54.66 -4.45 -26.80
N THR K 39 -55.79 -4.09 -26.18
CA THR K 39 -55.83 -2.97 -25.26
C THR K 39 -56.87 -3.28 -24.20
N LYS K 40 -56.41 -3.53 -22.99
CA LYS K 40 -57.31 -3.84 -21.89
C LYS K 40 -57.91 -2.58 -21.31
N TYR K 41 -59.17 -2.65 -20.91
CA TYR K 41 -59.86 -1.54 -20.25
C TYR K 41 -60.27 -2.01 -18.85
N THR K 42 -59.49 -1.66 -17.84
CA THR K 42 -59.80 -2.07 -16.48
C THR K 42 -60.90 -1.19 -15.90
N PHE K 43 -61.92 -1.82 -15.33
CA PHE K 43 -63.07 -1.13 -14.76
C PHE K 43 -63.02 -1.21 -13.23
N ASP K 44 -64.09 -0.75 -12.59
CA ASP K 44 -64.18 -0.72 -11.13
C ASP K 44 -64.73 -2.01 -10.53
N ASP K 45 -65.52 -2.77 -11.29
CA ASP K 45 -66.15 -3.98 -10.76
C ASP K 45 -65.33 -5.23 -11.00
N ASN K 46 -64.00 -5.08 -11.05
CA ASN K 46 -63.04 -6.17 -11.29
C ASN K 46 -63.30 -6.88 -12.62
N SER K 47 -63.78 -6.13 -13.61
CA SER K 47 -63.98 -6.63 -14.96
C SER K 47 -63.15 -5.79 -15.92
N VAL K 48 -62.73 -6.40 -17.02
CA VAL K 48 -61.83 -5.76 -17.98
C VAL K 48 -62.43 -5.92 -19.37
N LEU K 49 -62.73 -4.81 -20.02
CA LEU K 49 -63.15 -4.81 -21.42
C LEU K 49 -61.89 -4.93 -22.29
N ILE K 50 -61.61 -6.15 -22.72
CA ILE K 50 -60.44 -6.40 -23.56
C ILE K 50 -60.80 -6.07 -25.00
N GLN K 51 -60.21 -5.02 -25.55
CA GLN K 51 -60.40 -4.71 -26.96
C GLN K 51 -59.49 -5.64 -27.75
N SER K 52 -60.01 -6.84 -28.04
CA SER K 52 -59.20 -7.92 -28.59
C SER K 52 -59.16 -7.81 -30.11
N GLY K 53 -58.39 -6.85 -30.60
CA GLY K 53 -58.34 -6.62 -32.03
C GLY K 53 -59.62 -5.95 -32.51
N THR K 54 -60.47 -6.74 -33.17
CA THR K 54 -61.79 -6.29 -33.56
C THR K 54 -62.87 -6.64 -32.54
N THR K 55 -62.75 -7.77 -31.85
CA THR K 55 -63.77 -8.27 -30.96
C THR K 55 -63.50 -7.84 -29.52
N GLN K 56 -64.48 -8.11 -28.64
CA GLN K 56 -64.47 -7.67 -27.25
C GLN K 56 -64.75 -8.84 -26.32
N TYR K 57 -64.10 -8.84 -25.16
CA TYR K 57 -64.40 -9.76 -24.07
C TYR K 57 -64.89 -8.98 -22.87
N ALA K 58 -65.18 -9.69 -21.77
CA ALA K 58 -65.52 -9.05 -20.49
C ALA K 58 -65.06 -10.00 -19.39
N MET K 59 -63.82 -9.80 -18.92
CA MET K 59 -63.13 -10.78 -18.09
C MET K 59 -63.24 -10.40 -16.62
N ASP K 60 -63.89 -11.26 -15.85
CA ASP K 60 -64.07 -11.09 -14.41
C ASP K 60 -62.72 -11.24 -13.70
N ALA K 61 -62.69 -10.84 -12.42
CA ALA K 61 -61.62 -11.21 -11.51
C ALA K 61 -62.11 -12.01 -10.33
N ASP K 62 -63.41 -12.27 -10.23
CA ASP K 62 -63.98 -13.10 -9.18
C ASP K 62 -64.30 -14.51 -9.64
N ASP K 63 -64.83 -14.66 -10.85
CA ASP K 63 -65.16 -15.96 -11.41
C ASP K 63 -64.10 -16.35 -12.44
N ALA K 64 -63.56 -17.56 -12.29
CA ALA K 64 -62.47 -18.02 -13.14
C ALA K 64 -62.94 -18.66 -14.44
N ASP K 65 -64.26 -18.85 -14.62
CA ASP K 65 -64.75 -19.49 -15.83
C ASP K 65 -64.64 -18.56 -17.03
N SER K 66 -64.91 -17.26 -16.82
CA SER K 66 -64.69 -16.29 -17.89
C SER K 66 -63.22 -16.09 -18.15
N ILE K 67 -62.39 -16.22 -17.11
CA ILE K 67 -60.96 -16.01 -17.23
C ILE K 67 -60.33 -17.10 -18.08
N LYS K 68 -60.62 -18.36 -17.76
CA LYS K 68 -60.07 -19.45 -18.55
C LYS K 68 -60.76 -19.55 -19.91
N GLY K 69 -62.07 -19.29 -19.94
CA GLY K 69 -62.80 -19.39 -21.19
C GLY K 69 -62.42 -18.33 -22.21
N TYR K 70 -62.01 -17.16 -21.75
CA TYR K 70 -61.49 -16.15 -22.68
C TYR K 70 -60.01 -16.36 -22.95
N ALA K 71 -59.25 -16.75 -21.92
CA ALA K 71 -57.81 -16.88 -22.05
C ALA K 71 -57.40 -18.07 -22.88
N ASP K 72 -58.29 -19.03 -23.10
CA ASP K 72 -58.00 -20.09 -24.06
C ASP K 72 -58.03 -19.57 -25.49
N TRP K 73 -58.82 -18.52 -25.75
CA TRP K 73 -59.14 -18.08 -27.10
C TRP K 73 -58.12 -17.12 -27.68
N LEU K 74 -56.94 -17.01 -27.10
CA LEU K 74 -55.95 -16.06 -27.57
C LEU K 74 -54.70 -16.80 -28.03
N ASP K 75 -53.70 -16.04 -28.45
CA ASP K 75 -52.44 -16.62 -28.89
C ASP K 75 -51.71 -17.22 -27.70
N ASP K 76 -50.91 -18.25 -27.96
CA ASP K 76 -50.05 -18.76 -26.92
C ASP K 76 -48.87 -17.83 -26.65
N GLU K 77 -48.52 -16.98 -27.62
CA GLU K 77 -47.63 -15.85 -27.34
C GLU K 77 -48.33 -14.82 -26.46
N ALA K 78 -49.64 -14.65 -26.66
CA ALA K 78 -50.41 -13.81 -25.75
C ALA K 78 -50.54 -14.47 -24.38
N ARG K 79 -50.55 -15.79 -24.33
CA ARG K 79 -50.55 -16.49 -23.04
C ARG K 79 -49.17 -16.53 -22.43
N SER K 80 -48.12 -16.44 -23.25
CA SER K 80 -46.75 -16.36 -22.75
C SER K 80 -46.37 -14.97 -22.29
N ALA K 81 -47.20 -13.96 -22.57
CA ALA K 81 -46.87 -12.58 -22.26
C ALA K 81 -47.51 -12.07 -20.98
N GLU K 82 -48.50 -12.78 -20.43
CA GLU K 82 -49.19 -12.31 -19.24
C GLU K 82 -49.34 -13.44 -18.21
N ALA K 83 -48.22 -14.11 -17.93
CA ALA K 83 -48.19 -15.10 -16.86
C ALA K 83 -48.43 -14.47 -15.48
N SER K 84 -48.10 -13.19 -15.33
CA SER K 84 -48.48 -12.47 -14.11
C SER K 84 -49.94 -12.06 -14.12
N GLU K 85 -50.62 -12.15 -15.27
CA GLU K 85 -52.07 -12.02 -15.31
C GLU K 85 -52.78 -13.35 -15.16
N ILE K 86 -52.08 -14.46 -15.40
CA ILE K 86 -52.59 -15.77 -14.96
C ILE K 86 -52.69 -15.79 -13.44
N GLU K 87 -51.63 -15.33 -12.77
CA GLU K 87 -51.66 -15.06 -11.34
C GLU K 87 -52.45 -13.78 -11.09
N ARG K 88 -52.86 -13.58 -9.81
CA ARG K 88 -53.48 -12.38 -9.25
C ARG K 88 -54.94 -12.25 -9.70
N LEU K 89 -55.37 -13.14 -10.58
CA LEU K 89 -56.66 -13.04 -11.24
C LEU K 89 -57.58 -14.21 -10.92
N LEU K 90 -57.03 -15.40 -10.66
CA LEU K 90 -57.85 -16.57 -10.40
C LEU K 90 -58.29 -16.62 -8.94
N GLU K 91 -57.36 -16.41 -8.02
CA GLU K 91 -57.53 -16.74 -6.61
C GLU K 91 -58.41 -15.77 -5.84
N SER K 92 -58.85 -14.68 -6.46
CA SER K 92 -59.66 -13.70 -5.76
C SER K 92 -61.06 -14.24 -5.53
N VAL K 93 -61.28 -14.86 -4.37
CA VAL K 93 -62.58 -15.41 -4.03
C VAL K 93 -63.12 -14.64 -2.83
N PHE L 1 31.87 73.87 22.39
CA PHE L 1 32.16 74.91 21.41
C PHE L 1 33.61 75.36 21.52
N THR L 2 34.41 74.60 22.26
CA THR L 2 35.82 74.90 22.46
C THR L 2 36.76 73.73 22.25
N MET L 3 36.27 72.49 22.28
CA MET L 3 37.11 71.32 22.04
C MET L 3 37.24 71.14 20.53
N ASP L 4 38.35 71.63 19.97
CA ASP L 4 38.59 71.60 18.54
C ASP L 4 39.75 70.68 18.16
N HIS L 5 39.96 69.62 18.93
CA HIS L 5 40.99 68.63 18.67
C HIS L 5 40.32 67.32 18.25
N TYR L 6 40.67 66.83 17.07
CA TYR L 6 40.09 65.61 16.53
C TYR L 6 41.14 64.51 16.50
N LEU L 7 40.68 63.26 16.68
CA LEU L 7 41.53 62.07 16.62
C LEU L 7 40.71 61.02 15.88
N ASP L 8 40.90 60.93 14.57
CA ASP L 8 40.11 60.03 13.74
C ASP L 8 40.72 58.63 13.72
N ILE L 9 39.91 57.67 13.30
CA ILE L 9 40.34 56.28 13.18
C ILE L 9 39.73 55.67 11.92
N ARG L 10 40.56 55.48 10.89
CA ARG L 10 40.09 54.91 9.63
C ARG L 10 39.92 53.40 9.78
N LEU L 11 38.92 52.85 9.08
CA LEU L 11 38.58 51.44 9.15
C LEU L 11 39.02 50.76 7.86
N ARG L 12 40.26 50.27 7.86
CA ARG L 12 40.74 49.50 6.72
C ARG L 12 40.21 48.08 6.82
N PRO L 13 40.11 47.38 5.70
CA PRO L 13 39.58 46.01 5.74
C PRO L 13 40.67 44.99 6.00
N ASP L 14 40.27 43.87 6.59
CA ASP L 14 41.14 42.76 6.90
C ASP L 14 40.44 41.48 6.49
N PRO L 15 41.20 40.42 6.21
CA PRO L 15 40.56 39.18 5.72
C PRO L 15 40.02 38.30 6.84
N GLU L 16 40.63 38.38 8.02
CA GLU L 16 40.29 37.47 9.11
C GLU L 16 39.02 37.86 9.84
N PHE L 17 38.66 39.14 9.86
CA PHE L 17 37.48 39.60 10.58
C PHE L 17 36.70 40.57 9.71
N PRO L 18 35.39 40.67 9.91
CA PRO L 18 34.61 41.70 9.23
C PRO L 18 34.66 42.99 10.03
N PRO L 19 33.89 44.01 9.62
CA PRO L 19 33.87 45.26 10.40
C PRO L 19 33.15 45.13 11.74
N ALA L 20 32.32 44.11 11.92
CA ALA L 20 31.60 43.95 13.18
C ALA L 20 32.54 43.49 14.29
N GLN L 21 33.42 42.53 13.99
CA GLN L 21 34.40 42.08 14.99
C GLN L 21 35.44 43.16 15.27
N LEU L 22 35.79 43.97 14.27
CA LEU L 22 36.67 45.10 14.52
C LEU L 22 35.98 46.18 15.33
N MET L 23 34.66 46.29 15.19
CA MET L 23 33.91 47.24 16.01
C MET L 23 33.78 46.76 17.45
N CYS L 24 33.67 45.44 17.65
CA CYS L 24 33.62 44.91 19.01
C CYS L 24 34.98 45.01 19.68
N VAL L 25 36.05 44.67 18.95
CA VAL L 25 37.39 44.73 19.52
C VAL L 25 37.81 46.18 19.77
N LEU L 26 37.38 47.09 18.90
CA LEU L 26 37.62 48.51 19.14
C LEU L 26 36.77 49.03 20.29
N PHE L 27 35.59 48.44 20.50
CA PHE L 27 34.79 48.79 21.67
C PHE L 27 35.47 48.35 22.95
N GLY L 28 36.14 47.19 22.92
CA GLY L 28 36.96 46.80 24.06
C GLY L 28 38.20 47.65 24.21
N LYS L 29 38.73 48.14 23.09
CA LYS L 29 39.87 49.05 23.13
C LYS L 29 39.48 50.45 23.60
N LEU L 30 38.19 50.78 23.57
CA LEU L 30 37.72 52.06 24.07
C LEU L 30 37.27 51.97 25.53
N HIS L 31 36.66 50.85 25.91
CA HIS L 31 36.19 50.70 27.29
C HIS L 31 37.35 50.49 28.26
N GLN L 32 38.50 50.05 27.77
CA GLN L 32 39.69 49.87 28.60
C GLN L 32 40.80 50.86 28.27
N ALA L 33 40.77 51.49 27.10
CA ALA L 33 41.73 52.52 26.77
C ALA L 33 41.29 53.89 27.26
N LEU L 34 39.99 54.11 27.38
CA LEU L 34 39.45 55.35 27.94
C LEU L 34 38.90 55.16 29.35
N VAL L 35 38.17 54.06 29.60
CA VAL L 35 37.67 53.79 30.94
C VAL L 35 38.81 53.38 31.87
N ALA L 36 39.83 52.71 31.35
CA ALA L 36 41.02 52.36 32.11
C ALA L 36 42.20 53.25 31.76
N GLN L 37 41.95 54.42 31.17
CA GLN L 37 43.01 55.32 30.75
C GLN L 37 42.97 56.64 31.52
N GLY L 38 41.85 57.32 31.53
CA GLY L 38 41.77 58.61 32.19
C GLY L 38 41.50 59.73 31.21
N GLY L 39 40.74 60.72 31.66
CA GLY L 39 40.32 61.82 30.82
C GLY L 39 38.83 61.82 30.54
N ASP L 40 38.10 62.65 31.27
CA ASP L 40 36.64 62.70 31.13
C ASP L 40 36.20 63.50 29.91
N ARG L 41 36.98 64.50 29.50
CA ARG L 41 36.63 65.36 28.38
C ARG L 41 37.21 64.81 27.07
N ILE L 42 36.84 63.56 26.78
CA ILE L 42 37.27 62.87 25.56
C ILE L 42 36.09 62.01 25.10
N GLY L 43 35.53 62.33 23.94
CA GLY L 43 34.41 61.58 23.41
C GLY L 43 34.66 61.16 21.97
N VAL L 44 33.88 60.18 21.53
CA VAL L 44 33.99 59.62 20.19
C VAL L 44 32.65 59.78 19.48
N SER L 45 32.71 59.73 18.15
CA SER L 45 31.52 59.90 17.33
C SER L 45 31.54 58.88 16.19
N PHE L 46 30.40 58.20 15.99
CA PHE L 46 30.27 57.22 14.92
C PHE L 46 29.66 57.89 13.70
N PRO L 47 30.39 58.04 12.60
CA PRO L 47 29.86 58.77 11.44
C PRO L 47 29.11 57.93 10.43
N ASP L 48 29.22 56.61 10.50
CA ASP L 48 28.52 55.72 9.59
C ASP L 48 27.35 55.01 10.25
N LEU L 49 26.80 55.60 11.31
CA LEU L 49 25.68 55.00 12.03
C LEU L 49 24.39 55.20 11.25
N ASP L 50 23.52 54.19 11.27
CA ASP L 50 22.27 54.24 10.54
C ASP L 50 21.25 53.38 11.29
N GLU L 51 20.24 54.03 11.87
CA GLU L 51 19.19 53.33 12.60
C GLU L 51 18.21 52.60 11.69
N SER L 52 18.25 52.87 10.38
CA SER L 52 17.44 52.14 9.40
C SER L 52 18.21 50.99 8.75
N ARG L 53 19.49 50.83 9.07
CA ARG L 53 20.30 49.76 8.50
C ARG L 53 21.03 48.92 9.54
N SER L 54 21.03 49.32 10.81
CA SER L 54 21.67 48.55 11.87
C SER L 54 23.21 48.63 11.81
N ARG L 55 23.73 49.71 11.22
CA ARG L 55 25.17 49.87 11.09
C ARG L 55 25.77 50.40 12.39
N LEU L 56 27.09 50.46 12.43
CA LEU L 56 27.83 50.91 13.61
C LEU L 56 28.74 52.09 13.32
N GLY L 57 29.44 52.08 12.18
CA GLY L 57 30.29 53.18 11.81
C GLY L 57 31.24 52.86 10.67
N GLU L 58 31.39 53.80 9.74
CA GLU L 58 32.31 53.65 8.61
C GLU L 58 33.65 54.35 8.82
N ARG L 59 33.74 55.23 9.81
CA ARG L 59 35.00 55.89 10.14
C ARG L 59 34.88 56.56 11.50
N LEU L 60 35.83 56.30 12.39
CA LEU L 60 35.82 56.90 13.72
C LEU L 60 36.26 58.35 13.63
N ARG L 61 35.53 59.22 14.35
CA ARG L 61 35.85 60.65 14.44
C ARG L 61 35.90 60.98 15.92
N ILE L 62 37.07 60.79 16.52
CA ILE L 62 37.25 61.00 17.96
C ILE L 62 37.43 62.48 18.25
N HIS L 63 37.09 62.89 19.47
CA HIS L 63 37.25 64.27 19.92
C HIS L 63 38.04 64.26 21.22
N ALA L 64 39.14 64.99 21.26
CA ALA L 64 39.97 65.11 22.45
C ALA L 64 40.48 66.54 22.57
N SER L 65 41.27 66.78 23.61
CA SER L 65 41.87 68.09 23.83
C SER L 65 43.17 68.19 23.03
N ALA L 66 43.98 69.22 23.32
CA ALA L 66 45.28 69.36 22.67
C ALA L 66 46.23 68.26 23.15
N ASP L 67 46.42 68.17 24.46
CA ASP L 67 47.21 67.08 25.04
C ASP L 67 46.39 65.83 25.30
N ASP L 68 45.06 65.94 25.32
CA ASP L 68 44.20 64.77 25.47
C ASP L 68 44.22 63.90 24.22
N LEU L 69 44.49 64.50 23.06
CA LEU L 69 44.72 63.75 21.83
C LEU L 69 46.17 63.73 21.39
N ARG L 70 47.00 64.65 21.89
CA ARG L 70 48.40 64.70 21.52
C ARG L 70 49.27 63.73 22.33
N ALA L 71 48.73 63.11 23.37
CA ALA L 71 49.46 62.13 24.16
C ALA L 71 48.96 60.70 23.96
N LEU L 72 47.85 60.51 23.25
CA LEU L 72 47.33 59.18 22.96
C LEU L 72 47.56 58.77 21.51
N LEU L 73 48.25 59.60 20.73
CA LEU L 73 48.55 59.26 19.34
C LEU L 73 49.71 58.26 19.23
N ALA L 74 50.62 58.28 20.19
CA ALA L 74 51.77 57.38 20.22
C ALA L 74 51.54 56.19 21.14
N ARG L 75 50.31 55.70 21.19
CA ARG L 75 49.93 54.65 22.13
C ARG L 75 50.43 53.28 21.67
N PRO L 76 51.40 52.69 22.37
CA PRO L 76 51.71 51.28 22.14
C PRO L 76 50.60 50.35 22.61
N TRP L 77 49.81 50.76 23.60
CA TRP L 77 48.58 50.04 23.93
C TRP L 77 47.50 50.28 22.88
N LEU L 78 47.60 51.36 22.11
CA LEU L 78 46.78 51.59 20.94
C LEU L 78 47.42 51.05 19.67
N GLU L 79 48.57 50.39 19.79
CA GLU L 79 49.19 49.73 18.66
C GLU L 79 48.53 48.39 18.39
N GLY L 80 48.97 47.75 17.33
CA GLY L 80 48.35 46.50 16.89
C GLY L 80 47.16 46.70 15.98
N LEU L 81 46.26 47.62 16.35
CA LEU L 81 45.13 47.97 15.50
C LEU L 81 45.53 48.80 14.29
N ARG L 82 46.78 49.29 14.24
CA ARG L 82 47.27 49.96 13.04
C ARG L 82 47.43 48.99 11.88
N ASP L 83 47.62 47.70 12.16
CA ASP L 83 47.66 46.72 11.10
C ASP L 83 46.28 46.44 10.52
N HIS L 84 45.23 46.66 11.31
CA HIS L 84 43.86 46.41 10.87
C HIS L 84 43.08 47.66 10.52
N LEU L 85 43.19 48.72 11.31
CA LEU L 85 42.52 49.98 11.04
C LEU L 85 43.47 50.94 10.33
N GLN L 86 43.03 52.18 10.19
CA GLN L 86 43.83 53.21 9.55
C GLN L 86 44.17 54.32 10.54
N PHE L 87 45.33 54.94 10.34
CA PHE L 87 45.78 56.03 11.18
C PHE L 87 45.25 57.37 10.64
N GLY L 88 45.65 58.46 11.28
CA GLY L 88 45.23 59.79 10.87
C GLY L 88 46.23 60.84 11.28
N GLU L 89 45.72 62.01 11.69
CA GLU L 89 46.57 63.11 12.12
C GLU L 89 45.72 64.16 12.81
N PRO L 90 46.33 65.23 13.34
CA PRO L 90 45.54 66.28 13.99
C PRO L 90 44.91 67.21 12.96
N ALA L 91 43.68 67.63 13.27
CA ALA L 91 42.91 68.48 12.36
C ALA L 91 42.06 69.45 13.18
N VAL L 92 41.65 70.53 12.52
CA VAL L 92 40.93 71.62 13.19
C VAL L 92 39.48 71.22 13.45
N VAL L 93 38.79 71.99 14.27
CA VAL L 93 37.37 71.80 14.55
C VAL L 93 36.66 73.11 14.25
N PRO L 94 35.49 73.07 13.60
CA PRO L 94 34.82 74.33 13.24
C PRO L 94 33.95 74.85 14.38
N HIS L 95 33.81 76.18 14.40
CA HIS L 95 32.98 76.85 15.39
C HIS L 95 31.51 76.62 15.07
N PRO L 96 31.15 76.52 13.79
CA PRO L 96 29.75 76.32 13.40
C PRO L 96 29.28 74.88 13.37
N THR L 97 30.02 73.95 13.96
CA THR L 97 29.61 72.55 14.00
C THR L 97 28.46 72.40 14.98
N PRO L 98 27.29 71.91 14.54
CA PRO L 98 26.14 71.81 15.44
C PRO L 98 26.25 70.59 16.34
N TYR L 99 25.36 70.55 17.34
CA TYR L 99 25.41 69.51 18.37
C TYR L 99 24.63 68.29 17.91
N ARG L 100 25.28 67.12 17.94
CA ARG L 100 24.70 65.84 17.62
C ARG L 100 24.48 65.04 18.91
N GLN L 101 24.05 63.79 18.75
CA GLN L 101 23.73 62.94 19.89
C GLN L 101 24.40 61.59 19.74
N VAL L 102 25.36 61.29 20.60
CA VAL L 102 26.05 60.00 20.62
C VAL L 102 26.44 59.66 22.05
N SER L 103 25.98 58.51 22.55
CA SER L 103 26.28 58.08 23.91
C SER L 103 25.76 56.66 24.07
N ARG L 104 25.96 56.10 25.26
CA ARG L 104 25.53 54.76 25.58
C ARG L 104 24.33 54.80 26.52
N VAL L 105 23.33 53.99 26.23
CA VAL L 105 22.13 53.88 27.06
C VAL L 105 21.60 52.46 26.97
N GLN L 106 21.51 51.79 28.12
CA GLN L 106 21.10 50.39 28.16
C GLN L 106 19.59 50.29 28.37
N ALA L 107 18.93 49.50 27.53
CA ALA L 107 17.52 49.22 27.65
C ALA L 107 17.31 47.81 28.22
N LYS L 108 16.19 47.62 28.89
CA LYS L 108 15.86 46.36 29.54
C LYS L 108 14.62 45.79 28.85
N SER L 109 14.85 44.91 27.88
CA SER L 109 13.79 44.29 27.09
C SER L 109 13.66 42.80 27.39
N ASN L 110 13.80 42.44 28.67
CA ASN L 110 13.71 41.04 29.08
C ASN L 110 13.12 40.94 30.48
N PRO L 111 11.98 40.27 30.64
CA PRO L 111 11.42 40.09 31.99
C PRO L 111 11.91 38.83 32.68
N GLU L 112 12.99 38.23 32.15
CA GLU L 112 13.52 37.00 32.72
C GLU L 112 14.48 37.28 33.87
N ARG L 113 15.34 38.30 33.72
CA ARG L 113 16.25 38.66 34.80
C ARG L 113 15.53 39.36 35.94
N LEU L 114 14.69 40.35 35.61
CA LEU L 114 13.86 41.00 36.61
C LEU L 114 12.78 40.08 37.15
N ARG L 115 12.45 39.01 36.43
CA ARG L 115 11.61 37.94 36.95
C ARG L 115 12.41 36.88 37.69
N ARG L 116 13.73 36.86 37.52
CA ARG L 116 14.58 36.01 38.34
C ARG L 116 14.77 36.63 39.72
N ARG L 117 15.16 37.90 39.77
CA ARG L 117 15.23 38.62 41.04
C ARG L 117 13.83 38.87 41.60
N LEU L 118 12.83 39.04 40.73
CA LEU L 118 11.44 39.18 41.15
C LEU L 118 10.81 37.86 41.54
N MET L 119 11.45 36.74 41.19
CA MET L 119 11.05 35.43 41.70
C MET L 119 11.79 35.06 42.97
N ARG L 120 12.96 35.67 43.21
CA ARG L 120 13.71 35.45 44.43
C ARG L 120 13.34 36.44 45.54
N ARG L 121 12.60 37.49 45.22
CA ARG L 121 12.19 38.50 46.20
C ARG L 121 10.69 38.70 46.27
N HIS L 122 9.99 38.63 45.14
CA HIS L 122 8.54 38.79 45.13
C HIS L 122 7.79 37.47 45.30
N ASP L 123 8.47 36.34 45.17
CA ASP L 123 7.84 35.03 45.29
C ASP L 123 6.87 34.76 44.14
N LEU L 124 7.37 34.92 42.91
CA LEU L 124 6.55 34.68 41.73
C LEU L 124 6.34 33.19 41.51
N SER L 125 5.15 32.85 41.03
CA SER L 125 4.75 31.47 40.79
C SER L 125 4.97 31.09 39.33
N GLU L 126 4.46 29.93 38.93
CA GLU L 126 4.53 29.51 37.54
C GLU L 126 3.55 30.30 36.67
N GLU L 127 2.29 30.37 37.11
CA GLU L 127 1.29 31.13 36.38
C GLU L 127 1.08 32.53 36.93
N GLU L 128 1.40 32.76 38.21
CA GLU L 128 1.24 34.07 38.83
C GLU L 128 2.45 34.97 38.61
N ALA L 129 3.65 34.41 38.74
CA ALA L 129 4.86 35.15 38.38
C ALA L 129 5.07 35.18 36.88
N ARG L 130 4.56 34.18 36.16
CA ARG L 130 4.63 34.16 34.70
C ARG L 130 3.52 34.97 34.06
N LYS L 131 2.42 35.21 34.77
CA LYS L 131 1.35 36.06 34.29
C LYS L 131 1.41 37.48 34.83
N ARG L 132 2.19 37.71 35.89
CA ARG L 132 2.38 39.06 36.41
C ARG L 132 3.27 39.91 35.51
N ILE L 133 4.07 39.28 34.66
CA ILE L 133 4.87 39.98 33.66
C ILE L 133 4.15 39.85 32.33
N PRO L 134 3.75 40.96 31.70
CA PRO L 134 3.03 40.87 30.42
C PRO L 134 3.99 40.56 29.28
N ASP L 135 3.40 40.16 28.15
CA ASP L 135 4.20 39.83 26.97
C ASP L 135 4.79 41.05 26.30
N THR L 136 4.19 42.22 26.49
CA THR L 136 4.63 43.46 25.87
C THR L 136 5.52 44.31 26.78
N VAL L 137 5.93 43.77 27.92
CA VAL L 137 6.76 44.55 28.85
C VAL L 137 8.22 44.63 28.40
N ALA L 138 8.65 43.77 27.48
CA ALA L 138 10.00 43.78 26.95
C ALA L 138 9.96 43.99 25.45
N ARG L 139 11.05 44.52 24.90
CA ARG L 139 11.14 44.80 23.48
C ARG L 139 12.60 44.81 23.05
N ALA L 140 12.84 44.51 21.77
CA ALA L 140 14.18 44.50 21.21
C ALA L 140 14.45 45.84 20.54
N LEU L 141 15.46 46.56 21.04
CA LEU L 141 15.83 47.88 20.52
C LEU L 141 16.60 47.69 19.23
N ASP L 142 16.00 48.11 18.11
CA ASP L 142 16.61 47.95 16.79
C ASP L 142 17.46 49.14 16.38
N LEU L 143 18.38 49.52 17.26
CA LEU L 143 19.33 50.59 17.01
C LEU L 143 20.65 49.97 16.56
N PRO L 144 21.65 50.78 16.25
CA PRO L 144 22.95 50.21 15.86
C PRO L 144 23.69 49.60 17.03
N PHE L 145 23.72 48.27 17.08
CA PHE L 145 24.36 47.52 18.16
C PHE L 145 25.65 46.88 17.66
N VAL L 146 26.47 46.45 18.61
CA VAL L 146 27.74 45.80 18.32
C VAL L 146 27.81 44.54 19.17
N THR L 147 28.00 43.39 18.51
CA THR L 147 28.01 42.11 19.20
C THR L 147 29.31 41.90 19.98
N LEU L 148 29.33 42.38 21.22
CA LEU L 148 30.50 42.22 22.09
C LEU L 148 30.45 40.85 22.76
N ARG L 149 30.79 39.84 21.95
CA ARG L 149 30.76 38.44 22.38
C ARG L 149 31.97 38.18 23.28
N SER L 150 31.80 38.50 24.56
CA SER L 150 32.85 38.33 25.55
C SER L 150 32.70 36.97 26.22
N GLN L 151 33.40 36.79 27.35
CA GLN L 151 33.46 35.51 28.05
C GLN L 151 32.22 35.17 28.87
N SER L 152 31.14 35.97 28.78
CA SER L 152 29.90 35.62 29.45
C SER L 152 28.97 34.81 28.53
N THR L 153 28.79 35.25 27.29
CA THR L 153 28.00 34.55 26.30
C THR L 153 28.92 34.18 25.15
N GLY L 154 29.07 32.88 24.90
CA GLY L 154 30.03 32.42 23.91
C GLY L 154 29.64 32.70 22.47
N GLN L 155 28.35 32.71 22.19
CA GLN L 155 27.87 33.01 20.85
C GLN L 155 27.85 34.52 20.62
N HIS L 156 27.36 34.92 19.46
CA HIS L 156 27.24 36.34 19.15
C HIS L 156 26.10 36.97 19.96
N PHE L 157 26.25 38.25 20.26
CA PHE L 157 25.26 38.99 21.03
C PHE L 157 24.84 40.26 20.29
N ARG L 158 24.13 41.14 20.97
CA ARG L 158 23.75 42.44 20.44
C ARG L 158 24.50 43.54 21.19
N LEU L 159 24.14 44.79 20.90
CA LEU L 159 24.74 45.93 21.56
C LEU L 159 23.66 46.97 21.85
N PHE L 160 23.83 47.69 22.96
CA PHE L 160 22.87 48.69 23.41
C PHE L 160 23.53 50.07 23.44
N ILE L 161 22.80 51.08 23.00
CA ILE L 161 23.31 52.46 22.97
C ILE L 161 22.11 53.39 22.86
N ARG L 162 22.31 54.65 23.21
CA ARG L 162 21.25 55.66 23.17
C ARG L 162 21.83 56.96 22.63
N HIS L 163 21.35 57.39 21.47
CA HIS L 163 21.77 58.64 20.86
C HIS L 163 20.73 59.72 21.08
N GLY L 164 21.17 60.97 20.99
CA GLY L 164 20.31 62.11 21.19
C GLY L 164 19.95 62.81 19.90
N PRO L 165 19.26 63.93 19.98
CA PRO L 165 18.77 64.62 18.79
C PRO L 165 19.86 65.47 18.15
N LEU L 166 19.50 66.11 17.04
CA LEU L 166 20.40 67.00 16.32
C LEU L 166 20.01 68.45 16.62
N GLN L 167 21.02 69.31 16.69
CA GLN L 167 20.79 70.72 16.99
C GLN L 167 21.98 71.52 16.46
N VAL L 168 21.90 72.84 16.61
CA VAL L 168 22.94 73.74 16.14
C VAL L 168 23.71 74.40 17.28
N THR L 169 23.05 74.71 18.40
CA THR L 169 23.70 75.38 19.52
C THR L 169 24.62 74.41 20.26
N ALA L 170 25.61 74.98 20.94
CA ALA L 170 26.61 74.21 21.66
C ALA L 170 26.19 74.01 23.11
N GLU L 171 26.28 72.78 23.58
CA GLU L 171 26.00 72.44 24.98
C GLU L 171 27.05 71.41 25.40
N GLU L 172 28.17 71.91 25.94
CA GLU L 172 29.26 71.05 26.34
C GLU L 172 28.96 70.34 27.66
N GLY L 173 29.69 69.26 27.90
CA GLY L 173 29.48 68.49 29.12
C GLY L 173 30.55 67.44 29.27
N GLY L 174 30.48 66.73 30.40
CA GLY L 174 31.44 65.68 30.68
C GLY L 174 31.09 64.39 29.96
N PHE L 175 32.13 63.65 29.60
CA PHE L 175 31.94 62.40 28.88
C PHE L 175 31.50 61.29 29.84
N THR L 176 30.95 60.23 29.26
CA THR L 176 30.49 59.08 30.02
C THR L 176 31.66 58.13 30.29
N CYS L 177 31.35 56.91 30.72
CA CYS L 177 32.40 55.92 31.01
CA CYS L 177 32.40 55.92 31.01
C CYS L 177 33.06 55.39 29.74
N TYR L 178 32.43 55.58 28.57
CA TYR L 178 32.99 55.14 27.30
C TYR L 178 33.18 56.29 26.32
N GLY L 179 33.18 57.53 26.82
CA GLY L 179 33.37 58.69 25.96
C GLY L 179 32.16 59.01 25.10
N LEU L 180 31.00 59.14 25.74
CA LEU L 180 29.77 59.41 25.01
C LEU L 180 29.04 60.60 25.63
N SER L 181 27.80 60.83 25.21
CA SER L 181 26.96 61.89 25.77
C SER L 181 26.10 61.31 26.88
N LYS L 182 26.09 61.98 28.03
CA LYS L 182 25.22 61.60 29.14
C LYS L 182 24.62 62.83 29.82
N GLY L 183 24.50 63.93 29.07
CA GLY L 183 24.13 65.21 29.63
C GLY L 183 24.92 66.32 28.98
N GLY L 184 25.83 65.93 28.09
CA GLY L 184 26.60 66.86 27.30
C GLY L 184 26.71 66.42 25.86
N PHE L 185 26.39 67.31 24.92
CA PHE L 185 26.33 66.96 23.52
C PHE L 185 27.74 66.91 22.90
N VAL L 186 27.80 66.58 21.62
CA VAL L 186 29.05 66.52 20.88
C VAL L 186 28.78 66.92 19.44
N PRO L 187 29.77 67.41 18.70
CA PRO L 187 29.56 67.78 17.31
C PRO L 187 29.51 66.55 16.41
N TRP L 188 28.82 66.72 15.28
CA TRP L 188 28.62 65.64 14.31
C TRP L 188 28.94 66.20 12.92
N PHE L 189 30.21 66.11 12.52
CA PHE L 189 30.65 66.60 11.23
C PHE L 189 31.15 65.47 10.34
#